data_9P7R
#
_entry.id   9P7R
#
_cell.length_a   1.00
_cell.length_b   1.00
_cell.length_c   1.00
_cell.angle_alpha   90.00
_cell.angle_beta   90.00
_cell.angle_gamma   90.00
#
_symmetry.space_group_name_H-M   'P 1'
#
_entity_poly.entity_id   1
_entity_poly.type   'polypeptide(L)'
_entity_poly.pdbx_seq_one_letter_code
;MAINVNTNVSAMTAQRYLNGAADGMQKSMERLSSGYKINSARDDAAGLQISNRLTSQSRGLDMAVKNANDGISIAQTAEG
AMNETTNILQRMRDLALQSSNGSNSSSERRAIQEEVSALNDELNRIAETTSFGGNKLLNGSFGSKSFQIGADSGEAVMLS
MGSMRSDTQAMGGKSYRAQEGKAADWRVGAATDLTLSYTNKQGEAREVTINAKQGDDLEELATYINGQTEDVKASVGEDG
KLQLFASSQKVNGDVTIGGGLGGEIGFDAGRNVTVADVNVSTVAGSQEAVSILDGALKAVDSQRASLGAFQNRFGHAISN
LDNVNENVNASRSRIRDTDYARETTAMTKAQILQQASTSVLAQAKQSPSAALSLLG
;
_entity_poly.pdbx_strand_id   A1,A2,B2,C2,D2,E2,F2,G2,H2,I2,J2,K2,L2,M2,N2,O2,P2,Q2,R2,S2,T2,U2,V2,W2,X2,Y2,Z2,a2,b2,c2,d2,e2,f2
#
# COMPACT_ATOMS: atom_id res chain seq x y z
N MET A 1 63.14 44.49 136.23
CA MET A 1 61.76 44.23 135.84
C MET A 1 60.78 44.67 136.92
N ALA A 2 60.00 45.70 136.62
CA ALA A 2 59.03 46.23 137.57
C ALA A 2 57.82 45.30 137.64
N ILE A 3 57.40 44.97 138.86
CA ILE A 3 56.24 44.12 139.10
C ILE A 3 55.07 45.01 139.48
N ASN A 4 54.03 45.01 138.66
CA ASN A 4 52.87 45.87 138.87
C ASN A 4 51.59 45.10 138.62
N VAL A 5 50.52 45.53 139.29
CA VAL A 5 49.20 44.94 139.11
C VAL A 5 48.25 45.99 138.55
N ASN A 6 48.54 47.27 138.85
CA ASN A 6 47.64 48.35 138.44
C ASN A 6 47.72 48.60 136.94
N THR A 7 48.92 48.52 136.37
CA THR A 7 49.13 48.79 134.95
C THR A 7 49.35 47.48 134.20
N ASN A 8 48.84 47.41 132.98
CA ASN A 8 48.87 46.22 132.14
C ASN A 8 49.33 46.58 130.74
N VAL A 9 50.47 47.28 130.66
CA VAL A 9 50.96 47.79 129.37
C VAL A 9 51.16 46.65 128.37
N SER A 10 51.56 45.47 128.87
CA SER A 10 51.70 44.32 127.97
C SER A 10 50.34 43.92 127.39
N ALA A 11 49.29 43.98 128.20
CA ALA A 11 47.96 43.66 127.70
C ALA A 11 47.45 44.74 126.75
N MET A 12 47.77 46.00 127.02
CA MET A 12 47.24 47.08 126.18
C MET A 12 47.94 47.12 124.83
N THR A 13 49.20 46.68 124.75
CA THR A 13 49.85 46.57 123.44
C THR A 13 49.33 45.36 122.68
N ALA A 14 48.86 44.34 123.40
CA ALA A 14 48.24 43.20 122.74
C ALA A 14 46.87 43.56 122.19
N GLN A 15 46.05 44.26 122.99
CA GLN A 15 44.73 44.64 122.53
C GLN A 15 44.78 45.68 121.42
N ARG A 16 45.81 46.53 121.42
CA ARG A 16 45.99 47.47 120.32
C ARG A 16 46.28 46.73 119.02
N TYR A 17 47.06 45.65 119.08
CA TYR A 17 47.31 44.85 117.90
C TYR A 17 46.10 44.00 117.52
N LEU A 18 45.26 43.63 118.51
CA LEU A 18 43.97 43.04 118.17
C LEU A 18 43.08 44.04 117.44
N ASN A 19 43.19 45.33 117.78
CA ASN A 19 42.45 46.34 117.04
C ASN A 19 42.85 46.35 115.57
N GLY A 20 44.15 46.35 115.30
CA GLY A 20 44.62 46.32 113.93
C GLY A 20 44.29 45.01 113.22
N ALA A 21 44.46 43.89 113.93
CA ALA A 21 44.20 42.59 113.33
C ALA A 21 42.73 42.43 112.97
N ALA A 22 41.83 42.85 113.86
CA ALA A 22 40.40 42.74 113.58
C ALA A 22 39.94 43.77 112.55
N ASP A 23 40.56 44.96 112.55
CA ASP A 23 40.20 45.96 111.55
C ASP A 23 40.55 45.49 110.15
N GLY A 24 41.78 45.01 109.96
CA GLY A 24 42.14 44.41 108.68
C GLY A 24 41.27 43.20 108.37
N MET A 25 40.83 42.49 109.40
CA MET A 25 39.88 41.40 109.20
C MET A 25 38.54 41.94 108.71
N GLN A 26 38.12 43.11 109.21
CA GLN A 26 36.80 43.66 108.89
C GLN A 26 36.73 44.17 107.44
N LYS A 27 37.72 44.95 107.00
CA LYS A 27 37.68 45.42 105.61
C LYS A 27 37.72 44.26 104.64
N SER A 28 38.44 43.19 104.96
CA SER A 28 38.40 42.01 104.11
C SER A 28 37.01 41.37 104.11
N MET A 29 36.30 41.44 105.24
CA MET A 29 34.97 40.84 105.34
C MET A 29 33.98 41.56 104.42
N GLU A 30 33.93 42.90 104.51
CA GLU A 30 33.02 43.69 103.66
C GLU A 30 33.40 43.57 102.18
N ARG A 31 34.71 43.49 101.89
CA ARG A 31 35.13 43.39 100.51
C ARG A 31 34.71 42.05 99.90
N LEU A 32 34.84 40.96 100.66
CA LEU A 32 34.49 39.64 100.14
C LEU A 32 32.99 39.50 99.94
N SER A 33 32.17 40.00 100.88
CA SER A 33 30.73 39.82 100.77
C SER A 33 30.16 40.60 99.58
N SER A 34 30.53 41.89 99.46
CA SER A 34 30.03 42.71 98.37
C SER A 34 30.73 42.39 97.06
N GLY A 35 32.02 42.05 97.11
CA GLY A 35 32.81 41.82 95.92
C GLY A 35 33.48 43.05 95.35
N TYR A 36 33.24 44.22 95.93
CA TYR A 36 33.78 45.47 95.41
C TYR A 36 34.90 45.98 96.30
N LYS A 37 35.98 46.46 95.68
CA LYS A 37 37.17 46.88 96.40
C LYS A 37 36.92 48.12 97.26
N ILE A 38 35.94 48.95 96.91
CA ILE A 38 35.58 50.09 97.73
C ILE A 38 34.06 50.09 97.93
N ASN A 39 33.63 50.49 99.12
CA ASN A 39 32.20 50.63 99.41
C ASN A 39 31.87 51.92 100.16
N SER A 40 32.86 52.68 100.61
CA SER A 40 32.63 53.93 101.30
C SER A 40 33.78 54.87 100.96
N ALA A 41 33.55 56.18 101.18
CA ALA A 41 34.56 57.17 100.87
C ALA A 41 35.82 57.01 101.70
N ARG A 42 35.74 56.31 102.83
CA ARG A 42 36.92 56.12 103.69
C ARG A 42 38.00 55.30 102.97
N ASP A 43 37.60 54.25 102.26
CA ASP A 43 38.57 53.35 101.64
C ASP A 43 39.40 54.10 100.59
N ASP A 44 38.75 54.58 99.54
CA ASP A 44 39.45 55.32 98.50
C ASP A 44 38.45 56.23 97.80
N ALA A 45 38.50 57.52 98.15
CA ALA A 45 37.60 58.50 97.53
C ALA A 45 37.88 58.62 96.03
N ALA A 46 39.16 58.65 95.66
CA ALA A 46 39.52 58.77 94.24
C ALA A 46 39.03 57.56 93.46
N GLY A 47 39.18 56.37 94.02
CA GLY A 47 38.68 55.18 93.34
C GLY A 47 37.17 55.18 93.21
N LEU A 48 36.47 55.65 94.24
CA LEU A 48 35.01 55.69 94.19
C LEU A 48 34.52 56.67 93.12
N GLN A 49 35.17 57.84 93.02
CA GLN A 49 34.72 58.85 92.08
C GLN A 49 34.82 58.36 90.64
N ILE A 50 35.96 57.77 90.28
CA ILE A 50 36.12 57.27 88.91
C ILE A 50 35.22 56.08 88.66
N SER A 51 35.04 55.21 89.66
CA SER A 51 34.26 54.00 89.47
C SER A 51 32.79 54.31 89.19
N ASN A 52 32.20 55.24 89.95
CA ASN A 52 30.81 55.57 89.70
C ASN A 52 30.62 56.26 88.36
N ARG A 53 31.64 56.99 87.89
CA ARG A 53 31.59 57.57 86.55
C ARG A 53 31.55 56.48 85.49
N LEU A 54 32.39 55.45 85.64
CA LEU A 54 32.43 54.38 84.65
C LEU A 54 31.12 53.61 84.61
N THR A 55 30.51 53.34 85.76
CA THR A 55 29.23 52.65 85.78
C THR A 55 28.14 53.52 85.17
N SER A 56 28.23 54.84 85.35
CA SER A 56 27.28 55.74 84.68
C SER A 56 27.43 55.65 83.17
N GLN A 57 28.66 55.53 82.67
CA GLN A 57 28.86 55.31 81.24
C GLN A 57 28.25 53.98 80.81
N SER A 58 28.46 52.92 81.60
CA SER A 58 27.95 51.61 81.21
C SER A 58 26.43 51.63 81.10
N ARG A 59 25.76 52.29 82.03
CA ARG A 59 24.31 52.48 81.91
C ARG A 59 23.97 53.34 80.70
N GLY A 60 24.81 54.34 80.39
CA GLY A 60 24.56 55.19 79.25
C GLY A 60 24.65 54.45 77.93
N LEU A 61 25.67 53.61 77.76
CA LEU A 61 25.77 52.79 76.55
C LEU A 61 24.63 51.78 76.48
N ASP A 62 24.20 51.25 77.63
CA ASP A 62 23.09 50.31 77.63
C ASP A 62 21.83 50.98 77.10
N MET A 63 21.55 52.20 77.55
CA MET A 63 20.42 52.95 77.02
C MET A 63 20.65 53.31 75.55
N ALA A 64 21.88 53.63 75.17
CA ALA A 64 22.17 54.06 73.81
C ALA A 64 21.90 52.95 72.80
N VAL A 65 22.33 51.73 73.10
CA VAL A 65 22.10 50.62 72.17
C VAL A 65 20.61 50.27 72.11
N LYS A 66 19.88 50.48 73.21
CA LYS A 66 18.43 50.24 73.18
C LYS A 66 17.74 51.25 72.26
N ASN A 67 18.11 52.52 72.37
CA ASN A 67 17.51 53.55 71.51
C ASN A 67 17.89 53.34 70.06
N ALA A 68 19.15 52.96 69.79
CA ALA A 68 19.57 52.71 68.42
C ALA A 68 18.82 51.55 67.82
N ASN A 69 18.59 50.49 68.60
CA ASN A 69 17.80 49.36 68.12
C ASN A 69 16.37 49.80 67.81
N ASP A 70 15.82 50.70 68.61
CA ASP A 70 14.51 51.26 68.32
C ASP A 70 14.53 52.03 67.00
N GLY A 71 15.60 52.78 66.75
CA GLY A 71 15.72 53.48 65.49
C GLY A 71 15.79 52.54 64.30
N ILE A 72 16.46 51.40 64.46
CA ILE A 72 16.48 50.39 63.41
C ILE A 72 15.08 49.85 63.15
N SER A 73 14.33 49.60 64.23
CA SER A 73 12.97 49.08 64.08
C SER A 73 12.07 50.07 63.35
N ILE A 74 12.19 51.36 63.68
CA ILE A 74 11.38 52.38 63.02
C ILE A 74 11.74 52.47 61.54
N ALA A 75 13.05 52.48 61.25
CA ALA A 75 13.49 52.53 59.86
C ALA A 75 13.08 51.28 59.10
N GLN A 76 13.19 50.12 59.74
CA GLN A 76 12.80 48.86 59.10
C GLN A 76 11.30 48.83 58.81
N THR A 77 10.49 49.31 59.76
CA THR A 77 9.04 49.35 59.54
C THR A 77 8.66 50.30 58.41
N ALA A 78 9.28 51.48 58.39
CA ALA A 78 8.98 52.45 57.34
C ALA A 78 9.37 51.91 55.96
N GLU A 79 10.54 51.28 55.87
CA GLU A 79 10.98 50.72 54.60
C GLU A 79 10.18 49.48 54.22
N GLY A 80 9.74 48.70 55.21
CA GLY A 80 8.93 47.53 54.90
C GLY A 80 7.62 47.90 54.24
N ALA A 81 6.91 48.89 54.78
CA ALA A 81 5.74 49.43 54.11
C ALA A 81 6.11 50.08 52.79
N MET A 82 7.34 50.59 52.70
CA MET A 82 7.80 51.25 51.49
C MET A 82 8.02 50.25 50.35
N ASN A 83 8.31 48.98 50.70
CA ASN A 83 8.53 47.96 49.67
C ASN A 83 7.26 47.75 48.85
N GLU A 84 6.10 47.72 49.51
CA GLU A 84 4.84 47.61 48.78
C GLU A 84 4.54 48.90 48.02
N THR A 85 4.93 50.04 48.58
CA THR A 85 4.70 51.32 47.89
C THR A 85 5.40 51.33 46.53
N THR A 86 6.61 50.78 46.47
CA THR A 86 7.29 50.64 45.19
C THR A 86 6.54 49.71 44.25
N ASN A 87 6.01 48.60 44.78
CA ASN A 87 5.38 47.60 43.91
C ASN A 87 4.07 48.12 43.33
N ILE A 88 3.33 48.92 44.10
CA ILE A 88 2.11 49.52 43.57
C ILE A 88 2.43 50.46 42.40
N LEU A 89 3.48 51.28 42.55
CA LEU A 89 3.85 52.19 41.48
C LEU A 89 4.31 51.43 40.24
N GLN A 90 5.05 50.34 40.43
CA GLN A 90 5.48 49.54 39.29
C GLN A 90 4.28 48.91 38.56
N ARG A 91 3.29 48.43 39.32
CA ARG A 91 2.07 47.92 38.69
C ARG A 91 1.30 49.04 38.00
N MET A 92 1.30 50.23 38.60
CA MET A 92 0.64 51.38 37.96
C MET A 92 1.34 51.76 36.67
N ARG A 93 2.68 51.70 36.65
CA ARG A 93 3.42 51.97 35.43
C ARG A 93 3.14 50.87 34.39
N ASP A 94 3.00 49.63 34.85
CA ASP A 94 2.54 48.55 33.98
C ASP A 94 1.22 48.90 33.31
N LEU A 95 0.25 49.35 34.12
CA LEU A 95 -1.08 49.67 33.59
C LEU A 95 -1.03 50.88 32.66
N ALA A 96 -0.20 51.88 33.00
CA ALA A 96 -0.07 53.05 32.14
C ALA A 96 0.54 52.67 30.79
N LEU A 97 1.53 51.77 30.79
CA LEU A 97 2.12 51.32 29.54
C LEU A 97 1.08 50.64 28.64
N GLN A 98 0.24 49.80 29.23
CA GLN A 98 -0.78 49.10 28.45
C GLN A 98 -1.83 50.07 27.92
N SER A 99 -2.22 51.06 28.74
CA SER A 99 -3.28 51.97 28.35
C SER A 99 -2.87 52.86 27.18
N SER A 100 -1.58 53.22 27.09
CA SER A 100 -1.11 54.07 26.01
C SER A 100 -1.22 53.40 24.65
N ASN A 101 -1.38 52.08 24.60
CA ASN A 101 -1.51 51.37 23.34
C ASN A 101 -2.76 51.84 22.59
N GLY A 102 -2.66 51.93 21.28
CA GLY A 102 -3.79 52.34 20.45
C GLY A 102 -4.83 51.26 20.25
N SER A 103 -4.53 50.02 20.63
CA SER A 103 -5.51 48.95 20.49
C SER A 103 -6.62 49.07 21.53
N ASN A 104 -6.31 49.60 22.71
CA ASN A 104 -7.31 49.76 23.75
C ASN A 104 -8.37 50.76 23.31
N SER A 105 -9.63 50.34 23.34
CA SER A 105 -10.74 51.21 22.97
C SER A 105 -11.04 52.17 24.11
N SER A 106 -12.09 52.98 23.96
CA SER A 106 -12.48 53.91 25.01
C SER A 106 -12.89 53.16 26.27
N SER A 107 -13.65 52.07 26.11
CA SER A 107 -14.13 51.32 27.27
C SER A 107 -12.99 50.72 28.07
N GLU A 108 -11.98 50.17 27.39
CA GLU A 108 -10.86 49.56 28.10
C GLU A 108 -10.08 50.57 28.91
N ARG A 109 -9.86 51.77 28.37
CA ARG A 109 -9.08 52.77 29.11
C ARG A 109 -9.72 53.10 30.45
N ARG A 110 -11.05 53.01 30.54
CA ARG A 110 -11.71 53.14 31.83
C ARG A 110 -11.36 51.98 32.75
N ALA A 111 -11.25 50.77 32.21
CA ALA A 111 -10.93 49.60 33.03
C ALA A 111 -9.59 49.77 33.73
N ILE A 112 -8.58 50.27 33.00
CA ILE A 112 -7.33 50.63 33.67
C ILE A 112 -7.58 51.73 34.70
N GLN A 113 -8.42 52.71 34.36
CA GLN A 113 -8.56 53.90 35.19
C GLN A 113 -9.11 53.57 36.58
N GLU A 114 -10.11 52.68 36.65
CA GLU A 114 -10.61 52.25 37.96
C GLU A 114 -9.55 51.48 38.73
N GLU A 115 -8.78 50.64 38.04
CA GLU A 115 -7.72 49.89 38.71
C GLU A 115 -6.63 50.82 39.21
N VAL A 116 -6.21 51.78 38.40
CA VAL A 116 -5.18 52.73 38.80
C VAL A 116 -5.70 53.63 39.93
N SER A 117 -6.95 54.06 39.84
CA SER A 117 -7.53 54.85 40.91
C SER A 117 -7.60 54.06 42.22
N ALA A 118 -7.93 52.78 42.14
CA ALA A 118 -7.93 51.93 43.33
C ALA A 118 -6.53 51.81 43.91
N LEU A 119 -5.53 51.61 43.04
CA LEU A 119 -4.15 51.51 43.51
C LEU A 119 -3.65 52.84 44.07
N ASN A 120 -4.09 53.96 43.47
CA ASN A 120 -3.76 55.27 44.03
C ASN A 120 -4.36 55.44 45.41
N ASP A 121 -5.61 54.98 45.59
CA ASP A 121 -6.22 54.98 46.91
C ASP A 121 -5.43 54.07 47.86
N GLU A 122 -4.87 52.98 47.33
CA GLU A 122 -4.05 52.09 48.15
C GLU A 122 -2.76 52.79 48.58
N LEU A 123 -2.17 53.61 47.72
CA LEU A 123 -0.98 54.36 48.10
C LEU A 123 -1.27 55.33 49.24
N ASN A 124 -2.42 56.02 49.17
CA ASN A 124 -2.80 56.90 50.28
C ASN A 124 -3.06 56.09 51.55
N ARG A 125 -3.60 54.88 51.41
CA ARG A 125 -3.83 54.04 52.57
C ARG A 125 -2.52 53.66 53.26
N ILE A 126 -1.54 53.18 52.49
CA ILE A 126 -0.26 52.77 53.06
C ILE A 126 0.44 53.95 53.71
N ALA A 127 0.41 55.11 53.04
CA ALA A 127 1.07 56.29 53.59
C ALA A 127 0.44 56.72 54.92
N GLU A 128 -0.88 56.62 55.02
CA GLU A 128 -1.57 57.13 56.20
C GLU A 128 -1.60 56.12 57.34
N THR A 129 -1.87 54.85 57.05
CA THR A 129 -2.09 53.85 58.09
C THR A 129 -0.81 53.26 58.65
N THR A 130 0.30 53.31 57.90
CA THR A 130 1.56 52.75 58.39
C THR A 130 2.00 53.47 59.66
N SER A 131 2.00 52.74 60.78
CA SER A 131 2.31 53.32 62.07
C SER A 131 3.21 52.38 62.86
N PHE A 132 3.93 52.96 63.81
CA PHE A 132 4.80 52.21 64.72
C PHE A 132 4.46 52.65 66.14
N GLY A 133 3.74 51.80 66.87
CA GLY A 133 3.29 52.16 68.21
C GLY A 133 2.31 53.30 68.24
N GLY A 134 1.43 53.40 67.25
CA GLY A 134 0.46 54.47 67.18
C GLY A 134 0.98 55.77 66.62
N ASN A 135 2.23 55.81 66.16
CA ASN A 135 2.83 57.02 65.59
C ASN A 135 3.00 56.80 64.09
N LYS A 136 2.25 57.57 63.29
CA LYS A 136 2.31 57.42 61.85
C LYS A 136 3.68 57.79 61.32
N LEU A 137 4.18 56.98 60.38
CA LEU A 137 5.52 57.14 59.83
C LEU A 137 5.55 57.78 58.46
N LEU A 138 4.76 57.26 57.51
CA LEU A 138 4.84 57.68 56.11
C LEU A 138 3.82 58.75 55.76
N ASN A 139 3.04 59.25 56.72
CA ASN A 139 2.06 60.29 56.42
C ASN A 139 2.65 61.69 56.42
N GLY A 140 3.93 61.83 56.80
CA GLY A 140 4.58 63.12 56.82
C GLY A 140 4.45 63.88 58.13
N SER A 141 3.63 63.39 59.07
CA SER A 141 3.47 64.06 60.36
C SER A 141 4.61 63.74 61.33
N PHE A 142 5.45 62.76 61.01
CA PHE A 142 6.56 62.43 61.90
C PHE A 142 7.63 63.51 61.87
N GLY A 143 7.91 64.06 60.69
CA GLY A 143 8.92 65.11 60.60
C GLY A 143 10.31 64.54 60.84
N SER A 144 11.08 65.24 61.66
CA SER A 144 12.44 64.84 62.00
C SER A 144 12.55 64.57 63.49
N LYS A 145 13.09 63.41 63.84
CA LYS A 145 13.33 63.04 65.23
C LYS A 145 14.79 62.65 65.40
N SER A 146 15.38 63.11 66.50
CA SER A 146 16.78 62.84 66.81
C SER A 146 16.86 61.67 67.78
N PHE A 147 17.55 60.60 67.38
CA PHE A 147 17.68 59.40 68.20
C PHE A 147 18.98 59.47 69.01
N GLN A 148 18.83 59.50 70.33
CA GLN A 148 19.97 59.59 71.23
C GLN A 148 20.68 58.23 71.27
N ILE A 149 21.87 58.17 70.70
CA ILE A 149 22.62 56.92 70.61
C ILE A 149 23.97 57.07 71.30
N GLY A 150 24.04 57.93 72.32
CA GLY A 150 25.28 58.18 73.02
C GLY A 150 25.09 58.07 74.53
N ALA A 151 26.22 58.00 75.22
CA ALA A 151 26.23 57.91 76.67
C ALA A 151 26.12 59.28 77.35
N ASP A 152 26.20 60.36 76.59
CA ASP A 152 26.10 61.71 77.14
C ASP A 152 25.12 62.52 76.30
N SER A 153 24.55 63.55 76.92
CA SER A 153 23.58 64.39 76.24
C SER A 153 24.22 65.11 75.06
N GLY A 154 23.44 65.28 73.99
CA GLY A 154 23.93 65.93 72.79
C GLY A 154 24.64 65.03 71.81
N GLU A 155 24.46 63.71 71.91
CA GLU A 155 25.09 62.75 71.01
C GLU A 155 24.03 61.99 70.22
N ALA A 156 23.02 62.71 69.73
CA ALA A 156 21.94 62.12 68.94
C ALA A 156 22.20 62.32 67.45
N VAL A 157 21.43 61.58 66.65
CA VAL A 157 21.54 61.63 65.19
C VAL A 157 20.14 61.75 64.62
N MET A 158 19.96 62.68 63.68
CA MET A 158 18.64 63.01 63.17
C MET A 158 18.15 61.94 62.18
N LEU A 159 16.83 61.93 61.98
CA LEU A 159 16.18 61.03 61.02
C LEU A 159 14.97 61.75 60.43
N SER A 160 14.82 61.66 59.12
CA SER A 160 13.70 62.29 58.42
C SER A 160 13.10 61.29 57.44
N MET A 161 11.77 61.18 57.44
CA MET A 161 11.03 60.45 56.43
C MET A 161 10.02 61.40 55.80
N GLY A 162 10.19 61.65 54.50
CA GLY A 162 9.28 62.55 53.81
C GLY A 162 7.88 61.96 53.68
N SER A 163 6.92 62.85 53.43
CA SER A 163 5.55 62.42 53.22
C SER A 163 5.45 61.57 51.97
N MET A 164 5.00 60.33 52.13
CA MET A 164 4.90 59.37 51.02
C MET A 164 3.48 59.29 50.46
N ARG A 165 2.66 60.31 50.68
CA ARG A 165 1.35 60.36 50.07
C ARG A 165 1.46 60.49 48.56
N SER A 166 0.43 60.03 47.85
CA SER A 166 0.40 60.20 46.40
C SER A 166 0.22 61.66 45.99
N ASP A 167 -0.20 62.51 46.92
CA ASP A 167 -0.38 63.93 46.66
C ASP A 167 0.87 64.75 46.96
N THR A 168 1.96 64.11 47.36
CA THR A 168 3.19 64.82 47.68
C THR A 168 3.78 65.45 46.42
N GLN A 169 4.37 66.64 46.58
CA GLN A 169 4.93 67.35 45.44
C GLN A 169 6.06 66.56 44.80
N ALA A 170 6.88 65.87 45.60
CA ALA A 170 7.99 65.09 45.07
C ALA A 170 7.51 63.87 44.29
N MET A 171 6.23 63.52 44.36
CA MET A 171 5.69 62.38 43.63
C MET A 171 5.23 62.75 42.22
N GLY A 172 5.74 63.85 41.68
CA GLY A 172 5.35 64.27 40.35
C GLY A 172 6.19 65.41 39.82
N GLY A 173 5.59 66.32 39.06
CA GLY A 173 6.30 67.46 38.53
C GLY A 173 5.40 68.43 37.79
N LYS A 174 5.92 69.06 36.74
CA LYS A 174 5.16 69.96 35.89
C LYS A 174 5.01 69.36 34.50
N SER A 175 4.03 69.87 33.76
CA SER A 175 3.71 69.35 32.43
C SER A 175 3.42 70.50 31.48
N TYR A 176 4.02 70.43 30.29
CA TYR A 176 3.85 71.44 29.26
C TYR A 176 3.29 70.78 28.01
N ARG A 177 2.25 71.36 27.45
CA ARG A 177 1.53 70.78 26.32
C ARG A 177 1.69 71.64 25.08
N ALA A 178 1.94 70.99 23.95
CA ALA A 178 1.90 71.69 22.66
C ALA A 178 0.46 72.14 22.39
N GLN A 179 0.31 73.40 22.00
CA GLN A 179 -1.02 73.94 21.73
C GLN A 179 -1.48 73.72 20.30
N GLU A 180 -0.62 73.16 19.45
CA GLU A 180 -0.95 72.88 18.06
C GLU A 180 -0.76 71.38 17.80
N GLY A 181 -1.79 70.75 17.25
CA GLY A 181 -1.72 69.35 16.91
C GLY A 181 -1.21 69.15 15.49
N LYS A 182 -0.32 68.17 15.33
CA LYS A 182 0.27 67.83 14.05
C LYS A 182 -0.29 66.49 13.59
N ALA A 183 -0.73 66.44 12.33
CA ALA A 183 -1.32 65.22 11.79
C ALA A 183 -0.23 64.19 11.51
N ALA A 184 -0.65 63.05 10.94
CA ALA A 184 0.29 61.98 10.64
C ALA A 184 1.22 62.31 9.48
N ASP A 185 0.92 63.36 8.72
CA ASP A 185 1.70 63.72 7.54
C ASP A 185 2.62 64.91 7.79
N TRP A 186 2.84 65.29 9.04
CA TRP A 186 3.68 66.45 9.37
C TRP A 186 5.12 65.99 9.60
N ARG A 187 6.05 66.69 8.95
CA ARG A 187 7.48 66.44 9.11
C ARG A 187 8.18 67.77 9.37
N VAL A 188 9.28 67.70 10.14
CA VAL A 188 10.01 68.90 10.48
C VAL A 188 10.60 69.54 9.22
N GLY A 189 10.53 70.87 9.16
CA GLY A 189 11.03 71.59 8.01
C GLY A 189 12.48 72.01 8.15
N ALA A 190 12.78 73.27 7.86
CA ALA A 190 14.14 73.79 7.95
C ALA A 190 14.48 74.35 9.32
N ALA A 191 13.50 74.51 10.20
CA ALA A 191 13.74 74.98 11.57
C ALA A 191 13.59 73.80 12.52
N THR A 192 14.68 73.42 13.17
CA THR A 192 14.71 72.20 13.97
C THR A 192 15.21 72.46 15.39
N ASP A 193 15.99 73.51 15.58
CA ASP A 193 16.59 73.78 16.88
C ASP A 193 15.52 74.02 17.93
N LEU A 194 15.70 73.39 19.10
CA LEU A 194 14.77 73.51 20.21
C LEU A 194 15.56 73.48 21.50
N THR A 195 15.45 74.55 22.29
CA THR A 195 16.23 74.69 23.53
C THR A 195 15.29 74.71 24.73
N LEU A 196 15.80 74.22 25.86
CA LEU A 196 15.07 74.20 27.11
C LEU A 196 15.98 74.75 28.20
N SER A 197 15.59 75.87 28.80
CA SER A 197 16.39 76.55 29.81
C SER A 197 15.67 76.44 31.15
N TYR A 198 16.32 75.80 32.12
CA TYR A 198 15.75 75.65 33.45
C TYR A 198 16.89 75.57 34.46
N THR A 199 16.57 75.13 35.66
CA THR A 199 17.54 74.95 36.73
C THR A 199 17.35 73.58 37.36
N ASN A 200 18.46 72.92 37.70
CA ASN A 200 18.40 71.67 38.41
C ASN A 200 18.18 71.91 39.91
N LYS A 201 17.86 70.84 40.63
CA LYS A 201 17.62 70.95 42.07
C LYS A 201 18.85 71.47 42.81
N GLN A 202 20.04 71.22 42.27
CA GLN A 202 21.27 71.68 42.90
C GLN A 202 21.43 73.20 42.88
N GLY A 203 20.61 73.91 42.11
CA GLY A 203 20.64 75.35 42.09
C GLY A 203 21.46 75.98 40.98
N GLU A 204 21.88 75.21 39.99
CA GLU A 204 22.66 75.72 38.87
C GLU A 204 21.86 75.62 37.58
N ALA A 205 22.01 76.62 36.72
CA ALA A 205 21.27 76.65 35.46
C ALA A 205 21.78 75.58 34.50
N ARG A 206 20.84 74.92 33.83
CA ARG A 206 21.15 73.90 32.84
C ARG A 206 20.55 74.29 31.51
N GLU A 207 21.38 74.26 30.46
CA GLU A 207 20.95 74.56 29.10
C GLU A 207 20.99 73.27 28.29
N VAL A 208 19.84 72.87 27.77
CA VAL A 208 19.69 71.61 27.05
C VAL A 208 19.20 71.94 25.64
N THR A 209 19.99 71.58 24.63
CA THR A 209 19.69 71.90 23.24
C THR A 209 19.47 70.61 22.44
N ILE A 210 18.37 70.57 21.71
CA ILE A 210 18.03 69.45 20.83
C ILE A 210 18.00 69.99 19.40
N ASN A 211 18.76 69.36 18.51
CA ASN A 211 18.68 69.65 17.08
C ASN A 211 17.94 68.49 16.44
N ALA A 212 16.63 68.65 16.31
CA ALA A 212 15.81 67.60 15.73
C ALA A 212 16.20 67.35 14.27
N LYS A 213 15.99 66.12 13.81
CA LYS A 213 16.40 65.73 12.48
C LYS A 213 15.21 65.81 11.53
N GLN A 214 15.43 66.43 10.37
CA GLN A 214 14.34 66.72 9.45
C GLN A 214 13.73 65.44 8.92
N GLY A 215 12.43 65.49 8.65
CA GLY A 215 11.70 64.35 8.15
C GLY A 215 11.10 63.45 9.21
N ASP A 216 11.38 63.70 10.48
CA ASP A 216 10.84 62.90 11.57
C ASP A 216 9.48 63.44 11.99
N ASP A 217 8.47 62.58 12.01
CA ASP A 217 7.15 62.99 12.46
C ASP A 217 7.18 63.25 13.96
N LEU A 218 6.02 63.65 14.51
CA LEU A 218 5.97 64.06 15.91
C LEU A 218 6.33 62.91 16.85
N GLU A 219 5.85 61.69 16.55
CA GLU A 219 6.13 60.57 17.44
C GLU A 219 7.62 60.23 17.46
N GLU A 220 8.28 60.29 16.29
CA GLU A 220 9.72 60.12 16.26
C GLU A 220 10.43 61.26 16.98
N LEU A 221 9.88 62.48 16.90
CA LEU A 221 10.46 63.61 17.62
C LEU A 221 10.38 63.39 19.13
N ALA A 222 9.27 62.84 19.61
CA ALA A 222 9.14 62.55 21.04
C ALA A 222 10.18 61.52 21.48
N THR A 223 10.42 60.50 20.65
CA THR A 223 11.45 59.52 20.97
C THR A 223 12.83 60.14 21.00
N TYR A 224 13.13 61.02 20.02
CA TYR A 224 14.45 61.61 19.95
C TYR A 224 14.75 62.51 21.14
N ILE A 225 13.76 63.31 21.56
CA ILE A 225 13.95 64.19 22.72
C ILE A 225 14.19 63.35 23.97
N ASN A 226 13.52 62.20 24.08
CA ASN A 226 13.74 61.32 25.22
C ASN A 226 15.17 60.78 25.24
N GLY A 227 15.67 60.38 24.08
CA GLY A 227 17.02 59.83 24.02
C GLY A 227 18.10 60.87 24.28
N GLN A 228 17.91 62.08 23.77
CA GLN A 228 18.95 63.11 23.85
C GLN A 228 19.20 63.54 25.29
N THR A 229 18.13 63.77 26.05
CA THR A 229 18.26 64.27 27.41
C THR A 229 17.43 63.43 28.37
N GLU A 230 17.92 63.31 29.60
CA GLU A 230 17.25 62.54 30.63
C GLU A 230 16.44 63.39 31.60
N ASP A 231 16.61 64.71 31.60
CA ASP A 231 15.91 65.56 32.55
C ASP A 231 14.43 65.65 32.21
N VAL A 232 14.09 65.83 30.94
CA VAL A 232 12.71 65.96 30.50
C VAL A 232 12.29 64.69 29.77
N LYS A 233 10.97 64.54 29.61
CA LYS A 233 10.39 63.37 28.94
C LYS A 233 9.32 63.86 27.98
N ALA A 234 9.37 63.36 26.75
CA ALA A 234 8.46 63.80 25.68
C ALA A 234 7.47 62.70 25.33
N SER A 235 6.26 63.11 24.95
CA SER A 235 5.21 62.18 24.55
C SER A 235 4.27 62.89 23.58
N VAL A 236 3.29 62.13 23.09
CA VAL A 236 2.31 62.65 22.13
C VAL A 236 0.94 62.12 22.51
N GLY A 237 -0.06 63.00 22.48
CA GLY A 237 -1.41 62.67 22.88
C GLY A 237 -2.30 62.25 21.73
N GLU A 238 -3.62 62.40 21.93
CA GLU A 238 -4.58 62.00 20.92
C GLU A 238 -4.43 62.83 19.65
N ASP A 239 -4.44 64.16 19.80
CA ASP A 239 -4.45 65.06 18.66
C ASP A 239 -3.07 65.25 18.03
N GLY A 240 -2.02 64.69 18.63
CA GLY A 240 -0.68 64.92 18.13
C GLY A 240 -0.09 66.19 18.70
N LYS A 241 -0.10 66.30 20.02
CA LYS A 241 0.41 67.47 20.73
C LYS A 241 1.57 67.02 21.62
N LEU A 242 2.79 67.41 21.26
CA LEU A 242 3.96 66.99 22.02
C LEU A 242 3.92 67.57 23.43
N GLN A 243 4.14 66.73 24.43
CA GLN A 243 4.11 67.15 25.82
C GLN A 243 5.43 66.82 26.50
N LEU A 244 5.90 67.74 27.32
CA LEU A 244 7.15 67.58 28.06
C LEU A 244 6.84 67.54 29.55
N PHE A 245 7.49 66.62 30.25
CA PHE A 245 7.31 66.46 31.69
C PHE A 245 8.62 66.76 32.40
N ALA A 246 8.62 67.83 33.21
CA ALA A 246 9.77 68.20 34.02
C ALA A 246 9.43 67.86 35.47
N SER A 247 10.07 66.82 36.00
CA SER A 247 9.77 66.35 37.34
C SER A 247 10.13 67.39 38.39
N SER A 248 9.68 67.14 39.62
CA SER A 248 9.90 68.06 40.72
C SER A 248 11.19 67.78 41.49
N GLN A 249 11.92 66.73 41.13
CA GLN A 249 13.17 66.42 41.81
C GLN A 249 14.41 66.83 41.01
N LYS A 250 14.32 66.88 39.69
CA LYS A 250 15.44 67.30 38.86
C LYS A 250 15.18 68.61 38.12
N VAL A 251 14.06 69.29 38.39
CA VAL A 251 13.74 70.57 37.79
C VAL A 251 13.03 71.42 38.84
N ASN A 252 13.60 72.58 39.16
CA ASN A 252 12.96 73.56 40.02
C ASN A 252 12.79 74.86 39.24
N GLY A 253 11.60 75.44 39.31
CA GLY A 253 11.27 76.60 38.52
C GLY A 253 10.70 76.24 37.15
N ASP A 254 10.21 77.27 36.47
CA ASP A 254 9.59 77.07 35.16
C ASP A 254 10.64 76.71 34.12
N VAL A 255 10.22 75.92 33.14
CA VAL A 255 11.08 75.51 32.02
C VAL A 255 10.82 76.47 30.86
N THR A 256 11.88 77.14 30.40
CA THR A 256 11.78 78.12 29.33
C THR A 256 12.09 77.43 28.01
N ILE A 257 11.04 77.05 27.27
CA ILE A 257 11.17 76.36 26.00
C ILE A 257 11.26 77.41 24.89
N GLY A 258 12.30 77.30 24.06
CA GLY A 258 12.50 78.23 22.97
C GLY A 258 13.09 77.51 21.77
N GLY A 259 13.46 78.31 20.77
CA GLY A 259 14.04 77.79 19.55
C GLY A 259 13.06 77.88 18.38
N GLY A 260 13.58 77.55 17.20
CA GLY A 260 12.74 77.56 16.01
C GLY A 260 11.63 76.53 16.08
N LEU A 261 11.95 75.32 16.54
CA LEU A 261 10.94 74.28 16.65
C LEU A 261 10.02 74.54 17.84
N GLY A 262 10.57 75.04 18.94
CA GLY A 262 9.74 75.32 20.10
C GLY A 262 8.70 76.40 19.85
N GLY A 263 9.09 77.45 19.13
CA GLY A 263 8.14 78.50 18.80
C GLY A 263 7.06 78.04 17.83
N GLU A 264 7.45 77.20 16.86
CA GLU A 264 6.48 76.69 15.89
C GLU A 264 5.47 75.76 16.55
N ILE A 265 5.96 74.85 17.41
CA ILE A 265 5.06 73.92 18.08
C ILE A 265 4.21 74.63 19.12
N GLY A 266 4.81 75.56 19.86
CA GLY A 266 4.07 76.31 20.87
C GLY A 266 3.92 75.55 22.17
N PHE A 267 4.00 76.27 23.29
CA PHE A 267 3.89 75.65 24.60
C PHE A 267 3.14 76.60 25.53
N ASP A 268 2.45 76.02 26.51
CA ASP A 268 1.64 76.79 27.44
C ASP A 268 2.27 76.70 28.84
N ALA A 269 1.56 77.23 29.83
CA ALA A 269 2.03 77.19 31.20
C ALA A 269 2.11 75.76 31.73
N GLY A 270 3.01 75.54 32.66
CA GLY A 270 3.21 74.22 33.23
C GLY A 270 2.15 73.83 34.25
N ARG A 271 1.43 72.75 33.96
CA ARG A 271 0.42 72.23 34.88
C ARG A 271 1.06 71.25 35.86
N ASN A 272 1.10 71.63 37.13
CA ASN A 272 1.67 70.78 38.16
C ASN A 272 0.79 69.56 38.36
N VAL A 273 1.39 68.37 38.23
CA VAL A 273 0.68 67.10 38.36
C VAL A 273 1.45 66.20 39.32
N THR A 274 0.73 65.22 39.86
CA THR A 274 1.31 64.22 40.76
C THR A 274 0.72 62.86 40.38
N VAL A 275 0.97 61.86 41.23
CA VAL A 275 0.43 60.52 41.00
C VAL A 275 -1.09 60.53 41.07
N ALA A 276 -1.64 61.27 42.04
CA ALA A 276 -3.09 61.30 42.23
C ALA A 276 -3.82 61.92 41.04
N ASP A 277 -3.13 62.66 40.19
CA ASP A 277 -3.73 63.27 39.01
C ASP A 277 -3.67 62.37 37.79
N VAL A 278 -3.17 61.14 37.93
CA VAL A 278 -3.05 60.23 36.80
C VAL A 278 -4.45 59.86 36.32
N ASN A 279 -4.69 60.05 35.02
CA ASN A 279 -5.97 59.72 34.38
C ASN A 279 -5.58 59.00 33.10
N VAL A 280 -5.69 57.67 33.11
CA VAL A 280 -5.25 56.85 32.00
C VAL A 280 -6.41 56.60 31.05
N SER A 281 -7.52 57.30 31.26
CA SER A 281 -8.65 57.21 30.33
C SER A 281 -8.35 57.84 28.98
N THR A 282 -7.25 58.58 28.87
CA THR A 282 -6.80 59.18 27.62
C THR A 282 -5.36 58.76 27.37
N VAL A 283 -5.01 58.63 26.08
CA VAL A 283 -3.67 58.17 25.73
C VAL A 283 -2.62 59.18 26.18
N ALA A 284 -2.95 60.47 26.13
CA ALA A 284 -2.04 61.49 26.64
C ALA A 284 -1.85 61.35 28.14
N GLY A 285 -2.93 61.04 28.85
CA GLY A 285 -2.82 60.82 30.30
C GLY A 285 -1.99 59.61 30.64
N SER A 286 -2.10 58.54 29.85
CA SER A 286 -1.32 57.34 30.11
C SER A 286 0.15 57.54 29.73
N GLN A 287 0.40 58.18 28.57
CA GLN A 287 1.77 58.52 28.21
C GLN A 287 2.42 59.43 29.25
N GLU A 288 1.66 60.41 29.75
CA GLU A 288 2.16 61.25 30.83
C GLU A 288 2.37 60.43 32.09
N ALA A 289 1.44 59.53 32.41
CA ALA A 289 1.50 58.78 33.66
C ALA A 289 2.78 57.97 33.78
N VAL A 290 3.31 57.47 32.65
CA VAL A 290 4.56 56.71 32.69
C VAL A 290 5.67 57.58 33.25
N SER A 291 5.68 58.86 32.88
CA SER A 291 6.71 59.76 33.38
C SER A 291 6.45 60.19 34.83
N ILE A 292 5.18 60.31 35.23
CA ILE A 292 4.88 60.73 36.60
C ILE A 292 5.37 59.67 37.60
N LEU A 293 5.01 58.41 37.36
CA LEU A 293 5.43 57.35 38.27
C LEU A 293 6.92 57.05 38.18
N ASP A 294 7.57 57.44 37.08
CA ASP A 294 9.03 57.39 37.05
C ASP A 294 9.61 58.36 38.07
N GLY A 295 9.05 59.56 38.16
CA GLY A 295 9.47 60.49 39.20
C GLY A 295 9.07 60.00 40.59
N ALA A 296 7.91 59.37 40.71
CA ALA A 296 7.48 58.84 42.00
C ALA A 296 8.40 57.71 42.46
N LEU A 297 8.73 56.78 41.56
CA LEU A 297 9.65 55.71 41.90
C LEU A 297 11.02 56.25 42.25
N LYS A 298 11.47 57.29 41.55
CA LYS A 298 12.75 57.90 41.87
C LYS A 298 12.73 58.52 43.26
N ALA A 299 11.62 59.17 43.63
CA ALA A 299 11.52 59.75 44.96
C ALA A 299 11.45 58.67 46.03
N VAL A 300 10.76 57.57 45.75
CA VAL A 300 10.66 56.49 46.72
C VAL A 300 12.01 55.80 46.89
N ASP A 301 12.66 55.47 45.77
CA ASP A 301 13.93 54.75 45.82
C ASP A 301 15.02 55.58 46.47
N SER A 302 15.08 56.88 46.14
CA SER A 302 16.08 57.75 46.76
C SER A 302 15.84 57.88 48.26
N GLN A 303 14.57 57.79 48.68
CA GLN A 303 14.26 57.84 50.11
C GLN A 303 14.61 56.53 50.79
N ARG A 304 14.39 55.41 50.11
CA ARG A 304 14.75 54.11 50.67
C ARG A 304 16.25 54.00 50.90
N ALA A 305 17.06 54.45 49.94
CA ALA A 305 18.50 54.38 50.10
C ALA A 305 18.97 55.30 51.22
N SER A 306 18.19 56.33 51.53
CA SER A 306 18.52 57.19 52.67
C SER A 306 18.27 56.46 53.99
N LEU A 307 17.21 55.64 54.03
CA LEU A 307 16.92 54.87 55.24
C LEU A 307 17.87 53.70 55.39
N GLY A 308 18.22 53.05 54.28
CA GLY A 308 19.16 51.92 54.35
C GLY A 308 20.53 52.33 54.83
N ALA A 309 21.05 53.45 54.32
CA ALA A 309 22.31 53.98 54.84
C ALA A 309 22.16 54.41 56.29
N PHE A 310 20.95 54.81 56.69
CA PHE A 310 20.73 55.25 58.06
C PHE A 310 20.84 54.09 59.04
N GLN A 311 20.14 52.98 58.77
CA GLN A 311 20.22 51.83 59.65
C GLN A 311 21.51 51.03 59.48
N ASN A 312 22.18 51.17 58.33
CA ASN A 312 23.55 50.71 58.22
C ASN A 312 24.46 51.46 59.19
N ARG A 313 24.21 52.77 59.34
CA ARG A 313 24.98 53.57 60.28
C ARG A 313 24.77 53.08 61.71
N PHE A 314 23.55 52.68 62.05
CA PHE A 314 23.32 52.04 63.35
C PHE A 314 23.99 50.67 63.42
N GLY A 315 24.07 49.97 62.30
CA GLY A 315 24.75 48.68 62.30
C GLY A 315 26.20 48.80 62.73
N HIS A 316 26.87 49.86 62.29
CA HIS A 316 28.24 50.11 62.75
C HIS A 316 28.24 50.75 64.13
N ALA A 317 27.25 51.58 64.43
CA ALA A 317 27.22 52.30 65.70
C ALA A 317 26.98 51.35 66.87
N ILE A 318 25.98 50.47 66.78
CA ILE A 318 25.66 49.56 67.87
C ILE A 318 26.86 48.67 68.17
N SER A 319 27.51 48.17 67.12
CA SER A 319 28.73 47.40 67.32
C SER A 319 29.81 48.24 67.98
N ASN A 320 29.96 49.50 67.55
CA ASN A 320 30.99 50.36 68.11
C ASN A 320 30.76 50.62 69.59
N LEU A 321 29.51 50.88 69.98
CA LEU A 321 29.21 51.11 71.40
C LEU A 321 29.40 49.83 72.21
N ASP A 322 29.40 48.66 71.55
CA ASP A 322 29.59 47.41 72.27
C ASP A 322 31.03 47.27 72.76
N ASN A 323 32.01 47.61 71.91
CA ASN A 323 33.40 47.55 72.36
C ASN A 323 33.70 48.63 73.39
N VAL A 324 33.10 49.81 73.23
CA VAL A 324 33.28 50.89 74.20
C VAL A 324 32.73 50.48 75.55
N ASN A 325 31.52 49.89 75.56
CA ASN A 325 30.94 49.41 76.80
C ASN A 325 31.75 48.27 77.39
N GLU A 326 32.31 47.41 76.53
CA GLU A 326 33.10 46.28 77.00
C GLU A 326 34.40 46.75 77.64
N ASN A 327 35.13 47.64 76.94
CA ASN A 327 36.40 48.12 77.47
C ASN A 327 36.21 48.93 78.74
N VAL A 328 35.17 49.78 78.80
CA VAL A 328 34.94 50.55 80.00
C VAL A 328 34.51 49.64 81.15
N ASN A 329 33.85 48.52 80.85
CA ASN A 329 33.52 47.55 81.90
C ASN A 329 34.76 46.82 82.40
N ALA A 330 35.67 46.47 81.48
CA ALA A 330 36.90 45.79 81.88
C ALA A 330 37.77 46.69 82.76
N SER A 331 37.93 47.95 82.37
CA SER A 331 38.67 48.89 83.21
C SER A 331 37.91 49.17 84.50
N ARG A 332 36.58 49.13 84.46
CA ARG A 332 35.79 49.28 85.67
C ARG A 332 36.09 48.16 86.66
N SER A 333 36.18 46.92 86.17
CA SER A 333 36.48 45.80 87.05
C SER A 333 37.90 45.85 87.58
N ARG A 334 38.83 46.42 86.80
CA ARG A 334 40.21 46.53 87.26
C ARG A 334 40.35 47.42 88.49
N ILE A 335 39.38 48.31 88.72
CA ILE A 335 39.40 49.18 89.89
C ILE A 335 38.31 48.83 90.90
N ARG A 336 37.20 48.23 90.45
CA ARG A 336 36.07 47.91 91.31
C ARG A 336 36.07 46.46 91.78
N ASP A 337 36.14 45.51 90.84
CA ASP A 337 36.04 44.10 91.22
C ASP A 337 37.24 43.71 92.08
N THR A 338 36.94 43.23 93.28
CA THR A 338 37.97 42.86 94.24
C THR A 338 38.69 41.59 93.80
N ASP A 339 39.93 41.45 94.24
CA ASP A 339 40.72 40.25 93.97
C ASP A 339 40.39 39.25 95.07
N TYR A 340 39.61 38.22 94.71
CA TYR A 340 39.17 37.25 95.70
C TYR A 340 40.34 36.48 96.28
N ALA A 341 41.31 36.13 95.44
CA ALA A 341 42.49 35.42 95.92
C ALA A 341 43.31 36.28 96.88
N ARG A 342 43.54 37.54 96.52
CA ARG A 342 44.33 38.44 97.37
C ARG A 342 43.59 38.76 98.66
N GLU A 343 42.28 39.02 98.57
CA GLU A 343 41.50 39.32 99.77
C GLU A 343 41.41 38.11 100.69
N THR A 344 41.37 36.90 100.11
CA THR A 344 41.42 35.69 100.94
C THR A 344 42.74 35.62 101.71
N THR A 345 43.85 35.96 101.05
CA THR A 345 45.13 36.02 101.76
C THR A 345 45.09 37.05 102.88
N ALA A 346 44.44 38.19 102.63
CA ALA A 346 44.36 39.23 103.64
C ALA A 346 43.54 38.78 104.85
N MET A 347 42.39 38.13 104.61
CA MET A 347 41.53 37.74 105.72
C MET A 347 42.04 36.48 106.43
N THR A 348 42.87 35.67 105.76
CA THR A 348 43.48 34.54 106.43
C THR A 348 44.60 34.99 107.36
N LYS A 349 45.45 35.90 106.89
CA LYS A 349 46.49 36.45 107.74
C LYS A 349 45.90 37.31 108.85
N ALA A 350 44.74 37.94 108.61
CA ALA A 350 44.10 38.73 109.65
C ALA A 350 43.47 37.85 110.71
N GLN A 351 42.77 36.78 110.29
CA GLN A 351 42.20 35.85 111.26
C GLN A 351 43.27 35.16 112.08
N ILE A 352 44.37 34.75 111.43
CA ILE A 352 45.47 34.13 112.15
C ILE A 352 46.13 35.14 113.09
N LEU A 353 46.20 36.40 112.67
CA LEU A 353 46.68 37.44 113.57
C LEU A 353 45.79 37.57 114.79
N GLN A 354 44.47 37.44 114.60
CA GLN A 354 43.56 37.45 115.73
C GLN A 354 43.84 36.29 116.68
N GLN A 355 44.03 35.09 116.13
CA GLN A 355 44.26 33.92 116.97
C GLN A 355 45.56 34.05 117.77
N ALA A 356 46.63 34.54 117.11
CA ALA A 356 47.88 34.74 117.83
C ALA A 356 47.75 35.82 118.89
N SER A 357 47.06 36.91 118.57
CA SER A 357 46.94 38.03 119.50
C SER A 357 46.06 37.67 120.70
N THR A 358 44.99 36.89 120.48
CA THR A 358 44.18 36.44 121.61
C THR A 358 44.99 35.56 122.55
N SER A 359 45.85 34.70 121.98
CA SER A 359 46.74 33.89 122.81
C SER A 359 47.72 34.78 123.57
N VAL A 360 48.21 35.85 122.93
CA VAL A 360 49.13 36.77 123.60
C VAL A 360 48.43 37.45 124.77
N LEU A 361 47.19 37.90 124.56
CA LEU A 361 46.46 38.55 125.64
C LEU A 361 46.17 37.58 126.78
N ALA A 362 45.91 36.32 126.45
CA ALA A 362 45.71 35.31 127.49
C ALA A 362 46.95 35.14 128.35
N GLN A 363 48.13 35.09 127.72
CA GLN A 363 49.37 34.97 128.48
C GLN A 363 49.65 36.22 129.29
N ALA A 364 49.38 37.40 128.72
CA ALA A 364 49.66 38.65 129.42
C ALA A 364 48.72 38.91 130.58
N LYS A 365 47.48 38.41 130.51
CA LYS A 365 46.51 38.63 131.57
C LYS A 365 46.84 37.85 132.84
N GLN A 366 47.77 36.90 132.78
CA GLN A 366 48.22 36.17 133.96
C GLN A 366 49.29 36.90 134.74
N SER A 367 49.76 38.05 134.26
CA SER A 367 50.76 38.81 134.99
C SER A 367 50.30 39.22 136.39
N PRO A 368 49.08 39.71 136.61
CA PRO A 368 48.67 39.99 138.00
C PRO A 368 48.68 38.77 138.90
N SER A 369 48.42 37.58 138.35
CA SER A 369 48.49 36.37 139.16
C SER A 369 49.90 36.11 139.68
N ALA A 370 50.90 36.31 138.81
CA ALA A 370 52.28 36.16 139.24
C ALA A 370 52.69 37.24 140.23
N ALA A 371 52.20 38.46 140.02
CA ALA A 371 52.52 39.56 140.93
C ALA A 371 51.98 39.30 142.33
N LEU A 372 50.75 38.80 142.43
CA LEU A 372 50.17 38.49 143.73
C LEU A 372 50.93 37.37 144.42
N SER A 373 51.32 36.34 143.67
CA SER A 373 52.03 35.21 144.26
C SER A 373 53.47 35.56 144.64
N LEU A 374 53.98 36.71 144.19
CA LEU A 374 55.36 37.08 144.51
C LEU A 374 55.55 37.29 146.00
N LEU A 375 54.83 38.26 146.58
CA LEU A 375 54.94 38.56 148.00
C LEU A 375 53.62 38.50 148.76
N GLY A 376 52.48 38.46 148.06
CA GLY A 376 51.20 38.40 148.71
C GLY A 376 50.75 36.99 149.02
N MET B 1 30.70 15.18 7.41
CA MET B 1 29.73 16.26 7.49
C MET B 1 29.19 16.41 8.90
N ALA B 2 29.28 17.61 9.46
CA ALA B 2 28.75 17.87 10.78
C ALA B 2 27.24 17.72 10.78
N ILE B 3 26.71 17.17 11.87
CA ILE B 3 25.27 17.00 12.00
C ILE B 3 24.65 18.37 12.24
N ASN B 4 23.69 18.75 11.40
CA ASN B 4 23.16 20.10 11.39
C ASN B 4 21.64 20.06 11.26
N VAL B 5 21.00 21.15 11.69
CA VAL B 5 19.56 21.29 11.60
C VAL B 5 19.15 22.50 10.76
N ASN B 6 19.82 23.64 10.93
CA ASN B 6 19.44 24.83 10.18
C ASN B 6 19.78 24.71 8.70
N THR B 7 20.90 24.09 8.38
CA THR B 7 21.35 23.93 7.00
C THR B 7 21.17 22.49 6.56
N ASN B 8 20.59 22.32 5.37
CA ASN B 8 20.34 21.02 4.78
C ASN B 8 20.77 21.02 3.31
N VAL B 9 22.03 21.43 3.08
CA VAL B 9 22.59 21.53 1.74
C VAL B 9 22.34 20.26 0.92
N SER B 10 22.24 19.10 1.58
CA SER B 10 21.93 17.87 0.86
C SER B 10 20.58 17.95 0.17
N ALA B 11 19.56 18.48 0.87
CA ALA B 11 18.26 18.68 0.23
C ALA B 11 18.30 19.78 -0.81
N MET B 12 19.14 20.80 -0.60
CA MET B 12 19.30 21.86 -1.60
C MET B 12 19.80 21.29 -2.91
N THR B 13 20.72 20.33 -2.85
CA THR B 13 21.15 19.61 -4.05
C THR B 13 19.98 18.82 -4.64
N ALA B 14 19.16 18.21 -3.79
CA ALA B 14 18.05 17.39 -4.26
C ALA B 14 17.05 18.21 -5.06
N GLN B 15 16.69 19.40 -4.56
CA GLN B 15 15.71 20.21 -5.27
C GLN B 15 16.35 20.97 -6.43
N ARG B 16 17.68 21.09 -6.45
CA ARG B 16 18.34 21.73 -7.58
C ARG B 16 18.24 20.85 -8.82
N TYR B 17 18.56 19.56 -8.67
CA TYR B 17 18.42 18.63 -9.79
C TYR B 17 16.96 18.28 -10.05
N LEU B 18 16.11 18.39 -9.03
CA LEU B 18 14.67 18.24 -9.25
C LEU B 18 14.14 19.35 -10.15
N ASN B 19 14.61 20.59 -9.94
CA ASN B 19 14.22 21.69 -10.81
C ASN B 19 14.75 21.49 -12.22
N GLY B 20 15.98 20.99 -12.34
CA GLY B 20 16.53 20.71 -13.67
C GLY B 20 15.75 19.62 -14.38
N ALA B 21 15.32 18.60 -13.65
CA ALA B 21 14.53 17.53 -14.25
C ALA B 21 13.13 18.01 -14.62
N ALA B 22 12.51 18.81 -13.74
CA ALA B 22 11.19 19.35 -14.04
C ALA B 22 11.22 20.28 -15.25
N ASP B 23 12.23 21.14 -15.32
CA ASP B 23 12.36 22.02 -16.48
C ASP B 23 12.59 21.22 -17.75
N GLY B 24 13.44 20.20 -17.68
CA GLY B 24 13.67 19.35 -18.84
C GLY B 24 12.42 18.61 -19.27
N MET B 25 11.55 18.30 -18.31
CA MET B 25 10.28 17.65 -18.64
C MET B 25 9.34 18.59 -19.38
N GLN B 26 9.27 19.85 -18.94
CA GLN B 26 8.32 20.78 -19.55
C GLN B 26 8.67 21.09 -21.00
N LYS B 27 9.97 21.15 -21.32
CA LYS B 27 10.36 21.33 -22.71
C LYS B 27 9.92 20.15 -23.57
N SER B 28 10.05 18.93 -23.03
CA SER B 28 9.57 17.75 -23.76
C SER B 28 8.06 17.75 -23.87
N MET B 29 7.36 18.22 -22.84
CA MET B 29 5.90 18.30 -22.91
C MET B 29 5.45 19.26 -24.00
N GLU B 30 6.08 20.44 -24.08
CA GLU B 30 5.70 21.40 -25.12
C GLU B 30 6.03 20.88 -26.51
N ARG B 31 7.20 20.25 -26.66
CA ARG B 31 7.58 19.70 -27.95
C ARG B 31 6.65 18.57 -28.36
N LEU B 32 6.23 17.74 -27.41
CA LEU B 32 5.31 16.65 -27.70
C LEU B 32 3.94 17.17 -28.14
N SER B 33 3.42 18.18 -27.44
CA SER B 33 2.08 18.67 -27.72
C SER B 33 2.03 19.42 -29.05
N SER B 34 2.97 20.35 -29.27
CA SER B 34 2.94 21.15 -30.49
C SER B 34 3.46 20.38 -31.69
N GLY B 35 4.31 19.38 -31.47
CA GLY B 35 4.94 18.68 -32.57
C GLY B 35 6.12 19.40 -33.19
N TYR B 36 6.76 20.30 -32.44
CA TYR B 36 7.87 21.09 -32.94
C TYR B 36 9.04 21.03 -31.97
N LYS B 37 10.25 20.94 -32.51
CA LYS B 37 11.44 21.08 -31.69
C LYS B 37 11.68 22.54 -31.31
N ILE B 38 11.34 23.47 -32.21
CA ILE B 38 11.59 24.88 -31.99
C ILE B 38 10.26 25.61 -31.83
N ASN B 39 9.81 25.74 -30.58
CA ASN B 39 8.63 26.55 -30.28
C ASN B 39 8.96 28.02 -30.08
N SER B 40 10.25 28.35 -29.95
CA SER B 40 10.69 29.73 -29.76
C SER B 40 12.18 29.79 -30.06
N ALA B 41 12.70 31.02 -30.13
CA ALA B 41 14.12 31.20 -30.39
C ALA B 41 15.00 30.69 -29.25
N ARG B 42 14.41 30.41 -28.09
CA ARG B 42 15.18 29.84 -26.99
C ARG B 42 15.75 28.48 -27.37
N ASP B 43 14.99 27.68 -28.11
CA ASP B 43 15.47 26.36 -28.49
C ASP B 43 16.63 26.43 -29.48
N ASP B 44 16.53 27.29 -30.49
CA ASP B 44 17.57 27.43 -31.50
C ASP B 44 17.38 28.74 -32.25
N ALA B 45 18.45 29.50 -32.40
CA ALA B 45 18.37 30.79 -33.08
C ALA B 45 18.36 30.62 -34.60
N ALA B 46 19.44 30.06 -35.16
CA ALA B 46 19.48 29.85 -36.60
C ALA B 46 18.46 28.83 -37.06
N GLY B 47 18.15 27.84 -36.21
CA GLY B 47 17.12 26.88 -36.56
C GLY B 47 15.76 27.52 -36.77
N LEU B 48 15.41 28.46 -35.90
CA LEU B 48 14.16 29.19 -36.07
C LEU B 48 14.20 30.10 -37.30
N GLN B 49 15.36 30.72 -37.55
CA GLN B 49 15.46 31.61 -38.70
C GLN B 49 15.31 30.85 -40.02
N ILE B 50 16.02 29.73 -40.16
CA ILE B 50 15.94 28.95 -41.39
C ILE B 50 14.56 28.30 -41.52
N SER B 51 13.99 27.84 -40.41
CA SER B 51 12.65 27.25 -40.46
C SER B 51 11.61 28.28 -40.86
N ASN B 52 11.70 29.49 -40.29
CA ASN B 52 10.77 30.55 -40.67
C ASN B 52 10.92 30.92 -42.14
N ARG B 53 12.16 31.00 -42.62
CA ARG B 53 12.37 31.31 -44.03
C ARG B 53 11.84 30.19 -44.93
N LEU B 54 12.04 28.94 -44.53
CA LEU B 54 11.53 27.82 -45.32
C LEU B 54 10.01 27.75 -45.27
N THR B 55 9.41 28.11 -44.12
CA THR B 55 7.96 28.17 -44.04
C THR B 55 7.41 29.28 -44.94
N SER B 56 8.05 30.44 -44.92
CA SER B 56 7.62 31.53 -45.79
C SER B 56 7.79 31.16 -47.26
N GLN B 57 8.90 30.49 -47.60
CA GLN B 57 9.11 30.02 -48.97
C GLN B 57 8.06 28.99 -49.34
N SER B 58 7.77 28.04 -48.45
CA SER B 58 6.79 27.01 -48.75
C SER B 58 5.40 27.60 -48.96
N ARG B 59 4.98 28.50 -48.08
CA ARG B 59 3.69 29.16 -48.25
C ARG B 59 3.66 29.97 -49.54
N GLY B 60 4.76 30.65 -49.86
CA GLY B 60 4.83 31.36 -51.12
C GLY B 60 4.78 30.43 -52.33
N LEU B 61 5.28 29.21 -52.18
CA LEU B 61 5.28 28.27 -53.30
C LEU B 61 3.88 27.77 -53.61
N ASP B 62 3.04 27.57 -52.58
CA ASP B 62 1.66 27.18 -52.84
C ASP B 62 0.91 28.31 -53.54
N MET B 63 1.16 29.56 -53.15
CA MET B 63 0.57 30.70 -53.83
C MET B 63 1.15 30.87 -55.23
N ALA B 64 2.38 30.39 -55.45
CA ALA B 64 2.96 30.43 -56.79
C ALA B 64 2.33 29.37 -57.69
N VAL B 65 2.11 28.16 -57.15
CA VAL B 65 1.42 27.13 -57.92
C VAL B 65 -0.03 27.54 -58.18
N LYS B 66 -0.69 28.10 -57.17
CA LYS B 66 -2.05 28.60 -57.37
C LYS B 66 -2.09 29.70 -58.42
N ASN B 67 -1.15 30.65 -58.35
CA ASN B 67 -1.12 31.75 -59.30
C ASN B 67 -0.88 31.23 -60.72
N ALA B 68 -0.03 30.21 -60.85
CA ALA B 68 0.19 29.60 -62.16
C ALA B 68 -1.10 28.95 -62.67
N ASN B 69 -1.93 28.44 -61.76
CA ASN B 69 -3.18 27.82 -62.17
C ASN B 69 -4.13 28.82 -62.81
N ASP B 70 -4.26 30.02 -62.22
CA ASP B 70 -5.04 31.07 -62.87
C ASP B 70 -4.41 31.49 -64.19
N GLY B 71 -3.08 31.46 -64.28
CA GLY B 71 -2.43 31.71 -65.55
C GLY B 71 -2.83 30.69 -66.61
N ILE B 72 -2.97 29.43 -66.20
CA ILE B 72 -3.43 28.39 -67.12
C ILE B 72 -4.90 28.59 -67.46
N SER B 73 -5.71 28.94 -66.45
CA SER B 73 -7.14 29.08 -66.67
C SER B 73 -7.45 30.21 -67.64
N ILE B 74 -6.80 31.36 -67.48
CA ILE B 74 -7.01 32.46 -68.42
C ILE B 74 -6.52 32.08 -69.80
N ALA B 75 -5.38 31.40 -69.87
CA ALA B 75 -4.86 30.94 -71.16
C ALA B 75 -5.83 29.99 -71.84
N GLN B 76 -6.43 29.07 -71.07
CA GLN B 76 -7.39 28.12 -71.65
C GLN B 76 -8.65 28.83 -72.13
N THR B 77 -9.16 29.78 -71.35
CA THR B 77 -10.38 30.48 -71.75
C THR B 77 -10.18 31.26 -73.03
N ALA B 78 -9.04 31.95 -73.16
CA ALA B 78 -8.73 32.62 -74.41
C ALA B 78 -8.51 31.62 -75.53
N GLU B 79 -7.89 30.48 -75.21
CA GLU B 79 -7.64 29.46 -76.22
C GLU B 79 -8.96 28.93 -76.81
N GLY B 80 -9.94 28.66 -75.95
CA GLY B 80 -11.22 28.15 -76.43
C GLY B 80 -11.98 29.17 -77.25
N ALA B 81 -11.92 30.45 -76.86
CA ALA B 81 -12.58 31.48 -77.64
C ALA B 81 -11.97 31.59 -79.03
N MET B 82 -10.64 31.50 -79.13
CA MET B 82 -9.98 31.52 -80.43
C MET B 82 -10.34 30.29 -81.26
N ASN B 83 -10.70 29.18 -80.62
CA ASN B 83 -11.09 27.98 -81.36
C ASN B 83 -12.35 28.24 -82.17
N GLU B 84 -13.34 28.92 -81.57
CA GLU B 84 -14.54 29.27 -82.31
C GLU B 84 -14.24 30.30 -83.39
N THR B 85 -13.31 31.22 -83.11
CA THR B 85 -12.93 32.21 -84.12
C THR B 85 -12.37 31.55 -85.36
N THR B 86 -11.54 30.51 -85.18
CA THR B 86 -11.00 29.78 -86.32
C THR B 86 -12.12 29.09 -87.11
N ASN B 87 -13.08 28.50 -86.41
CA ASN B 87 -14.17 27.81 -87.09
C ASN B 87 -15.03 28.78 -87.89
N ILE B 88 -15.31 29.96 -87.33
CA ILE B 88 -16.10 30.96 -88.05
C ILE B 88 -15.34 31.46 -89.27
N LEU B 89 -14.03 31.70 -89.12
CA LEU B 89 -13.23 32.18 -90.25
C LEU B 89 -13.20 31.15 -91.37
N GLN B 90 -13.08 29.86 -91.02
CA GLN B 90 -13.06 28.82 -92.04
C GLN B 90 -14.38 28.76 -92.80
N ARG B 91 -15.51 28.98 -92.10
CA ARG B 91 -16.79 29.04 -92.79
C ARG B 91 -16.84 30.22 -93.75
N MET B 92 -16.25 31.35 -93.36
CA MET B 92 -16.16 32.49 -94.26
C MET B 92 -15.33 32.16 -95.50
N ARG B 93 -14.22 31.43 -95.31
CA ARG B 93 -13.38 31.07 -96.44
C ARG B 93 -14.12 30.17 -97.42
N ASP B 94 -14.87 29.20 -96.91
CA ASP B 94 -15.67 28.33 -97.77
C ASP B 94 -16.75 29.13 -98.50
N LEU B 95 -17.35 30.10 -97.82
CA LEU B 95 -18.34 30.96 -98.46
C LEU B 95 -17.72 31.78 -99.58
N ALA B 96 -16.52 32.34 -99.34
CA ALA B 96 -15.87 33.17 -100.35
C ALA B 96 -15.49 32.35 -101.58
N LEU B 97 -14.99 31.14 -101.37
CA LEU B 97 -14.67 30.26 -102.50
C LEU B 97 -15.93 29.84 -103.24
N GLN B 98 -17.05 29.70 -102.53
CA GLN B 98 -18.31 29.37 -103.18
C GLN B 98 -18.82 30.55 -104.01
N SER B 99 -18.65 31.77 -103.49
CA SER B 99 -19.14 32.96 -104.20
C SER B 99 -18.30 33.27 -105.43
N SER B 100 -17.00 33.00 -105.39
CA SER B 100 -16.12 33.35 -106.50
C SER B 100 -16.46 32.59 -107.78
N ASN B 101 -17.17 31.48 -107.67
CA ASN B 101 -17.57 30.74 -108.86
C ASN B 101 -18.46 31.59 -109.75
N GLY B 102 -18.23 31.51 -111.06
CA GLY B 102 -18.98 32.31 -112.01
C GLY B 102 -20.40 31.87 -112.27
N SER B 103 -20.77 30.68 -111.78
CA SER B 103 -22.15 30.22 -111.96
C SER B 103 -23.13 31.05 -111.14
N ASN B 104 -22.72 31.50 -109.95
CA ASN B 104 -23.59 32.29 -109.11
C ASN B 104 -23.92 33.63 -109.77
N SER B 105 -25.19 33.99 -109.76
CA SER B 105 -25.63 35.29 -110.26
C SER B 105 -25.50 36.32 -109.15
N SER B 106 -26.01 37.53 -109.39
CA SER B 106 -25.93 38.58 -108.38
C SER B 106 -26.73 38.22 -107.14
N SER B 107 -27.93 37.65 -107.31
CA SER B 107 -28.81 37.40 -106.17
C SER B 107 -28.20 36.37 -105.22
N GLU B 108 -27.61 35.30 -105.74
CA GLU B 108 -27.04 34.28 -104.87
C GLU B 108 -25.87 34.82 -104.05
N ARG B 109 -25.13 35.78 -104.61
CA ARG B 109 -24.01 36.35 -103.86
C ARG B 109 -24.48 37.12 -102.64
N ARG B 110 -25.62 37.80 -102.74
CA ARG B 110 -26.17 38.49 -101.57
C ARG B 110 -26.58 37.50 -100.49
N ALA B 111 -27.05 36.31 -100.89
CA ALA B 111 -27.38 35.28 -99.91
C ALA B 111 -26.13 34.81 -99.16
N ILE B 112 -25.02 34.65 -99.88
CA ILE B 112 -23.76 34.29 -99.24
C ILE B 112 -23.24 35.43 -98.39
N GLN B 113 -23.38 36.67 -98.87
CA GLN B 113 -22.89 37.82 -98.13
C GLN B 113 -23.63 38.01 -96.82
N GLU B 114 -24.92 37.67 -96.76
CA GLU B 114 -25.67 37.77 -95.52
C GLU B 114 -25.09 36.85 -94.45
N GLU B 115 -24.72 35.63 -94.84
CA GLU B 115 -24.08 34.72 -93.89
C GLU B 115 -22.69 35.22 -93.51
N VAL B 116 -21.99 35.85 -94.46
CA VAL B 116 -20.67 36.42 -94.16
C VAL B 116 -20.81 37.57 -93.16
N SER B 117 -21.81 38.42 -93.35
CA SER B 117 -22.03 39.53 -92.43
C SER B 117 -22.50 39.03 -91.07
N ALA B 118 -23.35 38.01 -91.05
CA ALA B 118 -23.80 37.44 -89.78
C ALA B 118 -22.64 36.84 -89.00
N LEU B 119 -21.74 36.13 -89.69
CA LEU B 119 -20.55 35.60 -89.02
C LEU B 119 -19.57 36.71 -88.66
N ASN B 120 -19.51 37.76 -89.48
CA ASN B 120 -18.64 38.89 -89.18
C ASN B 120 -19.05 39.55 -87.86
N ASP B 121 -20.36 39.75 -87.67
CA ASP B 121 -20.84 40.27 -86.41
C ASP B 121 -20.60 39.29 -85.26
N GLU B 122 -20.55 38.00 -85.59
CA GLU B 122 -20.26 36.99 -84.57
C GLU B 122 -18.81 37.07 -84.10
N LEU B 123 -17.89 37.38 -85.01
CA LEU B 123 -16.48 37.51 -84.64
C LEU B 123 -16.28 38.64 -83.64
N ASN B 124 -16.92 39.79 -83.88
CA ASN B 124 -16.80 40.90 -82.94
C ASN B 124 -17.46 40.57 -81.61
N ARG B 125 -18.58 39.85 -81.64
CA ARG B 125 -19.26 39.47 -80.40
C ARG B 125 -18.38 38.57 -79.55
N ILE B 126 -17.68 37.61 -80.17
CA ILE B 126 -16.81 36.72 -79.41
C ILE B 126 -15.69 37.51 -78.76
N ALA B 127 -15.08 38.45 -79.50
CA ALA B 127 -13.98 39.23 -78.95
C ALA B 127 -14.43 40.08 -77.77
N GLU B 128 -15.59 40.72 -77.88
CA GLU B 128 -16.04 41.62 -76.82
C GLU B 128 -16.51 40.84 -75.58
N THR B 129 -17.32 39.80 -75.78
CA THR B 129 -18.00 39.16 -74.65
C THR B 129 -17.15 38.11 -73.95
N THR B 130 -16.12 37.56 -74.59
CA THR B 130 -15.29 36.56 -73.92
C THR B 130 -14.60 37.18 -72.73
N SER B 131 -14.74 36.55 -71.56
CA SER B 131 -14.21 37.10 -70.33
C SER B 131 -13.93 35.97 -69.34
N PHE B 132 -13.08 36.26 -68.37
CA PHE B 132 -12.75 35.34 -67.29
C PHE B 132 -13.09 36.05 -65.98
N GLY B 133 -14.24 35.74 -65.42
CA GLY B 133 -14.69 36.41 -64.21
C GLY B 133 -14.97 37.89 -64.41
N GLY B 134 -15.48 38.27 -65.57
CA GLY B 134 -15.77 39.65 -65.87
C GLY B 134 -14.65 40.43 -66.53
N ASN B 135 -13.46 39.86 -66.62
CA ASN B 135 -12.31 40.53 -67.23
C ASN B 135 -12.23 40.15 -68.70
N LYS B 136 -12.39 41.13 -69.59
CA LYS B 136 -12.35 40.86 -71.02
C LYS B 136 -10.97 40.36 -71.44
N LEU B 137 -10.96 39.45 -72.41
CA LEU B 137 -9.73 38.82 -72.88
C LEU B 137 -9.39 39.15 -74.32
N LEU B 138 -10.31 38.89 -75.25
CA LEU B 138 -10.02 38.98 -76.68
C LEU B 138 -10.38 40.33 -77.30
N ASN B 139 -10.85 41.29 -76.51
CA ASN B 139 -11.24 42.59 -77.07
C ASN B 139 -10.05 43.54 -77.20
N GLY B 140 -8.86 43.13 -76.80
CA GLY B 140 -7.70 43.99 -76.85
C GLY B 140 -7.46 44.82 -75.61
N SER B 141 -8.37 44.76 -74.63
CA SER B 141 -8.20 45.50 -73.39
C SER B 141 -7.38 44.74 -72.35
N PHE B 142 -7.03 43.49 -72.62
CA PHE B 142 -6.20 42.74 -71.68
C PHE B 142 -4.75 43.24 -71.69
N GLY B 143 -4.25 43.60 -72.87
CA GLY B 143 -2.88 44.08 -72.97
C GLY B 143 -1.90 42.99 -72.57
N SER B 144 -1.01 43.34 -71.64
CA SER B 144 -0.03 42.39 -71.11
C SER B 144 -0.07 42.44 -69.59
N LYS B 145 -0.12 41.27 -68.97
CA LYS B 145 -0.16 41.15 -67.52
C LYS B 145 0.87 40.13 -67.06
N SER B 146 1.46 40.40 -65.90
CA SER B 146 2.52 39.56 -65.35
C SER B 146 1.92 38.61 -64.31
N PHE B 147 2.17 37.31 -64.49
CA PHE B 147 1.68 36.29 -63.58
C PHE B 147 2.81 35.85 -62.65
N GLN B 148 2.63 36.09 -61.35
CA GLN B 148 3.67 35.86 -60.36
C GLN B 148 3.70 34.38 -60.00
N ILE B 149 4.79 33.70 -60.38
CA ILE B 149 4.90 32.26 -60.17
C ILE B 149 6.13 31.92 -59.35
N GLY B 150 6.52 32.82 -58.44
CA GLY B 150 7.68 32.59 -57.60
C GLY B 150 7.36 32.83 -56.14
N ALA B 151 8.25 32.32 -55.29
CA ALA B 151 8.13 32.52 -53.85
C ALA B 151 8.71 33.85 -53.40
N ASP B 152 9.35 34.60 -54.29
CA ASP B 152 9.92 35.90 -53.98
C ASP B 152 9.43 36.90 -55.02
N SER B 153 9.49 38.18 -54.66
CA SER B 153 8.99 39.24 -55.52
C SER B 153 9.81 39.32 -56.81
N GLY B 154 9.13 39.69 -57.89
CA GLY B 154 9.80 39.90 -59.16
C GLY B 154 10.09 38.65 -59.96
N GLU B 155 9.30 37.60 -59.78
CA GLU B 155 9.49 36.35 -60.52
C GLU B 155 8.27 36.03 -61.37
N ALA B 156 7.74 37.04 -62.06
CA ALA B 156 6.54 36.89 -62.87
C ALA B 156 6.88 36.64 -64.33
N VAL B 157 5.84 36.34 -65.11
CA VAL B 157 5.96 36.04 -66.53
C VAL B 157 4.88 36.81 -67.28
N MET B 158 5.28 37.50 -68.35
CA MET B 158 4.35 38.32 -69.12
C MET B 158 3.49 37.45 -70.04
N LEU B 159 2.21 37.79 -70.13
CA LEU B 159 1.27 37.16 -71.05
C LEU B 159 0.56 38.24 -71.85
N SER B 160 0.54 38.07 -73.17
CA SER B 160 -0.05 39.05 -74.07
C SER B 160 -1.03 38.37 -75.02
N MET B 161 -2.20 38.98 -75.20
CA MET B 161 -3.18 38.53 -76.17
C MET B 161 -3.69 39.74 -76.94
N GLY B 162 -3.41 39.77 -78.24
CA GLY B 162 -3.83 40.88 -79.06
C GLY B 162 -5.32 40.90 -79.29
N SER B 163 -5.80 42.05 -79.78
CA SER B 163 -7.21 42.20 -80.09
C SER B 163 -7.62 41.24 -81.20
N MET B 164 -8.65 40.43 -80.93
CA MET B 164 -9.12 39.43 -81.87
C MET B 164 -10.39 39.86 -82.59
N ARG B 165 -10.72 41.15 -82.54
CA ARG B 165 -11.83 41.67 -83.31
C ARG B 165 -11.52 41.58 -84.81
N SER B 166 -12.58 41.55 -85.61
CA SER B 166 -12.40 41.40 -87.05
C SER B 166 -11.83 42.65 -87.71
N ASP B 167 -11.74 43.76 -86.97
CA ASP B 167 -11.21 45.00 -87.52
C ASP B 167 -9.75 45.25 -87.13
N THR B 168 -9.09 44.27 -86.51
CA THR B 168 -7.69 44.42 -86.15
C THR B 168 -6.82 44.48 -87.40
N GLN B 169 -5.79 45.32 -87.36
CA GLN B 169 -4.91 45.47 -88.52
C GLN B 169 -4.20 44.15 -88.84
N ALA B 170 -3.74 43.44 -87.82
CA ALA B 170 -3.08 42.15 -88.03
C ALA B 170 -4.02 41.08 -88.56
N MET B 171 -5.34 41.34 -88.55
CA MET B 171 -6.33 40.42 -89.08
C MET B 171 -6.65 40.68 -90.55
N GLY B 172 -5.70 41.23 -91.30
CA GLY B 172 -5.93 41.54 -92.69
C GLY B 172 -4.65 41.87 -93.44
N GLY B 173 -4.70 42.88 -94.30
CA GLY B 173 -3.54 43.30 -95.06
C GLY B 173 -3.87 44.40 -96.06
N LYS B 174 -3.01 44.57 -97.07
CA LYS B 174 -3.24 45.56 -98.11
C LYS B 174 -3.64 44.87 -99.40
N SER B 175 -4.27 45.64 -100.29
CA SER B 175 -4.73 45.13 -101.58
C SER B 175 -4.45 46.17 -102.65
N TYR B 176 -3.90 45.71 -103.77
CA TYR B 176 -3.51 46.57 -104.88
C TYR B 176 -4.27 46.15 -106.12
N ARG B 177 -4.93 47.11 -106.78
CA ARG B 177 -5.81 46.84 -107.90
C ARG B 177 -5.20 47.38 -109.18
N ALA B 178 -5.15 46.54 -110.21
CA ALA B 178 -4.65 46.97 -111.51
C ALA B 178 -5.59 47.99 -112.13
N GLN B 179 -5.01 49.01 -112.75
CA GLN B 179 -5.78 50.08 -113.39
C GLN B 179 -6.19 49.76 -114.82
N GLU B 180 -5.79 48.60 -115.35
CA GLU B 180 -6.13 48.20 -116.71
C GLU B 180 -6.84 46.86 -116.67
N GLY B 181 -7.96 46.77 -117.39
CA GLY B 181 -8.71 45.53 -117.51
C GLY B 181 -8.32 44.78 -118.77
N LYS B 182 -8.11 43.48 -118.63
CA LYS B 182 -7.68 42.63 -119.73
C LYS B 182 -8.73 41.56 -119.98
N ALA B 183 -9.10 41.36 -121.24
CA ALA B 183 -10.14 40.42 -121.61
C ALA B 183 -9.55 39.01 -121.72
N ALA B 184 -10.36 38.07 -122.22
CA ALA B 184 -9.94 36.68 -122.34
C ALA B 184 -8.99 36.44 -123.50
N ASP B 185 -8.83 37.41 -124.40
CA ASP B 185 -7.94 37.26 -125.55
C ASP B 185 -6.57 37.87 -125.31
N TRP B 186 -6.30 38.37 -124.10
CA TRP B 186 -5.02 38.98 -123.80
C TRP B 186 -4.00 37.92 -123.40
N ARG B 187 -2.79 38.03 -123.96
CA ARG B 187 -1.70 37.13 -123.63
C ARG B 187 -0.41 37.93 -123.53
N VAL B 188 0.50 37.45 -122.68
CA VAL B 188 1.75 38.17 -122.43
C VAL B 188 2.60 38.20 -123.70
N GLY B 189 3.19 39.35 -123.97
CA GLY B 189 4.03 39.53 -125.14
C GLY B 189 5.51 39.36 -124.84
N ALA B 190 6.32 40.33 -125.26
CA ALA B 190 7.76 40.28 -125.08
C ALA B 190 8.23 40.99 -123.81
N ALA B 191 7.31 41.51 -123.00
CA ALA B 191 7.65 42.18 -121.74
C ALA B 191 6.85 41.50 -120.64
N THR B 192 7.53 40.64 -119.87
CA THR B 192 6.86 39.82 -118.87
C THR B 192 7.43 39.98 -117.46
N ASP B 193 8.62 40.54 -117.30
CA ASP B 193 9.24 40.65 -115.99
C ASP B 193 8.39 41.52 -115.06
N LEU B 194 8.16 41.02 -113.86
CA LEU B 194 7.31 41.69 -112.87
C LEU B 194 7.99 41.57 -111.51
N THR B 195 8.45 42.70 -110.97
CA THR B 195 9.18 42.72 -109.72
C THR B 195 8.29 43.25 -108.61
N LEU B 196 8.20 42.50 -107.52
CA LEU B 196 7.46 42.90 -106.32
C LEU B 196 8.46 43.09 -105.19
N SER B 197 8.83 44.33 -104.92
CA SER B 197 9.79 44.67 -103.88
C SER B 197 9.04 45.25 -102.69
N TYR B 198 9.28 44.68 -101.51
CA TYR B 198 8.61 45.12 -100.30
C TYR B 198 9.52 44.84 -99.11
N THR B 199 8.95 44.90 -97.91
CA THR B 199 9.69 44.62 -96.68
C THR B 199 8.89 43.61 -95.85
N ASN B 200 9.55 42.53 -95.45
CA ASN B 200 8.91 41.53 -94.62
C ASN B 200 8.78 42.05 -93.18
N LYS B 201 7.96 41.36 -92.39
CA LYS B 201 7.72 41.78 -91.01
C LYS B 201 8.98 41.79 -90.17
N GLN B 202 10.02 41.06 -90.58
CA GLN B 202 11.28 41.03 -89.84
C GLN B 202 12.16 42.23 -90.13
N GLY B 203 11.73 43.15 -91.00
CA GLY B 203 12.46 44.36 -91.29
C GLY B 203 13.39 44.28 -92.48
N GLU B 204 13.75 43.08 -92.92
CA GLU B 204 14.64 42.94 -94.05
C GLU B 204 13.92 43.24 -95.36
N ALA B 205 14.65 43.83 -96.30
CA ALA B 205 14.10 44.10 -97.62
C ALA B 205 13.98 42.81 -98.41
N ARG B 206 12.83 42.64 -99.08
CA ARG B 206 12.55 41.46 -99.87
C ARG B 206 12.36 41.86 -101.33
N GLU B 207 13.02 41.13 -102.22
CA GLU B 207 12.93 41.37 -103.66
C GLU B 207 12.47 40.08 -104.33
N VAL B 208 11.44 40.20 -105.18
CA VAL B 208 10.87 39.06 -105.88
C VAL B 208 10.74 39.41 -107.35
N THR B 209 11.22 38.53 -108.22
CA THR B 209 11.13 38.70 -109.66
C THR B 209 10.35 37.54 -110.26
N ILE B 210 9.28 37.85 -110.98
CA ILE B 210 8.42 36.86 -111.61
C ILE B 210 8.49 37.06 -113.12
N ASN B 211 8.84 36.00 -113.83
CA ASN B 211 8.91 36.00 -115.29
C ASN B 211 7.83 35.05 -115.80
N ALA B 212 6.62 35.58 -115.99
CA ALA B 212 5.50 34.76 -116.41
C ALA B 212 5.73 34.20 -117.81
N LYS B 213 5.29 32.96 -118.02
CA LYS B 213 5.44 32.32 -119.32
C LYS B 213 4.54 33.01 -120.34
N GLN B 214 5.03 33.09 -121.58
CA GLN B 214 4.25 33.70 -122.65
C GLN B 214 3.02 32.86 -122.96
N GLY B 215 1.98 33.53 -123.46
CA GLY B 215 0.73 32.88 -123.80
C GLY B 215 -0.22 32.67 -122.65
N ASP B 216 0.14 33.09 -121.43
CA ASP B 216 -0.75 32.95 -120.29
C ASP B 216 -1.78 34.08 -120.28
N ASP B 217 -3.03 33.72 -120.00
CA ASP B 217 -4.08 34.70 -119.84
C ASP B 217 -4.12 35.14 -118.37
N LEU B 218 -5.17 35.87 -117.99
CA LEU B 218 -5.18 36.51 -116.68
C LEU B 218 -5.27 35.49 -115.54
N GLU B 219 -6.21 34.55 -115.64
CA GLU B 219 -6.39 33.59 -114.55
C GLU B 219 -5.19 32.66 -114.42
N GLU B 220 -4.53 32.36 -115.53
CA GLU B 220 -3.30 31.57 -115.46
C GLU B 220 -2.14 32.41 -114.95
N LEU B 221 -2.18 33.73 -115.18
CA LEU B 221 -1.14 34.61 -114.66
C LEU B 221 -1.26 34.77 -113.16
N ALA B 222 -2.48 34.88 -112.64
CA ALA B 222 -2.67 35.04 -111.21
C ALA B 222 -2.25 33.78 -110.45
N THR B 223 -2.50 32.60 -111.04
CA THR B 223 -2.11 31.37 -110.36
C THR B 223 -0.62 31.12 -110.46
N TYR B 224 0.06 31.73 -111.45
CA TYR B 224 1.52 31.63 -111.50
C TYR B 224 2.16 32.52 -110.45
N ILE B 225 1.63 33.73 -110.26
CA ILE B 225 2.13 34.62 -109.21
C ILE B 225 1.87 33.99 -107.85
N ASN B 226 0.69 33.41 -107.66
CA ASN B 226 0.35 32.77 -106.39
C ASN B 226 1.27 31.60 -106.09
N GLY B 227 1.57 30.77 -107.11
CA GLY B 227 2.41 29.61 -106.89
C GLY B 227 3.89 29.90 -106.79
N GLN B 228 4.35 31.03 -107.36
CA GLN B 228 5.77 31.34 -107.31
C GLN B 228 6.19 31.79 -105.92
N THR B 229 5.40 32.66 -105.29
CA THR B 229 5.74 33.25 -104.01
C THR B 229 4.61 33.05 -103.00
N GLU B 230 4.97 32.78 -101.75
CA GLU B 230 4.02 32.66 -100.67
C GLU B 230 3.76 33.97 -99.96
N ASP B 231 4.52 35.03 -100.26
CA ASP B 231 4.33 36.31 -99.60
C ASP B 231 3.08 37.02 -100.09
N VAL B 232 2.84 36.97 -101.39
CA VAL B 232 1.71 37.68 -102.00
C VAL B 232 0.74 36.67 -102.59
N LYS B 233 -0.50 37.13 -102.78
CA LYS B 233 -1.55 36.33 -103.40
C LYS B 233 -2.19 37.15 -104.51
N ALA B 234 -2.52 36.48 -105.62
CA ALA B 234 -3.03 37.14 -106.80
C ALA B 234 -4.45 36.66 -107.12
N SER B 235 -5.24 37.57 -107.69
CA SER B 235 -6.63 37.27 -108.05
C SER B 235 -7.02 38.15 -109.23
N VAL B 236 -8.22 37.91 -109.74
CA VAL B 236 -8.75 38.64 -110.90
C VAL B 236 -10.20 39.02 -110.61
N GLY B 237 -10.55 40.27 -110.93
CA GLY B 237 -11.90 40.77 -110.74
C GLY B 237 -12.81 40.50 -111.93
N GLU B 238 -13.93 41.21 -111.96
CA GLU B 238 -14.90 41.04 -113.04
C GLU B 238 -14.31 41.46 -114.38
N ASP B 239 -13.77 42.67 -114.45
CA ASP B 239 -13.32 43.25 -115.72
C ASP B 239 -11.94 42.77 -116.14
N GLY B 240 -11.26 41.98 -115.31
CA GLY B 240 -9.93 41.52 -115.63
C GLY B 240 -8.85 42.43 -115.10
N LYS B 241 -8.93 42.76 -113.81
CA LYS B 241 -7.94 43.59 -113.15
C LYS B 241 -7.20 42.73 -112.14
N LEU B 242 -5.93 42.44 -112.42
CA LEU B 242 -5.13 41.63 -111.52
C LEU B 242 -4.95 42.35 -110.19
N GLN B 243 -5.41 41.72 -109.11
CA GLN B 243 -5.38 42.30 -107.78
C GLN B 243 -4.42 41.51 -106.89
N LEU B 244 -3.63 42.23 -106.10
CA LEU B 244 -2.65 41.64 -105.20
C LEU B 244 -3.15 41.73 -103.77
N PHE B 245 -2.52 40.99 -102.88
CA PHE B 245 -2.82 41.03 -101.45
C PHE B 245 -1.58 40.66 -100.66
N ALA B 246 -0.94 41.66 -100.06
CA ALA B 246 0.19 41.47 -99.16
C ALA B 246 -0.34 41.46 -97.74
N SER B 247 -0.37 40.29 -97.13
CA SER B 247 -0.92 40.16 -95.78
C SER B 247 -0.11 40.96 -94.78
N SER B 248 -0.80 41.48 -93.76
CA SER B 248 -0.14 42.31 -92.75
C SER B 248 0.76 41.51 -91.82
N GLN B 249 0.70 40.19 -91.85
CA GLN B 249 1.57 39.36 -91.03
C GLN B 249 2.84 38.94 -91.76
N LYS B 250 2.95 39.22 -93.05
CA LYS B 250 4.12 38.88 -93.85
C LYS B 250 4.79 40.08 -94.48
N VAL B 251 4.02 41.08 -94.89
CA VAL B 251 4.54 42.26 -95.59
C VAL B 251 4.07 43.51 -94.86
N ASN B 252 5.00 44.40 -94.54
CA ASN B 252 4.70 45.70 -93.98
C ASN B 252 5.24 46.78 -94.89
N GLY B 253 4.51 47.90 -94.96
CA GLY B 253 4.86 49.00 -95.83
C GLY B 253 4.31 48.80 -97.24
N ASP B 254 4.44 49.87 -98.04
CA ASP B 254 3.95 49.84 -99.41
C ASP B 254 4.78 48.88 -100.26
N VAL B 255 4.11 48.20 -101.18
CA VAL B 255 4.75 47.28 -102.11
C VAL B 255 5.00 48.01 -103.41
N THR B 256 6.27 48.11 -103.81
CA THR B 256 6.64 48.75 -105.06
C THR B 256 6.66 47.70 -106.17
N ILE B 257 5.70 47.80 -107.09
CA ILE B 257 5.56 46.87 -108.19
C ILE B 257 6.14 47.51 -109.44
N GLY B 258 7.21 46.92 -109.97
CA GLY B 258 7.85 47.43 -111.16
C GLY B 258 8.00 46.34 -112.21
N GLY B 259 8.73 46.69 -113.27
CA GLY B 259 8.99 45.77 -114.36
C GLY B 259 8.11 46.04 -115.56
N GLY B 260 8.43 45.34 -116.65
CA GLY B 260 7.66 45.50 -117.87
C GLY B 260 6.21 45.06 -117.73
N LEU B 261 5.99 43.92 -117.07
CA LEU B 261 4.62 43.45 -116.84
C LEU B 261 3.85 44.41 -115.97
N GLY B 262 4.50 44.97 -114.93
CA GLY B 262 3.85 45.96 -114.10
C GLY B 262 3.49 47.22 -114.86
N GLY B 263 4.32 47.58 -115.84
CA GLY B 263 4.03 48.76 -116.65
C GLY B 263 2.78 48.61 -117.48
N GLU B 264 2.63 47.46 -118.14
CA GLU B 264 1.46 47.23 -118.99
C GLU B 264 0.22 46.97 -118.14
N ILE B 265 0.35 46.16 -117.09
CA ILE B 265 -0.79 45.86 -116.23
C ILE B 265 -1.26 47.10 -115.50
N GLY B 266 -0.33 47.88 -114.96
CA GLY B 266 -0.67 49.06 -114.20
C GLY B 266 -1.10 48.74 -112.79
N PHE B 267 -0.85 49.66 -111.85
CA PHE B 267 -1.20 49.42 -110.46
C PHE B 267 -1.51 50.74 -109.78
N ASP B 268 -2.27 50.65 -108.70
CA ASP B 268 -2.69 51.81 -107.92
C ASP B 268 -2.19 51.69 -106.49
N ALA B 269 -2.63 52.60 -105.64
CA ALA B 269 -2.24 52.57 -104.23
C ALA B 269 -2.83 51.35 -103.54
N GLY B 270 -2.19 50.94 -102.44
CA GLY B 270 -2.64 49.78 -101.70
C GLY B 270 -3.69 50.10 -100.67
N ARG B 271 -4.95 49.81 -100.98
CA ARG B 271 -6.03 50.05 -100.04
C ARG B 271 -6.02 49.01 -98.94
N ASN B 272 -5.92 49.46 -97.69
CA ASN B 272 -5.93 48.54 -96.56
C ASN B 272 -7.30 47.89 -96.42
N VAL B 273 -7.30 46.58 -96.18
CA VAL B 273 -8.53 45.81 -96.02
C VAL B 273 -8.38 44.88 -94.82
N THR B 274 -9.53 44.51 -94.25
CA THR B 274 -9.58 43.59 -93.11
C THR B 274 -10.82 42.71 -93.25
N VAL B 275 -11.02 41.84 -92.27
CA VAL B 275 -12.18 40.95 -92.29
C VAL B 275 -13.47 41.74 -92.18
N ALA B 276 -13.47 42.83 -91.40
CA ALA B 276 -14.67 43.65 -91.26
C ALA B 276 -15.10 44.28 -92.59
N ASP B 277 -14.18 44.43 -93.53
CA ASP B 277 -14.47 44.99 -94.84
C ASP B 277 -14.73 43.93 -95.89
N VAL B 278 -14.78 42.66 -95.50
CA VAL B 278 -14.94 41.57 -96.47
C VAL B 278 -16.36 41.60 -97.03
N ASN B 279 -16.46 41.78 -98.35
CA ASN B 279 -17.72 41.69 -99.07
C ASN B 279 -17.57 40.69 -100.21
N VAL B 280 -18.53 39.79 -100.35
CA VAL B 280 -18.51 38.75 -101.37
C VAL B 280 -19.50 39.03 -102.49
N SER B 281 -20.12 40.22 -102.49
CA SER B 281 -21.08 40.55 -103.53
C SER B 281 -20.46 40.58 -104.93
N THR B 282 -19.15 40.74 -105.02
CA THR B 282 -18.44 40.76 -106.29
C THR B 282 -17.38 39.66 -106.29
N VAL B 283 -17.02 39.20 -107.50
CA VAL B 283 -16.00 38.17 -107.62
C VAL B 283 -14.64 38.71 -107.16
N ALA B 284 -14.39 40.00 -107.39
CA ALA B 284 -13.16 40.61 -106.87
C ALA B 284 -13.16 40.62 -105.35
N GLY B 285 -14.31 40.88 -104.74
CA GLY B 285 -14.39 40.88 -103.29
C GLY B 285 -14.23 39.48 -102.70
N SER B 286 -14.78 38.47 -103.36
CA SER B 286 -14.70 37.11 -102.82
C SER B 286 -13.30 36.53 -102.98
N GLN B 287 -12.66 36.77 -104.13
CA GLN B 287 -11.28 36.33 -104.30
C GLN B 287 -10.36 37.03 -103.30
N GLU B 288 -10.56 38.33 -103.09
CA GLU B 288 -9.83 39.03 -102.05
C GLU B 288 -10.18 38.52 -100.67
N ALA B 289 -11.44 38.07 -100.47
CA ALA B 289 -11.84 37.56 -99.17
C ALA B 289 -11.06 36.31 -98.80
N VAL B 290 -10.83 35.41 -99.76
CA VAL B 290 -10.10 34.18 -99.47
C VAL B 290 -8.71 34.50 -98.96
N SER B 291 -8.03 35.47 -99.59
CA SER B 291 -6.71 35.87 -99.13
C SER B 291 -6.77 36.60 -97.79
N ILE B 292 -7.80 37.41 -97.56
CA ILE B 292 -7.93 38.13 -96.30
C ILE B 292 -8.10 37.15 -95.15
N LEU B 293 -8.98 36.16 -95.31
CA LEU B 293 -9.17 35.17 -94.26
C LEU B 293 -7.97 34.24 -94.13
N ASP B 294 -7.16 34.12 -95.18
CA ASP B 294 -5.89 33.42 -95.04
C ASP B 294 -4.97 34.17 -94.09
N GLY B 295 -4.84 35.50 -94.28
CA GLY B 295 -4.05 36.28 -93.36
C GLY B 295 -4.63 36.32 -91.96
N ALA B 296 -5.97 36.31 -91.87
CA ALA B 296 -6.62 36.31 -90.56
C ALA B 296 -6.41 34.99 -89.84
N LEU B 297 -6.53 33.87 -90.55
CA LEU B 297 -6.34 32.57 -89.93
C LEU B 297 -4.90 32.38 -89.47
N LYS B 298 -3.94 32.96 -90.20
CA LYS B 298 -2.55 32.93 -89.75
C LYS B 298 -2.38 33.70 -88.45
N ALA B 299 -3.04 34.85 -88.32
CA ALA B 299 -2.97 35.63 -87.09
C ALA B 299 -3.59 34.87 -85.92
N VAL B 300 -4.72 34.21 -86.15
CA VAL B 300 -5.36 33.45 -85.08
C VAL B 300 -4.53 32.21 -84.73
N ASP B 301 -3.97 31.55 -85.75
CA ASP B 301 -3.14 30.38 -85.50
C ASP B 301 -1.88 30.74 -84.72
N SER B 302 -1.25 31.87 -85.06
CA SER B 302 -0.07 32.31 -84.33
C SER B 302 -0.41 32.62 -82.88
N GLN B 303 -1.56 33.28 -82.64
CA GLN B 303 -1.98 33.56 -81.27
C GLN B 303 -2.30 32.28 -80.52
N ARG B 304 -2.92 31.31 -81.19
CA ARG B 304 -3.23 30.04 -80.56
C ARG B 304 -1.95 29.29 -80.17
N ALA B 305 -0.97 29.28 -81.07
CA ALA B 305 0.29 28.61 -80.75
C ALA B 305 1.06 29.36 -79.66
N SER B 306 0.95 30.69 -79.65
CA SER B 306 1.61 31.47 -78.60
C SER B 306 1.03 31.15 -77.23
N LEU B 307 -0.28 31.00 -77.14
CA LEU B 307 -0.90 30.65 -75.86
C LEU B 307 -0.67 29.18 -75.52
N GLY B 308 -0.50 28.33 -76.53
CA GLY B 308 -0.19 26.94 -76.27
C GLY B 308 1.17 26.76 -75.64
N ALA B 309 2.17 27.49 -76.14
CA ALA B 309 3.50 27.45 -75.54
C ALA B 309 3.47 27.98 -74.11
N PHE B 310 2.69 29.03 -73.87
CA PHE B 310 2.56 29.57 -72.52
C PHE B 310 1.92 28.54 -71.59
N GLN B 311 0.92 27.80 -72.08
CA GLN B 311 0.30 26.76 -71.26
C GLN B 311 1.31 25.67 -70.89
N ASN B 312 2.10 25.24 -71.87
CA ASN B 312 3.11 24.21 -71.59
C ASN B 312 4.19 24.74 -70.65
N ARG B 313 4.60 25.99 -70.84
CA ARG B 313 5.61 26.58 -69.97
C ARG B 313 5.12 26.68 -68.53
N PHE B 314 3.85 27.07 -68.34
CA PHE B 314 3.29 27.15 -67.01
C PHE B 314 3.03 25.78 -66.40
N GLY B 315 2.70 24.79 -67.24
CA GLY B 315 2.59 23.43 -66.74
C GLY B 315 3.92 22.88 -66.27
N HIS B 316 5.00 23.19 -67.00
CA HIS B 316 6.33 22.80 -66.56
C HIS B 316 6.71 23.50 -65.26
N ALA B 317 6.39 24.79 -65.14
CA ALA B 317 6.72 25.53 -63.94
C ALA B 317 5.94 25.01 -62.73
N ILE B 318 4.72 24.53 -62.95
CA ILE B 318 3.92 23.99 -61.85
C ILE B 318 4.58 22.75 -61.27
N SER B 319 5.05 21.87 -62.15
CA SER B 319 5.74 20.65 -61.68
C SER B 319 7.02 21.00 -60.93
N ASN B 320 7.78 21.97 -61.44
CA ASN B 320 9.03 22.36 -60.78
C ASN B 320 8.75 23.00 -59.43
N LEU B 321 7.77 23.89 -59.36
CA LEU B 321 7.44 24.54 -58.10
C LEU B 321 6.92 23.53 -57.07
N ASP B 322 6.13 22.55 -57.52
CA ASP B 322 5.67 21.51 -56.61
C ASP B 322 6.84 20.69 -56.09
N ASN B 323 7.80 20.36 -56.95
CA ASN B 323 8.96 19.59 -56.51
C ASN B 323 9.78 20.37 -55.48
N VAL B 324 10.01 21.66 -55.72
CA VAL B 324 10.74 22.48 -54.77
C VAL B 324 9.96 22.62 -53.47
N ASN B 325 8.62 22.70 -53.57
CA ASN B 325 7.80 22.78 -52.37
C ASN B 325 7.91 21.52 -51.54
N GLU B 326 7.96 20.36 -52.19
CA GLU B 326 8.07 19.09 -51.46
C GLU B 326 9.44 18.95 -50.80
N ASN B 327 10.50 19.32 -51.52
CA ASN B 327 11.85 19.23 -50.94
C ASN B 327 12.04 20.23 -49.81
N VAL B 328 11.51 21.45 -49.97
CA VAL B 328 11.57 22.43 -48.91
C VAL B 328 10.76 21.97 -47.70
N ASN B 329 9.62 21.31 -47.96
CA ASN B 329 8.81 20.77 -46.88
C ASN B 329 9.59 19.75 -46.05
N ALA B 330 10.31 18.86 -46.73
CA ALA B 330 11.11 17.85 -46.02
C ALA B 330 12.27 18.49 -45.28
N SER B 331 12.87 19.53 -45.87
CA SER B 331 14.01 20.19 -45.21
C SER B 331 13.56 20.95 -43.97
N ARG B 332 12.40 21.59 -44.01
CA ARG B 332 11.91 22.30 -42.84
C ARG B 332 11.64 21.34 -41.69
N SER B 333 11.07 20.16 -42.00
CA SER B 333 10.76 19.19 -40.96
C SER B 333 12.02 18.65 -40.29
N ARG B 334 13.13 18.59 -41.02
CA ARG B 334 14.39 18.16 -40.41
C ARG B 334 14.96 19.17 -39.43
N ILE B 335 14.42 20.38 -39.39
CA ILE B 335 14.87 21.40 -38.46
C ILE B 335 13.82 21.77 -37.43
N ARG B 336 12.53 21.61 -37.74
CA ARG B 336 11.45 22.03 -36.85
C ARG B 336 10.55 20.88 -36.40
N ASP B 337 10.20 19.96 -37.29
CA ASP B 337 9.27 18.89 -36.93
C ASP B 337 9.93 18.00 -35.88
N THR B 338 9.23 17.79 -34.78
CA THR B 338 9.79 17.06 -33.65
C THR B 338 10.04 15.59 -34.00
N ASP B 339 11.02 15.00 -33.32
CA ASP B 339 11.32 13.57 -33.45
C ASP B 339 10.61 12.87 -32.31
N TYR B 340 9.49 12.22 -32.62
CA TYR B 340 8.66 11.62 -31.58
C TYR B 340 9.36 10.45 -30.92
N ALA B 341 10.28 9.79 -31.63
CA ALA B 341 11.05 8.72 -31.01
C ALA B 341 12.01 9.26 -29.96
N ARG B 342 12.72 10.34 -30.28
CA ARG B 342 13.69 10.90 -29.34
C ARG B 342 13.00 11.64 -28.21
N GLU B 343 11.97 12.44 -28.53
CA GLU B 343 11.35 13.31 -27.53
C GLU B 343 10.64 12.49 -26.46
N THR B 344 9.95 11.41 -26.85
CA THR B 344 9.28 10.57 -25.86
C THR B 344 10.28 9.92 -24.91
N THR B 345 11.42 9.46 -25.44
CA THR B 345 12.44 8.86 -24.60
C THR B 345 13.00 9.88 -23.62
N ALA B 346 13.26 11.11 -24.08
CA ALA B 346 13.72 12.17 -23.19
C ALA B 346 12.64 12.53 -22.17
N MET B 347 11.37 12.50 -22.59
CA MET B 347 10.27 12.78 -21.67
C MET B 347 10.22 11.75 -20.54
N THR B 348 10.37 10.47 -20.87
CA THR B 348 10.34 9.44 -19.84
C THR B 348 11.57 9.51 -18.96
N LYS B 349 12.75 9.79 -19.55
CA LYS B 349 13.95 9.94 -18.75
C LYS B 349 13.82 11.09 -17.76
N ALA B 350 13.19 12.19 -18.19
CA ALA B 350 12.93 13.29 -17.28
C ALA B 350 11.96 12.88 -16.18
N GLN B 351 10.97 12.05 -16.52
CA GLN B 351 9.98 11.63 -15.53
C GLN B 351 10.62 10.79 -14.43
N ILE B 352 11.45 9.82 -14.81
CA ILE B 352 12.15 9.01 -13.81
C ILE B 352 13.16 9.86 -13.04
N LEU B 353 13.84 10.78 -13.74
CA LEU B 353 14.78 11.66 -13.05
C LEU B 353 14.07 12.53 -12.03
N GLN B 354 12.84 12.95 -12.33
CA GLN B 354 12.04 13.68 -11.35
C GLN B 354 11.75 12.81 -10.14
N GLN B 355 11.31 11.57 -10.38
CA GLN B 355 10.94 10.69 -9.27
C GLN B 355 12.15 10.35 -8.41
N ALA B 356 13.31 10.15 -9.04
CA ALA B 356 14.53 9.89 -8.28
C ALA B 356 14.91 11.09 -7.41
N SER B 357 14.76 12.30 -7.95
CA SER B 357 15.14 13.49 -7.21
C SER B 357 14.25 13.72 -5.99
N THR B 358 12.92 13.56 -6.17
CA THR B 358 12.03 13.78 -5.04
C THR B 358 12.12 12.67 -4.01
N SER B 359 12.42 11.44 -4.45
CA SER B 359 12.62 10.35 -3.51
C SER B 359 13.83 10.62 -2.61
N VAL B 360 14.94 11.07 -3.20
CA VAL B 360 16.11 11.42 -2.42
C VAL B 360 15.82 12.65 -1.56
N LEU B 361 15.01 13.58 -2.07
CA LEU B 361 14.62 14.75 -1.29
C LEU B 361 13.83 14.33 -0.05
N ALA B 362 13.01 13.28 -0.17
CA ALA B 362 12.25 12.79 0.97
C ALA B 362 13.18 12.29 2.07
N GLN B 363 14.21 11.52 1.71
CA GLN B 363 15.15 11.03 2.70
C GLN B 363 16.02 12.17 3.24
N ALA B 364 16.32 13.16 2.40
CA ALA B 364 17.16 14.27 2.82
C ALA B 364 16.50 15.08 3.94
N LYS B 365 15.17 15.26 3.88
CA LYS B 365 14.47 16.03 4.90
C LYS B 365 14.51 15.37 6.27
N GLN B 366 14.75 14.06 6.35
CA GLN B 366 14.85 13.36 7.62
C GLN B 366 16.24 13.41 8.22
N SER B 367 17.22 14.03 7.55
CA SER B 367 18.53 14.19 8.14
C SER B 367 18.51 15.01 9.43
N PRO B 368 17.84 16.17 9.49
CA PRO B 368 17.74 16.86 10.80
C PRO B 368 16.98 16.06 11.84
N SER B 369 16.09 15.15 11.43
CA SER B 369 15.41 14.29 12.39
C SER B 369 16.40 13.39 13.12
N ALA B 370 17.43 12.92 12.40
CA ALA B 370 18.47 12.14 13.06
C ALA B 370 19.23 12.98 14.07
N ALA B 371 19.39 14.28 13.79
CA ALA B 371 20.00 15.19 14.77
C ALA B 371 19.16 15.25 16.04
N LEU B 372 17.84 15.28 15.90
CA LEU B 372 16.96 15.39 17.06
C LEU B 372 16.98 14.12 17.91
N SER B 373 16.78 12.96 17.28
CA SER B 373 16.69 11.72 18.04
C SER B 373 18.02 11.30 18.64
N LEU B 374 19.12 11.74 18.03
CA LEU B 374 20.45 11.34 18.51
C LEU B 374 20.75 11.86 19.90
N LEU B 375 20.43 13.13 20.20
CA LEU B 375 20.74 13.83 21.45
C LEU B 375 19.52 14.43 22.16
N GLY B 376 18.53 14.89 21.41
CA GLY B 376 17.33 15.48 22.00
C GLY B 376 16.46 14.49 22.75
N MET C 1 29.10 32.07 37.03
CA MET C 1 27.65 31.89 36.95
C MET C 1 27.09 31.58 38.33
N ALA C 2 26.43 32.56 38.93
CA ALA C 2 25.77 32.35 40.22
C ALA C 2 24.52 31.50 40.00
N ILE C 3 24.46 30.35 40.68
CA ILE C 3 23.35 29.42 40.49
C ILE C 3 22.17 29.93 41.33
N ASN C 4 21.33 30.74 40.70
CA ASN C 4 20.14 31.32 41.31
C ASN C 4 18.90 30.56 40.87
N VAL C 5 17.75 30.97 41.41
CA VAL C 5 16.48 30.29 41.15
C VAL C 5 15.46 31.23 40.52
N ASN C 6 15.34 32.45 41.01
CA ASN C 6 14.31 33.36 40.51
C ASN C 6 14.55 33.72 39.05
N THR C 7 15.81 33.91 38.66
CA THR C 7 16.15 34.21 37.27
C THR C 7 16.69 32.96 36.59
N ASN C 8 16.11 32.63 35.44
CA ASN C 8 16.41 31.42 34.69
C ASN C 8 16.60 31.76 33.22
N VAL C 9 17.46 32.74 32.94
CA VAL C 9 17.65 33.26 31.59
C VAL C 9 18.02 32.17 30.58
N SER C 10 18.52 31.03 31.05
CA SER C 10 18.79 29.92 30.13
C SER C 10 17.50 29.41 29.51
N ALA C 11 16.43 29.31 30.29
CA ALA C 11 15.14 28.89 29.75
C ALA C 11 14.47 30.01 28.96
N MET C 12 14.72 31.27 29.34
CA MET C 12 14.21 32.38 28.56
C MET C 12 14.79 32.38 27.15
N THR C 13 16.08 32.04 27.02
CA THR C 13 16.67 31.86 25.70
C THR C 13 16.00 30.71 24.96
N ALA C 14 15.75 29.60 25.67
CA ALA C 14 15.14 28.44 25.04
C ALA C 14 13.75 28.76 24.51
N GLN C 15 12.94 29.47 25.30
CA GLN C 15 11.59 29.80 24.87
C GLN C 15 11.57 30.97 23.89
N ARG C 16 12.65 31.75 23.83
CA ARG C 16 12.73 32.80 22.82
C ARG C 16 12.96 32.21 21.44
N TYR C 17 13.86 31.23 21.35
CA TYR C 17 14.08 30.55 20.08
C TYR C 17 12.96 29.56 19.78
N LEU C 18 12.26 29.10 20.82
CA LEU C 18 11.08 28.28 20.60
C LEU C 18 9.99 29.08 19.89
N ASN C 19 9.79 30.34 20.30
CA ASN C 19 8.83 31.19 19.61
C ASN C 19 9.27 31.47 18.17
N GLY C 20 10.57 31.65 17.96
CA GLY C 20 11.06 31.82 16.60
C GLY C 20 10.80 30.60 15.73
N ALA C 21 10.96 29.41 16.30
CA ALA C 21 10.66 28.19 15.57
C ALA C 21 9.16 28.04 15.33
N ALA C 22 8.35 28.43 16.32
CA ALA C 22 6.90 28.38 16.15
C ALA C 22 6.44 29.31 15.04
N ASP C 23 7.05 30.50 14.97
CA ASP C 23 6.80 31.39 13.84
C ASP C 23 7.24 30.75 12.52
N GLY C 24 8.37 30.05 12.55
CA GLY C 24 8.90 29.45 11.33
C GLY C 24 7.95 28.43 10.72
N MET C 25 7.36 27.58 11.57
CA MET C 25 6.46 26.55 11.04
C MET C 25 5.11 27.14 10.64
N GLN C 26 4.62 28.13 11.40
CA GLN C 26 3.26 28.63 11.16
C GLN C 26 3.13 29.26 9.78
N LYS C 27 4.12 30.06 9.37
CA LYS C 27 4.11 30.62 8.04
C LYS C 27 4.32 29.55 6.97
N SER C 28 5.20 28.57 7.25
CA SER C 28 5.45 27.52 6.29
C SER C 28 4.21 26.65 6.07
N MET C 29 3.51 26.30 7.16
CA MET C 29 2.32 25.48 7.04
C MET C 29 1.16 26.25 6.42
N GLU C 30 1.08 27.55 6.68
CA GLU C 30 0.09 28.38 5.99
C GLU C 30 0.37 28.43 4.49
N ARG C 31 1.64 28.55 4.12
CA ARG C 31 2.01 28.57 2.71
C ARG C 31 1.69 27.24 2.04
N LEU C 32 1.86 26.14 2.76
CA LEU C 32 1.54 24.83 2.20
C LEU C 32 0.05 24.68 1.95
N SER C 33 -0.77 25.15 2.89
CA SER C 33 -2.22 25.00 2.75
C SER C 33 -2.77 25.83 1.59
N SER C 34 -2.41 27.12 1.55
CA SER C 34 -2.97 28.01 0.53
C SER C 34 -2.35 27.77 -0.83
N GLY C 35 -1.08 27.37 -0.88
CA GLY C 35 -0.39 27.21 -2.13
C GLY C 35 0.27 28.45 -2.68
N TYR C 36 0.42 29.50 -1.86
CA TYR C 36 1.04 30.75 -2.29
C TYR C 36 2.08 31.17 -1.27
N LYS C 37 3.22 31.66 -1.77
CA LYS C 37 4.21 32.27 -0.89
C LYS C 37 3.66 33.54 -0.25
N ILE C 38 3.00 34.37 -1.05
CA ILE C 38 2.54 35.69 -0.59
C ILE C 38 1.05 35.55 -0.28
N ASN C 39 0.76 35.18 0.96
CA ASN C 39 -0.60 35.20 1.48
C ASN C 39 -0.94 36.52 2.14
N SER C 40 0.04 37.41 2.28
CA SER C 40 -0.13 38.70 2.95
C SER C 40 1.05 39.59 2.56
N ALA C 41 0.86 40.89 2.74
CA ALA C 41 1.94 41.84 2.53
C ALA C 41 3.09 41.66 3.51
N ARG C 42 2.87 40.90 4.59
CA ARG C 42 3.96 40.53 5.49
C ARG C 42 5.08 39.83 4.75
N ASP C 43 4.74 38.92 3.84
CA ASP C 43 5.74 38.12 3.15
C ASP C 43 6.56 38.97 2.20
N ASP C 44 5.91 39.57 1.19
CA ASP C 44 6.61 40.39 0.21
C ASP C 44 5.60 41.40 -0.33
N ALA C 45 5.71 42.65 0.12
CA ALA C 45 4.85 43.70 -0.38
C ALA C 45 5.06 43.91 -1.88
N ALA C 46 6.31 43.82 -2.32
CA ALA C 46 6.60 43.93 -3.75
C ALA C 46 5.94 42.82 -4.55
N GLY C 47 6.08 41.58 -4.09
CA GLY C 47 5.49 40.46 -4.81
C GLY C 47 3.98 40.51 -4.81
N LEU C 48 3.39 40.99 -3.71
CA LEU C 48 1.93 41.06 -3.62
C LEU C 48 1.35 42.01 -4.66
N GLN C 49 1.99 43.16 -4.86
CA GLN C 49 1.46 44.14 -5.82
C GLN C 49 1.63 43.64 -7.26
N ILE C 50 2.81 43.13 -7.59
CA ILE C 50 3.04 42.65 -8.96
C ILE C 50 2.18 41.43 -9.25
N SER C 51 1.99 40.55 -8.26
CA SER C 51 1.12 39.40 -8.47
C SER C 51 -0.33 39.83 -8.61
N ASN C 52 -0.76 40.83 -7.83
CA ASN C 52 -2.12 41.34 -7.97
C ASN C 52 -2.34 41.96 -9.34
N ARG C 53 -1.38 42.73 -9.83
CA ARG C 53 -1.50 43.31 -11.16
C ARG C 53 -1.47 42.23 -12.24
N LEU C 54 -0.62 41.21 -12.07
CA LEU C 54 -0.56 40.13 -13.03
C LEU C 54 -1.83 39.28 -12.99
N THR C 55 -2.40 39.10 -11.81
CA THR C 55 -3.68 38.40 -11.70
C THR C 55 -4.79 39.18 -12.40
N SER C 56 -4.81 40.50 -12.21
CA SER C 56 -5.81 41.33 -12.89
C SER C 56 -5.66 41.24 -14.40
N GLN C 57 -4.42 41.26 -14.89
CA GLN C 57 -4.20 41.07 -16.33
C GLN C 57 -4.61 39.68 -16.77
N SER C 58 -4.30 38.66 -15.96
CA SER C 58 -4.64 37.29 -16.33
C SER C 58 -6.14 37.09 -16.48
N ARG C 59 -6.92 37.66 -15.55
CA ARG C 59 -8.37 37.66 -15.70
C ARG C 59 -8.80 38.47 -16.91
N GLY C 60 -8.13 39.60 -17.14
CA GLY C 60 -8.47 40.43 -18.29
C GLY C 60 -8.23 39.74 -19.61
N LEU C 61 -7.15 38.97 -19.72
CA LEU C 61 -6.85 38.28 -20.96
C LEU C 61 -7.83 37.14 -21.21
N ASP C 62 -8.23 36.42 -20.16
CA ASP C 62 -9.19 35.33 -20.32
C ASP C 62 -10.54 35.86 -20.79
N MET C 63 -11.00 36.96 -20.20
CA MET C 63 -12.28 37.54 -20.59
C MET C 63 -12.16 38.48 -21.78
N ALA C 64 -10.94 38.75 -22.25
CA ALA C 64 -10.79 39.35 -23.57
C ALA C 64 -10.87 38.27 -24.65
N VAL C 65 -10.39 37.07 -24.34
CA VAL C 65 -10.57 35.93 -25.25
C VAL C 65 -12.05 35.60 -25.38
N LYS C 66 -12.79 35.61 -24.27
CA LYS C 66 -14.23 35.39 -24.32
C LYS C 66 -14.92 36.47 -25.12
N ASN C 67 -14.51 37.73 -24.94
CA ASN C 67 -15.12 38.83 -25.69
C ASN C 67 -14.85 38.69 -27.19
N ALA C 68 -13.62 38.35 -27.55
CA ALA C 68 -13.29 38.19 -28.96
C ALA C 68 -14.00 37.00 -29.59
N ASN C 69 -14.24 35.95 -28.79
CA ASN C 69 -15.01 34.81 -29.28
C ASN C 69 -16.44 35.23 -29.63
N ASP C 70 -17.04 36.06 -28.79
CA ASP C 70 -18.38 36.58 -29.09
C ASP C 70 -18.36 37.43 -30.35
N GLY C 71 -17.33 38.24 -30.53
CA GLY C 71 -17.22 39.02 -31.75
C GLY C 71 -17.08 38.15 -32.99
N ILE C 72 -16.38 37.02 -32.86
CA ILE C 72 -16.30 36.07 -33.95
C ILE C 72 -17.68 35.48 -34.25
N SER C 73 -18.44 35.19 -33.19
CA SER C 73 -19.77 34.59 -33.37
C SER C 73 -20.70 35.55 -34.10
N ILE C 74 -20.69 36.84 -33.75
CA ILE C 74 -21.57 37.80 -34.40
C ILE C 74 -21.20 37.94 -35.87
N ALA C 75 -19.90 38.02 -36.16
CA ALA C 75 -19.47 38.10 -37.55
C ALA C 75 -19.82 36.81 -38.31
N GLN C 76 -19.73 35.67 -37.63
CA GLN C 76 -20.10 34.40 -38.26
C GLN C 76 -21.58 34.35 -38.60
N THR C 77 -22.44 34.80 -37.68
CA THR C 77 -23.87 34.79 -37.94
C THR C 77 -24.23 35.74 -39.07
N ALA C 78 -23.63 36.93 -39.09
CA ALA C 78 -23.91 37.89 -40.17
C ALA C 78 -23.45 37.33 -41.51
N GLU C 79 -22.26 36.73 -41.55
CA GLU C 79 -21.77 36.14 -42.79
C GLU C 79 -22.59 34.93 -43.21
N GLY C 80 -23.04 34.12 -42.25
CA GLY C 80 -23.84 32.95 -42.60
C GLY C 80 -25.16 33.32 -43.26
N ALA C 81 -25.88 34.29 -42.68
CA ALA C 81 -27.07 34.80 -43.34
C ALA C 81 -26.71 35.51 -44.63
N MET C 82 -25.51 36.12 -44.68
CA MET C 82 -25.07 36.80 -45.89
C MET C 82 -24.90 35.82 -47.05
N ASN C 83 -24.58 34.55 -46.74
CA ASN C 83 -24.40 33.54 -47.77
C ASN C 83 -25.69 33.30 -48.54
N GLU C 84 -26.82 33.22 -47.82
CA GLU C 84 -28.10 33.02 -48.48
C GLU C 84 -28.49 34.24 -49.30
N THR C 85 -28.10 35.45 -48.87
CA THR C 85 -28.34 36.65 -49.66
C THR C 85 -27.62 36.57 -51.00
N THR C 86 -26.39 36.05 -51.00
CA THR C 86 -25.66 35.86 -52.25
C THR C 86 -26.39 34.87 -53.15
N ASN C 87 -26.87 33.76 -52.59
CA ASN C 87 -27.51 32.73 -53.40
C ASN C 87 -28.83 33.23 -54.00
N ILE C 88 -29.58 34.03 -53.24
CA ILE C 88 -30.82 34.60 -53.78
C ILE C 88 -30.51 35.56 -54.91
N LEU C 89 -29.47 36.39 -54.75
CA LEU C 89 -29.13 37.36 -55.78
C LEU C 89 -28.64 36.68 -57.05
N GLN C 90 -27.84 35.62 -56.91
CA GLN C 90 -27.41 34.87 -58.08
C GLN C 90 -28.60 34.22 -58.80
N ARG C 91 -29.54 33.66 -58.04
CA ARG C 91 -30.74 33.11 -58.65
C ARG C 91 -31.55 34.20 -59.34
N MET C 92 -31.67 35.37 -58.71
CA MET C 92 -32.37 36.48 -59.33
C MET C 92 -31.67 36.96 -60.59
N ARG C 93 -30.35 36.80 -60.65
CA ARG C 93 -29.61 37.14 -61.87
C ARG C 93 -29.93 36.19 -63.00
N ASP C 94 -30.01 34.89 -62.70
CA ASP C 94 -30.37 33.91 -63.72
C ASP C 94 -31.79 34.15 -64.24
N LEU C 95 -32.72 34.46 -63.32
CA LEU C 95 -34.08 34.77 -63.74
C LEU C 95 -34.13 36.02 -64.60
N ALA C 96 -33.35 37.05 -64.24
CA ALA C 96 -33.32 38.27 -65.03
C ALA C 96 -32.76 38.02 -66.43
N LEU C 97 -31.71 37.21 -66.54
CA LEU C 97 -31.13 36.90 -67.84
C LEU C 97 -32.13 36.13 -68.70
N GLN C 98 -32.86 35.20 -68.09
CA GLN C 98 -33.86 34.44 -68.84
C GLN C 98 -34.97 35.33 -69.36
N SER C 99 -35.42 36.29 -68.55
CA SER C 99 -36.52 37.17 -68.95
C SER C 99 -36.12 38.09 -70.09
N SER C 100 -34.81 38.40 -70.21
CA SER C 100 -34.36 39.29 -71.27
C SER C 100 -34.46 38.64 -72.65
N ASN C 101 -34.61 37.32 -72.71
CA ASN C 101 -34.69 36.64 -74.00
C ASN C 101 -35.91 37.11 -74.78
N GLY C 102 -35.72 37.26 -76.10
CA GLY C 102 -36.79 37.77 -76.94
C GLY C 102 -37.87 36.77 -77.27
N SER C 103 -37.63 35.48 -77.03
CA SER C 103 -38.67 34.48 -77.28
C SER C 103 -39.79 34.57 -76.25
N ASN C 104 -39.48 35.06 -75.05
CA ASN C 104 -40.50 35.18 -74.01
C ASN C 104 -41.57 36.19 -74.40
N SER C 105 -42.82 35.83 -74.16
CA SER C 105 -43.95 36.74 -74.33
C SER C 105 -44.27 37.41 -73.00
N SER C 106 -45.13 38.43 -73.06
CA SER C 106 -45.50 39.15 -71.85
C SER C 106 -46.17 38.24 -70.83
N SER C 107 -46.90 37.22 -71.29
CA SER C 107 -47.51 36.27 -70.36
C SER C 107 -46.45 35.50 -69.58
N GLU C 108 -45.40 35.05 -70.26
CA GLU C 108 -44.32 34.35 -69.57
C GLU C 108 -43.60 35.28 -68.60
N ARG C 109 -43.34 36.52 -69.00
CA ARG C 109 -42.55 37.44 -68.17
C ARG C 109 -43.19 37.65 -66.79
N ARG C 110 -44.51 37.49 -66.69
CA ARG C 110 -45.17 37.64 -65.40
C ARG C 110 -44.75 36.52 -64.44
N ALA C 111 -44.40 35.35 -64.98
CA ALA C 111 -43.99 34.23 -64.13
C ALA C 111 -42.64 34.49 -63.49
N ILE C 112 -41.66 34.94 -64.29
CA ILE C 112 -40.35 35.28 -63.72
C ILE C 112 -40.48 36.47 -62.78
N GLN C 113 -41.35 37.44 -63.09
CA GLN C 113 -41.54 38.57 -62.21
C GLN C 113 -42.12 38.14 -60.87
N GLU C 114 -43.03 37.17 -60.88
CA GLU C 114 -43.62 36.69 -59.64
C GLU C 114 -42.56 36.06 -58.74
N GLU C 115 -41.66 35.26 -59.34
CA GLU C 115 -40.57 34.68 -58.57
C GLU C 115 -39.59 35.74 -58.10
N VAL C 116 -39.31 36.74 -58.96
CA VAL C 116 -38.38 37.81 -58.59
C VAL C 116 -38.93 38.61 -57.42
N SER C 117 -40.22 38.93 -57.46
CA SER C 117 -40.84 39.64 -56.34
C SER C 117 -40.84 38.80 -55.07
N ALA C 118 -41.11 37.50 -55.20
CA ALA C 118 -41.08 36.62 -54.03
C ALA C 118 -39.70 36.56 -53.42
N LEU C 119 -38.66 36.45 -54.24
CA LEU C 119 -37.29 36.47 -53.73
C LEU C 119 -36.92 37.85 -53.20
N ASN C 120 -37.50 38.91 -53.77
CA ASN C 120 -37.24 40.25 -53.27
C ASN C 120 -37.72 40.40 -51.83
N ASP C 121 -38.91 39.88 -51.53
CA ASP C 121 -39.40 39.90 -50.16
C ASP C 121 -38.59 38.98 -49.27
N GLU C 122 -37.86 38.02 -49.85
CA GLU C 122 -37.01 37.14 -49.06
C GLU C 122 -35.73 37.86 -48.64
N LEU C 123 -35.20 38.71 -49.52
CA LEU C 123 -34.03 39.51 -49.16
C LEU C 123 -34.35 40.47 -48.01
N ASN C 124 -35.52 41.09 -48.05
CA ASN C 124 -35.92 41.97 -46.95
C ASN C 124 -36.11 41.18 -45.66
N ARG C 125 -36.66 39.96 -45.77
CA ARG C 125 -36.86 39.15 -44.57
C ARG C 125 -35.54 38.78 -43.92
N ILE C 126 -34.55 38.35 -44.71
CA ILE C 126 -33.26 37.98 -44.14
C ILE C 126 -32.62 39.18 -43.46
N ALA C 127 -32.69 40.36 -44.10
CA ALA C 127 -32.12 41.56 -43.50
C ALA C 127 -32.82 41.93 -42.19
N GLU C 128 -34.14 41.78 -42.15
CA GLU C 128 -34.94 42.24 -41.02
C GLU C 128 -35.10 41.22 -39.90
N THR C 129 -34.70 39.96 -40.11
CA THR C 129 -34.89 38.92 -39.10
C THR C 129 -33.60 38.29 -38.59
N THR C 130 -32.49 38.40 -39.32
CA THR C 130 -31.24 37.84 -38.83
C THR C 130 -30.84 38.52 -37.54
N SER C 131 -30.83 37.76 -36.44
CA SER C 131 -30.56 38.31 -35.13
C SER C 131 -29.62 37.38 -34.38
N PHE C 132 -28.87 37.97 -33.44
CA PHE C 132 -27.97 37.23 -32.55
C PHE C 132 -28.49 37.44 -31.14
N GLY C 133 -29.41 36.58 -30.71
CA GLY C 133 -30.02 36.73 -29.40
C GLY C 133 -30.86 37.99 -29.28
N GLY C 134 -31.65 38.29 -30.30
CA GLY C 134 -32.49 39.47 -30.30
C GLY C 134 -31.80 40.75 -30.73
N ASN C 135 -30.50 40.70 -31.06
CA ASN C 135 -29.75 41.86 -31.53
C ASN C 135 -29.70 41.78 -33.05
N LYS C 136 -30.60 42.51 -33.71
CA LYS C 136 -30.69 42.45 -35.16
C LYS C 136 -29.41 42.96 -35.81
N LEU C 137 -29.00 42.28 -36.87
CA LEU C 137 -27.69 42.51 -37.49
C LEU C 137 -27.78 43.20 -38.85
N LEU C 138 -28.57 42.68 -39.77
CA LEU C 138 -28.45 43.01 -41.18
C LEU C 138 -29.49 44.01 -41.68
N ASN C 139 -30.10 44.79 -40.80
CA ASN C 139 -31.04 45.83 -41.22
C ASN C 139 -30.51 47.23 -40.96
N GLY C 140 -29.25 47.38 -40.57
CA GLY C 140 -28.64 48.67 -40.35
C GLY C 140 -28.77 49.24 -38.96
N SER C 141 -29.52 48.58 -38.07
CA SER C 141 -29.64 49.06 -36.69
C SER C 141 -28.40 48.76 -35.87
N PHE C 142 -27.58 47.81 -36.28
CA PHE C 142 -26.35 47.49 -35.55
C PHE C 142 -25.38 48.67 -35.58
N GLY C 143 -25.24 49.32 -36.74
CA GLY C 143 -24.29 50.42 -36.85
C GLY C 143 -22.87 49.94 -36.61
N SER C 144 -22.13 50.71 -35.83
CA SER C 144 -20.76 50.37 -35.44
C SER C 144 -20.71 50.08 -33.96
N LYS C 145 -20.20 48.90 -33.60
CA LYS C 145 -20.03 48.51 -32.21
C LYS C 145 -18.62 47.98 -32.01
N SER C 146 -18.03 48.32 -30.87
CA SER C 146 -16.64 48.02 -30.58
C SER C 146 -16.55 46.85 -29.61
N PHE C 147 -15.75 45.86 -29.96
CA PHE C 147 -15.53 44.68 -29.13
C PHE C 147 -14.22 44.86 -28.36
N GLN C 148 -14.32 44.89 -27.03
CA GLN C 148 -13.16 45.08 -26.17
C GLN C 148 -12.42 43.75 -26.07
N ILE C 149 -11.18 43.72 -26.58
CA ILE C 149 -10.42 42.47 -26.65
C ILE C 149 -9.06 42.66 -25.98
N GLY C 150 -8.99 43.57 -25.01
CA GLY C 150 -7.76 43.80 -24.29
C GLY C 150 -7.89 43.59 -22.80
N ALA C 151 -6.76 43.51 -22.10
CA ALA C 151 -6.75 43.36 -20.66
C ALA C 151 -6.77 44.70 -19.92
N ASP C 152 -6.83 45.80 -20.66
CA ASP C 152 -6.88 47.14 -20.08
C ASP C 152 -8.00 47.93 -20.74
N SER C 153 -8.26 49.12 -20.21
CA SER C 153 -9.33 49.96 -20.74
C SER C 153 -8.97 50.50 -22.11
N GLY C 154 -10.00 50.69 -22.95
CA GLY C 154 -9.83 51.30 -24.26
C GLY C 154 -8.97 50.55 -25.24
N GLU C 155 -9.19 49.25 -25.36
CA GLU C 155 -8.46 48.39 -26.28
C GLU C 155 -9.43 47.62 -27.17
N ALA C 156 -10.41 48.32 -27.73
CA ALA C 156 -11.48 47.70 -28.50
C ALA C 156 -11.21 47.78 -29.99
N VAL C 157 -12.07 47.11 -30.76
CA VAL C 157 -11.99 47.08 -32.21
C VAL C 157 -13.38 47.32 -32.78
N MET C 158 -13.48 48.26 -33.71
CA MET C 158 -14.76 48.65 -34.29
C MET C 158 -15.15 47.70 -35.41
N LEU C 159 -16.39 47.21 -35.35
CA LEU C 159 -16.96 46.36 -36.40
C LEU C 159 -18.30 46.92 -36.82
N SER C 160 -18.50 47.06 -38.13
CA SER C 160 -19.73 47.59 -38.68
C SER C 160 -20.29 46.65 -39.73
N MET C 161 -21.59 46.37 -39.64
CA MET C 161 -22.33 45.63 -40.65
C MET C 161 -23.31 46.60 -41.30
N GLY C 162 -23.12 46.84 -42.60
CA GLY C 162 -24.01 47.75 -43.30
C GLY C 162 -25.40 47.17 -43.49
N SER C 163 -26.37 48.07 -43.69
CA SER C 163 -27.74 47.63 -43.94
C SER C 163 -27.81 46.80 -45.21
N MET C 164 -28.50 45.65 -45.11
CA MET C 164 -28.52 44.69 -46.20
C MET C 164 -29.93 44.51 -46.79
N ARG C 165 -30.82 45.47 -46.56
CA ARG C 165 -32.12 45.44 -47.19
C ARG C 165 -31.99 45.63 -48.70
N SER C 166 -32.94 45.07 -49.44
CA SER C 166 -32.88 45.13 -50.89
C SER C 166 -33.07 46.54 -51.44
N ASP C 167 -33.55 47.48 -50.62
CA ASP C 167 -33.76 48.86 -51.06
C ASP C 167 -32.64 49.79 -50.63
N THR C 168 -31.57 49.23 -50.05
CA THR C 168 -30.42 50.05 -49.66
C THR C 168 -29.79 50.71 -50.88
N GLN C 169 -29.42 51.97 -50.75
CA GLN C 169 -28.86 52.72 -51.87
C GLN C 169 -27.58 52.10 -52.41
N ALA C 170 -26.84 51.35 -51.59
CA ALA C 170 -25.63 50.68 -52.04
C ALA C 170 -25.93 49.35 -52.74
N MET C 171 -27.17 48.89 -52.72
CA MET C 171 -27.57 47.64 -53.37
C MET C 171 -28.00 47.86 -54.81
N GLY C 172 -27.66 48.99 -55.41
CA GLY C 172 -28.04 49.29 -56.77
C GLY C 172 -27.19 50.38 -57.39
N GLY C 173 -27.82 51.24 -58.19
CA GLY C 173 -27.12 52.33 -58.83
C GLY C 173 -28.05 53.32 -59.50
N LYS C 174 -27.52 54.09 -60.44
CA LYS C 174 -28.30 55.08 -61.18
C LYS C 174 -28.49 54.60 -62.62
N SER C 175 -29.66 54.89 -63.19
CA SER C 175 -30.03 54.42 -64.51
C SER C 175 -30.37 55.61 -65.40
N TYR C 176 -29.79 55.62 -66.60
CA TYR C 176 -30.02 56.67 -67.59
C TYR C 176 -30.62 56.04 -68.84
N ARG C 177 -31.58 56.73 -69.45
CA ARG C 177 -32.32 56.21 -70.58
C ARG C 177 -32.18 57.15 -71.76
N ALA C 178 -31.84 56.60 -72.93
CA ALA C 178 -31.81 57.40 -74.15
C ALA C 178 -33.22 57.87 -74.50
N GLN C 179 -33.31 59.11 -74.97
CA GLN C 179 -34.58 59.71 -75.31
C GLN C 179 -35.01 59.41 -76.74
N GLU C 180 -34.15 58.83 -77.56
CA GLU C 180 -34.45 58.52 -78.96
C GLU C 180 -34.24 57.03 -79.21
N GLY C 181 -35.25 56.37 -79.75
CA GLY C 181 -35.15 54.97 -80.10
C GLY C 181 -34.80 54.78 -81.56
N LYS C 182 -33.95 53.80 -81.83
CA LYS C 182 -33.49 53.48 -83.17
C LYS C 182 -33.91 52.06 -83.53
N ALA C 183 -34.24 51.85 -84.79
CA ALA C 183 -34.72 50.55 -85.26
C ALA C 183 -33.53 49.62 -85.49
N ALA C 184 -33.78 48.48 -86.12
CA ALA C 184 -32.74 47.51 -86.41
C ALA C 184 -31.96 47.85 -87.68
N ASP C 185 -32.36 48.91 -88.40
CA ASP C 185 -31.67 49.35 -89.60
C ASP C 185 -30.76 50.54 -89.34
N TRP C 186 -30.54 50.90 -88.07
CA TRP C 186 -29.73 52.05 -87.73
C TRP C 186 -28.26 51.65 -87.63
N ARG C 187 -27.40 52.41 -88.30
CA ARG C 187 -25.97 52.22 -88.26
C ARG C 187 -25.30 53.51 -87.84
N VAL C 188 -24.18 53.39 -87.12
CA VAL C 188 -23.46 54.57 -86.66
C VAL C 188 -22.92 55.34 -87.85
N GLY C 189 -23.19 56.65 -87.87
CA GLY C 189 -22.75 57.49 -88.97
C GLY C 189 -21.31 57.94 -88.83
N ALA C 190 -21.04 59.20 -89.20
CA ALA C 190 -19.70 59.75 -89.11
C ALA C 190 -19.38 60.33 -87.74
N ALA C 191 -20.36 60.45 -86.86
CA ALA C 191 -20.15 60.93 -85.49
C ALA C 191 -20.24 59.73 -84.57
N THR C 192 -19.08 59.21 -84.16
CA THR C 192 -18.99 57.95 -83.43
C THR C 192 -18.35 58.10 -82.06
N ASP C 193 -18.29 59.32 -81.52
CA ASP C 193 -17.62 59.59 -80.26
C ASP C 193 -18.64 59.77 -79.14
N LEU C 194 -18.46 59.03 -78.05
CA LEU C 194 -19.30 59.13 -76.86
C LEU C 194 -18.40 59.20 -75.65
N THR C 195 -18.59 60.23 -74.82
CA THR C 195 -17.75 60.45 -73.65
C THR C 195 -18.62 60.43 -72.40
N LEU C 196 -18.13 59.75 -71.36
CA LEU C 196 -18.84 59.62 -70.08
C LEU C 196 -17.92 60.14 -68.99
N SER C 197 -18.15 61.37 -68.56
CA SER C 197 -17.33 62.02 -67.53
C SER C 197 -18.08 61.99 -66.21
N TYR C 198 -17.47 61.43 -65.18
CA TYR C 198 -18.10 61.31 -63.88
C TYR C 198 -17.00 61.32 -62.82
N THR C 199 -17.35 60.92 -61.60
CA THR C 199 -16.40 60.81 -60.49
C THR C 199 -16.50 59.41 -59.91
N ASN C 200 -15.36 58.78 -59.67
CA ASN C 200 -15.34 57.47 -59.06
C ASN C 200 -15.64 57.58 -57.56
N LYS C 201 -15.94 56.43 -56.95
CA LYS C 201 -16.26 56.42 -55.53
C LYS C 201 -15.07 56.82 -54.67
N GLN C 202 -13.85 56.60 -55.15
CA GLN C 202 -12.66 57.03 -54.42
C GLN C 202 -12.47 58.54 -54.46
N GLY C 203 -13.24 59.27 -55.27
CA GLY C 203 -13.17 60.71 -55.34
C GLY C 203 -12.42 61.26 -56.54
N GLU C 204 -11.65 60.44 -57.24
CA GLU C 204 -10.91 60.92 -58.39
C GLU C 204 -11.85 61.18 -59.57
N ALA C 205 -11.53 62.21 -60.34
CA ALA C 205 -12.25 62.48 -61.57
C ALA C 205 -11.95 61.39 -62.60
N ARG C 206 -12.98 60.99 -63.35
CA ARG C 206 -12.85 59.92 -64.32
C ARG C 206 -13.40 60.37 -65.66
N GLU C 207 -12.71 59.96 -66.73
CA GLU C 207 -13.07 60.32 -68.09
C GLU C 207 -12.95 59.09 -68.97
N VAL C 208 -14.06 58.66 -69.57
CA VAL C 208 -14.08 57.50 -70.45
C VAL C 208 -14.48 57.98 -71.84
N THR C 209 -13.64 57.68 -72.83
CA THR C 209 -13.88 58.06 -74.21
C THR C 209 -14.14 56.80 -75.03
N ILE C 210 -15.25 56.79 -75.76
CA ILE C 210 -15.69 55.63 -76.52
C ILE C 210 -15.76 56.04 -77.98
N ASN C 211 -15.10 55.27 -78.84
CA ASN C 211 -15.15 55.47 -80.29
C ASN C 211 -15.86 54.25 -80.87
N ALA C 212 -17.18 54.33 -80.94
CA ALA C 212 -17.97 53.21 -81.46
C ALA C 212 -17.66 52.96 -82.93
N LYS C 213 -17.63 51.69 -83.30
CA LYS C 213 -17.30 51.33 -84.68
C LYS C 213 -18.44 51.66 -85.61
N GLN C 214 -18.11 52.08 -86.83
CA GLN C 214 -19.12 52.45 -87.81
C GLN C 214 -19.89 51.22 -88.28
N GLY C 215 -21.17 51.43 -88.56
CA GLY C 215 -22.03 50.38 -89.07
C GLY C 215 -22.66 49.49 -88.04
N ASP C 216 -22.34 49.67 -86.75
CA ASP C 216 -22.92 48.85 -85.70
C ASP C 216 -24.34 49.28 -85.40
N ASP C 217 -25.19 48.31 -85.07
CA ASP C 217 -26.51 48.59 -84.54
C ASP C 217 -26.40 48.73 -83.02
N LEU C 218 -27.53 49.05 -82.37
CA LEU C 218 -27.49 49.34 -80.94
C LEU C 218 -27.10 48.12 -80.11
N GLU C 219 -27.51 46.92 -80.53
CA GLU C 219 -27.13 45.72 -79.78
C GLU C 219 -25.62 45.51 -79.81
N GLU C 220 -24.99 45.81 -80.95
CA GLU C 220 -23.53 45.75 -81.01
C GLU C 220 -22.89 46.91 -80.28
N LEU C 221 -23.55 48.08 -80.28
CA LEU C 221 -23.02 49.23 -79.57
C LEU C 221 -23.04 49.02 -78.06
N ALA C 222 -24.10 48.38 -77.55
CA ALA C 222 -24.19 48.13 -76.12
C ALA C 222 -23.12 47.15 -75.66
N THR C 223 -22.87 46.09 -76.43
CA THR C 223 -21.83 45.13 -76.05
C THR C 223 -20.44 45.70 -76.29
N TYR C 224 -20.31 46.70 -77.14
CA TYR C 224 -19.03 47.38 -77.30
C TYR C 224 -18.73 48.26 -76.09
N ILE C 225 -19.73 48.99 -75.61
CA ILE C 225 -19.52 49.84 -74.43
C ILE C 225 -19.19 48.98 -73.22
N ASN C 226 -19.80 47.81 -73.11
CA ASN C 226 -19.49 46.89 -72.02
C ASN C 226 -18.04 46.43 -72.08
N GLY C 227 -17.54 46.14 -73.28
CA GLY C 227 -16.18 45.62 -73.41
C GLY C 227 -15.13 46.63 -73.01
N GLN C 228 -15.28 47.88 -73.45
CA GLN C 228 -14.24 48.88 -73.23
C GLN C 228 -14.15 49.28 -71.76
N THR C 229 -15.23 49.84 -71.22
CA THR C 229 -15.25 50.37 -69.87
C THR C 229 -16.02 49.44 -68.94
N GLU C 230 -15.56 49.38 -67.69
CA GLU C 230 -16.17 48.53 -66.68
C GLU C 230 -17.07 49.27 -65.71
N ASP C 231 -16.87 50.58 -65.54
CA ASP C 231 -17.66 51.34 -64.57
C ASP C 231 -19.14 51.36 -64.95
N VAL C 232 -19.45 51.59 -66.22
CA VAL C 232 -20.82 51.67 -66.70
C VAL C 232 -21.18 50.37 -67.39
N LYS C 233 -22.49 50.18 -67.61
CA LYS C 233 -23.02 48.99 -68.25
C LYS C 233 -24.20 49.40 -69.14
N ALA C 234 -24.15 49.01 -70.41
CA ALA C 234 -25.10 49.46 -71.40
C ALA C 234 -25.98 48.31 -71.87
N SER C 235 -27.23 48.64 -72.20
CA SER C 235 -28.19 47.67 -72.70
C SER C 235 -29.18 48.39 -73.61
N VAL C 236 -30.14 47.62 -74.15
CA VAL C 236 -31.14 48.13 -75.08
C VAL C 236 -32.51 47.65 -74.64
N GLY C 237 -33.49 48.54 -74.68
CA GLY C 237 -34.86 48.23 -74.29
C GLY C 237 -35.75 47.87 -75.46
N GLU C 238 -37.06 47.93 -75.21
CA GLU C 238 -38.03 47.64 -76.26
C GLU C 238 -37.93 48.64 -77.42
N ASP C 239 -37.92 49.93 -77.09
CA ASP C 239 -37.96 50.99 -78.10
C ASP C 239 -36.64 51.17 -78.82
N GLY C 240 -35.64 50.32 -78.59
CA GLY C 240 -34.33 50.55 -79.18
C GLY C 240 -33.65 51.78 -78.64
N LYS C 241 -33.71 51.98 -77.31
CA LYS C 241 -33.07 53.12 -76.67
C LYS C 241 -31.98 52.61 -75.73
N LEU C 242 -30.76 53.10 -75.92
CA LEU C 242 -29.64 52.65 -75.13
C LEU C 242 -29.77 53.13 -73.69
N GLN C 243 -29.59 52.22 -72.74
CA GLN C 243 -29.68 52.53 -71.32
C GLN C 243 -28.35 52.26 -70.64
N LEU C 244 -27.94 53.17 -69.78
CA LEU C 244 -26.67 53.08 -69.06
C LEU C 244 -26.95 52.91 -67.56
N PHE C 245 -26.07 52.18 -66.89
CA PHE C 245 -26.21 51.91 -65.47
C PHE C 245 -24.86 52.11 -64.79
N ALA C 246 -24.76 53.12 -63.94
CA ALA C 246 -23.56 53.40 -63.16
C ALA C 246 -23.84 53.02 -61.71
N SER C 247 -23.23 51.93 -61.26
CA SER C 247 -23.50 51.42 -59.93
C SER C 247 -23.01 52.41 -58.87
N SER C 248 -23.65 52.38 -57.70
CA SER C 248 -23.30 53.29 -56.62
C SER C 248 -21.91 53.02 -56.05
N GLN C 249 -21.36 51.82 -56.28
CA GLN C 249 -20.04 51.49 -55.75
C GLN C 249 -18.90 51.92 -56.67
N LYS C 250 -19.21 52.31 -57.91
CA LYS C 250 -18.18 52.73 -58.85
C LYS C 250 -18.39 54.14 -59.40
N VAL C 251 -19.51 54.79 -59.08
CA VAL C 251 -19.82 56.13 -59.57
C VAL C 251 -20.61 56.85 -58.49
N ASN C 252 -20.20 58.08 -58.18
CA ASN C 252 -20.95 58.96 -57.29
C ASN C 252 -21.27 60.26 -58.02
N GLY C 253 -22.45 60.80 -57.78
CA GLY C 253 -22.87 62.02 -58.42
C GLY C 253 -23.34 61.80 -59.85
N ASP C 254 -23.53 62.92 -60.54
CA ASP C 254 -24.04 62.90 -61.90
C ASP C 254 -23.02 62.32 -62.88
N VAL C 255 -23.53 61.74 -63.96
CA VAL C 255 -22.71 61.26 -65.07
C VAL C 255 -23.00 62.14 -66.27
N THR C 256 -21.97 62.80 -66.78
CA THR C 256 -22.11 63.72 -67.91
C THR C 256 -21.82 62.98 -69.20
N ILE C 257 -22.82 62.90 -70.07
CA ILE C 257 -22.70 62.21 -71.36
C ILE C 257 -22.55 63.27 -72.44
N GLY C 258 -21.47 63.16 -73.23
CA GLY C 258 -21.20 64.09 -74.29
C GLY C 258 -20.75 63.37 -75.54
N GLY C 259 -20.50 64.15 -76.59
CA GLY C 259 -20.04 63.63 -77.85
C GLY C 259 -21.13 63.69 -78.92
N GLY C 260 -20.69 63.54 -80.17
CA GLY C 260 -21.62 63.53 -81.28
C GLY C 260 -22.57 62.35 -81.24
N LEU C 261 -22.06 61.18 -80.82
CA LEU C 261 -22.93 60.03 -80.65
C LEU C 261 -23.91 60.25 -79.49
N GLY C 262 -23.46 60.93 -78.44
CA GLY C 262 -24.35 61.24 -77.34
C GLY C 262 -25.48 62.16 -77.73
N GLY C 263 -25.20 63.10 -78.65
CA GLY C 263 -26.24 64.00 -79.11
C GLY C 263 -27.22 63.33 -80.07
N GLU C 264 -26.71 62.42 -80.90
CA GLU C 264 -27.57 61.70 -81.83
C GLU C 264 -28.44 60.69 -81.10
N ILE C 265 -27.86 59.93 -80.18
CA ILE C 265 -28.61 58.97 -79.39
C ILE C 265 -29.55 59.70 -78.43
N GLY C 266 -29.08 60.77 -77.81
CA GLY C 266 -29.85 61.49 -76.82
C GLY C 266 -29.89 60.76 -75.49
N PHE C 267 -30.10 61.54 -74.42
CA PHE C 267 -30.09 60.96 -73.09
C PHE C 267 -30.99 61.79 -72.18
N ASP C 268 -31.41 61.16 -71.08
CA ASP C 268 -32.27 61.79 -70.08
C ASP C 268 -31.64 61.67 -68.71
N ALA C 269 -32.27 62.30 -67.73
CA ALA C 269 -31.73 62.34 -66.38
C ALA C 269 -31.79 60.95 -65.74
N GLY C 270 -30.93 60.74 -64.74
CA GLY C 270 -30.84 59.46 -64.08
C GLY C 270 -31.90 59.24 -63.03
N ARG C 271 -32.10 57.98 -62.68
CA ARG C 271 -33.06 57.58 -61.65
C ARG C 271 -32.40 56.58 -60.72
N ASN C 272 -32.66 56.72 -59.42
CA ASN C 272 -32.10 55.80 -58.44
C ASN C 272 -32.88 54.49 -58.47
N VAL C 273 -32.17 53.39 -58.73
CA VAL C 273 -32.77 52.06 -58.81
C VAL C 273 -31.99 51.11 -57.92
N THR C 274 -32.72 50.24 -57.24
CA THR C 274 -32.12 49.26 -56.33
C THR C 274 -32.72 47.89 -56.64
N VAL C 275 -32.39 46.90 -55.81
CA VAL C 275 -32.94 45.56 -56.00
C VAL C 275 -34.44 45.55 -55.70
N ALA C 276 -34.85 46.25 -54.63
CA ALA C 276 -36.27 46.32 -54.30
C ALA C 276 -37.08 47.14 -55.31
N ASP C 277 -36.40 47.89 -56.18
CA ASP C 277 -37.07 48.68 -57.20
C ASP C 277 -37.03 48.03 -58.58
N VAL C 278 -36.62 46.78 -58.65
CA VAL C 278 -36.40 46.12 -59.93
C VAL C 278 -37.66 45.38 -60.36
N ASN C 279 -37.80 45.21 -61.67
CA ASN C 279 -38.86 44.39 -62.24
C ASN C 279 -38.37 43.80 -63.56
N VAL C 280 -38.89 42.62 -63.90
CA VAL C 280 -38.50 41.91 -65.11
C VAL C 280 -39.68 41.69 -66.05
N SER C 281 -40.80 42.39 -65.83
CA SER C 281 -41.93 42.30 -66.73
C SER C 281 -41.62 42.86 -68.12
N THR C 282 -40.52 43.60 -68.25
CA THR C 282 -40.10 44.16 -69.52
C THR C 282 -38.67 43.70 -69.81
N VAL C 283 -38.33 43.61 -71.09
CA VAL C 283 -36.97 43.25 -71.46
C VAL C 283 -35.99 44.33 -71.02
N ALA C 284 -36.39 45.60 -71.12
CA ALA C 284 -35.56 46.68 -70.62
C ALA C 284 -35.35 46.57 -69.12
N GLY C 285 -36.41 46.22 -68.38
CA GLY C 285 -36.27 46.06 -66.94
C GLY C 285 -35.37 44.90 -66.56
N SER C 286 -35.40 43.83 -67.35
CA SER C 286 -34.58 42.66 -67.02
C SER C 286 -33.12 42.91 -67.37
N GLN C 287 -32.86 43.64 -68.45
CA GLN C 287 -31.48 44.03 -68.76
C GLN C 287 -30.90 44.90 -67.65
N GLU C 288 -31.68 45.85 -67.16
CA GLU C 288 -31.25 46.62 -65.99
C GLU C 288 -31.12 45.74 -64.76
N ALA C 289 -31.95 44.69 -64.66
CA ALA C 289 -31.89 43.81 -63.50
C ALA C 289 -30.55 43.11 -63.39
N VAL C 290 -30.02 42.63 -64.52
CA VAL C 290 -28.74 41.91 -64.49
C VAL C 290 -27.64 42.82 -63.97
N SER C 291 -27.61 44.07 -64.43
CA SER C 291 -26.60 45.01 -63.94
C SER C 291 -26.84 45.38 -62.48
N ILE C 292 -28.11 45.55 -62.08
CA ILE C 292 -28.41 45.95 -60.71
C ILE C 292 -27.99 44.86 -59.73
N LEU C 293 -28.34 43.61 -60.01
CA LEU C 293 -27.93 42.52 -59.13
C LEU C 293 -26.43 42.27 -59.22
N ASP C 294 -25.78 42.72 -60.29
CA ASP C 294 -24.33 42.63 -60.35
C ASP C 294 -23.69 43.62 -59.38
N GLY C 295 -24.21 44.85 -59.34
CA GLY C 295 -23.74 45.80 -58.34
C GLY C 295 -24.09 45.39 -56.94
N ALA C 296 -25.29 44.82 -56.75
CA ALA C 296 -25.69 44.35 -55.44
C ALA C 296 -24.83 43.18 -54.98
N LEU C 297 -24.51 42.26 -55.91
CA LEU C 297 -23.64 41.15 -55.56
C LEU C 297 -22.24 41.63 -55.18
N LYS C 298 -21.77 42.70 -55.83
CA LYS C 298 -20.51 43.31 -55.43
C LYS C 298 -20.62 43.90 -54.02
N ALA C 299 -21.77 44.48 -53.70
CA ALA C 299 -21.98 44.98 -52.34
C ALA C 299 -21.98 43.84 -51.33
N VAL C 300 -22.58 42.71 -51.68
CA VAL C 300 -22.63 41.58 -50.75
C VAL C 300 -21.25 40.95 -50.62
N ASP C 301 -20.54 40.75 -51.73
CA ASP C 301 -19.23 40.14 -51.67
C ASP C 301 -18.23 41.01 -50.93
N SER C 302 -18.28 42.32 -51.15
CA SER C 302 -17.37 43.22 -50.45
C SER C 302 -17.63 43.20 -48.95
N GLN C 303 -18.90 43.20 -48.55
CA GLN C 303 -19.21 43.11 -47.12
C GLN C 303 -18.75 41.78 -46.54
N ARG C 304 -18.98 40.68 -47.26
CA ARG C 304 -18.55 39.37 -46.77
C ARG C 304 -17.04 39.32 -46.56
N ALA C 305 -16.27 39.92 -47.47
CA ALA C 305 -14.83 39.98 -47.29
C ALA C 305 -14.46 40.81 -46.07
N SER C 306 -15.28 41.81 -45.72
CA SER C 306 -15.02 42.64 -44.55
C SER C 306 -15.14 41.83 -43.27
N LEU C 307 -16.19 41.01 -43.16
CA LEU C 307 -16.30 40.13 -42.00
C LEU C 307 -15.26 39.01 -42.05
N GLY C 308 -14.85 38.61 -43.25
CA GLY C 308 -13.79 37.61 -43.36
C GLY C 308 -12.46 38.11 -42.82
N ALA C 309 -12.07 39.34 -43.19
CA ALA C 309 -10.87 39.94 -42.64
C ALA C 309 -11.00 40.18 -41.14
N PHE C 310 -12.18 40.63 -40.71
CA PHE C 310 -12.42 40.87 -39.29
C PHE C 310 -12.32 39.58 -38.49
N GLN C 311 -12.84 38.48 -39.05
CA GLN C 311 -12.77 37.19 -38.37
C GLN C 311 -11.33 36.71 -38.26
N ASN C 312 -10.54 36.87 -39.32
CA ASN C 312 -9.15 36.44 -39.28
C ASN C 312 -8.33 37.27 -38.29
N ARG C 313 -8.58 38.58 -38.25
CA ARG C 313 -7.87 39.43 -37.30
C ARG C 313 -8.21 39.03 -35.86
N PHE C 314 -9.47 38.72 -35.60
CA PHE C 314 -9.86 38.25 -34.27
C PHE C 314 -9.36 36.83 -34.01
N GLY C 315 -9.13 36.04 -35.06
CA GLY C 315 -8.52 34.74 -34.88
C GLY C 315 -7.08 34.84 -34.40
N HIS C 316 -6.34 35.81 -34.95
CA HIS C 316 -4.98 36.05 -34.48
C HIS C 316 -4.98 36.65 -33.08
N ALA C 317 -5.99 37.48 -32.78
CA ALA C 317 -6.07 38.09 -31.45
C ALA C 317 -6.26 37.03 -30.37
N ILE C 318 -7.05 35.99 -30.67
CA ILE C 318 -7.24 34.91 -29.70
C ILE C 318 -5.92 34.22 -29.39
N SER C 319 -5.15 33.90 -30.43
CA SER C 319 -3.88 33.21 -30.22
C SER C 319 -2.88 34.12 -29.51
N ASN C 320 -2.84 35.40 -29.86
CA ASN C 320 -1.90 36.31 -29.22
C ASN C 320 -2.20 36.46 -27.73
N LEU C 321 -3.48 36.62 -27.38
CA LEU C 321 -3.84 36.71 -25.97
C LEU C 321 -3.60 35.39 -25.25
N ASP C 322 -3.67 34.27 -25.97
CA ASP C 322 -3.39 32.97 -25.35
C ASP C 322 -1.93 32.85 -24.96
N ASN C 323 -1.02 33.31 -25.83
CA ASN C 323 0.40 33.26 -25.50
C ASN C 323 0.72 34.20 -24.34
N VAL C 324 0.15 35.40 -24.35
CA VAL C 324 0.40 36.35 -23.26
C VAL C 324 -0.17 35.81 -21.95
N ASN C 325 -1.37 35.22 -22.00
CA ASN C 325 -1.98 34.66 -20.79
C ASN C 325 -1.15 33.50 -20.25
N GLU C 326 -0.64 32.64 -21.14
CA GLU C 326 0.16 31.51 -20.70
C GLU C 326 1.46 31.97 -20.03
N ASN C 327 2.11 32.98 -20.61
CA ASN C 327 3.36 33.47 -20.02
C ASN C 327 3.09 34.27 -18.75
N VAL C 328 2.00 35.03 -18.72
CA VAL C 328 1.66 35.80 -17.52
C VAL C 328 1.41 34.87 -16.35
N ASN C 329 0.73 33.75 -16.59
CA ASN C 329 0.52 32.77 -15.53
C ASN C 329 1.84 32.21 -15.02
N ALA C 330 2.78 31.95 -15.93
CA ALA C 330 4.09 31.45 -15.52
C ALA C 330 4.83 32.49 -14.67
N SER C 331 4.79 33.75 -15.09
CA SER C 331 5.45 34.81 -14.32
C SER C 331 4.82 34.97 -12.94
N ARG C 332 3.48 34.93 -12.88
CA ARG C 332 2.80 35.04 -11.60
C ARG C 332 3.14 33.87 -10.69
N SER C 333 3.27 32.67 -11.26
CA SER C 333 3.61 31.50 -10.47
C SER C 333 5.01 31.63 -9.86
N ARG C 334 5.95 32.18 -10.63
CA ARG C 334 7.31 32.35 -10.12
C ARG C 334 7.35 33.33 -8.95
N ILE C 335 6.50 34.36 -8.99
CA ILE C 335 6.53 35.38 -7.96
C ILE C 335 5.62 35.03 -6.77
N ARG C 336 4.50 34.36 -7.02
CA ARG C 336 3.47 34.14 -6.01
C ARG C 336 3.28 32.67 -5.64
N ASP C 337 3.22 31.77 -6.61
CA ASP C 337 2.99 30.37 -6.30
C ASP C 337 4.11 29.80 -5.44
N THR C 338 3.75 28.97 -4.46
CA THR C 338 4.71 28.40 -3.54
C THR C 338 5.52 27.30 -4.20
N ASP C 339 6.72 27.07 -3.68
CA ASP C 339 7.58 25.97 -4.10
C ASP C 339 7.48 24.90 -3.02
N TYR C 340 6.89 23.75 -3.37
CA TYR C 340 6.62 22.73 -2.37
C TYR C 340 7.90 22.08 -1.87
N ALA C 341 8.90 21.92 -2.73
CA ALA C 341 10.16 21.33 -2.31
C ALA C 341 10.85 22.19 -1.26
N ARG C 342 10.84 23.52 -1.46
CA ARG C 342 11.49 24.41 -0.50
C ARG C 342 10.64 24.61 0.75
N GLU C 343 9.31 24.58 0.58
CA GLU C 343 8.44 24.84 1.73
C GLU C 343 8.39 23.65 2.67
N THR C 344 8.33 22.42 2.14
CA THR C 344 8.32 21.26 3.01
C THR C 344 9.64 21.13 3.78
N THR C 345 10.76 21.38 3.11
CA THR C 345 12.06 21.34 3.78
C THR C 345 12.15 22.40 4.87
N ALA C 346 11.69 23.62 4.57
CA ALA C 346 11.70 24.67 5.58
C ALA C 346 10.77 24.34 6.74
N MET C 347 9.60 23.76 6.44
CA MET C 347 8.66 23.39 7.50
C MET C 347 9.24 22.31 8.39
N THR C 348 9.79 21.25 7.79
CA THR C 348 10.35 20.15 8.58
C THR C 348 11.53 20.63 9.42
N LYS C 349 12.35 21.53 8.86
CA LYS C 349 13.44 22.12 9.65
C LYS C 349 12.89 22.90 10.84
N ALA C 350 11.75 23.56 10.66
CA ALA C 350 11.13 24.31 11.75
C ALA C 350 10.69 23.39 12.88
N GLN C 351 10.12 22.23 12.54
CA GLN C 351 9.71 21.27 13.58
C GLN C 351 10.92 20.77 14.36
N ILE C 352 12.01 20.46 13.67
CA ILE C 352 13.21 19.99 14.35
C ILE C 352 13.76 21.07 15.27
N LEU C 353 13.70 22.32 14.83
CA LEU C 353 14.18 23.42 15.67
C LEU C 353 13.37 23.53 16.96
N GLN C 354 12.05 23.41 16.87
CA GLN C 354 11.23 23.53 18.08
C GLN C 354 11.37 22.31 18.97
N GLN C 355 11.60 21.13 18.40
CA GLN C 355 11.82 19.95 19.23
C GLN C 355 13.14 20.06 19.99
N ALA C 356 14.17 20.63 19.36
CA ALA C 356 15.39 20.93 20.08
C ALA C 356 15.16 21.99 21.15
N SER C 357 14.40 23.04 20.81
CA SER C 357 14.13 24.09 21.79
C SER C 357 13.32 23.57 22.96
N THR C 358 12.33 22.73 22.70
CA THR C 358 11.53 22.15 23.78
C THR C 358 12.37 21.23 24.66
N SER C 359 13.25 20.43 24.03
CA SER C 359 14.11 19.54 24.81
C SER C 359 15.08 20.33 25.68
N VAL C 360 15.68 21.39 25.13
CA VAL C 360 16.57 22.23 25.92
C VAL C 360 15.78 22.96 27.01
N LEU C 361 14.55 23.38 26.71
CA LEU C 361 13.72 24.01 27.72
C LEU C 361 13.41 23.07 28.87
N ALA C 362 13.21 21.78 28.56
CA ALA C 362 12.97 20.79 29.59
C ALA C 362 14.18 20.66 30.51
N GLN C 363 15.39 20.68 29.95
CA GLN C 363 16.61 20.61 30.73
C GLN C 363 17.06 21.95 31.27
N ALA C 364 16.35 23.03 30.96
CA ALA C 364 16.71 24.36 31.44
C ALA C 364 16.05 24.71 32.77
N LYS C 365 14.84 24.21 33.01
CA LYS C 365 14.14 24.47 34.27
C LYS C 365 14.59 23.56 35.39
N GLN C 366 15.44 22.58 35.11
CA GLN C 366 16.03 21.75 36.15
C GLN C 366 17.24 22.39 36.81
N SER C 367 17.76 23.49 36.26
CA SER C 367 18.86 24.20 36.90
C SER C 367 18.49 24.73 38.29
N PRO C 368 17.34 25.38 38.51
CA PRO C 368 16.99 25.76 39.89
C PRO C 368 16.86 24.56 40.82
N SER C 369 16.51 23.39 40.30
CA SER C 369 16.46 22.20 41.15
C SER C 369 17.84 21.86 41.70
N ALA C 370 18.89 22.10 40.92
CA ALA C 370 20.25 21.91 41.41
C ALA C 370 20.57 22.88 42.53
N ALA C 371 20.00 24.09 42.47
CA ALA C 371 20.17 25.05 43.56
C ALA C 371 19.46 24.58 44.82
N LEU C 372 18.27 24.02 44.67
CA LEU C 372 17.54 23.50 45.83
C LEU C 372 18.28 22.34 46.48
N SER C 373 18.87 21.45 45.68
CA SER C 373 19.57 20.29 46.21
C SER C 373 20.86 20.67 46.92
N LEU C 374 21.35 21.90 46.72
CA LEU C 374 22.63 22.29 47.30
C LEU C 374 22.58 22.29 48.83
N LEU C 375 21.48 22.77 49.40
CA LEU C 375 21.36 22.84 50.85
C LEU C 375 20.07 22.17 51.32
N GLY C 376 19.03 22.23 50.51
CA GLY C 376 17.75 21.66 50.85
C GLY C 376 17.69 20.15 50.66
N MET D 1 -3.74 -26.81 15.07
CA MET D 1 -2.40 -27.01 14.56
C MET D 1 -1.37 -26.21 15.35
N ALA D 2 -0.18 -26.79 15.50
CA ALA D 2 0.90 -26.09 16.16
C ALA D 2 1.39 -24.93 15.32
N ILE D 3 1.82 -23.86 15.99
CA ILE D 3 2.39 -22.69 15.35
C ILE D 3 3.90 -22.84 15.35
N ASN D 4 4.50 -22.81 14.16
CA ASN D 4 5.92 -23.12 14.02
C ASN D 4 6.45 -22.46 12.76
N VAL D 5 7.77 -22.27 12.73
CA VAL D 5 8.43 -21.57 11.64
C VAL D 5 9.27 -22.49 10.75
N ASN D 6 9.81 -23.59 11.29
CA ASN D 6 10.67 -24.46 10.49
C ASN D 6 9.89 -25.33 9.53
N THR D 7 8.57 -25.42 9.65
CA THR D 7 7.78 -26.27 8.79
C THR D 7 6.61 -25.49 8.22
N ASN D 8 6.27 -25.79 6.96
CA ASN D 8 5.17 -25.14 6.25
C ASN D 8 4.37 -26.18 5.49
N VAL D 9 3.93 -27.24 6.20
CA VAL D 9 3.20 -28.33 5.58
C VAL D 9 2.04 -27.81 4.73
N SER D 10 1.43 -26.69 5.16
CA SER D 10 0.36 -26.10 4.36
C SER D 10 0.88 -25.62 3.01
N ALA D 11 2.03 -24.96 2.99
CA ALA D 11 2.63 -24.54 1.73
C ALA D 11 3.08 -25.73 0.89
N MET D 12 3.57 -26.79 1.53
CA MET D 12 3.95 -27.99 0.80
C MET D 12 2.75 -28.57 0.05
N THR D 13 1.58 -28.56 0.69
CA THR D 13 0.36 -28.96 -0.01
C THR D 13 0.06 -28.02 -1.17
N ALA D 14 0.24 -26.72 -0.97
CA ALA D 14 -0.07 -25.75 -2.01
C ALA D 14 0.81 -25.95 -3.24
N GLN D 15 2.11 -26.14 -3.05
CA GLN D 15 3.00 -26.33 -4.19
C GLN D 15 2.90 -27.73 -4.78
N ARG D 16 2.42 -28.70 -4.00
CA ARG D 16 2.18 -30.03 -4.56
C ARG D 16 1.07 -29.98 -5.60
N TYR D 17 0.00 -29.25 -5.29
CA TYR D 17 -1.07 -29.07 -6.28
C TYR D 17 -0.67 -28.06 -7.34
N LEU D 18 0.27 -27.16 -7.02
CA LEU D 18 0.79 -26.26 -8.04
C LEU D 18 1.56 -27.03 -9.11
N ASN D 19 2.34 -28.04 -8.69
CA ASN D 19 3.02 -28.88 -9.67
C ASN D 19 2.02 -29.69 -10.49
N GLY D 20 0.94 -30.15 -9.87
CA GLY D 20 -0.08 -30.87 -10.61
C GLY D 20 -0.77 -29.98 -11.64
N ALA D 21 -1.01 -28.72 -11.28
CA ALA D 21 -1.64 -27.80 -12.21
C ALA D 21 -0.66 -27.33 -13.28
N ALA D 22 0.60 -27.10 -12.90
CA ALA D 22 1.61 -26.68 -13.87
C ALA D 22 1.83 -27.77 -14.92
N ASP D 23 1.90 -29.03 -14.50
CA ASP D 23 1.95 -30.12 -15.47
C ASP D 23 0.63 -30.24 -16.22
N GLY D 24 -0.49 -29.95 -15.54
CA GLY D 24 -1.78 -30.07 -16.19
C GLY D 24 -1.92 -29.16 -17.42
N MET D 25 -1.41 -27.93 -17.31
CA MET D 25 -1.44 -27.04 -18.46
C MET D 25 -0.27 -27.30 -19.40
N GLN D 26 0.61 -28.24 -19.05
CA GLN D 26 1.80 -28.50 -19.87
C GLN D 26 1.47 -29.39 -21.05
N LYS D 27 0.82 -30.53 -20.82
CA LYS D 27 0.44 -31.35 -21.97
C LYS D 27 -0.70 -30.72 -22.75
N SER D 28 -1.51 -29.90 -22.10
CA SER D 28 -2.58 -29.20 -22.81
C SER D 28 -2.01 -28.26 -23.87
N MET D 29 -0.94 -27.53 -23.51
CA MET D 29 -0.28 -26.67 -24.50
C MET D 29 0.33 -27.50 -25.62
N GLU D 30 0.98 -28.61 -25.27
CA GLU D 30 1.59 -29.46 -26.30
C GLU D 30 0.54 -30.03 -27.24
N ARG D 31 -0.61 -30.42 -26.71
CA ARG D 31 -1.69 -30.93 -27.55
C ARG D 31 -2.22 -29.83 -28.46
N LEU D 32 -2.31 -28.60 -27.95
CA LEU D 32 -2.79 -27.49 -28.77
C LEU D 32 -1.82 -27.14 -29.88
N SER D 33 -0.52 -27.02 -29.55
CA SER D 33 0.47 -26.60 -30.53
C SER D 33 0.64 -27.63 -31.63
N SER D 34 0.86 -28.89 -31.26
CA SER D 34 1.07 -29.94 -32.27
C SER D 34 -0.22 -30.27 -33.01
N GLY D 35 -1.35 -30.26 -32.31
CA GLY D 35 -2.61 -30.68 -32.89
C GLY D 35 -2.92 -32.14 -32.74
N TYR D 36 -2.22 -32.86 -31.86
CA TYR D 36 -2.43 -34.28 -31.65
C TYR D 36 -2.67 -34.55 -30.17
N LYS D 37 -3.56 -35.52 -29.89
CA LYS D 37 -3.75 -35.98 -28.53
C LYS D 37 -2.58 -36.84 -28.07
N ILE D 38 -2.08 -37.71 -28.94
CA ILE D 38 -1.04 -38.66 -28.59
C ILE D 38 0.26 -38.14 -29.20
N ASN D 39 0.99 -37.35 -28.42
CA ASN D 39 2.34 -36.95 -28.76
C ASN D 39 3.39 -37.91 -28.22
N SER D 40 2.98 -38.85 -27.38
CA SER D 40 3.88 -39.81 -26.75
C SER D 40 3.08 -41.02 -26.31
N ALA D 41 3.79 -42.11 -26.06
CA ALA D 41 3.14 -43.33 -25.57
C ALA D 41 2.56 -43.16 -24.17
N ARG D 42 2.92 -42.09 -23.46
CA ARG D 42 2.33 -41.83 -22.16
C ARG D 42 0.82 -41.61 -22.26
N ASP D 43 0.38 -40.86 -23.27
CA ASP D 43 -1.01 -40.44 -23.35
C ASP D 43 -1.95 -41.64 -23.45
N ASP D 44 -1.67 -42.55 -24.38
CA ASP D 44 -2.45 -43.78 -24.49
C ASP D 44 -1.63 -44.76 -25.32
N ALA D 45 -1.32 -45.92 -24.74
CA ALA D 45 -0.42 -46.88 -25.40
C ALA D 45 -1.05 -47.48 -26.65
N ALA D 46 -2.18 -48.17 -26.51
CA ALA D 46 -2.77 -48.89 -27.63
C ALA D 46 -3.23 -47.93 -28.73
N GLY D 47 -3.80 -46.80 -28.34
CA GLY D 47 -4.21 -45.81 -29.34
C GLY D 47 -3.04 -45.28 -30.15
N LEU D 48 -1.87 -45.16 -29.52
CA LEU D 48 -0.67 -44.78 -30.26
C LEU D 48 -0.31 -45.85 -31.30
N GLN D 49 -0.41 -47.12 -30.91
CA GLN D 49 -0.11 -48.21 -31.84
C GLN D 49 -1.13 -48.28 -32.96
N ILE D 50 -2.42 -48.13 -32.62
CA ILE D 50 -3.47 -48.24 -33.63
C ILE D 50 -3.46 -47.02 -34.55
N SER D 51 -3.10 -45.84 -34.00
CA SER D 51 -3.00 -44.65 -34.85
C SER D 51 -1.79 -44.75 -35.76
N ASN D 52 -0.68 -45.31 -35.27
CA ASN D 52 0.50 -45.49 -36.10
C ASN D 52 0.22 -46.44 -37.26
N ARG D 53 -0.53 -47.51 -37.00
CA ARG D 53 -0.85 -48.45 -38.07
C ARG D 53 -1.84 -47.85 -39.05
N LEU D 54 -2.78 -47.03 -38.56
CA LEU D 54 -3.70 -46.34 -39.47
C LEU D 54 -2.97 -45.26 -40.27
N THR D 55 -1.97 -44.62 -39.66
CA THR D 55 -1.15 -43.67 -40.41
C THR D 55 -0.36 -44.37 -41.51
N SER D 56 0.24 -45.53 -41.19
CA SER D 56 0.96 -46.29 -42.20
C SER D 56 0.02 -46.77 -43.30
N GLN D 57 -1.18 -47.21 -42.91
CA GLN D 57 -2.18 -47.61 -43.91
C GLN D 57 -2.62 -46.43 -44.77
N SER D 58 -2.81 -45.26 -44.15
CA SER D 58 -3.22 -44.09 -44.91
C SER D 58 -2.15 -43.67 -45.90
N ARG D 59 -0.89 -43.70 -45.49
CA ARG D 59 0.21 -43.42 -46.42
C ARG D 59 0.26 -44.47 -47.51
N GLY D 60 0.05 -45.74 -47.15
CA GLY D 60 0.02 -46.80 -48.14
C GLY D 60 -1.12 -46.67 -49.13
N LEU D 61 -2.27 -46.18 -48.67
CA LEU D 61 -3.42 -46.03 -49.57
C LEU D 61 -3.23 -44.84 -50.51
N ASP D 62 -2.64 -43.76 -50.02
CA ASP D 62 -2.28 -42.65 -50.90
C ASP D 62 -1.27 -43.11 -51.94
N MET D 63 -0.30 -43.93 -51.51
CA MET D 63 0.62 -44.56 -52.44
C MET D 63 -0.12 -45.47 -53.41
N ALA D 64 -1.08 -46.26 -52.90
CA ALA D 64 -1.74 -47.26 -53.73
C ALA D 64 -2.49 -46.64 -54.88
N VAL D 65 -3.21 -45.53 -54.64
CA VAL D 65 -3.92 -44.87 -55.73
C VAL D 65 -2.94 -44.25 -56.72
N LYS D 66 -1.79 -43.78 -56.22
CA LYS D 66 -0.76 -43.25 -57.11
C LYS D 66 -0.20 -44.35 -58.02
N ASN D 67 0.04 -45.53 -57.46
CA ASN D 67 0.60 -46.62 -58.25
C ASN D 67 -0.43 -47.18 -59.22
N ALA D 68 -1.69 -47.31 -58.79
CA ALA D 68 -2.74 -47.77 -59.69
C ALA D 68 -2.98 -46.78 -60.81
N ASN D 69 -2.77 -45.49 -60.55
CA ASN D 69 -2.85 -44.49 -61.62
C ASN D 69 -1.76 -44.74 -62.66
N ASP D 70 -0.56 -45.13 -62.22
CA ASP D 70 0.51 -45.48 -63.15
C ASP D 70 0.12 -46.70 -63.98
N GLY D 71 -0.53 -47.68 -63.37
CA GLY D 71 -1.04 -48.82 -64.14
C GLY D 71 -2.07 -48.41 -65.17
N ILE D 72 -2.90 -47.41 -64.83
CA ILE D 72 -3.86 -46.89 -65.81
C ILE D 72 -3.13 -46.19 -66.94
N SER D 73 -2.09 -45.42 -66.61
CA SER D 73 -1.34 -44.69 -67.64
C SER D 73 -0.67 -45.63 -68.62
N ILE D 74 -0.05 -46.71 -68.12
CA ILE D 74 0.60 -47.66 -69.01
C ILE D 74 -0.44 -48.35 -69.89
N ALA D 75 -1.57 -48.74 -69.31
CA ALA D 75 -2.63 -49.37 -70.08
C ALA D 75 -3.18 -48.42 -71.14
N GLN D 76 -3.36 -47.14 -70.79
CA GLN D 76 -3.87 -46.17 -71.75
C GLN D 76 -2.89 -45.95 -72.89
N THR D 77 -1.60 -45.84 -72.58
CA THR D 77 -0.60 -45.63 -73.63
C THR D 77 -0.53 -46.82 -74.58
N ALA D 78 -0.62 -48.04 -74.04
CA ALA D 78 -0.62 -49.22 -74.88
C ALA D 78 -1.83 -49.25 -75.81
N GLU D 79 -3.00 -48.86 -75.30
CA GLU D 79 -4.20 -48.81 -76.13
C GLU D 79 -4.07 -47.76 -77.23
N GLY D 80 -3.42 -46.63 -76.93
CA GLY D 80 -3.24 -45.61 -77.96
C GLY D 80 -2.44 -46.11 -79.15
N ALA D 81 -1.35 -46.83 -78.89
CA ALA D 81 -0.60 -47.44 -79.97
C ALA D 81 -1.40 -48.55 -80.64
N MET D 82 -2.27 -49.22 -79.87
CA MET D 82 -3.11 -50.27 -80.43
C MET D 82 -4.17 -49.70 -81.36
N ASN D 83 -4.63 -48.47 -81.10
CA ASN D 83 -5.67 -47.86 -81.92
C ASN D 83 -5.20 -47.66 -83.35
N GLU D 84 -3.97 -47.17 -83.53
CA GLU D 84 -3.44 -47.01 -84.88
C GLU D 84 -3.10 -48.35 -85.50
N THR D 85 -2.79 -49.36 -84.67
CA THR D 85 -2.59 -50.71 -85.20
C THR D 85 -3.87 -51.24 -85.83
N THR D 86 -5.00 -50.99 -85.18
CA THR D 86 -6.29 -51.41 -85.74
C THR D 86 -6.59 -50.68 -87.04
N ASN D 87 -6.32 -49.37 -87.09
CA ASN D 87 -6.61 -48.60 -88.29
C ASN D 87 -5.71 -48.99 -89.44
N ILE D 88 -4.44 -49.29 -89.16
CA ILE D 88 -3.53 -49.76 -90.21
C ILE D 88 -3.99 -51.10 -90.76
N LEU D 89 -4.37 -52.02 -89.86
CA LEU D 89 -4.81 -53.34 -90.31
C LEU D 89 -6.07 -53.25 -91.17
N GLN D 90 -6.99 -52.37 -90.80
CA GLN D 90 -8.18 -52.16 -91.62
C GLN D 90 -7.81 -51.64 -93.00
N ARG D 91 -6.84 -50.72 -93.07
CA ARG D 91 -6.40 -50.21 -94.37
C ARG D 91 -5.81 -51.33 -95.23
N MET D 92 -4.95 -52.16 -94.63
CA MET D 92 -4.37 -53.28 -95.39
C MET D 92 -5.44 -54.27 -95.83
N ARG D 93 -6.53 -54.38 -95.08
CA ARG D 93 -7.65 -55.22 -95.51
C ARG D 93 -8.29 -54.67 -96.77
N ASP D 94 -8.48 -53.34 -96.82
CA ASP D 94 -9.09 -52.74 -98.00
C ASP D 94 -8.20 -52.87 -99.24
N LEU D 95 -6.89 -52.69 -99.06
CA LEU D 95 -5.96 -52.89 -100.18
C LEU D 95 -6.00 -54.34 -100.67
N ALA D 96 -6.09 -55.29 -99.74
CA ALA D 96 -6.13 -56.70 -100.12
C ALA D 96 -7.38 -57.03 -100.92
N LEU D 97 -8.54 -56.52 -100.48
CA LEU D 97 -9.78 -56.75 -101.21
C LEU D 97 -9.74 -56.11 -102.59
N GLN D 98 -9.13 -54.92 -102.68
CA GLN D 98 -8.98 -54.26 -103.98
C GLN D 98 -8.09 -55.07 -104.90
N SER D 99 -7.01 -55.63 -104.36
CA SER D 99 -6.06 -56.38 -105.19
C SER D 99 -6.65 -57.67 -105.74
N SER D 100 -7.61 -58.27 -105.02
CA SER D 100 -8.22 -59.50 -105.47
C SER D 100 -9.18 -59.30 -106.64
N ASN D 101 -9.56 -58.06 -106.94
CA ASN D 101 -10.47 -57.80 -108.04
C ASN D 101 -9.85 -58.21 -109.37
N GLY D 102 -10.68 -58.73 -110.26
CA GLY D 102 -10.22 -59.19 -111.56
C GLY D 102 -9.90 -58.11 -112.56
N SER D 103 -10.30 -56.87 -112.29
CA SER D 103 -9.98 -55.76 -113.18
C SER D 103 -8.57 -55.22 -112.97
N ASN D 104 -7.86 -55.68 -111.95
CA ASN D 104 -6.51 -55.22 -111.68
C ASN D 104 -5.51 -55.93 -112.58
N SER D 105 -4.43 -55.22 -112.91
CA SER D 105 -3.32 -55.77 -113.68
C SER D 105 -2.15 -56.05 -112.75
N SER D 106 -1.16 -56.78 -113.29
CA SER D 106 0.02 -57.09 -112.50
C SER D 106 0.75 -55.82 -112.07
N SER D 107 0.77 -54.80 -112.92
CA SER D 107 1.38 -53.53 -112.55
C SER D 107 0.64 -52.89 -111.38
N GLU D 108 -0.69 -52.91 -111.40
CA GLU D 108 -1.47 -52.33 -110.31
C GLU D 108 -1.29 -53.14 -109.03
N ARG D 109 -1.16 -54.47 -109.15
CA ARG D 109 -0.93 -55.30 -107.98
C ARG D 109 0.38 -54.94 -107.29
N ARG D 110 1.41 -54.61 -108.07
CA ARG D 110 2.67 -54.16 -107.48
C ARG D 110 2.49 -52.85 -106.75
N ALA D 111 1.70 -51.92 -107.31
CA ALA D 111 1.45 -50.66 -106.64
C ALA D 111 0.72 -50.86 -105.32
N ILE D 112 -0.25 -51.77 -105.29
CA ILE D 112 -0.92 -52.11 -104.04
C ILE D 112 0.07 -52.77 -103.07
N GLN D 113 0.95 -53.61 -103.60
CA GLN D 113 1.91 -54.30 -102.75
C GLN D 113 2.86 -53.31 -102.07
N GLU D 114 3.28 -52.28 -102.79
CA GLU D 114 4.14 -51.26 -102.19
C GLU D 114 3.43 -50.53 -101.06
N GLU D 115 2.14 -50.25 -101.25
CA GLU D 115 1.35 -49.63 -100.18
C GLU D 115 1.23 -50.57 -98.98
N VAL D 116 0.98 -51.86 -99.23
CA VAL D 116 0.85 -52.83 -98.15
C VAL D 116 2.17 -53.01 -97.42
N SER D 117 3.27 -53.13 -98.16
CA SER D 117 4.58 -53.31 -97.55
C SER D 117 4.99 -52.10 -96.73
N ALA D 118 4.70 -50.89 -97.23
CA ALA D 118 5.00 -49.69 -96.47
C ALA D 118 4.20 -49.65 -95.18
N LEU D 119 2.94 -50.06 -95.23
CA LEU D 119 2.14 -50.15 -94.01
C LEU D 119 2.65 -51.26 -93.10
N ASN D 120 3.15 -52.34 -93.69
CA ASN D 120 3.64 -53.47 -92.90
C ASN D 120 4.83 -53.05 -92.04
N ASP D 121 5.75 -52.28 -92.60
CA ASP D 121 6.89 -51.80 -91.83
C ASP D 121 6.44 -50.80 -90.76
N GLU D 122 5.29 -50.14 -90.98
CA GLU D 122 4.76 -49.23 -89.98
C GLU D 122 4.23 -49.99 -88.77
N LEU D 123 3.67 -51.17 -89.00
CA LEU D 123 3.17 -51.99 -87.90
C LEU D 123 4.31 -52.40 -86.96
N ASN D 124 5.44 -52.83 -87.54
CA ASN D 124 6.60 -53.16 -86.72
C ASN D 124 7.16 -51.92 -86.03
N ARG D 125 7.20 -50.78 -86.75
CA ARG D 125 7.73 -49.56 -86.16
C ARG D 125 6.90 -49.12 -84.96
N ILE D 126 5.58 -49.24 -85.04
CA ILE D 126 4.73 -48.88 -83.91
C ILE D 126 4.99 -49.80 -82.73
N ALA D 127 5.14 -51.10 -83.00
CA ALA D 127 5.38 -52.05 -81.92
C ALA D 127 6.71 -51.79 -81.21
N GLU D 128 7.77 -51.53 -81.97
CA GLU D 128 9.09 -51.37 -81.37
C GLU D 128 9.25 -50.03 -80.65
N THR D 129 8.80 -48.93 -81.26
CA THR D 129 9.13 -47.62 -80.75
C THR D 129 8.20 -47.15 -79.62
N THR D 130 6.99 -47.69 -79.53
CA THR D 130 6.07 -47.27 -78.47
C THR D 130 6.65 -47.61 -77.11
N SER D 131 6.65 -46.63 -76.20
CA SER D 131 7.22 -46.82 -74.88
C SER D 131 6.58 -45.83 -73.92
N PHE D 132 6.70 -46.14 -72.63
CA PHE D 132 6.23 -45.29 -71.55
C PHE D 132 7.45 -44.86 -70.74
N GLY D 133 7.97 -43.67 -71.06
CA GLY D 133 9.16 -43.18 -70.41
C GLY D 133 10.41 -43.97 -70.72
N GLY D 134 10.47 -44.62 -71.89
CA GLY D 134 11.59 -45.44 -72.27
C GLY D 134 11.36 -46.93 -72.11
N ASN D 135 10.32 -47.34 -71.40
CA ASN D 135 9.98 -48.75 -71.22
C ASN D 135 9.10 -49.20 -72.37
N LYS D 136 9.64 -50.02 -73.26
CA LYS D 136 8.89 -50.48 -74.41
C LYS D 136 7.69 -51.33 -73.96
N LEU D 137 6.59 -51.23 -74.70
CA LEU D 137 5.33 -51.85 -74.29
C LEU D 137 4.87 -52.95 -75.24
N LEU D 138 4.72 -52.65 -76.53
CA LEU D 138 4.04 -53.55 -77.46
C LEU D 138 4.97 -54.45 -78.25
N ASN D 139 6.28 -54.42 -77.98
CA ASN D 139 7.21 -55.25 -78.73
C ASN D 139 7.36 -56.65 -78.15
N GLY D 140 6.67 -56.95 -77.05
CA GLY D 140 6.78 -58.24 -76.40
C GLY D 140 7.73 -58.28 -75.21
N SER D 141 8.57 -57.27 -75.04
CA SER D 141 9.49 -57.24 -73.91
C SER D 141 8.81 -56.89 -72.60
N PHE D 142 7.54 -56.46 -72.64
CA PHE D 142 6.83 -56.15 -71.40
C PHE D 142 6.62 -57.39 -70.54
N GLY D 143 6.27 -58.51 -71.17
CA GLY D 143 6.04 -59.73 -70.42
C GLY D 143 4.84 -59.60 -69.51
N SER D 144 5.05 -59.85 -68.22
CA SER D 144 4.01 -59.74 -67.21
C SER D 144 4.58 -59.02 -66.00
N LYS D 145 3.94 -57.90 -65.62
CA LYS D 145 4.38 -57.09 -64.50
C LYS D 145 3.23 -56.91 -63.53
N SER D 146 3.55 -56.86 -62.24
CA SER D 146 2.56 -56.76 -61.18
C SER D 146 2.48 -55.33 -60.66
N PHE D 147 1.30 -54.75 -60.72
CA PHE D 147 1.06 -53.40 -60.24
C PHE D 147 0.56 -53.45 -58.80
N GLN D 148 1.39 -52.99 -57.86
CA GLN D 148 1.06 -53.04 -56.44
C GLN D 148 0.08 -51.92 -56.11
N ILE D 149 -1.12 -52.30 -55.66
CA ILE D 149 -2.20 -51.32 -55.44
C ILE D 149 -2.77 -51.48 -54.05
N GLY D 150 -1.97 -51.98 -53.11
CA GLY D 150 -2.46 -52.26 -51.78
C GLY D 150 -1.63 -51.56 -50.72
N ALA D 151 -2.26 -51.40 -49.55
CA ALA D 151 -1.58 -50.79 -48.42
C ALA D 151 -0.61 -51.73 -47.73
N ASP D 152 -0.59 -53.01 -48.11
CA ASP D 152 0.31 -53.99 -47.52
C ASP D 152 0.93 -54.83 -48.64
N SER D 153 1.91 -55.64 -48.26
CA SER D 153 2.69 -56.41 -49.23
C SER D 153 1.85 -57.47 -49.91
N GLY D 154 2.22 -57.81 -51.14
CA GLY D 154 1.65 -58.93 -51.88
C GLY D 154 0.19 -58.82 -52.24
N GLU D 155 -0.24 -57.65 -52.73
CA GLU D 155 -1.61 -57.44 -53.18
C GLU D 155 -1.62 -56.71 -54.53
N ALA D 156 -0.83 -57.21 -55.47
CA ALA D 156 -0.67 -56.59 -56.79
C ALA D 156 -1.51 -57.32 -57.83
N VAL D 157 -1.54 -56.74 -59.03
CA VAL D 157 -2.32 -57.26 -60.15
C VAL D 157 -1.41 -57.41 -61.36
N MET D 158 -1.45 -58.56 -62.01
CA MET D 158 -0.53 -58.89 -63.09
C MET D 158 -1.11 -58.49 -64.44
N LEU D 159 -0.29 -57.82 -65.25
CA LEU D 159 -0.67 -57.39 -66.60
C LEU D 159 0.25 -58.06 -67.61
N SER D 160 -0.35 -58.63 -68.66
CA SER D 160 0.40 -59.22 -69.76
C SER D 160 0.04 -58.48 -71.04
N MET D 161 1.04 -58.26 -71.89
CA MET D 161 0.86 -57.62 -73.18
C MET D 161 1.59 -58.43 -74.24
N GLY D 162 0.83 -59.03 -75.15
CA GLY D 162 1.43 -59.73 -76.26
C GLY D 162 2.12 -58.78 -77.24
N SER D 163 3.05 -59.33 -77.99
CA SER D 163 3.79 -58.54 -78.97
C SER D 163 2.91 -58.31 -80.19
N MET D 164 2.76 -57.05 -80.58
CA MET D 164 1.96 -56.68 -81.73
C MET D 164 2.79 -56.45 -82.99
N ARG D 165 4.01 -57.00 -83.02
CA ARG D 165 4.76 -57.05 -84.26
C ARG D 165 3.98 -57.86 -85.30
N SER D 166 4.08 -57.44 -86.55
CA SER D 166 3.27 -58.09 -87.59
C SER D 166 3.72 -59.51 -87.91
N ASP D 167 4.74 -60.04 -87.23
CA ASP D 167 5.19 -61.41 -87.43
C ASP D 167 4.76 -62.34 -86.29
N THR D 168 3.92 -61.86 -85.37
CA THR D 168 3.50 -62.68 -84.24
C THR D 168 2.61 -63.81 -84.71
N GLN D 169 2.78 -64.98 -84.08
CA GLN D 169 1.97 -66.14 -84.45
C GLN D 169 0.49 -65.88 -84.20
N ALA D 170 0.15 -65.22 -83.09
CA ALA D 170 -1.23 -64.86 -82.81
C ALA D 170 -1.79 -63.85 -83.80
N MET D 171 -0.94 -63.21 -84.60
CA MET D 171 -1.35 -62.25 -85.62
C MET D 171 -1.38 -62.86 -87.02
N GLY D 172 -1.61 -64.17 -87.12
CA GLY D 172 -1.59 -64.85 -88.40
C GLY D 172 -2.46 -66.09 -88.37
N GLY D 173 -1.96 -67.16 -88.96
CA GLY D 173 -2.71 -68.39 -89.04
C GLY D 173 -2.00 -69.41 -89.90
N LYS D 174 -2.76 -70.37 -90.43
CA LYS D 174 -2.24 -71.42 -91.27
C LYS D 174 -2.87 -71.37 -92.66
N SER D 175 -2.21 -72.00 -93.62
CA SER D 175 -2.64 -71.99 -95.01
C SER D 175 -2.62 -73.41 -95.56
N TYR D 176 -3.67 -73.76 -96.30
CA TYR D 176 -3.79 -75.08 -96.91
C TYR D 176 -4.29 -74.89 -98.34
N ARG D 177 -3.41 -75.14 -99.32
CA ARG D 177 -3.72 -74.88 -100.71
C ARG D 177 -3.80 -76.20 -101.48
N ALA D 178 -4.82 -76.31 -102.33
CA ALA D 178 -5.11 -77.54 -103.03
C ALA D 178 -4.02 -77.87 -104.05
N GLN D 179 -3.85 -79.17 -104.31
CA GLN D 179 -2.88 -79.65 -105.28
C GLN D 179 -3.45 -79.83 -106.68
N GLU D 180 -4.76 -79.69 -106.85
CA GLU D 180 -5.40 -79.86 -108.16
C GLU D 180 -6.26 -78.63 -108.47
N GLY D 181 -6.08 -78.08 -109.67
CA GLY D 181 -6.84 -76.93 -110.08
C GLY D 181 -8.12 -77.29 -110.81
N LYS D 182 -9.11 -76.41 -110.71
CA LYS D 182 -10.41 -76.59 -111.32
C LYS D 182 -10.71 -75.41 -112.23
N ALA D 183 -11.14 -75.70 -113.46
CA ALA D 183 -11.43 -74.67 -114.44
C ALA D 183 -12.80 -74.04 -114.15
N ALA D 184 -13.22 -73.15 -115.05
CA ALA D 184 -14.50 -72.47 -114.88
C ALA D 184 -15.69 -73.38 -115.16
N ASP D 185 -15.47 -74.54 -115.77
CA ASP D 185 -16.56 -75.47 -116.08
C ASP D 185 -16.66 -76.61 -115.08
N TRP D 186 -15.74 -76.70 -114.12
CA TRP D 186 -15.78 -77.79 -113.15
C TRP D 186 -16.91 -77.58 -112.15
N ARG D 187 -17.67 -78.64 -111.88
CA ARG D 187 -18.75 -78.61 -110.92
C ARG D 187 -18.65 -79.85 -110.02
N VAL D 188 -19.22 -79.73 -108.83
CA VAL D 188 -19.18 -80.82 -107.87
C VAL D 188 -20.03 -81.98 -108.38
N GLY D 189 -19.45 -83.19 -108.35
CA GLY D 189 -20.15 -84.37 -108.82
C GLY D 189 -20.94 -85.07 -107.74
N ALA D 190 -20.93 -86.41 -107.76
CA ALA D 190 -21.66 -87.18 -106.76
C ALA D 190 -20.92 -87.30 -105.43
N ALA D 191 -19.66 -86.88 -105.37
CA ALA D 191 -18.87 -86.91 -104.15
C ALA D 191 -18.74 -85.46 -103.64
N THR D 192 -19.62 -85.09 -102.72
CA THR D 192 -19.66 -83.72 -102.21
C THR D 192 -19.32 -83.61 -100.73
N ASP D 193 -19.33 -84.71 -99.99
CA ASP D 193 -19.07 -84.65 -98.56
C ASP D 193 -17.65 -84.20 -98.28
N LEU D 194 -17.50 -83.37 -97.25
CA LEU D 194 -16.23 -82.74 -96.91
C LEU D 194 -16.13 -82.64 -95.39
N THR D 195 -14.93 -82.84 -94.85
CA THR D 195 -14.75 -82.96 -93.41
C THR D 195 -13.49 -82.23 -92.97
N LEU D 196 -13.64 -81.36 -91.96
CA LEU D 196 -12.54 -80.68 -91.31
C LEU D 196 -12.49 -81.10 -89.85
N SER D 197 -11.52 -81.93 -89.50
CA SER D 197 -11.28 -82.35 -88.12
C SER D 197 -10.03 -81.64 -87.62
N TYR D 198 -10.18 -80.85 -86.57
CA TYR D 198 -9.08 -80.06 -86.02
C TYR D 198 -9.33 -79.89 -84.53
N THR D 199 -8.60 -78.96 -83.91
CA THR D 199 -8.73 -78.68 -82.49
C THR D 199 -8.99 -77.20 -82.29
N ASN D 200 -10.06 -76.89 -81.55
CA ASN D 200 -10.33 -75.52 -81.12
C ASN D 200 -9.27 -75.13 -80.09
N LYS D 201 -8.89 -73.84 -80.11
CA LYS D 201 -7.81 -73.38 -79.24
C LYS D 201 -8.12 -73.58 -77.75
N GLN D 202 -9.38 -73.80 -77.40
CA GLN D 202 -9.72 -74.12 -76.01
C GLN D 202 -9.21 -75.48 -75.58
N GLY D 203 -8.74 -76.31 -76.50
CA GLY D 203 -8.21 -77.61 -76.18
C GLY D 203 -9.13 -78.79 -76.45
N GLU D 204 -10.18 -78.60 -77.24
CA GLU D 204 -11.14 -79.66 -77.53
C GLU D 204 -11.21 -79.91 -79.03
N ALA D 205 -11.25 -81.18 -79.41
CA ALA D 205 -11.37 -81.55 -80.82
C ALA D 205 -12.75 -81.17 -81.35
N ARG D 206 -12.77 -80.67 -82.58
CA ARG D 206 -13.99 -80.27 -83.26
C ARG D 206 -14.08 -80.96 -84.61
N GLU D 207 -15.27 -81.48 -84.93
CA GLU D 207 -15.54 -82.12 -86.20
C GLU D 207 -16.55 -81.29 -86.97
N VAL D 208 -16.19 -80.89 -88.18
CA VAL D 208 -17.05 -80.07 -89.04
C VAL D 208 -17.28 -80.82 -90.35
N THR D 209 -18.53 -81.02 -90.70
CA THR D 209 -18.91 -81.69 -91.94
C THR D 209 -19.63 -80.69 -92.83
N ILE D 210 -19.10 -80.46 -94.02
CA ILE D 210 -19.68 -79.53 -94.99
C ILE D 210 -20.13 -80.35 -96.20
N ASN D 211 -21.42 -80.31 -96.49
CA ASN D 211 -22.01 -81.03 -97.61
C ASN D 211 -22.32 -80.00 -98.70
N ALA D 212 -21.36 -79.78 -99.59
CA ALA D 212 -21.54 -78.83 -100.68
C ALA D 212 -22.62 -79.33 -101.64
N LYS D 213 -23.27 -78.39 -102.30
CA LYS D 213 -24.34 -78.71 -103.24
C LYS D 213 -23.76 -78.99 -104.62
N GLN D 214 -24.49 -79.79 -105.40
CA GLN D 214 -24.05 -80.15 -106.73
C GLN D 214 -24.19 -78.97 -107.69
N GLY D 215 -23.31 -78.93 -108.68
CA GLY D 215 -23.35 -77.88 -109.68
C GLY D 215 -22.66 -76.59 -109.28
N ASP D 216 -21.95 -76.58 -108.15
CA ASP D 216 -21.26 -75.39 -107.68
C ASP D 216 -19.80 -75.42 -108.13
N ASP D 217 -19.33 -74.32 -108.71
CA ASP D 217 -17.93 -74.21 -109.10
C ASP D 217 -17.09 -73.94 -107.86
N LEU D 218 -15.79 -73.71 -108.05
CA LEU D 218 -14.90 -73.55 -106.90
C LEU D 218 -15.12 -72.22 -106.19
N GLU D 219 -15.47 -71.16 -106.92
CA GLU D 219 -15.76 -69.89 -106.28
C GLU D 219 -17.00 -69.98 -105.39
N GLU D 220 -18.04 -70.66 -105.87
CA GLU D 220 -19.24 -70.86 -105.05
C GLU D 220 -18.97 -71.83 -103.91
N LEU D 221 -18.11 -72.84 -104.14
CA LEU D 221 -17.73 -73.73 -103.06
C LEU D 221 -16.95 -72.98 -101.98
N ALA D 222 -16.14 -72.00 -102.39
CA ALA D 222 -15.41 -71.19 -101.43
C ALA D 222 -16.34 -70.35 -100.57
N THR D 223 -17.40 -69.80 -101.18
CA THR D 223 -18.34 -68.99 -100.41
C THR D 223 -19.30 -69.84 -99.59
N TYR D 224 -19.44 -71.12 -99.95
CA TYR D 224 -20.24 -72.03 -99.12
C TYR D 224 -19.50 -72.43 -97.86
N ILE D 225 -18.19 -72.68 -97.98
CA ILE D 225 -17.39 -73.03 -96.80
C ILE D 225 -17.36 -71.87 -95.82
N ASN D 226 -17.29 -70.64 -96.33
CA ASN D 226 -17.34 -69.47 -95.46
C ASN D 226 -18.69 -69.35 -94.75
N GLY D 227 -19.78 -69.61 -95.47
CA GLY D 227 -21.10 -69.42 -94.89
C GLY D 227 -21.48 -70.52 -93.90
N GLN D 228 -21.04 -71.75 -94.16
CA GLN D 228 -21.45 -72.86 -93.31
C GLN D 228 -20.76 -72.80 -91.95
N THR D 229 -19.46 -72.54 -91.92
CA THR D 229 -18.70 -72.50 -90.69
C THR D 229 -17.84 -71.23 -90.66
N GLU D 230 -17.64 -70.71 -89.45
CA GLU D 230 -16.87 -69.48 -89.25
C GLU D 230 -15.46 -69.73 -88.77
N ASP D 231 -15.11 -70.96 -88.41
CA ASP D 231 -13.74 -71.24 -87.96
C ASP D 231 -12.77 -71.25 -89.12
N VAL D 232 -13.22 -71.65 -90.31
CA VAL D 232 -12.37 -71.76 -91.49
C VAL D 232 -12.83 -70.75 -92.53
N LYS D 233 -11.89 -70.29 -93.35
CA LYS D 233 -12.15 -69.37 -94.45
C LYS D 233 -11.56 -69.96 -95.73
N ALA D 234 -12.23 -69.73 -96.85
CA ALA D 234 -11.85 -70.35 -98.11
C ALA D 234 -11.79 -69.30 -99.22
N SER D 235 -10.91 -69.55 -100.20
CA SER D 235 -10.75 -68.67 -101.34
C SER D 235 -10.21 -69.50 -102.51
N VAL D 236 -10.03 -68.82 -103.65
CA VAL D 236 -9.51 -69.43 -104.87
C VAL D 236 -8.48 -68.50 -105.49
N GLY D 237 -7.35 -69.06 -105.91
CA GLY D 237 -6.28 -68.30 -106.53
C GLY D 237 -6.42 -68.21 -108.04
N GLU D 238 -5.30 -67.89 -108.69
CA GLU D 238 -5.28 -67.82 -110.15
C GLU D 238 -5.56 -69.18 -110.77
N ASP D 239 -4.84 -70.21 -110.31
CA ASP D 239 -4.88 -71.51 -110.96
C ASP D 239 -6.17 -72.27 -110.67
N GLY D 240 -7.00 -71.79 -109.75
CA GLY D 240 -8.22 -72.48 -109.40
C GLY D 240 -8.01 -73.57 -108.37
N LYS D 241 -7.19 -73.33 -107.35
CA LYS D 241 -6.94 -74.27 -106.28
C LYS D 241 -7.47 -73.69 -104.98
N LEU D 242 -8.36 -74.42 -104.32
CA LEU D 242 -9.00 -73.91 -103.12
C LEU D 242 -7.99 -73.78 -101.98
N GLN D 243 -8.02 -72.64 -101.29
CA GLN D 243 -7.14 -72.36 -100.18
C GLN D 243 -7.95 -72.12 -98.93
N LEU D 244 -7.56 -72.77 -97.83
CA LEU D 244 -8.23 -72.64 -96.54
C LEU D 244 -7.29 -72.01 -95.53
N PHE D 245 -7.78 -71.00 -94.82
CA PHE D 245 -7.01 -70.31 -93.80
C PHE D 245 -7.62 -70.62 -92.43
N ALA D 246 -6.91 -71.44 -91.66
CA ALA D 246 -7.32 -71.78 -90.30
C ALA D 246 -6.60 -70.84 -89.35
N SER D 247 -7.36 -69.92 -88.75
CA SER D 247 -6.78 -68.86 -87.94
C SER D 247 -6.05 -69.43 -86.73
N SER D 248 -5.01 -68.72 -86.30
CA SER D 248 -4.09 -69.26 -85.29
C SER D 248 -4.73 -69.32 -83.91
N GLN D 249 -5.39 -68.25 -83.48
CA GLN D 249 -5.93 -68.20 -82.13
C GLN D 249 -7.27 -68.90 -82.00
N LYS D 250 -7.83 -69.42 -83.10
CA LYS D 250 -9.09 -70.13 -83.04
C LYS D 250 -8.98 -71.60 -83.43
N VAL D 251 -7.90 -72.02 -84.10
CA VAL D 251 -7.68 -73.42 -84.45
C VAL D 251 -6.20 -73.71 -84.19
N ASN D 252 -5.91 -74.43 -83.11
CA ASN D 252 -4.56 -74.87 -82.80
C ASN D 252 -4.35 -76.30 -83.26
N GLY D 253 -3.16 -76.56 -83.79
CA GLY D 253 -2.84 -77.87 -84.34
C GLY D 253 -3.18 -77.97 -85.81
N ASP D 254 -2.73 -79.08 -86.42
CA ASP D 254 -2.94 -79.30 -87.83
C ASP D 254 -4.42 -79.55 -88.12
N VAL D 255 -4.82 -79.22 -89.35
CA VAL D 255 -6.19 -79.44 -89.81
C VAL D 255 -6.19 -80.68 -90.70
N THR D 256 -7.01 -81.66 -90.35
CA THR D 256 -7.12 -82.91 -91.10
C THR D 256 -8.34 -82.84 -91.99
N ILE D 257 -8.13 -82.94 -93.31
CA ILE D 257 -9.18 -82.80 -94.30
C ILE D 257 -9.44 -84.16 -94.93
N GLY D 258 -10.69 -84.61 -94.88
CA GLY D 258 -11.09 -85.87 -95.48
C GLY D 258 -12.43 -85.75 -96.18
N GLY D 259 -12.83 -86.83 -96.82
CA GLY D 259 -14.09 -86.90 -97.53
C GLY D 259 -13.88 -87.03 -99.02
N GLY D 260 -15.00 -87.32 -99.71
CA GLY D 260 -14.96 -87.45 -101.16
C GLY D 260 -14.57 -86.16 -101.84
N LEU D 261 -15.09 -85.02 -101.36
CA LEU D 261 -14.70 -83.74 -101.92
C LEU D 261 -13.22 -83.45 -101.66
N GLY D 262 -12.73 -83.82 -100.47
CA GLY D 262 -11.32 -83.63 -100.18
C GLY D 262 -10.41 -84.40 -101.11
N GLY D 263 -10.80 -85.64 -101.44
CA GLY D 263 -10.01 -86.42 -102.37
C GLY D 263 -10.01 -85.84 -103.78
N GLU D 264 -11.19 -85.42 -104.26
CA GLU D 264 -11.28 -84.87 -105.62
C GLU D 264 -10.55 -83.53 -105.72
N ILE D 265 -10.71 -82.67 -104.71
CA ILE D 265 -10.00 -81.39 -104.72
C ILE D 265 -8.50 -81.61 -104.52
N GLY D 266 -8.13 -82.50 -103.61
CA GLY D 266 -6.74 -82.71 -103.27
C GLY D 266 -6.24 -81.63 -102.33
N PHE D 267 -5.34 -81.98 -101.40
CA PHE D 267 -4.89 -81.01 -100.41
C PHE D 267 -3.42 -81.27 -100.11
N ASP D 268 -2.77 -80.25 -99.56
CA ASP D 268 -1.35 -80.28 -99.26
C ASP D 268 -1.11 -79.94 -97.80
N ALA D 269 0.16 -79.99 -97.39
CA ALA D 269 0.53 -79.70 -96.01
C ALA D 269 0.28 -78.23 -95.68
N GLY D 270 0.09 -77.96 -94.39
CA GLY D 270 -0.23 -76.63 -93.93
C GLY D 270 1.00 -75.80 -93.65
N ARG D 271 1.05 -74.60 -94.22
CA ARG D 271 2.15 -73.67 -94.00
C ARG D 271 1.70 -72.53 -93.06
N ASN D 272 2.70 -71.85 -92.50
CA ASN D 272 2.46 -70.76 -91.56
C ASN D 272 2.49 -69.43 -92.31
N VAL D 273 1.46 -68.62 -92.12
CA VAL D 273 1.37 -67.30 -92.74
C VAL D 273 1.06 -66.27 -91.66
N THR D 274 1.45 -65.02 -91.93
CA THR D 274 1.31 -63.96 -90.95
C THR D 274 1.22 -62.63 -91.72
N VAL D 275 0.90 -61.56 -91.00
CA VAL D 275 0.78 -60.25 -91.63
C VAL D 275 2.09 -59.82 -92.26
N ALA D 276 3.20 -60.04 -91.55
CA ALA D 276 4.51 -59.72 -92.11
C ALA D 276 4.87 -60.65 -93.27
N ASP D 277 4.19 -61.78 -93.40
CA ASP D 277 4.46 -62.75 -94.46
C ASP D 277 3.62 -62.48 -95.71
N VAL D 278 2.50 -61.78 -95.57
CA VAL D 278 1.51 -61.73 -96.64
C VAL D 278 2.02 -60.90 -97.81
N ASN D 279 1.62 -61.29 -99.01
CA ASN D 279 1.86 -60.54 -100.23
C ASN D 279 0.58 -60.47 -101.05
N VAL D 280 0.40 -59.37 -101.77
CA VAL D 280 -0.80 -59.15 -102.57
C VAL D 280 -0.49 -59.07 -104.06
N SER D 281 0.71 -59.47 -104.47
CA SER D 281 1.05 -59.44 -105.89
C SER D 281 0.22 -60.41 -106.72
N THR D 282 -0.48 -61.36 -106.10
CA THR D 282 -1.35 -62.29 -106.80
C THR D 282 -2.69 -62.35 -106.08
N VAL D 283 -3.73 -62.70 -106.85
CA VAL D 283 -5.08 -62.76 -106.27
C VAL D 283 -5.14 -63.83 -105.18
N ALA D 284 -4.33 -64.88 -105.33
CA ALA D 284 -4.24 -65.89 -104.28
C ALA D 284 -3.68 -65.29 -102.99
N GLY D 285 -2.67 -64.43 -103.11
CA GLY D 285 -2.13 -63.77 -101.93
C GLY D 285 -3.10 -62.79 -101.29
N SER D 286 -3.84 -62.03 -102.12
CA SER D 286 -4.73 -61.01 -101.60
C SER D 286 -6.01 -61.62 -101.03
N GLN D 287 -6.53 -62.70 -101.65
CA GLN D 287 -7.70 -63.37 -101.10
C GLN D 287 -7.40 -63.93 -99.71
N GLU D 288 -6.24 -64.56 -99.54
CA GLU D 288 -5.83 -65.02 -98.22
C GLU D 288 -5.38 -63.88 -97.32
N ALA D 289 -5.06 -62.72 -97.90
CA ALA D 289 -4.66 -61.57 -97.09
C ALA D 289 -5.79 -61.10 -96.20
N VAL D 290 -7.00 -61.01 -96.75
CA VAL D 290 -8.15 -60.57 -95.95
C VAL D 290 -8.39 -61.54 -94.81
N SER D 291 -8.19 -62.84 -95.05
CA SER D 291 -8.32 -63.83 -93.99
C SER D 291 -7.27 -63.63 -92.91
N ILE D 292 -6.03 -63.33 -93.30
CA ILE D 292 -4.95 -63.14 -92.34
C ILE D 292 -5.22 -61.91 -91.47
N LEU D 293 -5.59 -60.79 -92.10
CA LEU D 293 -5.88 -59.58 -91.34
C LEU D 293 -7.17 -59.68 -90.54
N ASP D 294 -8.05 -60.63 -90.87
CA ASP D 294 -9.20 -60.88 -90.00
C ASP D 294 -8.77 -61.56 -88.70
N GLY D 295 -7.84 -62.52 -88.80
CA GLY D 295 -7.28 -63.10 -87.60
C GLY D 295 -6.38 -62.14 -86.84
N ALA D 296 -5.74 -61.22 -87.57
CA ALA D 296 -4.93 -60.20 -86.92
C ALA D 296 -5.80 -59.18 -86.20
N LEU D 297 -6.90 -58.76 -86.84
CA LEU D 297 -7.80 -57.82 -86.20
C LEU D 297 -8.46 -58.42 -84.97
N LYS D 298 -8.70 -59.73 -85.00
CA LYS D 298 -9.23 -60.40 -83.80
C LYS D 298 -8.21 -60.39 -82.67
N ALA D 299 -6.93 -60.54 -83.00
CA ALA D 299 -5.89 -60.56 -81.97
C ALA D 299 -5.76 -59.20 -81.28
N VAL D 300 -5.72 -58.12 -82.07
CA VAL D 300 -5.59 -56.79 -81.49
C VAL D 300 -6.88 -56.41 -80.75
N ASP D 301 -8.03 -56.80 -81.30
CA ASP D 301 -9.30 -56.49 -80.64
C ASP D 301 -9.40 -57.20 -79.28
N SER D 302 -9.02 -58.47 -79.22
CA SER D 302 -9.08 -59.20 -77.97
C SER D 302 -8.11 -58.62 -76.94
N GLN D 303 -6.89 -58.26 -77.39
CA GLN D 303 -5.92 -57.67 -76.47
C GLN D 303 -6.36 -56.28 -76.03
N ARG D 304 -7.03 -55.54 -76.91
CA ARG D 304 -7.62 -54.27 -76.53
C ARG D 304 -8.70 -54.45 -75.47
N ALA D 305 -9.54 -55.48 -75.63
CA ALA D 305 -10.57 -55.76 -74.63
C ALA D 305 -9.95 -56.19 -73.32
N SER D 306 -8.83 -56.92 -73.37
CA SER D 306 -8.14 -57.31 -72.15
C SER D 306 -7.63 -56.09 -71.40
N LEU D 307 -7.08 -55.11 -72.12
CA LEU D 307 -6.63 -53.88 -71.48
C LEU D 307 -7.81 -53.04 -71.00
N GLY D 308 -8.96 -53.16 -71.68
CA GLY D 308 -10.14 -52.45 -71.23
C GLY D 308 -10.68 -52.99 -69.92
N ALA D 309 -10.69 -54.31 -69.76
CA ALA D 309 -11.09 -54.90 -68.48
C ALA D 309 -10.13 -54.48 -67.37
N PHE D 310 -8.83 -54.43 -67.67
CA PHE D 310 -7.86 -53.93 -66.72
C PHE D 310 -8.17 -52.49 -66.34
N GLN D 311 -8.45 -51.65 -67.34
CA GLN D 311 -8.68 -50.23 -67.09
C GLN D 311 -9.89 -49.99 -66.22
N ASN D 312 -11.00 -50.70 -66.50
CA ASN D 312 -12.20 -50.54 -65.69
C ASN D 312 -12.01 -51.09 -64.28
N ARG D 313 -11.33 -52.23 -64.15
CA ARG D 313 -11.11 -52.82 -62.84
C ARG D 313 -10.29 -51.89 -61.95
N PHE D 314 -9.25 -51.26 -62.52
CA PHE D 314 -8.42 -50.33 -61.78
C PHE D 314 -9.11 -49.00 -61.53
N GLY D 315 -10.06 -48.63 -62.37
CA GLY D 315 -10.91 -47.50 -62.05
C GLY D 315 -11.76 -47.75 -60.82
N HIS D 316 -12.27 -48.98 -60.67
CA HIS D 316 -12.97 -49.36 -59.45
C HIS D 316 -12.02 -49.39 -58.27
N ALA D 317 -10.79 -49.86 -58.49
CA ALA D 317 -9.81 -49.94 -57.40
C ALA D 317 -9.49 -48.56 -56.85
N ILE D 318 -9.38 -47.54 -57.71
CA ILE D 318 -9.16 -46.19 -57.24
C ILE D 318 -10.30 -45.74 -56.36
N SER D 319 -11.54 -46.04 -56.76
CA SER D 319 -12.70 -45.64 -55.98
C SER D 319 -12.72 -46.30 -54.61
N ASN D 320 -12.39 -47.59 -54.55
CA ASN D 320 -12.37 -48.29 -53.27
C ASN D 320 -11.26 -47.74 -52.37
N LEU D 321 -10.04 -47.68 -52.89
CA LEU D 321 -8.91 -47.22 -52.08
C LEU D 321 -9.13 -45.79 -51.60
N ASP D 322 -9.74 -44.94 -52.43
CA ASP D 322 -10.06 -43.59 -52.00
C ASP D 322 -11.09 -43.61 -50.88
N ASN D 323 -12.11 -44.46 -51.00
CA ASN D 323 -13.17 -44.51 -49.99
C ASN D 323 -12.62 -45.05 -48.67
N VAL D 324 -11.89 -46.17 -48.72
CA VAL D 324 -11.29 -46.72 -47.50
C VAL D 324 -10.31 -45.73 -46.89
N ASN D 325 -9.54 -45.04 -47.73
CA ASN D 325 -8.59 -44.05 -47.23
C ASN D 325 -9.31 -42.94 -46.45
N GLU D 326 -10.43 -42.46 -47.00
CA GLU D 326 -11.17 -41.39 -46.33
C GLU D 326 -11.69 -41.85 -44.98
N ASN D 327 -12.18 -43.09 -44.90
CA ASN D 327 -12.66 -43.61 -43.62
C ASN D 327 -11.52 -43.80 -42.63
N VAL D 328 -10.33 -44.16 -43.12
CA VAL D 328 -9.19 -44.34 -42.24
C VAL D 328 -8.72 -43.01 -41.67
N ASN D 329 -8.72 -41.95 -42.48
CA ASN D 329 -8.38 -40.62 -41.96
C ASN D 329 -9.36 -40.19 -40.88
N ALA D 330 -10.66 -40.42 -41.11
CA ALA D 330 -11.65 -40.06 -40.10
C ALA D 330 -11.48 -40.89 -38.83
N SER D 331 -11.20 -42.18 -38.98
CA SER D 331 -11.04 -43.05 -37.81
C SER D 331 -9.82 -42.65 -36.99
N ARG D 332 -8.69 -42.39 -37.65
CA ARG D 332 -7.50 -41.98 -36.92
C ARG D 332 -7.68 -40.60 -36.30
N SER D 333 -8.45 -39.72 -36.95
CA SER D 333 -8.73 -38.42 -36.38
C SER D 333 -9.50 -38.54 -35.06
N ARG D 334 -10.41 -39.50 -34.99
CA ARG D 334 -11.14 -39.72 -33.74
C ARG D 334 -10.23 -40.24 -32.63
N ILE D 335 -9.15 -40.94 -33.00
CA ILE D 335 -8.27 -41.55 -32.02
C ILE D 335 -7.11 -40.63 -31.65
N ARG D 336 -6.55 -39.93 -32.63
CA ARG D 336 -5.33 -39.15 -32.45
C ARG D 336 -5.56 -37.64 -32.51
N ASP D 337 -6.29 -37.15 -33.52
CA ASP D 337 -6.47 -35.71 -33.67
C ASP D 337 -7.14 -35.12 -32.44
N THR D 338 -6.58 -34.01 -31.97
CA THR D 338 -7.03 -33.40 -30.72
C THR D 338 -8.42 -32.80 -30.87
N ASP D 339 -9.18 -32.85 -29.78
CA ASP D 339 -10.48 -32.19 -29.70
C ASP D 339 -10.23 -30.79 -29.16
N TYR D 340 -10.25 -29.79 -30.05
CA TYR D 340 -9.86 -28.44 -29.66
C TYR D 340 -10.85 -27.84 -28.67
N ALA D 341 -12.12 -28.25 -28.73
CA ALA D 341 -13.10 -27.77 -27.76
C ALA D 341 -12.75 -28.22 -26.35
N ARG D 342 -12.39 -29.51 -26.20
CA ARG D 342 -12.08 -30.02 -24.87
C ARG D 342 -10.72 -29.56 -24.40
N GLU D 343 -9.72 -29.55 -25.28
CA GLU D 343 -8.37 -29.20 -24.88
C GLU D 343 -8.27 -27.74 -24.43
N THR D 344 -8.94 -26.83 -25.15
CA THR D 344 -8.91 -25.42 -24.75
C THR D 344 -9.59 -25.23 -23.40
N THR D 345 -10.72 -25.90 -23.17
CA THR D 345 -11.41 -25.79 -21.89
C THR D 345 -10.54 -26.30 -20.75
N ALA D 346 -9.89 -27.45 -20.96
CA ALA D 346 -9.00 -27.99 -19.92
C ALA D 346 -7.77 -27.11 -19.74
N MET D 347 -7.30 -26.48 -20.82
CA MET D 347 -6.16 -25.58 -20.72
C MET D 347 -6.48 -24.38 -19.83
N THR D 348 -7.66 -23.79 -20.02
CA THR D 348 -8.06 -22.67 -19.16
C THR D 348 -8.28 -23.14 -17.73
N LYS D 349 -8.87 -24.33 -17.55
CA LYS D 349 -9.09 -24.86 -16.22
C LYS D 349 -7.78 -25.08 -15.47
N ALA D 350 -6.76 -25.57 -16.16
CA ALA D 350 -5.45 -25.72 -15.54
C ALA D 350 -4.81 -24.37 -15.27
N GLN D 351 -5.09 -23.38 -16.11
CA GLN D 351 -4.52 -22.05 -15.92
C GLN D 351 -5.04 -21.40 -14.64
N ILE D 352 -6.37 -21.41 -14.44
CA ILE D 352 -6.94 -20.83 -13.23
C ILE D 352 -6.53 -21.66 -12.02
N LEU D 353 -6.42 -22.98 -12.18
CA LEU D 353 -6.00 -23.84 -11.07
C LEU D 353 -4.61 -23.46 -10.59
N GLN D 354 -3.69 -23.18 -11.51
CA GLN D 354 -2.37 -22.72 -11.10
C GLN D 354 -2.44 -21.37 -10.40
N GLN D 355 -3.29 -20.47 -10.90
CA GLN D 355 -3.44 -19.16 -10.26
C GLN D 355 -3.98 -19.29 -8.85
N ALA D 356 -4.96 -20.17 -8.65
CA ALA D 356 -5.49 -20.40 -7.31
C ALA D 356 -4.44 -21.03 -6.40
N SER D 357 -3.67 -21.99 -6.94
CA SER D 357 -2.66 -22.66 -6.13
C SER D 357 -1.56 -21.70 -5.68
N THR D 358 -1.11 -20.82 -6.58
CA THR D 358 -0.05 -19.89 -6.20
C THR D 358 -0.57 -18.76 -5.33
N SER D 359 -1.84 -18.38 -5.48
CA SER D 359 -2.43 -17.40 -4.58
C SER D 359 -2.54 -17.95 -3.17
N VAL D 360 -2.95 -19.22 -3.04
CA VAL D 360 -2.96 -19.87 -1.73
C VAL D 360 -1.53 -20.07 -1.22
N LEU D 361 -0.59 -20.36 -2.13
CA LEU D 361 0.80 -20.51 -1.72
C LEU D 361 1.36 -19.22 -1.14
N ALA D 362 1.03 -18.09 -1.75
CA ALA D 362 1.47 -16.80 -1.21
C ALA D 362 0.89 -16.56 0.18
N GLN D 363 -0.37 -16.93 0.39
CA GLN D 363 -0.98 -16.79 1.71
C GLN D 363 -0.38 -17.79 2.69
N ALA D 364 -0.04 -18.99 2.23
CA ALA D 364 0.50 -20.02 3.09
C ALA D 364 1.94 -19.72 3.53
N LYS D 365 2.70 -18.98 2.73
CA LYS D 365 4.05 -18.62 3.12
C LYS D 365 4.09 -17.66 4.31
N GLN D 366 2.97 -17.02 4.63
CA GLN D 366 2.94 -16.03 5.71
C GLN D 366 2.51 -16.62 7.05
N SER D 367 2.25 -17.92 7.13
CA SER D 367 1.95 -18.52 8.43
C SER D 367 3.11 -18.39 9.42
N PRO D 368 4.37 -18.62 9.05
CA PRO D 368 5.45 -18.35 10.02
C PRO D 368 5.53 -16.89 10.44
N SER D 369 5.04 -15.96 9.61
CA SER D 369 5.03 -14.56 10.00
C SER D 369 4.13 -14.34 11.21
N ALA D 370 3.01 -15.06 11.28
CA ALA D 370 2.18 -15.01 12.47
C ALA D 370 2.92 -15.56 13.68
N ALA D 371 3.74 -16.60 13.47
CA ALA D 371 4.55 -17.13 14.56
C ALA D 371 5.54 -16.11 15.08
N LEU D 372 6.22 -15.39 14.17
CA LEU D 372 7.18 -14.38 14.58
C LEU D 372 6.49 -13.22 15.29
N SER D 373 5.36 -12.76 14.76
CA SER D 373 4.64 -11.63 15.32
C SER D 373 4.02 -11.94 16.68
N LEU D 374 3.98 -13.21 17.09
CA LEU D 374 3.39 -13.57 18.38
C LEU D 374 4.16 -12.94 19.52
N LEU D 375 5.46 -13.27 19.64
CA LEU D 375 6.33 -12.64 20.63
C LEU D 375 7.64 -12.14 20.08
N GLY D 376 8.17 -12.73 19.00
CA GLY D 376 9.44 -12.30 18.45
C GLY D 376 9.41 -10.90 17.88
N MET E 1 -11.19 3.49 64.37
CA MET E 1 -10.30 2.61 63.59
C MET E 1 -8.94 2.49 64.26
N ALA E 2 -8.79 1.48 65.10
CA ALA E 2 -7.49 1.21 65.71
C ALA E 2 -6.51 0.69 64.68
N ILE E 3 -5.27 1.17 64.75
CA ILE E 3 -4.24 0.70 63.83
C ILE E 3 -3.82 -0.71 64.23
N ASN E 4 -3.64 -1.58 63.23
CA ASN E 4 -3.44 -3.00 63.48
C ASN E 4 -2.37 -3.53 62.55
N VAL E 5 -1.89 -4.73 62.87
CA VAL E 5 -0.86 -5.42 62.08
C VAL E 5 -1.34 -6.79 61.62
N ASN E 6 -1.91 -7.58 62.52
CA ASN E 6 -2.34 -8.93 62.18
C ASN E 6 -3.50 -8.91 61.18
N THR E 7 -4.45 -7.98 61.35
CA THR E 7 -5.58 -7.85 60.46
C THR E 7 -5.37 -6.63 59.57
N ASN E 8 -5.57 -6.82 58.27
CA ASN E 8 -5.34 -5.80 57.26
C ASN E 8 -6.52 -5.77 56.29
N VAL E 9 -7.73 -5.63 56.86
CA VAL E 9 -8.97 -5.80 56.10
C VAL E 9 -9.04 -4.90 54.87
N SER E 10 -8.25 -3.83 54.83
CA SER E 10 -8.22 -2.99 53.64
C SER E 10 -7.57 -3.72 52.47
N ALA E 11 -6.60 -4.58 52.75
CA ALA E 11 -5.96 -5.37 51.71
C ALA E 11 -6.88 -6.49 51.23
N MET E 12 -7.59 -7.13 52.16
CA MET E 12 -8.54 -8.18 51.77
C MET E 12 -9.63 -7.62 50.87
N THR E 13 -10.12 -6.42 51.18
CA THR E 13 -11.06 -5.76 50.28
C THR E 13 -10.40 -5.47 48.94
N ALA E 14 -9.14 -5.01 48.95
CA ALA E 14 -8.46 -4.69 47.70
C ALA E 14 -8.28 -5.92 46.82
N GLN E 15 -7.90 -7.05 47.42
CA GLN E 15 -7.71 -8.26 46.62
C GLN E 15 -9.02 -8.93 46.28
N ARG E 16 -10.08 -8.70 47.06
CA ARG E 16 -11.38 -9.24 46.71
C ARG E 16 -11.90 -8.64 45.41
N TYR E 17 -11.76 -7.32 45.27
CA TYR E 17 -12.14 -6.68 44.01
C TYR E 17 -11.08 -6.91 42.94
N LEU E 18 -9.86 -7.29 43.34
CA LEU E 18 -8.88 -7.75 42.37
C LEU E 18 -9.28 -9.11 41.79
N ASN E 19 -9.84 -9.98 42.64
CA ASN E 19 -10.35 -11.26 42.16
C ASN E 19 -11.51 -11.05 41.19
N GLY E 20 -12.44 -10.14 41.52
CA GLY E 20 -13.51 -9.84 40.60
C GLY E 20 -13.03 -9.24 39.29
N ALA E 21 -12.05 -8.33 39.37
CA ALA E 21 -11.47 -7.76 38.16
C ALA E 21 -10.76 -8.82 37.33
N ALA E 22 -10.08 -9.75 37.99
CA ALA E 22 -9.42 -10.84 37.27
C ALA E 22 -10.43 -11.74 36.58
N ASP E 23 -11.58 -11.98 37.22
CA ASP E 23 -12.62 -12.80 36.61
C ASP E 23 -13.16 -12.17 35.34
N GLY E 24 -13.50 -10.89 35.39
CA GLY E 24 -14.00 -10.22 34.20
C GLY E 24 -13.04 -10.39 33.05
N MET E 25 -11.74 -10.31 33.32
CA MET E 25 -10.76 -10.49 32.26
C MET E 25 -10.70 -11.94 31.76
N GLN E 26 -10.90 -12.94 32.63
CA GLN E 26 -10.77 -14.32 32.16
C GLN E 26 -11.89 -14.70 31.19
N LYS E 27 -13.16 -14.41 31.54
CA LYS E 27 -14.25 -14.75 30.62
C LYS E 27 -14.28 -13.84 29.39
N SER E 28 -13.94 -12.56 29.54
CA SER E 28 -13.90 -11.69 28.38
C SER E 28 -12.85 -12.15 27.37
N MET E 29 -11.65 -12.50 27.85
CA MET E 29 -10.61 -12.92 26.93
C MET E 29 -10.88 -14.32 26.37
N GLU E 30 -11.64 -15.14 27.08
CA GLU E 30 -12.11 -16.39 26.50
C GLU E 30 -13.11 -16.14 25.39
N ARG E 31 -14.05 -15.20 25.61
CA ARG E 31 -15.03 -14.87 24.57
C ARG E 31 -14.37 -14.24 23.35
N LEU E 32 -13.24 -13.57 23.55
CA LEU E 32 -12.53 -12.96 22.43
C LEU E 32 -11.83 -14.01 21.56
N SER E 33 -11.17 -14.97 22.20
CA SER E 33 -10.44 -16.00 21.44
C SER E 33 -11.41 -16.89 20.68
N SER E 34 -12.42 -17.42 21.36
CA SER E 34 -13.36 -18.34 20.71
C SER E 34 -14.34 -17.61 19.81
N GLY E 35 -14.65 -16.36 20.12
CA GLY E 35 -15.66 -15.63 19.38
C GLY E 35 -17.08 -15.93 19.78
N TYR E 36 -17.30 -16.71 20.83
CA TYR E 36 -18.64 -17.09 21.27
C TYR E 36 -18.92 -16.44 22.62
N LYS E 37 -20.07 -15.78 22.73
CA LYS E 37 -20.50 -15.25 24.02
C LYS E 37 -20.82 -16.37 25.00
N ILE E 38 -21.38 -17.47 24.51
CA ILE E 38 -21.68 -18.61 25.37
C ILE E 38 -20.71 -19.75 25.07
N ASN E 39 -19.61 -19.79 25.81
CA ASN E 39 -18.67 -20.91 25.74
C ASN E 39 -18.96 -21.97 26.80
N SER E 40 -19.95 -21.75 27.65
CA SER E 40 -20.25 -22.67 28.74
C SER E 40 -21.69 -22.45 29.17
N ALA E 41 -22.25 -23.46 29.84
CA ALA E 41 -23.59 -23.31 30.40
C ALA E 41 -23.65 -22.24 31.48
N ARG E 42 -22.49 -21.82 32.00
CA ARG E 42 -22.45 -20.71 32.95
C ARG E 42 -22.99 -19.43 32.32
N ASP E 43 -22.51 -19.10 31.12
CA ASP E 43 -22.77 -17.79 30.52
C ASP E 43 -24.25 -17.59 30.24
N ASP E 44 -24.89 -18.58 29.63
CA ASP E 44 -26.34 -18.51 29.38
C ASP E 44 -26.85 -19.95 29.26
N ALA E 45 -27.47 -20.45 30.33
CA ALA E 45 -28.02 -21.80 30.29
C ALA E 45 -29.14 -21.91 29.26
N ALA E 46 -30.06 -20.94 29.25
CA ALA E 46 -31.12 -20.93 28.25
C ALA E 46 -30.55 -20.69 26.85
N GLY E 47 -29.61 -19.75 26.74
CA GLY E 47 -29.04 -19.46 25.44
C GLY E 47 -28.29 -20.64 24.85
N LEU E 48 -27.63 -21.43 25.70
CA LEU E 48 -26.86 -22.57 25.21
C LEU E 48 -27.77 -23.61 24.56
N GLN E 49 -28.92 -23.89 25.18
CA GLN E 49 -29.82 -24.90 24.62
C GLN E 49 -30.42 -24.44 23.30
N ILE E 50 -30.91 -23.20 23.26
CA ILE E 50 -31.55 -22.70 22.04
C ILE E 50 -30.52 -22.53 20.92
N SER E 51 -29.30 -22.11 21.27
CA SER E 51 -28.26 -21.98 20.25
C SER E 51 -27.83 -23.34 19.72
N ASN E 52 -27.71 -24.33 20.61
CA ASN E 52 -27.39 -25.69 20.16
C ASN E 52 -28.48 -26.26 19.28
N ARG E 53 -29.74 -25.99 19.63
CA ARG E 53 -30.86 -26.44 18.80
C ARG E 53 -30.83 -25.75 17.44
N LEU E 54 -30.49 -24.47 17.41
CA LEU E 54 -30.39 -23.75 16.14
C LEU E 54 -29.20 -24.24 15.33
N THR E 55 -28.09 -24.55 16.00
CA THR E 55 -26.92 -25.08 15.30
C THR E 55 -27.23 -26.43 14.66
N SER E 56 -27.93 -27.31 15.38
CA SER E 56 -28.31 -28.59 14.81
C SER E 56 -29.24 -28.42 13.63
N GLN E 57 -30.17 -27.46 13.71
CA GLN E 57 -31.03 -27.18 12.57
C GLN E 57 -30.24 -26.67 11.38
N SER E 58 -29.27 -25.77 11.62
CA SER E 58 -28.46 -25.25 10.54
C SER E 58 -27.63 -26.34 9.88
N ARG E 59 -27.06 -27.25 10.68
CA ARG E 59 -26.36 -28.40 10.12
C ARG E 59 -27.33 -29.31 9.36
N GLY E 60 -28.59 -29.34 9.77
CA GLY E 60 -29.56 -30.15 9.07
C GLY E 60 -30.09 -29.50 7.81
N LEU E 61 -29.81 -28.20 7.64
CA LEU E 61 -30.33 -27.50 6.47
C LEU E 61 -29.34 -27.53 5.31
N ASP E 62 -28.06 -27.25 5.58
CA ASP E 62 -27.06 -27.38 4.52
C ASP E 62 -26.82 -28.84 4.17
N MET E 63 -27.13 -29.76 5.08
CA MET E 63 -27.23 -31.17 4.72
C MET E 63 -28.41 -31.40 3.80
N ALA E 64 -29.56 -30.79 4.12
CA ALA E 64 -30.77 -31.00 3.33
C ALA E 64 -30.60 -30.53 1.89
N VAL E 65 -29.94 -29.39 1.69
CA VAL E 65 -29.72 -28.90 0.33
C VAL E 65 -28.79 -29.83 -0.44
N LYS E 66 -27.89 -30.52 0.26
CA LYS E 66 -27.07 -31.53 -0.39
C LYS E 66 -27.91 -32.72 -0.85
N ASN E 67 -28.86 -33.15 -0.02
CA ASN E 67 -29.73 -34.25 -0.40
C ASN E 67 -30.66 -33.84 -1.54
N ALA E 68 -31.20 -32.63 -1.49
CA ALA E 68 -32.07 -32.16 -2.56
C ALA E 68 -31.31 -32.03 -3.86
N ASN E 69 -30.06 -31.60 -3.80
CA ASN E 69 -29.22 -31.58 -5.01
C ASN E 69 -28.97 -32.99 -5.53
N ASP E 70 -28.80 -33.95 -4.62
CA ASP E 70 -28.64 -35.35 -5.03
C ASP E 70 -29.90 -35.87 -5.72
N GLY E 71 -31.08 -35.52 -5.18
CA GLY E 71 -32.31 -35.90 -5.84
C GLY E 71 -32.49 -35.22 -7.18
N ILE E 72 -31.98 -33.98 -7.31
CA ILE E 72 -32.07 -33.27 -8.58
C ILE E 72 -31.16 -33.92 -9.61
N SER E 73 -29.95 -34.29 -9.21
CA SER E 73 -29.02 -34.90 -10.15
C SER E 73 -29.52 -36.26 -10.63
N ILE E 74 -30.08 -37.07 -9.73
CA ILE E 74 -30.64 -38.36 -10.13
C ILE E 74 -31.79 -38.16 -11.11
N ALA E 75 -32.65 -37.18 -10.83
CA ALA E 75 -33.72 -36.85 -11.76
C ALA E 75 -33.16 -36.39 -13.10
N GLN E 76 -32.05 -35.64 -13.08
CA GLN E 76 -31.44 -35.17 -14.31
C GLN E 76 -30.91 -36.33 -15.15
N THR E 77 -30.17 -37.25 -14.52
CA THR E 77 -29.55 -38.34 -15.26
C THR E 77 -30.60 -39.25 -15.88
N ALA E 78 -31.66 -39.59 -15.12
CA ALA E 78 -32.73 -40.40 -15.67
C ALA E 78 -33.44 -39.68 -16.81
N GLU E 79 -33.66 -38.38 -16.66
CA GLU E 79 -34.31 -37.60 -17.71
C GLU E 79 -33.45 -37.53 -18.97
N GLY E 80 -32.13 -37.55 -18.82
CA GLY E 80 -31.26 -37.62 -19.98
C GLY E 80 -31.45 -38.90 -20.77
N ALA E 81 -31.58 -40.03 -20.05
CA ALA E 81 -31.89 -41.29 -20.71
C ALA E 81 -33.27 -41.26 -21.35
N MET E 82 -34.19 -40.50 -20.75
CA MET E 82 -35.52 -40.33 -21.35
C MET E 82 -35.44 -39.63 -22.69
N ASN E 83 -34.56 -38.63 -22.82
CA ASN E 83 -34.49 -37.84 -24.05
C ASN E 83 -34.10 -38.71 -25.24
N GLU E 84 -33.11 -39.59 -25.07
CA GLU E 84 -32.71 -40.46 -26.17
C GLU E 84 -33.77 -41.52 -26.43
N THR E 85 -34.51 -41.92 -25.39
CA THR E 85 -35.62 -42.84 -25.59
C THR E 85 -36.68 -42.23 -26.51
N THR E 86 -37.01 -40.96 -26.27
CA THR E 86 -37.97 -40.28 -27.13
C THR E 86 -37.46 -40.16 -28.56
N ASN E 87 -36.16 -39.85 -28.71
CA ASN E 87 -35.59 -39.71 -30.05
C ASN E 87 -35.61 -41.04 -30.79
N ILE E 88 -35.32 -42.14 -30.08
CA ILE E 88 -35.37 -43.46 -30.70
C ILE E 88 -36.80 -43.81 -31.09
N LEU E 89 -37.76 -43.54 -30.20
CA LEU E 89 -39.15 -43.88 -30.47
C LEU E 89 -39.69 -43.10 -31.67
N GLN E 90 -39.33 -41.83 -31.79
CA GLN E 90 -39.75 -41.05 -32.95
C GLN E 90 -39.12 -41.59 -34.24
N ARG E 91 -37.87 -42.04 -34.17
CA ARG E 91 -37.25 -42.65 -35.34
C ARG E 91 -37.95 -43.94 -35.74
N MET E 92 -38.31 -44.77 -34.76
CA MET E 92 -39.04 -46.00 -35.05
C MET E 92 -40.42 -45.70 -35.61
N ARG E 93 -41.07 -44.65 -35.08
CA ARG E 93 -42.36 -44.22 -35.63
C ARG E 93 -42.19 -43.72 -37.06
N ASP E 94 -41.07 -43.06 -37.35
CA ASP E 94 -40.76 -42.66 -38.71
C ASP E 94 -40.66 -43.89 -39.63
N LEU E 95 -39.91 -44.91 -39.19
CA LEU E 95 -39.76 -46.11 -39.99
C LEU E 95 -41.07 -46.85 -40.17
N ALA E 96 -41.88 -46.91 -39.10
CA ALA E 96 -43.17 -47.59 -39.18
C ALA E 96 -44.09 -46.94 -40.21
N LEU E 97 -44.14 -45.61 -40.21
CA LEU E 97 -44.96 -44.90 -41.18
C LEU E 97 -44.44 -45.14 -42.60
N GLN E 98 -43.11 -45.23 -42.75
CA GLN E 98 -42.53 -45.53 -44.05
C GLN E 98 -42.95 -46.90 -44.56
N SER E 99 -42.99 -47.89 -43.67
CA SER E 99 -43.27 -49.27 -44.06
C SER E 99 -44.74 -49.52 -44.39
N SER E 100 -45.65 -48.61 -44.00
CA SER E 100 -47.06 -48.83 -44.26
C SER E 100 -47.44 -48.61 -45.73
N ASN E 101 -46.54 -48.08 -46.54
CA ASN E 101 -46.84 -47.85 -47.95
C ASN E 101 -46.68 -49.12 -48.76
N GLY E 102 -47.56 -49.29 -49.75
CA GLY E 102 -47.51 -50.45 -50.63
C GLY E 102 -46.42 -50.41 -51.67
N SER E 103 -45.72 -49.27 -51.81
CA SER E 103 -44.60 -49.18 -52.73
C SER E 103 -43.41 -50.01 -52.25
N ASN E 104 -43.41 -50.43 -50.99
CA ASN E 104 -42.34 -51.26 -50.45
C ASN E 104 -42.70 -52.73 -50.65
N SER E 105 -41.90 -53.44 -51.44
CA SER E 105 -42.06 -54.88 -51.51
C SER E 105 -41.53 -55.51 -50.23
N SER E 106 -41.81 -56.82 -50.07
CA SER E 106 -41.44 -57.51 -48.84
C SER E 106 -39.95 -57.44 -48.56
N SER E 107 -39.13 -57.28 -49.61
CA SER E 107 -37.69 -57.18 -49.41
C SER E 107 -37.32 -55.92 -48.62
N GLU E 108 -37.93 -54.78 -48.98
CA GLU E 108 -37.62 -53.54 -48.28
C GLU E 108 -38.25 -53.49 -46.90
N ARG E 109 -39.38 -54.17 -46.71
CA ARG E 109 -39.97 -54.25 -45.37
C ARG E 109 -39.04 -54.93 -44.38
N ARG E 110 -38.36 -56.00 -44.82
CA ARG E 110 -37.38 -56.65 -43.97
C ARG E 110 -36.16 -55.78 -43.74
N ALA E 111 -35.83 -54.92 -44.72
CA ALA E 111 -34.72 -53.99 -44.53
C ALA E 111 -35.04 -52.95 -43.47
N ILE E 112 -36.27 -52.44 -43.46
CA ILE E 112 -36.69 -51.50 -42.42
C ILE E 112 -36.81 -52.22 -41.09
N GLN E 113 -37.33 -53.44 -41.10
CA GLN E 113 -37.52 -54.20 -39.86
C GLN E 113 -36.19 -54.46 -39.16
N GLU E 114 -35.11 -54.63 -39.92
CA GLU E 114 -33.80 -54.82 -39.31
C GLU E 114 -33.39 -53.61 -38.49
N GLU E 115 -33.64 -52.41 -39.01
CA GLU E 115 -33.35 -51.20 -38.25
C GLU E 115 -34.28 -51.07 -37.04
N VAL E 116 -35.55 -51.45 -37.20
CA VAL E 116 -36.50 -51.40 -36.10
C VAL E 116 -36.06 -52.34 -34.98
N SER E 117 -35.64 -53.56 -35.33
CA SER E 117 -35.16 -54.50 -34.34
C SER E 117 -33.89 -54.00 -33.65
N ALA E 118 -32.97 -53.42 -34.43
CA ALA E 118 -31.74 -52.90 -33.84
C ALA E 118 -32.02 -51.74 -32.90
N LEU E 119 -32.94 -50.84 -33.30
CA LEU E 119 -33.28 -49.72 -32.45
C LEU E 119 -34.09 -50.16 -31.23
N ASN E 120 -34.92 -51.19 -31.38
CA ASN E 120 -35.64 -51.73 -30.24
C ASN E 120 -34.68 -52.31 -29.21
N ASP E 121 -33.63 -52.99 -29.66
CA ASP E 121 -32.61 -53.47 -28.75
C ASP E 121 -31.87 -52.32 -28.09
N GLU E 122 -31.83 -51.15 -28.74
CA GLU E 122 -31.22 -49.98 -28.13
C GLU E 122 -32.05 -49.47 -26.98
N LEU E 123 -33.39 -49.57 -27.08
CA LEU E 123 -34.26 -49.14 -26.00
C LEU E 123 -34.02 -49.97 -24.74
N ASN E 124 -33.83 -51.28 -24.89
CA ASN E 124 -33.51 -52.11 -23.74
C ASN E 124 -32.13 -51.78 -23.19
N ARG E 125 -31.19 -51.44 -24.07
CA ARG E 125 -29.87 -51.00 -23.61
C ARG E 125 -29.99 -49.65 -22.90
N ILE E 126 -30.94 -48.82 -23.32
CA ILE E 126 -31.24 -47.59 -22.61
C ILE E 126 -31.71 -47.90 -21.20
N ALA E 127 -32.60 -48.89 -21.06
CA ALA E 127 -33.23 -49.15 -19.77
C ALA E 127 -32.27 -49.83 -18.80
N GLU E 128 -31.46 -50.78 -19.29
CA GLU E 128 -30.66 -51.61 -18.39
C GLU E 128 -29.33 -50.96 -18.02
N THR E 129 -28.57 -50.49 -19.00
CA THR E 129 -27.23 -49.99 -18.75
C THR E 129 -27.19 -48.60 -18.13
N THR E 130 -28.31 -47.88 -18.12
CA THR E 130 -28.36 -46.58 -17.45
C THR E 130 -28.14 -46.77 -15.95
N SER E 131 -27.42 -45.82 -15.35
CA SER E 131 -27.09 -45.94 -13.94
C SER E 131 -26.67 -44.58 -13.40
N PHE E 132 -26.72 -44.46 -12.07
CA PHE E 132 -26.19 -43.30 -11.33
C PHE E 132 -25.28 -43.87 -10.25
N GLY E 133 -24.02 -44.07 -10.61
CA GLY E 133 -23.08 -44.71 -9.69
C GLY E 133 -23.45 -46.13 -9.35
N GLY E 134 -23.84 -46.92 -10.35
CA GLY E 134 -24.23 -48.30 -10.14
C GLY E 134 -25.65 -48.49 -9.68
N ASN E 135 -26.37 -47.41 -9.36
CA ASN E 135 -27.77 -47.49 -8.94
C ASN E 135 -28.63 -47.38 -10.19
N LYS E 136 -29.09 -48.53 -10.69
CA LYS E 136 -29.88 -48.55 -11.91
C LYS E 136 -31.18 -47.78 -11.72
N LEU E 137 -31.49 -46.91 -12.69
CA LEU E 137 -32.64 -46.02 -12.59
C LEU E 137 -33.84 -46.51 -13.39
N LEU E 138 -33.68 -46.72 -14.70
CA LEU E 138 -34.80 -46.95 -15.60
C LEU E 138 -34.90 -48.41 -16.07
N ASN E 139 -34.59 -49.35 -15.18
CA ASN E 139 -34.80 -50.76 -15.47
C ASN E 139 -35.91 -51.38 -14.64
N GLY E 140 -36.51 -50.62 -13.72
CA GLY E 140 -37.58 -51.11 -12.88
C GLY E 140 -37.16 -51.52 -11.48
N SER E 141 -35.87 -51.50 -11.18
CA SER E 141 -35.39 -51.87 -9.84
C SER E 141 -35.34 -50.70 -8.89
N PHE E 142 -35.60 -49.47 -9.36
CA PHE E 142 -35.56 -48.30 -8.48
C PHE E 142 -36.78 -48.27 -7.56
N GLY E 143 -37.96 -48.58 -8.08
CA GLY E 143 -39.17 -48.47 -7.27
C GLY E 143 -39.42 -47.04 -6.87
N SER E 144 -39.70 -46.84 -5.58
CA SER E 144 -39.95 -45.52 -5.01
C SER E 144 -38.99 -45.29 -3.86
N LYS E 145 -38.08 -44.34 -4.02
CA LYS E 145 -37.09 -44.00 -3.01
C LYS E 145 -37.35 -42.59 -2.51
N SER E 146 -37.21 -42.39 -1.20
CA SER E 146 -37.55 -41.14 -0.56
C SER E 146 -36.28 -40.35 -0.27
N PHE E 147 -36.26 -39.08 -0.69
CA PHE E 147 -35.13 -38.20 -0.48
C PHE E 147 -35.46 -37.27 0.68
N GLN E 148 -34.72 -37.41 1.79
CA GLN E 148 -34.95 -36.62 2.98
C GLN E 148 -34.34 -35.23 2.79
N ILE E 149 -35.16 -34.19 2.84
CA ILE E 149 -34.73 -32.84 2.52
C ILE E 149 -35.06 -31.87 3.65
N GLY E 150 -35.09 -32.37 4.89
CA GLY E 150 -35.41 -31.53 6.02
C GLY E 150 -34.34 -31.61 7.10
N ALA E 151 -34.38 -30.63 7.99
CA ALA E 151 -33.45 -30.57 9.11
C ALA E 151 -33.88 -31.45 10.28
N ASP E 152 -35.08 -32.01 10.23
CA ASP E 152 -35.58 -32.92 11.26
C ASP E 152 -35.91 -34.27 10.63
N SER E 153 -36.34 -35.20 11.46
CA SER E 153 -36.64 -36.54 10.98
C SER E 153 -37.97 -36.59 10.24
N GLY E 154 -38.05 -37.49 9.26
CA GLY E 154 -39.30 -37.85 8.62
C GLY E 154 -40.03 -36.79 7.81
N GLU E 155 -39.32 -36.08 6.95
CA GLU E 155 -39.95 -35.15 5.99
C GLU E 155 -39.35 -35.34 4.61
N ALA E 156 -39.24 -36.59 4.18
CA ALA E 156 -38.68 -36.89 2.86
C ALA E 156 -39.72 -36.68 1.77
N VAL E 157 -39.29 -36.84 0.53
CA VAL E 157 -40.15 -36.73 -0.64
C VAL E 157 -39.96 -37.99 -1.48
N MET E 158 -41.07 -38.63 -1.83
CA MET E 158 -41.05 -39.90 -2.53
C MET E 158 -40.91 -39.66 -4.03
N LEU E 159 -39.82 -40.17 -4.60
CA LEU E 159 -39.55 -40.04 -6.03
C LEU E 159 -39.53 -41.44 -6.65
N SER E 160 -40.23 -41.61 -7.77
CA SER E 160 -40.28 -42.89 -8.46
C SER E 160 -40.17 -42.66 -9.96
N MET E 161 -39.56 -43.63 -10.64
CA MET E 161 -39.51 -43.68 -12.10
C MET E 161 -39.92 -45.07 -12.55
N GLY E 162 -40.90 -45.12 -13.46
CA GLY E 162 -41.35 -46.39 -13.96
C GLY E 162 -40.34 -47.06 -14.87
N SER E 163 -40.52 -48.36 -15.06
CA SER E 163 -39.62 -49.13 -15.92
C SER E 163 -39.94 -48.83 -17.37
N MET E 164 -38.94 -48.34 -18.11
CA MET E 164 -39.09 -48.10 -19.55
C MET E 164 -38.34 -49.13 -20.37
N ARG E 165 -38.36 -50.40 -19.95
CA ARG E 165 -38.02 -51.47 -20.86
C ARG E 165 -39.00 -51.48 -22.02
N SER E 166 -38.51 -51.82 -23.21
CA SER E 166 -39.35 -51.77 -24.39
C SER E 166 -40.55 -52.71 -24.30
N ASP E 167 -40.51 -53.71 -23.41
CA ASP E 167 -41.59 -54.65 -23.21
C ASP E 167 -42.41 -54.37 -21.96
N THR E 168 -42.35 -53.14 -21.44
CA THR E 168 -43.18 -52.76 -20.31
C THR E 168 -44.65 -52.66 -20.72
N GLN E 169 -45.54 -52.99 -19.79
CA GLN E 169 -46.97 -52.98 -20.09
C GLN E 169 -47.46 -51.60 -20.47
N ALA E 170 -47.00 -50.56 -19.76
CA ALA E 170 -47.44 -49.20 -20.06
C ALA E 170 -46.88 -48.68 -21.37
N MET E 171 -45.91 -49.38 -21.97
CA MET E 171 -45.31 -48.98 -23.23
C MET E 171 -45.90 -49.75 -24.41
N GLY E 172 -47.15 -50.17 -24.30
CA GLY E 172 -47.82 -50.91 -25.36
C GLY E 172 -49.31 -50.66 -25.33
N GLY E 173 -50.09 -51.74 -25.46
CA GLY E 173 -51.53 -51.63 -25.45
C GLY E 173 -52.17 -52.94 -25.86
N LYS E 174 -53.45 -52.85 -26.20
CA LYS E 174 -54.24 -54.00 -26.63
C LYS E 174 -54.53 -53.91 -28.12
N SER E 175 -54.60 -55.08 -28.77
CA SER E 175 -54.78 -55.18 -30.21
C SER E 175 -56.01 -56.03 -30.52
N TYR E 176 -56.96 -55.44 -31.24
CA TYR E 176 -58.17 -56.13 -31.66
C TYR E 176 -58.22 -56.10 -33.18
N ARG E 177 -58.21 -57.28 -33.81
CA ARG E 177 -58.20 -57.39 -35.26
C ARG E 177 -59.49 -58.06 -35.73
N ALA E 178 -60.07 -57.51 -36.79
CA ALA E 178 -61.30 -58.08 -37.34
C ALA E 178 -61.05 -59.47 -37.91
N GLN E 179 -62.09 -60.32 -37.84
CA GLN E 179 -61.99 -61.69 -38.31
C GLN E 179 -62.45 -61.87 -39.75
N GLU E 180 -63.00 -60.83 -40.37
CA GLU E 180 -63.48 -60.92 -41.76
C GLU E 180 -62.82 -59.83 -42.58
N GLY E 181 -62.10 -60.22 -43.62
CA GLY E 181 -61.47 -59.27 -44.51
C GLY E 181 -62.45 -58.68 -45.50
N LYS E 182 -62.14 -57.48 -45.97
CA LYS E 182 -63.00 -56.76 -46.90
C LYS E 182 -62.18 -56.30 -48.11
N ALA E 183 -62.77 -56.42 -49.29
CA ALA E 183 -62.08 -56.08 -50.53
C ALA E 183 -62.14 -54.58 -50.78
N ALA E 184 -61.74 -54.16 -51.98
CA ALA E 184 -61.74 -52.75 -52.36
C ALA E 184 -63.06 -52.29 -52.95
N ASP E 185 -64.03 -53.18 -53.12
CA ASP E 185 -65.35 -52.82 -53.64
C ASP E 185 -66.42 -52.80 -52.55
N TRP E 186 -66.01 -52.66 -51.29
CA TRP E 186 -66.95 -52.74 -50.18
C TRP E 186 -67.39 -51.35 -49.75
N ARG E 187 -68.68 -51.23 -49.42
CA ARG E 187 -69.25 -50.00 -48.90
C ARG E 187 -70.12 -50.32 -47.69
N VAL E 188 -70.17 -49.37 -46.75
CA VAL E 188 -71.05 -49.52 -45.60
C VAL E 188 -72.50 -49.37 -46.05
N GLY E 189 -73.33 -50.35 -45.71
CA GLY E 189 -74.71 -50.33 -46.13
C GLY E 189 -75.61 -49.59 -45.15
N ALA E 190 -76.70 -50.23 -44.74
CA ALA E 190 -77.63 -49.64 -43.79
C ALA E 190 -77.29 -49.91 -42.34
N ALA E 191 -76.25 -50.73 -42.09
CA ALA E 191 -75.79 -51.03 -40.73
C ALA E 191 -74.46 -50.31 -40.54
N THR E 192 -74.52 -49.09 -40.00
CA THR E 192 -73.35 -48.26 -39.83
C THR E 192 -72.95 -48.02 -38.38
N ASP E 193 -73.85 -48.27 -37.44
CA ASP E 193 -73.56 -47.99 -36.03
C ASP E 193 -72.46 -48.92 -35.51
N LEU E 194 -71.55 -48.35 -34.72
CA LEU E 194 -70.46 -49.10 -34.11
C LEU E 194 -70.26 -48.57 -32.70
N THR E 195 -70.35 -49.46 -31.72
CA THR E 195 -70.33 -49.09 -30.31
C THR E 195 -69.08 -49.66 -29.65
N LEU E 196 -68.34 -48.80 -28.95
CA LEU E 196 -67.14 -49.18 -28.22
C LEU E 196 -67.39 -48.93 -26.72
N SER E 197 -67.55 -50.01 -25.96
CA SER E 197 -67.78 -49.94 -24.53
C SER E 197 -66.56 -50.46 -23.80
N TYR E 198 -65.89 -49.58 -23.06
CA TYR E 198 -64.69 -49.96 -22.31
C TYR E 198 -64.60 -49.07 -21.07
N THR E 199 -63.42 -49.06 -20.44
CA THR E 199 -63.19 -48.27 -19.25
C THR E 199 -61.93 -47.43 -19.43
N ASN E 200 -62.02 -46.14 -19.12
CA ASN E 200 -60.89 -45.24 -19.23
C ASN E 200 -59.85 -45.55 -18.16
N LYS E 201 -58.67 -44.92 -18.29
CA LYS E 201 -57.57 -45.22 -17.38
C LYS E 201 -57.89 -44.83 -15.95
N GLN E 202 -58.71 -43.80 -15.75
CA GLN E 202 -59.08 -43.38 -14.41
C GLN E 202 -60.09 -44.32 -13.76
N GLY E 203 -60.68 -45.25 -14.52
CA GLY E 203 -61.63 -46.19 -14.00
C GLY E 203 -63.08 -45.90 -14.31
N GLU E 204 -63.36 -44.80 -15.00
CA GLU E 204 -64.74 -44.48 -15.38
C GLU E 204 -65.10 -45.18 -16.67
N ALA E 205 -66.34 -45.65 -16.77
CA ALA E 205 -66.82 -46.30 -17.98
C ALA E 205 -67.05 -45.26 -19.07
N ARG E 206 -66.64 -45.60 -20.29
CA ARG E 206 -66.80 -44.72 -21.44
C ARG E 206 -67.47 -45.46 -22.58
N GLU E 207 -68.47 -44.82 -23.18
CA GLU E 207 -69.21 -45.36 -24.31
C GLU E 207 -69.05 -44.41 -25.48
N VAL E 208 -68.45 -44.89 -26.56
CA VAL E 208 -68.22 -44.10 -27.76
C VAL E 208 -68.97 -44.77 -28.91
N THR E 209 -69.91 -44.03 -29.50
CA THR E 209 -70.72 -44.53 -30.61
C THR E 209 -70.24 -43.84 -31.89
N ILE E 210 -69.62 -44.60 -32.77
CA ILE E 210 -69.17 -44.10 -34.07
C ILE E 210 -70.17 -44.53 -35.12
N ASN E 211 -70.85 -43.55 -35.71
CA ASN E 211 -71.84 -43.79 -36.75
C ASN E 211 -71.14 -43.62 -38.09
N ALA E 212 -70.72 -44.73 -38.69
CA ALA E 212 -70.03 -44.68 -39.96
C ALA E 212 -70.93 -44.09 -41.05
N LYS E 213 -70.32 -43.66 -42.14
CA LYS E 213 -71.02 -43.02 -43.24
C LYS E 213 -71.14 -44.00 -44.40
N GLN E 214 -72.35 -44.13 -44.93
CA GLN E 214 -72.62 -45.11 -45.97
C GLN E 214 -71.83 -44.76 -47.24
N GLY E 215 -71.35 -45.80 -47.91
CA GLY E 215 -70.53 -45.63 -49.09
C GLY E 215 -69.04 -45.64 -48.84
N ASP E 216 -68.61 -45.57 -47.59
CA ASP E 216 -67.19 -45.57 -47.26
C ASP E 216 -66.62 -46.98 -47.34
N ASP E 217 -65.36 -47.07 -47.76
CA ASP E 217 -64.64 -48.33 -47.77
C ASP E 217 -63.89 -48.49 -46.45
N LEU E 218 -63.03 -49.50 -46.36
CA LEU E 218 -62.31 -49.77 -45.12
C LEU E 218 -61.40 -48.62 -44.73
N GLU E 219 -60.65 -48.07 -45.69
CA GLU E 219 -59.66 -47.05 -45.34
C GLU E 219 -60.33 -45.75 -44.95
N GLU E 220 -61.42 -45.38 -45.63
CA GLU E 220 -62.19 -44.21 -45.22
C GLU E 220 -62.83 -44.42 -43.85
N LEU E 221 -63.32 -45.63 -43.59
CA LEU E 221 -63.88 -45.95 -42.28
C LEU E 221 -62.80 -45.87 -41.20
N ALA E 222 -61.60 -46.36 -41.50
CA ALA E 222 -60.52 -46.36 -40.52
C ALA E 222 -60.13 -44.94 -40.13
N THR E 223 -60.05 -44.03 -41.12
CA THR E 223 -59.71 -42.65 -40.80
C THR E 223 -60.89 -41.92 -40.17
N TYR E 224 -62.10 -42.44 -40.34
CA TYR E 224 -63.26 -41.87 -39.66
C TYR E 224 -63.26 -42.20 -38.17
N ILE E 225 -62.83 -43.42 -37.82
CA ILE E 225 -62.79 -43.81 -36.42
C ILE E 225 -61.76 -42.97 -35.66
N ASN E 226 -60.62 -42.70 -36.30
CA ASN E 226 -59.59 -41.90 -35.64
C ASN E 226 -60.06 -40.48 -35.38
N GLY E 227 -60.78 -39.89 -36.33
CA GLY E 227 -61.28 -38.53 -36.14
C GLY E 227 -62.32 -38.44 -35.04
N GLN E 228 -63.14 -39.48 -34.88
CA GLN E 228 -64.23 -39.43 -33.91
C GLN E 228 -63.71 -39.50 -32.48
N THR E 229 -62.76 -40.40 -32.21
CA THR E 229 -62.29 -40.65 -30.85
C THR E 229 -60.77 -40.66 -30.82
N GLU E 230 -60.22 -40.19 -29.69
CA GLU E 230 -58.78 -40.20 -29.46
C GLU E 230 -58.31 -41.36 -28.60
N ASP E 231 -59.23 -42.22 -28.14
CA ASP E 231 -58.82 -43.33 -27.29
C ASP E 231 -58.30 -44.50 -28.11
N VAL E 232 -59.05 -44.90 -29.14
CA VAL E 232 -58.66 -46.01 -29.99
C VAL E 232 -58.10 -45.47 -31.30
N LYS E 233 -57.36 -46.32 -32.01
CA LYS E 233 -56.78 -45.98 -33.29
C LYS E 233 -57.07 -47.11 -34.27
N ALA E 234 -57.53 -46.75 -35.47
CA ALA E 234 -57.96 -47.72 -36.47
C ALA E 234 -56.93 -47.88 -37.57
N SER E 235 -56.89 -49.08 -38.15
CA SER E 235 -55.95 -49.40 -39.22
C SER E 235 -56.55 -50.52 -40.07
N VAL E 236 -55.96 -50.73 -41.24
CA VAL E 236 -56.38 -51.78 -42.17
C VAL E 236 -55.14 -52.56 -42.60
N GLY E 237 -55.25 -53.89 -42.57
CA GLY E 237 -54.15 -54.76 -42.92
C GLY E 237 -54.15 -55.14 -44.39
N GLU E 238 -53.40 -56.21 -44.69
CA GLU E 238 -53.33 -56.70 -46.07
C GLU E 238 -54.69 -57.19 -46.54
N ASP E 239 -55.39 -57.95 -45.69
CA ASP E 239 -56.62 -58.62 -46.09
C ASP E 239 -57.84 -57.71 -46.00
N GLY E 240 -57.66 -56.41 -45.77
CA GLY E 240 -58.79 -55.52 -45.58
C GLY E 240 -59.44 -55.66 -44.24
N LYS E 241 -58.71 -56.08 -43.22
CA LYS E 241 -59.23 -56.30 -41.89
C LYS E 241 -58.97 -55.08 -41.02
N LEU E 242 -60.01 -54.60 -40.34
CA LEU E 242 -59.88 -53.41 -39.52
C LEU E 242 -59.38 -53.79 -38.13
N GLN E 243 -58.35 -53.10 -37.66
CA GLN E 243 -57.75 -53.37 -36.36
C GLN E 243 -57.71 -52.09 -35.54
N LEU E 244 -58.18 -52.17 -34.30
CA LEU E 244 -58.14 -51.07 -33.36
C LEU E 244 -57.07 -51.33 -32.30
N PHE E 245 -56.53 -50.26 -31.75
CA PHE E 245 -55.50 -50.32 -30.73
C PHE E 245 -55.86 -49.40 -29.56
N ALA E 246 -56.24 -50.00 -28.44
CA ALA E 246 -56.54 -49.27 -27.21
C ALA E 246 -55.28 -49.28 -26.35
N SER E 247 -54.66 -48.12 -26.20
CA SER E 247 -53.39 -48.03 -25.47
C SER E 247 -53.59 -48.44 -24.02
N SER E 248 -52.56 -49.06 -23.44
CA SER E 248 -52.69 -49.67 -22.13
C SER E 248 -52.79 -48.65 -21.00
N GLN E 249 -52.47 -47.38 -21.26
CA GLN E 249 -52.62 -46.34 -20.26
C GLN E 249 -53.80 -45.41 -20.56
N LYS E 250 -54.69 -45.82 -21.47
CA LYS E 250 -55.95 -45.11 -21.69
C LYS E 250 -57.16 -46.02 -21.64
N VAL E 251 -56.98 -47.34 -21.60
CA VAL E 251 -58.07 -48.30 -21.47
C VAL E 251 -57.60 -49.44 -20.58
N ASN E 252 -58.25 -49.60 -19.43
CA ASN E 252 -57.99 -50.71 -18.53
C ASN E 252 -59.13 -51.71 -18.65
N GLY E 253 -58.79 -52.98 -18.85
CA GLY E 253 -59.77 -54.00 -19.12
C GLY E 253 -60.05 -54.16 -20.61
N ASP E 254 -60.78 -55.22 -20.93
CA ASP E 254 -61.09 -55.52 -22.31
C ASP E 254 -62.09 -54.53 -22.90
N VAL E 255 -62.04 -54.37 -24.22
CA VAL E 255 -62.95 -53.51 -24.95
C VAL E 255 -63.99 -54.37 -25.63
N THR E 256 -65.26 -54.04 -25.41
CA THR E 256 -66.37 -54.77 -26.03
C THR E 256 -66.92 -53.93 -27.18
N ILE E 257 -66.94 -54.52 -28.38
CA ILE E 257 -67.37 -53.84 -29.59
C ILE E 257 -68.72 -54.42 -30.01
N GLY E 258 -69.74 -53.57 -30.05
CA GLY E 258 -71.07 -53.97 -30.46
C GLY E 258 -71.56 -53.12 -31.62
N GLY E 259 -72.82 -53.32 -31.97
CA GLY E 259 -73.45 -52.56 -33.04
C GLY E 259 -73.61 -53.38 -34.30
N GLY E 260 -74.36 -52.80 -35.25
CA GLY E 260 -74.58 -53.47 -36.52
C GLY E 260 -73.30 -53.62 -37.32
N LEU E 261 -72.49 -52.55 -37.38
CA LEU E 261 -71.22 -52.63 -38.09
C LEU E 261 -70.26 -53.59 -37.40
N GLY E 262 -70.26 -53.58 -36.06
CA GLY E 262 -69.42 -54.52 -35.35
C GLY E 262 -69.81 -55.97 -35.59
N GLY E 263 -71.11 -56.24 -35.71
CA GLY E 263 -71.55 -57.59 -36.02
C GLY E 263 -71.20 -58.01 -37.43
N GLU E 264 -71.32 -57.10 -38.39
CA GLU E 264 -70.99 -57.42 -39.78
C GLU E 264 -69.49 -57.63 -39.96
N ILE E 265 -68.69 -56.71 -39.42
CA ILE E 265 -67.24 -56.83 -39.52
C ILE E 265 -66.74 -58.04 -38.75
N GLY E 266 -67.24 -58.24 -37.54
CA GLY E 266 -66.79 -59.35 -36.71
C GLY E 266 -65.45 -59.05 -36.07
N PHE E 267 -65.22 -59.57 -34.87
CA PHE E 267 -64.03 -59.19 -34.12
C PHE E 267 -63.49 -60.40 -33.37
N ASP E 268 -62.19 -60.35 -33.07
CA ASP E 268 -61.47 -61.40 -32.37
C ASP E 268 -60.97 -60.88 -31.02
N ALA E 269 -60.32 -61.77 -30.27
CA ALA E 269 -59.84 -61.43 -28.95
C ALA E 269 -58.68 -60.45 -29.02
N GLY E 270 -58.42 -59.80 -27.88
CA GLY E 270 -57.36 -58.81 -27.80
C GLY E 270 -56.00 -59.43 -27.52
N ARG E 271 -54.95 -58.77 -28.01
CA ARG E 271 -53.58 -59.22 -27.83
C ARG E 271 -52.75 -58.10 -27.22
N ASN E 272 -51.99 -58.43 -26.18
CA ASN E 272 -51.11 -57.45 -25.53
C ASN E 272 -49.90 -57.28 -26.42
N VAL E 273 -49.80 -56.13 -27.09
CA VAL E 273 -48.70 -55.80 -27.98
C VAL E 273 -47.95 -54.60 -27.42
N THR E 274 -46.63 -54.73 -27.32
CA THR E 274 -45.77 -53.67 -26.82
C THR E 274 -44.75 -53.30 -27.90
N VAL E 275 -43.82 -52.41 -27.53
CA VAL E 275 -42.78 -52.01 -28.47
C VAL E 275 -41.86 -53.19 -28.79
N ALA E 276 -41.58 -54.03 -27.78
CA ALA E 276 -40.77 -55.22 -28.03
C ALA E 276 -41.49 -56.24 -28.90
N ASP E 277 -42.82 -56.15 -29.01
CA ASP E 277 -43.60 -57.04 -29.84
C ASP E 277 -43.84 -56.49 -31.24
N VAL E 278 -43.25 -55.34 -31.56
CA VAL E 278 -43.56 -54.66 -32.82
C VAL E 278 -42.75 -55.29 -33.95
N ASN E 279 -43.36 -55.34 -35.14
CA ASN E 279 -42.69 -55.78 -36.35
C ASN E 279 -43.34 -55.11 -37.54
N VAL E 280 -42.52 -54.65 -38.49
CA VAL E 280 -42.99 -53.91 -39.65
C VAL E 280 -42.92 -54.73 -40.92
N SER E 281 -42.68 -56.05 -40.81
CA SER E 281 -42.60 -56.90 -42.00
C SER E 281 -43.92 -56.93 -42.77
N THR E 282 -45.02 -56.58 -42.13
CA THR E 282 -46.32 -56.50 -42.79
C THR E 282 -46.88 -55.09 -42.66
N VAL E 283 -47.73 -54.71 -43.61
CA VAL E 283 -48.35 -53.39 -43.54
C VAL E 283 -49.29 -53.32 -42.34
N ALA E 284 -49.95 -54.43 -42.02
CA ALA E 284 -50.76 -54.47 -40.80
C ALA E 284 -49.91 -54.25 -39.56
N GLY E 285 -48.71 -54.84 -39.52
CA GLY E 285 -47.83 -54.64 -38.39
C GLY E 285 -47.27 -53.23 -38.33
N SER E 286 -47.14 -52.57 -39.49
CA SER E 286 -46.56 -51.23 -39.50
C SER E 286 -47.63 -50.17 -39.21
N GLN E 287 -48.85 -50.37 -39.71
CA GLN E 287 -49.94 -49.46 -39.38
C GLN E 287 -50.22 -49.46 -37.88
N GLU E 288 -50.24 -50.64 -37.28
CA GLU E 288 -50.42 -50.73 -35.84
C GLU E 288 -49.15 -50.34 -35.08
N ALA E 289 -48.00 -50.38 -35.74
CA ALA E 289 -46.75 -49.95 -35.11
C ALA E 289 -46.81 -48.49 -34.72
N VAL E 290 -47.33 -47.64 -35.61
CA VAL E 290 -47.44 -46.21 -35.32
C VAL E 290 -48.30 -45.99 -34.09
N SER E 291 -49.39 -46.76 -33.95
CA SER E 291 -50.23 -46.66 -32.78
C SER E 291 -49.50 -47.11 -31.52
N ILE E 292 -48.71 -48.17 -31.59
CA ILE E 292 -48.05 -48.71 -30.41
C ILE E 292 -47.02 -47.72 -29.88
N LEU E 293 -46.17 -47.20 -30.77
CA LEU E 293 -45.16 -46.24 -30.34
C LEU E 293 -45.76 -44.87 -30.02
N ASP E 294 -46.94 -44.56 -30.54
CA ASP E 294 -47.63 -43.35 -30.09
C ASP E 294 -48.04 -43.47 -28.63
N GLY E 295 -48.56 -44.64 -28.24
CA GLY E 295 -48.83 -44.89 -26.84
C GLY E 295 -47.55 -44.90 -26.02
N ALA E 296 -46.50 -45.52 -26.54
CA ALA E 296 -45.23 -45.56 -25.81
C ALA E 296 -44.67 -44.16 -25.62
N LEU E 297 -44.81 -43.30 -26.61
CA LEU E 297 -44.37 -41.91 -26.47
C LEU E 297 -45.17 -41.18 -25.40
N LYS E 298 -46.46 -41.50 -25.26
CA LYS E 298 -47.27 -40.88 -24.22
C LYS E 298 -46.74 -41.23 -22.83
N ALA E 299 -46.38 -42.50 -22.62
CA ALA E 299 -45.85 -42.91 -21.32
C ALA E 299 -44.50 -42.26 -21.04
N VAL E 300 -43.63 -42.18 -22.06
CA VAL E 300 -42.32 -41.58 -21.87
C VAL E 300 -42.45 -40.09 -21.56
N ASP E 301 -43.32 -39.39 -22.30
CA ASP E 301 -43.51 -37.97 -22.06
C ASP E 301 -44.12 -37.71 -20.69
N SER E 302 -45.06 -38.57 -20.27
CA SER E 302 -45.65 -38.41 -18.94
C SER E 302 -44.61 -38.61 -17.86
N GLN E 303 -43.69 -39.57 -18.05
CA GLN E 303 -42.62 -39.76 -17.08
C GLN E 303 -41.68 -38.56 -17.04
N ARG E 304 -41.41 -37.96 -18.20
CA ARG E 304 -40.57 -36.76 -18.22
C ARG E 304 -41.22 -35.62 -17.44
N ALA E 305 -42.52 -35.40 -17.65
CA ALA E 305 -43.21 -34.34 -16.94
C ALA E 305 -43.25 -34.60 -15.44
N SER E 306 -43.39 -35.88 -15.06
CA SER E 306 -43.39 -36.23 -13.64
C SER E 306 -42.04 -35.90 -13.00
N LEU E 307 -40.95 -36.22 -13.70
CA LEU E 307 -39.62 -35.90 -13.16
C LEU E 307 -39.32 -34.41 -13.26
N GLY E 308 -39.86 -33.73 -14.26
CA GLY E 308 -39.68 -32.28 -14.33
C GLY E 308 -40.37 -31.56 -13.20
N ALA E 309 -41.57 -32.00 -12.83
CA ALA E 309 -42.24 -31.43 -11.66
C ALA E 309 -41.46 -31.71 -10.39
N PHE E 310 -40.88 -32.90 -10.27
CA PHE E 310 -40.03 -33.22 -9.14
C PHE E 310 -38.79 -32.33 -9.13
N GLN E 311 -38.27 -31.99 -10.31
CA GLN E 311 -37.11 -31.11 -10.39
C GLN E 311 -37.45 -29.69 -9.94
N ASN E 312 -38.58 -29.16 -10.41
CA ASN E 312 -38.98 -27.81 -10.03
C ASN E 312 -39.33 -27.74 -8.55
N ARG E 313 -40.02 -28.77 -8.04
CA ARG E 313 -40.38 -28.78 -6.63
C ARG E 313 -39.14 -28.80 -5.75
N PHE E 314 -38.14 -29.59 -6.12
CA PHE E 314 -36.89 -29.61 -5.37
C PHE E 314 -36.08 -28.33 -5.59
N GLY E 315 -36.29 -27.65 -6.72
CA GLY E 315 -35.65 -26.37 -6.93
C GLY E 315 -36.18 -25.30 -5.97
N HIS E 316 -37.49 -25.28 -5.77
CA HIS E 316 -38.07 -24.34 -4.80
C HIS E 316 -37.68 -24.70 -3.37
N ALA E 317 -37.64 -26.00 -3.07
CA ALA E 317 -37.23 -26.43 -1.74
C ALA E 317 -35.78 -26.08 -1.46
N ILE E 318 -34.94 -26.06 -2.51
CA ILE E 318 -33.54 -25.68 -2.34
C ILE E 318 -33.46 -24.24 -1.89
N SER E 319 -34.22 -23.35 -2.52
CA SER E 319 -34.19 -21.94 -2.15
C SER E 319 -34.86 -21.70 -0.80
N ASN E 320 -35.90 -22.47 -0.48
CA ASN E 320 -36.58 -22.30 0.80
C ASN E 320 -35.66 -22.70 1.96
N LEU E 321 -35.00 -23.86 1.83
CA LEU E 321 -34.07 -24.29 2.87
C LEU E 321 -32.87 -23.35 2.96
N ASP E 322 -32.43 -22.81 1.81
CA ASP E 322 -31.35 -21.84 1.83
C ASP E 322 -31.75 -20.57 2.57
N ASN E 323 -32.97 -20.09 2.35
CA ASN E 323 -33.43 -18.89 3.02
C ASN E 323 -33.59 -19.11 4.51
N VAL E 324 -34.14 -20.27 4.90
CA VAL E 324 -34.28 -20.58 6.32
C VAL E 324 -32.92 -20.73 6.97
N ASN E 325 -31.97 -21.38 6.28
CA ASN E 325 -30.63 -21.55 6.83
C ASN E 325 -29.95 -20.20 7.07
N GLU E 326 -30.11 -19.27 6.13
CA GLU E 326 -29.50 -17.95 6.29
C GLU E 326 -30.08 -17.21 7.50
N ASN E 327 -31.40 -17.28 7.68
CA ASN E 327 -32.03 -16.58 8.80
C ASN E 327 -31.73 -17.28 10.12
N VAL E 328 -31.66 -18.61 10.11
CA VAL E 328 -31.32 -19.36 11.32
C VAL E 328 -29.90 -19.03 11.76
N ASN E 329 -28.98 -18.89 10.80
CA ASN E 329 -27.63 -18.48 11.14
C ASN E 329 -27.60 -17.09 11.76
N ALA E 330 -28.43 -16.17 11.24
CA ALA E 330 -28.50 -14.82 11.80
C ALA E 330 -29.06 -14.85 13.23
N SER E 331 -30.12 -15.62 13.46
CA SER E 331 -30.69 -15.69 14.80
C SER E 331 -29.72 -16.34 15.78
N ARG E 332 -29.03 -17.39 15.35
CA ARG E 332 -28.01 -18.00 16.19
C ARG E 332 -26.87 -17.03 16.46
N SER E 333 -26.57 -16.15 15.51
CA SER E 333 -25.54 -15.14 15.72
C SER E 333 -25.93 -14.17 16.82
N ARG E 334 -27.19 -13.73 16.83
CA ARG E 334 -27.65 -12.78 17.84
C ARG E 334 -27.70 -13.40 19.23
N ILE E 335 -27.66 -14.72 19.33
CA ILE E 335 -27.73 -15.41 20.62
C ILE E 335 -26.36 -15.89 21.08
N ARG E 336 -25.59 -16.50 20.17
CA ARG E 336 -24.37 -17.22 20.56
C ARG E 336 -23.11 -16.39 20.40
N ASP E 337 -22.81 -15.92 19.18
CA ASP E 337 -21.52 -15.27 18.94
C ASP E 337 -21.42 -13.95 19.69
N THR E 338 -20.20 -13.63 20.10
CA THR E 338 -19.94 -12.44 20.91
C THR E 338 -19.91 -11.19 20.05
N ASP E 339 -20.23 -10.06 20.68
CA ASP E 339 -20.09 -8.74 20.07
C ASP E 339 -18.68 -8.23 20.37
N TYR E 340 -17.87 -8.10 19.32
CA TYR E 340 -16.48 -7.72 19.52
C TYR E 340 -16.35 -6.29 20.04
N ALA E 341 -17.25 -5.40 19.60
CA ALA E 341 -17.22 -4.04 20.11
C ALA E 341 -17.53 -3.99 21.60
N ARG E 342 -18.53 -4.76 22.04
CA ARG E 342 -18.94 -4.71 23.44
C ARG E 342 -17.96 -5.46 24.34
N GLU E 343 -17.47 -6.61 23.90
CA GLU E 343 -16.67 -7.47 24.78
C GLU E 343 -15.30 -6.87 25.07
N THR E 344 -14.62 -6.38 24.04
CA THR E 344 -13.29 -5.81 24.26
C THR E 344 -13.36 -4.55 25.11
N THR E 345 -14.47 -3.81 25.05
CA THR E 345 -14.68 -2.72 25.99
C THR E 345 -14.77 -3.25 27.42
N ALA E 346 -15.47 -4.37 27.62
CA ALA E 346 -15.56 -4.96 28.94
C ALA E 346 -14.20 -5.46 29.41
N MET E 347 -13.40 -6.03 28.51
CA MET E 347 -12.08 -6.50 28.90
C MET E 347 -11.18 -5.35 29.33
N THR E 348 -11.19 -4.25 28.58
CA THR E 348 -10.34 -3.12 28.93
C THR E 348 -10.77 -2.48 30.24
N LYS E 349 -12.09 -2.44 30.50
CA LYS E 349 -12.55 -2.00 31.81
C LYS E 349 -12.06 -2.92 32.92
N ALA E 350 -12.08 -4.22 32.67
CA ALA E 350 -11.54 -5.17 33.64
C ALA E 350 -10.04 -5.01 33.81
N GLN E 351 -9.33 -4.75 32.70
CA GLN E 351 -7.87 -4.55 32.78
C GLN E 351 -7.54 -3.32 33.62
N ILE E 352 -8.29 -2.23 33.42
CA ILE E 352 -8.11 -1.04 34.24
C ILE E 352 -8.44 -1.34 35.69
N LEU E 353 -9.47 -2.16 35.92
CA LEU E 353 -9.86 -2.49 37.29
C LEU E 353 -8.82 -3.34 37.98
N GLN E 354 -8.09 -4.18 37.23
CA GLN E 354 -7.00 -4.95 37.84
C GLN E 354 -5.89 -4.03 38.32
N GLN E 355 -5.46 -3.09 37.48
CA GLN E 355 -4.39 -2.18 37.86
C GLN E 355 -4.83 -1.27 39.01
N ALA E 356 -6.10 -0.85 38.99
CA ALA E 356 -6.62 -0.05 40.09
C ALA E 356 -6.61 -0.84 41.39
N SER E 357 -7.11 -2.07 41.36
CA SER E 357 -7.16 -2.89 42.57
C SER E 357 -5.76 -3.22 43.06
N THR E 358 -4.84 -3.52 42.15
CA THR E 358 -3.46 -3.79 42.54
C THR E 358 -2.81 -2.56 43.15
N SER E 359 -3.08 -1.38 42.58
CA SER E 359 -2.48 -0.16 43.11
C SER E 359 -3.00 0.16 44.52
N VAL E 360 -4.31 -0.03 44.74
CA VAL E 360 -4.85 0.13 46.09
C VAL E 360 -4.28 -0.92 47.02
N LEU E 361 -4.08 -2.13 46.52
CA LEU E 361 -3.47 -3.19 47.33
C LEU E 361 -2.05 -2.82 47.74
N ALA E 362 -1.27 -2.27 46.80
CA ALA E 362 0.12 -1.93 47.09
C ALA E 362 0.22 -0.82 48.13
N GLN E 363 -0.79 0.04 48.22
CA GLN E 363 -0.81 1.11 49.20
C GLN E 363 -1.65 0.77 50.43
N ALA E 364 -2.20 -0.44 50.50
CA ALA E 364 -3.04 -0.83 51.63
C ALA E 364 -2.26 -1.57 52.72
N LYS E 365 -1.34 -2.46 52.34
CA LYS E 365 -0.59 -3.23 53.31
C LYS E 365 0.58 -2.45 53.92
N GLN E 366 0.70 -1.16 53.63
CA GLN E 366 1.61 -0.30 54.37
C GLN E 366 1.01 0.20 55.68
N SER E 367 -0.26 -0.14 55.96
CA SER E 367 -0.85 0.21 57.25
C SER E 367 -0.09 -0.38 58.42
N PRO E 368 0.28 -1.67 58.43
CA PRO E 368 1.15 -2.15 59.52
C PRO E 368 2.48 -1.43 59.60
N SER E 369 3.03 -1.00 58.46
CA SER E 369 4.26 -0.22 58.48
C SER E 369 4.05 1.12 59.19
N ALA E 370 2.89 1.75 58.97
CA ALA E 370 2.58 2.98 59.68
C ALA E 370 2.50 2.73 61.19
N ALA E 371 1.94 1.59 61.59
CA ALA E 371 1.91 1.24 63.00
C ALA E 371 3.30 0.87 63.51
N LEU E 372 4.17 0.37 62.64
CA LEU E 372 5.52 0.01 63.06
C LEU E 372 6.36 1.26 63.30
N SER E 373 6.30 2.22 62.38
CA SER E 373 7.06 3.46 62.56
C SER E 373 6.47 4.36 63.63
N LEU E 374 5.29 4.03 64.15
CA LEU E 374 4.67 4.84 65.20
C LEU E 374 5.57 4.89 66.44
N LEU E 375 5.71 3.74 67.13
CA LEU E 375 6.73 3.59 68.16
C LEU E 375 7.35 2.20 68.16
N GLY E 376 7.70 1.71 66.97
CA GLY E 376 8.61 0.58 66.86
C GLY E 376 10.04 1.10 66.85
N MET F 1 4.93 11.32 113.05
CA MET F 1 5.19 10.02 113.66
C MET F 1 6.62 9.92 114.17
N ALA F 2 6.88 8.92 115.00
CA ALA F 2 8.21 8.73 115.57
C ALA F 2 9.20 8.31 114.49
N ILE F 3 10.42 8.84 114.60
CA ILE F 3 11.48 8.47 113.67
C ILE F 3 11.91 7.04 113.95
N ASN F 4 11.73 6.16 112.96
CA ASN F 4 12.00 4.75 113.11
C ASN F 4 12.88 4.26 111.97
N VAL F 5 13.59 3.16 112.23
CA VAL F 5 14.47 2.55 111.23
C VAL F 5 14.04 1.11 111.04
N ASN F 6 13.38 0.54 112.06
CA ASN F 6 12.89 -0.84 111.95
C ASN F 6 11.84 -0.97 110.86
N THR F 7 10.93 0.01 110.77
CA THR F 7 9.86 0.00 109.79
C THR F 7 10.13 1.04 108.71
N ASN F 8 9.89 0.66 107.46
CA ASN F 8 10.11 1.52 106.29
C ASN F 8 8.90 1.45 105.37
N VAL F 9 7.72 1.67 105.94
CA VAL F 9 6.46 1.56 105.20
C VAL F 9 6.46 2.49 103.99
N SER F 10 7.17 3.62 104.06
CA SER F 10 7.26 4.53 102.92
C SER F 10 7.89 3.83 101.73
N ALA F 11 8.97 3.07 101.96
CA ALA F 11 9.57 2.28 100.88
C ALA F 11 8.71 1.06 100.55
N MET F 12 7.92 0.58 101.52
CA MET F 12 7.06 -0.57 101.28
C MET F 12 6.04 -0.26 100.17
N THR F 13 5.41 0.91 100.24
CA THR F 13 4.48 1.31 99.19
C THR F 13 5.23 1.74 97.93
N ALA F 14 6.44 2.29 98.10
CA ALA F 14 7.22 2.73 96.95
C ALA F 14 7.55 1.56 96.02
N GLN F 15 7.94 0.43 96.59
CA GLN F 15 8.18 -0.76 95.77
C GLN F 15 6.87 -1.42 95.38
N ARG F 16 5.80 -1.21 96.14
CA ARG F 16 4.51 -1.79 95.79
C ARG F 16 4.00 -1.24 94.47
N TYR F 17 4.12 0.09 94.27
CA TYR F 17 3.74 0.68 93.00
C TYR F 17 4.74 0.33 91.90
N LEU F 18 5.96 -0.04 92.28
CA LEU F 18 6.92 -0.55 91.29
C LEU F 18 6.41 -1.85 90.67
N ASN F 19 5.89 -2.74 91.50
CA ASN F 19 5.31 -3.98 90.97
C ASN F 19 4.07 -3.69 90.14
N GLY F 20 3.26 -2.72 90.56
CA GLY F 20 2.08 -2.36 89.78
C GLY F 20 2.43 -1.82 88.41
N ALA F 21 3.45 -0.94 88.35
CA ALA F 21 3.91 -0.44 87.07
C ALA F 21 4.57 -1.53 86.25
N ALA F 22 5.33 -2.42 86.90
CA ALA F 22 5.99 -3.51 86.17
C ALA F 22 4.97 -4.47 85.59
N ASP F 23 3.86 -4.71 86.31
CA ASP F 23 2.81 -5.58 85.79
C ASP F 23 2.22 -5.00 84.50
N GLY F 24 1.79 -3.73 84.54
CA GLY F 24 1.24 -3.12 83.35
C GLY F 24 2.24 -3.04 82.22
N MET F 25 3.51 -2.78 82.54
CA MET F 25 4.55 -2.75 81.52
C MET F 25 4.75 -4.12 80.90
N GLN F 26 4.68 -5.18 81.70
CA GLN F 26 4.86 -6.53 81.17
C GLN F 26 3.73 -6.92 80.24
N LYS F 27 2.48 -6.60 80.62
CA LYS F 27 1.34 -6.93 79.76
C LYS F 27 1.41 -6.18 78.44
N SER F 28 1.79 -4.89 78.48
CA SER F 28 1.90 -4.12 77.24
C SER F 28 3.02 -4.68 76.36
N MET F 29 4.11 -5.14 76.97
CA MET F 29 5.18 -5.76 76.20
C MET F 29 4.71 -7.01 75.49
N GLU F 30 3.90 -7.83 76.17
CA GLU F 30 3.36 -9.03 75.53
C GLU F 30 2.40 -8.67 74.39
N ARG F 31 1.56 -7.66 74.61
CA ARG F 31 0.54 -7.31 73.62
C ARG F 31 1.14 -6.78 72.33
N LEU F 32 2.36 -6.23 72.41
CA LEU F 32 2.96 -5.63 71.22
C LEU F 32 3.87 -6.59 70.47
N SER F 33 4.48 -7.55 71.17
CA SER F 33 5.26 -8.57 70.48
C SER F 33 4.35 -9.50 69.70
N SER F 34 3.27 -9.96 70.33
CA SER F 34 2.32 -10.84 69.65
C SER F 34 1.46 -10.07 68.66
N GLY F 35 1.00 -8.88 69.05
CA GLY F 35 0.02 -8.16 68.26
C GLY F 35 -1.42 -8.43 68.65
N TYR F 36 -1.66 -9.16 69.73
CA TYR F 36 -2.99 -9.51 70.17
C TYR F 36 -3.27 -8.87 71.53
N LYS F 37 -4.42 -8.20 71.64
CA LYS F 37 -4.83 -7.63 72.91
C LYS F 37 -5.08 -8.73 73.94
N ILE F 38 -5.70 -9.83 73.52
CA ILE F 38 -6.02 -10.92 74.44
C ILE F 38 -5.20 -12.15 74.08
N ASN F 39 -4.05 -12.31 74.74
CA ASN F 39 -3.21 -13.48 74.55
C ASN F 39 -3.55 -14.62 75.51
N SER F 40 -4.42 -14.38 76.49
CA SER F 40 -4.79 -15.39 77.46
C SER F 40 -6.13 -15.01 78.07
N ALA F 41 -6.71 -15.95 78.83
CA ALA F 41 -8.00 -15.71 79.46
C ALA F 41 -7.94 -14.60 80.50
N ARG F 42 -6.76 -14.31 81.04
CA ARG F 42 -6.65 -13.26 82.06
C ARG F 42 -6.98 -11.88 81.49
N ASP F 43 -6.55 -11.61 80.25
CA ASP F 43 -6.79 -10.29 79.66
C ASP F 43 -8.28 -10.03 79.50
N ASP F 44 -9.01 -10.97 78.88
CA ASP F 44 -10.45 -10.81 78.69
C ASP F 44 -11.05 -12.20 78.56
N ALA F 45 -11.72 -12.66 79.62
CA ALA F 45 -12.30 -14.00 79.62
C ALA F 45 -13.34 -14.15 78.52
N ALA F 46 -14.40 -13.33 78.56
CA ALA F 46 -15.44 -13.41 77.55
C ALA F 46 -14.91 -13.06 76.17
N GLY F 47 -14.01 -12.07 76.09
CA GLY F 47 -13.46 -11.69 74.80
C GLY F 47 -12.67 -12.79 74.14
N LEU F 48 -11.98 -13.61 74.94
CA LEU F 48 -11.22 -14.72 74.38
C LEU F 48 -12.14 -15.77 73.77
N GLN F 49 -13.25 -16.07 74.45
CA GLN F 49 -14.18 -17.08 73.94
C GLN F 49 -14.78 -16.67 72.61
N ILE F 50 -15.29 -15.43 72.52
CA ILE F 50 -15.93 -14.99 71.29
C ILE F 50 -14.92 -14.89 70.16
N SER F 51 -13.73 -14.35 70.44
CA SER F 51 -12.72 -14.19 69.39
C SER F 51 -12.29 -15.55 68.85
N ASN F 52 -12.17 -16.55 69.72
CA ASN F 52 -11.87 -17.90 69.27
C ASN F 52 -12.94 -18.42 68.31
N ARG F 53 -14.20 -18.04 68.56
CA ARG F 53 -15.27 -18.45 67.65
C ARG F 53 -15.13 -17.79 66.28
N LEU F 54 -14.76 -16.51 66.24
CA LEU F 54 -14.57 -15.84 64.96
C LEU F 54 -13.39 -16.41 64.19
N THR F 55 -12.28 -16.68 64.88
CA THR F 55 -11.10 -17.20 64.18
C THR F 55 -11.32 -18.62 63.71
N SER F 56 -12.13 -19.40 64.42
CA SER F 56 -12.52 -20.72 63.93
C SER F 56 -13.44 -20.60 62.73
N GLN F 57 -14.33 -19.60 62.74
CA GLN F 57 -15.22 -19.38 61.60
C GLN F 57 -14.45 -18.89 60.39
N SER F 58 -13.46 -18.03 60.60
CA SER F 58 -12.67 -17.51 59.48
C SER F 58 -11.90 -18.61 58.78
N ARG F 59 -11.26 -19.50 59.54
CA ARG F 59 -10.57 -20.64 58.93
C ARG F 59 -11.56 -21.57 58.25
N GLY F 60 -12.73 -21.78 58.87
CA GLY F 60 -13.76 -22.60 58.24
C GLY F 60 -14.24 -22.01 56.93
N LEU F 61 -14.41 -20.69 56.88
CA LEU F 61 -14.81 -20.05 55.63
C LEU F 61 -13.72 -20.14 54.58
N ASP F 62 -12.47 -20.22 55.00
CA ASP F 62 -11.36 -20.41 54.06
C ASP F 62 -11.44 -21.80 53.43
N MET F 63 -11.69 -22.82 54.26
CA MET F 63 -11.85 -24.17 53.73
C MET F 63 -13.12 -24.28 52.88
N ALA F 64 -14.17 -23.57 53.26
CA ALA F 64 -15.42 -23.61 52.50
C ALA F 64 -15.22 -23.04 51.09
N VAL F 65 -14.45 -21.96 50.97
CA VAL F 65 -14.16 -21.41 49.65
C VAL F 65 -13.31 -22.39 48.84
N LYS F 66 -12.36 -23.06 49.50
CA LYS F 66 -11.55 -24.05 48.81
C LYS F 66 -12.40 -25.20 48.29
N ASN F 67 -13.32 -25.69 49.12
CA ASN F 67 -14.19 -26.78 48.69
C ASN F 67 -15.13 -26.35 47.57
N ALA F 68 -15.65 -25.12 47.64
CA ALA F 68 -16.51 -24.61 46.58
C ALA F 68 -15.76 -24.50 45.26
N ASN F 69 -14.51 -24.05 45.31
CA ASN F 69 -13.70 -23.99 44.10
C ASN F 69 -13.46 -25.38 43.51
N ASP F 70 -13.34 -26.39 44.38
CA ASP F 70 -13.24 -27.77 43.91
C ASP F 70 -14.53 -28.18 43.21
N GLY F 71 -15.68 -27.75 43.73
CA GLY F 71 -16.94 -28.01 43.04
C GLY F 71 -17.02 -27.33 41.70
N ILE F 72 -16.45 -26.12 41.59
CA ILE F 72 -16.38 -25.45 40.31
C ILE F 72 -15.51 -26.23 39.33
N SER F 73 -14.36 -26.72 39.81
CA SER F 73 -13.45 -27.46 38.94
C SER F 73 -14.05 -28.78 38.48
N ILE F 74 -14.66 -29.52 39.40
CA ILE F 74 -15.25 -30.80 39.06
C ILE F 74 -16.37 -30.62 38.04
N ALA F 75 -17.23 -29.63 38.27
CA ALA F 75 -18.32 -29.36 37.32
C ALA F 75 -17.78 -28.84 36.00
N GLN F 76 -16.70 -28.05 36.04
CA GLN F 76 -16.14 -27.49 34.81
C GLN F 76 -15.59 -28.57 33.90
N THR F 77 -14.76 -29.46 34.45
CA THR F 77 -14.18 -30.53 33.65
C THR F 77 -15.26 -31.54 33.23
N ALA F 78 -16.29 -31.71 34.06
CA ALA F 78 -17.39 -32.60 33.69
C ALA F 78 -18.15 -32.07 32.49
N GLU F 79 -18.42 -30.75 32.48
CA GLU F 79 -19.14 -30.17 31.35
C GLU F 79 -18.24 -30.01 30.13
N GLY F 80 -16.94 -29.76 30.35
CA GLY F 80 -16.03 -29.62 29.21
C GLY F 80 -15.95 -30.89 28.39
N ALA F 81 -15.87 -32.04 29.05
CA ALA F 81 -15.98 -33.31 28.33
C ALA F 81 -17.36 -33.47 27.70
N MET F 82 -18.39 -33.00 28.40
CA MET F 82 -19.75 -33.05 27.86
C MET F 82 -19.87 -32.24 26.58
N ASN F 83 -19.04 -31.21 26.42
CA ASN F 83 -19.07 -30.39 25.22
C ASN F 83 -18.70 -31.21 23.99
N GLU F 84 -17.67 -32.04 24.10
CA GLU F 84 -17.29 -32.90 22.98
C GLU F 84 -18.37 -33.92 22.68
N THR F 85 -19.06 -34.41 23.72
CA THR F 85 -20.18 -35.32 23.49
C THR F 85 -21.27 -34.67 22.66
N THR F 86 -21.54 -33.37 22.91
CA THR F 86 -22.50 -32.65 22.11
C THR F 86 -22.08 -32.58 20.65
N ASN F 87 -20.80 -32.27 20.41
CA ASN F 87 -20.32 -32.14 19.03
C ASN F 87 -20.31 -33.48 18.32
N ILE F 88 -19.99 -34.56 19.04
CA ILE F 88 -20.00 -35.88 18.44
C ILE F 88 -21.43 -36.25 18.01
N LEU F 89 -22.41 -36.03 18.89
CA LEU F 89 -23.78 -36.38 18.57
C LEU F 89 -24.32 -35.55 17.42
N GLN F 90 -23.92 -34.27 17.35
CA GLN F 90 -24.33 -33.44 16.22
C GLN F 90 -23.75 -33.97 14.90
N ARG F 91 -22.50 -34.43 14.93
CA ARG F 91 -21.91 -35.01 13.74
C ARG F 91 -22.62 -36.30 13.34
N MET F 92 -22.98 -37.13 14.32
CA MET F 92 -23.72 -38.35 14.02
C MET F 92 -25.11 -38.02 13.45
N ARG F 93 -25.75 -36.97 13.96
CA ARG F 93 -27.02 -36.53 13.41
C ARG F 93 -26.85 -36.05 11.97
N ASP F 94 -25.75 -35.37 11.68
CA ASP F 94 -25.45 -34.95 10.32
C ASP F 94 -25.28 -36.16 9.41
N LEU F 95 -24.58 -37.20 9.90
CA LEU F 95 -24.37 -38.40 9.11
C LEU F 95 -25.68 -39.18 8.91
N ALA F 96 -26.50 -39.27 9.97
CA ALA F 96 -27.74 -40.03 9.87
C ALA F 96 -28.70 -39.41 8.85
N LEU F 97 -28.76 -38.08 8.82
CA LEU F 97 -29.59 -37.40 7.83
C LEU F 97 -29.10 -37.68 6.42
N GLN F 98 -27.77 -37.68 6.23
CA GLN F 98 -27.21 -37.98 4.92
C GLN F 98 -27.50 -39.41 4.49
N SER F 99 -27.37 -40.37 5.42
CA SER F 99 -27.58 -41.77 5.08
C SER F 99 -29.03 -42.04 4.71
N SER F 100 -29.98 -41.28 5.28
CA SER F 100 -31.39 -41.47 4.99
C SER F 100 -31.75 -41.10 3.56
N ASN F 101 -30.85 -40.42 2.84
CA ASN F 101 -31.14 -40.03 1.47
C ASN F 101 -31.37 -41.25 0.58
N GLY F 102 -32.27 -41.12 -0.37
CA GLY F 102 -32.53 -42.19 -1.32
C GLY F 102 -31.53 -42.28 -2.46
N SER F 103 -30.63 -41.31 -2.57
CA SER F 103 -29.61 -41.37 -3.62
C SER F 103 -28.50 -42.36 -3.29
N ASN F 104 -28.17 -42.52 -2.01
CA ASN F 104 -27.11 -43.44 -1.62
C ASN F 104 -27.54 -44.89 -1.85
N SER F 105 -26.57 -45.73 -2.16
CA SER F 105 -26.79 -47.16 -2.30
C SER F 105 -26.42 -47.85 -0.99
N SER F 106 -26.45 -49.19 -1.00
CA SER F 106 -26.12 -49.94 0.21
C SER F 106 -24.67 -49.72 0.64
N SER F 107 -23.77 -49.50 -0.32
CA SER F 107 -22.36 -49.28 0.03
C SER F 107 -22.19 -48.00 0.84
N GLU F 108 -22.87 -46.92 0.46
CA GLU F 108 -22.75 -45.67 1.21
C GLU F 108 -23.33 -45.81 2.62
N ARG F 109 -24.42 -46.57 2.76
CA ARG F 109 -24.98 -46.79 4.09
C ARG F 109 -23.99 -47.51 5.00
N ARG F 110 -23.23 -48.46 4.44
CA ARG F 110 -22.19 -49.10 5.23
C ARG F 110 -21.07 -48.12 5.56
N ALA F 111 -20.79 -47.18 4.66
CA ALA F 111 -19.76 -46.18 4.92
C ALA F 111 -20.14 -45.29 6.10
N ILE F 112 -21.40 -44.84 6.15
CA ILE F 112 -21.88 -44.10 7.31
C ILE F 112 -21.85 -44.97 8.55
N GLN F 113 -22.29 -46.22 8.43
CA GLN F 113 -22.36 -47.09 9.61
C GLN F 113 -20.97 -47.30 10.22
N GLU F 114 -19.92 -47.25 9.39
CA GLU F 114 -18.56 -47.28 9.91
C GLU F 114 -18.28 -46.04 10.75
N GLU F 115 -18.52 -44.86 10.16
CA GLU F 115 -18.24 -43.61 10.84
C GLU F 115 -19.09 -43.45 12.09
N VAL F 116 -20.38 -43.81 12.01
CA VAL F 116 -21.26 -43.73 13.15
C VAL F 116 -20.81 -44.68 14.25
N SER F 117 -20.41 -45.90 13.89
CA SER F 117 -19.93 -46.85 14.90
C SER F 117 -18.63 -46.36 15.54
N ALA F 118 -17.77 -45.71 14.76
CA ALA F 118 -16.53 -45.16 15.32
C ALA F 118 -16.82 -44.03 16.30
N LEU F 119 -17.70 -43.10 15.92
CA LEU F 119 -18.08 -42.01 16.82
C LEU F 119 -18.86 -42.53 18.02
N ASN F 120 -19.65 -43.60 17.83
CA ASN F 120 -20.36 -44.20 18.95
C ASN F 120 -19.39 -44.75 19.99
N ASP F 121 -18.31 -45.39 19.53
CA ASP F 121 -17.27 -45.83 20.45
C ASP F 121 -16.56 -44.65 21.09
N GLU F 122 -16.50 -43.52 20.38
CA GLU F 122 -15.91 -42.31 20.95
C GLU F 122 -16.75 -41.80 22.12
N LEU F 123 -18.08 -41.87 21.99
CA LEU F 123 -18.95 -41.49 23.11
C LEU F 123 -18.71 -42.39 24.32
N ASN F 124 -18.55 -43.70 24.08
CA ASN F 124 -18.26 -44.62 25.17
C ASN F 124 -16.90 -44.30 25.80
N ARG F 125 -15.91 -43.98 24.99
CA ARG F 125 -14.60 -43.65 25.52
C ARG F 125 -14.65 -42.39 26.38
N ILE F 126 -15.34 -41.36 25.91
CA ILE F 126 -15.42 -40.11 26.68
C ILE F 126 -16.11 -40.33 28.01
N ALA F 127 -17.20 -41.11 28.00
CA ALA F 127 -17.93 -41.36 29.25
C ALA F 127 -17.09 -42.17 30.24
N GLU F 128 -16.34 -43.16 29.74
CA GLU F 128 -15.66 -44.10 30.62
C GLU F 128 -14.24 -43.70 30.97
N THR F 129 -13.69 -42.64 30.37
CA THR F 129 -12.33 -42.21 30.69
C THR F 129 -12.26 -40.84 31.34
N THR F 130 -13.26 -39.97 31.12
CA THR F 130 -13.25 -38.65 31.72
C THR F 130 -13.20 -38.76 33.24
N SER F 131 -12.09 -38.34 33.84
CA SER F 131 -11.89 -38.47 35.27
C SER F 131 -11.27 -37.19 35.81
N PHE F 132 -11.39 -37.00 37.11
CA PHE F 132 -10.85 -35.85 37.83
C PHE F 132 -9.84 -36.38 38.83
N GLY F 133 -8.58 -36.54 38.38
CA GLY F 133 -7.57 -37.10 39.26
C GLY F 133 -7.75 -38.57 39.57
N GLY F 134 -8.44 -39.30 38.69
CA GLY F 134 -8.75 -40.70 38.93
C GLY F 134 -10.16 -40.97 39.42
N ASN F 135 -10.99 -39.93 39.56
CA ASN F 135 -12.38 -40.08 39.97
C ASN F 135 -13.25 -39.96 38.74
N LYS F 136 -13.84 -41.07 38.29
CA LYS F 136 -14.64 -41.07 37.08
C LYS F 136 -15.90 -40.24 37.27
N LEU F 137 -16.29 -39.53 36.20
CA LEU F 137 -17.42 -38.62 36.25
C LEU F 137 -18.57 -39.04 35.34
N LEU F 138 -18.29 -39.27 34.06
CA LEU F 138 -19.32 -39.49 33.06
C LEU F 138 -19.67 -40.97 32.86
N ASN F 139 -19.06 -41.87 33.61
CA ASN F 139 -19.35 -43.30 33.46
C ASN F 139 -20.56 -43.76 34.27
N GLY F 140 -21.10 -42.90 35.14
CA GLY F 140 -22.30 -43.22 35.88
C GLY F 140 -22.08 -43.66 37.32
N SER F 141 -20.83 -43.82 37.76
CA SER F 141 -20.56 -44.24 39.12
C SER F 141 -20.32 -43.07 40.07
N PHE F 142 -20.39 -41.83 39.57
CA PHE F 142 -20.21 -40.68 40.45
C PHE F 142 -21.39 -40.52 41.40
N GLY F 143 -22.60 -40.63 40.88
CA GLY F 143 -23.78 -40.49 41.73
C GLY F 143 -23.93 -39.07 42.24
N SER F 144 -24.39 -38.93 43.47
CA SER F 144 -24.58 -37.64 44.11
C SER F 144 -23.56 -37.47 45.22
N LYS F 145 -22.82 -36.36 45.17
CA LYS F 145 -21.81 -36.06 46.17
C LYS F 145 -22.09 -34.68 46.77
N SER F 146 -21.87 -34.56 48.07
CA SER F 146 -22.16 -33.34 48.81
C SER F 146 -20.89 -32.49 48.90
N PHE F 147 -20.97 -31.25 48.42
CA PHE F 147 -19.86 -30.31 48.46
C PHE F 147 -20.10 -29.32 49.60
N GLN F 148 -19.35 -29.49 50.69
CA GLN F 148 -19.50 -28.65 51.88
C GLN F 148 -18.97 -27.25 51.58
N ILE F 149 -19.86 -26.25 51.66
CA ILE F 149 -19.48 -24.88 51.36
C ILE F 149 -19.76 -23.98 52.55
N GLY F 150 -19.73 -24.56 53.76
CA GLY F 150 -20.04 -23.80 54.96
C GLY F 150 -18.97 -23.99 56.02
N ALA F 151 -19.10 -23.20 57.09
CA ALA F 151 -18.20 -23.28 58.23
C ALA F 151 -18.74 -24.18 59.33
N ASP F 152 -19.96 -24.70 59.18
CA ASP F 152 -20.57 -25.59 60.16
C ASP F 152 -20.95 -26.90 59.49
N SER F 153 -21.12 -27.94 60.31
CA SER F 153 -21.43 -29.26 59.79
C SER F 153 -22.81 -29.28 59.15
N GLY F 154 -22.95 -30.12 58.13
CA GLY F 154 -24.22 -30.28 57.42
C GLY F 154 -24.69 -29.06 56.66
N GLU F 155 -23.80 -28.40 55.93
CA GLU F 155 -24.13 -27.22 55.13
C GLU F 155 -23.62 -27.40 53.71
N ALA F 156 -23.85 -28.57 53.13
CA ALA F 156 -23.30 -28.93 51.83
C ALA F 156 -24.33 -28.70 50.72
N VAL F 157 -23.93 -29.03 49.50
CA VAL F 157 -24.77 -28.92 48.32
C VAL F 157 -24.62 -30.20 47.52
N MET F 158 -25.75 -30.81 47.15
CA MET F 158 -25.75 -32.10 46.47
C MET F 158 -25.57 -31.90 44.97
N LEU F 159 -24.45 -32.40 44.44
CA LEU F 159 -24.17 -32.36 43.01
C LEU F 159 -24.39 -33.76 42.43
N SER F 160 -25.29 -33.88 41.47
CA SER F 160 -25.64 -35.15 40.85
C SER F 160 -25.22 -35.14 39.39
N MET F 161 -24.60 -36.24 38.95
CA MET F 161 -24.23 -36.42 37.56
C MET F 161 -24.75 -37.76 37.07
N GLY F 162 -25.50 -37.75 35.98
CA GLY F 162 -26.01 -38.97 35.41
C GLY F 162 -25.04 -39.64 34.47
N SER F 163 -25.29 -40.92 34.20
CA SER F 163 -24.45 -41.67 33.28
C SER F 163 -24.48 -41.05 31.89
N MET F 164 -23.29 -40.90 31.30
CA MET F 164 -23.13 -40.28 29.99
C MET F 164 -22.80 -41.31 28.92
N ARG F 165 -22.98 -42.60 29.20
CA ARG F 165 -22.71 -43.64 28.23
C ARG F 165 -23.68 -43.53 27.05
N SER F 166 -23.23 -44.03 25.90
CA SER F 166 -24.07 -43.95 24.70
C SER F 166 -25.30 -44.84 24.79
N ASP F 167 -25.33 -45.79 25.73
CA ASP F 167 -26.47 -46.70 25.87
C ASP F 167 -27.24 -46.48 27.17
N THR F 168 -27.18 -45.26 27.72
CA THR F 168 -28.01 -44.94 28.87
C THR F 168 -29.48 -44.86 28.45
N GLN F 169 -30.36 -45.20 29.39
CA GLN F 169 -31.79 -45.22 29.08
C GLN F 169 -32.29 -43.83 28.70
N ALA F 170 -31.87 -42.80 29.44
CA ALA F 170 -32.31 -41.44 29.15
C ALA F 170 -31.72 -40.88 27.87
N MET F 171 -30.74 -41.57 27.28
CA MET F 171 -30.10 -41.12 26.04
C MET F 171 -30.74 -41.77 24.81
N GLY F 172 -32.02 -42.13 24.90
CA GLY F 172 -32.72 -42.76 23.79
C GLY F 172 -34.22 -42.67 23.91
N GLY F 173 -34.92 -43.74 23.56
CA GLY F 173 -36.36 -43.74 23.63
C GLY F 173 -36.92 -45.06 23.13
N LYS F 174 -38.24 -45.07 22.94
CA LYS F 174 -38.95 -46.23 22.43
C LYS F 174 -39.28 -46.05 20.96
N SER F 175 -39.23 -47.15 20.20
CA SER F 175 -39.48 -47.16 18.78
C SER F 175 -40.65 -48.07 18.46
N TYR F 176 -41.66 -47.51 17.80
CA TYR F 176 -42.83 -48.26 17.33
C TYR F 176 -42.81 -48.29 15.81
N ARG F 177 -43.23 -49.40 15.22
CA ARG F 177 -43.21 -49.56 13.78
C ARG F 177 -44.50 -50.21 13.29
N ALA F 178 -45.01 -49.67 12.20
CA ALA F 178 -46.18 -50.27 11.57
C ALA F 178 -45.89 -51.70 11.12
N GLN F 179 -46.94 -52.52 11.03
CA GLN F 179 -46.80 -53.90 10.55
C GLN F 179 -47.38 -54.08 9.18
N GLU F 180 -47.71 -53.00 8.48
CA GLU F 180 -48.26 -53.09 7.15
C GLU F 180 -47.62 -51.94 6.38
N GLY F 181 -47.10 -52.21 5.19
CA GLY F 181 -46.44 -51.18 4.39
C GLY F 181 -47.32 -50.66 3.27
N LYS F 182 -47.26 -49.35 3.03
CA LYS F 182 -48.09 -48.69 2.02
C LYS F 182 -47.22 -48.19 0.88
N ALA F 183 -47.61 -48.52 -0.34
CA ALA F 183 -46.85 -48.17 -1.53
C ALA F 183 -47.04 -46.69 -1.86
N ALA F 184 -46.51 -46.27 -3.01
CA ALA F 184 -46.60 -44.87 -3.40
C ALA F 184 -48.01 -44.47 -3.82
N ASP F 185 -48.87 -45.43 -4.15
CA ASP F 185 -50.23 -45.14 -4.60
C ASP F 185 -51.23 -45.05 -3.45
N TRP F 186 -50.83 -45.40 -2.23
CA TRP F 186 -51.76 -45.35 -1.11
C TRP F 186 -52.01 -43.92 -0.68
N ARG F 187 -53.27 -43.55 -0.54
CA ARG F 187 -53.68 -42.24 -0.05
C ARG F 187 -54.71 -42.44 1.06
N VAL F 188 -54.70 -41.53 2.03
CA VAL F 188 -55.56 -41.68 3.20
C VAL F 188 -57.02 -41.65 2.79
N GLY F 189 -57.78 -42.62 3.26
CA GLY F 189 -59.19 -42.75 2.95
C GLY F 189 -60.07 -41.94 3.88
N ALA F 190 -61.34 -42.36 3.97
CA ALA F 190 -62.30 -41.66 4.80
C ALA F 190 -61.97 -41.75 6.29
N ALA F 191 -61.18 -42.74 6.70
CA ALA F 191 -60.74 -42.86 8.09
C ALA F 191 -59.40 -42.15 8.24
N THR F 192 -59.41 -41.02 8.93
CA THR F 192 -58.23 -40.17 9.06
C THR F 192 -57.74 -40.00 10.49
N ASP F 193 -58.62 -40.11 11.48
CA ASP F 193 -58.24 -39.82 12.86
C ASP F 193 -57.19 -40.80 13.36
N LEU F 194 -56.26 -40.29 14.17
CA LEU F 194 -55.20 -41.08 14.77
C LEU F 194 -54.95 -40.55 16.17
N THR F 195 -55.24 -41.37 17.18
CA THR F 195 -55.19 -40.96 18.57
C THR F 195 -54.01 -41.64 19.26
N LEU F 196 -53.12 -40.82 19.82
CA LEU F 196 -51.97 -41.30 20.58
C LEU F 196 -52.19 -40.99 22.05
N SER F 197 -52.18 -42.03 22.88
CA SER F 197 -52.38 -41.89 24.32
C SER F 197 -51.15 -42.40 25.05
N TYR F 198 -50.66 -41.62 26.00
CA TYR F 198 -49.50 -42.01 26.81
C TYR F 198 -49.53 -41.19 28.09
N THR F 199 -48.42 -41.25 28.83
CA THR F 199 -48.22 -40.44 30.03
C THR F 199 -46.91 -39.68 29.86
N ASN F 200 -46.97 -38.36 30.01
CA ASN F 200 -45.76 -37.55 29.93
C ASN F 200 -44.83 -37.87 31.10
N LYS F 201 -43.57 -37.48 30.96
CA LYS F 201 -42.57 -37.79 31.98
C LYS F 201 -42.90 -37.15 33.32
N GLN F 202 -43.65 -36.06 33.33
CA GLN F 202 -44.06 -35.43 34.57
C GLN F 202 -45.14 -36.22 35.30
N GLY F 203 -45.72 -37.23 34.67
CA GLY F 203 -46.69 -38.09 35.32
C GLY F 203 -48.14 -37.83 34.99
N GLU F 204 -48.45 -36.93 34.05
CA GLU F 204 -49.82 -36.64 33.67
C GLU F 204 -50.15 -37.32 32.36
N ALA F 205 -51.39 -37.78 32.23
CA ALA F 205 -51.86 -38.37 30.98
C ALA F 205 -51.98 -37.31 29.91
N ARG F 206 -51.52 -37.63 28.71
CA ARG F 206 -51.54 -36.71 27.58
C ARG F 206 -52.29 -37.34 26.41
N GLU F 207 -53.23 -36.59 25.85
CA GLU F 207 -54.03 -37.04 24.72
C GLU F 207 -53.70 -36.19 23.50
N VAL F 208 -53.27 -36.83 22.43
CA VAL F 208 -52.94 -36.16 21.18
C VAL F 208 -53.73 -36.81 20.06
N THR F 209 -54.61 -36.02 19.43
CA THR F 209 -55.42 -36.49 18.32
C THR F 209 -54.97 -35.77 17.05
N ILE F 210 -54.56 -36.54 16.05
CA ILE F 210 -54.09 -36.00 14.78
C ILE F 210 -55.07 -36.42 13.70
N ASN F 211 -55.63 -35.43 13.00
CA ASN F 211 -56.56 -35.68 11.91
C ASN F 211 -55.80 -35.48 10.60
N ALA F 212 -55.38 -36.59 10.00
CA ALA F 212 -54.68 -36.54 8.73
C ALA F 212 -55.61 -36.03 7.63
N LYS F 213 -55.01 -35.47 6.59
CA LYS F 213 -55.74 -34.86 5.49
C LYS F 213 -55.83 -35.85 4.34
N GLN F 214 -57.02 -35.96 3.76
CA GLN F 214 -57.27 -36.97 2.73
C GLN F 214 -56.40 -36.72 1.50
N GLY F 215 -56.00 -37.81 0.85
CA GLY F 215 -55.12 -37.74 -0.31
C GLY F 215 -53.65 -37.67 0.01
N ASP F 216 -53.28 -37.64 1.29
CA ASP F 216 -51.88 -37.56 1.68
C ASP F 216 -51.24 -38.94 1.57
N ASP F 217 -50.03 -38.97 0.99
CA ASP F 217 -49.29 -40.23 0.97
C ASP F 217 -48.59 -40.42 2.31
N LEU F 218 -47.85 -41.53 2.43
CA LEU F 218 -47.28 -41.88 3.72
C LEU F 218 -46.22 -40.89 4.17
N GLU F 219 -45.38 -40.42 3.24
CA GLU F 219 -44.31 -39.51 3.62
C GLU F 219 -44.87 -38.15 4.05
N GLU F 220 -45.89 -37.66 3.34
CA GLU F 220 -46.53 -36.42 3.76
C GLU F 220 -47.26 -36.60 5.10
N LEU F 221 -47.87 -37.77 5.31
CA LEU F 221 -48.52 -38.04 6.60
C LEU F 221 -47.50 -38.04 7.73
N ALA F 222 -46.31 -38.62 7.48
CA ALA F 222 -45.26 -38.59 8.49
C ALA F 222 -44.84 -37.15 8.81
N THR F 223 -44.79 -36.29 7.78
CA THR F 223 -44.50 -34.88 8.01
C THR F 223 -45.60 -34.22 8.84
N TYR F 224 -46.86 -34.55 8.55
CA TYR F 224 -47.98 -33.95 9.28
C TYR F 224 -47.94 -34.32 10.75
N ILE F 225 -47.65 -35.59 11.06
CA ILE F 225 -47.57 -36.01 12.45
C ILE F 225 -46.43 -35.27 13.16
N ASN F 226 -45.33 -35.03 12.44
CA ASN F 226 -44.22 -34.27 13.02
C ASN F 226 -44.64 -32.84 13.33
N GLY F 227 -45.38 -32.20 12.44
CA GLY F 227 -45.76 -30.81 12.65
C GLY F 227 -46.76 -30.63 13.78
N GLN F 228 -47.72 -31.54 13.90
CA GLN F 228 -48.81 -31.35 14.85
C GLN F 228 -48.32 -31.41 16.30
N THR F 229 -47.41 -32.34 16.60
CA THR F 229 -46.98 -32.57 17.98
C THR F 229 -45.46 -32.64 18.05
N GLU F 230 -44.93 -32.31 19.21
CA GLU F 230 -43.51 -32.41 19.49
C GLU F 230 -43.17 -33.57 20.40
N ASP F 231 -44.17 -34.29 20.91
CA ASP F 231 -43.89 -35.42 21.80
C ASP F 231 -43.30 -36.59 21.04
N VAL F 232 -43.87 -36.92 19.87
CA VAL F 232 -43.41 -38.04 19.06
C VAL F 232 -42.91 -37.52 17.73
N LYS F 233 -42.15 -38.37 17.04
CA LYS F 233 -41.61 -38.07 15.72
C LYS F 233 -41.99 -39.21 14.78
N ALA F 234 -42.41 -38.88 13.57
CA ALA F 234 -42.87 -39.86 12.60
C ALA F 234 -41.90 -39.95 11.44
N SER F 235 -41.71 -41.16 10.92
CA SER F 235 -40.83 -41.41 9.79
C SER F 235 -41.40 -42.54 8.95
N VAL F 236 -40.71 -42.83 7.85
CA VAL F 236 -41.12 -43.87 6.91
C VAL F 236 -39.92 -44.76 6.61
N GLY F 237 -40.12 -46.07 6.67
CA GLY F 237 -39.07 -47.02 6.41
C GLY F 237 -38.88 -47.28 4.92
N GLU F 238 -38.09 -48.32 4.63
CA GLU F 238 -37.82 -48.68 3.24
C GLU F 238 -39.09 -49.15 2.54
N ASP F 239 -39.85 -50.02 3.22
CA ASP F 239 -41.05 -50.61 2.63
C ASP F 239 -42.25 -49.67 2.64
N GLY F 240 -42.14 -48.52 3.31
CA GLY F 240 -43.28 -47.65 3.50
C GLY F 240 -44.05 -48.00 4.74
N LYS F 241 -43.34 -48.08 5.87
CA LYS F 241 -43.94 -48.47 7.14
C LYS F 241 -43.73 -47.34 8.13
N LEU F 242 -44.82 -46.71 8.55
CA LEU F 242 -44.74 -45.55 9.42
C LEU F 242 -44.23 -45.96 10.80
N GLN F 243 -43.26 -45.20 11.31
CA GLN F 243 -42.66 -45.48 12.61
C GLN F 243 -42.70 -44.22 13.47
N LEU F 244 -43.06 -44.40 14.74
CA LEU F 244 -43.12 -43.31 15.71
C LEU F 244 -42.08 -43.54 16.79
N PHE F 245 -41.30 -42.49 17.08
CA PHE F 245 -40.29 -42.54 18.12
C PHE F 245 -40.71 -41.65 19.29
N ALA F 246 -41.02 -42.26 20.42
CA ALA F 246 -41.36 -41.54 21.64
C ALA F 246 -40.14 -41.54 22.54
N SER F 247 -39.59 -40.36 22.78
CA SER F 247 -38.35 -40.24 23.54
C SER F 247 -38.54 -40.71 24.97
N SER F 248 -37.46 -41.21 25.57
CA SER F 248 -37.53 -41.81 26.90
C SER F 248 -37.52 -40.79 28.03
N GLN F 249 -37.26 -39.51 27.75
CA GLN F 249 -37.36 -38.48 28.77
C GLN F 249 -38.61 -37.61 28.60
N LYS F 250 -39.43 -37.88 27.59
CA LYS F 250 -40.67 -37.16 27.40
C LYS F 250 -41.90 -38.04 27.58
N VAL F 251 -41.76 -39.36 27.63
CA VAL F 251 -42.85 -40.28 27.88
C VAL F 251 -42.38 -41.36 28.85
N ASN F 252 -43.35 -42.05 29.44
CA ASN F 252 -43.09 -43.24 30.25
C ASN F 252 -44.23 -44.22 30.05
N GLY F 253 -43.91 -45.50 30.17
CA GLY F 253 -44.87 -46.54 29.84
C GLY F 253 -44.98 -46.74 28.33
N ASP F 254 -45.88 -47.64 27.95
CA ASP F 254 -46.10 -47.95 26.55
C ASP F 254 -47.13 -47.02 25.94
N VAL F 255 -46.84 -46.53 24.73
CA VAL F 255 -47.73 -45.63 24.03
C VAL F 255 -48.85 -46.44 23.39
N THR F 256 -50.10 -46.08 23.68
CA THR F 256 -51.26 -46.72 23.11
C THR F 256 -51.74 -45.92 21.92
N ILE F 257 -51.98 -46.61 20.80
CA ILE F 257 -52.34 -45.98 19.54
C ILE F 257 -53.71 -46.49 19.12
N GLY F 258 -54.64 -45.56 18.88
CA GLY F 258 -55.97 -45.89 18.42
C GLY F 258 -56.39 -45.04 17.23
N GLY F 259 -57.67 -45.05 16.92
CA GLY F 259 -58.20 -44.29 15.80
C GLY F 259 -58.31 -45.13 14.53
N GLY F 260 -59.06 -44.58 13.57
CA GLY F 260 -59.25 -45.28 12.31
C GLY F 260 -57.95 -45.45 11.53
N LEU F 261 -57.16 -44.37 11.44
CA LEU F 261 -55.89 -44.46 10.74
C LEU F 261 -54.90 -45.32 11.51
N GLY F 262 -54.93 -45.25 12.84
CA GLY F 262 -54.05 -46.08 13.63
C GLY F 262 -54.36 -47.56 13.49
N GLY F 263 -55.64 -47.90 13.35
CA GLY F 263 -56.00 -49.30 13.15
C GLY F 263 -55.76 -49.77 11.73
N GLU F 264 -55.95 -48.88 10.75
CA GLU F 264 -55.72 -49.25 9.36
C GLU F 264 -54.25 -49.50 9.10
N ILE F 265 -53.37 -48.59 9.53
CA ILE F 265 -51.94 -48.81 9.38
C ILE F 265 -51.47 -49.91 10.32
N GLY F 266 -51.93 -49.89 11.56
CA GLY F 266 -51.52 -50.88 12.55
C GLY F 266 -50.15 -50.59 13.12
N PHE F 267 -49.96 -50.85 14.42
CA PHE F 267 -48.70 -50.58 15.08
C PHE F 267 -48.34 -51.73 16.00
N ASP F 268 -47.06 -52.09 16.02
CA ASP F 268 -46.58 -53.20 16.82
C ASP F 268 -46.11 -52.71 18.18
N ALA F 269 -45.43 -53.56 18.93
CA ALA F 269 -44.92 -53.20 20.24
C ALA F 269 -43.69 -52.31 20.12
N GLY F 270 -43.40 -51.60 21.21
CA GLY F 270 -42.28 -50.68 21.24
C GLY F 270 -41.00 -51.33 21.76
N ARG F 271 -39.89 -51.01 21.12
CA ARG F 271 -38.58 -51.52 21.47
C ARG F 271 -37.68 -50.36 21.87
N ASN F 272 -36.93 -50.54 22.96
CA ASN F 272 -36.04 -49.50 23.45
C ASN F 272 -34.83 -49.39 22.53
N VAL F 273 -34.59 -48.19 22.01
CA VAL F 273 -33.47 -47.91 21.12
C VAL F 273 -32.71 -46.72 21.69
N THR F 274 -31.39 -46.86 21.78
CA THR F 274 -30.52 -45.79 22.27
C THR F 274 -29.49 -45.45 21.18
N VAL F 275 -28.56 -44.57 21.53
CA VAL F 275 -27.52 -44.18 20.57
C VAL F 275 -26.62 -45.35 20.26
N ALA F 276 -26.34 -46.20 21.25
CA ALA F 276 -25.53 -47.38 21.01
C ALA F 276 -26.21 -48.39 20.10
N ASP F 277 -27.53 -48.27 19.93
CA ASP F 277 -28.27 -49.13 19.01
C ASP F 277 -28.55 -48.45 17.67
N VAL F 278 -27.93 -47.29 17.43
CA VAL F 278 -28.11 -46.59 16.16
C VAL F 278 -27.43 -47.39 15.05
N ASN F 279 -28.19 -47.69 14.00
CA ASN F 279 -27.68 -48.45 12.86
C ASN F 279 -28.29 -47.84 11.61
N VAL F 280 -27.48 -47.10 10.85
CA VAL F 280 -27.96 -46.35 9.71
C VAL F 280 -27.76 -47.11 8.39
N SER F 281 -27.56 -48.42 8.46
CA SER F 281 -27.41 -49.22 7.25
C SER F 281 -28.69 -49.25 6.41
N THR F 282 -29.83 -48.86 6.99
CA THR F 282 -31.10 -48.84 6.30
C THR F 282 -31.74 -47.46 6.43
N VAL F 283 -32.70 -47.18 5.54
CA VAL F 283 -33.38 -45.89 5.56
C VAL F 283 -34.11 -45.70 6.88
N ALA F 284 -34.84 -46.74 7.31
CA ALA F 284 -35.56 -46.66 8.58
C ALA F 284 -34.59 -46.52 9.75
N GLY F 285 -33.43 -47.17 9.66
CA GLY F 285 -32.44 -47.04 10.71
C GLY F 285 -31.85 -45.65 10.81
N SER F 286 -31.83 -44.91 9.69
CA SER F 286 -31.29 -43.56 9.70
C SER F 286 -32.36 -42.55 10.06
N GLN F 287 -33.60 -42.74 9.57
CA GLN F 287 -34.69 -41.87 9.98
C GLN F 287 -34.96 -41.99 11.48
N GLU F 288 -34.92 -43.23 12.00
CA GLU F 288 -35.05 -43.41 13.45
C GLU F 288 -33.82 -42.87 14.18
N ALA F 289 -32.65 -42.90 13.54
CA ALA F 289 -31.44 -42.40 14.18
C ALA F 289 -31.54 -40.92 14.49
N VAL F 290 -32.07 -40.14 13.55
CA VAL F 290 -32.18 -38.69 13.74
C VAL F 290 -33.02 -38.39 14.97
N SER F 291 -34.11 -39.14 15.15
CA SER F 291 -34.94 -38.96 16.34
C SER F 291 -34.21 -39.40 17.60
N ILE F 292 -33.41 -40.46 17.52
CA ILE F 292 -32.71 -40.96 18.69
C ILE F 292 -31.70 -39.93 19.20
N LEU F 293 -30.88 -39.38 18.30
CA LEU F 293 -29.89 -38.40 18.70
C LEU F 293 -30.51 -37.03 19.00
N ASP F 294 -31.70 -36.74 18.47
CA ASP F 294 -32.43 -35.55 18.90
C ASP F 294 -32.81 -35.66 20.37
N GLY F 295 -33.30 -36.82 20.78
CA GLY F 295 -33.55 -37.06 22.19
C GLY F 295 -32.28 -37.09 23.01
N ALA F 296 -31.21 -37.64 22.43
CA ALA F 296 -29.93 -37.69 23.13
C ALA F 296 -29.38 -36.30 23.40
N LEU F 297 -29.43 -35.43 22.39
CA LEU F 297 -28.92 -34.07 22.57
C LEU F 297 -29.75 -33.31 23.61
N LYS F 298 -31.03 -33.65 23.74
CA LYS F 298 -31.83 -33.05 24.80
C LYS F 298 -31.31 -33.46 26.17
N ALA F 299 -30.94 -34.74 26.33
CA ALA F 299 -30.37 -35.20 27.59
C ALA F 299 -29.01 -34.56 27.86
N VAL F 300 -28.20 -34.40 26.81
CA VAL F 300 -26.88 -33.80 26.98
C VAL F 300 -27.00 -32.33 27.37
N ASP F 301 -27.84 -31.57 26.65
CA ASP F 301 -27.93 -30.14 26.89
C ASP F 301 -28.63 -29.82 28.20
N SER F 302 -29.67 -30.59 28.55
CA SER F 302 -30.32 -30.39 29.84
C SER F 302 -29.37 -30.69 30.98
N GLN F 303 -28.54 -31.72 30.83
CA GLN F 303 -27.53 -32.02 31.84
C GLN F 303 -26.49 -30.91 31.91
N ARG F 304 -26.10 -30.35 30.77
CA ARG F 304 -25.15 -29.25 30.77
C ARG F 304 -25.72 -28.04 31.49
N ALA F 305 -26.98 -27.70 31.23
CA ALA F 305 -27.61 -26.56 31.90
C ALA F 305 -27.73 -26.80 33.39
N SER F 306 -28.01 -28.04 33.79
CA SER F 306 -28.06 -28.37 35.21
C SER F 306 -26.70 -28.16 35.88
N LEU F 307 -25.63 -28.47 35.16
CA LEU F 307 -24.29 -28.24 35.71
C LEU F 307 -23.94 -26.76 35.69
N GLY F 308 -24.35 -26.04 34.65
CA GLY F 308 -24.03 -24.64 34.55
C GLY F 308 -24.69 -23.80 35.63
N ALA F 309 -25.96 -24.08 35.93
CA ALA F 309 -26.63 -23.41 37.04
C ALA F 309 -25.96 -23.75 38.36
N PHE F 310 -25.44 -24.98 38.48
CA PHE F 310 -24.70 -25.35 39.67
C PHE F 310 -23.40 -24.56 39.78
N GLN F 311 -22.71 -24.35 38.66
CA GLN F 311 -21.49 -23.57 38.67
C GLN F 311 -21.76 -22.12 39.06
N ASN F 312 -22.85 -21.55 38.54
CA ASN F 312 -23.21 -20.19 38.94
C ASN F 312 -23.61 -20.13 40.41
N ARG F 313 -24.22 -21.20 40.94
CA ARG F 313 -24.61 -21.21 42.33
C ARG F 313 -23.40 -21.09 43.26
N PHE F 314 -22.34 -21.86 42.96
CA PHE F 314 -21.12 -21.72 43.73
C PHE F 314 -20.37 -20.44 43.40
N GLY F 315 -20.57 -19.91 42.18
CA GLY F 315 -19.99 -18.62 41.85
C GLY F 315 -20.52 -17.51 42.75
N HIS F 316 -21.81 -17.58 43.08
CA HIS F 316 -22.38 -16.64 44.05
C HIS F 316 -21.98 -17.02 45.47
N ALA F 317 -21.87 -18.33 45.75
CA ALA F 317 -21.51 -18.77 47.09
C ALA F 317 -20.09 -18.35 47.46
N ILE F 318 -19.16 -18.44 46.50
CA ILE F 318 -17.78 -18.04 46.78
C ILE F 318 -17.71 -16.55 47.10
N SER F 319 -18.42 -15.74 46.32
CA SER F 319 -18.44 -14.30 46.57
C SER F 319 -19.08 -13.98 47.91
N ASN F 320 -20.19 -14.66 48.24
CA ASN F 320 -20.85 -14.42 49.52
C ASN F 320 -19.98 -14.86 50.69
N LEU F 321 -19.34 -16.02 50.57
CA LEU F 321 -18.48 -16.50 51.64
C LEU F 321 -17.27 -15.58 51.84
N ASP F 322 -16.71 -15.06 50.74
CA ASP F 322 -15.61 -14.12 50.85
C ASP F 322 -16.05 -12.84 51.55
N ASN F 323 -17.24 -12.33 51.22
CA ASN F 323 -17.72 -11.11 51.85
C ASN F 323 -17.94 -11.30 53.35
N VAL F 324 -18.50 -12.46 53.73
CA VAL F 324 -18.66 -12.76 55.15
C VAL F 324 -17.30 -12.94 55.81
N ASN F 325 -16.35 -13.53 55.08
CA ASN F 325 -15.02 -13.76 55.65
C ASN F 325 -14.33 -12.46 56.02
N GLU F 326 -14.41 -11.45 55.15
CA GLU F 326 -13.77 -10.17 55.42
C GLU F 326 -14.43 -9.47 56.60
N ASN F 327 -15.76 -9.49 56.66
CA ASN F 327 -16.45 -8.83 57.76
C ASN F 327 -16.18 -9.52 59.08
N VAL F 328 -16.08 -10.84 59.07
CA VAL F 328 -15.72 -11.59 60.28
C VAL F 328 -14.30 -11.25 60.71
N ASN F 329 -13.39 -11.12 59.75
CA ASN F 329 -12.01 -10.76 60.08
C ASN F 329 -11.95 -9.37 60.72
N ALA F 330 -12.72 -8.42 60.19
CA ALA F 330 -12.75 -7.08 60.77
C ALA F 330 -13.29 -7.11 62.20
N SER F 331 -14.34 -7.89 62.43
CA SER F 331 -14.90 -7.99 63.77
C SER F 331 -13.91 -8.64 64.73
N ARG F 332 -13.21 -9.68 64.28
CA ARG F 332 -12.22 -10.33 65.14
C ARG F 332 -11.10 -9.36 65.52
N SER F 333 -10.79 -8.42 64.62
CA SER F 333 -9.80 -7.39 64.93
C SER F 333 -10.29 -6.49 66.07
N ARG F 334 -11.57 -6.12 66.04
CA ARG F 334 -12.07 -5.15 67.00
C ARG F 334 -12.19 -5.73 68.40
N ILE F 335 -12.04 -7.04 68.55
CA ILE F 335 -12.17 -7.66 69.87
C ILE F 335 -10.84 -8.19 70.37
N ARG F 336 -10.02 -8.77 69.48
CA ARG F 336 -8.80 -9.45 69.92
C ARG F 336 -7.51 -8.84 69.38
N ASP F 337 -7.56 -8.04 68.31
CA ASP F 337 -6.34 -7.42 67.81
C ASP F 337 -5.94 -6.25 68.69
N THR F 338 -4.64 -6.16 68.98
CA THR F 338 -4.15 -5.06 69.79
C THR F 338 -4.11 -3.78 68.98
N ASP F 339 -4.17 -2.65 69.68
CA ASP F 339 -4.07 -1.33 69.06
C ASP F 339 -2.69 -0.76 69.37
N TYR F 340 -1.88 -0.58 68.33
CA TYR F 340 -0.55 0.00 68.52
C TYR F 340 -0.66 1.44 69.01
N ALA F 341 -1.70 2.15 68.59
CA ALA F 341 -1.87 3.55 69.02
C ALA F 341 -2.06 3.66 70.52
N ARG F 342 -2.64 2.64 71.16
CA ARG F 342 -2.91 2.68 72.59
C ARG F 342 -1.92 1.87 73.41
N GLU F 343 -1.48 0.71 72.91
CA GLU F 343 -0.64 -0.16 73.71
C GLU F 343 0.79 0.39 73.83
N THR F 344 1.31 0.99 72.76
CA THR F 344 2.62 1.62 72.85
C THR F 344 2.61 2.77 73.84
N THR F 345 1.56 3.59 73.80
CA THR F 345 1.41 4.65 74.79
C THR F 345 1.25 4.07 76.19
N ALA F 346 0.59 2.92 76.30
CA ALA F 346 0.47 2.25 77.59
C ALA F 346 1.83 1.83 78.13
N MET F 347 2.68 1.26 77.28
CA MET F 347 4.04 0.92 77.72
C MET F 347 4.82 2.18 78.04
N THR F 348 4.74 3.20 77.19
CA THR F 348 5.48 4.43 77.43
C THR F 348 5.08 5.06 78.75
N LYS F 349 3.77 5.15 79.01
CA LYS F 349 3.31 5.67 80.29
C LYS F 349 3.87 4.84 81.45
N ALA F 350 3.74 3.52 81.36
CA ALA F 350 4.16 2.64 82.45
C ALA F 350 5.66 2.79 82.75
N GLN F 351 6.46 3.18 81.76
CA GLN F 351 7.88 3.36 82.00
C GLN F 351 8.14 4.54 82.94
N ILE F 352 7.36 5.62 82.82
CA ILE F 352 7.50 6.74 83.74
C ILE F 352 7.17 6.33 85.17
N LEU F 353 6.09 5.56 85.37
CA LEU F 353 5.79 5.09 86.72
C LEU F 353 6.90 4.18 87.23
N GLN F 354 7.52 3.40 86.35
CA GLN F 354 8.64 2.55 86.78
C GLN F 354 9.83 3.43 87.19
N GLN F 355 10.17 4.42 86.37
CA GLN F 355 11.26 5.32 86.71
C GLN F 355 10.94 6.12 87.97
N ALA F 356 9.69 6.55 88.12
CA ALA F 356 9.30 7.26 89.34
C ALA F 356 9.38 6.34 90.55
N SER F 357 9.01 5.06 90.39
CA SER F 357 9.09 4.12 91.50
C SER F 357 10.54 3.85 91.90
N THR F 358 11.44 3.75 90.92
CA THR F 358 12.85 3.55 91.25
C THR F 358 13.45 4.79 91.92
N SER F 359 13.12 5.97 91.40
CA SER F 359 13.61 7.21 92.01
C SER F 359 13.02 7.40 93.40
N VAL F 360 11.74 7.10 93.57
CA VAL F 360 11.10 7.26 94.88
C VAL F 360 11.68 6.26 95.87
N LEU F 361 12.01 5.05 95.41
CA LEU F 361 12.60 4.06 96.29
C LEU F 361 13.99 4.50 96.76
N ALA F 362 14.79 5.04 95.84
CA ALA F 362 16.12 5.50 96.19
C ALA F 362 16.06 6.64 97.19
N GLN F 363 15.12 7.58 96.99
CA GLN F 363 14.99 8.71 97.91
C GLN F 363 14.42 8.27 99.26
N ALA F 364 13.65 7.17 99.26
CA ALA F 364 12.93 6.75 100.47
C ALA F 364 13.85 6.22 101.57
N LYS F 365 14.90 5.47 101.22
CA LYS F 365 15.73 4.87 102.26
C LYS F 365 16.69 5.86 102.89
N GLN F 366 16.73 7.10 102.41
CA GLN F 366 17.51 8.13 103.10
C GLN F 366 16.86 8.58 104.40
N SER F 367 15.59 8.22 104.64
CA SER F 367 14.96 8.56 105.92
C SER F 367 15.65 7.88 107.10
N PRO F 368 15.90 6.57 107.11
CA PRO F 368 16.71 6.00 108.20
C PRO F 368 18.15 6.50 108.21
N SER F 369 18.65 7.02 107.09
CA SER F 369 19.98 7.64 107.10
C SER F 369 19.99 8.86 108.00
N ALA F 370 18.91 9.63 108.01
CA ALA F 370 18.77 10.72 108.98
C ALA F 370 18.56 10.19 110.39
N ALA F 371 17.96 9.00 110.51
CA ALA F 371 17.72 8.41 111.84
C ALA F 371 19.05 8.11 112.54
N LEU F 372 20.03 7.60 111.80
CA LEU F 372 21.33 7.34 112.41
C LEU F 372 22.10 8.63 112.65
N SER F 373 21.83 9.68 111.86
CA SER F 373 22.59 10.91 111.97
C SER F 373 22.18 11.76 113.17
N LEU F 374 20.92 11.67 113.61
CA LEU F 374 20.46 12.57 114.67
C LEU F 374 21.08 12.21 116.01
N LEU F 375 21.17 10.93 116.33
CA LEU F 375 21.72 10.48 117.61
C LEU F 375 22.94 9.58 117.47
N GLY F 376 22.92 8.64 116.53
CA GLY F 376 24.03 7.72 116.36
C GLY F 376 25.25 8.36 115.73
N MET G 1 59.28 9.45 80.73
CA MET G 1 59.12 10.90 80.59
C MET G 1 58.51 11.51 81.85
N ALA G 2 57.68 12.54 81.67
CA ALA G 2 57.09 13.26 82.80
C ALA G 2 55.63 13.54 82.51
N ILE G 3 54.86 13.69 83.59
CA ILE G 3 53.46 14.11 83.50
C ILE G 3 53.40 15.60 83.77
N ASN G 4 52.86 16.36 82.81
CA ASN G 4 52.96 17.81 82.87
C ASN G 4 51.74 18.42 82.20
N VAL G 5 51.65 19.75 82.29
CA VAL G 5 50.55 20.51 81.71
C VAL G 5 51.09 21.44 80.64
N ASN G 6 52.34 21.86 80.79
CA ASN G 6 52.90 22.87 79.89
C ASN G 6 53.19 22.34 78.50
N THR G 7 53.28 21.02 78.32
CA THR G 7 53.54 20.44 77.02
C THR G 7 52.49 19.38 76.71
N ASN G 8 52.16 19.27 75.43
CA ASN G 8 51.15 18.35 74.92
C ASN G 8 51.69 17.66 73.67
N VAL G 9 52.88 17.08 73.77
CA VAL G 9 53.58 16.53 72.61
C VAL G 9 52.70 15.58 71.83
N SER G 10 51.95 14.72 72.53
CA SER G 10 51.06 13.79 71.85
C SER G 10 49.99 14.54 71.06
N ALA G 11 49.44 15.61 71.65
CA ALA G 11 48.44 16.41 70.94
C ALA G 11 49.02 17.10 69.71
N MET G 12 50.23 17.63 69.81
CA MET G 12 50.80 18.36 68.69
C MET G 12 51.14 17.44 67.53
N THR G 13 51.59 16.22 67.82
CA THR G 13 51.74 15.24 66.75
C THR G 13 50.39 14.83 66.17
N ALA G 14 49.36 14.78 67.02
CA ALA G 14 48.03 14.45 66.54
C ALA G 14 47.52 15.49 65.55
N GLN G 15 47.73 16.78 65.85
CA GLN G 15 47.32 17.82 64.92
C GLN G 15 48.29 17.94 63.75
N ARG G 16 49.51 17.40 63.89
CA ARG G 16 50.45 17.39 62.77
C ARG G 16 50.00 16.42 61.69
N TYR G 17 49.33 15.33 62.09
CA TYR G 17 48.74 14.44 61.10
C TYR G 17 47.31 14.85 60.77
N LEU G 18 46.70 15.68 61.63
CA LEU G 18 45.37 16.20 61.31
C LEU G 18 45.43 17.18 60.15
N ASN G 19 46.36 18.14 60.20
CA ASN G 19 46.51 19.08 59.10
C ASN G 19 47.25 18.44 57.92
N GLY G 20 48.01 17.38 58.15
CA GLY G 20 48.54 16.60 57.04
C GLY G 20 47.43 15.94 56.24
N ALA G 21 46.43 15.39 56.95
CA ALA G 21 45.26 14.85 56.27
C ALA G 21 44.41 15.98 55.67
N ALA G 22 44.43 17.16 56.30
CA ALA G 22 43.68 18.29 55.77
C ALA G 22 44.21 18.71 54.41
N ASP G 23 45.54 18.76 54.26
CA ASP G 23 46.12 19.04 52.96
C ASP G 23 45.80 17.95 51.95
N GLY G 24 46.02 16.69 52.32
CA GLY G 24 45.79 15.60 51.39
C GLY G 24 44.36 15.56 50.87
N MET G 25 43.40 15.89 51.74
CA MET G 25 42.01 15.94 51.29
C MET G 25 41.75 17.19 50.44
N GLN G 26 42.32 18.33 50.85
CA GLN G 26 42.01 19.60 50.18
C GLN G 26 42.49 19.60 48.74
N LYS G 27 43.68 19.05 48.47
CA LYS G 27 44.11 18.88 47.08
C LYS G 27 43.17 17.94 46.34
N SER G 28 42.73 16.87 47.00
CA SER G 28 41.82 15.93 46.35
C SER G 28 40.49 16.58 46.02
N MET G 29 39.94 17.37 46.94
CA MET G 29 38.63 17.98 46.71
C MET G 29 38.66 18.92 45.50
N GLU G 30 39.80 19.58 45.27
CA GLU G 30 39.95 20.40 44.07
C GLU G 30 39.97 19.53 42.81
N ARG G 31 40.48 18.31 42.93
CA ARG G 31 40.66 17.46 41.75
C ARG G 31 39.32 17.01 41.17
N LEU G 32 38.35 16.66 42.02
CA LEU G 32 37.03 16.30 41.49
C LEU G 32 36.20 17.50 41.06
N SER G 33 36.31 18.63 41.77
CA SER G 33 35.55 19.81 41.39
C SER G 33 35.94 20.30 40.00
N SER G 34 37.25 20.41 39.73
CA SER G 34 37.70 20.85 38.43
C SER G 34 37.70 19.70 37.42
N GLY G 35 38.13 18.53 37.84
CA GLY G 35 38.26 17.39 36.96
C GLY G 35 39.66 17.13 36.44
N TYR G 36 40.68 17.80 36.98
CA TYR G 36 42.03 17.70 36.48
C TYR G 36 42.97 17.26 37.58
N LYS G 37 43.88 16.34 37.25
CA LYS G 37 44.93 15.95 38.20
C LYS G 37 45.84 17.12 38.54
N ILE G 38 46.24 17.89 37.52
CA ILE G 38 47.14 19.02 37.74
C ILE G 38 46.45 20.35 37.47
N ASN G 39 45.81 20.91 38.49
CA ASN G 39 45.32 22.27 38.43
C ASN G 39 46.41 23.28 38.71
N SER G 40 47.54 22.84 39.24
CA SER G 40 48.66 23.69 39.57
C SER G 40 49.95 22.95 39.27
N ALA G 41 51.03 23.71 39.07
CA ALA G 41 52.32 23.12 38.80
C ALA G 41 52.91 22.42 40.02
N ARG G 42 52.33 22.61 41.21
CA ARG G 42 52.82 21.95 42.40
C ARG G 42 52.65 20.43 42.32
N ASP G 43 51.52 19.98 41.76
CA ASP G 43 51.23 18.55 41.75
C ASP G 43 52.21 17.79 40.84
N ASP G 44 52.40 18.27 39.61
CA ASP G 44 53.34 17.63 38.70
C ASP G 44 53.80 18.68 37.69
N ALA G 45 54.99 19.25 37.93
CA ALA G 45 55.51 20.29 37.06
C ALA G 45 55.76 19.76 35.65
N ALA G 46 56.37 18.58 35.54
CA ALA G 46 56.64 18.01 34.22
C ALA G 46 55.35 17.70 33.48
N GLY G 47 54.34 17.20 34.19
CA GLY G 47 53.08 16.89 33.54
C GLY G 47 52.36 18.12 33.04
N LEU G 48 52.43 19.23 33.78
CA LEU G 48 51.75 20.44 33.37
C LEU G 48 52.32 20.99 32.07
N GLN G 49 53.65 20.95 31.92
CA GLN G 49 54.28 21.50 30.71
C GLN G 49 53.84 20.74 29.48
N ILE G 50 53.91 19.40 29.51
CA ILE G 50 53.54 18.62 28.34
C ILE G 50 52.04 18.67 28.11
N SER G 51 51.23 18.65 29.18
CA SER G 51 49.78 18.70 29.01
C SER G 51 49.36 20.02 28.37
N ASN G 52 49.97 21.13 28.78
CA ASN G 52 49.68 22.42 28.15
C ASN G 52 50.09 22.41 26.69
N ARG G 53 51.23 21.78 26.37
CA ARG G 53 51.65 21.66 24.98
C ARG G 53 50.65 20.82 24.18
N LEU G 54 50.13 19.75 24.77
CA LEU G 54 49.14 18.93 24.07
C LEU G 54 47.82 19.66 23.92
N THR G 55 47.45 20.46 24.92
CA THR G 55 46.23 21.26 24.82
C THR G 55 46.33 22.27 23.69
N SER G 56 47.48 22.94 23.57
CA SER G 56 47.67 23.87 22.46
C SER G 56 47.62 23.14 21.12
N GLN G 57 48.21 21.95 21.05
CA GLN G 57 48.16 21.16 19.82
C GLN G 57 46.72 20.74 19.49
N SER G 58 45.96 20.31 20.50
CA SER G 58 44.60 19.85 20.24
C SER G 58 43.72 20.98 19.72
N ARG G 59 43.84 22.18 20.29
CA ARG G 59 43.13 23.33 19.75
C ARG G 59 43.63 23.66 18.35
N GLY G 60 44.92 23.46 18.09
CA GLY G 60 45.45 23.72 16.76
C GLY G 60 44.87 22.81 15.70
N LEU G 61 44.74 21.51 16.02
CA LEU G 61 44.15 20.58 15.07
C LEU G 61 42.66 20.87 14.87
N ASP G 62 41.96 21.23 15.94
CA ASP G 62 40.56 21.65 15.80
C ASP G 62 40.44 22.89 14.92
N MET G 63 41.38 23.83 15.08
CA MET G 63 41.42 24.98 14.19
C MET G 63 41.74 24.55 12.76
N ALA G 64 42.65 23.59 12.60
CA ALA G 64 43.11 23.18 11.28
C ALA G 64 41.98 22.55 10.46
N VAL G 65 41.14 21.72 11.10
CA VAL G 65 40.05 21.09 10.36
C VAL G 65 39.03 22.13 9.93
N LYS G 66 38.87 23.20 10.70
CA LYS G 66 38.02 24.31 10.28
C LYS G 66 38.62 25.02 9.07
N ASN G 67 39.94 25.24 9.09
CA ASN G 67 40.60 25.91 7.98
C ASN G 67 40.56 25.05 6.72
N ALA G 68 40.80 23.75 6.86
CA ALA G 68 40.74 22.86 5.70
C ALA G 68 39.30 22.74 5.18
N ASN G 69 38.33 22.78 6.08
CA ASN G 69 36.93 22.85 5.64
C ASN G 69 36.66 24.13 4.87
N ASP G 70 37.20 25.25 5.35
CA ASP G 70 37.02 26.52 4.64
C ASP G 70 37.70 26.49 3.28
N GLY G 71 38.90 25.91 3.20
CA GLY G 71 39.57 25.77 1.92
C GLY G 71 38.81 24.85 0.98
N ILE G 72 38.17 23.81 1.53
CA ILE G 72 37.30 22.96 0.73
C ILE G 72 36.14 23.77 0.16
N SER G 73 35.60 24.68 0.97
CA SER G 73 34.48 25.50 0.52
C SER G 73 34.88 26.40 -0.64
N ILE G 74 36.05 27.04 -0.56
CA ILE G 74 36.48 27.94 -1.62
C ILE G 74 36.70 27.16 -2.91
N ALA G 75 37.36 26.00 -2.81
CA ALA G 75 37.56 25.18 -3.99
C ALA G 75 36.23 24.69 -4.57
N GLN G 76 35.29 24.32 -3.70
CA GLN G 76 33.99 23.84 -4.17
C GLN G 76 33.21 24.94 -4.88
N THR G 77 33.18 26.15 -4.30
CA THR G 77 32.46 27.26 -4.92
C THR G 77 33.08 27.62 -6.27
N ALA G 78 34.40 27.63 -6.34
CA ALA G 78 35.09 27.91 -7.60
C ALA G 78 34.77 26.86 -8.64
N GLU G 79 34.80 25.59 -8.24
CA GLU G 79 34.57 24.50 -9.20
C GLU G 79 33.14 24.50 -9.72
N GLY G 80 32.18 24.95 -8.90
CA GLY G 80 30.82 25.04 -9.36
C GLY G 80 30.64 26.05 -10.48
N ALA G 81 31.32 27.19 -10.37
CA ALA G 81 31.25 28.19 -11.44
C ALA G 81 31.86 27.66 -12.73
N MET G 82 33.00 26.96 -12.63
CA MET G 82 33.62 26.39 -13.81
C MET G 82 32.75 25.30 -14.44
N ASN G 83 31.86 24.69 -13.65
CA ASN G 83 30.93 23.71 -14.22
C ASN G 83 30.00 24.37 -15.23
N GLU G 84 29.52 25.57 -14.90
CA GLU G 84 28.72 26.32 -15.87
C GLU G 84 29.59 26.88 -16.99
N THR G 85 30.84 27.20 -16.68
CA THR G 85 31.77 27.66 -17.72
C THR G 85 31.97 26.57 -18.78
N THR G 86 32.11 25.32 -18.34
CA THR G 86 32.21 24.22 -19.29
C THR G 86 30.93 24.07 -20.10
N ASN G 87 29.78 24.20 -19.44
CA ASN G 87 28.50 24.05 -20.15
C ASN G 87 28.32 25.14 -21.20
N ILE G 88 28.72 26.37 -20.88
CA ILE G 88 28.64 27.45 -21.86
C ILE G 88 29.58 27.17 -23.03
N LEU G 89 30.81 26.76 -22.75
CA LEU G 89 31.77 26.49 -23.82
C LEU G 89 31.31 25.35 -24.70
N GLN G 90 30.76 24.29 -24.10
CA GLN G 90 30.22 23.20 -24.90
C GLN G 90 29.05 23.66 -25.76
N ARG G 91 28.18 24.51 -25.21
CA ARG G 91 27.08 25.04 -25.99
C ARG G 91 27.57 25.87 -27.16
N MET G 92 28.54 26.77 -26.91
CA MET G 92 29.07 27.60 -27.99
C MET G 92 29.76 26.75 -29.05
N ARG G 93 30.27 25.58 -28.66
CA ARG G 93 30.83 24.66 -29.64
C ARG G 93 29.73 24.10 -30.54
N ASP G 94 28.54 23.84 -29.98
CA ASP G 94 27.41 23.42 -30.80
C ASP G 94 27.02 24.51 -31.79
N LEU G 95 27.00 25.76 -31.35
CA LEU G 95 26.69 26.86 -32.27
C LEU G 95 27.76 27.00 -33.33
N ALA G 96 29.04 26.89 -32.95
CA ALA G 96 30.13 27.05 -33.91
C ALA G 96 30.11 25.96 -34.97
N LEU G 97 29.85 24.71 -34.57
CA LEU G 97 29.73 23.64 -35.53
C LEU G 97 28.53 23.84 -36.46
N GLN G 98 27.44 24.37 -35.92
CA GLN G 98 26.26 24.65 -36.73
C GLN G 98 26.54 25.73 -37.76
N SER G 99 27.26 26.77 -37.37
CA SER G 99 27.54 27.90 -38.26
C SER G 99 28.50 27.53 -39.39
N SER G 100 29.28 26.47 -39.24
CA SER G 100 30.26 26.10 -40.25
C SER G 100 29.63 25.50 -41.50
N ASN G 101 28.38 25.06 -41.42
CA ASN G 101 27.72 24.47 -42.58
C ASN G 101 27.48 25.52 -43.66
N GLY G 102 27.52 25.07 -44.92
CA GLY G 102 27.30 25.98 -46.03
C GLY G 102 25.83 26.26 -46.29
N SER G 103 24.94 25.58 -45.58
CA SER G 103 23.51 25.83 -45.75
C SER G 103 23.13 27.21 -45.26
N ASN G 104 23.77 27.67 -44.18
CA ASN G 104 23.49 28.99 -43.61
C ASN G 104 23.92 30.09 -44.58
N SER G 105 22.96 30.87 -45.06
CA SER G 105 23.23 31.90 -46.06
C SER G 105 23.53 33.25 -45.40
N SER G 106 24.47 33.22 -44.46
CA SER G 106 25.08 34.40 -43.85
C SER G 106 24.12 35.16 -42.94
N SER G 107 22.85 34.79 -42.93
CA SER G 107 21.90 35.38 -41.99
C SER G 107 21.77 34.51 -40.75
N GLU G 108 21.81 33.18 -40.94
CA GLU G 108 21.87 32.27 -39.82
C GLU G 108 23.18 32.43 -39.06
N ARG G 109 24.26 32.71 -39.78
CA ARG G 109 25.54 32.96 -39.13
C ARG G 109 25.49 34.21 -38.25
N ARG G 110 24.84 35.27 -38.73
CA ARG G 110 24.69 36.48 -37.93
C ARG G 110 23.84 36.19 -36.69
N ALA G 111 22.76 35.42 -36.85
CA ALA G 111 21.94 35.03 -35.71
C ALA G 111 22.72 34.16 -34.74
N ILE G 112 23.57 33.28 -35.26
CA ILE G 112 24.37 32.42 -34.40
C ILE G 112 25.40 33.25 -33.64
N GLN G 113 26.01 34.24 -34.31
CA GLN G 113 26.95 35.14 -33.65
C GLN G 113 26.26 35.94 -32.56
N GLU G 114 24.96 36.22 -32.71
CA GLU G 114 24.21 36.86 -31.64
C GLU G 114 24.15 35.98 -30.40
N GLU G 115 23.95 34.68 -30.60
CA GLU G 115 23.94 33.75 -29.47
C GLU G 115 25.35 33.58 -28.89
N VAL G 116 26.35 33.48 -29.76
CA VAL G 116 27.72 33.30 -29.31
C VAL G 116 28.19 34.52 -28.52
N SER G 117 27.88 35.72 -29.02
CA SER G 117 28.26 36.93 -28.30
C SER G 117 27.53 37.05 -26.97
N ALA G 118 26.25 36.63 -26.94
CA ALA G 118 25.50 36.67 -25.69
C ALA G 118 26.12 35.72 -24.66
N LEU G 119 26.50 34.53 -25.09
CA LEU G 119 27.16 33.59 -24.18
C LEU G 119 28.58 34.05 -23.84
N ASN G 120 29.25 34.74 -24.77
CA ASN G 120 30.59 35.26 -24.51
C ASN G 120 30.56 36.29 -23.38
N ASP G 121 29.57 37.19 -23.41
CA ASP G 121 29.44 38.16 -22.32
C ASP G 121 29.02 37.47 -21.03
N GLU G 122 28.40 36.30 -21.13
CA GLU G 122 28.04 35.54 -19.95
C GLU G 122 29.26 34.89 -19.32
N LEU G 123 30.20 34.43 -20.15
CA LEU G 123 31.43 33.83 -19.63
C LEU G 123 32.24 34.85 -18.83
N ASN G 124 32.34 36.08 -19.32
CA ASN G 124 33.04 37.12 -18.57
C ASN G 124 32.27 37.48 -17.31
N ARG G 125 30.94 37.40 -17.34
CA ARG G 125 30.15 37.67 -16.15
C ARG G 125 30.45 36.67 -15.05
N ILE G 126 30.50 35.38 -15.40
CA ILE G 126 30.75 34.34 -14.40
C ILE G 126 32.15 34.51 -13.81
N ALA G 127 33.14 34.80 -14.66
CA ALA G 127 34.51 34.96 -14.17
C ALA G 127 34.64 36.17 -13.26
N GLU G 128 33.92 37.25 -13.56
CA GLU G 128 34.07 38.50 -12.82
C GLU G 128 33.23 38.58 -11.56
N THR G 129 32.06 37.92 -11.53
CA THR G 129 31.15 38.06 -10.41
C THR G 129 31.25 36.93 -9.39
N THR G 130 31.66 35.73 -9.80
CA THR G 130 31.75 34.62 -8.85
C THR G 130 32.73 34.96 -7.74
N SER G 131 32.25 34.83 -6.50
CA SER G 131 33.05 35.24 -5.34
C SER G 131 32.67 34.39 -4.15
N PHE G 132 33.56 34.37 -3.17
CA PHE G 132 33.36 33.68 -1.89
C PHE G 132 33.36 34.75 -0.80
N GLY G 133 32.18 35.26 -0.49
CA GLY G 133 32.09 36.36 0.46
C GLY G 133 32.76 37.62 -0.01
N GLY G 134 32.52 38.02 -1.26
CA GLY G 134 33.12 39.21 -1.82
C GLY G 134 34.56 39.07 -2.22
N ASN G 135 35.17 37.91 -2.01
CA ASN G 135 36.55 37.64 -2.40
C ASN G 135 36.48 36.93 -3.75
N LYS G 136 36.62 37.69 -4.83
CA LYS G 136 36.45 37.15 -6.17
C LYS G 136 37.43 36.01 -6.44
N LEU G 137 36.95 34.97 -7.10
CA LEU G 137 37.72 33.75 -7.34
C LEU G 137 38.20 33.60 -8.77
N LEU G 138 37.30 33.69 -9.74
CA LEU G 138 37.61 33.34 -11.13
C LEU G 138 38.08 34.54 -11.96
N ASN G 139 38.18 35.73 -11.38
CA ASN G 139 38.62 36.89 -12.14
C ASN G 139 40.13 36.97 -12.27
N GLY G 140 40.88 36.05 -11.66
CA GLY G 140 42.32 36.05 -11.73
C GLY G 140 43.01 36.82 -10.62
N SER G 141 42.26 37.56 -9.80
CA SER G 141 42.85 38.32 -8.70
C SER G 141 43.12 37.47 -7.46
N PHE G 142 42.56 36.26 -7.39
CA PHE G 142 42.79 35.42 -6.21
C PHE G 142 44.26 35.02 -6.09
N GLY G 143 44.89 34.67 -7.21
CA GLY G 143 46.29 34.29 -7.19
C GLY G 143 46.52 33.03 -6.37
N SER G 144 47.67 32.98 -5.70
CA SER G 144 48.04 31.86 -4.86
C SER G 144 47.92 32.27 -3.40
N LYS G 145 47.22 31.45 -2.61
CA LYS G 145 47.03 31.72 -1.20
C LYS G 145 47.24 30.44 -0.41
N SER G 146 47.92 30.57 0.72
CA SER G 146 48.29 29.43 1.56
C SER G 146 47.20 29.17 2.59
N PHE G 147 46.64 27.96 2.57
CA PHE G 147 45.60 27.56 3.51
C PHE G 147 46.24 26.78 4.66
N GLN G 148 46.32 27.41 5.82
CA GLN G 148 47.00 26.82 6.98
C GLN G 148 46.17 25.65 7.50
N ILE G 149 46.70 24.44 7.37
CA ILE G 149 45.96 23.23 7.77
C ILE G 149 46.76 22.46 8.82
N GLY G 150 47.53 23.16 9.64
CA GLY G 150 48.30 22.52 10.68
C GLY G 150 48.14 23.25 12.01
N ALA G 151 48.59 22.57 13.07
CA ALA G 151 48.55 23.14 14.41
C ALA G 151 49.80 23.94 14.75
N ASP G 152 50.74 24.04 13.81
CA ASP G 152 51.98 24.77 14.01
C ASP G 152 52.21 25.63 12.77
N SER G 153 52.81 26.80 12.97
CA SER G 153 53.02 27.72 11.87
C SER G 153 53.91 27.10 10.79
N GLY G 154 53.58 27.39 9.54
CA GLY G 154 54.36 26.89 8.43
C GLY G 154 53.97 25.51 7.92
N GLU G 155 52.68 25.16 7.98
CA GLU G 155 52.17 23.88 7.49
C GLU G 155 50.93 24.09 6.64
N ALA G 156 51.01 25.05 5.71
CA ALA G 156 49.88 25.38 4.85
C ALA G 156 50.06 24.74 3.48
N VAL G 157 48.98 24.77 2.70
CA VAL G 157 48.95 24.26 1.33
C VAL G 157 48.62 25.42 0.40
N MET G 158 49.46 25.62 -0.61
CA MET G 158 49.32 26.75 -1.52
C MET G 158 48.34 26.38 -2.62
N LEU G 159 47.15 26.96 -2.57
CA LEU G 159 46.12 26.75 -3.59
C LEU G 159 46.15 27.93 -4.57
N SER G 160 46.23 27.61 -5.86
CA SER G 160 46.33 28.61 -6.90
C SER G 160 45.08 28.56 -7.77
N MET G 161 44.48 29.72 -8.01
CA MET G 161 43.28 29.83 -8.83
C MET G 161 43.60 30.66 -10.08
N GLY G 162 43.39 30.05 -11.24
CA GLY G 162 43.61 30.74 -12.50
C GLY G 162 42.48 31.67 -12.87
N SER G 163 42.69 32.39 -13.98
CA SER G 163 41.70 33.33 -14.48
C SER G 163 40.83 32.64 -15.52
N MET G 164 39.51 32.69 -15.31
CA MET G 164 38.54 32.06 -16.19
C MET G 164 37.84 33.07 -17.09
N ARG G 165 38.45 34.22 -17.33
CA ARG G 165 37.91 35.17 -18.30
C ARG G 165 38.01 34.59 -19.71
N SER G 166 37.16 35.10 -20.60
CA SER G 166 37.13 34.57 -21.96
C SER G 166 38.28 35.07 -22.81
N ASP G 167 39.07 36.03 -22.32
CA ASP G 167 40.19 36.57 -23.08
C ASP G 167 41.54 36.20 -22.47
N THR G 168 41.57 35.20 -21.60
CA THR G 168 42.82 34.73 -21.03
C THR G 168 43.69 34.10 -22.11
N GLN G 169 45.00 34.32 -22.00
CA GLN G 169 45.93 33.77 -22.99
C GLN G 169 45.87 32.25 -23.02
N ALA G 170 45.78 31.62 -21.85
CA ALA G 170 45.71 30.17 -21.78
C ALA G 170 44.33 29.63 -22.18
N MET G 171 43.38 30.50 -22.49
CA MET G 171 42.06 30.11 -22.94
C MET G 171 41.90 30.26 -24.45
N GLY G 172 42.97 30.01 -25.21
CA GLY G 172 42.95 30.13 -26.64
C GLY G 172 44.22 29.61 -27.27
N GLY G 173 44.75 30.33 -28.26
CA GLY G 173 46.00 29.92 -28.88
C GLY G 173 46.28 30.73 -30.12
N LYS G 174 47.44 30.48 -30.69
CA LYS G 174 47.87 31.13 -31.92
C LYS G 174 47.11 30.56 -33.12
N SER G 175 47.01 31.36 -34.17
CA SER G 175 46.29 30.99 -35.38
C SER G 175 47.11 31.38 -36.60
N TYR G 176 47.16 30.48 -37.58
CA TYR G 176 47.87 30.70 -38.83
C TYR G 176 46.90 30.50 -39.99
N ARG G 177 47.14 31.21 -41.08
CA ARG G 177 46.20 31.24 -42.20
C ARG G 177 46.98 31.27 -43.52
N ALA G 178 46.55 30.45 -44.46
CA ALA G 178 47.20 30.39 -45.77
C ALA G 178 46.95 31.66 -46.57
N GLN G 179 47.96 32.09 -47.32
CA GLN G 179 47.85 33.26 -48.16
C GLN G 179 47.40 32.93 -49.58
N GLU G 180 47.27 31.65 -49.93
CA GLU G 180 46.88 31.23 -51.27
C GLU G 180 45.58 30.44 -51.21
N GLY G 181 44.65 30.77 -52.09
CA GLY G 181 43.39 30.06 -52.19
C GLY G 181 43.42 29.00 -53.28
N LYS G 182 42.82 27.86 -52.99
CA LYS G 182 42.75 26.73 -53.91
C LYS G 182 41.29 26.43 -54.21
N ALA G 183 40.98 26.27 -55.50
CA ALA G 183 39.61 26.01 -55.92
C ALA G 183 39.22 24.56 -55.60
N ALA G 184 38.00 24.20 -56.02
CA ALA G 184 37.49 22.86 -55.76
C ALA G 184 38.21 21.79 -56.57
N ASP G 185 38.94 22.19 -57.62
CA ASP G 185 39.61 21.24 -58.50
C ASP G 185 41.09 21.06 -58.17
N TRP G 186 41.58 21.63 -57.08
CA TRP G 186 42.98 21.55 -56.75
C TRP G 186 43.28 20.25 -56.01
N ARG G 187 44.22 19.48 -56.54
CA ARG G 187 44.72 18.26 -55.90
C ARG G 187 46.21 18.42 -55.64
N VAL G 188 46.70 17.73 -54.60
CA VAL G 188 48.09 17.85 -54.22
C VAL G 188 48.98 17.44 -55.38
N GLY G 189 49.93 18.31 -55.73
CA GLY G 189 50.84 18.06 -56.84
C GLY G 189 51.93 17.07 -56.49
N ALA G 190 53.04 17.17 -57.22
CA ALA G 190 54.15 16.25 -57.00
C ALA G 190 54.76 16.40 -55.62
N ALA G 191 54.91 17.63 -55.14
CA ALA G 191 55.46 17.90 -53.82
C ALA G 191 54.33 17.95 -52.80
N THR G 192 54.45 17.16 -51.73
CA THR G 192 53.39 17.05 -50.74
C THR G 192 53.86 17.18 -49.29
N ASP G 193 55.14 16.96 -49.01
CA ASP G 193 55.63 16.95 -47.64
C ASP G 193 55.39 18.30 -46.97
N LEU G 194 54.98 18.25 -45.71
CA LEU G 194 54.66 19.44 -44.92
C LEU G 194 55.14 19.22 -43.50
N THR G 195 56.15 19.99 -43.09
CA THR G 195 56.79 19.83 -41.79
C THR G 195 56.43 21.00 -40.89
N LEU G 196 56.07 20.70 -39.65
CA LEU G 196 55.75 21.69 -38.63
C LEU G 196 56.73 21.50 -37.48
N SER G 197 57.66 22.44 -37.32
CA SER G 197 58.66 22.41 -36.28
C SER G 197 58.38 23.54 -35.29
N TYR G 198 58.14 23.19 -34.03
CA TYR G 198 57.81 24.16 -33.01
C TYR G 198 58.32 23.64 -31.67
N THR G 199 57.84 24.25 -30.59
CA THR G 199 58.22 23.87 -29.24
C THR G 199 56.97 23.52 -28.44
N ASN G 200 56.98 22.36 -27.80
CA ASN G 200 55.86 21.93 -26.98
C ASN G 200 55.75 22.82 -25.74
N LYS G 201 54.68 22.59 -24.96
CA LYS G 201 54.46 23.38 -23.76
C LYS G 201 55.55 23.13 -22.72
N GLN G 202 56.03 21.88 -22.62
CA GLN G 202 57.10 21.56 -21.69
C GLN G 202 58.44 22.19 -22.06
N GLY G 203 58.57 22.72 -23.27
CA GLY G 203 59.79 23.36 -23.71
C GLY G 203 60.68 22.54 -24.62
N GLU G 204 60.28 21.31 -24.95
CA GLU G 204 61.06 20.48 -25.86
C GLU G 204 60.62 20.70 -27.30
N ALA G 205 61.59 20.61 -28.22
CA ALA G 205 61.30 20.78 -29.62
C ALA G 205 60.53 19.58 -30.16
N ARG G 206 59.67 19.83 -31.15
CA ARG G 206 58.85 18.79 -31.76
C ARG G 206 58.78 19.01 -33.26
N GLU G 207 59.11 17.98 -34.02
CA GLU G 207 59.03 18.00 -35.47
C GLU G 207 57.93 17.04 -35.91
N VAL G 208 56.95 17.56 -36.65
CA VAL G 208 55.84 16.76 -37.15
C VAL G 208 55.86 16.84 -38.67
N THR G 209 56.14 15.71 -39.32
CA THR G 209 56.16 15.63 -40.77
C THR G 209 54.90 14.93 -41.24
N ILE G 210 54.12 15.61 -42.06
CA ILE G 210 52.86 15.09 -42.60
C ILE G 210 53.01 14.97 -44.10
N ASN G 211 52.92 13.75 -44.62
CA ASN G 211 53.00 13.49 -46.04
C ASN G 211 51.59 13.26 -46.55
N ALA G 212 50.98 14.33 -47.09
CA ALA G 212 49.63 14.23 -47.62
C ALA G 212 49.61 13.29 -48.82
N LYS G 213 48.45 12.70 -49.08
CA LYS G 213 48.32 11.73 -50.16
C LYS G 213 47.94 12.44 -51.46
N GLN G 214 48.52 11.95 -52.56
CA GLN G 214 48.32 12.60 -53.86
C GLN G 214 46.87 12.50 -54.29
N GLY G 215 46.36 13.59 -54.86
CA GLY G 215 44.99 13.64 -55.33
C GLY G 215 43.98 14.14 -54.32
N ASP G 216 44.38 14.39 -53.09
CA ASP G 216 43.46 14.91 -52.09
C ASP G 216 43.24 16.40 -52.29
N ASP G 217 41.98 16.84 -52.15
CA ASP G 217 41.65 18.24 -52.26
C ASP G 217 41.95 18.93 -50.93
N LEU G 218 41.53 20.19 -50.80
CA LEU G 218 41.90 20.98 -49.62
C LEU G 218 41.26 20.43 -48.35
N GLU G 219 39.95 20.11 -48.40
CA GLU G 219 39.27 19.65 -47.20
C GLU G 219 39.76 18.27 -46.78
N GLU G 220 40.10 17.42 -47.74
CA GLU G 220 40.69 16.12 -47.39
C GLU G 220 42.10 16.30 -46.83
N LEU G 221 42.83 17.31 -47.32
CA LEU G 221 44.13 17.61 -46.75
C LEU G 221 44.01 18.11 -45.31
N ALA G 222 43.00 18.94 -45.04
CA ALA G 222 42.78 19.42 -43.69
C ALA G 222 42.39 18.26 -42.76
N THR G 223 41.55 17.34 -43.25
CA THR G 223 41.19 16.18 -42.45
C THR G 223 42.39 15.28 -42.22
N TYR G 224 43.26 15.13 -43.22
CA TYR G 224 44.42 14.27 -43.09
C TYR G 224 45.39 14.81 -42.04
N ILE G 225 45.53 16.13 -41.97
CA ILE G 225 46.39 16.74 -40.95
C ILE G 225 45.83 16.50 -39.57
N ASN G 226 44.51 16.59 -39.42
CA ASN G 226 43.88 16.37 -38.13
C ASN G 226 44.07 14.93 -37.65
N GLY G 227 43.91 13.96 -38.55
CA GLY G 227 44.10 12.57 -38.16
C GLY G 227 45.54 12.22 -37.86
N GLN G 228 46.48 12.83 -38.57
CA GLN G 228 47.89 12.46 -38.41
C GLN G 228 48.45 12.98 -37.08
N THR G 229 48.11 14.23 -36.73
CA THR G 229 48.66 14.84 -35.52
C THR G 229 47.55 15.56 -34.76
N GLU G 230 47.75 15.70 -33.45
CA GLU G 230 46.80 16.37 -32.58
C GLU G 230 47.27 17.75 -32.13
N ASP G 231 48.58 18.02 -32.17
CA ASP G 231 49.11 19.28 -31.66
C ASP G 231 48.59 20.49 -32.44
N VAL G 232 48.11 20.28 -33.67
CA VAL G 232 47.53 21.36 -34.48
C VAL G 232 46.19 20.89 -35.01
N LYS G 233 45.37 21.86 -35.39
CA LYS G 233 44.05 21.60 -35.97
C LYS G 233 43.94 22.38 -37.27
N ALA G 234 43.49 21.71 -38.33
CA ALA G 234 43.42 22.28 -39.66
C ALA G 234 41.97 22.57 -40.04
N SER G 235 41.79 23.59 -40.88
CA SER G 235 40.48 23.97 -41.38
C SER G 235 40.64 24.63 -42.73
N VAL G 236 39.51 24.95 -43.36
CA VAL G 236 39.49 25.58 -44.68
C VAL G 236 38.53 26.77 -44.62
N GLY G 237 38.98 27.91 -45.14
CA GLY G 237 38.21 29.14 -45.11
C GLY G 237 37.25 29.25 -46.28
N GLU G 238 36.72 30.47 -46.45
CA GLU G 238 35.78 30.73 -47.54
C GLU G 238 36.44 30.50 -48.90
N ASP G 239 37.63 31.06 -49.07
CA ASP G 239 38.31 31.07 -50.36
C ASP G 239 39.02 29.77 -50.66
N GLY G 240 39.00 28.80 -49.74
CA GLY G 240 39.80 27.60 -49.91
C GLY G 240 41.23 27.84 -49.49
N LYS G 241 41.43 28.17 -48.21
CA LYS G 241 42.75 28.45 -47.68
C LYS G 241 42.91 27.74 -46.34
N LEU G 242 43.94 26.91 -46.23
CA LEU G 242 44.15 26.06 -45.06
C LEU G 242 44.65 26.89 -43.89
N GLN G 243 44.01 26.72 -42.73
CA GLN G 243 44.38 27.43 -41.53
C GLN G 243 44.66 26.45 -40.40
N LEU G 244 45.75 26.69 -39.68
CA LEU G 244 46.19 25.85 -38.58
C LEU G 244 46.08 26.61 -37.27
N PHE G 245 45.47 25.98 -36.27
CA PHE G 245 45.35 26.56 -34.94
C PHE G 245 46.21 25.75 -33.97
N ALA G 246 47.22 26.38 -33.40
CA ALA G 246 48.10 25.76 -32.42
C ALA G 246 47.70 26.30 -31.05
N SER G 247 47.04 25.46 -30.25
CA SER G 247 46.52 25.88 -28.96
C SER G 247 47.64 26.31 -28.03
N SER G 248 47.36 27.31 -27.19
CA SER G 248 48.40 27.96 -26.41
C SER G 248 48.88 27.14 -25.23
N GLN G 249 48.09 26.15 -24.78
CA GLN G 249 48.58 25.27 -23.73
C GLN G 249 49.24 24.02 -24.29
N LYS G 250 49.36 23.92 -25.61
CA LYS G 250 50.09 22.83 -26.26
C LYS G 250 51.31 23.28 -27.03
N VAL G 251 51.42 24.57 -27.37
CA VAL G 251 52.59 25.12 -28.05
C VAL G 251 52.95 26.46 -27.43
N ASN G 252 54.20 26.89 -27.66
CA ASN G 252 54.64 28.23 -27.32
C ASN G 252 55.53 28.75 -28.43
N GLY G 253 55.53 30.08 -28.59
CA GLY G 253 56.32 30.68 -29.64
C GLY G 253 55.72 30.46 -31.02
N ASP G 254 56.50 30.87 -32.02
CA ASP G 254 56.08 30.74 -33.41
C ASP G 254 56.26 29.31 -33.90
N VAL G 255 55.26 28.82 -34.62
CA VAL G 255 55.32 27.50 -35.25
C VAL G 255 55.93 27.66 -36.64
N THR G 256 57.03 26.96 -36.89
CA THR G 256 57.71 27.03 -38.17
C THR G 256 57.07 26.03 -39.13
N ILE G 257 56.63 26.52 -40.28
CA ILE G 257 55.98 25.69 -41.29
C ILE G 257 56.89 25.65 -42.53
N GLY G 258 57.24 24.44 -42.96
CA GLY G 258 58.12 24.27 -44.09
C GLY G 258 57.66 23.12 -44.95
N GLY G 259 58.57 22.65 -45.80
CA GLY G 259 58.28 21.57 -46.72
C GLY G 259 57.78 22.09 -48.06
N GLY G 260 57.62 21.15 -48.99
CA GLY G 260 57.15 21.52 -50.32
C GLY G 260 55.73 22.02 -50.32
N LEU G 261 54.84 21.34 -49.58
CA LEU G 261 53.46 21.79 -49.50
C LEU G 261 53.34 23.15 -48.81
N GLY G 262 54.14 23.36 -47.76
CA GLY G 262 54.12 24.65 -47.08
C GLY G 262 54.56 25.79 -47.98
N GLY G 263 55.54 25.54 -48.85
CA GLY G 263 55.97 26.57 -49.79
C GLY G 263 54.92 26.89 -50.83
N GLU G 264 54.24 25.85 -51.35
CA GLU G 264 53.22 26.07 -52.37
C GLU G 264 52.01 26.79 -51.79
N ILE G 265 51.52 26.32 -50.63
CA ILE G 265 50.35 26.93 -50.02
C ILE G 265 50.67 28.31 -49.48
N GLY G 266 51.82 28.46 -48.82
CA GLY G 266 52.18 29.72 -48.20
C GLY G 266 51.42 29.96 -46.91
N PHE G 267 52.08 30.54 -45.91
CA PHE G 267 51.47 30.68 -44.60
C PHE G 267 51.80 32.05 -44.01
N ASP G 268 50.86 32.58 -43.24
CA ASP G 268 51.01 33.88 -42.60
C ASP G 268 51.50 33.74 -41.17
N ALA G 269 51.77 34.88 -40.55
CA ALA G 269 52.21 34.89 -39.16
C ALA G 269 51.07 34.51 -38.22
N GLY G 270 51.42 34.20 -36.98
CA GLY G 270 50.45 33.75 -36.00
C GLY G 270 49.77 34.91 -35.30
N ARG G 271 48.45 34.84 -35.22
CA ARG G 271 47.64 35.82 -34.51
C ARG G 271 47.04 35.17 -33.26
N ASN G 272 47.25 35.82 -32.11
CA ASN G 272 46.73 35.31 -30.85
C ASN G 272 45.21 35.52 -30.82
N VAL G 273 44.47 34.43 -30.95
CA VAL G 273 43.01 34.46 -30.94
C VAL G 273 42.53 33.69 -29.72
N THR G 274 41.55 34.26 -29.01
CA THR G 274 40.96 33.66 -27.83
C THR G 274 39.47 33.45 -28.06
N VAL G 275 38.78 32.99 -27.00
CA VAL G 275 37.34 32.84 -27.08
C VAL G 275 36.67 34.20 -27.22
N ALA G 276 37.22 35.24 -26.59
CA ALA G 276 36.67 36.58 -26.73
C ALA G 276 36.80 37.12 -28.15
N ASP G 277 37.72 36.57 -28.94
CA ASP G 277 37.90 36.96 -30.33
C ASP G 277 37.17 36.04 -31.30
N VAL G 278 36.34 35.12 -30.78
CA VAL G 278 35.64 34.18 -31.63
C VAL G 278 34.51 34.90 -32.36
N ASN G 279 34.50 34.80 -33.68
CA ASN G 279 33.45 35.38 -34.51
C ASN G 279 33.02 34.32 -35.52
N VAL G 280 31.78 33.87 -35.40
CA VAL G 280 31.27 32.78 -36.24
C VAL G 280 30.38 33.31 -37.37
N SER G 281 30.54 34.58 -37.74
CA SER G 281 29.78 35.12 -38.86
C SER G 281 30.22 34.55 -40.20
N THR G 282 31.35 33.84 -40.23
CA THR G 282 31.90 33.32 -41.47
C THR G 282 32.35 31.88 -41.27
N VAL G 283 32.53 31.18 -42.40
CA VAL G 283 32.92 29.76 -42.34
C VAL G 283 34.34 29.63 -41.82
N ALA G 284 35.20 30.61 -42.09
CA ALA G 284 36.56 30.56 -41.58
C ALA G 284 36.58 30.80 -40.07
N GLY G 285 35.79 31.77 -39.60
CA GLY G 285 35.72 32.02 -38.17
C GLY G 285 35.08 30.89 -37.40
N SER G 286 34.08 30.24 -37.99
CA SER G 286 33.40 29.14 -37.30
C SER G 286 34.29 27.90 -37.23
N GLN G 287 34.96 27.56 -38.32
CA GLN G 287 35.87 26.41 -38.30
C GLN G 287 37.01 26.63 -37.32
N GLU G 288 37.45 27.87 -37.14
CA GLU G 288 38.43 28.17 -36.11
C GLU G 288 37.80 28.11 -34.72
N ALA G 289 36.54 28.51 -34.58
CA ALA G 289 35.87 28.48 -33.29
C ALA G 289 35.77 27.05 -32.77
N VAL G 290 35.48 26.09 -33.65
CA VAL G 290 35.37 24.70 -33.22
C VAL G 290 36.66 24.24 -32.55
N SER G 291 37.78 24.86 -32.87
CA SER G 291 39.06 24.50 -32.28
C SER G 291 39.49 25.42 -31.14
N ILE G 292 39.15 26.71 -31.19
CA ILE G 292 39.53 27.62 -30.11
C ILE G 292 38.87 27.21 -28.79
N LEU G 293 37.56 26.94 -28.84
CA LEU G 293 36.87 26.45 -27.64
C LEU G 293 37.37 25.07 -27.23
N ASP G 294 37.88 24.27 -28.16
CA ASP G 294 38.50 23.01 -27.77
C ASP G 294 39.72 23.25 -26.87
N GLY G 295 40.53 24.25 -27.20
CA GLY G 295 41.61 24.64 -26.31
C GLY G 295 41.10 25.20 -24.99
N ALA G 296 39.99 25.94 -25.05
CA ALA G 296 39.43 26.51 -23.83
C ALA G 296 38.87 25.43 -22.91
N LEU G 297 38.18 24.44 -23.47
CA LEU G 297 37.64 23.36 -22.66
C LEU G 297 38.75 22.55 -22.01
N LYS G 298 39.87 22.37 -22.71
CA LYS G 298 41.01 21.67 -22.13
C LYS G 298 41.55 22.44 -20.92
N ALA G 299 41.64 23.77 -21.05
CA ALA G 299 42.13 24.58 -19.94
C ALA G 299 41.19 24.54 -18.75
N VAL G 300 39.88 24.63 -19.01
CA VAL G 300 38.89 24.62 -17.92
C VAL G 300 38.90 23.26 -17.22
N ASP G 301 38.92 22.18 -18.00
CA ASP G 301 38.91 20.84 -17.40
C ASP G 301 40.22 20.56 -16.65
N SER G 302 41.34 21.05 -17.17
CA SER G 302 42.61 20.88 -16.48
C SER G 302 42.61 21.60 -15.14
N GLN G 303 42.07 22.82 -15.10
CA GLN G 303 41.98 23.56 -13.86
C GLN G 303 40.99 22.90 -12.89
N ARG G 304 39.89 22.36 -13.42
CA ARG G 304 38.94 21.64 -12.57
C ARG G 304 39.59 20.41 -11.95
N ALA G 305 40.39 19.67 -12.73
CA ALA G 305 41.09 18.52 -12.18
C ALA G 305 42.13 18.97 -11.15
N SER G 306 42.70 20.15 -11.33
CA SER G 306 43.64 20.69 -10.35
C SER G 306 42.95 20.97 -9.03
N LEU G 307 41.72 21.48 -9.08
CA LEU G 307 40.98 21.76 -7.85
C LEU G 307 40.42 20.47 -7.25
N GLY G 308 40.07 19.50 -8.09
CA GLY G 308 39.57 18.23 -7.59
C GLY G 308 40.63 17.46 -6.82
N ALA G 309 41.86 17.44 -7.34
CA ALA G 309 42.96 16.82 -6.62
C ALA G 309 43.23 17.54 -5.31
N PHE G 310 43.19 18.87 -5.33
CA PHE G 310 43.41 19.64 -4.11
C PHE G 310 42.30 19.38 -3.10
N GLN G 311 41.06 19.23 -3.58
CA GLN G 311 39.95 18.91 -2.68
C GLN G 311 40.12 17.53 -2.05
N ASN G 312 40.54 16.55 -2.84
CA ASN G 312 40.81 15.22 -2.30
C ASN G 312 41.94 15.26 -1.28
N ARG G 313 42.97 16.07 -1.54
CA ARG G 313 44.07 16.19 -0.59
C ARG G 313 43.61 16.76 0.74
N PHE G 314 42.76 17.78 0.71
CA PHE G 314 42.26 18.35 1.96
C PHE G 314 41.26 17.44 2.64
N GLY G 315 40.46 16.70 1.88
CA GLY G 315 39.62 15.69 2.50
C GLY G 315 40.43 14.62 3.21
N HIS G 316 41.59 14.28 2.65
CA HIS G 316 42.51 13.37 3.32
C HIS G 316 43.15 14.02 4.54
N ALA G 317 43.50 15.32 4.42
CA ALA G 317 44.12 16.01 5.55
C ALA G 317 43.15 16.15 6.71
N ILE G 318 41.87 16.39 6.42
CA ILE G 318 40.88 16.53 7.49
C ILE G 318 40.73 15.21 8.25
N SER G 319 40.69 14.09 7.51
CA SER G 319 40.54 12.80 8.16
C SER G 319 41.73 12.49 9.06
N ASN G 320 42.94 12.79 8.60
CA ASN G 320 44.13 12.54 9.42
C ASN G 320 44.17 13.45 10.63
N LEU G 321 43.82 14.74 10.44
CA LEU G 321 43.84 15.67 11.55
C LEU G 321 42.85 15.28 12.63
N ASP G 322 41.70 14.73 12.23
CA ASP G 322 40.75 14.22 13.22
C ASP G 322 41.33 13.03 13.98
N ASN G 323 42.05 12.15 13.28
CA ASN G 323 42.66 10.99 13.93
C ASN G 323 43.71 11.44 14.94
N VAL G 324 44.55 12.41 14.56
CA VAL G 324 45.55 12.94 15.48
C VAL G 324 44.89 13.70 16.62
N ASN G 325 43.80 14.41 16.33
CA ASN G 325 43.11 15.19 17.36
C ASN G 325 42.56 14.28 18.45
N GLU G 326 41.95 13.17 18.06
CA GLU G 326 41.50 12.18 19.04
C GLU G 326 42.67 11.63 19.83
N ASN G 327 43.76 11.28 19.14
CA ASN G 327 44.86 10.58 19.79
C ASN G 327 45.56 11.47 20.82
N VAL G 328 45.76 12.74 20.49
CA VAL G 328 46.36 13.67 21.45
C VAL G 328 45.38 13.98 22.58
N ASN G 329 44.08 13.96 22.29
CA ASN G 329 43.08 14.20 23.33
C ASN G 329 43.12 13.08 24.37
N ALA G 330 43.23 11.82 23.92
CA ALA G 330 43.32 10.71 24.85
C ALA G 330 44.66 10.71 25.57
N SER G 331 45.72 11.18 24.91
CA SER G 331 47.03 11.21 25.53
C SER G 331 47.09 12.25 26.64
N ARG G 332 46.45 13.40 26.44
CA ARG G 332 46.43 14.41 27.49
C ARG G 332 45.51 13.97 28.63
N SER G 333 44.50 13.15 28.33
CA SER G 333 43.63 12.65 29.38
C SER G 333 44.39 11.79 30.39
N ARG G 334 45.34 11.00 29.91
CA ARG G 334 46.07 10.07 30.77
C ARG G 334 47.05 10.77 31.70
N ILE G 335 47.29 12.07 31.52
CA ILE G 335 48.32 12.77 32.29
C ILE G 335 47.74 14.02 32.94
N ARG G 336 46.65 14.55 32.38
CA ARG G 336 46.02 15.77 32.88
C ARG G 336 44.66 15.53 33.51
N ASP G 337 43.85 14.64 32.95
CA ASP G 337 42.52 14.40 33.51
C ASP G 337 42.61 13.57 34.78
N THR G 338 41.62 13.74 35.65
CA THR G 338 41.59 13.06 36.93
C THR G 338 40.85 11.73 36.83
N ASP G 339 41.27 10.77 37.65
CA ASP G 339 40.63 9.46 37.71
C ASP G 339 39.70 9.44 38.90
N TYR G 340 38.39 9.42 38.64
CA TYR G 340 37.40 9.47 39.71
C TYR G 340 37.45 8.20 40.56
N ALA G 341 37.87 7.08 39.97
CA ALA G 341 37.95 5.83 40.73
C ALA G 341 38.99 5.94 41.84
N ARG G 342 40.13 6.58 41.56
CA ARG G 342 41.20 6.68 42.55
C ARG G 342 41.04 7.92 43.41
N GLU G 343 40.60 9.04 42.83
CA GLU G 343 40.52 10.28 43.58
C GLU G 343 39.44 10.22 44.66
N THR G 344 38.30 9.60 44.36
CA THR G 344 37.26 9.46 45.37
C THR G 344 37.73 8.59 46.53
N THR G 345 38.44 7.50 46.22
CA THR G 345 39.02 6.69 47.28
C THR G 345 40.07 7.48 48.06
N ALA G 346 40.85 8.30 47.37
CA ALA G 346 41.88 9.10 48.03
C ALA G 346 41.27 10.09 49.00
N MET G 347 40.17 10.75 48.60
CA MET G 347 39.51 11.69 49.50
C MET G 347 38.91 10.98 50.70
N THR G 348 38.27 9.83 50.47
CA THR G 348 37.65 9.10 51.58
C THR G 348 38.70 8.63 52.59
N LYS G 349 39.86 8.18 52.10
CA LYS G 349 40.94 7.82 53.01
C LYS G 349 41.37 9.01 53.86
N ALA G 350 41.27 10.22 53.29
CA ALA G 350 41.64 11.41 54.04
C ALA G 350 40.55 11.83 55.02
N GLN G 351 39.28 11.65 54.66
CA GLN G 351 38.19 12.01 55.57
C GLN G 351 38.17 11.10 56.80
N ILE G 352 38.33 9.79 56.59
CA ILE G 352 38.49 8.88 57.73
C ILE G 352 39.76 9.23 58.49
N LEU G 353 40.79 9.69 57.78
CA LEU G 353 42.01 10.16 58.44
C LEU G 353 41.72 11.35 59.35
N GLN G 354 40.86 12.27 58.90
CA GLN G 354 40.46 13.41 59.73
C GLN G 354 39.92 12.95 61.08
N GLN G 355 38.80 12.23 61.06
CA GLN G 355 38.11 11.90 62.29
C GLN G 355 38.95 11.00 63.17
N ALA G 356 39.86 10.24 62.57
CA ALA G 356 40.83 9.48 63.36
C ALA G 356 41.77 10.40 64.12
N SER G 357 42.28 11.44 63.45
CA SER G 357 43.23 12.35 64.10
C SER G 357 42.53 13.29 65.08
N THR G 358 41.29 13.69 64.77
CA THR G 358 40.56 14.54 65.69
C THR G 358 40.17 13.79 66.95
N SER G 359 39.80 12.51 66.81
CA SER G 359 39.40 11.73 67.98
C SER G 359 40.58 11.54 68.94
N VAL G 360 41.75 11.18 68.40
CA VAL G 360 42.91 11.03 69.26
C VAL G 360 43.34 12.38 69.83
N LEU G 361 43.18 13.46 69.06
CA LEU G 361 43.45 14.79 69.59
C LEU G 361 42.54 15.11 70.76
N ALA G 362 41.27 14.71 70.67
CA ALA G 362 40.34 14.90 71.78
C ALA G 362 40.80 14.13 73.02
N GLN G 363 41.31 12.92 72.83
CA GLN G 363 41.82 12.13 73.94
C GLN G 363 43.24 12.53 74.35
N ALA G 364 43.88 13.44 73.60
CA ALA G 364 45.26 13.83 73.87
C ALA G 364 45.36 14.94 74.92
N LYS G 365 44.47 15.93 74.85
CA LYS G 365 44.52 17.05 75.79
C LYS G 365 44.08 16.67 77.20
N GLN G 366 43.56 15.46 77.40
CA GLN G 366 43.25 14.98 78.74
C GLN G 366 44.45 14.40 79.46
N SER G 367 45.63 14.43 78.84
CA SER G 367 46.84 14.08 79.58
C SER G 367 47.11 15.03 80.74
N PRO G 368 47.07 16.35 80.56
CA PRO G 368 47.09 17.24 81.75
C PRO G 368 45.85 17.11 82.62
N SER G 369 44.75 16.58 82.09
CA SER G 369 43.59 16.31 82.93
C SER G 369 43.89 15.23 83.95
N ALA G 370 44.72 14.26 83.57
CA ALA G 370 45.19 13.28 84.54
C ALA G 370 46.18 13.90 85.51
N ALA G 371 46.83 14.99 85.12
CA ALA G 371 47.84 15.62 85.98
C ALA G 371 47.19 16.25 87.20
N LEU G 372 46.14 17.06 87.00
CA LEU G 372 45.50 17.70 88.15
C LEU G 372 44.61 16.74 88.91
N SER G 373 44.01 15.76 88.25
CA SER G 373 43.23 14.75 88.95
C SER G 373 44.09 13.83 89.79
N LEU G 374 45.41 13.83 89.58
CA LEU G 374 46.31 13.00 90.38
C LEU G 374 46.29 13.42 91.84
N LEU G 375 46.70 14.65 92.12
CA LEU G 375 46.72 15.15 93.50
C LEU G 375 46.09 16.53 93.58
N GLY G 376 46.15 17.28 92.49
CA GLY G 376 45.64 18.65 92.48
C GLY G 376 44.13 18.76 92.63
N MET H 1 -1.70 23.67 82.35
CA MET H 1 -2.12 22.42 82.98
C MET H 1 -1.02 21.86 83.87
N ALA H 2 -1.43 21.19 84.94
CA ALA H 2 -0.48 20.54 85.83
C ALA H 2 0.19 19.37 85.10
N ILE H 3 1.49 19.19 85.35
CA ILE H 3 2.22 18.10 84.71
C ILE H 3 1.62 16.77 85.14
N ASN H 4 1.30 15.93 84.15
CA ASN H 4 0.53 14.73 84.39
C ASN H 4 1.17 13.56 83.66
N VAL H 5 0.96 12.36 84.19
CA VAL H 5 1.55 11.15 83.61
C VAL H 5 0.46 10.11 83.35
N ASN H 6 -0.34 9.81 84.38
CA ASN H 6 -1.40 8.80 84.23
C ASN H 6 -2.42 9.18 83.18
N THR H 7 -2.59 10.47 82.90
CA THR H 7 -3.50 10.95 81.88
C THR H 7 -2.71 11.65 80.79
N ASN H 8 -3.03 11.32 79.54
CA ASN H 8 -2.33 11.82 78.37
C ASN H 8 -3.33 12.27 77.31
N VAL H 9 -4.26 13.15 77.72
CA VAL H 9 -5.33 13.60 76.84
C VAL H 9 -4.81 14.16 75.52
N SER H 10 -3.55 14.62 75.50
CA SER H 10 -2.95 15.03 74.23
C SER H 10 -2.77 13.83 73.30
N ALA H 11 -2.34 12.69 73.83
CA ALA H 11 -2.22 11.48 73.03
C ALA H 11 -3.60 10.91 72.68
N MET H 12 -4.56 11.00 73.60
CA MET H 12 -5.92 10.56 73.30
C MET H 12 -6.52 11.39 72.17
N THR H 13 -6.24 12.70 72.16
CA THR H 13 -6.61 13.52 71.01
C THR H 13 -5.86 13.05 69.76
N ALA H 14 -4.56 12.76 69.91
CA ALA H 14 -3.75 12.40 68.75
C ALA H 14 -4.26 11.12 68.09
N GLN H 15 -4.62 10.11 68.89
CA GLN H 15 -5.12 8.88 68.31
C GLN H 15 -6.56 9.02 67.84
N ARG H 16 -7.33 9.93 68.44
CA ARG H 16 -8.74 10.06 68.06
C ARG H 16 -8.87 10.50 66.61
N TYR H 17 -8.07 11.48 66.19
CA TYR H 17 -8.07 11.88 64.78
C TYR H 17 -7.20 10.96 63.94
N LEU H 18 -6.45 10.05 64.56
CA LEU H 18 -5.78 9.00 63.80
C LEU H 18 -6.78 7.96 63.32
N ASN H 19 -7.73 7.59 64.19
CA ASN H 19 -8.82 6.71 63.77
C ASN H 19 -9.69 7.40 62.72
N GLY H 20 -9.95 8.69 62.89
CA GLY H 20 -10.73 9.42 61.90
C GLY H 20 -10.05 9.46 60.55
N ALA H 21 -8.74 9.76 60.54
CA ALA H 21 -8.00 9.76 59.28
C ALA H 21 -7.92 8.37 58.68
N ALA H 22 -7.70 7.35 59.50
CA ALA H 22 -7.59 5.98 59.01
C ALA H 22 -8.93 5.50 58.45
N ASP H 23 -10.04 5.86 59.09
CA ASP H 23 -11.35 5.53 58.55
C ASP H 23 -11.58 6.19 57.20
N GLY H 24 -11.20 7.45 57.06
CA GLY H 24 -11.31 8.12 55.77
C GLY H 24 -10.47 7.45 54.70
N MET H 25 -9.30 6.92 55.09
CA MET H 25 -8.48 6.18 54.14
C MET H 25 -9.11 4.84 53.77
N GLN H 26 -9.68 4.15 54.76
CA GLN H 26 -10.27 2.83 54.50
C GLN H 26 -11.45 2.94 53.54
N LYS H 27 -12.34 3.91 53.76
CA LYS H 27 -13.47 4.09 52.87
C LYS H 27 -13.02 4.54 51.49
N SER H 28 -12.02 5.43 51.44
CA SER H 28 -11.52 5.90 50.14
C SER H 28 -10.85 4.77 49.37
N MET H 29 -10.06 3.94 50.05
CA MET H 29 -9.37 2.85 49.38
C MET H 29 -10.34 1.78 48.90
N GLU H 30 -11.42 1.57 49.65
CA GLU H 30 -12.46 0.66 49.20
C GLU H 30 -13.12 1.15 47.92
N ARG H 31 -13.38 2.46 47.84
CA ARG H 31 -14.03 3.02 46.66
C ARG H 31 -13.13 2.95 45.43
N LEU H 32 -11.82 3.10 45.62
CA LEU H 32 -10.90 3.11 44.49
C LEU H 32 -10.78 1.71 43.86
N SER H 33 -10.68 0.67 44.69
CA SER H 33 -10.52 -0.68 44.15
C SER H 33 -11.83 -1.19 43.55
N SER H 34 -12.95 -0.96 44.24
CA SER H 34 -14.23 -1.43 43.75
C SER H 34 -14.71 -0.61 42.56
N GLY H 35 -14.43 0.69 42.57
CA GLY H 35 -14.93 1.59 41.55
C GLY H 35 -16.31 2.16 41.84
N TYR H 36 -16.85 1.93 43.03
CA TYR H 36 -18.17 2.42 43.41
C TYR H 36 -18.06 3.29 44.65
N LYS H 37 -18.72 4.46 44.61
CA LYS H 37 -18.88 5.25 45.82
C LYS H 37 -19.71 4.51 46.86
N ILE H 38 -20.79 3.87 46.43
CA ILE H 38 -21.72 3.21 47.33
C ILE H 38 -21.46 1.71 47.23
N ASN H 39 -20.63 1.21 48.13
CA ASN H 39 -20.48 -0.23 48.32
C ASN H 39 -21.42 -0.77 49.38
N SER H 40 -22.08 0.11 50.13
CA SER H 40 -22.98 -0.29 51.20
C SER H 40 -23.91 0.89 51.50
N ALA H 41 -24.93 0.62 52.31
CA ALA H 41 -25.89 1.66 52.68
C ALA H 41 -25.29 2.73 53.57
N ARG H 42 -24.08 2.54 54.08
CA ARG H 42 -23.39 3.60 54.82
C ARG H 42 -23.22 4.85 53.97
N ASP H 43 -22.81 4.67 52.71
CA ASP H 43 -22.45 5.81 51.87
C ASP H 43 -23.67 6.63 51.50
N ASP H 44 -24.74 5.96 51.04
CA ASP H 44 -25.94 6.68 50.59
C ASP H 44 -27.12 5.73 50.63
N ALA H 45 -28.14 6.05 51.43
CA ALA H 45 -29.33 5.22 51.50
C ALA H 45 -30.10 5.25 50.19
N ALA H 46 -30.60 6.42 49.80
CA ALA H 46 -31.33 6.55 48.53
C ALA H 46 -30.41 6.30 47.34
N GLY H 47 -29.15 6.73 47.43
CA GLY H 47 -28.23 6.50 46.34
C GLY H 47 -28.06 5.02 46.03
N LEU H 48 -28.02 4.19 47.07
CA LEU H 48 -27.96 2.75 46.85
C LEU H 48 -29.25 2.23 46.24
N GLN H 49 -30.40 2.73 46.71
CA GLN H 49 -31.69 2.24 46.20
C GLN H 49 -31.90 2.63 44.74
N ILE H 50 -31.62 3.89 44.40
CA ILE H 50 -31.82 4.33 43.02
C ILE H 50 -30.80 3.66 42.09
N SER H 51 -29.57 3.47 42.56
CA SER H 51 -28.58 2.79 41.73
C SER H 51 -28.96 1.33 41.51
N ASN H 52 -29.49 0.68 42.54
CA ASN H 52 -29.94 -0.70 42.39
C ASN H 52 -31.11 -0.80 41.41
N ARG H 53 -32.04 0.16 41.48
CA ARG H 53 -33.17 0.14 40.56
C ARG H 53 -32.71 0.47 39.13
N LEU H 54 -31.75 1.39 38.99
CA LEU H 54 -31.21 1.69 37.67
C LEU H 54 -30.42 0.51 37.12
N THR H 55 -29.74 -0.24 37.99
CA THR H 55 -29.08 -1.47 37.55
C THR H 55 -30.10 -2.50 37.11
N SER H 56 -31.18 -2.67 37.87
CA SER H 56 -32.21 -3.63 37.49
C SER H 56 -32.86 -3.24 36.17
N GLN H 57 -33.12 -1.95 35.96
CA GLN H 57 -33.67 -1.50 34.69
C GLN H 57 -32.66 -1.68 33.57
N SER H 58 -31.38 -1.39 33.83
CA SER H 58 -30.36 -1.52 32.79
C SER H 58 -30.19 -2.97 32.36
N ARG H 59 -30.17 -3.90 33.31
CA ARG H 59 -30.12 -5.32 32.97
C ARG H 59 -31.38 -5.74 32.21
N GLY H 60 -32.53 -5.22 32.62
CA GLY H 60 -33.77 -5.52 31.92
C GLY H 60 -33.77 -4.99 30.50
N LEU H 61 -33.24 -3.78 30.30
CA LEU H 61 -33.21 -3.19 28.96
C LEU H 61 -32.20 -3.89 28.06
N ASP H 62 -31.03 -4.23 28.60
CA ASP H 62 -30.05 -5.01 27.84
C ASP H 62 -30.64 -6.37 27.47
N MET H 63 -31.37 -6.99 28.40
CA MET H 63 -32.11 -8.20 28.08
C MET H 63 -33.16 -7.94 27.02
N ALA H 64 -33.86 -6.80 27.12
CA ALA H 64 -35.01 -6.54 26.25
C ALA H 64 -34.61 -6.46 24.78
N VAL H 65 -33.48 -5.83 24.48
CA VAL H 65 -33.03 -5.76 23.09
C VAL H 65 -32.68 -7.15 22.57
N LYS H 66 -32.22 -8.04 23.46
CA LYS H 66 -32.00 -9.43 23.07
C LYS H 66 -33.32 -10.12 22.74
N ASN H 67 -34.34 -9.91 23.56
CA ASN H 67 -35.65 -10.50 23.29
C ASN H 67 -36.26 -9.96 22.01
N ALA H 68 -36.15 -8.64 21.79
CA ALA H 68 -36.67 -8.05 20.57
C ALA H 68 -35.90 -8.54 19.35
N ASN H 69 -34.62 -8.88 19.52
CA ASN H 69 -33.87 -9.50 18.43
C ASN H 69 -34.42 -10.89 18.11
N ASP H 70 -34.80 -11.64 19.15
CA ASP H 70 -35.42 -12.95 18.93
C ASP H 70 -36.76 -12.82 18.20
N GLY H 71 -37.56 -11.82 18.58
CA GLY H 71 -38.81 -11.59 17.88
C GLY H 71 -38.61 -11.19 16.43
N ILE H 72 -37.58 -10.38 16.18
CA ILE H 72 -37.24 -10.03 14.80
C ILE H 72 -36.80 -11.26 14.02
N SER H 73 -36.00 -12.13 14.65
CA SER H 73 -35.49 -13.31 13.97
C SER H 73 -36.60 -14.26 13.57
N ILE H 74 -37.59 -14.46 14.45
CA ILE H 74 -38.72 -15.33 14.12
C ILE H 74 -39.50 -14.75 12.94
N ALA H 75 -39.71 -13.44 12.94
CA ALA H 75 -40.39 -12.80 11.83
C ALA H 75 -39.61 -12.95 10.53
N GLN H 76 -38.28 -12.83 10.61
CA GLN H 76 -37.44 -12.99 9.43
C GLN H 76 -37.51 -14.42 8.89
N THR H 77 -37.42 -15.42 9.79
CA THR H 77 -37.48 -16.81 9.36
C THR H 77 -38.84 -17.13 8.74
N ALA H 78 -39.91 -16.64 9.34
CA ALA H 78 -41.25 -16.91 8.83
C ALA H 78 -41.46 -16.25 7.47
N GLU H 79 -41.08 -14.98 7.34
CA GLU H 79 -41.31 -14.27 6.09
C GLU H 79 -40.46 -14.82 4.96
N GLY H 80 -39.22 -15.22 5.26
CA GLY H 80 -38.40 -15.86 4.24
C GLY H 80 -39.02 -17.14 3.72
N ALA H 81 -39.69 -17.88 4.61
CA ALA H 81 -40.42 -19.07 4.18
C ALA H 81 -41.55 -18.71 3.24
N MET H 82 -42.29 -17.63 3.54
CA MET H 82 -43.36 -17.20 2.65
C MET H 82 -42.85 -16.60 1.36
N ASN H 83 -41.56 -16.21 1.30
CA ASN H 83 -41.01 -15.71 0.05
C ASN H 83 -41.02 -16.79 -1.03
N GLU H 84 -40.68 -18.02 -0.66
CA GLU H 84 -40.77 -19.13 -1.60
C GLU H 84 -42.22 -19.53 -1.84
N THR H 85 -43.09 -19.34 -0.84
CA THR H 85 -44.51 -19.62 -1.04
C THR H 85 -45.10 -18.70 -2.09
N THR H 86 -44.75 -17.41 -2.05
CA THR H 86 -45.22 -16.47 -3.06
C THR H 86 -44.71 -16.85 -4.45
N ASN H 87 -43.45 -17.27 -4.55
CA ASN H 87 -42.91 -17.69 -5.82
C ASN H 87 -43.64 -18.93 -6.34
N ILE H 88 -43.95 -19.86 -5.43
CA ILE H 88 -44.68 -21.06 -5.84
C ILE H 88 -46.06 -20.69 -6.36
N LEU H 89 -46.78 -19.83 -5.64
CA LEU H 89 -48.14 -19.46 -6.05
C LEU H 89 -48.12 -18.73 -7.39
N GLN H 90 -47.12 -17.87 -7.61
CA GLN H 90 -47.00 -17.20 -8.90
C GLN H 90 -46.74 -18.21 -10.02
N ARG H 91 -45.97 -19.25 -9.73
CA ARG H 91 -45.69 -20.27 -10.73
C ARG H 91 -46.96 -21.04 -11.10
N MET H 92 -47.72 -21.49 -10.09
CA MET H 92 -48.95 -22.22 -10.37
C MET H 92 -49.97 -21.35 -11.09
N ARG H 93 -49.88 -20.03 -10.91
CA ARG H 93 -50.76 -19.14 -11.67
C ARG H 93 -50.38 -19.13 -13.14
N ASP H 94 -49.09 -19.26 -13.43
CA ASP H 94 -48.65 -19.38 -14.82
C ASP H 94 -49.22 -20.65 -15.45
N LEU H 95 -49.08 -21.79 -14.75
CA LEU H 95 -49.61 -23.04 -15.29
C LEU H 95 -51.14 -23.00 -15.40
N ALA H 96 -51.81 -22.40 -14.42
CA ALA H 96 -53.26 -22.31 -14.46
C ALA H 96 -53.72 -21.48 -15.66
N LEU H 97 -53.06 -20.35 -15.91
CA LEU H 97 -53.38 -19.54 -17.07
C LEU H 97 -53.09 -20.28 -18.37
N GLN H 98 -51.97 -21.01 -18.41
CA GLN H 98 -51.61 -21.77 -19.60
C GLN H 98 -52.58 -22.91 -19.86
N SER H 99 -53.10 -23.53 -18.80
CA SER H 99 -54.02 -24.65 -18.97
C SER H 99 -55.36 -24.21 -19.53
N SER H 100 -55.79 -22.98 -19.23
CA SER H 100 -57.06 -22.48 -19.74
C SER H 100 -57.05 -22.22 -21.24
N ASN H 101 -55.88 -22.27 -21.88
CA ASN H 101 -55.81 -22.08 -23.32
C ASN H 101 -56.57 -23.20 -24.03
N GLY H 102 -57.25 -22.84 -25.11
CA GLY H 102 -57.97 -23.83 -25.91
C GLY H 102 -57.08 -24.67 -26.79
N SER H 103 -55.83 -24.25 -27.00
CA SER H 103 -54.91 -25.04 -27.82
C SER H 103 -54.54 -26.36 -27.15
N ASN H 104 -54.50 -26.39 -25.82
CA ASN H 104 -54.15 -27.61 -25.11
C ASN H 104 -55.20 -28.69 -25.33
N SER H 105 -54.74 -29.91 -25.50
CA SER H 105 -55.62 -31.07 -25.54
C SER H 105 -55.85 -31.57 -24.11
N SER H 106 -56.53 -32.70 -23.97
CA SER H 106 -56.74 -33.26 -22.64
C SER H 106 -55.41 -33.67 -22.00
N SER H 107 -54.51 -34.24 -22.80
CA SER H 107 -53.26 -34.76 -22.25
C SER H 107 -52.39 -33.67 -21.65
N GLU H 108 -52.37 -32.48 -22.29
CA GLU H 108 -51.56 -31.38 -21.76
C GLU H 108 -52.08 -30.92 -20.40
N ARG H 109 -53.39 -30.94 -20.19
CA ARG H 109 -53.95 -30.51 -18.91
C ARG H 109 -53.51 -31.42 -17.78
N ARG H 110 -53.45 -32.74 -18.03
CA ARG H 110 -52.95 -33.66 -17.01
C ARG H 110 -51.47 -33.43 -16.74
N ALA H 111 -50.70 -33.10 -17.79
CA ALA H 111 -49.28 -32.82 -17.60
C ALA H 111 -49.07 -31.58 -16.73
N ILE H 112 -49.86 -30.53 -16.97
CA ILE H 112 -49.80 -29.34 -16.12
C ILE H 112 -50.28 -29.67 -14.71
N GLN H 113 -51.35 -30.47 -14.61
CA GLN H 113 -51.87 -30.84 -13.30
C GLN H 113 -50.86 -31.61 -12.48
N GLU H 114 -49.97 -32.37 -13.14
CA GLU H 114 -48.91 -33.07 -12.41
C GLU H 114 -47.95 -32.09 -11.74
N GLU H 115 -47.61 -31.00 -12.45
CA GLU H 115 -46.74 -30.00 -11.86
C GLU H 115 -47.48 -29.18 -10.80
N VAL H 116 -48.75 -28.88 -11.03
CA VAL H 116 -49.54 -28.15 -10.05
C VAL H 116 -49.70 -28.97 -8.77
N SER H 117 -49.96 -30.28 -8.92
CA SER H 117 -50.08 -31.14 -7.75
C SER H 117 -48.76 -31.24 -7.01
N ALA H 118 -47.64 -31.32 -7.73
CA ALA H 118 -46.34 -31.39 -7.07
C ALA H 118 -46.05 -30.10 -6.31
N LEU H 119 -46.36 -28.95 -6.91
CA LEU H 119 -46.18 -27.68 -6.21
C LEU H 119 -47.15 -27.54 -5.05
N ASN H 120 -48.36 -28.06 -5.19
CA ASN H 120 -49.34 -28.01 -4.11
C ASN H 120 -48.82 -28.76 -2.89
N ASP H 121 -48.24 -29.95 -3.11
CA ASP H 121 -47.65 -30.69 -2.00
C ASP H 121 -46.42 -29.99 -1.45
N GLU H 122 -45.78 -29.14 -2.26
CA GLU H 122 -44.65 -28.36 -1.77
C GLU H 122 -45.11 -27.23 -0.85
N LEU H 123 -46.27 -26.65 -1.12
CA LEU H 123 -46.82 -25.63 -0.23
C LEU H 123 -47.08 -26.20 1.16
N ASN H 124 -47.64 -27.41 1.23
CA ASN H 124 -47.85 -28.04 2.52
C ASN H 124 -46.53 -28.46 3.15
N ARG H 125 -45.52 -28.76 2.32
CA ARG H 125 -44.21 -29.08 2.85
C ARG H 125 -43.58 -27.87 3.52
N ILE H 126 -43.66 -26.70 2.88
CA ILE H 126 -43.11 -25.49 3.48
C ILE H 126 -43.88 -25.13 4.73
N ALA H 127 -45.21 -25.25 4.69
CA ALA H 127 -46.04 -24.88 5.84
C ALA H 127 -45.74 -25.75 7.06
N GLU H 128 -45.57 -27.05 6.84
CA GLU H 128 -45.43 -27.99 7.95
C GLU H 128 -44.01 -28.13 8.47
N THR H 129 -42.99 -27.96 7.60
CA THR H 129 -41.62 -28.21 8.02
C THR H 129 -40.87 -26.95 8.45
N THR H 130 -41.32 -25.77 8.03
CA THR H 130 -40.66 -24.54 8.46
C THR H 130 -40.77 -24.39 9.97
N SER H 131 -39.63 -24.14 10.61
CA SER H 131 -39.59 -24.07 12.07
C SER H 131 -38.40 -23.21 12.49
N PHE H 132 -38.44 -22.78 13.74
CA PHE H 132 -37.40 -21.96 14.34
C PHE H 132 -36.86 -22.72 15.55
N GLY H 133 -35.85 -23.55 15.31
CA GLY H 133 -35.32 -24.39 16.37
C GLY H 133 -36.29 -25.45 16.86
N GLY H 134 -36.97 -26.12 15.94
CA GLY H 134 -37.94 -27.14 16.29
C GLY H 134 -39.33 -26.62 16.61
N ASN H 135 -39.55 -25.31 16.57
CA ASN H 135 -40.85 -24.71 16.83
C ASN H 135 -41.47 -24.31 15.50
N LYS H 136 -42.47 -25.07 15.06
CA LYS H 136 -43.10 -24.80 13.77
C LYS H 136 -43.79 -23.44 13.78
N LEU H 137 -43.76 -22.76 12.64
CA LEU H 137 -44.29 -21.41 12.50
C LEU H 137 -45.50 -21.33 11.58
N LEU H 138 -45.38 -21.84 10.35
CA LEU H 138 -46.40 -21.66 9.33
C LEU H 138 -47.45 -22.78 9.32
N ASN H 139 -47.35 -23.76 10.22
CA ASN H 139 -48.30 -24.87 10.23
C ASN H 139 -49.61 -24.53 10.94
N GLY H 140 -49.74 -23.31 11.47
CA GLY H 140 -50.94 -22.92 12.18
C GLY H 140 -50.91 -23.18 13.67
N SER H 141 -49.88 -23.86 14.18
CA SER H 141 -49.75 -24.15 15.59
C SER H 141 -49.06 -23.03 16.37
N PHE H 142 -48.50 -22.04 15.69
CA PHE H 142 -47.81 -20.97 16.38
C PHE H 142 -48.78 -20.15 17.22
N GLY H 143 -49.94 -19.82 16.66
CA GLY H 143 -50.91 -19.01 17.39
C GLY H 143 -50.37 -17.61 17.63
N SER H 144 -50.75 -17.03 18.76
CA SER H 144 -50.29 -15.71 19.18
C SER H 144 -49.33 -15.87 20.35
N LYS H 145 -48.12 -15.34 20.20
CA LYS H 145 -47.10 -15.43 21.22
C LYS H 145 -46.58 -14.03 21.53
N SER H 146 -46.52 -13.70 22.81
CA SER H 146 -46.11 -12.38 23.27
C SER H 146 -44.59 -12.31 23.40
N PHE H 147 -44.00 -11.22 22.94
CA PHE H 147 -42.57 -10.97 23.05
C PHE H 147 -42.34 -9.83 24.03
N GLN H 148 -41.56 -10.09 25.07
CA GLN H 148 -41.33 -9.13 26.16
C GLN H 148 -40.18 -8.21 25.78
N ILE H 149 -40.50 -6.94 25.53
CA ILE H 149 -39.50 -5.97 25.11
C ILE H 149 -39.45 -4.80 26.07
N GLY H 150 -39.73 -5.06 27.36
CA GLY H 150 -39.69 -4.03 28.37
C GLY H 150 -38.81 -4.43 29.53
N ALA H 151 -38.56 -3.45 30.39
CA ALA H 151 -37.76 -3.66 31.60
C ALA H 151 -38.60 -4.02 32.81
N ASP H 152 -39.92 -4.21 32.62
CA ASP H 152 -40.83 -4.53 33.70
C ASP H 152 -41.87 -5.50 33.13
N SER H 153 -42.57 -6.19 34.01
CA SER H 153 -43.60 -7.13 33.57
C SER H 153 -44.75 -6.41 32.88
N GLY H 154 -45.38 -7.12 31.94
CA GLY H 154 -46.56 -6.59 31.27
C GLY H 154 -46.29 -5.60 30.16
N GLU H 155 -45.14 -5.68 29.51
CA GLU H 155 -44.75 -4.77 28.44
C GLU H 155 -44.46 -5.56 27.16
N ALA H 156 -45.30 -6.52 26.83
CA ALA H 156 -45.07 -7.41 25.70
C ALA H 156 -45.91 -6.99 24.50
N VAL H 157 -45.50 -7.48 23.33
CA VAL H 157 -46.18 -7.23 22.07
C VAL H 157 -46.59 -8.57 21.47
N MET H 158 -47.87 -8.71 21.14
CA MET H 158 -48.39 -9.97 20.62
C MET H 158 -48.14 -10.06 19.12
N LEU H 159 -47.55 -11.18 18.69
CA LEU H 159 -47.33 -11.47 17.28
C LEU H 159 -48.19 -12.66 16.89
N SER H 160 -48.94 -12.51 15.80
CA SER H 160 -49.86 -13.53 15.34
C SER H 160 -49.37 -14.12 14.03
N MET H 161 -49.46 -15.45 13.91
CA MET H 161 -49.03 -16.18 12.72
C MET H 161 -50.12 -17.17 12.33
N GLY H 162 -50.95 -16.79 11.36
CA GLY H 162 -51.93 -17.70 10.82
C GLY H 162 -51.30 -18.79 9.98
N SER H 163 -52.08 -19.84 9.72
CA SER H 163 -51.59 -20.96 8.95
C SER H 163 -51.36 -20.57 7.49
N MET H 164 -50.33 -21.14 6.89
CA MET H 164 -50.04 -20.95 5.47
C MET H 164 -50.14 -22.24 4.68
N ARG H 165 -50.89 -23.22 5.18
CA ARG H 165 -51.13 -24.44 4.43
C ARG H 165 -52.01 -24.13 3.21
N SER H 166 -51.91 -25.00 2.21
CA SER H 166 -52.65 -24.76 0.97
C SER H 166 -54.15 -24.99 1.12
N ASP H 167 -54.59 -25.54 2.24
CA ASP H 167 -56.01 -25.82 2.47
C ASP H 167 -56.65 -24.86 3.46
N THR H 168 -55.97 -23.78 3.82
CA THR H 168 -56.54 -22.80 4.75
C THR H 168 -57.74 -22.10 4.11
N GLN H 169 -58.75 -21.80 4.92
CA GLN H 169 -59.95 -21.17 4.40
C GLN H 169 -59.64 -19.79 3.81
N ALA H 170 -58.77 -19.02 4.48
CA ALA H 170 -58.38 -17.72 3.97
C ALA H 170 -57.53 -17.81 2.70
N MET H 171 -57.07 -19.02 2.35
CA MET H 171 -56.26 -19.24 1.16
C MET H 171 -57.12 -19.67 -0.03
N GLY H 172 -58.41 -19.34 -0.02
CA GLY H 172 -59.31 -19.72 -1.09
C GLY H 172 -60.57 -18.88 -1.14
N GLY H 173 -61.70 -19.52 -1.38
CA GLY H 173 -62.95 -18.79 -1.46
C GLY H 173 -64.09 -19.71 -1.80
N LYS H 174 -65.18 -19.12 -2.29
CA LYS H 174 -66.37 -19.85 -2.71
C LYS H 174 -66.59 -19.67 -4.20
N SER H 175 -67.17 -20.68 -4.84
CA SER H 175 -67.43 -20.67 -6.27
C SER H 175 -68.89 -20.99 -6.53
N TYR H 176 -69.50 -20.22 -7.44
CA TYR H 176 -70.90 -20.38 -7.81
C TYR H 176 -70.96 -20.60 -9.31
N ARG H 177 -71.35 -21.81 -9.72
CA ARG H 177 -71.35 -22.21 -11.12
C ARG H 177 -72.77 -22.21 -11.65
N ALA H 178 -72.95 -21.69 -12.87
CA ALA H 178 -74.26 -21.68 -13.50
C ALA H 178 -74.68 -23.10 -13.88
N GLN H 179 -75.98 -23.27 -14.12
CA GLN H 179 -76.55 -24.56 -14.48
C GLN H 179 -77.10 -24.62 -15.90
N GLU H 180 -77.14 -23.49 -16.61
CA GLU H 180 -77.63 -23.45 -17.99
C GLU H 180 -76.49 -23.13 -18.93
N GLY H 181 -76.30 -23.96 -19.94
CA GLY H 181 -75.22 -23.78 -20.89
C GLY H 181 -75.65 -22.92 -22.06
N LYS H 182 -74.82 -21.94 -22.39
CA LYS H 182 -75.04 -21.04 -23.51
C LYS H 182 -74.01 -21.32 -24.58
N ALA H 183 -74.47 -21.54 -25.81
CA ALA H 183 -73.57 -21.83 -26.93
C ALA H 183 -72.82 -20.57 -27.35
N ALA H 184 -71.96 -20.72 -28.36
CA ALA H 184 -71.17 -19.59 -28.84
C ALA H 184 -72.02 -18.57 -29.60
N ASP H 185 -73.24 -18.94 -29.99
CA ASP H 185 -74.14 -18.04 -30.69
C ASP H 185 -75.10 -17.31 -29.77
N TRP H 186 -74.99 -17.50 -28.45
CA TRP H 186 -75.90 -16.87 -27.51
C TRP H 186 -75.50 -15.41 -27.29
N ARG H 187 -76.50 -14.53 -27.31
CA ARG H 187 -76.29 -13.10 -27.11
C ARG H 187 -77.22 -12.61 -26.01
N VAL H 188 -76.75 -11.63 -25.24
CA VAL H 188 -77.57 -11.06 -24.17
C VAL H 188 -78.79 -10.39 -24.77
N GLY H 189 -79.96 -10.74 -24.25
CA GLY H 189 -81.21 -10.20 -24.75
C GLY H 189 -81.60 -8.88 -24.12
N ALA H 190 -82.90 -8.68 -23.91
CA ALA H 190 -83.40 -7.44 -23.33
C ALA H 190 -83.29 -7.42 -21.80
N ALA H 191 -82.94 -8.54 -21.17
CA ALA H 191 -82.73 -8.62 -19.74
C ALA H 191 -81.23 -8.72 -19.49
N THR H 192 -80.64 -7.65 -18.94
CA THR H 192 -79.20 -7.57 -18.80
C THR H 192 -78.71 -7.42 -17.36
N ASP H 193 -79.56 -6.97 -16.44
CA ASP H 193 -79.12 -6.68 -15.09
C ASP H 193 -78.70 -7.95 -14.36
N LEU H 194 -77.61 -7.85 -13.60
CA LEU H 194 -77.12 -8.93 -12.75
C LEU H 194 -76.70 -8.32 -11.43
N THR H 195 -77.50 -8.53 -10.39
CA THR H 195 -77.29 -7.90 -9.08
C THR H 195 -76.71 -8.93 -8.12
N LEU H 196 -75.50 -8.66 -7.64
CA LEU H 196 -74.85 -9.47 -6.62
C LEU H 196 -74.92 -8.73 -5.30
N SER H 197 -75.56 -9.34 -4.30
CA SER H 197 -75.71 -8.73 -2.98
C SER H 197 -75.13 -9.69 -1.95
N TYR H 198 -74.15 -9.22 -1.20
CA TYR H 198 -73.45 -10.06 -0.23
C TYR H 198 -72.96 -9.15 0.91
N THR H 199 -72.04 -9.67 1.72
CA THR H 199 -71.43 -8.91 2.81
C THR H 199 -69.92 -8.93 2.64
N ASN H 200 -69.31 -7.75 2.62
CA ASN H 200 -67.86 -7.66 2.51
C ASN H 200 -67.20 -8.09 3.82
N LYS H 201 -65.88 -8.22 3.78
CA LYS H 201 -65.16 -8.72 4.95
C LYS H 201 -65.05 -7.69 6.08
N GLN H 202 -65.43 -6.43 5.83
CA GLN H 202 -65.61 -5.49 6.93
C GLN H 202 -66.96 -5.67 7.65
N GLY H 203 -67.88 -6.42 7.06
CA GLY H 203 -69.17 -6.67 7.68
C GLY H 203 -70.33 -5.84 7.18
N GLU H 204 -70.15 -5.06 6.12
CA GLU H 204 -71.22 -4.26 5.56
C GLU H 204 -71.79 -4.90 4.31
N ALA H 205 -73.09 -4.74 4.11
CA ALA H 205 -73.76 -5.32 2.95
C ALA H 205 -73.41 -4.51 1.70
N ARG H 206 -72.86 -5.18 0.69
CA ARG H 206 -72.44 -4.55 -0.54
C ARG H 206 -73.37 -4.99 -1.67
N GLU H 207 -73.87 -4.01 -2.43
CA GLU H 207 -74.74 -4.26 -3.57
C GLU H 207 -74.00 -3.84 -4.84
N VAL H 208 -73.81 -4.78 -5.76
CA VAL H 208 -73.17 -4.53 -7.04
C VAL H 208 -74.18 -4.88 -8.13
N THR H 209 -74.47 -3.91 -9.00
CA THR H 209 -75.41 -4.09 -10.09
C THR H 209 -74.63 -3.98 -11.40
N ILE H 210 -74.25 -5.11 -11.96
CA ILE H 210 -73.52 -5.15 -13.22
C ILE H 210 -74.56 -5.21 -14.34
N ASN H 211 -74.77 -4.09 -15.01
CA ASN H 211 -75.71 -4.00 -16.13
C ASN H 211 -74.97 -4.45 -17.38
N ALA H 212 -75.23 -5.69 -17.80
CA ALA H 212 -74.58 -6.22 -18.99
C ALA H 212 -75.05 -5.46 -20.23
N LYS H 213 -74.38 -5.74 -21.34
CA LYS H 213 -74.63 -5.04 -22.59
C LYS H 213 -75.21 -6.01 -23.61
N GLN H 214 -76.18 -5.53 -24.38
CA GLN H 214 -76.88 -6.38 -25.32
C GLN H 214 -75.92 -6.81 -26.43
N GLY H 215 -76.11 -8.04 -26.91
CA GLY H 215 -75.30 -8.56 -28.00
C GLY H 215 -74.01 -9.21 -27.58
N ASP H 216 -73.65 -9.20 -26.30
CA ASP H 216 -72.41 -9.81 -25.85
C ASP H 216 -72.57 -11.32 -25.73
N ASP H 217 -71.56 -12.06 -26.18
CA ASP H 217 -71.52 -13.49 -25.96
C ASP H 217 -71.04 -13.78 -24.54
N LEU H 218 -71.04 -15.05 -24.16
CA LEU H 218 -70.80 -15.41 -22.76
C LEU H 218 -69.42 -15.00 -22.30
N GLU H 219 -68.39 -15.21 -23.14
CA GLU H 219 -67.04 -14.84 -22.75
C GLU H 219 -66.89 -13.32 -22.62
N GLU H 220 -67.58 -12.57 -23.49
CA GLU H 220 -67.55 -11.12 -23.38
C GLU H 220 -68.26 -10.64 -22.12
N LEU H 221 -69.33 -11.34 -21.71
CA LEU H 221 -70.01 -11.02 -20.47
C LEU H 221 -69.10 -11.28 -19.26
N ALA H 222 -68.30 -12.35 -19.32
CA ALA H 222 -67.41 -12.66 -18.22
C ALA H 222 -66.37 -11.56 -18.01
N THR H 223 -65.78 -11.05 -19.10
CA THR H 223 -64.77 -10.02 -18.97
C THR H 223 -65.38 -8.67 -18.62
N TYR H 224 -66.68 -8.48 -18.91
CA TYR H 224 -67.35 -7.25 -18.50
C TYR H 224 -67.59 -7.24 -17.00
N ILE H 225 -67.93 -8.39 -16.43
CA ILE H 225 -68.16 -8.48 -14.99
C ILE H 225 -66.88 -8.14 -14.23
N ASN H 226 -65.75 -8.66 -14.70
CA ASN H 226 -64.48 -8.40 -14.01
C ASN H 226 -64.10 -6.93 -14.08
N GLY H 227 -64.40 -6.27 -15.20
CA GLY H 227 -64.08 -4.85 -15.31
C GLY H 227 -64.88 -3.98 -14.37
N GLN H 228 -66.17 -4.30 -14.18
CA GLN H 228 -67.04 -3.45 -13.39
C GLN H 228 -66.70 -3.55 -11.90
N THR H 229 -66.48 -4.76 -11.38
CA THR H 229 -66.29 -4.97 -9.96
C THR H 229 -65.00 -5.75 -9.71
N GLU H 230 -64.41 -5.54 -8.53
CA GLU H 230 -63.21 -6.24 -8.12
C GLU H 230 -63.46 -7.24 -7.00
N ASP H 231 -64.67 -7.28 -6.44
CA ASP H 231 -64.94 -8.21 -5.34
C ASP H 231 -65.08 -9.64 -5.85
N VAL H 232 -65.70 -9.82 -7.02
CA VAL H 232 -65.93 -11.14 -7.58
C VAL H 232 -65.13 -11.28 -8.87
N LYS H 233 -64.97 -12.53 -9.31
CA LYS H 233 -64.29 -12.86 -10.55
C LYS H 233 -65.15 -13.82 -11.35
N ALA H 234 -65.22 -13.61 -12.66
CA ALA H 234 -66.08 -14.38 -13.54
C ALA H 234 -65.26 -15.16 -14.55
N SER H 235 -65.77 -16.31 -14.95
CA SER H 235 -65.11 -17.19 -15.91
C SER H 235 -66.16 -18.05 -16.59
N VAL H 236 -65.75 -18.69 -17.69
CA VAL H 236 -66.63 -19.57 -18.46
C VAL H 236 -65.92 -20.91 -18.65
N GLY H 237 -66.65 -22.00 -18.44
CA GLY H 237 -66.10 -23.33 -18.54
C GLY H 237 -66.26 -23.94 -19.92
N GLU H 238 -66.11 -25.26 -19.98
CA GLU H 238 -66.26 -25.98 -21.25
C GLU H 238 -67.67 -25.85 -21.80
N ASP H 239 -68.68 -26.17 -20.97
CA ASP H 239 -70.05 -26.23 -21.43
C ASP H 239 -70.61 -24.86 -21.79
N GLY H 240 -69.95 -23.78 -21.38
CA GLY H 240 -70.49 -22.46 -21.61
C GLY H 240 -71.44 -22.04 -20.49
N LYS H 241 -70.97 -22.13 -19.25
CA LYS H 241 -71.74 -21.70 -18.10
C LYS H 241 -70.87 -20.83 -17.21
N LEU H 242 -71.35 -19.62 -16.93
CA LEU H 242 -70.58 -18.66 -16.16
C LEU H 242 -70.39 -19.12 -14.72
N GLN H 243 -69.18 -18.94 -14.19
CA GLN H 243 -68.86 -19.29 -12.82
C GLN H 243 -68.25 -18.08 -12.13
N LEU H 244 -68.76 -17.75 -10.95
CA LEU H 244 -68.26 -16.65 -10.14
C LEU H 244 -67.44 -17.20 -8.99
N PHE H 245 -66.48 -16.40 -8.53
CA PHE H 245 -65.62 -16.76 -7.42
C PHE H 245 -65.45 -15.57 -6.49
N ALA H 246 -66.03 -15.66 -5.30
CA ALA H 246 -65.88 -14.64 -4.27
C ALA H 246 -64.86 -15.14 -3.25
N SER H 247 -63.77 -14.40 -3.11
CA SER H 247 -62.70 -14.83 -2.21
C SER H 247 -63.20 -14.87 -0.77
N SER H 248 -62.71 -15.88 -0.02
CA SER H 248 -63.16 -16.07 1.35
C SER H 248 -62.71 -14.95 2.27
N GLN H 249 -61.64 -14.24 1.94
CA GLN H 249 -61.14 -13.16 2.77
C GLN H 249 -61.70 -11.80 2.38
N LYS H 250 -62.58 -11.74 1.37
CA LYS H 250 -63.24 -10.51 0.99
C LYS H 250 -64.77 -10.59 1.04
N VAL H 251 -65.34 -11.79 1.03
CA VAL H 251 -66.78 -11.97 1.09
C VAL H 251 -67.10 -13.02 2.14
N ASN H 252 -68.03 -12.69 3.05
CA ASN H 252 -68.45 -13.61 4.10
C ASN H 252 -69.92 -13.98 3.88
N GLY H 253 -70.23 -15.25 4.07
CA GLY H 253 -71.58 -15.74 3.90
C GLY H 253 -71.93 -15.98 2.45
N ASP H 254 -73.18 -16.38 2.23
CA ASP H 254 -73.67 -16.66 0.89
C ASP H 254 -73.80 -15.36 0.09
N VAL H 255 -73.70 -15.49 -1.23
CA VAL H 255 -73.82 -14.37 -2.15
C VAL H 255 -75.16 -14.48 -2.86
N THR H 256 -76.06 -13.55 -2.56
CA THR H 256 -77.34 -13.48 -3.25
C THR H 256 -77.14 -12.98 -4.68
N ILE H 257 -77.74 -13.66 -5.64
CA ILE H 257 -77.63 -13.30 -7.05
C ILE H 257 -79.04 -13.20 -7.61
N GLY H 258 -79.43 -12.00 -8.06
CA GLY H 258 -80.74 -11.78 -8.62
C GLY H 258 -80.65 -10.97 -9.90
N GLY H 259 -81.80 -10.74 -10.51
CA GLY H 259 -81.90 -9.97 -11.73
C GLY H 259 -82.36 -10.83 -12.91
N GLY H 260 -82.64 -10.13 -14.00
CA GLY H 260 -83.08 -10.82 -15.21
C GLY H 260 -82.02 -11.73 -15.79
N LEU H 261 -80.77 -11.27 -15.82
CA LEU H 261 -79.69 -12.11 -16.32
C LEU H 261 -79.40 -13.26 -15.36
N GLY H 262 -79.56 -13.02 -14.06
CA GLY H 262 -79.39 -14.09 -13.10
C GLY H 262 -80.40 -15.20 -13.27
N GLY H 263 -81.66 -14.83 -13.53
CA GLY H 263 -82.67 -15.84 -13.78
C GLY H 263 -82.45 -16.59 -15.09
N GLU H 264 -82.08 -15.86 -16.14
CA GLU H 264 -81.83 -16.50 -17.43
C GLU H 264 -80.63 -17.45 -17.36
N ILE H 265 -79.54 -17.01 -16.73
CA ILE H 265 -78.35 -17.85 -16.64
C ILE H 265 -78.59 -19.00 -15.67
N GLY H 266 -79.20 -18.73 -14.53
CA GLY H 266 -79.41 -19.75 -13.53
C GLY H 266 -78.16 -19.99 -12.70
N PHE H 267 -78.29 -20.09 -11.39
CA PHE H 267 -77.13 -20.21 -10.52
C PHE H 267 -77.36 -21.29 -9.48
N ASP H 268 -76.27 -21.87 -8.99
CA ASP H 268 -76.30 -22.99 -8.08
C ASP H 268 -75.67 -22.60 -6.75
N ALA H 269 -75.54 -23.59 -5.86
CA ALA H 269 -74.97 -23.36 -4.54
C ALA H 269 -73.47 -23.09 -4.63
N GLY H 270 -72.96 -22.39 -3.63
CA GLY H 270 -71.55 -22.05 -3.58
C GLY H 270 -70.75 -23.06 -2.77
N ARG H 271 -69.74 -23.64 -3.40
CA ARG H 271 -68.88 -24.63 -2.76
C ARG H 271 -67.57 -23.98 -2.34
N ASN H 272 -67.03 -24.43 -1.20
CA ASN H 272 -65.78 -23.91 -0.70
C ASN H 272 -64.61 -24.57 -1.42
N VAL H 273 -63.76 -23.75 -2.04
CA VAL H 273 -62.62 -24.21 -2.81
C VAL H 273 -61.37 -23.53 -2.29
N THR H 274 -60.27 -24.27 -2.27
CA THR H 274 -58.99 -23.76 -1.81
C THR H 274 -57.91 -24.13 -2.82
N VAL H 275 -56.67 -23.78 -2.51
CA VAL H 275 -55.55 -24.16 -3.38
C VAL H 275 -55.40 -25.67 -3.41
N ALA H 276 -55.67 -26.35 -2.29
CA ALA H 276 -55.63 -27.81 -2.26
C ALA H 276 -56.70 -28.43 -3.16
N ASP H 277 -57.73 -27.67 -3.51
CA ASP H 277 -58.79 -28.14 -4.39
C ASP H 277 -58.56 -27.75 -5.85
N VAL H 278 -57.41 -27.17 -6.17
CA VAL H 278 -57.14 -26.72 -7.54
C VAL H 278 -56.97 -27.95 -8.43
N ASN H 279 -57.83 -28.05 -9.44
CA ASN H 279 -57.78 -29.14 -10.43
C ASN H 279 -57.84 -28.50 -11.81
N VAL H 280 -56.70 -28.44 -12.48
CA VAL H 280 -56.57 -27.77 -13.76
C VAL H 280 -56.77 -28.75 -14.93
N SER H 281 -57.34 -29.93 -14.66
CA SER H 281 -57.59 -30.90 -15.72
C SER H 281 -58.65 -30.45 -16.70
N THR H 282 -59.38 -29.39 -16.38
CA THR H 282 -60.41 -28.85 -17.27
C THR H 282 -60.21 -27.33 -17.38
N VAL H 283 -60.77 -26.76 -18.45
CA VAL H 283 -60.65 -25.32 -18.66
C VAL H 283 -61.39 -24.56 -17.56
N ALA H 284 -62.50 -25.12 -17.08
CA ALA H 284 -63.23 -24.49 -15.98
C ALA H 284 -62.41 -24.53 -14.70
N GLY H 285 -61.72 -25.65 -14.45
CA GLY H 285 -60.88 -25.74 -13.27
C GLY H 285 -59.70 -24.79 -13.32
N SER H 286 -59.16 -24.55 -14.52
CA SER H 286 -58.01 -23.67 -14.64
C SER H 286 -58.41 -22.20 -14.57
N GLN H 287 -59.54 -21.85 -15.20
CA GLN H 287 -60.05 -20.49 -15.05
C GLN H 287 -60.38 -20.19 -13.60
N GLU H 288 -60.99 -21.15 -12.91
CA GLU H 288 -61.25 -20.98 -11.47
C GLU H 288 -59.95 -20.94 -10.69
N ALA H 289 -58.93 -21.69 -11.13
CA ALA H 289 -57.66 -21.74 -10.40
C ALA H 289 -56.98 -20.38 -10.34
N VAL H 290 -57.00 -19.63 -11.45
CA VAL H 290 -56.38 -18.31 -11.46
C VAL H 290 -57.04 -17.41 -10.42
N SER H 291 -58.36 -17.49 -10.30
CA SER H 291 -59.07 -16.71 -9.29
C SER H 291 -58.70 -17.14 -7.88
N ILE H 292 -58.60 -18.47 -7.66
CA ILE H 292 -58.30 -18.97 -6.32
C ILE H 292 -56.90 -18.53 -5.88
N LEU H 293 -55.92 -18.68 -6.78
CA LEU H 293 -54.55 -18.31 -6.45
C LEU H 293 -54.38 -16.80 -6.29
N ASP H 294 -55.24 -15.99 -6.89
CA ASP H 294 -55.23 -14.56 -6.60
C ASP H 294 -55.61 -14.28 -5.16
N GLY H 295 -56.60 -15.01 -4.65
CA GLY H 295 -56.96 -14.89 -3.24
C GLY H 295 -55.86 -15.41 -2.33
N ALA H 296 -55.21 -16.51 -2.72
CA ALA H 296 -54.10 -17.04 -1.95
C ALA H 296 -52.93 -16.06 -1.92
N LEU H 297 -52.63 -15.45 -3.06
CA LEU H 297 -51.52 -14.49 -3.12
C LEU H 297 -51.81 -13.26 -2.28
N LYS H 298 -53.07 -12.78 -2.29
CA LYS H 298 -53.42 -11.62 -1.50
C LYS H 298 -53.34 -11.93 -0.01
N ALA H 299 -53.74 -13.14 0.40
CA ALA H 299 -53.62 -13.53 1.79
C ALA H 299 -52.16 -13.62 2.21
N VAL H 300 -51.30 -14.19 1.35
CA VAL H 300 -49.89 -14.30 1.67
C VAL H 300 -49.23 -12.92 1.73
N ASP H 301 -49.58 -12.06 0.77
CA ASP H 301 -49.01 -10.71 0.75
C ASP H 301 -49.43 -9.92 1.99
N SER H 302 -50.69 -10.04 2.39
CA SER H 302 -51.16 -9.36 3.59
C SER H 302 -50.44 -9.89 4.83
N GLN H 303 -50.20 -11.21 4.89
CA GLN H 303 -49.45 -11.78 6.00
C GLN H 303 -48.01 -11.27 6.02
N ARG H 304 -47.39 -11.15 4.84
CA ARG H 304 -46.04 -10.61 4.78
C ARG H 304 -46.00 -9.16 5.25
N ALA H 305 -46.98 -8.36 4.83
CA ALA H 305 -47.02 -6.96 5.26
C ALA H 305 -47.23 -6.84 6.76
N SER H 306 -48.03 -7.74 7.34
CA SER H 306 -48.24 -7.73 8.79
C SER H 306 -46.95 -8.01 9.54
N LEU H 307 -46.16 -8.98 9.06
CA LEU H 307 -44.90 -9.29 9.73
C LEU H 307 -43.83 -8.26 9.44
N GLY H 308 -43.88 -7.62 8.26
CA GLY H 308 -42.94 -6.55 7.97
C GLY H 308 -43.15 -5.34 8.87
N ALA H 309 -44.41 -4.97 9.10
CA ALA H 309 -44.71 -3.90 10.05
C ALA H 309 -44.30 -4.31 11.46
N PHE H 310 -44.46 -5.59 11.80
CA PHE H 310 -44.03 -6.09 13.10
C PHE H 310 -42.53 -5.94 13.26
N GLN H 311 -41.77 -6.24 12.20
CA GLN H 311 -40.32 -6.07 12.25
C GLN H 311 -39.92 -4.61 12.38
N ASN H 312 -40.60 -3.72 11.65
CA ASN H 312 -40.26 -2.30 11.71
C ASN H 312 -40.58 -1.71 13.07
N ARG H 313 -41.69 -2.12 13.68
CA ARG H 313 -41.99 -1.69 15.03
C ARG H 313 -40.92 -2.17 16.01
N PHE H 314 -40.47 -3.41 15.84
CA PHE H 314 -39.45 -3.95 16.72
C PHE H 314 -38.08 -3.32 16.47
N GLY H 315 -37.82 -2.87 15.24
CA GLY H 315 -36.60 -2.14 14.97
C GLY H 315 -36.56 -0.79 15.67
N HIS H 316 -37.69 -0.07 15.66
CA HIS H 316 -37.77 1.18 16.41
C HIS H 316 -37.71 0.92 17.91
N ALA H 317 -38.32 -0.17 18.36
CA ALA H 317 -38.29 -0.51 19.79
C ALA H 317 -36.87 -0.81 20.25
N ILE H 318 -36.09 -1.50 19.42
CA ILE H 318 -34.71 -1.83 19.79
C ILE H 318 -33.90 -0.55 19.95
N SER H 319 -34.04 0.39 19.02
CA SER H 319 -33.31 1.64 19.11
C SER H 319 -33.74 2.45 20.32
N ASN H 320 -35.05 2.50 20.60
CA ASN H 320 -35.52 3.25 21.76
C ASN H 320 -35.05 2.61 23.06
N LEU H 321 -35.12 1.27 23.15
CA LEU H 321 -34.66 0.59 24.35
C LEU H 321 -33.16 0.80 24.55
N ASP H 322 -32.38 0.75 23.47
CA ASP H 322 -30.94 0.98 23.57
C ASP H 322 -30.66 2.42 24.00
N ASN H 323 -31.43 3.38 23.46
CA ASN H 323 -31.25 4.78 23.84
C ASN H 323 -31.56 4.98 25.31
N VAL H 324 -32.65 4.40 25.80
CA VAL H 324 -32.99 4.52 27.22
C VAL H 324 -31.94 3.81 28.08
N ASN H 325 -31.48 2.64 27.62
CA ASN H 325 -30.48 1.89 28.37
C ASN H 325 -29.18 2.68 28.52
N GLU H 326 -28.75 3.36 27.45
CA GLU H 326 -27.53 4.14 27.51
C GLU H 326 -27.66 5.31 28.47
N ASN H 327 -28.80 6.00 28.46
CA ASN H 327 -28.97 7.16 29.33
C ASN H 327 -29.19 6.72 30.77
N VAL H 328 -29.82 5.57 30.99
CA VAL H 328 -29.97 5.04 32.34
C VAL H 328 -28.60 4.71 32.93
N ASN H 329 -27.70 4.17 32.11
CA ASN H 329 -26.35 3.89 32.58
C ASN H 329 -25.63 5.19 32.96
N ALA H 330 -25.82 6.25 32.17
CA ALA H 330 -25.18 7.53 32.47
C ALA H 330 -25.70 8.10 33.78
N SER H 331 -27.01 8.01 34.02
CA SER H 331 -27.57 8.52 35.28
C SER H 331 -27.06 7.71 36.45
N ARG H 332 -26.95 6.39 36.29
CA ARG H 332 -26.34 5.56 37.33
C ARG H 332 -24.88 5.95 37.56
N SER H 333 -24.19 6.38 36.51
CA SER H 333 -22.79 6.78 36.65
C SER H 333 -22.64 7.98 37.56
N ARG H 334 -23.54 8.95 37.45
CA ARG H 334 -23.51 10.14 38.29
C ARG H 334 -23.94 9.87 39.72
N ILE H 335 -24.41 8.65 40.03
CA ILE H 335 -24.91 8.31 41.34
C ILE H 335 -24.00 7.33 42.07
N ARG H 336 -23.56 6.26 41.40
CA ARG H 336 -22.89 5.15 42.07
C ARG H 336 -21.39 5.16 41.89
N ASP H 337 -20.89 5.13 40.65
CA ASP H 337 -19.45 4.97 40.43
C ASP H 337 -18.68 6.18 40.94
N THR H 338 -17.45 5.93 41.38
CA THR H 338 -16.67 6.93 42.09
C THR H 338 -15.97 7.88 41.14
N ASP H 339 -15.95 9.15 41.51
CA ASP H 339 -15.15 10.15 40.81
C ASP H 339 -13.68 9.94 41.17
N TYR H 340 -12.90 9.45 40.22
CA TYR H 340 -11.50 9.12 40.51
C TYR H 340 -10.70 10.37 40.86
N ALA H 341 -11.00 11.50 40.22
CA ALA H 341 -10.29 12.73 40.54
C ALA H 341 -10.52 13.16 41.98
N ARG H 342 -11.77 13.10 42.45
CA ARG H 342 -12.09 13.53 43.81
C ARG H 342 -11.70 12.47 44.84
N GLU H 343 -11.92 11.19 44.52
CA GLU H 343 -11.68 10.13 45.50
C GLU H 343 -10.20 9.99 45.82
N THR H 344 -9.34 10.06 44.79
CA THR H 344 -7.91 9.94 45.01
C THR H 344 -7.37 11.09 45.84
N THR H 345 -7.83 12.31 45.57
CA THR H 345 -7.38 13.46 46.36
C THR H 345 -7.80 13.32 47.81
N ALA H 346 -9.02 12.85 48.06
CA ALA H 346 -9.47 12.64 49.43
C ALA H 346 -8.68 11.53 50.10
N MET H 347 -8.28 10.51 49.34
CA MET H 347 -7.48 9.43 49.91
C MET H 347 -6.08 9.90 50.26
N THR H 348 -5.46 10.71 49.39
CA THR H 348 -4.14 11.26 49.69
C THR H 348 -4.19 12.18 50.90
N LYS H 349 -5.25 13.00 51.00
CA LYS H 349 -5.41 13.85 52.16
C LYS H 349 -5.57 13.03 53.43
N ALA H 350 -6.20 11.85 53.32
CA ALA H 350 -6.30 10.95 54.46
C ALA H 350 -4.92 10.40 54.84
N GLN H 351 -4.07 10.13 53.84
CA GLN H 351 -2.72 9.66 54.13
C GLN H 351 -1.92 10.73 54.87
N ILE H 352 -1.96 11.97 54.36
CA ILE H 352 -1.18 13.04 54.97
C ILE H 352 -1.70 13.34 56.38
N LEU H 353 -3.02 13.36 56.55
CA LEU H 353 -3.60 13.57 57.87
C LEU H 353 -3.20 12.46 58.83
N GLN H 354 -3.12 11.23 58.33
CA GLN H 354 -2.69 10.11 59.18
C GLN H 354 -1.27 10.30 59.65
N GLN H 355 -0.35 10.59 58.71
CA GLN H 355 1.06 10.70 59.07
C GLN H 355 1.30 11.85 60.05
N ALA H 356 0.62 12.97 59.84
CA ALA H 356 0.72 14.07 60.79
C ALA H 356 0.13 13.69 62.14
N SER H 357 -0.94 12.89 62.12
CA SER H 357 -1.57 12.47 63.38
C SER H 357 -0.64 11.60 64.21
N THR H 358 0.06 10.65 63.59
CA THR H 358 1.01 9.84 64.34
C THR H 358 2.26 10.62 64.71
N SER H 359 2.62 11.63 63.90
CA SER H 359 3.75 12.49 64.26
C SER H 359 3.45 13.28 65.52
N VAL H 360 2.22 13.79 65.63
CA VAL H 360 1.81 14.47 66.86
C VAL H 360 1.71 13.48 68.01
N LEU H 361 1.24 12.27 67.72
CA LEU H 361 1.16 11.24 68.76
C LEU H 361 2.54 10.89 69.29
N ALA H 362 3.53 10.80 68.40
CA ALA H 362 4.90 10.52 68.84
C ALA H 362 5.40 11.59 69.79
N GLN H 363 5.08 12.86 69.51
CA GLN H 363 5.51 13.96 70.36
C GLN H 363 4.67 14.08 71.63
N ALA H 364 3.53 13.38 71.71
CA ALA H 364 2.58 13.60 72.80
C ALA H 364 3.11 13.06 74.12
N LYS H 365 3.69 11.87 74.11
CA LYS H 365 4.18 11.22 75.33
C LYS H 365 5.56 11.70 75.75
N GLN H 366 6.15 12.65 75.04
CA GLN H 366 7.36 13.28 75.55
C GLN H 366 7.07 14.23 76.71
N SER H 367 5.80 14.59 76.94
CA SER H 367 5.47 15.39 78.11
C SER H 367 5.62 14.60 79.40
N PRO H 368 5.00 13.42 79.57
CA PRO H 368 5.27 12.64 80.79
C PRO H 368 6.73 12.22 80.93
N SER H 369 7.44 12.03 79.81
CA SER H 369 8.87 11.76 79.89
C SER H 369 9.62 12.97 80.43
N ALA H 370 9.16 14.18 80.08
CA ALA H 370 9.74 15.39 80.64
C ALA H 370 9.44 15.52 82.13
N ALA H 371 8.41 14.82 82.61
CA ALA H 371 8.11 14.86 84.05
C ALA H 371 9.19 14.15 84.85
N LEU H 372 9.59 12.95 84.42
CA LEU H 372 10.66 12.24 85.10
C LEU H 372 12.00 12.93 84.88
N SER H 373 12.22 13.48 83.69
CA SER H 373 13.46 14.20 83.41
C SER H 373 13.54 15.51 84.18
N LEU H 374 12.40 16.06 84.61
CA LEU H 374 12.42 17.28 85.40
C LEU H 374 12.92 17.00 86.81
N LEU H 375 12.18 16.19 87.56
CA LEU H 375 12.55 15.88 88.94
C LEU H 375 12.38 14.42 89.33
N GLY H 376 11.77 13.59 88.49
CA GLY H 376 11.60 12.18 88.79
C GLY H 376 12.84 11.35 88.50
N MET I 1 41.60 2.01 31.70
CA MET I 1 41.24 3.35 31.26
C MET I 1 40.61 4.15 32.39
N ALA I 2 41.27 5.25 32.76
CA ALA I 2 40.75 6.11 33.80
C ALA I 2 39.35 6.60 33.43
N ILE I 3 38.43 6.53 34.39
CA ILE I 3 37.05 6.92 34.16
C ILE I 3 36.99 8.45 34.26
N ASN I 4 37.14 9.11 33.10
CA ASN I 4 37.36 10.55 33.03
C ASN I 4 36.04 11.28 32.79
N VAL I 5 36.04 12.56 33.12
CA VAL I 5 34.88 13.43 32.94
C VAL I 5 35.13 14.48 31.86
N ASN I 6 36.29 15.14 31.90
CA ASN I 6 36.57 16.19 30.92
C ASN I 6 36.87 15.62 29.54
N THR I 7 37.46 14.43 29.47
CA THR I 7 37.76 13.77 28.22
C THR I 7 36.89 12.53 28.09
N ASN I 8 36.21 12.41 26.96
CA ASN I 8 35.30 11.31 26.71
C ASN I 8 35.67 10.86 25.29
N VAL I 9 36.95 10.50 25.13
CA VAL I 9 37.56 10.13 23.86
C VAL I 9 36.69 9.18 23.04
N SER I 10 35.87 8.37 23.72
CA SER I 10 35.02 7.43 23.00
C SER I 10 34.02 8.14 22.10
N ALA I 11 33.44 9.24 22.58
CA ALA I 11 32.47 9.98 21.78
C ALA I 11 33.13 10.56 20.53
N MET I 12 34.37 11.01 20.65
CA MET I 12 35.08 11.52 19.49
C MET I 12 35.27 10.44 18.44
N THR I 13 35.45 9.19 18.87
CA THR I 13 35.43 8.07 17.94
C THR I 13 34.07 7.93 17.27
N ALA I 14 33.00 8.02 18.08
CA ALA I 14 31.66 7.81 17.56
C ALA I 14 31.28 8.87 16.52
N GLN I 15 31.56 10.13 16.82
CA GLN I 15 31.21 11.20 15.89
C GLN I 15 32.20 11.32 14.74
N ARG I 16 33.41 10.80 14.89
CA ARG I 16 34.34 10.77 13.77
C ARG I 16 33.86 9.80 12.70
N TYR I 17 33.40 8.61 13.12
CA TYR I 17 32.82 7.67 12.17
C TYR I 17 31.40 8.07 11.79
N LEU I 18 30.75 8.91 12.60
CA LEU I 18 29.45 9.43 12.23
C LEU I 18 29.56 10.44 11.09
N ASN I 19 30.56 11.32 11.16
CA ASN I 19 30.81 12.25 10.05
C ASN I 19 31.27 11.51 8.81
N GLY I 20 32.05 10.44 8.99
CA GLY I 20 32.44 9.63 7.85
C GLY I 20 31.26 8.94 7.20
N ALA I 21 30.29 8.51 8.01
CA ALA I 21 29.09 7.91 7.47
C ALA I 21 28.20 8.95 6.80
N ALA I 22 28.08 10.14 7.41
CA ALA I 22 27.27 11.20 6.82
C ALA I 22 27.85 11.65 5.49
N ASP I 23 29.18 11.78 5.41
CA ASP I 23 29.81 12.13 4.14
C ASP I 23 29.56 11.06 3.09
N GLY I 24 29.65 9.79 3.49
CA GLY I 24 29.38 8.72 2.55
C GLY I 24 27.95 8.73 2.02
N MET I 25 26.99 9.09 2.88
CA MET I 25 25.60 9.16 2.45
C MET I 25 25.37 10.37 1.55
N GLN I 26 26.01 11.50 1.85
CA GLN I 26 25.78 12.71 1.07
C GLN I 26 26.23 12.52 -0.37
N LYS I 27 27.38 11.88 -0.58
CA LYS I 27 27.85 11.63 -1.94
C LYS I 27 26.90 10.70 -2.69
N SER I 28 26.45 9.62 -2.04
CA SER I 28 25.54 8.69 -2.69
C SER I 28 24.20 9.34 -3.00
N MET I 29 23.68 10.15 -2.08
CA MET I 29 22.39 10.79 -2.29
C MET I 29 22.47 11.84 -3.41
N GLU I 30 23.59 12.56 -3.49
CA GLU I 30 23.79 13.47 -4.61
C GLU I 30 23.90 12.70 -5.93
N ARG I 31 24.57 11.54 -5.89
CA ARG I 31 24.71 10.72 -7.10
C ARG I 31 23.35 10.21 -7.58
N LEU I 32 22.45 9.93 -6.65
CA LEU I 32 21.13 9.43 -7.03
C LEU I 32 20.27 10.54 -7.64
N SER I 33 20.33 11.74 -7.06
CA SER I 33 19.51 12.84 -7.56
C SER I 33 19.94 13.27 -8.96
N SER I 34 21.23 13.51 -9.14
CA SER I 34 21.73 13.94 -10.45
C SER I 34 21.80 12.80 -11.45
N GLY I 35 21.98 11.56 -10.97
CA GLY I 35 22.13 10.43 -11.86
C GLY I 35 23.53 10.24 -12.41
N TYR I 36 24.52 10.94 -11.88
CA TYR I 36 25.89 10.87 -12.35
C TYR I 36 26.80 10.41 -11.22
N LYS I 37 27.73 9.51 -11.53
CA LYS I 37 28.79 9.19 -10.57
C LYS I 37 29.70 10.39 -10.34
N ILE I 38 30.09 11.05 -11.42
CA ILE I 38 31.04 12.16 -11.35
C ILE I 38 30.30 13.48 -11.49
N ASN I 39 29.88 14.06 -10.37
CA ASN I 39 29.31 15.40 -10.36
C ASN I 39 30.37 16.48 -10.30
N SER I 40 31.62 16.13 -10.01
CA SER I 40 32.72 17.08 -9.96
C SER I 40 34.02 16.31 -10.09
N ALA I 41 35.10 17.05 -10.36
CA ALA I 41 36.42 16.44 -10.50
C ALA I 41 36.90 15.78 -9.21
N ARG I 42 36.27 16.10 -8.08
CA ARG I 42 36.63 15.45 -6.81
C ARG I 42 36.47 13.94 -6.89
N ASP I 43 35.42 13.47 -7.58
CA ASP I 43 35.15 12.04 -7.66
C ASP I 43 36.14 11.32 -8.57
N ASP I 44 36.44 11.89 -9.72
CA ASP I 44 37.33 11.24 -10.69
C ASP I 44 37.92 12.29 -11.61
N ALA I 45 39.26 12.39 -11.61
CA ALA I 45 39.93 13.34 -12.50
C ALA I 45 39.80 12.92 -13.95
N ALA I 46 40.26 11.70 -14.28
CA ALA I 46 40.11 11.21 -15.65
C ALA I 46 38.64 11.02 -16.02
N GLY I 47 37.83 10.54 -15.08
CA GLY I 47 36.42 10.30 -15.39
C GLY I 47 35.72 11.57 -15.82
N LEU I 48 36.07 12.70 -15.22
CA LEU I 48 35.46 13.97 -15.63
C LEU I 48 36.01 14.43 -16.98
N GLN I 49 37.33 14.34 -17.17
CA GLN I 49 37.93 14.86 -18.40
C GLN I 49 37.49 14.05 -19.62
N ILE I 50 37.57 12.72 -19.53
CA ILE I 50 37.21 11.90 -20.68
C ILE I 50 35.71 11.95 -20.96
N SER I 51 34.89 12.11 -19.92
CA SER I 51 33.45 12.22 -20.14
C SER I 51 33.10 13.57 -20.74
N ASN I 52 33.79 14.63 -20.30
CA ASN I 52 33.54 15.96 -20.86
C ASN I 52 33.95 16.01 -22.33
N ARG I 53 34.99 15.27 -22.70
CA ARG I 53 35.37 15.22 -24.11
C ARG I 53 34.45 14.28 -24.88
N LEU I 54 33.94 13.23 -24.22
CA LEU I 54 33.03 12.31 -24.89
C LEU I 54 31.65 12.95 -25.09
N THR I 55 31.22 13.80 -24.16
CA THR I 55 29.96 14.51 -24.37
C THR I 55 30.11 15.64 -25.37
N SER I 56 31.30 16.26 -25.45
CA SER I 56 31.56 17.22 -26.52
C SER I 56 31.57 16.53 -27.88
N GLN I 57 32.16 15.33 -27.96
CA GLN I 57 32.10 14.56 -29.18
C GLN I 57 30.66 14.14 -29.49
N SER I 58 29.90 13.77 -28.46
CA SER I 58 28.51 13.37 -28.66
C SER I 58 27.69 14.52 -29.23
N ARG I 59 27.78 15.70 -28.63
CA ARG I 59 27.07 16.86 -29.17
C ARG I 59 27.57 17.20 -30.57
N GLY I 60 28.87 17.00 -30.81
CA GLY I 60 29.40 17.22 -32.16
C GLY I 60 28.83 16.24 -33.16
N LEU I 61 28.58 15.00 -32.74
CA LEU I 61 28.02 14.01 -33.65
C LEU I 61 26.53 14.23 -33.88
N ASP I 62 25.79 14.63 -32.84
CA ASP I 62 24.40 15.01 -33.04
C ASP I 62 24.30 16.23 -33.95
N MET I 63 25.25 17.16 -33.83
CA MET I 63 25.30 18.29 -34.75
C MET I 63 25.72 17.85 -36.14
N ALA I 64 26.58 16.83 -36.23
CA ALA I 64 27.08 16.39 -37.53
C ALA I 64 25.97 15.80 -38.39
N VAL I 65 25.10 14.99 -37.79
CA VAL I 65 24.01 14.40 -38.56
C VAL I 65 23.00 15.46 -38.96
N LYS I 66 22.74 16.43 -38.08
CA LYS I 66 21.87 17.54 -38.45
C LYS I 66 22.48 18.37 -39.55
N ASN I 67 23.79 18.62 -39.47
CA ASN I 67 24.47 19.40 -40.50
C ASN I 67 24.42 18.72 -41.86
N ALA I 68 24.69 17.41 -41.89
CA ALA I 68 24.63 16.68 -43.14
C ALA I 68 23.20 16.47 -43.60
N ASN I 69 22.24 16.48 -42.67
CA ASN I 69 20.84 16.43 -43.05
C ASN I 69 20.45 17.67 -43.85
N ASP I 70 21.04 18.81 -43.52
CA ASP I 70 20.87 20.00 -44.34
C ASP I 70 21.58 19.83 -45.68
N GLY I 71 22.69 19.08 -45.69
CA GLY I 71 23.41 18.87 -46.94
C GLY I 71 22.61 18.07 -47.95
N ILE I 72 21.98 16.97 -47.50
CA ILE I 72 21.16 16.19 -48.42
C ILE I 72 19.91 16.95 -48.81
N SER I 73 19.42 17.84 -47.93
CA SER I 73 18.27 18.67 -48.28
C SER I 73 18.60 19.62 -49.42
N ILE I 74 19.78 20.26 -49.35
CA ILE I 74 20.19 21.17 -50.42
C ILE I 74 20.40 20.39 -51.71
N ALA I 75 21.05 19.23 -51.63
CA ALA I 75 21.23 18.40 -52.81
C ALA I 75 19.89 17.95 -53.39
N GLN I 76 18.95 17.58 -52.52
CA GLN I 76 17.64 17.14 -52.98
C GLN I 76 16.88 18.26 -53.67
N THR I 77 16.90 19.47 -53.08
CA THR I 77 16.20 20.59 -53.68
C THR I 77 16.78 20.95 -55.04
N ALA I 78 18.11 20.94 -55.16
CA ALA I 78 18.74 21.24 -56.44
C ALA I 78 18.38 20.18 -57.48
N GLU I 79 18.50 18.90 -57.12
CA GLU I 79 18.18 17.83 -58.06
C GLU I 79 16.70 17.83 -58.42
N GLY I 80 15.84 18.32 -57.53
CA GLY I 80 14.44 18.44 -57.87
C GLY I 80 14.20 19.39 -59.02
N ALA I 81 14.85 20.55 -58.98
CA ALA I 81 14.79 21.47 -60.12
C ALA I 81 15.54 20.90 -61.32
N MET I 82 16.54 20.04 -61.06
CA MET I 82 17.28 19.43 -62.16
C MET I 82 16.41 18.51 -62.99
N ASN I 83 15.49 17.79 -62.34
CA ASN I 83 14.62 16.85 -63.05
C ASN I 83 13.76 17.58 -64.08
N GLU I 84 13.22 18.74 -63.70
CA GLU I 84 12.37 19.48 -64.63
C GLU I 84 13.18 20.04 -65.78
N THR I 85 14.45 20.41 -65.53
CA THR I 85 15.32 20.87 -66.61
C THR I 85 15.53 19.78 -67.64
N THR I 86 15.68 18.53 -67.19
CA THR I 86 15.80 17.41 -68.11
C THR I 86 14.52 17.24 -68.94
N ASN I 87 13.36 17.39 -68.30
CA ASN I 87 12.09 17.26 -69.01
C ASN I 87 11.93 18.34 -70.08
N ILE I 88 12.33 19.57 -69.77
CA ILE I 88 12.24 20.66 -70.74
C ILE I 88 13.17 20.39 -71.91
N LEU I 89 14.41 19.96 -71.63
CA LEU I 89 15.37 19.72 -72.70
C LEU I 89 14.93 18.56 -73.59
N GLN I 90 14.37 17.50 -73.00
CA GLN I 90 13.88 16.39 -73.80
C GLN I 90 12.72 16.81 -74.70
N ARG I 91 11.80 17.61 -74.17
CA ARG I 91 10.70 18.13 -75.00
C ARG I 91 11.23 19.05 -76.09
N MET I 92 12.18 19.92 -75.75
CA MET I 92 12.72 20.86 -76.73
C MET I 92 13.52 20.15 -77.80
N ARG I 93 14.17 19.04 -77.47
CA ARG I 93 14.86 18.25 -78.48
C ARG I 93 13.87 17.60 -79.45
N ASP I 94 12.73 17.13 -78.93
CA ASP I 94 11.70 16.55 -79.78
C ASP I 94 11.13 17.59 -80.74
N LEU I 95 10.98 18.83 -80.27
CA LEU I 95 10.55 19.91 -81.15
C LEU I 95 11.58 20.16 -82.25
N ALA I 96 12.86 20.11 -81.90
CA ALA I 96 13.92 20.31 -82.89
C ALA I 96 13.89 19.21 -83.96
N LEU I 97 13.67 17.96 -83.54
CA LEU I 97 13.55 16.88 -84.51
C LEU I 97 12.35 17.07 -85.43
N GLN I 98 11.25 17.56 -84.87
CA GLN I 98 10.05 17.81 -85.69
C GLN I 98 10.31 18.91 -86.71
N SER I 99 11.05 19.95 -86.32
CA SER I 99 11.30 21.08 -87.20
C SER I 99 12.20 20.73 -88.37
N SER I 100 13.01 19.67 -88.26
CA SER I 100 13.92 19.29 -89.32
C SER I 100 13.22 18.61 -90.49
N ASN I 101 11.97 18.18 -90.32
CA ASN I 101 11.26 17.52 -91.40
C ASN I 101 11.03 18.48 -92.56
N GLY I 102 11.13 17.94 -93.78
CA GLY I 102 10.94 18.75 -94.97
C GLY I 102 9.50 19.09 -95.29
N SER I 103 8.54 18.42 -94.65
CA SER I 103 7.14 18.76 -94.86
C SER I 103 6.77 20.08 -94.18
N ASN I 104 7.49 20.45 -93.13
CA ASN I 104 7.21 21.70 -92.44
C ASN I 104 7.54 22.89 -93.33
N SER I 105 6.64 23.88 -93.33
CA SER I 105 6.87 25.13 -94.03
C SER I 105 7.43 26.16 -93.06
N SER I 106 7.74 27.35 -93.58
CA SER I 106 8.31 28.41 -92.74
C SER I 106 7.34 28.83 -91.65
N SER I 107 6.04 28.88 -91.97
CA SER I 107 5.05 29.25 -90.96
C SER I 107 5.00 28.25 -89.81
N GLU I 108 5.05 26.95 -90.14
CA GLU I 108 5.05 25.93 -89.09
C GLU I 108 6.34 25.97 -88.29
N ARG I 109 7.47 26.27 -88.95
CA ARG I 109 8.74 26.38 -88.22
C ARG I 109 8.70 27.51 -87.20
N ARG I 110 8.10 28.65 -87.57
CA ARG I 110 8.03 29.76 -86.63
C ARG I 110 7.10 29.45 -85.46
N ALA I 111 6.13 28.56 -85.67
CA ALA I 111 5.30 28.10 -84.55
C ALA I 111 6.11 27.25 -83.59
N ILE I 112 6.99 26.40 -84.12
CA ILE I 112 7.86 25.59 -83.27
C ILE I 112 8.88 26.47 -82.57
N GLN I 113 9.43 27.45 -83.28
CA GLN I 113 10.41 28.36 -82.69
C GLN I 113 9.81 29.16 -81.55
N GLU I 114 8.55 29.57 -81.68
CA GLU I 114 7.87 30.26 -80.59
C GLU I 114 7.77 29.38 -79.36
N GLU I 115 7.41 28.11 -79.56
CA GLU I 115 7.33 27.18 -78.44
C GLU I 115 8.71 26.93 -77.83
N VAL I 116 9.73 26.81 -78.67
CA VAL I 116 11.10 26.59 -78.19
C VAL I 116 11.58 27.78 -77.38
N SER I 117 11.29 29.00 -77.87
CA SER I 117 11.74 30.20 -77.18
C SER I 117 11.15 30.29 -75.78
N ALA I 118 9.87 29.91 -75.63
CA ALA I 118 9.26 29.90 -74.30
C ALA I 118 9.92 28.87 -73.40
N LEU I 119 10.19 27.68 -73.92
CA LEU I 119 10.84 26.65 -73.12
C LEU I 119 12.26 27.05 -72.73
N ASN I 120 12.99 27.68 -73.66
CA ASN I 120 14.32 28.18 -73.34
C ASN I 120 14.25 29.24 -72.24
N ASP I 121 13.23 30.10 -72.30
CA ASP I 121 13.04 31.10 -71.25
C ASP I 121 12.72 30.42 -69.91
N GLU I 122 12.15 29.22 -69.95
CA GLU I 122 11.84 28.49 -68.72
C GLU I 122 13.11 27.98 -68.06
N LEU I 123 14.09 27.52 -68.87
CA LEU I 123 15.34 27.02 -68.32
C LEU I 123 16.08 28.12 -67.57
N ASN I 124 16.11 29.33 -68.12
CA ASN I 124 16.71 30.46 -67.42
C ASN I 124 15.91 30.80 -66.16
N ARG I 125 14.58 30.68 -66.22
CA ARG I 125 13.76 30.93 -65.04
C ARG I 125 14.06 29.95 -63.93
N ILE I 126 14.18 28.66 -64.27
CA ILE I 126 14.47 27.65 -63.26
C ILE I 126 15.83 27.90 -62.62
N ALA I 127 16.83 28.21 -63.45
CA ALA I 127 18.17 28.46 -62.92
C ALA I 127 18.19 29.70 -62.03
N GLU I 128 17.47 30.74 -62.41
CA GLU I 128 17.52 32.01 -61.70
C GLU I 128 16.66 32.02 -60.44
N THR I 129 15.56 31.27 -60.40
CA THR I 129 14.62 31.36 -59.29
C THR I 129 14.72 30.21 -58.30
N THR I 130 15.22 29.05 -58.71
CA THR I 130 15.37 27.93 -57.77
C THR I 130 16.27 28.35 -56.62
N SER I 131 15.78 28.16 -55.39
CA SER I 131 16.49 28.62 -54.21
C SER I 131 16.13 27.74 -53.03
N PHE I 132 16.94 27.86 -51.97
CA PHE I 132 16.78 27.09 -50.74
C PHE I 132 16.74 28.09 -49.59
N GLY I 133 15.54 28.58 -49.27
CA GLY I 133 15.41 29.57 -48.21
C GLY I 133 16.11 30.88 -48.51
N GLY I 134 16.00 31.35 -49.75
CA GLY I 134 16.68 32.55 -50.18
C GLY I 134 18.11 32.35 -50.64
N ASN I 135 18.61 31.12 -50.61
CA ASN I 135 19.97 30.81 -51.05
C ASN I 135 19.86 30.19 -52.45
N LYS I 136 20.11 31.01 -53.47
CA LYS I 136 19.97 30.56 -54.85
C LYS I 136 20.98 29.46 -55.15
N LEU I 137 20.54 28.46 -55.92
CA LEU I 137 21.33 27.25 -56.15
C LEU I 137 21.89 27.17 -57.57
N LEU I 138 21.03 27.26 -58.58
CA LEU I 138 21.37 26.82 -59.93
C LEU I 138 21.90 27.92 -60.85
N ASN I 139 21.99 29.16 -60.39
CA ASN I 139 22.50 30.23 -61.25
C ASN I 139 24.01 30.42 -61.14
N GLY I 140 24.70 29.58 -60.38
CA GLY I 140 26.14 29.64 -60.28
C GLY I 140 26.68 30.46 -59.13
N SER I 141 25.83 31.19 -58.41
CA SER I 141 26.29 31.95 -57.25
C SER I 141 26.65 31.05 -56.08
N PHE I 142 26.16 29.81 -56.07
CA PHE I 142 26.53 28.88 -55.00
C PHE I 142 28.02 28.58 -55.03
N GLY I 143 28.58 28.37 -56.21
CA GLY I 143 30.00 28.03 -56.30
C GLY I 143 30.29 26.73 -55.61
N SER I 144 31.31 26.74 -54.75
CA SER I 144 31.68 25.59 -53.94
C SER I 144 31.55 25.95 -52.47
N LYS I 145 30.81 25.15 -51.73
CA LYS I 145 30.60 25.36 -50.30
C LYS I 145 30.82 24.04 -49.56
N SER I 146 31.39 24.14 -48.36
CA SER I 146 31.79 22.98 -47.59
C SER I 146 30.76 22.71 -46.51
N PHE I 147 30.36 21.44 -46.39
CA PHE I 147 29.38 21.00 -45.40
C PHE I 147 30.12 20.26 -44.28
N GLN I 148 30.23 20.91 -43.13
CA GLN I 148 30.92 20.32 -41.98
C GLN I 148 30.07 19.18 -41.43
N ILE I 149 30.61 17.97 -41.49
CA ILE I 149 29.85 16.78 -41.09
C ILE I 149 30.64 15.95 -40.08
N GLY I 150 31.50 16.61 -39.30
CA GLY I 150 32.30 15.92 -38.33
C GLY I 150 32.14 16.50 -36.94
N ALA I 151 32.65 15.76 -35.96
CA ALA I 151 32.61 16.20 -34.57
C ALA I 151 33.78 17.10 -34.21
N ASP I 152 34.73 17.30 -35.12
CA ASP I 152 35.88 18.16 -34.90
C ASP I 152 36.03 19.12 -36.08
N SER I 153 36.81 20.17 -35.86
CA SER I 153 37.01 21.18 -36.89
C SER I 153 37.75 20.58 -38.08
N GLY I 154 37.43 21.07 -39.27
CA GLY I 154 38.15 20.68 -40.48
C GLY I 154 37.79 19.34 -41.07
N GLU I 155 36.56 18.89 -40.88
CA GLU I 155 36.08 17.62 -41.43
C GLU I 155 34.91 17.84 -42.39
N ALA I 156 34.99 18.88 -43.21
CA ALA I 156 33.91 19.23 -44.11
C ALA I 156 34.01 18.46 -45.43
N VAL I 157 32.93 18.51 -46.20
CA VAL I 157 32.85 17.87 -47.51
C VAL I 157 32.38 18.92 -48.51
N MET I 158 33.10 19.04 -49.62
CA MET I 158 32.85 20.10 -50.59
C MET I 158 31.77 19.67 -51.59
N LEU I 159 30.78 20.54 -51.78
CA LEU I 159 29.73 20.35 -52.78
C LEU I 159 29.70 21.56 -53.70
N SER I 160 29.67 21.31 -55.00
CA SER I 160 29.56 22.36 -56.00
C SER I 160 28.47 22.00 -57.00
N MET I 161 27.62 22.98 -57.32
CA MET I 161 26.62 22.82 -58.37
C MET I 161 26.89 23.89 -59.43
N GLY I 162 27.13 23.45 -60.66
CA GLY I 162 27.39 24.38 -61.74
C GLY I 162 26.16 25.14 -62.16
N SER I 163 26.39 26.27 -62.80
CA SER I 163 25.28 27.10 -63.27
C SER I 163 24.55 26.39 -64.41
N MET I 164 23.23 26.32 -64.29
CA MET I 164 22.39 25.65 -65.27
C MET I 164 21.53 26.64 -66.08
N ARG I 165 22.04 27.84 -66.28
CA ARG I 165 21.44 28.74 -67.25
C ARG I 165 21.62 28.19 -68.66
N SER I 166 20.71 28.58 -69.56
CA SER I 166 20.76 28.10 -70.93
C SER I 166 21.95 28.66 -71.71
N ASP I 167 22.63 29.67 -71.19
CA ASP I 167 23.77 30.27 -71.84
C ASP I 167 25.11 29.75 -71.33
N THR I 168 25.08 28.78 -70.42
CA THR I 168 26.32 28.22 -69.88
C THR I 168 27.14 27.58 -70.99
N GLN I 169 28.46 27.75 -70.92
CA GLN I 169 29.35 27.17 -71.93
C GLN I 169 29.23 25.65 -71.96
N ALA I 170 28.98 25.01 -70.82
CA ALA I 170 28.77 23.57 -70.78
C ALA I 170 27.45 23.15 -71.40
N MET I 171 26.56 24.10 -71.69
CA MET I 171 25.28 23.84 -72.34
C MET I 171 25.32 24.10 -73.84
N GLY I 172 26.46 23.83 -74.47
CA GLY I 172 26.58 24.06 -75.89
C GLY I 172 27.81 23.42 -76.49
N GLY I 173 28.47 24.14 -77.39
CA GLY I 173 29.65 23.62 -78.04
C GLY I 173 30.06 24.53 -79.18
N LYS I 174 30.81 23.97 -80.11
CA LYS I 174 31.23 24.67 -81.31
C LYS I 174 30.56 24.05 -82.52
N SER I 175 30.25 24.88 -83.51
CA SER I 175 29.60 24.44 -84.74
C SER I 175 30.41 24.94 -85.93
N TYR I 176 30.80 24.02 -86.80
CA TYR I 176 31.64 24.33 -87.96
C TYR I 176 30.83 24.05 -89.22
N ARG I 177 30.14 25.09 -89.72
CA ARG I 177 29.35 24.99 -90.94
C ARG I 177 30.27 25.09 -92.16
N ALA I 178 29.99 24.28 -93.16
CA ALA I 178 30.80 24.26 -94.37
C ALA I 178 30.64 25.56 -95.15
N GLN I 179 31.44 25.70 -96.20
CA GLN I 179 31.41 26.88 -97.05
C GLN I 179 30.93 26.60 -98.47
N GLU I 180 30.91 25.34 -98.90
CA GLU I 180 30.47 24.97 -100.24
C GLU I 180 29.21 24.14 -100.15
N GLY I 181 28.18 24.57 -100.88
CA GLY I 181 26.92 23.84 -100.91
C GLY I 181 26.92 22.80 -102.02
N LYS I 182 26.58 21.57 -101.67
CA LYS I 182 26.55 20.45 -102.59
C LYS I 182 25.10 20.00 -102.79
N ALA I 183 24.69 19.92 -104.06
CA ALA I 183 23.31 19.54 -104.37
C ALA I 183 23.11 18.04 -104.10
N ALA I 184 21.87 17.59 -104.32
CA ALA I 184 21.54 16.18 -104.13
C ALA I 184 22.24 15.28 -105.14
N ASP I 185 22.68 15.83 -106.27
CA ASP I 185 23.37 15.02 -107.27
C ASP I 185 24.80 14.68 -106.85
N TRP I 186 25.41 15.51 -106.01
CA TRP I 186 26.83 15.35 -105.70
C TRP I 186 27.11 14.01 -105.03
N ARG I 187 28.15 13.34 -105.50
CA ARG I 187 28.64 12.10 -104.92
C ARG I 187 30.13 12.25 -104.63
N VAL I 188 30.60 11.65 -103.54
CA VAL I 188 32.02 11.73 -103.22
C VAL I 188 32.81 10.93 -104.25
N GLY I 189 33.93 11.50 -104.70
CA GLY I 189 34.75 10.88 -105.72
C GLY I 189 35.78 9.92 -105.15
N ALA I 190 36.96 9.89 -105.78
CA ALA I 190 38.05 9.05 -105.29
C ALA I 190 38.80 9.68 -104.13
N ALA I 191 38.57 10.96 -103.85
CA ALA I 191 39.17 11.65 -102.70
C ALA I 191 38.10 11.78 -101.63
N THR I 192 38.16 10.89 -100.64
CA THR I 192 37.12 10.79 -99.62
C THR I 192 37.63 10.96 -98.20
N ASP I 193 38.95 10.91 -97.98
CA ASP I 193 39.49 10.93 -96.63
C ASP I 193 39.15 12.24 -95.93
N LEU I 194 38.67 12.11 -94.69
CA LEU I 194 38.38 13.23 -93.81
C LEU I 194 39.04 12.99 -92.47
N THR I 195 39.61 14.05 -91.88
CA THR I 195 40.34 13.93 -90.64
C THR I 195 39.94 15.06 -89.70
N LEU I 196 39.63 14.70 -88.46
CA LEU I 196 39.27 15.66 -87.42
C LEU I 196 40.25 15.49 -86.26
N SER I 197 41.21 16.40 -86.15
CA SER I 197 42.21 16.37 -85.10
C SER I 197 41.89 17.45 -84.08
N TYR I 198 41.74 17.06 -82.82
CA TYR I 198 41.36 17.99 -81.76
C TYR I 198 41.95 17.47 -80.45
N THR I 199 41.47 18.01 -79.33
CA THR I 199 41.86 17.57 -78.00
C THR I 199 40.60 17.24 -77.21
N ASN I 200 40.59 16.08 -76.56
CA ASN I 200 39.45 15.69 -75.74
C ASN I 200 39.44 16.50 -74.44
N LYS I 201 38.33 16.40 -73.72
CA LYS I 201 38.17 17.13 -72.47
C LYS I 201 39.23 16.73 -71.45
N GLN I 202 39.63 15.46 -71.44
CA GLN I 202 40.67 15.01 -70.53
C GLN I 202 42.05 15.57 -70.86
N GLY I 203 42.22 16.18 -72.02
CA GLY I 203 43.47 16.82 -72.38
C GLY I 203 44.36 16.03 -73.31
N GLU I 204 43.91 14.90 -73.83
CA GLU I 204 44.71 14.09 -74.74
C GLU I 204 44.40 14.47 -76.19
N ALA I 205 45.42 14.37 -77.04
CA ALA I 205 45.22 14.59 -78.47
C ALA I 205 44.45 13.43 -79.07
N ARG I 206 43.35 13.75 -79.75
CA ARG I 206 42.46 12.75 -80.33
C ARG I 206 42.45 12.91 -81.84
N GLU I 207 42.71 11.83 -82.55
CA GLU I 207 42.78 11.82 -84.01
C GLU I 207 41.68 10.92 -84.55
N VAL I 208 40.86 11.46 -85.45
CA VAL I 208 39.75 10.75 -86.03
C VAL I 208 39.91 10.76 -87.55
N THR I 209 39.87 9.58 -88.15
CA THR I 209 39.97 9.43 -89.60
C THR I 209 38.69 8.77 -90.12
N ILE I 210 38.07 9.38 -91.11
CA ILE I 210 36.82 8.91 -91.70
C ILE I 210 37.06 8.63 -93.18
N ASN I 211 36.64 7.46 -93.63
CA ASN I 211 36.72 7.08 -95.04
C ASN I 211 35.30 6.85 -95.54
N ALA I 212 34.71 7.90 -96.12
CA ALA I 212 33.35 7.80 -96.63
C ALA I 212 33.31 6.90 -97.86
N LYS I 213 32.12 6.39 -98.15
CA LYS I 213 31.95 5.43 -99.24
C LYS I 213 31.55 6.16 -100.52
N GLN I 214 32.10 5.72 -101.64
CA GLN I 214 31.85 6.36 -102.92
C GLN I 214 30.38 6.26 -103.30
N GLY I 215 29.86 7.33 -103.90
CA GLY I 215 28.48 7.42 -104.29
C GLY I 215 27.56 8.05 -103.27
N ASP I 216 28.00 8.18 -102.02
CA ASP I 216 27.18 8.78 -100.98
C ASP I 216 27.00 10.27 -101.24
N ASP I 217 25.79 10.76 -101.04
CA ASP I 217 25.52 12.19 -101.09
C ASP I 217 25.76 12.79 -99.71
N LEU I 218 25.40 14.06 -99.52
CA LEU I 218 25.73 14.72 -98.26
C LEU I 218 24.87 14.20 -97.12
N GLU I 219 23.59 13.93 -97.36
CA GLU I 219 22.73 13.42 -96.31
C GLU I 219 23.20 12.05 -95.82
N GLU I 220 23.59 11.17 -96.74
CA GLU I 220 24.16 9.88 -96.35
C GLU I 220 25.50 10.07 -95.66
N LEU I 221 26.31 11.02 -96.13
CA LEU I 221 27.63 11.25 -95.53
C LEU I 221 27.49 11.74 -94.09
N ALA I 222 26.51 12.60 -93.82
CA ALA I 222 26.28 13.05 -92.46
C ALA I 222 25.90 11.90 -91.54
N THR I 223 25.12 10.94 -92.05
CA THR I 223 24.79 9.76 -91.27
C THR I 223 26.04 8.92 -90.99
N TYR I 224 26.91 8.78 -92.00
CA TYR I 224 28.12 7.98 -91.83
C TYR I 224 29.03 8.55 -90.74
N ILE I 225 29.21 9.87 -90.72
CA ILE I 225 30.07 10.49 -89.72
C ILE I 225 29.50 10.31 -88.33
N ASN I 226 28.17 10.36 -88.21
CA ASN I 226 27.53 10.18 -86.90
C ASN I 226 27.78 8.79 -86.34
N GLY I 227 27.71 7.76 -87.19
CA GLY I 227 27.89 6.41 -86.71
C GLY I 227 29.33 6.04 -86.41
N GLN I 228 30.28 6.70 -87.09
CA GLN I 228 31.68 6.38 -86.89
C GLN I 228 32.18 6.87 -85.54
N THR I 229 31.86 8.10 -85.18
CA THR I 229 32.40 8.73 -83.98
C THR I 229 31.27 9.29 -83.12
N GLU I 230 31.55 9.36 -81.82
CA GLU I 230 30.64 9.97 -80.85
C GLU I 230 31.05 11.39 -80.46
N ASP I 231 32.32 11.74 -80.65
CA ASP I 231 32.80 13.06 -80.24
C ASP I 231 32.10 14.17 -81.02
N VAL I 232 31.90 13.98 -82.32
CA VAL I 232 31.29 14.98 -83.17
C VAL I 232 29.96 14.46 -83.71
N LYS I 233 29.15 15.39 -84.21
CA LYS I 233 27.86 15.08 -84.83
C LYS I 233 27.69 15.96 -86.06
N ALA I 234 27.43 15.35 -87.20
CA ALA I 234 27.34 16.05 -88.48
C ALA I 234 25.89 16.12 -88.95
N SER I 235 25.58 17.18 -89.68
CA SER I 235 24.24 17.41 -90.21
C SER I 235 24.34 18.21 -91.50
N VAL I 236 23.20 18.49 -92.10
CA VAL I 236 23.13 19.20 -93.38
C VAL I 236 22.02 20.25 -93.30
N GLY I 237 22.29 21.44 -93.86
CA GLY I 237 21.35 22.54 -93.85
C GLY I 237 20.61 22.71 -95.16
N GLU I 238 20.11 23.93 -95.38
CA GLU I 238 19.36 24.21 -96.61
C GLU I 238 20.24 24.09 -97.85
N ASP I 239 21.38 24.77 -97.84
CA ASP I 239 22.23 24.85 -99.02
C ASP I 239 22.92 23.52 -99.34
N GLY I 240 22.84 22.55 -98.45
CA GLY I 240 23.59 21.31 -98.63
C GLY I 240 25.02 21.48 -98.19
N LYS I 241 25.22 21.90 -96.94
CA LYS I 241 26.54 22.12 -96.38
C LYS I 241 26.68 21.26 -95.13
N LEU I 242 27.69 20.39 -95.11
CA LEU I 242 27.92 19.56 -93.95
C LEU I 242 28.40 20.42 -92.79
N GLN I 243 27.66 20.36 -91.68
CA GLN I 243 27.94 21.18 -90.51
C GLN I 243 28.20 20.27 -89.31
N LEU I 244 29.37 20.44 -88.71
CA LEU I 244 29.78 19.62 -87.57
C LEU I 244 29.47 20.35 -86.26
N PHE I 245 29.49 19.58 -85.17
CA PHE I 245 29.24 20.11 -83.84
C PHE I 245 30.09 19.35 -82.83
N ALA I 246 31.09 20.02 -82.28
CA ALA I 246 31.95 19.46 -81.24
C ALA I 246 31.49 19.98 -79.89
N SER I 247 30.94 19.09 -79.06
CA SER I 247 30.40 19.49 -77.78
C SER I 247 31.50 19.97 -76.84
N SER I 248 31.08 20.73 -75.82
CA SER I 248 32.04 21.34 -74.91
C SER I 248 32.63 20.31 -73.94
N GLN I 249 31.79 19.43 -73.39
CA GLN I 249 32.26 18.46 -72.41
C GLN I 249 32.93 17.24 -73.02
N LYS I 250 32.88 17.08 -74.34
CA LYS I 250 33.59 16.00 -75.01
C LYS I 250 34.74 16.48 -75.88
N VAL I 251 34.81 17.78 -76.16
CA VAL I 251 35.88 18.38 -76.97
C VAL I 251 36.18 19.76 -76.42
N ASN I 252 37.46 20.05 -76.20
CA ASN I 252 37.91 21.38 -75.83
C ASN I 252 38.92 21.88 -76.86
N GLY I 253 38.93 23.18 -77.09
CA GLY I 253 39.80 23.76 -78.10
C GLY I 253 39.25 23.62 -79.50
N ASP I 254 40.01 24.14 -80.46
CA ASP I 254 39.60 24.12 -81.85
C ASP I 254 39.66 22.71 -82.42
N VAL I 255 38.81 22.47 -83.42
CA VAL I 255 38.81 21.21 -84.17
C VAL I 255 39.41 21.50 -85.54
N THR I 256 40.52 20.84 -85.85
CA THR I 256 41.22 21.02 -87.11
C THR I 256 40.77 19.95 -88.09
N ILE I 257 40.23 20.38 -89.23
CA ILE I 257 39.67 19.48 -90.23
C ILE I 257 40.56 19.50 -91.45
N GLY I 258 40.98 18.30 -91.90
CA GLY I 258 41.83 18.17 -93.06
C GLY I 258 41.43 16.97 -93.89
N GLY I 259 42.17 16.76 -94.97
CA GLY I 259 41.94 15.66 -95.87
C GLY I 259 41.40 16.12 -97.21
N GLY I 260 41.28 15.15 -98.12
CA GLY I 260 40.74 15.46 -99.45
C GLY I 260 39.29 15.87 -99.40
N LEU I 261 38.48 15.15 -98.61
CA LEU I 261 37.08 15.52 -98.46
C LEU I 261 36.93 16.81 -97.68
N GLY I 262 37.81 17.03 -96.70
CA GLY I 262 37.77 18.28 -95.95
C GLY I 262 38.06 19.49 -96.82
N GLY I 263 39.04 19.37 -97.72
CA GLY I 263 39.33 20.46 -98.63
C GLY I 263 38.23 20.67 -99.66
N GLU I 264 37.66 19.58 -100.18
CA GLU I 264 36.61 19.70 -101.19
C GLU I 264 35.34 20.30 -100.59
N ILE I 265 34.90 19.79 -99.44
CA ILE I 265 33.74 20.34 -98.77
C ILE I 265 34.02 21.76 -98.29
N GLY I 266 35.18 21.96 -97.68
CA GLY I 266 35.53 23.26 -97.13
C GLY I 266 34.91 23.48 -95.76
N PHE I 267 35.65 24.10 -94.85
CA PHE I 267 35.16 24.30 -93.49
C PHE I 267 35.66 25.64 -92.96
N ASP I 268 34.83 26.28 -92.16
CA ASP I 268 35.11 27.59 -91.61
C ASP I 268 35.36 27.49 -90.11
N ALA I 269 35.80 28.61 -89.53
CA ALA I 269 36.01 28.66 -88.09
C ALA I 269 34.68 28.50 -87.36
N GLY I 270 34.72 27.79 -86.24
CA GLY I 270 33.51 27.51 -85.51
C GLY I 270 33.03 28.69 -84.70
N ARG I 271 31.79 28.59 -84.24
CA ARG I 271 31.16 29.60 -83.38
C ARG I 271 30.60 28.92 -82.14
N ASN I 272 30.62 29.66 -81.02
CA ASN I 272 30.16 29.12 -79.75
C ASN I 272 28.63 29.21 -79.71
N VAL I 273 27.96 28.08 -79.85
CA VAL I 273 26.50 28.01 -79.87
C VAL I 273 26.05 27.25 -78.63
N THR I 274 25.10 27.84 -77.90
CA THR I 274 24.55 27.25 -76.68
C THR I 274 23.06 26.99 -76.86
N VAL I 275 22.43 26.52 -75.78
CA VAL I 275 20.98 26.31 -75.81
C VAL I 275 20.25 27.64 -75.98
N ALA I 276 20.73 28.69 -75.33
CA ALA I 276 20.12 30.01 -75.49
C ALA I 276 20.27 30.55 -76.90
N ASP I 277 21.19 30.00 -77.70
CA ASP I 277 21.37 30.40 -79.08
C ASP I 277 20.63 29.49 -80.06
N VAL I 278 19.85 28.53 -79.55
CA VAL I 278 19.13 27.60 -80.43
C VAL I 278 18.02 28.36 -81.14
N ASN I 279 18.01 28.25 -82.47
CA ASN I 279 16.99 28.90 -83.31
C ASN I 279 16.56 27.88 -84.35
N VAL I 280 15.38 27.30 -84.15
CA VAL I 280 14.90 26.18 -84.97
C VAL I 280 14.07 26.70 -86.15
N SER I 281 14.14 28.01 -86.40
CA SER I 281 13.42 28.58 -87.54
C SER I 281 13.94 28.08 -88.88
N THR I 282 15.10 27.43 -88.90
CA THR I 282 15.68 26.87 -90.12
C THR I 282 15.97 25.40 -89.89
N VAL I 283 16.00 24.64 -90.99
CA VAL I 283 16.33 23.22 -90.88
C VAL I 283 17.77 23.05 -90.41
N ALA I 284 18.67 23.91 -90.88
CA ALA I 284 20.04 23.90 -90.36
C ALA I 284 20.07 24.21 -88.88
N GLY I 285 19.26 25.18 -88.44
CA GLY I 285 19.21 25.51 -87.02
C GLY I 285 18.66 24.39 -86.17
N SER I 286 17.69 23.65 -86.70
CA SER I 286 17.10 22.55 -85.92
C SER I 286 18.03 21.36 -85.86
N GLN I 287 18.79 21.11 -86.93
CA GLN I 287 19.77 20.02 -86.90
C GLN I 287 20.88 20.30 -85.89
N GLU I 288 21.36 21.54 -85.85
CA GLU I 288 22.27 21.94 -84.78
C GLU I 288 21.60 21.87 -83.42
N ALA I 289 20.28 22.14 -83.38
CA ALA I 289 19.58 22.12 -82.10
C ALA I 289 19.66 20.74 -81.46
N VAL I 290 19.33 19.69 -82.21
CA VAL I 290 19.32 18.34 -81.65
C VAL I 290 20.70 17.99 -81.09
N SER I 291 21.76 18.41 -81.80
CA SER I 291 23.11 18.21 -81.28
C SER I 291 23.35 19.03 -80.01
N ILE I 292 22.80 20.25 -79.96
CA ILE I 292 23.08 21.14 -78.84
C ILE I 292 22.47 20.60 -77.55
N LEU I 293 21.17 20.23 -77.58
CA LEU I 293 20.60 19.65 -76.37
C LEU I 293 21.07 18.22 -76.12
N ASP I 294 21.72 17.58 -77.09
CA ASP I 294 22.40 16.32 -76.79
C ASP I 294 23.57 16.56 -75.86
N GLY I 295 24.37 17.59 -76.14
CA GLY I 295 25.43 17.96 -75.22
C GLY I 295 24.90 18.53 -73.93
N ALA I 296 23.82 19.31 -74.01
CA ALA I 296 23.23 19.92 -72.81
C ALA I 296 22.68 18.85 -71.86
N LEU I 297 22.00 17.85 -72.42
CA LEU I 297 21.44 16.79 -71.59
C LEU I 297 22.53 16.00 -70.88
N LYS I 298 23.68 15.83 -71.54
CA LYS I 298 24.81 15.19 -70.87
C LYS I 298 25.32 16.04 -69.71
N ALA I 299 25.33 17.36 -69.88
CA ALA I 299 25.74 18.24 -68.78
C ALA I 299 24.77 18.13 -67.61
N VAL I 300 23.48 18.10 -67.87
CA VAL I 300 22.49 17.96 -66.80
C VAL I 300 22.63 16.60 -66.12
N ASP I 301 22.77 15.54 -66.91
CA ASP I 301 22.84 14.19 -66.33
C ASP I 301 24.13 13.98 -65.56
N SER I 302 25.24 14.53 -66.05
CA SER I 302 26.51 14.42 -65.33
C SER I 302 26.43 15.13 -63.99
N GLN I 303 25.82 16.31 -63.94
CA GLN I 303 25.65 17.02 -62.67
C GLN I 303 24.67 16.27 -61.77
N ARG I 304 23.65 15.65 -62.34
CA ARG I 304 22.71 14.86 -61.54
C ARG I 304 23.40 13.66 -60.93
N ALA I 305 24.28 13.00 -61.68
CA ALA I 305 25.03 11.86 -61.14
C ALA I 305 25.99 12.32 -60.05
N SER I 306 26.60 13.49 -60.22
CA SER I 306 27.48 14.03 -59.20
C SER I 306 26.73 14.31 -57.90
N LEU I 307 25.52 14.88 -58.01
CA LEU I 307 24.73 15.16 -56.82
C LEU I 307 24.15 13.89 -56.23
N GLY I 308 23.82 12.91 -57.06
CA GLY I 308 23.35 11.64 -56.54
C GLY I 308 24.42 10.91 -55.77
N ALA I 309 25.66 10.96 -56.25
CA ALA I 309 26.79 10.41 -55.50
C ALA I 309 26.98 11.15 -54.18
N PHE I 310 26.79 12.47 -54.20
CA PHE I 310 26.88 13.26 -52.98
C PHE I 310 25.84 12.82 -51.96
N GLN I 311 24.61 12.59 -52.42
CA GLN I 311 23.53 12.16 -51.53
C GLN I 311 23.82 10.79 -50.94
N ASN I 312 24.30 9.86 -51.77
CA ASN I 312 24.63 8.53 -51.27
C ASN I 312 25.78 8.56 -50.27
N ARG I 313 26.80 9.38 -50.54
CA ARG I 313 27.93 9.47 -49.62
C ARG I 313 27.49 10.01 -48.27
N PHE I 314 26.62 11.03 -48.27
CA PHE I 314 26.08 11.55 -47.02
C PHE I 314 25.12 10.57 -46.36
N GLY I 315 24.45 9.73 -47.16
CA GLY I 315 23.59 8.72 -46.58
C GLY I 315 24.35 7.72 -45.73
N HIS I 316 25.52 7.29 -46.20
CA HIS I 316 26.40 6.46 -45.39
C HIS I 316 26.96 7.26 -44.22
N ALA I 317 27.16 8.56 -44.42
CA ALA I 317 27.71 9.39 -43.35
C ALA I 317 26.77 9.47 -42.15
N ILE I 318 25.46 9.55 -42.40
CA ILE I 318 24.50 9.64 -41.29
C ILE I 318 24.59 8.40 -40.42
N SER I 319 24.61 7.22 -41.03
CA SER I 319 24.60 5.98 -40.25
C SER I 319 25.97 5.74 -39.60
N ASN I 320 27.06 6.10 -40.28
CA ASN I 320 28.37 5.95 -39.68
C ASN I 320 28.52 6.83 -38.44
N LEU I 321 28.09 8.09 -38.54
CA LEU I 321 28.10 8.97 -37.38
C LEU I 321 27.09 8.53 -36.34
N ASP I 322 25.97 7.94 -36.77
CA ASP I 322 25.00 7.41 -35.83
C ASP I 322 25.57 6.27 -35.01
N ASN I 323 26.33 5.38 -35.65
CA ASN I 323 26.95 4.27 -34.94
C ASN I 323 28.01 4.77 -33.96
N VAL I 324 28.84 5.72 -34.39
CA VAL I 324 29.86 6.27 -33.51
C VAL I 324 29.21 7.01 -32.34
N ASN I 325 28.15 7.78 -32.62
CA ASN I 325 27.45 8.49 -31.55
C ASN I 325 26.81 7.51 -30.56
N GLU I 326 26.23 6.43 -31.07
CA GLU I 326 25.60 5.44 -30.19
C GLU I 326 26.62 4.75 -29.30
N ASN I 327 27.77 4.38 -29.87
CA ASN I 327 28.79 3.70 -29.08
C ASN I 327 29.49 4.66 -28.13
N VAL I 328 29.68 5.92 -28.54
CA VAL I 328 30.26 6.91 -27.66
C VAL I 328 29.35 7.18 -26.47
N ASN I 329 28.03 7.23 -26.73
CA ASN I 329 27.07 7.43 -25.64
C ASN I 329 27.13 6.28 -24.64
N ALA I 330 27.23 5.05 -25.14
CA ALA I 330 27.34 3.90 -24.26
C ALA I 330 28.63 3.96 -23.44
N SER I 331 29.74 4.37 -24.06
CA SER I 331 30.99 4.51 -23.32
C SER I 331 30.90 5.58 -22.26
N ARG I 332 30.26 6.71 -22.57
CA ARG I 332 30.11 7.78 -21.60
C ARG I 332 29.27 7.32 -20.41
N SER I 333 28.24 6.52 -20.66
CA SER I 333 27.41 6.00 -19.57
C SER I 333 28.22 5.09 -18.65
N ARG I 334 29.11 4.27 -19.21
CA ARG I 334 29.92 3.40 -18.39
C ARG I 334 30.89 4.19 -17.52
N ILE I 335 31.28 5.38 -17.94
CA ILE I 335 32.30 6.15 -17.24
C ILE I 335 31.67 7.14 -16.26
N ARG I 336 30.56 7.77 -16.64
CA ARG I 336 29.97 8.85 -15.86
C ARG I 336 28.58 8.54 -15.31
N ASP I 337 27.72 7.88 -16.09
CA ASP I 337 26.35 7.64 -15.63
C ASP I 337 26.33 6.73 -14.41
N THR I 338 25.46 7.05 -13.46
CA THR I 338 25.43 6.34 -12.20
C THR I 338 24.87 4.93 -12.36
N ASP I 339 25.20 4.08 -11.40
CA ASP I 339 24.66 2.72 -11.31
C ASP I 339 23.70 2.70 -10.12
N TYR I 340 22.40 2.62 -10.40
CA TYR I 340 21.40 2.70 -9.35
C TYR I 340 21.46 1.49 -8.43
N ALA I 341 21.83 0.32 -8.97
CA ALA I 341 21.94 -0.87 -8.13
C ALA I 341 23.01 -0.71 -7.06
N ARG I 342 24.19 -0.21 -7.46
CA ARG I 342 25.29 -0.05 -6.52
C ARG I 342 25.09 1.17 -5.61
N GLU I 343 24.62 2.28 -6.18
CA GLU I 343 24.50 3.51 -5.40
C GLU I 343 23.47 3.39 -4.29
N THR I 344 22.33 2.75 -4.57
CA THR I 344 21.30 2.58 -3.55
C THR I 344 21.81 1.71 -2.40
N THR I 345 22.58 0.65 -2.72
CA THR I 345 23.16 -0.17 -1.68
C THR I 345 24.14 0.62 -0.83
N ALA I 346 24.95 1.48 -1.46
CA ALA I 346 25.86 2.32 -0.70
C ALA I 346 25.10 3.33 0.16
N MET I 347 23.98 3.86 -0.35
CA MET I 347 23.18 4.80 0.42
C MET I 347 22.56 4.12 1.63
N THR I 348 22.00 2.92 1.45
CA THR I 348 21.39 2.21 2.57
C THR I 348 22.44 1.80 3.59
N LYS I 349 23.59 1.31 3.14
CA LYS I 349 24.66 0.94 4.05
C LYS I 349 25.15 2.14 4.84
N ALA I 350 25.28 3.30 4.18
CA ALA I 350 25.66 4.52 4.89
C ALA I 350 24.60 4.93 5.89
N GLN I 351 23.32 4.74 5.55
CA GLN I 351 22.25 5.05 6.48
C GLN I 351 22.33 4.18 7.73
N ILE I 352 22.59 2.89 7.56
CA ILE I 352 22.75 2.00 8.71
C ILE I 352 23.99 2.38 9.51
N LEU I 353 25.05 2.80 8.81
CA LEU I 353 26.28 3.18 9.50
C LEU I 353 26.04 4.37 10.42
N GLN I 354 25.32 5.39 9.94
CA GLN I 354 25.03 6.54 10.78
C GLN I 354 24.16 6.15 11.97
N GLN I 355 23.15 5.31 11.75
CA GLN I 355 22.29 4.88 12.84
C GLN I 355 23.06 4.06 13.86
N ALA I 356 24.06 3.31 13.42
CA ALA I 356 24.96 2.66 14.37
C ALA I 356 25.77 3.69 15.15
N SER I 357 26.23 4.75 14.48
CA SER I 357 27.06 5.75 15.14
C SER I 357 26.26 6.56 16.16
N THR I 358 25.00 6.87 15.86
CA THR I 358 24.21 7.64 16.82
C THR I 358 23.87 6.80 18.05
N SER I 359 23.66 5.49 17.86
CA SER I 359 23.34 4.62 18.99
C SER I 359 24.54 4.48 19.92
N VAL I 360 25.72 4.24 19.36
CA VAL I 360 26.92 4.10 20.18
C VAL I 360 27.29 5.44 20.81
N LEU I 361 27.09 6.54 20.10
CA LEU I 361 27.39 7.86 20.66
C LEU I 361 26.47 8.17 21.83
N ALA I 362 25.19 7.79 21.73
CA ALA I 362 24.26 7.99 22.84
C ALA I 362 24.70 7.21 24.07
N GLN I 363 25.14 5.97 23.89
CA GLN I 363 25.65 5.19 25.02
C GLN I 363 27.00 5.72 25.50
N ALA I 364 27.76 6.38 24.62
CA ALA I 364 29.06 6.91 25.02
C ALA I 364 28.93 8.19 25.83
N LYS I 365 27.87 8.97 25.63
CA LYS I 365 27.70 10.21 26.38
C LYS I 365 27.42 9.96 27.86
N GLN I 366 26.91 8.78 28.21
CA GLN I 366 26.61 8.43 29.58
C GLN I 366 27.80 7.86 30.34
N SER I 367 28.95 7.71 29.68
CA SER I 367 30.14 7.22 30.37
C SER I 367 30.57 8.12 31.53
N PRO I 368 30.63 9.45 31.39
CA PRO I 368 30.96 10.28 32.56
C PRO I 368 29.93 10.16 33.69
N SER I 369 28.69 9.77 33.37
CA SER I 369 27.70 9.56 34.42
C SER I 369 28.08 8.38 35.30
N ALA I 370 28.81 7.39 34.76
CA ALA I 370 29.30 6.30 35.58
C ALA I 370 30.34 6.79 36.58
N ALA I 371 30.96 7.94 36.29
CA ALA I 371 31.90 8.54 37.23
C ALA I 371 31.20 9.31 38.34
N LEU I 372 29.90 9.54 38.19
CA LEU I 372 29.16 10.30 39.20
C LEU I 372 28.89 9.47 40.44
N SER I 373 28.75 8.15 40.29
CA SER I 373 28.36 7.30 41.41
C SER I 373 29.45 7.17 42.47
N LEU I 374 30.72 7.30 42.10
CA LEU I 374 31.80 7.08 43.06
C LEU I 374 31.78 8.11 44.18
N LEU I 375 31.73 9.40 43.84
CA LEU I 375 31.72 10.43 44.88
C LEU I 375 30.33 10.63 45.46
N GLY I 376 29.29 10.24 44.74
CA GLY I 376 27.93 10.36 45.21
C GLY I 376 27.38 9.07 45.79
N MET J 1 20.67 2.70 140.81
CA MET J 1 21.66 2.13 139.90
C MET J 1 22.91 1.68 140.67
N ALA J 2 23.53 0.61 140.20
CA ALA J 2 24.75 0.06 140.80
C ALA J 2 25.87 0.11 139.78
N ILE J 3 27.02 0.64 140.20
CA ILE J 3 28.18 0.76 139.32
C ILE J 3 28.98 -0.53 139.33
N ASN J 4 29.52 -0.90 138.17
CA ASN J 4 30.27 -2.14 138.02
C ASN J 4 31.40 -1.92 137.03
N VAL J 5 32.47 -2.71 137.21
CA VAL J 5 33.57 -2.76 136.25
C VAL J 5 33.72 -4.20 135.81
N ASN J 6 33.31 -5.13 136.68
CA ASN J 6 33.37 -6.55 136.33
C ASN J 6 32.36 -6.91 135.24
N THR J 7 31.18 -6.32 135.29
CA THR J 7 30.10 -6.65 134.37
C THR J 7 29.88 -5.51 133.37
N ASN J 8 29.73 -5.89 132.10
CA ASN J 8 29.44 -4.97 131.01
C ASN J 8 28.31 -5.52 130.16
N VAL J 9 27.22 -5.92 130.81
CA VAL J 9 26.09 -6.54 130.12
C VAL J 9 25.47 -5.59 129.12
N SER J 10 25.61 -4.28 129.33
CA SER J 10 25.15 -3.32 128.34
C SER J 10 25.91 -3.48 127.02
N ALA J 11 27.22 -3.69 127.11
CA ALA J 11 28.01 -3.97 125.91
C ALA J 11 27.68 -5.33 125.33
N MET J 12 27.35 -6.30 126.18
CA MET J 12 26.98 -7.63 125.68
C MET J 12 25.71 -7.56 124.84
N THR J 13 24.71 -6.80 125.30
CA THR J 13 23.50 -6.62 124.51
C THR J 13 23.79 -5.87 123.21
N ALA J 14 24.65 -4.84 123.28
CA ALA J 14 24.98 -4.07 122.10
C ALA J 14 25.68 -4.92 121.05
N GLN J 15 26.62 -5.77 121.47
CA GLN J 15 27.30 -6.64 120.50
C GLN J 15 26.40 -7.78 120.06
N ARG J 16 25.44 -8.19 120.89
CA ARG J 16 24.46 -9.18 120.45
C ARG J 16 23.60 -8.64 119.32
N TYR J 17 23.13 -7.39 119.45
CA TYR J 17 22.41 -6.75 118.36
C TYR J 17 23.33 -6.49 117.18
N LEU J 18 24.62 -6.29 117.44
CA LEU J 18 25.60 -6.21 116.35
C LEU J 18 25.64 -7.54 115.59
N ASN J 19 25.61 -8.66 116.32
CA ASN J 19 25.57 -9.96 115.66
C ASN J 19 24.31 -10.13 114.84
N GLY J 20 23.16 -9.71 115.39
CA GLY J 20 21.91 -9.82 114.66
C GLY J 20 21.93 -9.03 113.37
N ALA J 21 22.45 -7.80 113.42
CA ALA J 21 22.58 -7.00 112.22
C ALA J 21 23.68 -7.54 111.31
N ALA J 22 24.66 -8.23 111.88
CA ALA J 22 25.76 -8.77 111.08
C ALA J 22 25.27 -9.90 110.18
N ASP J 23 24.50 -10.84 110.73
CA ASP J 23 24.00 -11.93 109.90
C ASP J 23 23.02 -11.42 108.85
N GLY J 24 22.19 -10.44 109.21
CA GLY J 24 21.28 -9.86 108.23
C GLY J 24 22.00 -9.12 107.12
N MET J 25 23.03 -8.34 107.48
CA MET J 25 23.79 -7.61 106.48
C MET J 25 24.55 -8.57 105.56
N GLN J 26 25.17 -9.60 106.14
CA GLN J 26 25.92 -10.56 105.33
C GLN J 26 25.00 -11.37 104.43
N LYS J 27 23.84 -11.79 104.96
CA LYS J 27 22.96 -12.63 104.15
C LYS J 27 22.34 -11.84 103.00
N SER J 28 22.08 -10.56 103.20
CA SER J 28 21.49 -9.76 102.14
C SER J 28 22.46 -9.57 100.98
N MET J 29 23.73 -9.30 101.28
CA MET J 29 24.72 -9.14 100.23
C MET J 29 24.91 -10.42 99.43
N GLU J 30 24.72 -11.58 100.07
CA GLU J 30 24.86 -12.85 99.37
C GLU J 30 23.78 -13.01 98.32
N ARG J 31 22.52 -12.75 98.68
CA ARG J 31 21.42 -12.86 97.72
C ARG J 31 21.48 -11.75 96.69
N LEU J 32 22.01 -10.57 97.04
CA LEU J 32 22.13 -9.49 96.07
C LEU J 32 23.15 -9.81 95.00
N SER J 33 24.32 -10.33 95.40
CA SER J 33 25.37 -10.64 94.43
C SER J 33 24.99 -11.85 93.58
N SER J 34 24.43 -12.89 94.20
CA SER J 34 24.06 -14.08 93.45
C SER J 34 22.84 -13.83 92.57
N GLY J 35 21.93 -12.96 92.99
CA GLY J 35 20.67 -12.79 92.31
C GLY J 35 19.62 -13.80 92.69
N TYR J 36 19.90 -14.69 93.63
CA TYR J 36 18.97 -15.72 94.07
C TYR J 36 18.63 -15.51 95.53
N LYS J 37 17.33 -15.50 95.84
CA LYS J 37 16.91 -15.44 97.24
C LYS J 37 17.32 -16.70 97.99
N ILE J 38 17.20 -17.86 97.34
CA ILE J 38 17.50 -19.15 97.95
C ILE J 38 18.84 -19.63 97.41
N ASN J 39 19.85 -19.67 98.27
CA ASN J 39 21.16 -20.20 97.93
C ASN J 39 21.51 -21.47 98.68
N SER J 40 21.10 -21.58 99.94
CA SER J 40 21.37 -22.75 100.76
C SER J 40 20.07 -23.23 101.40
N ALA J 41 20.08 -24.49 101.84
CA ALA J 41 18.90 -25.06 102.47
C ALA J 41 18.54 -24.37 103.77
N ARG J 42 19.48 -23.64 104.38
CA ARG J 42 19.17 -22.91 105.61
C ARG J 42 18.14 -21.81 105.37
N ASP J 43 18.04 -21.31 104.14
CA ASP J 43 17.08 -20.26 103.84
C ASP J 43 15.66 -20.82 103.73
N ASP J 44 15.45 -21.77 102.82
CA ASP J 44 14.13 -22.38 102.63
C ASP J 44 14.33 -23.77 102.08
N ALA J 45 14.14 -24.79 102.92
CA ALA J 45 14.31 -26.16 102.47
C ALA J 45 13.26 -26.54 101.44
N ALA J 46 12.00 -26.21 101.70
CA ALA J 46 10.93 -26.51 100.75
C ALA J 46 11.11 -25.72 99.45
N GLY J 47 11.47 -24.43 99.57
CA GLY J 47 11.67 -23.62 98.38
C GLY J 47 12.82 -24.11 97.53
N LEU J 48 13.93 -24.52 98.16
CA LEU J 48 15.09 -24.99 97.41
C LEU J 48 14.76 -26.27 96.65
N GLN J 49 14.02 -27.18 97.28
CA GLN J 49 13.69 -28.45 96.63
C GLN J 49 12.83 -28.24 95.39
N ILE J 50 11.77 -27.42 95.52
CA ILE J 50 10.88 -27.19 94.38
C ILE J 50 11.59 -26.36 93.31
N SER J 51 12.41 -25.39 93.70
CA SER J 51 13.11 -24.58 92.72
C SER J 51 14.09 -25.41 91.91
N ASN J 52 14.80 -26.34 92.56
CA ASN J 52 15.68 -27.25 91.84
C ASN J 52 14.90 -28.12 90.86
N ARG J 53 13.72 -28.57 91.27
CA ARG J 53 12.87 -29.35 90.36
C ARG J 53 12.43 -28.51 89.16
N LEU J 54 12.08 -27.24 89.40
CA LEU J 54 11.71 -26.37 88.29
C LEU J 54 12.89 -26.13 87.36
N THR J 55 14.09 -25.97 87.92
CA THR J 55 15.27 -25.74 87.09
C THR J 55 15.61 -26.98 86.26
N SER J 56 15.60 -28.16 86.88
CA SER J 56 15.88 -29.39 86.14
C SER J 56 14.82 -29.63 85.07
N GLN J 57 13.56 -29.38 85.40
CA GLN J 57 12.50 -29.49 84.40
C GLN J 57 12.73 -28.51 83.26
N SER J 58 13.06 -27.25 83.60
CA SER J 58 13.23 -26.23 82.58
C SER J 58 14.37 -26.56 81.62
N ARG J 59 15.49 -27.04 82.16
CA ARG J 59 16.58 -27.49 81.31
C ARG J 59 16.12 -28.62 80.40
N GLY J 60 15.13 -29.39 80.83
CA GLY J 60 14.58 -30.45 79.99
C GLY J 60 13.87 -29.92 78.76
N LEU J 61 13.15 -28.79 78.88
CA LEU J 61 12.41 -28.27 77.74
C LEU J 61 13.32 -27.89 76.59
N ASP J 62 14.40 -27.14 76.87
CA ASP J 62 15.28 -26.73 75.78
C ASP J 62 15.95 -27.93 75.12
N MET J 63 16.28 -28.95 75.90
CA MET J 63 16.75 -30.21 75.32
C MET J 63 15.68 -30.83 74.44
N ALA J 64 14.43 -30.77 74.87
CA ALA J 64 13.33 -31.33 74.07
C ALA J 64 13.13 -30.55 72.77
N VAL J 65 13.23 -29.21 72.82
CA VAL J 65 13.08 -28.41 71.60
C VAL J 65 14.21 -28.70 70.64
N LYS J 66 15.44 -28.81 71.15
CA LYS J 66 16.57 -29.15 70.29
C LYS J 66 16.41 -30.53 69.67
N ASN J 67 15.99 -31.51 70.48
CA ASN J 67 15.78 -32.85 69.96
C ASN J 67 14.64 -32.90 68.95
N ALA J 68 13.54 -32.19 69.24
CA ALA J 68 12.42 -32.15 68.32
C ALA J 68 12.79 -31.44 67.02
N ASN J 69 13.61 -30.39 67.13
CA ASN J 69 14.07 -29.69 65.93
C ASN J 69 14.94 -30.59 65.07
N ASP J 70 15.78 -31.42 65.71
CA ASP J 70 16.53 -32.42 64.96
C ASP J 70 15.61 -33.42 64.29
N GLY J 71 14.56 -33.85 65.00
CA GLY J 71 13.59 -34.74 64.39
C GLY J 71 12.88 -34.11 63.21
N ILE J 72 12.61 -32.80 63.29
CA ILE J 72 11.98 -32.09 62.18
C ILE J 72 12.90 -32.08 60.96
N SER J 73 14.20 -31.83 61.18
CA SER J 73 15.13 -31.75 60.06
C SER J 73 15.35 -33.12 59.43
N ILE J 74 15.32 -34.19 60.24
CA ILE J 74 15.43 -35.54 59.68
C ILE J 74 14.25 -35.83 58.77
N ALA J 75 13.05 -35.46 59.20
CA ALA J 75 11.87 -35.57 58.35
C ALA J 75 12.00 -34.66 57.12
N GLN J 76 12.56 -33.47 57.31
CA GLN J 76 12.71 -32.53 56.20
C GLN J 76 13.64 -33.08 55.12
N THR J 77 14.77 -33.66 55.54
CA THR J 77 15.73 -34.18 54.57
C THR J 77 15.17 -35.36 53.80
N ALA J 78 14.55 -36.31 54.50
CA ALA J 78 14.00 -37.49 53.83
C ALA J 78 12.85 -37.12 52.91
N GLU J 79 11.95 -36.24 53.36
CA GLU J 79 10.84 -35.82 52.52
C GLU J 79 11.31 -35.06 51.30
N GLY J 80 12.29 -34.17 51.48
CA GLY J 80 12.84 -33.45 50.33
C GLY J 80 13.49 -34.37 49.33
N ALA J 81 14.22 -35.38 49.81
CA ALA J 81 14.76 -36.39 48.91
C ALA J 81 13.64 -37.15 48.21
N MET J 82 12.56 -37.45 48.94
CA MET J 82 11.42 -38.13 48.35
C MET J 82 10.74 -37.28 47.27
N ASN J 83 10.90 -35.96 47.33
CA ASN J 83 10.30 -35.09 46.33
C ASN J 83 10.89 -35.39 44.95
N GLU J 84 12.22 -35.53 44.89
CA GLU J 84 12.86 -35.91 43.62
C GLU J 84 12.47 -37.31 43.19
N THR J 85 12.24 -38.21 44.16
CA THR J 85 11.74 -39.55 43.81
C THR J 85 10.38 -39.46 43.13
N THR J 86 9.50 -38.58 43.63
CA THR J 86 8.20 -38.38 42.99
C THR J 86 8.36 -37.85 41.58
N ASN J 87 9.28 -36.90 41.38
CA ASN J 87 9.50 -36.33 40.07
C ASN J 87 10.04 -37.37 39.09
N ILE J 88 10.86 -38.30 39.58
CA ILE J 88 11.36 -39.37 38.73
C ILE J 88 10.23 -40.31 38.34
N LEU J 89 9.37 -40.67 39.30
CA LEU J 89 8.24 -41.54 39.00
C LEU J 89 7.31 -40.91 37.97
N GLN J 90 7.01 -39.62 38.12
CA GLN J 90 6.14 -38.95 37.17
C GLN J 90 6.78 -38.90 35.79
N ARG J 91 8.09 -38.65 35.72
CA ARG J 91 8.78 -38.68 34.43
C ARG J 91 8.71 -40.07 33.81
N MET J 92 8.98 -41.11 34.60
CA MET J 92 8.93 -42.47 34.08
C MET J 92 7.53 -42.83 33.57
N ARG J 93 6.50 -42.19 34.14
CA ARG J 93 5.15 -42.42 33.65
C ARG J 93 4.95 -41.85 32.26
N ASP J 94 5.64 -40.74 31.96
CA ASP J 94 5.55 -40.15 30.62
C ASP J 94 6.19 -41.04 29.56
N LEU J 95 7.35 -41.62 29.87
CA LEU J 95 7.94 -42.59 28.95
C LEU J 95 7.06 -43.82 28.81
N ALA J 96 6.46 -44.29 29.91
CA ALA J 96 5.58 -45.44 29.85
C ALA J 96 4.36 -45.14 28.97
N LEU J 97 3.78 -43.95 29.11
CA LEU J 97 2.65 -43.56 28.27
C LEU J 97 3.07 -43.49 26.81
N GLN J 98 4.23 -42.89 26.54
CA GLN J 98 4.67 -42.70 25.16
C GLN J 98 5.00 -44.02 24.48
N SER J 99 5.65 -44.94 25.20
CA SER J 99 6.04 -46.22 24.63
C SER J 99 4.85 -47.15 24.38
N SER J 100 3.73 -46.93 25.07
CA SER J 100 2.53 -47.73 24.83
C SER J 100 1.88 -47.41 23.49
N ASN J 101 2.31 -46.35 22.81
CA ASN J 101 1.77 -46.02 21.50
C ASN J 101 2.09 -47.12 20.49
N GLY J 102 1.16 -47.33 19.56
CA GLY J 102 1.41 -48.24 18.46
C GLY J 102 2.26 -47.67 17.35
N SER J 103 2.49 -46.36 17.37
CA SER J 103 3.36 -45.74 16.35
C SER J 103 4.81 -46.15 16.55
N ASN J 104 5.25 -46.30 17.80
CA ASN J 104 6.62 -46.68 18.09
C ASN J 104 6.88 -48.12 17.64
N SER J 105 8.10 -48.37 17.20
CA SER J 105 8.57 -49.72 16.92
C SER J 105 9.52 -50.15 18.03
N SER J 106 10.09 -51.35 17.89
CA SER J 106 10.97 -51.89 18.94
C SER J 106 12.20 -51.02 19.14
N SER J 107 12.68 -50.36 18.07
CA SER J 107 13.87 -49.52 18.20
C SER J 107 13.62 -48.33 19.12
N GLU J 108 12.49 -47.65 18.96
CA GLU J 108 12.20 -46.49 19.80
C GLU J 108 11.79 -46.91 21.21
N ARG J 109 11.16 -48.08 21.36
CA ARG J 109 10.85 -48.57 22.71
C ARG J 109 12.12 -48.85 23.49
N ARG J 110 13.15 -49.38 22.82
CA ARG J 110 14.43 -49.59 23.49
C ARG J 110 15.05 -48.28 23.93
N ALA J 111 14.89 -47.22 23.12
CA ALA J 111 15.40 -45.91 23.50
C ALA J 111 14.69 -45.38 24.75
N ILE J 112 13.38 -45.58 24.84
CA ILE J 112 12.65 -45.21 26.06
C ILE J 112 13.15 -46.07 27.23
N GLN J 113 13.40 -47.35 26.98
CA GLN J 113 13.86 -48.25 28.03
C GLN J 113 15.22 -47.83 28.56
N GLU J 114 16.04 -47.16 27.74
CA GLU J 114 17.30 -46.62 28.23
C GLU J 114 17.06 -45.57 29.31
N GLU J 115 16.10 -44.69 29.08
CA GLU J 115 15.77 -43.67 30.08
C GLU J 115 15.08 -44.28 31.30
N VAL J 116 14.21 -45.27 31.08
CA VAL J 116 13.52 -45.93 32.18
C VAL J 116 14.52 -46.66 33.07
N SER J 117 15.47 -47.38 32.46
CA SER J 117 16.46 -48.10 33.24
C SER J 117 17.40 -47.14 33.96
N ALA J 118 17.72 -46.00 33.34
CA ALA J 118 18.55 -45.00 34.01
C ALA J 118 17.82 -44.39 35.20
N LEU J 119 16.56 -44.01 35.02
CA LEU J 119 15.80 -43.43 36.13
C LEU J 119 15.52 -44.46 37.22
N ASN J 120 15.31 -45.73 36.85
CA ASN J 120 15.14 -46.78 37.85
C ASN J 120 16.39 -46.92 38.71
N ASP J 121 17.57 -46.87 38.08
CA ASP J 121 18.81 -46.87 38.84
C ASP J 121 18.96 -45.59 39.67
N GLU J 122 18.38 -44.49 39.20
CA GLU J 122 18.42 -43.25 39.96
C GLU J 122 17.63 -43.37 41.26
N LEU J 123 16.48 -44.07 41.21
CA LEU J 123 15.69 -44.26 42.42
C LEU J 123 16.47 -45.03 43.48
N ASN J 124 17.18 -46.08 43.06
CA ASN J 124 17.99 -46.83 44.00
C ASN J 124 19.13 -45.98 44.56
N ARG J 125 19.62 -45.02 43.76
CA ARG J 125 20.65 -44.12 44.25
C ARG J 125 20.10 -43.19 45.33
N ILE J 126 18.94 -42.58 45.08
CA ILE J 126 18.36 -41.66 46.06
C ILE J 126 18.03 -42.41 47.34
N ALA J 127 17.48 -43.62 47.22
CA ALA J 127 17.12 -44.39 48.40
C ALA J 127 18.35 -44.75 49.23
N GLU J 128 19.45 -45.14 48.57
CA GLU J 128 20.59 -45.70 49.27
C GLU J 128 21.58 -44.65 49.77
N THR J 129 21.79 -43.57 49.03
CA THR J 129 22.83 -42.60 49.38
C THR J 129 22.30 -41.39 50.16
N THR J 130 20.99 -41.15 50.17
CA THR J 130 20.46 -40.07 50.97
C THR J 130 20.69 -40.36 52.45
N SER J 131 21.29 -39.41 53.16
CA SER J 131 21.66 -39.62 54.55
C SER J 131 21.63 -38.31 55.30
N PHE J 132 21.52 -38.42 56.62
CA PHE J 132 21.52 -37.28 57.54
C PHE J 132 22.80 -37.39 58.37
N GLY J 133 23.89 -36.81 57.86
CA GLY J 133 25.17 -36.91 58.53
C GLY J 133 25.72 -38.31 58.59
N GLY J 134 25.58 -39.08 57.50
CA GLY J 134 26.03 -40.44 57.46
C GLY J 134 25.03 -41.47 57.94
N ASN J 135 23.89 -41.04 58.47
CA ASN J 135 22.84 -41.94 58.94
C ASN J 135 21.80 -42.08 57.84
N LYS J 136 21.74 -43.26 57.22
CA LYS J 136 20.85 -43.49 56.09
C LYS J 136 19.39 -43.40 56.50
N LEU J 137 18.56 -42.92 55.58
CA LEU J 137 17.14 -42.70 55.85
C LEU J 137 16.23 -43.54 54.98
N LEU J 138 16.41 -43.52 53.66
CA LEU J 138 15.45 -44.11 52.73
C LEU J 138 15.87 -45.48 52.22
N ASN J 139 16.96 -46.05 52.73
CA ASN J 139 17.41 -47.35 52.27
C ASN J 139 16.75 -48.50 53.02
N GLY J 140 15.90 -48.23 54.00
CA GLY J 140 15.29 -49.26 54.81
C GLY J 140 16.05 -49.62 56.07
N SER J 141 17.29 -49.14 56.21
CA SER J 141 18.08 -49.37 57.41
C SER J 141 17.73 -48.40 58.53
N PHE J 142 16.93 -47.38 58.25
CA PHE J 142 16.52 -46.43 59.28
C PHE J 142 15.78 -47.13 60.40
N GLY J 143 14.78 -47.94 60.06
CA GLY J 143 13.96 -48.56 61.08
C GLY J 143 13.07 -47.53 61.76
N SER J 144 12.70 -47.83 63.00
CA SER J 144 11.88 -46.93 63.82
C SER J 144 12.61 -46.65 65.12
N LYS J 145 12.95 -45.38 65.34
CA LYS J 145 13.50 -44.96 66.62
C LYS J 145 12.71 -43.77 67.14
N SER J 146 12.71 -43.63 68.46
CA SER J 146 11.84 -42.69 69.16
C SER J 146 12.57 -41.38 69.43
N PHE J 147 11.86 -40.27 69.26
CA PHE J 147 12.41 -38.94 69.48
C PHE J 147 11.89 -38.37 70.79
N GLN J 148 12.78 -38.21 71.75
CA GLN J 148 12.42 -37.71 73.08
C GLN J 148 12.13 -36.22 72.99
N ILE J 149 10.86 -35.84 73.13
CA ILE J 149 10.45 -34.45 72.99
C ILE J 149 9.77 -33.97 74.27
N GLY J 150 10.15 -34.56 75.39
CA GLY J 150 9.58 -34.17 76.67
C GLY J 150 10.66 -34.06 77.74
N ALA J 151 10.34 -33.32 78.78
CA ALA J 151 11.28 -33.10 79.87
C ALA J 151 11.45 -34.32 80.77
N ASP J 152 10.60 -35.33 80.63
CA ASP J 152 10.65 -36.52 81.45
C ASP J 152 10.73 -37.74 80.54
N SER J 153 11.41 -38.79 81.01
CA SER J 153 11.57 -40.00 80.22
C SER J 153 10.22 -40.63 79.91
N GLY J 154 10.09 -41.16 78.70
CA GLY J 154 8.86 -41.76 78.25
C GLY J 154 7.99 -40.90 77.37
N GLU J 155 8.40 -39.65 77.11
CA GLU J 155 7.65 -38.73 76.27
C GLU J 155 8.07 -38.80 74.80
N ALA J 156 8.64 -39.92 74.38
CA ALA J 156 9.17 -40.04 73.03
C ALA J 156 8.05 -40.28 72.02
N VAL J 157 8.35 -39.98 70.75
CA VAL J 157 7.42 -40.13 69.64
C VAL J 157 8.09 -40.97 68.57
N MET J 158 7.42 -42.03 68.14
CA MET J 158 7.99 -42.96 67.17
C MET J 158 7.90 -42.40 65.76
N LEU J 159 9.01 -42.47 65.03
CA LEU J 159 9.07 -42.08 63.62
C LEU J 159 9.52 -43.28 62.80
N SER J 160 8.84 -43.52 61.68
CA SER J 160 9.17 -44.63 60.80
C SER J 160 9.06 -44.17 59.35
N MET J 161 10.06 -44.57 58.55
CA MET J 161 10.03 -44.38 57.10
C MET J 161 10.42 -45.68 56.43
N GLY J 162 9.51 -46.23 55.63
CA GLY J 162 9.80 -47.44 54.90
C GLY J 162 10.80 -47.22 53.78
N SER J 163 11.30 -48.33 53.25
CA SER J 163 12.29 -48.27 52.18
C SER J 163 11.72 -47.63 50.93
N MET J 164 12.50 -46.71 50.35
CA MET J 164 12.16 -46.07 49.08
C MET J 164 12.87 -46.71 47.90
N ARG J 165 13.50 -47.86 48.10
CA ARG J 165 14.10 -48.59 46.99
C ARG J 165 13.05 -49.00 45.98
N SER J 166 13.44 -49.01 44.71
CA SER J 166 12.50 -49.36 43.63
C SER J 166 12.08 -50.83 43.70
N ASP J 167 12.76 -51.65 44.50
CA ASP J 167 12.47 -53.08 44.57
C ASP J 167 11.46 -53.42 45.66
N THR J 168 11.26 -52.55 46.64
CA THR J 168 10.46 -52.89 47.81
C THR J 168 9.01 -53.20 47.42
N GLN J 169 8.37 -54.03 48.25
CA GLN J 169 7.06 -54.58 47.90
C GLN J 169 6.00 -53.51 47.74
N ALA J 170 5.97 -52.53 48.66
CA ALA J 170 4.95 -51.50 48.62
C ALA J 170 5.08 -50.58 47.41
N MET J 171 6.20 -50.65 46.68
CA MET J 171 6.44 -49.83 45.51
C MET J 171 6.05 -50.55 44.21
N GLY J 172 5.05 -51.42 44.28
CA GLY J 172 4.62 -52.19 43.13
C GLY J 172 3.30 -52.91 43.35
N GLY J 173 3.22 -54.15 42.88
CA GLY J 173 2.00 -54.93 43.06
C GLY J 173 2.09 -56.25 42.35
N LYS J 174 0.92 -56.88 42.18
CA LYS J 174 0.80 -58.16 41.49
C LYS J 174 0.19 -57.94 40.12
N SER J 175 0.57 -58.81 39.18
CA SER J 175 0.11 -58.73 37.79
C SER J 175 -0.42 -60.07 37.34
N TYR J 176 -1.61 -60.05 36.75
CA TYR J 176 -2.24 -61.24 36.19
C TYR J 176 -2.38 -61.06 34.68
N ARG J 177 -2.24 -62.15 33.93
CA ARG J 177 -2.29 -62.11 32.47
C ARG J 177 -3.25 -63.16 31.94
N ALA J 178 -3.96 -62.82 30.87
CA ALA J 178 -4.84 -63.76 30.19
C ALA J 178 -4.07 -64.51 29.11
N GLN J 179 -4.15 -65.83 29.16
CA GLN J 179 -3.41 -66.65 28.22
C GLN J 179 -4.14 -66.87 26.91
N GLU J 180 -5.34 -66.30 26.74
CA GLU J 180 -6.08 -66.41 25.50
C GLU J 180 -5.94 -65.10 24.73
N GLY J 181 -5.56 -65.22 23.46
CA GLY J 181 -5.36 -64.05 22.61
C GLY J 181 -6.61 -63.74 21.83
N LYS J 182 -6.99 -62.46 21.82
CA LYS J 182 -8.18 -61.97 21.13
C LYS J 182 -7.76 -61.01 20.03
N ALA J 183 -8.24 -61.25 18.81
CA ALA J 183 -7.90 -60.42 17.67
C ALA J 183 -8.78 -59.18 17.65
N ALA J 184 -8.71 -58.42 16.55
CA ALA J 184 -9.50 -57.19 16.41
C ALA J 184 -10.96 -57.47 16.10
N ASP J 185 -11.32 -58.71 15.75
CA ASP J 185 -12.68 -59.06 15.41
C ASP J 185 -13.44 -59.69 16.58
N TRP J 186 -12.83 -59.75 17.76
CA TRP J 186 -13.47 -60.36 18.91
C TRP J 186 -14.48 -59.41 19.54
N ARG J 187 -15.61 -59.96 19.97
CA ARG J 187 -16.63 -59.22 20.70
C ARG J 187 -17.21 -60.12 21.77
N VAL J 188 -17.69 -59.50 22.86
CA VAL J 188 -18.25 -60.27 23.96
C VAL J 188 -19.47 -61.04 23.49
N GLY J 189 -19.61 -62.26 23.98
CA GLY J 189 -20.70 -63.13 23.61
C GLY J 189 -21.83 -63.12 24.62
N ALA J 190 -22.52 -64.26 24.74
CA ALA J 190 -23.64 -64.35 25.68
C ALA J 190 -23.16 -64.22 27.12
N ALA J 191 -22.04 -64.85 27.46
CA ALA J 191 -21.50 -64.79 28.81
C ALA J 191 -20.55 -63.60 28.90
N THR J 192 -20.95 -62.59 29.68
CA THR J 192 -20.18 -61.35 29.79
C THR J 192 -19.73 -61.02 31.20
N ASP J 193 -20.37 -61.57 32.23
CA ASP J 193 -20.06 -61.19 33.60
C ASP J 193 -18.65 -61.61 34.00
N LEU J 194 -18.00 -60.77 34.79
CA LEU J 194 -16.64 -61.01 35.26
C LEU J 194 -16.59 -60.68 36.75
N THR J 195 -16.26 -61.68 37.57
CA THR J 195 -16.29 -61.54 39.01
C THR J 195 -14.86 -61.60 39.56
N LEU J 196 -14.52 -60.63 40.41
CA LEU J 196 -13.21 -60.57 41.05
C LEU J 196 -13.41 -60.51 42.55
N SER J 197 -12.78 -61.43 43.27
CA SER J 197 -12.87 -61.51 44.73
C SER J 197 -11.46 -61.53 45.31
N TYR J 198 -11.22 -60.67 46.29
CA TYR J 198 -9.91 -60.58 46.93
C TYR J 198 -10.09 -59.99 48.32
N THR J 199 -8.98 -59.61 48.94
CA THR J 199 -8.98 -58.97 50.25
C THR J 199 -8.19 -57.67 50.16
N ASN J 200 -8.77 -56.58 50.67
CA ASN J 200 -8.10 -55.30 50.67
C ASN J 200 -7.02 -55.27 51.76
N LYS J 201 -6.19 -54.22 51.71
CA LYS J 201 -5.10 -54.10 52.67
C LYS J 201 -5.62 -53.91 54.09
N GLN J 202 -6.81 -53.35 54.24
CA GLN J 202 -7.38 -53.13 55.57
C GLN J 202 -7.75 -54.44 56.27
N GLY J 203 -7.79 -55.56 55.55
CA GLY J 203 -8.14 -56.83 56.14
C GLY J 203 -9.56 -57.28 55.88
N GLU J 204 -10.32 -56.55 55.07
CA GLU J 204 -11.70 -56.89 54.77
C GLU J 204 -11.80 -57.48 53.37
N ALA J 205 -12.73 -58.43 53.22
CA ALA J 205 -12.96 -59.04 51.92
C ALA J 205 -13.69 -58.09 50.99
N ARG J 206 -13.38 -58.20 49.70
CA ARG J 206 -14.00 -57.36 48.68
C ARG J 206 -14.52 -58.24 47.56
N GLU J 207 -15.65 -57.83 46.98
CA GLU J 207 -16.32 -58.61 45.93
C GLU J 207 -16.82 -57.62 44.89
N VAL J 208 -16.07 -57.46 43.80
CA VAL J 208 -16.38 -56.52 42.74
C VAL J 208 -16.77 -57.31 41.50
N THR J 209 -17.90 -56.96 40.90
CA THR J 209 -18.42 -57.63 39.71
C THR J 209 -18.58 -56.61 38.59
N ILE J 210 -18.15 -56.99 37.39
CA ILE J 210 -18.28 -56.15 36.19
C ILE J 210 -19.14 -56.90 35.19
N ASN J 211 -20.18 -56.24 34.70
CA ASN J 211 -21.04 -56.78 33.65
C ASN J 211 -20.57 -56.20 32.32
N ALA J 212 -19.77 -56.96 31.58
CA ALA J 212 -19.22 -56.48 30.33
C ALA J 212 -20.34 -56.20 29.33
N LYS J 213 -20.19 -55.12 28.58
CA LYS J 213 -21.23 -54.71 27.65
C LYS J 213 -21.16 -55.50 26.35
N GLN J 214 -22.32 -55.68 25.72
CA GLN J 214 -22.41 -56.43 24.49
C GLN J 214 -21.62 -55.75 23.37
N GLY J 215 -20.82 -56.54 22.65
CA GLY J 215 -20.16 -56.06 21.46
C GLY J 215 -18.88 -55.29 21.67
N ASP J 216 -18.39 -55.18 22.89
CA ASP J 216 -17.14 -54.47 23.15
C ASP J 216 -15.94 -55.35 22.81
N ASP J 217 -14.96 -54.76 22.14
CA ASP J 217 -13.71 -55.46 21.84
C ASP J 217 -12.81 -55.39 23.07
N LEU J 218 -11.55 -55.80 22.93
CA LEU J 218 -10.67 -55.91 24.09
C LEU J 218 -10.31 -54.54 24.65
N GLU J 219 -9.97 -53.58 23.78
CA GLU J 219 -9.61 -52.26 24.27
C GLU J 219 -10.78 -51.60 25.00
N GLU J 220 -11.99 -51.70 24.43
CA GLU J 220 -13.16 -51.15 25.10
C GLU J 220 -13.45 -51.88 26.41
N LEU J 221 -13.26 -53.19 26.41
CA LEU J 221 -13.49 -53.97 27.64
C LEU J 221 -12.51 -53.56 28.73
N ALA J 222 -11.24 -53.37 28.38
CA ALA J 222 -10.25 -52.94 29.36
C ALA J 222 -10.57 -51.55 29.88
N THR J 223 -11.01 -50.65 29.00
CA THR J 223 -11.42 -49.31 29.44
C THR J 223 -12.62 -49.38 30.38
N TYR J 224 -13.61 -50.21 30.05
CA TYR J 224 -14.81 -50.32 30.88
C TYR J 224 -14.47 -50.90 32.25
N ILE J 225 -13.58 -51.89 32.30
CA ILE J 225 -13.16 -52.45 33.58
C ILE J 225 -12.47 -51.39 34.42
N ASN J 226 -11.67 -50.54 33.79
CA ASN J 226 -10.99 -49.45 34.49
C ASN J 226 -11.99 -48.48 35.09
N GLY J 227 -13.02 -48.11 34.33
CA GLY J 227 -14.00 -47.15 34.83
C GLY J 227 -14.84 -47.70 35.96
N GLN J 228 -15.19 -48.99 35.89
CA GLN J 228 -16.13 -49.56 36.85
C GLN J 228 -15.52 -49.69 38.23
N THR J 229 -14.27 -50.15 38.32
CA THR J 229 -13.61 -50.38 39.60
C THR J 229 -12.24 -49.72 39.61
N GLU J 230 -11.82 -49.28 40.80
CA GLU J 230 -10.54 -48.60 40.96
C GLU J 230 -9.45 -49.50 41.55
N ASP J 231 -9.82 -50.62 42.16
CA ASP J 231 -8.81 -51.49 42.76
C ASP J 231 -7.91 -52.12 41.71
N VAL J 232 -8.47 -52.58 40.60
CA VAL J 232 -7.72 -53.25 39.55
C VAL J 232 -7.62 -52.34 38.34
N LYS J 233 -6.58 -52.57 37.54
CA LYS J 233 -6.34 -51.81 36.32
C LYS J 233 -6.16 -52.78 35.16
N ALA J 234 -6.92 -52.56 34.08
CA ALA J 234 -6.94 -53.47 32.95
C ALA J 234 -6.16 -52.88 31.78
N SER J 235 -5.50 -53.76 31.02
CA SER J 235 -4.75 -53.36 29.84
C SER J 235 -4.72 -54.54 28.87
N VAL J 236 -4.15 -54.30 27.69
CA VAL J 236 -4.08 -55.30 26.62
C VAL J 236 -2.67 -55.32 26.06
N GLY J 237 -2.15 -56.52 25.78
CA GLY J 237 -0.81 -56.69 25.27
C GLY J 237 -0.75 -56.73 23.75
N GLU J 238 0.42 -57.13 23.25
CA GLU J 238 0.60 -57.23 21.80
C GLU J 238 -0.33 -58.26 21.20
N ASP J 239 -0.35 -59.46 21.77
CA ASP J 239 -1.15 -60.56 21.23
C ASP J 239 -2.64 -60.37 21.47
N GLY J 240 -3.04 -59.37 22.25
CA GLY J 240 -4.44 -59.21 22.59
C GLY J 240 -4.80 -60.00 23.83
N LYS J 241 -4.08 -59.75 24.93
CA LYS J 241 -4.28 -60.47 26.17
C LYS J 241 -4.56 -59.46 27.28
N LEU J 242 -5.68 -59.65 27.97
CA LEU J 242 -6.09 -58.73 29.03
C LEU J 242 -5.25 -58.98 30.29
N GLN J 243 -4.69 -57.92 30.84
CA GLN J 243 -3.88 -57.99 32.04
C GLN J 243 -4.47 -57.10 33.12
N LEU J 244 -4.53 -57.62 34.35
CA LEU J 244 -5.04 -56.89 35.50
C LEU J 244 -3.94 -56.72 36.52
N PHE J 245 -3.80 -55.50 37.04
CA PHE J 245 -2.78 -55.19 38.03
C PHE J 245 -3.45 -54.83 39.35
N ALA J 246 -3.16 -55.61 40.39
CA ALA J 246 -3.64 -55.36 41.73
C ALA J 246 -2.50 -54.79 42.55
N SER J 247 -2.60 -53.52 42.92
CA SER J 247 -1.52 -52.85 43.63
C SER J 247 -1.29 -53.50 44.98
N SER J 248 -0.02 -53.56 45.40
CA SER J 248 0.33 -54.20 46.65
C SER J 248 -0.07 -53.37 47.87
N GLN J 249 -0.45 -52.10 47.68
CA GLN J 249 -0.89 -51.28 48.80
C GLN J 249 -2.40 -51.24 48.96
N LYS J 250 -3.15 -51.75 47.97
CA LYS J 250 -4.61 -51.79 48.05
C LYS J 250 -5.19 -53.19 48.09
N VAL J 251 -4.48 -54.20 47.63
CA VAL J 251 -4.96 -55.57 47.60
C VAL J 251 -3.87 -56.48 48.15
N ASN J 252 -4.22 -57.31 49.14
CA ASN J 252 -3.33 -58.32 49.67
C ASN J 252 -3.97 -59.70 49.45
N GLY J 253 -3.11 -60.69 49.21
CA GLY J 253 -3.58 -62.02 48.88
C GLY J 253 -3.91 -62.15 47.40
N ASP J 254 -4.21 -63.39 47.00
CA ASP J 254 -4.50 -63.67 45.60
C ASP J 254 -5.86 -63.10 45.20
N VAL J 255 -6.01 -62.87 43.90
CA VAL J 255 -7.24 -62.34 43.33
C VAL J 255 -7.93 -63.49 42.60
N THR J 256 -9.11 -63.86 43.08
CA THR J 256 -9.90 -64.94 42.50
C THR J 256 -10.79 -64.36 41.41
N ILE J 257 -10.68 -64.91 40.20
CA ILE J 257 -11.44 -64.43 39.05
C ILE J 257 -12.37 -65.53 38.59
N GLY J 258 -13.67 -65.22 38.51
CA GLY J 258 -14.66 -66.15 38.01
C GLY J 258 -15.59 -65.47 37.03
N GLY J 259 -16.67 -66.18 36.69
CA GLY J 259 -17.67 -65.66 35.78
C GLY J 259 -17.49 -66.21 34.37
N GLY J 260 -18.47 -65.91 33.53
CA GLY J 260 -18.43 -66.38 32.16
C GLY J 260 -17.30 -65.76 31.36
N LEU J 261 -17.13 -64.44 31.50
CA LEU J 261 -16.03 -63.76 30.81
C LEU J 261 -14.68 -64.22 31.34
N GLY J 262 -14.58 -64.46 32.65
CA GLY J 262 -13.35 -64.97 33.21
C GLY J 262 -12.97 -66.33 32.67
N GLY J 263 -13.97 -67.18 32.41
CA GLY J 263 -13.68 -68.49 31.85
C GLY J 263 -13.21 -68.42 30.40
N GLU J 264 -13.90 -67.61 29.58
CA GLU J 264 -13.54 -67.48 28.18
C GLU J 264 -12.19 -66.79 28.01
N ILE J 265 -12.01 -65.65 28.68
CA ILE J 265 -10.75 -64.92 28.61
C ILE J 265 -9.63 -65.72 29.25
N GLY J 266 -9.89 -66.31 30.43
CA GLY J 266 -8.91 -67.10 31.14
C GLY J 266 -7.87 -66.25 31.84
N PHE J 267 -7.29 -66.75 32.93
CA PHE J 267 -6.35 -65.96 33.71
C PHE J 267 -5.31 -66.86 34.36
N ASP J 268 -4.10 -66.33 34.51
CA ASP J 268 -2.99 -67.07 35.09
C ASP J 268 -2.73 -66.60 36.51
N ALA J 269 -1.68 -67.14 37.11
CA ALA J 269 -1.28 -66.78 38.47
C ALA J 269 -0.69 -65.37 38.51
N GLY J 270 -0.80 -64.75 39.68
CA GLY J 270 -0.28 -63.41 39.88
C GLY J 270 1.21 -63.39 40.16
N ARG J 271 1.96 -62.67 39.33
CA ARG J 271 3.40 -62.54 39.49
C ARG J 271 3.74 -61.18 40.09
N ASN J 272 4.60 -61.17 41.10
CA ASN J 272 5.01 -59.93 41.75
C ASN J 272 5.82 -59.08 40.77
N VAL J 273 5.33 -57.89 40.48
CA VAL J 273 6.00 -56.95 39.57
C VAL J 273 6.12 -55.61 40.27
N THR J 274 7.32 -55.06 40.30
CA THR J 274 7.61 -53.78 40.93
C THR J 274 8.19 -52.82 39.89
N VAL J 275 8.57 -51.63 40.38
CA VAL J 275 9.15 -50.62 39.49
C VAL J 275 10.49 -51.09 38.92
N ALA J 276 11.28 -51.79 39.75
CA ALA J 276 12.57 -52.30 39.28
C ALA J 276 12.41 -53.32 38.17
N ASP J 277 11.23 -53.92 38.02
CA ASP J 277 10.96 -54.90 36.97
C ASP J 277 10.21 -54.29 35.80
N VAL J 278 10.13 -52.96 35.72
CA VAL J 278 9.46 -52.31 34.61
C VAL J 278 10.25 -52.56 33.33
N ASN J 279 9.56 -53.04 32.29
CA ASN J 279 10.18 -53.34 31.00
C ASN J 279 9.25 -52.78 29.93
N VAL J 280 9.59 -51.61 29.40
CA VAL J 280 8.75 -50.90 28.44
C VAL J 280 9.17 -51.23 27.01
N SER J 281 9.99 -52.27 26.85
CA SER J 281 10.40 -52.69 25.51
C SER J 281 9.23 -53.20 24.68
N THR J 282 8.15 -53.62 25.32
CA THR J 282 6.94 -54.08 24.65
C THR J 282 5.75 -53.25 25.12
N VAL J 283 4.70 -53.22 24.28
CA VAL J 283 3.53 -52.42 24.63
C VAL J 283 2.82 -53.00 25.84
N ALA J 284 2.83 -54.33 25.99
CA ALA J 284 2.25 -54.95 27.18
C ALA J 284 3.02 -54.54 28.44
N GLY J 285 4.35 -54.53 28.36
CA GLY J 285 5.15 -54.12 29.50
C GLY J 285 4.96 -52.66 29.84
N SER J 286 4.77 -51.81 28.83
CA SER J 286 4.59 -50.38 29.08
C SER J 286 3.22 -50.09 29.66
N GLN J 287 2.18 -50.77 29.16
CA GLN J 287 0.85 -50.61 29.75
C GLN J 287 0.83 -51.03 31.20
N GLU J 288 1.48 -52.16 31.52
CA GLU J 288 1.63 -52.56 32.91
C GLU J 288 2.48 -51.57 33.68
N ALA J 289 3.50 -51.01 33.04
CA ALA J 289 4.40 -50.06 33.70
C ALA J 289 3.65 -48.83 34.19
N VAL J 290 2.69 -48.34 33.40
CA VAL J 290 1.93 -47.15 33.80
C VAL J 290 1.26 -47.37 35.14
N SER J 291 0.61 -48.52 35.31
CA SER J 291 -0.10 -48.80 36.56
C SER J 291 0.86 -49.11 37.70
N ILE J 292 2.04 -49.66 37.39
CA ILE J 292 3.01 -49.97 38.45
C ILE J 292 3.47 -48.68 39.12
N LEU J 293 3.79 -47.66 38.34
CA LEU J 293 4.20 -46.38 38.91
C LEU J 293 3.03 -45.62 39.53
N ASP J 294 1.80 -45.92 39.13
CA ASP J 294 0.64 -45.34 39.81
C ASP J 294 0.51 -45.88 41.22
N GLY J 295 0.62 -47.19 41.39
CA GLY J 295 0.65 -47.76 42.72
C GLY J 295 1.91 -47.37 43.48
N ALA J 296 3.00 -47.14 42.75
CA ALA J 296 4.23 -46.68 43.38
C ALA J 296 4.10 -45.24 43.87
N LEU J 297 3.46 -44.39 43.08
CA LEU J 297 3.28 -42.99 43.49
C LEU J 297 2.39 -42.89 44.72
N LYS J 298 1.49 -43.86 44.90
CA LYS J 298 0.69 -43.89 46.12
C LYS J 298 1.56 -44.15 47.34
N ALA J 299 2.58 -44.99 47.19
CA ALA J 299 3.45 -45.30 48.32
C ALA J 299 4.29 -44.10 48.72
N VAL J 300 4.88 -43.40 47.74
CA VAL J 300 5.73 -42.25 48.06
C VAL J 300 4.89 -41.10 48.58
N ASP J 301 3.70 -40.89 48.01
CA ASP J 301 2.84 -39.81 48.47
C ASP J 301 2.30 -40.07 49.87
N SER J 302 1.91 -41.31 50.16
CA SER J 302 1.41 -41.64 51.49
C SER J 302 2.50 -41.48 52.54
N GLN J 303 3.73 -41.88 52.21
CA GLN J 303 4.84 -41.69 53.14
C GLN J 303 5.12 -40.21 53.35
N ARG J 304 5.04 -39.41 52.29
CA ARG J 304 5.22 -37.96 52.43
C ARG J 304 4.15 -37.36 53.32
N ALA J 305 2.90 -37.83 53.17
CA ALA J 305 1.83 -37.35 54.04
C ALA J 305 2.07 -37.73 55.49
N SER J 306 2.64 -38.92 55.71
CA SER J 306 2.97 -39.34 57.08
C SER J 306 4.04 -38.44 57.68
N LEU J 307 5.03 -38.06 56.87
CA LEU J 307 6.08 -37.16 57.36
C LEU J 307 5.56 -35.74 57.51
N GLY J 308 4.64 -35.33 56.63
CA GLY J 308 4.06 -34.00 56.74
C GLY J 308 3.23 -33.82 58.00
N ALA J 309 2.40 -34.82 58.33
CA ALA J 309 1.68 -34.79 59.59
C ALA J 309 2.63 -34.89 60.77
N PHE J 310 3.81 -35.47 60.55
CA PHE J 310 4.80 -35.55 61.62
C PHE J 310 5.43 -34.19 61.89
N GLN J 311 5.68 -33.40 60.85
CA GLN J 311 6.22 -32.07 61.04
C GLN J 311 5.20 -31.14 61.68
N ASN J 312 3.92 -31.27 61.28
CA ASN J 312 2.88 -30.48 61.92
C ASN J 312 2.73 -30.84 63.39
N ARG J 313 2.82 -32.13 63.72
CA ARG J 313 2.72 -32.55 65.11
C ARG J 313 3.89 -32.01 65.93
N PHE J 314 5.09 -32.01 65.35
CA PHE J 314 6.24 -31.45 66.05
C PHE J 314 6.16 -29.93 66.15
N GLY J 315 5.59 -29.28 65.12
CA GLY J 315 5.45 -27.84 65.16
C GLY J 315 4.59 -27.38 66.32
N HIS J 316 3.49 -28.09 66.57
CA HIS J 316 2.66 -27.79 67.74
C HIS J 316 3.35 -28.21 69.02
N ALA J 317 4.15 -29.27 68.97
CA ALA J 317 4.90 -29.70 70.15
C ALA J 317 5.92 -28.66 70.57
N ILE J 318 6.66 -28.10 69.61
CA ILE J 318 7.67 -27.10 69.93
C ILE J 318 7.03 -25.85 70.49
N SER J 319 5.93 -25.38 69.86
CA SER J 319 5.24 -24.20 70.36
C SER J 319 4.68 -24.44 71.76
N ASN J 320 4.16 -25.64 72.02
CA ASN J 320 3.68 -25.96 73.36
C ASN J 320 4.83 -26.01 74.36
N LEU J 321 5.99 -26.52 73.94
CA LEU J 321 7.15 -26.57 74.82
C LEU J 321 7.60 -25.17 75.21
N ASP J 322 7.59 -24.25 74.25
CA ASP J 322 7.97 -22.87 74.54
C ASP J 322 7.02 -22.22 75.54
N ASN J 323 5.72 -22.46 75.38
CA ASN J 323 4.74 -21.89 76.30
C ASN J 323 4.96 -22.37 77.72
N VAL J 324 5.22 -23.67 77.89
CA VAL J 324 5.51 -24.21 79.21
C VAL J 324 6.85 -23.70 79.71
N ASN J 325 7.84 -23.57 78.82
CA ASN J 325 9.19 -23.16 79.23
C ASN J 325 9.18 -21.78 79.84
N GLU J 326 8.44 -20.84 79.24
CA GLU J 326 8.32 -19.51 79.82
C GLU J 326 7.52 -19.55 81.12
N ASN J 327 6.49 -20.39 81.16
CA ASN J 327 5.64 -20.46 82.35
C ASN J 327 6.42 -20.96 83.56
N VAL J 328 7.20 -22.02 83.39
CA VAL J 328 7.98 -22.55 84.51
C VAL J 328 9.08 -21.57 84.90
N ASN J 329 9.69 -20.89 83.91
CA ASN J 329 10.73 -19.92 84.23
C ASN J 329 10.19 -18.77 85.04
N ALA J 330 8.96 -18.33 84.76
CA ALA J 330 8.32 -17.32 85.59
C ALA J 330 8.03 -17.86 86.98
N SER J 331 7.76 -19.17 87.09
CA SER J 331 7.49 -19.76 88.40
C SER J 331 8.73 -19.75 89.29
N ARG J 332 9.87 -20.22 88.75
CA ARG J 332 11.09 -20.24 89.55
C ARG J 332 11.57 -18.84 89.88
N SER J 333 11.26 -17.86 89.02
CA SER J 333 11.59 -16.47 89.34
C SER J 333 10.80 -15.98 90.55
N ARG J 334 9.54 -16.39 90.66
CA ARG J 334 8.67 -15.87 91.72
C ARG J 334 9.00 -16.49 93.07
N ILE J 335 9.64 -17.66 93.08
CA ILE J 335 9.89 -18.38 94.32
C ILE J 335 11.37 -18.40 94.68
N ARG J 336 12.26 -18.51 93.69
CA ARG J 336 13.69 -18.61 93.95
C ARG J 336 14.43 -17.31 93.71
N ASP J 337 14.21 -16.67 92.55
CA ASP J 337 14.95 -15.47 92.21
C ASP J 337 14.68 -14.35 93.22
N THR J 338 15.72 -13.58 93.53
CA THR J 338 15.60 -12.54 94.53
C THR J 338 14.84 -11.33 93.98
N ASP J 339 14.26 -10.57 94.90
CA ASP J 339 13.61 -9.30 94.58
C ASP J 339 14.58 -8.19 94.98
N TYR J 340 15.06 -7.44 93.98
CA TYR J 340 16.03 -6.40 94.26
C TYR J 340 15.44 -5.29 95.12
N ALA J 341 14.19 -4.91 94.86
CA ALA J 341 13.55 -3.88 95.66
C ALA J 341 13.43 -4.32 97.12
N ARG J 342 13.06 -5.58 97.36
CA ARG J 342 12.93 -6.08 98.73
C ARG J 342 14.29 -6.29 99.38
N GLU J 343 15.28 -6.73 98.61
CA GLU J 343 16.56 -7.13 99.19
C GLU J 343 17.39 -5.91 99.59
N THR J 344 17.40 -4.86 98.77
CA THR J 344 18.30 -3.75 99.04
C THR J 344 17.79 -2.88 100.17
N THR J 345 16.47 -2.73 100.32
CA THR J 345 15.97 -2.04 101.50
C THR J 345 16.26 -2.84 102.76
N ALA J 346 16.33 -4.17 102.64
CA ALA J 346 16.73 -5.00 103.77
C ALA J 346 18.20 -4.77 104.14
N MET J 347 19.07 -4.63 103.13
CA MET J 347 20.48 -4.44 103.43
C MET J 347 20.76 -3.02 103.92
N THR J 348 19.90 -2.06 103.56
CA THR J 348 20.05 -0.72 104.09
C THR J 348 19.65 -0.67 105.56
N LYS J 349 18.56 -1.34 105.92
CA LYS J 349 18.16 -1.40 107.32
C LYS J 349 19.13 -2.27 108.12
N ALA J 350 19.70 -3.30 107.48
CA ALA J 350 20.69 -4.13 108.16
C ALA J 350 21.96 -3.34 108.45
N GLN J 351 22.39 -2.50 107.50
CA GLN J 351 23.57 -1.67 107.72
C GLN J 351 23.33 -0.63 108.80
N ILE J 352 22.21 0.09 108.72
CA ILE J 352 21.97 1.20 109.64
C ILE J 352 21.83 0.68 111.07
N LEU J 353 21.17 -0.47 111.26
CA LEU J 353 21.15 -1.09 112.57
C LEU J 353 22.54 -1.47 113.04
N GLN J 354 23.40 -1.92 112.11
CA GLN J 354 24.75 -2.31 112.49
C GLN J 354 25.56 -1.11 112.96
N GLN J 355 25.52 0.01 112.23
CA GLN J 355 26.20 1.22 112.67
C GLN J 355 25.55 1.79 113.93
N ALA J 356 24.24 1.61 114.07
CA ALA J 356 23.57 2.04 115.29
C ALA J 356 24.08 1.26 116.50
N SER J 357 24.30 -0.04 116.32
CA SER J 357 24.84 -0.86 117.41
C SER J 357 26.25 -0.44 117.80
N THR J 358 27.09 -0.10 116.81
CA THR J 358 28.43 0.36 117.13
C THR J 358 28.42 1.68 117.88
N SER J 359 27.52 2.59 117.49
CA SER J 359 27.40 3.87 118.20
C SER J 359 26.95 3.66 119.63
N VAL J 360 25.98 2.76 119.84
CA VAL J 360 25.55 2.43 121.20
C VAL J 360 26.67 1.76 121.97
N LEU J 361 27.41 0.87 121.31
CA LEU J 361 28.51 0.17 121.97
C LEU J 361 29.59 1.13 122.43
N ALA J 362 29.92 2.12 121.59
CA ALA J 362 30.91 3.13 122.00
C ALA J 362 30.40 3.96 123.18
N GLN J 363 29.11 4.32 123.16
CA GLN J 363 28.54 5.07 124.27
C GLN J 363 28.54 4.24 125.55
N ALA J 364 28.22 2.96 125.46
CA ALA J 364 28.15 2.08 126.63
C ALA J 364 29.52 1.62 127.11
N LYS J 365 30.57 1.82 126.31
CA LYS J 365 31.90 1.44 126.75
C LYS J 365 32.49 2.39 127.79
N GLN J 366 31.84 3.53 128.04
CA GLN J 366 32.31 4.49 129.01
C GLN J 366 31.73 4.27 130.40
N SER J 367 30.88 3.26 130.59
CA SER J 367 30.41 2.94 131.92
C SER J 367 31.53 2.57 132.89
N PRO J 368 32.52 1.74 132.53
CA PRO J 368 33.65 1.55 133.46
C PRO J 368 34.43 2.83 133.73
N SER J 369 34.48 3.74 132.77
CA SER J 369 35.19 5.00 132.97
C SER J 369 34.57 5.81 134.10
N ALA J 370 33.23 5.88 134.12
CA ALA J 370 32.55 6.57 135.23
C ALA J 370 32.65 5.75 136.51
N ALA J 371 32.69 4.42 136.39
CA ALA J 371 32.78 3.57 137.56
C ALA J 371 34.08 3.79 138.32
N LEU J 372 35.20 3.92 137.59
CA LEU J 372 36.49 4.12 138.23
C LEU J 372 36.73 5.58 138.61
N SER J 373 35.89 6.50 138.15
CA SER J 373 36.09 7.91 138.42
C SER J 373 35.30 8.41 139.63
N LEU J 374 34.24 7.71 140.03
CA LEU J 374 33.41 8.19 141.14
C LEU J 374 34.20 8.18 142.45
N LEU J 375 35.00 7.14 142.68
CA LEU J 375 35.78 7.02 143.91
C LEU J 375 37.25 6.69 143.69
N GLY J 376 37.64 6.21 142.52
CA GLY J 376 39.04 5.89 142.27
C GLY J 376 39.89 7.10 141.93
N MET K 1 21.84 41.13 67.88
CA MET K 1 20.88 40.03 67.75
C MET K 1 21.01 39.05 68.92
N ALA K 2 20.29 39.33 70.00
CA ALA K 2 20.25 38.42 71.13
C ALA K 2 19.50 37.14 70.76
N ILE K 3 19.86 36.04 71.42
CA ILE K 3 19.17 34.79 71.20
C ILE K 3 17.72 34.92 71.67
N ASN K 4 16.82 34.28 70.94
CA ASN K 4 15.39 34.53 71.11
C ASN K 4 14.61 33.22 71.15
N VAL K 5 13.51 33.24 71.89
CA VAL K 5 12.61 32.09 71.96
C VAL K 5 11.18 32.53 71.65
N ASN K 6 10.71 33.57 72.35
CA ASN K 6 9.33 34.01 72.18
C ASN K 6 9.08 34.55 70.77
N THR K 7 10.02 35.31 70.24
CA THR K 7 9.89 35.91 68.91
C THR K 7 10.92 35.31 67.98
N ASN K 8 10.47 34.92 66.79
CA ASN K 8 11.25 34.13 65.85
C ASN K 8 11.14 34.72 64.44
N VAL K 9 11.46 36.01 64.31
CA VAL K 9 11.34 36.72 63.04
C VAL K 9 12.01 35.97 61.89
N SER K 10 13.00 35.12 62.18
CA SER K 10 13.60 34.30 61.12
C SER K 10 12.58 33.34 60.53
N ALA K 11 11.77 32.70 61.39
CA ALA K 11 10.71 31.82 60.90
C ALA K 11 9.57 32.61 60.28
N MET K 12 9.24 33.77 60.86
CA MET K 12 8.17 34.59 60.31
C MET K 12 8.50 35.05 58.90
N THR K 13 9.74 35.48 58.68
CA THR K 13 10.18 35.82 57.33
C THR K 13 10.16 34.60 56.43
N ALA K 14 10.59 33.44 56.95
CA ALA K 14 10.64 32.23 56.15
C ALA K 14 9.26 31.82 55.67
N GLN K 15 8.25 31.88 56.55
CA GLN K 15 6.90 31.49 56.14
C GLN K 15 6.25 32.57 55.29
N ARG K 16 6.65 33.83 55.44
CA ARG K 16 6.06 34.89 54.65
C ARG K 16 6.34 34.69 53.17
N TYR K 17 7.58 34.29 52.84
CA TYR K 17 7.90 33.97 51.45
C TYR K 17 7.37 32.60 51.06
N LEU K 18 6.99 31.78 52.04
CA LEU K 18 6.34 30.50 51.73
C LEU K 18 4.92 30.74 51.22
N ASN K 19 4.22 31.71 51.80
CA ASN K 19 2.93 32.11 51.27
C ASN K 19 3.07 32.71 49.88
N GLY K 20 4.09 33.56 49.68
CA GLY K 20 4.29 34.14 48.36
C GLY K 20 4.58 33.09 47.30
N ALA K 21 5.41 32.11 47.65
CA ALA K 21 5.71 31.02 46.72
C ALA K 21 4.48 30.15 46.48
N ALA K 22 3.72 29.86 47.54
CA ALA K 22 2.53 29.03 47.40
C ALA K 22 1.48 29.69 46.52
N ASP K 23 1.25 30.99 46.72
CA ASP K 23 0.30 31.71 45.89
C ASP K 23 0.77 31.76 44.44
N GLY K 24 2.06 31.93 44.21
CA GLY K 24 2.59 31.90 42.86
C GLY K 24 2.37 30.56 42.18
N MET K 25 2.47 29.47 42.95
CA MET K 25 2.21 28.15 42.39
C MET K 25 0.71 27.95 42.16
N GLN K 26 -0.13 28.41 43.08
CA GLN K 26 -1.57 28.24 42.95
C GLN K 26 -2.08 28.97 41.71
N LYS K 27 -1.60 30.18 41.47
CA LYS K 27 -1.97 30.92 40.27
C LYS K 27 -1.47 30.22 39.00
N SER K 28 -0.23 29.73 39.04
CA SER K 28 0.34 29.07 37.86
C SER K 28 -0.39 27.77 37.55
N MET K 29 -0.70 26.98 38.58
CA MET K 29 -1.37 25.70 38.36
C MET K 29 -2.79 25.90 37.83
N GLU K 30 -3.45 26.98 38.26
CA GLU K 30 -4.76 27.31 37.71
C GLU K 30 -4.68 27.66 36.23
N ARG K 31 -3.61 28.37 35.83
CA ARG K 31 -3.47 28.77 34.44
C ARG K 31 -3.15 27.59 33.54
N LEU K 32 -2.48 26.56 34.08
CA LEU K 32 -2.14 25.40 33.27
C LEU K 32 -3.36 24.53 33.02
N SER K 33 -4.20 24.31 34.05
CA SER K 33 -5.39 23.48 33.88
C SER K 33 -6.39 24.13 32.92
N SER K 34 -6.71 25.40 33.15
CA SER K 34 -7.69 26.07 32.32
C SER K 34 -7.13 26.39 30.94
N GLY K 35 -5.87 26.80 30.88
CA GLY K 35 -5.28 27.26 29.65
C GLY K 35 -5.44 28.74 29.38
N TYR K 36 -5.75 29.54 30.41
CA TYR K 36 -5.95 30.98 30.26
C TYR K 36 -5.09 31.71 31.26
N LYS K 37 -4.34 32.72 30.78
CA LYS K 37 -3.70 33.66 31.69
C LYS K 37 -4.75 34.43 32.49
N ILE K 38 -5.81 34.88 31.84
CA ILE K 38 -6.83 35.70 32.47
C ILE K 38 -7.99 34.76 32.79
N ASN K 39 -7.93 34.17 33.98
CA ASN K 39 -9.04 33.38 34.50
C ASN K 39 -9.99 34.22 35.35
N SER K 40 -9.58 35.42 35.71
CA SER K 40 -10.37 36.31 36.56
C SER K 40 -9.94 37.74 36.28
N ALA K 41 -10.76 38.68 36.74
CA ALA K 41 -10.39 40.09 36.65
C ALA K 41 -9.17 40.43 37.51
N ARG K 42 -8.78 39.53 38.42
CA ARG K 42 -7.58 39.75 39.22
C ARG K 42 -6.33 39.88 38.36
N ASP K 43 -6.18 38.99 37.38
CA ASP K 43 -4.94 38.94 36.61
C ASP K 43 -4.77 40.18 35.73
N ASP K 44 -5.80 40.53 34.96
CA ASP K 44 -5.71 41.66 34.04
C ASP K 44 -7.13 42.16 33.76
N ALA K 45 -7.48 43.30 34.37
CA ALA K 45 -8.80 43.88 34.12
C ALA K 45 -8.96 44.27 32.66
N ALA K 46 -7.96 44.95 32.09
CA ALA K 46 -8.03 45.33 30.69
C ALA K 46 -8.00 44.13 29.77
N GLY K 47 -7.14 43.15 30.05
CA GLY K 47 -7.07 41.97 29.21
C GLY K 47 -8.35 41.17 29.23
N LEU K 48 -8.99 41.08 30.40
CA LEU K 48 -10.25 40.34 30.50
C LEU K 48 -11.34 41.01 29.67
N GLN K 49 -11.43 42.33 29.72
CA GLN K 49 -12.49 43.03 28.98
C GLN K 49 -12.29 42.90 27.48
N ILE K 50 -11.06 43.10 27.00
CA ILE K 50 -10.81 43.02 25.56
C ILE K 50 -10.95 41.58 25.07
N SER K 51 -10.55 40.60 25.89
CA SER K 51 -10.69 39.21 25.49
C SER K 51 -12.15 38.77 25.52
N ASN K 52 -12.92 39.26 26.49
CA ASN K 52 -14.33 38.89 26.58
C ASN K 52 -15.11 39.40 25.38
N ARG K 53 -14.86 40.65 24.97
CA ARG K 53 -15.58 41.19 23.82
C ARG K 53 -15.07 40.56 22.52
N LEU K 54 -13.78 40.28 22.42
CA LEU K 54 -13.27 39.54 21.27
C LEU K 54 -13.85 38.14 21.23
N THR K 55 -14.13 37.55 22.39
CA THR K 55 -14.84 36.28 22.42
C THR K 55 -16.25 36.43 21.86
N SER K 56 -16.97 37.48 22.28
CA SER K 56 -18.30 37.72 21.76
C SER K 56 -18.28 37.97 20.25
N GLN K 57 -17.25 38.67 19.77
CA GLN K 57 -17.10 38.86 18.33
C GLN K 57 -16.84 37.54 17.63
N SER K 58 -16.02 36.67 18.22
CA SER K 58 -15.75 35.37 17.61
C SER K 58 -17.00 34.51 17.53
N ARG K 59 -17.80 34.48 18.61
CA ARG K 59 -19.05 33.74 18.57
C ARG K 59 -20.03 34.37 17.60
N GLY K 60 -20.07 35.71 17.55
CA GLY K 60 -20.94 36.38 16.60
C GLY K 60 -20.57 36.08 15.16
N LEU K 61 -19.27 36.04 14.86
CA LEU K 61 -18.83 35.79 13.50
C LEU K 61 -18.99 34.32 13.12
N ASP K 62 -18.88 33.41 14.10
CA ASP K 62 -18.97 31.99 13.80
C ASP K 62 -20.39 31.56 13.45
N MET K 63 -21.40 32.33 13.87
CA MET K 63 -22.78 32.04 13.50
C MET K 63 -23.30 33.02 12.45
N ALA K 64 -22.64 34.17 12.28
CA ALA K 64 -22.98 35.04 11.16
C ALA K 64 -22.68 34.39 9.82
N VAL K 65 -21.56 33.65 9.75
CA VAL K 65 -21.29 32.86 8.55
C VAL K 65 -22.33 31.75 8.39
N LYS K 66 -22.79 31.20 9.52
CA LYS K 66 -23.88 30.23 9.47
C LYS K 66 -25.15 30.87 8.91
N ASN K 67 -25.46 32.09 9.34
CA ASN K 67 -26.64 32.78 8.83
C ASN K 67 -26.49 33.09 7.35
N ALA K 68 -25.31 33.50 6.92
CA ALA K 68 -25.06 33.72 5.50
C ALA K 68 -25.15 32.42 4.73
N ASN K 69 -24.77 31.30 5.36
CA ASN K 69 -24.95 30.00 4.73
C ASN K 69 -26.42 29.68 4.53
N ASP K 70 -27.25 30.00 5.52
CA ASP K 70 -28.70 29.79 5.38
C ASP K 70 -29.28 30.68 4.29
N GLY K 71 -28.83 31.94 4.22
CA GLY K 71 -29.28 32.81 3.15
C GLY K 71 -28.84 32.32 1.78
N ILE K 72 -27.65 31.72 1.70
CA ILE K 72 -27.21 31.10 0.46
C ILE K 72 -28.11 29.93 0.09
N SER K 73 -28.50 29.13 1.09
CA SER K 73 -29.36 27.98 0.84
C SER K 73 -30.74 28.41 0.34
N ILE K 74 -31.32 29.44 0.96
CA ILE K 74 -32.63 29.92 0.52
C ILE K 74 -32.55 30.46 -0.91
N ALA K 75 -31.49 31.21 -1.21
CA ALA K 75 -31.31 31.69 -2.58
C ALA K 75 -31.12 30.52 -3.55
N GLN K 76 -30.41 29.48 -3.12
CA GLN K 76 -30.20 28.32 -3.98
C GLN K 76 -31.51 27.60 -4.29
N THR K 77 -32.35 27.40 -3.27
CA THR K 77 -33.62 26.69 -3.48
C THR K 77 -34.55 27.48 -4.40
N ALA K 78 -34.64 28.80 -4.20
CA ALA K 78 -35.48 29.61 -5.05
C ALA K 78 -34.98 29.62 -6.49
N GLU K 79 -33.66 29.67 -6.67
CA GLU K 79 -33.09 29.66 -8.02
C GLU K 79 -33.29 28.31 -8.69
N GLY K 80 -33.13 27.22 -7.95
CA GLY K 80 -33.29 25.90 -8.55
C GLY K 80 -34.71 25.63 -9.01
N ALA K 81 -35.69 25.99 -8.18
CA ALA K 81 -37.08 25.88 -8.60
C ALA K 81 -37.39 26.81 -9.76
N MET K 82 -36.82 28.02 -9.74
CA MET K 82 -37.01 28.96 -10.85
C MET K 82 -36.38 28.47 -12.14
N ASN K 83 -35.39 27.57 -12.06
CA ASN K 83 -34.78 27.03 -13.26
C ASN K 83 -35.81 26.27 -14.08
N GLU K 84 -36.60 25.42 -13.42
CA GLU K 84 -37.64 24.70 -14.14
C GLU K 84 -38.74 25.63 -14.64
N THR K 85 -38.94 26.76 -13.97
CA THR K 85 -39.86 27.76 -14.49
C THR K 85 -39.37 28.30 -15.83
N THR K 86 -38.07 28.53 -15.94
CA THR K 86 -37.49 28.95 -17.22
C THR K 86 -37.67 27.88 -18.29
N ASN K 87 -37.46 26.61 -17.93
CA ASN K 87 -37.58 25.52 -18.90
C ASN K 87 -39.01 25.34 -19.36
N ILE K 88 -39.98 25.49 -18.46
CA ILE K 88 -41.38 25.37 -18.83
C ILE K 88 -41.77 26.49 -19.78
N LEU K 89 -41.32 27.72 -19.49
CA LEU K 89 -41.65 28.85 -20.35
C LEU K 89 -41.04 28.69 -21.73
N GLN K 90 -39.82 28.17 -21.81
CA GLN K 90 -39.21 27.91 -23.11
C GLN K 90 -39.98 26.85 -23.89
N ARG K 91 -40.40 25.78 -23.20
CA ARG K 91 -41.21 24.75 -23.86
C ARG K 91 -42.54 25.30 -24.34
N MET K 92 -43.19 26.12 -23.51
CA MET K 92 -44.45 26.74 -23.91
C MET K 92 -44.25 27.69 -25.08
N ARG K 93 -43.06 28.29 -25.18
CA ARG K 93 -42.76 29.15 -26.33
C ARG K 93 -42.64 28.32 -27.61
N ASP K 94 -42.12 27.10 -27.50
CA ASP K 94 -42.09 26.20 -28.65
C ASP K 94 -43.50 25.92 -29.14
N LEU K 95 -44.42 25.65 -28.22
CA LEU K 95 -45.80 25.37 -28.60
C LEU K 95 -46.46 26.60 -29.22
N ALA K 96 -46.18 27.79 -28.67
CA ALA K 96 -46.78 29.00 -29.21
C ALA K 96 -46.32 29.26 -30.65
N LEU K 97 -45.03 29.07 -30.92
CA LEU K 97 -44.53 29.22 -32.28
C LEU K 97 -45.13 28.17 -33.21
N GLN K 98 -45.25 26.93 -32.72
CA GLN K 98 -45.84 25.87 -33.53
C GLN K 98 -47.30 26.16 -33.84
N SER K 99 -48.05 26.67 -32.86
CA SER K 99 -49.48 26.90 -33.04
C SER K 99 -49.77 28.05 -34.00
N SER K 100 -48.79 28.91 -34.26
CA SER K 100 -48.99 30.02 -35.19
C SER K 100 -48.92 29.60 -36.65
N ASN K 101 -48.48 28.37 -36.93
CA ASN K 101 -48.36 27.91 -38.30
C ASN K 101 -49.74 27.82 -38.96
N GLY K 102 -49.76 28.01 -40.28
CA GLY K 102 -50.98 27.86 -41.04
C GLY K 102 -51.35 26.44 -41.38
N SER K 103 -50.43 25.49 -41.18
CA SER K 103 -50.75 24.08 -41.43
C SER K 103 -51.66 23.52 -40.36
N ASN K 104 -51.59 24.06 -39.15
CA ASN K 104 -52.43 23.57 -38.06
C ASN K 104 -53.87 24.01 -38.27
N SER K 105 -54.80 23.06 -38.21
CA SER K 105 -56.22 23.36 -38.25
C SER K 105 -56.71 23.66 -36.83
N SER K 106 -58.02 23.82 -36.67
CA SER K 106 -58.57 24.11 -35.34
C SER K 106 -58.31 22.99 -34.37
N SER K 107 -58.43 21.74 -34.83
CA SER K 107 -58.26 20.60 -33.92
C SER K 107 -56.85 20.53 -33.36
N GLU K 108 -55.83 20.78 -34.19
CA GLU K 108 -54.46 20.72 -33.71
C GLU K 108 -54.15 21.87 -32.76
N ARG K 109 -54.76 23.03 -32.98
CA ARG K 109 -54.54 24.15 -32.06
C ARG K 109 -55.10 23.84 -30.68
N ARG K 110 -56.26 23.17 -30.61
CA ARG K 110 -56.80 22.78 -29.31
C ARG K 110 -55.92 21.73 -28.65
N ALA K 111 -55.30 20.85 -29.43
CA ALA K 111 -54.38 19.88 -28.87
C ALA K 111 -53.15 20.58 -28.28
N ILE K 112 -52.65 21.61 -28.97
CA ILE K 112 -51.52 22.38 -28.45
C ILE K 112 -51.93 23.15 -27.21
N GLN K 113 -53.12 23.76 -27.23
CA GLN K 113 -53.61 24.53 -26.09
C GLN K 113 -53.76 23.66 -24.85
N GLU K 114 -54.08 22.37 -25.04
CA GLU K 114 -54.19 21.46 -23.91
C GLU K 114 -52.86 21.32 -23.18
N GLU K 115 -51.77 21.20 -23.94
CA GLU K 115 -50.46 21.11 -23.32
C GLU K 115 -50.04 22.44 -22.70
N VAL K 116 -50.39 23.55 -23.35
CA VAL K 116 -50.07 24.87 -22.80
C VAL K 116 -50.80 25.09 -21.49
N SER K 117 -52.08 24.70 -21.43
CA SER K 117 -52.84 24.83 -20.20
C SER K 117 -52.27 23.94 -19.09
N ALA K 118 -51.86 22.72 -19.43
CA ALA K 118 -51.27 21.83 -18.44
C ALA K 118 -49.97 22.39 -17.89
N LEU K 119 -49.12 22.92 -18.77
CA LEU K 119 -47.86 23.52 -18.31
C LEU K 119 -48.11 24.80 -17.53
N ASN K 120 -49.12 25.58 -17.94
CA ASN K 120 -49.45 26.82 -17.22
C ASN K 120 -49.87 26.51 -15.78
N ASP K 121 -50.72 25.51 -15.59
CA ASP K 121 -51.13 25.11 -14.25
C ASP K 121 -49.96 24.53 -13.47
N GLU K 122 -48.95 24.01 -14.18
CA GLU K 122 -47.76 23.48 -13.51
C GLU K 122 -46.91 24.62 -12.96
N LEU K 123 -46.83 25.73 -13.68
CA LEU K 123 -46.06 26.88 -13.20
C LEU K 123 -46.62 27.42 -11.90
N ASN K 124 -47.95 27.50 -11.79
CA ASN K 124 -48.56 27.93 -10.54
C ASN K 124 -48.29 26.92 -9.43
N ARG K 125 -48.20 25.63 -9.79
CA ARG K 125 -47.84 24.62 -8.79
C ARG K 125 -46.43 24.84 -8.27
N ILE K 126 -45.49 25.17 -9.17
CA ILE K 126 -44.12 25.43 -8.75
C ILE K 126 -44.06 26.64 -7.82
N ALA K 127 -44.78 27.70 -8.17
CA ALA K 127 -44.77 28.91 -7.35
C ALA K 127 -45.39 28.66 -5.97
N GLU K 128 -46.48 27.90 -5.92
CA GLU K 128 -47.24 27.75 -4.69
C GLU K 128 -46.71 26.68 -3.75
N THR K 129 -46.00 25.68 -4.26
CA THR K 129 -45.54 24.57 -3.43
C THR K 129 -44.06 24.61 -3.11
N THR K 130 -43.25 25.30 -3.90
CA THR K 130 -41.83 25.43 -3.58
C THR K 130 -41.66 26.14 -2.24
N SER K 131 -40.88 25.55 -1.35
CA SER K 131 -40.74 26.07 0.00
C SER K 131 -39.40 25.66 0.57
N PHE K 132 -39.00 26.34 1.64
CA PHE K 132 -37.78 26.05 2.39
C PHE K 132 -38.22 25.77 3.83
N GLY K 133 -38.47 24.49 4.13
CA GLY K 133 -38.96 24.13 5.44
C GLY K 133 -40.32 24.69 5.75
N GLY K 134 -41.26 24.59 4.80
CA GLY K 134 -42.60 25.10 4.99
C GLY K 134 -42.75 26.58 4.77
N ASN K 135 -41.70 27.28 4.37
CA ASN K 135 -41.75 28.72 4.10
C ASN K 135 -41.77 28.92 2.60
N LYS K 136 -42.91 29.35 2.07
CA LYS K 136 -43.05 29.55 0.64
C LYS K 136 -42.14 30.68 0.17
N LEU K 137 -41.51 30.47 -0.98
CA LEU K 137 -40.54 31.41 -1.54
C LEU K 137 -41.03 32.08 -2.81
N LEU K 138 -41.55 31.32 -3.77
CA LEU K 138 -41.84 31.82 -5.10
C LEU K 138 -43.29 32.23 -5.29
N ASN K 139 -44.13 32.16 -4.25
CA ASN K 139 -45.53 32.53 -4.38
C ASN K 139 -45.80 34.00 -4.07
N GLY K 140 -44.76 34.79 -3.81
CA GLY K 140 -44.92 36.19 -3.52
C GLY K 140 -45.19 36.52 -2.06
N SER K 141 -45.22 35.51 -1.18
CA SER K 141 -45.44 35.73 0.24
C SER K 141 -44.16 35.96 1.02
N PHE K 142 -42.99 35.79 0.39
CA PHE K 142 -41.73 35.99 1.09
C PHE K 142 -41.48 37.47 1.36
N GLY K 143 -41.71 38.33 0.37
CA GLY K 143 -41.39 39.74 0.53
C GLY K 143 -39.89 39.95 0.65
N SER K 144 -39.51 40.93 1.46
CA SER K 144 -38.10 41.25 1.71
C SER K 144 -37.76 40.87 3.15
N LYS K 145 -36.72 40.04 3.30
CA LYS K 145 -36.26 39.61 4.61
C LYS K 145 -34.75 39.80 4.72
N SER K 146 -34.32 40.31 5.86
CA SER K 146 -32.91 40.64 6.08
C SER K 146 -32.20 39.45 6.71
N PHE K 147 -31.03 39.10 6.16
CA PHE K 147 -30.22 38.00 6.65
C PHE K 147 -29.00 38.56 7.36
N GLN K 148 -28.89 38.29 8.66
CA GLN K 148 -27.87 38.91 9.51
C GLN K 148 -26.52 38.26 9.22
N ILE K 149 -25.59 39.02 8.65
CA ILE K 149 -24.28 38.49 8.28
C ILE K 149 -23.19 39.26 9.01
N GLY K 150 -23.51 39.80 10.18
CA GLY K 150 -22.55 40.57 10.95
C GLY K 150 -22.49 40.10 12.38
N ALA K 151 -21.38 40.45 13.05
CA ALA K 151 -21.18 40.11 14.45
C ALA K 151 -21.82 41.09 15.41
N ASP K 152 -22.44 42.17 14.91
CA ASP K 152 -23.08 43.17 15.73
C ASP K 152 -24.46 43.45 15.15
N SER K 153 -25.38 43.85 16.02
CA SER K 153 -26.76 44.08 15.60
C SER K 153 -26.85 45.14 14.52
N GLY K 154 -27.70 44.91 13.53
CA GLY K 154 -27.87 45.85 12.45
C GLY K 154 -26.84 45.74 11.34
N GLU K 155 -26.46 44.53 10.96
CA GLU K 155 -25.45 44.29 9.94
C GLU K 155 -25.91 43.18 8.98
N ALA K 156 -27.15 43.28 8.53
CA ALA K 156 -27.77 42.29 7.67
C ALA K 156 -27.90 42.80 6.24
N VAL K 157 -28.48 41.98 5.38
CA VAL K 157 -28.68 42.29 3.97
C VAL K 157 -30.06 41.83 3.56
N MET K 158 -30.81 42.71 2.89
CA MET K 158 -32.14 42.34 2.41
C MET K 158 -32.05 41.38 1.23
N LEU K 159 -33.09 40.57 1.08
CA LEU K 159 -33.24 39.70 -0.08
C LEU K 159 -34.71 39.53 -0.38
N SER K 160 -35.09 39.74 -1.63
CA SER K 160 -36.49 39.66 -2.04
C SER K 160 -36.60 38.93 -3.36
N MET K 161 -37.56 37.99 -3.44
CA MET K 161 -37.94 37.36 -4.68
C MET K 161 -39.43 37.61 -4.90
N GLY K 162 -39.77 38.21 -6.03
CA GLY K 162 -41.15 38.52 -6.32
C GLY K 162 -41.96 37.28 -6.66
N SER K 163 -43.28 37.49 -6.76
CA SER K 163 -44.18 36.40 -7.11
C SER K 163 -43.83 35.84 -8.49
N MET K 164 -43.78 34.52 -8.58
CA MET K 164 -43.40 33.83 -9.81
C MET K 164 -44.58 33.09 -10.44
N ARG K 165 -45.79 33.43 -10.05
CA ARG K 165 -46.97 32.82 -10.64
C ARG K 165 -47.13 33.26 -12.09
N SER K 166 -47.87 32.47 -12.86
CA SER K 166 -48.08 32.80 -14.27
C SER K 166 -49.02 33.98 -14.45
N ASP K 167 -49.69 34.42 -13.39
CA ASP K 167 -50.66 35.51 -13.46
C ASP K 167 -50.11 36.84 -12.94
N THR K 168 -48.81 36.91 -12.66
CA THR K 168 -48.23 38.13 -12.14
C THR K 168 -48.22 39.22 -13.22
N GLN K 169 -48.25 40.48 -12.77
CA GLN K 169 -48.20 41.61 -13.69
C GLN K 169 -46.88 41.63 -14.45
N ALA K 170 -45.78 41.33 -13.77
CA ALA K 170 -44.46 41.32 -14.41
C ALA K 170 -44.28 40.18 -15.41
N MET K 171 -45.19 39.21 -15.42
CA MET K 171 -45.12 38.09 -16.36
C MET K 171 -45.93 38.33 -17.63
N GLY K 172 -46.09 39.58 -18.05
CA GLY K 172 -46.85 39.88 -19.24
C GLY K 172 -46.69 41.31 -19.70
N GLY K 173 -47.78 41.90 -20.17
CA GLY K 173 -47.77 43.28 -20.63
C GLY K 173 -49.14 43.76 -21.06
N LYS K 174 -49.19 44.59 -22.09
CA LYS K 174 -50.44 45.12 -22.63
C LYS K 174 -50.59 44.68 -24.08
N SER K 175 -51.83 44.42 -24.48
CA SER K 175 -52.15 43.96 -25.82
C SER K 175 -52.96 45.03 -26.55
N TYR K 176 -52.48 45.43 -27.72
CA TYR K 176 -53.18 46.38 -28.57
C TYR K 176 -53.49 45.71 -29.89
N ARG K 177 -54.70 45.93 -30.41
CA ARG K 177 -55.16 45.31 -31.63
C ARG K 177 -55.83 46.34 -32.52
N ALA K 178 -55.57 46.24 -33.83
CA ALA K 178 -56.23 47.11 -34.78
C ALA K 178 -57.70 46.74 -34.92
N GLN K 179 -58.48 47.69 -35.44
CA GLN K 179 -59.89 47.46 -35.72
C GLN K 179 -60.23 47.57 -37.20
N GLU K 180 -59.22 47.62 -38.07
CA GLU K 180 -59.42 47.66 -39.51
C GLU K 180 -58.68 46.47 -40.12
N GLY K 181 -59.44 45.51 -40.64
CA GLY K 181 -58.83 44.34 -41.26
C GLY K 181 -58.29 44.65 -42.65
N LYS K 182 -57.13 44.10 -42.95
CA LYS K 182 -56.46 44.26 -44.24
C LYS K 182 -56.30 42.90 -44.89
N ALA K 183 -56.73 42.78 -46.15
CA ALA K 183 -56.65 41.53 -46.86
C ALA K 183 -55.20 41.26 -47.28
N ALA K 184 -54.99 40.13 -47.95
CA ALA K 184 -53.65 39.75 -48.39
C ALA K 184 -53.13 40.66 -49.50
N ASP K 185 -54.01 41.35 -50.21
CA ASP K 185 -53.62 42.24 -51.31
C ASP K 185 -53.38 43.67 -50.87
N TRP K 186 -53.50 43.97 -49.57
CA TRP K 186 -53.30 45.33 -49.09
C TRP K 186 -51.82 45.66 -49.01
N ARG K 187 -51.47 46.87 -49.42
CA ARG K 187 -50.10 47.36 -49.37
C ARG K 187 -50.10 48.77 -48.82
N VAL K 188 -48.95 49.16 -48.23
CA VAL K 188 -48.83 50.49 -47.65
C VAL K 188 -48.95 51.54 -48.74
N GLY K 189 -49.68 52.61 -48.45
CA GLY K 189 -49.88 53.71 -49.37
C GLY K 189 -48.83 54.79 -49.22
N ALA K 190 -49.22 56.02 -49.55
CA ALA K 190 -48.31 57.15 -49.49
C ALA K 190 -48.14 57.71 -48.08
N ALA K 191 -49.01 57.33 -47.15
CA ALA K 191 -48.91 57.73 -45.74
C ALA K 191 -48.48 56.50 -44.95
N THR K 192 -47.21 56.48 -44.54
CA THR K 192 -46.61 55.29 -43.96
C THR K 192 -46.07 55.49 -42.55
N ASP K 193 -45.94 56.72 -42.09
CA ASP K 193 -45.33 56.99 -40.80
C ASP K 193 -46.19 56.46 -39.66
N LEU K 194 -45.52 55.96 -38.62
CA LEU K 194 -46.19 55.42 -37.44
C LEU K 194 -45.37 55.79 -36.22
N THR K 195 -45.96 56.53 -35.29
CA THR K 195 -45.27 57.03 -34.11
C THR K 195 -45.86 56.38 -32.87
N LEU K 196 -44.99 55.78 -32.05
CA LEU K 196 -45.37 55.18 -30.78
C LEU K 196 -44.71 55.99 -29.66
N SER K 197 -45.55 56.66 -28.86
CA SER K 197 -45.08 57.51 -27.77
C SER K 197 -45.58 56.93 -26.46
N TYR K 198 -44.67 56.71 -25.53
CA TYR K 198 -45.01 56.11 -24.24
C TYR K 198 -43.91 56.46 -23.25
N THR K 199 -43.90 55.79 -22.10
CA THR K 199 -42.87 55.96 -21.08
C THR K 199 -42.17 54.64 -20.85
N ASN K 200 -40.85 54.63 -20.92
CA ASN K 200 -40.07 53.45 -20.64
C ASN K 200 -40.09 53.16 -19.13
N LYS K 201 -39.59 51.98 -18.77
CA LYS K 201 -39.58 51.60 -17.36
C LYS K 201 -38.66 52.48 -16.52
N GLN K 202 -37.64 53.08 -17.13
CA GLN K 202 -36.79 54.03 -16.43
C GLN K 202 -37.52 55.32 -16.06
N GLY K 203 -38.70 55.56 -16.64
CA GLY K 203 -39.47 56.74 -16.34
C GLY K 203 -39.34 57.89 -17.31
N GLU K 204 -38.66 57.70 -18.43
CA GLU K 204 -38.48 58.75 -19.42
C GLU K 204 -39.45 58.55 -20.58
N ALA K 205 -39.91 59.67 -21.13
CA ALA K 205 -40.74 59.63 -22.31
C ALA K 205 -39.92 59.20 -23.53
N ARG K 206 -40.43 58.23 -24.27
CA ARG K 206 -39.71 57.66 -25.40
C ARG K 206 -40.56 57.77 -26.66
N GLU K 207 -40.00 58.37 -27.70
CA GLU K 207 -40.68 58.52 -28.99
C GLU K 207 -39.99 57.63 -30.00
N VAL K 208 -40.76 56.73 -30.62
CA VAL K 208 -40.24 55.82 -31.63
C VAL K 208 -41.02 56.06 -32.91
N THR K 209 -40.33 56.50 -33.95
CA THR K 209 -40.94 56.80 -35.24
C THR K 209 -40.52 55.71 -36.23
N ILE K 210 -41.46 54.82 -36.56
CA ILE K 210 -41.22 53.76 -37.52
C ILE K 210 -41.83 54.18 -38.85
N ASN K 211 -40.96 54.44 -39.83
CA ASN K 211 -41.39 54.81 -41.17
C ASN K 211 -41.32 53.55 -42.03
N ALA K 212 -42.48 52.94 -42.26
CA ALA K 212 -42.53 51.71 -43.03
C ALA K 212 -42.23 51.99 -44.51
N LYS K 213 -42.18 50.92 -45.29
CA LYS K 213 -41.80 50.99 -46.70
C LYS K 213 -43.03 50.75 -47.56
N GLN K 214 -43.17 51.56 -48.61
CA GLN K 214 -44.33 51.48 -49.49
C GLN K 214 -44.29 50.16 -50.26
N GLY K 215 -45.38 49.41 -50.18
CA GLY K 215 -45.50 48.15 -50.89
C GLY K 215 -45.41 46.90 -50.05
N ASP K 216 -45.36 47.03 -48.73
CA ASP K 216 -45.29 45.88 -47.82
C ASP K 216 -46.68 45.54 -47.32
N ASP K 217 -47.03 44.25 -47.40
CA ASP K 217 -48.27 43.79 -46.81
C ASP K 217 -48.16 43.81 -45.29
N LEU K 218 -49.26 43.46 -44.61
CA LEU K 218 -49.29 43.57 -43.16
C LEU K 218 -48.28 42.64 -42.50
N GLU K 219 -48.04 41.47 -43.10
CA GLU K 219 -47.05 40.55 -42.53
C GLU K 219 -45.64 41.13 -42.62
N GLU K 220 -45.30 41.76 -43.75
CA GLU K 220 -43.99 42.37 -43.89
C GLU K 220 -43.87 43.60 -42.99
N LEU K 221 -44.96 44.36 -42.82
CA LEU K 221 -44.93 45.52 -41.95
C LEU K 221 -44.72 45.11 -40.49
N ALA K 222 -45.33 43.99 -40.08
CA ALA K 222 -45.13 43.52 -38.71
C ALA K 222 -43.67 43.14 -38.47
N THR K 223 -43.03 42.51 -39.45
CA THR K 223 -41.62 42.17 -39.31
C THR K 223 -40.75 43.42 -39.28
N TYR K 224 -41.08 44.42 -40.11
CA TYR K 224 -40.30 45.65 -40.14
C TYR K 224 -40.37 46.38 -38.81
N ILE K 225 -41.55 46.39 -38.18
CA ILE K 225 -41.70 47.05 -36.87
C ILE K 225 -40.83 46.35 -35.84
N ASN K 226 -40.81 45.01 -35.87
CA ASN K 226 -40.02 44.26 -34.89
C ASN K 226 -38.53 44.49 -35.07
N GLY K 227 -38.07 44.56 -36.32
CA GLY K 227 -36.65 44.77 -36.55
C GLY K 227 -36.19 46.17 -36.21
N GLN K 228 -37.11 47.14 -36.24
CA GLN K 228 -36.75 48.51 -35.91
C GLN K 228 -36.56 48.71 -34.42
N THR K 229 -37.45 48.12 -33.61
CA THR K 229 -37.50 48.40 -32.17
C THR K 229 -37.49 47.10 -31.38
N GLU K 230 -36.87 47.15 -30.20
CA GLU K 230 -36.90 46.05 -29.25
C GLU K 230 -37.88 46.29 -28.10
N ASP K 231 -38.64 47.39 -28.15
CA ASP K 231 -39.60 47.70 -27.10
C ASP K 231 -40.94 47.01 -27.34
N VAL K 232 -41.55 47.25 -28.50
CA VAL K 232 -42.83 46.66 -28.84
C VAL K 232 -42.60 45.48 -29.77
N LYS K 233 -43.60 44.61 -29.87
CA LYS K 233 -43.58 43.46 -30.75
C LYS K 233 -44.90 43.40 -31.52
N ALA K 234 -44.80 43.17 -32.83
CA ALA K 234 -45.94 43.24 -33.73
C ALA K 234 -46.25 41.87 -34.31
N SER K 235 -47.53 41.64 -34.58
CA SER K 235 -48.00 40.39 -35.16
C SER K 235 -49.24 40.67 -36.00
N VAL K 236 -49.75 39.62 -36.64
CA VAL K 236 -50.95 39.70 -37.46
C VAL K 236 -51.88 38.56 -37.07
N GLY K 237 -53.16 38.89 -36.88
CA GLY K 237 -54.16 37.92 -36.47
C GLY K 237 -54.86 37.25 -37.64
N GLU K 238 -56.02 36.65 -37.33
CA GLU K 238 -56.80 35.95 -38.35
C GLU K 238 -57.34 36.92 -39.39
N ASP K 239 -57.98 37.99 -38.94
CA ASP K 239 -58.64 38.92 -39.84
C ASP K 239 -57.65 39.76 -40.65
N GLY K 240 -56.37 39.72 -40.31
CA GLY K 240 -55.40 40.57 -40.95
C GLY K 240 -55.35 41.94 -40.29
N LYS K 241 -55.20 41.95 -38.97
CA LYS K 241 -55.12 43.17 -38.19
C LYS K 241 -53.83 43.16 -37.38
N LEU K 242 -53.04 44.22 -37.52
CA LEU K 242 -51.77 44.28 -36.83
C LEU K 242 -51.99 44.50 -35.34
N GLN K 243 -51.31 43.70 -34.52
CA GLN K 243 -51.41 43.79 -33.07
C GLN K 243 -50.03 44.00 -32.46
N LEU K 244 -49.97 44.79 -31.40
CA LEU K 244 -48.73 45.11 -30.73
C LEU K 244 -48.79 44.67 -29.27
N PHE K 245 -47.61 44.44 -28.70
CA PHE K 245 -47.49 43.98 -27.32
C PHE K 245 -46.31 44.68 -26.66
N ALA K 246 -46.61 45.58 -25.72
CA ALA K 246 -45.59 46.28 -24.94
C ALA K 246 -45.48 45.58 -23.59
N SER K 247 -44.33 44.96 -23.34
CA SER K 247 -44.12 44.22 -22.11
C SER K 247 -44.15 45.14 -20.90
N SER K 248 -44.63 44.61 -19.77
CA SER K 248 -44.79 45.41 -18.56
C SER K 248 -43.46 45.89 -18.02
N GLN K 249 -42.40 45.10 -18.14
CA GLN K 249 -41.11 45.49 -17.60
C GLN K 249 -40.36 46.48 -18.47
N LYS K 250 -40.87 46.78 -19.67
CA LYS K 250 -40.26 47.75 -20.55
C LYS K 250 -41.19 48.92 -20.89
N VAL K 251 -42.41 48.93 -20.35
CA VAL K 251 -43.37 50.00 -20.63
C VAL K 251 -44.24 50.19 -19.39
N ASN K 252 -44.40 51.44 -18.97
CA ASN K 252 -45.33 51.79 -17.90
C ASN K 252 -46.25 52.91 -18.39
N GLY K 253 -47.53 52.80 -18.04
CA GLY K 253 -48.53 53.73 -18.51
C GLY K 253 -49.05 53.37 -19.89
N ASP K 254 -50.07 54.12 -20.32
CA ASP K 254 -50.68 53.88 -21.61
C ASP K 254 -49.73 54.27 -22.74
N VAL K 255 -49.84 53.56 -23.86
CA VAL K 255 -49.04 53.80 -25.05
C VAL K 255 -49.89 54.53 -26.07
N THR K 256 -49.41 55.69 -26.52
CA THR K 256 -50.10 56.49 -27.52
C THR K 256 -49.55 56.15 -28.90
N ILE K 257 -50.45 55.83 -29.83
CA ILE K 257 -50.07 55.45 -31.19
C ILE K 257 -50.73 56.44 -32.14
N GLY K 258 -49.91 57.16 -32.91
CA GLY K 258 -50.41 58.14 -33.86
C GLY K 258 -49.70 58.01 -35.20
N GLY K 259 -50.06 58.91 -36.10
CA GLY K 259 -49.48 58.97 -37.42
C GLY K 259 -50.50 58.65 -38.50
N GLY K 260 -50.05 58.82 -39.76
CA GLY K 260 -50.91 58.52 -40.88
C GLY K 260 -51.25 57.04 -40.97
N LEU K 261 -50.25 56.18 -40.79
CA LEU K 261 -50.52 54.75 -40.75
C LEU K 261 -51.32 54.37 -39.51
N GLY K 262 -51.14 55.10 -38.40
CA GLY K 262 -51.97 54.87 -37.24
C GLY K 262 -53.43 55.16 -37.50
N GLY K 263 -53.70 56.21 -38.29
CA GLY K 263 -55.07 56.48 -38.69
C GLY K 263 -55.63 55.43 -39.64
N GLU K 264 -54.82 55.00 -40.61
CA GLU K 264 -55.29 54.03 -41.60
C GLU K 264 -55.54 52.67 -40.97
N ILE K 265 -54.57 52.15 -40.22
CA ILE K 265 -54.72 50.83 -39.60
C ILE K 265 -55.67 50.91 -38.41
N GLY K 266 -55.57 51.97 -37.62
CA GLY K 266 -56.37 52.10 -36.41
C GLY K 266 -55.89 51.21 -35.30
N PHE K 267 -56.16 51.63 -34.07
CA PHE K 267 -55.71 50.89 -32.90
C PHE K 267 -56.70 51.06 -31.77
N ASP K 268 -56.69 50.11 -30.84
CA ASP K 268 -57.65 50.05 -29.75
C ASP K 268 -56.91 50.20 -28.41
N ALA K 269 -57.66 50.03 -27.32
CA ALA K 269 -57.09 50.14 -25.99
C ALA K 269 -56.20 48.94 -25.67
N GLY K 270 -55.39 49.10 -24.62
CA GLY K 270 -54.48 48.05 -24.21
C GLY K 270 -55.06 47.13 -23.16
N ARG K 271 -55.25 45.86 -23.51
CA ARG K 271 -55.77 44.86 -22.59
C ARG K 271 -54.64 44.14 -21.88
N ASN K 272 -54.60 44.24 -20.56
CA ASN K 272 -53.55 43.61 -19.78
C ASN K 272 -53.61 42.09 -19.93
N VAL K 273 -52.50 41.49 -20.33
CA VAL K 273 -52.41 40.05 -20.53
C VAL K 273 -51.17 39.52 -19.82
N THR K 274 -51.18 38.22 -19.57
CA THR K 274 -50.06 37.56 -18.90
C THR K 274 -50.04 36.10 -19.35
N VAL K 275 -49.14 35.32 -18.74
CA VAL K 275 -49.02 33.90 -19.10
C VAL K 275 -50.29 33.14 -18.75
N ALA K 276 -50.94 33.51 -17.64
CA ALA K 276 -52.19 32.85 -17.28
C ALA K 276 -53.30 33.12 -18.28
N ASP K 277 -53.20 34.19 -19.06
CA ASP K 277 -54.18 34.52 -20.08
C ASP K 277 -53.78 34.01 -21.47
N VAL K 278 -52.66 33.28 -21.57
CA VAL K 278 -52.20 32.78 -22.86
C VAL K 278 -53.20 31.76 -23.37
N ASN K 279 -53.74 32.00 -24.58
CA ASN K 279 -54.71 31.12 -25.22
C ASN K 279 -54.28 30.96 -26.66
N VAL K 280 -53.68 29.81 -26.98
CA VAL K 280 -53.12 29.57 -28.30
C VAL K 280 -54.10 28.82 -29.20
N SER K 281 -55.38 28.80 -28.84
CA SER K 281 -56.38 28.17 -29.71
C SER K 281 -56.57 28.90 -31.02
N THR K 282 -56.03 30.11 -31.16
CA THR K 282 -56.12 30.88 -32.39
C THR K 282 -54.74 31.37 -32.76
N VAL K 283 -54.55 31.65 -34.06
CA VAL K 283 -53.23 32.08 -34.53
C VAL K 283 -52.88 33.45 -33.95
N ALA K 284 -53.88 34.31 -33.76
CA ALA K 284 -53.64 35.59 -33.11
C ALA K 284 -53.18 35.40 -31.67
N GLY K 285 -53.78 34.45 -30.96
CA GLY K 285 -53.37 34.18 -29.59
C GLY K 285 -51.97 33.58 -29.51
N SER K 286 -51.62 32.73 -30.48
CA SER K 286 -50.30 32.10 -30.46
C SER K 286 -49.20 33.08 -30.83
N GLN K 287 -49.46 33.94 -31.83
CA GLN K 287 -48.49 34.97 -32.19
C GLN K 287 -48.23 35.91 -31.02
N GLU K 288 -49.29 36.33 -30.34
CA GLU K 288 -49.14 37.17 -29.15
C GLU K 288 -48.50 36.42 -28.00
N ALA K 289 -48.70 35.09 -27.93
CA ALA K 289 -48.13 34.31 -26.84
C ALA K 289 -46.61 34.34 -26.86
N VAL K 290 -46.01 34.26 -28.05
CA VAL K 290 -44.54 34.31 -28.14
C VAL K 290 -44.02 35.59 -27.52
N SER K 291 -44.71 36.70 -27.76
CA SER K 291 -44.32 37.98 -27.15
C SER K 291 -44.49 37.95 -25.63
N ILE K 292 -45.60 37.36 -25.14
CA ILE K 292 -45.87 37.36 -23.71
C ILE K 292 -44.81 36.55 -22.97
N LEU K 293 -44.52 35.34 -23.46
CA LEU K 293 -43.51 34.51 -22.81
C LEU K 293 -42.10 35.07 -23.00
N ASP K 294 -41.88 35.88 -24.04
CA ASP K 294 -40.61 36.58 -24.15
C ASP K 294 -40.42 37.55 -22.99
N GLY K 295 -41.48 38.29 -22.63
CA GLY K 295 -41.41 39.14 -21.46
C GLY K 295 -41.33 38.35 -20.16
N ALA K 296 -42.06 37.24 -20.08
CA ALA K 296 -42.04 36.43 -18.87
C ALA K 296 -40.66 35.84 -18.63
N LEU K 297 -39.99 35.38 -19.69
CA LEU K 297 -38.64 34.86 -19.55
C LEU K 297 -37.67 35.94 -19.09
N LYS K 298 -37.87 37.17 -19.55
CA LYS K 298 -37.01 38.27 -19.12
C LYS K 298 -37.14 38.53 -17.62
N ALA K 299 -38.37 38.49 -17.10
CA ALA K 299 -38.57 38.67 -15.67
C ALA K 299 -37.93 37.54 -14.88
N VAL K 300 -38.05 36.30 -15.36
CA VAL K 300 -37.45 35.17 -14.68
C VAL K 300 -35.93 35.28 -14.69
N ASP K 301 -35.35 35.58 -15.85
CA ASP K 301 -33.89 35.67 -15.96
C ASP K 301 -33.34 36.82 -15.13
N SER K 302 -34.02 37.97 -15.16
CA SER K 302 -33.56 39.12 -14.36
C SER K 302 -33.62 38.80 -12.87
N GLN K 303 -34.66 38.11 -12.43
CA GLN K 303 -34.74 37.70 -11.03
C GLN K 303 -33.64 36.70 -10.70
N ARG K 304 -33.35 35.78 -11.62
CA ARG K 304 -32.28 34.81 -11.40
C ARG K 304 -30.93 35.53 -11.25
N ALA K 305 -30.68 36.53 -12.09
CA ALA K 305 -29.43 37.29 -11.98
C ALA K 305 -29.35 38.03 -10.64
N SER K 306 -30.49 38.54 -10.17
CA SER K 306 -30.53 39.17 -8.84
C SER K 306 -30.20 38.17 -7.75
N LEU K 307 -30.74 36.95 -7.85
CA LEU K 307 -30.44 35.92 -6.87
C LEU K 307 -28.99 35.48 -6.95
N GLY K 308 -28.46 35.36 -8.17
CA GLY K 308 -27.06 34.95 -8.33
C GLY K 308 -26.09 35.97 -7.77
N ALA K 309 -26.36 37.26 -7.98
CA ALA K 309 -25.54 38.30 -7.37
C ALA K 309 -25.64 38.25 -5.85
N PHE K 310 -26.81 37.89 -5.33
CA PHE K 310 -26.97 37.76 -3.88
C PHE K 310 -26.16 36.59 -3.34
N GLN K 311 -26.08 35.50 -4.11
CA GLN K 311 -25.26 34.37 -3.70
C GLN K 311 -23.77 34.70 -3.75
N ASN K 312 -23.35 35.40 -4.81
CA ASN K 312 -21.96 35.81 -4.91
C ASN K 312 -21.57 36.77 -3.80
N ARG K 313 -22.47 37.71 -3.47
CA ARG K 313 -22.18 38.68 -2.42
C ARG K 313 -21.99 37.99 -1.08
N PHE K 314 -22.86 37.03 -0.75
CA PHE K 314 -22.70 36.29 0.49
C PHE K 314 -21.54 35.31 0.44
N GLY K 315 -21.15 34.88 -0.77
CA GLY K 315 -19.94 34.09 -0.89
C GLY K 315 -18.70 34.89 -0.53
N HIS K 316 -18.68 36.16 -0.92
CA HIS K 316 -17.57 37.04 -0.52
C HIS K 316 -17.68 37.38 0.96
N ALA K 317 -18.89 37.60 1.46
CA ALA K 317 -19.09 37.93 2.86
C ALA K 317 -18.65 36.79 3.77
N ILE K 318 -18.95 35.54 3.37
CA ILE K 318 -18.57 34.39 4.19
C ILE K 318 -17.06 34.30 4.30
N SER K 319 -16.36 34.49 3.17
CA SER K 319 -14.89 34.46 3.20
C SER K 319 -14.34 35.59 4.05
N ASN K 320 -14.92 36.79 3.93
CA ASN K 320 -14.45 37.92 4.73
C ASN K 320 -14.69 37.69 6.22
N LEU K 321 -15.84 37.13 6.57
CA LEU K 321 -16.14 36.86 7.98
C LEU K 321 -15.16 35.84 8.55
N ASP K 322 -14.79 34.83 7.77
CA ASP K 322 -13.81 33.86 8.23
C ASP K 322 -12.45 34.50 8.49
N ASN K 323 -12.04 35.42 7.61
CA ASN K 323 -10.76 36.10 7.80
C ASN K 323 -10.78 36.96 9.07
N VAL K 324 -11.85 37.72 9.28
CA VAL K 324 -11.95 38.57 10.46
C VAL K 324 -12.03 37.71 11.72
N ASN K 325 -12.82 36.63 11.68
CA ASN K 325 -12.95 35.75 12.84
C ASN K 325 -11.62 35.09 13.18
N GLU K 326 -10.88 34.66 12.16
CA GLU K 326 -9.60 34.00 12.41
C GLU K 326 -8.58 34.96 13.00
N ASN K 327 -8.47 36.17 12.45
CA ASN K 327 -7.52 37.14 12.97
C ASN K 327 -7.91 37.59 14.38
N VAL K 328 -9.21 37.58 14.68
CA VAL K 328 -9.66 37.90 16.04
C VAL K 328 -9.26 36.79 17.00
N ASN K 329 -9.38 35.53 16.57
CA ASN K 329 -8.97 34.41 17.41
C ASN K 329 -7.48 34.47 17.72
N ALA K 330 -6.66 34.79 16.72
CA ALA K 330 -5.24 34.98 16.96
C ALA K 330 -4.98 36.16 17.90
N SER K 331 -5.78 37.23 17.76
CA SER K 331 -5.65 38.37 18.66
C SER K 331 -5.96 37.97 20.10
N ARG K 332 -7.02 37.20 20.29
CA ARG K 332 -7.37 36.73 21.63
C ARG K 332 -6.31 35.77 22.16
N SER K 333 -5.62 35.05 21.27
CA SER K 333 -4.59 34.11 21.70
C SER K 333 -3.45 34.81 22.42
N ARG K 334 -3.16 36.06 22.06
CA ARG K 334 -2.08 36.82 22.66
C ARG K 334 -2.50 37.58 23.91
N ILE K 335 -3.76 37.48 24.32
CA ILE K 335 -4.26 38.25 25.45
C ILE K 335 -4.87 37.32 26.51
N ARG K 336 -5.41 36.18 26.09
CA ARG K 336 -6.17 35.32 26.98
C ARG K 336 -5.50 33.98 27.24
N ASP K 337 -5.24 33.19 26.21
CA ASP K 337 -4.75 31.83 26.42
C ASP K 337 -3.31 31.83 26.91
N THR K 338 -3.01 30.88 27.79
CA THR K 338 -1.74 30.86 28.51
C THR K 338 -0.57 30.49 27.60
N ASP K 339 0.61 30.98 27.98
CA ASP K 339 1.85 30.60 27.31
C ASP K 339 2.45 29.44 28.11
N TYR K 340 2.39 28.24 27.55
CA TYR K 340 2.81 27.05 28.29
C TYR K 340 4.32 27.07 28.53
N ALA K 341 5.08 27.66 27.61
CA ALA K 341 6.53 27.77 27.80
C ALA K 341 6.87 28.63 29.01
N ARG K 342 6.13 29.73 29.21
CA ARG K 342 6.45 30.66 30.28
C ARG K 342 5.78 30.29 31.59
N GLU K 343 4.50 29.90 31.54
CA GLU K 343 3.75 29.65 32.77
C GLU K 343 4.30 28.46 33.54
N THR K 344 4.65 27.37 32.85
CA THR K 344 5.14 26.19 33.54
C THR K 344 6.54 26.41 34.11
N THR K 345 7.37 27.18 33.42
CA THR K 345 8.64 27.59 34.01
C THR K 345 8.41 28.43 35.26
N ALA K 346 7.35 29.24 35.25
CA ALA K 346 7.00 30.01 36.44
C ALA K 346 6.52 29.11 37.56
N MET K 347 5.81 28.03 37.23
CA MET K 347 5.33 27.12 38.27
C MET K 347 6.49 26.34 38.88
N THR K 348 7.41 25.86 38.03
CA THR K 348 8.57 25.14 38.53
C THR K 348 9.43 26.03 39.41
N LYS K 349 9.63 27.29 39.01
CA LYS K 349 10.35 28.24 39.85
C LYS K 349 9.62 28.45 41.18
N ALA K 350 8.29 28.45 41.15
CA ALA K 350 7.52 28.54 42.38
C ALA K 350 7.69 27.29 43.23
N GLN K 351 7.83 26.13 42.58
CA GLN K 351 8.08 24.89 43.32
C GLN K 351 9.41 24.93 44.05
N ILE K 352 10.46 25.42 43.38
CA ILE K 352 11.76 25.55 44.03
C ILE K 352 11.72 26.60 45.13
N LEU K 353 10.96 27.67 44.91
CA LEU K 353 10.81 28.69 45.95
C LEU K 353 10.15 28.10 47.20
N GLN K 354 9.09 27.32 47.01
CA GLN K 354 8.42 26.72 48.16
C GLN K 354 9.33 25.75 48.90
N GLN K 355 10.05 24.91 48.16
CA GLN K 355 10.96 23.96 48.80
C GLN K 355 12.10 24.68 49.51
N ALA K 356 12.62 25.76 48.92
CA ALA K 356 13.66 26.54 49.58
C ALA K 356 13.13 27.21 50.85
N SER K 357 11.92 27.75 50.78
CA SER K 357 11.36 28.44 51.95
C SER K 357 11.08 27.46 53.10
N THR K 358 10.53 26.29 52.79
CA THR K 358 10.24 25.33 53.84
C THR K 358 11.52 24.68 54.37
N SER K 359 12.54 24.55 53.51
CA SER K 359 13.83 24.04 53.98
C SER K 359 14.46 25.01 54.98
N VAL K 360 14.40 26.31 54.68
CA VAL K 360 14.93 27.31 55.60
C VAL K 360 14.07 27.38 56.85
N LEU K 361 12.75 27.29 56.70
CA LEU K 361 11.85 27.33 57.85
C LEU K 361 12.11 26.16 58.79
N ALA K 362 12.46 25.00 58.24
CA ALA K 362 12.79 23.84 59.07
C ALA K 362 13.99 24.13 59.96
N GLN K 363 14.95 24.89 59.45
CA GLN K 363 16.15 25.26 60.21
C GLN K 363 16.05 26.62 60.87
N ALA K 364 14.93 27.32 60.73
CA ALA K 364 14.74 28.64 61.30
C ALA K 364 14.13 28.60 62.70
N LYS K 365 13.16 27.72 62.91
CA LYS K 365 12.52 27.56 64.21
C LYS K 365 13.34 26.72 65.18
N GLN K 366 14.53 26.28 64.78
CA GLN K 366 15.47 25.64 65.68
C GLN K 366 16.37 26.63 66.39
N SER K 367 16.26 27.92 66.08
CA SER K 367 17.01 28.93 66.83
C SER K 367 16.63 28.95 68.30
N PRO K 368 15.35 28.93 68.70
CA PRO K 368 15.05 28.80 70.14
C PRO K 368 15.61 27.53 70.76
N SER K 369 15.73 26.45 70.00
CA SER K 369 16.36 25.24 70.52
C SER K 369 17.81 25.49 70.90
N ALA K 370 18.51 26.34 70.13
CA ALA K 370 19.86 26.72 70.50
C ALA K 370 19.88 27.55 71.77
N ALA K 371 18.84 28.36 71.99
CA ALA K 371 18.78 29.21 73.18
C ALA K 371 18.76 28.38 74.46
N LEU K 372 17.95 27.30 74.47
CA LEU K 372 17.93 26.43 75.64
C LEU K 372 19.17 25.55 75.70
N SER K 373 19.79 25.25 74.55
CA SER K 373 20.93 24.35 74.54
C SER K 373 22.18 25.03 75.06
N LEU K 374 22.33 26.33 74.85
CA LEU K 374 23.57 27.00 75.22
C LEU K 374 23.72 27.09 76.73
N LEU K 375 22.77 27.72 77.42
CA LEU K 375 22.89 27.96 78.85
C LEU K 375 21.59 27.67 79.59
N GLY K 376 20.81 26.72 79.11
CA GLY K 376 19.56 26.35 79.77
C GLY K 376 19.77 25.38 80.91
N MET L 1 -18.24 15.86 33.96
CA MET L 1 -18.26 14.41 33.87
C MET L 1 -17.14 13.86 34.75
N ALA L 2 -17.52 13.26 35.88
CA ALA L 2 -16.54 12.61 36.74
C ALA L 2 -15.83 11.51 35.98
N ILE L 3 -14.51 11.45 36.15
CA ILE L 3 -13.70 10.49 35.39
C ILE L 3 -13.85 9.11 36.04
N ASN L 4 -14.51 8.20 35.34
CA ASN L 4 -14.94 6.92 35.91
C ASN L 4 -14.29 5.77 35.17
N VAL L 5 -14.25 4.62 35.84
CA VAL L 5 -13.76 3.39 35.24
C VAL L 5 -14.84 2.33 35.06
N ASN L 6 -15.89 2.34 35.89
CA ASN L 6 -16.92 1.31 35.78
C ASN L 6 -17.87 1.57 34.61
N THR L 7 -18.21 2.83 34.35
CA THR L 7 -19.10 3.17 33.27
C THR L 7 -18.34 3.96 32.20
N ASN L 8 -18.55 3.56 30.96
CA ASN L 8 -17.92 4.16 29.79
C ASN L 8 -19.00 4.56 28.78
N VAL L 9 -20.00 5.30 29.28
CA VAL L 9 -21.18 5.65 28.49
C VAL L 9 -20.77 6.29 27.16
N SER L 10 -19.66 7.03 27.15
CA SER L 10 -19.19 7.64 25.91
C SER L 10 -18.89 6.58 24.85
N ALA L 11 -18.23 5.49 25.26
CA ALA L 11 -18.02 4.37 24.33
C ALA L 11 -19.33 3.66 24.01
N MET L 12 -20.29 3.68 24.93
CA MET L 12 -21.57 3.02 24.69
C MET L 12 -22.31 3.67 23.52
N THR L 13 -22.27 5.01 23.44
CA THR L 13 -22.85 5.68 22.27
C THR L 13 -22.07 5.35 21.01
N ALA L 14 -20.76 5.17 21.13
CA ALA L 14 -19.92 4.88 19.97
C ALA L 14 -20.32 3.55 19.34
N GLN L 15 -20.55 2.51 20.16
CA GLN L 15 -20.97 1.23 19.60
C GLN L 15 -22.44 1.25 19.20
N ARG L 16 -23.24 2.15 19.76
CA ARG L 16 -24.62 2.27 19.31
C ARG L 16 -24.68 2.73 17.87
N TYR L 17 -23.89 3.74 17.51
CA TYR L 17 -23.82 4.19 16.12
C TYR L 17 -23.02 3.24 15.27
N LEU L 18 -22.17 2.40 15.89
CA LEU L 18 -21.51 1.33 15.15
C LEU L 18 -22.54 0.32 14.64
N ASN L 19 -23.50 -0.04 15.50
CA ASN L 19 -24.59 -0.92 15.06
C ASN L 19 -25.47 -0.23 14.03
N GLY L 20 -25.68 1.08 14.18
CA GLY L 20 -26.46 1.80 13.19
C GLY L 20 -25.81 1.80 11.82
N ALA L 21 -24.49 2.00 11.79
CA ALA L 21 -23.77 1.97 10.51
C ALA L 21 -23.69 0.56 9.96
N ALA L 22 -23.53 -0.44 10.83
CA ALA L 22 -23.47 -1.82 10.38
C ALA L 22 -24.77 -2.25 9.72
N ASP L 23 -25.91 -1.86 10.31
CA ASP L 23 -27.20 -2.16 9.70
C ASP L 23 -27.38 -1.42 8.39
N GLY L 24 -26.96 -0.14 8.36
CA GLY L 24 -27.20 0.67 7.17
C GLY L 24 -26.56 0.10 5.92
N MET L 25 -25.36 -0.48 6.07
CA MET L 25 -24.70 -1.08 4.92
C MET L 25 -25.13 -2.53 4.68
N GLN L 26 -25.62 -3.23 5.70
CA GLN L 26 -26.05 -4.61 5.50
C GLN L 26 -27.26 -4.67 4.56
N LYS L 27 -28.19 -3.73 4.69
CA LYS L 27 -29.29 -3.63 3.73
C LYS L 27 -28.79 -3.20 2.36
N SER L 28 -27.80 -2.31 2.33
CA SER L 28 -27.26 -1.84 1.05
C SER L 28 -26.60 -2.98 0.29
N MET L 29 -25.82 -3.81 0.99
CA MET L 29 -25.15 -4.93 0.33
C MET L 29 -26.14 -6.01 -0.07
N GLU L 30 -27.18 -6.23 0.74
CA GLU L 30 -28.24 -7.15 0.36
C GLU L 30 -29.00 -6.66 -0.87
N ARG L 31 -29.29 -5.35 -0.91
CA ARG L 31 -30.01 -4.77 -2.03
C ARG L 31 -29.20 -4.86 -3.32
N LEU L 32 -27.88 -4.68 -3.21
CA LEU L 32 -27.02 -4.68 -4.38
C LEU L 32 -26.80 -6.08 -4.94
N SER L 33 -26.59 -7.07 -4.06
CA SER L 33 -26.42 -8.44 -4.53
C SER L 33 -27.68 -8.95 -5.20
N SER L 34 -28.83 -8.72 -4.58
CA SER L 34 -30.10 -9.17 -5.14
C SER L 34 -30.50 -8.36 -6.37
N GLY L 35 -30.14 -7.08 -6.40
CA GLY L 35 -30.65 -6.19 -7.41
C GLY L 35 -32.05 -5.69 -7.16
N TYR L 36 -32.58 -5.89 -5.96
CA TYR L 36 -33.95 -5.51 -5.61
C TYR L 36 -33.92 -4.61 -4.40
N LYS L 37 -34.62 -3.48 -4.49
CA LYS L 37 -34.74 -2.57 -3.35
C LYS L 37 -35.61 -3.18 -2.25
N ILE L 38 -36.68 -3.85 -2.64
CA ILE L 38 -37.64 -4.43 -1.69
C ILE L 38 -37.37 -5.92 -1.64
N ASN L 39 -36.51 -6.32 -0.71
CA ASN L 39 -36.24 -7.74 -0.47
C ASN L 39 -37.12 -8.33 0.62
N SER L 40 -37.82 -7.50 1.37
CA SER L 40 -38.72 -7.94 2.42
C SER L 40 -39.84 -6.92 2.55
N ALA L 41 -40.74 -7.16 3.51
CA ALA L 41 -41.82 -6.21 3.76
C ALA L 41 -41.40 -5.07 4.67
N ARG L 42 -40.20 -5.14 5.25
CA ARG L 42 -39.69 -4.04 6.06
C ARG L 42 -39.48 -2.80 5.20
N ASP L 43 -38.93 -2.97 4.00
CA ASP L 43 -38.55 -1.84 3.18
C ASP L 43 -39.77 -1.05 2.71
N ASP L 44 -40.78 -1.74 2.19
CA ASP L 44 -41.98 -1.08 1.68
C ASP L 44 -43.13 -2.07 1.72
N ALA L 45 -44.08 -1.84 2.62
CA ALA L 45 -45.24 -2.74 2.73
C ALA L 45 -46.06 -2.73 1.45
N ALA L 46 -46.66 -1.58 1.12
CA ALA L 46 -47.46 -1.50 -0.10
C ALA L 46 -46.59 -1.59 -1.34
N GLY L 47 -45.33 -1.14 -1.25
CA GLY L 47 -44.43 -1.30 -2.38
C GLY L 47 -44.20 -2.75 -2.74
N LEU L 48 -44.07 -3.61 -1.72
CA LEU L 48 -43.95 -5.04 -1.97
C LEU L 48 -45.24 -5.60 -2.58
N GLN L 49 -46.40 -5.16 -2.08
CA GLN L 49 -47.66 -5.68 -2.59
C GLN L 49 -47.89 -5.27 -4.04
N ILE L 50 -47.60 -4.02 -4.38
CA ILE L 50 -47.83 -3.55 -5.74
C ILE L 50 -46.79 -4.15 -6.69
N SER L 51 -45.55 -4.31 -6.21
CA SER L 51 -44.52 -4.93 -7.03
C SER L 51 -44.83 -6.41 -7.28
N ASN L 52 -45.26 -7.12 -6.24
CA ASN L 52 -45.67 -8.52 -6.42
C ASN L 52 -46.85 -8.63 -7.36
N ARG L 53 -47.82 -7.72 -7.23
CA ARG L 53 -49.01 -7.77 -8.08
C ARG L 53 -48.65 -7.40 -9.52
N LEU L 54 -47.71 -6.48 -9.71
CA LEU L 54 -47.24 -6.16 -11.05
C LEU L 54 -46.40 -7.30 -11.63
N THR L 55 -45.62 -7.98 -10.77
CA THR L 55 -44.87 -9.13 -11.24
C THR L 55 -45.80 -10.25 -11.69
N SER L 56 -46.85 -10.52 -10.91
CA SER L 56 -47.82 -11.54 -11.29
C SER L 56 -48.52 -11.17 -12.58
N GLN L 57 -48.84 -9.88 -12.76
CA GLN L 57 -49.41 -9.43 -14.02
C GLN L 57 -48.44 -9.64 -15.17
N SER L 58 -47.16 -9.37 -14.94
CA SER L 58 -46.16 -9.53 -16.00
C SER L 58 -46.06 -10.98 -16.46
N ARG L 59 -46.09 -11.92 -15.52
CA ARG L 59 -46.13 -13.33 -15.89
C ARG L 59 -47.41 -13.66 -16.64
N GLY L 60 -48.53 -13.11 -16.19
CA GLY L 60 -49.79 -13.36 -16.87
C GLY L 60 -49.81 -12.83 -18.30
N LEU L 61 -49.20 -11.67 -18.52
CA LEU L 61 -49.12 -11.12 -19.87
C LEU L 61 -48.20 -11.96 -20.76
N ASP L 62 -47.13 -12.50 -20.18
CA ASP L 62 -46.23 -13.37 -20.95
C ASP L 62 -46.96 -14.64 -21.38
N MET L 63 -47.77 -15.22 -20.48
CA MET L 63 -48.53 -16.41 -20.84
C MET L 63 -49.74 -16.05 -21.70
N ALA L 64 -50.12 -14.77 -21.71
CA ALA L 64 -51.22 -14.34 -22.59
C ALA L 64 -50.77 -14.29 -24.04
N VAL L 65 -49.56 -13.78 -24.30
CA VAL L 65 -49.04 -13.76 -25.65
C VAL L 65 -48.65 -15.17 -26.09
N LYS L 66 -48.26 -16.03 -25.15
CA LYS L 66 -47.98 -17.43 -25.49
C LYS L 66 -49.25 -18.13 -25.95
N ASN L 67 -50.35 -17.90 -25.25
CA ASN L 67 -51.62 -18.53 -25.63
C ASN L 67 -52.19 -17.87 -26.88
N ALA L 68 -51.97 -16.57 -27.04
CA ALA L 68 -52.40 -15.90 -28.27
C ALA L 68 -51.63 -16.42 -29.47
N ASN L 69 -50.33 -16.68 -29.29
CA ASN L 69 -49.52 -17.25 -30.36
C ASN L 69 -49.95 -18.68 -30.67
N ASP L 70 -50.28 -19.46 -29.65
CA ASP L 70 -50.83 -20.80 -29.91
C ASP L 70 -52.19 -20.70 -30.59
N GLY L 71 -53.00 -19.72 -30.20
CA GLY L 71 -54.27 -19.50 -30.88
C GLY L 71 -54.11 -19.09 -32.33
N ILE L 72 -53.07 -18.30 -32.61
CA ILE L 72 -52.81 -17.89 -34.00
C ILE L 72 -52.39 -19.09 -34.83
N SER L 73 -51.73 -20.08 -34.21
CA SER L 73 -51.29 -21.27 -34.93
C SER L 73 -52.46 -22.14 -35.36
N ILE L 74 -53.42 -22.38 -34.46
CA ILE L 74 -54.56 -23.22 -34.81
C ILE L 74 -55.37 -22.58 -35.92
N ALA L 75 -55.50 -21.26 -35.90
CA ALA L 75 -56.18 -20.56 -36.98
C ALA L 75 -55.43 -20.73 -38.30
N GLN L 76 -54.10 -20.65 -38.26
CA GLN L 76 -53.31 -20.80 -39.47
C GLN L 76 -53.41 -22.22 -40.04
N THR L 77 -53.35 -23.23 -39.16
CA THR L 77 -53.46 -24.61 -39.61
C THR L 77 -54.83 -24.88 -40.22
N ALA L 78 -55.89 -24.39 -39.58
CA ALA L 78 -57.23 -24.58 -40.11
C ALA L 78 -57.41 -23.84 -41.43
N GLU L 79 -56.92 -22.60 -41.52
CA GLU L 79 -57.03 -21.85 -42.75
C GLU L 79 -56.19 -22.46 -43.87
N GLY L 80 -55.01 -22.98 -43.53
CA GLY L 80 -54.16 -23.57 -44.56
C GLY L 80 -54.77 -24.81 -45.17
N ALA L 81 -55.28 -25.71 -44.33
CA ALA L 81 -56.01 -26.86 -44.84
C ALA L 81 -57.30 -26.42 -45.54
N MET L 82 -57.85 -25.28 -45.10
CA MET L 82 -59.03 -24.72 -45.76
C MET L 82 -58.71 -24.31 -47.20
N ASN L 83 -57.49 -23.81 -47.42
CA ASN L 83 -57.11 -23.35 -48.75
C ASN L 83 -57.13 -24.49 -49.76
N GLU L 84 -56.60 -25.65 -49.38
CA GLU L 84 -56.59 -26.78 -50.31
C GLU L 84 -58.00 -27.27 -50.59
N THR L 85 -58.89 -27.21 -49.60
CA THR L 85 -60.29 -27.55 -49.82
C THR L 85 -60.91 -26.64 -50.87
N THR L 86 -60.58 -25.35 -50.84
CA THR L 86 -61.06 -24.42 -51.85
C THR L 86 -60.56 -24.82 -53.24
N ASN L 87 -59.29 -25.19 -53.34
CA ASN L 87 -58.72 -25.57 -54.63
C ASN L 87 -59.38 -26.82 -55.19
N ILE L 88 -59.71 -27.78 -54.31
CA ILE L 88 -60.39 -28.99 -54.77
C ILE L 88 -61.78 -28.65 -55.28
N LEU L 89 -62.53 -27.83 -54.54
CA LEU L 89 -63.89 -27.50 -54.94
C LEU L 89 -63.92 -26.77 -56.27
N GLN L 90 -62.96 -25.88 -56.50
CA GLN L 90 -62.87 -25.20 -57.80
C GLN L 90 -62.60 -26.20 -58.92
N ARG L 91 -61.76 -27.21 -58.65
CA ARG L 91 -61.49 -28.22 -59.65
C ARG L 91 -62.75 -29.02 -59.98
N MET L 92 -63.53 -29.38 -58.96
CA MET L 92 -64.76 -30.11 -59.21
C MET L 92 -65.78 -29.26 -59.96
N ARG L 93 -65.77 -27.94 -59.72
CA ARG L 93 -66.64 -27.05 -60.48
C ARG L 93 -66.20 -26.99 -61.95
N ASP L 94 -64.89 -27.03 -62.18
CA ASP L 94 -64.39 -27.05 -63.56
C ASP L 94 -64.85 -28.33 -64.26
N LEU L 95 -64.72 -29.47 -63.59
CA LEU L 95 -65.17 -30.73 -64.18
C LEU L 95 -66.68 -30.74 -64.37
N ALA L 96 -67.42 -30.17 -63.42
CA ALA L 96 -68.88 -30.14 -63.53
C ALA L 96 -69.33 -29.31 -64.72
N LEU L 97 -68.70 -28.16 -64.93
CA LEU L 97 -69.01 -27.33 -66.09
C LEU L 97 -68.65 -28.05 -67.38
N GLN L 98 -67.52 -28.76 -67.39
CA GLN L 98 -67.11 -29.50 -68.57
C GLN L 98 -68.01 -30.69 -68.85
N SER L 99 -68.59 -31.29 -67.80
CA SER L 99 -69.39 -32.49 -67.97
C SER L 99 -70.76 -32.19 -68.57
N SER L 100 -71.25 -30.97 -68.40
CA SER L 100 -72.57 -30.62 -68.90
C SER L 100 -72.60 -30.34 -70.41
N ASN L 101 -71.44 -30.22 -71.04
CA ASN L 101 -71.39 -30.00 -72.48
C ASN L 101 -72.02 -31.16 -73.23
N GLY L 102 -72.83 -30.84 -74.23
CA GLY L 102 -73.54 -31.86 -74.99
C GLY L 102 -72.63 -32.77 -75.80
N SER L 103 -71.41 -32.31 -76.13
CA SER L 103 -70.49 -33.13 -76.89
C SER L 103 -70.05 -34.37 -76.10
N ASN L 104 -70.10 -34.32 -74.77
CA ASN L 104 -69.75 -35.48 -73.97
C ASN L 104 -70.79 -36.58 -74.12
N SER L 105 -70.33 -37.82 -74.00
CA SER L 105 -71.19 -39.00 -74.05
C SER L 105 -71.19 -39.67 -72.68
N SER L 106 -71.83 -40.85 -72.61
CA SER L 106 -71.93 -41.55 -71.34
C SER L 106 -70.57 -41.95 -70.81
N SER L 107 -69.67 -42.41 -71.68
CA SER L 107 -68.35 -42.85 -71.23
C SER L 107 -67.54 -41.69 -70.67
N GLU L 108 -67.57 -40.53 -71.32
CA GLU L 108 -66.79 -39.39 -70.85
C GLU L 108 -67.36 -38.81 -69.57
N ARG L 109 -68.68 -38.80 -69.43
CA ARG L 109 -69.28 -38.32 -68.18
C ARG L 109 -68.91 -39.22 -67.01
N ARG L 110 -68.89 -40.53 -67.23
CA ARG L 110 -68.46 -41.46 -66.19
C ARG L 110 -66.99 -41.24 -65.85
N ALA L 111 -66.15 -40.97 -66.85
CA ALA L 111 -64.74 -40.72 -66.60
C ALA L 111 -64.56 -39.46 -65.75
N ILE L 112 -65.35 -38.43 -66.02
CA ILE L 112 -65.31 -37.23 -65.18
C ILE L 112 -65.82 -37.54 -63.78
N GLN L 113 -66.87 -38.36 -63.68
CA GLN L 113 -67.41 -38.74 -62.38
C GLN L 113 -66.37 -39.47 -61.53
N GLU L 114 -65.46 -40.21 -62.17
CA GLU L 114 -64.39 -40.87 -61.42
C GLU L 114 -63.53 -39.83 -60.72
N GLU L 115 -63.12 -38.79 -61.45
CA GLU L 115 -62.32 -37.73 -60.86
C GLU L 115 -63.10 -36.97 -59.79
N VAL L 116 -64.38 -36.71 -60.04
CA VAL L 116 -65.20 -35.98 -59.07
C VAL L 116 -65.38 -36.80 -57.80
N SER L 117 -65.64 -38.09 -57.94
CA SER L 117 -65.79 -38.96 -56.77
C SER L 117 -64.47 -39.08 -56.01
N ALA L 118 -63.35 -39.19 -56.71
CA ALA L 118 -62.06 -39.27 -56.06
C ALA L 118 -61.74 -37.98 -55.30
N LEU L 119 -62.08 -36.83 -55.90
CA LEU L 119 -61.86 -35.55 -55.23
C LEU L 119 -62.84 -35.38 -54.07
N ASN L 120 -64.05 -35.92 -54.18
CA ASN L 120 -64.99 -35.89 -53.08
C ASN L 120 -64.45 -36.67 -51.88
N ASP L 121 -63.84 -37.83 -52.15
CA ASP L 121 -63.20 -38.59 -51.09
C ASP L 121 -62.02 -37.84 -50.51
N GLU L 122 -61.41 -36.95 -51.30
CA GLU L 122 -60.26 -36.18 -50.82
C GLU L 122 -60.72 -35.16 -49.79
N LEU L 123 -61.82 -34.45 -50.06
CA LEU L 123 -62.34 -33.47 -49.12
C LEU L 123 -62.66 -34.10 -47.76
N ASN L 124 -63.27 -35.29 -47.77
CA ASN L 124 -63.56 -35.98 -46.52
C ASN L 124 -62.28 -36.29 -45.76
N ARG L 125 -61.25 -36.75 -46.48
CA ARG L 125 -59.98 -37.06 -45.83
C ARG L 125 -59.33 -35.79 -45.27
N ILE L 126 -59.49 -34.66 -45.96
CA ILE L 126 -58.89 -33.41 -45.50
C ILE L 126 -59.48 -33.04 -44.14
N ALA L 127 -60.80 -33.11 -44.01
CA ALA L 127 -61.44 -32.77 -42.74
C ALA L 127 -61.07 -33.76 -41.64
N GLU L 128 -61.06 -35.05 -41.96
CA GLU L 128 -60.83 -36.08 -40.96
C GLU L 128 -59.39 -36.06 -40.44
N THR L 129 -58.41 -35.84 -41.31
CA THR L 129 -57.01 -36.02 -40.94
C THR L 129 -56.31 -34.74 -40.50
N THR L 130 -56.80 -33.57 -40.91
CA THR L 130 -56.17 -32.33 -40.48
C THR L 130 -56.21 -32.21 -38.97
N SER L 131 -55.05 -32.03 -38.35
CA SER L 131 -54.94 -32.03 -36.91
C SER L 131 -53.83 -31.10 -36.48
N PHE L 132 -53.90 -30.67 -35.22
CA PHE L 132 -52.90 -29.80 -34.60
C PHE L 132 -52.40 -30.52 -33.35
N GLY L 133 -51.33 -31.29 -33.50
CA GLY L 133 -50.84 -32.10 -32.40
C GLY L 133 -51.84 -33.16 -31.96
N GLY L 134 -52.48 -33.83 -32.92
CA GLY L 134 -53.49 -34.83 -32.61
C GLY L 134 -54.88 -34.29 -32.38
N ASN L 135 -55.03 -32.96 -32.24
CA ASN L 135 -56.33 -32.35 -32.01
C ASN L 135 -56.98 -32.04 -33.36
N LYS L 136 -58.02 -32.79 -33.71
CA LYS L 136 -58.67 -32.61 -35.00
C LYS L 136 -59.33 -31.23 -35.08
N LEU L 137 -59.32 -30.67 -36.29
CA LEU L 137 -59.83 -29.33 -36.52
C LEU L 137 -61.05 -29.27 -37.42
N LEU L 138 -60.95 -29.85 -38.62
CA LEU L 138 -61.95 -29.65 -39.66
C LEU L 138 -63.02 -30.72 -39.70
N ASN L 139 -63.01 -31.67 -38.78
CA ASN L 139 -64.01 -32.72 -38.75
C ASN L 139 -65.23 -32.36 -37.91
N GLY L 140 -65.28 -31.17 -37.33
CA GLY L 140 -66.37 -30.74 -36.50
C GLY L 140 -66.28 -31.13 -35.05
N SER L 141 -65.25 -31.89 -34.66
CA SER L 141 -65.10 -32.27 -33.26
C SER L 141 -64.49 -31.17 -32.41
N PHE L 142 -63.88 -30.16 -33.04
CA PHE L 142 -63.31 -29.05 -32.28
C PHE L 142 -64.40 -28.26 -31.56
N GLY L 143 -65.52 -28.00 -32.24
CA GLY L 143 -66.57 -27.20 -31.63
C GLY L 143 -66.10 -25.79 -31.35
N SER L 144 -66.33 -25.32 -30.14
CA SER L 144 -65.94 -23.99 -29.70
C SER L 144 -64.99 -24.11 -28.51
N LYS L 145 -63.86 -23.42 -28.59
CA LYS L 145 -62.88 -23.40 -27.51
C LYS L 145 -62.44 -21.97 -27.26
N SER L 146 -62.16 -21.65 -26.01
CA SER L 146 -61.82 -20.31 -25.58
C SER L 146 -60.32 -20.21 -25.36
N PHE L 147 -59.68 -19.23 -26.01
CA PHE L 147 -58.26 -19.00 -25.91
C PHE L 147 -58.01 -17.84 -24.93
N GLN L 148 -57.17 -18.09 -23.92
CA GLN L 148 -56.98 -17.16 -22.82
C GLN L 148 -55.88 -16.17 -23.19
N ILE L 149 -56.25 -14.91 -23.37
CA ILE L 149 -55.29 -13.88 -23.78
C ILE L 149 -55.27 -12.73 -22.78
N GLY L 150 -55.54 -13.03 -21.51
CA GLY L 150 -55.56 -12.00 -20.49
C GLY L 150 -54.64 -12.34 -19.33
N ALA L 151 -54.33 -11.30 -18.55
CA ALA L 151 -53.48 -11.47 -17.37
C ALA L 151 -54.26 -11.91 -16.15
N ASP L 152 -55.59 -11.93 -16.22
CA ASP L 152 -56.44 -12.38 -15.13
C ASP L 152 -57.40 -13.43 -15.67
N SER L 153 -58.17 -14.04 -14.77
CA SER L 153 -59.10 -15.09 -15.17
C SER L 153 -60.29 -14.50 -15.92
N GLY L 154 -60.85 -15.30 -16.82
CA GLY L 154 -62.07 -14.91 -17.51
C GLY L 154 -61.91 -13.89 -18.63
N GLU L 155 -60.76 -13.90 -19.31
CA GLU L 155 -60.53 -12.95 -20.40
C GLU L 155 -60.24 -13.69 -21.70
N ALA L 156 -61.02 -14.71 -22.01
CA ALA L 156 -60.75 -15.56 -23.16
C ALA L 156 -61.60 -15.14 -24.36
N VAL L 157 -61.29 -15.76 -25.51
CA VAL L 157 -61.98 -15.49 -26.77
C VAL L 157 -62.31 -16.82 -27.43
N MET L 158 -63.56 -16.99 -27.83
CA MET L 158 -64.04 -18.26 -28.35
C MET L 158 -63.79 -18.36 -29.85
N LEU L 159 -63.25 -19.50 -30.28
CA LEU L 159 -63.02 -19.80 -31.69
C LEU L 159 -63.91 -20.98 -32.08
N SER L 160 -64.66 -20.82 -33.16
CA SER L 160 -65.52 -21.88 -33.66
C SER L 160 -65.30 -22.06 -35.15
N MET L 161 -65.03 -23.30 -35.56
CA MET L 161 -64.93 -23.67 -36.96
C MET L 161 -65.68 -24.99 -37.16
N GLY L 162 -66.70 -24.96 -38.02
CA GLY L 162 -67.50 -26.13 -38.27
C GLY L 162 -66.81 -27.13 -39.17
N SER L 163 -67.41 -28.30 -39.28
CA SER L 163 -66.86 -29.37 -40.11
C SER L 163 -66.91 -28.98 -41.58
N MET L 164 -65.82 -29.28 -42.29
CA MET L 164 -65.76 -29.11 -43.74
C MET L 164 -65.81 -30.44 -44.48
N ARG L 165 -66.51 -31.43 -43.91
CA ARG L 165 -66.78 -32.65 -44.65
C ARG L 165 -67.69 -32.34 -45.83
N SER L 166 -67.56 -33.14 -46.89
CA SER L 166 -68.33 -32.90 -48.11
C SER L 166 -69.83 -33.14 -47.91
N ASP L 167 -70.24 -33.74 -46.79
CA ASP L 167 -71.64 -34.05 -46.53
C ASP L 167 -72.31 -33.03 -45.60
N THR L 168 -71.61 -31.96 -45.23
CA THR L 168 -72.17 -30.99 -44.31
C THR L 168 -73.37 -30.28 -44.95
N GLN L 169 -74.37 -29.99 -44.13
CA GLN L 169 -75.57 -29.30 -44.62
C GLN L 169 -75.23 -27.92 -45.16
N ALA L 170 -74.35 -27.19 -44.47
CA ALA L 170 -73.91 -25.88 -44.96
C ALA L 170 -73.04 -25.98 -46.20
N MET L 171 -72.62 -27.19 -46.58
CA MET L 171 -71.82 -27.42 -47.79
C MET L 171 -72.71 -27.89 -48.94
N GLY L 172 -73.93 -27.38 -49.01
CA GLY L 172 -74.86 -27.77 -50.05
C GLY L 172 -76.13 -26.95 -50.04
N GLY L 173 -77.27 -27.60 -50.20
CA GLY L 173 -78.53 -26.88 -50.20
C GLY L 173 -79.68 -27.81 -50.53
N LYS L 174 -80.78 -27.21 -50.99
CA LYS L 174 -81.98 -27.96 -51.37
C LYS L 174 -82.22 -27.75 -52.86
N SER L 175 -82.38 -28.87 -53.58
CA SER L 175 -82.56 -28.85 -55.03
C SER L 175 -83.97 -29.27 -55.38
N TYR L 176 -84.65 -28.46 -56.19
CA TYR L 176 -86.01 -28.71 -56.64
C TYR L 176 -85.97 -29.04 -58.12
N ARG L 177 -86.87 -29.94 -58.54
CA ARG L 177 -86.96 -30.36 -59.94
C ARG L 177 -88.40 -30.29 -60.40
N ALA L 178 -88.59 -29.83 -61.65
CA ALA L 178 -89.90 -29.81 -62.27
C ALA L 178 -90.37 -31.23 -62.56
N GLN L 179 -91.65 -31.35 -62.93
CA GLN L 179 -92.26 -32.64 -63.20
C GLN L 179 -92.66 -32.84 -64.65
N GLU L 180 -92.57 -31.81 -65.48
CA GLU L 180 -92.94 -31.90 -66.89
C GLU L 180 -91.75 -31.56 -67.77
N GLY L 181 -91.43 -32.45 -68.71
CA GLY L 181 -90.37 -32.21 -69.67
C GLY L 181 -90.91 -31.40 -70.85
N LYS L 182 -90.10 -30.43 -71.28
CA LYS L 182 -90.50 -29.50 -72.33
C LYS L 182 -89.54 -29.62 -73.50
N ALA L 183 -90.10 -29.77 -74.71
CA ALA L 183 -89.28 -29.98 -75.89
C ALA L 183 -88.61 -28.69 -76.31
N ALA L 184 -87.83 -28.77 -77.39
CA ALA L 184 -87.09 -27.61 -77.90
C ALA L 184 -87.99 -26.60 -78.59
N ASP L 185 -89.24 -26.94 -78.87
CA ASP L 185 -90.15 -26.05 -79.58
C ASP L 185 -91.18 -25.39 -78.66
N TRP L 186 -91.03 -25.54 -77.34
CA TRP L 186 -91.96 -24.92 -76.41
C TRP L 186 -91.59 -23.47 -76.16
N ARG L 187 -92.56 -22.59 -76.30
CA ARG L 187 -92.38 -21.16 -76.08
C ARG L 187 -93.36 -20.69 -75.01
N VAL L 188 -92.89 -19.80 -74.13
CA VAL L 188 -93.72 -19.32 -73.04
C VAL L 188 -94.95 -18.62 -73.59
N GLY L 189 -96.11 -18.93 -73.02
CA GLY L 189 -97.36 -18.35 -73.43
C GLY L 189 -97.70 -17.10 -72.65
N ALA L 190 -99.01 -16.86 -72.50
CA ALA L 190 -99.48 -15.67 -71.80
C ALA L 190 -99.27 -15.75 -70.29
N ALA L 191 -98.96 -16.93 -69.75
CA ALA L 191 -98.67 -17.10 -68.32
C ALA L 191 -97.16 -17.06 -68.15
N THR L 192 -96.65 -15.91 -67.70
CA THR L 192 -95.21 -15.72 -67.57
C THR L 192 -94.75 -15.49 -66.14
N ASP L 193 -95.64 -15.11 -65.22
CA ASP L 193 -95.23 -14.82 -63.85
C ASP L 193 -94.78 -16.09 -63.14
N LEU L 194 -93.72 -15.96 -62.34
CA LEU L 194 -93.11 -17.09 -61.65
C LEU L 194 -92.59 -16.56 -60.31
N THR L 195 -93.31 -16.87 -59.24
CA THR L 195 -93.05 -16.31 -57.92
C THR L 195 -92.35 -17.34 -57.04
N LEU L 196 -91.21 -16.95 -56.47
CA LEU L 196 -90.48 -17.76 -55.51
C LEU L 196 -90.60 -17.08 -54.14
N SER L 197 -91.41 -17.68 -53.26
CA SER L 197 -91.60 -17.18 -51.91
C SER L 197 -90.89 -18.11 -50.93
N TYR L 198 -89.98 -17.55 -50.15
CA TYR L 198 -89.20 -18.34 -49.20
C TYR L 198 -88.76 -17.43 -48.06
N THR L 199 -87.84 -17.92 -47.24
CA THR L 199 -87.29 -17.17 -46.12
C THR L 199 -85.78 -17.18 -46.21
N ASN L 200 -85.17 -16.01 -46.17
CA ASN L 200 -83.71 -15.91 -46.18
C ASN L 200 -83.16 -16.42 -44.83
N LYS L 201 -81.84 -16.61 -44.80
CA LYS L 201 -81.20 -17.16 -43.60
C LYS L 201 -81.35 -16.21 -42.41
N GLN L 202 -81.46 -14.91 -42.66
CA GLN L 202 -81.64 -13.95 -41.57
C GLN L 202 -83.04 -14.00 -40.96
N GLY L 203 -83.91 -14.87 -41.46
CA GLY L 203 -85.22 -15.07 -40.86
C GLY L 203 -86.35 -14.25 -41.43
N GLU L 204 -86.07 -13.31 -42.33
CA GLU L 204 -87.10 -12.45 -42.89
C GLU L 204 -87.73 -13.14 -44.10
N ALA L 205 -89.04 -12.96 -44.25
CA ALA L 205 -89.73 -13.47 -45.43
C ALA L 205 -89.28 -12.70 -46.66
N ARG L 206 -88.89 -13.42 -47.70
CA ARG L 206 -88.35 -12.82 -48.92
C ARG L 206 -89.25 -13.18 -50.10
N GLU L 207 -89.64 -12.18 -50.88
CA GLU L 207 -90.51 -12.36 -52.03
C GLU L 207 -89.76 -11.95 -53.28
N VAL L 208 -89.65 -12.88 -54.23
CA VAL L 208 -88.98 -12.64 -55.50
C VAL L 208 -89.92 -13.03 -56.62
N THR L 209 -90.24 -12.08 -57.49
CA THR L 209 -91.15 -12.30 -58.61
C THR L 209 -90.40 -12.19 -59.92
N ILE L 210 -90.43 -13.24 -60.72
CA ILE L 210 -89.81 -13.27 -62.04
C ILE L 210 -90.94 -13.20 -63.07
N ASN L 211 -90.85 -12.22 -63.98
CA ASN L 211 -91.79 -12.10 -65.09
C ASN L 211 -91.07 -12.57 -66.34
N ALA L 212 -91.37 -13.79 -66.77
CA ALA L 212 -90.72 -14.36 -67.94
C ALA L 212 -91.15 -13.60 -69.20
N LYS L 213 -90.53 -13.97 -70.32
CA LYS L 213 -90.71 -13.24 -71.58
C LYS L 213 -91.32 -14.15 -72.63
N GLN L 214 -92.17 -13.56 -73.47
CA GLN L 214 -92.84 -14.28 -74.53
C GLN L 214 -91.82 -14.88 -75.51
N GLY L 215 -92.06 -16.12 -75.92
CA GLY L 215 -91.25 -16.76 -76.94
C GLY L 215 -89.95 -17.38 -76.47
N ASP L 216 -89.62 -17.27 -75.18
CA ASP L 216 -88.40 -17.87 -74.67
C ASP L 216 -88.55 -19.38 -74.54
N ASP L 217 -87.43 -20.09 -74.73
CA ASP L 217 -87.41 -21.53 -74.54
C ASP L 217 -86.91 -21.83 -73.13
N LEU L 218 -86.69 -23.11 -72.84
CA LEU L 218 -86.38 -23.51 -71.46
C LEU L 218 -85.00 -23.05 -71.05
N GLU L 219 -84.00 -23.17 -71.94
CA GLU L 219 -82.64 -22.76 -71.57
C GLU L 219 -82.55 -21.25 -71.40
N GLU L 220 -83.24 -20.48 -72.24
CA GLU L 220 -83.28 -19.04 -72.06
C GLU L 220 -84.03 -18.68 -70.78
N LEU L 221 -85.06 -19.44 -70.44
CA LEU L 221 -85.79 -19.19 -69.20
C LEU L 221 -84.91 -19.43 -67.98
N ALA L 222 -84.07 -20.48 -68.02
CA ALA L 222 -83.20 -20.77 -66.89
C ALA L 222 -82.15 -19.69 -66.69
N THR L 223 -81.58 -19.17 -67.79
CA THR L 223 -80.57 -18.13 -67.65
C THR L 223 -81.20 -16.78 -67.33
N TYR L 224 -82.49 -16.62 -67.60
CA TYR L 224 -83.19 -15.41 -67.18
C TYR L 224 -83.45 -15.42 -65.67
N ILE L 225 -83.90 -16.55 -65.15
CA ILE L 225 -84.14 -16.67 -63.71
C ILE L 225 -82.83 -16.55 -62.95
N ASN L 226 -81.75 -17.09 -63.52
CA ASN L 226 -80.43 -16.97 -62.91
C ASN L 226 -79.98 -15.51 -62.84
N GLY L 227 -80.25 -14.74 -63.90
CA GLY L 227 -79.82 -13.35 -63.92
C GLY L 227 -80.68 -12.41 -63.12
N GLN L 228 -81.96 -12.76 -62.94
CA GLN L 228 -82.86 -11.88 -62.20
C GLN L 228 -82.53 -11.88 -60.71
N THR L 229 -82.33 -13.06 -60.13
CA THR L 229 -82.09 -13.20 -58.71
C THR L 229 -80.84 -14.03 -58.47
N GLU L 230 -80.11 -13.69 -57.41
CA GLU L 230 -78.90 -14.40 -57.02
C GLU L 230 -79.13 -15.44 -55.94
N ASP L 231 -80.32 -15.48 -55.33
CA ASP L 231 -80.58 -16.46 -54.28
C ASP L 231 -80.70 -17.86 -54.85
N VAL L 232 -81.42 -18.01 -55.94
CA VAL L 232 -81.63 -19.32 -56.57
C VAL L 232 -80.85 -19.37 -57.87
N LYS L 233 -80.52 -20.59 -58.29
CA LYS L 233 -79.81 -20.84 -59.54
C LYS L 233 -80.62 -21.85 -60.36
N ALA L 234 -80.94 -21.47 -61.60
CA ALA L 234 -81.81 -22.26 -62.46
C ALA L 234 -80.98 -23.01 -63.51
N SER L 235 -81.40 -24.23 -63.81
CA SER L 235 -80.73 -25.05 -64.80
C SER L 235 -81.77 -25.94 -65.49
N VAL L 236 -81.29 -26.75 -66.44
CA VAL L 236 -82.15 -27.63 -67.23
C VAL L 236 -81.44 -28.98 -67.37
N GLY L 237 -82.20 -30.07 -67.18
CA GLY L 237 -81.67 -31.41 -67.26
C GLY L 237 -81.83 -32.04 -68.62
N GLU L 238 -81.71 -33.38 -68.64
CA GLU L 238 -81.83 -34.12 -69.89
C GLU L 238 -83.23 -34.02 -70.46
N ASP L 239 -84.24 -34.30 -69.64
CA ASP L 239 -85.62 -34.34 -70.11
C ASP L 239 -86.18 -32.97 -70.46
N GLY L 240 -85.49 -31.90 -70.10
CA GLY L 240 -86.03 -30.57 -70.29
C GLY L 240 -86.90 -30.18 -69.11
N LYS L 241 -86.32 -30.20 -67.91
CA LYS L 241 -87.04 -29.88 -66.69
C LYS L 241 -86.24 -28.86 -65.91
N LEU L 242 -86.84 -27.69 -65.67
CA LEU L 242 -86.17 -26.64 -64.93
C LEU L 242 -85.93 -27.08 -63.49
N GLN L 243 -84.73 -26.84 -62.99
CA GLN L 243 -84.35 -27.19 -61.62
C GLN L 243 -83.80 -25.97 -60.91
N LEU L 244 -84.30 -25.72 -59.70
CA LEU L 244 -83.87 -24.59 -58.89
C LEU L 244 -83.08 -25.11 -57.70
N PHE L 245 -81.89 -24.55 -57.50
CA PHE L 245 -81.05 -24.90 -56.35
C PHE L 245 -81.05 -23.73 -55.38
N ALA L 246 -81.81 -23.85 -54.29
CA ALA L 246 -81.85 -22.85 -53.23
C ALA L 246 -80.75 -23.17 -52.23
N SER L 247 -79.82 -22.23 -52.06
CA SER L 247 -78.66 -22.45 -51.22
C SER L 247 -79.08 -22.69 -49.77
N SER L 248 -78.18 -23.32 -49.02
CA SER L 248 -78.48 -23.66 -47.63
C SER L 248 -78.05 -22.58 -46.66
N GLN L 249 -76.99 -21.83 -46.99
CA GLN L 249 -76.59 -20.68 -46.19
C GLN L 249 -77.16 -19.38 -46.75
N LYS L 250 -78.12 -19.47 -47.68
CA LYS L 250 -78.81 -18.30 -48.20
C LYS L 250 -80.32 -18.40 -48.04
N VAL L 251 -80.90 -19.59 -48.17
CA VAL L 251 -82.34 -19.81 -48.02
C VAL L 251 -82.57 -20.99 -47.09
N ASN L 252 -83.43 -20.80 -46.10
CA ASN L 252 -83.83 -21.86 -45.19
C ASN L 252 -85.33 -22.12 -45.32
N GLY L 253 -85.79 -23.18 -44.67
CA GLY L 253 -87.18 -23.54 -44.78
C GLY L 253 -87.51 -24.14 -46.15
N ASP L 254 -88.78 -24.04 -46.52
CA ASP L 254 -89.26 -24.55 -47.79
C ASP L 254 -89.49 -23.41 -48.77
N VAL L 255 -89.10 -23.64 -50.03
CA VAL L 255 -89.31 -22.68 -51.10
C VAL L 255 -90.64 -22.99 -51.76
N THR L 256 -91.54 -22.01 -51.75
CA THR L 256 -92.85 -22.15 -52.36
C THR L 256 -92.86 -21.48 -53.73
N ILE L 257 -93.19 -22.25 -54.76
CA ILE L 257 -93.17 -21.77 -56.13
C ILE L 257 -94.61 -21.71 -56.62
N GLY L 258 -95.06 -20.49 -56.97
CA GLY L 258 -96.43 -20.29 -57.43
C GLY L 258 -96.46 -19.36 -58.62
N GLY L 259 -97.66 -19.19 -59.15
CA GLY L 259 -97.88 -18.34 -60.31
C GLY L 259 -98.36 -19.14 -61.51
N GLY L 260 -98.62 -18.40 -62.60
CA GLY L 260 -99.08 -19.05 -63.82
C GLY L 260 -98.03 -19.96 -64.43
N LEU L 261 -96.77 -19.50 -64.49
CA LEU L 261 -95.71 -20.34 -65.04
C LEU L 261 -95.37 -21.48 -64.08
N GLY L 262 -95.46 -21.23 -62.78
CA GLY L 262 -95.20 -22.29 -61.81
C GLY L 262 -96.17 -23.45 -61.94
N GLY L 263 -97.45 -23.15 -62.16
CA GLY L 263 -98.42 -24.22 -62.36
C GLY L 263 -98.19 -24.98 -63.65
N GLU L 264 -97.84 -24.27 -64.73
CA GLU L 264 -97.59 -24.92 -66.00
C GLU L 264 -96.37 -25.82 -65.93
N ILE L 265 -95.27 -25.30 -65.40
CA ILE L 265 -94.03 -26.09 -65.29
C ILE L 265 -94.22 -27.24 -64.30
N GLY L 266 -94.84 -26.96 -63.16
CA GLY L 266 -95.01 -27.96 -62.13
C GLY L 266 -93.77 -28.12 -61.27
N PHE L 267 -93.94 -28.43 -59.99
CA PHE L 267 -92.80 -28.49 -59.10
C PHE L 267 -93.05 -29.51 -58.00
N ASP L 268 -91.96 -30.00 -57.41
CA ASP L 268 -92.00 -30.99 -56.35
C ASP L 268 -91.24 -30.46 -55.14
N ALA L 269 -91.17 -31.27 -54.09
CA ALA L 269 -90.41 -30.93 -52.90
C ALA L 269 -88.91 -30.99 -53.20
N GLY L 270 -88.14 -30.21 -52.46
CA GLY L 270 -86.72 -30.13 -52.69
C GLY L 270 -85.89 -31.11 -51.87
N ARG L 271 -85.32 -32.11 -52.55
CA ARG L 271 -84.45 -33.06 -51.89
C ARG L 271 -83.16 -32.38 -51.43
N ASN L 272 -82.64 -32.83 -50.29
CA ASN L 272 -81.41 -32.26 -49.75
C ASN L 272 -80.23 -32.80 -50.54
N VAL L 273 -79.45 -31.91 -51.12
CA VAL L 273 -78.28 -32.26 -51.93
C VAL L 273 -77.05 -31.61 -51.34
N THR L 274 -75.94 -32.34 -51.34
CA THR L 274 -74.67 -31.83 -50.83
C THR L 274 -73.58 -32.18 -51.82
N VAL L 275 -72.35 -31.78 -51.50
CA VAL L 275 -71.21 -32.09 -52.36
C VAL L 275 -70.99 -33.59 -52.42
N ALA L 276 -71.23 -34.29 -51.30
CA ALA L 276 -71.09 -35.74 -51.28
C ALA L 276 -72.13 -36.43 -52.16
N ASP L 277 -73.22 -35.73 -52.49
CA ASP L 277 -74.26 -36.26 -53.37
C ASP L 277 -74.09 -35.84 -54.82
N VAL L 278 -72.99 -35.15 -55.14
CA VAL L 278 -72.77 -34.68 -56.50
C VAL L 278 -72.59 -35.88 -57.43
N ASN L 279 -73.36 -35.90 -58.51
CA ASN L 279 -73.35 -37.00 -59.49
C ASN L 279 -73.40 -36.37 -60.88
N VAL L 280 -72.22 -36.18 -61.49
CA VAL L 280 -72.10 -35.50 -62.77
C VAL L 280 -72.30 -36.47 -63.93
N SER L 281 -72.73 -37.70 -63.62
CA SER L 281 -72.93 -38.69 -64.67
C SER L 281 -73.99 -38.28 -65.68
N THR L 282 -74.92 -37.41 -65.29
CA THR L 282 -75.93 -36.87 -66.19
C THR L 282 -75.79 -35.35 -66.23
N VAL L 283 -76.39 -34.74 -67.26
CA VAL L 283 -76.35 -33.29 -67.36
C VAL L 283 -77.14 -32.66 -66.21
N ALA L 284 -78.18 -33.34 -65.74
CA ALA L 284 -78.95 -32.84 -64.61
C ALA L 284 -78.07 -32.72 -63.36
N GLY L 285 -77.29 -33.77 -63.08
CA GLY L 285 -76.43 -33.73 -61.91
C GLY L 285 -75.29 -32.74 -62.02
N SER L 286 -74.75 -32.56 -63.24
CA SER L 286 -73.60 -31.67 -63.41
C SER L 286 -74.01 -30.21 -63.30
N GLN L 287 -75.17 -29.85 -63.87
CA GLN L 287 -75.66 -28.48 -63.72
C GLN L 287 -75.94 -28.16 -62.26
N GLU L 288 -76.51 -29.12 -61.51
CA GLU L 288 -76.64 -28.92 -60.07
C GLU L 288 -75.30 -28.92 -59.37
N ALA L 289 -74.31 -29.64 -59.90
CA ALA L 289 -73.00 -29.69 -59.28
C ALA L 289 -72.33 -28.32 -59.27
N VAL L 290 -72.50 -27.56 -60.35
CA VAL L 290 -71.93 -26.21 -60.41
C VAL L 290 -72.52 -25.34 -59.32
N SER L 291 -73.85 -25.40 -59.15
CA SER L 291 -74.49 -24.60 -58.11
C SER L 291 -74.15 -25.13 -56.71
N ILE L 292 -74.07 -26.46 -56.56
CA ILE L 292 -73.75 -27.03 -55.26
C ILE L 292 -72.36 -26.62 -54.81
N LEU L 293 -71.38 -26.70 -55.72
CA LEU L 293 -70.03 -26.28 -55.38
C LEU L 293 -69.91 -24.77 -55.26
N ASP L 294 -70.85 -24.03 -55.86
CA ASP L 294 -70.91 -22.59 -55.62
C ASP L 294 -71.35 -22.30 -54.19
N GLY L 295 -72.37 -23.00 -53.71
CA GLY L 295 -72.78 -22.85 -52.32
C GLY L 295 -71.73 -23.35 -51.36
N ALA L 296 -71.04 -24.43 -51.72
CA ALA L 296 -69.95 -24.93 -50.89
C ALA L 296 -68.80 -23.92 -50.81
N LEU L 297 -68.45 -23.31 -51.95
CA LEU L 297 -67.37 -22.35 -51.97
C LEU L 297 -67.72 -21.12 -51.12
N LYS L 298 -68.99 -20.73 -51.10
CA LYS L 298 -69.42 -19.64 -50.24
C LYS L 298 -69.21 -19.99 -48.77
N ALA L 299 -69.53 -21.23 -48.38
CA ALA L 299 -69.33 -21.66 -47.01
C ALA L 299 -67.85 -21.68 -46.64
N VAL L 300 -67.00 -22.14 -47.56
CA VAL L 300 -65.56 -22.19 -47.29
C VAL L 300 -64.99 -20.78 -47.20
N ASP L 301 -65.40 -19.91 -48.13
CA ASP L 301 -64.88 -18.54 -48.13
C ASP L 301 -65.31 -17.79 -46.89
N SER L 302 -66.57 -17.96 -46.46
CA SER L 302 -67.04 -17.25 -45.27
C SER L 302 -66.28 -17.69 -44.03
N GLN L 303 -66.01 -18.99 -43.90
CA GLN L 303 -65.27 -19.46 -42.75
C GLN L 303 -63.81 -19.04 -42.80
N ARG L 304 -63.25 -18.91 -44.01
CA ARG L 304 -61.90 -18.37 -44.15
C ARG L 304 -61.83 -16.92 -43.69
N ALA L 305 -62.86 -16.14 -44.02
CA ALA L 305 -62.92 -14.75 -43.54
C ALA L 305 -63.08 -14.71 -42.02
N SER L 306 -63.87 -15.63 -41.47
CA SER L 306 -64.03 -15.69 -40.01
C SER L 306 -62.71 -16.02 -39.33
N LEU L 307 -61.95 -16.97 -39.89
CA LEU L 307 -60.66 -17.33 -39.30
C LEU L 307 -59.65 -16.21 -39.48
N GLY L 308 -59.68 -15.53 -40.63
CA GLY L 308 -58.76 -14.44 -40.87
C GLY L 308 -59.01 -13.25 -39.95
N ALA L 309 -60.28 -12.92 -39.72
CA ALA L 309 -60.62 -11.85 -38.79
C ALA L 309 -60.11 -12.17 -37.39
N PHE L 310 -60.22 -13.44 -36.98
CA PHE L 310 -59.66 -13.86 -35.71
C PHE L 310 -58.14 -13.67 -35.71
N GLN L 311 -57.48 -14.00 -36.82
CA GLN L 311 -56.03 -13.86 -36.88
C GLN L 311 -55.59 -12.41 -36.72
N ASN L 312 -56.30 -11.48 -37.37
CA ASN L 312 -55.98 -10.07 -37.23
C ASN L 312 -56.33 -9.55 -35.84
N ARG L 313 -57.43 -10.03 -35.26
CA ARG L 313 -57.82 -9.60 -33.92
C ARG L 313 -56.76 -10.01 -32.89
N PHE L 314 -56.24 -11.23 -33.02
CA PHE L 314 -55.15 -11.65 -32.14
C PHE L 314 -53.85 -10.94 -32.47
N GLY L 315 -53.67 -10.53 -33.73
CA GLY L 315 -52.50 -9.72 -34.07
C GLY L 315 -52.49 -8.40 -33.34
N HIS L 316 -53.64 -7.74 -33.25
CA HIS L 316 -53.74 -6.51 -32.46
C HIS L 316 -53.66 -6.81 -30.97
N ALA L 317 -54.23 -7.94 -30.54
CA ALA L 317 -54.21 -8.30 -29.13
C ALA L 317 -52.79 -8.54 -28.64
N ILE L 318 -51.96 -9.22 -29.43
CA ILE L 318 -50.58 -9.44 -29.04
C ILE L 318 -49.83 -8.12 -28.91
N SER L 319 -50.00 -7.24 -29.89
CA SER L 319 -49.30 -5.96 -29.87
C SER L 319 -49.70 -5.14 -28.66
N ASN L 320 -51.00 -5.18 -28.29
CA ASN L 320 -51.43 -4.50 -27.08
C ASN L 320 -50.78 -5.10 -25.84
N LEU L 321 -50.70 -6.44 -25.78
CA LEU L 321 -50.15 -7.09 -24.59
C LEU L 321 -48.66 -6.83 -24.44
N ASP L 322 -47.93 -6.74 -25.56
CA ASP L 322 -46.51 -6.38 -25.46
C ASP L 322 -46.34 -4.96 -24.94
N ASN L 323 -47.20 -4.04 -25.38
CA ASN L 323 -47.13 -2.66 -24.90
C ASN L 323 -47.41 -2.59 -23.40
N VAL L 324 -48.44 -3.31 -22.94
CA VAL L 324 -48.77 -3.30 -21.52
C VAL L 324 -47.69 -4.02 -20.71
N ASN L 325 -47.15 -5.11 -21.25
CA ASN L 325 -46.09 -5.83 -20.55
C ASN L 325 -44.84 -4.97 -20.41
N GLU L 326 -44.48 -4.24 -21.46
CA GLU L 326 -43.31 -3.38 -21.41
C GLU L 326 -43.51 -2.23 -20.43
N ASN L 327 -44.72 -1.65 -20.39
CA ASN L 327 -44.98 -0.56 -19.47
C ASN L 327 -45.07 -1.06 -18.03
N VAL L 328 -45.69 -2.22 -17.82
CA VAL L 328 -45.79 -2.78 -16.48
C VAL L 328 -44.41 -3.15 -15.96
N ASN L 329 -43.54 -3.68 -16.82
CA ASN L 329 -42.17 -3.99 -16.41
C ASN L 329 -41.42 -2.73 -16.01
N ALA L 330 -41.59 -1.64 -16.77
CA ALA L 330 -40.94 -0.39 -16.42
C ALA L 330 -41.43 0.15 -15.08
N SER L 331 -42.74 0.11 -14.85
CA SER L 331 -43.28 0.55 -13.57
C SER L 331 -42.81 -0.35 -12.44
N ARG L 332 -42.75 -1.66 -12.69
CA ARG L 332 -42.23 -2.59 -11.70
C ARG L 332 -40.79 -2.23 -11.33
N SER L 333 -40.01 -1.80 -12.33
CA SER L 333 -38.64 -1.36 -12.06
C SER L 333 -38.61 -0.14 -11.15
N ARG L 334 -39.53 0.80 -11.37
CA ARG L 334 -39.52 2.04 -10.58
C ARG L 334 -39.86 1.78 -9.12
N ILE L 335 -40.57 0.69 -8.83
CA ILE L 335 -41.05 0.44 -7.48
C ILE L 335 -40.11 -0.46 -6.69
N ARG L 336 -39.67 -1.58 -7.28
CA ARG L 336 -38.89 -2.56 -6.54
C ARG L 336 -37.46 -2.72 -7.02
N ASP L 337 -37.13 -2.34 -8.25
CA ASP L 337 -35.75 -2.46 -8.71
C ASP L 337 -34.87 -1.41 -8.05
N THR L 338 -33.68 -1.83 -7.65
CA THR L 338 -32.76 -0.95 -6.95
C THR L 338 -32.14 0.06 -7.90
N ASP L 339 -31.73 1.19 -7.34
CA ASP L 339 -31.01 2.23 -8.07
C ASP L 339 -29.53 2.14 -7.71
N TYR L 340 -28.71 1.72 -8.67
CA TYR L 340 -27.30 1.48 -8.39
C TYR L 340 -26.57 2.76 -8.03
N ALA L 341 -27.04 3.90 -8.55
CA ALA L 341 -26.38 5.18 -8.24
C ALA L 341 -26.53 5.52 -6.76
N ARG L 342 -27.74 5.40 -6.21
CA ARG L 342 -27.96 5.74 -4.81
C ARG L 342 -27.40 4.67 -3.87
N GLU L 343 -27.58 3.40 -4.23
CA GLU L 343 -27.21 2.32 -3.31
C GLU L 343 -25.70 2.26 -3.09
N THR L 344 -24.91 2.45 -4.16
CA THR L 344 -23.46 2.46 -4.01
C THR L 344 -23.01 3.60 -3.09
N THR L 345 -23.61 4.79 -3.26
CA THR L 345 -23.33 5.88 -2.35
C THR L 345 -23.78 5.56 -0.93
N ALA L 346 -24.89 4.82 -0.80
CA ALA L 346 -25.36 4.41 0.51
C ALA L 346 -24.36 3.49 1.20
N MET L 347 -23.75 2.58 0.44
CA MET L 347 -22.71 1.73 1.00
C MET L 347 -21.53 2.56 1.50
N THR L 348 -21.01 3.45 0.65
CA THR L 348 -19.80 4.18 0.99
C THR L 348 -20.02 5.07 2.21
N LYS L 349 -21.16 5.77 2.28
CA LYS L 349 -21.46 6.59 3.45
C LYS L 349 -21.58 5.74 4.70
N ALA L 350 -22.25 4.57 4.60
CA ALA L 350 -22.39 3.71 5.76
C ALA L 350 -21.05 3.15 6.21
N GLN L 351 -20.20 2.76 5.27
CA GLN L 351 -18.88 2.25 5.63
C GLN L 351 -18.03 3.31 6.32
N ILE L 352 -17.98 4.51 5.74
CA ILE L 352 -17.20 5.59 6.36
C ILE L 352 -17.72 5.88 7.76
N LEU L 353 -19.03 5.77 7.96
CA LEU L 353 -19.59 5.90 9.30
C LEU L 353 -19.09 4.79 10.22
N GLN L 354 -18.83 3.60 9.68
CA GLN L 354 -18.31 2.52 10.52
C GLN L 354 -16.89 2.82 11.00
N GLN L 355 -16.00 3.23 10.09
CA GLN L 355 -14.65 3.57 10.51
C GLN L 355 -14.65 4.76 11.47
N ALA L 356 -15.55 5.71 11.25
CA ALA L 356 -15.68 6.83 12.18
C ALA L 356 -16.11 6.34 13.56
N SER L 357 -17.08 5.43 13.62
CA SER L 357 -17.53 4.92 14.90
C SER L 357 -16.47 4.06 15.58
N THR L 358 -15.78 3.21 14.81
CA THR L 358 -14.77 2.34 15.40
C THR L 358 -13.56 3.13 15.89
N SER L 359 -13.14 4.15 15.13
CA SER L 359 -12.02 4.98 15.55
C SER L 359 -12.34 5.73 16.84
N VAL L 360 -13.56 6.28 16.93
CA VAL L 360 -13.96 6.97 18.15
C VAL L 360 -14.11 5.97 19.30
N LEU L 361 -14.61 4.77 19.01
CA LEU L 361 -14.75 3.76 20.05
C LEU L 361 -13.40 3.37 20.63
N ALA L 362 -12.38 3.25 19.77
CA ALA L 362 -11.04 2.95 20.25
C ALA L 362 -10.51 4.05 21.16
N GLN L 363 -10.74 5.31 20.78
CA GLN L 363 -10.28 6.42 21.62
C GLN L 363 -11.09 6.52 22.91
N ALA L 364 -12.36 6.11 22.86
CA ALA L 364 -13.24 6.27 24.02
C ALA L 364 -12.78 5.42 25.20
N LYS L 365 -12.28 4.21 24.95
CA LYS L 365 -11.92 3.32 26.05
C LYS L 365 -10.64 3.72 26.75
N GLN L 366 -9.88 4.67 26.20
CA GLN L 366 -8.72 5.20 26.89
C GLN L 366 -9.10 6.19 27.99
N SER L 367 -10.37 6.58 28.07
CA SER L 367 -10.82 7.44 29.18
C SER L 367 -10.62 6.77 30.53
N PRO L 368 -10.99 5.50 30.75
CA PRO L 368 -10.62 4.85 32.01
C PRO L 368 -9.11 4.79 32.24
N SER L 369 -8.32 4.70 31.16
CA SER L 369 -6.87 4.69 31.32
C SER L 369 -6.38 6.02 31.89
N ALA L 370 -7.11 7.10 31.66
CA ALA L 370 -6.76 8.37 32.27
C ALA L 370 -6.95 8.32 33.78
N ALA L 371 -8.01 7.66 34.25
CA ALA L 371 -8.20 7.47 35.68
C ALA L 371 -7.15 6.55 36.26
N LEU L 372 -6.78 5.50 35.52
CA LEU L 372 -5.72 4.61 35.96
C LEU L 372 -4.40 5.36 36.12
N SER L 373 -4.03 6.17 35.12
CA SER L 373 -2.77 6.89 35.15
C SER L 373 -2.78 8.07 36.11
N LEU L 374 -3.94 8.47 36.63
CA LEU L 374 -4.00 9.61 37.53
C LEU L 374 -3.17 9.33 38.79
N LEU L 375 -3.63 8.38 39.61
CA LEU L 375 -2.77 7.76 40.61
C LEU L 375 -3.09 6.27 40.77
N GLY L 376 -4.06 5.75 40.04
CA GLY L 376 -4.51 4.38 40.22
C GLY L 376 -3.65 3.34 39.53
N MET M 1 20.82 -23.11 36.57
CA MET M 1 21.62 -22.18 35.79
C MET M 1 22.20 -21.12 36.72
N ALA M 2 23.50 -21.21 36.95
CA ALA M 2 24.17 -20.23 37.81
C ALA M 2 24.23 -18.88 37.13
N ILE M 3 23.75 -17.84 37.83
CA ILE M 3 23.69 -16.52 37.23
C ILE M 3 25.10 -16.00 36.99
N ASN M 4 25.37 -15.56 35.76
CA ASN M 4 26.72 -15.23 35.33
C ASN M 4 26.68 -13.98 34.45
N VAL M 5 27.82 -13.29 34.41
CA VAL M 5 27.98 -12.14 33.51
C VAL M 5 29.12 -12.42 32.54
N ASN M 6 30.08 -13.24 32.97
CA ASN M 6 31.24 -13.52 32.13
C ASN M 6 30.91 -14.49 31.00
N THR M 7 29.95 -15.40 31.21
CA THR M 7 29.53 -16.35 30.18
C THR M 7 28.04 -16.16 29.91
N ASN M 8 27.70 -16.08 28.64
CA ASN M 8 26.34 -15.86 28.18
C ASN M 8 25.96 -16.93 27.17
N VAL M 9 26.17 -18.19 27.54
CA VAL M 9 25.94 -19.33 26.64
C VAL M 9 24.53 -19.31 26.08
N SER M 10 23.57 -18.75 26.82
CA SER M 10 22.21 -18.65 26.30
C SER M 10 22.16 -17.76 25.07
N ALA M 11 22.88 -16.65 25.09
CA ALA M 11 23.00 -15.82 23.89
C ALA M 11 23.89 -16.48 22.85
N MET M 12 24.85 -17.29 23.30
CA MET M 12 25.75 -17.98 22.38
C MET M 12 24.99 -18.92 21.46
N THR M 13 23.97 -19.60 22.01
CA THR M 13 23.06 -20.37 21.17
C THR M 13 22.31 -19.46 20.21
N ALA M 14 21.85 -18.30 20.69
CA ALA M 14 21.02 -17.42 19.87
C ALA M 14 21.77 -16.96 18.63
N GLN M 15 23.03 -16.55 18.79
CA GLN M 15 23.79 -16.06 17.64
C GLN M 15 24.25 -17.22 16.75
N ARG M 16 24.42 -18.41 17.30
CA ARG M 16 24.81 -19.56 16.48
C ARG M 16 23.70 -19.93 15.50
N TYR M 17 22.46 -20.00 16.00
CA TYR M 17 21.33 -20.25 15.11
C TYR M 17 20.99 -19.03 14.27
N LEU M 18 21.37 -17.84 14.75
CA LEU M 18 21.25 -16.64 13.92
C LEU M 18 22.16 -16.74 12.70
N ASN M 19 23.39 -17.22 12.88
CA ASN M 19 24.28 -17.43 11.75
C ASN M 19 23.76 -18.51 10.82
N GLY M 20 23.21 -19.59 11.39
CA GLY M 20 22.64 -20.64 10.57
C GLY M 20 21.46 -20.15 9.74
N ALA M 21 20.63 -19.28 10.30
CA ALA M 21 19.53 -18.71 9.55
C ALA M 21 20.03 -17.75 8.48
N ALA M 22 21.11 -17.02 8.78
CA ALA M 22 21.68 -16.09 7.81
C ALA M 22 22.19 -16.84 6.57
N ASP M 23 22.86 -17.98 6.78
CA ASP M 23 23.28 -18.80 5.65
C ASP M 23 22.08 -19.32 4.87
N GLY M 24 20.96 -19.57 5.56
CA GLY M 24 19.76 -20.02 4.87
C GLY M 24 19.23 -18.99 3.89
N MET M 25 19.24 -17.72 4.28
CA MET M 25 18.77 -16.67 3.38
C MET M 25 19.75 -16.44 2.24
N GLN M 26 21.05 -16.43 2.54
CA GLN M 26 22.04 -16.18 1.52
C GLN M 26 22.01 -17.26 0.45
N LYS M 27 21.84 -18.52 0.84
CA LYS M 27 21.70 -19.60 -0.13
C LYS M 27 20.47 -19.42 -0.99
N SER M 28 19.34 -19.08 -0.37
CA SER M 28 18.09 -18.99 -1.11
C SER M 28 18.05 -17.76 -2.00
N MET M 29 18.59 -16.64 -1.51
CA MET M 29 18.58 -15.41 -2.29
C MET M 29 19.54 -15.51 -3.48
N GLU M 30 20.69 -16.15 -3.29
CA GLU M 30 21.59 -16.40 -4.41
C GLU M 30 20.93 -17.32 -5.44
N ARG M 31 20.22 -18.35 -4.97
CA ARG M 31 19.52 -19.24 -5.88
C ARG M 31 18.41 -18.53 -6.63
N LEU M 32 17.77 -17.53 -5.99
CA LEU M 32 16.68 -16.81 -6.66
C LEU M 32 17.22 -15.83 -7.70
N SER M 33 18.33 -15.16 -7.40
CA SER M 33 18.88 -14.18 -8.34
C SER M 33 19.37 -14.87 -9.61
N SER M 34 20.16 -15.93 -9.46
CA SER M 34 20.68 -16.64 -10.62
C SER M 34 19.61 -17.50 -11.29
N GLY M 35 18.61 -17.94 -10.53
CA GLY M 35 17.64 -18.87 -11.06
C GLY M 35 18.14 -20.29 -11.18
N TYR M 36 19.18 -20.65 -10.44
CA TYR M 36 19.79 -21.97 -10.51
C TYR M 36 19.93 -22.56 -9.12
N LYS M 37 19.54 -23.83 -8.99
CA LYS M 37 19.80 -24.56 -7.74
C LYS M 37 21.29 -24.71 -7.50
N ILE M 38 22.04 -25.05 -8.54
CA ILE M 38 23.47 -25.34 -8.39
C ILE M 38 24.29 -24.20 -8.99
N ASN M 39 24.64 -23.23 -8.14
CA ASN M 39 25.57 -22.18 -8.53
C ASN M 39 27.02 -22.52 -8.19
N SER M 40 27.24 -23.64 -7.49
CA SER M 40 28.56 -24.04 -7.08
C SER M 40 28.53 -25.53 -6.75
N ALA M 41 29.71 -26.16 -6.79
CA ALA M 41 29.84 -27.54 -6.37
C ALA M 41 29.58 -27.73 -4.88
N ARG M 42 29.53 -26.64 -4.11
CA ARG M 42 29.10 -26.73 -2.72
C ARG M 42 27.69 -27.29 -2.62
N ASP M 43 26.83 -26.96 -3.59
CA ASP M 43 25.43 -27.34 -3.52
C ASP M 43 25.24 -28.82 -3.89
N ASP M 44 25.70 -29.21 -5.08
CA ASP M 44 25.54 -30.58 -5.55
C ASP M 44 26.66 -30.87 -6.54
N ALA M 45 27.67 -31.63 -6.11
CA ALA M 45 28.81 -31.91 -6.97
C ALA M 45 28.40 -32.72 -8.19
N ALA M 46 27.70 -33.84 -7.98
CA ALA M 46 27.27 -34.67 -9.11
C ALA M 46 26.26 -33.93 -9.97
N GLY M 47 25.31 -33.23 -9.35
CA GLY M 47 24.33 -32.48 -10.12
C GLY M 47 24.99 -31.42 -11.00
N LEU M 48 26.04 -30.78 -10.49
CA LEU M 48 26.79 -29.82 -11.30
C LEU M 48 27.44 -30.51 -12.50
N GLN M 49 27.99 -31.71 -12.29
CA GLN M 49 28.67 -32.41 -13.37
C GLN M 49 27.70 -32.80 -14.49
N ILE M 50 26.58 -33.43 -14.13
CA ILE M 50 25.65 -33.89 -15.15
C ILE M 50 24.99 -32.70 -15.84
N SER M 51 24.66 -31.65 -15.07
CA SER M 51 24.07 -30.45 -15.66
C SER M 51 25.04 -29.79 -16.64
N ASN M 52 26.32 -29.73 -16.28
CA ASN M 52 27.31 -29.16 -17.19
C ASN M 52 27.42 -29.98 -18.47
N ARG M 53 27.40 -31.31 -18.35
CA ARG M 53 27.44 -32.15 -19.54
C ARG M 53 26.16 -32.03 -20.35
N LEU M 54 25.02 -31.82 -19.69
CA LEU M 54 23.77 -31.59 -20.40
C LEU M 54 23.77 -30.21 -21.07
N THR M 55 24.45 -29.24 -20.45
CA THR M 55 24.61 -27.94 -21.11
C THR M 55 25.48 -28.07 -22.35
N SER M 56 26.59 -28.80 -22.24
CA SER M 56 27.45 -29.01 -23.40
C SER M 56 26.71 -29.77 -24.50
N GLN M 57 25.92 -30.77 -24.13
CA GLN M 57 25.12 -31.49 -25.10
C GLN M 57 24.07 -30.57 -25.72
N SER M 58 23.44 -29.72 -24.91
CA SER M 58 22.41 -28.81 -25.43
C SER M 58 23.01 -27.84 -26.44
N ARG M 59 24.17 -27.27 -26.12
CA ARG M 59 24.84 -26.39 -27.08
C ARG M 59 25.28 -27.17 -28.32
N GLY M 60 25.75 -28.39 -28.14
CA GLY M 60 26.15 -29.21 -29.26
C GLY M 60 24.99 -29.57 -30.17
N LEU M 61 23.82 -29.81 -29.59
CA LEU M 61 22.64 -30.13 -30.39
C LEU M 61 22.15 -28.91 -31.15
N ASP M 62 22.15 -27.74 -30.50
CA ASP M 62 21.79 -26.51 -31.19
C ASP M 62 22.79 -26.22 -32.31
N MET M 63 24.07 -26.45 -32.05
CA MET M 63 25.09 -26.29 -33.08
C MET M 63 24.84 -27.28 -34.22
N ALA M 64 24.44 -28.51 -33.88
CA ALA M 64 24.25 -29.54 -34.90
C ALA M 64 23.13 -29.17 -35.88
N VAL M 65 22.03 -28.63 -35.37
CA VAL M 65 20.94 -28.25 -36.28
C VAL M 65 21.36 -27.06 -37.15
N LYS M 66 22.24 -26.20 -36.65
CA LYS M 66 22.78 -25.13 -37.49
C LYS M 66 23.63 -25.72 -38.61
N ASN M 67 24.49 -26.69 -38.28
CA ASN M 67 25.33 -27.31 -39.30
C ASN M 67 24.49 -28.11 -40.30
N ALA M 68 23.43 -28.77 -39.82
CA ALA M 68 22.55 -29.48 -40.72
C ALA M 68 21.84 -28.53 -41.68
N ASN M 69 21.46 -27.35 -41.18
CA ASN M 69 20.82 -26.36 -42.03
C ASN M 69 21.77 -25.87 -43.12
N ASP M 70 23.04 -25.63 -42.76
CA ASP M 70 24.03 -25.24 -43.77
C ASP M 70 24.25 -26.35 -44.78
N GLY M 71 24.31 -27.60 -44.32
CA GLY M 71 24.44 -28.72 -45.25
C GLY M 71 23.25 -28.84 -46.18
N ILE M 72 22.05 -28.54 -45.66
CA ILE M 72 20.86 -28.52 -46.52
C ILE M 72 20.96 -27.39 -47.53
N SER M 73 21.42 -26.22 -47.08
CA SER M 73 21.50 -25.06 -47.98
C SER M 73 22.47 -25.32 -49.13
N ILE M 74 23.62 -25.93 -48.84
CA ILE M 74 24.56 -26.27 -49.90
C ILE M 74 23.92 -27.27 -50.86
N ALA M 75 23.16 -28.23 -50.33
CA ALA M 75 22.49 -29.19 -51.18
C ALA M 75 21.47 -28.51 -52.10
N GLN M 76 20.73 -27.53 -51.56
CA GLN M 76 19.76 -26.81 -52.38
C GLN M 76 20.44 -25.97 -53.46
N THR M 77 21.56 -25.33 -53.13
CA THR M 77 22.27 -24.51 -54.11
C THR M 77 22.74 -25.36 -55.29
N ALA M 78 23.29 -26.54 -54.99
CA ALA M 78 23.68 -27.46 -56.06
C ALA M 78 22.46 -28.02 -56.77
N GLU M 79 21.37 -28.22 -56.04
CA GLU M 79 20.15 -28.77 -56.63
C GLU M 79 19.52 -27.79 -57.61
N GLY M 80 19.48 -26.50 -57.26
CA GLY M 80 18.90 -25.51 -58.15
C GLY M 80 19.71 -25.35 -59.42
N ALA M 81 21.04 -25.27 -59.30
CA ALA M 81 21.89 -25.23 -60.48
C ALA M 81 21.84 -26.55 -61.24
N MET M 82 21.55 -27.65 -60.53
CA MET M 82 21.30 -28.92 -61.20
C MET M 82 20.11 -28.83 -62.13
N ASN M 83 19.06 -28.12 -61.68
CA ASN M 83 17.82 -28.06 -62.44
C ASN M 83 18.02 -27.40 -63.80
N GLU M 84 18.77 -26.31 -63.85
CA GLU M 84 18.98 -25.62 -65.13
C GLU M 84 19.85 -26.45 -66.06
N THR M 85 20.75 -27.26 -65.50
CA THR M 85 21.53 -28.19 -66.33
C THR M 85 20.63 -29.20 -67.01
N THR M 86 19.61 -29.70 -66.29
CA THR M 86 18.65 -30.60 -66.90
C THR M 86 17.87 -29.91 -68.01
N ASN M 87 17.45 -28.67 -67.78
CA ASN M 87 16.66 -27.95 -68.78
C ASN M 87 17.47 -27.71 -70.05
N ILE M 88 18.75 -27.35 -69.91
CA ILE M 88 19.59 -27.13 -71.08
C ILE M 88 19.79 -28.44 -71.85
N LEU M 89 20.00 -29.54 -71.14
CA LEU M 89 20.24 -30.82 -71.81
C LEU M 89 19.00 -31.27 -72.58
N GLN M 90 17.81 -31.07 -72.01
CA GLN M 90 16.59 -31.42 -72.72
C GLN M 90 16.45 -30.61 -74.00
N ARG M 91 16.82 -29.33 -73.96
CA ARG M 91 16.78 -28.51 -75.17
C ARG M 91 17.76 -29.03 -76.22
N MET M 92 18.94 -29.48 -75.79
CA MET M 92 19.89 -30.07 -76.71
C MET M 92 19.32 -31.34 -77.34
N ARG M 93 18.58 -32.14 -76.56
CA ARG M 93 17.96 -33.34 -77.11
C ARG M 93 16.94 -32.99 -78.18
N ASP M 94 16.15 -31.94 -77.95
CA ASP M 94 15.17 -31.51 -78.93
C ASP M 94 15.88 -31.04 -80.20
N LEU M 95 16.94 -30.25 -80.04
CA LEU M 95 17.67 -29.74 -81.21
C LEU M 95 18.30 -30.88 -82.00
N ALA M 96 18.88 -31.86 -81.30
CA ALA M 96 19.49 -32.99 -82.00
C ALA M 96 18.46 -33.79 -82.78
N LEU M 97 17.29 -34.02 -82.18
CA LEU M 97 16.23 -34.73 -82.88
C LEU M 97 15.73 -33.96 -84.09
N GLN M 98 15.60 -32.64 -83.95
CA GLN M 98 15.13 -31.81 -85.06
C GLN M 98 16.13 -31.79 -86.21
N SER M 99 17.43 -31.72 -85.88
CA SER M 99 18.45 -31.60 -86.91
C SER M 99 18.72 -32.91 -87.63
N SER M 100 18.35 -34.05 -87.04
CA SER M 100 18.59 -35.33 -87.70
C SER M 100 17.58 -35.63 -88.79
N ASN M 101 16.53 -34.82 -88.92
CA ASN M 101 15.56 -35.01 -89.99
C ASN M 101 16.22 -34.81 -91.35
N GLY M 102 15.80 -35.63 -92.33
CA GLY M 102 16.38 -35.55 -93.66
C GLY M 102 15.94 -34.35 -94.46
N SER M 103 14.91 -33.63 -94.01
CA SER M 103 14.48 -32.43 -94.72
C SER M 103 15.50 -31.32 -94.61
N ASN M 104 16.25 -31.27 -93.50
CA ASN M 104 17.26 -30.24 -93.31
C ASN M 104 18.42 -30.44 -94.28
N SER M 105 18.92 -29.33 -94.82
CA SER M 105 20.15 -29.33 -95.59
C SER M 105 21.29 -28.91 -94.68
N SER M 106 22.51 -28.81 -95.24
CA SER M 106 23.67 -28.50 -94.42
C SER M 106 23.59 -27.10 -93.81
N SER M 107 22.90 -26.18 -94.49
CA SER M 107 22.84 -24.81 -94.01
C SER M 107 22.12 -24.71 -92.66
N GLU M 108 20.98 -25.40 -92.53
CA GLU M 108 20.25 -25.34 -91.27
C GLU M 108 20.95 -26.16 -90.19
N ARG M 109 21.66 -27.23 -90.59
CA ARG M 109 22.40 -28.02 -89.63
C ARG M 109 23.47 -27.19 -88.93
N ARG M 110 24.07 -26.25 -89.65
CA ARG M 110 25.01 -25.32 -89.02
C ARG M 110 24.30 -24.45 -87.99
N ALA M 111 23.09 -24.00 -88.29
CA ALA M 111 22.35 -23.14 -87.38
C ALA M 111 22.01 -23.86 -86.08
N ILE M 112 21.55 -25.10 -86.18
CA ILE M 112 21.23 -25.87 -84.99
C ILE M 112 22.50 -26.17 -84.19
N GLN M 113 23.60 -26.48 -84.89
CA GLN M 113 24.87 -26.71 -84.22
C GLN M 113 25.34 -25.46 -83.47
N GLU M 114 25.09 -24.28 -84.05
CA GLU M 114 25.49 -23.04 -83.39
C GLU M 114 24.77 -22.87 -82.06
N GLU M 115 23.47 -23.18 -82.02
CA GLU M 115 22.73 -23.09 -80.77
C GLU M 115 23.18 -24.17 -79.79
N VAL M 116 23.53 -25.35 -80.30
CA VAL M 116 24.00 -26.43 -79.44
C VAL M 116 25.33 -26.04 -78.79
N SER M 117 26.23 -25.43 -79.57
CA SER M 117 27.51 -24.99 -79.03
C SER M 117 27.33 -23.93 -77.95
N ALA M 118 26.39 -23.00 -78.16
CA ALA M 118 26.13 -21.97 -77.16
C ALA M 118 25.60 -22.59 -75.87
N LEU M 119 24.69 -23.56 -75.99
CA LEU M 119 24.17 -24.23 -74.81
C LEU M 119 25.23 -25.08 -74.13
N ASN M 120 26.13 -25.68 -74.91
CA ASN M 120 27.25 -26.41 -74.33
C ASN M 120 28.14 -25.49 -73.52
N ASP M 121 28.38 -24.28 -74.03
CA ASP M 121 29.14 -23.30 -73.26
C ASP M 121 28.39 -22.87 -72.01
N GLU M 122 27.06 -23.01 -72.02
CA GLU M 122 26.27 -22.66 -70.85
C GLU M 122 26.42 -23.70 -69.75
N LEU M 123 26.50 -24.98 -70.12
CA LEU M 123 26.69 -26.05 -69.14
C LEU M 123 28.01 -25.88 -68.40
N ASN M 124 29.07 -25.54 -69.13
CA ASN M 124 30.37 -25.30 -68.48
C ASN M 124 30.31 -24.08 -67.58
N ARG M 125 29.60 -23.03 -68.00
CA ARG M 125 29.46 -21.85 -67.16
C ARG M 125 28.71 -22.18 -65.88
N ILE M 126 27.64 -22.98 -65.97
CA ILE M 126 26.90 -23.38 -64.77
C ILE M 126 27.78 -24.25 -63.88
N ALA M 127 28.54 -25.16 -64.47
CA ALA M 127 29.40 -26.04 -63.68
C ALA M 127 30.47 -25.25 -62.94
N GLU M 128 31.04 -24.23 -63.57
CA GLU M 128 32.18 -23.52 -62.99
C GLU M 128 31.74 -22.41 -62.04
N THR M 129 30.91 -21.48 -62.52
CA THR M 129 30.60 -20.28 -61.75
C THR M 129 29.59 -20.51 -60.63
N THR M 130 28.92 -21.65 -60.59
CA THR M 130 28.02 -21.93 -59.47
C THR M 130 28.84 -22.13 -58.20
N SER M 131 28.46 -21.41 -57.14
CA SER M 131 29.21 -21.47 -55.89
C SER M 131 28.28 -21.08 -54.74
N PHE M 132 28.70 -21.44 -53.54
CA PHE M 132 27.97 -21.14 -52.31
C PHE M 132 28.85 -20.19 -51.49
N GLY M 133 28.67 -18.89 -51.69
CA GLY M 133 29.50 -17.91 -51.02
C GLY M 133 30.96 -18.00 -51.40
N GLY M 134 31.25 -18.19 -52.69
CA GLY M 134 32.61 -18.33 -53.17
C GLY M 134 33.16 -19.74 -53.14
N ASN M 135 32.42 -20.69 -52.59
CA ASN M 135 32.85 -22.09 -52.52
C ASN M 135 32.25 -22.83 -53.71
N LYS M 136 33.09 -23.11 -54.71
CA LYS M 136 32.61 -23.76 -55.92
C LYS M 136 32.11 -25.17 -55.62
N LEU M 137 31.01 -25.56 -56.26
CA LEU M 137 30.34 -26.82 -56.00
C LEU M 137 30.41 -27.76 -57.20
N LEU M 138 30.04 -27.28 -58.39
CA LEU M 138 29.72 -28.14 -59.53
C LEU M 138 30.90 -28.38 -60.45
N ASN M 139 32.07 -27.81 -60.18
CA ASN M 139 33.22 -27.96 -61.06
C ASN M 139 34.12 -29.12 -60.67
N GLY M 140 33.76 -29.89 -59.63
CA GLY M 140 34.56 -31.00 -59.19
C GLY M 140 35.56 -30.69 -58.10
N SER M 141 35.75 -29.41 -57.76
CA SER M 141 36.65 -29.02 -56.69
C SER M 141 36.06 -29.21 -55.30
N PHE M 142 34.75 -29.49 -55.21
CA PHE M 142 34.14 -29.75 -53.91
C PHE M 142 34.58 -31.09 -53.36
N GLY M 143 34.61 -32.12 -54.20
CA GLY M 143 34.98 -33.44 -53.74
C GLY M 143 33.99 -33.96 -52.71
N SER M 144 34.51 -34.48 -51.60
CA SER M 144 33.69 -35.00 -50.51
C SER M 144 33.96 -34.18 -49.26
N LYS M 145 32.88 -33.68 -48.65
CA LYS M 145 32.97 -32.90 -47.41
C LYS M 145 31.95 -33.45 -46.42
N SER M 146 32.34 -33.45 -45.15
CA SER M 146 31.54 -34.05 -44.08
C SER M 146 30.88 -32.93 -43.27
N PHE M 147 29.57 -33.03 -43.10
CA PHE M 147 28.79 -32.09 -42.31
C PHE M 147 28.53 -32.68 -40.93
N GLN M 148 28.90 -31.94 -39.88
CA GLN M 148 28.84 -32.44 -38.51
C GLN M 148 27.44 -32.19 -37.96
N ILE M 149 26.67 -33.26 -37.79
CA ILE M 149 25.28 -33.15 -37.34
C ILE M 149 25.10 -33.84 -35.99
N GLY M 150 26.16 -33.87 -35.18
CA GLY M 150 26.09 -34.47 -33.87
C GLY M 150 26.63 -33.53 -32.81
N ALA M 151 26.29 -33.84 -31.56
CA ALA M 151 26.75 -33.06 -30.42
C ALA M 151 28.07 -33.55 -29.86
N ASP M 152 28.57 -34.68 -30.33
CA ASP M 152 29.87 -35.22 -29.90
C ASP M 152 30.79 -35.32 -31.11
N SER M 153 32.08 -35.51 -30.83
CA SER M 153 33.08 -35.56 -31.88
C SER M 153 32.85 -36.76 -32.80
N GLY M 154 33.17 -36.58 -34.07
CA GLY M 154 33.08 -37.65 -35.05
C GLY M 154 31.68 -38.15 -35.35
N GLU M 155 30.72 -37.25 -35.53
CA GLU M 155 29.34 -37.59 -35.83
C GLU M 155 28.88 -36.92 -37.12
N ALA M 156 29.72 -36.96 -38.16
CA ALA M 156 29.45 -36.25 -39.40
C ALA M 156 28.86 -37.18 -40.46
N VAL M 157 28.42 -36.58 -41.56
CA VAL M 157 27.84 -37.28 -42.69
C VAL M 157 28.50 -36.77 -43.96
N MET M 158 28.94 -37.69 -44.82
CA MET M 158 29.70 -37.34 -46.01
C MET M 158 28.76 -37.04 -47.17
N LEU M 159 29.01 -35.91 -47.83
CA LEU M 159 28.25 -35.52 -49.03
C LEU M 159 29.23 -35.26 -50.17
N SER M 160 28.97 -35.88 -51.32
CA SER M 160 29.81 -35.73 -52.48
C SER M 160 28.96 -35.39 -53.70
N MET M 161 29.45 -34.46 -54.53
CA MET M 161 28.83 -34.13 -55.80
C MET M 161 29.92 -34.04 -56.85
N GLY M 162 29.84 -34.90 -57.86
CA GLY M 162 30.82 -34.90 -58.92
C GLY M 162 30.66 -33.70 -59.84
N SER M 163 31.72 -33.45 -60.61
CA SER M 163 31.71 -32.35 -61.57
C SER M 163 30.68 -32.62 -62.67
N MET M 164 29.93 -31.58 -63.03
CA MET M 164 29.01 -31.67 -64.16
C MET M 164 29.47 -30.79 -65.32
N ARG M 165 30.78 -30.63 -65.49
CA ARG M 165 31.28 -30.08 -66.73
C ARG M 165 30.83 -30.96 -67.90
N SER M 166 30.57 -30.33 -69.03
CA SER M 166 30.02 -31.05 -70.17
C SER M 166 30.97 -32.12 -70.71
N ASP M 167 32.24 -32.09 -70.33
CA ASP M 167 33.23 -33.05 -70.77
C ASP M 167 33.49 -34.15 -69.74
N THR M 168 32.67 -34.25 -68.70
CA THR M 168 32.85 -35.30 -67.70
C THR M 168 32.64 -36.67 -68.31
N GLN M 169 33.48 -37.64 -67.91
CA GLN M 169 33.37 -38.99 -68.44
C GLN M 169 32.05 -39.64 -68.08
N ALA M 170 31.39 -39.17 -67.02
CA ALA M 170 30.09 -39.69 -66.63
C ALA M 170 28.93 -38.97 -67.33
N MET M 171 29.24 -38.00 -68.19
CA MET M 171 28.23 -37.27 -68.96
C MET M 171 28.26 -37.64 -70.44
N GLY M 172 28.71 -38.85 -70.74
CA GLY M 172 28.80 -39.31 -72.12
C GLY M 172 28.81 -40.82 -72.23
N GLY M 173 29.66 -41.34 -73.12
CA GLY M 173 29.75 -42.77 -73.29
C GLY M 173 30.72 -43.13 -74.39
N LYS M 174 30.75 -44.41 -74.74
CA LYS M 174 31.61 -44.92 -75.80
C LYS M 174 30.76 -45.21 -77.03
N SER M 175 31.20 -44.68 -78.17
CA SER M 175 30.45 -44.78 -79.42
C SER M 175 31.22 -45.63 -80.42
N TYR M 176 30.54 -46.59 -81.01
CA TYR M 176 31.11 -47.48 -82.02
C TYR M 176 30.40 -47.22 -83.35
N ARG M 177 31.16 -47.24 -84.44
CA ARG M 177 30.64 -46.99 -85.77
C ARG M 177 31.07 -48.11 -86.71
N ALA M 178 30.12 -48.64 -87.47
CA ALA M 178 30.42 -49.70 -88.42
C ALA M 178 31.30 -49.18 -89.55
N GLN M 179 32.05 -50.09 -90.16
CA GLN M 179 33.01 -49.74 -91.20
C GLN M 179 32.45 -49.85 -92.61
N GLU M 180 31.20 -50.31 -92.77
CA GLU M 180 30.62 -50.51 -94.08
C GLU M 180 29.30 -49.77 -94.18
N GLY M 181 29.07 -49.13 -95.33
CA GLY M 181 27.81 -48.44 -95.58
C GLY M 181 26.85 -49.32 -96.37
N LYS M 182 25.58 -49.23 -96.02
CA LYS M 182 24.52 -50.03 -96.63
C LYS M 182 23.46 -49.09 -97.19
N ALA M 183 23.05 -49.34 -98.43
CA ALA M 183 22.05 -48.50 -99.08
C ALA M 183 20.65 -48.89 -98.60
N ALA M 184 19.62 -48.32 -99.22
CA ALA M 184 18.24 -48.65 -98.88
C ALA M 184 17.76 -49.93 -99.52
N ASP M 185 18.58 -50.55 -100.37
CA ASP M 185 18.23 -51.81 -101.02
C ASP M 185 18.89 -53.02 -100.36
N TRP M 186 19.47 -52.83 -99.17
CA TRP M 186 20.14 -53.91 -98.46
C TRP M 186 19.21 -54.48 -97.39
N ARG M 187 19.09 -55.81 -97.38
CA ARG M 187 18.27 -56.50 -96.38
C ARG M 187 19.09 -57.63 -95.77
N VAL M 188 18.77 -57.95 -94.52
CA VAL M 188 19.48 -59.02 -93.82
C VAL M 188 19.16 -60.35 -94.50
N GLY M 189 20.21 -61.13 -94.77
CA GLY M 189 20.04 -62.44 -95.35
C GLY M 189 19.75 -63.50 -94.32
N ALA M 190 20.40 -64.66 -94.43
CA ALA M 190 20.24 -65.73 -93.47
C ALA M 190 21.17 -65.60 -92.27
N ALA M 191 22.12 -64.66 -92.30
CA ALA M 191 23.02 -64.40 -91.19
C ALA M 191 22.47 -63.21 -90.41
N THR M 192 21.79 -63.49 -89.30
CA THR M 192 21.10 -62.47 -88.54
C THR M 192 21.58 -62.32 -87.10
N ASP M 193 22.31 -63.30 -86.57
CA ASP M 193 22.71 -63.25 -85.16
C ASP M 193 23.72 -62.14 -84.92
N LEU M 194 23.49 -61.37 -83.86
CA LEU M 194 24.38 -60.28 -83.46
C LEU M 194 24.46 -60.28 -81.95
N THR M 195 25.64 -60.54 -81.41
CA THR M 195 25.85 -60.69 -79.97
C THR M 195 26.69 -59.55 -79.44
N LEU M 196 26.19 -58.88 -78.41
CA LEU M 196 26.91 -57.81 -77.73
C LEU M 196 27.31 -58.30 -76.35
N SER M 197 28.60 -58.48 -76.13
CA SER M 197 29.14 -58.96 -74.87
C SER M 197 29.98 -57.86 -74.25
N TYR M 198 29.63 -57.45 -73.03
CA TYR M 198 30.33 -56.37 -72.34
C TYR M 198 30.21 -56.61 -70.84
N THR M 199 30.53 -55.59 -70.06
CA THR M 199 30.40 -55.64 -68.60
C THR M 199 29.55 -54.47 -68.15
N ASN M 200 28.56 -54.76 -67.30
CA ASN M 200 27.72 -53.71 -66.75
C ASN M 200 28.49 -52.88 -65.73
N LYS M 201 27.87 -51.81 -65.27
CA LYS M 201 28.52 -50.92 -64.30
C LYS M 201 28.72 -51.60 -62.95
N GLN M 202 27.89 -52.59 -62.63
CA GLN M 202 28.04 -53.31 -61.37
C GLN M 202 29.20 -54.29 -61.39
N GLY M 203 29.93 -54.40 -62.51
CA GLY M 203 31.07 -55.28 -62.61
C GLY M 203 30.78 -56.68 -63.10
N GLU M 204 29.50 -57.03 -63.29
CA GLU M 204 29.15 -58.36 -63.76
C GLU M 204 29.15 -58.40 -65.29
N ALA M 205 29.47 -59.56 -65.84
CA ALA M 205 29.46 -59.74 -67.28
C ALA M 205 28.02 -59.78 -67.79
N ARG M 206 27.85 -59.36 -69.04
CA ARG M 206 26.54 -59.32 -69.68
C ARG M 206 26.56 -60.17 -70.95
N GLU M 207 25.36 -60.54 -71.40
CA GLU M 207 25.22 -61.40 -72.57
C GLU M 207 23.89 -61.02 -73.24
N VAL M 208 23.98 -60.19 -74.27
CA VAL M 208 22.82 -59.68 -74.99
C VAL M 208 22.88 -60.19 -76.42
N THR M 209 21.82 -60.88 -76.85
CA THR M 209 21.76 -61.49 -78.17
C THR M 209 20.59 -60.91 -78.96
N ILE M 210 20.87 -60.46 -80.17
CA ILE M 210 19.86 -59.92 -81.08
C ILE M 210 19.76 -60.84 -82.28
N ASN M 211 18.54 -61.22 -82.64
CA ASN M 211 18.26 -62.00 -83.84
C ASN M 211 17.41 -61.10 -84.74
N ALA M 212 18.06 -60.32 -85.59
CA ALA M 212 17.36 -59.39 -86.45
C ALA M 212 16.47 -60.13 -87.44
N LYS M 213 15.32 -59.55 -87.74
CA LYS M 213 14.37 -60.17 -88.65
C LYS M 213 14.83 -60.00 -90.09
N GLN M 214 14.66 -61.06 -90.88
CA GLN M 214 15.10 -61.03 -92.27
C GLN M 214 14.28 -60.04 -93.08
N GLY M 215 14.95 -59.40 -94.05
CA GLY M 215 14.31 -58.43 -94.92
C GLY M 215 14.37 -57.01 -94.45
N ASP M 216 14.74 -56.76 -93.19
CA ASP M 216 14.80 -55.41 -92.66
C ASP M 216 15.98 -54.65 -93.26
N ASP M 217 15.80 -53.35 -93.45
CA ASP M 217 16.88 -52.47 -93.85
C ASP M 217 17.63 -52.02 -92.59
N LEU M 218 18.56 -51.07 -92.74
CA LEU M 218 19.37 -50.67 -91.60
C LEU M 218 18.59 -49.80 -90.63
N GLU M 219 17.68 -48.95 -91.14
CA GLU M 219 16.92 -48.09 -90.25
C GLU M 219 15.95 -48.90 -89.38
N GLU M 220 15.38 -49.96 -89.93
CA GLU M 220 14.56 -50.85 -89.13
C GLU M 220 15.42 -51.69 -88.19
N LEU M 221 16.63 -52.04 -88.64
CA LEU M 221 17.55 -52.80 -87.79
C LEU M 221 17.95 -51.99 -86.56
N ALA M 222 18.23 -50.70 -86.73
CA ALA M 222 18.58 -49.86 -85.59
C ALA M 222 17.41 -49.72 -84.64
N THR M 223 16.20 -49.60 -85.17
CA THR M 223 15.01 -49.55 -84.31
C THR M 223 14.81 -50.85 -83.55
N TYR M 224 15.07 -51.98 -84.21
CA TYR M 224 14.94 -53.27 -83.53
C TYR M 224 15.92 -53.40 -82.38
N ILE M 225 17.16 -52.94 -82.58
CA ILE M 225 18.16 -53.03 -81.52
C ILE M 225 17.75 -52.17 -80.34
N ASN M 226 17.16 -51.00 -80.60
CA ASN M 226 16.73 -50.12 -79.53
C ASN M 226 15.64 -50.78 -78.68
N GLY M 227 14.67 -51.44 -79.33
CA GLY M 227 13.61 -52.08 -78.58
C GLY M 227 14.07 -53.29 -77.78
N GLN M 228 14.96 -54.09 -78.36
CA GLN M 228 15.35 -55.35 -77.73
C GLN M 228 16.13 -55.13 -76.44
N THR M 229 17.03 -54.16 -76.42
CA THR M 229 17.91 -53.93 -75.27
C THR M 229 17.92 -52.45 -74.91
N GLU M 230 18.14 -52.18 -73.63
CA GLU M 230 18.21 -50.83 -73.11
C GLU M 230 19.63 -50.40 -72.74
N ASP M 231 20.60 -51.31 -72.84
CA ASP M 231 21.97 -50.94 -72.49
C ASP M 231 22.59 -50.06 -73.56
N VAL M 232 22.34 -50.36 -74.84
CA VAL M 232 22.92 -49.63 -75.95
C VAL M 232 21.80 -49.02 -76.78
N LYS M 233 22.15 -47.95 -77.51
CA LYS M 233 21.24 -47.28 -78.42
C LYS M 233 21.90 -47.22 -79.79
N ALA M 234 21.21 -47.75 -80.80
CA ALA M 234 21.76 -47.89 -82.14
C ALA M 234 21.06 -46.94 -83.11
N SER M 235 21.84 -46.37 -84.02
CA SER M 235 21.32 -45.46 -85.04
C SER M 235 22.05 -45.71 -86.35
N VAL M 236 21.80 -44.85 -87.34
CA VAL M 236 22.39 -44.96 -88.67
C VAL M 236 22.83 -43.59 -89.12
N GLY M 237 23.99 -43.52 -89.78
CA GLY M 237 24.57 -42.28 -90.24
C GLY M 237 24.17 -41.92 -91.66
N GLU M 238 24.93 -40.99 -92.24
CA GLU M 238 24.64 -40.53 -93.60
C GLU M 238 24.87 -41.65 -94.60
N ASP M 239 26.05 -42.29 -94.53
CA ASP M 239 26.40 -43.34 -95.47
C ASP M 239 25.56 -44.60 -95.30
N GLY M 240 24.80 -44.70 -94.21
CA GLY M 240 24.04 -45.90 -93.94
C GLY M 240 24.87 -46.93 -93.20
N LYS M 241 25.53 -46.52 -92.12
CA LYS M 241 26.35 -47.41 -91.32
C LYS M 241 25.84 -47.40 -89.89
N LEU M 242 25.47 -48.57 -89.38
CA LEU M 242 24.93 -48.68 -88.04
C LEU M 242 25.98 -48.29 -87.01
N GLN M 243 25.57 -47.50 -86.02
CA GLN M 243 26.46 -47.05 -84.96
C GLN M 243 25.81 -47.32 -83.61
N LEU M 244 26.59 -47.89 -82.71
CA LEU M 244 26.15 -48.20 -81.36
C LEU M 244 26.68 -47.18 -80.38
N PHE M 245 26.04 -47.10 -79.21
CA PHE M 245 26.46 -46.21 -78.14
C PHE M 245 26.21 -46.88 -76.80
N ALA M 246 27.28 -47.08 -76.04
CA ALA M 246 27.21 -47.66 -74.71
C ALA M 246 27.65 -46.60 -73.70
N SER M 247 26.69 -46.07 -72.93
CA SER M 247 26.99 -45.01 -72.00
C SER M 247 27.91 -45.51 -70.88
N SER M 248 28.63 -44.57 -70.28
CA SER M 248 29.58 -44.91 -69.23
C SER M 248 28.91 -45.36 -67.94
N GLN M 249 27.58 -45.21 -67.83
CA GLN M 249 26.86 -45.59 -66.63
C GLN M 249 26.26 -46.99 -66.72
N LYS M 250 26.13 -47.54 -67.93
CA LYS M 250 25.59 -48.88 -68.11
C LYS M 250 26.61 -49.87 -68.65
N VAL M 251 27.72 -49.41 -69.21
CA VAL M 251 28.75 -50.27 -69.78
C VAL M 251 30.11 -49.71 -69.41
N ASN M 252 31.02 -50.60 -68.97
CA ASN M 252 32.41 -50.24 -68.76
C ASN M 252 33.28 -51.22 -69.54
N GLY M 253 34.33 -50.69 -70.17
CA GLY M 253 35.16 -51.49 -71.05
C GLY M 253 34.64 -51.53 -72.48
N ASP M 254 35.48 -52.04 -73.37
CA ASP M 254 35.14 -52.10 -74.78
C ASP M 254 34.07 -53.16 -75.03
N VAL M 255 33.01 -52.77 -75.75
CA VAL M 255 31.96 -53.70 -76.11
C VAL M 255 32.47 -54.64 -77.20
N THR M 256 32.28 -55.94 -77.00
CA THR M 256 32.70 -56.96 -77.95
C THR M 256 31.49 -57.39 -78.77
N ILE M 257 31.63 -57.36 -80.09
CA ILE M 257 30.55 -57.67 -81.01
C ILE M 257 30.93 -58.92 -81.80
N GLY M 258 30.05 -59.93 -81.75
CA GLY M 258 30.27 -61.16 -82.48
C GLY M 258 29.01 -61.58 -83.21
N GLY M 259 29.15 -62.63 -84.00
CA GLY M 259 28.05 -63.19 -84.75
C GLY M 259 28.17 -62.90 -86.24
N GLY M 260 27.26 -63.54 -86.99
CA GLY M 260 27.26 -63.36 -88.43
C GLY M 260 26.90 -61.95 -88.86
N LEU M 261 25.89 -61.36 -88.23
CA LEU M 261 25.51 -59.99 -88.57
C LEU M 261 26.60 -59.01 -88.17
N GLY M 262 27.26 -59.24 -87.04
CA GLY M 262 28.35 -58.37 -86.63
C GLY M 262 29.52 -58.40 -87.60
N GLY M 263 29.90 -59.59 -88.05
CA GLY M 263 30.97 -59.69 -89.03
C GLY M 263 30.58 -59.13 -90.38
N GLU M 264 29.35 -59.37 -90.82
CA GLU M 264 28.91 -58.91 -92.14
C GLU M 264 28.74 -57.40 -92.16
N ILE M 265 28.24 -56.81 -91.07
CA ILE M 265 28.07 -55.37 -91.01
C ILE M 265 29.37 -54.66 -90.68
N GLY M 266 30.35 -55.37 -90.12
CA GLY M 266 31.62 -54.76 -89.77
C GLY M 266 31.55 -53.81 -88.61
N PHE M 267 32.68 -53.60 -87.93
CA PHE M 267 32.72 -52.70 -86.79
C PHE M 267 34.14 -52.21 -86.59
N ASP M 268 34.26 -51.11 -85.84
CA ASP M 268 35.55 -50.49 -85.55
C ASP M 268 35.68 -50.28 -84.05
N ALA M 269 36.86 -49.81 -83.63
CA ALA M 269 37.09 -49.54 -82.23
C ALA M 269 36.26 -48.34 -81.77
N GLY M 270 35.83 -48.37 -80.52
CA GLY M 270 34.98 -47.32 -79.99
C GLY M 270 35.80 -46.18 -79.41
N ARG M 271 35.28 -44.97 -79.60
CA ARG M 271 35.90 -43.76 -79.08
C ARG M 271 35.03 -43.16 -77.98
N ASN M 272 35.68 -42.43 -77.07
CA ASN M 272 34.97 -41.78 -75.97
C ASN M 272 34.37 -40.47 -76.46
N VAL M 273 33.06 -40.32 -76.32
CA VAL M 273 32.36 -39.11 -76.69
C VAL M 273 31.58 -38.60 -75.49
N THR M 274 31.40 -37.28 -75.44
CA THR M 274 30.70 -36.63 -74.34
C THR M 274 29.84 -35.51 -74.89
N VAL M 275 29.24 -34.74 -74.00
CA VAL M 275 28.40 -33.62 -74.42
C VAL M 275 29.23 -32.56 -75.12
N ALA M 276 30.46 -32.33 -74.63
CA ALA M 276 31.32 -31.33 -75.26
C ALA M 276 31.75 -31.77 -76.66
N ASP M 277 31.83 -33.07 -76.90
CA ASP M 277 32.19 -33.61 -78.21
C ASP M 277 30.99 -33.75 -79.13
N VAL M 278 29.79 -33.37 -78.67
CA VAL M 278 28.59 -33.49 -79.49
C VAL M 278 28.64 -32.46 -80.61
N ASN M 279 28.66 -32.94 -81.85
CA ASN M 279 28.52 -32.11 -83.03
C ASN M 279 27.28 -32.52 -83.80
N VAL M 280 26.43 -31.54 -84.12
CA VAL M 280 25.14 -31.78 -84.75
C VAL M 280 25.15 -31.41 -86.22
N SER M 281 26.33 -31.14 -86.79
CA SER M 281 26.42 -30.69 -88.18
C SER M 281 26.00 -31.76 -89.18
N THR M 282 25.96 -33.03 -88.77
CA THR M 282 25.58 -34.12 -89.65
C THR M 282 24.58 -35.02 -88.93
N VAL M 283 23.85 -35.82 -89.73
CA VAL M 283 22.77 -36.63 -89.16
C VAL M 283 23.33 -37.69 -88.22
N ALA M 284 24.50 -38.26 -88.55
CA ALA M 284 25.12 -39.23 -87.65
C ALA M 284 25.48 -38.58 -86.33
N GLY M 285 26.00 -37.36 -86.37
CA GLY M 285 26.32 -36.66 -85.13
C GLY M 285 25.10 -36.37 -84.29
N SER M 286 23.96 -36.07 -84.93
CA SER M 286 22.75 -35.77 -84.18
C SER M 286 22.13 -37.05 -83.62
N GLN M 287 22.16 -38.14 -84.38
CA GLN M 287 21.63 -39.40 -83.88
C GLN M 287 22.43 -39.89 -82.68
N GLU M 288 23.76 -39.74 -82.73
CA GLU M 288 24.55 -40.01 -81.53
C GLU M 288 24.30 -38.98 -80.45
N ALA M 289 23.98 -37.73 -80.84
CA ALA M 289 23.77 -36.68 -79.86
C ALA M 289 22.60 -36.99 -78.93
N VAL M 290 21.49 -37.48 -79.49
CA VAL M 290 20.33 -37.82 -78.66
C VAL M 290 20.70 -38.88 -77.64
N SER M 291 21.52 -39.85 -78.06
CA SER M 291 21.98 -40.89 -77.14
C SER M 291 22.97 -40.33 -76.12
N ILE M 292 23.87 -39.45 -76.54
CA ILE M 292 24.88 -38.92 -75.62
C ILE M 292 24.24 -38.10 -74.52
N LEU M 293 23.32 -37.20 -74.89
CA LEU M 293 22.59 -36.46 -73.88
C LEU M 293 21.69 -37.35 -73.04
N ASP M 294 21.14 -38.42 -73.63
CA ASP M 294 20.30 -39.33 -72.86
C ASP M 294 21.06 -39.89 -71.66
N GLY M 295 22.33 -40.21 -71.85
CA GLY M 295 23.17 -40.56 -70.71
C GLY M 295 23.44 -39.38 -69.80
N ALA M 296 23.48 -38.17 -70.37
CA ALA M 296 23.80 -36.98 -69.58
C ALA M 296 22.70 -36.68 -68.55
N LEU M 297 21.43 -36.63 -68.98
CA LEU M 297 20.36 -36.45 -68.01
C LEU M 297 20.27 -37.62 -67.04
N LYS M 298 20.79 -38.78 -67.42
CA LYS M 298 20.89 -39.88 -66.45
C LYS M 298 21.85 -39.52 -65.33
N ALA M 299 22.96 -38.86 -65.67
CA ALA M 299 23.90 -38.40 -64.64
C ALA M 299 23.27 -37.33 -63.77
N VAL M 300 22.59 -36.36 -64.39
CA VAL M 300 22.02 -35.24 -63.63
C VAL M 300 20.87 -35.73 -62.76
N ASP M 301 20.02 -36.59 -63.30
CA ASP M 301 18.90 -37.12 -62.51
C ASP M 301 19.40 -37.98 -61.35
N SER M 302 20.43 -38.80 -61.58
CA SER M 302 20.98 -39.61 -60.51
C SER M 302 21.59 -38.75 -59.42
N GLN M 303 22.32 -37.70 -59.80
CA GLN M 303 22.90 -36.79 -58.82
C GLN M 303 21.82 -36.01 -58.10
N ARG M 304 20.74 -35.64 -58.81
CA ARG M 304 19.61 -34.98 -58.18
C ARG M 304 18.93 -35.87 -57.15
N ALA M 305 18.79 -37.16 -57.47
CA ALA M 305 18.20 -38.10 -56.52
C ALA M 305 19.11 -38.27 -55.30
N SER M 306 20.42 -38.33 -55.52
CA SER M 306 21.35 -38.46 -54.40
C SER M 306 21.29 -37.24 -53.49
N LEU M 307 21.22 -36.05 -54.08
CA LEU M 307 21.13 -34.83 -53.29
C LEU M 307 19.77 -34.70 -52.62
N GLY M 308 18.71 -35.13 -53.29
CA GLY M 308 17.39 -35.08 -52.69
C GLY M 308 17.25 -36.01 -51.50
N ALA M 309 17.79 -37.23 -51.62
CA ALA M 309 17.81 -38.13 -50.48
C ALA M 309 18.63 -37.57 -49.34
N PHE M 310 19.73 -36.89 -49.66
CA PHE M 310 20.54 -36.24 -48.63
C PHE M 310 19.76 -35.14 -47.93
N GLN M 311 18.98 -34.37 -48.69
CA GLN M 311 18.15 -33.33 -48.08
C GLN M 311 17.10 -33.93 -47.16
N ASN M 312 16.46 -35.03 -47.59
CA ASN M 312 15.46 -35.67 -46.77
C ASN M 312 16.07 -36.31 -45.52
N ARG M 313 17.22 -36.97 -45.68
CA ARG M 313 17.88 -37.57 -44.51
C ARG M 313 18.28 -36.50 -43.50
N PHE M 314 18.83 -35.38 -43.98
CA PHE M 314 19.11 -34.28 -43.08
C PHE M 314 17.83 -33.67 -42.52
N GLY M 315 16.76 -33.66 -43.32
CA GLY M 315 15.49 -33.13 -42.82
C GLY M 315 15.00 -33.88 -41.60
N HIS M 316 15.22 -35.20 -41.56
CA HIS M 316 14.90 -35.97 -40.37
C HIS M 316 15.86 -35.64 -39.23
N ALA M 317 17.07 -35.18 -39.56
CA ALA M 317 18.09 -34.96 -38.55
C ALA M 317 17.73 -33.82 -37.62
N ILE M 318 17.34 -32.66 -38.16
CA ILE M 318 16.94 -31.55 -37.28
C ILE M 318 15.72 -31.92 -36.47
N SER M 319 14.80 -32.69 -37.05
CA SER M 319 13.62 -33.13 -36.30
C SER M 319 14.02 -34.00 -35.12
N ASN M 320 14.98 -34.91 -35.32
CA ASN M 320 15.43 -35.77 -34.23
C ASN M 320 16.25 -34.98 -33.22
N LEU M 321 17.16 -34.12 -33.71
CA LEU M 321 18.01 -33.35 -32.80
C LEU M 321 17.18 -32.36 -31.98
N ASP M 322 16.11 -31.81 -32.57
CA ASP M 322 15.25 -30.90 -31.83
C ASP M 322 14.55 -31.64 -30.69
N ASN M 323 14.06 -32.85 -30.94
CA ASN M 323 13.41 -33.63 -29.89
C ASN M 323 14.38 -33.95 -28.76
N VAL M 324 15.60 -34.35 -29.11
CA VAL M 324 16.61 -34.65 -28.09
C VAL M 324 16.98 -33.37 -27.34
N ASN M 325 17.10 -32.25 -28.05
CA ASN M 325 17.43 -30.99 -27.39
C ASN M 325 16.31 -30.56 -26.44
N GLU M 326 15.05 -30.78 -26.83
CA GLU M 326 13.93 -30.42 -25.97
C GLU M 326 13.95 -31.22 -24.67
N ASN M 327 14.21 -32.53 -24.77
CA ASN M 327 14.20 -33.37 -23.58
C ASN M 327 15.45 -33.16 -22.75
N VAL M 328 16.59 -32.89 -23.39
CA VAL M 328 17.81 -32.58 -22.66
C VAL M 328 17.65 -31.29 -21.88
N ASN M 329 17.05 -30.27 -22.50
CA ASN M 329 16.80 -29.02 -21.80
C ASN M 329 15.84 -29.20 -20.63
N ALA M 330 14.80 -30.00 -20.83
CA ALA M 330 13.85 -30.26 -19.75
C ALA M 330 14.52 -31.00 -18.60
N SER M 331 15.35 -32.00 -18.91
CA SER M 331 16.06 -32.72 -17.86
C SER M 331 17.07 -31.83 -17.15
N ARG M 332 17.74 -30.95 -17.90
CA ARG M 332 18.67 -30.02 -17.30
C ARG M 332 17.97 -29.08 -16.33
N SER M 333 16.75 -28.65 -16.68
CA SER M 333 15.98 -27.79 -15.79
C SER M 333 15.59 -28.52 -14.51
N ARG M 334 15.26 -29.81 -14.62
CA ARG M 334 14.89 -30.57 -13.43
C ARG M 334 16.05 -30.70 -12.47
N ILE M 335 17.26 -30.87 -12.99
CA ILE M 335 18.43 -31.05 -12.13
C ILE M 335 18.97 -29.71 -11.65
N ARG M 336 19.06 -28.74 -12.55
CA ARG M 336 19.74 -27.47 -12.26
C ARG M 336 18.79 -26.31 -12.00
N ASP M 337 17.84 -26.06 -12.91
CA ASP M 337 16.99 -24.89 -12.79
C ASP M 337 16.24 -24.88 -11.46
N THR M 338 16.20 -23.71 -10.82
CA THR M 338 15.63 -23.60 -9.50
C THR M 338 14.09 -23.67 -9.56
N ASP M 339 13.51 -23.96 -8.40
CA ASP M 339 12.05 -23.98 -8.23
C ASP M 339 11.66 -22.74 -7.44
N TYR M 340 10.95 -21.82 -8.08
CA TYR M 340 10.58 -20.58 -7.42
C TYR M 340 9.64 -20.83 -6.24
N ALA M 341 8.71 -21.78 -6.40
CA ALA M 341 7.77 -22.08 -5.31
C ALA M 341 8.50 -22.61 -4.08
N ARG M 342 9.46 -23.51 -4.28
CA ARG M 342 10.17 -24.11 -3.15
C ARG M 342 11.18 -23.13 -2.56
N GLU M 343 11.91 -22.41 -3.41
CA GLU M 343 12.98 -21.54 -2.92
C GLU M 343 12.43 -20.35 -2.16
N THR M 344 11.36 -19.73 -2.68
CA THR M 344 10.80 -18.56 -2.00
C THR M 344 10.26 -18.92 -0.63
N THR M 345 9.61 -20.09 -0.52
CA THR M 345 9.17 -20.57 0.80
C THR M 345 10.36 -20.81 1.70
N ALA M 346 11.45 -21.35 1.16
CA ALA M 346 12.65 -21.59 1.95
C ALA M 346 13.24 -20.28 2.46
N MET M 347 13.23 -19.23 1.64
CA MET M 347 13.75 -17.95 2.08
C MET M 347 12.86 -17.30 3.13
N THR M 348 11.54 -17.32 2.91
CA THR M 348 10.62 -16.73 3.87
C THR M 348 10.70 -17.42 5.22
N LYS M 349 10.82 -18.76 5.21
CA LYS M 349 11.04 -19.49 6.45
C LYS M 349 12.36 -19.09 7.10
N ALA M 350 13.40 -18.88 6.29
CA ALA M 350 14.68 -18.44 6.82
C ALA M 350 14.59 -17.02 7.39
N GLN M 351 13.82 -16.15 6.73
CA GLN M 351 13.65 -14.79 7.24
C GLN M 351 12.97 -14.78 8.60
N ILE M 352 11.91 -15.58 8.74
CA ILE M 352 11.24 -15.71 10.04
C ILE M 352 12.19 -16.32 11.06
N LEU M 353 12.98 -17.31 10.64
CA LEU M 353 13.96 -17.91 11.54
C LEU M 353 14.99 -16.88 12.00
N GLN M 354 15.39 -15.98 11.11
CA GLN M 354 16.30 -14.90 11.52
C GLN M 354 15.65 -14.03 12.59
N GLN M 355 14.43 -13.53 12.31
CA GLN M 355 13.79 -12.59 13.22
C GLN M 355 13.51 -13.23 14.58
N ALA M 356 13.23 -14.53 14.60
CA ALA M 356 13.11 -15.23 15.88
C ALA M 356 14.43 -15.27 16.63
N SER M 357 15.53 -15.51 15.91
CA SER M 357 16.84 -15.64 16.55
C SER M 357 17.31 -14.32 17.14
N THR M 358 17.13 -13.21 16.41
CA THR M 358 17.54 -11.92 16.95
C THR M 358 16.73 -11.55 18.18
N SER M 359 15.43 -11.82 18.17
CA SER M 359 14.59 -11.48 19.30
C SER M 359 15.02 -12.22 20.56
N VAL M 360 15.29 -13.53 20.42
CA VAL M 360 15.77 -14.29 21.56
C VAL M 360 17.14 -13.80 22.01
N LEU M 361 17.99 -13.40 21.06
CA LEU M 361 19.28 -12.82 21.42
C LEU M 361 19.10 -11.52 22.19
N ALA M 362 18.07 -10.75 21.86
CA ALA M 362 17.81 -9.49 22.56
C ALA M 362 17.49 -9.74 24.03
N GLN M 363 16.65 -10.74 24.33
CA GLN M 363 16.36 -11.07 25.72
C GLN M 363 17.58 -11.68 26.40
N ALA M 364 18.38 -12.43 25.64
CA ALA M 364 19.52 -13.12 26.23
C ALA M 364 20.58 -12.16 26.75
N LYS M 365 20.80 -11.04 26.06
CA LYS M 365 21.77 -10.06 26.54
C LYS M 365 21.35 -9.43 27.86
N GLN M 366 20.07 -9.45 28.19
CA GLN M 366 19.58 -8.86 29.42
C GLN M 366 19.75 -9.78 30.63
N SER M 367 20.14 -11.03 30.42
CA SER M 367 20.37 -11.93 31.55
C SER M 367 21.49 -11.46 32.46
N PRO M 368 22.66 -11.05 31.97
CA PRO M 368 23.65 -10.46 32.89
C PRO M 368 23.16 -9.19 33.55
N SER M 369 22.28 -8.43 32.89
CA SER M 369 21.70 -7.25 33.52
C SER M 369 20.90 -7.63 34.76
N ALA M 370 20.27 -8.80 34.73
CA ALA M 370 19.58 -9.29 35.93
C ALA M 370 20.56 -9.55 37.06
N ALA M 371 21.75 -10.06 36.73
CA ALA M 371 22.75 -10.35 37.77
C ALA M 371 23.15 -9.09 38.52
N LEU M 372 23.34 -7.99 37.79
CA LEU M 372 23.65 -6.72 38.43
C LEU M 372 22.49 -6.25 39.31
N SER M 373 21.26 -6.38 38.82
CA SER M 373 20.11 -5.81 39.51
C SER M 373 19.68 -6.64 40.71
N LEU M 374 19.82 -7.96 40.66
CA LEU M 374 19.17 -8.81 41.67
C LEU M 374 19.76 -8.58 43.06
N LEU M 375 21.09 -8.65 43.20
CA LEU M 375 21.74 -8.29 44.46
C LEU M 375 22.95 -7.40 44.32
N GLY M 376 23.33 -6.99 43.11
CA GLY M 376 24.53 -6.19 42.91
C GLY M 376 24.56 -4.88 43.66
N MET N 1 39.35 47.17 117.76
CA MET N 1 38.13 46.43 117.49
C MET N 1 37.02 46.83 118.45
N ALA N 2 36.19 45.85 118.79
CA ALA N 2 35.21 46.00 119.86
C ALA N 2 34.82 44.59 120.28
N ILE N 3 35.19 44.21 121.51
CA ILE N 3 34.81 42.90 122.02
C ILE N 3 33.35 43.01 122.43
N ASN N 4 32.45 42.61 121.53
CA ASN N 4 31.03 42.87 121.68
C ASN N 4 30.24 41.67 121.17
N VAL N 5 29.30 41.20 121.99
CA VAL N 5 28.33 40.22 121.54
C VAL N 5 26.97 40.87 121.27
N ASN N 6 26.71 42.05 121.85
CA ASN N 6 25.42 42.72 121.68
C ASN N 6 25.19 43.12 120.22
N THR N 7 26.27 43.33 119.45
CA THR N 7 26.17 43.74 118.07
C THR N 7 26.88 42.74 117.17
N ASN N 8 26.28 42.47 116.02
CA ASN N 8 26.82 41.57 115.00
C ASN N 8 26.75 42.24 113.63
N VAL N 9 27.24 43.48 113.57
CA VAL N 9 27.13 44.29 112.35
C VAL N 9 27.82 43.62 111.18
N SER N 10 28.84 42.80 111.45
CA SER N 10 29.49 42.06 110.36
C SER N 10 28.51 41.12 109.68
N ALA N 11 27.67 40.44 110.46
CA ALA N 11 26.63 39.61 109.88
C ALA N 11 25.50 40.43 109.30
N MET N 12 25.27 41.64 109.84
CA MET N 12 24.23 42.50 109.31
C MET N 12 24.52 42.92 107.87
N THR N 13 25.78 43.27 107.59
CA THR N 13 26.17 43.59 106.22
C THR N 13 26.20 42.34 105.35
N ALA N 14 26.56 41.19 105.93
CA ALA N 14 26.59 39.95 105.18
C ALA N 14 25.20 39.57 104.68
N GLN N 15 24.19 39.71 105.54
CA GLN N 15 22.83 39.41 105.11
C GLN N 15 22.26 40.53 104.25
N ARG N 16 22.86 41.72 104.29
CA ARG N 16 22.43 42.79 103.39
C ARG N 16 22.91 42.53 101.97
N TYR N 17 24.17 42.11 101.82
CA TYR N 17 24.67 41.74 100.50
C TYR N 17 24.04 40.44 100.02
N LEU N 18 23.69 39.55 100.95
CA LEU N 18 22.85 38.41 100.59
C LEU N 18 21.48 38.87 100.13
N ASN N 19 20.93 39.91 100.77
CA ASN N 19 19.63 40.44 100.37
C ASN N 19 19.70 40.96 98.94
N GLY N 20 20.68 41.82 98.66
CA GLY N 20 20.79 42.38 97.31
C GLY N 20 21.04 41.31 96.26
N ALA N 21 21.81 40.29 96.62
CA ALA N 21 22.07 39.19 95.70
C ALA N 21 20.90 38.21 95.63
N ALA N 22 19.96 38.29 96.57
CA ALA N 22 18.81 37.39 96.57
C ALA N 22 17.71 37.90 95.64
N ASP N 23 17.29 39.17 95.82
CA ASP N 23 16.27 39.72 94.95
C ASP N 23 16.73 39.79 93.51
N GLY N 24 18.03 39.87 93.26
CA GLY N 24 18.54 39.78 91.91
C GLY N 24 18.20 38.45 91.26
N MET N 25 18.23 37.37 92.06
CA MET N 25 17.81 36.07 91.56
C MET N 25 16.33 36.10 91.15
N GLN N 26 15.48 36.70 91.98
CA GLN N 26 14.04 36.63 91.75
C GLN N 26 13.65 37.24 90.43
N LYS N 27 14.21 38.41 90.09
CA LYS N 27 13.96 38.99 88.78
C LYS N 27 14.59 38.12 87.69
N SER N 28 15.74 37.51 87.98
CA SER N 28 16.42 36.70 86.98
C SER N 28 15.58 35.49 86.57
N MET N 29 15.32 34.57 87.51
CA MET N 29 14.63 33.33 87.15
C MET N 29 13.25 33.59 86.58
N GLU N 30 12.62 34.71 86.94
CA GLU N 30 11.34 35.08 86.34
C GLU N 30 11.50 35.32 84.85
N ARG N 31 12.61 35.95 84.44
CA ARG N 31 12.81 36.27 83.04
C ARG N 31 13.04 35.02 82.18
N LEU N 32 13.84 34.06 82.67
CA LEU N 32 14.00 32.82 81.91
C LEU N 32 12.70 32.03 81.83
N SER N 33 11.98 31.94 82.95
CA SER N 33 10.75 31.14 82.97
C SER N 33 9.68 31.74 82.06
N SER N 34 9.44 33.06 82.19
CA SER N 34 8.41 33.70 81.38
C SER N 34 8.87 33.89 79.94
N GLY N 35 10.16 34.12 79.73
CA GLY N 35 10.65 34.50 78.42
C GLY N 35 10.54 35.97 78.11
N TYR N 36 10.17 36.80 79.08
CA TYR N 36 10.02 38.24 78.87
C TYR N 36 10.88 38.97 79.91
N LYS N 37 11.73 39.89 79.42
CA LYS N 37 12.53 40.69 80.34
C LYS N 37 11.66 41.63 81.16
N ILE N 38 10.65 42.23 80.53
CA ILE N 38 9.76 43.19 81.18
C ILE N 38 8.46 42.45 81.48
N ASN N 39 8.28 42.04 82.74
CA ASN N 39 7.07 41.39 83.18
C ASN N 39 6.17 42.27 84.04
N SER N 40 6.75 43.24 84.76
CA SER N 40 5.99 44.16 85.59
C SER N 40 6.51 45.57 85.38
N ALA N 41 5.67 46.55 85.70
CA ALA N 41 6.05 47.95 85.53
C ALA N 41 7.28 48.32 86.35
N ARG N 42 7.55 47.59 87.44
CA ARG N 42 8.75 47.87 88.23
C ARG N 42 10.02 47.58 87.45
N ASP N 43 10.01 46.52 86.63
CA ASP N 43 11.18 46.21 85.82
C ASP N 43 11.49 47.32 84.83
N ASP N 44 10.47 47.76 84.09
CA ASP N 44 10.62 48.88 83.16
C ASP N 44 9.25 49.46 82.90
N ALA N 45 9.01 50.68 83.39
CA ALA N 45 7.70 51.32 83.21
C ALA N 45 7.47 51.69 81.76
N ALA N 46 8.34 52.52 81.19
CA ALA N 46 8.17 52.96 79.81
C ALA N 46 8.26 51.79 78.83
N GLY N 47 9.19 50.86 79.08
CA GLY N 47 9.32 49.71 78.20
C GLY N 47 8.08 48.86 78.15
N LEU N 48 7.40 48.68 79.29
CA LEU N 48 6.18 47.90 79.33
C LEU N 48 5.07 48.57 78.52
N GLN N 49 4.97 49.90 78.60
CA GLN N 49 3.90 50.60 77.90
C GLN N 49 4.02 50.45 76.38
N ILE N 50 5.21 50.73 75.84
CA ILE N 50 5.37 50.68 74.39
C ILE N 50 5.28 49.25 73.88
N SER N 51 5.77 48.28 74.65
CA SER N 51 5.64 46.88 74.26
C SER N 51 4.17 46.44 74.26
N ASN N 52 3.40 46.91 75.23
CA ASN N 52 1.97 46.62 75.25
C ASN N 52 1.27 47.24 74.05
N ARG N 53 1.68 48.44 73.66
CA ARG N 53 1.14 49.06 72.45
C ARG N 53 1.55 48.27 71.21
N LEU N 54 2.76 47.72 71.21
CA LEU N 54 3.23 46.97 70.05
C LEU N 54 2.47 45.67 69.88
N THR N 55 2.28 44.91 70.98
CA THR N 55 1.55 43.65 70.88
C THR N 55 0.08 43.89 70.57
N SER N 56 -0.49 44.99 71.06
CA SER N 56 -1.86 45.34 70.67
C SER N 56 -1.93 45.63 69.18
N GLN N 57 -0.90 46.30 68.63
CA GLN N 57 -0.84 46.49 67.19
C GLN N 57 -0.70 45.16 66.46
N SER N 58 0.10 44.25 67.00
CA SER N 58 0.26 42.94 66.37
C SER N 58 -1.05 42.16 66.34
N ARG N 59 -1.80 42.18 67.44
CA ARG N 59 -3.12 41.56 67.46
C ARG N 59 -4.07 42.26 66.50
N GLY N 60 -3.90 43.58 66.33
CA GLY N 60 -4.68 44.28 65.34
C GLY N 60 -4.31 43.90 63.92
N LEU N 61 -3.02 43.64 63.68
CA LEU N 61 -2.55 43.41 62.31
C LEU N 61 -2.99 42.04 61.78
N ASP N 62 -2.86 40.98 62.58
CA ASP N 62 -3.28 39.67 62.09
C ASP N 62 -4.81 39.56 62.08
N MET N 63 -5.50 40.32 62.93
CA MET N 63 -6.92 40.50 62.77
C MET N 63 -7.25 41.20 61.46
N ALA N 64 -6.42 42.19 61.09
CA ALA N 64 -6.64 42.91 59.84
C ALA N 64 -6.47 42.00 58.63
N VAL N 65 -5.45 41.15 58.65
CA VAL N 65 -5.26 40.22 57.52
C VAL N 65 -6.34 39.15 57.52
N LYS N 66 -6.92 38.84 58.68
CA LYS N 66 -8.03 37.90 58.72
C LYS N 66 -9.27 38.49 58.05
N ASN N 67 -9.63 39.72 58.43
CA ASN N 67 -10.77 40.38 57.82
C ASN N 67 -10.51 40.70 56.35
N ALA N 68 -9.27 41.06 56.00
CA ALA N 68 -8.92 41.25 54.60
C ALA N 68 -9.04 39.95 53.83
N ASN N 69 -8.65 38.83 54.44
CA ASN N 69 -8.82 37.54 53.80
C ASN N 69 -10.29 37.14 53.71
N ASP N 70 -11.13 37.74 54.56
CA ASP N 70 -12.57 37.57 54.39
C ASP N 70 -13.08 38.43 53.24
N GLY N 71 -12.52 39.63 53.07
CA GLY N 71 -12.91 40.47 51.95
C GLY N 71 -12.46 39.90 50.62
N ILE N 72 -11.26 39.30 50.58
CA ILE N 72 -10.75 38.72 49.34
C ILE N 72 -11.61 37.54 48.91
N SER N 73 -12.25 36.86 49.87
CA SER N 73 -13.06 35.70 49.53
C SER N 73 -14.47 36.11 49.12
N ILE N 74 -14.99 37.18 49.72
CA ILE N 74 -16.32 37.68 49.34
C ILE N 74 -16.28 38.17 47.90
N ALA N 75 -15.24 38.94 47.54
CA ALA N 75 -15.08 39.38 46.17
C ALA N 75 -14.83 38.21 45.23
N GLN N 76 -14.02 37.24 45.67
CA GLN N 76 -13.72 36.08 44.83
C GLN N 76 -14.96 35.25 44.55
N THR N 77 -15.76 34.99 45.60
CA THR N 77 -16.98 34.20 45.42
C THR N 77 -17.97 34.93 44.52
N ALA N 78 -18.12 36.24 44.73
CA ALA N 78 -19.06 37.02 43.93
C ALA N 78 -18.66 37.03 42.45
N GLU N 79 -17.37 37.17 42.17
CA GLU N 79 -16.92 37.17 40.79
C GLU N 79 -17.03 35.79 40.16
N GLY N 80 -16.85 34.73 40.95
CA GLY N 80 -16.98 33.39 40.41
C GLY N 80 -18.37 33.12 39.87
N ALA N 81 -19.39 33.51 40.62
CA ALA N 81 -20.76 33.44 40.10
C ALA N 81 -20.95 34.43 38.94
N MET N 82 -20.26 35.58 39.01
CA MET N 82 -20.37 36.56 37.95
C MET N 82 -19.87 36.03 36.62
N ASN N 83 -18.92 35.09 36.66
CA ASN N 83 -18.40 34.50 35.43
C ASN N 83 -19.49 33.77 34.66
N GLU N 84 -20.34 33.02 35.37
CA GLU N 84 -21.44 32.33 34.71
C GLU N 84 -22.48 33.31 34.17
N THR N 85 -22.67 34.44 34.85
CA THR N 85 -23.58 35.47 34.34
C THR N 85 -23.10 35.98 32.99
N THR N 86 -21.79 36.17 32.85
CA THR N 86 -21.22 36.58 31.57
C THR N 86 -21.46 35.51 30.50
N ASN N 87 -21.26 34.24 30.85
CA ASN N 87 -21.36 33.17 29.86
C ASN N 87 -22.81 32.99 29.39
N ILE N 88 -23.77 33.17 30.30
CA ILE N 88 -25.18 33.11 29.90
C ILE N 88 -25.50 34.24 28.94
N LEU N 89 -25.02 35.45 29.22
CA LEU N 89 -25.25 36.58 28.33
C LEU N 89 -24.62 36.36 26.96
N GLN N 90 -23.40 35.82 26.93
CA GLN N 90 -22.75 35.55 25.65
C GLN N 90 -23.51 34.49 24.86
N ARG N 91 -23.97 33.43 25.52
CA ARG N 91 -24.77 32.43 24.85
C ARG N 91 -26.09 33.01 24.35
N MET N 92 -26.79 33.75 25.21
CA MET N 92 -28.05 34.37 24.82
C MET N 92 -27.87 35.35 23.67
N ARG N 93 -26.69 35.98 23.58
CA ARG N 93 -26.42 36.85 22.45
C ARG N 93 -26.35 36.08 21.15
N ASP N 94 -25.77 34.88 21.18
CA ASP N 94 -25.71 34.03 19.99
C ASP N 94 -27.11 33.63 19.55
N LEU N 95 -27.99 33.31 20.50
CA LEU N 95 -29.38 33.00 20.17
C LEU N 95 -30.07 34.19 19.53
N ALA N 96 -29.84 35.39 20.06
CA ALA N 96 -30.48 36.59 19.50
C ALA N 96 -30.01 36.87 18.08
N LEU N 97 -28.71 36.75 17.83
CA LEU N 97 -28.18 36.97 16.49
C LEU N 97 -28.70 35.92 15.51
N GLN N 98 -28.82 34.67 15.95
CA GLN N 98 -29.35 33.62 15.08
C GLN N 98 -30.82 33.85 14.79
N SER N 99 -31.59 34.30 15.79
CA SER N 99 -33.02 34.50 15.60
C SER N 99 -33.31 35.64 14.63
N SER N 100 -32.45 36.66 14.59
CA SER N 100 -32.65 37.80 13.70
C SER N 100 -32.53 37.42 12.23
N ASN N 101 -31.98 36.25 11.92
CA ASN N 101 -31.85 35.83 10.53
C ASN N 101 -33.20 35.70 9.86
N GLY N 102 -33.26 36.08 8.59
CA GLY N 102 -34.49 35.98 7.82
C GLY N 102 -34.84 34.57 7.38
N SER N 103 -33.92 33.61 7.54
CA SER N 103 -34.22 32.23 7.21
C SER N 103 -35.16 31.60 8.25
N ASN N 104 -35.09 32.05 9.49
CA ASN N 104 -35.94 31.52 10.53
C ASN N 104 -37.39 31.94 10.31
N SER N 105 -38.30 30.98 10.37
CA SER N 105 -39.73 31.27 10.31
C SER N 105 -40.24 31.58 11.71
N SER N 106 -41.56 31.80 11.81
CA SER N 106 -42.14 32.11 13.11
C SER N 106 -41.98 30.95 14.09
N SER N 107 -42.15 29.72 13.61
CA SER N 107 -42.09 28.56 14.50
C SER N 107 -40.72 28.43 15.15
N GLU N 108 -39.65 28.62 14.38
CA GLU N 108 -38.30 28.53 14.94
C GLU N 108 -38.08 29.61 16.00
N ARG N 109 -38.51 30.84 15.72
CA ARG N 109 -38.20 31.96 16.61
C ARG N 109 -38.70 31.71 18.03
N ARG N 110 -39.83 31.02 18.17
CA ARG N 110 -40.32 30.68 19.50
C ARG N 110 -39.41 29.66 20.18
N ALA N 111 -38.79 28.77 19.41
CA ALA N 111 -37.85 27.80 19.99
C ALA N 111 -36.65 28.51 20.62
N ILE N 112 -36.10 29.52 19.94
CA ILE N 112 -35.08 30.35 20.57
C ILE N 112 -35.66 31.07 21.77
N GLN N 113 -36.91 31.56 21.64
CA GLN N 113 -37.50 32.35 22.71
C GLN N 113 -37.64 31.54 24.01
N GLU N 114 -37.99 30.26 23.89
CA GLU N 114 -38.05 29.42 25.08
C GLU N 114 -36.68 29.21 25.69
N GLU N 115 -35.66 29.04 24.86
CA GLU N 115 -34.29 28.93 25.37
C GLU N 115 -33.85 30.23 26.03
N VAL N 116 -34.17 31.37 25.42
CA VAL N 116 -33.81 32.66 25.97
C VAL N 116 -34.53 32.91 27.29
N SER N 117 -35.82 32.56 27.36
CA SER N 117 -36.57 32.70 28.60
C SER N 117 -36.02 31.78 29.68
N ALA N 118 -35.51 30.61 29.29
CA ALA N 118 -34.89 29.70 30.25
C ALA N 118 -33.58 30.28 30.78
N LEU N 119 -32.72 30.78 29.89
CA LEU N 119 -31.46 31.37 30.32
C LEU N 119 -31.70 32.63 31.13
N ASN N 120 -32.72 33.42 30.76
CA ASN N 120 -33.04 34.62 31.52
C ASN N 120 -33.45 34.26 32.95
N ASP N 121 -34.24 33.20 33.11
CA ASP N 121 -34.57 32.73 34.45
C ASP N 121 -33.31 32.30 35.21
N GLU N 122 -32.33 31.77 34.48
CA GLU N 122 -31.07 31.38 35.11
C GLU N 122 -30.30 32.59 35.62
N LEU N 123 -30.35 33.69 34.87
CA LEU N 123 -29.68 34.91 35.32
C LEU N 123 -30.25 35.42 36.62
N ASN N 124 -31.58 35.43 36.75
CA ASN N 124 -32.20 35.82 38.01
C ASN N 124 -31.87 34.83 39.12
N ARG N 125 -31.80 33.53 38.78
CA ARG N 125 -31.48 32.52 39.77
C ARG N 125 -30.10 32.75 40.36
N ILE N 126 -29.11 33.05 39.51
CA ILE N 126 -27.77 33.32 40.00
C ILE N 126 -27.75 34.58 40.86
N ALA N 127 -28.53 35.58 40.47
CA ALA N 127 -28.57 36.83 41.23
C ALA N 127 -29.14 36.62 42.63
N GLU N 128 -30.17 35.78 42.75
CA GLU N 128 -30.87 35.64 44.03
C GLU N 128 -30.27 34.58 44.94
N THR N 129 -29.74 33.48 44.38
CA THR N 129 -29.27 32.37 45.21
C THR N 129 -27.81 32.48 45.61
N THR N 130 -26.98 33.18 44.84
CA THR N 130 -25.57 33.29 45.18
C THR N 130 -25.42 34.04 46.49
N SER N 131 -24.83 33.39 47.48
CA SER N 131 -24.66 33.97 48.81
C SER N 131 -23.41 33.39 49.45
N PHE N 132 -22.66 34.24 50.13
CA PHE N 132 -21.44 33.84 50.82
C PHE N 132 -21.80 33.52 52.27
N GLY N 133 -21.97 32.24 52.57
CA GLY N 133 -22.32 31.83 53.92
C GLY N 133 -23.64 32.39 54.40
N GLY N 134 -24.66 32.38 53.54
CA GLY N 134 -25.97 32.89 53.92
C GLY N 134 -26.14 34.39 53.77
N ASN N 135 -25.17 35.09 53.18
CA ASN N 135 -25.26 36.53 52.95
C ASN N 135 -25.30 36.76 51.44
N LYS N 136 -26.44 37.24 50.94
CA LYS N 136 -26.63 37.40 49.51
C LYS N 136 -25.71 38.47 48.95
N LEU N 137 -25.29 38.28 47.70
CA LEU N 137 -24.32 39.15 47.05
C LEU N 137 -24.87 39.86 45.83
N LEU N 138 -25.46 39.12 44.88
CA LEU N 138 -25.77 39.65 43.56
C LEU N 138 -27.25 40.00 43.37
N ASN N 139 -28.02 40.09 44.46
CA ASN N 139 -29.42 40.46 44.36
C ASN N 139 -29.69 41.90 44.81
N GLY N 140 -28.64 42.67 45.07
CA GLY N 140 -28.77 44.05 45.47
C GLY N 140 -28.89 44.28 46.96
N SER N 141 -28.97 43.22 47.77
CA SER N 141 -29.08 43.38 49.21
C SER N 141 -27.74 43.60 49.89
N PHE N 142 -26.63 43.46 49.17
CA PHE N 142 -25.32 43.65 49.78
C PHE N 142 -25.06 45.12 50.08
N GLY N 143 -25.38 46.00 49.12
CA GLY N 143 -25.14 47.42 49.32
C GLY N 143 -23.65 47.71 49.37
N SER N 144 -23.27 48.55 50.33
CA SER N 144 -21.87 48.93 50.54
C SER N 144 -21.44 48.51 51.93
N LYS N 145 -20.47 47.59 51.99
CA LYS N 145 -19.91 47.12 53.25
C LYS N 145 -18.43 47.47 53.30
N SER N 146 -18.01 48.02 54.44
CA SER N 146 -16.63 48.45 54.64
C SER N 146 -15.86 47.34 55.33
N PHE N 147 -14.80 46.86 54.68
CA PHE N 147 -13.97 45.79 55.20
C PHE N 147 -12.80 46.38 55.97
N GLN N 148 -12.86 46.28 57.30
CA GLN N 148 -11.82 46.84 58.16
C GLN N 148 -10.53 46.05 57.99
N ILE N 149 -9.46 46.73 57.58
CA ILE N 149 -8.19 46.08 57.28
C ILE N 149 -7.04 46.76 58.00
N GLY N 150 -7.34 47.50 59.06
CA GLY N 150 -6.30 48.21 59.79
C GLY N 150 -6.23 47.83 61.25
N ALA N 151 -5.09 48.13 61.89
CA ALA N 151 -4.90 47.80 63.30
C ALA N 151 -5.53 48.82 64.24
N ASP N 152 -5.97 49.96 63.74
CA ASP N 152 -6.64 50.98 64.53
C ASP N 152 -8.06 51.17 64.01
N SER N 153 -8.82 52.02 64.69
CA SER N 153 -10.22 52.24 64.31
C SER N 153 -10.30 53.07 63.05
N GLY N 154 -11.34 52.79 62.25
CA GLY N 154 -11.62 53.59 61.07
C GLY N 154 -10.60 53.49 59.95
N GLU N 155 -10.11 52.30 59.66
CA GLU N 155 -9.18 52.06 58.56
C GLU N 155 -9.78 51.09 57.55
N ALA N 156 -11.07 51.24 57.26
CA ALA N 156 -11.78 50.30 56.41
C ALA N 156 -11.57 50.62 54.93
N VAL N 157 -12.09 49.72 54.09
CA VAL N 157 -12.05 49.87 52.64
C VAL N 157 -13.43 49.50 52.11
N MET N 158 -14.17 50.50 51.63
CA MET N 158 -15.54 50.29 51.21
C MET N 158 -15.59 49.48 49.92
N LEU N 159 -16.50 48.51 49.89
CA LEU N 159 -16.74 47.69 48.71
C LEU N 159 -18.23 47.69 48.41
N SER N 160 -18.58 48.07 47.18
CA SER N 160 -19.97 48.13 46.74
C SER N 160 -20.21 47.04 45.70
N MET N 161 -21.28 46.27 45.87
CA MET N 161 -21.66 45.21 44.95
C MET N 161 -22.97 45.58 44.28
N GLY N 162 -22.92 45.84 42.98
CA GLY N 162 -24.12 46.15 42.24
C GLY N 162 -25.01 44.94 42.02
N SER N 163 -26.30 45.21 41.87
CA SER N 163 -27.28 44.15 41.62
C SER N 163 -27.19 43.69 40.19
N MET N 164 -27.12 42.38 39.99
CA MET N 164 -27.10 41.77 38.66
C MET N 164 -28.32 40.90 38.41
N ARG N 165 -29.49 41.38 38.82
CA ARG N 165 -30.74 40.83 38.31
C ARG N 165 -30.86 41.15 36.82
N SER N 166 -31.57 40.28 36.10
CA SER N 166 -31.73 40.49 34.66
C SER N 166 -32.54 41.74 34.35
N ASP N 167 -33.24 42.30 35.33
CA ASP N 167 -34.08 43.47 35.15
C ASP N 167 -33.45 44.77 35.64
N THR N 168 -32.17 44.74 36.00
CA THR N 168 -31.51 45.94 36.51
C THR N 168 -31.43 47.01 35.41
N GLN N 169 -31.54 48.27 35.84
CA GLN N 169 -31.52 49.38 34.88
C GLN N 169 -30.20 49.44 34.13
N ALA N 170 -29.08 49.22 34.83
CA ALA N 170 -27.77 49.24 34.19
C ALA N 170 -27.56 48.09 33.21
N MET N 171 -28.45 47.10 33.21
CA MET N 171 -28.37 45.96 32.29
C MET N 171 -29.26 46.15 31.07
N GLY N 172 -29.44 47.39 30.62
CA GLY N 172 -30.28 47.65 29.46
C GLY N 172 -30.13 49.06 28.92
N GLY N 173 -31.24 49.65 28.52
CA GLY N 173 -31.20 51.00 27.98
C GLY N 173 -32.57 51.42 27.48
N LYS N 174 -32.57 52.43 26.61
CA LYS N 174 -33.79 52.94 26.01
C LYS N 174 -33.84 52.55 24.54
N SER N 175 -35.04 52.22 24.07
CA SER N 175 -35.26 51.78 22.70
C SER N 175 -36.23 52.73 22.01
N TYR N 176 -35.83 53.24 20.86
CA TYR N 176 -36.64 54.16 20.07
C TYR N 176 -37.08 53.46 18.79
N ARG N 177 -38.28 53.78 18.33
CA ARG N 177 -38.85 53.15 17.14
C ARG N 177 -39.17 54.20 16.09
N ALA N 178 -38.96 53.84 14.83
CA ALA N 178 -39.33 54.72 13.73
C ALA N 178 -40.83 54.63 13.48
N GLN N 179 -41.48 55.79 13.42
CA GLN N 179 -42.92 55.82 13.18
C GLN N 179 -43.26 55.33 11.77
N GLU N 180 -42.47 55.74 10.78
CA GLU N 180 -42.74 55.42 9.38
C GLU N 180 -41.85 54.28 8.92
N GLY N 181 -42.47 53.22 8.41
CA GLY N 181 -41.73 52.10 7.86
C GLY N 181 -41.32 52.37 6.42
N LYS N 182 -40.10 51.96 6.08
CA LYS N 182 -39.54 52.14 4.75
C LYS N 182 -39.35 50.78 4.10
N ALA N 183 -39.79 50.66 2.85
CA ALA N 183 -39.75 49.39 2.14
C ALA N 183 -38.34 49.12 1.62
N ALA N 184 -38.18 48.04 0.83
CA ALA N 184 -36.88 47.69 0.30
C ALA N 184 -36.44 48.61 -0.84
N ASP N 185 -37.40 49.24 -1.53
CA ASP N 185 -37.08 50.15 -2.63
C ASP N 185 -36.79 51.56 -2.18
N TRP N 186 -36.93 51.86 -0.88
CA TRP N 186 -36.69 53.20 -0.39
C TRP N 186 -35.19 53.51 -0.38
N ARG N 187 -34.86 54.75 -0.77
CA ARG N 187 -33.50 55.25 -0.69
C ARG N 187 -33.51 56.59 0.04
N VAL N 188 -32.32 57.02 0.48
CA VAL N 188 -32.20 58.35 1.07
C VAL N 188 -32.30 59.40 -0.02
N GLY N 189 -33.09 60.44 0.24
CA GLY N 189 -33.26 61.53 -0.70
C GLY N 189 -32.26 62.64 -0.46
N ALA N 190 -32.67 63.87 -0.81
CA ALA N 190 -31.82 65.03 -0.59
C ALA N 190 -31.65 65.36 0.88
N ALA N 191 -32.48 64.82 1.76
CA ALA N 191 -32.37 65.01 3.20
C ALA N 191 -31.66 63.80 3.78
N THR N 192 -30.39 63.96 4.13
CA THR N 192 -29.57 62.89 4.66
C THR N 192 -29.05 63.13 6.07
N ASP N 193 -29.04 64.37 6.54
CA ASP N 193 -28.48 64.68 7.85
C ASP N 193 -29.36 64.11 8.96
N LEU N 194 -28.70 63.65 10.03
CA LEU N 194 -29.38 63.06 11.17
C LEU N 194 -28.59 63.43 12.42
N THR N 195 -29.15 64.32 13.25
CA THR N 195 -28.47 64.83 14.42
C THR N 195 -29.04 64.18 15.67
N LEU N 196 -28.17 63.60 16.49
CA LEU N 196 -28.54 62.97 17.75
C LEU N 196 -27.84 63.72 18.88
N SER N 197 -28.62 64.43 19.70
CA SER N 197 -28.10 65.20 20.81
C SER N 197 -28.62 64.61 22.12
N TYR N 198 -27.72 64.28 23.03
CA TYR N 198 -28.08 63.68 24.31
C TYR N 198 -27.05 64.10 25.35
N THR N 199 -27.04 63.41 26.48
CA THR N 199 -26.08 63.65 27.54
C THR N 199 -25.41 62.33 27.91
N ASN N 200 -24.08 62.33 27.93
CA ASN N 200 -23.33 61.15 28.33
C ASN N 200 -23.51 60.89 29.82
N LYS N 201 -23.10 59.70 30.25
CA LYS N 201 -23.26 59.33 31.66
C LYS N 201 -22.42 60.21 32.57
N GLN N 202 -21.21 60.57 32.13
CA GLN N 202 -20.32 61.36 32.97
C GLN N 202 -20.83 62.78 33.19
N GLY N 203 -21.77 63.24 32.38
CA GLY N 203 -22.42 64.52 32.59
C GLY N 203 -22.14 65.61 31.56
N GLU N 204 -21.79 65.25 30.33
CA GLU N 204 -21.51 66.21 29.28
C GLU N 204 -22.38 65.91 28.07
N ALA N 205 -22.86 66.96 27.42
CA ALA N 205 -23.71 66.79 26.25
C ALA N 205 -22.87 66.33 25.06
N ARG N 206 -23.46 65.45 24.24
CA ARG N 206 -22.81 64.96 23.03
C ARG N 206 -23.74 65.19 21.85
N GLU N 207 -23.25 65.90 20.84
CA GLU N 207 -23.96 66.11 19.59
C GLU N 207 -23.25 65.29 18.51
N VAL N 208 -23.97 64.36 17.91
CA VAL N 208 -23.43 63.47 16.89
C VAL N 208 -24.25 63.66 15.62
N THR N 209 -23.57 64.01 14.53
CA THR N 209 -24.22 64.26 13.25
C THR N 209 -23.82 63.18 12.26
N ILE N 210 -24.79 62.39 11.82
CA ILE N 210 -24.57 61.36 10.80
C ILE N 210 -25.11 61.91 9.48
N ASN N 211 -24.24 61.95 8.47
CA ASN N 211 -24.63 62.39 7.13
C ASN N 211 -24.81 61.15 6.27
N ALA N 212 -26.08 60.78 6.05
CA ALA N 212 -26.38 59.57 5.29
C ALA N 212 -25.87 59.70 3.85
N LYS N 213 -25.72 58.54 3.20
CA LYS N 213 -25.17 58.48 1.86
C LYS N 213 -26.29 58.30 0.84
N GLN N 214 -26.14 58.96 -0.31
CA GLN N 214 -27.17 58.93 -1.34
C GLN N 214 -27.37 57.51 -1.85
N GLY N 215 -28.64 57.12 -2.01
CA GLY N 215 -28.99 55.85 -2.60
C GLY N 215 -29.02 54.67 -1.64
N ASP N 216 -28.50 54.82 -0.43
CA ASP N 216 -28.55 53.73 0.54
C ASP N 216 -29.99 53.47 0.96
N ASP N 217 -30.33 52.18 1.10
CA ASP N 217 -31.66 51.81 1.57
C ASP N 217 -31.74 52.03 3.07
N LEU N 218 -32.87 51.63 3.68
CA LEU N 218 -33.08 51.88 5.09
C LEU N 218 -32.09 51.10 5.96
N GLU N 219 -31.69 49.91 5.52
CA GLU N 219 -30.89 49.07 6.41
C GLU N 219 -29.39 49.30 6.25
N GLU N 220 -28.91 49.59 5.05
CA GLU N 220 -27.53 50.05 4.92
C GLU N 220 -27.31 51.35 5.67
N LEU N 221 -28.38 52.15 5.82
CA LEU N 221 -28.33 53.30 6.71
C LEU N 221 -28.09 52.88 8.15
N ALA N 222 -28.72 51.78 8.58
CA ALA N 222 -28.51 51.28 9.94
C ALA N 222 -27.06 50.85 10.14
N THR N 223 -26.48 50.16 9.16
CA THR N 223 -25.08 49.77 9.25
C THR N 223 -24.17 51.00 9.26
N TYR N 224 -24.50 52.00 8.44
CA TYR N 224 -23.69 53.22 8.40
C TYR N 224 -23.70 53.95 9.73
N ILE N 225 -24.87 54.02 10.39
CA ILE N 225 -24.95 54.67 11.69
C ILE N 225 -24.09 53.92 12.71
N ASN N 226 -24.11 52.60 12.66
CA ASN N 226 -23.31 51.81 13.60
C ASN N 226 -21.82 52.09 13.43
N GLY N 227 -21.36 52.19 12.18
CA GLY N 227 -19.94 52.48 11.96
C GLY N 227 -19.54 53.87 12.42
N GLN N 228 -20.43 54.85 12.25
CA GLN N 228 -20.08 56.24 12.54
C GLN N 228 -19.87 56.47 14.03
N THR N 229 -20.72 55.91 14.88
CA THR N 229 -20.68 56.17 16.30
C THR N 229 -20.84 54.88 17.08
N GLU N 230 -20.30 54.88 18.30
CA GLU N 230 -20.40 53.73 19.20
C GLU N 230 -21.41 53.93 20.30
N ASP N 231 -21.97 55.13 20.45
CA ASP N 231 -22.95 55.39 21.50
C ASP N 231 -24.29 54.74 21.18
N VAL N 232 -24.74 54.85 19.94
CA VAL N 232 -26.06 54.38 19.53
C VAL N 232 -25.92 53.18 18.60
N LYS N 233 -26.91 52.31 18.63
CA LYS N 233 -26.97 51.13 17.76
C LYS N 233 -28.25 51.20 16.96
N ALA N 234 -28.15 50.93 15.65
CA ALA N 234 -29.26 51.04 14.73
C ALA N 234 -29.61 49.65 14.17
N SER N 235 -30.90 49.41 13.97
CA SER N 235 -31.37 48.14 13.44
C SER N 235 -32.67 48.39 12.67
N VAL N 236 -33.25 47.32 12.13
CA VAL N 236 -34.50 47.38 11.39
C VAL N 236 -35.42 46.26 11.87
N GLY N 237 -36.72 46.43 11.58
CA GLY N 237 -37.73 45.48 11.94
C GLY N 237 -38.31 44.75 10.76
N GLU N 238 -39.45 44.09 10.99
CA GLU N 238 -40.15 43.43 9.90
C GLU N 238 -40.62 44.43 8.86
N ASP N 239 -41.19 45.55 9.31
CA ASP N 239 -41.73 46.57 8.43
C ASP N 239 -40.66 47.51 7.89
N GLY N 240 -39.44 47.42 8.38
CA GLY N 240 -38.37 48.30 7.96
C GLY N 240 -38.39 49.63 8.67
N LYS N 241 -38.43 49.60 10.00
CA LYS N 241 -38.46 50.80 10.81
C LYS N 241 -37.18 50.87 11.62
N LEU N 242 -36.42 51.94 11.44
CA LEU N 242 -35.13 52.07 12.10
C LEU N 242 -35.33 52.21 13.61
N GLN N 243 -34.61 51.40 14.38
CA GLN N 243 -34.68 51.42 15.83
C GLN N 243 -33.31 51.74 16.40
N LEU N 244 -33.27 52.68 17.34
CA LEU N 244 -32.03 53.13 17.97
C LEU N 244 -32.04 52.72 19.43
N PHE N 245 -30.98 52.05 19.86
CA PHE N 245 -30.82 51.63 21.24
C PHE N 245 -29.69 52.42 21.89
N ALA N 246 -30.05 53.32 22.81
CA ALA N 246 -29.08 54.08 23.59
C ALA N 246 -28.97 53.41 24.96
N SER N 247 -27.84 52.77 25.21
CA SER N 247 -27.69 52.01 26.45
C SER N 247 -27.75 52.93 27.66
N SER N 248 -28.28 52.40 28.77
CA SER N 248 -28.47 53.20 29.97
C SER N 248 -27.15 53.54 30.66
N GLN N 249 -26.05 52.89 30.28
CA GLN N 249 -24.75 53.18 30.88
C GLN N 249 -23.97 54.25 30.12
N LYS N 250 -24.40 54.61 28.91
CA LYS N 250 -23.74 55.65 28.14
C LYS N 250 -24.65 56.83 27.78
N VAL N 251 -25.91 56.80 28.18
CA VAL N 251 -26.87 57.85 27.82
C VAL N 251 -27.71 58.18 29.04
N ASN N 252 -27.89 59.47 29.30
CA ASN N 252 -28.72 59.97 30.38
C ASN N 252 -29.87 60.74 29.74
N GLY N 253 -31.11 60.34 30.07
CA GLY N 253 -32.27 61.01 29.52
C GLY N 253 -32.59 60.58 28.11
N ASP N 254 -33.65 61.18 27.57
CA ASP N 254 -34.07 60.87 26.20
C ASP N 254 -33.12 61.48 25.18
N VAL N 255 -33.01 60.82 24.04
CA VAL N 255 -32.13 61.27 22.96
C VAL N 255 -32.94 62.18 22.04
N THR N 256 -32.45 63.40 21.85
CA THR N 256 -33.09 64.34 20.95
C THR N 256 -32.65 64.08 19.51
N ILE N 257 -33.62 63.80 18.64
CA ILE N 257 -33.35 63.44 17.26
C ILE N 257 -33.90 64.54 16.36
N GLY N 258 -33.05 65.04 15.47
CA GLY N 258 -33.44 66.08 14.53
C GLY N 258 -32.74 65.88 13.20
N GLY N 259 -33.04 66.77 12.27
CA GLY N 259 -32.45 66.74 10.94
C GLY N 259 -33.47 66.36 9.89
N GLY N 260 -33.02 66.44 8.63
CA GLY N 260 -33.89 66.08 7.53
C GLY N 260 -34.26 64.62 7.51
N LEU N 261 -33.27 63.74 7.73
CA LEU N 261 -33.53 62.31 7.76
C LEU N 261 -34.34 61.93 8.99
N GLY N 262 -34.09 62.59 10.12
CA GLY N 262 -34.86 62.32 11.32
C GLY N 262 -36.33 62.66 11.15
N GLY N 263 -36.62 63.79 10.50
CA GLY N 263 -38.00 64.16 10.23
C GLY N 263 -38.66 63.23 9.22
N GLU N 264 -37.92 62.86 8.17
CA GLU N 264 -38.48 61.96 7.15
C GLU N 264 -38.77 60.58 7.73
N ILE N 265 -37.85 60.04 8.53
CA ILE N 265 -38.07 58.73 9.13
C ILE N 265 -39.15 58.81 10.21
N GLY N 266 -39.10 59.84 11.05
CA GLY N 266 -40.00 59.95 12.17
C GLY N 266 -39.57 59.09 13.33
N PHE N 267 -39.67 59.61 14.55
CA PHE N 267 -39.19 58.90 15.72
C PHE N 267 -40.18 59.05 16.86
N ASP N 268 -40.19 58.09 17.76
CA ASP N 268 -41.13 58.03 18.87
C ASP N 268 -40.36 58.07 20.20
N ALA N 269 -41.11 57.85 21.29
CA ALA N 269 -40.50 57.87 22.62
C ALA N 269 -39.68 56.61 22.86
N GLY N 270 -38.86 56.65 23.90
CA GLY N 270 -37.95 55.57 24.22
C GLY N 270 -38.45 54.72 25.36
N ARG N 271 -38.77 53.47 25.07
CA ARG N 271 -39.19 52.53 26.09
C ARG N 271 -37.96 52.01 26.85
N ASN N 272 -38.13 51.83 28.17
CA ASN N 272 -37.05 51.31 29.00
C ASN N 272 -37.03 49.80 28.84
N VAL N 273 -36.00 49.29 28.18
CA VAL N 273 -35.86 47.86 27.92
C VAL N 273 -34.64 47.34 28.66
N THR N 274 -34.73 46.08 29.10
CA THR N 274 -33.64 45.43 29.82
C THR N 274 -33.54 43.99 29.31
N VAL N 275 -32.65 43.21 29.96
CA VAL N 275 -32.52 41.80 29.60
C VAL N 275 -33.80 41.06 29.93
N ALA N 276 -34.45 41.40 31.05
CA ALA N 276 -35.71 40.76 31.41
C ALA N 276 -36.79 41.05 30.38
N ASP N 277 -36.74 42.23 29.75
CA ASP N 277 -37.70 42.61 28.72
C ASP N 277 -37.24 42.25 27.33
N VAL N 278 -36.36 41.27 27.18
CA VAL N 278 -35.82 40.88 25.88
C VAL N 278 -36.69 39.79 25.30
N ASN N 279 -36.83 39.79 23.98
CA ASN N 279 -37.55 38.72 23.28
C ASN N 279 -37.01 38.58 21.87
N VAL N 280 -37.10 37.36 21.34
CA VAL N 280 -36.62 37.03 20.00
C VAL N 280 -37.74 36.49 19.12
N SER N 281 -38.99 36.69 19.53
CA SER N 281 -40.13 36.16 18.79
C SER N 281 -40.25 36.77 17.39
N THR N 282 -39.57 37.89 17.14
CA THR N 282 -39.59 38.51 15.82
C THR N 282 -38.24 39.17 15.57
N VAL N 283 -37.98 39.50 14.31
CA VAL N 283 -36.65 39.97 13.91
C VAL N 283 -36.34 41.30 14.59
N ALA N 284 -37.33 42.19 14.71
CA ALA N 284 -37.09 43.46 15.38
C ALA N 284 -36.71 43.25 16.84
N GLY N 285 -37.37 42.30 17.51
CA GLY N 285 -37.02 42.02 18.90
C GLY N 285 -35.63 41.45 19.04
N SER N 286 -35.20 40.62 18.08
CA SER N 286 -33.87 40.02 18.16
C SER N 286 -32.77 41.01 17.82
N GLN N 287 -33.01 41.88 16.83
CA GLN N 287 -32.03 42.92 16.53
C GLN N 287 -31.89 43.89 17.70
N GLU N 288 -33.01 44.28 18.31
CA GLU N 288 -32.94 45.07 19.53
C GLU N 288 -32.32 44.27 20.67
N ALA N 289 -32.47 42.94 20.62
CA ALA N 289 -31.93 42.10 21.69
C ALA N 289 -30.41 42.21 21.76
N VAL N 290 -29.73 42.03 20.63
CA VAL N 290 -28.27 41.90 20.64
C VAL N 290 -27.62 43.14 21.25
N SER N 291 -28.16 44.32 20.94
CA SER N 291 -27.65 45.54 21.54
C SER N 291 -27.89 45.57 23.05
N ILE N 292 -28.98 44.98 23.52
CA ILE N 292 -29.29 45.01 24.95
C ILE N 292 -28.27 44.21 25.75
N LEU N 293 -27.96 42.98 25.31
CA LEU N 293 -26.93 42.23 26.02
C LEU N 293 -25.54 42.79 25.81
N ASP N 294 -25.33 43.61 24.78
CA ASP N 294 -24.06 44.33 24.68
C ASP N 294 -23.91 45.33 25.82
N GLY N 295 -25.00 46.03 26.16
CA GLY N 295 -24.97 46.90 27.32
C GLY N 295 -24.86 46.12 28.62
N ALA N 296 -25.56 44.99 28.71
CA ALA N 296 -25.50 44.17 29.92
C ALA N 296 -24.11 43.57 30.10
N LEU N 297 -23.50 43.09 29.01
CA LEU N 297 -22.15 42.56 29.10
C LEU N 297 -21.16 43.64 29.50
N LYS N 298 -21.35 44.87 29.02
CA LYS N 298 -20.50 45.97 29.43
C LYS N 298 -20.64 46.24 30.92
N ALA N 299 -21.87 46.21 31.43
CA ALA N 299 -22.09 46.45 32.86
C ALA N 299 -21.50 45.32 33.70
N VAL N 300 -21.67 44.08 33.26
CA VAL N 300 -21.15 42.94 34.01
C VAL N 300 -19.62 42.96 34.03
N ASP N 301 -19.01 43.18 32.86
CA ASP N 301 -17.55 43.22 32.78
C ASP N 301 -16.98 44.39 33.57
N SER N 302 -17.66 45.54 33.55
CA SER N 302 -17.17 46.70 34.28
C SER N 302 -17.13 46.42 35.78
N GLN N 303 -18.17 45.78 36.31
CA GLN N 303 -18.19 45.48 37.74
C GLN N 303 -17.28 44.30 38.08
N ARG N 304 -17.04 43.39 37.13
CA ARG N 304 -16.02 42.37 37.33
C ARG N 304 -14.65 43.01 37.47
N ALA N 305 -14.31 43.96 36.59
CA ALA N 305 -13.03 44.64 36.68
C ALA N 305 -12.92 45.44 37.97
N SER N 306 -14.03 46.03 38.42
CA SER N 306 -14.02 46.74 39.69
C SER N 306 -13.72 45.78 40.83
N LEU N 307 -14.29 44.58 40.80
CA LEU N 307 -13.98 43.58 41.81
C LEU N 307 -12.53 43.11 41.69
N GLY N 308 -12.05 42.94 40.46
CA GLY N 308 -10.68 42.48 40.27
C GLY N 308 -9.65 43.46 40.78
N ALA N 309 -9.82 44.74 40.49
CA ALA N 309 -8.93 45.76 41.03
C ALA N 309 -9.05 45.83 42.56
N PHE N 310 -10.24 45.51 43.07
CA PHE N 310 -10.42 45.46 44.52
C PHE N 310 -9.69 44.27 45.12
N GLN N 311 -9.59 43.17 44.36
CA GLN N 311 -8.84 42.01 44.82
C GLN N 311 -7.35 42.29 44.84
N ASN N 312 -6.84 42.97 43.80
CA ASN N 312 -5.44 43.35 43.78
C ASN N 312 -5.11 44.32 44.89
N ARG N 313 -6.05 45.20 45.24
CA ARG N 313 -5.80 46.17 46.30
C ARG N 313 -5.60 45.48 47.64
N PHE N 314 -6.36 44.41 47.91
CA PHE N 314 -6.12 43.64 49.12
C PHE N 314 -4.95 42.68 48.96
N GLY N 315 -4.57 42.37 47.73
CA GLY N 315 -3.35 41.61 47.51
C GLY N 315 -2.12 42.38 47.95
N HIS N 316 -2.09 43.68 47.65
CA HIS N 316 -1.00 44.53 48.13
C HIS N 316 -1.18 44.87 49.60
N ALA N 317 -2.44 45.04 50.04
CA ALA N 317 -2.70 45.37 51.43
C ALA N 317 -2.27 44.24 52.36
N ILE N 318 -2.57 43.00 52.00
CA ILE N 318 -2.17 41.86 52.83
C ILE N 318 -0.65 41.76 52.90
N SER N 319 0.03 41.95 51.77
CA SER N 319 1.49 41.89 51.75
C SER N 319 2.09 42.99 52.62
N ASN N 320 1.54 44.20 52.53
CA ASN N 320 2.04 45.30 53.35
C ASN N 320 1.79 45.06 54.83
N LEU N 321 0.60 44.54 55.16
CA LEU N 321 0.29 44.24 56.57
C LEU N 321 1.22 43.16 57.10
N ASP N 322 1.51 42.14 56.30
CA ASP N 322 2.44 41.10 56.72
C ASP N 322 3.83 41.67 56.96
N ASN N 323 4.29 42.59 56.11
CA ASN N 323 5.60 43.19 56.29
C ASN N 323 5.65 44.03 57.57
N VAL N 324 4.65 44.89 57.77
CA VAL N 324 4.64 45.74 58.95
C VAL N 324 4.51 44.89 60.22
N ASN N 325 3.74 43.81 60.15
CA ASN N 325 3.54 42.97 61.33
C ASN N 325 4.85 42.34 61.79
N GLU N 326 5.68 41.88 60.84
CA GLU N 326 6.90 41.20 61.21
C GLU N 326 7.90 42.16 61.86
N ASN N 327 8.08 43.35 61.29
CA ASN N 327 9.02 44.31 61.89
C ASN N 327 8.51 44.81 63.24
N VAL N 328 7.18 44.92 63.40
CA VAL N 328 6.62 45.27 64.70
C VAL N 328 6.95 44.17 65.71
N ASN N 329 6.80 42.90 65.32
CA ASN N 329 7.15 41.81 66.21
C ASN N 329 8.63 41.82 66.56
N ALA N 330 9.49 42.16 65.58
CA ALA N 330 10.92 42.26 65.85
C ALA N 330 11.21 43.35 66.86
N SER N 331 10.46 44.45 66.81
CA SER N 331 10.72 45.57 67.71
C SER N 331 10.41 45.21 69.16
N ARG N 332 9.23 44.62 69.40
CA ARG N 332 8.88 44.22 70.76
C ARG N 332 9.81 43.12 71.26
N SER N 333 10.39 42.33 70.35
CA SER N 333 11.43 41.39 70.73
C SER N 333 12.67 42.13 71.22
N ARG N 334 13.01 43.24 70.58
CA ARG N 334 14.24 43.95 70.90
C ARG N 334 14.20 44.61 72.26
N ILE N 335 13.01 44.90 72.78
CA ILE N 335 12.86 45.60 74.04
C ILE N 335 12.22 44.74 75.12
N ARG N 336 11.10 44.09 74.81
CA ARG N 336 10.38 43.33 75.83
C ARG N 336 10.95 41.93 76.00
N ASP N 337 11.19 41.22 74.90
CA ASP N 337 11.64 39.84 74.98
C ASP N 337 13.02 39.78 75.63
N THR N 338 13.17 38.85 76.57
CA THR N 338 14.43 38.72 77.31
C THR N 338 15.52 38.12 76.42
N ASP N 339 16.77 38.36 76.83
CA ASP N 339 17.92 37.77 76.18
C ASP N 339 18.46 36.67 77.08
N TYR N 340 18.46 35.43 76.57
CA TYR N 340 18.84 34.30 77.41
C TYR N 340 20.34 34.26 77.66
N ALA N 341 21.13 34.73 76.70
CA ALA N 341 22.58 34.72 76.87
C ALA N 341 23.01 35.62 78.02
N ARG N 342 22.44 36.82 78.10
CA ARG N 342 22.82 37.75 79.17
C ARG N 342 22.17 37.35 80.49
N GLU N 343 20.91 36.91 80.45
CA GLU N 343 20.20 36.62 81.69
C GLU N 343 20.81 35.44 82.42
N THR N 344 21.18 34.38 81.69
CA THR N 344 21.80 33.23 82.34
C THR N 344 23.16 33.59 82.92
N THR N 345 23.95 34.40 82.20
CA THR N 345 25.21 34.87 82.74
C THR N 345 25.01 35.71 83.99
N ALA N 346 24.00 36.59 83.97
CA ALA N 346 23.71 37.42 85.13
C ALA N 346 23.25 36.58 86.31
N MET N 347 22.42 35.57 86.06
CA MET N 347 21.89 34.79 87.17
C MET N 347 22.85 33.69 87.61
N THR N 348 23.90 33.42 86.83
CA THR N 348 25.02 32.65 87.35
C THR N 348 25.86 33.47 88.32
N LYS N 349 26.12 34.73 87.96
CA LYS N 349 26.72 35.64 88.92
C LYS N 349 25.87 35.74 90.18
N ALA N 350 24.55 35.63 90.03
CA ALA N 350 23.66 35.60 91.19
C ALA N 350 23.91 34.36 92.03
N GLN N 351 23.98 33.18 91.40
CA GLN N 351 24.20 31.95 92.17
C GLN N 351 25.55 31.96 92.88
N ILE N 352 26.60 32.41 92.19
CA ILE N 352 27.93 32.42 92.81
C ILE N 352 27.93 33.39 94.00
N LEU N 353 27.18 34.49 93.89
CA LEU N 353 27.01 35.38 95.03
C LEU N 353 26.33 34.67 96.20
N GLN N 354 25.36 33.78 95.92
CA GLN N 354 24.69 33.07 97.00
C GLN N 354 25.65 32.16 97.75
N GLN N 355 26.47 31.38 97.03
CA GLN N 355 27.48 30.57 97.69
C GLN N 355 28.51 31.44 98.41
N ALA N 356 28.90 32.55 97.79
CA ALA N 356 29.84 33.46 98.44
C ALA N 356 29.26 34.05 99.71
N SER N 357 27.99 34.46 99.67
CA SER N 357 27.37 35.09 100.82
C SER N 357 27.10 34.10 101.95
N THR N 358 26.69 32.87 101.61
CA THR N 358 26.50 31.86 102.65
C THR N 358 27.82 31.51 103.31
N SER N 359 28.90 31.42 102.53
CA SER N 359 30.21 31.10 103.10
C SER N 359 30.73 32.23 103.98
N VAL N 360 30.59 33.48 103.54
CA VAL N 360 31.13 34.59 104.33
C VAL N 360 30.34 34.76 105.61
N LEU N 361 29.03 34.52 105.57
CA LEU N 361 28.20 34.61 106.76
C LEU N 361 28.60 33.55 107.79
N ALA N 362 28.89 32.33 107.34
CA ALA N 362 29.30 31.28 108.27
C ALA N 362 30.61 31.63 108.95
N GLN N 363 31.53 32.28 108.23
CA GLN N 363 32.82 32.66 108.79
C GLN N 363 32.76 33.93 109.63
N ALA N 364 31.74 34.77 109.43
CA ALA N 364 31.71 36.06 110.09
C ALA N 364 31.26 35.97 111.55
N LYS N 365 30.39 35.01 111.88
CA LYS N 365 29.83 34.94 113.23
C LYS N 365 30.75 34.27 114.23
N GLN N 366 31.94 33.82 113.82
CA GLN N 366 32.89 33.25 114.77
C GLN N 366 33.68 34.32 115.53
N SER N 367 33.58 35.59 115.13
CA SER N 367 34.28 36.64 115.87
C SER N 367 33.80 36.78 117.31
N PRO N 368 32.49 36.85 117.60
CA PRO N 368 32.09 36.85 119.01
C PRO N 368 32.47 35.58 119.75
N SER N 369 32.53 34.44 119.05
CA SER N 369 32.99 33.20 119.68
C SER N 369 34.45 33.31 120.11
N ALA N 370 35.29 33.94 119.27
CA ALA N 370 36.68 34.16 119.63
C ALA N 370 36.79 35.10 120.84
N ALA N 371 35.94 36.12 120.89
CA ALA N 371 35.95 37.03 122.03
C ALA N 371 35.56 36.31 123.31
N LEU N 372 34.58 35.41 123.24
CA LEU N 372 34.19 34.64 124.41
C LEU N 372 35.34 33.76 124.90
N SER N 373 36.02 33.09 123.97
CA SER N 373 37.13 32.23 124.35
C SER N 373 38.32 33.01 124.88
N LEU N 374 38.40 34.31 124.56
CA LEU N 374 39.51 35.12 125.04
C LEU N 374 39.47 35.29 126.56
N LEU N 375 38.31 35.67 127.09
CA LEU N 375 38.15 35.90 128.52
C LEU N 375 37.52 34.73 129.25
N GLY N 376 36.35 34.29 128.82
CA GLY N 376 35.67 33.18 129.44
C GLY N 376 36.33 31.84 129.17
N MET O 1 -1.58 32.90 51.37
CA MET O 1 -2.07 31.55 51.57
C MET O 1 -1.01 30.66 52.23
N ALA O 2 -1.39 29.99 53.30
CA ALA O 2 -0.48 29.11 54.03
C ALA O 2 -0.47 27.73 53.38
N ILE O 3 0.17 26.77 54.03
CA ILE O 3 0.17 25.37 53.60
C ILE O 3 -0.93 24.66 54.38
N ASN O 4 -1.75 23.89 53.68
CA ASN O 4 -2.99 23.38 54.23
C ASN O 4 -3.14 21.89 53.94
N VAL O 5 -3.93 21.22 54.77
CA VAL O 5 -4.15 19.78 54.64
C VAL O 5 -5.60 19.49 54.27
N ASN O 6 -6.54 19.92 55.13
CA ASN O 6 -7.94 19.61 54.91
C ASN O 6 -8.51 20.25 53.66
N THR O 7 -7.97 21.39 53.23
CA THR O 7 -8.46 22.10 52.06
C THR O 7 -7.37 22.09 50.99
N ASN O 8 -7.77 21.75 49.77
CA ASN O 8 -6.87 21.59 48.63
C ASN O 8 -7.46 22.29 47.41
N VAL O 9 -7.83 23.56 47.58
CA VAL O 9 -8.52 24.31 46.52
C VAL O 9 -7.72 24.35 45.23
N SER O 10 -6.40 24.16 45.31
CA SER O 10 -5.60 24.08 44.10
C SER O 10 -5.93 22.83 43.29
N ALA O 11 -6.15 21.71 43.98
CA ALA O 11 -6.58 20.50 43.30
C ALA O 11 -8.05 20.57 42.91
N MET O 12 -8.86 21.26 43.71
CA MET O 12 -10.27 21.46 43.37
C MET O 12 -10.40 22.21 42.06
N THR O 13 -9.56 23.21 41.85
CA THR O 13 -9.53 23.92 40.57
C THR O 13 -9.12 22.98 39.45
N ALA O 14 -8.13 22.10 39.70
CA ALA O 14 -7.62 21.22 38.66
C ALA O 14 -8.70 20.26 38.17
N GLN O 15 -9.48 19.68 39.10
CA GLN O 15 -10.50 18.73 38.68
C GLN O 15 -11.72 19.44 38.11
N ARG O 16 -11.90 20.72 38.41
CA ARG O 16 -13.02 21.45 37.84
C ARG O 16 -12.85 21.64 36.33
N TYR O 17 -11.65 22.02 35.91
CA TYR O 17 -11.38 22.13 34.47
C TYR O 17 -11.17 20.77 33.83
N LEU O 18 -10.82 19.76 34.64
CA LEU O 18 -10.78 18.40 34.12
C LEU O 18 -12.16 17.91 33.74
N ASN O 19 -13.16 18.23 34.56
CA ASN O 19 -14.55 17.87 34.22
C ASN O 19 -15.01 18.62 32.98
N GLY O 20 -14.65 19.90 32.85
CA GLY O 20 -15.01 20.64 31.67
C GLY O 20 -14.35 20.09 30.42
N ALA O 21 -13.09 19.68 30.53
CA ALA O 21 -12.40 19.05 29.40
C ALA O 21 -13.04 17.72 29.05
N ALA O 22 -13.45 16.96 30.07
CA ALA O 22 -14.11 15.67 29.83
C ALA O 22 -15.42 15.86 29.08
N ASP O 23 -16.19 16.88 29.45
CA ASP O 23 -17.44 17.17 28.75
C ASP O 23 -17.18 17.49 27.28
N GLY O 24 -16.19 18.35 27.02
CA GLY O 24 -15.90 18.73 25.64
C GLY O 24 -15.50 17.55 24.77
N MET O 25 -14.70 16.64 25.33
CA MET O 25 -14.29 15.46 24.56
C MET O 25 -15.47 14.52 24.35
N GLN O 26 -16.33 14.36 25.36
CA GLN O 26 -17.48 13.48 25.22
C GLN O 26 -18.44 13.98 24.14
N LYS O 27 -18.70 15.29 24.13
CA LYS O 27 -19.56 15.85 23.08
C LYS O 27 -18.93 15.70 21.70
N SER O 28 -17.63 15.94 21.58
CA SER O 28 -16.97 15.82 20.29
C SER O 28 -16.95 14.37 19.81
N MET O 29 -16.67 13.43 20.70
CA MET O 29 -16.59 12.03 20.30
C MET O 29 -17.96 11.46 19.97
N GLU O 30 -19.01 11.94 20.65
CA GLU O 30 -20.37 11.58 20.24
C GLU O 30 -20.70 12.20 18.88
N ARG O 31 -20.23 13.43 18.64
CA ARG O 31 -20.52 14.11 17.39
C ARG O 31 -19.87 13.40 16.21
N LEU O 32 -18.66 12.88 16.40
CA LEU O 32 -17.97 12.19 15.30
C LEU O 32 -18.61 10.86 14.98
N SER O 33 -19.09 10.13 15.99
CA SER O 33 -19.68 8.82 15.76
C SER O 33 -20.97 8.94 14.96
N SER O 34 -21.88 9.80 15.41
CA SER O 34 -23.16 9.96 14.73
C SER O 34 -23.02 10.73 13.41
N GLY O 35 -22.08 11.67 13.36
CA GLY O 35 -21.92 12.51 12.19
C GLY O 35 -22.79 13.74 12.14
N TYR O 36 -23.40 14.12 13.27
CA TYR O 36 -24.28 15.27 13.34
C TYR O 36 -23.84 16.19 14.46
N LYS O 37 -23.86 17.50 14.21
CA LYS O 37 -23.63 18.47 15.27
C LYS O 37 -24.72 18.41 16.33
N ILE O 38 -25.98 18.25 15.90
CA ILE O 38 -27.12 18.28 16.81
C ILE O 38 -27.58 16.84 16.97
N ASN O 39 -27.04 16.17 17.99
CA ASN O 39 -27.54 14.86 18.42
C ASN O 39 -28.58 14.97 19.53
N SER O 40 -28.79 16.17 20.06
CA SER O 40 -29.72 16.40 21.16
C SER O 40 -30.20 17.84 21.09
N ALA O 41 -31.33 18.11 21.76
CA ALA O 41 -31.90 19.44 21.75
C ALA O 41 -31.00 20.47 22.42
N ARG O 42 -30.04 20.03 23.24
CA ARG O 42 -29.14 20.96 23.91
C ARG O 42 -28.25 21.68 22.91
N ASP O 43 -27.76 20.97 21.89
CA ASP O 43 -26.76 21.54 20.99
C ASP O 43 -27.29 22.77 20.27
N ASP O 44 -28.51 22.68 19.72
CA ASP O 44 -29.13 23.83 19.06
C ASP O 44 -30.63 23.61 19.05
N ALA O 45 -31.36 24.36 19.88
CA ALA O 45 -32.81 24.29 19.85
C ALA O 45 -33.36 24.78 18.52
N ALA O 46 -32.81 25.89 18.02
CA ALA O 46 -33.23 26.40 16.71
C ALA O 46 -32.82 25.43 15.61
N GLY O 47 -31.61 24.89 15.69
CA GLY O 47 -31.15 23.98 14.66
C GLY O 47 -31.95 22.69 14.60
N LEU O 48 -32.38 22.19 15.77
CA LEU O 48 -33.08 20.91 15.82
C LEU O 48 -34.42 20.99 15.09
N GLN O 49 -35.18 22.07 15.30
CA GLN O 49 -36.46 22.23 14.62
C GLN O 49 -36.27 22.35 13.11
N ILE O 50 -35.37 23.24 12.68
CA ILE O 50 -35.22 23.48 11.25
C ILE O 50 -34.61 22.28 10.55
N SER O 51 -33.73 21.55 11.23
CA SER O 51 -33.16 20.34 10.63
C SER O 51 -34.21 19.24 10.52
N ASN O 52 -35.03 19.08 11.57
CA ASN O 52 -36.08 18.07 11.53
C ASN O 52 -37.12 18.39 10.45
N ARG O 53 -37.47 19.67 10.29
CA ARG O 53 -38.45 20.03 9.26
C ARG O 53 -37.85 19.90 7.87
N LEU O 54 -36.55 20.10 7.73
CA LEU O 54 -35.90 19.88 6.44
C LEU O 54 -35.75 18.40 6.15
N THR O 55 -35.59 17.58 7.20
CA THR O 55 -35.61 16.14 7.02
C THR O 55 -36.99 15.65 6.61
N SER O 56 -38.04 16.21 7.24
CA SER O 56 -39.40 15.83 6.88
C SER O 56 -39.72 16.24 5.45
N GLN O 57 -39.29 17.44 5.04
CA GLN O 57 -39.49 17.86 3.66
C GLN O 57 -38.70 16.99 2.69
N SER O 58 -37.46 16.65 3.06
CA SER O 58 -36.64 15.79 2.20
C SER O 58 -37.26 14.41 2.04
N ARG O 59 -37.78 13.84 3.14
CA ARG O 59 -38.49 12.58 3.05
C ARG O 59 -39.76 12.71 2.22
N GLY O 60 -40.45 13.83 2.37
CA GLY O 60 -41.65 14.06 1.57
C GLY O 60 -41.35 14.40 0.12
N LEU O 61 -40.09 14.71 -0.18
CA LEU O 61 -39.74 15.07 -1.56
C LEU O 61 -39.42 13.84 -2.39
N ASP O 62 -38.51 12.98 -1.93
CA ASP O 62 -38.21 11.76 -2.67
C ASP O 62 -39.39 10.81 -2.69
N MET O 63 -40.33 10.96 -1.75
CA MET O 63 -41.60 10.28 -1.84
C MET O 63 -42.43 10.84 -2.99
N ALA O 64 -42.43 12.16 -3.15
CA ALA O 64 -43.15 12.78 -4.26
C ALA O 64 -42.56 12.39 -5.60
N VAL O 65 -41.24 12.20 -5.66
CA VAL O 65 -40.62 11.69 -6.89
C VAL O 65 -41.13 10.30 -7.21
N LYS O 66 -41.28 9.46 -6.19
CA LYS O 66 -41.85 8.13 -6.39
C LYS O 66 -43.30 8.21 -6.84
N ASN O 67 -44.09 9.09 -6.23
CA ASN O 67 -45.51 9.18 -6.56
C ASN O 67 -45.72 9.67 -7.98
N ALA O 68 -45.01 10.72 -8.39
CA ALA O 68 -45.14 11.21 -9.76
C ALA O 68 -44.62 10.20 -10.77
N ASN O 69 -43.67 9.37 -10.38
CA ASN O 69 -43.21 8.29 -11.24
C ASN O 69 -44.32 7.26 -11.47
N ASP O 70 -45.07 6.94 -10.41
CA ASP O 70 -46.23 6.06 -10.57
C ASP O 70 -47.31 6.72 -11.43
N GLY O 71 -47.50 8.04 -11.27
CA GLY O 71 -48.42 8.75 -12.15
C GLY O 71 -47.97 8.71 -13.59
N ILE O 72 -46.65 8.75 -13.82
CA ILE O 72 -46.12 8.54 -15.17
C ILE O 72 -46.43 7.13 -15.65
N SER O 73 -46.30 6.14 -14.76
CA SER O 73 -46.51 4.76 -15.14
C SER O 73 -47.96 4.50 -15.57
N ILE O 74 -48.92 5.04 -14.83
CA ILE O 74 -50.33 4.85 -15.17
C ILE O 74 -50.64 5.51 -16.51
N ALA O 75 -50.12 6.72 -16.72
CA ALA O 75 -50.33 7.41 -17.99
C ALA O 75 -49.66 6.66 -19.13
N GLN O 76 -48.47 6.10 -18.88
CA GLN O 76 -47.74 5.37 -19.92
C GLN O 76 -48.47 4.09 -20.30
N THR O 77 -48.92 3.32 -19.31
CA THR O 77 -49.66 2.09 -19.60
C THR O 77 -50.96 2.38 -20.32
N ALA O 78 -51.66 3.44 -19.91
CA ALA O 78 -52.89 3.82 -20.59
C ALA O 78 -52.63 4.23 -22.03
N GLU O 79 -51.56 4.99 -22.27
CA GLU O 79 -51.24 5.42 -23.62
C GLU O 79 -50.84 4.24 -24.50
N GLY O 80 -50.17 3.23 -23.93
CA GLY O 80 -49.90 2.03 -24.68
C GLY O 80 -51.17 1.32 -25.13
N ALA O 81 -52.18 1.29 -24.26
CA ALA O 81 -53.48 0.77 -24.64
C ALA O 81 -54.12 1.62 -25.72
N MET O 82 -53.92 2.95 -25.64
CA MET O 82 -54.47 3.84 -26.66
C MET O 82 -53.87 3.58 -28.04
N ASN O 83 -52.59 3.19 -28.09
CA ASN O 83 -51.92 3.03 -29.38
C ASN O 83 -52.60 1.98 -30.24
N GLU O 84 -52.93 0.83 -29.64
CA GLU O 84 -53.62 -0.21 -30.40
C GLU O 84 -55.06 0.17 -30.70
N THR O 85 -55.70 0.95 -29.81
CA THR O 85 -57.06 1.40 -30.07
C THR O 85 -57.10 2.27 -31.33
N THR O 86 -56.11 3.16 -31.50
CA THR O 86 -56.03 3.96 -32.71
C THR O 86 -55.80 3.08 -33.93
N ASN O 87 -54.93 2.08 -33.82
CA ASN O 87 -54.63 1.21 -34.96
C ASN O 87 -55.85 0.40 -35.38
N ILE O 88 -56.63 -0.09 -34.42
CA ILE O 88 -57.84 -0.82 -34.75
C ILE O 88 -58.84 0.08 -35.46
N LEU O 89 -59.01 1.31 -34.96
CA LEU O 89 -59.95 2.23 -35.59
C LEU O 89 -59.52 2.62 -36.99
N GLN O 90 -58.20 2.81 -37.19
CA GLN O 90 -57.71 3.12 -38.53
C GLN O 90 -57.93 1.95 -39.49
N ARG O 91 -57.67 0.73 -39.03
CA ARG O 91 -57.94 -0.44 -39.86
C ARG O 91 -59.43 -0.57 -40.15
N MET O 92 -60.28 -0.33 -39.16
CA MET O 92 -61.71 -0.40 -39.36
C MET O 92 -62.18 0.68 -40.33
N ARG O 93 -61.52 1.84 -40.33
CA ARG O 93 -61.87 2.90 -41.26
C ARG O 93 -61.55 2.51 -42.70
N ASP O 94 -60.41 1.83 -42.90
CA ASP O 94 -60.07 1.35 -44.23
C ASP O 94 -61.05 0.30 -44.71
N LEU O 95 -61.51 -0.57 -43.81
CA LEU O 95 -62.52 -1.56 -44.17
C LEU O 95 -63.82 -0.90 -44.59
N ALA O 96 -64.25 0.14 -43.86
CA ALA O 96 -65.47 0.84 -44.21
C ALA O 96 -65.35 1.51 -45.58
N LEU O 97 -64.19 2.12 -45.86
CA LEU O 97 -63.97 2.73 -47.17
C LEU O 97 -63.99 1.67 -48.27
N GLN O 98 -63.40 0.50 -48.00
CA GLN O 98 -63.40 -0.59 -48.97
C GLN O 98 -64.82 -1.07 -49.26
N SER O 99 -65.65 -1.14 -48.22
CA SER O 99 -67.01 -1.66 -48.38
C SER O 99 -67.90 -0.71 -49.18
N SER O 100 -67.54 0.57 -49.29
CA SER O 100 -68.39 1.51 -50.00
C SER O 100 -68.23 1.42 -51.51
N ASN O 101 -67.20 0.73 -52.00
CA ASN O 101 -66.99 0.60 -53.43
C ASN O 101 -68.14 -0.17 -54.07
N GLY O 102 -68.53 0.25 -55.27
CA GLY O 102 -69.64 -0.38 -55.97
C GLY O 102 -69.34 -1.75 -56.52
N SER O 103 -68.05 -2.09 -56.67
CA SER O 103 -67.70 -3.43 -57.15
C SER O 103 -68.07 -4.51 -56.16
N ASN O 104 -68.12 -4.18 -54.87
CA ASN O 104 -68.50 -5.16 -53.86
C ASN O 104 -69.97 -5.54 -54.00
N SER O 105 -70.25 -6.83 -53.88
CA SER O 105 -71.60 -7.34 -53.82
C SER O 105 -71.97 -7.59 -52.36
N SER O 106 -73.23 -7.99 -52.14
CA SER O 106 -73.70 -8.22 -50.77
C SER O 106 -72.87 -9.30 -50.08
N SER O 107 -72.39 -10.29 -50.83
CA SER O 107 -71.62 -11.37 -50.22
C SER O 107 -70.32 -10.86 -49.62
N GLU O 108 -69.62 -9.96 -50.32
CA GLU O 108 -68.37 -9.42 -49.79
C GLU O 108 -68.62 -8.44 -48.65
N ARG O 109 -69.80 -7.82 -48.61
CA ARG O 109 -70.11 -6.89 -47.53
C ARG O 109 -70.15 -7.61 -46.18
N ARG O 110 -70.74 -8.81 -46.14
CA ARG O 110 -70.76 -9.59 -44.91
C ARG O 110 -69.35 -10.03 -44.53
N ALA O 111 -68.52 -10.37 -45.52
CA ALA O 111 -67.15 -10.78 -45.22
C ALA O 111 -66.36 -9.64 -44.58
N ILE O 112 -66.51 -8.42 -45.08
CA ILE O 112 -65.87 -7.27 -44.46
C ILE O 112 -66.47 -7.01 -43.09
N GLN O 113 -67.78 -7.15 -42.96
CA GLN O 113 -68.46 -6.91 -41.69
C GLN O 113 -67.99 -7.87 -40.61
N GLU O 114 -67.64 -9.11 -40.99
CA GLU O 114 -67.18 -10.08 -40.01
C GLU O 114 -65.89 -9.61 -39.33
N GLU O 115 -64.97 -9.04 -40.11
CA GLU O 115 -63.76 -8.49 -39.53
C GLU O 115 -64.05 -7.22 -38.73
N VAL O 116 -65.00 -6.40 -39.20
CA VAL O 116 -65.36 -5.18 -38.49
C VAL O 116 -65.94 -5.52 -37.12
N SER O 117 -66.83 -6.52 -37.07
CA SER O 117 -67.38 -6.95 -35.79
C SER O 117 -66.31 -7.56 -34.90
N ALA O 118 -65.38 -8.33 -35.49
CA ALA O 118 -64.30 -8.92 -34.70
C ALA O 118 -63.41 -7.84 -34.09
N LEU O 119 -63.09 -6.79 -34.86
CA LEU O 119 -62.29 -5.70 -34.33
C LEU O 119 -63.10 -4.84 -33.36
N ASN O 120 -64.40 -4.73 -33.57
CA ASN O 120 -65.25 -3.98 -32.64
C ASN O 120 -65.26 -4.65 -31.27
N ASP O 121 -65.32 -5.98 -31.23
CA ASP O 121 -65.21 -6.70 -29.97
C ASP O 121 -63.79 -6.61 -29.41
N GLU O 122 -62.81 -6.34 -30.27
CA GLU O 122 -61.44 -6.18 -29.79
C GLU O 122 -61.27 -4.84 -29.08
N LEU O 123 -61.94 -3.80 -29.57
CA LEU O 123 -61.88 -2.50 -28.90
C LEU O 123 -62.47 -2.57 -27.50
N ASN O 124 -63.60 -3.27 -27.35
CA ASN O 124 -64.19 -3.47 -26.02
C ASN O 124 -63.25 -4.29 -25.13
N ARG O 125 -62.62 -5.32 -25.69
CA ARG O 125 -61.70 -6.13 -24.91
C ARG O 125 -60.51 -5.30 -24.45
N ILE O 126 -59.98 -4.45 -25.33
CA ILE O 126 -58.84 -3.60 -24.95
C ILE O 126 -59.24 -2.64 -23.85
N ALA O 127 -60.43 -2.03 -23.96
CA ALA O 127 -60.89 -1.11 -22.94
C ALA O 127 -61.12 -1.81 -21.61
N GLU O 128 -61.67 -3.03 -21.65
CA GLU O 128 -62.04 -3.73 -20.42
C GLU O 128 -60.83 -4.35 -19.72
N THR O 129 -60.09 -5.21 -20.42
CA THR O 129 -59.06 -6.02 -19.77
C THR O 129 -57.75 -5.28 -19.54
N THR O 130 -57.56 -4.09 -20.09
CA THR O 130 -56.36 -3.33 -19.76
C THR O 130 -56.39 -2.96 -18.28
N SER O 131 -55.23 -3.05 -17.63
CA SER O 131 -55.18 -2.83 -16.20
C SER O 131 -53.76 -2.48 -15.78
N PHE O 132 -53.66 -1.85 -14.61
CA PHE O 132 -52.39 -1.55 -13.95
C PHE O 132 -52.49 -2.13 -12.54
N GLY O 133 -52.04 -3.36 -12.38
CA GLY O 133 -52.20 -4.05 -11.12
C GLY O 133 -53.65 -4.33 -10.76
N GLY O 134 -54.43 -4.84 -11.71
CA GLY O 134 -55.83 -5.13 -11.48
C GLY O 134 -56.73 -3.93 -11.38
N ASN O 135 -56.20 -2.72 -11.55
CA ASN O 135 -56.97 -1.48 -11.50
C ASN O 135 -57.27 -1.08 -12.95
N LYS O 136 -58.49 -1.37 -13.39
CA LYS O 136 -58.88 -1.10 -14.77
C LYS O 136 -58.81 0.39 -15.07
N LEU O 137 -58.25 0.73 -16.23
CA LEU O 137 -58.00 2.12 -16.62
C LEU O 137 -58.96 2.63 -17.68
N LEU O 138 -59.11 1.90 -18.78
CA LEU O 138 -59.80 2.41 -19.97
C LEU O 138 -61.29 2.11 -19.98
N ASN O 139 -61.83 1.44 -18.97
CA ASN O 139 -63.24 1.10 -18.95
C ASN O 139 -64.11 2.17 -18.29
N GLY O 140 -63.52 3.29 -17.88
CA GLY O 140 -64.26 4.36 -17.24
C GLY O 140 -64.36 4.27 -15.74
N SER O 141 -63.98 3.14 -15.14
CA SER O 141 -63.99 3.02 -13.69
C SER O 141 -62.87 3.81 -13.03
N PHE O 142 -61.85 4.21 -13.79
CA PHE O 142 -60.79 5.04 -13.24
C PHE O 142 -61.34 6.40 -12.81
N GLY O 143 -62.20 7.00 -13.62
CA GLY O 143 -62.77 8.28 -13.27
C GLY O 143 -61.69 9.34 -13.13
N SER O 144 -61.71 10.04 -12.00
CA SER O 144 -60.71 11.05 -11.68
C SER O 144 -60.04 10.69 -10.36
N LYS O 145 -58.71 10.62 -10.38
CA LYS O 145 -57.93 10.33 -9.19
C LYS O 145 -56.78 11.33 -9.09
N SER O 146 -56.40 11.64 -7.86
CA SER O 146 -55.41 12.68 -7.59
C SER O 146 -54.08 12.04 -7.19
N PHE O 147 -53.01 12.46 -7.87
CA PHE O 147 -51.66 11.99 -7.59
C PHE O 147 -50.95 13.04 -6.75
N GLN O 148 -50.57 12.69 -5.53
CA GLN O 148 -49.96 13.62 -4.60
C GLN O 148 -48.47 13.73 -4.93
N ILE O 149 -48.04 14.92 -5.35
CA ILE O 149 -46.66 15.15 -5.76
C ILE O 149 -46.01 16.27 -4.96
N GLY O 150 -46.53 16.57 -3.78
CA GLY O 150 -46.01 17.64 -2.94
C GLY O 150 -45.42 17.10 -1.66
N ALA O 151 -44.40 17.80 -1.15
CA ALA O 151 -43.80 17.44 0.12
C ALA O 151 -44.72 17.73 1.30
N ASP O 152 -45.79 18.49 1.10
CA ASP O 152 -46.74 18.83 2.14
C ASP O 152 -48.11 18.25 1.78
N SER O 153 -49.11 18.57 2.60
CA SER O 153 -50.46 18.08 2.37
C SER O 153 -51.16 18.90 1.28
N GLY O 154 -52.05 18.24 0.55
CA GLY O 154 -52.92 18.91 -0.41
C GLY O 154 -52.22 19.59 -1.56
N GLU O 155 -51.23 18.92 -2.16
CA GLU O 155 -50.51 19.44 -3.31
C GLU O 155 -50.57 18.46 -4.48
N ALA O 156 -51.73 17.83 -4.66
CA ALA O 156 -51.88 16.77 -5.65
C ALA O 156 -52.25 17.34 -7.01
N VAL O 157 -52.39 16.45 -7.99
CA VAL O 157 -52.70 16.79 -9.36
C VAL O 157 -53.78 15.83 -9.86
N MET O 158 -54.81 16.37 -10.48
CA MET O 158 -55.96 15.58 -10.91
C MET O 158 -55.72 14.95 -12.28
N LEU O 159 -56.19 13.72 -12.43
CA LEU O 159 -56.14 13.01 -13.71
C LEU O 159 -57.53 12.46 -14.02
N SER O 160 -58.00 12.72 -15.25
CA SER O 160 -59.24 12.15 -15.74
C SER O 160 -58.93 11.16 -16.86
N MET O 161 -59.63 10.03 -16.85
CA MET O 161 -59.46 8.98 -17.86
C MET O 161 -60.84 8.57 -18.36
N GLY O 162 -61.25 9.14 -19.49
CA GLY O 162 -62.54 8.80 -20.06
C GLY O 162 -62.60 7.37 -20.55
N SER O 163 -63.80 6.80 -20.48
CA SER O 163 -64.02 5.45 -20.97
C SER O 163 -63.83 5.38 -22.48
N MET O 164 -63.18 4.33 -22.95
CA MET O 164 -62.97 4.13 -24.39
C MET O 164 -63.56 2.81 -24.87
N ARG O 165 -64.71 2.41 -24.32
CA ARG O 165 -65.49 1.37 -24.98
C ARG O 165 -66.02 1.90 -26.30
N SER O 166 -66.21 0.98 -27.26
CA SER O 166 -66.69 1.38 -28.58
C SER O 166 -68.12 1.92 -28.54
N ASP O 167 -68.83 1.73 -27.43
CA ASP O 167 -70.20 2.22 -27.28
C ASP O 167 -70.28 3.48 -26.42
N THR O 168 -69.15 4.12 -26.12
CA THR O 168 -69.17 5.36 -25.38
C THR O 168 -69.84 6.45 -26.21
N GLN O 169 -70.60 7.32 -25.55
CA GLN O 169 -71.35 8.35 -26.27
C GLN O 169 -70.43 9.31 -27.02
N ALA O 170 -69.19 9.46 -26.56
CA ALA O 170 -68.24 10.35 -27.22
C ALA O 170 -67.49 9.67 -28.35
N MET O 171 -67.74 8.39 -28.60
CA MET O 171 -67.06 7.65 -29.66
C MET O 171 -67.84 7.65 -30.97
N GLY O 172 -68.98 8.33 -31.02
CA GLY O 172 -69.79 8.39 -32.22
C GLY O 172 -70.45 9.74 -32.37
N GLY O 173 -71.72 9.74 -32.74
CA GLY O 173 -72.44 11.00 -32.90
C GLY O 173 -73.82 10.76 -33.47
N LYS O 174 -74.53 11.86 -33.70
CA LYS O 174 -75.88 11.82 -34.23
C LYS O 174 -75.83 11.76 -35.75
N SER O 175 -76.59 10.84 -36.33
CA SER O 175 -76.66 10.66 -37.78
C SER O 175 -78.08 10.95 -38.25
N TYR O 176 -78.21 11.75 -39.30
CA TYR O 176 -79.49 12.10 -39.88
C TYR O 176 -79.59 11.49 -41.28
N ARG O 177 -80.80 11.07 -41.65
CA ARG O 177 -81.05 10.44 -42.93
C ARG O 177 -82.22 11.13 -43.62
N ALA O 178 -82.03 11.48 -44.89
CA ALA O 178 -83.10 12.08 -45.67
C ALA O 178 -84.23 11.07 -45.89
N GLN O 179 -85.44 11.60 -46.02
CA GLN O 179 -86.62 10.76 -46.22
C GLN O 179 -86.98 10.57 -47.69
N GLU O 180 -86.21 11.15 -48.61
CA GLU O 180 -86.50 11.04 -50.04
C GLU O 180 -85.25 10.56 -50.77
N GLY O 181 -85.44 9.55 -51.62
CA GLY O 181 -84.37 9.05 -52.47
C GLY O 181 -84.44 9.66 -53.85
N LYS O 182 -83.30 10.14 -54.33
CA LYS O 182 -83.20 10.84 -55.61
C LYS O 182 -82.37 10.00 -56.58
N ALA O 183 -82.87 9.83 -57.79
CA ALA O 183 -82.20 9.00 -58.79
C ALA O 183 -80.96 9.72 -59.32
N ALA O 184 -80.25 9.03 -60.22
CA ALA O 184 -79.02 9.57 -60.79
C ALA O 184 -79.27 10.73 -61.73
N ASP O 185 -80.47 10.86 -62.27
CA ASP O 185 -80.79 11.93 -63.20
C ASP O 185 -81.30 13.19 -62.50
N TRP O 186 -81.34 13.19 -61.17
CA TRP O 186 -81.82 14.35 -60.43
C TRP O 186 -80.74 15.42 -60.34
N ARG O 187 -81.11 16.65 -60.63
CA ARG O 187 -80.22 17.80 -60.53
C ARG O 187 -80.86 18.85 -59.64
N VAL O 188 -80.01 19.63 -58.97
CA VAL O 188 -80.51 20.69 -58.09
C VAL O 188 -81.21 21.76 -58.92
N GLY O 189 -82.42 22.13 -58.52
CA GLY O 189 -83.18 23.13 -59.23
C GLY O 189 -82.76 24.55 -58.87
N ALA O 190 -83.73 25.46 -58.82
CA ALA O 190 -83.46 26.85 -58.50
C ALA O 190 -83.45 27.13 -57.00
N ALA O 191 -83.89 26.17 -56.18
CA ALA O 191 -83.84 26.29 -54.73
C ALA O 191 -82.65 25.46 -54.25
N THR O 192 -81.56 26.14 -53.89
CA THR O 192 -80.30 25.49 -53.61
C THR O 192 -79.79 25.65 -52.19
N ASP O 193 -80.31 26.59 -51.41
CA ASP O 193 -79.75 26.88 -50.10
C ASP O 193 -80.08 25.77 -49.10
N LEU O 194 -79.24 25.66 -48.07
CA LEU O 194 -79.37 24.65 -47.03
C LEU O 194 -78.62 25.12 -45.81
N THR O 195 -79.36 25.46 -44.75
CA THR O 195 -78.79 26.03 -43.54
C THR O 195 -78.87 25.03 -42.40
N LEU O 196 -77.74 24.79 -41.74
CA LEU O 196 -77.63 23.89 -40.61
C LEU O 196 -77.35 24.71 -39.36
N SER O 197 -78.31 24.76 -38.45
CA SER O 197 -78.18 25.52 -37.20
C SER O 197 -78.11 24.54 -36.03
N TYR O 198 -77.09 24.71 -35.19
CA TYR O 198 -76.86 23.82 -34.06
C TYR O 198 -76.00 24.56 -33.04
N THR O 199 -75.49 23.81 -32.06
CA THR O 199 -74.63 24.35 -31.02
C THR O 199 -73.34 23.54 -30.99
N ASN O 200 -72.20 24.25 -30.98
CA ASN O 200 -70.90 23.59 -31.00
C ASN O 200 -70.61 22.96 -29.64
N LYS O 201 -69.42 22.35 -29.53
CA LYS O 201 -69.07 21.64 -28.31
C LYS O 201 -68.91 22.59 -27.12
N GLN O 202 -68.36 23.78 -27.36
CA GLN O 202 -68.16 24.74 -26.28
C GLN O 202 -69.45 25.38 -25.81
N GLY O 203 -70.56 25.19 -26.51
CA GLY O 203 -71.84 25.72 -26.10
C GLY O 203 -72.31 26.97 -26.82
N GLU O 204 -71.60 27.39 -27.87
CA GLU O 204 -72.00 28.57 -28.62
C GLU O 204 -72.80 28.18 -29.86
N ALA O 205 -73.72 29.04 -30.26
CA ALA O 205 -74.52 28.80 -31.45
C ALA O 205 -73.69 28.95 -32.71
N ARG O 206 -74.14 28.29 -33.78
CA ARG O 206 -73.42 28.31 -35.04
C ARG O 206 -74.39 28.04 -36.18
N GLU O 207 -74.40 28.92 -37.17
CA GLU O 207 -75.23 28.78 -38.37
C GLU O 207 -74.31 28.61 -39.57
N VAL O 208 -74.52 27.53 -40.32
CA VAL O 208 -73.73 27.23 -41.51
C VAL O 208 -74.68 27.28 -42.71
N THR O 209 -74.39 28.15 -43.67
CA THR O 209 -75.22 28.32 -44.86
C THR O 209 -74.52 27.66 -46.04
N ILE O 210 -75.23 26.79 -46.73
CA ILE O 210 -74.68 26.01 -47.84
C ILE O 210 -75.49 26.35 -49.09
N ASN O 211 -74.80 26.84 -50.12
CA ASN O 211 -75.44 27.16 -51.40
C ASN O 211 -74.95 26.14 -52.42
N ALA O 212 -75.70 25.04 -52.55
CA ALA O 212 -75.32 23.99 -53.49
C ALA O 212 -75.37 24.52 -54.92
N LYS O 213 -74.42 24.06 -55.74
CA LYS O 213 -74.33 24.52 -57.11
C LYS O 213 -75.41 23.89 -57.97
N GLN O 214 -75.87 24.64 -58.97
CA GLN O 214 -76.94 24.17 -59.83
C GLN O 214 -76.46 23.03 -60.73
N GLY O 215 -77.32 22.05 -60.96
CA GLY O 215 -77.01 20.93 -61.81
C GLY O 215 -76.31 19.77 -61.15
N ASP O 216 -75.93 19.91 -59.88
CA ASP O 216 -75.25 18.82 -59.18
C ASP O 216 -76.22 17.69 -58.85
N ASP O 217 -75.71 16.47 -58.88
CA ASP O 217 -76.45 15.32 -58.37
C ASP O 217 -76.12 15.14 -56.89
N LEU O 218 -76.73 14.14 -56.25
CA LEU O 218 -76.54 13.99 -54.81
C LEU O 218 -75.11 13.57 -54.46
N GLU O 219 -74.46 12.81 -55.33
CA GLU O 219 -73.08 12.42 -55.04
C GLU O 219 -72.14 13.61 -55.09
N GLU O 220 -72.37 14.54 -56.03
CA GLU O 220 -71.60 15.78 -56.06
C GLU O 220 -72.00 16.69 -54.91
N LEU O 221 -73.29 16.69 -54.55
CA LEU O 221 -73.76 17.51 -53.44
C LEU O 221 -73.14 17.08 -52.12
N ALA O 222 -72.95 15.76 -51.94
CA ALA O 222 -72.35 15.27 -50.72
C ALA O 222 -70.91 15.75 -50.56
N THR O 223 -70.15 15.76 -51.66
CA THR O 223 -68.77 16.21 -51.58
C THR O 223 -68.68 17.73 -51.50
N TYR O 224 -69.75 18.45 -51.89
CA TYR O 224 -69.76 19.89 -51.74
C TYR O 224 -70.01 20.28 -50.29
N ILE O 225 -70.89 19.56 -49.60
CA ILE O 225 -71.14 19.82 -48.19
C ILE O 225 -69.89 19.54 -47.36
N ASN O 226 -69.16 18.48 -47.71
CA ASN O 226 -67.94 18.15 -46.98
C ASN O 226 -66.89 19.23 -47.12
N GLY O 227 -66.72 19.77 -48.33
CA GLY O 227 -65.69 20.77 -48.55
C GLY O 227 -65.96 22.09 -47.85
N GLN O 228 -67.22 22.53 -47.85
CA GLN O 228 -67.54 23.85 -47.32
C GLN O 228 -67.39 23.91 -45.80
N THR O 229 -67.86 22.88 -45.09
CA THR O 229 -67.86 22.88 -43.64
C THR O 229 -67.26 21.58 -43.12
N GLU O 230 -66.62 21.67 -41.96
CA GLU O 230 -65.96 20.53 -41.33
C GLU O 230 -66.70 20.02 -40.09
N ASP O 231 -67.80 20.66 -39.71
CA ASP O 231 -68.56 20.17 -38.55
C ASP O 231 -69.34 18.91 -38.89
N VAL O 232 -69.95 18.87 -40.08
CA VAL O 232 -70.75 17.74 -40.50
C VAL O 232 -70.07 17.03 -41.66
N LYS O 233 -70.44 15.77 -41.86
CA LYS O 233 -69.97 14.98 -42.99
C LYS O 233 -71.18 14.38 -43.70
N ALA O 234 -71.25 14.60 -45.02
CA ALA O 234 -72.39 14.18 -45.82
C ALA O 234 -72.05 12.90 -46.59
N SER O 235 -73.07 12.08 -46.82
CA SER O 235 -72.93 10.83 -47.54
C SER O 235 -74.24 10.51 -48.24
N VAL O 236 -74.25 9.40 -48.98
CA VAL O 236 -75.42 8.95 -49.73
C VAL O 236 -75.64 7.47 -49.45
N GLY O 237 -76.91 7.08 -49.31
CA GLY O 237 -77.28 5.69 -49.07
C GLY O 237 -77.56 4.94 -50.36
N GLU O 238 -78.18 3.76 -50.19
CA GLU O 238 -78.55 2.95 -51.36
C GLU O 238 -79.58 3.67 -52.22
N ASP O 239 -80.66 4.15 -51.59
CA ASP O 239 -81.77 4.73 -52.32
C ASP O 239 -81.45 6.10 -52.91
N GLY O 240 -80.31 6.68 -52.57
CA GLY O 240 -79.98 8.01 -53.02
C GLY O 240 -80.54 9.07 -52.09
N LYS O 241 -80.34 8.87 -50.79
CA LYS O 241 -80.81 9.79 -49.76
C LYS O 241 -79.60 10.35 -49.03
N LEU O 242 -79.48 11.68 -49.02
CA LEU O 242 -78.35 12.32 -48.36
C LEU O 242 -78.44 12.14 -46.86
N GLN O 243 -77.35 11.67 -46.24
CA GLN O 243 -77.29 11.46 -44.80
C GLN O 243 -76.15 12.27 -44.22
N LEU O 244 -76.44 13.00 -43.15
CA LEU O 244 -75.46 13.81 -42.46
C LEU O 244 -75.02 13.13 -41.17
N PHE O 245 -73.93 13.65 -40.60
CA PHE O 245 -73.38 13.14 -39.35
C PHE O 245 -72.70 14.27 -38.60
N ALA O 246 -73.22 14.60 -37.42
CA ALA O 246 -72.62 15.56 -36.51
C ALA O 246 -72.11 14.81 -35.30
N SER O 247 -70.79 14.74 -35.15
CA SER O 247 -70.18 13.99 -34.06
C SER O 247 -70.60 14.58 -32.71
N SER O 248 -70.76 13.69 -31.72
CA SER O 248 -71.18 14.12 -30.39
C SER O 248 -70.16 15.04 -29.73
N GLN O 249 -68.89 14.94 -30.12
CA GLN O 249 -67.84 15.75 -29.53
C GLN O 249 -67.69 17.12 -30.17
N LYS O 250 -68.35 17.37 -31.30
CA LYS O 250 -68.28 18.65 -31.97
C LYS O 250 -69.61 19.38 -32.03
N VAL O 251 -70.73 18.67 -31.95
CA VAL O 251 -72.06 19.26 -31.97
C VAL O 251 -72.87 18.62 -30.86
N ASN O 252 -73.54 19.44 -30.06
CA ASN O 252 -74.42 18.97 -28.99
C ASN O 252 -75.82 19.53 -29.19
N GLY O 253 -76.82 18.75 -28.81
CA GLY O 253 -78.20 19.13 -29.02
C GLY O 253 -78.67 18.81 -30.42
N ASP O 254 -79.96 19.06 -30.64
CA ASP O 254 -80.58 18.79 -31.93
C ASP O 254 -80.06 19.75 -32.99
N VAL O 255 -79.99 19.26 -34.22
CA VAL O 255 -79.55 20.05 -35.37
C VAL O 255 -80.77 20.36 -36.22
N THR O 256 -81.07 21.64 -36.40
CA THR O 256 -82.19 22.09 -37.20
C THR O 256 -81.72 22.39 -38.62
N ILE O 257 -82.40 21.82 -39.60
CA ILE O 257 -82.04 21.98 -41.01
C ILE O 257 -83.17 22.73 -41.70
N GLY O 258 -82.81 23.84 -42.37
CA GLY O 258 -83.79 24.65 -43.06
C GLY O 258 -83.30 25.01 -44.45
N GLY O 259 -84.21 25.55 -45.24
CA GLY O 259 -83.93 25.96 -46.60
C GLY O 259 -84.81 25.25 -47.62
N GLY O 260 -84.79 25.80 -48.84
CA GLY O 260 -85.55 25.20 -49.92
C GLY O 260 -85.05 23.81 -50.28
N LEU O 261 -83.72 23.65 -50.38
CA LEU O 261 -83.16 22.33 -50.64
C LEU O 261 -83.40 21.38 -49.47
N GLY O 262 -83.34 21.91 -48.24
CA GLY O 262 -83.66 21.08 -47.09
C GLY O 262 -85.10 20.60 -47.10
N GLY O 263 -86.03 21.46 -47.52
CA GLY O 263 -87.41 21.03 -47.63
C GLY O 263 -87.63 20.03 -48.75
N GLU O 264 -86.99 20.26 -49.90
CA GLU O 264 -87.15 19.35 -51.03
C GLU O 264 -86.54 17.99 -50.73
N ILE O 265 -85.31 17.97 -50.22
CA ILE O 265 -84.67 16.71 -49.85
C ILE O 265 -85.43 16.06 -48.70
N GLY O 266 -85.83 16.85 -47.70
CA GLY O 266 -86.53 16.33 -46.55
C GLY O 266 -85.60 15.67 -45.56
N PHE O 267 -85.92 15.76 -44.27
CA PHE O 267 -85.02 15.24 -43.26
C PHE O 267 -85.84 14.68 -42.10
N ASP O 268 -85.41 13.54 -41.57
CA ASP O 268 -86.04 12.88 -40.44
C ASP O 268 -85.20 13.11 -39.19
N ALA O 269 -85.75 12.69 -38.05
CA ALA O 269 -85.05 12.84 -36.78
C ALA O 269 -83.78 12.00 -36.76
N GLY O 270 -82.73 12.55 -36.14
CA GLY O 270 -81.47 11.84 -36.03
C GLY O 270 -81.49 10.80 -34.93
N ARG O 271 -80.59 9.83 -35.06
CA ARG O 271 -80.46 8.74 -34.09
C ARG O 271 -79.01 8.61 -33.67
N ASN O 272 -78.79 8.28 -32.41
CA ASN O 272 -77.44 8.15 -31.86
C ASN O 272 -76.81 6.85 -32.34
N VAL O 273 -75.67 6.95 -33.01
CA VAL O 273 -74.93 5.80 -33.50
C VAL O 273 -73.47 5.94 -33.10
N THR O 274 -72.88 4.82 -32.67
CA THR O 274 -71.48 4.82 -32.24
C THR O 274 -70.69 3.75 -32.97
N VAL O 275 -69.46 3.48 -32.52
CA VAL O 275 -68.64 2.46 -33.15
C VAL O 275 -69.27 1.08 -32.95
N ALA O 276 -69.87 0.85 -31.78
CA ALA O 276 -70.54 -0.43 -31.54
C ALA O 276 -71.73 -0.64 -32.46
N ASP O 277 -72.35 0.44 -32.92
CA ASP O 277 -73.48 0.37 -33.83
C ASP O 277 -73.05 0.36 -35.29
N VAL O 278 -71.75 0.38 -35.57
CA VAL O 278 -71.26 0.46 -36.95
C VAL O 278 -71.44 -0.90 -37.62
N ASN O 279 -72.18 -0.91 -38.72
CA ASN O 279 -72.31 -2.08 -39.58
C ASN O 279 -72.03 -1.67 -41.02
N VAL O 280 -71.18 -2.42 -41.70
CA VAL O 280 -70.78 -2.11 -43.07
C VAL O 280 -71.50 -3.01 -44.08
N SER O 281 -72.60 -3.64 -43.68
CA SER O 281 -73.33 -4.54 -44.56
C SER O 281 -73.94 -3.85 -45.76
N THR O 282 -74.02 -2.52 -45.76
CA THR O 282 -74.57 -1.77 -46.89
C THR O 282 -73.76 -0.49 -47.06
N VAL O 283 -73.97 0.18 -48.20
CA VAL O 283 -73.18 1.36 -48.52
C VAL O 283 -73.47 2.49 -47.54
N ALA O 284 -74.74 2.68 -47.16
CA ALA O 284 -75.06 3.72 -46.20
C ALA O 284 -74.40 3.45 -44.85
N GLY O 285 -74.36 2.18 -44.44
CA GLY O 285 -73.67 1.84 -43.20
C GLY O 285 -72.18 2.11 -43.27
N SER O 286 -71.57 1.81 -44.42
CA SER O 286 -70.12 2.00 -44.55
C SER O 286 -69.76 3.47 -44.70
N GLN O 287 -70.53 4.22 -45.49
CA GLN O 287 -70.27 5.65 -45.64
C GLN O 287 -70.43 6.37 -44.30
N GLU O 288 -71.48 6.02 -43.55
CA GLU O 288 -71.64 6.59 -42.21
C GLU O 288 -70.53 6.11 -41.29
N ALA O 289 -70.07 4.87 -41.47
CA ALA O 289 -69.02 4.32 -40.61
C ALA O 289 -67.72 5.10 -40.73
N VAL O 290 -67.37 5.54 -41.94
CA VAL O 290 -66.13 6.29 -42.13
C VAL O 290 -66.14 7.55 -41.28
N SER O 291 -67.28 8.25 -41.24
CA SER O 291 -67.39 9.43 -40.39
C SER O 291 -67.49 9.07 -38.92
N ILE O 292 -68.05 7.89 -38.59
CA ILE O 292 -68.15 7.49 -37.20
C ILE O 292 -66.76 7.34 -36.58
N LEU O 293 -65.89 6.59 -37.26
CA LEU O 293 -64.54 6.36 -36.72
C LEU O 293 -63.64 7.58 -36.90
N ASP O 294 -64.05 8.56 -37.70
CA ASP O 294 -63.34 9.84 -37.69
C ASP O 294 -63.60 10.58 -36.38
N GLY O 295 -64.85 10.60 -35.93
CA GLY O 295 -65.15 11.16 -34.63
C GLY O 295 -64.54 10.36 -33.49
N ALA O 296 -64.55 9.04 -33.60
CA ALA O 296 -63.94 8.19 -32.59
C ALA O 296 -62.43 8.41 -32.54
N LEU O 297 -61.78 8.50 -33.71
CA LEU O 297 -60.33 8.72 -33.74
C LEU O 297 -59.97 10.06 -33.13
N LYS O 298 -60.77 11.09 -33.39
CA LYS O 298 -60.53 12.40 -32.78
C LYS O 298 -60.66 12.31 -31.26
N ALA O 299 -61.63 11.53 -30.78
CA ALA O 299 -61.78 11.35 -29.34
C ALA O 299 -60.57 10.63 -28.75
N VAL O 300 -60.05 9.63 -29.46
CA VAL O 300 -58.88 8.90 -28.97
C VAL O 300 -57.66 9.80 -28.95
N ASP O 301 -57.44 10.56 -30.03
CA ASP O 301 -56.28 11.45 -30.09
C ASP O 301 -56.38 12.56 -29.07
N SER O 302 -57.59 13.05 -28.80
CA SER O 302 -57.76 14.08 -27.78
C SER O 302 -57.37 13.54 -26.40
N GLN O 303 -57.76 12.30 -26.10
CA GLN O 303 -57.35 11.69 -24.83
C GLN O 303 -55.86 11.41 -24.82
N ARG O 304 -55.28 11.02 -25.96
CA ARG O 304 -53.85 10.76 -26.04
C ARG O 304 -53.05 12.03 -25.75
N ALA O 305 -53.46 13.16 -26.33
CA ALA O 305 -52.76 14.41 -26.07
C ALA O 305 -52.99 14.89 -24.64
N SER O 306 -54.16 14.57 -24.07
CA SER O 306 -54.42 14.95 -22.68
C SER O 306 -53.50 14.22 -21.72
N LEU O 307 -53.20 12.95 -22.02
CA LEU O 307 -52.28 12.19 -21.16
C LEU O 307 -50.83 12.45 -21.54
N GLY O 308 -50.57 12.82 -22.80
CA GLY O 308 -49.22 13.21 -23.17
C GLY O 308 -48.79 14.49 -22.47
N ALA O 309 -49.68 15.49 -22.42
CA ALA O 309 -49.39 16.69 -21.66
C ALA O 309 -49.28 16.38 -20.17
N PHE O 310 -49.98 15.35 -19.71
CA PHE O 310 -49.85 14.93 -18.31
C PHE O 310 -48.45 14.43 -18.02
N GLN O 311 -47.91 13.58 -18.90
CA GLN O 311 -46.58 13.02 -18.68
C GLN O 311 -45.52 14.10 -18.70
N ASN O 312 -45.64 15.06 -19.62
CA ASN O 312 -44.67 16.15 -19.68
C ASN O 312 -44.77 17.03 -18.44
N ARG O 313 -45.98 17.24 -17.93
CA ARG O 313 -46.11 18.03 -16.70
C ARG O 313 -45.44 17.35 -15.52
N PHE O 314 -45.60 16.03 -15.40
CA PHE O 314 -44.87 15.31 -14.36
C PHE O 314 -43.37 15.28 -14.65
N GLY O 315 -42.98 15.30 -15.92
CA GLY O 315 -41.56 15.30 -16.24
C GLY O 315 -40.86 16.54 -15.72
N HIS O 316 -41.50 17.70 -15.87
CA HIS O 316 -40.95 18.93 -15.30
C HIS O 316 -41.07 18.93 -13.78
N ALA O 317 -42.17 18.38 -13.26
CA ALA O 317 -42.37 18.33 -11.82
C ALA O 317 -41.34 17.43 -11.15
N ILE O 318 -40.99 16.31 -11.79
CA ILE O 318 -40.03 15.38 -11.21
C ILE O 318 -38.67 16.07 -11.04
N SER O 319 -38.21 16.75 -12.07
CA SER O 319 -36.92 17.43 -12.00
C SER O 319 -36.98 18.64 -11.07
N ASN O 320 -38.13 19.32 -11.02
CA ASN O 320 -38.27 20.45 -10.09
C ASN O 320 -38.19 19.97 -8.65
N LEU O 321 -38.85 18.86 -8.33
CA LEU O 321 -38.74 18.30 -6.99
C LEU O 321 -37.34 17.78 -6.73
N ASP O 322 -36.65 17.32 -7.77
CA ASP O 322 -35.28 16.86 -7.61
C ASP O 322 -34.35 18.01 -7.20
N ASN O 323 -34.52 19.18 -7.82
CA ASN O 323 -33.70 20.32 -7.47
C ASN O 323 -33.97 20.80 -6.05
N VAL O 324 -35.25 20.86 -5.66
CA VAL O 324 -35.60 21.28 -4.31
C VAL O 324 -35.07 20.27 -3.29
N ASN O 325 -35.19 18.98 -3.59
CA ASN O 325 -34.66 17.96 -2.69
C ASN O 325 -33.15 18.07 -2.56
N GLU O 326 -32.45 18.33 -3.68
CA GLU O 326 -31.01 18.45 -3.64
C GLU O 326 -30.56 19.66 -2.82
N ASN O 327 -31.24 20.80 -3.00
CA ASN O 327 -30.84 22.01 -2.28
C ASN O 327 -31.24 21.93 -0.80
N VAL O 328 -32.38 21.32 -0.51
CA VAL O 328 -32.77 21.10 0.88
C VAL O 328 -31.79 20.15 1.57
N ASN O 329 -31.33 19.13 0.83
CA ASN O 329 -30.34 18.20 1.39
C ASN O 329 -29.05 18.93 1.75
N ALA O 330 -28.57 19.81 0.86
CA ALA O 330 -27.37 20.57 1.14
C ALA O 330 -27.58 21.54 2.29
N SER O 331 -28.75 22.19 2.32
CA SER O 331 -29.02 23.14 3.40
C SER O 331 -29.05 22.46 4.76
N ARG O 332 -29.67 21.27 4.83
CA ARG O 332 -29.69 20.54 6.09
C ARG O 332 -28.28 20.15 6.51
N SER O 333 -27.43 19.78 5.55
CA SER O 333 -26.05 19.42 5.87
C SER O 333 -25.31 20.60 6.50
N ARG O 334 -25.64 21.82 6.09
CA ARG O 334 -24.99 22.99 6.68
C ARG O 334 -25.42 23.22 8.12
N ILE O 335 -26.67 22.86 8.44
CA ILE O 335 -27.22 23.13 9.76
C ILE O 335 -26.96 21.98 10.72
N ARG O 336 -27.09 20.74 10.25
CA ARG O 336 -27.06 19.56 11.11
C ARG O 336 -25.81 18.70 10.93
N ASP O 337 -25.42 18.41 9.69
CA ASP O 337 -24.29 17.51 9.46
C ASP O 337 -23.01 18.10 10.04
N THR O 338 -22.22 17.23 10.68
CA THR O 338 -21.01 17.68 11.36
C THR O 338 -19.92 18.06 10.36
N ASP O 339 -18.98 18.86 10.83
CA ASP O 339 -17.78 19.22 10.07
C ASP O 339 -16.61 18.47 10.71
N TYR O 340 -16.08 17.48 9.99
CA TYR O 340 -15.05 16.63 10.56
C TYR O 340 -13.75 17.39 10.78
N ALA O 341 -13.48 18.39 9.95
CA ALA O 341 -12.26 19.18 10.12
C ALA O 341 -12.26 19.95 11.44
N ARG O 342 -13.38 20.62 11.74
CA ARG O 342 -13.47 21.40 12.97
C ARG O 342 -13.68 20.52 14.20
N GLU O 343 -14.50 19.47 14.07
CA GLU O 343 -14.81 18.63 15.22
C GLU O 343 -13.60 17.84 15.70
N THR O 344 -12.80 17.31 14.76
CA THR O 344 -11.62 16.55 15.16
C THR O 344 -10.62 17.44 15.91
N THR O 345 -10.46 18.68 15.45
CA THR O 345 -9.59 19.62 16.17
C THR O 345 -10.12 19.89 17.57
N ALA O 346 -11.44 20.03 17.71
CA ALA O 346 -12.03 20.23 19.03
C ALA O 346 -11.79 19.03 19.93
N MET O 347 -11.92 17.82 19.39
CA MET O 347 -11.68 16.62 20.20
C MET O 347 -10.22 16.53 20.62
N THR O 348 -9.29 16.79 19.70
CA THR O 348 -7.87 16.71 20.03
C THR O 348 -7.49 17.76 21.06
N LYS O 349 -8.04 18.97 20.93
CA LYS O 349 -7.79 20.00 21.94
C LYS O 349 -8.35 19.60 23.29
N ALA O 350 -9.53 18.98 23.31
CA ALA O 350 -10.12 18.52 24.56
C ALA O 350 -9.28 17.41 25.19
N GLN O 351 -8.74 16.51 24.36
CA GLN O 351 -7.89 15.45 24.88
C GLN O 351 -6.63 16.01 25.52
N ILE O 352 -6.00 16.98 24.88
CA ILE O 352 -4.82 17.62 25.46
C ILE O 352 -5.20 18.36 26.73
N LEU O 353 -6.38 19.00 26.74
CA LEU O 353 -6.85 19.69 27.94
C LEU O 353 -7.01 18.72 29.11
N GLN O 354 -7.59 17.54 28.86
CA GLN O 354 -7.74 16.56 29.93
C GLN O 354 -6.39 16.12 30.47
N GLN O 355 -5.43 15.85 29.59
CA GLN O 355 -4.11 15.42 30.03
C GLN O 355 -3.42 16.52 30.83
N ALA O 356 -3.56 17.77 30.40
CA ALA O 356 -2.97 18.88 31.13
C ALA O 356 -3.56 19.01 32.53
N SER O 357 -4.89 18.97 32.64
CA SER O 357 -5.53 19.09 33.95
C SER O 357 -5.21 17.87 34.83
N THR O 358 -5.10 16.69 34.23
CA THR O 358 -4.70 15.51 35.00
C THR O 358 -3.28 15.66 35.53
N SER O 359 -2.36 16.16 34.69
CA SER O 359 -0.99 16.35 35.13
C SER O 359 -0.90 17.41 36.23
N VAL O 360 -1.65 18.50 36.07
CA VAL O 360 -1.68 19.54 37.12
C VAL O 360 -2.30 19.00 38.39
N LEU O 361 -3.34 18.16 38.26
CA LEU O 361 -3.97 17.57 39.43
C LEU O 361 -3.00 16.66 40.18
N ALA O 362 -2.18 15.92 39.44
CA ALA O 362 -1.17 15.07 40.08
C ALA O 362 -0.18 15.91 40.89
N GLN O 363 0.24 17.05 40.34
CA GLN O 363 1.14 17.94 41.07
C GLN O 363 0.40 18.75 42.14
N ALA O 364 -0.93 18.84 42.05
CA ALA O 364 -1.72 19.67 42.96
C ALA O 364 -1.90 19.02 44.33
N LYS O 365 -2.09 17.71 44.39
CA LYS O 365 -2.34 17.03 45.65
C LYS O 365 -1.06 16.68 46.40
N GLN O 366 0.09 17.17 45.94
CA GLN O 366 1.35 17.05 46.67
C GLN O 366 1.63 18.24 47.57
N SER O 367 0.75 19.25 47.57
CA SER O 367 0.90 20.34 48.52
C SER O 367 0.80 19.88 49.97
N PRO O 368 -0.15 19.05 50.38
CA PRO O 368 -0.09 18.48 51.74
C PRO O 368 1.17 17.68 51.99
N SER O 369 1.75 17.08 50.94
CA SER O 369 3.02 16.37 51.09
C SER O 369 4.16 17.32 51.46
N ALA O 370 4.01 18.62 51.18
CA ALA O 370 4.95 19.61 51.65
C ALA O 370 4.58 20.18 53.01
N ALA O 371 3.43 19.78 53.56
CA ALA O 371 3.00 20.29 54.86
C ALA O 371 3.55 19.44 56.00
N LEU O 372 3.46 18.12 55.85
CA LEU O 372 3.98 17.24 56.90
C LEU O 372 5.50 17.19 56.91
N SER O 373 6.13 17.33 55.74
CA SER O 373 7.60 17.37 55.68
C SER O 373 8.17 18.59 56.37
N LEU O 374 7.35 19.59 56.66
CA LEU O 374 7.83 20.80 57.33
C LEU O 374 8.28 20.49 58.75
N LEU O 375 7.35 20.01 59.59
CA LEU O 375 7.73 19.40 60.87
C LEU O 375 7.04 18.08 61.17
N GLY O 376 5.84 17.83 60.67
CA GLY O 376 5.10 16.63 61.01
C GLY O 376 5.73 15.33 60.58
N MET P 1 35.86 -16.35 85.83
CA MET P 1 36.98 -15.59 85.25
C MET P 1 37.31 -14.38 86.11
N ALA P 2 38.56 -14.30 86.56
CA ALA P 2 39.00 -13.18 87.36
C ALA P 2 39.10 -11.92 86.50
N ILE P 3 38.83 -10.78 87.14
CA ILE P 3 38.92 -9.50 86.43
C ILE P 3 40.38 -9.16 86.17
N ASN P 4 40.67 -8.72 84.95
CA ASN P 4 42.04 -8.48 84.53
C ASN P 4 42.12 -7.17 83.76
N VAL P 5 43.34 -6.66 83.63
CA VAL P 5 43.57 -5.38 82.95
C VAL P 5 44.57 -5.55 81.82
N ASN P 6 45.71 -6.17 82.10
CA ASN P 6 46.77 -6.31 81.09
C ASN P 6 46.36 -7.23 79.96
N THR P 7 45.35 -8.07 80.15
CA THR P 7 44.90 -9.00 79.13
C THR P 7 43.41 -8.79 78.86
N ASN P 8 43.06 -8.83 77.58
CA ASN P 8 41.69 -8.65 77.10
C ASN P 8 41.36 -9.71 76.06
N VAL P 9 41.58 -10.97 76.43
CA VAL P 9 41.42 -12.11 75.52
C VAL P 9 40.04 -12.12 74.87
N SER P 10 39.04 -11.50 75.51
CA SER P 10 37.74 -11.37 74.87
C SER P 10 37.82 -10.52 73.61
N ALA P 11 38.56 -9.40 73.69
CA ALA P 11 38.83 -8.61 72.49
C ALA P 11 39.66 -9.37 71.48
N MET P 12 40.55 -10.25 71.95
CA MET P 12 41.32 -11.09 71.05
C MET P 12 40.41 -12.02 70.24
N THR P 13 39.37 -12.56 70.88
CA THR P 13 38.37 -13.31 70.16
C THR P 13 37.65 -12.44 69.14
N ALA P 14 37.29 -11.21 69.54
CA ALA P 14 36.54 -10.33 68.65
C ALA P 14 37.36 -9.97 67.42
N GLN P 15 38.64 -9.64 67.61
CA GLN P 15 39.46 -9.24 66.47
C GLN P 15 39.87 -10.42 65.61
N ARG P 16 39.96 -11.63 66.20
CA ARG P 16 40.30 -12.81 65.41
C ARG P 16 39.19 -13.14 64.42
N TYR P 17 37.94 -13.20 64.90
CA TYR P 17 36.83 -13.43 63.98
C TYR P 17 36.52 -12.19 63.16
N LEU P 18 36.99 -11.02 63.60
CA LEU P 18 36.95 -9.86 62.72
C LEU P 18 37.91 -10.04 61.54
N ASN P 19 39.07 -10.63 61.80
CA ASN P 19 40.00 -10.95 60.71
C ASN P 19 39.39 -11.99 59.77
N GLY P 20 38.72 -13.00 60.33
CA GLY P 20 38.07 -13.98 59.48
C GLY P 20 36.94 -13.40 58.66
N ALA P 21 36.15 -12.51 59.26
CA ALA P 21 35.06 -11.88 58.53
C ALA P 21 35.57 -10.91 57.47
N ALA P 22 36.60 -10.13 57.81
CA ALA P 22 37.18 -9.21 56.84
C ALA P 22 37.84 -9.95 55.69
N ASP P 23 38.57 -11.03 55.99
CA ASP P 23 39.19 -11.83 54.94
C ASP P 23 38.13 -12.47 54.06
N GLY P 24 37.12 -13.10 54.67
CA GLY P 24 36.08 -13.75 53.89
C GLY P 24 35.34 -12.79 52.99
N MET P 25 35.19 -11.54 53.43
CA MET P 25 34.56 -10.53 52.60
C MET P 25 35.48 -10.08 51.48
N GLN P 26 36.78 -10.01 51.75
CA GLN P 26 37.71 -9.54 50.72
C GLN P 26 37.74 -10.49 49.52
N LYS P 27 37.70 -11.79 49.77
CA LYS P 27 37.63 -12.75 48.67
C LYS P 27 36.32 -12.61 47.91
N SER P 28 35.21 -12.47 48.64
CA SER P 28 33.91 -12.30 47.99
C SER P 28 33.85 -11.00 47.21
N MET P 29 34.37 -9.92 47.79
CA MET P 29 34.35 -8.61 47.12
C MET P 29 35.20 -8.62 45.86
N GLU P 30 36.34 -9.33 45.91
CA GLU P 30 37.18 -9.46 44.73
C GLU P 30 36.47 -10.26 43.64
N ARG P 31 35.74 -11.31 44.02
CA ARG P 31 35.07 -12.15 43.03
C ARG P 31 33.96 -11.38 42.30
N LEU P 32 33.31 -10.44 42.98
CA LEU P 32 32.26 -9.66 42.34
C LEU P 32 32.83 -8.66 41.33
N SER P 33 33.98 -8.06 41.65
CA SER P 33 34.60 -7.12 40.74
C SER P 33 35.03 -7.80 39.43
N SER P 34 35.78 -8.89 39.54
CA SER P 34 36.28 -9.55 38.33
C SER P 34 35.20 -10.36 37.64
N GLY P 35 34.39 -11.09 38.41
CA GLY P 35 33.42 -12.00 37.85
C GLY P 35 33.84 -13.45 37.84
N TYR P 36 34.92 -13.80 38.54
CA TYR P 36 35.48 -15.15 38.54
C TYR P 36 35.57 -15.67 39.97
N LYS P 37 35.24 -16.95 40.14
CA LYS P 37 35.44 -17.61 41.44
C LYS P 37 36.93 -17.74 41.75
N ILE P 38 37.73 -18.11 40.75
CA ILE P 38 39.15 -18.32 40.95
C ILE P 38 39.98 -17.22 40.31
N ASN P 39 40.33 -16.19 41.09
CA ASN P 39 41.25 -15.21 40.47
C ASN P 39 42.70 -15.52 40.81
N SER P 40 42.91 -16.53 41.65
CA SER P 40 44.22 -17.01 42.11
C SER P 40 44.12 -18.50 42.37
N ALA P 41 45.27 -19.18 42.36
CA ALA P 41 45.26 -20.61 42.64
C ALA P 41 44.92 -20.92 44.09
N ARG P 42 44.97 -19.92 44.98
CA ARG P 42 44.61 -20.19 46.37
C ARG P 42 43.13 -20.54 46.52
N ASP P 43 42.28 -20.02 45.65
CA ASP P 43 40.85 -20.30 45.74
C ASP P 43 40.55 -21.75 45.41
N ASP P 44 41.11 -22.25 44.30
CA ASP P 44 40.96 -23.66 43.94
C ASP P 44 42.06 -23.96 42.95
N ALA P 45 42.99 -24.85 43.32
CA ALA P 45 44.15 -25.13 42.48
C ALA P 45 43.76 -25.93 41.24
N ALA P 46 43.14 -27.09 41.44
CA ALA P 46 42.80 -27.95 40.31
C ALA P 46 41.80 -27.28 39.36
N GLY P 47 40.80 -26.60 39.93
CA GLY P 47 39.80 -25.96 39.10
C GLY P 47 40.37 -24.88 38.20
N LEU P 48 41.41 -24.19 38.68
CA LEU P 48 42.07 -23.20 37.84
C LEU P 48 42.75 -23.85 36.64
N GLN P 49 43.36 -25.03 36.86
CA GLN P 49 44.04 -25.71 35.76
C GLN P 49 43.06 -26.11 34.67
N ILE P 50 41.95 -26.75 35.04
CA ILE P 50 40.97 -27.18 34.05
C ILE P 50 40.37 -25.97 33.34
N SER P 51 40.01 -24.93 34.10
CA SER P 51 39.42 -23.74 33.50
C SER P 51 40.40 -23.08 32.54
N ASN P 52 41.67 -23.02 32.92
CA ASN P 52 42.68 -22.45 32.02
C ASN P 52 42.81 -23.27 30.75
N ARG P 53 42.78 -24.60 30.87
CA ARG P 53 42.87 -25.46 29.69
C ARG P 53 41.66 -25.27 28.79
N LEU P 54 40.47 -25.15 29.38
CA LEU P 54 39.28 -24.88 28.56
C LEU P 54 39.32 -23.48 27.96
N THR P 55 39.93 -22.52 28.65
CA THR P 55 40.09 -21.19 28.05
C THR P 55 40.98 -21.27 26.82
N SER P 56 42.09 -22.00 26.91
CA SER P 56 42.97 -22.16 25.76
C SER P 56 42.26 -22.88 24.62
N GLN P 57 41.46 -23.90 24.94
CA GLN P 57 40.70 -24.58 23.91
C GLN P 57 39.68 -23.66 23.27
N SER P 58 38.99 -22.85 24.08
CA SER P 58 37.95 -21.96 23.55
C SER P 58 38.54 -20.93 22.59
N ARG P 59 39.69 -20.36 22.92
CA ARG P 59 40.37 -19.46 21.98
C ARG P 59 40.82 -20.23 20.74
N GLY P 60 41.30 -21.46 20.93
CA GLY P 60 41.74 -22.26 19.79
C GLY P 60 40.61 -22.57 18.83
N LEU P 61 39.42 -22.87 19.35
CA LEU P 61 38.27 -23.15 18.49
C LEU P 61 37.81 -21.88 17.77
N ASP P 62 37.98 -20.72 18.40
CA ASP P 62 37.62 -19.46 17.76
C ASP P 62 38.41 -19.26 16.48
N MET P 63 39.64 -19.79 16.44
CA MET P 63 40.45 -19.67 15.24
C MET P 63 40.41 -20.92 14.39
N ALA P 64 39.91 -22.03 14.93
CA ALA P 64 39.60 -23.18 14.09
C ALA P 64 38.46 -22.86 13.13
N VAL P 65 37.44 -22.15 13.62
CA VAL P 65 36.37 -21.68 12.74
C VAL P 65 36.85 -20.51 11.88
N LYS P 66 37.73 -19.64 12.43
CA LYS P 66 38.27 -18.54 11.64
C LYS P 66 39.12 -19.06 10.49
N ASN P 67 39.97 -20.05 10.76
CA ASN P 67 40.80 -20.63 9.70
C ASN P 67 39.97 -21.45 8.74
N ALA P 68 38.95 -22.15 9.23
CA ALA P 68 38.04 -22.87 8.36
C ALA P 68 37.28 -21.90 7.45
N ASN P 69 36.93 -20.72 7.97
CA ASN P 69 36.35 -19.69 7.14
C ASN P 69 37.32 -19.24 6.05
N ASP P 70 38.60 -19.09 6.41
CA ASP P 70 39.61 -18.72 5.43
C ASP P 70 39.78 -19.82 4.38
N GLY P 71 39.77 -21.08 4.81
CA GLY P 71 39.86 -22.18 3.86
C GLY P 71 38.67 -22.25 2.92
N ILE P 72 37.48 -21.93 3.44
CA ILE P 72 36.30 -21.83 2.58
C ILE P 72 36.48 -20.70 1.57
N SER P 73 37.08 -19.59 2.00
CA SER P 73 37.28 -18.45 1.11
C SER P 73 38.20 -18.79 -0.05
N ILE P 74 39.31 -19.48 0.22
CA ILE P 74 40.26 -19.81 -0.83
C ILE P 74 39.62 -20.74 -1.86
N ALA P 75 38.91 -21.76 -1.38
CA ALA P 75 38.23 -22.67 -2.29
C ALA P 75 37.13 -21.97 -3.07
N GLN P 76 36.44 -21.02 -2.43
CA GLN P 76 35.39 -20.27 -3.12
C GLN P 76 35.98 -19.44 -4.25
N THR P 77 37.11 -18.77 -4.02
CA THR P 77 37.71 -17.94 -5.06
C THR P 77 38.25 -18.80 -6.19
N ALA P 78 38.91 -19.92 -5.87
CA ALA P 78 39.47 -20.77 -6.91
C ALA P 78 38.38 -21.38 -7.77
N GLU P 79 37.30 -21.85 -7.15
CA GLU P 79 36.19 -22.42 -7.91
C GLU P 79 35.48 -21.36 -8.75
N GLY P 80 35.30 -20.16 -8.20
CA GLY P 80 34.62 -19.11 -8.94
C GLY P 80 35.32 -18.76 -10.23
N ALA P 81 36.65 -18.69 -10.19
CA ALA P 81 37.42 -18.51 -11.42
C ALA P 81 37.27 -19.71 -12.34
N MET P 82 37.20 -20.92 -11.77
CA MET P 82 36.99 -22.12 -12.56
C MET P 82 35.65 -22.10 -13.28
N ASN P 83 34.65 -21.40 -12.71
CA ASN P 83 33.35 -21.31 -13.37
C ASN P 83 33.49 -20.60 -14.72
N GLU P 84 34.32 -19.56 -14.77
CA GLU P 84 34.60 -18.90 -16.04
C GLU P 84 35.43 -19.78 -16.96
N THR P 85 36.34 -20.58 -16.37
CA THR P 85 37.12 -21.51 -17.18
C THR P 85 36.21 -22.53 -17.86
N THR P 86 35.20 -23.02 -17.13
CA THR P 86 34.22 -23.93 -17.74
C THR P 86 33.45 -23.24 -18.85
N ASN P 87 33.03 -22.00 -18.62
CA ASN P 87 32.23 -21.28 -19.63
C ASN P 87 33.06 -21.00 -20.87
N ILE P 88 34.35 -20.70 -20.69
CA ILE P 88 35.23 -20.49 -21.84
C ILE P 88 35.38 -21.78 -22.63
N LEU P 89 35.61 -22.90 -21.94
CA LEU P 89 35.83 -24.17 -22.62
C LEU P 89 34.60 -24.59 -23.41
N GLN P 90 33.41 -24.37 -22.86
CA GLN P 90 32.19 -24.67 -23.61
C GLN P 90 32.08 -23.82 -24.87
N ARG P 91 32.49 -22.55 -24.77
CA ARG P 91 32.47 -21.67 -25.95
C ARG P 91 33.39 -22.20 -27.04
N MET P 92 34.61 -22.62 -26.67
CA MET P 92 35.52 -23.17 -27.67
C MET P 92 35.00 -24.48 -28.26
N ARG P 93 34.18 -25.21 -27.50
CA ARG P 93 33.61 -26.44 -28.03
C ARG P 93 32.57 -26.16 -29.11
N ASP P 94 31.76 -25.11 -28.92
CA ASP P 94 30.81 -24.73 -29.95
C ASP P 94 31.53 -24.25 -31.21
N LEU P 95 32.63 -23.51 -31.04
CA LEU P 95 33.39 -23.05 -32.20
C LEU P 95 34.04 -24.20 -32.94
N ALA P 96 34.64 -25.14 -32.20
CA ALA P 96 35.27 -26.30 -32.84
C ALA P 96 34.24 -27.15 -33.55
N LEU P 97 33.06 -27.32 -32.95
CA LEU P 97 31.97 -28.03 -33.62
C LEU P 97 31.54 -27.29 -34.88
N GLN P 98 31.49 -25.96 -34.82
CA GLN P 98 31.12 -25.17 -35.99
C GLN P 98 32.16 -25.29 -37.10
N SER P 99 33.44 -25.29 -36.74
CA SER P 99 34.50 -25.38 -37.74
C SER P 99 34.54 -26.74 -38.43
N SER P 100 34.02 -27.79 -37.80
CA SER P 100 34.02 -29.11 -38.40
C SER P 100 33.07 -29.21 -39.59
N ASN P 101 32.13 -28.28 -39.72
CA ASN P 101 31.17 -28.34 -40.80
C ASN P 101 31.87 -28.23 -42.15
N GLY P 102 31.33 -28.94 -43.15
CA GLY P 102 31.87 -28.86 -44.49
C GLY P 102 31.47 -27.61 -45.25
N SER P 103 30.46 -26.88 -44.75
CA SER P 103 30.05 -25.64 -45.39
C SER P 103 31.14 -24.58 -45.26
N ASN P 104 31.86 -24.56 -44.14
CA ASN P 104 32.93 -23.60 -43.95
C ASN P 104 34.07 -23.87 -44.93
N SER P 105 34.55 -22.82 -45.58
CA SER P 105 35.75 -22.90 -46.40
C SER P 105 36.94 -22.54 -45.52
N SER P 106 38.12 -22.36 -46.14
CA SER P 106 39.31 -22.07 -45.36
C SER P 106 39.20 -20.73 -44.63
N SER P 107 38.60 -19.72 -45.26
CA SER P 107 38.58 -18.39 -44.69
C SER P 107 37.83 -18.35 -43.36
N GLU P 108 36.67 -19.00 -43.29
CA GLU P 108 35.91 -19.00 -42.05
C GLU P 108 36.60 -19.80 -40.95
N ARG P 109 37.41 -20.80 -41.33
CA ARG P 109 38.11 -21.59 -40.32
C ARG P 109 39.12 -20.72 -39.55
N ARG P 110 39.81 -19.82 -40.24
CA ARG P 110 40.71 -18.91 -39.54
C ARG P 110 39.93 -17.86 -38.74
N ALA P 111 38.71 -17.54 -39.16
CA ALA P 111 37.87 -16.67 -38.36
C ALA P 111 37.53 -17.31 -37.02
N ILE P 112 37.19 -18.59 -37.03
CA ILE P 112 36.96 -19.33 -35.78
C ILE P 112 38.27 -19.48 -35.01
N GLN P 113 39.36 -19.77 -35.72
CA GLN P 113 40.64 -20.01 -35.07
C GLN P 113 41.12 -18.76 -34.33
N GLU P 114 40.92 -17.58 -34.91
CA GLU P 114 41.38 -16.35 -34.27
C GLU P 114 40.67 -16.13 -32.94
N GLU P 115 39.38 -16.46 -32.88
CA GLU P 115 38.66 -16.34 -31.62
C GLU P 115 39.03 -17.46 -30.65
N VAL P 116 39.27 -18.66 -31.17
CA VAL P 116 39.69 -19.77 -30.32
C VAL P 116 41.04 -19.47 -29.68
N SER P 117 41.97 -18.90 -30.46
CA SER P 117 43.26 -18.52 -29.92
C SER P 117 43.12 -17.44 -28.85
N ALA P 118 42.20 -16.49 -29.05
CA ALA P 118 41.95 -15.48 -28.04
C ALA P 118 41.41 -16.10 -26.75
N LEU P 119 40.47 -17.04 -26.88
CA LEU P 119 39.93 -17.72 -25.71
C LEU P 119 40.99 -18.58 -25.02
N ASN P 120 41.84 -19.24 -25.81
CA ASN P 120 42.92 -20.04 -25.23
C ASN P 120 43.89 -19.15 -24.47
N ASP P 121 44.21 -17.98 -25.02
CA ASP P 121 45.04 -17.03 -24.30
C ASP P 121 44.33 -16.48 -23.08
N GLU P 122 43.00 -16.51 -23.07
CA GLU P 122 42.24 -16.06 -21.90
C GLU P 122 42.28 -17.11 -20.79
N LEU P 123 42.29 -18.39 -21.16
CA LEU P 123 42.40 -19.44 -20.15
C LEU P 123 43.71 -19.33 -19.38
N ASN P 124 44.79 -19.00 -20.08
CA ASN P 124 46.07 -18.79 -19.40
C ASN P 124 46.04 -17.54 -18.54
N ARG P 125 45.25 -16.54 -18.94
CA ARG P 125 45.11 -15.34 -18.12
C ARG P 125 44.42 -15.66 -16.81
N ILE P 126 43.32 -16.41 -16.87
CA ILE P 126 42.58 -16.76 -15.65
C ILE P 126 43.45 -17.61 -14.73
N ALA P 127 44.18 -18.56 -15.31
CA ALA P 127 45.03 -19.43 -14.49
C ALA P 127 46.16 -18.65 -13.83
N GLU P 128 46.75 -17.70 -14.55
CA GLU P 128 47.95 -17.02 -14.07
C GLU P 128 47.68 -15.78 -13.22
N THR P 129 46.46 -15.23 -13.26
CA THR P 129 46.18 -14.01 -12.52
C THR P 129 45.23 -14.19 -11.34
N THR P 130 44.43 -15.26 -11.33
CA THR P 130 43.54 -15.49 -10.20
C THR P 130 44.36 -15.72 -8.94
N SER P 131 44.20 -14.84 -7.96
CA SER P 131 44.99 -14.90 -6.75
C SER P 131 44.13 -14.49 -5.56
N PHE P 132 44.58 -14.88 -4.38
CA PHE P 132 43.90 -14.57 -3.12
C PHE P 132 44.85 -13.73 -2.29
N GLY P 133 44.72 -12.41 -2.40
CA GLY P 133 45.62 -11.52 -1.69
C GLY P 133 47.07 -11.66 -2.11
N GLY P 134 47.32 -11.77 -3.41
CA GLY P 134 48.66 -11.96 -3.91
C GLY P 134 49.17 -13.39 -3.89
N ASN P 135 48.33 -14.35 -3.50
CA ASN P 135 48.69 -15.76 -3.46
C ASN P 135 47.96 -16.45 -4.61
N LYS P 136 48.69 -16.69 -5.70
CA LYS P 136 48.08 -17.28 -6.89
C LYS P 136 47.54 -18.67 -6.60
N LEU P 137 46.36 -18.96 -7.15
CA LEU P 137 45.66 -20.21 -6.91
C LEU P 137 45.76 -21.20 -8.06
N LEU P 138 45.34 -20.79 -9.26
CA LEU P 138 45.14 -21.70 -10.37
C LEU P 138 46.35 -21.82 -11.31
N ASN P 139 47.46 -21.18 -10.98
CA ASN P 139 48.64 -21.25 -11.84
C ASN P 139 49.50 -22.47 -11.59
N GLY P 140 49.12 -23.33 -10.64
CA GLY P 140 49.86 -24.54 -10.35
C GLY P 140 50.96 -24.41 -9.32
N SER P 141 51.24 -23.21 -8.84
CA SER P 141 52.25 -23.00 -7.82
C SER P 141 51.70 -23.05 -6.40
N PHE P 142 50.38 -23.25 -6.26
CA PHE P 142 49.79 -23.34 -4.93
C PHE P 142 50.21 -24.64 -4.24
N GLY P 143 50.14 -25.77 -4.95
CA GLY P 143 50.50 -27.03 -4.35
C GLY P 143 49.48 -27.46 -3.30
N SER P 144 49.98 -28.15 -2.28
CA SER P 144 49.17 -28.64 -1.17
C SER P 144 49.54 -27.88 0.09
N LYS P 145 48.54 -27.30 0.75
CA LYS P 145 48.74 -26.59 2.01
C LYS P 145 47.75 -27.11 3.04
N SER P 146 48.22 -27.19 4.29
CA SER P 146 47.43 -27.68 5.40
C SER P 146 46.66 -26.52 6.03
N PHE P 147 45.34 -26.66 6.11
CA PHE P 147 44.48 -25.66 6.73
C PHE P 147 44.15 -26.10 8.14
N GLN P 148 44.63 -25.36 9.12
CA GLN P 148 44.54 -25.74 10.53
C GLN P 148 43.15 -25.40 11.05
N ILE P 149 42.33 -26.43 11.28
CA ILE P 149 40.95 -26.24 11.69
C ILE P 149 40.64 -26.89 13.04
N GLY P 150 41.67 -27.01 13.89
CA GLY P 150 41.51 -27.58 15.21
C GLY P 150 42.05 -26.64 16.29
N ALA P 151 41.69 -26.96 17.53
CA ALA P 151 42.14 -26.20 18.69
C ALA P 151 43.46 -26.71 19.26
N ASP P 152 44.12 -27.64 18.57
CA ASP P 152 45.39 -28.20 19.02
C ASP P 152 46.25 -28.46 17.81
N SER P 153 47.54 -28.65 18.06
CA SER P 153 48.50 -28.85 16.98
C SER P 153 48.23 -30.15 16.24
N GLY P 154 48.56 -30.17 14.96
CA GLY P 154 48.42 -31.35 14.13
C GLY P 154 47.00 -31.79 13.88
N GLU P 155 46.09 -30.86 13.62
CA GLU P 155 44.69 -31.14 13.30
C GLU P 155 44.25 -30.38 12.06
N ALA P 156 45.09 -30.42 11.03
CA ALA P 156 44.85 -29.66 9.80
C ALA P 156 44.28 -30.58 8.71
N VAL P 157 43.84 -29.95 7.62
CA VAL P 157 43.23 -30.64 6.49
C VAL P 157 43.95 -30.21 5.23
N MET P 158 44.34 -31.18 4.42
CA MET P 158 45.09 -30.90 3.20
C MET P 158 44.15 -30.49 2.08
N LEU P 159 44.46 -29.35 1.44
CA LEU P 159 43.72 -28.85 0.29
C LEU P 159 44.68 -28.62 -0.86
N SER P 160 44.26 -29.00 -2.06
CA SER P 160 45.12 -28.88 -3.24
C SER P 160 44.28 -28.59 -4.46
N MET P 161 44.66 -27.56 -5.21
CA MET P 161 44.05 -27.23 -6.50
C MET P 161 45.11 -27.33 -7.59
N GLY P 162 44.82 -28.14 -8.61
CA GLY P 162 45.76 -28.33 -9.69
C GLY P 162 45.87 -27.14 -10.62
N SER P 163 46.85 -27.20 -11.50
CA SER P 163 47.06 -26.13 -12.47
C SER P 163 45.91 -26.10 -13.47
N MET P 164 45.37 -24.91 -13.71
CA MET P 164 44.28 -24.71 -14.65
C MET P 164 44.77 -24.15 -15.98
N ARG P 165 46.08 -24.12 -16.20
CA ARG P 165 46.61 -23.65 -17.47
C ARG P 165 46.17 -24.57 -18.60
N SER P 166 46.06 -23.99 -19.80
CA SER P 166 45.69 -24.78 -20.98
C SER P 166 46.77 -25.79 -21.35
N ASP P 167 47.98 -25.64 -20.79
CA ASP P 167 49.10 -26.51 -21.10
C ASP P 167 49.22 -27.70 -20.16
N THR P 168 48.31 -27.85 -19.21
CA THR P 168 48.40 -28.94 -18.25
C THR P 168 48.18 -30.28 -18.95
N GLN P 169 48.96 -31.28 -18.53
CA GLN P 169 48.85 -32.61 -19.13
C GLN P 169 47.45 -33.19 -18.92
N ALA P 170 46.90 -33.04 -17.72
CA ALA P 170 45.56 -33.55 -17.43
C ALA P 170 44.46 -32.75 -18.10
N MET P 171 44.80 -31.73 -18.88
CA MET P 171 43.83 -30.90 -19.60
C MET P 171 43.71 -31.31 -21.06
N GLY P 172 44.29 -32.44 -21.45
CA GLY P 172 44.25 -32.92 -22.82
C GLY P 172 44.34 -34.41 -22.88
N GLY P 173 45.13 -34.92 -23.81
CA GLY P 173 45.29 -36.36 -23.94
C GLY P 173 46.22 -36.69 -25.09
N LYS P 174 46.24 -37.97 -25.45
CA LYS P 174 47.04 -38.47 -26.55
C LYS P 174 46.16 -38.65 -27.79
N SER P 175 46.70 -38.29 -28.95
CA SER P 175 46.00 -38.39 -30.21
C SER P 175 46.69 -39.37 -31.13
N TYR P 176 45.90 -40.16 -31.85
CA TYR P 176 46.41 -41.13 -32.80
C TYR P 176 45.72 -40.91 -34.14
N ARG P 177 46.46 -41.15 -35.23
CA ARG P 177 45.95 -40.94 -36.58
C ARG P 177 46.30 -42.12 -37.46
N ALA P 178 45.35 -42.50 -38.31
CA ALA P 178 45.61 -43.52 -39.31
C ALA P 178 46.51 -42.98 -40.41
N GLN P 179 47.22 -43.89 -41.09
CA GLN P 179 48.15 -43.51 -42.14
C GLN P 179 47.62 -43.78 -43.55
N GLU P 180 46.47 -44.43 -43.68
CA GLU P 180 45.89 -44.74 -44.98
C GLU P 180 44.57 -43.99 -45.13
N GLY P 181 44.45 -43.23 -46.22
CA GLY P 181 43.23 -42.49 -46.50
C GLY P 181 42.21 -43.35 -47.23
N LYS P 182 40.94 -43.19 -46.84
CA LYS P 182 39.84 -43.91 -47.44
C LYS P 182 38.89 -42.90 -48.09
N ALA P 183 38.56 -43.12 -49.35
CA ALA P 183 37.72 -42.20 -50.10
C ALA P 183 36.26 -42.39 -49.72
N ALA P 184 35.36 -41.72 -50.45
CA ALA P 184 33.94 -41.82 -50.17
C ALA P 184 33.35 -43.18 -50.56
N ASP P 185 34.08 -43.98 -51.34
CA ASP P 185 33.58 -45.27 -51.81
C ASP P 185 34.33 -46.44 -51.17
N TRP P 186 34.72 -46.30 -49.90
CA TRP P 186 35.39 -47.36 -49.16
C TRP P 186 34.42 -47.99 -48.17
N ARG P 187 34.37 -49.32 -48.16
CA ARG P 187 33.50 -50.09 -47.29
C ARG P 187 34.31 -51.19 -46.64
N VAL P 188 34.09 -51.42 -45.34
CA VAL P 188 34.82 -52.47 -44.64
C VAL P 188 34.45 -53.82 -45.24
N GLY P 189 35.46 -54.65 -45.51
CA GLY P 189 35.23 -55.95 -46.10
C GLY P 189 34.97 -57.02 -45.07
N ALA P 190 35.70 -58.13 -45.18
CA ALA P 190 35.54 -59.27 -44.28
C ALA P 190 36.43 -59.19 -43.06
N ALA P 191 37.25 -58.16 -42.93
CA ALA P 191 38.10 -57.94 -41.77
C ALA P 191 37.59 -56.69 -41.06
N THR P 192 36.85 -56.90 -39.97
CA THR P 192 36.19 -55.81 -39.26
C THR P 192 36.63 -55.66 -37.82
N ASP P 193 37.28 -56.66 -37.22
CA ASP P 193 37.68 -56.56 -35.82
C ASP P 193 38.71 -55.46 -35.62
N LEU P 194 38.61 -54.79 -34.48
CA LEU P 194 39.54 -53.70 -34.14
C LEU P 194 39.72 -53.71 -32.63
N THR P 195 40.86 -54.21 -32.18
CA THR P 195 41.14 -54.40 -30.76
C THR P 195 42.01 -53.26 -30.25
N LEU P 196 41.49 -52.53 -29.27
CA LEU P 196 42.23 -51.46 -28.60
C LEU P 196 42.57 -51.93 -27.20
N SER P 197 43.85 -51.82 -26.83
CA SER P 197 44.34 -52.25 -25.53
C SER P 197 45.13 -51.10 -24.90
N TYR P 198 44.79 -50.77 -23.66
CA TYR P 198 45.49 -49.72 -22.93
C TYR P 198 45.39 -50.01 -21.44
N THR P 199 45.76 -49.02 -20.64
CA THR P 199 45.66 -49.11 -19.19
C THR P 199 44.99 -47.84 -18.68
N ASN P 200 43.95 -48.02 -17.87
CA ASN P 200 43.26 -46.87 -17.31
C ASN P 200 44.12 -46.18 -16.26
N LYS P 201 43.63 -45.03 -15.77
CA LYS P 201 44.36 -44.29 -14.75
C LYS P 201 44.49 -45.09 -13.46
N GLN P 202 43.48 -45.89 -13.12
CA GLN P 202 43.55 -46.74 -11.94
C GLN P 202 44.63 -47.81 -12.04
N GLY P 203 45.08 -48.13 -13.26
CA GLY P 203 46.16 -49.06 -13.45
C GLY P 203 45.79 -50.44 -13.93
N GLU P 204 44.51 -50.70 -14.19
CA GLU P 204 44.07 -51.99 -14.70
C GLU P 204 44.12 -52.00 -16.21
N ALA P 205 44.52 -53.14 -16.78
CA ALA P 205 44.57 -53.28 -18.22
C ALA P 205 43.16 -53.45 -18.78
N ARG P 206 42.81 -52.62 -19.76
CA ARG P 206 41.47 -52.60 -20.32
C ARG P 206 41.51 -53.14 -21.75
N GLU P 207 40.63 -54.11 -22.03
CA GLU P 207 40.55 -54.74 -23.34
C GLU P 207 39.22 -54.35 -23.99
N VAL P 208 39.31 -53.78 -25.19
CA VAL P 208 38.14 -53.37 -25.96
C VAL P 208 38.27 -53.94 -27.37
N THR P 209 37.16 -54.39 -27.93
CA THR P 209 37.12 -54.96 -29.27
C THR P 209 35.89 -54.44 -30.00
N ILE P 210 36.10 -53.54 -30.95
CA ILE P 210 35.01 -53.01 -31.77
C ILE P 210 34.90 -53.88 -33.02
N ASN P 211 33.71 -54.45 -33.23
CA ASN P 211 33.43 -55.27 -34.41
C ASN P 211 32.63 -54.43 -35.38
N ALA P 212 33.31 -53.86 -36.37
CA ALA P 212 32.66 -52.99 -37.33
C ALA P 212 31.65 -53.77 -38.17
N LYS P 213 30.65 -53.05 -38.67
CA LYS P 213 29.59 -53.63 -39.48
C LYS P 213 29.89 -53.39 -40.95
N GLN P 214 29.68 -54.42 -41.77
CA GLN P 214 30.07 -54.36 -43.17
C GLN P 214 29.27 -53.32 -43.92
N GLY P 215 29.92 -52.69 -44.91
CA GLY P 215 29.32 -51.63 -45.69
C GLY P 215 29.51 -50.24 -45.14
N ASP P 216 30.10 -50.10 -43.96
CA ASP P 216 30.30 -48.78 -43.37
C ASP P 216 31.44 -48.04 -44.05
N ASP P 217 31.27 -46.73 -44.24
CA ASP P 217 32.36 -45.86 -44.66
C ASP P 217 33.11 -45.39 -43.40
N LEU P 218 34.01 -44.42 -43.56
CA LEU P 218 34.84 -44.02 -42.43
C LEU P 218 34.07 -43.19 -41.42
N GLU P 219 33.11 -42.38 -41.89
CA GLU P 219 32.35 -41.55 -40.96
C GLU P 219 31.38 -42.39 -40.13
N GLU P 220 30.75 -43.38 -40.76
CA GLU P 220 29.91 -44.32 -40.01
C GLU P 220 30.75 -45.15 -39.06
N LEU P 221 31.94 -45.57 -39.48
CA LEU P 221 32.82 -46.35 -38.61
C LEU P 221 33.25 -45.55 -37.40
N ALA P 222 33.54 -44.25 -37.59
CA ALA P 222 33.89 -43.40 -36.46
C ALA P 222 32.72 -43.27 -35.48
N THR P 223 31.49 -43.13 -36.01
CA THR P 223 30.33 -43.04 -35.15
C THR P 223 30.10 -44.35 -34.39
N TYR P 224 30.30 -45.49 -35.04
CA TYR P 224 30.10 -46.78 -34.39
C TYR P 224 31.08 -46.98 -33.23
N ILE P 225 32.33 -46.57 -33.43
CA ILE P 225 33.32 -46.68 -32.35
C ILE P 225 32.91 -45.82 -31.17
N ASN P 226 32.42 -44.61 -31.43
CA ASN P 226 32.03 -43.70 -30.36
C ASN P 226 30.88 -44.27 -29.53
N GLY P 227 29.90 -44.90 -30.19
CA GLY P 227 28.81 -45.52 -29.46
C GLY P 227 29.26 -46.74 -28.66
N GLN P 228 30.19 -47.51 -29.22
CA GLN P 228 30.56 -48.78 -28.59
C GLN P 228 31.40 -48.57 -27.34
N THR P 229 32.35 -47.64 -27.38
CA THR P 229 33.27 -47.41 -26.27
C THR P 229 33.23 -45.95 -25.84
N GLU P 230 33.66 -45.72 -24.61
CA GLU P 230 33.68 -44.39 -24.02
C GLU P 230 35.08 -43.85 -23.76
N ASP P 231 36.07 -44.72 -23.56
CA ASP P 231 37.42 -44.27 -23.30
C ASP P 231 38.01 -43.56 -24.51
N VAL P 232 37.72 -44.04 -25.71
CA VAL P 232 38.34 -43.58 -26.94
C VAL P 232 37.28 -42.91 -27.81
N LYS P 233 37.61 -41.73 -28.33
CA LYS P 233 36.73 -40.97 -29.22
C LYS P 233 37.33 -40.94 -30.62
N ALA P 234 36.51 -41.20 -31.63
CA ALA P 234 36.96 -41.32 -33.01
C ALA P 234 36.50 -40.13 -33.84
N SER P 235 37.27 -39.86 -34.90
CA SER P 235 36.97 -38.77 -35.83
C SER P 235 37.59 -39.10 -37.18
N VAL P 236 37.41 -38.21 -38.15
CA VAL P 236 37.93 -38.37 -39.50
C VAL P 236 38.49 -37.03 -39.97
N GLY P 237 39.69 -37.07 -40.58
CA GLY P 237 40.35 -35.88 -41.06
C GLY P 237 39.96 -35.53 -42.49
N GLU P 238 40.75 -34.62 -43.08
CA GLU P 238 40.49 -34.18 -44.45
C GLU P 238 40.68 -35.33 -45.44
N ASP P 239 41.81 -36.03 -45.35
CA ASP P 239 42.15 -37.07 -46.29
C ASP P 239 41.27 -38.31 -46.13
N GLY P 240 40.48 -38.39 -45.08
CA GLY P 240 39.73 -39.60 -44.80
C GLY P 240 40.57 -40.59 -44.03
N LYS P 241 41.10 -40.17 -42.89
CA LYS P 241 41.90 -41.01 -42.03
C LYS P 241 41.30 -41.00 -40.63
N LEU P 242 40.98 -42.18 -40.11
CA LEU P 242 40.39 -42.27 -38.78
C LEU P 242 41.40 -41.86 -37.72
N GLN P 243 41.00 -40.95 -36.84
CA GLN P 243 41.84 -40.47 -35.75
C GLN P 243 41.13 -40.69 -34.42
N LEU P 244 41.86 -41.22 -33.44
CA LEU P 244 41.32 -41.49 -32.13
C LEU P 244 41.89 -40.49 -31.12
N PHE P 245 41.31 -40.48 -29.92
CA PHE P 245 41.77 -39.63 -28.84
C PHE P 245 41.59 -40.38 -27.53
N ALA P 246 42.71 -40.72 -26.89
CA ALA P 246 42.71 -41.37 -25.58
C ALA P 246 43.11 -40.30 -24.55
N SER P 247 42.14 -39.88 -23.74
CA SER P 247 42.35 -38.75 -22.86
C SER P 247 43.39 -39.07 -21.78
N SER P 248 44.06 -38.02 -21.30
CA SER P 248 45.12 -38.17 -20.32
C SER P 248 44.62 -38.43 -18.91
N GLN P 249 43.31 -38.33 -18.67
CA GLN P 249 42.74 -38.65 -17.37
C GLN P 249 41.96 -39.95 -17.36
N LYS P 250 41.69 -40.53 -18.53
CA LYS P 250 41.02 -41.82 -18.62
C LYS P 250 41.95 -42.97 -18.92
N VAL P 251 43.08 -42.72 -19.60
CA VAL P 251 44.05 -43.75 -19.92
C VAL P 251 45.45 -43.24 -19.58
N ASN P 252 46.40 -44.17 -19.54
CA ASN P 252 47.80 -43.85 -19.36
C ASN P 252 48.64 -44.77 -20.23
N GLY P 253 49.90 -44.37 -20.44
CA GLY P 253 50.78 -45.18 -21.27
C GLY P 253 50.37 -45.16 -22.74
N ASP P 254 50.89 -46.15 -23.47
CA ASP P 254 50.63 -46.27 -24.90
C ASP P 254 49.34 -47.05 -25.14
N VAL P 255 48.67 -46.72 -26.25
CA VAL P 255 47.48 -47.42 -26.68
C VAL P 255 47.87 -48.32 -27.84
N THR P 256 47.71 -49.63 -27.66
CA THR P 256 48.07 -50.61 -28.68
C THR P 256 46.83 -50.98 -29.48
N ILE P 257 46.88 -50.75 -30.79
CA ILE P 257 45.76 -51.01 -31.68
C ILE P 257 46.14 -52.16 -32.61
N GLY P 258 45.29 -53.19 -32.65
CA GLY P 258 45.53 -54.35 -33.48
C GLY P 258 44.25 -54.78 -34.16
N GLY P 259 44.28 -56.00 -34.69
CA GLY P 259 43.15 -56.55 -35.41
C GLY P 259 43.26 -56.36 -36.91
N GLY P 260 42.31 -56.99 -37.62
CA GLY P 260 42.31 -56.90 -39.07
C GLY P 260 42.08 -55.48 -39.56
N LEU P 261 41.08 -54.81 -39.00
CA LEU P 261 40.78 -53.44 -39.43
C LEU P 261 41.92 -52.49 -39.07
N GLY P 262 42.52 -52.67 -37.89
CA GLY P 262 43.65 -51.83 -37.52
C GLY P 262 44.83 -51.99 -38.45
N GLY P 263 45.11 -53.23 -38.88
CA GLY P 263 46.18 -53.44 -39.83
C GLY P 263 45.87 -52.87 -41.20
N GLU P 264 44.61 -52.97 -41.63
CA GLU P 264 44.24 -52.48 -42.97
C GLU P 264 44.21 -50.96 -43.01
N ILE P 265 43.82 -50.32 -41.91
CA ILE P 265 43.71 -48.87 -41.89
C ILE P 265 45.01 -48.18 -41.50
N GLY P 266 45.96 -48.89 -40.89
CA GLY P 266 47.23 -48.31 -40.50
C GLY P 266 47.11 -47.32 -39.36
N PHE P 267 48.22 -47.07 -38.66
CA PHE P 267 48.19 -46.15 -37.53
C PHE P 267 49.59 -45.62 -37.29
N ASP P 268 49.67 -44.54 -36.51
CA ASP P 268 50.92 -43.87 -36.19
C ASP P 268 51.06 -43.75 -34.68
N ALA P 269 52.20 -43.22 -34.25
CA ALA P 269 52.46 -43.04 -32.82
C ALA P 269 51.56 -41.96 -32.24
N GLY P 270 51.34 -42.05 -30.93
CA GLY P 270 50.49 -41.09 -30.25
C GLY P 270 51.22 -39.86 -29.77
N ARG P 271 50.85 -38.70 -30.32
CA ARG P 271 51.46 -37.43 -29.93
C ARG P 271 50.55 -36.71 -28.95
N ASN P 272 51.17 -36.12 -27.92
CA ASN P 272 50.40 -35.43 -26.88
C ASN P 272 49.77 -34.16 -27.45
N VAL P 273 48.50 -33.95 -27.14
CA VAL P 273 47.77 -32.76 -27.57
C VAL P 273 47.00 -32.22 -26.37
N THR P 274 47.04 -30.90 -26.20
CA THR P 274 46.30 -30.22 -25.15
C THR P 274 45.50 -29.07 -25.78
N VAL P 275 44.83 -28.30 -24.92
CA VAL P 275 44.00 -27.20 -25.40
C VAL P 275 44.85 -26.14 -26.09
N ALA P 276 46.13 -26.03 -25.71
CA ALA P 276 47.01 -25.07 -26.38
C ALA P 276 47.23 -25.42 -27.84
N ASP P 277 47.41 -26.70 -28.13
CA ASP P 277 47.64 -27.16 -29.50
C ASP P 277 46.34 -27.25 -30.31
N VAL P 278 45.21 -26.85 -29.74
CA VAL P 278 43.95 -26.87 -30.47
C VAL P 278 44.06 -25.88 -31.64
N ASN P 279 44.01 -26.40 -32.85
CA ASN P 279 44.08 -25.59 -34.06
C ASN P 279 42.94 -26.02 -34.97
N VAL P 280 41.92 -25.18 -35.07
CA VAL P 280 40.68 -25.54 -35.76
C VAL P 280 40.73 -25.05 -37.22
N SER P 281 41.92 -24.70 -37.70
CA SER P 281 42.06 -24.24 -39.07
C SER P 281 41.73 -25.32 -40.09
N THR P 282 41.65 -26.58 -39.69
CA THR P 282 41.29 -27.68 -40.56
C THR P 282 40.26 -28.55 -39.86
N VAL P 283 39.57 -29.39 -40.66
CA VAL P 283 38.51 -30.22 -40.09
C VAL P 283 39.10 -31.27 -39.15
N ALA P 284 40.30 -31.78 -39.45
CA ALA P 284 40.93 -32.75 -38.56
C ALA P 284 41.29 -32.12 -37.22
N GLY P 285 41.85 -30.91 -37.24
CA GLY P 285 42.17 -30.24 -36.00
C GLY P 285 40.94 -29.86 -35.20
N SER P 286 39.86 -29.50 -35.89
CA SER P 286 38.63 -29.11 -35.20
C SER P 286 37.89 -30.32 -34.65
N GLN P 287 37.87 -31.43 -35.41
CA GLN P 287 37.25 -32.65 -34.90
C GLN P 287 37.98 -33.15 -33.66
N GLU P 288 39.32 -33.13 -33.69
CA GLU P 288 40.08 -33.45 -32.49
C GLU P 288 39.84 -32.43 -31.39
N ALA P 289 39.65 -31.16 -31.77
CA ALA P 289 39.45 -30.11 -30.77
C ALA P 289 38.22 -30.37 -29.92
N VAL P 290 37.12 -30.79 -30.55
CA VAL P 290 35.89 -31.05 -29.80
C VAL P 290 36.14 -32.12 -28.74
N SER P 291 36.96 -33.12 -29.08
CA SER P 291 37.27 -34.17 -28.10
C SER P 291 38.27 -33.70 -27.06
N ILE P 292 39.22 -32.83 -27.43
CA ILE P 292 40.23 -32.37 -26.47
C ILE P 292 39.58 -31.58 -25.36
N LEU P 293 38.70 -30.63 -25.70
CA LEU P 293 38.01 -29.85 -24.69
C LEU P 293 37.02 -30.70 -23.89
N ASP P 294 36.53 -31.80 -24.45
CA ASP P 294 35.74 -32.74 -23.66
C ASP P 294 36.59 -33.33 -22.53
N GLY P 295 37.84 -33.68 -22.84
CA GLY P 295 38.75 -34.12 -21.80
C GLY P 295 39.09 -33.02 -20.81
N ALA P 296 39.14 -31.78 -21.29
CA ALA P 296 39.46 -30.66 -20.42
C ALA P 296 38.29 -30.31 -19.50
N LEU P 297 37.06 -30.37 -20.03
CA LEU P 297 35.89 -30.07 -19.21
C LEU P 297 35.74 -31.09 -18.08
N LYS P 298 36.09 -32.36 -18.34
CA LYS P 298 36.07 -33.36 -17.28
C LYS P 298 37.10 -33.04 -16.20
N ALA P 299 38.29 -32.56 -16.61
CA ALA P 299 39.32 -32.20 -15.64
C ALA P 299 38.87 -31.02 -14.77
N VAL P 300 38.25 -30.01 -15.39
CA VAL P 300 37.80 -28.84 -14.64
C VAL P 300 36.64 -29.22 -13.74
N ASP P 301 35.66 -29.96 -14.26
CA ASP P 301 34.51 -30.37 -13.47
C ASP P 301 34.92 -31.26 -12.30
N SER P 302 35.88 -32.16 -12.54
CA SER P 302 36.31 -33.07 -11.48
C SER P 302 36.96 -32.32 -10.33
N GLN P 303 37.80 -31.33 -10.63
CA GLN P 303 38.47 -30.60 -9.56
C GLN P 303 37.53 -29.60 -8.91
N ARG P 304 36.55 -29.09 -9.67
CA ARG P 304 35.50 -28.29 -9.06
C ARG P 304 34.68 -29.11 -8.06
N ALA P 305 34.34 -30.34 -8.43
CA ALA P 305 33.62 -31.21 -7.51
C ALA P 305 34.51 -31.60 -6.33
N SER P 306 35.80 -31.79 -6.57
CA SER P 306 36.73 -32.07 -5.48
C SER P 306 36.80 -30.90 -4.51
N LEU P 307 36.83 -29.68 -5.05
CA LEU P 307 36.78 -28.49 -4.19
C LEU P 307 35.46 -28.39 -3.46
N GLY P 308 34.35 -28.71 -4.15
CA GLY P 308 33.05 -28.64 -3.51
C GLY P 308 32.90 -29.59 -2.35
N ALA P 309 33.44 -30.81 -2.49
CA ALA P 309 33.45 -31.74 -1.37
C ALA P 309 34.27 -31.18 -0.21
N PHE P 310 35.39 -30.54 -0.52
CA PHE P 310 36.20 -29.91 0.52
C PHE P 310 35.44 -28.79 1.22
N GLN P 311 34.71 -27.98 0.45
CA GLN P 311 33.95 -26.88 1.03
C GLN P 311 32.85 -27.37 1.95
N ASN P 312 32.11 -28.40 1.54
CA ASN P 312 31.10 -28.97 2.42
C ASN P 312 31.72 -29.63 3.64
N ARG P 313 32.89 -30.26 3.46
CA ARG P 313 33.61 -30.84 4.60
C ARG P 313 33.97 -29.75 5.60
N PHE P 314 34.36 -28.58 5.11
CA PHE P 314 34.71 -27.47 6.00
C PHE P 314 33.48 -26.83 6.62
N GLY P 315 32.36 -26.81 5.89
CA GLY P 315 31.13 -26.28 6.47
C GLY P 315 30.63 -27.10 7.64
N HIS P 316 30.69 -28.44 7.51
CA HIS P 316 30.33 -29.29 8.64
C HIS P 316 31.33 -29.14 9.77
N ALA P 317 32.61 -28.94 9.44
CA ALA P 317 33.60 -28.72 10.48
C ALA P 317 33.33 -27.45 11.25
N ILE P 318 32.89 -26.39 10.57
CA ILE P 318 32.57 -25.13 11.24
C ILE P 318 31.42 -25.33 12.23
N SER P 319 30.39 -26.07 11.81
CA SER P 319 29.26 -26.32 12.70
C SER P 319 29.69 -27.14 13.92
N ASN P 320 30.55 -28.14 13.71
CA ASN P 320 31.02 -28.95 14.84
C ASN P 320 31.92 -28.13 15.75
N LEU P 321 32.82 -27.33 15.18
CA LEU P 321 33.71 -26.51 15.99
C LEU P 321 32.92 -25.49 16.81
N ASP P 322 31.93 -24.85 16.19
CA ASP P 322 31.09 -23.90 16.91
C ASP P 322 30.29 -24.61 18.00
N ASN P 323 29.74 -25.79 17.69
CA ASN P 323 28.98 -26.54 18.68
C ASN P 323 29.85 -26.90 19.88
N VAL P 324 31.04 -27.44 19.62
CA VAL P 324 31.95 -27.77 20.72
C VAL P 324 32.35 -26.52 21.49
N ASN P 325 32.57 -25.41 20.77
CA ASN P 325 33.06 -24.19 21.40
C ASN P 325 32.05 -23.67 22.43
N GLU P 326 30.76 -23.78 22.13
CA GLU P 326 29.75 -23.34 23.09
C GLU P 326 29.76 -24.21 24.35
N ASN P 327 29.79 -25.53 24.18
CA ASN P 327 29.69 -26.41 25.35
C ASN P 327 30.90 -26.28 26.26
N VAL P 328 32.11 -26.21 25.70
CA VAL P 328 33.28 -26.06 26.55
C VAL P 328 33.24 -24.72 27.28
N ASN P 329 32.71 -23.69 26.63
CA ASN P 329 32.54 -22.40 27.29
C ASN P 329 31.58 -22.50 28.47
N ALA P 330 30.51 -23.28 28.31
CA ALA P 330 29.59 -23.52 29.43
C ALA P 330 30.24 -24.40 30.50
N SER P 331 31.07 -25.36 30.09
CA SER P 331 31.78 -26.19 31.05
C SER P 331 32.73 -25.35 31.89
N ARG P 332 33.46 -24.44 31.23
CA ARG P 332 34.30 -23.50 31.96
C ARG P 332 33.44 -22.55 32.80
N SER P 333 32.22 -22.27 32.35
CA SER P 333 31.34 -21.38 33.11
C SER P 333 31.01 -21.96 34.48
N ARG P 334 30.73 -23.26 34.54
CA ARG P 334 30.40 -23.90 35.80
C ARG P 334 31.58 -24.01 36.75
N ILE P 335 32.79 -23.69 36.30
CA ILE P 335 34.00 -23.87 37.08
C ILE P 335 34.64 -22.54 37.46
N ARG P 336 34.63 -21.55 36.55
CA ARG P 336 35.49 -20.38 36.72
C ARG P 336 34.74 -19.07 37.00
N ASP P 337 33.54 -18.87 36.48
CA ASP P 337 32.86 -17.60 36.72
C ASP P 337 32.02 -17.65 37.99
N THR P 338 31.93 -16.50 38.65
CA THR P 338 31.24 -16.40 39.92
C THR P 338 29.72 -16.41 39.73
N ASP P 339 29.03 -16.97 40.73
CA ASP P 339 27.57 -16.95 40.78
C ASP P 339 27.15 -15.79 41.67
N TYR P 340 26.50 -14.79 41.08
CA TYR P 340 26.20 -13.57 41.81
C TYR P 340 25.16 -13.80 42.89
N ALA P 341 24.27 -14.77 42.69
CA ALA P 341 23.25 -15.06 43.69
C ALA P 341 23.88 -15.57 44.98
N ARG P 342 24.94 -16.37 44.88
CA ARG P 342 25.56 -16.97 46.05
C ARG P 342 26.68 -16.11 46.61
N GLU P 343 27.45 -15.44 45.74
CA GLU P 343 28.59 -14.67 46.20
C GLU P 343 28.16 -13.39 46.89
N THR P 344 27.14 -12.69 46.36
CA THR P 344 26.65 -11.49 47.02
C THR P 344 26.03 -11.82 48.37
N THR P 345 25.32 -12.95 48.46
CA THR P 345 24.84 -13.41 49.76
C THR P 345 25.99 -13.73 50.69
N ALA P 346 27.06 -14.34 50.15
CA ALA P 346 28.23 -14.65 50.96
C ALA P 346 28.91 -13.39 51.48
N MET P 347 29.04 -12.37 50.62
CA MET P 347 29.67 -11.13 51.06
C MET P 347 28.80 -10.42 52.10
N THR P 348 27.48 -10.43 51.89
CA THR P 348 26.57 -9.82 52.85
C THR P 348 26.68 -10.50 54.20
N LYS P 349 26.75 -11.84 54.21
CA LYS P 349 26.92 -12.56 55.46
C LYS P 349 28.23 -12.16 56.15
N ALA P 350 29.24 -11.78 55.35
CA ALA P 350 30.50 -11.32 55.93
C ALA P 350 30.37 -9.89 56.45
N GLN P 351 29.50 -9.08 55.84
CA GLN P 351 29.35 -7.69 56.28
C GLN P 351 28.73 -7.60 57.67
N ILE P 352 27.63 -8.31 57.91
CA ILE P 352 27.05 -8.36 59.25
C ILE P 352 28.02 -9.02 60.22
N LEU P 353 28.79 -10.00 59.73
CA LEU P 353 29.80 -10.64 60.58
C LEU P 353 30.89 -9.66 60.96
N GLN P 354 31.23 -8.71 60.08
CA GLN P 354 32.13 -7.64 60.47
C GLN P 354 31.56 -6.80 61.60
N GLN P 355 30.33 -6.31 61.41
CA GLN P 355 29.76 -5.36 62.35
C GLN P 355 29.48 -6.03 63.69
N ALA P 356 29.06 -7.29 63.67
CA ALA P 356 28.88 -8.03 64.92
C ALA P 356 30.20 -8.19 65.66
N SER P 357 31.28 -8.50 64.95
CA SER P 357 32.58 -8.65 65.58
C SER P 357 33.09 -7.32 66.11
N THR P 358 32.95 -6.24 65.33
CA THR P 358 33.42 -4.94 65.76
C THR P 358 32.59 -4.40 66.92
N SER P 359 31.27 -4.57 66.87
CA SER P 359 30.42 -4.11 67.95
C SER P 359 30.72 -4.85 69.24
N VAL P 360 30.94 -6.17 69.16
CA VAL P 360 31.37 -6.92 70.33
C VAL P 360 32.75 -6.45 70.77
N LEU P 361 33.63 -6.12 69.81
CA LEU P 361 34.96 -5.64 70.14
C LEU P 361 34.90 -4.35 70.94
N ALA P 362 34.01 -3.43 70.55
CA ALA P 362 33.85 -2.19 71.30
C ALA P 362 33.36 -2.46 72.71
N GLN P 363 32.43 -3.41 72.86
CA GLN P 363 31.90 -3.76 74.17
C GLN P 363 32.83 -4.66 74.99
N ALA P 364 33.90 -5.17 74.38
CA ALA P 364 34.81 -6.09 75.04
C ALA P 364 35.98 -5.39 75.72
N LYS P 365 36.41 -4.23 75.21
CA LYS P 365 37.53 -3.51 75.81
C LYS P 365 37.13 -2.66 77.00
N GLN P 366 35.85 -2.63 77.35
CA GLN P 366 35.38 -1.94 78.55
C GLN P 366 35.47 -2.81 79.79
N SER P 367 35.91 -4.07 79.65
CA SER P 367 36.13 -4.91 80.82
C SER P 367 37.18 -4.34 81.78
N PRO P 368 38.35 -3.88 81.32
CA PRO P 368 39.28 -3.24 82.26
C PRO P 368 38.72 -1.97 82.88
N SER P 369 37.77 -1.31 82.23
CA SER P 369 37.12 -0.16 82.83
C SER P 369 36.36 -0.57 84.09
N ALA P 370 35.74 -1.75 84.08
CA ALA P 370 35.09 -2.26 85.27
C ALA P 370 36.11 -2.57 86.36
N ALA P 371 37.34 -2.94 85.97
CA ALA P 371 38.38 -3.23 86.95
C ALA P 371 38.74 -1.99 87.74
N LEU P 372 38.92 -0.86 87.07
CA LEU P 372 39.23 0.39 87.79
C LEU P 372 38.01 0.90 88.54
N SER P 373 36.82 0.73 87.96
CA SER P 373 35.60 1.16 88.64
C SER P 373 35.34 0.36 89.91
N LEU P 374 35.91 -0.84 90.02
CA LEU P 374 35.76 -1.65 91.23
C LEU P 374 36.38 -0.94 92.42
N LEU P 375 37.70 -0.75 92.39
CA LEU P 375 38.38 0.03 93.42
C LEU P 375 39.39 1.03 92.88
N GLY P 376 40.00 0.79 91.73
CA GLY P 376 41.06 1.65 91.22
C GLY P 376 40.57 3.01 90.73
N MET Q 1 46.50 21.70 56.74
CA MET Q 1 46.10 23.09 56.80
C MET Q 1 45.39 23.39 58.11
N ALA Q 2 45.34 24.66 58.48
CA ALA Q 2 44.68 25.06 59.71
C ALA Q 2 43.20 24.74 59.64
N ILE Q 3 42.64 24.30 60.77
CA ILE Q 3 41.21 24.02 60.86
C ILE Q 3 40.52 25.37 61.08
N ASN Q 4 39.89 25.87 60.03
CA ASN Q 4 39.36 27.23 60.02
C ASN Q 4 37.89 27.22 59.62
N VAL Q 5 37.13 28.17 60.16
CA VAL Q 5 35.73 28.34 59.82
C VAL Q 5 35.47 29.67 59.12
N ASN Q 6 36.17 30.74 59.50
CA ASN Q 6 35.97 32.03 58.85
C ASN Q 6 36.32 32.00 57.37
N THR Q 7 37.20 31.10 56.97
CA THR Q 7 37.55 30.92 55.57
C THR Q 7 37.35 29.46 55.19
N ASN Q 8 36.77 29.25 54.00
CA ASN Q 8 36.43 27.92 53.50
C ASN Q 8 36.89 27.78 52.05
N VAL Q 9 38.17 28.06 51.81
CA VAL Q 9 38.73 28.08 50.45
C VAL Q 9 38.44 26.79 49.69
N SER Q 10 38.16 25.69 50.39
CA SER Q 10 37.73 24.48 49.70
C SER Q 10 36.40 24.68 49.00
N ALA Q 11 35.45 25.36 49.67
CA ALA Q 11 34.18 25.66 49.03
C ALA Q 11 34.33 26.73 47.96
N MET Q 12 35.20 27.71 48.19
CA MET Q 12 35.44 28.73 47.18
C MET Q 12 35.98 28.13 45.90
N THR Q 13 36.91 27.18 46.01
CA THR Q 13 37.38 26.46 44.84
C THR Q 13 36.26 25.64 44.21
N ALA Q 14 35.44 24.99 45.04
CA ALA Q 14 34.36 24.16 44.53
C ALA Q 14 33.33 24.99 43.77
N GLN Q 15 32.95 26.15 44.32
CA GLN Q 15 31.94 26.97 43.66
C GLN Q 15 32.51 27.70 42.45
N ARG Q 16 33.82 27.97 42.45
CA ARG Q 16 34.43 28.61 41.28
C ARG Q 16 34.35 27.69 40.07
N TYR Q 17 34.62 26.40 40.26
CA TYR Q 17 34.53 25.46 39.14
C TYR Q 17 33.08 25.11 38.85
N LEU Q 18 32.20 25.18 39.84
CA LEU Q 18 30.78 25.02 39.58
C LEU Q 18 30.25 26.15 38.71
N ASN Q 19 30.68 27.38 38.98
CA ASN Q 19 30.26 28.52 38.16
C ASN Q 19 30.78 28.38 36.73
N GLY Q 20 32.02 27.94 36.57
CA GLY Q 20 32.55 27.72 35.23
C GLY Q 20 31.83 26.61 34.50
N ALA Q 21 31.47 25.54 35.22
CA ALA Q 21 30.74 24.44 34.59
C ALA Q 21 29.36 24.90 34.13
N ALA Q 22 28.66 25.69 34.96
CA ALA Q 22 27.33 26.17 34.59
C ALA Q 22 27.40 27.10 33.38
N ASP Q 23 28.41 27.97 33.33
CA ASP Q 23 28.56 28.86 32.18
C ASP Q 23 28.85 28.08 30.91
N GLY Q 24 29.64 27.01 31.01
CA GLY Q 24 29.86 26.15 29.85
C GLY Q 24 28.58 25.51 29.38
N MET Q 25 27.67 25.21 30.30
CA MET Q 25 26.38 24.64 29.92
C MET Q 25 25.51 25.68 29.21
N GLN Q 26 25.48 26.91 29.73
CA GLN Q 26 24.66 27.96 29.13
C GLN Q 26 25.06 28.21 27.68
N LYS Q 27 26.37 28.14 27.39
CA LYS Q 27 26.83 28.27 26.01
C LYS Q 27 26.27 27.14 25.15
N SER Q 28 26.31 25.91 25.65
CA SER Q 28 25.84 24.76 24.87
C SER Q 28 24.32 24.78 24.69
N MET Q 29 23.58 25.09 25.77
CA MET Q 29 22.13 25.06 25.70
C MET Q 29 21.60 26.15 24.78
N GLU Q 30 22.23 27.33 24.80
CA GLU Q 30 21.87 28.37 23.84
C GLU Q 30 22.21 27.95 22.41
N ARG Q 31 23.37 27.29 22.24
CA ARG Q 31 23.79 26.89 20.90
C ARG Q 31 22.85 25.86 20.30
N LEU Q 32 22.25 25.01 21.12
CA LEU Q 32 21.40 23.94 20.60
C LEU Q 32 19.95 24.39 20.47
N SER Q 33 19.51 25.34 21.30
CA SER Q 33 18.18 25.91 21.12
C SER Q 33 18.07 26.67 19.81
N SER Q 34 19.05 27.54 19.53
CA SER Q 34 19.05 28.30 18.29
C SER Q 34 19.52 27.45 17.12
N GLY Q 35 20.52 26.60 17.35
CA GLY Q 35 21.14 25.85 16.28
C GLY Q 35 22.37 26.48 15.67
N TYR Q 36 22.98 27.46 16.34
CA TYR Q 36 24.12 28.18 15.80
C TYR Q 36 25.29 28.11 16.77
N LYS Q 37 26.49 27.84 16.23
CA LYS Q 37 27.70 27.99 17.02
C LYS Q 37 27.91 29.44 17.43
N ILE Q 38 27.68 30.37 16.51
CA ILE Q 38 27.94 31.78 16.78
C ILE Q 38 26.63 32.53 16.89
N ASN Q 39 26.11 32.64 18.11
CA ASN Q 39 24.95 33.48 18.39
C ASN Q 39 25.35 34.89 18.83
N SER Q 40 26.64 35.11 19.03
CA SER Q 40 27.16 36.40 19.47
C SER Q 40 28.60 36.50 19.01
N ALA Q 41 29.12 37.74 19.01
CA ALA Q 41 30.51 37.96 18.63
C ALA Q 41 31.48 37.36 19.64
N ARG Q 42 31.00 36.93 20.80
CA ARG Q 42 31.86 36.31 21.79
C ARG Q 42 32.50 35.03 21.26
N ASP Q 43 31.72 34.20 20.57
CA ASP Q 43 32.20 32.88 20.18
C ASP Q 43 33.30 32.99 19.14
N ASP Q 44 32.96 33.49 17.95
CA ASP Q 44 33.92 33.74 16.88
C ASP Q 44 33.71 35.17 16.38
N ALA Q 45 34.75 36.00 16.51
CA ALA Q 45 34.63 37.38 16.04
C ALA Q 45 34.54 37.43 14.52
N ALA Q 46 35.59 36.99 13.82
CA ALA Q 46 35.55 36.97 12.36
C ALA Q 46 34.67 35.84 11.85
N GLY Q 47 34.46 34.81 12.66
CA GLY Q 47 33.49 33.78 12.30
C GLY Q 47 32.09 34.34 12.19
N LEU Q 48 31.76 35.31 13.05
CA LEU Q 48 30.48 36.00 12.92
C LEU Q 48 30.47 36.89 11.68
N GLN Q 49 31.61 37.54 11.38
CA GLN Q 49 31.68 38.42 10.24
C GLN Q 49 31.51 37.66 8.93
N ILE Q 50 32.24 36.55 8.78
CA ILE Q 50 32.12 35.74 7.57
C ILE Q 50 30.76 35.08 7.48
N SER Q 51 30.18 34.67 8.62
CA SER Q 51 28.84 34.08 8.58
C SER Q 51 27.81 35.11 8.20
N ASN Q 52 27.95 36.34 8.71
CA ASN Q 52 27.03 37.41 8.33
C ASN Q 52 27.17 37.78 6.87
N ARG Q 53 28.40 37.83 6.36
CA ARG Q 53 28.60 38.16 4.95
C ARG Q 53 28.12 37.04 4.05
N LEU Q 54 28.33 35.78 4.46
CA LEU Q 54 27.88 34.66 3.65
C LEU Q 54 26.36 34.56 3.64
N THR Q 55 25.71 34.95 4.73
CA THR Q 55 24.24 34.99 4.72
C THR Q 55 23.75 36.14 3.86
N SER Q 56 24.43 37.29 3.90
CA SER Q 56 24.07 38.39 3.02
C SER Q 56 24.24 38.00 1.55
N GLN Q 57 25.32 37.29 1.24
CA GLN Q 57 25.51 36.80 -0.13
C GLN Q 57 24.46 35.75 -0.48
N SER Q 58 24.09 34.90 0.48
CA SER Q 58 23.06 33.90 0.22
C SER Q 58 21.71 34.56 -0.07
N ARG Q 59 21.33 35.56 0.73
CA ARG Q 59 20.09 36.29 0.45
C ARG Q 59 20.15 36.99 -0.89
N GLY Q 60 21.29 37.59 -1.21
CA GLY Q 60 21.45 38.25 -2.50
C GLY Q 60 21.40 37.28 -3.66
N LEU Q 61 21.92 36.06 -3.45
CA LEU Q 61 21.97 35.08 -4.54
C LEU Q 61 20.60 34.54 -4.88
N ASP Q 62 19.80 34.16 -3.87
CA ASP Q 62 18.45 33.70 -4.15
C ASP Q 62 17.55 34.84 -4.61
N MET Q 63 17.88 36.07 -4.21
CA MET Q 63 17.21 37.23 -4.76
C MET Q 63 17.55 37.40 -6.24
N ALA Q 64 18.80 37.13 -6.61
CA ALA Q 64 19.20 37.25 -8.00
C ALA Q 64 18.55 36.18 -8.88
N VAL Q 65 18.26 35.01 -8.30
CA VAL Q 65 17.52 33.99 -9.03
C VAL Q 65 16.11 34.47 -9.34
N LYS Q 66 15.46 35.09 -8.37
CA LYS Q 66 14.12 35.65 -8.61
C LYS Q 66 14.16 36.75 -9.66
N ASN Q 67 15.16 37.63 -9.58
CA ASN Q 67 15.29 38.70 -10.57
C ASN Q 67 15.56 38.14 -11.96
N ALA Q 68 16.41 37.12 -12.05
CA ALA Q 68 16.69 36.50 -13.33
C ALA Q 68 15.45 35.82 -13.91
N ASN Q 69 14.65 35.20 -13.03
CA ASN Q 69 13.39 34.62 -13.48
C ASN Q 69 12.44 35.70 -14.01
N ASP Q 70 12.49 36.89 -13.41
CA ASP Q 70 11.69 38.00 -13.93
C ASP Q 70 12.14 38.40 -15.32
N GLY Q 71 13.46 38.43 -15.56
CA GLY Q 71 13.95 38.73 -16.89
C GLY Q 71 13.58 37.66 -17.91
N ILE Q 72 13.57 36.40 -17.48
CA ILE Q 72 13.13 35.32 -18.35
C ILE Q 72 11.64 35.47 -18.66
N SER Q 73 10.85 35.84 -17.66
CA SER Q 73 9.41 36.02 -17.87
C SER Q 73 9.13 37.16 -18.85
N ILE Q 74 9.80 38.29 -18.69
CA ILE Q 74 9.58 39.42 -19.59
C ILE Q 74 10.01 39.07 -21.01
N ALA Q 75 11.15 38.39 -21.15
CA ALA Q 75 11.59 37.94 -22.46
C ALA Q 75 10.60 36.97 -23.08
N GLN Q 76 10.05 36.06 -22.26
CA GLN Q 76 9.08 35.09 -22.76
C GLN Q 76 7.80 35.76 -23.22
N THR Q 77 7.29 36.72 -22.45
CA THR Q 77 6.04 37.39 -22.80
C THR Q 77 6.16 38.12 -24.14
N ALA Q 78 7.27 38.82 -24.34
CA ALA Q 78 7.48 39.48 -25.63
C ALA Q 78 7.58 38.45 -26.76
N GLU Q 79 8.31 37.36 -26.52
CA GLU Q 79 8.52 36.37 -27.57
C GLU Q 79 7.22 35.75 -28.04
N GLY Q 80 6.28 35.53 -27.13
CA GLY Q 80 4.96 35.06 -27.54
C GLY Q 80 4.24 36.07 -28.43
N ALA Q 81 4.38 37.36 -28.10
CA ALA Q 81 3.78 38.40 -28.93
C ALA Q 81 4.43 38.45 -30.31
N MET Q 82 5.75 38.24 -30.38
CA MET Q 82 6.43 38.20 -31.66
C MET Q 82 5.94 37.04 -32.51
N ASN Q 83 5.50 35.94 -31.89
CA ASN Q 83 5.07 34.77 -32.66
C ASN Q 83 3.87 35.11 -33.51
N GLU Q 84 2.88 35.80 -32.93
CA GLU Q 84 1.71 36.21 -33.72
C GLU Q 84 2.06 37.31 -34.71
N THR Q 85 3.00 38.18 -34.37
CA THR Q 85 3.45 39.19 -35.33
C THR Q 85 4.07 38.53 -36.55
N THR Q 86 4.88 37.49 -36.34
CA THR Q 86 5.46 36.75 -37.45
C THR Q 86 4.37 36.06 -38.28
N ASN Q 87 3.38 35.47 -37.62
CA ASN Q 87 2.32 34.77 -38.34
C ASN Q 87 1.50 35.74 -39.19
N ILE Q 88 1.22 36.93 -38.65
CA ILE Q 88 0.48 37.94 -39.42
C ILE Q 88 1.29 38.39 -40.61
N LEU Q 89 2.60 38.61 -40.43
CA LEU Q 89 3.44 39.04 -41.54
C LEU Q 89 3.53 37.96 -42.62
N GLN Q 90 3.66 36.70 -42.21
CA GLN Q 90 3.70 35.61 -43.18
C GLN Q 90 2.38 35.51 -43.96
N ARG Q 91 1.25 35.65 -43.25
CA ARG Q 91 -0.04 35.65 -43.94
C ARG Q 91 -0.16 36.84 -44.88
N MET Q 92 0.28 38.02 -44.43
CA MET Q 92 0.26 39.20 -45.29
C MET Q 92 1.12 38.99 -46.54
N ARG Q 93 2.17 38.17 -46.41
CA ARG Q 93 2.99 37.84 -47.57
C ARG Q 93 2.22 36.96 -48.55
N ASP Q 94 1.36 36.09 -48.04
CA ASP Q 94 0.54 35.24 -48.90
C ASP Q 94 -0.44 36.08 -49.72
N LEU Q 95 -1.08 37.06 -49.08
CA LEU Q 95 -1.99 37.94 -49.82
C LEU Q 95 -1.21 38.86 -50.75
N ALA Q 96 -0.03 39.30 -50.33
CA ALA Q 96 0.80 40.13 -51.20
C ALA Q 96 1.19 39.39 -52.47
N LEU Q 97 1.59 38.13 -52.33
CA LEU Q 97 1.93 37.32 -53.51
C LEU Q 97 0.69 37.04 -54.35
N GLN Q 98 -0.45 36.83 -53.69
CA GLN Q 98 -1.70 36.57 -54.42
C GLN Q 98 -2.12 37.78 -55.24
N SER Q 99 -1.95 38.98 -54.69
CA SER Q 99 -2.39 40.19 -55.38
C SER Q 99 -1.50 40.56 -56.56
N SER Q 100 -0.30 39.98 -56.65
CA SER Q 100 0.59 40.27 -57.78
C SER Q 100 0.22 39.50 -59.04
N ASN Q 101 -0.76 38.59 -58.96
CA ASN Q 101 -1.17 37.85 -60.13
C ASN Q 101 -1.79 38.76 -61.17
N GLY Q 102 -1.61 38.41 -62.45
CA GLY Q 102 -2.27 39.12 -63.53
C GLY Q 102 -3.71 38.73 -63.76
N SER Q 103 -4.15 37.63 -63.14
CA SER Q 103 -5.55 37.22 -63.27
C SER Q 103 -6.48 38.14 -62.49
N ASN Q 104 -6.00 38.76 -61.42
CA ASN Q 104 -6.82 39.64 -60.63
C ASN Q 104 -7.10 40.94 -61.37
N SER Q 105 -8.35 41.38 -61.32
CA SER Q 105 -8.75 42.70 -61.77
C SER Q 105 -8.87 43.62 -60.56
N SER Q 106 -9.46 44.80 -60.77
CA SER Q 106 -9.48 45.81 -59.71
C SER Q 106 -10.26 45.33 -58.49
N SER Q 107 -11.37 44.62 -58.69
CA SER Q 107 -12.32 44.39 -57.61
C SER Q 107 -11.70 43.60 -56.46
N GLU Q 108 -11.09 42.44 -56.76
CA GLU Q 108 -10.55 41.61 -55.68
C GLU Q 108 -9.18 42.06 -55.22
N ARG Q 109 -8.53 42.99 -55.93
CA ARG Q 109 -7.35 43.63 -55.38
C ARG Q 109 -7.69 44.47 -54.15
N ARG Q 110 -8.83 45.17 -54.20
CA ARG Q 110 -9.30 45.89 -53.02
C ARG Q 110 -9.80 44.93 -51.96
N ALA Q 111 -10.35 43.78 -52.36
CA ALA Q 111 -10.77 42.78 -51.38
C ALA Q 111 -9.59 42.21 -50.61
N ILE Q 112 -8.49 41.92 -51.33
CA ILE Q 112 -7.27 41.49 -50.66
C ILE Q 112 -6.69 42.62 -49.82
N GLN Q 113 -6.75 43.85 -50.34
CA GLN Q 113 -6.26 45.00 -49.59
C GLN Q 113 -7.04 45.19 -48.29
N GLU Q 114 -8.32 44.79 -48.29
CA GLU Q 114 -9.12 44.90 -47.07
C GLU Q 114 -8.58 44.01 -45.96
N GLU Q 115 -8.17 42.79 -46.31
CA GLU Q 115 -7.59 41.89 -45.31
C GLU Q 115 -6.20 42.38 -44.89
N VAL Q 116 -5.43 42.90 -45.83
CA VAL Q 116 -4.09 43.41 -45.52
C VAL Q 116 -4.19 44.60 -44.56
N SER Q 117 -5.13 45.52 -44.82
CA SER Q 117 -5.31 46.65 -43.93
C SER Q 117 -5.77 46.22 -42.55
N ALA Q 118 -6.64 45.22 -42.48
CA ALA Q 118 -7.08 44.70 -41.18
C ALA Q 118 -5.93 44.06 -40.42
N LEU Q 119 -5.11 43.28 -41.12
CA LEU Q 119 -3.97 42.63 -40.46
C LEU Q 119 -2.93 43.65 -40.02
N ASN Q 120 -2.71 44.69 -40.83
CA ASN Q 120 -1.75 45.72 -40.45
C ASN Q 120 -2.18 46.45 -39.20
N ASP Q 121 -3.49 46.67 -39.03
CA ASP Q 121 -3.98 47.27 -37.80
C ASP Q 121 -3.83 46.32 -36.63
N GLU Q 122 -3.84 45.01 -36.90
CA GLU Q 122 -3.63 44.02 -35.85
C GLU Q 122 -2.17 44.03 -35.38
N LEU Q 123 -1.24 44.28 -36.31
CA LEU Q 123 0.16 44.40 -35.92
C LEU Q 123 0.38 45.57 -34.96
N ASN Q 124 -0.27 46.71 -35.25
CA ASN Q 124 -0.20 47.84 -34.34
C ASN Q 124 -0.89 47.54 -33.02
N ARG Q 125 -2.01 46.82 -33.07
CA ARG Q 125 -2.72 46.44 -31.85
C ARG Q 125 -1.84 45.57 -30.96
N ILE Q 126 -1.15 44.59 -31.55
CA ILE Q 126 -0.26 43.73 -30.77
C ILE Q 126 0.88 44.55 -30.19
N ALA Q 127 1.47 45.43 -31.00
CA ALA Q 127 2.62 46.21 -30.55
C ALA Q 127 2.26 47.13 -29.39
N GLU Q 128 1.07 47.73 -29.44
CA GLU Q 128 0.68 48.72 -28.44
C GLU Q 128 0.07 48.12 -27.19
N THR Q 129 -0.60 46.97 -27.28
CA THR Q 129 -1.30 46.42 -26.13
C THR Q 129 -0.53 45.32 -25.41
N THR Q 130 0.48 44.72 -26.05
CA THR Q 130 1.29 43.72 -25.37
C THR Q 130 2.01 44.36 -24.18
N SER Q 131 1.77 43.83 -22.99
CA SER Q 131 2.30 44.43 -21.78
C SER Q 131 2.53 43.34 -20.73
N PHE Q 132 3.37 43.68 -19.75
CA PHE Q 132 3.69 42.81 -18.63
C PHE Q 132 3.30 43.55 -17.36
N GLY Q 133 2.07 43.31 -16.89
CA GLY Q 133 1.57 43.99 -15.72
C GLY Q 133 1.44 45.49 -15.92
N GLY Q 134 0.87 45.90 -17.06
CA GLY Q 134 0.74 47.31 -17.37
C GLY Q 134 1.99 47.96 -17.91
N ASN Q 135 3.05 47.19 -18.13
CA ASN Q 135 4.32 47.72 -18.64
C ASN Q 135 4.42 47.36 -20.12
N LYS Q 136 4.24 48.35 -20.98
CA LYS Q 136 4.29 48.11 -22.42
C LYS Q 136 5.68 47.63 -22.83
N LEU Q 137 5.71 46.65 -23.74
CA LEU Q 137 6.96 46.02 -24.16
C LEU Q 137 7.30 46.30 -25.63
N LEU Q 138 6.38 46.01 -26.55
CA LEU Q 138 6.67 46.04 -27.98
C LEU Q 138 6.32 47.38 -28.63
N ASN Q 139 5.86 48.36 -27.87
CA ASN Q 139 5.49 49.65 -28.45
C ASN Q 139 6.68 50.61 -28.55
N GLY Q 140 7.87 50.18 -28.16
CA GLY Q 140 9.05 51.02 -28.19
C GLY Q 140 9.26 51.89 -26.97
N SER Q 141 8.38 51.81 -25.98
CA SER Q 141 8.55 52.58 -24.75
C SER Q 141 9.38 51.85 -23.70
N PHE Q 142 9.72 50.58 -23.93
CA PHE Q 142 10.56 49.85 -22.99
C PHE Q 142 11.99 50.34 -23.04
N GLY Q 143 12.53 50.54 -24.24
CA GLY Q 143 13.92 50.94 -24.36
C GLY Q 143 14.84 49.84 -23.88
N SER Q 144 15.80 50.21 -23.04
CA SER Q 144 16.74 49.27 -22.45
C SER Q 144 16.62 49.32 -20.93
N LYS Q 145 16.42 48.16 -20.32
CA LYS Q 145 16.30 48.04 -18.87
C LYS Q 145 17.23 46.96 -18.37
N SER Q 146 17.92 47.24 -17.27
CA SER Q 146 18.92 46.33 -16.72
C SER Q 146 18.30 45.44 -15.64
N PHE Q 147 18.65 44.16 -15.67
CA PHE Q 147 18.15 43.19 -14.71
C PHE Q 147 19.30 42.76 -13.79
N GLN Q 148 19.09 42.92 -12.49
CA GLN Q 148 20.14 42.72 -11.50
C GLN Q 148 20.20 41.25 -11.10
N ILE Q 149 21.26 40.56 -11.51
CA ILE Q 149 21.39 39.13 -11.27
C ILE Q 149 22.66 38.81 -10.49
N GLY Q 150 23.08 39.72 -9.62
CA GLY Q 150 24.27 39.52 -8.80
C GLY Q 150 23.94 39.64 -7.33
N ALA Q 151 24.78 39.02 -6.50
CA ALA Q 151 24.65 39.15 -5.05
C ALA Q 151 25.17 40.49 -4.55
N ASP Q 152 25.76 41.30 -5.42
CA ASP Q 152 26.28 42.61 -5.07
C ASP Q 152 25.87 43.60 -6.15
N SER Q 153 25.88 44.88 -5.79
CA SER Q 153 25.47 45.91 -6.72
C SER Q 153 26.40 45.96 -7.94
N GLY Q 154 25.82 46.27 -9.10
CA GLY Q 154 26.60 46.46 -10.30
C GLY Q 154 26.82 45.23 -11.16
N GLU Q 155 25.95 44.23 -11.07
CA GLU Q 155 26.08 43.04 -11.91
C GLU Q 155 24.83 42.85 -12.76
N ALA Q 156 24.36 43.93 -13.38
CA ALA Q 156 23.13 43.90 -14.15
C ALA Q 156 23.40 43.57 -15.61
N VAL Q 157 22.37 43.06 -16.28
CA VAL Q 157 22.41 42.75 -17.71
C VAL Q 157 21.31 43.54 -18.41
N MET Q 158 21.69 44.30 -19.43
CA MET Q 158 20.77 45.18 -20.12
C MET Q 158 19.96 44.40 -21.16
N LEU Q 159 18.64 44.62 -21.15
CA LEU Q 159 17.73 44.00 -22.11
C LEU Q 159 17.11 45.10 -22.98
N SER Q 160 17.17 44.91 -24.29
CA SER Q 160 16.62 45.86 -25.24
C SER Q 160 15.56 45.20 -26.10
N MET Q 161 14.44 45.89 -26.29
CA MET Q 161 13.37 45.43 -27.17
C MET Q 161 12.93 46.61 -28.02
N GLY Q 162 13.25 46.56 -29.32
CA GLY Q 162 12.89 47.62 -30.22
C GLY Q 162 11.40 47.67 -30.50
N SER Q 163 10.96 48.81 -31.03
CA SER Q 163 9.56 49.00 -31.36
C SER Q 163 9.14 48.10 -32.51
N MET Q 164 7.96 47.51 -32.39
CA MET Q 164 7.40 46.66 -33.44
C MET Q 164 6.10 47.24 -34.00
N ARG Q 165 5.89 48.54 -33.84
CA ARG Q 165 4.84 49.20 -34.59
C ARG Q 165 5.14 49.09 -36.08
N SER Q 166 4.07 48.99 -36.87
CA SER Q 166 4.23 48.79 -38.31
C SER Q 166 4.89 49.98 -38.99
N ASP Q 167 4.98 51.12 -38.33
CA ASP Q 167 5.59 52.32 -38.89
C ASP Q 167 7.07 52.42 -38.50
N THR Q 168 7.61 51.41 -37.82
CA THR Q 168 9.01 51.44 -37.43
C THR Q 168 9.91 51.39 -38.67
N GLN Q 169 11.01 52.16 -38.62
CA GLN Q 169 11.90 52.25 -39.77
C GLN Q 169 12.53 50.91 -40.11
N ALA Q 170 12.93 50.14 -39.08
CA ALA Q 170 13.55 48.85 -39.30
C ALA Q 170 12.60 47.82 -39.93
N MET Q 171 11.30 48.10 -39.94
CA MET Q 171 10.32 47.21 -40.55
C MET Q 171 10.02 47.58 -42.00
N GLY Q 172 10.99 48.16 -42.70
CA GLY Q 172 10.79 48.54 -44.08
C GLY Q 172 12.10 48.89 -44.74
N GLY Q 173 12.01 49.57 -45.86
CA GLY Q 173 13.19 49.99 -46.57
C GLY Q 173 12.94 51.20 -47.43
N LYS Q 174 13.79 51.37 -48.44
CA LYS Q 174 13.67 52.46 -49.40
C LYS Q 174 13.37 51.88 -50.77
N SER Q 175 12.32 52.39 -51.41
CA SER Q 175 11.86 51.89 -52.70
C SER Q 175 12.15 52.93 -53.78
N TYR Q 176 12.78 52.48 -54.86
CA TYR Q 176 13.11 53.31 -56.02
C TYR Q 176 12.35 52.77 -57.21
N ARG Q 177 11.96 53.66 -58.11
CA ARG Q 177 11.13 53.29 -59.25
C ARG Q 177 11.69 53.87 -60.54
N ALA Q 178 11.52 53.14 -61.64
CA ALA Q 178 12.00 53.60 -62.93
C ALA Q 178 11.13 54.74 -63.45
N GLN Q 179 11.78 55.72 -64.09
CA GLN Q 179 11.07 56.85 -64.67
C GLN Q 179 10.53 56.54 -66.06
N GLU Q 180 10.98 55.47 -66.70
CA GLU Q 180 10.58 55.13 -68.06
C GLU Q 180 9.85 53.80 -68.07
N GLY Q 181 8.68 53.78 -68.70
CA GLY Q 181 7.92 52.54 -68.85
C GLY Q 181 8.35 51.78 -70.09
N LYS Q 182 8.49 50.47 -69.93
CA LYS Q 182 8.89 49.58 -71.01
C LYS Q 182 7.77 48.57 -71.27
N ALA Q 183 7.42 48.40 -72.53
CA ALA Q 183 6.31 47.53 -72.92
C ALA Q 183 6.77 46.07 -72.88
N ALA Q 184 5.91 45.16 -73.34
CA ALA Q 184 6.23 43.74 -73.34
C ALA Q 184 7.14 43.34 -74.49
N ASP Q 185 7.38 44.23 -75.45
CA ASP Q 185 8.27 43.96 -76.57
C ASP Q 185 9.66 44.56 -76.39
N TRP Q 186 9.93 45.20 -75.25
CA TRP Q 186 11.24 45.78 -75.02
C TRP Q 186 12.27 44.68 -74.79
N ARG Q 187 13.49 44.92 -75.24
CA ARG Q 187 14.57 43.94 -75.12
C ARG Q 187 15.88 44.66 -74.93
N VAL Q 188 16.74 44.10 -74.07
CA VAL Q 188 18.01 44.74 -73.75
C VAL Q 188 18.90 44.77 -74.97
N GLY Q 189 19.43 45.95 -75.28
CA GLY Q 189 20.30 46.12 -76.42
C GLY Q 189 21.77 45.97 -76.08
N ALA Q 190 22.61 46.83 -76.66
CA ALA Q 190 24.06 46.74 -76.46
C ALA Q 190 24.51 47.39 -75.16
N ALA Q 191 23.63 48.08 -74.44
CA ALA Q 191 23.95 48.68 -73.15
C ALA Q 191 23.17 47.90 -72.09
N THR Q 192 23.89 47.18 -71.23
CA THR Q 192 23.27 46.27 -70.28
C THR Q 192 23.80 46.38 -68.85
N ASP Q 193 24.99 46.92 -68.64
CA ASP Q 193 25.57 46.98 -67.30
C ASP Q 193 24.74 47.89 -66.39
N LEU Q 194 24.59 47.47 -65.14
CA LEU Q 194 23.87 48.22 -64.13
C LEU Q 194 24.56 48.03 -62.80
N THR Q 195 25.15 49.10 -62.27
CA THR Q 195 25.95 49.05 -61.05
C THR Q 195 25.18 49.72 -59.92
N LEU Q 196 25.10 49.02 -58.78
CA LEU Q 196 24.45 49.53 -57.58
C LEU Q 196 25.53 49.80 -56.54
N SER Q 197 25.75 51.08 -56.23
CA SER Q 197 26.78 51.50 -55.29
C SER Q 197 26.11 52.20 -54.11
N TYR Q 198 26.28 51.64 -52.92
CA TYR Q 198 25.65 52.17 -51.71
C TYR Q 198 26.55 51.83 -50.52
N THR Q 199 25.99 51.96 -49.31
CA THR Q 199 26.69 51.64 -48.08
C THR Q 199 25.92 50.55 -47.34
N ASN Q 200 26.61 49.46 -47.01
CA ASN Q 200 26.01 48.37 -46.28
C ASN Q 200 25.71 48.80 -44.85
N LYS Q 201 25.03 47.92 -44.10
CA LYS Q 201 24.64 48.25 -42.74
C LYS Q 201 25.86 48.40 -41.82
N GLN Q 202 26.89 47.59 -42.02
CA GLN Q 202 28.10 47.69 -41.21
C GLN Q 202 28.90 48.95 -41.51
N GLY Q 203 28.56 49.69 -42.57
CA GLY Q 203 29.22 50.93 -42.90
C GLY Q 203 30.20 50.87 -44.05
N GLU Q 204 30.54 49.67 -44.53
CA GLU Q 204 31.46 49.56 -45.66
C GLU Q 204 30.72 49.79 -46.97
N ALA Q 205 31.40 50.45 -47.90
CA ALA Q 205 30.84 50.67 -49.23
C ALA Q 205 30.76 49.35 -49.99
N ARG Q 206 29.61 49.09 -50.60
CA ARG Q 206 29.38 47.85 -51.33
C ARG Q 206 28.95 48.16 -52.75
N GLU Q 207 29.66 47.60 -53.73
CA GLU Q 207 29.37 47.79 -55.14
C GLU Q 207 28.99 46.46 -55.75
N VAL Q 208 27.81 46.41 -56.36
CA VAL Q 208 27.30 45.20 -57.02
C VAL Q 208 27.08 45.54 -58.49
N THR Q 209 27.74 44.81 -59.37
CA THR Q 209 27.65 45.04 -60.80
C THR Q 209 26.81 43.93 -61.44
N ILE Q 210 25.77 44.32 -62.15
CA ILE Q 210 24.86 43.39 -62.81
C ILE Q 210 25.05 43.54 -64.31
N ASN Q 211 25.62 42.51 -64.94
CA ASN Q 211 25.77 42.47 -66.39
C ASN Q 211 24.66 41.58 -66.93
N ALA Q 212 23.53 42.20 -67.24
CA ALA Q 212 22.35 41.47 -67.69
C ALA Q 212 22.61 40.83 -69.05
N LYS Q 213 21.70 39.93 -69.42
CA LYS Q 213 21.84 39.18 -70.67
C LYS Q 213 21.07 39.89 -71.78
N GLN Q 214 21.77 40.14 -72.89
CA GLN Q 214 21.12 40.73 -74.06
C GLN Q 214 20.02 39.82 -74.57
N GLY Q 215 18.91 40.41 -74.99
CA GLY Q 215 17.76 39.63 -75.42
C GLY Q 215 16.75 39.32 -74.36
N ASP Q 216 16.73 40.06 -73.25
CA ASP Q 216 15.81 39.84 -72.15
C ASP Q 216 14.78 40.97 -72.09
N ASP Q 217 13.55 40.61 -71.76
CA ASP Q 217 12.53 41.61 -71.48
C ASP Q 217 12.68 42.09 -70.04
N LEU Q 218 11.79 42.97 -69.59
CA LEU Q 218 11.96 43.58 -68.27
C LEU Q 218 11.71 42.59 -67.15
N GLU Q 219 10.78 41.66 -67.34
CA GLU Q 219 10.48 40.72 -66.27
C GLU Q 219 11.62 39.71 -66.09
N GLU Q 220 12.24 39.29 -67.19
CA GLU Q 220 13.45 38.49 -67.09
C GLU Q 220 14.57 39.30 -66.46
N LEU Q 221 14.61 40.61 -66.73
CA LEU Q 221 15.59 41.49 -66.09
C LEU Q 221 15.37 41.54 -64.59
N ALA Q 222 14.12 41.62 -64.15
CA ALA Q 222 13.83 41.75 -62.72
C ALA Q 222 14.27 40.50 -61.96
N THR Q 223 13.99 39.31 -62.51
CA THR Q 223 14.35 38.09 -61.80
C THR Q 223 15.85 37.82 -61.89
N TYR Q 224 16.53 38.37 -62.90
CA TYR Q 224 17.98 38.22 -62.97
C TYR Q 224 18.66 39.01 -61.87
N ILE Q 225 18.19 40.23 -61.61
CA ILE Q 225 18.74 41.03 -60.51
C ILE Q 225 18.48 40.33 -59.18
N ASN Q 226 17.31 39.70 -59.05
CA ASN Q 226 16.98 38.99 -57.81
C ASN Q 226 17.96 37.86 -57.55
N GLY Q 227 18.29 37.08 -58.58
CA GLY Q 227 19.15 35.93 -58.38
C GLY Q 227 20.61 36.28 -58.16
N GLN Q 228 21.05 37.41 -58.70
CA GLN Q 228 22.47 37.78 -58.57
C GLN Q 228 22.80 38.27 -57.17
N THR Q 229 21.94 39.11 -56.59
CA THR Q 229 22.24 39.75 -55.32
C THR Q 229 21.08 39.59 -54.34
N GLU Q 230 21.41 39.60 -53.06
CA GLU Q 230 20.44 39.50 -51.98
C GLU Q 230 20.11 40.86 -51.36
N ASP Q 231 21.01 41.83 -51.48
CA ASP Q 231 20.82 43.13 -50.81
C ASP Q 231 19.58 43.84 -51.34
N VAL Q 232 19.41 43.87 -52.65
CA VAL Q 232 18.27 44.56 -53.26
C VAL Q 232 17.34 43.55 -53.91
N LYS Q 233 16.11 43.98 -54.15
CA LYS Q 233 15.10 43.17 -54.80
C LYS Q 233 14.45 43.97 -55.91
N ALA Q 234 14.26 43.33 -57.06
CA ALA Q 234 13.74 43.99 -58.26
C ALA Q 234 12.36 43.46 -58.59
N SER Q 235 11.49 44.36 -59.06
CA SER Q 235 10.13 44.01 -59.44
C SER Q 235 9.70 44.89 -60.60
N VAL Q 236 8.51 44.62 -61.13
CA VAL Q 236 7.96 45.35 -62.27
C VAL Q 236 6.50 45.66 -61.99
N GLY Q 237 6.10 46.91 -62.24
CA GLY Q 237 4.73 47.35 -62.05
C GLY Q 237 3.87 47.16 -63.28
N GLU Q 238 2.71 47.82 -63.26
CA GLU Q 238 1.78 47.75 -64.39
C GLU Q 238 2.38 48.38 -65.63
N ASP Q 239 2.93 49.58 -65.48
CA ASP Q 239 3.44 50.34 -66.63
C ASP Q 239 4.71 49.75 -67.22
N GLY Q 240 5.31 48.77 -66.55
CA GLY Q 240 6.56 48.19 -67.03
C GLY Q 240 7.76 49.00 -66.59
N LYS Q 241 7.81 49.37 -65.33
CA LYS Q 241 8.92 50.12 -64.77
C LYS Q 241 9.57 49.31 -63.65
N LEU Q 242 10.88 49.12 -63.75
CA LEU Q 242 11.59 48.32 -62.77
C LEU Q 242 11.71 49.09 -61.46
N GLN Q 243 11.42 48.40 -60.35
CA GLN Q 243 11.44 49.01 -59.02
C GLN Q 243 12.36 48.20 -58.11
N LEU Q 244 13.25 48.89 -57.41
CA LEU Q 244 14.23 48.28 -56.53
C LEU Q 244 13.89 48.62 -55.08
N PHE Q 245 14.06 47.65 -54.18
CA PHE Q 245 13.78 47.83 -52.77
C PHE Q 245 14.99 47.40 -51.95
N ALA Q 246 15.60 48.36 -51.25
CA ALA Q 246 16.71 48.10 -50.35
C ALA Q 246 16.24 48.29 -48.92
N SER Q 247 16.27 47.22 -48.14
CA SER Q 247 15.75 47.26 -46.79
C SER Q 247 16.58 48.20 -45.90
N SER Q 248 15.91 48.83 -44.95
CA SER Q 248 16.56 49.79 -44.07
C SER Q 248 17.59 49.14 -43.16
N GLN Q 249 17.42 47.85 -42.83
CA GLN Q 249 18.38 47.15 -41.98
C GLN Q 249 19.53 46.54 -42.76
N LYS Q 250 19.50 46.59 -44.09
CA LYS Q 250 20.59 46.09 -44.91
C LYS Q 250 21.31 47.18 -45.69
N VAL Q 251 20.74 48.37 -45.79
CA VAL Q 251 21.33 49.48 -46.54
C VAL Q 251 21.00 50.79 -45.82
N ASN Q 252 22.03 51.60 -45.55
CA ASN Q 252 21.84 52.94 -45.02
C ASN Q 252 22.24 53.96 -46.08
N GLY Q 253 21.64 55.14 -45.99
CA GLY Q 253 21.91 56.19 -46.94
C GLY Q 253 21.26 55.92 -48.29
N ASP Q 254 21.48 56.85 -49.22
CA ASP Q 254 20.94 56.72 -50.56
C ASP Q 254 21.72 55.67 -51.36
N VAL Q 255 21.04 55.10 -52.35
CA VAL Q 255 21.62 54.12 -53.25
C VAL Q 255 21.87 54.78 -54.59
N THR Q 256 23.09 54.68 -55.09
CA THR Q 256 23.48 55.28 -56.36
C THR Q 256 23.35 54.25 -57.47
N ILE Q 257 22.72 54.65 -58.57
CA ILE Q 257 22.45 53.78 -59.70
C ILE Q 257 23.27 54.28 -60.89
N GLY Q 258 24.09 53.38 -61.46
CA GLY Q 258 24.93 53.75 -62.58
C GLY Q 258 24.92 52.67 -63.64
N GLY Q 259 25.60 52.97 -64.74
CA GLY Q 259 25.72 52.06 -65.86
C GLY Q 259 24.88 52.49 -67.05
N GLY Q 260 25.12 51.82 -68.17
CA GLY Q 260 24.36 52.09 -69.37
C GLY Q 260 22.90 51.73 -69.25
N LEU Q 261 22.61 50.59 -68.60
CA LEU Q 261 21.23 50.20 -68.37
C LEU Q 261 20.56 51.12 -67.35
N GLY Q 262 21.32 51.62 -66.38
CA GLY Q 262 20.77 52.58 -65.43
C GLY Q 262 20.37 53.88 -66.09
N GLY Q 263 21.14 54.32 -67.10
CA GLY Q 263 20.78 55.52 -67.82
C GLY Q 263 19.63 55.31 -68.78
N GLU Q 264 19.55 54.12 -69.37
CA GLU Q 264 18.44 53.81 -70.26
C GLU Q 264 17.13 53.67 -69.50
N ILE Q 265 17.15 52.93 -68.39
CA ILE Q 265 15.94 52.73 -67.61
C ILE Q 265 15.55 54.02 -66.89
N GLY Q 266 16.51 54.69 -66.27
CA GLY Q 266 16.23 55.88 -65.49
C GLY Q 266 15.63 55.54 -64.13
N PHE Q 267 15.99 56.30 -63.10
CA PHE Q 267 15.54 55.99 -61.75
C PHE Q 267 15.14 57.27 -61.03
N ASP Q 268 14.22 57.13 -60.07
CA ASP Q 268 13.68 58.24 -59.31
C ASP Q 268 14.26 58.23 -57.90
N ALA Q 269 13.85 59.22 -57.11
CA ALA Q 269 14.26 59.29 -55.71
C ALA Q 269 13.63 58.16 -54.91
N GLY Q 270 14.37 57.66 -53.92
CA GLY Q 270 13.90 56.55 -53.12
C GLY Q 270 13.09 56.94 -51.91
N ARG Q 271 11.78 56.75 -51.98
CA ARG Q 271 10.91 57.01 -50.84
C ARG Q 271 11.06 55.91 -49.79
N ASN Q 272 10.72 56.25 -48.56
CA ASN Q 272 10.79 55.31 -47.45
C ASN Q 272 9.43 54.62 -47.30
N VAL Q 273 9.42 53.30 -47.42
CA VAL Q 273 8.20 52.50 -47.34
C VAL Q 273 8.33 51.51 -46.21
N THR Q 274 7.25 51.36 -45.44
CA THR Q 274 7.21 50.37 -44.37
C THR Q 274 6.00 49.46 -44.54
N VAL Q 275 5.75 48.59 -43.56
CA VAL Q 275 4.57 47.73 -43.62
C VAL Q 275 3.29 48.55 -43.51
N ALA Q 276 3.33 49.63 -42.71
CA ALA Q 276 2.15 50.47 -42.55
C ALA Q 276 1.80 51.21 -43.83
N ASP Q 277 2.79 51.47 -44.68
CA ASP Q 277 2.58 52.17 -45.94
C ASP Q 277 2.26 51.23 -47.08
N VAL Q 278 2.17 49.92 -46.82
CA VAL Q 278 1.97 48.96 -47.89
C VAL Q 278 0.55 49.03 -48.42
N ASN Q 279 0.37 48.67 -49.69
CA ASN Q 279 -0.93 48.61 -50.32
C ASN Q 279 -0.85 47.67 -51.51
N VAL Q 280 -1.88 46.85 -51.70
CA VAL Q 280 -1.90 45.84 -52.76
C VAL Q 280 -2.96 46.16 -53.81
N SER Q 281 -3.54 47.37 -53.78
CA SER Q 281 -4.53 47.74 -54.77
C SER Q 281 -3.95 47.78 -56.19
N THR Q 282 -2.63 47.84 -56.30
CA THR Q 282 -1.96 47.81 -57.60
C THR Q 282 -0.88 46.72 -57.58
N VAL Q 283 -0.53 46.23 -58.77
CA VAL Q 283 0.44 45.15 -58.84
C VAL Q 283 1.82 45.65 -58.44
N ALA Q 284 2.12 46.93 -58.68
CA ALA Q 284 3.40 47.49 -58.23
C ALA Q 284 3.48 47.51 -56.71
N GLY Q 285 2.37 47.86 -56.05
CA GLY Q 285 2.35 47.85 -54.59
C GLY Q 285 2.48 46.45 -54.02
N SER Q 286 1.91 45.46 -54.69
CA SER Q 286 1.99 44.09 -54.19
C SER Q 286 3.38 43.49 -54.43
N GLN Q 287 4.01 43.84 -55.55
CA GLN Q 287 5.38 43.38 -55.80
C GLN Q 287 6.34 43.97 -54.79
N GLU Q 288 6.20 45.25 -54.46
CA GLU Q 288 6.97 45.82 -53.36
C GLU Q 288 6.57 45.21 -52.03
N ALA Q 289 5.32 44.76 -51.90
CA ALA Q 289 4.84 44.25 -50.63
C ALA Q 289 5.61 43.00 -50.20
N VAL Q 290 5.87 42.09 -51.15
CA VAL Q 290 6.61 40.87 -50.83
C VAL Q 290 8.00 41.22 -50.32
N SER Q 291 8.58 42.30 -50.86
CA SER Q 291 9.90 42.73 -50.41
C SER Q 291 9.83 43.41 -49.05
N ILE Q 292 8.80 44.23 -48.82
CA ILE Q 292 8.73 44.99 -47.57
C ILE Q 292 8.53 44.06 -46.38
N LEU Q 293 7.56 43.15 -46.48
CA LEU Q 293 7.34 42.20 -45.39
C LEU Q 293 8.49 41.21 -45.24
N ASP Q 294 9.29 41.01 -46.30
CA ASP Q 294 10.50 40.21 -46.14
C ASP Q 294 11.49 40.92 -45.22
N GLY Q 295 11.63 42.23 -45.38
CA GLY Q 295 12.48 43.00 -44.48
C GLY Q 295 11.95 43.02 -43.06
N ALA Q 296 10.64 43.19 -42.90
CA ALA Q 296 10.02 43.17 -41.58
C ALA Q 296 10.18 41.80 -40.92
N LEU Q 297 10.01 40.74 -41.71
CA LEU Q 297 10.18 39.39 -41.18
C LEU Q 297 11.62 39.16 -40.70
N LYS Q 298 12.59 39.67 -41.45
CA LYS Q 298 13.97 39.57 -41.03
C LYS Q 298 14.23 40.37 -39.75
N ALA Q 299 13.58 41.53 -39.63
CA ALA Q 299 13.73 42.32 -38.41
C ALA Q 299 13.13 41.61 -37.21
N VAL Q 300 11.94 41.01 -37.38
CA VAL Q 300 11.30 40.29 -36.28
C VAL Q 300 12.12 39.06 -35.90
N ASP Q 301 12.61 38.33 -36.90
CA ASP Q 301 13.44 37.16 -36.63
C ASP Q 301 14.74 37.54 -35.95
N SER Q 302 15.33 38.67 -36.35
CA SER Q 302 16.58 39.12 -35.73
C SER Q 302 16.38 39.43 -34.25
N GLN Q 303 15.29 40.11 -33.92
CA GLN Q 303 15.02 40.43 -32.52
C GLN Q 303 14.66 39.17 -31.74
N ARG Q 304 13.90 38.26 -32.35
CA ARG Q 304 13.56 37.01 -31.67
C ARG Q 304 14.81 36.22 -31.31
N ALA Q 305 15.76 36.12 -32.24
CA ALA Q 305 17.01 35.43 -31.94
C ALA Q 305 17.78 36.15 -30.84
N SER Q 306 17.73 37.48 -30.83
CA SER Q 306 18.39 38.24 -29.77
C SER Q 306 17.75 37.95 -28.41
N LEU Q 307 16.42 37.86 -28.37
CA LEU Q 307 15.74 37.57 -27.11
C LEU Q 307 15.91 36.11 -26.70
N GLY Q 308 15.98 35.20 -27.67
CA GLY Q 308 16.21 33.81 -27.34
C GLY Q 308 17.59 33.56 -26.76
N ALA Q 309 18.61 34.20 -27.33
CA ALA Q 309 19.95 34.12 -26.76
C ALA Q 309 19.99 34.73 -25.36
N PHE Q 310 19.24 35.82 -25.15
CA PHE Q 310 19.16 36.42 -23.83
C PHE Q 310 18.46 35.48 -22.85
N GLN Q 311 17.48 34.71 -23.32
CA GLN Q 311 16.83 33.73 -22.47
C GLN Q 311 17.80 32.62 -22.07
N ASN Q 312 18.57 32.12 -23.02
CA ASN Q 312 19.52 31.05 -22.73
C ASN Q 312 20.63 31.53 -21.80
N ARG Q 313 21.13 32.74 -22.01
CA ARG Q 313 22.14 33.31 -21.11
C ARG Q 313 21.60 33.38 -19.69
N PHE Q 314 20.33 33.77 -19.55
CA PHE Q 314 19.72 33.85 -18.23
C PHE Q 314 19.43 32.47 -17.64
N GLY Q 315 19.22 31.48 -18.50
CA GLY Q 315 19.12 30.11 -18.01
C GLY Q 315 20.42 29.61 -17.43
N HIS Q 316 21.53 29.90 -18.11
CA HIS Q 316 22.84 29.53 -17.58
C HIS Q 316 23.17 30.32 -16.31
N ALA Q 317 22.80 31.61 -16.29
CA ALA Q 317 23.05 32.44 -15.12
C ALA Q 317 22.29 31.92 -13.90
N ILE Q 318 21.05 31.48 -14.09
CA ILE Q 318 20.25 30.97 -12.98
C ILE Q 318 20.91 29.73 -12.40
N SER Q 319 21.36 28.82 -13.26
CA SER Q 319 22.01 27.60 -12.79
C SER Q 319 23.32 27.92 -12.07
N ASN Q 320 24.11 28.86 -12.60
CA ASN Q 320 25.37 29.22 -11.97
C ASN Q 320 25.15 29.87 -10.61
N LEU Q 321 24.14 30.76 -10.52
CA LEU Q 321 23.83 31.37 -9.24
C LEU Q 321 23.32 30.34 -8.24
N ASP Q 322 22.55 29.35 -8.72
CA ASP Q 322 22.07 28.29 -7.85
C ASP Q 322 23.22 27.47 -7.30
N ASN Q 323 24.19 27.13 -8.15
CA ASN Q 323 25.33 26.33 -7.71
C ASN Q 323 26.19 27.10 -6.72
N VAL Q 324 26.43 28.38 -6.99
CA VAL Q 324 27.22 29.20 -6.07
C VAL Q 324 26.49 29.37 -4.74
N ASN Q 325 25.16 29.57 -4.80
CA ASN Q 325 24.38 29.72 -3.58
C ASN Q 325 24.42 28.46 -2.74
N GLU Q 326 24.34 27.30 -3.37
CA GLU Q 326 24.36 26.03 -2.63
C GLU Q 326 25.69 25.82 -1.93
N ASN Q 327 26.80 26.10 -2.61
CA ASN Q 327 28.11 25.89 -2.00
C ASN Q 327 28.40 26.94 -0.93
N VAL Q 328 27.89 28.16 -1.12
CA VAL Q 328 28.03 29.18 -0.09
C VAL Q 328 27.26 28.80 1.17
N ASN Q 329 26.06 28.25 0.99
CA ASN Q 329 25.28 27.79 2.14
C ASN Q 329 26.01 26.68 2.89
N ALA Q 330 26.63 25.75 2.14
CA ALA Q 330 27.41 24.69 2.79
C ALA Q 330 28.59 25.27 3.55
N SER Q 331 29.20 26.34 3.03
CA SER Q 331 30.33 26.96 3.71
C SER Q 331 29.88 27.62 5.01
N ARG Q 332 28.80 28.39 4.97
CA ARG Q 332 28.33 29.07 6.17
C ARG Q 332 27.80 28.08 7.21
N SER Q 333 27.49 26.85 6.81
CA SER Q 333 27.14 25.82 7.77
C SER Q 333 28.35 25.37 8.57
N ARG Q 334 29.51 25.22 7.91
CA ARG Q 334 30.72 24.79 8.59
C ARG Q 334 31.26 25.85 9.54
N ILE Q 335 30.77 27.09 9.43
CA ILE Q 335 31.26 28.20 10.24
C ILE Q 335 30.23 28.62 11.28
N ARG Q 336 28.97 28.78 10.87
CA ARG Q 336 27.91 29.30 11.72
C ARG Q 336 27.02 28.21 12.30
N ASP Q 337 26.61 27.23 11.49
CA ASP Q 337 25.71 26.19 11.98
C ASP Q 337 26.39 25.36 13.06
N THR Q 338 25.62 25.02 14.09
CA THR Q 338 26.15 24.25 15.19
C THR Q 338 26.23 22.77 14.83
N ASP Q 339 27.21 22.08 15.43
CA ASP Q 339 27.34 20.64 15.30
C ASP Q 339 26.71 20.01 16.54
N TYR Q 340 25.57 19.33 16.34
CA TYR Q 340 24.84 18.77 17.46
C TYR Q 340 25.70 17.76 18.23
N ALA Q 341 26.35 16.85 17.51
CA ALA Q 341 27.04 15.73 18.14
C ALA Q 341 28.08 16.21 19.14
N ARG Q 342 28.85 17.23 18.77
CA ARG Q 342 29.84 17.78 19.69
C ARG Q 342 29.20 18.66 20.75
N GLU Q 343 28.08 19.32 20.42
CA GLU Q 343 27.50 20.30 21.34
C GLU Q 343 26.90 19.64 22.58
N THR Q 344 26.03 18.63 22.40
CA THR Q 344 25.38 18.03 23.56
C THR Q 344 26.35 17.15 24.35
N THR Q 345 27.38 16.60 23.69
CA THR Q 345 28.46 15.98 24.45
C THR Q 345 29.15 17.00 25.33
N ALA Q 346 29.26 18.25 24.85
CA ALA Q 346 29.78 19.32 25.69
C ALA Q 346 28.80 19.67 26.81
N MET Q 347 27.49 19.65 26.51
CA MET Q 347 26.51 19.93 27.55
C MET Q 347 26.47 18.82 28.59
N THR Q 348 26.46 17.57 28.15
CA THR Q 348 26.41 16.45 29.09
C THR Q 348 27.65 16.44 29.98
N LYS Q 349 28.81 16.72 29.41
CA LYS Q 349 30.02 16.87 30.22
C LYS Q 349 29.88 17.99 31.24
N ALA Q 350 29.25 19.10 30.82
CA ALA Q 350 29.02 20.20 31.75
C ALA Q 350 27.98 19.82 32.81
N GLN Q 351 27.00 19.01 32.46
CA GLN Q 351 26.00 18.57 33.42
C GLN Q 351 26.62 17.68 34.50
N ILE Q 352 27.51 16.77 34.09
CA ILE Q 352 28.25 15.96 35.05
C ILE Q 352 29.17 16.85 35.86
N LEU Q 353 29.74 17.89 35.24
CA LEU Q 353 30.63 18.79 35.96
C LEU Q 353 29.88 19.56 37.04
N GLN Q 354 28.65 20.01 36.76
CA GLN Q 354 27.89 20.69 37.80
C GLN Q 354 27.55 19.75 38.95
N GLN Q 355 27.22 18.50 38.64
CA GLN Q 355 26.75 17.58 39.66
C GLN Q 355 27.92 17.02 40.47
N ALA Q 356 29.08 16.87 39.84
CA ALA Q 356 30.29 16.55 40.60
C ALA Q 356 30.72 17.72 41.45
N SER Q 357 30.68 18.94 40.90
CA SER Q 357 31.14 20.12 41.63
C SER Q 357 30.28 20.39 42.85
N THR Q 358 28.96 20.25 42.71
CA THR Q 358 28.07 20.51 43.85
C THR Q 358 28.20 19.41 44.90
N SER Q 359 28.61 18.21 44.51
CA SER Q 359 28.85 17.16 45.48
C SER Q 359 30.08 17.45 46.33
N VAL Q 360 31.14 17.96 45.69
CA VAL Q 360 32.31 18.40 46.44
C VAL Q 360 31.97 19.64 47.26
N LEU Q 361 31.13 20.51 46.72
CA LEU Q 361 30.72 21.70 47.46
C LEU Q 361 29.95 21.32 48.73
N ALA Q 362 29.04 20.36 48.63
CA ALA Q 362 28.30 19.90 49.81
C ALA Q 362 29.22 19.29 50.85
N GLN Q 363 30.18 18.48 50.41
CA GLN Q 363 31.13 17.88 51.34
C GLN Q 363 32.11 18.91 51.91
N ALA Q 364 32.32 20.01 51.19
CA ALA Q 364 33.22 21.06 51.66
C ALA Q 364 32.59 21.90 52.76
N LYS Q 365 31.27 22.07 52.73
CA LYS Q 365 30.61 22.88 53.75
C LYS Q 365 30.66 22.23 55.12
N GLN Q 366 30.98 20.95 55.20
CA GLN Q 366 31.05 20.23 56.46
C GLN Q 366 32.41 20.32 57.13
N SER Q 367 33.40 20.92 56.47
CA SER Q 367 34.70 21.12 57.12
C SER Q 367 34.60 22.01 58.36
N PRO Q 368 33.92 23.16 58.34
CA PRO Q 368 33.73 23.89 59.61
C PRO Q 368 32.94 23.10 60.64
N SER Q 369 32.08 22.17 60.20
CA SER Q 369 31.40 21.30 61.16
C SER Q 369 32.39 20.42 61.90
N ALA Q 370 33.45 19.98 61.21
CA ALA Q 370 34.50 19.23 61.89
C ALA Q 370 35.20 20.08 62.94
N ALA Q 371 35.27 21.39 62.71
CA ALA Q 371 35.96 22.27 63.65
C ALA Q 371 35.28 22.31 65.01
N LEU Q 372 33.95 22.44 65.02
CA LEU Q 372 33.24 22.53 66.29
C LEU Q 372 33.09 21.17 66.95
N SER Q 373 33.07 20.10 66.16
CA SER Q 373 32.93 18.76 66.71
C SER Q 373 34.24 18.22 67.28
N LEU Q 374 35.38 18.59 66.72
CA LEU Q 374 36.65 18.00 67.15
C LEU Q 374 37.00 18.42 68.57
N LEU Q 375 36.94 19.73 68.86
CA LEU Q 375 37.26 20.22 70.19
C LEU Q 375 36.38 21.35 70.67
N GLY Q 376 35.36 21.75 69.92
CA GLY Q 376 34.51 22.87 70.31
C GLY Q 376 33.56 22.55 71.44
N MET R 1 42.49 -10.27 58.50
CA MET R 1 42.78 -9.03 57.80
C MET R 1 42.69 -7.89 58.81
N ALA R 2 43.84 -7.33 59.16
CA ALA R 2 43.88 -6.21 60.07
C ALA R 2 43.19 -5.02 59.42
N ILE R 3 42.11 -4.54 60.04
CA ILE R 3 41.26 -3.54 59.40
C ILE R 3 42.01 -2.21 59.38
N ASN R 4 42.42 -1.79 58.19
CA ASN R 4 43.34 -0.68 58.00
C ASN R 4 42.60 0.56 57.52
N VAL R 5 43.34 1.66 57.38
CA VAL R 5 42.79 2.92 56.90
C VAL R 5 43.57 3.41 55.69
N ASN R 6 44.90 3.41 55.78
CA ASN R 6 45.74 3.98 54.73
C ASN R 6 45.72 3.14 53.46
N THR R 7 45.52 1.84 53.56
CA THR R 7 45.53 0.94 52.41
C THR R 7 44.16 0.32 52.23
N ASN R 8 43.70 0.29 50.98
CA ASN R 8 42.38 -0.18 50.61
C ASN R 8 42.48 -1.13 49.42
N VAL R 9 43.33 -2.15 49.56
CA VAL R 9 43.63 -3.06 48.45
C VAL R 9 42.37 -3.69 47.85
N SER R 10 41.29 -3.78 48.63
CA SER R 10 40.03 -4.26 48.08
C SER R 10 39.49 -3.30 47.03
N ALA R 11 39.60 -2.00 47.28
CA ALA R 11 39.17 -1.00 46.31
C ALA R 11 40.14 -0.92 45.13
N MET R 12 41.43 -1.16 45.37
CA MET R 12 42.38 -1.21 44.26
C MET R 12 42.01 -2.32 43.28
N THR R 13 41.63 -3.48 43.81
CA THR R 13 41.13 -4.56 42.96
C THR R 13 39.86 -4.13 42.23
N ALA R 14 38.96 -3.44 42.93
CA ALA R 14 37.71 -3.02 42.32
C ALA R 14 37.96 -2.07 41.15
N GLN R 15 38.87 -1.10 41.31
CA GLN R 15 39.15 -0.17 40.22
C GLN R 15 40.06 -0.77 39.17
N ARG R 16 40.78 -1.84 39.51
CA ARG R 16 41.60 -2.52 38.50
C ARG R 16 40.71 -3.25 37.50
N TYR R 17 39.74 -4.02 37.99
CA TYR R 17 38.80 -4.68 37.10
C TYR R 17 37.78 -3.69 36.53
N LEU R 18 37.61 -2.55 37.18
CA LEU R 18 36.86 -1.45 36.57
C LEU R 18 37.62 -0.90 35.37
N ASN R 19 38.95 -0.81 35.48
CA ASN R 19 39.76 -0.37 34.36
C ASN R 19 39.67 -1.35 33.19
N GLY R 20 39.71 -2.65 33.50
CA GLY R 20 39.58 -3.64 32.43
C GLY R 20 38.22 -3.62 31.79
N ALA R 21 37.16 -3.39 32.58
CA ALA R 21 35.81 -3.33 32.03
C ALA R 21 35.61 -2.06 31.21
N ALA R 22 36.10 -0.93 31.72
CA ALA R 22 35.95 0.33 30.99
C ALA R 22 36.71 0.28 29.66
N ASP R 23 37.93 -0.26 29.67
CA ASP R 23 38.65 -0.46 28.41
C ASP R 23 37.93 -1.45 27.52
N GLY R 24 37.42 -2.54 28.10
CA GLY R 24 36.81 -3.58 27.29
C GLY R 24 35.63 -3.09 26.46
N MET R 25 34.80 -2.21 27.05
CA MET R 25 33.69 -1.66 26.29
C MET R 25 34.17 -0.60 25.30
N GLN R 26 35.31 0.03 25.56
CA GLN R 26 35.83 1.03 24.63
C GLN R 26 36.20 0.39 23.30
N LYS R 27 36.81 -0.79 23.34
CA LYS R 27 37.12 -1.50 22.10
C LYS R 27 35.85 -1.88 21.34
N SER R 28 34.85 -2.41 22.05
CA SER R 28 33.61 -2.80 21.41
C SER R 28 32.86 -1.59 20.87
N MET R 29 32.82 -0.50 21.65
CA MET R 29 32.08 0.68 21.24
C MET R 29 32.76 1.39 20.07
N GLU R 30 34.09 1.31 20.00
CA GLU R 30 34.79 1.79 18.81
C GLU R 30 34.52 0.87 17.62
N ARG R 31 34.50 -0.44 17.85
CA ARG R 31 34.33 -1.39 16.76
C ARG R 31 32.96 -1.24 16.09
N LEU R 32 31.97 -0.76 16.84
CA LEU R 32 30.61 -0.77 16.32
C LEU R 32 30.29 0.52 15.57
N SER R 33 30.96 1.62 15.94
CA SER R 33 30.82 2.85 15.17
C SER R 33 31.37 2.68 13.76
N SER R 34 32.60 2.15 13.66
CA SER R 34 33.23 1.95 12.36
C SER R 34 32.66 0.74 11.63
N GLY R 35 32.33 -0.32 12.37
CA GLY R 35 31.91 -1.56 11.76
C GLY R 35 33.04 -2.52 11.44
N TYR R 36 34.23 -2.33 12.03
CA TYR R 36 35.39 -3.15 11.74
C TYR R 36 35.91 -3.80 13.02
N LYS R 37 36.25 -5.08 12.93
CA LYS R 37 36.97 -5.73 14.03
C LYS R 37 38.36 -5.12 14.18
N ILE R 38 39.11 -5.04 13.08
CA ILE R 38 40.49 -4.55 13.11
C ILE R 38 40.43 -3.06 12.74
N ASN R 39 40.26 -2.21 13.75
CA ASN R 39 40.36 -0.77 13.55
C ASN R 39 41.80 -0.28 13.60
N SER R 40 42.73 -1.12 14.01
CA SER R 40 44.15 -0.78 14.07
C SER R 40 44.94 -2.06 14.21
N ALA R 41 46.26 -1.94 14.15
CA ALA R 41 47.14 -3.10 14.22
C ALA R 41 47.07 -3.82 15.57
N ARG R 42 46.46 -3.19 16.58
CA ARG R 42 46.36 -3.81 17.90
C ARG R 42 45.59 -5.13 17.84
N ASP R 43 44.44 -5.14 17.17
CA ASP R 43 43.51 -6.25 17.31
C ASP R 43 44.03 -7.50 16.62
N ASP R 44 44.20 -7.42 15.29
CA ASP R 44 44.78 -8.52 14.51
C ASP R 44 45.99 -7.96 13.76
N ALA R 45 47.19 -8.40 14.15
CA ALA R 45 48.42 -7.91 13.54
C ALA R 45 48.48 -8.28 12.06
N ALA R 46 48.64 -9.58 11.77
CA ALA R 46 48.61 -10.02 10.38
C ALA R 46 47.23 -9.87 9.76
N GLY R 47 46.17 -9.99 10.55
CA GLY R 47 44.84 -9.78 10.03
C GLY R 47 44.67 -8.39 9.42
N LEU R 48 45.38 -7.40 9.96
CA LEU R 48 45.39 -6.08 9.35
C LEU R 48 46.05 -6.10 7.97
N GLN R 49 47.18 -6.80 7.85
CA GLN R 49 47.89 -6.83 6.58
C GLN R 49 47.08 -7.54 5.49
N ILE R 50 46.57 -8.73 5.80
CA ILE R 50 45.85 -9.48 4.78
C ILE R 50 44.54 -8.80 4.42
N SER R 51 43.86 -8.19 5.41
CA SER R 51 42.65 -7.42 5.08
C SER R 51 42.99 -6.22 4.22
N ASN R 52 44.08 -5.52 4.54
CA ASN R 52 44.51 -4.40 3.72
C ASN R 52 44.90 -4.86 2.32
N ARG R 53 45.58 -6.00 2.22
CA ARG R 53 45.94 -6.55 0.92
C ARG R 53 44.68 -6.94 0.14
N LEU R 54 43.69 -7.53 0.83
CA LEU R 54 42.43 -7.84 0.16
C LEU R 54 41.69 -6.57 -0.22
N THR R 55 41.81 -5.51 0.59
CA THR R 55 41.20 -4.24 0.24
C THR R 55 41.84 -3.65 -1.02
N SER R 56 43.17 -3.67 -1.09
CA SER R 56 43.86 -3.16 -2.27
C SER R 56 43.51 -4.00 -3.49
N GLN R 57 43.34 -5.31 -3.31
CA GLN R 57 42.91 -6.15 -4.41
C GLN R 57 41.47 -5.84 -4.81
N SER R 58 40.61 -5.56 -3.82
CA SER R 58 39.22 -5.22 -4.14
C SER R 58 39.13 -3.92 -4.94
N ARG R 59 39.91 -2.90 -4.55
CA ARG R 59 39.93 -1.66 -5.32
C ARG R 59 40.55 -1.90 -6.69
N GLY R 60 41.51 -2.82 -6.79
CA GLY R 60 42.08 -3.16 -8.07
C GLY R 60 41.11 -3.89 -8.99
N LEU R 61 40.27 -4.76 -8.42
CA LEU R 61 39.44 -5.62 -9.26
C LEU R 61 38.33 -4.85 -9.96
N ASP R 62 37.61 -4.00 -9.22
CA ASP R 62 36.56 -3.21 -9.87
C ASP R 62 37.15 -2.15 -10.77
N MET R 63 38.35 -1.65 -10.44
CA MET R 63 39.08 -0.78 -11.36
C MET R 63 39.39 -1.52 -12.65
N ALA R 64 39.85 -2.77 -12.55
CA ALA R 64 40.12 -3.57 -13.74
C ALA R 64 38.83 -3.81 -14.52
N VAL R 65 37.70 -3.90 -13.82
CA VAL R 65 36.41 -4.02 -14.50
C VAL R 65 36.11 -2.74 -15.29
N LYS R 66 36.39 -1.59 -14.68
CA LYS R 66 36.20 -0.32 -15.39
C LYS R 66 37.12 -0.21 -16.59
N ASN R 67 38.38 -0.65 -16.42
CA ASN R 67 39.33 -0.63 -17.54
C ASN R 67 38.89 -1.55 -18.67
N ALA R 68 38.41 -2.75 -18.33
CA ALA R 68 37.99 -3.69 -19.36
C ALA R 68 36.75 -3.19 -20.09
N ASN R 69 35.86 -2.48 -19.38
CA ASN R 69 34.72 -1.87 -20.03
C ASN R 69 35.15 -0.79 -21.02
N ASP R 70 36.20 -0.03 -20.66
CA ASP R 70 36.74 0.96 -21.59
C ASP R 70 37.31 0.29 -22.83
N GLY R 71 38.01 -0.83 -22.65
CA GLY R 71 38.50 -1.57 -23.81
C GLY R 71 37.36 -2.14 -24.64
N ILE R 72 36.27 -2.53 -23.99
CA ILE R 72 35.08 -2.98 -24.71
C ILE R 72 34.51 -1.83 -25.55
N SER R 73 34.46 -0.63 -24.97
CA SER R 73 33.89 0.51 -25.68
C SER R 73 34.75 0.90 -26.89
N ILE R 74 36.08 0.87 -26.74
CA ILE R 74 36.96 1.24 -27.84
C ILE R 74 36.80 0.25 -28.99
N ALA R 75 36.76 -1.05 -28.67
CA ALA R 75 36.52 -2.05 -29.70
C ALA R 75 35.14 -1.89 -30.33
N GLN R 76 34.14 -1.57 -29.51
CA GLN R 76 32.78 -1.39 -30.03
C GLN R 76 32.70 -0.22 -30.99
N THR R 77 33.31 0.92 -30.63
CA THR R 77 33.23 2.11 -31.47
C THR R 77 33.93 1.88 -32.81
N ALA R 78 35.11 1.26 -32.78
CA ALA R 78 35.83 0.99 -34.02
C ALA R 78 35.10 -0.03 -34.88
N GLU R 79 34.40 -0.98 -34.24
CA GLU R 79 33.61 -1.95 -34.99
C GLU R 79 32.39 -1.30 -35.62
N GLY R 80 31.79 -0.33 -34.94
CA GLY R 80 30.65 0.36 -35.52
C GLY R 80 31.01 1.16 -36.76
N ALA R 81 32.13 1.88 -36.71
CA ALA R 81 32.62 2.56 -37.90
C ALA R 81 33.03 1.56 -38.97
N MET R 82 33.51 0.39 -38.57
CA MET R 82 33.81 -0.67 -39.52
C MET R 82 32.58 -1.11 -40.29
N ASN R 83 31.40 -1.04 -39.66
CA ASN R 83 30.19 -1.56 -40.29
C ASN R 83 29.86 -0.79 -41.56
N GLU R 84 29.99 0.53 -41.54
CA GLU R 84 29.74 1.30 -42.75
C GLU R 84 30.90 1.20 -43.74
N THR R 85 32.10 0.88 -43.26
CA THR R 85 33.18 0.58 -44.19
C THR R 85 32.87 -0.68 -44.99
N THR R 86 32.31 -1.69 -44.33
CA THR R 86 31.89 -2.91 -45.04
C THR R 86 30.78 -2.62 -46.02
N ASN R 87 29.78 -1.82 -45.61
CA ASN R 87 28.64 -1.55 -46.48
C ASN R 87 29.05 -0.71 -47.68
N ILE R 88 29.97 0.24 -47.48
CA ILE R 88 30.46 1.04 -48.61
C ILE R 88 31.17 0.16 -49.63
N LEU R 89 32.05 -0.73 -49.15
CA LEU R 89 32.80 -1.58 -50.07
C LEU R 89 31.88 -2.49 -50.87
N GLN R 90 30.81 -3.00 -50.24
CA GLN R 90 29.84 -3.80 -50.98
C GLN R 90 29.15 -2.98 -52.05
N ARG R 91 28.90 -1.69 -51.78
CA ARG R 91 28.25 -0.84 -52.77
C ARG R 91 29.14 -0.62 -54.00
N MET R 92 30.41 -0.25 -53.78
CA MET R 92 31.31 -0.06 -54.92
C MET R 92 31.59 -1.37 -55.63
N ARG R 93 31.44 -2.51 -54.94
CA ARG R 93 31.53 -3.80 -55.62
C ARG R 93 30.35 -4.00 -56.57
N ASP R 94 29.16 -3.61 -56.12
CA ASP R 94 27.98 -3.67 -56.99
C ASP R 94 28.14 -2.76 -58.20
N LEU R 95 28.66 -1.55 -57.99
CA LEU R 95 28.89 -0.63 -59.10
C LEU R 95 29.98 -1.17 -60.03
N ALA R 96 31.02 -1.78 -59.47
CA ALA R 96 32.10 -2.31 -60.29
C ALA R 96 31.59 -3.41 -61.22
N LEU R 97 30.73 -4.30 -60.71
CA LEU R 97 30.13 -5.32 -61.57
C LEU R 97 29.26 -4.69 -62.64
N GLN R 98 28.60 -3.57 -62.30
CA GLN R 98 27.75 -2.88 -63.26
C GLN R 98 28.55 -2.36 -64.45
N SER R 99 29.71 -1.77 -64.18
CA SER R 99 30.50 -1.16 -65.24
C SER R 99 31.14 -2.20 -66.16
N SER R 100 31.25 -3.46 -65.72
CA SER R 100 31.90 -4.47 -66.54
C SER R 100 31.06 -4.86 -67.75
N ASN R 101 29.75 -4.58 -67.73
CA ASN R 101 28.90 -4.88 -68.87
C ASN R 101 29.30 -4.02 -70.07
N GLY R 102 29.31 -4.63 -71.24
CA GLY R 102 29.58 -3.90 -72.47
C GLY R 102 28.44 -3.02 -72.94
N SER R 103 27.26 -3.18 -72.35
CA SER R 103 26.13 -2.30 -72.67
C SER R 103 26.42 -0.86 -72.26
N ASN R 104 27.07 -0.67 -71.11
CA ASN R 104 27.44 0.66 -70.66
C ASN R 104 28.52 1.22 -71.57
N SER R 105 28.19 2.29 -72.28
CA SER R 105 29.18 3.00 -73.09
C SER R 105 30.08 3.79 -72.15
N SER R 106 30.98 4.60 -72.74
CA SER R 106 31.95 5.34 -71.94
C SER R 106 31.27 6.32 -70.99
N SER R 107 30.18 6.96 -71.45
CA SER R 107 29.57 8.05 -70.68
C SER R 107 29.06 7.55 -69.34
N GLU R 108 28.37 6.40 -69.32
CA GLU R 108 27.84 5.89 -68.05
C GLU R 108 28.94 5.30 -67.18
N ARG R 109 30.05 4.88 -67.78
CA ARG R 109 31.18 4.41 -66.98
C ARG R 109 31.75 5.53 -66.12
N ARG R 110 31.87 6.74 -66.68
CA ARG R 110 32.27 7.88 -65.87
C ARG R 110 31.20 8.25 -64.85
N ALA R 111 29.93 8.07 -65.19
CA ALA R 111 28.86 8.33 -64.24
C ALA R 111 28.97 7.41 -63.03
N ILE R 112 29.25 6.12 -63.25
CA ILE R 112 29.48 5.20 -62.15
C ILE R 112 30.78 5.54 -61.43
N GLN R 113 31.79 5.96 -62.19
CA GLN R 113 33.08 6.33 -61.60
C GLN R 113 32.95 7.53 -60.66
N GLU R 114 32.05 8.45 -60.97
CA GLU R 114 31.81 9.59 -60.10
C GLU R 114 31.29 9.13 -58.74
N GLU R 115 30.41 8.14 -58.73
CA GLU R 115 29.90 7.59 -57.48
C GLU R 115 30.98 6.77 -56.76
N VAL R 116 31.76 6.00 -57.51
CA VAL R 116 32.81 5.18 -56.92
C VAL R 116 33.86 6.07 -56.26
N SER R 117 34.28 7.13 -56.96
CA SER R 117 35.25 8.06 -56.38
C SER R 117 34.68 8.78 -55.15
N ALA R 118 33.38 9.10 -55.20
CA ALA R 118 32.74 9.74 -54.05
C ALA R 118 32.71 8.80 -52.85
N LEU R 119 32.44 7.51 -53.08
CA LEU R 119 32.41 6.56 -51.99
C LEU R 119 33.82 6.26 -51.46
N ASN R 120 34.81 6.24 -52.35
CA ASN R 120 36.19 6.02 -51.93
C ASN R 120 36.67 7.14 -51.02
N ASP R 121 36.30 8.39 -51.33
CA ASP R 121 36.64 9.50 -50.46
C ASP R 121 35.92 9.38 -49.11
N GLU R 122 34.78 8.69 -49.10
CA GLU R 122 34.09 8.45 -47.83
C GLU R 122 34.82 7.39 -47.02
N LEU R 123 35.46 6.43 -47.68
CA LEU R 123 36.27 5.45 -46.98
C LEU R 123 37.44 6.11 -46.26
N ASN R 124 38.11 7.04 -46.93
CA ASN R 124 39.19 7.78 -46.28
C ASN R 124 38.65 8.68 -45.18
N ARG R 125 37.48 9.27 -45.39
CA ARG R 125 36.89 10.12 -44.36
C ARG R 125 36.56 9.31 -43.11
N ILE R 126 36.00 8.11 -43.28
CA ILE R 126 35.69 7.27 -42.14
C ILE R 126 36.96 6.90 -41.38
N ALA R 127 38.00 6.48 -42.11
CA ALA R 127 39.24 6.08 -41.45
C ALA R 127 39.89 7.25 -40.72
N GLU R 128 39.82 8.46 -41.30
CA GLU R 128 40.54 9.60 -40.76
C GLU R 128 39.76 10.39 -39.71
N THR R 129 38.46 10.13 -39.54
CA THR R 129 37.68 10.91 -38.60
C THR R 129 37.10 10.12 -37.44
N THR R 130 37.01 8.80 -37.54
CA THR R 130 36.58 8.01 -36.39
C THR R 130 37.55 8.19 -35.23
N SER R 131 37.00 8.50 -34.06
CA SER R 131 37.81 8.73 -32.88
C SER R 131 37.00 8.38 -31.65
N PHE R 132 37.71 8.11 -30.55
CA PHE R 132 37.11 7.78 -29.27
C PHE R 132 37.57 8.82 -28.26
N GLY R 133 36.77 9.86 -28.07
CA GLY R 133 37.18 10.96 -27.21
C GLY R 133 38.43 11.66 -27.70
N GLY R 134 38.47 11.99 -28.99
CA GLY R 134 39.61 12.65 -29.59
C GLY R 134 40.78 11.75 -29.90
N ASN R 135 40.68 10.46 -29.63
CA ASN R 135 41.74 9.50 -29.89
C ASN R 135 41.39 8.73 -31.17
N LYS R 136 42.08 9.05 -32.25
CA LYS R 136 41.77 8.43 -33.54
C LYS R 136 42.09 6.93 -33.51
N LEU R 137 41.28 6.16 -34.24
CA LEU R 137 41.34 4.71 -34.18
C LEU R 137 41.73 4.06 -35.50
N LEU R 138 41.05 4.39 -36.59
CA LEU R 138 41.09 3.60 -37.81
C LEU R 138 42.06 4.11 -38.86
N ASN R 139 42.84 5.15 -38.58
CA ASN R 139 43.80 5.66 -39.55
C ASN R 139 45.20 5.07 -39.37
N GLY R 140 45.36 4.13 -38.45
CA GLY R 140 46.64 3.47 -38.24
C GLY R 140 47.53 4.09 -37.20
N SER R 141 47.12 5.20 -36.58
CA SER R 141 47.92 5.81 -35.52
C SER R 141 47.68 5.17 -34.16
N PHE R 142 46.65 4.33 -34.03
CA PHE R 142 46.40 3.64 -32.77
C PHE R 142 47.52 2.66 -32.45
N GLY R 143 47.98 1.91 -33.45
CA GLY R 143 49.01 0.91 -33.20
C GLY R 143 48.52 -0.16 -32.26
N SER R 144 49.39 -0.57 -31.35
CA SER R 144 49.07 -1.56 -30.32
C SER R 144 49.09 -0.89 -28.96
N LYS R 145 47.98 -1.00 -28.23
CA LYS R 145 47.85 -0.43 -26.90
C LYS R 145 47.39 -1.50 -25.93
N SER R 146 47.97 -1.50 -24.73
CA SER R 146 47.71 -2.50 -23.72
C SER R 146 46.63 -2.02 -22.77
N PHE R 147 45.64 -2.87 -22.51
CA PHE R 147 44.54 -2.57 -21.60
C PHE R 147 44.74 -3.39 -20.32
N GLN R 148 45.06 -2.70 -19.24
CA GLN R 148 45.33 -3.35 -17.95
C GLN R 148 44.01 -3.80 -17.33
N ILE R 149 43.85 -5.11 -17.18
CA ILE R 149 42.60 -5.66 -16.67
C ILE R 149 42.86 -6.57 -15.47
N GLY R 150 43.93 -6.31 -14.74
CA GLY R 150 44.24 -7.09 -13.56
C GLY R 150 44.26 -6.27 -12.29
N ALA R 151 44.30 -6.94 -11.14
CA ALA R 151 44.41 -6.26 -9.86
C ALA R 151 45.87 -5.99 -9.48
N ASP R 152 46.82 -6.36 -10.33
CA ASP R 152 48.23 -6.19 -10.06
C ASP R 152 48.88 -5.68 -11.34
N SER R 153 50.12 -5.22 -11.24
CA SER R 153 50.83 -4.70 -12.41
C SER R 153 51.15 -5.82 -13.40
N GLY R 154 51.24 -5.45 -14.67
CA GLY R 154 51.67 -6.38 -15.70
C GLY R 154 50.63 -7.39 -16.15
N GLU R 155 49.35 -7.13 -15.92
CA GLU R 155 48.27 -8.01 -16.33
C GLU R 155 47.48 -7.44 -17.51
N ALA R 156 48.14 -6.69 -18.39
CA ALA R 156 47.49 -6.02 -19.49
C ALA R 156 47.28 -6.99 -20.66
N VAL R 157 46.48 -6.54 -21.64
CA VAL R 157 46.18 -7.30 -22.84
C VAL R 157 46.35 -6.37 -24.05
N MET R 158 47.13 -6.82 -25.03
CA MET R 158 47.43 -6.01 -26.20
C MET R 158 46.29 -6.07 -27.20
N LEU R 159 45.89 -4.91 -27.70
CA LEU R 159 44.90 -4.81 -28.77
C LEU R 159 45.49 -3.97 -29.90
N SER R 160 45.46 -4.51 -31.11
CA SER R 160 46.00 -3.85 -32.29
C SER R 160 44.88 -3.53 -33.26
N MET R 161 45.01 -2.38 -33.94
CA MET R 161 44.03 -1.93 -34.92
C MET R 161 44.78 -1.56 -36.19
N GLY R 162 44.63 -2.39 -37.23
CA GLY R 162 45.32 -2.13 -38.48
C GLY R 162 44.79 -0.88 -39.17
N SER R 163 45.65 -0.31 -40.01
CA SER R 163 45.26 0.87 -40.78
C SER R 163 44.11 0.53 -41.71
N MET R 164 43.19 1.48 -41.87
CA MET R 164 41.94 1.21 -42.57
C MET R 164 41.67 2.24 -43.67
N ARG R 165 42.62 3.12 -43.94
CA ARG R 165 42.52 4.00 -45.09
C ARG R 165 42.47 3.16 -46.37
N SER R 166 41.77 3.70 -47.38
CA SER R 166 41.61 2.96 -48.63
C SER R 166 42.92 2.77 -49.37
N ASP R 167 43.97 3.51 -49.00
CA ASP R 167 45.28 3.37 -49.61
C ASP R 167 46.17 2.36 -48.89
N THR R 168 45.65 1.68 -47.87
CA THR R 168 46.42 0.68 -47.15
C THR R 168 46.77 -0.48 -48.07
N GLN R 169 47.97 -1.04 -47.89
CA GLN R 169 48.43 -2.14 -48.73
C GLN R 169 47.50 -3.35 -48.61
N ALA R 170 47.04 -3.65 -47.39
CA ALA R 170 46.18 -4.80 -47.16
C ALA R 170 44.81 -4.65 -47.81
N MET R 171 44.43 -3.44 -48.25
CA MET R 171 43.16 -3.20 -48.90
C MET R 171 43.19 -3.53 -50.39
N GLY R 172 44.20 -4.29 -50.84
CA GLY R 172 44.29 -4.64 -52.24
C GLY R 172 45.27 -5.78 -52.48
N GLY R 173 46.05 -5.69 -53.54
CA GLY R 173 47.04 -6.70 -53.84
C GLY R 173 47.87 -6.37 -55.06
N LYS R 174 48.31 -7.41 -55.78
CA LYS R 174 49.10 -7.25 -57.00
C LYS R 174 48.21 -7.53 -58.21
N SER R 175 48.49 -6.83 -59.31
CA SER R 175 47.74 -6.97 -60.54
C SER R 175 48.70 -7.20 -61.70
N TYR R 176 48.51 -8.30 -62.41
CA TYR R 176 49.32 -8.65 -63.56
C TYR R 176 48.42 -8.65 -64.80
N ARG R 177 48.96 -8.17 -65.92
CA ARG R 177 48.19 -8.07 -67.16
C ARG R 177 48.98 -8.69 -68.30
N ALA R 178 48.25 -9.36 -69.19
CA ALA R 178 48.87 -10.01 -70.33
C ALA R 178 49.44 -8.99 -71.31
N GLN R 179 50.48 -9.40 -72.04
CA GLN R 179 51.10 -8.55 -73.05
C GLN R 179 50.53 -8.77 -74.45
N GLU R 180 49.63 -9.75 -74.61
CA GLU R 180 49.08 -10.07 -75.92
C GLU R 180 47.57 -10.13 -75.83
N GLY R 181 46.90 -9.46 -76.77
CA GLY R 181 45.45 -9.50 -76.83
C GLY R 181 44.95 -10.62 -77.72
N LYS R 182 43.83 -11.22 -77.32
CA LYS R 182 43.24 -12.34 -78.03
C LYS R 182 41.87 -11.93 -78.58
N ALA R 183 41.66 -12.17 -79.86
CA ALA R 183 40.43 -11.78 -80.54
C ALA R 183 39.30 -12.74 -80.17
N ALA R 184 38.15 -12.57 -80.82
CA ALA R 184 36.98 -13.38 -80.52
C ALA R 184 37.05 -14.78 -81.11
N ASP R 185 38.01 -15.06 -81.99
CA ASP R 185 38.12 -16.36 -82.65
C ASP R 185 39.33 -17.16 -82.18
N TRP R 186 39.88 -16.83 -81.01
CA TRP R 186 41.06 -17.52 -80.50
C TRP R 186 40.62 -18.67 -79.58
N ARG R 187 41.14 -19.86 -79.84
CA ARG R 187 40.88 -21.02 -79.02
C ARG R 187 42.22 -21.61 -78.56
N VAL R 188 42.21 -22.18 -77.34
CA VAL R 188 43.44 -22.74 -76.79
C VAL R 188 43.92 -23.88 -77.65
N GLY R 189 45.19 -23.85 -78.04
CA GLY R 189 45.78 -24.84 -78.90
C GLY R 189 46.36 -26.01 -78.14
N ALA R 190 47.39 -26.63 -78.73
CA ALA R 190 48.03 -27.80 -78.14
C ALA R 190 48.73 -27.49 -76.82
N ALA R 191 48.98 -26.22 -76.51
CA ALA R 191 49.62 -25.82 -75.26
C ALA R 191 48.54 -25.24 -74.35
N THR R 192 48.18 -25.99 -73.30
CA THR R 192 47.11 -25.59 -72.40
C THR R 192 47.55 -25.39 -70.95
N ASP R 193 48.69 -25.95 -70.54
CA ASP R 193 49.10 -25.86 -69.15
C ASP R 193 49.50 -24.44 -68.78
N LEU R 194 49.29 -24.11 -67.51
CA LEU R 194 49.60 -22.78 -66.99
C LEU R 194 49.92 -22.93 -65.51
N THR R 195 51.20 -22.79 -65.16
CA THR R 195 51.68 -23.01 -63.81
C THR R 195 51.91 -21.68 -63.12
N LEU R 196 51.24 -21.46 -62.00
CA LEU R 196 51.42 -20.26 -61.18
C LEU R 196 52.12 -20.68 -59.89
N SER R 197 53.43 -20.44 -59.83
CA SER R 197 54.25 -20.76 -58.67
C SER R 197 54.57 -19.48 -57.91
N TYR R 198 54.18 -19.45 -56.64
CA TYR R 198 54.36 -18.25 -55.82
C TYR R 198 54.49 -18.70 -54.37
N THR R 199 54.38 -17.74 -53.44
CA THR R 199 54.41 -18.02 -52.01
C THR R 199 53.17 -17.43 -51.36
N ASN R 200 52.47 -18.26 -50.59
CA ASN R 200 51.28 -17.79 -49.88
C ASN R 200 51.68 -16.83 -48.77
N LYS R 201 50.70 -16.04 -48.32
CA LYS R 201 50.94 -15.08 -47.24
C LYS R 201 51.40 -15.76 -45.96
N GLN R 202 51.05 -17.03 -45.77
CA GLN R 202 51.49 -17.78 -44.60
C GLN R 202 52.98 -18.07 -44.60
N GLY R 203 53.67 -17.85 -45.73
CA GLY R 203 55.10 -18.08 -45.83
C GLY R 203 55.50 -19.35 -46.55
N GLU R 204 54.57 -20.27 -46.78
CA GLU R 204 54.89 -21.52 -47.46
C GLU R 204 54.75 -21.35 -48.97
N ALA R 205 55.61 -22.04 -49.72
CA ALA R 205 55.52 -22.02 -51.17
C ALA R 205 54.30 -22.80 -51.62
N ARG R 206 53.67 -22.32 -52.70
CA ARG R 206 52.46 -22.95 -53.23
C ARG R 206 52.54 -22.96 -54.75
N GLU R 207 52.33 -24.14 -55.33
CA GLU R 207 52.35 -24.32 -56.78
C GLU R 207 50.97 -24.75 -57.26
N VAL R 208 50.45 -24.04 -58.25
CA VAL R 208 49.15 -24.33 -58.84
C VAL R 208 49.33 -24.54 -60.33
N THR R 209 48.67 -25.57 -60.87
CA THR R 209 48.79 -25.91 -62.28
C THR R 209 47.38 -26.01 -62.87
N ILE R 210 46.98 -24.98 -63.60
CA ILE R 210 45.72 -24.98 -64.33
C ILE R 210 45.97 -25.58 -65.71
N ASN R 211 45.28 -26.67 -66.02
CA ASN R 211 45.36 -27.29 -67.34
C ASN R 211 44.12 -26.86 -68.11
N ALA R 212 44.29 -25.88 -68.99
CA ALA R 212 43.17 -25.33 -69.75
C ALA R 212 42.60 -26.39 -70.69
N LYS R 213 41.40 -26.12 -71.18
CA LYS R 213 40.68 -27.06 -72.05
C LYS R 213 40.76 -26.58 -73.50
N GLN R 214 40.91 -27.53 -74.41
CA GLN R 214 41.04 -27.20 -75.82
C GLN R 214 39.74 -26.59 -76.35
N GLY R 215 39.88 -25.57 -77.19
CA GLY R 215 38.74 -24.92 -77.81
C GLY R 215 38.15 -23.78 -77.02
N ASP R 216 38.56 -23.59 -75.77
CA ASP R 216 38.04 -22.48 -74.96
C ASP R 216 38.53 -21.15 -75.50
N ASP R 217 37.66 -20.15 -75.46
CA ASP R 217 38.05 -18.79 -75.80
C ASP R 217 38.63 -18.12 -74.55
N LEU R 218 38.86 -16.80 -74.62
CA LEU R 218 39.55 -16.13 -73.53
C LEU R 218 38.63 -15.98 -72.32
N GLU R 219 37.35 -15.68 -72.54
CA GLU R 219 36.41 -15.53 -71.42
C GLU R 219 36.22 -16.85 -70.68
N GLU R 220 36.02 -17.94 -71.41
CA GLU R 220 35.92 -19.24 -70.75
C GLU R 220 37.22 -19.62 -70.05
N LEU R 221 38.36 -19.14 -70.57
CA LEU R 221 39.63 -19.34 -69.90
C LEU R 221 39.64 -18.62 -68.56
N ALA R 222 39.14 -17.39 -68.51
CA ALA R 222 39.13 -16.64 -67.26
C ALA R 222 38.23 -17.29 -66.22
N THR R 223 37.05 -17.76 -66.62
CA THR R 223 36.14 -18.37 -65.66
C THR R 223 36.62 -19.74 -65.23
N TYR R 224 37.50 -20.37 -66.02
CA TYR R 224 38.08 -21.64 -65.61
C TYR R 224 39.14 -21.45 -64.52
N ILE R 225 39.96 -20.40 -64.66
CA ILE R 225 41.00 -20.14 -63.67
C ILE R 225 40.38 -19.82 -62.31
N ASN R 226 39.29 -19.04 -62.31
CA ASN R 226 38.62 -18.70 -61.05
C ASN R 226 38.07 -19.94 -60.35
N GLY R 227 37.49 -20.86 -61.12
CA GLY R 227 36.92 -22.06 -60.51
C GLY R 227 37.97 -22.98 -59.92
N GLN R 228 39.13 -23.08 -60.57
CA GLN R 228 40.15 -24.03 -60.14
C GLN R 228 40.74 -23.63 -58.79
N THR R 229 41.12 -22.36 -58.64
CA THR R 229 41.80 -21.90 -57.45
C THR R 229 41.15 -20.63 -56.91
N GLU R 230 41.23 -20.45 -55.59
CA GLU R 230 40.71 -19.27 -54.93
C GLU R 230 41.78 -18.30 -54.51
N ASP R 231 43.05 -18.56 -54.86
CA ASP R 231 44.13 -17.64 -54.50
C ASP R 231 44.19 -16.48 -55.49
N VAL R 232 44.27 -16.78 -56.79
CA VAL R 232 44.33 -15.77 -57.82
C VAL R 232 42.95 -15.61 -58.44
N LYS R 233 42.76 -14.51 -59.16
CA LYS R 233 41.50 -14.19 -59.81
C LYS R 233 41.79 -13.69 -61.21
N ALA R 234 41.11 -14.28 -62.20
CA ALA R 234 41.35 -13.99 -63.60
C ALA R 234 40.21 -13.15 -64.17
N SER R 235 40.57 -12.16 -64.98
CA SER R 235 39.60 -11.29 -65.63
C SER R 235 40.06 -11.03 -67.06
N VAL R 236 39.25 -10.26 -67.80
CA VAL R 236 39.49 -9.97 -69.20
C VAL R 236 39.51 -8.47 -69.40
N GLY R 237 40.52 -7.97 -70.10
CA GLY R 237 40.64 -6.56 -70.40
C GLY R 237 39.79 -6.15 -71.59
N GLU R 238 40.00 -4.90 -72.02
CA GLU R 238 39.26 -4.37 -73.15
C GLU R 238 39.59 -5.12 -74.43
N ASP R 239 40.88 -5.33 -74.69
CA ASP R 239 41.35 -5.90 -75.94
C ASP R 239 41.45 -7.43 -75.90
N GLY R 240 41.12 -8.04 -74.77
CA GLY R 240 41.24 -9.47 -74.63
C GLY R 240 42.55 -9.90 -73.99
N LYS R 241 42.99 -9.14 -72.98
CA LYS R 241 44.20 -9.44 -72.24
C LYS R 241 43.82 -9.99 -70.87
N LEU R 242 44.16 -11.26 -70.63
CA LEU R 242 43.87 -11.87 -69.35
C LEU R 242 44.67 -11.18 -68.25
N GLN R 243 44.01 -10.87 -67.14
CA GLN R 243 44.66 -10.19 -66.01
C GLN R 243 44.40 -10.98 -64.74
N LEU R 244 45.46 -11.25 -63.99
CA LEU R 244 45.41 -11.99 -62.74
C LEU R 244 45.62 -11.03 -61.57
N PHE R 245 44.85 -11.22 -60.51
CA PHE R 245 44.93 -10.40 -59.31
C PHE R 245 45.16 -11.29 -58.10
N ALA R 246 46.34 -11.17 -57.50
CA ALA R 246 46.70 -11.91 -56.29
C ALA R 246 46.62 -10.94 -55.12
N SER R 247 45.64 -11.16 -54.23
CA SER R 247 45.43 -10.25 -53.12
C SER R 247 46.62 -10.29 -52.17
N SER R 248 46.91 -9.13 -51.56
CA SER R 248 48.00 -9.03 -50.60
C SER R 248 47.76 -9.83 -49.34
N GLN R 249 46.52 -10.26 -49.09
CA GLN R 249 46.22 -11.11 -47.94
C GLN R 249 46.49 -12.58 -48.22
N LYS R 250 46.76 -12.96 -49.47
CA LYS R 250 46.97 -14.34 -49.84
C LYS R 250 48.28 -14.61 -50.56
N VAL R 251 49.02 -13.57 -50.95
CA VAL R 251 50.26 -13.72 -51.70
C VAL R 251 51.25 -12.67 -51.24
N ASN R 252 52.46 -13.11 -50.91
CA ASN R 252 53.57 -12.21 -50.61
C ASN R 252 54.67 -12.43 -51.64
N GLY R 253 55.15 -11.33 -52.23
CA GLY R 253 56.14 -11.43 -53.28
C GLY R 253 55.54 -11.61 -54.66
N ASP R 254 56.42 -11.66 -55.65
CA ASP R 254 55.98 -11.80 -57.04
C ASP R 254 55.45 -13.20 -57.30
N VAL R 255 54.61 -13.31 -58.32
CA VAL R 255 54.06 -14.58 -58.77
C VAL R 255 54.74 -14.98 -60.06
N THR R 256 55.35 -16.18 -60.07
CA THR R 256 55.99 -16.71 -61.26
C THR R 256 54.97 -17.46 -62.09
N ILE R 257 54.94 -17.17 -63.39
CA ILE R 257 53.99 -17.77 -64.32
C ILE R 257 54.76 -18.47 -65.41
N GLY R 258 54.55 -19.78 -65.55
CA GLY R 258 55.20 -20.57 -66.58
C GLY R 258 54.19 -21.45 -67.29
N GLY R 259 54.70 -22.26 -68.20
CA GLY R 259 53.89 -23.19 -68.96
C GLY R 259 53.72 -22.75 -70.41
N GLY R 260 53.15 -23.67 -71.20
CA GLY R 260 52.94 -23.38 -72.61
C GLY R 260 51.93 -22.26 -72.83
N LEU R 261 50.83 -22.25 -72.07
CA LEU R 261 49.84 -21.20 -72.22
C LEU R 261 50.39 -19.87 -71.71
N GLY R 262 51.16 -19.90 -70.62
CA GLY R 262 51.76 -18.68 -70.12
C GLY R 262 52.74 -18.06 -71.11
N GLY R 263 53.49 -18.90 -71.82
CA GLY R 263 54.37 -18.37 -72.85
C GLY R 263 53.63 -17.81 -74.04
N GLU R 264 52.54 -18.47 -74.44
CA GLU R 264 51.76 -18.01 -75.59
C GLU R 264 51.07 -16.69 -75.28
N ILE R 265 50.38 -16.60 -74.15
CA ILE R 265 49.71 -15.35 -73.78
C ILE R 265 50.73 -14.29 -73.42
N GLY R 266 51.72 -14.66 -72.62
CA GLY R 266 52.71 -13.70 -72.14
C GLY R 266 52.18 -12.91 -70.96
N PHE R 267 53.08 -12.40 -70.11
CA PHE R 267 52.66 -11.70 -68.92
C PHE R 267 53.65 -10.59 -68.61
N ASP R 268 53.20 -9.61 -67.83
CA ASP R 268 53.98 -8.44 -67.48
C ASP R 268 54.17 -8.37 -65.96
N ALA R 269 54.96 -7.39 -65.54
CA ALA R 269 55.22 -7.19 -64.13
C ALA R 269 53.96 -6.80 -63.38
N GLY R 270 53.87 -7.25 -62.13
CA GLY R 270 52.71 -6.96 -61.31
C GLY R 270 52.81 -5.60 -60.63
N ARG R 271 51.70 -4.87 -60.65
CA ARG R 271 51.61 -3.55 -60.05
C ARG R 271 50.64 -3.58 -58.88
N ASN R 272 51.02 -2.96 -57.78
CA ASN R 272 50.20 -2.93 -56.57
C ASN R 272 49.00 -2.02 -56.79
N VAL R 273 47.80 -2.55 -56.57
CA VAL R 273 46.56 -1.81 -56.74
C VAL R 273 45.72 -1.95 -55.48
N THR R 274 45.13 -0.85 -55.03
CA THR R 274 44.26 -0.86 -53.86
C THR R 274 42.92 -0.22 -54.19
N VAL R 275 42.07 -0.03 -53.17
CA VAL R 275 40.78 0.63 -53.41
C VAL R 275 40.99 2.08 -53.79
N ALA R 276 42.04 2.72 -53.27
CA ALA R 276 42.33 4.10 -53.66
C ALA R 276 42.76 4.19 -55.11
N ASP R 277 43.35 3.12 -55.64
CA ASP R 277 43.78 3.06 -57.03
C ASP R 277 42.69 2.56 -57.97
N VAL R 278 41.50 2.25 -57.44
CA VAL R 278 40.45 1.67 -58.26
C VAL R 278 39.92 2.70 -59.25
N ASN R 279 39.39 2.20 -60.36
CA ASN R 279 38.75 3.04 -61.37
C ASN R 279 37.89 2.15 -62.25
N VAL R 280 36.67 2.60 -62.52
CA VAL R 280 35.72 1.85 -63.33
C VAL R 280 35.44 2.54 -64.66
N SER R 281 36.31 3.46 -65.06
CA SER R 281 36.14 4.17 -66.32
C SER R 281 36.33 3.27 -67.54
N THR R 282 36.69 2.01 -67.34
CA THR R 282 36.85 1.05 -68.43
C THR R 282 36.60 -0.35 -67.88
N VAL R 283 36.39 -1.30 -68.81
CA VAL R 283 36.07 -2.66 -68.41
C VAL R 283 37.26 -3.32 -67.72
N ALA R 284 38.48 -2.99 -68.13
CA ALA R 284 39.65 -3.60 -67.50
C ALA R 284 39.78 -3.19 -66.04
N GLY R 285 39.58 -1.90 -65.74
CA GLY R 285 39.63 -1.46 -64.36
C GLY R 285 38.40 -1.86 -63.58
N SER R 286 37.34 -2.27 -64.27
CA SER R 286 36.12 -2.69 -63.60
C SER R 286 36.15 -4.16 -63.24
N GLN R 287 36.62 -5.01 -64.16
CA GLN R 287 36.84 -6.41 -63.84
C GLN R 287 37.90 -6.57 -62.76
N GLU R 288 38.99 -5.79 -62.86
CA GLU R 288 39.99 -5.78 -61.81
C GLU R 288 39.43 -5.24 -60.50
N ALA R 289 38.42 -4.38 -60.58
CA ALA R 289 37.87 -3.76 -59.38
C ALA R 289 37.23 -4.80 -58.47
N VAL R 290 36.35 -5.64 -59.00
CA VAL R 290 35.59 -6.58 -58.17
C VAL R 290 36.54 -7.51 -57.42
N SER R 291 37.69 -7.82 -58.02
CA SER R 291 38.71 -8.59 -57.32
C SER R 291 39.34 -7.78 -56.19
N ILE R 292 39.54 -6.47 -56.41
CA ILE R 292 40.22 -5.64 -55.43
C ILE R 292 39.40 -5.49 -54.16
N LEU R 293 38.12 -5.12 -54.30
CA LEU R 293 37.29 -5.00 -53.09
C LEU R 293 36.95 -6.36 -52.50
N ASP R 294 37.14 -7.44 -53.25
CA ASP R 294 37.04 -8.77 -52.65
C ASP R 294 38.15 -8.97 -51.62
N GLY R 295 39.37 -8.55 -51.97
CA GLY R 295 40.46 -8.58 -51.00
C GLY R 295 40.26 -7.58 -49.88
N ALA R 296 39.78 -6.37 -50.21
CA ALA R 296 39.56 -5.34 -49.20
C ALA R 296 38.48 -5.77 -48.22
N LEU R 297 37.39 -6.35 -48.71
CA LEU R 297 36.33 -6.82 -47.83
C LEU R 297 36.82 -7.97 -46.96
N LYS R 298 37.74 -8.78 -47.48
CA LYS R 298 38.34 -9.83 -46.68
C LYS R 298 39.15 -9.25 -45.52
N ALA R 299 39.90 -8.18 -45.80
CA ALA R 299 40.69 -7.54 -44.75
C ALA R 299 39.78 -6.90 -43.70
N VAL R 300 38.69 -6.27 -44.14
CA VAL R 300 37.76 -5.64 -43.20
C VAL R 300 37.11 -6.69 -42.32
N ASP R 301 36.65 -7.79 -42.91
CA ASP R 301 36.01 -8.85 -42.13
C ASP R 301 36.99 -9.51 -41.18
N SER R 302 38.24 -9.73 -41.62
CA SER R 302 39.23 -10.34 -40.75
C SER R 302 39.50 -9.46 -39.54
N GLN R 303 39.59 -8.14 -39.74
CA GLN R 303 39.77 -7.23 -38.62
C GLN R 303 38.54 -7.23 -37.72
N ARG R 304 37.35 -7.34 -38.33
CA ARG R 304 36.13 -7.39 -37.54
C ARG R 304 36.10 -8.60 -36.61
N ALA R 305 36.49 -9.76 -37.13
CA ALA R 305 36.50 -10.96 -36.29
C ALA R 305 37.52 -10.83 -35.17
N SER R 306 38.63 -10.14 -35.42
CA SER R 306 39.61 -9.90 -34.37
C SER R 306 39.03 -9.04 -33.26
N LEU R 307 38.28 -8.00 -33.62
CA LEU R 307 37.65 -7.16 -32.61
C LEU R 307 36.52 -7.89 -31.89
N GLY R 308 35.76 -8.70 -32.62
CA GLY R 308 34.68 -9.46 -31.99
C GLY R 308 35.21 -10.46 -30.98
N ALA R 309 36.30 -11.16 -31.32
CA ALA R 309 36.95 -12.05 -30.37
C ALA R 309 37.51 -11.26 -29.18
N PHE R 310 38.08 -10.09 -29.45
CA PHE R 310 38.62 -9.26 -28.39
C PHE R 310 37.52 -8.78 -27.45
N GLN R 311 36.30 -8.58 -27.99
CA GLN R 311 35.18 -8.19 -27.15
C GLN R 311 34.70 -9.36 -26.29
N ASN R 312 34.61 -10.55 -26.88
CA ASN R 312 34.16 -11.72 -26.13
C ASN R 312 35.12 -12.08 -25.01
N ARG R 313 36.43 -12.06 -25.30
CA ARG R 313 37.41 -12.38 -24.26
C ARG R 313 37.36 -11.36 -23.13
N PHE R 314 37.22 -10.07 -23.46
CA PHE R 314 37.10 -9.04 -22.43
C PHE R 314 35.79 -9.15 -21.67
N GLY R 315 34.73 -9.64 -22.32
CA GLY R 315 33.49 -9.90 -21.60
C GLY R 315 33.63 -11.03 -20.60
N HIS R 316 34.35 -12.10 -20.98
CA HIS R 316 34.62 -13.18 -20.04
C HIS R 316 35.48 -12.70 -18.88
N ALA R 317 36.48 -11.87 -19.18
CA ALA R 317 37.32 -11.31 -18.11
C ALA R 317 36.50 -10.40 -17.20
N ILE R 318 35.50 -9.70 -17.76
CA ILE R 318 34.66 -8.82 -16.94
C ILE R 318 33.92 -9.62 -15.88
N SER R 319 33.31 -10.73 -16.28
CA SER R 319 32.54 -11.52 -15.33
C SER R 319 33.45 -12.32 -14.40
N ASN R 320 34.62 -12.76 -14.89
CA ASN R 320 35.57 -13.44 -14.03
C ASN R 320 36.13 -12.50 -12.96
N LEU R 321 36.49 -11.27 -13.35
CA LEU R 321 36.95 -10.29 -12.39
C LEU R 321 35.84 -9.94 -11.41
N ASP R 322 34.59 -9.88 -11.89
CA ASP R 322 33.46 -9.63 -11.01
C ASP R 322 33.30 -10.75 -9.99
N ASN R 323 33.44 -12.00 -10.43
CA ASN R 323 33.29 -13.13 -9.53
C ASN R 323 34.38 -13.14 -8.46
N VAL R 324 35.63 -12.90 -8.87
CA VAL R 324 36.72 -12.87 -7.91
C VAL R 324 36.58 -11.68 -6.97
N ASN R 325 36.09 -10.54 -7.49
CA ASN R 325 35.90 -9.36 -6.65
C ASN R 325 34.89 -9.63 -5.54
N GLU R 326 33.78 -10.30 -5.87
CA GLU R 326 32.77 -10.60 -4.87
C GLU R 326 33.29 -11.57 -3.83
N ASN R 327 34.02 -12.59 -4.25
CA ASN R 327 34.56 -13.57 -3.29
C ASN R 327 35.65 -12.96 -2.43
N VAL R 328 36.47 -12.08 -3.00
CA VAL R 328 37.51 -11.41 -2.22
C VAL R 328 36.89 -10.53 -1.15
N ASN R 329 35.79 -9.85 -1.49
CA ASN R 329 35.07 -9.06 -0.49
C ASN R 329 34.53 -9.95 0.62
N ALA R 330 34.02 -11.14 0.25
CA ALA R 330 33.48 -12.05 1.25
C ALA R 330 34.58 -12.59 2.17
N SER R 331 35.76 -12.87 1.62
CA SER R 331 36.86 -13.33 2.45
C SER R 331 37.35 -12.24 3.39
N ARG R 332 37.42 -10.99 2.89
CA ARG R 332 37.73 -9.87 3.76
C ARG R 332 36.64 -9.68 4.82
N SER R 333 35.41 -10.08 4.50
CA SER R 333 34.30 -9.91 5.44
C SER R 333 34.51 -10.73 6.70
N ARG R 334 34.99 -11.96 6.55
CA ARG R 334 35.14 -12.87 7.68
C ARG R 334 36.27 -12.49 8.62
N ILE R 335 37.10 -11.52 8.25
CA ILE R 335 38.28 -11.20 9.07
C ILE R 335 38.29 -9.73 9.46
N ARG R 336 37.70 -8.87 8.63
CA ARG R 336 37.82 -7.42 8.82
C ARG R 336 36.58 -6.79 9.47
N ASP R 337 35.40 -6.99 8.91
CA ASP R 337 34.21 -6.32 9.41
C ASP R 337 33.68 -7.00 10.67
N THR R 338 33.03 -6.20 11.51
CA THR R 338 32.64 -6.63 12.85
C THR R 338 31.44 -7.56 12.81
N ASP R 339 31.36 -8.42 13.83
CA ASP R 339 30.19 -9.29 14.05
C ASP R 339 29.29 -8.59 15.06
N TYR R 340 28.11 -8.17 14.62
CA TYR R 340 27.21 -7.41 15.48
C TYR R 340 26.73 -8.23 16.67
N ALA R 341 26.40 -9.50 16.43
CA ALA R 341 25.92 -10.35 17.51
C ALA R 341 26.98 -10.53 18.59
N ARG R 342 28.23 -10.75 18.19
CA ARG R 342 29.27 -11.03 19.18
C ARG R 342 29.75 -9.76 19.86
N GLU R 343 29.85 -8.65 19.12
CA GLU R 343 30.54 -7.47 19.64
C GLU R 343 29.72 -6.77 20.71
N THR R 344 28.45 -6.46 20.44
CA THR R 344 27.65 -5.75 21.41
C THR R 344 27.30 -6.61 22.62
N THR R 345 27.17 -7.93 22.44
CA THR R 345 27.08 -8.81 23.58
C THR R 345 28.32 -8.69 24.46
N ALA R 346 29.48 -8.47 23.85
CA ALA R 346 30.68 -8.16 24.62
C ALA R 346 30.56 -6.79 25.28
N MET R 347 29.87 -5.85 24.63
CA MET R 347 29.60 -4.56 25.27
C MET R 347 28.70 -4.72 26.49
N THR R 348 27.60 -5.46 26.33
CA THR R 348 26.66 -5.62 27.44
C THR R 348 27.31 -6.34 28.60
N LYS R 349 28.15 -7.33 28.30
CA LYS R 349 28.93 -7.98 29.36
C LYS R 349 29.88 -6.99 30.02
N ALA R 350 30.50 -6.11 29.23
CA ALA R 350 31.41 -5.11 29.79
C ALA R 350 30.64 -4.05 30.59
N GLN R 351 29.49 -3.62 30.09
CA GLN R 351 28.69 -2.61 30.78
C GLN R 351 28.21 -3.13 32.13
N ILE R 352 27.71 -4.37 32.15
CA ILE R 352 27.29 -4.97 33.41
C ILE R 352 28.49 -5.16 34.33
N LEU R 353 29.64 -5.55 33.76
CA LEU R 353 30.83 -5.75 34.56
C LEU R 353 31.27 -4.47 35.25
N GLN R 354 31.27 -3.34 34.54
CA GLN R 354 31.71 -2.09 35.16
C GLN R 354 30.69 -1.60 36.17
N GLN R 355 29.39 -1.83 35.92
CA GLN R 355 28.38 -1.45 36.90
C GLN R 355 28.55 -2.23 38.19
N ALA R 356 28.90 -3.51 38.09
CA ALA R 356 29.19 -4.29 39.29
C ALA R 356 30.52 -3.86 39.90
N SER R 357 31.43 -3.33 39.08
CA SER R 357 32.72 -2.88 39.60
C SER R 357 32.60 -1.58 40.38
N THR R 358 31.79 -0.64 39.89
CA THR R 358 31.57 0.60 40.62
C THR R 358 30.68 0.37 41.84
N SER R 359 29.69 -0.52 41.71
CA SER R 359 28.86 -0.85 42.86
C SER R 359 29.67 -1.52 43.95
N VAL R 360 30.61 -2.40 43.57
CA VAL R 360 31.47 -3.03 44.55
C VAL R 360 32.59 -2.11 44.99
N LEU R 361 32.87 -1.06 44.21
CA LEU R 361 33.86 -0.07 44.63
C LEU R 361 33.28 0.85 45.70
N ALA R 362 32.00 1.21 45.57
CA ALA R 362 31.35 2.00 46.61
C ALA R 362 31.30 1.25 47.94
N GLN R 363 31.05 -0.06 47.88
CA GLN R 363 31.09 -0.87 49.09
C GLN R 363 32.52 -1.03 49.59
N ALA R 364 33.52 -0.91 48.71
CA ALA R 364 34.90 -1.11 49.11
C ALA R 364 35.44 0.07 49.92
N LYS R 365 35.08 1.30 49.54
CA LYS R 365 35.59 2.47 50.24
C LYS R 365 34.99 2.64 51.63
N GLN R 366 33.96 1.87 51.97
CA GLN R 366 33.36 1.94 53.30
C GLN R 366 34.12 1.13 54.34
N SER R 367 35.12 0.34 53.93
CA SER R 367 35.92 -0.42 54.89
C SER R 367 36.64 0.47 55.90
N PRO R 368 37.33 1.55 55.50
CA PRO R 368 37.88 2.45 56.52
C PRO R 368 36.82 3.08 57.41
N SER R 369 35.59 3.22 56.91
CA SER R 369 34.52 3.74 57.75
C SER R 369 34.16 2.78 58.88
N ALA R 370 34.50 1.50 58.74
CA ALA R 370 34.36 0.56 59.85
C ALA R 370 35.55 0.57 60.78
N ALA R 371 36.62 1.28 60.42
CA ALA R 371 37.81 1.30 61.26
C ALA R 371 37.71 2.37 62.34
N LEU R 372 37.30 3.58 61.96
CA LEU R 372 37.13 4.65 62.94
C LEU R 372 35.87 4.46 63.78
N SER R 373 34.84 3.80 63.23
CA SER R 373 33.65 3.50 64.01
C SER R 373 33.93 2.52 65.14
N LEU R 374 35.09 1.85 65.12
CA LEU R 374 35.44 0.93 66.18
C LEU R 374 35.74 1.67 67.48
N LEU R 375 36.76 2.53 67.48
CA LEU R 375 37.07 3.32 68.66
C LEU R 375 37.24 4.80 68.29
N GLY R 376 37.73 5.07 67.08
CA GLY R 376 38.05 6.42 66.67
C GLY R 376 36.87 7.36 66.53
N MET S 1 45.71 41.27 86.14
CA MET S 1 44.35 41.54 86.60
C MET S 1 44.07 40.79 87.91
N ALA S 2 42.81 40.39 88.09
CA ALA S 2 42.40 39.69 89.29
C ALA S 2 41.20 38.80 88.98
N ILE S 3 40.98 37.81 89.84
CA ILE S 3 39.78 36.98 89.75
C ILE S 3 38.61 37.72 90.41
N ASN S 4 37.42 37.53 89.86
CA ASN S 4 36.25 38.27 90.32
C ASN S 4 34.98 37.55 89.88
N VAL S 5 33.85 38.03 90.39
CA VAL S 5 32.55 37.48 90.05
C VAL S 5 31.67 38.56 89.45
N ASN S 6 31.91 39.82 89.83
CA ASN S 6 31.01 40.89 89.43
C ASN S 6 30.97 41.08 87.92
N THR S 7 32.13 41.00 87.26
CA THR S 7 32.19 41.14 85.82
C THR S 7 32.48 39.80 85.16
N ASN S 8 32.00 39.65 83.94
CA ASN S 8 32.26 38.47 83.12
C ASN S 8 32.60 38.92 81.70
N VAL S 9 33.57 39.84 81.61
CA VAL S 9 33.92 40.45 80.32
C VAL S 9 34.28 39.39 79.30
N SER S 10 34.91 38.29 79.75
CA SER S 10 35.21 37.19 78.82
C SER S 10 33.92 36.60 78.24
N ALA S 11 32.90 36.41 79.08
CA ALA S 11 31.61 35.97 78.56
C ALA S 11 30.97 37.06 77.71
N MET S 12 31.26 38.33 77.98
CA MET S 12 30.70 39.41 77.17
C MET S 12 31.22 39.36 75.74
N THR S 13 32.50 39.03 75.56
CA THR S 13 33.02 38.84 74.21
C THR S 13 32.37 37.64 73.55
N ALA S 14 32.13 36.57 74.31
CA ALA S 14 31.50 35.38 73.75
C ALA S 14 30.09 35.69 73.26
N GLN S 15 29.32 36.44 74.04
CA GLN S 15 27.97 36.77 73.62
C GLN S 15 27.95 37.86 72.55
N ARG S 16 28.94 38.76 72.56
CA ARG S 16 28.98 39.82 71.55
C ARG S 16 29.11 39.24 70.15
N TYR S 17 30.02 38.29 69.98
CA TYR S 17 30.15 37.61 68.69
C TYR S 17 28.97 36.70 68.42
N LEU S 18 28.16 36.40 69.44
CA LEU S 18 26.93 35.64 69.21
C LEU S 18 25.92 36.47 68.43
N ASN S 19 25.83 37.77 68.73
CA ASN S 19 24.98 38.63 67.91
C ASN S 19 25.54 38.75 66.49
N GLY S 20 26.86 38.75 66.36
CA GLY S 20 27.46 38.75 65.03
C GLY S 20 27.11 37.51 64.24
N ALA S 21 27.12 36.35 64.89
CA ALA S 21 26.77 35.11 64.20
C ALA S 21 25.27 35.03 63.96
N ALA S 22 24.46 35.44 64.94
CA ALA S 22 23.02 35.40 64.78
C ALA S 22 22.55 36.36 63.68
N ASP S 23 23.13 37.56 63.64
CA ASP S 23 22.83 38.48 62.55
C ASP S 23 23.28 37.92 61.21
N GLY S 24 24.49 37.36 61.17
CA GLY S 24 24.99 36.80 59.92
C GLY S 24 24.11 35.69 59.39
N MET S 25 23.60 34.85 60.29
CA MET S 25 22.67 33.79 59.87
C MET S 25 21.32 34.37 59.50
N GLN S 26 20.89 35.44 60.17
CA GLN S 26 19.58 36.02 59.90
C GLN S 26 19.51 36.62 58.50
N LYS S 27 20.56 37.32 58.07
CA LYS S 27 20.59 37.81 56.70
C LYS S 27 20.56 36.67 55.70
N SER S 28 21.36 35.63 55.95
CA SER S 28 21.42 34.50 55.01
C SER S 28 20.08 33.78 54.92
N MET S 29 19.41 33.57 56.06
CA MET S 29 18.11 32.90 56.03
C MET S 29 17.10 33.70 55.23
N GLU S 30 17.13 35.03 55.35
CA GLU S 30 16.24 35.86 54.54
C GLU S 30 16.58 35.73 53.06
N ARG S 31 17.87 35.68 52.73
CA ARG S 31 18.27 35.63 51.33
C ARG S 31 17.90 34.31 50.68
N LEU S 32 17.96 33.21 51.43
CA LEU S 32 17.61 31.92 50.86
C LEU S 32 16.10 31.76 50.69
N SER S 33 15.32 32.28 51.64
CA SER S 33 13.87 32.14 51.55
C SER S 33 13.31 32.88 50.34
N SER S 34 13.65 34.15 50.19
CA SER S 34 13.15 34.94 49.07
C SER S 34 13.89 34.62 47.79
N GLY S 35 15.20 34.39 47.88
CA GLY S 35 16.03 34.22 46.70
C GLY S 35 16.69 35.48 46.21
N TYR S 36 16.69 36.55 47.00
CA TYR S 36 17.22 37.84 46.60
C TYR S 36 18.33 38.26 47.55
N LYS S 37 19.49 38.61 46.99
CA LYS S 37 20.52 39.28 47.77
C LYS S 37 20.02 40.60 48.32
N ILE S 38 19.15 41.28 47.59
CA ILE S 38 18.63 42.58 48.00
C ILE S 38 17.17 42.43 48.42
N ASN S 39 16.92 42.54 49.72
CA ASN S 39 15.57 42.68 50.24
C ASN S 39 15.33 44.07 50.81
N SER S 40 16.38 44.83 51.08
CA SER S 40 16.28 46.18 51.59
C SER S 40 17.56 46.93 51.21
N ALA S 41 17.53 48.24 51.42
CA ALA S 41 18.71 49.07 51.16
C ALA S 41 19.85 48.81 52.14
N ARG S 42 19.59 48.02 53.19
CA ARG S 42 20.66 47.65 54.12
C ARG S 42 21.82 46.99 53.40
N ASP S 43 21.54 45.99 52.57
CA ASP S 43 22.60 45.22 51.94
C ASP S 43 23.33 46.03 50.87
N ASP S 44 22.59 46.80 50.07
CA ASP S 44 23.19 47.63 49.02
C ASP S 44 22.24 48.79 48.73
N ALA S 45 22.56 49.97 49.25
CA ALA S 45 21.75 51.15 48.94
C ALA S 45 21.80 51.48 47.46
N ALA S 46 22.99 51.43 46.86
CA ALA S 46 23.13 51.71 45.44
C ALA S 46 22.64 50.56 44.58
N GLY S 47 22.84 49.32 45.02
CA GLY S 47 22.40 48.18 44.23
C GLY S 47 20.89 48.06 44.16
N LEU S 48 20.20 48.50 45.22
CA LEU S 48 18.74 48.44 45.23
C LEU S 48 18.15 49.36 44.17
N GLN S 49 18.70 50.57 44.02
CA GLN S 49 18.17 51.51 43.04
C GLN S 49 18.30 50.99 41.62
N ILE S 50 19.48 50.47 41.27
CA ILE S 50 19.70 50.02 39.90
C ILE S 50 18.88 48.78 39.59
N SER S 51 18.73 47.87 40.57
CA SER S 51 17.94 46.67 40.34
C SER S 51 16.47 47.01 40.14
N ASN S 52 15.95 47.97 40.91
CA ASN S 52 14.57 48.41 40.73
C ASN S 52 14.38 49.08 39.37
N ARG S 53 15.36 49.86 38.94
CA ARG S 53 15.29 50.47 37.61
C ARG S 53 15.31 49.41 36.51
N LEU S 54 16.13 48.36 36.68
CA LEU S 54 16.17 47.29 35.70
C LEU S 54 14.86 46.52 35.67
N THR S 55 14.24 46.29 36.84
CA THR S 55 12.99 45.53 36.86
C THR S 55 11.81 46.36 36.34
N SER S 56 11.87 47.69 36.48
CA SER S 56 10.86 48.53 35.85
C SER S 56 10.94 48.45 34.34
N GLN S 57 12.17 48.48 33.81
CA GLN S 57 12.36 48.29 32.37
C GLN S 57 11.96 46.89 31.95
N SER S 58 12.32 45.88 32.75
CA SER S 58 12.04 44.49 32.38
C SER S 58 10.55 44.24 32.25
N ARG S 59 9.77 44.76 33.20
CA ARG S 59 8.32 44.69 33.07
C ARG S 59 7.84 45.48 31.86
N GLY S 60 8.40 46.67 31.65
CA GLY S 60 7.96 47.50 30.54
C GLY S 60 8.18 46.85 29.18
N LEU S 61 9.27 46.10 29.04
CA LEU S 61 9.54 45.41 27.78
C LEU S 61 8.53 44.30 27.53
N ASP S 62 8.04 43.66 28.59
CA ASP S 62 7.00 42.64 28.41
C ASP S 62 5.71 43.25 27.88
N MET S 63 5.31 44.40 28.41
CA MET S 63 4.07 45.04 27.96
C MET S 63 4.28 45.76 26.63
N ALA S 64 5.52 46.14 26.32
CA ALA S 64 5.81 46.63 24.97
C ALA S 64 5.62 45.52 23.94
N VAL S 65 6.01 44.29 24.31
CA VAL S 65 5.78 43.14 23.43
C VAL S 65 4.29 42.86 23.31
N LYS S 66 3.55 42.93 24.42
CA LYS S 66 2.10 42.72 24.36
C LYS S 66 1.43 43.78 23.50
N ASN S 67 1.86 45.04 23.66
CA ASN S 67 1.29 46.12 22.85
C ASN S 67 1.61 45.95 21.38
N ALA S 68 2.86 45.54 21.07
CA ALA S 68 3.22 45.29 19.69
C ALA S 68 2.44 44.10 19.12
N ASN S 69 2.14 43.11 19.97
CA ASN S 69 1.29 42.01 19.55
C ASN S 69 -0.10 42.51 19.19
N ASP S 70 -0.62 43.46 19.96
CA ASP S 70 -1.91 44.06 19.63
C ASP S 70 -1.83 44.83 18.31
N GLY S 71 -0.72 45.51 18.05
CA GLY S 71 -0.55 46.18 16.78
C GLY S 71 -0.49 45.22 15.62
N ILE S 72 0.12 44.04 15.83
CA ILE S 72 0.16 43.02 14.79
C ILE S 72 -1.24 42.51 14.48
N SER S 73 -2.02 42.25 15.52
CA SER S 73 -3.38 41.73 15.32
C SER S 73 -4.28 42.74 14.63
N ILE S 74 -4.17 44.02 15.02
CA ILE S 74 -4.99 45.05 14.40
C ILE S 74 -4.64 45.19 12.92
N ALA S 75 -3.34 45.20 12.61
CA ALA S 75 -2.91 45.27 11.22
C ALA S 75 -3.36 44.04 10.44
N GLN S 76 -3.26 42.86 11.05
CA GLN S 76 -3.67 41.63 10.37
C GLN S 76 -5.17 41.61 10.11
N THR S 77 -5.97 42.02 11.09
CA THR S 77 -7.43 42.04 10.90
C THR S 77 -7.82 43.02 9.80
N ALA S 78 -7.22 44.21 9.81
CA ALA S 78 -7.53 45.20 8.78
C ALA S 78 -7.10 44.70 7.39
N GLU S 79 -5.90 44.14 7.29
CA GLU S 79 -5.40 43.65 6.01
C GLU S 79 -6.24 42.49 5.49
N GLY S 80 -6.63 41.57 6.37
CA GLY S 80 -7.45 40.44 5.93
C GLY S 80 -8.77 40.89 5.33
N ALA S 81 -9.38 41.94 5.91
CA ALA S 81 -10.55 42.54 5.29
C ALA S 81 -10.23 43.14 3.93
N MET S 82 -9.07 43.80 3.82
CA MET S 82 -8.66 44.37 2.54
C MET S 82 -8.42 43.29 1.50
N ASN S 83 -8.13 42.07 1.92
CA ASN S 83 -7.93 40.97 0.97
C ASN S 83 -9.21 40.71 0.20
N GLU S 84 -10.35 40.67 0.89
CA GLU S 84 -11.62 40.45 0.20
C GLU S 84 -12.03 41.68 -0.59
N THR S 85 -11.62 42.88 -0.14
CA THR S 85 -11.84 44.08 -0.95
C THR S 85 -11.09 43.99 -2.27
N THR S 86 -9.87 43.44 -2.24
CA THR S 86 -9.11 43.25 -3.46
C THR S 86 -9.81 42.28 -4.41
N ASN S 87 -10.33 41.18 -3.88
CA ASN S 87 -10.97 40.18 -4.73
C ASN S 87 -12.30 40.68 -5.28
N ILE S 88 -13.03 41.48 -4.50
CA ILE S 88 -14.27 42.07 -4.99
C ILE S 88 -13.98 43.04 -6.13
N LEU S 89 -12.96 43.87 -5.98
CA LEU S 89 -12.62 44.82 -7.04
C LEU S 89 -12.14 44.12 -8.29
N GLN S 90 -11.40 43.02 -8.14
CA GLN S 90 -10.98 42.25 -9.31
C GLN S 90 -12.18 41.66 -10.03
N ARG S 91 -13.17 41.16 -9.27
CA ARG S 91 -14.40 40.69 -9.88
C ARG S 91 -15.16 41.84 -10.55
N MET S 92 -15.18 43.02 -9.91
CA MET S 92 -15.84 44.16 -10.52
C MET S 92 -15.20 44.54 -11.84
N ARG S 93 -13.86 44.46 -11.90
CA ARG S 93 -13.16 44.70 -13.16
C ARG S 93 -13.51 43.62 -14.18
N ASP S 94 -13.83 42.42 -13.71
CA ASP S 94 -14.21 41.33 -14.60
C ASP S 94 -15.53 41.63 -15.32
N LEU S 95 -16.55 42.02 -14.56
CA LEU S 95 -17.83 42.38 -15.18
C LEU S 95 -17.69 43.62 -16.05
N ALA S 96 -16.86 44.58 -15.64
CA ALA S 96 -16.71 45.81 -16.41
C ALA S 96 -16.16 45.53 -17.81
N LEU S 97 -15.15 44.66 -17.90
CA LEU S 97 -14.60 44.30 -19.20
C LEU S 97 -15.62 43.54 -20.05
N GLN S 98 -16.36 42.63 -19.42
CA GLN S 98 -17.37 41.86 -20.15
C GLN S 98 -18.50 42.76 -20.64
N SER S 99 -18.92 43.72 -19.83
CA SER S 99 -20.02 44.60 -20.22
C SER S 99 -19.64 45.53 -21.36
N SER S 100 -18.36 45.91 -21.44
CA SER S 100 -17.91 46.80 -22.50
C SER S 100 -17.95 46.14 -23.87
N ASN S 101 -18.09 44.82 -23.91
CA ASN S 101 -18.19 44.11 -25.19
C ASN S 101 -19.38 44.62 -25.99
N GLY S 102 -19.19 44.74 -27.31
CA GLY S 102 -20.27 45.15 -28.18
C GLY S 102 -21.28 44.07 -28.49
N SER S 103 -21.00 42.83 -28.09
CA SER S 103 -21.95 41.74 -28.30
C SER S 103 -23.14 41.84 -27.34
N ASN S 104 -22.91 42.36 -26.15
CA ASN S 104 -23.98 42.48 -25.16
C ASN S 104 -25.03 43.48 -25.61
N SER S 105 -26.29 43.20 -25.26
CA SER S 105 -27.39 44.10 -25.49
C SER S 105 -27.64 44.94 -24.24
N SER S 106 -28.63 45.83 -24.33
CA SER S 106 -28.95 46.69 -23.19
C SER S 106 -29.41 45.86 -21.99
N SER S 107 -30.25 44.85 -22.23
CA SER S 107 -30.69 43.97 -21.15
C SER S 107 -29.53 43.18 -20.58
N GLU S 108 -28.60 42.75 -21.44
CA GLU S 108 -27.42 42.02 -20.97
C GLU S 108 -26.59 42.89 -20.03
N ARG S 109 -26.37 44.17 -20.40
CA ARG S 109 -25.60 45.06 -19.56
C ARG S 109 -26.31 45.37 -18.25
N ARG S 110 -27.66 45.39 -18.27
CA ARG S 110 -28.40 45.61 -17.03
C ARG S 110 -28.16 44.47 -16.04
N ALA S 111 -28.00 43.24 -16.55
CA ALA S 111 -27.64 42.13 -15.67
C ALA S 111 -26.28 42.36 -15.03
N ILE S 112 -25.32 42.88 -15.79
CA ILE S 112 -24.01 43.21 -15.23
C ILE S 112 -24.14 44.28 -14.16
N GLN S 113 -24.92 45.33 -14.43
CA GLN S 113 -25.04 46.42 -13.48
C GLN S 113 -25.68 45.96 -12.18
N GLU S 114 -26.58 44.98 -12.25
CA GLU S 114 -27.15 44.41 -11.04
C GLU S 114 -26.08 43.69 -10.22
N GLU S 115 -25.22 42.91 -10.89
CA GLU S 115 -24.15 42.23 -10.18
C GLU S 115 -23.13 43.21 -9.61
N VAL S 116 -22.75 44.21 -10.39
CA VAL S 116 -21.77 45.19 -9.94
C VAL S 116 -22.32 46.00 -8.78
N SER S 117 -23.59 46.39 -8.84
CA SER S 117 -24.20 47.12 -7.73
C SER S 117 -24.23 46.28 -6.46
N ALA S 118 -24.50 44.98 -6.59
CA ALA S 118 -24.48 44.12 -5.42
C ALA S 118 -23.10 44.06 -4.78
N LEU S 119 -22.06 43.94 -5.60
CA LEU S 119 -20.70 43.95 -5.07
C LEU S 119 -20.32 45.33 -4.53
N ASN S 120 -20.87 46.39 -5.13
CA ASN S 120 -20.62 47.74 -4.64
C ASN S 120 -21.12 47.90 -3.21
N ASP S 121 -22.31 47.36 -2.93
CA ASP S 121 -22.82 47.38 -1.56
C ASP S 121 -21.96 46.52 -0.65
N GLU S 122 -21.31 45.49 -1.21
CA GLU S 122 -20.45 44.63 -0.40
C GLU S 122 -19.19 45.38 0.03
N LEU S 123 -18.62 46.19 -0.86
CA LEU S 123 -17.44 46.98 -0.50
C LEU S 123 -17.74 47.94 0.63
N ASN S 124 -18.90 48.61 0.58
CA ASN S 124 -19.29 49.49 1.68
C ASN S 124 -19.53 48.70 2.96
N ARG S 125 -20.10 47.49 2.84
CA ARG S 125 -20.33 46.66 4.02
C ARG S 125 -19.02 46.26 4.67
N ILE S 126 -18.02 45.87 3.87
CA ILE S 126 -16.73 45.48 4.43
C ILE S 126 -16.08 46.65 5.15
N ALA S 127 -16.13 47.84 4.55
CA ALA S 127 -15.53 49.01 5.18
C ALA S 127 -16.24 49.37 6.48
N GLU S 128 -17.57 49.27 6.51
CA GLU S 128 -18.36 49.76 7.64
C GLU S 128 -18.60 48.72 8.73
N THR S 129 -18.20 47.46 8.52
CA THR S 129 -18.42 46.42 9.53
C THR S 129 -17.15 45.76 10.04
N THR S 130 -16.04 45.85 9.32
CA THR S 130 -14.79 45.31 9.82
C THR S 130 -14.41 46.00 11.13
N SER S 131 -14.12 45.21 12.15
CA SER S 131 -13.92 45.76 13.48
C SER S 131 -12.91 44.92 14.25
N PHE S 132 -12.34 45.54 15.28
CA PHE S 132 -11.42 44.89 16.22
C PHE S 132 -11.95 45.20 17.61
N GLY S 133 -12.80 44.32 18.13
CA GLY S 133 -13.47 44.58 19.38
C GLY S 133 -14.40 45.78 19.29
N GLY S 134 -15.22 45.82 18.23
CA GLY S 134 -16.17 46.90 18.06
C GLY S 134 -15.57 48.20 17.59
N ASN S 135 -14.26 48.24 17.37
CA ASN S 135 -13.55 49.45 16.92
C ASN S 135 -13.36 49.28 15.41
N LYS S 136 -14.19 49.97 14.63
CA LYS S 136 -14.13 49.84 13.19
C LYS S 136 -12.79 50.30 12.66
N LEU S 137 -12.30 49.61 11.62
CA LEU S 137 -10.97 49.86 11.06
C LEU S 137 -11.03 50.51 9.69
N LEU S 138 -11.85 49.98 8.78
CA LEU S 138 -11.82 50.39 7.37
C LEU S 138 -12.90 51.40 7.02
N ASN S 139 -13.63 51.91 8.01
CA ASN S 139 -14.69 52.89 7.76
C ASN S 139 -14.17 54.32 7.75
N GLY S 140 -12.88 54.54 7.99
CA GLY S 140 -12.31 55.86 8.00
C GLY S 140 -12.32 56.56 9.35
N SER S 141 -12.97 55.98 10.35
CA SER S 141 -13.02 56.56 11.68
C SER S 141 -11.85 56.16 12.56
N PHE S 142 -10.98 55.26 12.08
CA PHE S 142 -9.83 54.87 12.88
C PHE S 142 -8.84 56.03 13.01
N GLY S 143 -8.58 56.75 11.92
CA GLY S 143 -7.61 57.82 11.97
C GLY S 143 -6.20 57.29 12.18
N SER S 144 -5.42 58.01 12.97
CA SER S 144 -4.06 57.63 13.31
C SER S 144 -3.97 57.37 14.81
N LYS S 145 -3.42 56.23 15.18
CA LYS S 145 -3.27 55.85 16.58
C LYS S 145 -1.84 55.42 16.84
N SER S 146 -1.35 55.74 18.03
CA SER S 146 0.03 55.47 18.42
C SER S 146 0.08 54.16 19.21
N PHE S 147 0.88 53.22 18.74
CA PHE S 147 1.06 51.94 19.39
C PHE S 147 2.36 51.97 20.19
N GLN S 148 2.22 52.04 21.51
CA GLN S 148 3.35 52.18 22.43
C GLN S 148 4.10 50.86 22.50
N ILE S 149 5.26 50.80 21.85
CA ILE S 149 6.04 49.56 21.78
C ILE S 149 7.38 49.69 22.51
N GLY S 150 7.48 50.62 23.47
CA GLY S 150 8.68 50.80 24.26
C GLY S 150 8.40 50.57 25.74
N ALA S 151 9.47 50.67 26.53
CA ALA S 151 9.38 50.50 27.97
C ALA S 151 9.41 51.83 28.72
N ASP S 152 9.28 52.95 28.02
CA ASP S 152 9.30 54.27 28.63
C ASP S 152 8.40 55.17 27.79
N SER S 153 7.84 56.20 28.43
CA SER S 153 6.92 57.09 27.74
C SER S 153 7.58 57.74 26.53
N GLY S 154 6.83 57.85 25.44
CA GLY S 154 7.28 58.56 24.26
C GLY S 154 8.05 57.76 23.25
N GLU S 155 7.80 56.46 23.15
CA GLU S 155 8.43 55.60 22.15
C GLU S 155 7.38 54.80 21.38
N ALA S 156 6.32 55.48 20.95
CA ALA S 156 5.25 54.84 20.22
C ALA S 156 5.51 54.89 18.71
N VAL S 157 4.65 54.21 17.96
CA VAL S 157 4.72 54.16 16.51
C VAL S 157 3.34 54.46 15.95
N MET S 158 3.27 55.38 14.99
CA MET S 158 2.01 55.85 14.44
C MET S 158 1.56 54.92 13.32
N LEU S 159 0.38 54.32 13.50
CA LEU S 159 -0.24 53.47 12.49
C LEU S 159 -1.53 54.11 12.01
N SER S 160 -1.69 54.24 10.70
CA SER S 160 -2.88 54.84 10.12
C SER S 160 -3.32 54.03 8.91
N MET S 161 -4.60 53.68 8.87
CA MET S 161 -5.20 53.04 7.71
C MET S 161 -6.30 53.95 7.16
N GLY S 162 -6.23 54.22 5.86
CA GLY S 162 -7.21 55.08 5.24
C GLY S 162 -8.56 54.42 5.08
N SER S 163 -9.54 55.24 4.73
CA SER S 163 -10.89 54.74 4.53
C SER S 163 -10.95 53.84 3.29
N MET S 164 -11.58 52.68 3.44
CA MET S 164 -11.75 51.73 2.35
C MET S 164 -13.17 51.71 1.82
N ARG S 165 -13.93 52.78 2.05
CA ARG S 165 -15.26 52.90 1.47
C ARG S 165 -15.18 52.98 -0.05
N SER S 166 -16.24 52.53 -0.72
CA SER S 166 -16.25 52.53 -2.18
C SER S 166 -16.28 53.94 -2.76
N ASP S 167 -16.63 54.95 -1.95
CA ASP S 167 -16.76 56.32 -2.42
C ASP S 167 -15.68 57.23 -1.85
N THR S 168 -14.53 56.68 -1.48
CA THR S 168 -13.41 57.50 -1.04
C THR S 168 -12.81 58.25 -2.22
N GLN S 169 -12.30 59.45 -1.95
CA GLN S 169 -11.70 60.27 -3.00
C GLN S 169 -10.51 59.57 -3.64
N ALA S 170 -9.65 58.97 -2.83
CA ALA S 170 -8.48 58.25 -3.33
C ALA S 170 -8.82 56.88 -3.88
N MET S 171 -10.10 56.55 -4.02
CA MET S 171 -10.55 55.27 -4.57
C MET S 171 -11.13 55.45 -5.97
N GLY S 172 -10.76 56.53 -6.67
CA GLY S 172 -11.27 56.80 -7.99
C GLY S 172 -10.42 57.80 -8.74
N GLY S 173 -11.06 58.72 -9.45
CA GLY S 173 -10.32 59.72 -10.19
C GLY S 173 -11.26 60.71 -10.84
N LYS S 174 -10.74 61.39 -11.86
CA LYS S 174 -11.50 62.37 -12.63
C LYS S 174 -11.74 61.85 -14.04
N SER S 175 -12.93 62.13 -14.57
CA SER S 175 -13.35 61.64 -15.87
C SER S 175 -13.65 62.82 -16.79
N TYR S 176 -13.09 62.77 -18.00
CA TYR S 176 -13.31 63.78 -19.01
C TYR S 176 -13.82 63.09 -20.27
N ARG S 177 -14.81 63.69 -20.93
CA ARG S 177 -15.39 63.13 -22.14
C ARG S 177 -15.36 64.16 -23.27
N ALA S 178 -15.13 63.68 -24.48
CA ALA S 178 -15.07 64.54 -25.65
C ALA S 178 -16.44 65.15 -25.95
N GLN S 179 -16.42 66.40 -26.42
CA GLN S 179 -17.65 67.06 -26.83
C GLN S 179 -18.14 66.55 -28.19
N GLU S 180 -17.22 66.29 -29.11
CA GLU S 180 -17.55 65.96 -30.49
C GLU S 180 -17.29 64.47 -30.72
N GLY S 181 -18.32 63.78 -31.21
CA GLY S 181 -18.19 62.38 -31.55
C GLY S 181 -17.71 62.18 -32.99
N LYS S 182 -17.00 61.08 -33.21
CA LYS S 182 -16.43 60.75 -34.51
C LYS S 182 -16.93 59.37 -34.92
N ALA S 183 -17.35 59.24 -36.18
CA ALA S 183 -17.89 57.99 -36.69
C ALA S 183 -16.77 56.99 -36.96
N ALA S 184 -17.15 55.84 -37.50
CA ALA S 184 -16.18 54.78 -37.79
C ALA S 184 -15.28 55.13 -38.98
N ASP S 185 -15.71 56.05 -39.85
CA ASP S 185 -14.92 56.42 -41.01
C ASP S 185 -13.95 57.56 -40.74
N TRP S 186 -13.97 58.14 -39.54
CA TRP S 186 -13.09 59.25 -39.23
C TRP S 186 -11.67 58.77 -39.01
N ARG S 187 -10.72 59.43 -39.66
CA ARG S 187 -9.29 59.16 -39.47
C ARG S 187 -8.60 60.48 -39.18
N VAL S 188 -7.49 60.41 -38.43
CA VAL S 188 -6.81 61.61 -37.97
C VAL S 188 -6.31 62.41 -39.17
N GLY S 189 -6.55 63.73 -39.13
CA GLY S 189 -6.15 64.61 -40.19
C GLY S 189 -4.69 65.04 -40.08
N ALA S 190 -4.38 66.17 -40.74
CA ALA S 190 -3.02 66.66 -40.75
C ALA S 190 -2.54 67.12 -39.37
N ALA S 191 -3.45 67.51 -38.49
CA ALA S 191 -3.10 67.91 -37.14
C ALA S 191 -3.19 66.68 -36.24
N THR S 192 -2.07 66.30 -35.64
CA THR S 192 -1.98 65.06 -34.88
C THR S 192 -1.58 65.24 -33.42
N ASP S 193 -0.86 66.29 -33.08
CA ASP S 193 -0.33 66.42 -31.72
C ASP S 193 -1.45 66.66 -30.71
N LEU S 194 -1.18 66.29 -29.47
CA LEU S 194 -2.15 66.41 -28.38
C LEU S 194 -1.37 66.44 -27.08
N THR S 195 -1.43 67.56 -26.37
CA THR S 195 -0.64 67.76 -25.17
C THR S 195 -1.52 67.65 -23.93
N LEU S 196 -0.92 67.22 -22.82
CA LEU S 196 -1.61 67.04 -21.55
C LEU S 196 -0.75 67.65 -20.45
N SER S 197 -1.26 68.71 -19.82
CA SER S 197 -0.55 69.39 -18.74
C SER S 197 -1.29 69.19 -17.44
N TYR S 198 -0.60 68.66 -16.44
CA TYR S 198 -1.19 68.43 -15.12
C TYR S 198 -0.06 68.36 -14.09
N THR S 199 -0.41 67.92 -12.89
CA THR S 199 0.55 67.76 -11.80
C THR S 199 0.39 66.37 -11.20
N ASN S 200 1.52 65.76 -10.86
CA ASN S 200 1.51 64.42 -10.28
C ASN S 200 1.31 64.51 -8.77
N LYS S 201 1.25 63.33 -8.12
CA LYS S 201 1.01 63.31 -6.68
C LYS S 201 2.21 63.82 -5.89
N GLN S 202 3.41 63.76 -6.49
CA GLN S 202 4.59 64.31 -5.84
C GLN S 202 4.57 65.84 -5.78
N GLY S 203 3.64 66.48 -6.50
CA GLY S 203 3.61 67.92 -6.59
C GLY S 203 4.39 68.51 -7.74
N GLU S 204 5.14 67.69 -8.47
CA GLU S 204 5.91 68.16 -9.61
C GLU S 204 5.04 68.18 -10.86
N ALA S 205 5.17 69.24 -11.65
CA ALA S 205 4.40 69.37 -12.87
C ALA S 205 4.84 68.34 -13.91
N ARG S 206 3.90 67.92 -14.75
CA ARG S 206 4.16 66.96 -15.80
C ARG S 206 3.56 67.48 -17.10
N GLU S 207 4.18 67.11 -18.22
CA GLU S 207 3.76 67.57 -19.54
C GLU S 207 4.01 66.44 -20.53
N VAL S 208 2.95 65.72 -20.89
CA VAL S 208 3.04 64.57 -21.80
C VAL S 208 2.45 65.00 -23.13
N THR S 209 3.28 64.92 -24.17
CA THR S 209 2.86 65.25 -25.53
C THR S 209 2.75 63.95 -26.33
N ILE S 210 1.59 63.71 -26.92
CA ILE S 210 1.31 62.50 -27.68
C ILE S 210 1.05 62.91 -29.12
N ASN S 211 1.81 62.33 -30.04
CA ASN S 211 1.64 62.57 -31.47
C ASN S 211 0.87 61.40 -32.06
N ALA S 212 -0.40 61.61 -32.33
CA ALA S 212 -1.23 60.56 -32.93
C ALA S 212 -0.75 60.26 -34.34
N LYS S 213 -1.03 59.04 -34.79
CA LYS S 213 -0.59 58.58 -36.11
C LYS S 213 -1.74 58.74 -37.10
N GLN S 214 -1.43 59.32 -38.25
CA GLN S 214 -2.44 59.57 -39.27
C GLN S 214 -3.04 58.26 -39.77
N GLY S 215 -4.34 58.28 -40.03
CA GLY S 215 -5.06 57.11 -40.50
C GLY S 215 -5.66 56.24 -39.41
N ASP S 216 -5.38 56.53 -38.14
CA ASP S 216 -5.97 55.76 -37.06
C ASP S 216 -7.35 56.29 -36.72
N ASP S 217 -8.29 55.37 -36.50
CA ASP S 217 -9.63 55.75 -36.08
C ASP S 217 -9.62 56.02 -34.57
N LEU S 218 -10.80 56.19 -33.98
CA LEU S 218 -10.87 56.63 -32.59
C LEU S 218 -10.40 55.54 -31.62
N GLU S 219 -10.82 54.29 -31.84
CA GLU S 219 -10.44 53.22 -30.92
C GLU S 219 -8.95 52.88 -31.04
N GLU S 220 -8.38 53.02 -32.24
CA GLU S 220 -6.94 52.86 -32.37
C GLU S 220 -6.21 54.02 -31.72
N LEU S 221 -6.77 55.22 -31.79
CA LEU S 221 -6.18 56.36 -31.10
C LEU S 221 -6.23 56.18 -29.59
N ALA S 222 -7.33 55.63 -29.08
CA ALA S 222 -7.43 55.37 -27.64
C ALA S 222 -6.37 54.38 -27.17
N THR S 223 -6.12 53.35 -27.97
CA THR S 223 -5.07 52.39 -27.64
C THR S 223 -3.70 53.05 -27.68
N TYR S 224 -3.47 53.91 -28.67
CA TYR S 224 -2.18 54.60 -28.79
C TYR S 224 -1.92 55.50 -27.59
N ILE S 225 -2.95 56.20 -27.11
CA ILE S 225 -2.80 57.04 -25.93
C ILE S 225 -2.45 56.18 -24.72
N ASN S 226 -3.07 55.01 -24.63
CA ASN S 226 -2.78 54.10 -23.52
C ASN S 226 -1.32 53.65 -23.56
N GLY S 227 -0.80 53.32 -24.74
CA GLY S 227 0.56 52.84 -24.84
C GLY S 227 1.59 53.91 -24.53
N GLN S 228 1.37 55.14 -25.00
CA GLN S 228 2.38 56.18 -24.86
C GLN S 228 2.54 56.62 -23.40
N THR S 229 1.44 56.78 -22.68
CA THR S 229 1.48 57.26 -21.31
C THR S 229 0.64 56.37 -20.40
N GLU S 230 1.06 56.28 -19.14
CA GLU S 230 0.34 55.52 -18.14
C GLU S 230 -0.46 56.39 -17.17
N ASP S 231 -0.21 57.70 -17.15
CA ASP S 231 -0.92 58.57 -16.23
C ASP S 231 -2.42 58.60 -16.51
N VAL S 232 -2.79 58.69 -17.78
CA VAL S 232 -4.19 58.73 -18.18
C VAL S 232 -4.56 57.43 -18.88
N LYS S 233 -5.86 57.21 -19.02
CA LYS S 233 -6.40 56.04 -19.71
C LYS S 233 -7.48 56.51 -20.68
N ALA S 234 -7.44 55.99 -21.90
CA ALA S 234 -8.32 56.44 -22.96
C ALA S 234 -9.37 55.38 -23.28
N SER S 235 -10.56 55.84 -23.66
CA SER S 235 -11.66 54.96 -24.02
C SER S 235 -12.57 55.70 -24.99
N VAL S 236 -13.58 54.98 -25.51
CA VAL S 236 -14.54 55.54 -26.44
C VAL S 236 -15.94 55.10 -26.02
N GLY S 237 -16.90 56.01 -26.12
CA GLY S 237 -18.27 55.75 -25.72
C GLY S 237 -19.13 55.24 -26.86
N GLU S 238 -20.45 55.25 -26.62
CA GLU S 238 -21.39 54.78 -27.63
C GLU S 238 -21.35 55.69 -28.86
N ASP S 239 -21.49 57.00 -28.65
CA ASP S 239 -21.51 57.95 -29.76
C ASP S 239 -20.16 58.10 -30.44
N GLY S 240 -19.08 57.59 -29.84
CA GLY S 240 -17.77 57.72 -30.42
C GLY S 240 -17.05 58.96 -29.94
N LYS S 241 -16.95 59.14 -28.63
CA LYS S 241 -16.26 60.27 -28.04
C LYS S 241 -15.13 59.77 -27.16
N LEU S 242 -13.91 60.24 -27.43
CA LEU S 242 -12.76 59.81 -26.66
C LEU S 242 -12.80 60.39 -25.26
N GLN S 243 -12.61 59.53 -24.25
CA GLN S 243 -12.69 59.92 -22.86
C GLN S 243 -11.40 59.53 -22.15
N LEU S 244 -10.96 60.39 -21.22
CA LEU S 244 -9.75 60.17 -20.45
C LEU S 244 -10.10 60.07 -18.96
N PHE S 245 -9.29 59.32 -18.22
CA PHE S 245 -9.48 59.11 -16.80
C PHE S 245 -8.15 59.24 -16.08
N ALA S 246 -8.00 60.31 -15.30
CA ALA S 246 -6.81 60.56 -14.51
C ALA S 246 -7.11 60.19 -13.07
N SER S 247 -6.44 59.14 -12.57
CA SER S 247 -6.69 58.67 -11.22
C SER S 247 -6.27 59.71 -10.18
N SER S 248 -6.97 59.72 -9.06
CA SER S 248 -6.65 60.66 -7.98
C SER S 248 -5.44 60.21 -7.17
N GLN S 249 -4.94 59.00 -7.39
CA GLN S 249 -3.74 58.51 -6.73
C GLN S 249 -2.47 58.80 -7.55
N LYS S 250 -2.61 59.40 -8.72
CA LYS S 250 -1.45 59.73 -9.54
C LYS S 250 -1.47 61.19 -9.97
N VAL S 251 -2.66 61.73 -10.24
CA VAL S 251 -2.81 63.09 -10.77
C VAL S 251 -3.69 63.89 -9.82
N ASN S 252 -3.20 65.05 -9.41
CA ASN S 252 -3.97 65.99 -8.60
C ASN S 252 -4.18 67.28 -9.39
N GLY S 253 -5.37 67.87 -9.23
CA GLY S 253 -5.72 69.07 -9.95
C GLY S 253 -6.33 68.80 -11.31
N ASP S 254 -6.75 69.88 -11.96
CA ASP S 254 -7.38 69.76 -13.27
C ASP S 254 -6.35 69.48 -14.35
N VAL S 255 -6.73 68.67 -15.33
CA VAL S 255 -5.88 68.33 -16.47
C VAL S 255 -6.23 69.25 -17.62
N THR S 256 -5.21 69.91 -18.18
CA THR S 256 -5.39 70.83 -19.29
C THR S 256 -4.97 70.15 -20.59
N ILE S 257 -5.82 70.24 -21.61
CA ILE S 257 -5.61 69.57 -22.89
C ILE S 257 -5.48 70.64 -23.97
N GLY S 258 -4.41 70.52 -24.77
CA GLY S 258 -4.20 71.42 -25.87
C GLY S 258 -3.75 70.66 -27.11
N GLY S 259 -3.32 71.41 -28.12
CA GLY S 259 -2.87 70.84 -29.37
C GLY S 259 -3.96 70.80 -30.43
N GLY S 260 -3.53 70.47 -31.64
CA GLY S 260 -4.47 70.41 -32.75
C GLY S 260 -5.52 69.32 -32.58
N LEU S 261 -5.08 68.12 -32.18
CA LEU S 261 -6.03 67.03 -31.98
C LEU S 261 -6.99 67.33 -30.83
N GLY S 262 -6.48 67.94 -29.75
CA GLY S 262 -7.35 68.31 -28.65
C GLY S 262 -8.37 69.37 -29.06
N GLY S 263 -7.96 70.31 -29.91
CA GLY S 263 -8.91 71.30 -30.39
C GLY S 263 -9.96 70.72 -31.31
N GLU S 264 -9.55 69.81 -32.21
CA GLU S 264 -10.51 69.18 -33.11
C GLU S 264 -11.50 68.29 -32.35
N ILE S 265 -11.00 67.50 -31.41
CA ILE S 265 -11.87 66.57 -30.68
C ILE S 265 -12.74 67.33 -29.70
N GLY S 266 -12.15 68.26 -28.95
CA GLY S 266 -12.90 68.99 -27.93
C GLY S 266 -13.08 68.16 -26.67
N PHE S 267 -12.96 68.80 -25.50
CA PHE S 267 -13.03 68.08 -24.23
C PHE S 267 -13.91 68.83 -23.26
N ASP S 268 -14.69 68.08 -22.48
CA ASP S 268 -15.58 68.65 -21.47
C ASP S 268 -14.79 68.95 -20.19
N ALA S 269 -15.51 69.24 -19.11
CA ALA S 269 -14.90 69.51 -17.82
C ALA S 269 -14.60 68.19 -17.10
N GLY S 270 -14.09 68.29 -15.89
CA GLY S 270 -13.73 67.12 -15.11
C GLY S 270 -14.77 66.72 -14.09
N ARG S 271 -15.24 65.48 -14.17
CA ARG S 271 -16.22 64.95 -13.22
C ARG S 271 -15.52 63.98 -12.27
N ASN S 272 -15.69 64.20 -10.97
CA ASN S 272 -15.08 63.34 -9.97
C ASN S 272 -15.88 62.06 -9.86
N VAL S 273 -15.35 60.97 -10.42
CA VAL S 273 -16.02 59.68 -10.41
C VAL S 273 -15.27 58.74 -9.47
N THR S 274 -16.02 57.84 -8.83
CA THR S 274 -15.46 56.85 -7.92
C THR S 274 -16.11 55.50 -8.21
N VAL S 275 -15.75 54.51 -7.40
CA VAL S 275 -16.31 53.17 -7.56
C VAL S 275 -17.81 53.19 -7.29
N ALA S 276 -18.25 54.00 -6.33
CA ALA S 276 -19.67 54.13 -6.04
C ALA S 276 -20.44 54.73 -7.21
N ASP S 277 -19.75 55.42 -8.12
CA ASP S 277 -20.37 56.01 -9.30
C ASP S 277 -20.22 55.13 -10.54
N VAL S 278 -19.77 53.89 -10.38
CA VAL S 278 -19.59 53.01 -11.52
C VAL S 278 -20.96 52.56 -12.02
N ASN S 279 -21.23 52.79 -13.31
CA ASN S 279 -22.49 52.40 -13.93
C ASN S 279 -22.15 51.79 -15.29
N VAL S 280 -22.31 50.47 -15.40
CA VAL S 280 -21.87 49.74 -16.57
C VAL S 280 -23.03 49.45 -17.52
N SER S 281 -24.13 50.19 -17.41
CA SER S 281 -25.26 49.99 -18.30
C SER S 281 -24.99 50.48 -19.73
N THR S 282 -23.90 51.21 -19.94
CA THR S 282 -23.53 51.69 -21.26
C THR S 282 -22.05 51.39 -21.50
N VAL S 283 -21.67 51.39 -22.79
CA VAL S 283 -20.29 51.01 -23.13
C VAL S 283 -19.31 52.05 -22.60
N ALA S 284 -19.70 53.32 -22.56
CA ALA S 284 -18.84 54.35 -21.97
C ALA S 284 -18.70 54.15 -20.48
N GLY S 285 -19.78 53.77 -19.81
CA GLY S 285 -19.71 53.51 -18.37
C GLY S 285 -18.85 52.31 -18.04
N SER S 286 -18.90 51.27 -18.88
CA SER S 286 -18.09 50.09 -18.63
C SER S 286 -16.62 50.33 -18.94
N GLN S 287 -16.33 51.05 -20.03
CA GLN S 287 -14.94 51.39 -20.34
C GLN S 287 -14.34 52.27 -19.25
N GLU S 288 -15.10 53.24 -18.76
CA GLU S 288 -14.62 54.04 -17.63
C GLU S 288 -14.56 53.22 -16.34
N ALA S 289 -15.42 52.20 -16.22
CA ALA S 289 -15.41 51.36 -15.03
C ALA S 289 -14.10 50.61 -14.90
N VAL S 290 -13.56 50.10 -16.01
CA VAL S 290 -12.30 49.36 -15.97
C VAL S 290 -11.18 50.27 -15.45
N SER S 291 -11.22 51.55 -15.85
CA SER S 291 -10.20 52.49 -15.39
C SER S 291 -10.37 52.83 -13.92
N ILE S 292 -11.62 52.98 -13.47
CA ILE S 292 -11.86 53.41 -12.09
C ILE S 292 -11.37 52.36 -11.10
N LEU S 293 -11.74 51.09 -11.33
CA LEU S 293 -11.31 50.03 -10.42
C LEU S 293 -9.82 49.75 -10.55
N ASP S 294 -9.18 50.20 -11.63
CA ASP S 294 -7.72 50.19 -11.67
C ASP S 294 -7.15 51.18 -10.67
N GLY S 295 -7.73 52.38 -10.61
CA GLY S 295 -7.30 53.35 -9.61
C GLY S 295 -7.62 52.88 -8.20
N ALA S 296 -8.75 52.22 -8.02
CA ALA S 296 -9.12 51.71 -6.70
C ALA S 296 -8.20 50.57 -6.27
N LEU S 297 -7.85 49.69 -7.21
CA LEU S 297 -6.97 48.57 -6.88
C LEU S 297 -5.59 49.05 -6.49
N LYS S 298 -5.10 50.10 -7.14
CA LYS S 298 -3.82 50.68 -6.76
C LYS S 298 -3.87 51.28 -5.35
N ALA S 299 -5.00 51.90 -5.00
CA ALA S 299 -5.15 52.44 -3.65
C ALA S 299 -5.16 51.31 -2.61
N VAL S 300 -5.85 50.21 -2.92
CA VAL S 300 -5.93 49.10 -1.98
C VAL S 300 -4.57 48.42 -1.85
N ASP S 301 -3.91 48.16 -2.97
CA ASP S 301 -2.61 47.48 -2.93
C ASP S 301 -1.55 48.33 -2.25
N SER S 302 -1.53 49.64 -2.54
CA SER S 302 -0.56 50.53 -1.90
C SER S 302 -0.80 50.61 -0.41
N GLN S 303 -2.07 50.65 0.02
CA GLN S 303 -2.37 50.66 1.44
C GLN S 303 -2.03 49.34 2.10
N ARG S 304 -2.27 48.23 1.40
CA ARG S 304 -1.90 46.91 1.94
C ARG S 304 -0.40 46.80 2.13
N ALA S 305 0.39 47.33 1.20
CA ALA S 305 1.84 47.31 1.34
C ALA S 305 2.27 48.15 2.55
N SER S 306 1.55 49.24 2.82
CA SER S 306 1.87 50.06 4.00
C SER S 306 1.59 49.29 5.28
N LEU S 307 0.49 48.52 5.31
CA LEU S 307 0.19 47.73 6.50
C LEU S 307 1.15 46.56 6.66
N GLY S 308 1.55 45.94 5.55
CA GLY S 308 2.51 44.85 5.62
C GLY S 308 3.87 45.29 6.09
N ALA S 309 4.33 46.45 5.61
CA ALA S 309 5.58 47.02 6.11
C ALA S 309 5.49 47.33 7.60
N PHE S 310 4.30 47.74 8.05
CA PHE S 310 4.09 47.96 9.49
C PHE S 310 4.19 46.65 10.26
N GLN S 311 3.68 45.56 9.70
CA GLN S 311 3.78 44.26 10.35
C GLN S 311 5.23 43.82 10.47
N ASN S 312 6.01 43.99 9.40
CA ASN S 312 7.42 43.62 9.44
C ASN S 312 8.20 44.48 10.43
N ARG S 313 7.91 45.78 10.46
CA ARG S 313 8.61 46.67 11.40
C ARG S 313 8.36 46.26 12.84
N PHE S 314 7.11 45.92 13.17
CA PHE S 314 6.80 45.50 14.53
C PHE S 314 7.30 44.09 14.80
N GLY S 315 7.41 43.26 13.75
CA GLY S 315 8.00 41.94 13.94
C GLY S 315 9.46 42.01 14.33
N HIS S 316 10.22 42.91 13.69
CA HIS S 316 11.60 43.15 14.12
C HIS S 316 11.63 43.76 15.51
N ALA S 317 10.68 44.66 15.81
CA ALA S 317 10.64 45.29 17.12
C ALA S 317 10.39 44.27 18.22
N ILE S 318 9.50 43.31 17.98
CA ILE S 318 9.21 42.30 19.00
C ILE S 318 10.44 41.46 19.29
N SER S 319 11.16 41.05 18.24
CA SER S 319 12.37 40.26 18.42
C SER S 319 13.43 41.07 19.18
N ASN S 320 13.58 42.35 18.85
CA ASN S 320 14.55 43.19 19.53
C ASN S 320 14.17 43.38 21.00
N LEU S 321 12.88 43.61 21.27
CA LEU S 321 12.44 43.80 22.65
C LEU S 321 12.64 42.54 23.48
N ASP S 322 12.38 41.36 22.88
CA ASP S 322 12.64 40.12 23.59
C ASP S 322 14.13 39.96 23.91
N ASN S 323 15.00 40.28 22.96
CA ASN S 323 16.44 40.14 23.18
C ASN S 323 16.92 41.07 24.29
N VAL S 324 16.43 42.31 24.30
CA VAL S 324 16.80 43.24 25.36
C VAL S 324 16.21 42.78 26.69
N ASN S 325 14.99 42.23 26.66
CA ASN S 325 14.35 41.79 27.90
C ASN S 325 15.14 40.66 28.57
N GLU S 326 15.64 39.72 27.77
CA GLU S 326 16.44 38.63 28.34
C GLU S 326 17.76 39.16 28.90
N ASN S 327 18.41 40.08 28.20
CA ASN S 327 19.71 40.57 28.64
C ASN S 327 19.59 41.43 29.89
N VAL S 328 18.55 42.27 29.96
CA VAL S 328 18.34 43.08 31.16
C VAL S 328 17.93 42.20 32.34
N ASN S 329 17.22 41.10 32.06
CA ASN S 329 16.88 40.16 33.11
C ASN S 329 18.13 39.50 33.68
N ALA S 330 19.05 39.10 32.81
CA ALA S 330 20.29 38.49 33.27
C ALA S 330 21.15 39.47 34.05
N SER S 331 21.15 40.73 33.63
CA SER S 331 21.93 41.74 34.35
C SER S 331 21.38 41.96 35.75
N ARG S 332 20.05 42.00 35.90
CA ARG S 332 19.46 42.16 37.22
C ARG S 332 19.73 40.94 38.10
N SER S 333 19.92 39.78 37.49
CA SER S 333 20.27 38.59 38.25
C SER S 333 21.62 38.73 38.93
N ARG S 334 22.59 39.33 38.23
CA ARG S 334 23.93 39.50 38.78
C ARG S 334 24.01 40.57 39.86
N ILE S 335 22.96 41.37 40.04
CA ILE S 335 22.95 42.44 41.02
C ILE S 335 21.99 42.16 42.17
N ARG S 336 20.80 41.67 41.87
CA ARG S 336 19.76 41.42 42.88
C ARG S 336 19.68 39.96 43.29
N ASP S 337 19.70 39.03 42.34
CA ASP S 337 19.49 37.63 42.65
C ASP S 337 20.65 37.08 43.49
N THR S 338 20.31 36.18 44.40
CA THR S 338 21.28 35.60 45.31
C THR S 338 21.99 34.41 44.66
N ASP S 339 23.18 34.11 45.16
CA ASP S 339 23.93 32.93 44.77
C ASP S 339 23.77 31.87 45.86
N TYR S 340 23.10 30.77 45.53
CA TYR S 340 22.93 29.70 46.50
C TYR S 340 24.26 29.08 46.89
N ALA S 341 25.17 28.93 45.93
CA ALA S 341 26.48 28.37 46.23
C ALA S 341 27.24 29.22 47.23
N ARG S 342 27.04 30.54 47.19
CA ARG S 342 27.75 31.43 48.10
C ARG S 342 26.98 31.62 49.41
N GLU S 343 25.65 31.67 49.34
CA GLU S 343 24.86 31.99 50.53
C GLU S 343 24.81 30.81 51.50
N THR S 344 24.67 29.59 50.99
CA THR S 344 24.65 28.43 51.87
C THR S 344 25.99 28.26 52.59
N THR S 345 27.10 28.50 51.88
CA THR S 345 28.40 28.43 52.52
C THR S 345 28.54 29.49 53.60
N ALA S 346 28.06 30.70 53.33
CA ALA S 346 28.15 31.77 54.32
C ALA S 346 27.20 31.52 55.49
N MET S 347 26.07 30.86 55.24
CA MET S 347 25.12 30.59 56.32
C MET S 347 25.63 29.49 57.23
N THR S 348 26.19 28.42 56.65
CA THR S 348 26.81 27.38 57.47
C THR S 348 27.99 27.93 58.25
N LYS S 349 28.65 28.95 57.70
CA LYS S 349 29.69 29.65 58.46
C LYS S 349 29.11 30.32 59.69
N ALA S 350 27.93 30.95 59.54
CA ALA S 350 27.29 31.60 60.68
C ALA S 350 26.78 30.58 61.69
N GLN S 351 26.25 29.45 61.20
CA GLN S 351 25.78 28.40 62.10
C GLN S 351 26.92 27.87 62.96
N ILE S 352 28.07 27.59 62.34
CA ILE S 352 29.22 27.10 63.09
C ILE S 352 29.73 28.17 64.03
N LEU S 353 29.66 29.43 63.61
CA LEU S 353 30.13 30.54 64.45
C LEU S 353 29.36 30.59 65.77
N GLN S 354 28.03 30.51 65.71
CA GLN S 354 27.25 30.64 66.94
C GLN S 354 27.41 29.41 67.83
N GLN S 355 27.57 28.22 67.25
CA GLN S 355 27.80 27.04 68.08
C GLN S 355 29.11 27.15 68.84
N ALA S 356 30.16 27.64 68.18
CA ALA S 356 31.42 27.89 68.88
C ALA S 356 31.25 28.98 69.94
N SER S 357 30.53 30.05 69.60
CA SER S 357 30.34 31.14 70.55
C SER S 357 29.53 30.70 71.76
N THR S 358 28.48 29.91 71.55
CA THR S 358 27.70 29.38 72.68
C THR S 358 28.55 28.43 73.52
N SER S 359 29.37 27.60 72.88
CA SER S 359 30.22 26.69 73.62
C SER S 359 31.21 27.44 74.50
N VAL S 360 31.88 28.44 73.93
CA VAL S 360 32.84 29.22 74.72
C VAL S 360 32.12 30.03 75.79
N LEU S 361 30.92 30.53 75.48
CA LEU S 361 30.13 31.26 76.47
C LEU S 361 29.77 30.36 77.64
N ALA S 362 29.42 29.10 77.35
CA ALA S 362 29.10 28.16 78.42
C ALA S 362 30.30 27.89 79.32
N GLN S 363 31.48 27.71 78.72
CA GLN S 363 32.69 27.47 79.51
C GLN S 363 33.20 28.72 80.19
N ALA S 364 32.89 29.91 79.67
CA ALA S 364 33.39 31.16 80.23
C ALA S 364 32.67 31.58 81.50
N LYS S 365 31.39 31.24 81.63
CA LYS S 365 30.64 31.65 82.82
C LYS S 365 31.09 30.92 84.08
N GLN S 366 31.93 29.88 83.95
CA GLN S 366 32.43 29.14 85.10
C GLN S 366 33.57 29.86 85.81
N SER S 367 34.04 31.00 85.28
CA SER S 367 35.12 31.73 85.94
C SER S 367 34.76 32.16 87.36
N PRO S 368 33.58 32.75 87.64
CA PRO S 368 33.22 32.99 89.04
C PRO S 368 33.12 31.72 89.87
N SER S 369 32.72 30.60 89.25
CA SER S 369 32.64 29.34 89.98
C SER S 369 34.01 28.90 90.48
N ALA S 370 35.05 29.13 89.67
CA ALA S 370 36.41 28.84 90.12
C ALA S 370 36.81 29.71 91.30
N ALA S 371 36.35 30.97 91.31
CA ALA S 371 36.67 31.86 92.41
C ALA S 371 36.07 31.38 93.73
N LEU S 372 34.81 30.92 93.69
CA LEU S 372 34.17 30.46 94.92
C LEU S 372 34.81 29.18 95.43
N SER S 373 35.21 28.29 94.52
CA SER S 373 35.84 27.05 94.94
C SER S 373 37.22 27.29 95.53
N LEU S 374 37.84 28.41 95.20
CA LEU S 374 39.16 28.72 95.74
C LEU S 374 39.08 29.08 97.23
N LEU S 375 38.01 29.73 97.66
CA LEU S 375 37.83 30.16 99.04
C LEU S 375 36.96 29.21 99.84
N GLY S 376 35.73 28.96 99.39
CA GLY S 376 34.80 28.13 100.13
C GLY S 376 35.19 26.67 100.21
N MET T 1 -10.56 -14.79 41.28
CA MET T 1 -9.52 -15.74 40.91
C MET T 1 -8.14 -15.28 41.37
N ALA T 2 -7.29 -16.25 41.72
CA ALA T 2 -5.95 -15.94 42.18
C ALA T 2 -5.13 -15.33 41.06
N ILE T 3 -4.16 -14.48 41.45
CA ILE T 3 -3.24 -13.86 40.50
C ILE T 3 -2.01 -14.78 40.45
N ASN T 4 -2.06 -15.75 39.54
CA ASN T 4 -1.10 -16.84 39.51
C ASN T 4 0.00 -16.60 38.48
N VAL T 5 1.13 -17.28 38.68
CA VAL T 5 2.24 -17.26 37.75
C VAL T 5 2.50 -18.63 37.13
N ASN T 6 2.41 -19.69 37.94
CA ASN T 6 2.74 -21.02 37.45
C ASN T 6 1.77 -21.49 36.38
N THR T 7 0.48 -21.25 36.59
CA THR T 7 -0.55 -21.62 35.62
C THR T 7 -1.15 -20.38 34.99
N ASN T 8 -1.39 -20.46 33.68
CA ASN T 8 -1.93 -19.37 32.87
C ASN T 8 -3.06 -19.88 32.01
N VAL T 9 -4.05 -20.52 32.64
CA VAL T 9 -5.13 -21.20 31.93
C VAL T 9 -5.85 -20.27 30.96
N SER T 10 -5.79 -18.96 31.18
CA SER T 10 -6.33 -18.02 30.21
C SER T 10 -5.57 -18.09 28.89
N ALA T 11 -4.24 -18.13 28.96
CA ALA T 11 -3.44 -18.32 27.75
C ALA T 11 -3.66 -19.70 27.15
N MET T 12 -3.92 -20.71 28.00
CA MET T 12 -4.24 -22.04 27.50
C MET T 12 -5.52 -22.01 26.66
N THR T 13 -6.51 -21.23 27.09
CA THR T 13 -7.69 -21.00 26.25
C THR T 13 -7.31 -20.33 24.95
N ALA T 14 -6.44 -19.32 25.02
CA ALA T 14 -6.08 -18.55 23.82
C ALA T 14 -5.38 -19.43 22.80
N GLN T 15 -4.44 -20.27 23.24
CA GLN T 15 -3.72 -21.11 22.29
C GLN T 15 -4.50 -22.37 21.93
N ARG T 16 -5.51 -22.73 22.72
CA ARG T 16 -6.36 -23.86 22.34
C ARG T 16 -7.23 -23.48 21.14
N TYR T 17 -7.81 -22.28 21.18
CA TYR T 17 -8.60 -21.81 20.05
C TYR T 17 -7.72 -21.32 18.92
N LEU T 18 -6.45 -21.01 19.21
CA LEU T 18 -5.52 -20.64 18.15
C LEU T 18 -5.25 -21.82 17.23
N ASN T 19 -5.03 -23.00 17.79
CA ASN T 19 -4.95 -24.21 16.98
C ASN T 19 -6.31 -24.56 16.38
N GLY T 20 -7.39 -24.14 17.04
CA GLY T 20 -8.71 -24.32 16.44
C GLY T 20 -8.85 -23.55 15.13
N ALA T 21 -8.33 -22.32 15.10
CA ALA T 21 -8.35 -21.53 13.87
C ALA T 21 -7.29 -22.00 12.89
N ALA T 22 -6.16 -22.48 13.41
CA ALA T 22 -5.10 -22.98 12.53
C ALA T 22 -5.57 -24.18 11.71
N ASP T 23 -6.28 -25.11 12.35
CA ASP T 23 -6.95 -26.17 11.61
C ASP T 23 -8.04 -25.60 10.70
N GLY T 24 -8.67 -24.51 11.14
CA GLY T 24 -9.81 -23.98 10.41
C GLY T 24 -9.48 -23.60 8.98
N MET T 25 -8.32 -22.96 8.78
CA MET T 25 -7.95 -22.57 7.42
C MET T 25 -7.06 -23.59 6.73
N GLN T 26 -6.46 -24.53 7.48
CA GLN T 26 -5.61 -25.54 6.85
C GLN T 26 -6.44 -26.42 5.91
N LYS T 27 -7.63 -26.82 6.34
CA LYS T 27 -8.53 -27.51 5.41
C LYS T 27 -9.00 -26.58 4.31
N SER T 28 -9.28 -25.32 4.65
CA SER T 28 -9.82 -24.38 3.67
C SER T 28 -8.81 -24.11 2.56
N MET T 29 -7.55 -23.89 2.91
CA MET T 29 -6.53 -23.59 1.90
C MET T 29 -6.13 -24.83 1.12
N GLU T 30 -6.17 -26.01 1.73
CA GLU T 30 -6.01 -27.25 0.97
C GLU T 30 -7.16 -27.43 -0.01
N ARG T 31 -8.38 -27.09 0.41
CA ARG T 31 -9.53 -27.17 -0.49
C ARG T 31 -9.41 -26.18 -1.63
N LEU T 32 -8.90 -24.98 -1.34
CA LEU T 32 -8.74 -23.97 -2.38
C LEU T 32 -7.69 -24.38 -3.42
N SER T 33 -6.56 -24.92 -2.95
CA SER T 33 -5.50 -25.30 -3.87
C SER T 33 -5.91 -26.46 -4.76
N SER T 34 -6.43 -27.54 -4.16
CA SER T 34 -6.80 -28.71 -4.93
C SER T 34 -8.10 -28.50 -5.70
N GLY T 35 -8.97 -27.62 -5.21
CA GLY T 35 -10.28 -27.45 -5.82
C GLY T 35 -11.28 -28.52 -5.46
N TYR T 36 -11.05 -29.25 -4.37
CA TYR T 36 -11.91 -30.36 -3.97
C TYR T 36 -12.29 -30.21 -2.51
N LYS T 37 -13.59 -30.35 -2.21
CA LYS T 37 -14.03 -30.43 -0.83
C LYS T 37 -13.48 -31.67 -0.14
N ILE T 38 -13.50 -32.80 -0.82
CA ILE T 38 -13.10 -34.08 -0.23
C ILE T 38 -11.75 -34.49 -0.78
N ASN T 39 -10.68 -34.09 -0.10
CA ASN T 39 -9.33 -34.57 -0.40
C ASN T 39 -8.96 -35.79 0.43
N SER T 40 -9.79 -36.14 1.42
CA SER T 40 -9.50 -37.27 2.30
C SER T 40 -10.81 -37.86 2.79
N ALA T 41 -10.74 -39.10 3.26
CA ALA T 41 -11.91 -39.77 3.81
C ALA T 41 -12.38 -39.13 5.12
N ARG T 42 -11.48 -38.42 5.82
CA ARG T 42 -11.88 -37.76 7.05
C ARG T 42 -12.84 -36.60 6.78
N ASP T 43 -12.77 -36.00 5.59
CA ASP T 43 -13.68 -34.91 5.26
C ASP T 43 -15.11 -35.41 5.09
N ASP T 44 -15.29 -36.48 4.32
CA ASP T 44 -16.61 -37.03 4.06
C ASP T 44 -16.45 -38.48 3.63
N ALA T 45 -16.96 -39.42 4.44
CA ALA T 45 -16.81 -40.83 4.12
C ALA T 45 -17.62 -41.21 2.89
N ALA T 46 -18.95 -41.06 2.96
CA ALA T 46 -19.80 -41.39 1.83
C ALA T 46 -19.51 -40.48 0.63
N GLY T 47 -19.25 -39.21 0.88
CA GLY T 47 -18.93 -38.30 -0.21
C GLY T 47 -17.73 -38.76 -1.01
N LEU T 48 -16.71 -39.29 -0.32
CA LEU T 48 -15.56 -39.84 -1.01
C LEU T 48 -15.94 -41.05 -1.85
N GLN T 49 -16.77 -41.94 -1.30
CA GLN T 49 -17.12 -43.17 -2.01
C GLN T 49 -17.98 -42.87 -3.24
N ILE T 50 -18.99 -42.01 -3.09
CA ILE T 50 -19.88 -41.72 -4.21
C ILE T 50 -19.14 -40.92 -5.28
N SER T 51 -18.27 -40.00 -4.87
CA SER T 51 -17.48 -39.25 -5.84
C SER T 51 -16.52 -40.17 -6.60
N ASN T 52 -15.90 -41.11 -5.90
CA ASN T 52 -15.02 -42.06 -6.57
C ASN T 52 -15.78 -42.94 -7.55
N ARG T 53 -16.97 -43.41 -7.15
CA ARG T 53 -17.76 -44.23 -8.06
C ARG T 53 -18.26 -43.43 -9.26
N LEU T 54 -18.65 -42.17 -9.03
CA LEU T 54 -19.08 -41.32 -10.14
C LEU T 54 -17.90 -40.97 -11.05
N THR T 55 -16.71 -40.82 -10.47
CA THR T 55 -15.51 -40.62 -11.29
C THR T 55 -15.21 -41.85 -12.13
N SER T 56 -15.31 -43.03 -11.53
CA SER T 56 -15.09 -44.27 -12.28
C SER T 56 -16.12 -44.42 -13.39
N GLN T 57 -17.38 -44.12 -13.11
CA GLN T 57 -18.40 -44.17 -14.14
C GLN T 57 -18.13 -43.14 -15.23
N SER T 58 -17.73 -41.92 -14.84
CA SER T 58 -17.47 -40.87 -15.82
C SER T 58 -16.33 -41.26 -16.75
N ARG T 59 -15.26 -41.84 -16.21
CA ARG T 59 -14.18 -42.33 -17.06
C ARG T 59 -14.65 -43.49 -17.93
N GLY T 60 -15.49 -44.36 -17.37
CA GLY T 60 -16.02 -45.47 -18.15
C GLY T 60 -16.88 -45.00 -19.31
N LEU T 61 -17.64 -43.93 -19.10
CA LEU T 61 -18.47 -43.39 -20.19
C LEU T 61 -17.62 -42.76 -21.27
N ASP T 62 -16.49 -42.15 -20.90
CA ASP T 62 -15.60 -41.56 -21.89
C ASP T 62 -14.97 -42.63 -22.77
N MET T 63 -14.57 -43.75 -22.17
CA MET T 63 -14.11 -44.88 -22.97
C MET T 63 -15.26 -45.56 -23.69
N ALA T 64 -16.49 -45.34 -23.23
CA ALA T 64 -17.64 -45.90 -23.91
C ALA T 64 -17.93 -45.17 -25.22
N VAL T 65 -17.79 -43.85 -25.22
CA VAL T 65 -17.97 -43.09 -26.46
C VAL T 65 -16.75 -43.24 -27.35
N LYS T 66 -15.58 -43.52 -26.76
CA LYS T 66 -14.39 -43.78 -27.57
C LYS T 66 -14.52 -45.12 -28.30
N ASN T 67 -14.98 -46.15 -27.59
CA ASN T 67 -15.14 -47.45 -28.22
C ASN T 67 -16.32 -47.44 -29.20
N ALA T 68 -17.36 -46.68 -28.89
CA ALA T 68 -18.48 -46.54 -29.83
C ALA T 68 -18.04 -45.85 -31.12
N ASN T 69 -17.16 -44.86 -30.99
CA ASN T 69 -16.62 -44.20 -32.19
C ASN T 69 -15.78 -45.17 -33.01
N ASP T 70 -14.99 -46.01 -32.35
CA ASP T 70 -14.20 -47.00 -33.08
C ASP T 70 -15.09 -48.02 -33.78
N GLY T 71 -16.14 -48.48 -33.10
CA GLY T 71 -17.09 -49.38 -33.74
C GLY T 71 -17.80 -48.72 -34.91
N ILE T 72 -18.09 -47.42 -34.80
CA ILE T 72 -18.64 -46.68 -35.92
C ILE T 72 -17.65 -46.65 -37.08
N SER T 73 -16.36 -46.46 -36.77
CA SER T 73 -15.34 -46.41 -37.81
C SER T 73 -15.23 -47.73 -38.58
N ILE T 74 -15.27 -48.85 -37.86
CA ILE T 74 -15.17 -50.15 -38.53
C ILE T 74 -16.39 -50.38 -39.41
N ALA T 75 -17.57 -49.97 -38.94
CA ALA T 75 -18.75 -50.06 -39.78
C ALA T 75 -18.64 -49.14 -41.00
N GLN T 76 -18.04 -47.97 -40.82
CA GLN T 76 -17.87 -47.04 -41.94
C GLN T 76 -16.90 -47.60 -42.98
N THR T 77 -15.75 -48.11 -42.54
CA THR T 77 -14.77 -48.65 -43.47
C THR T 77 -15.35 -49.83 -44.24
N ALA T 78 -16.10 -50.69 -43.55
CA ALA T 78 -16.81 -51.76 -44.24
C ALA T 78 -17.82 -51.20 -45.24
N GLU T 79 -18.59 -50.19 -44.81
CA GLU T 79 -19.65 -49.66 -45.67
C GLU T 79 -19.09 -49.13 -46.98
N GLY T 80 -17.95 -48.44 -46.92
CA GLY T 80 -17.28 -48.03 -48.16
C GLY T 80 -16.86 -49.23 -48.99
N ALA T 81 -16.43 -50.31 -48.35
CA ALA T 81 -16.08 -51.52 -49.09
C ALA T 81 -17.29 -52.11 -49.80
N MET T 82 -18.45 -52.14 -49.13
CA MET T 82 -19.65 -52.65 -49.80
C MET T 82 -20.13 -51.73 -50.91
N ASN T 83 -19.80 -50.43 -50.83
CA ASN T 83 -20.23 -49.49 -51.86
C ASN T 83 -19.62 -49.85 -53.21
N GLU T 84 -18.33 -50.21 -53.22
CA GLU T 84 -17.69 -50.62 -54.47
C GLU T 84 -18.21 -51.98 -54.93
N THR T 85 -18.45 -52.89 -53.99
CA THR T 85 -18.95 -54.21 -54.36
C THR T 85 -20.31 -54.10 -55.04
N THR T 86 -21.17 -53.20 -54.55
CA THR T 86 -22.46 -52.96 -55.20
C THR T 86 -22.27 -52.47 -56.63
N ASN T 87 -21.33 -51.53 -56.83
CA ASN T 87 -21.13 -50.95 -58.15
C ASN T 87 -20.56 -51.98 -59.12
N ILE T 88 -19.67 -52.85 -58.65
CA ILE T 88 -19.11 -53.88 -59.51
C ILE T 88 -20.19 -54.87 -59.94
N LEU T 89 -21.04 -55.29 -59.00
CA LEU T 89 -22.09 -56.24 -59.32
C LEU T 89 -23.08 -55.65 -60.31
N GLN T 90 -23.44 -54.37 -60.16
CA GLN T 90 -24.32 -53.73 -61.13
C GLN T 90 -23.68 -53.67 -62.51
N ARG T 91 -22.38 -53.38 -62.58
CA ARG T 91 -21.68 -53.40 -63.85
C ARG T 91 -21.69 -54.80 -64.46
N MET T 92 -21.49 -55.83 -63.64
CA MET T 92 -21.53 -57.19 -64.14
C MET T 92 -22.93 -57.57 -64.62
N ARG T 93 -23.96 -57.00 -63.99
CA ARG T 93 -25.32 -57.25 -64.44
C ARG T 93 -25.59 -56.65 -65.81
N ASP T 94 -25.08 -55.44 -66.05
CA ASP T 94 -25.25 -54.82 -67.36
C ASP T 94 -24.54 -55.61 -68.45
N LEU T 95 -23.35 -56.13 -68.14
CA LEU T 95 -22.64 -56.98 -69.09
C LEU T 95 -23.41 -58.27 -69.35
N ALA T 96 -24.03 -58.83 -68.31
CA ALA T 96 -24.81 -60.04 -68.47
C ALA T 96 -26.02 -59.82 -69.38
N LEU T 97 -26.75 -58.72 -69.16
CA LEU T 97 -27.90 -58.41 -70.01
C LEU T 97 -27.47 -58.13 -71.44
N GLN T 98 -26.37 -57.41 -71.62
CA GLN T 98 -25.87 -57.10 -72.96
C GLN T 98 -25.45 -58.36 -73.69
N SER T 99 -24.83 -59.31 -72.98
CA SER T 99 -24.39 -60.55 -73.61
C SER T 99 -25.55 -61.44 -74.02
N SER T 100 -26.72 -61.25 -73.41
CA SER T 100 -27.86 -62.10 -73.71
C SER T 100 -28.48 -61.78 -75.06
N ASN T 101 -28.24 -60.59 -75.60
CA ASN T 101 -28.81 -60.21 -76.88
C ASN T 101 -28.33 -61.15 -77.99
N GLY T 102 -29.27 -61.59 -78.82
CA GLY T 102 -28.96 -62.57 -79.85
C GLY T 102 -28.07 -62.06 -80.96
N SER T 103 -27.96 -60.74 -81.11
CA SER T 103 -27.09 -60.18 -82.14
C SER T 103 -25.62 -60.47 -81.88
N ASN T 104 -25.25 -60.74 -80.62
CA ASN T 104 -23.87 -61.07 -80.30
C ASN T 104 -23.51 -62.46 -80.81
N SER T 105 -22.38 -62.55 -81.48
CA SER T 105 -21.84 -63.84 -81.89
C SER T 105 -20.97 -64.39 -80.77
N SER T 106 -20.28 -65.51 -81.03
CA SER T 106 -19.43 -66.10 -80.01
C SER T 106 -18.28 -65.17 -79.64
N SER T 107 -17.68 -64.50 -80.63
CA SER T 107 -16.50 -63.67 -80.38
C SER T 107 -16.81 -62.54 -79.41
N GLU T 108 -17.95 -61.88 -79.56
CA GLU T 108 -18.30 -60.78 -78.66
C GLU T 108 -18.68 -61.30 -77.28
N ARG T 109 -19.13 -62.55 -77.20
CA ARG T 109 -19.44 -63.14 -75.90
C ARG T 109 -18.16 -63.38 -75.09
N ARG T 110 -17.08 -63.79 -75.75
CA ARG T 110 -15.81 -63.93 -75.06
C ARG T 110 -15.30 -62.59 -74.52
N ALA T 111 -15.50 -61.52 -75.29
CA ALA T 111 -15.03 -60.20 -74.86
C ALA T 111 -15.73 -59.75 -73.59
N ILE T 112 -17.05 -59.96 -73.52
CA ILE T 112 -17.79 -59.64 -72.30
C ILE T 112 -17.36 -60.56 -71.17
N GLN T 113 -17.04 -61.81 -71.48
CA GLN T 113 -16.55 -62.74 -70.46
C GLN T 113 -15.25 -62.23 -69.85
N GLU T 114 -14.33 -61.73 -70.69
CA GLU T 114 -13.05 -61.26 -70.19
C GLU T 114 -13.23 -60.11 -69.21
N GLU T 115 -14.12 -59.16 -69.53
CA GLU T 115 -14.42 -58.08 -68.60
C GLU T 115 -15.08 -58.61 -67.32
N VAL T 116 -16.03 -59.54 -67.47
CA VAL T 116 -16.75 -60.07 -66.32
C VAL T 116 -15.80 -60.79 -65.37
N SER T 117 -14.89 -61.60 -65.92
CA SER T 117 -13.92 -62.29 -65.08
C SER T 117 -12.99 -61.32 -64.38
N ALA T 118 -12.68 -60.19 -65.03
CA ALA T 118 -11.84 -59.18 -64.40
C ALA T 118 -12.55 -58.55 -63.20
N LEU T 119 -13.83 -58.20 -63.35
CA LEU T 119 -14.58 -57.66 -62.22
C LEU T 119 -14.83 -58.71 -61.15
N ASN T 120 -14.99 -59.98 -61.55
CA ASN T 120 -15.11 -61.05 -60.57
C ASN T 120 -13.84 -61.18 -59.74
N ASP T 121 -12.67 -61.09 -60.40
CA ASP T 121 -11.41 -61.07 -59.67
C ASP T 121 -11.32 -59.82 -58.81
N GLU T 122 -11.97 -58.74 -59.22
CA GLU T 122 -11.98 -57.52 -58.43
C GLU T 122 -12.78 -57.70 -57.15
N LEU T 123 -13.88 -58.45 -57.23
CA LEU T 123 -14.71 -58.68 -56.04
C LEU T 123 -13.93 -59.41 -54.96
N ASN T 124 -13.15 -60.43 -55.33
CA ASN T 124 -12.32 -61.12 -54.35
C ASN T 124 -11.27 -60.17 -53.77
N ARG T 125 -10.70 -59.30 -54.61
CA ARG T 125 -9.73 -58.33 -54.11
C ARG T 125 -10.38 -57.34 -53.15
N ILE T 126 -11.68 -57.09 -53.32
CA ILE T 126 -12.40 -56.22 -52.40
C ILE T 126 -12.42 -56.84 -51.00
N ALA T 127 -12.76 -58.12 -50.92
CA ALA T 127 -12.95 -58.76 -49.62
C ALA T 127 -11.63 -59.02 -48.92
N GLU T 128 -10.63 -59.50 -49.65
CA GLU T 128 -9.40 -59.97 -49.01
C GLU T 128 -8.52 -58.81 -48.54
N THR T 129 -8.47 -57.72 -49.30
CA THR T 129 -7.55 -56.64 -48.98
C THR T 129 -8.14 -55.56 -48.09
N THR T 130 -9.47 -55.40 -48.07
CA THR T 130 -10.09 -54.40 -47.21
C THR T 130 -9.82 -54.74 -45.76
N SER T 131 -9.18 -53.82 -45.05
CA SER T 131 -8.80 -54.06 -43.66
C SER T 131 -8.85 -52.74 -42.90
N PHE T 132 -8.96 -52.85 -41.58
CA PHE T 132 -8.99 -51.71 -40.67
C PHE T 132 -7.76 -51.80 -39.79
N GLY T 133 -6.68 -51.15 -40.20
CA GLY T 133 -5.42 -51.24 -39.49
C GLY T 133 -4.85 -52.64 -39.51
N GLY T 134 -4.90 -53.29 -40.67
CA GLY T 134 -4.42 -54.65 -40.81
C GLY T 134 -5.41 -55.71 -40.38
N ASN T 135 -6.56 -55.33 -39.82
CA ASN T 135 -7.57 -56.27 -39.36
C ASN T 135 -8.57 -56.48 -40.50
N LYS T 136 -8.52 -57.64 -41.14
CA LYS T 136 -9.38 -57.93 -42.27
C LYS T 136 -10.85 -57.96 -41.84
N LEU T 137 -11.72 -57.50 -42.73
CA LEU T 137 -13.15 -57.38 -42.42
C LEU T 137 -14.03 -58.24 -43.30
N LEU T 138 -13.91 -58.14 -44.62
CA LEU T 138 -14.93 -58.66 -45.53
C LEU T 138 -14.67 -60.07 -46.04
N ASN T 139 -13.61 -60.74 -45.59
CA ASN T 139 -13.36 -62.12 -46.02
C ASN T 139 -13.90 -63.16 -45.04
N GLY T 140 -14.60 -62.74 -43.99
CA GLY T 140 -15.21 -63.66 -43.05
C GLY T 140 -14.38 -64.01 -41.83
N SER T 141 -13.14 -63.55 -41.76
CA SER T 141 -12.31 -63.79 -40.58
C SER T 141 -12.67 -62.86 -39.43
N PHE T 142 -13.41 -61.78 -39.68
CA PHE T 142 -13.84 -60.91 -38.61
C PHE T 142 -14.85 -61.60 -37.70
N GLY T 143 -15.77 -62.38 -38.29
CA GLY T 143 -16.76 -63.08 -37.49
C GLY T 143 -17.69 -62.12 -36.78
N SER T 144 -17.90 -62.38 -35.49
CA SER T 144 -18.75 -61.55 -34.65
C SER T 144 -17.90 -61.02 -33.50
N LYS T 145 -17.64 -59.72 -33.50
CA LYS T 145 -16.85 -59.06 -32.47
C LYS T 145 -17.73 -58.09 -31.70
N SER T 146 -17.47 -57.98 -30.40
CA SER T 146 -18.32 -57.20 -29.50
C SER T 146 -17.64 -55.87 -29.19
N PHE T 147 -18.37 -54.78 -29.37
CA PHE T 147 -17.89 -53.44 -29.08
C PHE T 147 -18.48 -52.96 -27.76
N GLN T 148 -17.63 -52.57 -26.82
CA GLN T 148 -18.05 -52.23 -25.47
C GLN T 148 -18.46 -50.76 -25.44
N ILE T 149 -19.75 -50.51 -25.19
CA ILE T 149 -20.28 -49.16 -25.18
C ILE T 149 -20.93 -48.84 -23.84
N GLY T 150 -20.41 -49.44 -22.77
CA GLY T 150 -20.95 -49.22 -21.45
C GLY T 150 -19.85 -48.90 -20.45
N ALA T 151 -20.26 -48.30 -19.34
CA ALA T 151 -19.34 -47.92 -18.27
C ALA T 151 -19.07 -49.05 -17.28
N ASP T 152 -19.78 -50.15 -17.39
CA ASP T 152 -19.61 -51.30 -16.50
C ASP T 152 -19.28 -52.54 -17.32
N SER T 153 -19.00 -53.63 -16.62
CA SER T 153 -18.66 -54.88 -17.29
C SER T 153 -19.86 -55.46 -18.02
N GLY T 154 -19.59 -56.10 -19.15
CA GLY T 154 -20.62 -56.81 -19.91
C GLY T 154 -21.73 -55.93 -20.45
N GLU T 155 -21.37 -54.77 -20.99
CA GLU T 155 -22.32 -53.81 -21.54
C GLU T 155 -22.04 -53.55 -23.02
N ALA T 156 -21.78 -54.62 -23.77
CA ALA T 156 -21.40 -54.53 -25.18
C ALA T 156 -22.49 -55.13 -26.07
N VAL T 157 -22.41 -54.79 -27.35
CA VAL T 157 -23.25 -55.38 -28.38
C VAL T 157 -22.37 -56.06 -29.40
N MET T 158 -22.94 -57.01 -30.13
CA MET T 158 -22.19 -57.82 -31.09
C MET T 158 -22.45 -57.35 -32.51
N LEU T 159 -21.38 -57.19 -33.29
CA LEU T 159 -21.45 -56.84 -34.70
C LEU T 159 -20.95 -58.02 -35.52
N SER T 160 -21.76 -58.47 -36.47
CA SER T 160 -21.42 -59.59 -37.34
C SER T 160 -21.18 -59.08 -38.75
N MET T 161 -20.18 -59.66 -39.41
CA MET T 161 -19.81 -59.30 -40.78
C MET T 161 -19.70 -60.56 -41.61
N GLY T 162 -20.56 -60.70 -42.61
CA GLY T 162 -20.47 -61.81 -43.53
C GLY T 162 -19.30 -61.67 -44.49
N SER T 163 -18.95 -62.79 -45.10
CA SER T 163 -17.87 -62.82 -46.08
C SER T 163 -18.43 -62.54 -47.46
N MET T 164 -17.85 -61.56 -48.16
CA MET T 164 -18.31 -61.18 -49.48
C MET T 164 -17.33 -61.55 -50.58
N ARG T 165 -16.64 -62.68 -50.41
CA ARG T 165 -15.95 -63.27 -51.54
C ARG T 165 -16.96 -63.67 -52.59
N SER T 166 -16.55 -63.63 -53.85
CA SER T 166 -17.49 -63.87 -54.94
C SER T 166 -18.05 -65.29 -54.94
N ASP T 167 -17.44 -66.21 -54.19
CA ASP T 167 -17.85 -67.60 -54.13
C ASP T 167 -18.70 -67.93 -52.90
N THR T 168 -19.12 -66.93 -52.14
CA THR T 168 -19.90 -67.18 -50.93
C THR T 168 -21.23 -67.85 -51.28
N GLN T 169 -21.64 -68.80 -50.45
CA GLN T 169 -22.88 -69.54 -50.70
C GLN T 169 -24.08 -68.59 -50.69
N ALA T 170 -24.07 -67.59 -49.81
CA ALA T 170 -25.15 -66.61 -49.78
C ALA T 170 -25.09 -65.64 -50.95
N MET T 171 -24.01 -65.66 -51.74
CA MET T 171 -23.84 -64.76 -52.87
C MET T 171 -24.44 -65.32 -54.16
N GLY T 172 -24.98 -66.53 -54.12
CA GLY T 172 -25.52 -67.14 -55.32
C GLY T 172 -26.82 -67.87 -55.10
N GLY T 173 -26.89 -69.12 -55.51
CA GLY T 173 -28.10 -69.90 -55.36
C GLY T 173 -28.00 -71.22 -56.10
N LYS T 174 -29.11 -71.92 -56.17
CA LYS T 174 -29.19 -73.20 -56.85
C LYS T 174 -30.01 -73.04 -58.13
N SER T 175 -29.42 -73.44 -59.25
CA SER T 175 -30.03 -73.29 -60.56
C SER T 175 -30.42 -74.66 -61.12
N TYR T 176 -31.62 -74.73 -61.69
CA TYR T 176 -32.15 -75.97 -62.27
C TYR T 176 -32.43 -75.74 -63.75
N ARG T 177 -31.99 -76.69 -64.57
CA ARG T 177 -32.14 -76.62 -66.02
C ARG T 177 -32.93 -77.82 -66.51
N ALA T 178 -33.86 -77.57 -67.43
CA ALA T 178 -34.62 -78.66 -68.03
C ALA T 178 -33.70 -79.55 -68.86
N GLN T 179 -33.99 -80.85 -68.85
CA GLN T 179 -33.22 -81.79 -69.65
C GLN T 179 -33.72 -81.89 -71.08
N GLU T 180 -34.87 -81.29 -71.39
CA GLU T 180 -35.43 -81.29 -72.74
C GLU T 180 -35.50 -79.85 -73.24
N GLY T 181 -34.84 -79.58 -74.36
CA GLY T 181 -34.89 -78.28 -75.00
C GLY T 181 -35.91 -78.28 -76.11
N LYS T 182 -36.76 -77.25 -76.11
CA LYS T 182 -37.86 -77.14 -77.05
C LYS T 182 -37.55 -76.05 -78.07
N ALA T 183 -38.00 -76.25 -79.30
CA ALA T 183 -37.73 -75.30 -80.38
C ALA T 183 -38.70 -74.11 -80.28
N ALA T 184 -38.66 -73.23 -81.29
CA ALA T 184 -39.52 -72.07 -81.32
C ALA T 184 -40.95 -72.40 -81.75
N ASP T 185 -41.18 -73.59 -82.32
CA ASP T 185 -42.52 -74.00 -82.70
C ASP T 185 -43.30 -74.61 -81.55
N TRP T 186 -42.65 -74.92 -80.44
CA TRP T 186 -43.32 -75.57 -79.32
C TRP T 186 -44.18 -74.57 -78.56
N ARG T 187 -45.45 -74.89 -78.40
CA ARG T 187 -46.38 -74.08 -77.63
C ARG T 187 -47.11 -74.98 -76.64
N VAL T 188 -47.49 -74.40 -75.50
CA VAL T 188 -48.09 -75.19 -74.42
C VAL T 188 -49.40 -75.80 -74.88
N GLY T 189 -49.58 -77.07 -74.57
CA GLY T 189 -50.78 -77.80 -74.94
C GLY T 189 -51.89 -77.71 -73.91
N ALA T 190 -52.51 -78.84 -73.60
CA ALA T 190 -53.62 -78.89 -72.65
C ALA T 190 -53.19 -79.24 -71.24
N ALA T 191 -51.90 -79.45 -71.01
CA ALA T 191 -51.36 -79.75 -69.68
C ALA T 191 -50.44 -78.60 -69.29
N THR T 192 -50.91 -77.72 -68.41
CA THR T 192 -50.20 -76.50 -68.06
C THR T 192 -49.82 -76.38 -66.60
N ASP T 193 -50.39 -77.21 -65.72
CA ASP T 193 -50.11 -77.07 -64.29
C ASP T 193 -48.65 -77.37 -63.98
N LEU T 194 -48.05 -76.52 -63.14
CA LEU T 194 -46.65 -76.63 -62.76
C LEU T 194 -46.51 -76.10 -61.34
N THR T 195 -46.19 -76.98 -60.40
CA THR T 195 -46.12 -76.64 -58.98
C THR T 195 -44.69 -76.67 -58.52
N LEU T 196 -44.24 -75.56 -57.91
CA LEU T 196 -42.88 -75.44 -57.38
C LEU T 196 -42.98 -75.52 -55.85
N SER T 197 -42.45 -76.60 -55.28
CA SER T 197 -42.48 -76.84 -53.85
C SER T 197 -41.09 -76.65 -53.27
N TYR T 198 -40.98 -75.81 -52.24
CA TYR T 198 -39.71 -75.60 -51.57
C TYR T 198 -39.99 -75.07 -50.17
N THR T 199 -38.94 -74.59 -49.50
CA THR T 199 -39.05 -73.98 -48.19
C THR T 199 -38.37 -72.62 -48.24
N ASN T 200 -39.09 -71.58 -47.82
CA ASN T 200 -38.54 -70.24 -47.79
C ASN T 200 -37.47 -70.16 -46.70
N LYS T 201 -36.65 -69.09 -46.78
CA LYS T 201 -35.56 -68.92 -45.82
C LYS T 201 -36.07 -68.72 -44.40
N GLN T 202 -37.32 -68.27 -44.24
CA GLN T 202 -37.90 -68.15 -42.90
C GLN T 202 -38.21 -69.50 -42.26
N GLY T 203 -38.14 -70.59 -43.03
CA GLY T 203 -38.34 -71.92 -42.50
C GLY T 203 -39.70 -72.53 -42.76
N GLU T 204 -40.58 -71.85 -43.47
CA GLU T 204 -41.92 -72.34 -43.75
C GLU T 204 -42.02 -72.85 -45.19
N ALA T 205 -42.82 -73.88 -45.38
CA ALA T 205 -43.02 -74.47 -46.70
C ALA T 205 -43.83 -73.52 -47.59
N ARG T 206 -43.55 -73.58 -48.89
CA ARG T 206 -44.21 -72.72 -49.86
C ARG T 206 -44.68 -73.56 -51.05
N GLU T 207 -45.92 -73.34 -51.46
CA GLU T 207 -46.51 -74.00 -52.62
C GLU T 207 -46.87 -72.93 -53.64
N VAL T 208 -46.27 -73.02 -54.83
CA VAL T 208 -46.55 -72.08 -55.91
C VAL T 208 -47.05 -72.87 -57.11
N THR T 209 -48.31 -72.66 -57.46
CA THR T 209 -48.94 -73.34 -58.59
C THR T 209 -49.11 -72.35 -59.73
N ILE T 210 -48.57 -72.71 -60.90
CA ILE T 210 -48.59 -71.85 -62.07
C ILE T 210 -49.30 -72.59 -63.19
N ASN T 211 -50.30 -71.95 -63.78
CA ASN T 211 -51.03 -72.49 -64.92
C ASN T 211 -50.63 -71.66 -66.14
N ALA T 212 -49.64 -72.14 -66.89
CA ALA T 212 -49.14 -71.40 -68.04
C ALA T 212 -50.22 -71.26 -69.11
N LYS T 213 -50.29 -70.08 -69.70
CA LYS T 213 -51.29 -69.83 -70.73
C LYS T 213 -50.95 -70.63 -71.99
N GLN T 214 -51.98 -71.21 -72.60
CA GLN T 214 -51.78 -72.05 -73.77
C GLN T 214 -51.30 -71.22 -74.95
N GLY T 215 -50.35 -71.78 -75.71
CA GLY T 215 -49.82 -71.15 -76.89
C GLY T 215 -48.54 -70.38 -76.68
N ASP T 216 -48.20 -70.05 -75.43
CA ASP T 216 -46.98 -69.30 -75.15
C ASP T 216 -45.75 -70.17 -75.38
N ASP T 217 -44.74 -69.61 -76.03
CA ASP T 217 -43.51 -70.32 -76.30
C ASP T 217 -42.61 -70.27 -75.06
N LEU T 218 -41.34 -70.67 -75.22
CA LEU T 218 -40.45 -70.78 -74.07
C LEU T 218 -40.17 -69.43 -73.44
N GLU T 219 -39.89 -68.40 -74.26
CA GLU T 219 -39.60 -67.09 -73.71
C GLU T 219 -40.82 -66.49 -73.00
N GLU T 220 -42.00 -66.66 -73.59
CA GLU T 220 -43.21 -66.16 -72.94
C GLU T 220 -43.54 -66.96 -71.68
N LEU T 221 -43.28 -68.26 -71.70
CA LEU T 221 -43.46 -69.07 -70.49
C LEU T 221 -42.48 -68.64 -69.41
N ALA T 222 -41.23 -68.35 -69.80
CA ALA T 222 -40.23 -67.92 -68.83
C ALA T 222 -40.62 -66.59 -68.19
N THR T 223 -41.15 -65.66 -68.99
CA THR T 223 -41.54 -64.37 -68.43
C THR T 223 -42.84 -64.47 -67.65
N TYR T 224 -43.64 -65.51 -67.89
CA TYR T 224 -44.84 -65.72 -67.09
C TYR T 224 -44.48 -66.22 -65.70
N ILE T 225 -43.58 -67.20 -65.62
CA ILE T 225 -43.10 -67.66 -64.32
C ILE T 225 -42.35 -66.55 -63.61
N ASN T 226 -41.60 -65.73 -64.37
CA ASN T 226 -40.89 -64.61 -63.78
C ASN T 226 -41.85 -63.61 -63.16
N GLY T 227 -42.96 -63.31 -63.83
CA GLY T 227 -43.89 -62.31 -63.34
C GLY T 227 -44.86 -62.83 -62.30
N GLN T 228 -45.18 -64.12 -62.35
CA GLN T 228 -46.15 -64.67 -61.40
C GLN T 228 -45.56 -64.79 -60.00
N THR T 229 -44.31 -65.23 -59.90
CA THR T 229 -43.67 -65.45 -58.61
C THR T 229 -42.29 -64.78 -58.61
N GLU T 230 -41.86 -64.38 -57.42
CA GLU T 230 -40.57 -63.73 -57.22
C GLU T 230 -39.55 -64.63 -56.53
N ASP T 231 -39.96 -65.80 -56.02
CA ASP T 231 -38.99 -66.72 -55.43
C ASP T 231 -38.01 -67.24 -56.47
N VAL T 232 -38.50 -67.59 -57.66
CA VAL T 232 -37.67 -68.13 -58.72
C VAL T 232 -37.64 -67.17 -59.89
N LYS T 233 -36.70 -67.41 -60.81
CA LYS T 233 -36.53 -66.60 -62.01
C LYS T 233 -36.30 -67.53 -63.19
N ALA T 234 -37.23 -67.52 -64.14
CA ALA T 234 -37.19 -68.43 -65.27
C ALA T 234 -36.47 -67.80 -66.46
N SER T 235 -35.76 -68.63 -67.21
CA SER T 235 -34.99 -68.19 -68.37
C SER T 235 -34.91 -69.32 -69.38
N VAL T 236 -34.27 -69.04 -70.51
CA VAL T 236 -34.13 -70.00 -71.60
C VAL T 236 -32.71 -69.89 -72.17
N GLY T 237 -32.09 -71.04 -72.43
CA GLY T 237 -30.75 -71.10 -72.99
C GLY T 237 -30.74 -71.24 -74.49
N GLU T 238 -29.62 -71.74 -75.01
CA GLU T 238 -29.48 -71.97 -76.45
C GLU T 238 -30.51 -72.97 -76.95
N ASP T 239 -30.59 -74.14 -76.31
CA ASP T 239 -31.37 -75.26 -76.81
C ASP T 239 -32.87 -75.06 -76.64
N GLY T 240 -33.29 -74.02 -75.93
CA GLY T 240 -34.70 -73.84 -75.66
C GLY T 240 -35.20 -74.55 -74.43
N LYS T 241 -34.31 -74.89 -73.51
CA LYS T 241 -34.66 -75.58 -72.27
C LYS T 241 -34.86 -74.55 -71.17
N LEU T 242 -36.05 -74.56 -70.55
CA LEU T 242 -36.35 -73.62 -69.49
C LEU T 242 -35.48 -73.91 -68.26
N GLN T 243 -35.01 -72.84 -67.62
CA GLN T 243 -34.13 -72.98 -66.47
C GLN T 243 -34.55 -71.99 -65.38
N LEU T 244 -34.75 -72.50 -64.17
CA LEU T 244 -35.09 -71.69 -63.02
C LEU T 244 -33.84 -71.29 -62.25
N PHE T 245 -34.04 -70.49 -61.21
CA PHE T 245 -32.97 -70.09 -60.31
C PHE T 245 -33.57 -69.75 -58.95
N ALA T 246 -33.41 -70.66 -57.99
CA ALA T 246 -33.83 -70.42 -56.61
C ALA T 246 -32.65 -69.83 -55.86
N SER T 247 -32.73 -68.54 -55.54
CA SER T 247 -31.65 -67.85 -54.86
C SER T 247 -31.41 -68.45 -53.48
N SER T 248 -30.15 -68.42 -53.05
CA SER T 248 -29.79 -69.10 -51.80
C SER T 248 -30.26 -68.34 -50.57
N GLN T 249 -30.47 -67.03 -50.68
CA GLN T 249 -30.89 -66.22 -49.56
C GLN T 249 -32.41 -66.07 -49.45
N LYS T 250 -33.16 -66.61 -50.41
CA LYS T 250 -34.61 -66.63 -50.35
C LYS T 250 -35.20 -68.03 -50.26
N VAL T 251 -34.56 -69.02 -50.87
CA VAL T 251 -35.03 -70.40 -50.85
C VAL T 251 -33.89 -71.28 -50.36
N ASN T 252 -34.18 -72.14 -49.38
CA ASN T 252 -33.21 -73.10 -48.86
C ASN T 252 -33.78 -74.50 -48.99
N GLY T 253 -32.93 -75.45 -49.37
CA GLY T 253 -33.36 -76.81 -49.60
C GLY T 253 -33.60 -77.11 -51.06
N ASP T 254 -34.01 -78.35 -51.32
CA ASP T 254 -34.26 -78.79 -52.68
C ASP T 254 -35.65 -78.37 -53.15
N VAL T 255 -35.74 -77.98 -54.42
CA VAL T 255 -37.00 -77.55 -55.02
C VAL T 255 -37.59 -78.72 -55.80
N THR T 256 -38.83 -79.07 -55.49
CA THR T 256 -39.53 -80.17 -56.15
C THR T 256 -40.54 -79.60 -57.13
N ILE T 257 -40.46 -80.05 -58.38
CA ILE T 257 -41.32 -79.55 -59.45
C ILE T 257 -42.28 -80.67 -59.86
N GLY T 258 -43.58 -80.38 -59.80
CA GLY T 258 -44.59 -81.33 -60.19
C GLY T 258 -45.52 -80.74 -61.24
N GLY T 259 -46.53 -81.53 -61.59
CA GLY T 259 -47.52 -81.12 -62.57
C GLY T 259 -47.22 -81.67 -63.96
N GLY T 260 -48.21 -81.51 -64.84
CA GLY T 260 -48.05 -81.99 -66.20
C GLY T 260 -46.98 -81.23 -66.97
N LEU T 261 -46.94 -79.91 -66.82
CA LEU T 261 -45.91 -79.13 -67.48
C LEU T 261 -44.52 -79.46 -66.93
N GLY T 262 -44.42 -79.66 -65.61
CA GLY T 262 -43.14 -80.02 -65.03
C GLY T 262 -42.64 -81.36 -65.52
N GLY T 263 -43.53 -82.34 -65.62
CA GLY T 263 -43.12 -83.64 -66.13
C GLY T 263 -42.79 -83.61 -67.61
N GLU T 264 -43.56 -82.87 -68.40
CA GLU T 264 -43.31 -82.80 -69.84
C GLU T 264 -42.01 -82.07 -70.14
N ILE T 265 -41.81 -80.91 -69.51
CA ILE T 265 -40.55 -80.17 -69.67
C ILE T 265 -39.39 -80.97 -69.11
N GLY T 266 -39.56 -81.55 -67.93
CA GLY T 266 -38.51 -82.34 -67.31
C GLY T 266 -37.48 -81.47 -66.61
N PHE T 267 -36.89 -81.98 -65.53
CA PHE T 267 -35.92 -81.19 -64.78
C PHE T 267 -34.90 -82.14 -64.15
N ASP T 268 -33.71 -81.62 -63.93
CA ASP T 268 -32.60 -82.37 -63.36
C ASP T 268 -32.27 -81.84 -61.96
N ALA T 269 -31.24 -82.41 -61.35
CA ALA T 269 -30.82 -82.01 -60.02
C ALA T 269 -30.28 -80.59 -60.03
N GLY T 270 -30.34 -79.94 -58.87
CA GLY T 270 -29.86 -78.58 -58.76
C GLY T 270 -28.35 -78.49 -58.74
N ARG T 271 -27.83 -77.38 -59.23
CA ARG T 271 -26.40 -77.08 -59.22
C ARG T 271 -26.16 -75.77 -58.50
N ASN T 272 -25.26 -75.78 -57.52
CA ASN T 272 -24.96 -74.58 -56.75
C ASN T 272 -24.05 -73.67 -57.57
N VAL T 273 -24.60 -72.55 -58.04
CA VAL T 273 -23.87 -71.59 -58.86
C VAL T 273 -23.79 -70.27 -58.10
N THR T 274 -22.61 -69.68 -58.10
CA THR T 274 -22.35 -68.42 -57.39
C THR T 274 -21.79 -67.40 -58.37
N VAL T 275 -21.45 -66.22 -57.84
CA VAL T 275 -20.88 -65.17 -58.68
C VAL T 275 -19.51 -65.58 -59.20
N ALA T 276 -18.74 -66.32 -58.40
CA ALA T 276 -17.44 -66.80 -58.86
C ALA T 276 -17.60 -67.77 -60.03
N ASP T 277 -18.67 -68.57 -60.01
CA ASP T 277 -18.95 -69.51 -61.08
C ASP T 277 -19.57 -68.85 -62.30
N VAL T 278 -20.06 -67.61 -62.16
CA VAL T 278 -20.83 -66.97 -63.23
C VAL T 278 -20.01 -66.91 -64.51
N ASN T 279 -20.69 -67.08 -65.64
CA ASN T 279 -20.05 -67.03 -66.95
C ASN T 279 -21.08 -66.56 -67.97
N VAL T 280 -20.68 -65.60 -68.79
CA VAL T 280 -21.56 -65.03 -69.81
C VAL T 280 -21.21 -65.53 -71.21
N SER T 281 -20.36 -66.56 -71.30
CA SER T 281 -19.93 -67.07 -72.61
C SER T 281 -21.09 -67.62 -73.44
N THR T 282 -22.16 -68.05 -72.79
CA THR T 282 -23.33 -68.58 -73.47
C THR T 282 -24.57 -67.78 -73.07
N VAL T 283 -25.60 -67.85 -73.90
CA VAL T 283 -26.85 -67.15 -73.58
C VAL T 283 -27.49 -67.76 -72.34
N ALA T 284 -27.37 -69.08 -72.17
CA ALA T 284 -27.85 -69.71 -70.95
C ALA T 284 -27.07 -69.21 -69.74
N GLY T 285 -25.75 -69.06 -69.88
CA GLY T 285 -24.95 -68.55 -68.78
C GLY T 285 -25.25 -67.11 -68.43
N SER T 286 -25.59 -66.30 -69.45
CA SER T 286 -25.86 -64.89 -69.20
C SER T 286 -27.24 -64.68 -68.59
N GLN T 287 -28.22 -65.50 -68.98
CA GLN T 287 -29.53 -65.42 -68.34
C GLN T 287 -29.46 -65.83 -66.88
N GLU T 288 -28.71 -66.90 -66.57
CA GLU T 288 -28.44 -67.22 -65.18
C GLU T 288 -27.58 -66.16 -64.52
N ALA T 289 -26.76 -65.45 -65.29
CA ALA T 289 -25.90 -64.42 -64.71
C ALA T 289 -26.71 -63.30 -64.09
N VAL T 290 -27.75 -62.84 -64.79
CA VAL T 290 -28.60 -61.77 -64.25
C VAL T 290 -29.26 -62.24 -62.96
N SER T 291 -29.69 -63.51 -62.92
CA SER T 291 -30.32 -64.04 -61.71
C SER T 291 -29.34 -64.12 -60.55
N ILE T 292 -28.10 -64.57 -60.82
CA ILE T 292 -27.13 -64.74 -59.73
C ILE T 292 -26.76 -63.40 -59.12
N LEU T 293 -26.47 -62.40 -59.95
CA LEU T 293 -26.09 -61.10 -59.42
C LEU T 293 -27.29 -60.36 -58.82
N ASP T 294 -28.51 -60.72 -59.22
CA ASP T 294 -29.68 -60.20 -58.53
C ASP T 294 -29.74 -60.74 -57.10
N GLY T 295 -29.47 -62.03 -56.93
CA GLY T 295 -29.40 -62.59 -55.59
C GLY T 295 -28.24 -62.04 -54.79
N ALA T 296 -27.08 -61.86 -55.44
CA ALA T 296 -25.92 -61.31 -54.76
C ALA T 296 -26.17 -59.88 -54.32
N LEU T 297 -26.79 -59.08 -55.18
CA LEU T 297 -27.07 -57.68 -54.83
C LEU T 297 -28.02 -57.59 -53.64
N LYS T 298 -28.96 -58.53 -53.54
CA LYS T 298 -29.84 -58.57 -52.38
C LYS T 298 -29.06 -58.82 -51.10
N ALA T 299 -28.08 -59.74 -51.16
CA ALA T 299 -27.24 -59.99 -50.00
C ALA T 299 -26.39 -58.77 -49.65
N VAL T 300 -25.87 -58.09 -50.66
CA VAL T 300 -25.04 -56.91 -50.40
C VAL T 300 -25.87 -55.78 -49.81
N ASP T 301 -27.06 -55.53 -50.37
CA ASP T 301 -27.91 -54.48 -49.84
C ASP T 301 -28.37 -54.78 -48.43
N SER T 302 -28.70 -56.05 -48.15
CA SER T 302 -29.09 -56.43 -46.79
C SER T 302 -27.94 -56.24 -45.82
N GLN T 303 -26.72 -56.56 -46.24
CA GLN T 303 -25.55 -56.34 -45.38
C GLN T 303 -25.33 -54.87 -45.11
N ARG T 304 -25.51 -54.02 -46.13
CA ARG T 304 -25.37 -52.58 -45.94
C ARG T 304 -26.44 -52.05 -44.99
N ALA T 305 -27.67 -52.55 -45.11
CA ALA T 305 -28.74 -52.12 -44.21
C ALA T 305 -28.49 -52.61 -42.79
N SER T 306 -27.81 -53.75 -42.64
CA SER T 306 -27.51 -54.27 -41.31
C SER T 306 -26.52 -53.36 -40.58
N LEU T 307 -25.46 -52.96 -41.27
CA LEU T 307 -24.47 -52.08 -40.65
C LEU T 307 -24.97 -50.64 -40.59
N GLY T 308 -25.92 -50.27 -41.45
CA GLY T 308 -26.53 -48.96 -41.35
C GLY T 308 -27.36 -48.82 -40.09
N ALA T 309 -28.13 -49.85 -39.74
CA ALA T 309 -28.87 -49.85 -38.49
C ALA T 309 -27.93 -49.81 -37.29
N PHE T 310 -26.84 -50.56 -37.36
CA PHE T 310 -25.85 -50.56 -36.27
C PHE T 310 -25.21 -49.19 -36.12
N GLN T 311 -24.93 -48.53 -37.25
CA GLN T 311 -24.34 -47.19 -37.19
C GLN T 311 -25.29 -46.20 -36.53
N ASN T 312 -26.58 -46.25 -36.88
CA ASN T 312 -27.55 -45.36 -36.26
C ASN T 312 -27.73 -45.69 -34.78
N ARG T 313 -27.71 -46.98 -34.43
CA ARG T 313 -27.84 -47.36 -33.03
C ARG T 313 -26.66 -46.83 -32.21
N PHE T 314 -25.44 -46.91 -32.76
CA PHE T 314 -24.29 -46.36 -32.07
C PHE T 314 -24.33 -44.83 -32.03
N GLY T 315 -25.01 -44.20 -32.99
CA GLY T 315 -25.20 -42.77 -32.91
C GLY T 315 -26.07 -42.38 -31.73
N HIS T 316 -27.16 -43.14 -31.49
CA HIS T 316 -27.99 -42.89 -30.33
C HIS T 316 -27.26 -43.26 -29.04
N ALA T 317 -26.44 -44.30 -29.08
CA ALA T 317 -25.68 -44.70 -27.90
C ALA T 317 -24.69 -43.63 -27.49
N ILE T 318 -24.03 -43.00 -28.46
CA ILE T 318 -23.09 -41.92 -28.15
C ILE T 318 -23.83 -40.75 -27.51
N SER T 319 -24.99 -40.39 -28.05
CA SER T 319 -25.79 -39.33 -27.46
C SER T 319 -26.24 -39.70 -26.06
N ASN T 320 -26.58 -40.97 -25.84
CA ASN T 320 -26.90 -41.47 -24.51
C ASN T 320 -25.76 -41.14 -23.54
N LEU T 321 -24.57 -41.67 -23.81
CA LEU T 321 -23.46 -41.52 -22.89
C LEU T 321 -22.98 -40.08 -22.80
N ASP T 322 -23.28 -39.27 -23.82
CA ASP T 322 -22.92 -37.85 -23.75
C ASP T 322 -23.75 -37.13 -22.69
N ASN T 323 -25.06 -37.39 -22.67
CA ASN T 323 -25.92 -36.78 -21.66
C ASN T 323 -25.64 -37.35 -20.27
N VAL T 324 -25.46 -38.67 -20.18
CA VAL T 324 -25.21 -39.29 -18.88
C VAL T 324 -23.88 -38.84 -18.31
N ASN T 325 -22.84 -38.75 -19.13
CA ASN T 325 -21.55 -38.27 -18.66
C ASN T 325 -21.64 -36.81 -18.21
N GLU T 326 -22.37 -35.98 -18.96
CA GLU T 326 -22.50 -34.58 -18.59
C GLU T 326 -23.29 -34.42 -17.29
N ASN T 327 -24.33 -35.24 -17.10
CA ASN T 327 -25.09 -35.17 -15.85
C ASN T 327 -24.30 -35.75 -14.69
N VAL T 328 -23.59 -36.85 -14.91
CA VAL T 328 -22.78 -37.45 -13.85
C VAL T 328 -21.68 -36.50 -13.41
N ASN T 329 -21.06 -35.81 -14.36
CA ASN T 329 -20.03 -34.83 -14.02
C ASN T 329 -20.60 -33.72 -13.14
N ALA T 330 -21.81 -33.26 -13.45
CA ALA T 330 -22.46 -32.25 -12.61
C ALA T 330 -22.73 -32.80 -11.21
N SER T 331 -23.18 -34.06 -11.12
CA SER T 331 -23.45 -34.66 -9.81
C SER T 331 -22.18 -34.77 -8.98
N ARG T 332 -21.07 -35.18 -9.61
CA ARG T 332 -19.81 -35.26 -8.89
C ARG T 332 -19.32 -33.88 -8.45
N SER T 333 -19.62 -32.84 -9.22
CA SER T 333 -19.24 -31.49 -8.83
C SER T 333 -20.00 -31.04 -7.58
N ARG T 334 -21.26 -31.44 -7.45
CA ARG T 334 -22.04 -31.06 -6.27
C ARG T 334 -21.50 -31.73 -5.02
N ILE T 335 -21.01 -32.96 -5.14
CA ILE T 335 -20.60 -33.74 -3.97
C ILE T 335 -19.14 -33.45 -3.63
N ARG T 336 -18.26 -33.49 -4.62
CA ARG T 336 -16.83 -33.41 -4.39
C ARG T 336 -16.23 -32.04 -4.68
N ASP T 337 -16.58 -31.42 -5.80
CA ASP T 337 -15.95 -30.17 -6.20
C ASP T 337 -16.19 -29.08 -5.15
N THR T 338 -15.15 -28.31 -4.87
CA THR T 338 -15.23 -27.27 -3.85
C THR T 338 -16.06 -26.09 -4.34
N ASP T 339 -16.56 -25.32 -3.37
CA ASP T 339 -17.30 -24.09 -3.64
C ASP T 339 -16.43 -22.91 -3.22
N TYR T 340 -15.97 -22.13 -4.19
CA TYR T 340 -15.04 -21.05 -3.89
C TYR T 340 -15.73 -19.89 -3.18
N ALA T 341 -17.06 -19.80 -3.26
CA ALA T 341 -17.78 -18.76 -2.54
C ALA T 341 -17.69 -18.97 -1.03
N ARG T 342 -18.00 -20.18 -0.58
CA ARG T 342 -17.97 -20.47 0.86
C ARG T 342 -16.55 -20.68 1.37
N GLU T 343 -15.71 -21.37 0.59
CA GLU T 343 -14.38 -21.74 1.08
C GLU T 343 -13.52 -20.51 1.31
N THR T 344 -13.57 -19.53 0.41
CA THR T 344 -12.80 -18.30 0.61
C THR T 344 -13.29 -17.55 1.84
N THR T 345 -14.60 -17.49 2.06
CA THR T 345 -15.13 -16.83 3.24
C THR T 345 -14.72 -17.55 4.51
N ALA T 346 -14.78 -18.88 4.51
CA ALA T 346 -14.36 -19.65 5.68
C ALA T 346 -12.86 -19.48 5.93
N MET T 347 -12.05 -19.46 4.86
CA MET T 347 -10.63 -19.24 5.03
C MET T 347 -10.33 -17.87 5.59
N THR T 348 -11.02 -16.83 5.09
CA THR T 348 -10.83 -15.49 5.62
C THR T 348 -11.28 -15.41 7.08
N LYS T 349 -12.39 -16.07 7.42
CA LYS T 349 -12.85 -16.07 8.80
C LYS T 349 -11.84 -16.71 9.73
N ALA T 350 -11.26 -17.85 9.32
CA ALA T 350 -10.26 -18.51 10.15
C ALA T 350 -9.03 -17.64 10.32
N GLN T 351 -8.71 -16.82 9.32
CA GLN T 351 -7.62 -15.85 9.47
C GLN T 351 -7.93 -14.84 10.55
N ILE T 352 -9.17 -14.36 10.61
CA ILE T 352 -9.57 -13.42 11.64
C ILE T 352 -9.48 -14.06 13.02
N LEU T 353 -9.91 -15.32 13.13
CA LEU T 353 -9.90 -16.00 14.41
C LEU T 353 -8.48 -16.15 14.97
N GLN T 354 -7.53 -16.50 14.12
CA GLN T 354 -6.16 -16.63 14.61
C GLN T 354 -5.58 -15.29 15.03
N GLN T 355 -5.87 -14.23 14.26
CA GLN T 355 -5.41 -12.89 14.64
C GLN T 355 -5.98 -12.48 15.99
N ALA T 356 -7.28 -12.76 16.21
CA ALA T 356 -7.88 -12.49 17.50
C ALA T 356 -7.26 -13.33 18.61
N SER T 357 -7.02 -14.62 18.33
CA SER T 357 -6.46 -15.50 19.35
C SER T 357 -5.02 -15.11 19.68
N THR T 358 -4.26 -14.68 18.67
CA THR T 358 -2.87 -14.26 18.91
C THR T 358 -2.83 -12.99 19.74
N SER T 359 -3.68 -12.01 19.45
CA SER T 359 -3.71 -10.79 20.22
C SER T 359 -4.14 -11.05 21.66
N VAL T 360 -5.15 -11.90 21.85
CA VAL T 360 -5.57 -12.25 23.21
C VAL T 360 -4.50 -13.05 23.92
N LEU T 361 -3.77 -13.90 23.19
CA LEU T 361 -2.66 -14.63 23.78
C LEU T 361 -1.58 -13.67 24.26
N ALA T 362 -1.30 -12.63 23.46
CA ALA T 362 -0.34 -11.61 23.88
C ALA T 362 -0.82 -10.90 25.15
N GLN T 363 -2.12 -10.60 25.23
CA GLN T 363 -2.66 -9.97 26.43
C GLN T 363 -2.63 -10.93 27.62
N ALA T 364 -2.80 -12.23 27.36
CA ALA T 364 -2.90 -13.20 28.45
C ALA T 364 -1.55 -13.41 29.13
N LYS T 365 -0.46 -13.29 28.38
CA LYS T 365 0.87 -13.51 28.95
C LYS T 365 1.36 -12.34 29.78
N GLN T 366 0.65 -11.21 29.79
CA GLN T 366 0.96 -10.11 30.69
C GLN T 366 0.29 -10.26 32.06
N SER T 367 -0.58 -11.24 32.22
CA SER T 367 -1.18 -11.49 33.53
C SER T 367 -0.15 -11.84 34.60
N PRO T 368 0.81 -12.75 34.36
CA PRO T 368 1.86 -12.96 35.38
C PRO T 368 2.67 -11.72 35.67
N SER T 369 2.82 -10.80 34.70
CA SER T 369 3.54 -9.56 34.95
C SER T 369 2.83 -8.72 36.01
N ALA T 370 1.50 -8.80 36.07
CA ALA T 370 0.77 -8.13 37.14
C ALA T 370 1.13 -8.71 38.49
N ALA T 371 1.30 -10.04 38.56
CA ALA T 371 1.74 -10.67 39.79
C ALA T 371 3.15 -10.22 40.17
N LEU T 372 4.03 -10.09 39.17
CA LEU T 372 5.39 -9.62 39.44
C LEU T 372 5.40 -8.20 39.97
N SER T 373 4.70 -7.29 39.29
CA SER T 373 4.70 -5.88 39.67
C SER T 373 3.92 -5.61 40.94
N LEU T 374 3.12 -6.56 41.43
CA LEU T 374 2.30 -6.33 42.61
C LEU T 374 3.18 -6.04 43.82
N LEU T 375 3.92 -7.04 44.28
CA LEU T 375 4.99 -6.83 45.26
C LEU T 375 6.19 -7.74 45.05
N GLY T 376 6.23 -8.54 43.99
CA GLY T 376 7.33 -9.45 43.76
C GLY T 376 8.62 -8.78 43.30
N MET U 1 15.99 40.25 101.26
CA MET U 1 14.89 40.18 102.20
C MET U 1 15.11 39.11 103.26
N ALA U 2 14.29 38.07 103.23
CA ALA U 2 14.36 36.98 104.21
C ALA U 2 14.53 35.65 103.48
N ILE U 3 15.45 34.83 103.97
CA ILE U 3 15.62 33.48 103.45
C ILE U 3 14.71 32.53 104.20
N ASN U 4 13.93 31.74 103.47
CA ASN U 4 12.96 30.84 104.08
C ASN U 4 12.96 29.51 103.34
N VAL U 5 12.20 28.56 103.88
CA VAL U 5 12.08 27.22 103.30
C VAL U 5 10.61 26.95 102.99
N ASN U 6 9.71 27.61 103.73
CA ASN U 6 8.29 27.31 103.63
C ASN U 6 7.74 27.63 102.25
N THR U 7 8.11 28.78 101.70
CA THR U 7 7.64 29.19 100.38
C THR U 7 8.80 29.20 99.39
N ASN U 8 8.46 28.86 98.15
CA ASN U 8 9.38 28.83 97.02
C ASN U 8 8.78 29.58 95.85
N VAL U 9 8.38 30.83 96.11
CA VAL U 9 7.69 31.65 95.11
C VAL U 9 8.44 31.66 93.78
N SER U 10 9.78 31.61 93.83
CA SER U 10 10.56 31.55 92.60
C SER U 10 10.23 30.31 91.79
N ALA U 11 10.11 29.16 92.48
CA ALA U 11 9.66 27.94 91.80
C ALA U 11 8.20 28.05 91.38
N MET U 12 7.39 28.79 92.13
CA MET U 12 5.98 28.94 91.76
C MET U 12 5.83 29.65 90.42
N THR U 13 6.65 30.67 90.16
CA THR U 13 6.64 31.30 88.84
C THR U 13 7.11 30.32 87.77
N ALA U 14 8.11 29.50 88.09
CA ALA U 14 8.61 28.53 87.12
C ALA U 14 7.52 27.54 86.72
N GLN U 15 6.76 27.03 87.70
CA GLN U 15 5.70 26.08 87.37
C GLN U 15 4.48 26.77 86.78
N ARG U 16 4.22 28.02 87.15
CA ARG U 16 3.08 28.74 86.58
C ARG U 16 3.24 28.91 85.08
N TYR U 17 4.43 29.30 84.64
CA TYR U 17 4.69 29.39 83.21
C TYR U 17 4.84 28.01 82.58
N LEU U 18 5.12 26.99 83.40
CA LEU U 18 5.12 25.62 82.91
C LEU U 18 3.72 25.20 82.48
N ASN U 19 2.71 25.55 83.28
CA ASN U 19 1.33 25.27 82.90
C ASN U 19 0.94 26.08 81.67
N GLY U 20 1.39 27.34 81.59
CA GLY U 20 1.11 28.13 80.40
C GLY U 20 1.72 27.54 79.14
N ALA U 21 2.96 27.07 79.24
CA ALA U 21 3.61 26.45 78.09
C ALA U 21 2.98 25.10 77.77
N ALA U 22 2.63 24.33 78.79
CA ALA U 22 1.98 23.03 78.57
C ALA U 22 0.62 23.22 77.91
N ASP U 23 -0.13 24.24 78.34
CA ASP U 23 -1.36 24.60 77.64
C ASP U 23 -1.08 25.00 76.20
N GLY U 24 -0.03 25.79 75.99
CA GLY U 24 0.30 26.23 74.64
C GLY U 24 0.57 25.07 73.71
N MET U 25 1.31 24.08 74.19
CA MET U 25 1.54 22.87 73.39
C MET U 25 0.26 22.06 73.27
N GLN U 26 -0.64 22.16 74.24
CA GLN U 26 -1.85 21.34 74.25
C GLN U 26 -2.78 21.73 73.09
N LYS U 27 -3.08 23.02 72.94
CA LYS U 27 -3.89 23.42 71.80
C LYS U 27 -3.15 23.22 70.49
N SER U 28 -1.82 23.41 70.50
CA SER U 28 -1.04 23.22 69.27
C SER U 28 -1.11 21.78 68.79
N MET U 29 -0.82 20.82 69.67
CA MET U 29 -0.83 19.41 69.26
C MET U 29 -2.19 19.01 68.72
N GLU U 30 -3.26 19.52 69.32
CA GLU U 30 -4.61 19.24 68.81
C GLU U 30 -4.78 19.80 67.41
N ARG U 31 -4.16 20.95 67.11
CA ARG U 31 -4.35 21.59 65.82
C ARG U 31 -3.70 20.83 64.68
N LEU U 32 -2.49 20.30 64.86
CA LEU U 32 -1.88 19.53 63.78
C LEU U 32 -2.54 18.16 63.63
N SER U 33 -2.92 17.53 64.75
CA SER U 33 -3.55 16.21 64.65
C SER U 33 -4.89 16.30 63.94
N SER U 34 -5.71 17.28 64.30
CA SER U 34 -7.01 17.43 63.65
C SER U 34 -6.89 18.05 62.27
N GLY U 35 -5.94 18.97 62.09
CA GLY U 35 -5.85 19.75 60.88
C GLY U 35 -6.69 21.02 60.89
N TYR U 36 -7.32 21.34 62.02
CA TYR U 36 -8.20 22.49 62.13
C TYR U 36 -7.66 23.47 63.18
N LYS U 37 -7.64 24.75 62.80
CA LYS U 37 -7.26 25.79 63.75
C LYS U 37 -8.22 25.83 64.93
N ILE U 38 -9.52 25.69 64.67
CA ILE U 38 -10.55 25.72 65.70
C ILE U 38 -11.23 24.35 65.75
N ASN U 39 -11.37 23.81 66.95
CA ASN U 39 -12.14 22.61 67.19
C ASN U 39 -13.23 22.80 68.23
N SER U 40 -13.14 23.82 69.08
CA SER U 40 -14.20 24.18 70.01
C SER U 40 -14.39 25.69 69.93
N ALA U 41 -15.50 26.15 70.49
CA ALA U 41 -15.80 27.59 70.50
C ALA U 41 -14.82 28.38 71.34
N ARG U 42 -14.00 27.72 72.16
CA ARG U 42 -13.01 28.43 72.97
C ARG U 42 -11.99 29.14 72.09
N ASP U 43 -11.53 28.47 71.02
CA ASP U 43 -10.49 29.05 70.18
C ASP U 43 -11.00 30.28 69.43
N ASP U 44 -12.18 30.18 68.82
CA ASP U 44 -12.75 31.32 68.09
C ASP U 44 -14.26 31.14 68.07
N ALA U 45 -14.97 31.93 68.87
CA ALA U 45 -16.42 31.83 68.94
C ALA U 45 -17.07 32.25 67.63
N ALA U 46 -16.81 33.50 67.20
CA ALA U 46 -17.38 33.97 65.95
C ALA U 46 -16.85 33.19 64.76
N GLY U 47 -15.57 32.83 64.78
CA GLY U 47 -15.00 32.06 63.69
C GLY U 47 -15.65 30.70 63.52
N LEU U 48 -16.04 30.08 64.63
CA LEU U 48 -16.66 28.76 64.55
C LEU U 48 -18.05 28.84 63.93
N GLN U 49 -18.85 29.82 64.35
CA GLN U 49 -20.20 29.96 63.80
C GLN U 49 -20.16 30.23 62.30
N ILE U 50 -19.26 31.13 61.87
CA ILE U 50 -19.18 31.45 60.44
C ILE U 50 -18.71 30.24 59.65
N SER U 51 -17.63 29.59 60.11
CA SER U 51 -17.06 28.47 59.35
C SER U 51 -18.06 27.33 59.21
N ASN U 52 -18.85 27.08 60.25
CA ASN U 52 -19.88 26.06 60.16
C ASN U 52 -20.93 26.42 59.12
N ARG U 53 -21.18 27.71 58.93
CA ARG U 53 -22.18 28.14 57.94
C ARG U 53 -21.70 27.85 56.52
N LEU U 54 -20.42 28.08 56.23
CA LEU U 54 -19.90 27.67 54.93
C LEU U 54 -19.71 26.16 54.85
N THR U 55 -19.59 25.49 56.00
CA THR U 55 -19.53 24.04 56.00
C THR U 55 -20.86 23.45 55.55
N SER U 56 -21.97 23.97 56.10
CA SER U 56 -23.29 23.55 55.64
C SER U 56 -23.52 23.93 54.19
N GLN U 57 -23.04 25.11 53.79
CA GLN U 57 -23.17 25.54 52.40
C GLN U 57 -22.42 24.61 51.46
N SER U 58 -21.21 24.19 51.86
CA SER U 58 -20.41 23.31 51.01
C SER U 58 -21.08 21.96 50.78
N ARG U 59 -21.60 21.36 51.85
CA ARG U 59 -22.33 20.10 51.69
C ARG U 59 -23.59 20.30 50.86
N GLY U 60 -24.32 21.39 51.11
CA GLY U 60 -25.53 21.65 50.34
C GLY U 60 -25.23 21.89 48.86
N LEU U 61 -24.09 22.54 48.57
CA LEU U 61 -23.72 22.78 47.18
C LEU U 61 -23.39 21.47 46.46
N ASP U 62 -22.75 20.53 47.16
CA ASP U 62 -22.47 19.23 46.55
C ASP U 62 -23.76 18.46 46.31
N MET U 63 -24.67 18.49 47.28
CA MET U 63 -25.96 17.83 47.09
C MET U 63 -26.77 18.52 46.01
N ALA U 64 -26.54 19.81 45.80
CA ALA U 64 -27.23 20.53 44.74
C ALA U 64 -26.67 20.19 43.37
N VAL U 65 -25.35 20.01 43.28
CA VAL U 65 -24.73 19.59 42.03
C VAL U 65 -25.19 18.17 41.67
N LYS U 66 -25.23 17.28 42.66
CA LYS U 66 -25.76 15.94 42.44
C LYS U 66 -27.23 16.01 42.04
N ASN U 67 -28.00 16.88 42.69
CA ASN U 67 -29.42 17.02 42.35
C ASN U 67 -29.60 17.51 40.92
N ALA U 68 -28.80 18.50 40.50
CA ALA U 68 -28.89 18.99 39.13
C ALA U 68 -28.47 17.93 38.13
N ASN U 69 -27.53 17.07 38.51
CA ASN U 69 -27.17 15.94 37.66
C ASN U 69 -28.36 15.00 37.46
N ASP U 70 -29.12 14.77 38.53
CA ASP U 70 -30.34 13.96 38.39
C ASP U 70 -31.35 14.63 37.47
N GLY U 71 -31.48 15.96 37.56
CA GLY U 71 -32.39 16.66 36.67
C GLY U 71 -31.98 16.56 35.21
N ILE U 72 -30.67 16.67 34.95
CA ILE U 72 -30.18 16.50 33.59
C ILE U 72 -30.41 15.07 33.11
N SER U 73 -30.27 14.10 34.03
CA SER U 73 -30.47 12.70 33.67
C SER U 73 -31.91 12.43 33.26
N ILE U 74 -32.87 12.95 34.03
CA ILE U 74 -34.28 12.72 33.73
C ILE U 74 -34.65 13.35 32.38
N ALA U 75 -34.19 14.58 32.16
CA ALA U 75 -34.43 15.23 30.87
C ALA U 75 -33.75 14.49 29.73
N GLN U 76 -32.56 13.95 29.97
CA GLN U 76 -31.83 13.21 28.94
C GLN U 76 -32.58 11.95 28.54
N THR U 77 -33.08 11.19 29.52
CA THR U 77 -33.77 9.95 29.23
C THR U 77 -35.07 10.19 28.47
N ALA U 78 -35.86 11.16 28.93
CA ALA U 78 -37.14 11.44 28.28
C ALA U 78 -36.93 11.98 26.87
N GLU U 79 -35.94 12.86 26.68
CA GLU U 79 -35.66 13.38 25.34
C GLU U 79 -35.14 12.28 24.42
N GLY U 80 -34.32 11.36 24.94
CA GLY U 80 -33.83 10.27 24.11
C GLY U 80 -34.95 9.37 23.62
N ALA U 81 -35.91 9.04 24.50
CA ALA U 81 -37.10 8.34 24.05
C ALA U 81 -37.91 9.19 23.10
N MET U 82 -37.93 10.50 23.32
CA MET U 82 -38.66 11.40 22.42
C MET U 82 -38.06 11.39 21.01
N ASN U 83 -36.77 11.07 20.89
CA ASN U 83 -36.14 11.04 19.58
C ASN U 83 -36.76 9.96 18.69
N GLU U 84 -37.02 8.78 19.27
CA GLU U 84 -37.65 7.72 18.50
C GLU U 84 -39.10 8.05 18.16
N THR U 85 -39.77 8.83 19.01
CA THR U 85 -41.10 9.31 18.68
C THR U 85 -41.08 10.18 17.42
N THR U 86 -40.07 11.04 17.30
CA THR U 86 -39.92 11.85 16.10
C THR U 86 -39.68 10.98 14.87
N ASN U 87 -38.82 9.95 15.00
CA ASN U 87 -38.53 9.09 13.88
C ASN U 87 -39.75 8.28 13.46
N ILE U 88 -40.56 7.85 14.43
CA ILE U 88 -41.79 7.13 14.12
C ILE U 88 -42.76 8.03 13.37
N LEU U 89 -42.93 9.27 13.85
CA LEU U 89 -43.88 10.18 13.23
C LEU U 89 -43.47 10.53 11.80
N GLN U 90 -42.17 10.73 11.57
CA GLN U 90 -41.71 11.02 10.21
C GLN U 90 -41.96 9.83 9.28
N ARG U 91 -41.73 8.61 9.77
CA ARG U 91 -42.05 7.42 8.98
C ARG U 91 -43.54 7.33 8.70
N MET U 92 -44.36 7.64 9.71
CA MET U 92 -45.81 7.63 9.51
C MET U 92 -46.23 8.66 8.48
N ARG U 93 -45.54 9.81 8.45
CA ARG U 93 -45.87 10.85 7.47
C ARG U 93 -45.45 10.42 6.07
N ASP U 94 -44.34 9.70 5.96
CA ASP U 94 -43.93 9.17 4.66
C ASP U 94 -44.95 8.17 4.13
N LEU U 95 -45.45 7.29 5.00
CA LEU U 95 -46.46 6.32 4.60
C LEU U 95 -47.77 7.01 4.23
N ALA U 96 -48.17 8.02 5.00
CA ALA U 96 -49.42 8.73 4.72
C ALA U 96 -49.37 9.42 3.36
N LEU U 97 -48.22 10.01 3.03
CA LEU U 97 -48.06 10.64 1.71
C LEU U 97 -48.13 9.59 0.60
N GLN U 98 -47.54 8.42 0.83
CA GLN U 98 -47.55 7.36 -0.18
C GLN U 98 -48.97 6.85 -0.43
N SER U 99 -49.76 6.67 0.64
CA SER U 99 -51.12 6.17 0.48
C SER U 99 -51.99 7.15 -0.29
N SER U 100 -51.70 8.45 -0.21
CA SER U 100 -52.50 9.45 -0.90
C SER U 100 -52.35 9.40 -2.42
N ASN U 101 -51.38 8.65 -2.93
CA ASN U 101 -51.19 8.56 -4.38
C ASN U 101 -52.41 7.91 -5.02
N GLY U 102 -52.78 8.40 -6.20
CA GLY U 102 -53.90 7.85 -6.93
C GLY U 102 -53.65 6.51 -7.58
N SER U 103 -52.39 6.07 -7.63
CA SER U 103 -52.08 4.76 -8.20
C SER U 103 -52.47 3.63 -7.26
N ASN U 104 -52.48 3.88 -5.95
CA ASN U 104 -52.80 2.84 -4.99
C ASN U 104 -54.29 2.53 -5.02
N SER U 105 -54.61 1.24 -5.11
CA SER U 105 -55.97 0.76 -4.94
C SER U 105 -56.22 0.50 -3.45
N SER U 106 -57.38 -0.06 -3.12
CA SER U 106 -57.72 -0.29 -1.72
C SER U 106 -56.79 -1.31 -1.06
N SER U 107 -56.24 -2.24 -1.85
CA SER U 107 -55.39 -3.27 -1.27
C SER U 107 -54.11 -2.69 -0.68
N GLU U 108 -53.43 -1.80 -1.42
CA GLU U 108 -52.21 -1.21 -0.91
C GLU U 108 -52.49 -0.24 0.23
N ARG U 109 -53.62 0.47 0.17
CA ARG U 109 -53.98 1.37 1.26
C ARG U 109 -54.18 0.61 2.56
N ARG U 110 -54.78 -0.58 2.48
CA ARG U 110 -54.92 -1.42 3.67
C ARG U 110 -53.54 -1.86 4.18
N ALA U 111 -52.59 -2.09 3.28
CA ALA U 111 -51.24 -2.46 3.70
C ALA U 111 -50.57 -1.32 4.46
N ILE U 112 -50.74 -0.09 3.97
CA ILE U 112 -50.21 1.07 4.69
C ILE U 112 -50.89 1.23 6.04
N GLN U 113 -52.21 1.03 6.07
CA GLN U 113 -52.95 1.17 7.32
C GLN U 113 -52.52 0.13 8.34
N GLU U 114 -52.14 -1.06 7.87
CA GLU U 114 -51.61 -2.07 8.78
C GLU U 114 -50.29 -1.62 9.40
N GLU U 115 -49.39 -1.05 8.59
CA GLU U 115 -48.13 -0.54 9.11
C GLU U 115 -48.35 0.67 10.00
N VAL U 116 -49.26 1.56 9.60
CA VAL U 116 -49.54 2.75 10.38
C VAL U 116 -50.12 2.38 11.74
N SER U 117 -50.99 1.38 11.78
CA SER U 117 -51.56 0.92 13.04
C SER U 117 -50.47 0.37 13.96
N ALA U 118 -49.51 -0.37 13.39
CA ALA U 118 -48.41 -0.89 14.20
C ALA U 118 -47.54 0.22 14.75
N LEU U 119 -47.19 1.20 13.91
CA LEU U 119 -46.39 2.33 14.37
C LEU U 119 -47.16 3.18 15.37
N ASN U 120 -48.46 3.35 15.17
CA ASN U 120 -49.29 4.08 16.12
C ASN U 120 -49.27 3.40 17.49
N ASP U 121 -49.38 2.07 17.50
CA ASP U 121 -49.27 1.34 18.76
C ASP U 121 -47.86 1.45 19.35
N GLU U 122 -46.86 1.69 18.50
CA GLU U 122 -45.51 1.89 19.00
C GLU U 122 -45.37 3.22 19.72
N LEU U 123 -46.06 4.26 19.22
CA LEU U 123 -46.04 5.56 19.89
C LEU U 123 -46.62 5.45 21.29
N ASN U 124 -47.72 4.70 21.44
CA ASN U 124 -48.28 4.48 22.76
C ASN U 124 -47.34 3.65 23.63
N ARG U 125 -46.62 2.71 23.01
CA ARG U 125 -45.69 1.89 23.79
C ARG U 125 -44.56 2.72 24.36
N ILE U 126 -43.97 3.61 23.54
CA ILE U 126 -42.89 4.46 24.03
C ILE U 126 -43.39 5.38 25.13
N ALA U 127 -44.58 5.97 24.95
CA ALA U 127 -45.12 6.88 25.95
C ALA U 127 -45.40 6.16 27.27
N GLU U 128 -45.88 4.92 27.21
CA GLU U 128 -46.33 4.22 28.40
C GLU U 128 -45.24 3.43 29.11
N THR U 129 -44.17 3.04 28.40
CA THR U 129 -43.14 2.20 28.99
C THR U 129 -41.87 2.94 29.38
N THR U 130 -41.60 4.10 28.77
CA THR U 130 -40.42 4.86 29.13
C THR U 130 -40.49 5.28 30.60
N SER U 131 -39.41 5.02 31.34
CA SER U 131 -39.39 5.28 32.76
C SER U 131 -37.96 5.50 33.22
N PHE U 132 -37.83 6.07 34.42
CA PHE U 132 -36.54 6.35 35.04
C PHE U 132 -36.55 5.71 36.43
N GLY U 133 -36.09 4.47 36.50
CA GLY U 133 -36.16 3.74 37.76
C GLY U 133 -37.57 3.43 38.20
N GLY U 134 -38.43 3.03 37.27
CA GLY U 134 -39.82 2.74 37.58
C GLY U 134 -40.73 3.94 37.64
N ASN U 135 -40.23 5.13 37.33
CA ASN U 135 -41.02 6.36 37.34
C ASN U 135 -41.25 6.77 35.89
N LYS U 136 -42.48 6.62 35.43
CA LYS U 136 -42.80 6.92 34.03
C LYS U 136 -42.61 8.41 33.74
N LEU U 137 -42.29 8.71 32.49
CA LEU U 137 -41.99 10.08 32.07
C LEU U 137 -42.93 10.59 30.99
N LEU U 138 -43.17 9.81 29.94
CA LEU U 138 -43.91 10.26 28.78
C LEU U 138 -45.36 9.82 28.77
N ASN U 139 -45.87 9.24 29.86
CA ASN U 139 -47.25 8.80 29.93
C ASN U 139 -48.19 9.88 30.47
N GLY U 140 -47.68 11.06 30.80
CA GLY U 140 -48.48 12.13 31.32
C GLY U 140 -48.71 12.11 32.82
N SER U 141 -48.23 11.08 33.51
CA SER U 141 -48.38 10.99 34.95
C SER U 141 -47.24 11.66 35.71
N PHE U 142 -46.21 12.14 35.02
CA PHE U 142 -45.11 12.80 35.70
C PHE U 142 -45.51 14.19 36.18
N GLY U 143 -46.29 14.91 35.37
CA GLY U 143 -46.73 16.24 35.77
C GLY U 143 -45.55 17.20 35.83
N SER U 144 -45.47 17.94 36.94
CA SER U 144 -44.38 18.89 37.16
C SER U 144 -43.80 18.66 38.55
N LYS U 145 -42.48 18.47 38.61
CA LYS U 145 -41.76 18.39 39.87
C LYS U 145 -40.64 19.40 39.87
N SER U 146 -40.28 19.87 41.06
CA SER U 146 -39.27 20.89 41.24
C SER U 146 -37.95 20.22 41.59
N PHE U 147 -36.94 20.44 40.74
CA PHE U 147 -35.60 19.88 40.94
C PHE U 147 -34.78 20.88 41.76
N GLN U 148 -34.69 20.65 43.06
CA GLN U 148 -34.01 21.56 43.96
C GLN U 148 -32.51 21.54 43.68
N ILE U 149 -31.99 22.63 43.13
CA ILE U 149 -30.59 22.71 42.70
C ILE U 149 -29.81 23.76 43.50
N GLY U 150 -30.32 24.18 44.65
CA GLY U 150 -29.65 25.14 45.49
C GLY U 150 -29.16 24.51 46.79
N ALA U 151 -28.45 25.32 47.57
CA ALA U 151 -27.96 24.90 48.87
C ALA U 151 -28.86 25.32 50.01
N ASP U 152 -30.01 25.93 49.71
CA ASP U 152 -30.95 26.38 50.73
C ASP U 152 -32.36 26.10 50.24
N SER U 153 -33.30 26.09 51.18
CA SER U 153 -34.68 25.77 50.85
C SER U 153 -35.26 26.80 49.88
N GLY U 154 -36.11 26.32 48.97
CA GLY U 154 -36.80 27.20 48.05
C GLY U 154 -35.99 27.69 46.87
N GLU U 155 -35.00 26.91 46.42
CA GLU U 155 -34.21 27.30 45.26
C GLU U 155 -34.30 26.24 44.16
N ALA U 156 -35.52 25.77 43.87
CA ALA U 156 -35.74 24.71 42.92
C ALA U 156 -36.13 25.26 41.56
N VAL U 157 -36.21 24.35 40.58
CA VAL U 157 -36.57 24.67 39.21
C VAL U 157 -37.67 23.71 38.77
N MET U 158 -38.77 24.26 38.27
CA MET U 158 -39.91 23.43 37.86
C MET U 158 -39.70 22.88 36.46
N LEU U 159 -39.86 21.56 36.32
CA LEU U 159 -39.74 20.88 35.04
C LEU U 159 -41.06 20.21 34.71
N SER U 160 -41.54 20.42 33.50
CA SER U 160 -42.80 19.87 33.03
C SER U 160 -42.57 19.01 31.80
N MET U 161 -43.27 17.88 31.73
CA MET U 161 -43.19 16.95 30.60
C MET U 161 -44.61 16.62 30.18
N GLY U 162 -45.05 17.20 29.05
CA GLY U 162 -46.38 16.92 28.56
C GLY U 162 -46.53 15.49 28.09
N SER U 163 -47.77 15.01 28.16
CA SER U 163 -48.08 13.66 27.72
C SER U 163 -47.85 13.51 26.22
N MET U 164 -47.14 12.45 25.85
CA MET U 164 -46.87 12.16 24.44
C MET U 164 -47.46 10.81 24.03
N ARG U 165 -48.64 10.49 24.52
CA ARG U 165 -49.38 9.38 23.96
C ARG U 165 -49.86 9.74 22.56
N SER U 166 -50.23 8.72 21.80
CA SER U 166 -50.64 8.94 20.41
C SER U 166 -51.94 9.74 20.31
N ASP U 167 -52.70 9.84 21.39
CA ASP U 167 -53.99 10.52 21.39
C ASP U 167 -54.03 11.68 22.39
N THR U 168 -52.93 12.41 22.47
CA THR U 168 -52.90 13.64 23.26
C THR U 168 -53.68 14.73 22.52
N GLN U 169 -54.43 15.54 23.28
CA GLN U 169 -55.25 16.57 22.66
C GLN U 169 -54.40 17.59 21.90
N ALA U 170 -53.13 17.74 22.27
CA ALA U 170 -52.21 18.64 21.60
C ALA U 170 -51.38 17.94 20.53
N MET U 171 -51.68 16.68 20.24
CA MET U 171 -50.95 15.90 19.24
C MET U 171 -51.70 15.84 17.91
N GLY U 172 -52.71 16.68 17.73
CA GLY U 172 -53.52 16.65 16.53
C GLY U 172 -54.19 17.98 16.23
N GLY U 173 -55.45 17.93 15.83
CA GLY U 173 -56.16 19.15 15.52
C GLY U 173 -57.62 18.87 15.25
N LYS U 174 -58.29 19.87 14.67
CA LYS U 174 -59.69 19.76 14.28
C LYS U 174 -59.80 19.61 12.77
N SER U 175 -60.70 18.74 12.33
CA SER U 175 -60.87 18.41 10.92
C SER U 175 -62.23 18.91 10.44
N TYR U 176 -62.22 19.71 9.38
CA TYR U 176 -63.42 20.24 8.77
C TYR U 176 -63.54 19.67 7.37
N ARG U 177 -64.74 19.25 6.99
CA ARG U 177 -64.98 18.63 5.70
C ARG U 177 -66.05 19.40 4.94
N ALA U 178 -65.83 19.56 3.62
CA ALA U 178 -66.84 20.19 2.78
C ALA U 178 -68.03 19.27 2.61
N GLN U 179 -69.23 19.85 2.67
CA GLN U 179 -70.46 19.07 2.52
C GLN U 179 -70.85 18.85 1.06
N GLU U 180 -70.19 19.52 0.12
CA GLU U 180 -70.52 19.40 -1.30
C GLU U 180 -69.29 18.96 -2.07
N GLY U 181 -69.47 17.92 -2.89
CA GLY U 181 -68.40 17.47 -3.76
C GLY U 181 -68.38 18.22 -5.09
N LYS U 182 -67.18 18.40 -5.62
CA LYS U 182 -66.98 19.10 -6.88
C LYS U 182 -66.31 18.15 -7.86
N ALA U 183 -66.83 18.10 -9.09
CA ALA U 183 -66.39 17.14 -10.08
C ALA U 183 -65.04 17.57 -10.66
N ALA U 184 -64.59 16.87 -11.69
CA ALA U 184 -63.30 17.14 -12.32
C ALA U 184 -63.33 18.37 -13.21
N ASP U 185 -64.51 18.92 -13.49
CA ASP U 185 -64.65 20.05 -14.42
C ASP U 185 -65.08 21.33 -13.71
N TRP U 186 -65.00 21.38 -12.39
CA TRP U 186 -65.44 22.55 -11.64
C TRP U 186 -64.31 23.57 -11.53
N ARG U 187 -64.60 24.81 -11.92
CA ARG U 187 -63.68 25.93 -11.77
C ARG U 187 -64.38 27.03 -11.00
N VAL U 188 -63.58 27.82 -10.27
CA VAL U 188 -64.14 28.83 -9.38
C VAL U 188 -64.98 29.82 -10.18
N GLY U 189 -66.19 30.08 -9.70
CA GLY U 189 -67.13 30.97 -10.36
C GLY U 189 -66.86 32.43 -10.07
N ALA U 190 -67.93 33.22 -10.10
CA ALA U 190 -67.80 34.66 -9.90
C ALA U 190 -67.39 34.99 -8.47
N ALA U 191 -67.88 34.24 -7.48
CA ALA U 191 -67.53 34.46 -6.09
C ALA U 191 -66.25 33.69 -5.77
N THR U 192 -65.24 34.40 -5.29
CA THR U 192 -63.91 33.83 -5.08
C THR U 192 -63.42 33.94 -3.64
N ASP U 193 -63.85 34.95 -2.89
CA ASP U 193 -63.30 35.19 -1.56
C ASP U 193 -63.68 34.07 -0.61
N LEU U 194 -62.79 33.82 0.36
CA LEU U 194 -62.99 32.78 1.36
C LEU U 194 -62.27 33.22 2.62
N THR U 195 -63.03 33.54 3.67
CA THR U 195 -62.50 34.10 4.90
C THR U 195 -62.58 33.09 6.03
N LEU U 196 -61.45 32.86 6.69
CA LEU U 196 -61.37 31.99 7.86
C LEU U 196 -61.09 32.85 9.08
N SER U 197 -61.99 32.82 10.06
CA SER U 197 -61.84 33.58 11.30
C SER U 197 -61.75 32.61 12.46
N TYR U 198 -60.68 32.74 13.25
CA TYR U 198 -60.47 31.88 14.41
C TYR U 198 -59.68 32.66 15.44
N THR U 199 -59.17 31.94 16.45
CA THR U 199 -58.33 32.50 17.49
C THR U 199 -57.05 31.69 17.57
N ASN U 200 -55.91 32.39 17.51
CA ASN U 200 -54.62 31.71 17.58
C ASN U 200 -54.38 31.16 18.99
N LYS U 201 -53.33 30.36 19.12
CA LYS U 201 -53.08 29.67 20.38
C LYS U 201 -52.80 30.63 21.53
N GLN U 202 -52.21 31.80 21.23
CA GLN U 202 -51.94 32.78 22.27
C GLN U 202 -53.20 33.47 22.77
N GLY U 203 -54.32 33.34 22.08
CA GLY U 203 -55.55 33.97 22.47
C GLY U 203 -55.93 35.22 21.72
N GLU U 204 -55.18 35.58 20.67
CA GLU U 204 -55.48 36.75 19.86
C GLU U 204 -56.30 36.35 18.64
N ALA U 205 -57.18 37.25 18.22
CA ALA U 205 -58.03 36.99 17.07
C ALA U 205 -57.21 37.02 15.78
N ARG U 206 -57.52 36.10 14.87
CA ARG U 206 -56.87 36.03 13.58
C ARG U 206 -57.90 36.00 12.47
N GLU U 207 -57.61 36.70 11.37
CA GLU U 207 -58.54 36.82 10.26
C GLU U 207 -57.73 36.68 8.98
N VAL U 208 -57.82 35.51 8.35
CA VAL U 208 -57.10 35.20 7.12
C VAL U 208 -58.12 35.11 5.98
N THR U 209 -57.91 35.93 4.95
CA THR U 209 -58.78 35.95 3.78
C THR U 209 -58.00 35.48 2.57
N ILE U 210 -58.55 34.50 1.85
CA ILE U 210 -57.93 33.93 0.66
C ILE U 210 -58.85 34.19 -0.52
N ASN U 211 -58.32 34.88 -1.54
CA ASN U 211 -59.07 35.17 -2.76
C ASN U 211 -58.60 34.18 -3.82
N ALA U 212 -59.41 33.14 -4.04
CA ALA U 212 -59.09 32.14 -5.06
C ALA U 212 -59.15 32.77 -6.45
N LYS U 213 -58.35 32.23 -7.35
CA LYS U 213 -58.23 32.74 -8.71
C LYS U 213 -59.18 31.99 -9.64
N GLN U 214 -59.89 32.74 -10.48
CA GLN U 214 -60.88 32.17 -11.37
C GLN U 214 -60.24 31.13 -12.30
N GLY U 215 -60.88 29.98 -12.43
CA GLY U 215 -60.39 28.90 -13.26
C GLY U 215 -59.66 27.80 -12.52
N ASP U 216 -59.48 27.95 -11.20
CA ASP U 216 -58.82 26.93 -10.41
C ASP U 216 -59.77 25.77 -10.11
N ASP U 217 -59.31 24.55 -10.34
CA ASP U 217 -60.07 23.38 -9.90
C ASP U 217 -59.82 23.16 -8.41
N LEU U 218 -60.39 22.08 -7.87
CA LEU U 218 -60.35 21.88 -6.43
C LEU U 218 -58.92 21.66 -5.92
N GLU U 219 -58.11 20.88 -6.64
CA GLU U 219 -56.77 20.59 -6.16
C GLU U 219 -55.87 21.82 -6.24
N GLU U 220 -56.01 22.62 -7.31
CA GLU U 220 -55.27 23.88 -7.37
C GLU U 220 -55.71 24.85 -6.30
N LEU U 221 -57.02 24.90 -6.02
CA LEU U 221 -57.52 25.74 -4.95
C LEU U 221 -57.00 25.28 -3.59
N ALA U 222 -56.96 23.96 -3.37
CA ALA U 222 -56.43 23.44 -2.11
C ALA U 222 -54.95 23.79 -1.96
N THR U 223 -54.20 23.73 -3.05
CA THR U 223 -52.80 24.14 -3.02
C THR U 223 -52.67 25.63 -2.71
N TYR U 224 -53.55 26.45 -3.30
CA TYR U 224 -53.50 27.89 -3.07
C TYR U 224 -53.75 28.22 -1.61
N ILE U 225 -54.72 27.54 -0.98
CA ILE U 225 -54.98 27.75 0.45
C ILE U 225 -53.76 27.36 1.26
N ASN U 226 -53.07 26.28 0.86
CA ASN U 226 -51.88 25.85 1.58
C ASN U 226 -50.77 26.87 1.50
N GLY U 227 -50.57 27.47 0.32
CA GLY U 227 -49.48 28.42 0.15
C GLY U 227 -49.76 29.80 0.70
N GLN U 228 -51.03 30.21 0.72
CA GLN U 228 -51.37 31.56 1.16
C GLN U 228 -51.33 31.72 2.68
N THR U 229 -51.40 30.63 3.43
CA THR U 229 -51.38 30.70 4.88
C THR U 229 -50.84 29.40 5.44
N GLU U 230 -50.16 29.50 6.59
CA GLU U 230 -49.62 28.35 7.29
C GLU U 230 -50.44 27.95 8.50
N ASP U 231 -51.47 28.72 8.85
CA ASP U 231 -52.31 28.36 9.99
C ASP U 231 -53.12 27.11 9.70
N VAL U 232 -53.74 27.04 8.52
CA VAL U 232 -54.59 25.92 8.13
C VAL U 232 -53.96 25.19 6.96
N LYS U 233 -54.43 23.97 6.73
CA LYS U 233 -53.97 23.14 5.62
C LYS U 233 -55.18 22.59 4.87
N ALA U 234 -55.08 22.54 3.55
CA ALA U 234 -56.18 22.14 2.70
C ALA U 234 -55.86 20.81 2.00
N SER U 235 -56.91 20.03 1.76
CA SER U 235 -56.77 18.74 1.08
C SER U 235 -58.08 18.43 0.37
N VAL U 236 -58.06 17.36 -0.43
CA VAL U 236 -59.22 16.92 -1.19
C VAL U 236 -59.39 15.42 -1.01
N GLY U 237 -60.62 14.99 -0.76
CA GLY U 237 -60.93 13.58 -0.57
C GLY U 237 -61.27 12.87 -1.86
N GLU U 238 -61.80 11.65 -1.71
CA GLU U 238 -62.22 10.86 -2.86
C GLU U 238 -63.35 11.56 -3.62
N ASP U 239 -64.40 11.96 -2.89
CA ASP U 239 -65.56 12.59 -3.52
C ASP U 239 -65.25 13.97 -4.10
N GLY U 240 -64.11 14.56 -3.75
CA GLY U 240 -63.80 15.89 -4.20
C GLY U 240 -64.39 16.96 -3.29
N LYS U 241 -64.03 16.92 -2.01
CA LYS U 241 -64.48 17.92 -1.06
C LYS U 241 -63.27 18.53 -0.37
N LEU U 242 -63.23 19.86 -0.32
CA LEU U 242 -62.10 20.56 0.29
C LEU U 242 -62.19 20.46 1.80
N GLN U 243 -61.15 19.88 2.40
CA GLN U 243 -61.09 19.70 3.85
C GLN U 243 -59.97 20.54 4.43
N LEU U 244 -60.24 21.16 5.58
CA LEU U 244 -59.29 22.02 6.26
C LEU U 244 -58.91 21.40 7.59
N PHE U 245 -57.62 21.45 7.93
CA PHE U 245 -57.10 20.94 9.18
C PHE U 245 -56.48 22.09 9.97
N ALA U 246 -57.08 22.40 11.12
CA ALA U 246 -56.59 23.44 12.01
C ALA U 246 -55.89 22.78 13.18
N SER U 247 -54.59 23.05 13.32
CA SER U 247 -53.80 22.39 14.35
C SER U 247 -54.28 22.78 15.74
N SER U 248 -54.19 21.82 16.67
CA SER U 248 -54.68 22.04 18.03
C SER U 248 -53.78 22.99 18.82
N GLN U 249 -52.50 23.10 18.47
CA GLN U 249 -51.60 24.02 19.15
C GLN U 249 -51.38 25.31 18.37
N LYS U 250 -52.10 25.51 17.26
CA LYS U 250 -52.08 26.78 16.55
C LYS U 250 -53.42 27.51 16.52
N VAL U 251 -54.51 26.83 16.86
CA VAL U 251 -55.83 27.45 16.95
C VAL U 251 -56.51 26.97 18.22
N ASN U 252 -57.52 27.73 18.65
CA ASN U 252 -58.36 27.35 19.77
C ASN U 252 -59.79 27.75 19.45
N GLY U 253 -60.74 26.96 19.95
CA GLY U 253 -62.14 27.20 19.62
C GLY U 253 -62.47 26.75 18.21
N ASP U 254 -63.68 27.10 17.78
CA ASP U 254 -64.13 26.76 16.45
C ASP U 254 -63.58 27.74 15.42
N VAL U 255 -63.53 27.27 14.17
CA VAL U 255 -63.08 28.09 13.05
C VAL U 255 -64.31 28.47 12.23
N THR U 256 -64.64 29.76 12.22
CA THR U 256 -65.78 30.26 11.47
C THR U 256 -65.36 30.51 10.02
N ILE U 257 -65.95 29.78 9.10
CA ILE U 257 -65.61 29.85 7.68
C ILE U 257 -66.76 30.50 6.94
N GLY U 258 -66.48 31.60 6.26
CA GLY U 258 -67.49 32.32 5.51
C GLY U 258 -67.02 32.73 4.14
N GLY U 259 -67.68 33.73 3.55
CA GLY U 259 -67.34 34.23 2.24
C GLY U 259 -68.14 33.56 1.15
N GLY U 260 -67.95 34.07 -0.08
CA GLY U 260 -68.67 33.52 -1.22
C GLY U 260 -68.27 32.09 -1.51
N LEU U 261 -66.97 31.80 -1.50
CA LEU U 261 -66.52 30.44 -1.74
C LEU U 261 -66.87 29.52 -0.58
N GLY U 262 -66.88 30.05 0.65
CA GLY U 262 -67.29 29.25 1.79
C GLY U 262 -68.75 28.83 1.71
N GLY U 263 -69.62 29.74 1.26
CA GLY U 263 -71.02 29.38 1.09
C GLY U 263 -71.22 28.41 -0.06
N GLU U 264 -70.50 28.61 -1.17
CA GLU U 264 -70.66 27.74 -2.33
C GLU U 264 -70.20 26.32 -2.02
N ILE U 265 -69.00 26.18 -1.45
CA ILE U 265 -68.48 24.86 -1.11
C ILE U 265 -69.27 24.25 0.04
N GLY U 266 -69.54 25.04 1.08
CA GLY U 266 -70.26 24.55 2.23
C GLY U 266 -69.33 23.91 3.24
N PHE U 267 -69.63 24.05 4.52
CA PHE U 267 -68.74 23.55 5.56
C PHE U 267 -69.56 23.16 6.79
N ASP U 268 -69.19 22.04 7.41
CA ASP U 268 -69.86 21.53 8.60
C ASP U 268 -68.94 21.67 9.81
N ALA U 269 -69.36 21.09 10.93
CA ALA U 269 -68.62 21.19 12.17
C ALA U 269 -67.30 20.43 12.08
N GLY U 270 -66.43 20.69 13.05
CA GLY U 270 -65.11 20.09 13.10
C GLY U 270 -65.04 18.89 14.03
N ARG U 271 -64.16 17.96 13.70
CA ARG U 271 -63.95 16.74 14.47
C ARG U 271 -62.54 16.75 15.05
N ASN U 272 -62.44 16.50 16.36
CA ASN U 272 -61.14 16.48 17.04
C ASN U 272 -60.42 15.20 16.64
N VAL U 273 -59.51 15.31 15.68
CA VAL U 273 -58.77 14.17 15.14
C VAL U 273 -57.32 14.27 15.60
N THR U 274 -56.83 13.22 16.24
CA THR U 274 -55.46 13.12 16.69
C THR U 274 -54.72 12.08 15.86
N VAL U 275 -53.48 11.77 16.26
CA VAL U 275 -52.71 10.74 15.58
C VAL U 275 -53.37 9.38 15.74
N ALA U 276 -53.98 9.12 16.89
CA ALA U 276 -54.65 7.85 17.12
C ALA U 276 -55.84 7.64 16.19
N ASP U 277 -56.36 8.72 15.58
CA ASP U 277 -57.47 8.63 14.66
C ASP U 277 -57.02 8.62 13.20
N VAL U 278 -55.72 8.47 12.95
CA VAL U 278 -55.21 8.43 11.58
C VAL U 278 -55.67 7.15 10.91
N ASN U 279 -56.28 7.29 9.73
CA ASN U 279 -56.79 6.15 8.96
C ASN U 279 -56.51 6.45 7.49
N VAL U 280 -55.46 5.82 6.95
CA VAL U 280 -54.99 6.14 5.61
C VAL U 280 -55.63 5.22 4.58
N SER U 281 -56.68 4.49 4.98
CA SER U 281 -57.37 3.60 4.05
C SER U 281 -58.03 4.36 2.91
N THR U 282 -58.29 5.66 3.08
CA THR U 282 -58.88 6.50 2.06
C THR U 282 -57.94 7.65 1.74
N VAL U 283 -58.09 8.20 0.53
CA VAL U 283 -57.25 9.33 0.15
C VAL U 283 -57.57 10.55 1.00
N ALA U 284 -58.83 10.68 1.46
CA ALA U 284 -59.17 11.75 2.37
C ALA U 284 -58.49 11.55 3.72
N GLY U 285 -58.47 10.31 4.23
CA GLY U 285 -57.82 10.05 5.50
C GLY U 285 -56.31 10.23 5.43
N SER U 286 -55.71 9.85 4.29
CA SER U 286 -54.26 9.96 4.17
C SER U 286 -53.82 11.40 3.92
N GLN U 287 -54.61 12.16 3.15
CA GLN U 287 -54.27 13.55 2.91
C GLN U 287 -54.26 14.36 4.21
N GLU U 288 -55.27 14.16 5.06
CA GLU U 288 -55.29 14.82 6.35
C GLU U 288 -54.38 14.16 7.36
N ALA U 289 -53.98 12.90 7.13
CA ALA U 289 -53.02 12.25 8.01
C ALA U 289 -51.67 12.96 7.97
N VAL U 290 -51.25 13.42 6.79
CA VAL U 290 -50.00 14.16 6.69
C VAL U 290 -50.09 15.43 7.53
N SER U 291 -51.22 16.13 7.46
CA SER U 291 -51.39 17.35 8.24
C SER U 291 -51.38 17.07 9.73
N ILE U 292 -51.98 15.95 10.15
CA ILE U 292 -52.04 15.64 11.58
C ILE U 292 -50.65 15.46 12.16
N LEU U 293 -49.80 14.69 11.47
CA LEU U 293 -48.44 14.48 11.97
C LEU U 293 -47.53 15.67 11.77
N ASP U 294 -47.91 16.64 10.92
CA ASP U 294 -47.24 17.93 10.95
C ASP U 294 -47.50 18.64 12.27
N GLY U 295 -48.74 18.57 12.76
CA GLY U 295 -49.04 19.11 14.08
C GLY U 295 -48.39 18.32 15.19
N ALA U 296 -48.29 17.00 15.03
CA ALA U 296 -47.66 16.18 16.05
C ALA U 296 -46.16 16.39 16.11
N LEU U 297 -45.52 16.46 14.94
CA LEU U 297 -44.08 16.70 14.90
C LEU U 297 -43.74 18.07 15.49
N LYS U 298 -44.59 19.06 15.22
CA LYS U 298 -44.39 20.39 15.81
C LYS U 298 -44.48 20.33 17.33
N ALA U 299 -45.46 19.59 17.85
CA ALA U 299 -45.59 19.44 19.29
C ALA U 299 -44.41 18.72 19.90
N VAL U 300 -43.92 17.67 19.23
CA VAL U 300 -42.80 16.89 19.76
C VAL U 300 -41.54 17.73 19.78
N ASP U 301 -41.26 18.42 18.67
CA ASP U 301 -40.05 19.25 18.60
C ASP U 301 -40.10 20.40 19.59
N SER U 302 -41.28 21.02 19.74
CA SER U 302 -41.40 22.15 20.67
C SER U 302 -41.11 21.73 22.10
N GLN U 303 -41.60 20.54 22.50
CA GLN U 303 -41.35 20.06 23.84
C GLN U 303 -39.90 19.59 24.00
N ARG U 304 -39.32 19.04 22.92
CA ARG U 304 -37.91 18.66 22.97
C ARG U 304 -37.01 19.87 23.20
N ALA U 305 -37.30 20.98 22.51
CA ALA U 305 -36.53 22.21 22.73
C ALA U 305 -36.75 22.74 24.13
N SER U 306 -37.96 22.57 24.68
CA SER U 306 -38.20 22.95 26.06
C SER U 306 -37.34 22.13 27.01
N LEU U 307 -36.92 20.94 26.58
CA LEU U 307 -36.03 20.13 27.40
C LEU U 307 -34.57 20.51 27.14
N GLY U 308 -34.23 20.84 25.91
CA GLY U 308 -32.87 21.27 25.62
C GLY U 308 -32.50 22.55 26.34
N ALA U 309 -33.45 23.48 26.44
CA ALA U 309 -33.23 24.69 27.21
C ALA U 309 -33.02 24.37 28.68
N PHE U 310 -33.79 23.43 29.21
CA PHE U 310 -33.64 23.04 30.61
C PHE U 310 -32.30 22.36 30.85
N GLN U 311 -31.89 21.49 29.93
CA GLN U 311 -30.59 20.83 30.06
C GLN U 311 -29.44 21.85 30.02
N ASN U 312 -29.54 22.82 29.10
CA ASN U 312 -28.52 23.87 29.06
C ASN U 312 -28.55 24.72 30.32
N ARG U 313 -29.76 25.04 30.82
CA ARG U 313 -29.86 25.84 32.03
C ARG U 313 -29.22 25.14 33.23
N PHE U 314 -29.46 23.83 33.36
CA PHE U 314 -28.85 23.09 34.46
C PHE U 314 -27.36 22.87 34.22
N GLY U 315 -26.93 22.87 32.96
CA GLY U 315 -25.50 22.85 32.68
C GLY U 315 -24.81 24.12 33.15
N HIS U 316 -25.46 25.27 32.94
CA HIS U 316 -24.92 26.52 33.48
C HIS U 316 -25.00 26.54 34.99
N ALA U 317 -26.08 26.00 35.56
CA ALA U 317 -26.22 25.95 37.01
C ALA U 317 -25.15 25.09 37.65
N ILE U 318 -24.84 23.93 37.05
CA ILE U 318 -23.83 23.05 37.61
C ILE U 318 -22.47 23.73 37.62
N SER U 319 -22.12 24.40 36.51
CA SER U 319 -20.84 25.09 36.45
C SER U 319 -20.77 26.23 37.46
N ASN U 320 -21.88 26.97 37.63
CA ASN U 320 -21.90 28.06 38.60
C ASN U 320 -21.82 27.52 40.03
N LEU U 321 -22.53 26.43 40.31
CA LEU U 321 -22.51 25.87 41.66
C LEU U 321 -21.13 25.32 42.01
N ASP U 322 -20.42 24.77 41.02
CA ASP U 322 -19.05 24.33 41.25
C ASP U 322 -18.14 25.50 41.56
N ASN U 323 -18.31 26.62 40.86
CA ASN U 323 -17.49 27.81 41.11
C ASN U 323 -17.71 28.33 42.52
N VAL U 324 -18.97 28.39 42.95
CA VAL U 324 -19.27 28.83 44.32
C VAL U 324 -18.75 27.83 45.33
N ASN U 325 -18.83 26.53 45.01
CA ASN U 325 -18.37 25.49 45.92
C ASN U 325 -16.88 25.62 46.19
N GLU U 326 -16.09 25.83 45.14
CA GLU U 326 -14.64 25.97 45.31
C GLU U 326 -14.29 27.23 46.09
N ASN U 327 -14.99 28.33 45.80
CA ASN U 327 -14.67 29.59 46.47
C ASN U 327 -15.11 29.58 47.93
N VAL U 328 -16.25 28.95 48.22
CA VAL U 328 -16.69 28.82 49.61
C VAL U 328 -15.72 27.92 50.39
N ASN U 329 -15.24 26.86 49.75
CA ASN U 329 -14.25 25.99 50.40
C ASN U 329 -12.96 26.74 50.68
N ALA U 330 -12.55 27.62 49.75
CA ALA U 330 -11.35 28.42 49.98
C ALA U 330 -11.53 29.39 51.14
N SER U 331 -12.71 30.01 51.24
CA SER U 331 -12.95 30.93 52.34
C SER U 331 -13.02 30.19 53.67
N ARG U 332 -13.67 29.02 53.68
CA ARG U 332 -13.69 28.20 54.89
C ARG U 332 -12.27 27.79 55.29
N SER U 333 -11.39 27.60 54.30
CA SER U 333 -9.99 27.30 54.58
C SER U 333 -9.32 28.43 55.36
N ARG U 334 -9.58 29.67 54.96
CA ARG U 334 -8.92 30.81 55.60
C ARG U 334 -9.42 31.04 57.02
N ILE U 335 -10.51 30.39 57.43
CA ILE U 335 -11.08 30.59 58.75
C ILE U 335 -10.87 29.36 59.63
N ARG U 336 -11.07 28.16 59.08
CA ARG U 336 -11.08 26.94 59.89
C ARG U 336 -9.77 26.17 59.80
N ASP U 337 -9.30 25.86 58.60
CA ASP U 337 -8.14 24.97 58.45
C ASP U 337 -6.89 25.63 59.04
N THR U 338 -6.05 24.80 59.65
CA THR U 338 -4.90 25.30 60.39
C THR U 338 -3.72 25.59 59.47
N ASP U 339 -2.89 26.55 59.88
CA ASP U 339 -1.66 26.88 59.18
C ASP U 339 -0.53 26.04 59.79
N TYR U 340 -0.06 25.05 59.05
CA TYR U 340 1.02 24.21 59.55
C TYR U 340 2.30 25.00 59.78
N ALA U 341 2.60 25.96 58.89
CA ALA U 341 3.82 26.75 59.05
C ALA U 341 3.81 27.51 60.37
N ARG U 342 2.67 28.10 60.73
CA ARG U 342 2.57 28.83 62.00
C ARG U 342 2.46 27.88 63.19
N GLU U 343 1.70 26.80 63.05
CA GLU U 343 1.40 25.94 64.21
C GLU U 343 2.64 25.18 64.66
N THR U 344 3.43 24.66 63.72
CA THR U 344 4.66 23.96 64.09
C THR U 344 5.62 24.89 64.82
N THR U 345 5.75 26.13 64.34
CA THR U 345 6.56 27.11 65.05
C THR U 345 5.98 27.40 66.43
N ALA U 346 4.66 27.45 66.54
CA ALA U 346 4.01 27.69 67.82
C ALA U 346 4.28 26.54 68.79
N MET U 347 4.22 25.29 68.31
CA MET U 347 4.42 24.16 69.19
C MET U 347 5.89 23.99 69.55
N THR U 348 6.79 24.29 68.61
CA THR U 348 8.22 24.27 68.93
C THR U 348 8.57 25.36 69.93
N LYS U 349 7.95 26.54 69.79
CA LYS U 349 8.15 27.60 70.77
C LYS U 349 7.64 27.17 72.14
N ALA U 350 6.54 26.42 72.17
CA ALA U 350 6.02 25.90 73.43
C ALA U 350 6.95 24.86 74.03
N GLN U 351 7.47 23.95 73.20
CA GLN U 351 8.38 22.92 73.70
C GLN U 351 9.65 23.53 74.27
N ILE U 352 10.22 24.52 73.57
CA ILE U 352 11.43 25.17 74.05
C ILE U 352 11.13 25.96 75.33
N LEU U 353 9.98 26.63 75.37
CA LEU U 353 9.64 27.45 76.53
C LEU U 353 9.51 26.61 77.80
N GLN U 354 8.83 25.46 77.71
CA GLN U 354 8.68 24.64 78.89
C GLN U 354 9.98 23.96 79.30
N GLN U 355 10.85 23.66 78.33
CA GLN U 355 12.16 23.13 78.67
C GLN U 355 12.95 24.12 79.51
N ALA U 356 12.87 25.40 79.18
CA ALA U 356 13.46 26.43 80.02
C ALA U 356 12.77 26.50 81.37
N SER U 357 11.43 26.38 81.38
CA SER U 357 10.67 26.48 82.63
C SER U 357 11.03 25.33 83.57
N THR U 358 11.12 24.10 83.03
CA THR U 358 11.50 22.96 83.86
C THR U 358 12.93 23.10 84.37
N SER U 359 13.84 23.58 83.52
CA SER U 359 15.22 23.76 83.93
C SER U 359 15.33 24.78 85.06
N VAL U 360 14.66 25.93 84.92
CA VAL U 360 14.69 26.95 85.96
C VAL U 360 14.02 26.43 87.23
N LEU U 361 12.97 25.62 87.08
CA LEU U 361 12.31 25.04 88.24
C LEU U 361 13.28 24.16 89.03
N ALA U 362 14.14 23.43 88.35
CA ALA U 362 15.12 22.59 89.03
C ALA U 362 16.08 23.43 89.86
N GLN U 363 16.54 24.56 89.33
CA GLN U 363 17.44 25.44 90.08
C GLN U 363 16.70 26.19 91.18
N ALA U 364 15.41 26.45 90.99
CA ALA U 364 14.65 27.25 91.94
C ALA U 364 14.52 26.60 93.30
N LYS U 365 14.26 25.29 93.34
CA LYS U 365 14.07 24.61 94.62
C LYS U 365 15.37 24.43 95.39
N GLN U 366 16.52 24.72 94.78
CA GLN U 366 17.79 24.66 95.50
C GLN U 366 18.03 25.87 96.38
N SER U 367 17.19 26.90 96.29
CA SER U 367 17.32 28.04 97.19
C SER U 367 17.08 27.66 98.65
N PRO U 368 16.01 26.95 99.02
CA PRO U 368 15.92 26.46 100.41
C PRO U 368 17.00 25.46 100.75
N SER U 369 17.55 24.76 99.75
CA SER U 369 18.71 23.90 100.01
C SER U 369 19.91 24.73 100.43
N ALA U 370 20.10 25.90 99.83
CA ALA U 370 21.15 26.81 100.27
C ALA U 370 20.87 27.31 101.69
N ALA U 371 19.59 27.44 102.06
CA ALA U 371 19.25 27.78 103.43
C ALA U 371 19.67 26.68 104.39
N LEU U 372 19.47 25.42 104.02
CA LEU U 372 19.89 24.31 104.87
C LEU U 372 21.41 24.26 105.01
N SER U 373 22.12 24.36 103.89
CA SER U 373 23.58 24.34 103.90
C SER U 373 24.20 25.61 104.46
N LEU U 374 23.40 26.65 104.71
CA LEU U 374 23.96 27.92 105.18
C LEU U 374 24.66 27.75 106.52
N LEU U 375 23.89 27.39 107.55
CA LEU U 375 24.44 27.02 108.84
C LEU U 375 23.72 25.81 109.44
N GLY U 376 22.71 25.26 108.77
CA GLY U 376 21.96 24.16 109.35
C GLY U 376 22.74 22.87 109.52
N MET V 1 -26.92 -3.68 14.56
CA MET V 1 -26.30 -4.95 14.18
C MET V 1 -24.94 -5.10 14.84
N ALA V 2 -24.74 -6.21 15.53
CA ALA V 2 -23.48 -6.46 16.20
C ALA V 2 -22.38 -6.80 15.19
N ILE V 3 -21.14 -6.63 15.62
CA ILE V 3 -19.98 -7.00 14.81
C ILE V 3 -19.56 -8.41 15.22
N ASN V 4 -19.38 -9.28 14.22
CA ASN V 4 -19.10 -10.68 14.47
C ASN V 4 -18.09 -11.20 13.47
N VAL V 5 -17.38 -12.25 13.87
CA VAL V 5 -16.52 -13.00 12.95
C VAL V 5 -16.97 -14.44 12.77
N ASN V 6 -17.74 -15.02 13.70
CA ASN V 6 -18.18 -16.40 13.55
C ASN V 6 -19.29 -16.55 12.51
N THR V 7 -20.07 -15.51 12.27
CA THR V 7 -21.10 -15.53 11.23
C THR V 7 -20.92 -14.33 10.32
N ASN V 8 -21.24 -14.53 9.04
CA ASN V 8 -21.15 -13.53 8.00
C ASN V 8 -22.41 -13.53 7.17
N VAL V 9 -23.56 -13.43 7.84
CA VAL V 9 -24.87 -13.43 7.19
C VAL V 9 -24.91 -12.49 5.99
N SER V 10 -24.15 -11.40 6.04
CA SER V 10 -24.06 -10.50 4.89
C SER V 10 -23.46 -11.19 3.68
N ALA V 11 -22.37 -11.93 3.89
CA ALA V 11 -21.78 -12.72 2.81
C ALA V 11 -22.65 -13.92 2.46
N MET V 12 -23.32 -14.51 3.46
CA MET V 12 -24.23 -15.62 3.19
C MET V 12 -25.35 -15.20 2.24
N THR V 13 -25.88 -14.00 2.44
CA THR V 13 -26.83 -13.43 1.49
C THR V 13 -26.16 -13.20 0.13
N ALA V 14 -24.92 -12.71 0.15
CA ALA V 14 -24.22 -12.39 -1.09
C ALA V 14 -24.03 -13.63 -1.97
N GLN V 15 -23.58 -14.73 -1.36
CA GLN V 15 -23.38 -15.95 -2.15
C GLN V 15 -24.70 -16.63 -2.48
N ARG V 16 -25.72 -16.46 -1.65
CA ARG V 16 -27.03 -17.04 -1.95
C ARG V 16 -27.58 -16.46 -3.24
N TYR V 17 -27.44 -15.15 -3.44
CA TYR V 17 -27.84 -14.53 -4.70
C TYR V 17 -26.82 -14.80 -5.79
N LEU V 18 -25.56 -15.05 -5.43
CA LEU V 18 -24.53 -15.33 -6.43
C LEU V 18 -24.80 -16.66 -7.12
N ASN V 19 -25.09 -17.71 -6.34
CA ASN V 19 -25.46 -18.98 -6.94
C ASN V 19 -26.84 -18.92 -7.58
N GLY V 20 -27.68 -17.99 -7.13
CA GLY V 20 -28.97 -17.80 -7.79
C GLY V 20 -28.80 -17.26 -9.20
N ALA V 21 -27.89 -16.29 -9.37
CA ALA V 21 -27.64 -15.75 -10.70
C ALA V 21 -26.80 -16.71 -11.54
N ALA V 22 -25.90 -17.44 -10.90
CA ALA V 22 -25.05 -18.38 -11.64
C ALA V 22 -25.89 -19.47 -12.30
N ASP V 23 -26.89 -20.00 -11.59
CA ASP V 23 -27.77 -20.99 -12.19
C ASP V 23 -28.60 -20.37 -13.32
N GLY V 24 -29.00 -19.11 -13.15
CA GLY V 24 -29.77 -18.46 -14.20
C GLY V 24 -28.99 -18.30 -15.49
N MET V 25 -27.71 -17.94 -15.39
CA MET V 25 -26.90 -17.80 -16.59
C MET V 25 -26.49 -19.16 -17.16
N GLN V 26 -26.33 -20.17 -16.29
CA GLN V 26 -26.00 -21.50 -16.79
C GLN V 26 -27.12 -22.05 -17.66
N LYS V 27 -28.37 -21.72 -17.32
CA LYS V 27 -29.49 -22.15 -18.14
C LYS V 27 -29.52 -21.37 -19.45
N SER V 28 -29.27 -20.05 -19.37
CA SER V 28 -29.30 -19.21 -20.58
C SER V 28 -28.25 -19.64 -21.59
N MET V 29 -27.04 -19.98 -21.13
CA MET V 29 -26.03 -20.50 -22.04
C MET V 29 -26.47 -21.81 -22.67
N GLU V 30 -27.13 -22.67 -21.90
CA GLU V 30 -27.65 -23.92 -22.44
C GLU V 30 -28.70 -23.67 -23.50
N ARG V 31 -29.59 -22.69 -23.26
CA ARG V 31 -30.63 -22.38 -24.24
C ARG V 31 -30.03 -21.80 -25.52
N LEU V 32 -28.98 -21.00 -25.40
CA LEU V 32 -28.36 -20.42 -26.58
C LEU V 32 -27.62 -21.47 -27.40
N SER V 33 -26.86 -22.35 -26.73
CA SER V 33 -26.07 -23.34 -27.44
C SER V 33 -26.96 -24.32 -28.20
N SER V 34 -27.99 -24.85 -27.54
CA SER V 34 -28.88 -25.80 -28.20
C SER V 34 -29.87 -25.10 -29.12
N GLY V 35 -30.23 -23.85 -28.85
CA GLY V 35 -31.23 -23.15 -29.61
C GLY V 35 -32.66 -23.41 -29.19
N TYR V 36 -32.87 -24.10 -28.07
CA TYR V 36 -34.19 -24.44 -27.58
C TYR V 36 -34.39 -23.89 -26.18
N LYS V 37 -35.59 -23.37 -25.90
CA LYS V 37 -35.92 -22.98 -24.53
C LYS V 37 -36.14 -24.20 -23.66
N ILE V 38 -36.86 -25.20 -24.16
CA ILE V 38 -37.24 -26.37 -23.38
C ILE V 38 -36.23 -27.46 -23.72
N ASN V 39 -35.15 -27.51 -22.95
CA ASN V 39 -34.20 -28.61 -23.04
C ASN V 39 -34.60 -29.81 -22.20
N SER V 40 -35.55 -29.64 -21.29
CA SER V 40 -36.03 -30.71 -20.43
C SER V 40 -37.40 -30.30 -19.89
N ALA V 41 -38.09 -31.28 -19.30
CA ALA V 41 -39.41 -31.03 -18.74
C ALA V 41 -39.36 -30.07 -17.56
N ARG V 42 -38.19 -29.83 -16.99
CA ARG V 42 -38.08 -28.87 -15.89
C ARG V 42 -38.51 -27.48 -16.33
N ASP V 43 -38.28 -27.12 -17.59
CA ASP V 43 -38.66 -25.79 -18.07
C ASP V 43 -40.16 -25.67 -18.24
N ASP V 44 -40.79 -26.70 -18.80
CA ASP V 44 -42.22 -26.64 -19.11
C ASP V 44 -42.73 -28.07 -19.31
N ALA V 45 -43.80 -28.42 -18.59
CA ALA V 45 -44.35 -29.77 -18.70
C ALA V 45 -45.20 -29.91 -19.96
N ALA V 46 -46.25 -29.09 -20.09
CA ALA V 46 -47.10 -29.18 -21.26
C ALA V 46 -46.39 -28.70 -22.51
N GLY V 47 -45.50 -27.71 -22.37
CA GLY V 47 -44.77 -27.21 -23.52
C GLY V 47 -43.88 -28.28 -24.15
N LEU V 48 -43.20 -29.07 -23.32
CA LEU V 48 -42.39 -30.16 -23.85
C LEU V 48 -43.25 -31.23 -24.51
N GLN V 49 -44.39 -31.56 -23.89
CA GLN V 49 -45.27 -32.59 -24.44
C GLN V 49 -45.83 -32.17 -25.79
N ILE V 50 -46.34 -30.94 -25.88
CA ILE V 50 -46.96 -30.49 -27.12
C ILE V 50 -45.91 -30.33 -28.22
N SER V 51 -44.72 -29.85 -27.87
CA SER V 51 -43.66 -29.73 -28.86
C SER V 51 -43.21 -31.10 -29.34
N ASN V 52 -43.15 -32.08 -28.44
CA ASN V 52 -42.77 -33.44 -28.84
C ASN V 52 -43.82 -34.05 -29.76
N ARG V 53 -45.10 -33.78 -29.50
CA ARG V 53 -46.15 -34.27 -30.38
C ARG V 53 -46.12 -33.57 -31.73
N LEU V 54 -45.81 -32.27 -31.74
CA LEU V 54 -45.77 -31.52 -32.98
C LEU V 54 -44.56 -31.91 -33.83
N THR V 55 -43.43 -32.20 -33.18
CA THR V 55 -42.26 -32.64 -33.94
C THR V 55 -42.41 -34.08 -34.41
N SER V 56 -43.18 -34.89 -33.68
CA SER V 56 -43.53 -36.22 -34.20
C SER V 56 -44.48 -36.11 -35.38
N GLN V 57 -45.39 -35.13 -35.33
CA GLN V 57 -46.27 -34.88 -36.47
C GLN V 57 -45.46 -34.39 -37.67
N SER V 58 -44.47 -33.53 -37.44
CA SER V 58 -43.65 -33.02 -38.54
C SER V 58 -42.88 -34.15 -39.21
N ARG V 59 -42.30 -35.06 -38.41
CA ARG V 59 -41.64 -36.22 -38.99
C ARG V 59 -42.62 -37.09 -39.75
N GLY V 60 -43.82 -37.30 -39.19
CA GLY V 60 -44.82 -38.09 -39.89
C GLY V 60 -45.27 -37.44 -41.19
N LEU V 61 -45.29 -36.11 -41.23
CA LEU V 61 -45.70 -35.40 -42.45
C LEU V 61 -44.62 -35.49 -43.53
N ASP V 62 -43.35 -35.54 -43.12
CA ASP V 62 -42.27 -35.70 -44.09
C ASP V 62 -42.36 -37.06 -44.77
N MET V 63 -42.72 -38.10 -44.01
CA MET V 63 -42.93 -39.41 -44.61
C MET V 63 -44.30 -39.52 -45.24
N ALA V 64 -45.21 -38.59 -44.95
CA ALA V 64 -46.49 -38.56 -45.64
C ALA V 64 -46.32 -38.04 -47.05
N VAL V 65 -45.52 -36.98 -47.24
CA VAL V 65 -45.26 -36.48 -48.57
C VAL V 65 -44.32 -37.42 -49.33
N LYS V 66 -43.38 -38.05 -48.62
CA LYS V 66 -42.49 -39.02 -49.25
C LYS V 66 -43.27 -40.24 -49.73
N ASN V 67 -44.21 -40.72 -48.91
CA ASN V 67 -45.01 -41.88 -49.30
C ASN V 67 -45.98 -41.53 -50.43
N ALA V 68 -46.52 -40.31 -50.42
CA ALA V 68 -47.40 -39.89 -51.50
C ALA V 68 -46.64 -39.81 -52.82
N ASN V 69 -45.40 -39.31 -52.78
CA ASN V 69 -44.57 -39.28 -53.98
C ASN V 69 -44.32 -40.68 -54.51
N ASP V 70 -44.22 -41.67 -53.61
CA ASP V 70 -44.14 -43.06 -54.03
C ASP V 70 -45.42 -43.49 -54.75
N GLY V 71 -46.57 -43.05 -54.25
CA GLY V 71 -47.82 -43.36 -54.93
C GLY V 71 -47.91 -42.75 -56.31
N ILE V 72 -47.40 -41.53 -56.47
CA ILE V 72 -47.37 -40.90 -57.79
C ILE V 72 -46.38 -41.64 -58.70
N SER V 73 -45.27 -42.10 -58.14
CA SER V 73 -44.27 -42.81 -58.94
C SER V 73 -44.82 -44.11 -59.49
N ILE V 74 -45.52 -44.88 -58.65
CA ILE V 74 -46.11 -46.14 -59.12
C ILE V 74 -47.21 -45.86 -60.14
N ALA V 75 -48.05 -44.87 -59.86
CA ALA V 75 -49.13 -44.54 -60.78
C ALA V 75 -48.59 -44.06 -62.12
N GLN V 76 -47.55 -43.22 -62.11
CA GLN V 76 -46.96 -42.74 -63.34
C GLN V 76 -46.34 -43.87 -64.15
N THR V 77 -45.62 -44.77 -63.49
CA THR V 77 -45.02 -45.91 -64.19
C THR V 77 -46.11 -46.81 -64.80
N ALA V 78 -47.22 -46.97 -64.08
CA ALA V 78 -48.34 -47.75 -64.63
C ALA V 78 -48.88 -47.09 -65.90
N GLU V 79 -49.03 -45.76 -65.88
CA GLU V 79 -49.51 -45.07 -67.07
C GLU V 79 -48.51 -45.17 -68.23
N GLY V 80 -47.22 -45.21 -67.92
CA GLY V 80 -46.23 -45.35 -68.97
C GLY V 80 -46.41 -46.64 -69.76
N ALA V 81 -46.65 -47.75 -69.05
CA ALA V 81 -46.98 -49.00 -69.74
C ALA V 81 -48.35 -48.91 -70.38
N MET V 82 -49.28 -48.18 -69.77
CA MET V 82 -50.63 -48.07 -70.32
C MET V 82 -50.63 -47.32 -71.65
N ASN V 83 -49.77 -46.30 -71.78
CA ASN V 83 -49.74 -45.49 -72.99
C ASN V 83 -49.37 -46.34 -74.21
N GLU V 84 -48.36 -47.19 -74.06
CA GLU V 84 -47.99 -48.07 -75.17
C GLU V 84 -49.05 -49.13 -75.40
N THR V 85 -49.75 -49.55 -74.35
CA THR V 85 -50.84 -50.52 -74.51
C THR V 85 -51.94 -49.95 -75.39
N THR V 86 -52.26 -48.67 -75.21
CA THR V 86 -53.25 -48.01 -76.06
C THR V 86 -52.78 -47.96 -77.51
N ASN V 87 -51.50 -47.64 -77.73
CA ASN V 87 -50.99 -47.55 -79.10
C ASN V 87 -51.00 -48.90 -79.80
N ILE V 88 -50.69 -49.98 -79.07
CA ILE V 88 -50.76 -51.31 -79.66
C ILE V 88 -52.20 -51.65 -80.05
N LEU V 89 -53.15 -51.32 -79.18
CA LEU V 89 -54.56 -51.62 -79.47
C LEU V 89 -55.05 -50.81 -80.67
N GLN V 90 -54.67 -49.53 -80.76
CA GLN V 90 -55.09 -48.73 -81.90
C GLN V 90 -54.49 -49.25 -83.20
N ARG V 91 -53.21 -49.61 -83.19
CA ARG V 91 -52.60 -50.17 -84.39
C ARG V 91 -53.24 -51.49 -84.79
N MET V 92 -53.50 -52.35 -83.80
CA MET V 92 -54.17 -53.62 -84.08
C MET V 92 -55.60 -53.40 -84.54
N ARG V 93 -56.24 -52.32 -84.08
CA ARG V 93 -57.55 -51.95 -84.59
C ARG V 93 -57.49 -51.59 -86.08
N ASP V 94 -56.49 -50.80 -86.46
CA ASP V 94 -56.33 -50.43 -87.87
C ASP V 94 -56.05 -51.67 -88.71
N LEU V 95 -55.26 -52.60 -88.19
CA LEU V 95 -54.96 -53.82 -88.94
C LEU V 95 -56.22 -54.63 -89.18
N ALA V 96 -57.10 -54.72 -88.18
CA ALA V 96 -58.35 -55.46 -88.33
C ALA V 96 -59.26 -54.82 -89.36
N LEU V 97 -59.41 -53.49 -89.31
CA LEU V 97 -60.27 -52.80 -90.27
C LEU V 97 -59.77 -52.98 -91.69
N GLN V 98 -58.46 -52.92 -91.90
CA GLN V 98 -57.89 -53.18 -93.21
C GLN V 98 -58.14 -54.63 -93.63
N SER V 99 -58.10 -55.56 -92.67
CA SER V 99 -58.30 -56.97 -92.97
C SER V 99 -59.74 -57.28 -93.37
N SER V 100 -60.69 -56.38 -93.09
CA SER V 100 -62.08 -56.61 -93.44
C SER V 100 -62.40 -56.25 -94.88
N ASN V 101 -61.48 -55.59 -95.59
CA ASN V 101 -61.73 -55.21 -96.98
C ASN V 101 -61.87 -56.44 -97.86
N GLY V 102 -62.77 -56.35 -98.84
CA GLY V 102 -63.02 -57.45 -99.74
C GLY V 102 -61.91 -57.69 -100.75
N SER V 103 -61.08 -56.68 -101.01
CA SER V 103 -59.98 -56.84 -101.94
C SER V 103 -58.88 -57.74 -101.38
N ASN V 104 -58.83 -57.90 -100.05
CA ASN V 104 -57.82 -58.75 -99.45
C ASN V 104 -58.07 -60.22 -99.80
N SER V 105 -56.98 -60.94 -100.05
CA SER V 105 -57.04 -62.37 -100.29
C SER V 105 -56.70 -63.12 -99.01
N SER V 106 -56.77 -64.45 -99.07
CA SER V 106 -56.42 -65.27 -97.92
C SER V 106 -54.95 -65.07 -97.54
N SER V 107 -54.06 -65.00 -98.54
CA SER V 107 -52.65 -64.77 -98.26
C SER V 107 -52.42 -63.40 -97.63
N GLU V 108 -53.10 -62.37 -98.15
CA GLU V 108 -52.96 -61.04 -97.56
C GLU V 108 -53.50 -61.01 -96.13
N ARG V 109 -54.68 -61.60 -95.91
CA ARG V 109 -55.23 -61.67 -94.55
C ARG V 109 -54.30 -62.42 -93.61
N ARG V 110 -53.61 -63.43 -94.14
CA ARG V 110 -52.65 -64.18 -93.33
C ARG V 110 -51.56 -63.25 -92.82
N ALA V 111 -51.05 -62.39 -93.70
CA ALA V 111 -50.02 -61.43 -93.31
C ALA V 111 -50.52 -60.44 -92.27
N ILE V 112 -51.80 -60.06 -92.35
CA ILE V 112 -52.39 -59.24 -91.29
C ILE V 112 -52.29 -59.94 -89.95
N GLN V 113 -52.45 -61.26 -89.95
CA GLN V 113 -52.44 -62.02 -88.70
C GLN V 113 -51.07 -61.97 -88.05
N GLU V 114 -50.00 -61.92 -88.84
CA GLU V 114 -48.65 -61.85 -88.29
C GLU V 114 -48.45 -60.59 -87.45
N GLU V 115 -48.79 -59.43 -88.02
CA GLU V 115 -48.61 -58.20 -87.25
C GLU V 115 -49.56 -58.15 -86.06
N VAL V 116 -50.77 -58.70 -86.21
CA VAL V 116 -51.72 -58.73 -85.10
C VAL V 116 -51.22 -59.67 -84.00
N SER V 117 -50.76 -60.86 -84.38
CA SER V 117 -50.30 -61.84 -83.39
C SER V 117 -49.04 -61.36 -82.69
N ALA V 118 -48.11 -60.76 -83.43
CA ALA V 118 -46.90 -60.23 -82.81
C ALA V 118 -47.23 -59.10 -81.83
N LEU V 119 -48.18 -58.24 -82.20
CA LEU V 119 -48.63 -57.20 -81.29
C LEU V 119 -49.37 -57.79 -80.10
N ASN V 120 -50.13 -58.86 -80.31
CA ASN V 120 -50.83 -59.52 -79.22
C ASN V 120 -49.84 -60.09 -78.20
N ASP V 121 -48.77 -60.72 -78.67
CA ASP V 121 -47.72 -61.18 -77.76
C ASP V 121 -47.02 -59.99 -77.09
N GLU V 122 -46.97 -58.86 -77.79
CA GLU V 122 -46.39 -57.65 -77.19
C GLU V 122 -47.26 -57.13 -76.06
N LEU V 123 -48.58 -57.26 -76.19
CA LEU V 123 -49.48 -56.83 -75.12
C LEU V 123 -49.24 -57.63 -73.84
N ASN V 124 -49.08 -58.94 -73.96
CA ASN V 124 -48.78 -59.76 -72.79
C ASN V 124 -47.43 -59.40 -72.20
N ARG V 125 -46.43 -59.13 -73.05
CA ARG V 125 -45.12 -58.77 -72.55
C ARG V 125 -45.15 -57.46 -71.77
N ILE V 126 -45.95 -56.48 -72.23
CA ILE V 126 -46.06 -55.21 -71.52
C ILE V 126 -46.64 -55.43 -70.13
N ALA V 127 -47.68 -56.24 -70.02
CA ALA V 127 -48.31 -56.48 -68.72
C ALA V 127 -47.40 -57.26 -67.79
N GLU V 128 -46.76 -58.33 -68.31
CA GLU V 128 -45.96 -59.21 -67.48
C GLU V 128 -44.68 -58.53 -66.98
N THR V 129 -43.96 -57.84 -67.86
CA THR V 129 -42.61 -57.42 -67.55
C THR V 129 -42.50 -56.02 -66.97
N THR V 130 -43.55 -55.20 -67.07
CA THR V 130 -43.49 -53.85 -66.51
C THR V 130 -43.52 -53.94 -65.00
N SER V 131 -42.54 -53.30 -64.36
CA SER V 131 -42.40 -53.41 -62.91
C SER V 131 -41.76 -52.14 -62.36
N PHE V 132 -41.98 -51.93 -61.07
CA PHE V 132 -41.42 -50.78 -60.34
C PHE V 132 -40.41 -51.33 -59.34
N GLY V 133 -39.13 -51.30 -59.69
CA GLY V 133 -38.11 -51.84 -58.82
C GLY V 133 -38.20 -53.33 -58.60
N GLY V 134 -38.79 -54.07 -59.53
CA GLY V 134 -38.97 -55.50 -59.39
C GLY V 134 -40.37 -55.94 -59.03
N ASN V 135 -41.25 -55.01 -58.66
CA ASN V 135 -42.62 -55.33 -58.28
C ASN V 135 -43.53 -55.16 -59.50
N LYS V 136 -44.15 -56.26 -59.92
CA LYS V 136 -44.99 -56.23 -61.12
C LYS V 136 -46.22 -55.34 -60.88
N LEU V 137 -46.67 -54.70 -61.94
CA LEU V 137 -47.78 -53.74 -61.85
C LEU V 137 -49.02 -54.16 -62.60
N LEU V 138 -48.92 -54.43 -63.91
CA LEU V 138 -50.07 -54.69 -64.74
C LEU V 138 -50.24 -56.17 -65.10
N ASN V 139 -49.60 -57.08 -64.37
CA ASN V 139 -49.79 -58.50 -64.59
C ASN V 139 -50.94 -59.07 -63.77
N GLY V 140 -51.66 -58.23 -63.02
CA GLY V 140 -52.73 -58.68 -62.17
C GLY V 140 -52.30 -59.13 -60.78
N SER V 141 -51.01 -59.11 -60.48
CA SER V 141 -50.51 -59.54 -59.19
C SER V 141 -50.40 -58.41 -58.18
N PHE V 142 -50.84 -57.21 -58.52
CA PHE V 142 -50.83 -56.08 -57.60
C PHE V 142 -52.08 -56.04 -56.74
N GLY V 143 -53.25 -56.09 -57.37
CA GLY V 143 -54.49 -56.00 -56.61
C GLY V 143 -54.64 -54.64 -55.98
N SER V 144 -54.94 -54.62 -54.68
CA SER V 144 -55.13 -53.39 -53.94
C SER V 144 -54.06 -53.25 -52.87
N LYS V 145 -53.36 -52.11 -52.88
CA LYS V 145 -52.38 -51.77 -51.87
C LYS V 145 -52.68 -50.37 -51.35
N SER V 146 -52.55 -50.18 -50.04
CA SER V 146 -52.90 -48.92 -49.39
C SER V 146 -51.64 -48.07 -49.23
N PHE V 147 -51.73 -46.82 -49.65
CA PHE V 147 -50.63 -45.86 -49.58
C PHE V 147 -50.88 -44.90 -48.43
N GLN V 148 -50.02 -44.96 -47.40
CA GLN V 148 -50.23 -44.21 -46.17
C GLN V 148 -49.73 -42.78 -46.35
N ILE V 149 -50.61 -41.80 -46.11
CA ILE V 149 -50.28 -40.41 -46.32
C ILE V 149 -50.62 -39.55 -45.10
N GLY V 150 -50.61 -40.17 -43.92
CA GLY V 150 -51.01 -39.47 -42.70
C GLY V 150 -49.87 -39.38 -41.71
N ALA V 151 -49.90 -38.32 -40.91
CA ALA V 151 -48.98 -38.22 -39.79
C ALA V 151 -49.36 -39.15 -38.65
N ASP V 152 -50.55 -39.73 -38.70
CA ASP V 152 -51.03 -40.70 -37.73
C ASP V 152 -51.38 -42.00 -38.45
N SER V 153 -51.77 -43.01 -37.67
CA SER V 153 -52.07 -44.32 -38.24
C SER V 153 -53.38 -44.29 -39.01
N GLY V 154 -53.52 -45.24 -39.94
CA GLY V 154 -54.78 -45.49 -40.62
C GLY V 154 -55.34 -44.37 -41.47
N GLU V 155 -54.50 -43.73 -42.28
CA GLU V 155 -54.91 -42.67 -43.19
C GLU V 155 -54.41 -42.94 -44.60
N ALA V 156 -54.61 -44.16 -45.08
CA ALA V 156 -54.08 -44.59 -46.37
C ALA V 156 -55.14 -44.51 -47.47
N VAL V 157 -54.68 -44.68 -48.70
CA VAL V 157 -55.52 -44.62 -49.89
C VAL V 157 -55.27 -45.87 -50.72
N MET V 158 -56.34 -46.57 -51.09
CA MET V 158 -56.26 -47.86 -51.74
C MET V 158 -56.14 -47.71 -53.25
N LEU V 159 -55.12 -48.37 -53.83
CA LEU V 159 -54.84 -48.29 -55.25
C LEU V 159 -55.07 -49.66 -55.88
N SER V 160 -55.82 -49.67 -57.00
CA SER V 160 -56.12 -50.91 -57.71
C SER V 160 -55.75 -50.76 -59.17
N MET V 161 -54.95 -51.69 -59.68
CA MET V 161 -54.69 -51.83 -61.11
C MET V 161 -55.12 -53.21 -61.55
N GLY V 162 -55.97 -53.27 -62.58
CA GLY V 162 -56.40 -54.54 -63.11
C GLY V 162 -55.35 -55.20 -63.97
N SER V 163 -55.62 -56.45 -64.34
CA SER V 163 -54.72 -57.21 -65.18
C SER V 163 -54.95 -56.82 -66.63
N MET V 164 -53.91 -56.28 -67.27
CA MET V 164 -53.96 -55.93 -68.69
C MET V 164 -53.27 -56.97 -69.55
N ARG V 165 -53.34 -58.24 -69.16
CA ARG V 165 -53.05 -59.31 -70.10
C ARG V 165 -54.08 -59.27 -71.23
N SER V 166 -53.62 -59.63 -72.43
CA SER V 166 -54.49 -59.53 -73.60
C SER V 166 -55.69 -60.47 -73.52
N ASP V 167 -55.67 -61.44 -72.61
CA ASP V 167 -56.76 -62.39 -72.44
C ASP V 167 -57.65 -62.10 -71.24
N THR V 168 -57.49 -60.93 -70.61
CA THR V 168 -58.31 -60.60 -69.44
C THR V 168 -59.77 -60.47 -69.83
N GLN V 169 -60.66 -60.96 -68.96
CA GLN V 169 -62.09 -60.96 -69.26
C GLN V 169 -62.61 -59.56 -69.52
N ALA V 170 -62.16 -58.58 -68.72
CA ALA V 170 -62.58 -57.19 -68.92
C ALA V 170 -62.04 -56.58 -70.20
N MET V 171 -61.10 -57.24 -70.87
CA MET V 171 -60.52 -56.76 -72.12
C MET V 171 -61.15 -57.41 -73.34
N GLY V 172 -62.45 -57.71 -73.27
CA GLY V 172 -63.14 -58.35 -74.37
C GLY V 172 -64.65 -58.30 -74.23
N GLY V 173 -65.31 -59.41 -74.57
CA GLY V 173 -66.75 -59.46 -74.48
C GLY V 173 -67.27 -60.78 -74.96
N LYS V 174 -68.55 -60.81 -75.32
CA LYS V 174 -69.20 -62.01 -75.84
C LYS V 174 -69.65 -61.76 -77.28
N SER V 175 -69.75 -62.84 -78.05
CA SER V 175 -70.13 -62.77 -79.44
C SER V 175 -71.20 -63.81 -79.74
N TYR V 176 -72.25 -63.38 -80.45
CA TYR V 176 -73.35 -64.24 -80.83
C TYR V 176 -73.50 -64.18 -82.35
N ARG V 177 -73.47 -65.33 -83.00
CA ARG V 177 -73.53 -65.42 -84.45
C ARG V 177 -74.82 -66.11 -84.89
N ALA V 178 -75.55 -65.47 -85.79
CA ALA V 178 -76.71 -66.10 -86.39
C ALA V 178 -76.31 -67.33 -87.19
N GLN V 179 -77.11 -68.39 -87.07
CA GLN V 179 -76.80 -69.64 -87.76
C GLN V 179 -77.39 -69.71 -89.16
N GLU V 180 -78.06 -68.65 -89.62
CA GLU V 180 -78.66 -68.62 -90.94
C GLU V 180 -77.95 -67.59 -91.81
N GLY V 181 -77.64 -67.99 -93.04
CA GLY V 181 -76.96 -67.12 -93.99
C GLY V 181 -77.96 -66.43 -94.90
N LYS V 182 -77.67 -65.17 -95.21
CA LYS V 182 -78.50 -64.35 -96.08
C LYS V 182 -77.68 -63.91 -97.28
N ALA V 183 -78.18 -64.19 -98.47
CA ALA V 183 -77.48 -63.84 -99.71
C ALA V 183 -77.58 -62.34 -99.97
N ALA V 184 -76.89 -61.88 -101.01
CA ALA V 184 -76.90 -60.48 -101.37
C ALA V 184 -78.27 -60.00 -101.84
N ASP V 185 -79.14 -60.92 -102.28
CA ASP V 185 -80.47 -60.56 -102.75
C ASP V 185 -81.52 -60.59 -101.65
N TRP V 186 -81.18 -61.03 -100.45
CA TRP V 186 -82.15 -61.10 -99.36
C TRP V 186 -82.40 -59.72 -98.77
N ARG V 187 -83.67 -59.44 -98.49
CA ARG V 187 -84.09 -58.19 -97.88
C ARG V 187 -85.08 -58.47 -96.77
N VAL V 188 -85.19 -57.52 -95.84
CA VAL V 188 -86.09 -57.70 -94.70
C VAL V 188 -87.53 -57.70 -95.19
N GLY V 189 -88.29 -58.71 -94.79
CA GLY V 189 -89.69 -58.82 -95.17
C GLY V 189 -90.61 -58.06 -94.25
N ALA V 190 -91.69 -58.70 -93.81
CA ALA V 190 -92.66 -58.09 -92.91
C ALA V 190 -92.30 -58.23 -91.45
N ALA V 191 -91.24 -58.97 -91.12
CA ALA V 191 -90.79 -59.15 -89.74
C ALA V 191 -89.55 -58.30 -89.53
N THR V 192 -89.67 -57.26 -88.70
CA THR V 192 -88.58 -56.34 -88.43
C THR V 192 -88.22 -56.18 -86.97
N ASP V 193 -89.05 -56.69 -86.05
CA ASP V 193 -88.81 -56.50 -84.63
C ASP V 193 -87.60 -57.32 -84.18
N LEU V 194 -86.68 -56.67 -83.47
CA LEU V 194 -85.52 -57.33 -82.88
C LEU V 194 -85.32 -56.77 -81.49
N THR V 195 -85.46 -57.63 -80.48
CA THR V 195 -85.41 -57.23 -79.07
C THR V 195 -84.12 -57.73 -78.45
N LEU V 196 -83.36 -56.81 -77.87
CA LEU V 196 -82.15 -57.13 -77.12
C LEU V 196 -82.43 -56.88 -75.65
N SER V 197 -82.69 -57.95 -74.90
CA SER V 197 -83.00 -57.87 -73.48
C SER V 197 -81.81 -58.44 -72.71
N TYR V 198 -81.06 -57.56 -72.05
CA TYR V 198 -79.86 -57.96 -71.32
C TYR V 198 -79.80 -57.16 -70.03
N THR V 199 -78.65 -57.22 -69.37
CA THR V 199 -78.41 -56.49 -68.13
C THR V 199 -77.19 -55.59 -68.31
N ASN V 200 -77.35 -54.31 -68.02
CA ASN V 200 -76.23 -53.37 -68.05
C ASN V 200 -75.22 -53.72 -66.96
N LYS V 201 -73.99 -53.23 -67.14
CA LYS V 201 -72.94 -53.52 -66.16
C LYS V 201 -73.26 -52.92 -64.80
N GLN V 202 -74.03 -51.82 -64.77
CA GLN V 202 -74.42 -51.22 -63.51
C GLN V 202 -75.52 -52.00 -62.80
N GLY V 203 -76.11 -53.00 -63.45
CA GLY V 203 -77.11 -53.85 -62.83
C GLY V 203 -78.54 -53.58 -63.25
N GLU V 204 -78.79 -52.64 -64.16
CA GLU V 204 -80.13 -52.33 -64.62
C GLU V 204 -80.45 -53.10 -65.89
N ALA V 205 -81.62 -53.74 -65.91
CA ALA V 205 -82.06 -54.45 -67.11
C ALA V 205 -82.47 -53.45 -68.18
N ARG V 206 -82.07 -53.73 -69.42
CA ARG V 206 -82.36 -52.85 -70.55
C ARG V 206 -83.07 -53.64 -71.64
N GLU V 207 -84.18 -53.10 -72.13
CA GLU V 207 -84.95 -53.69 -73.22
C GLU V 207 -84.80 -52.78 -74.44
N VAL V 208 -83.80 -53.05 -75.25
CA VAL V 208 -83.54 -52.27 -76.46
C VAL V 208 -84.28 -52.93 -77.61
N THR V 209 -85.17 -52.18 -78.25
CA THR V 209 -85.98 -52.68 -79.36
C THR V 209 -85.59 -51.94 -80.63
N ILE V 210 -85.31 -52.70 -81.68
CA ILE V 210 -84.91 -52.15 -82.97
C ILE V 210 -85.92 -52.59 -84.01
N ASN V 211 -86.55 -51.62 -84.67
CA ASN V 211 -87.50 -51.87 -85.74
C ASN V 211 -86.82 -51.53 -87.06
N ALA V 212 -86.26 -52.55 -87.70
CA ALA V 212 -85.52 -52.34 -88.94
C ALA V 212 -86.45 -51.95 -90.08
N LYS V 213 -85.87 -51.34 -91.10
CA LYS V 213 -86.61 -50.92 -92.28
C LYS V 213 -86.69 -52.06 -93.30
N GLN V 214 -87.77 -52.07 -94.07
CA GLN V 214 -87.98 -53.10 -95.05
C GLN V 214 -87.07 -52.89 -96.26
N GLY V 215 -86.86 -53.97 -97.02
CA GLY V 215 -86.01 -53.90 -98.19
C GLY V 215 -84.55 -53.60 -97.90
N ASP V 216 -84.03 -54.09 -96.79
CA ASP V 216 -82.67 -53.81 -96.36
C ASP V 216 -81.87 -55.11 -96.32
N ASP V 217 -80.63 -55.05 -96.82
CA ASP V 217 -79.76 -56.21 -96.79
C ASP V 217 -79.09 -56.32 -95.42
N LEU V 218 -78.28 -57.36 -95.24
CA LEU V 218 -77.65 -57.61 -93.95
C LEU V 218 -76.65 -56.51 -93.59
N GLU V 219 -75.89 -56.02 -94.58
CA GLU V 219 -74.89 -55.00 -94.29
C GLU V 219 -75.55 -53.71 -93.80
N GLU V 220 -76.66 -53.31 -94.41
CA GLU V 220 -77.37 -52.13 -93.96
C GLU V 220 -78.09 -52.39 -92.63
N LEU V 221 -78.49 -53.64 -92.40
CA LEU V 221 -79.07 -53.98 -91.10
C LEU V 221 -78.04 -53.88 -89.99
N ALA V 222 -76.78 -54.27 -90.28
CA ALA V 222 -75.74 -54.24 -89.27
C ALA V 222 -75.43 -52.81 -88.83
N THR V 223 -75.33 -51.89 -89.79
CA THR V 223 -75.01 -50.51 -89.44
C THR V 223 -76.20 -49.81 -88.80
N TYR V 224 -77.42 -50.26 -89.09
CA TYR V 224 -78.59 -49.73 -88.39
C TYR V 224 -78.54 -50.10 -86.90
N ILE V 225 -78.11 -51.32 -86.59
CA ILE V 225 -78.00 -51.74 -85.20
C ILE V 225 -76.95 -50.91 -84.48
N ASN V 226 -75.85 -50.59 -85.18
CA ASN V 226 -74.83 -49.72 -84.58
C ASN V 226 -75.37 -48.32 -84.34
N GLY V 227 -76.15 -47.79 -85.29
CA GLY V 227 -76.64 -46.43 -85.15
C GLY V 227 -77.69 -46.29 -84.06
N GLN V 228 -78.63 -47.24 -83.98
CA GLN V 228 -79.73 -47.10 -83.04
C GLN V 228 -79.26 -47.30 -81.61
N THR V 229 -78.41 -48.30 -81.36
CA THR V 229 -77.89 -48.59 -80.04
C THR V 229 -76.40 -48.84 -80.11
N GLU V 230 -75.71 -48.50 -79.01
CA GLU V 230 -74.27 -48.66 -78.94
C GLU V 230 -73.82 -49.79 -78.02
N ASP V 231 -74.71 -50.33 -77.19
CA ASP V 231 -74.34 -51.44 -76.31
C ASP V 231 -73.93 -52.68 -77.11
N VAL V 232 -74.68 -52.98 -78.16
CA VAL V 232 -74.43 -54.16 -78.99
C VAL V 232 -73.94 -53.69 -80.36
N LYS V 233 -72.77 -54.18 -80.77
CA LYS V 233 -72.15 -53.80 -82.02
C LYS V 233 -72.35 -54.91 -83.04
N ALA V 234 -72.88 -54.56 -84.21
CA ALA V 234 -73.25 -55.51 -85.24
C ALA V 234 -72.19 -55.60 -86.32
N SER V 235 -72.08 -56.79 -86.92
CA SER V 235 -71.15 -57.04 -88.01
C SER V 235 -71.69 -58.21 -88.84
N VAL V 236 -71.14 -58.37 -90.04
CA VAL V 236 -71.54 -59.42 -90.96
C VAL V 236 -70.31 -60.22 -91.38
N GLY V 237 -70.42 -61.54 -91.33
CA GLY V 237 -69.32 -62.43 -91.68
C GLY V 237 -69.27 -62.76 -93.15
N GLU V 238 -68.38 -63.70 -93.48
CA GLU V 238 -68.21 -64.13 -94.86
C GLU V 238 -69.46 -64.84 -95.39
N ASP V 239 -70.02 -65.74 -94.58
CA ASP V 239 -71.18 -66.52 -95.02
C ASP V 239 -72.46 -65.71 -95.07
N GLY V 240 -72.45 -64.48 -94.55
CA GLY V 240 -73.65 -63.68 -94.51
C GLY V 240 -74.47 -63.97 -93.27
N LYS V 241 -73.82 -64.00 -92.12
CA LYS V 241 -74.47 -64.26 -90.84
C LYS V 241 -74.16 -63.12 -89.87
N LEU V 242 -75.20 -62.57 -89.27
CA LEU V 242 -75.04 -61.42 -88.40
C LEU V 242 -74.38 -61.82 -87.09
N GLN V 243 -73.41 -61.04 -86.64
CA GLN V 243 -72.71 -61.27 -85.38
C GLN V 243 -72.83 -60.03 -84.51
N LEU V 244 -73.05 -60.25 -83.21
CA LEU V 244 -73.31 -59.19 -82.26
C LEU V 244 -72.34 -59.30 -81.10
N PHE V 245 -71.82 -58.17 -80.63
CA PHE V 245 -70.79 -58.14 -79.61
C PHE V 245 -71.27 -57.33 -78.41
N ALA V 246 -71.42 -58.00 -77.27
CA ALA V 246 -71.75 -57.35 -76.00
C ALA V 246 -70.47 -57.27 -75.17
N SER V 247 -69.89 -56.07 -75.10
CA SER V 247 -68.63 -55.90 -74.40
C SER V 247 -68.77 -56.23 -72.91
N SER V 248 -67.71 -56.80 -72.35
CA SER V 248 -67.73 -57.19 -70.94
C SER V 248 -67.71 -55.99 -70.02
N GLN V 249 -67.38 -54.79 -70.52
CA GLN V 249 -67.39 -53.58 -69.71
C GLN V 249 -68.69 -52.80 -69.84
N LYS V 250 -69.64 -53.29 -70.62
CA LYS V 250 -70.94 -52.64 -70.77
C LYS V 250 -72.11 -53.55 -70.46
N VAL V 251 -72.03 -54.84 -70.80
CA VAL V 251 -73.13 -55.78 -70.61
C VAL V 251 -72.61 -57.01 -69.89
N ASN V 252 -73.27 -57.40 -68.81
CA ASN V 252 -72.99 -58.64 -68.11
C ASN V 252 -74.17 -59.59 -68.26
N GLY V 253 -73.88 -60.90 -68.17
CA GLY V 253 -74.89 -61.91 -68.36
C GLY V 253 -75.21 -62.14 -69.81
N ASP V 254 -76.08 -63.13 -70.05
CA ASP V 254 -76.46 -63.49 -71.40
C ASP V 254 -77.38 -62.42 -72.00
N VAL V 255 -77.39 -62.37 -73.34
CA VAL V 255 -78.26 -61.47 -74.09
C VAL V 255 -79.44 -62.29 -74.61
N THR V 256 -80.65 -61.85 -74.28
CA THR V 256 -81.86 -62.52 -74.70
C THR V 256 -82.36 -61.92 -76.01
N ILE V 257 -82.56 -62.78 -77.01
CA ILE V 257 -82.93 -62.35 -78.36
C ILE V 257 -84.38 -62.73 -78.61
N GLY V 258 -85.17 -61.75 -79.04
CA GLY V 258 -86.56 -61.99 -79.40
C GLY V 258 -86.95 -61.17 -80.61
N GLY V 259 -88.21 -61.31 -81.00
CA GLY V 259 -88.78 -60.58 -82.11
C GLY V 259 -88.82 -61.40 -83.39
N GLY V 260 -89.53 -60.85 -84.38
CA GLY V 260 -89.63 -61.52 -85.67
C GLY V 260 -88.30 -61.65 -86.38
N LEU V 261 -87.54 -60.56 -86.41
CA LEU V 261 -86.23 -60.60 -87.05
C LEU V 261 -85.27 -61.51 -86.30
N GLY V 262 -85.31 -61.47 -84.96
CA GLY V 262 -84.43 -62.34 -84.18
C GLY V 262 -84.71 -63.81 -84.41
N GLY V 263 -85.99 -64.20 -84.41
CA GLY V 263 -86.33 -65.58 -84.65
C GLY V 263 -86.02 -66.03 -86.07
N GLU V 264 -86.31 -65.17 -87.06
CA GLU V 264 -86.06 -65.51 -88.45
C GLU V 264 -84.56 -65.63 -88.73
N ILE V 265 -83.75 -64.73 -88.15
CA ILE V 265 -82.32 -64.76 -88.41
C ILE V 265 -81.62 -65.84 -87.60
N GLY V 266 -82.21 -66.30 -86.50
CA GLY V 266 -81.60 -67.33 -85.68
C GLY V 266 -80.42 -66.83 -84.88
N PHE V 267 -80.11 -67.51 -83.77
CA PHE V 267 -79.03 -67.08 -82.90
C PHE V 267 -78.42 -68.29 -82.21
N ASP V 268 -77.20 -68.12 -81.73
CA ASP V 268 -76.45 -69.14 -81.02
C ASP V 268 -76.04 -68.61 -79.65
N ALA V 269 -75.49 -69.49 -78.83
CA ALA V 269 -75.09 -69.13 -77.48
C ALA V 269 -73.92 -68.14 -77.51
N GLY V 270 -73.65 -67.53 -76.36
CA GLY V 270 -72.60 -66.55 -76.25
C GLY V 270 -71.21 -67.15 -76.14
N ARG V 271 -70.35 -66.84 -77.10
CA ARG V 271 -68.97 -67.30 -77.11
C ARG V 271 -68.07 -66.18 -76.61
N ASN V 272 -67.50 -66.36 -75.42
CA ASN V 272 -66.61 -65.34 -74.86
C ASN V 272 -65.38 -65.18 -75.74
N VAL V 273 -65.01 -63.93 -76.03
CA VAL V 273 -63.88 -63.62 -76.87
C VAL V 273 -63.06 -62.53 -76.19
N THR V 274 -61.79 -62.44 -76.58
CA THR V 274 -60.87 -61.47 -76.00
C THR V 274 -59.84 -61.08 -77.06
N VAL V 275 -58.94 -60.15 -76.69
CA VAL V 275 -57.88 -59.73 -77.61
C VAL V 275 -56.95 -60.90 -77.91
N ALA V 276 -56.67 -61.74 -76.91
CA ALA V 276 -55.86 -62.93 -77.17
C ALA V 276 -56.63 -63.98 -77.94
N ASP V 277 -57.95 -63.88 -77.98
CA ASP V 277 -58.78 -64.77 -78.79
C ASP V 277 -59.00 -64.24 -80.20
N VAL V 278 -58.51 -63.02 -80.49
CA VAL V 278 -58.81 -62.38 -81.76
C VAL V 278 -58.14 -63.13 -82.90
N ASN V 279 -58.73 -63.03 -84.09
CA ASN V 279 -58.17 -63.58 -85.31
C ASN V 279 -58.76 -62.83 -86.50
N VAL V 280 -57.93 -62.54 -87.49
CA VAL V 280 -58.33 -61.76 -88.66
C VAL V 280 -58.24 -62.57 -89.94
N SER V 281 -58.08 -63.89 -89.84
CA SER V 281 -57.96 -64.73 -91.03
C SER V 281 -59.22 -64.67 -91.89
N THR V 282 -60.38 -64.45 -91.28
CA THR V 282 -61.63 -64.30 -92.00
C THR V 282 -62.19 -62.91 -91.76
N VAL V 283 -63.07 -62.47 -92.66
CA VAL V 283 -63.69 -61.15 -92.52
C VAL V 283 -64.55 -61.12 -91.27
N ALA V 284 -65.19 -62.24 -90.93
CA ALA V 284 -65.97 -62.31 -89.70
C ALA V 284 -65.10 -62.05 -88.47
N GLY V 285 -63.89 -62.62 -88.45
CA GLY V 285 -63.00 -62.38 -87.33
C GLY V 285 -62.55 -60.95 -87.23
N SER V 286 -62.27 -60.32 -88.38
CA SER V 286 -61.80 -58.93 -88.36
C SER V 286 -62.93 -57.97 -87.97
N GLN V 287 -64.15 -58.23 -88.46
CA GLN V 287 -65.28 -57.40 -88.06
C GLN V 287 -65.56 -57.54 -86.56
N GLU V 288 -65.52 -58.77 -86.04
CA GLU V 288 -65.60 -58.98 -84.60
C GLU V 288 -64.42 -58.35 -83.87
N ALA V 289 -63.27 -58.25 -84.54
CA ALA V 289 -62.09 -57.70 -83.90
C ALA V 289 -62.30 -56.25 -83.48
N VAL V 290 -62.82 -55.42 -84.38
CA VAL V 290 -62.92 -53.99 -84.12
C VAL V 290 -63.77 -53.73 -82.89
N SER V 291 -64.82 -54.52 -82.69
CA SER V 291 -65.61 -54.41 -81.48
C SER V 291 -64.82 -54.85 -80.26
N ILE V 292 -63.96 -55.85 -80.43
CA ILE V 292 -63.20 -56.38 -79.29
C ILE V 292 -62.22 -55.33 -78.76
N LEU V 293 -61.42 -54.73 -79.65
CA LEU V 293 -60.49 -53.72 -79.17
C LEU V 293 -61.19 -52.41 -78.83
N ASP V 294 -62.40 -52.20 -79.31
CA ASP V 294 -63.18 -51.06 -78.84
C ASP V 294 -63.52 -51.22 -77.36
N GLY V 295 -63.90 -52.43 -76.96
CA GLY V 295 -64.05 -52.72 -75.55
C GLY V 295 -62.73 -52.70 -74.81
N ALA V 296 -61.65 -53.12 -75.47
CA ALA V 296 -60.35 -53.14 -74.83
C ALA V 296 -59.82 -51.73 -74.59
N LEU V 297 -59.94 -50.86 -75.60
CA LEU V 297 -59.49 -49.48 -75.44
C LEU V 297 -60.31 -48.76 -74.38
N LYS V 298 -61.62 -49.06 -74.29
CA LYS V 298 -62.43 -48.50 -73.22
C LYS V 298 -61.96 -48.99 -71.86
N ALA V 299 -61.61 -50.27 -71.75
CA ALA V 299 -61.10 -50.80 -70.49
C ALA V 299 -59.78 -50.15 -70.11
N VAL V 300 -58.89 -49.97 -71.08
CA VAL V 300 -57.59 -49.36 -70.81
C VAL V 300 -57.76 -47.89 -70.43
N ASP V 301 -58.58 -47.16 -71.19
CA ASP V 301 -58.78 -45.74 -70.92
C ASP V 301 -59.47 -45.52 -69.58
N SER V 302 -60.42 -46.39 -69.22
CA SER V 302 -61.10 -46.24 -67.94
C SER V 302 -60.13 -46.39 -66.77
N GLN V 303 -59.22 -47.35 -66.85
CA GLN V 303 -58.21 -47.51 -65.81
C GLN V 303 -57.23 -46.33 -65.83
N ARG V 304 -56.90 -45.82 -67.01
CA ARG V 304 -56.04 -44.65 -67.11
C ARG V 304 -56.68 -43.45 -66.43
N ALA V 305 -58.00 -43.27 -66.60
CA ALA V 305 -58.70 -42.20 -65.89
C ALA V 305 -58.70 -42.46 -64.40
N SER V 306 -58.78 -43.73 -63.98
CA SER V 306 -58.72 -44.05 -62.56
C SER V 306 -57.36 -43.66 -61.98
N LEU V 307 -56.28 -43.93 -62.72
CA LEU V 307 -54.95 -43.55 -62.26
C LEU V 307 -54.76 -42.03 -62.33
N GLY V 308 -55.37 -41.38 -63.31
CA GLY V 308 -55.22 -39.94 -63.44
C GLY V 308 -55.84 -39.17 -62.29
N ALA V 309 -57.06 -39.54 -61.90
CA ALA V 309 -57.68 -38.94 -60.72
C ALA V 309 -56.90 -39.29 -59.47
N PHE V 310 -56.39 -40.52 -59.40
CA PHE V 310 -55.59 -40.95 -58.26
C PHE V 310 -54.30 -40.14 -58.15
N GLN V 311 -53.73 -39.74 -59.29
CA GLN V 311 -52.55 -38.89 -59.26
C GLN V 311 -52.88 -37.48 -58.83
N ASN V 312 -53.99 -36.92 -59.34
CA ASN V 312 -54.38 -35.57 -58.96
C ASN V 312 -54.76 -35.50 -57.48
N ARG V 313 -55.45 -36.52 -56.97
CA ARG V 313 -55.79 -36.54 -55.55
C ARG V 313 -54.55 -36.48 -54.67
N PHE V 314 -53.48 -37.15 -55.11
CA PHE V 314 -52.22 -37.10 -54.36
C PHE V 314 -51.45 -35.82 -54.65
N GLY V 315 -51.70 -35.19 -55.79
CA GLY V 315 -51.16 -33.86 -56.03
C GLY V 315 -51.74 -32.84 -55.06
N HIS V 316 -53.04 -32.95 -54.79
CA HIS V 316 -53.67 -32.09 -53.79
C HIS V 316 -53.21 -32.46 -52.38
N ALA V 317 -53.07 -33.76 -52.12
CA ALA V 317 -52.62 -34.21 -50.80
C ALA V 317 -51.20 -33.72 -50.52
N ILE V 318 -50.36 -33.68 -51.55
CA ILE V 318 -48.99 -33.18 -51.37
C ILE V 318 -49.02 -31.73 -50.92
N SER V 319 -49.85 -30.91 -51.56
CA SER V 319 -49.92 -29.49 -51.22
C SER V 319 -50.45 -29.30 -49.80
N ASN V 320 -51.47 -30.07 -49.41
CA ASN V 320 -52.04 -29.92 -48.07
C ASN V 320 -51.05 -30.38 -47.00
N LEU V 321 -50.42 -31.54 -47.20
CA LEU V 321 -49.48 -32.05 -46.20
C LEU V 321 -48.27 -31.13 -46.05
N ASP V 322 -47.75 -30.62 -47.18
CA ASP V 322 -46.64 -29.68 -47.10
C ASP V 322 -47.04 -28.40 -46.38
N ASN V 323 -48.24 -27.89 -46.65
CA ASN V 323 -48.70 -26.66 -46.03
C ASN V 323 -48.96 -26.85 -44.54
N VAL V 324 -49.59 -27.96 -44.16
CA VAL V 324 -49.81 -28.25 -42.74
C VAL V 324 -48.48 -28.44 -42.03
N ASN V 325 -47.51 -29.04 -42.71
CA ASN V 325 -46.17 -29.16 -42.13
C ASN V 325 -45.56 -27.78 -41.88
N GLU V 326 -45.76 -26.84 -42.81
CA GLU V 326 -45.24 -25.49 -42.63
C GLU V 326 -45.87 -24.81 -41.43
N ASN V 327 -47.19 -24.97 -41.26
CA ASN V 327 -47.87 -24.32 -40.14
C ASN V 327 -47.49 -24.96 -38.82
N VAL V 328 -47.40 -26.30 -38.78
CA VAL V 328 -47.05 -26.99 -37.55
C VAL V 328 -45.61 -26.69 -37.14
N ASN V 329 -44.70 -26.66 -38.11
CA ASN V 329 -43.31 -26.32 -37.83
C ASN V 329 -43.23 -24.90 -37.27
N ALA V 330 -43.96 -23.96 -37.86
CA ALA V 330 -43.99 -22.60 -37.33
C ALA V 330 -44.60 -22.57 -35.94
N SER V 331 -45.64 -23.37 -35.70
CA SER V 331 -46.30 -23.38 -34.40
C SER V 331 -45.37 -23.89 -33.31
N ARG V 332 -44.64 -24.98 -33.58
CA ARG V 332 -43.70 -25.50 -32.61
C ARG V 332 -42.51 -24.57 -32.41
N SER V 333 -42.31 -23.62 -33.32
CA SER V 333 -41.26 -22.62 -33.14
C SER V 333 -41.62 -21.61 -32.07
N ARG V 334 -42.92 -21.34 -31.88
CA ARG V 334 -43.37 -20.37 -30.90
C ARG V 334 -43.36 -20.91 -29.48
N ILE V 335 -43.06 -22.20 -29.30
CA ILE V 335 -43.04 -22.81 -27.98
C ILE V 335 -41.66 -23.38 -27.64
N ARG V 336 -41.02 -24.05 -28.60
CA ARG V 336 -39.77 -24.78 -28.31
C ARG V 336 -38.52 -23.96 -28.59
N ASP V 337 -38.31 -23.52 -29.83
CA ASP V 337 -37.07 -22.84 -30.16
C ASP V 337 -36.98 -21.48 -29.48
N THR V 338 -35.75 -21.07 -29.18
CA THR V 338 -35.51 -19.91 -28.33
C THR V 338 -35.68 -18.60 -29.10
N ASP V 339 -36.06 -17.57 -28.35
CA ASP V 339 -36.05 -16.19 -28.85
C ASP V 339 -34.69 -15.60 -28.52
N TYR V 340 -33.83 -15.45 -29.53
CA TYR V 340 -32.46 -15.05 -29.29
C TYR V 340 -32.37 -13.64 -28.73
N ALA V 341 -33.37 -12.81 -28.97
CA ALA V 341 -33.36 -11.44 -28.45
C ALA V 341 -33.49 -11.45 -26.92
N ARG V 342 -34.46 -12.19 -26.39
CA ARG V 342 -34.68 -12.18 -24.94
C ARG V 342 -33.64 -13.02 -24.21
N GLU V 343 -33.25 -14.16 -24.79
CA GLU V 343 -32.32 -15.04 -24.09
C GLU V 343 -30.93 -14.42 -23.98
N THR V 344 -30.47 -13.75 -25.04
CA THR V 344 -29.18 -13.06 -24.96
C THR V 344 -29.21 -11.94 -23.92
N THR V 345 -30.32 -11.20 -23.87
CA THR V 345 -30.47 -10.15 -22.86
C THR V 345 -30.48 -10.76 -21.46
N ALA V 346 -31.18 -11.88 -21.28
CA ALA V 346 -31.20 -12.53 -19.98
C ALA V 346 -29.83 -13.05 -19.58
N MET V 347 -29.09 -13.61 -20.54
CA MET V 347 -27.75 -14.10 -20.25
C MET V 347 -26.83 -12.96 -19.83
N THR V 348 -26.88 -11.84 -20.56
CA THR V 348 -26.05 -10.69 -20.20
C THR V 348 -26.45 -10.11 -18.86
N LYS V 349 -27.76 -10.01 -18.60
CA LYS V 349 -28.22 -9.48 -17.32
C LYS V 349 -27.76 -10.36 -16.16
N ALA V 350 -27.82 -11.67 -16.33
CA ALA V 350 -27.34 -12.58 -15.29
C ALA V 350 -25.84 -12.43 -15.09
N GLN V 351 -25.11 -12.10 -16.16
CA GLN V 351 -23.67 -11.88 -16.02
C GLN V 351 -23.37 -10.67 -15.15
N ILE V 352 -24.14 -9.57 -15.32
CA ILE V 352 -23.95 -8.40 -14.48
C ILE V 352 -24.34 -8.71 -13.05
N LEU V 353 -25.38 -9.53 -12.86
CA LEU V 353 -25.78 -9.92 -11.51
C LEU V 353 -24.70 -10.73 -10.83
N GLN V 354 -24.02 -11.61 -11.58
CA GLN V 354 -22.90 -12.36 -11.01
C GLN V 354 -21.79 -11.42 -10.57
N GLN V 355 -21.43 -10.46 -11.42
CA GLN V 355 -20.35 -9.53 -11.10
C GLN V 355 -20.71 -8.67 -9.90
N ALA V 356 -21.96 -8.21 -9.82
CA ALA V 356 -22.39 -7.44 -8.66
C ALA V 356 -22.36 -8.29 -7.40
N SER V 357 -22.82 -9.54 -7.48
CA SER V 357 -22.86 -10.40 -6.31
C SER V 357 -21.46 -10.71 -5.78
N THR V 358 -20.51 -10.99 -6.68
CA THR V 358 -19.16 -11.32 -6.21
C THR V 358 -18.41 -10.08 -5.75
N SER V 359 -18.71 -8.91 -6.31
CA SER V 359 -18.11 -7.67 -5.83
C SER V 359 -18.57 -7.38 -4.41
N VAL V 360 -19.86 -7.58 -4.13
CA VAL V 360 -20.37 -7.42 -2.77
C VAL V 360 -19.84 -8.53 -1.88
N LEU V 361 -19.71 -9.74 -2.41
CA LEU V 361 -19.22 -10.86 -1.60
C LEU V 361 -17.80 -10.62 -1.12
N ALA V 362 -16.91 -10.14 -2.01
CA ALA V 362 -15.56 -9.81 -1.59
C ALA V 362 -15.54 -8.67 -0.59
N GLN V 363 -16.45 -7.71 -0.75
CA GLN V 363 -16.52 -6.58 0.16
C GLN V 363 -17.09 -7.00 1.52
N ALA V 364 -17.97 -8.00 1.53
CA ALA V 364 -18.55 -8.50 2.78
C ALA V 364 -17.58 -9.40 3.52
N LYS V 365 -16.65 -10.05 2.81
CA LYS V 365 -15.65 -10.90 3.45
C LYS V 365 -14.76 -10.11 4.39
N GLN V 366 -14.61 -8.81 4.18
CA GLN V 366 -13.77 -7.96 5.02
C GLN V 366 -14.52 -7.35 6.20
N SER V 367 -15.80 -7.71 6.37
CA SER V 367 -16.53 -7.24 7.55
C SER V 367 -15.90 -7.73 8.85
N PRO V 368 -15.54 -9.01 9.01
CA PRO V 368 -14.84 -9.41 10.24
C PRO V 368 -13.48 -8.75 10.41
N SER V 369 -12.85 -8.31 9.32
CA SER V 369 -11.57 -7.60 9.43
C SER V 369 -11.72 -6.33 10.24
N ALA V 370 -12.91 -5.73 10.22
CA ALA V 370 -13.17 -4.56 11.05
C ALA V 370 -13.13 -4.93 12.53
N ALA V 371 -13.59 -6.12 12.89
CA ALA V 371 -13.61 -6.53 14.29
C ALA V 371 -12.20 -6.61 14.86
N LEU V 372 -11.26 -7.19 14.12
CA LEU V 372 -9.89 -7.30 14.62
C LEU V 372 -9.16 -5.96 14.52
N SER V 373 -9.42 -5.20 13.46
CA SER V 373 -8.75 -3.91 13.30
C SER V 373 -9.21 -2.89 14.33
N LEU V 374 -10.48 -2.95 14.73
CA LEU V 374 -11.01 -1.93 15.62
C LEU V 374 -10.46 -2.08 17.04
N LEU V 375 -10.41 -3.31 17.56
CA LEU V 375 -9.96 -3.49 18.93
C LEU V 375 -9.07 -4.70 19.17
N GLY V 376 -8.76 -5.50 18.16
CA GLY V 376 -7.93 -6.67 18.35
C GLY V 376 -6.51 -6.37 18.82
N MET W 1 49.11 -7.40 137.39
CA MET W 1 50.14 -7.47 136.35
C MET W 1 51.36 -6.63 136.75
N ALA W 2 52.54 -7.09 136.34
CA ALA W 2 53.78 -6.40 136.68
C ALA W 2 53.84 -5.04 136.01
N ILE W 3 54.36 -4.06 136.73
CA ILE W 3 54.49 -2.69 136.26
C ILE W 3 55.96 -2.40 136.02
N ASN W 4 56.32 -2.09 134.78
CA ASN W 4 57.70 -1.81 134.42
C ASN W 4 57.74 -0.61 133.48
N VAL W 5 58.89 0.07 133.45
CA VAL W 5 59.10 1.20 132.56
C VAL W 5 60.24 0.88 131.61
N ASN W 6 61.17 0.03 132.06
CA ASN W 6 62.31 -0.33 131.23
C ASN W 6 61.89 -1.13 130.00
N THR W 7 60.98 -2.08 130.19
CA THR W 7 60.57 -2.98 129.12
C THR W 7 59.21 -2.59 128.57
N ASN W 8 59.08 -2.66 127.24
CA ASN W 8 57.84 -2.37 126.53
C ASN W 8 57.56 -3.46 125.50
N VAL W 9 57.65 -4.71 125.96
CA VAL W 9 57.49 -5.86 125.06
C VAL W 9 56.09 -5.86 124.43
N SER W 10 55.10 -5.28 125.12
CA SER W 10 53.77 -5.16 124.52
C SER W 10 53.82 -4.29 123.28
N ALA W 11 54.57 -3.18 123.34
CA ALA W 11 54.76 -2.35 122.16
C ALA W 11 55.70 -3.00 121.15
N MET W 12 56.58 -3.88 121.61
CA MET W 12 57.47 -4.59 120.69
C MET W 12 56.69 -5.54 119.81
N THR W 13 55.75 -6.30 120.39
CA THR W 13 54.89 -7.15 119.60
C THR W 13 53.95 -6.33 118.72
N ALA W 14 53.45 -5.21 119.25
CA ALA W 14 52.56 -4.36 118.48
C ALA W 14 53.26 -3.77 117.25
N GLN W 15 54.51 -3.32 117.42
CA GLN W 15 55.25 -2.79 116.27
C GLN W 15 55.67 -3.88 115.32
N ARG W 16 55.87 -5.11 115.82
CA ARG W 16 56.18 -6.22 114.93
C ARG W 16 55.00 -6.55 114.03
N TYR W 17 53.78 -6.51 114.58
CA TYR W 17 52.59 -6.71 113.76
C TYR W 17 52.38 -5.53 112.82
N LEU W 18 52.80 -4.32 113.24
CA LEU W 18 52.81 -3.19 112.33
C LEU W 18 53.78 -3.44 111.17
N ASN W 19 54.96 -4.00 111.47
CA ASN W 19 55.92 -4.30 110.42
C ASN W 19 55.40 -5.37 109.47
N GLY W 20 54.80 -6.43 110.01
CA GLY W 20 54.27 -7.49 109.17
C GLY W 20 53.13 -7.00 108.28
N ALA W 21 52.23 -6.20 108.85
CA ALA W 21 51.15 -5.63 108.05
C ALA W 21 51.64 -4.53 107.12
N ALA W 22 52.81 -3.96 107.41
CA ALA W 22 53.38 -2.95 106.53
C ALA W 22 53.89 -3.57 105.24
N ASP W 23 54.59 -4.71 105.34
CA ASP W 23 55.03 -5.41 104.14
C ASP W 23 53.87 -6.11 103.44
N GLY W 24 52.87 -6.54 104.21
CA GLY W 24 51.64 -7.03 103.59
C GLY W 24 50.94 -5.95 102.80
N MET W 25 50.94 -4.73 103.32
CA MET W 25 50.50 -3.57 102.53
C MET W 25 51.46 -3.33 101.37
N GLN W 26 52.76 -3.51 101.59
CA GLN W 26 53.75 -3.15 100.59
C GLN W 26 53.62 -3.98 99.32
N LYS W 27 53.20 -5.24 99.45
CA LYS W 27 53.06 -6.09 98.26
C LYS W 27 51.79 -5.78 97.45
N SER W 28 51.11 -4.66 97.69
CA SER W 28 49.85 -4.36 97.04
C SER W 28 49.97 -3.32 95.94
N MET W 29 50.55 -2.15 96.22
CA MET W 29 50.53 -1.06 95.23
C MET W 29 51.27 -1.45 93.96
N GLU W 30 52.44 -2.08 94.08
CA GLU W 30 53.18 -2.48 92.88
C GLU W 30 52.41 -3.52 92.08
N ARG W 31 51.58 -4.32 92.76
CA ARG W 31 50.74 -5.28 92.05
C ARG W 31 49.64 -4.59 91.25
N LEU W 32 49.02 -3.56 91.83
CA LEU W 32 47.96 -2.85 91.12
C LEU W 32 48.51 -1.98 89.99
N SER W 33 49.60 -1.25 90.25
CA SER W 33 50.12 -0.31 89.27
C SER W 33 50.69 -1.04 88.06
N SER W 34 51.53 -2.05 88.30
CA SER W 34 52.10 -2.80 87.18
C SER W 34 51.08 -3.77 86.59
N GLY W 35 50.10 -4.19 87.37
CA GLY W 35 49.13 -5.16 86.91
C GLY W 35 49.64 -6.57 86.80
N TYR W 36 50.72 -6.91 87.52
CA TYR W 36 51.32 -8.24 87.47
C TYR W 36 51.44 -8.80 88.87
N LYS W 37 51.00 -10.04 89.05
CA LYS W 37 51.10 -10.69 90.35
C LYS W 37 52.54 -11.07 90.67
N ILE W 38 53.31 -11.47 89.68
CA ILE W 38 54.67 -11.95 89.86
C ILE W 38 55.61 -10.90 89.29
N ASN W 39 56.10 -10.00 90.16
CA ASN W 39 57.07 -9.00 89.76
C ASN W 39 58.50 -9.38 90.12
N SER W 40 58.69 -10.31 91.05
CA SER W 40 60.01 -10.73 91.48
C SER W 40 59.95 -12.19 91.91
N ALA W 41 61.13 -12.83 91.96
CA ALA W 41 61.20 -14.22 92.35
C ALA W 41 60.71 -14.46 93.77
N ARG W 42 60.71 -13.43 94.62
CA ARG W 42 60.21 -13.60 95.99
C ARG W 42 58.72 -13.91 96.00
N ASP W 43 57.97 -13.44 94.99
CA ASP W 43 56.54 -13.72 94.94
C ASP W 43 56.28 -15.18 94.59
N ASP W 44 56.74 -15.61 93.42
CA ASP W 44 56.55 -16.99 92.99
C ASP W 44 57.66 -17.34 92.00
N ALA W 45 58.61 -18.16 92.44
CA ALA W 45 59.72 -18.54 91.56
C ALA W 45 59.23 -19.35 90.37
N ALA W 46 58.34 -20.32 90.62
CA ALA W 46 57.82 -21.14 89.52
C ALA W 46 57.00 -20.30 88.55
N GLY W 47 56.18 -19.39 89.07
CA GLY W 47 55.38 -18.55 88.19
C GLY W 47 56.22 -17.63 87.34
N LEU W 48 57.32 -17.10 87.90
CA LEU W 48 58.19 -16.22 87.12
C LEU W 48 58.85 -16.98 85.97
N GLN W 49 59.27 -18.22 86.22
CA GLN W 49 59.91 -19.01 85.16
C GLN W 49 58.93 -19.35 84.05
N ILE W 50 57.73 -19.81 84.42
CA ILE W 50 56.76 -20.20 83.39
C ILE W 50 56.26 -18.98 82.61
N SER W 51 56.15 -17.83 83.27
CA SER W 51 55.74 -16.62 82.57
C SER W 51 56.82 -16.15 81.58
N ASN W 52 58.09 -16.36 81.93
CA ASN W 52 59.17 -16.03 80.99
C ASN W 52 59.12 -16.94 79.77
N ARG W 53 58.72 -18.20 79.96
CA ARG W 53 58.53 -19.08 78.81
C ARG W 53 57.34 -18.64 77.97
N LEU W 54 56.31 -18.08 78.62
CA LEU W 54 55.12 -17.65 77.89
C LEU W 54 55.34 -16.33 77.16
N THR W 55 56.19 -15.45 77.69
CA THR W 55 56.55 -14.24 76.95
C THR W 55 57.31 -14.58 75.68
N SER W 56 58.25 -15.53 75.76
CA SER W 56 58.98 -15.95 74.57
C SER W 56 58.05 -16.63 73.57
N GLN W 57 57.09 -17.41 74.06
CA GLN W 57 56.11 -18.04 73.17
C GLN W 57 55.24 -16.99 72.49
N SER W 58 54.66 -16.07 73.27
CA SER W 58 53.77 -15.07 72.70
C SER W 58 54.51 -14.20 71.69
N ARG W 59 55.72 -13.77 72.03
CA ARG W 59 56.52 -12.97 71.10
C ARG W 59 56.86 -13.78 69.84
N GLY W 60 57.10 -15.08 70.00
CA GLY W 60 57.45 -15.90 68.85
C GLY W 60 56.31 -16.04 67.85
N LEU W 61 55.08 -16.23 68.35
CA LEU W 61 53.95 -16.45 67.45
C LEU W 61 53.56 -15.19 66.70
N ASP W 62 53.64 -14.02 67.33
CA ASP W 62 53.29 -12.79 66.60
C ASP W 62 54.34 -12.48 65.53
N MET W 63 55.61 -12.80 65.80
CA MET W 63 56.63 -12.67 64.77
C MET W 63 56.43 -13.71 63.68
N ALA W 64 55.98 -14.91 64.06
CA ALA W 64 55.65 -15.93 63.06
C ALA W 64 54.47 -15.50 62.20
N VAL W 65 53.50 -14.81 62.80
CA VAL W 65 52.38 -14.29 62.03
C VAL W 65 52.85 -13.27 61.00
N LYS W 66 53.75 -12.36 61.42
CA LYS W 66 54.27 -11.37 60.50
C LYS W 66 55.09 -12.02 59.38
N ASN W 67 55.94 -12.99 59.74
CA ASN W 67 56.76 -13.66 58.74
C ASN W 67 55.90 -14.48 57.78
N ALA W 68 54.89 -15.17 58.30
CA ALA W 68 53.99 -15.93 57.44
C ALA W 68 53.20 -15.01 56.52
N ASN W 69 52.81 -13.83 57.02
CA ASN W 69 52.16 -12.84 56.17
C ASN W 69 53.09 -12.38 55.06
N ASP W 70 54.38 -12.24 55.36
CA ASP W 70 55.36 -11.93 54.33
C ASP W 70 55.44 -13.06 53.31
N GLY W 71 55.38 -14.31 53.77
CA GLY W 71 55.38 -15.43 52.85
C GLY W 71 54.19 -15.42 51.92
N ILE W 72 53.01 -15.07 52.45
CA ILE W 72 51.81 -15.00 51.61
C ILE W 72 51.95 -13.89 50.58
N SER W 73 52.46 -12.73 50.99
CA SER W 73 52.57 -11.61 50.06
C SER W 73 53.57 -11.90 48.96
N ILE W 74 54.69 -12.56 49.29
CA ILE W 74 55.67 -12.93 48.27
C ILE W 74 55.05 -13.90 47.27
N ALA W 75 54.29 -14.88 47.78
CA ALA W 75 53.65 -15.85 46.91
C ALA W 75 52.65 -15.19 45.97
N GLN W 76 51.82 -14.29 46.49
CA GLN W 76 50.81 -13.64 45.65
C GLN W 76 51.42 -12.59 44.72
N THR W 77 52.57 -12.01 45.10
CA THR W 77 53.24 -11.09 44.19
C THR W 77 53.83 -11.84 43.00
N ALA W 78 54.53 -12.95 43.26
CA ALA W 78 55.07 -13.76 42.18
C ALA W 78 53.95 -14.34 41.33
N GLU W 79 52.87 -14.80 41.97
CA GLU W 79 51.76 -15.38 41.22
C GLU W 79 50.96 -14.30 40.48
N GLY W 80 50.86 -13.10 41.04
CA GLY W 80 50.16 -12.04 40.34
C GLY W 80 50.82 -11.66 39.04
N ALA W 81 52.15 -11.49 39.05
CA ALA W 81 52.89 -11.31 37.81
C ALA W 81 52.86 -12.58 36.97
N MET W 82 52.73 -13.73 37.63
CA MET W 82 52.66 -15.01 36.92
C MET W 82 51.41 -15.11 36.06
N ASN W 83 50.33 -14.42 36.47
CA ASN W 83 49.09 -14.45 35.71
C ASN W 83 49.29 -13.86 34.32
N GLU W 84 50.03 -12.76 34.22
CA GLU W 84 50.30 -12.16 32.91
C GLU W 84 51.12 -13.09 32.05
N THR W 85 52.02 -13.87 32.66
CA THR W 85 52.79 -14.85 31.90
C THR W 85 51.86 -15.88 31.24
N THR W 86 50.83 -16.31 31.96
CA THR W 86 49.85 -17.22 31.38
C THR W 86 49.08 -16.56 30.25
N ASN W 87 48.66 -15.30 30.43
CA ASN W 87 47.87 -14.62 29.42
C ASN W 87 48.68 -14.35 28.16
N ILE W 88 49.96 -14.00 28.32
CA ILE W 88 50.83 -13.82 27.17
C ILE W 88 51.05 -15.14 26.46
N LEU W 89 51.27 -16.22 27.22
CA LEU W 89 51.48 -17.54 26.62
C LEU W 89 50.25 -17.98 25.84
N GLN W 90 49.06 -17.75 26.39
CA GLN W 90 47.85 -18.04 25.65
C GLN W 90 47.76 -17.21 24.38
N ARG W 91 48.13 -15.93 24.47
CA ARG W 91 48.14 -15.08 23.27
C ARG W 91 49.14 -15.60 22.25
N MET W 92 50.32 -16.04 22.69
CA MET W 92 51.30 -16.59 21.76
C MET W 92 50.77 -17.85 21.08
N ARG W 93 50.05 -18.69 21.82
CA ARG W 93 49.39 -19.83 21.20
C ARG W 93 48.32 -19.37 20.22
N ASP W 94 47.77 -18.17 20.43
CA ASP W 94 46.75 -17.65 19.53
C ASP W 94 47.31 -17.35 18.15
N LEU W 95 48.43 -16.62 18.07
CA LEU W 95 49.01 -16.33 16.77
C LEU W 95 49.60 -17.60 16.14
N ALA W 96 50.11 -18.52 16.95
CA ALA W 96 50.68 -19.75 16.41
C ALA W 96 49.62 -20.56 15.68
N LEU W 97 48.43 -20.71 16.27
CA LEU W 97 47.36 -21.46 15.62
C LEU W 97 46.85 -20.72 14.38
N GLN W 98 46.81 -19.39 14.43
CA GLN W 98 46.36 -18.60 13.29
C GLN W 98 47.32 -18.73 12.12
N SER W 99 48.63 -18.74 12.40
CA SER W 99 49.64 -18.76 11.35
C SER W 99 49.77 -20.10 10.66
N SER W 100 49.44 -21.21 11.35
CA SER W 100 49.52 -22.53 10.74
C SER W 100 48.55 -22.71 9.58
N ASN W 101 47.56 -21.81 9.43
CA ASN W 101 46.64 -21.87 8.31
C ASN W 101 47.40 -21.75 7.00
N GLY W 102 46.93 -22.50 5.98
CA GLY W 102 47.49 -22.38 4.65
C GLY W 102 47.05 -21.15 3.89
N SER W 103 46.08 -20.41 4.42
CA SER W 103 45.64 -19.17 3.77
C SER W 103 46.68 -18.06 3.92
N ASN W 104 47.39 -18.04 5.04
CA ASN W 104 48.42 -17.04 5.25
C ASN W 104 49.57 -17.26 4.27
N SER W 105 49.87 -16.26 3.46
CA SER W 105 50.99 -16.34 2.54
C SER W 105 52.29 -16.06 3.31
N SER W 106 53.40 -15.89 2.61
CA SER W 106 54.69 -15.72 3.28
C SER W 106 54.71 -14.44 4.11
N SER W 107 54.14 -13.35 3.60
CA SER W 107 54.25 -12.06 4.26
C SER W 107 53.56 -12.05 5.62
N GLU W 108 52.37 -12.65 5.71
CA GLU W 108 51.60 -12.56 6.95
C GLU W 108 52.22 -13.40 8.07
N ARG W 109 52.98 -14.43 7.74
CA ARG W 109 53.66 -15.20 8.79
C ARG W 109 54.70 -14.36 9.52
N ARG W 110 55.41 -13.50 8.79
CA ARG W 110 56.35 -12.59 9.43
C ARG W 110 55.63 -11.56 10.30
N ALA W 111 54.38 -11.25 9.98
CA ALA W 111 53.59 -10.39 10.87
C ALA W 111 53.32 -11.08 12.20
N ILE W 112 53.06 -12.38 12.17
CA ILE W 112 52.98 -13.16 13.41
C ILE W 112 54.31 -13.12 14.15
N GLN W 113 55.41 -13.28 13.43
CA GLN W 113 56.72 -13.36 14.07
C GLN W 113 57.07 -12.06 14.78
N GLU W 114 56.61 -10.93 14.26
CA GLU W 114 56.84 -9.66 14.94
C GLU W 114 56.11 -9.62 16.27
N GLU W 115 54.87 -10.10 16.30
CA GLU W 115 54.11 -10.13 17.54
C GLU W 115 54.69 -11.15 18.52
N VAL W 116 55.05 -12.34 18.00
CA VAL W 116 55.60 -13.40 18.85
C VAL W 116 56.94 -12.96 19.44
N SER W 117 57.79 -12.34 18.62
CA SER W 117 59.09 -11.87 19.11
C SER W 117 58.90 -10.80 20.18
N ALA W 118 57.94 -9.90 20.00
CA ALA W 118 57.66 -8.90 21.02
C ALA W 118 57.18 -9.54 22.31
N LEU W 119 56.28 -10.52 22.21
CA LEU W 119 55.76 -11.18 23.40
C LEU W 119 56.83 -12.02 24.09
N ASN W 120 57.68 -12.70 23.32
CA ASN W 120 58.76 -13.47 23.91
C ASN W 120 59.73 -12.58 24.68
N ASP W 121 60.05 -11.41 24.11
CA ASP W 121 60.88 -10.45 24.84
C ASP W 121 60.14 -9.91 26.06
N GLU W 122 58.81 -9.89 26.01
CA GLU W 122 58.04 -9.41 27.15
C GLU W 122 58.02 -10.44 28.27
N LEU W 123 57.95 -11.73 27.91
CA LEU W 123 58.03 -12.78 28.92
C LEU W 123 59.36 -12.73 29.66
N ASN W 124 60.46 -12.50 28.94
CA ASN W 124 61.75 -12.34 29.60
C ASN W 124 61.75 -11.12 30.51
N ARG W 125 61.07 -10.05 30.09
CA ARG W 125 60.99 -8.85 30.93
C ARG W 125 60.24 -9.14 32.23
N ILE W 126 59.12 -9.86 32.15
CA ILE W 126 58.34 -10.15 33.35
C ILE W 126 59.14 -11.04 34.30
N ALA W 127 59.82 -12.05 33.77
CA ALA W 127 60.62 -12.93 34.61
C ALA W 127 61.79 -12.20 35.26
N GLU W 128 62.42 -11.30 34.52
CA GLU W 128 63.65 -10.66 34.98
C GLU W 128 63.42 -9.44 35.86
N THR W 129 62.30 -8.73 35.69
CA THR W 129 62.09 -7.49 36.42
C THR W 129 61.09 -7.62 37.57
N THR W 130 60.29 -8.67 37.61
CA THR W 130 59.38 -8.87 38.74
C THR W 130 60.19 -9.11 40.00
N SER W 131 59.88 -8.34 41.04
CA SER W 131 60.65 -8.39 42.27
C SER W 131 59.77 -8.00 43.45
N PHE W 132 60.19 -8.43 44.63
CA PHE W 132 59.51 -8.11 45.88
C PHE W 132 60.46 -7.23 46.70
N GLY W 133 60.36 -5.92 46.50
CA GLY W 133 61.25 -5.00 47.18
C GLY W 133 62.70 -5.18 46.79
N GLY W 134 62.97 -5.39 45.51
CA GLY W 134 64.32 -5.59 45.02
C GLY W 134 64.81 -7.02 45.04
N ASN W 135 64.05 -7.94 45.63
CA ASN W 135 64.39 -9.36 45.66
C ASN W 135 63.70 -10.04 44.49
N LYS W 136 64.45 -10.27 43.42
CA LYS W 136 63.87 -10.85 42.21
C LYS W 136 63.32 -12.24 42.48
N LEU W 137 62.14 -12.52 41.93
CA LEU W 137 61.42 -13.76 42.19
C LEU W 137 61.42 -14.72 41.01
N LEU W 138 61.00 -14.26 39.84
CA LEU W 138 60.76 -15.13 38.70
C LEU W 138 61.94 -15.24 37.75
N ASN W 139 63.10 -14.70 38.11
CA ASN W 139 64.30 -14.81 37.29
C ASN W 139 65.10 -16.07 37.59
N GLY W 140 64.67 -16.87 38.57
CA GLY W 140 65.38 -18.07 38.95
C GLY W 140 66.41 -17.88 40.04
N SER W 141 66.69 -16.64 40.44
CA SER W 141 67.67 -16.38 41.48
C SER W 141 67.09 -16.46 42.87
N PHE W 142 65.77 -16.57 43.01
CA PHE W 142 65.16 -16.67 44.35
C PHE W 142 65.55 -17.98 45.01
N GLY W 143 65.62 -19.07 44.25
CA GLY W 143 65.98 -20.35 44.82
C GLY W 143 64.92 -20.84 45.78
N SER W 144 65.34 -21.27 46.97
CA SER W 144 64.46 -21.79 48.00
C SER W 144 64.78 -21.11 49.32
N LYS W 145 63.88 -20.27 49.80
CA LYS W 145 64.01 -19.59 51.08
C LYS W 145 63.07 -20.21 52.10
N SER W 146 63.62 -20.54 53.27
CA SER W 146 62.84 -21.14 54.35
C SER W 146 62.16 -20.04 55.15
N PHE W 147 60.84 -20.08 55.19
CA PHE W 147 60.05 -19.08 55.91
C PHE W 147 59.75 -19.59 57.32
N GLN W 148 60.30 -18.93 58.32
CA GLN W 148 60.10 -19.33 59.71
C GLN W 148 58.70 -18.95 60.17
N ILE W 149 57.92 -19.95 60.57
CA ILE W 149 56.53 -19.72 60.96
C ILE W 149 56.27 -20.32 62.34
N GLY W 150 57.32 -20.42 63.17
CA GLY W 150 57.19 -20.98 64.49
C GLY W 150 57.84 -20.08 65.53
N ALA W 151 57.65 -20.46 66.79
CA ALA W 151 58.28 -19.76 67.90
C ALA W 151 59.65 -20.32 68.26
N ASP W 152 60.06 -21.43 67.65
CA ASP W 152 61.33 -22.07 67.93
C ASP W 152 62.08 -22.31 66.62
N SER W 153 63.40 -22.37 66.73
CA SER W 153 64.22 -22.60 65.54
C SER W 153 63.95 -23.97 64.95
N GLY W 154 63.95 -24.04 63.62
CA GLY W 154 63.71 -25.29 62.93
C GLY W 154 62.25 -25.57 62.60
N GLU W 155 61.39 -24.56 62.62
CA GLU W 155 59.97 -24.73 62.31
C GLU W 155 59.60 -23.94 61.06
N ALA W 156 60.45 -23.99 60.04
CA ALA W 156 60.26 -23.24 58.82
C ALA W 156 59.63 -24.11 57.73
N VAL W 157 59.25 -23.45 56.63
CA VAL W 157 58.68 -24.11 55.46
C VAL W 157 59.41 -23.60 54.23
N MET W 158 59.99 -24.51 53.46
CA MET W 158 60.77 -24.15 52.30
C MET W 158 59.86 -23.78 51.14
N LEU W 159 60.09 -22.61 50.56
CA LEU W 159 59.36 -22.12 49.40
C LEU W 159 60.30 -22.06 48.21
N SER W 160 59.90 -22.70 47.11
CA SER W 160 60.69 -22.75 45.89
C SER W 160 59.97 -22.00 44.79
N MET W 161 60.68 -21.07 44.15
CA MET W 161 60.16 -20.30 43.02
C MET W 161 60.99 -20.64 41.80
N GLY W 162 60.47 -21.51 40.94
CA GLY W 162 61.19 -21.90 39.75
C GLY W 162 61.31 -20.77 38.75
N SER W 163 62.35 -20.84 37.94
CA SER W 163 62.58 -19.81 36.93
C SER W 163 61.49 -19.87 35.85
N MET W 164 61.15 -18.69 35.34
CA MET W 164 60.15 -18.58 34.28
C MET W 164 60.63 -17.69 33.14
N ARG W 165 61.94 -17.63 32.93
CA ARG W 165 62.46 -17.13 31.67
C ARG W 165 61.99 -18.02 30.53
N SER W 166 61.85 -17.42 29.35
CA SER W 166 61.45 -18.19 28.18
C SER W 166 62.52 -19.20 27.77
N ASP W 167 63.74 -19.06 28.25
CA ASP W 167 64.82 -20.00 27.96
C ASP W 167 64.85 -21.17 28.92
N THR W 168 63.95 -21.22 29.90
CA THR W 168 63.95 -22.30 30.88
C THR W 168 63.63 -23.63 30.22
N GLN W 169 64.32 -24.69 30.66
CA GLN W 169 64.15 -26.01 30.05
C GLN W 169 62.72 -26.51 30.19
N ALA W 170 62.10 -26.31 31.36
CA ALA W 170 60.74 -26.77 31.58
C ALA W 170 59.72 -26.02 30.74
N MET W 171 60.13 -24.92 30.09
CA MET W 171 59.24 -24.10 29.28
C MET W 171 59.29 -24.50 27.80
N GLY W 172 59.55 -25.76 27.51
CA GLY W 172 59.65 -26.24 26.15
C GLY W 172 59.63 -27.75 26.04
N GLY W 173 60.45 -28.31 25.16
CA GLY W 173 60.51 -29.75 25.02
C GLY W 173 61.56 -30.17 24.02
N LYS W 174 61.30 -31.32 23.39
CA LYS W 174 62.18 -31.88 22.37
C LYS W 174 61.39 -32.09 21.08
N SER W 175 62.11 -32.16 19.97
CA SER W 175 61.50 -32.27 18.65
C SER W 175 62.21 -33.35 17.85
N TYR W 176 61.43 -34.15 17.12
CA TYR W 176 61.95 -35.19 16.25
C TYR W 176 61.28 -35.05 14.89
N ARG W 177 61.93 -34.33 13.98
CA ARG W 177 61.40 -34.06 12.66
C ARG W 177 61.69 -35.24 11.73
N ALA W 178 60.69 -35.60 10.92
CA ALA W 178 60.84 -36.73 10.01
C ALA W 178 61.89 -36.42 8.95
N GLN W 179 62.74 -37.41 8.66
CA GLN W 179 63.80 -37.22 7.67
C GLN W 179 63.23 -37.14 6.26
N GLU W 180 62.23 -37.97 5.95
CA GLU W 180 61.71 -38.12 4.60
C GLU W 180 60.35 -37.44 4.49
N GLY W 181 60.18 -36.65 3.43
CA GLY W 181 58.91 -35.97 3.17
C GLY W 181 58.09 -36.72 2.15
N LYS W 182 56.81 -36.90 2.47
CA LYS W 182 55.87 -37.61 1.62
C LYS W 182 54.81 -36.65 1.11
N ALA W 183 54.43 -36.80 -0.15
CA ALA W 183 53.52 -35.87 -0.80
C ALA W 183 52.09 -36.09 -0.30
N ALA W 184 51.16 -35.31 -0.86
CA ALA W 184 49.76 -35.41 -0.51
C ALA W 184 49.09 -36.67 -1.04
N ASP W 185 49.77 -37.42 -1.91
CA ASP W 185 49.23 -38.67 -2.46
C ASP W 185 49.84 -39.89 -1.78
N TRP W 186 50.19 -39.78 -0.51
CA TRP W 186 50.74 -40.89 0.26
C TRP W 186 49.67 -41.49 1.16
N ARG W 187 49.59 -42.82 1.16
CA ARG W 187 48.66 -43.55 2.00
C ARG W 187 49.42 -44.72 2.63
N VAL W 188 49.16 -44.96 3.91
CA VAL W 188 49.88 -46.02 4.62
C VAL W 188 49.54 -47.37 4.01
N GLY W 189 50.56 -48.19 3.81
CA GLY W 189 50.36 -49.50 3.21
C GLY W 189 50.06 -50.58 4.22
N ALA W 190 50.76 -51.71 4.12
CA ALA W 190 50.56 -52.85 5.01
C ALA W 190 51.43 -52.80 6.26
N ALA W 191 52.36 -51.86 6.33
CA ALA W 191 53.23 -51.69 7.50
C ALA W 191 52.84 -50.38 8.17
N THR W 192 52.13 -50.48 9.30
CA THR W 192 51.58 -49.30 9.98
C THR W 192 52.03 -49.16 11.41
N ASP W 193 52.77 -50.12 11.96
CA ASP W 193 53.16 -50.06 13.36
C ASP W 193 54.15 -48.93 13.60
N LEU W 194 54.01 -48.26 14.74
CA LEU W 194 54.89 -47.15 15.09
C LEU W 194 54.94 -47.07 16.62
N THR W 195 56.02 -47.56 17.21
CA THR W 195 56.19 -47.57 18.66
C THR W 195 57.05 -46.40 19.10
N LEU W 196 56.85 -45.98 20.34
CA LEU W 196 57.57 -44.86 20.94
C LEU W 196 57.98 -45.26 22.35
N SER W 197 59.27 -45.55 22.54
CA SER W 197 59.79 -46.00 23.82
C SER W 197 60.60 -44.88 24.45
N TYR W 198 60.26 -44.52 25.69
CA TYR W 198 60.93 -43.44 26.39
C TYR W 198 60.70 -43.63 27.89
N THR W 199 61.04 -42.59 28.66
CA THR W 199 60.81 -42.59 30.10
C THR W 199 59.91 -41.41 30.43
N ASN W 200 58.94 -41.63 31.33
CA ASN W 200 58.04 -40.58 31.73
C ASN W 200 58.72 -39.67 32.76
N LYS W 201 58.00 -38.63 33.18
CA LYS W 201 58.58 -37.63 34.07
C LYS W 201 58.94 -38.21 35.43
N GLN W 202 58.08 -39.08 35.97
CA GLN W 202 58.32 -39.58 37.33
C GLN W 202 59.49 -40.56 37.36
N GLY W 203 59.86 -41.12 36.21
CA GLY W 203 61.09 -41.89 36.13
C GLY W 203 60.96 -43.36 35.82
N GLU W 204 59.86 -43.77 35.18
CA GLU W 204 59.67 -45.15 34.76
C GLU W 204 59.44 -45.24 33.26
N ALA W 205 59.88 -46.36 32.68
CA ALA W 205 59.77 -46.55 31.24
C ALA W 205 58.31 -46.62 30.80
N ARG W 206 58.08 -46.31 29.53
CA ARG W 206 56.73 -46.30 28.97
C ARG W 206 56.79 -46.64 27.49
N GLU W 207 55.82 -47.45 27.04
CA GLU W 207 55.72 -47.87 25.65
C GLU W 207 54.41 -47.37 25.08
N VAL W 208 54.46 -46.73 23.91
CA VAL W 208 53.28 -46.21 23.23
C VAL W 208 53.31 -46.74 21.81
N THR W 209 52.37 -47.63 21.47
CA THR W 209 52.29 -48.22 20.15
C THR W 209 51.09 -47.65 19.41
N ILE W 210 51.32 -47.16 18.20
CA ILE W 210 50.27 -46.57 17.36
C ILE W 210 50.06 -47.50 16.18
N ASN W 211 48.83 -47.97 16.01
CA ASN W 211 48.45 -48.81 14.87
C ASN W 211 47.76 -47.91 13.85
N ALA W 212 48.54 -47.37 12.93
CA ALA W 212 47.99 -46.50 11.90
C ALA W 212 47.04 -47.28 10.99
N LYS W 213 46.13 -46.56 10.35
CA LYS W 213 45.11 -47.15 9.49
C LYS W 213 45.46 -46.87 8.04
N GLN W 214 45.38 -47.91 7.21
CA GLN W 214 45.67 -47.76 5.79
C GLN W 214 44.67 -46.81 5.15
N GLY W 215 45.16 -46.03 4.18
CA GLY W 215 44.36 -45.00 3.55
C GLY W 215 44.38 -43.66 4.24
N ASP W 216 45.22 -43.48 5.25
CA ASP W 216 45.35 -42.21 5.95
C ASP W 216 46.60 -41.49 5.45
N ASP W 217 46.43 -40.25 5.00
CA ASP W 217 47.57 -39.45 4.56
C ASP W 217 48.34 -38.96 5.78
N LEU W 218 49.35 -38.13 5.55
CA LEU W 218 50.21 -37.67 6.64
C LEU W 218 49.42 -36.83 7.65
N GLU W 219 48.56 -35.93 7.17
CA GLU W 219 47.83 -35.05 8.08
C GLU W 219 46.86 -35.84 8.95
N GLU W 220 46.14 -36.80 8.38
CA GLU W 220 45.27 -37.65 9.18
C GLU W 220 46.07 -38.56 10.11
N LEU W 221 47.28 -38.95 9.70
CA LEU W 221 48.13 -39.73 10.58
C LEU W 221 48.58 -38.90 11.78
N ALA W 222 48.87 -37.62 11.57
CA ALA W 222 49.24 -36.74 12.68
C ALA W 222 48.07 -36.58 13.65
N THR W 223 46.86 -36.42 13.12
CA THR W 223 45.69 -36.32 13.99
C THR W 223 45.46 -37.60 14.76
N TYR W 224 45.61 -38.75 14.10
CA TYR W 224 45.38 -40.03 14.77
C TYR W 224 46.38 -40.26 15.89
N ILE W 225 47.65 -39.91 15.65
CA ILE W 225 48.66 -40.04 16.70
C ILE W 225 48.37 -39.09 17.85
N ASN W 226 47.84 -37.90 17.53
CA ASN W 226 47.49 -36.94 18.57
C ASN W 226 46.39 -37.49 19.47
N GLY W 227 45.35 -38.06 18.87
CA GLY W 227 44.25 -38.59 19.68
C GLY W 227 44.64 -39.81 20.49
N GLN W 228 45.44 -40.71 19.90
CA GLN W 228 45.74 -41.99 20.56
C GLN W 228 46.53 -41.79 21.85
N THR W 229 47.55 -40.93 21.82
CA THR W 229 48.40 -40.69 22.98
C THR W 229 48.55 -39.20 23.21
N GLU W 230 48.63 -38.82 24.48
CA GLU W 230 48.74 -37.41 24.87
C GLU W 230 50.15 -37.02 25.29
N ASP W 231 51.08 -37.97 25.38
CA ASP W 231 52.45 -37.65 25.76
C ASP W 231 53.16 -36.88 24.65
N VAL W 232 53.03 -37.35 23.41
CA VAL W 232 53.66 -36.71 22.26
C VAL W 232 52.59 -36.07 21.40
N LYS W 233 53.00 -35.09 20.61
CA LYS W 233 52.11 -34.37 19.71
C LYS W 233 52.68 -34.41 18.30
N ALA W 234 51.88 -34.84 17.33
CA ALA W 234 52.30 -34.98 15.96
C ALA W 234 51.80 -33.82 15.12
N SER W 235 52.56 -33.48 14.08
CA SER W 235 52.21 -32.39 13.18
C SER W 235 52.93 -32.60 11.85
N VAL W 236 52.51 -31.84 10.84
CA VAL W 236 53.03 -31.97 9.49
C VAL W 236 53.60 -30.62 9.05
N GLY W 237 54.77 -30.66 8.42
CA GLY W 237 55.47 -29.46 8.01
C GLY W 237 55.09 -29.00 6.62
N GLU W 238 55.95 -28.14 6.05
CA GLU W 238 55.72 -27.63 4.70
C GLU W 238 55.73 -28.75 3.68
N ASP W 239 56.76 -29.60 3.74
CA ASP W 239 56.99 -30.63 2.73
C ASP W 239 56.24 -31.91 3.03
N GLY W 240 55.52 -32.00 4.13
CA GLY W 240 54.88 -33.24 4.52
C GLY W 240 55.82 -34.12 5.31
N LYS W 241 56.32 -33.60 6.43
CA LYS W 241 57.27 -34.32 7.27
C LYS W 241 56.74 -34.34 8.69
N LEU W 242 56.42 -35.54 9.18
CA LEU W 242 55.77 -35.70 10.48
C LEU W 242 56.75 -35.41 11.60
N GLN W 243 56.55 -34.30 12.30
CA GLN W 243 57.40 -33.89 13.41
C GLN W 243 56.71 -34.18 14.73
N LEU W 244 57.42 -34.84 15.63
CA LEU W 244 56.91 -35.12 16.97
C LEU W 244 57.46 -34.10 17.95
N PHE W 245 56.79 -33.97 19.09
CA PHE W 245 57.21 -33.06 20.15
C PHE W 245 56.99 -33.72 21.50
N ALA W 246 58.09 -34.14 22.14
CA ALA W 246 58.05 -34.75 23.46
C ALA W 246 58.41 -33.69 24.49
N SER W 247 57.42 -33.27 25.27
CA SER W 247 57.63 -32.18 26.22
C SER W 247 58.69 -32.56 27.24
N SER W 248 59.53 -31.59 27.61
CA SER W 248 60.58 -31.83 28.58
C SER W 248 60.04 -32.05 29.99
N GLN W 249 58.78 -31.69 30.24
CA GLN W 249 58.20 -31.89 31.56
C GLN W 249 57.52 -33.24 31.71
N LYS W 250 57.17 -33.89 30.59
CA LYS W 250 56.48 -35.17 30.63
C LYS W 250 57.38 -36.37 30.33
N VAL W 251 58.48 -36.16 29.61
CA VAL W 251 59.39 -37.25 29.28
C VAL W 251 60.80 -36.86 29.71
N ASN W 252 61.61 -37.89 29.98
CA ASN W 252 63.01 -37.72 30.32
C ASN W 252 63.83 -38.61 29.41
N GLY W 253 64.90 -38.07 28.84
CA GLY W 253 65.73 -38.81 27.90
C GLY W 253 65.16 -38.79 26.50
N ASP W 254 65.91 -39.41 25.59
CA ASP W 254 65.55 -39.44 24.19
C ASP W 254 64.39 -40.41 23.94
N VAL W 255 63.70 -40.18 22.82
CA VAL W 255 62.61 -41.05 22.39
C VAL W 255 63.14 -42.02 21.36
N THR W 256 62.80 -43.30 21.53
CA THR W 256 63.17 -44.36 20.61
C THR W 256 61.96 -44.69 19.74
N ILE W 257 62.14 -44.62 18.43
CA ILE W 257 61.05 -44.81 17.47
C ILE W 257 61.34 -46.06 16.65
N GLY W 258 60.40 -47.00 16.66
CA GLY W 258 60.53 -48.23 15.90
C GLY W 258 59.25 -48.53 15.15
N GLY W 259 59.25 -49.70 14.51
CA GLY W 259 58.11 -50.17 13.74
C GLY W 259 58.31 -49.93 12.25
N GLY W 260 57.37 -50.51 11.48
CA GLY W 260 57.42 -50.36 10.04
C GLY W 260 57.21 -48.94 9.58
N LEU W 261 56.25 -48.24 10.21
CA LEU W 261 56.00 -46.85 9.86
C LEU W 261 57.19 -45.96 10.20
N GLY W 262 57.84 -46.24 11.33
CA GLY W 262 59.03 -45.47 11.69
C GLY W 262 60.16 -45.64 10.70
N GLY W 263 60.34 -46.86 10.19
CA GLY W 263 61.36 -47.09 9.18
C GLY W 263 61.03 -46.43 7.85
N GLU W 264 59.76 -46.48 7.44
CA GLU W 264 59.35 -45.87 6.19
C GLU W 264 59.47 -44.35 6.24
N ILE W 265 58.96 -43.73 7.31
CA ILE W 265 59.02 -42.28 7.43
C ILE W 265 60.45 -41.83 7.69
N GLY W 266 61.15 -42.51 8.61
CA GLY W 266 62.49 -42.11 8.99
C GLY W 266 62.45 -40.99 10.01
N PHE W 267 63.20 -41.14 11.10
CA PHE W 267 63.18 -40.17 12.19
C PHE W 267 64.60 -39.82 12.59
N ASP W 268 64.85 -38.53 12.75
CA ASP W 268 66.19 -38.03 13.07
C ASP W 268 66.34 -37.84 14.57
N ALA W 269 67.44 -37.21 14.97
CA ALA W 269 67.73 -37.02 16.38
C ALA W 269 66.83 -35.95 16.99
N GLY W 270 66.79 -35.94 18.32
CA GLY W 270 65.95 -35.01 19.05
C GLY W 270 66.63 -33.68 19.35
N ARG W 271 66.05 -32.59 18.85
CA ARG W 271 66.56 -31.25 19.09
C ARG W 271 65.74 -30.55 20.16
N ASN W 272 66.42 -29.84 21.05
CA ASN W 272 65.75 -29.16 22.15
C ASN W 272 65.24 -27.79 21.68
N VAL W 273 63.98 -27.50 22.00
CA VAL W 273 63.34 -26.24 21.63
C VAL W 273 62.65 -25.67 22.86
N THR W 274 62.46 -24.35 22.84
CA THR W 274 61.80 -23.63 23.93
C THR W 274 60.90 -22.56 23.32
N VAL W 275 60.34 -21.71 24.18
CA VAL W 275 59.49 -20.62 23.71
C VAL W 275 60.30 -19.61 22.90
N ALA W 276 61.52 -19.34 23.33
CA ALA W 276 62.37 -18.41 22.58
C ALA W 276 62.72 -18.96 21.21
N ASP W 277 63.00 -20.26 21.11
CA ASP W 277 63.33 -20.88 19.84
C ASP W 277 62.14 -21.03 18.92
N VAL W 278 60.96 -20.56 19.31
CA VAL W 278 59.78 -20.65 18.47
C VAL W 278 59.93 -19.72 17.27
N ASN W 279 59.92 -20.30 16.07
CA ASN W 279 59.86 -19.55 14.83
C ASN W 279 58.53 -19.85 14.17
N VAL W 280 57.83 -18.79 13.74
CA VAL W 280 56.49 -18.93 13.22
C VAL W 280 56.41 -18.55 11.74
N SER W 281 57.51 -18.09 11.15
CA SER W 281 57.50 -17.71 9.74
C SER W 281 57.20 -18.90 8.82
N THR W 282 57.32 -20.13 9.32
CA THR W 282 56.99 -21.32 8.57
C THR W 282 55.85 -22.06 9.24
N VAL W 283 55.05 -22.76 8.43
CA VAL W 283 53.88 -23.47 8.98
C VAL W 283 54.33 -24.61 9.89
N ALA W 284 55.45 -25.26 9.55
CA ALA W 284 55.99 -26.29 10.43
C ALA W 284 56.38 -25.70 11.79
N GLY W 285 56.99 -24.52 11.78
CA GLY W 285 57.35 -23.88 13.03
C GLY W 285 56.15 -23.50 13.86
N SER W 286 55.06 -23.10 13.21
CA SER W 286 53.85 -22.71 13.94
C SER W 286 53.12 -23.93 14.49
N GLN W 287 53.08 -25.03 13.72
CA GLN W 287 52.51 -26.27 14.23
C GLN W 287 53.29 -26.78 15.44
N GLU W 288 54.62 -26.73 15.36
CA GLU W 288 55.44 -27.05 16.52
C GLU W 288 55.25 -26.03 17.64
N ALA W 289 54.98 -24.77 17.29
CA ALA W 289 54.83 -23.72 18.29
C ALA W 289 53.68 -24.01 19.23
N VAL W 290 52.54 -24.47 18.68
CA VAL W 290 51.37 -24.75 19.50
C VAL W 290 51.71 -25.79 20.57
N SER W 291 52.48 -26.80 20.20
CA SER W 291 52.88 -27.82 21.16
C SER W 291 53.85 -27.27 22.21
N ILE W 292 54.75 -26.38 21.80
CA ILE W 292 55.73 -25.83 22.73
C ILE W 292 55.03 -25.03 23.82
N LEU W 293 54.10 -24.17 23.43
CA LEU W 293 53.39 -23.34 24.40
C LEU W 293 52.31 -24.10 25.15
N ASP W 294 51.92 -25.29 24.67
CA ASP W 294 51.08 -26.16 25.49
C ASP W 294 51.87 -26.74 26.65
N GLY W 295 53.11 -27.17 26.39
CA GLY W 295 53.98 -27.59 27.48
C GLY W 295 54.43 -26.42 28.33
N ALA W 296 54.44 -25.22 27.76
CA ALA W 296 54.80 -24.03 28.53
C ALA W 296 53.65 -23.60 29.44
N LEU W 297 52.42 -23.63 28.93
CA LEU W 297 51.26 -23.29 29.74
C LEU W 297 51.08 -24.28 30.89
N LYS W 298 51.29 -25.57 30.61
CA LYS W 298 51.21 -26.57 31.67
C LYS W 298 52.33 -26.37 32.70
N ALA W 299 53.46 -25.81 32.26
CA ALA W 299 54.57 -25.58 33.18
C ALA W 299 54.26 -24.43 34.13
N VAL W 300 53.75 -23.32 33.60
CA VAL W 300 53.44 -22.17 34.45
C VAL W 300 52.25 -22.46 35.35
N ASP W 301 51.28 -23.23 34.86
CA ASP W 301 50.13 -23.59 35.69
C ASP W 301 50.52 -24.56 36.78
N SER W 302 51.52 -25.42 36.53
CA SER W 302 51.97 -26.36 37.53
C SER W 302 52.54 -25.65 38.75
N GLN W 303 53.33 -24.60 38.52
CA GLN W 303 53.91 -23.87 39.64
C GLN W 303 52.88 -22.98 40.32
N ARG W 304 51.91 -22.47 39.58
CA ARG W 304 50.85 -21.65 40.19
C ARG W 304 50.06 -22.46 41.20
N ALA W 305 49.73 -23.71 40.87
CA ALA W 305 49.04 -24.57 41.83
C ALA W 305 49.90 -24.82 43.06
N SER W 306 51.22 -24.97 42.87
CA SER W 306 52.10 -25.15 44.01
C SER W 306 52.11 -23.91 44.90
N LEU W 307 52.12 -22.72 44.29
CA LEU W 307 52.07 -21.50 45.08
C LEU W 307 50.71 -21.33 45.75
N GLY W 308 49.64 -21.72 45.06
CA GLY W 308 48.30 -21.61 45.66
C GLY W 308 48.12 -22.52 46.85
N ALA W 309 48.58 -23.76 46.74
CA ALA W 309 48.55 -24.67 47.89
C ALA W 309 49.44 -24.15 49.02
N PHE W 310 50.46 -23.37 48.68
CA PHE W 310 51.32 -22.79 49.70
C PHE W 310 50.63 -21.61 50.38
N GLN W 311 49.90 -20.81 49.62
CA GLN W 311 49.12 -19.72 50.22
C GLN W 311 48.04 -20.27 51.15
N ASN W 312 47.37 -21.35 50.73
CA ASN W 312 46.39 -21.99 51.60
C ASN W 312 47.06 -22.59 52.83
N ARG W 313 48.25 -23.15 52.67
CA ARG W 313 48.94 -23.79 53.79
C ARG W 313 49.26 -22.76 54.87
N PHE W 314 49.75 -21.58 54.49
CA PHE W 314 50.01 -20.55 55.48
C PHE W 314 48.73 -19.84 55.90
N GLY W 315 47.66 -19.98 55.13
CA GLY W 315 46.37 -19.51 55.60
C GLY W 315 45.88 -20.33 56.77
N HIS W 316 46.12 -21.64 56.75
CA HIS W 316 45.81 -22.48 57.89
C HIS W 316 46.83 -22.28 59.01
N ALA W 317 48.09 -22.03 58.64
CA ALA W 317 49.12 -21.80 59.65
C ALA W 317 48.87 -20.50 60.41
N ILE W 318 48.42 -19.46 59.71
CA ILE W 318 48.14 -18.18 60.35
C ILE W 318 47.00 -18.32 61.35
N SER W 319 45.91 -18.98 60.93
CA SER W 319 44.77 -19.18 61.81
C SER W 319 45.14 -20.07 63.00
N ASN W 320 45.93 -21.13 62.75
CA ASN W 320 46.36 -22.01 63.83
C ASN W 320 47.22 -21.26 64.83
N LEU W 321 48.13 -20.42 64.35
CA LEU W 321 48.97 -19.63 65.24
C LEU W 321 48.14 -18.66 66.07
N ASP W 322 47.09 -18.09 65.47
CA ASP W 322 46.23 -17.17 66.20
C ASP W 322 45.53 -17.87 67.37
N ASN W 323 45.06 -19.10 67.15
CA ASN W 323 44.39 -19.84 68.22
C ASN W 323 45.35 -20.16 69.35
N VAL W 324 46.57 -20.59 69.02
CA VAL W 324 47.54 -20.94 70.05
C VAL W 324 48.01 -19.68 70.78
N ASN W 325 48.23 -18.59 70.04
CA ASN W 325 48.64 -17.34 70.66
C ASN W 325 47.56 -16.85 71.63
N GLU W 326 46.30 -16.95 71.22
CA GLU W 326 45.21 -16.57 72.11
C GLU W 326 45.16 -17.44 73.36
N ASN W 327 45.31 -18.76 73.20
CA ASN W 327 45.20 -19.66 74.33
C ASN W 327 46.33 -19.47 75.32
N VAL W 328 47.56 -19.26 74.83
CA VAL W 328 48.68 -19.08 75.73
C VAL W 328 48.55 -17.77 76.52
N ASN W 329 47.85 -16.78 75.95
CA ASN W 329 47.58 -15.55 76.68
C ASN W 329 46.50 -15.77 77.73
N ALA W 330 45.50 -16.59 77.41
CA ALA W 330 44.46 -16.89 78.40
C ALA W 330 45.04 -17.66 79.58
N SER W 331 45.92 -18.63 79.31
CA SER W 331 46.51 -19.41 80.39
C SER W 331 47.46 -18.56 81.22
N ARG W 332 48.18 -17.62 80.59
CA ARG W 332 49.07 -16.74 81.33
C ARG W 332 48.29 -15.81 82.27
N SER W 333 47.03 -15.53 81.95
CA SER W 333 46.24 -14.65 82.79
C SER W 333 45.95 -15.25 84.15
N ARG W 334 45.98 -16.58 84.26
CA ARG W 334 45.70 -17.28 85.50
C ARG W 334 46.94 -17.52 86.34
N ILE W 335 48.12 -17.10 85.86
CA ILE W 335 49.37 -17.33 86.59
C ILE W 335 50.04 -16.00 86.88
N ARG W 336 50.42 -15.27 85.83
CA ARG W 336 51.19 -14.04 86.01
C ARG W 336 50.29 -12.82 86.21
N ASP W 337 49.34 -12.59 85.30
CA ASP W 337 48.45 -11.45 85.44
C ASP W 337 47.67 -11.54 86.74
N THR W 338 47.63 -10.44 87.48
CA THR W 338 46.97 -10.40 88.78
C THR W 338 45.53 -9.94 88.63
N ASP W 339 44.65 -10.59 89.37
CA ASP W 339 43.27 -10.14 89.45
C ASP W 339 43.16 -8.94 90.39
N TYR W 340 42.05 -8.22 90.29
CA TYR W 340 41.87 -7.01 91.07
C TYR W 340 40.98 -7.20 92.29
N ALA W 341 40.06 -8.16 92.26
CA ALA W 341 39.15 -8.35 93.39
C ALA W 341 39.91 -8.73 94.66
N ARG W 342 40.76 -9.74 94.57
CA ARG W 342 41.50 -10.19 95.75
C ARG W 342 42.53 -9.17 96.20
N GLU W 343 43.23 -8.55 95.25
CA GLU W 343 44.29 -7.60 95.61
C GLU W 343 43.73 -6.36 96.29
N THR W 344 42.61 -5.83 95.79
CA THR W 344 42.01 -4.67 96.44
C THR W 344 41.41 -5.03 97.79
N THR W 345 40.86 -6.24 97.91
CA THR W 345 40.39 -6.71 99.21
C THR W 345 41.53 -6.82 100.21
N ALA W 346 42.66 -7.37 99.78
CA ALA W 346 43.82 -7.48 100.67
C ALA W 346 44.39 -6.12 101.00
N MET W 347 44.38 -5.20 100.03
CA MET W 347 44.93 -3.87 100.27
C MET W 347 44.00 -3.05 101.17
N THR W 348 42.68 -3.21 101.00
CA THR W 348 41.74 -2.57 101.90
C THR W 348 41.90 -3.11 103.32
N LYS W 349 42.07 -4.44 103.44
CA LYS W 349 42.41 -5.02 104.73
C LYS W 349 43.73 -4.50 105.25
N ALA W 350 44.65 -4.15 104.34
CA ALA W 350 45.97 -3.67 104.75
C ALA W 350 45.87 -2.35 105.50
N GLN W 351 45.20 -1.34 104.92
CA GLN W 351 45.08 -0.06 105.59
C GLN W 351 44.37 -0.20 106.93
N ILE W 352 43.30 -0.99 106.96
CA ILE W 352 42.53 -1.17 108.19
C ILE W 352 43.40 -1.81 109.26
N LEU W 353 44.32 -2.70 108.85
CA LEU W 353 45.28 -3.26 109.79
C LEU W 353 46.25 -2.20 110.29
N GLN W 354 46.64 -1.27 109.42
CA GLN W 354 47.53 -0.18 109.87
C GLN W 354 46.86 0.68 110.93
N GLN W 355 45.61 1.07 110.69
CA GLN W 355 44.90 1.89 111.67
C GLN W 355 44.69 1.13 112.97
N ALA W 356 44.39 -0.17 112.88
CA ALA W 356 44.21 -0.97 114.08
C ALA W 356 45.51 -1.06 114.88
N SER W 357 46.63 -1.27 114.20
CA SER W 357 47.91 -1.41 114.89
C SER W 357 48.36 -0.09 115.50
N THR W 358 48.15 1.03 114.79
CA THR W 358 48.50 2.33 115.35
C THR W 358 47.66 2.64 116.59
N SER W 359 46.39 2.25 116.58
CA SER W 359 45.57 2.40 117.78
C SER W 359 46.08 1.50 118.90
N VAL W 360 46.60 0.32 118.55
CA VAL W 360 47.06 -0.63 119.57
C VAL W 360 48.27 -0.07 120.31
N LEU W 361 49.27 0.42 119.57
CA LEU W 361 50.47 0.91 120.22
C LEU W 361 50.30 2.30 120.80
N ALA W 362 49.28 3.06 120.37
CA ALA W 362 49.00 4.35 120.99
C ALA W 362 48.53 4.16 122.43
N GLN W 363 47.61 3.23 122.65
CA GLN W 363 47.14 2.96 124.01
C GLN W 363 48.23 2.28 124.84
N ALA W 364 49.04 1.41 124.21
CA ALA W 364 50.05 0.68 124.95
C ALA W 364 51.23 1.56 125.34
N LYS W 365 51.50 2.63 124.57
CA LYS W 365 52.64 3.49 124.85
C LYS W 365 52.43 4.37 126.07
N GLN W 366 51.22 4.43 126.62
CA GLN W 366 50.95 5.20 127.82
C GLN W 366 51.19 4.39 129.10
N SER W 367 51.65 3.15 128.99
CA SER W 367 52.01 2.38 130.18
C SER W 367 53.09 3.04 131.02
N PRO W 368 54.18 3.58 130.47
CA PRO W 368 55.14 4.31 131.31
C PRO W 368 54.53 5.49 132.04
N SER W 369 53.56 6.18 131.43
CA SER W 369 52.90 7.29 132.10
C SER W 369 52.15 6.80 133.33
N ALA W 370 51.44 5.68 133.21
CA ALA W 370 50.75 5.11 134.36
C ALA W 370 51.73 4.62 135.41
N ALA W 371 52.85 4.04 134.98
CA ALA W 371 53.85 3.53 135.92
C ALA W 371 54.45 4.65 136.76
N LEU W 372 54.75 5.80 136.13
CA LEU W 372 55.30 6.93 136.88
C LEU W 372 54.28 7.46 137.87
N SER W 373 53.02 7.58 137.46
CA SER W 373 51.98 8.14 138.32
C SER W 373 51.57 7.21 139.46
N LEU W 374 51.96 5.94 139.42
CA LEU W 374 51.56 5.01 140.46
C LEU W 374 52.21 5.38 141.80
N LEU W 375 53.52 5.58 141.81
CA LEU W 375 54.24 5.94 143.03
C LEU W 375 55.06 7.20 142.90
N GLY W 376 55.68 7.43 141.74
CA GLY W 376 56.51 8.60 141.53
C GLY W 376 55.70 9.86 141.22
N MET X 1 27.28 -17.49 9.42
CA MET X 1 27.50 -16.16 8.86
C MET X 1 27.27 -15.06 9.88
N ALA X 2 28.30 -14.27 10.13
CA ALA X 2 28.17 -13.11 10.99
C ALA X 2 27.30 -12.05 10.32
N ILE X 3 26.64 -11.24 11.13
CA ILE X 3 25.79 -10.17 10.63
C ILE X 3 26.64 -8.92 10.46
N ASN X 4 26.74 -8.44 9.22
CA ASN X 4 27.63 -7.35 8.85
C ASN X 4 26.84 -6.19 8.28
N VAL X 5 27.45 -5.00 8.32
CA VAL X 5 26.88 -3.80 7.72
C VAL X 5 27.75 -3.28 6.58
N ASN X 6 29.07 -3.29 6.76
CA ASN X 6 29.97 -2.68 5.79
C ASN X 6 29.94 -3.42 4.45
N THR X 7 29.79 -4.73 4.48
CA THR X 7 29.70 -5.53 3.27
C THR X 7 28.35 -6.23 3.20
N ASN X 8 27.81 -6.34 1.99
CA ASN X 8 26.51 -6.94 1.73
C ASN X 8 26.63 -7.91 0.57
N VAL X 9 27.57 -8.85 0.68
CA VAL X 9 27.91 -9.79 -0.38
C VAL X 9 26.68 -10.42 -1.01
N SER X 10 25.61 -10.63 -0.23
CA SER X 10 24.39 -11.22 -0.80
C SER X 10 23.79 -10.29 -1.85
N ALA X 11 23.86 -8.98 -1.63
CA ALA X 11 23.42 -8.03 -2.65
C ALA X 11 24.43 -7.92 -3.79
N MET X 12 25.72 -8.08 -3.50
CA MET X 12 26.72 -8.07 -4.56
C MET X 12 26.46 -9.21 -5.55
N THR X 13 26.06 -10.37 -5.04
CA THR X 13 25.59 -11.43 -5.92
C THR X 13 24.33 -11.02 -6.67
N ALA X 14 23.42 -10.32 -5.99
CA ALA X 14 22.15 -9.93 -6.60
C ALA X 14 22.37 -8.99 -7.79
N GLN X 15 23.25 -7.99 -7.63
CA GLN X 15 23.50 -7.07 -8.74
C GLN X 15 24.46 -7.65 -9.76
N ARG X 16 25.20 -8.70 -9.40
CA ARG X 16 26.04 -9.37 -10.39
C ARG X 16 25.18 -10.08 -11.43
N TYR X 17 24.16 -10.81 -10.97
CA TYR X 17 23.24 -11.46 -11.91
C TYR X 17 22.26 -10.45 -12.50
N LEU X 18 22.01 -9.34 -11.80
CA LEU X 18 21.19 -8.28 -12.37
C LEU X 18 21.86 -7.69 -13.61
N ASN X 19 23.17 -7.45 -13.53
CA ASN X 19 23.89 -6.95 -14.69
C ASN X 19 23.90 -7.98 -15.82
N GLY X 20 24.05 -9.26 -15.47
CA GLY X 20 24.03 -10.30 -16.49
C GLY X 20 22.68 -10.39 -17.18
N ALA X 21 21.60 -10.27 -16.42
CA ALA X 21 20.26 -10.33 -17.01
C ALA X 21 19.98 -9.07 -17.83
N ALA X 22 20.41 -7.91 -17.34
CA ALA X 22 20.20 -6.67 -18.09
C ALA X 22 20.93 -6.71 -19.43
N ASP X 23 22.18 -7.19 -19.44
CA ASP X 23 22.91 -7.33 -20.69
C ASP X 23 22.27 -8.40 -21.58
N GLY X 24 21.72 -9.45 -20.97
CA GLY X 24 21.11 -10.52 -21.74
C GLY X 24 19.90 -10.04 -22.54
N MET X 25 19.13 -9.10 -21.98
CA MET X 25 17.98 -8.57 -22.70
C MET X 25 18.36 -7.42 -23.61
N GLN X 26 19.48 -6.74 -23.33
CA GLN X 26 19.95 -5.70 -24.24
C GLN X 26 20.37 -6.32 -25.57
N LYS X 27 21.03 -7.47 -25.53
CA LYS X 27 21.38 -8.17 -26.76
C LYS X 27 20.13 -8.62 -27.52
N SER X 28 19.14 -9.14 -26.79
CA SER X 28 17.91 -9.58 -27.43
C SER X 28 17.15 -8.40 -28.04
N MET X 29 17.10 -7.27 -27.33
CA MET X 29 16.39 -6.11 -27.85
C MET X 29 17.03 -5.59 -29.13
N GLU X 30 18.37 -5.57 -29.19
CA GLU X 30 19.04 -5.17 -30.42
C GLU X 30 18.74 -6.14 -31.55
N ARG X 31 18.63 -7.44 -31.22
CA ARG X 31 18.31 -8.43 -32.24
C ARG X 31 16.89 -8.26 -32.77
N LEU X 32 15.96 -7.86 -31.90
CA LEU X 32 14.57 -7.70 -32.33
C LEU X 32 14.40 -6.45 -33.18
N SER X 33 15.00 -5.33 -32.76
CA SER X 33 14.84 -4.09 -33.52
C SER X 33 15.51 -4.18 -34.89
N SER X 34 16.74 -4.69 -34.93
CA SER X 34 17.45 -4.79 -36.20
C SER X 34 16.92 -5.93 -37.07
N GLY X 35 16.39 -6.98 -36.45
CA GLY X 35 15.97 -8.15 -37.18
C GLY X 35 17.11 -9.07 -37.58
N TYR X 36 18.31 -8.86 -37.05
CA TYR X 36 19.48 -9.65 -37.40
C TYR X 36 20.06 -10.27 -36.13
N LYS X 37 20.45 -11.55 -36.24
CA LYS X 37 21.10 -12.22 -35.12
C LYS X 37 22.52 -11.73 -34.94
N ILE X 38 23.26 -11.56 -36.04
CA ILE X 38 24.65 -11.12 -35.97
C ILE X 38 24.74 -9.66 -36.38
N ASN X 39 24.68 -8.76 -35.38
CA ASN X 39 24.93 -7.35 -35.62
C ASN X 39 26.40 -6.99 -35.56
N SER X 40 27.20 -7.79 -34.86
CA SER X 40 28.64 -7.58 -34.77
C SER X 40 29.32 -8.93 -34.71
N ALA X 41 30.64 -8.92 -34.95
CA ALA X 41 31.44 -10.14 -34.82
C ALA X 41 31.47 -10.67 -33.40
N ARG X 42 31.06 -9.86 -32.42
CA ARG X 42 30.98 -10.32 -31.04
C ARG X 42 30.04 -11.51 -30.89
N ASP X 43 28.95 -11.54 -31.66
CA ASP X 43 27.99 -12.64 -31.54
C ASP X 43 28.49 -13.90 -32.24
N ASP X 44 28.66 -13.83 -33.56
CA ASP X 44 29.13 -14.95 -34.37
C ASP X 44 30.26 -14.45 -35.26
N ALA X 45 31.47 -14.94 -35.02
CA ALA X 45 32.62 -14.48 -35.79
C ALA X 45 32.58 -15.02 -37.22
N ALA X 46 32.64 -16.34 -37.38
CA ALA X 46 32.56 -16.92 -38.71
C ALA X 46 31.18 -16.77 -39.31
N GLY X 47 30.15 -16.69 -38.45
CA GLY X 47 28.81 -16.44 -38.95
C GLY X 47 28.71 -15.10 -39.67
N LEU X 48 29.36 -14.08 -39.11
CA LEU X 48 29.38 -12.77 -39.77
C LEU X 48 30.13 -12.84 -41.10
N GLN X 49 31.25 -13.56 -41.13
CA GLN X 49 32.05 -13.63 -42.35
C GLN X 49 31.30 -14.36 -43.46
N ILE X 50 30.70 -15.50 -43.14
CA ILE X 50 29.98 -16.25 -44.16
C ILE X 50 28.71 -15.52 -44.59
N SER X 51 28.05 -14.84 -43.65
CA SER X 51 26.86 -14.07 -44.01
C SER X 51 27.22 -12.88 -44.90
N ASN X 52 28.34 -12.21 -44.60
CA ASN X 52 28.77 -11.09 -45.44
C ASN X 52 29.13 -11.56 -46.84
N ARG X 53 29.79 -12.71 -46.96
CA ARG X 53 30.07 -13.28 -48.27
C ARG X 53 28.78 -13.61 -49.02
N LEU X 54 27.79 -14.16 -48.31
CA LEU X 54 26.52 -14.47 -48.94
C LEU X 54 25.76 -13.20 -49.29
N THR X 55 25.90 -12.14 -48.49
CA THR X 55 25.30 -10.85 -48.83
C THR X 55 25.90 -10.30 -50.12
N SER X 56 27.23 -10.22 -50.18
CA SER X 56 27.89 -9.71 -51.37
C SER X 56 27.60 -10.58 -52.58
N GLN X 57 27.50 -11.89 -52.38
CA GLN X 57 27.09 -12.78 -53.46
C GLN X 57 25.68 -12.45 -53.92
N SER X 58 24.77 -12.19 -52.98
CA SER X 58 23.40 -11.84 -53.33
C SER X 58 23.35 -10.54 -54.13
N ARG X 59 24.10 -9.52 -53.69
CA ARG X 59 24.16 -8.28 -54.46
C ARG X 59 24.71 -8.52 -55.85
N GLY X 60 25.69 -9.42 -55.97
CA GLY X 60 26.20 -9.77 -57.28
C GLY X 60 25.18 -10.47 -58.16
N LEU X 61 24.34 -11.31 -57.55
CA LEU X 61 23.35 -12.05 -58.32
C LEU X 61 22.18 -11.17 -58.76
N ASP X 62 21.76 -10.24 -57.90
CA ASP X 62 20.78 -9.24 -58.33
C ASP X 62 21.36 -8.33 -59.40
N MET X 63 22.66 -8.05 -59.32
CA MET X 63 23.32 -7.20 -60.29
C MET X 63 23.42 -7.94 -61.62
N ALA X 64 23.90 -9.19 -61.58
CA ALA X 64 24.16 -9.96 -62.78
C ALA X 64 22.91 -10.18 -63.62
N VAL X 65 21.76 -10.45 -62.99
CA VAL X 65 20.54 -10.64 -63.76
C VAL X 65 20.16 -9.36 -64.48
N LYS X 66 20.43 -8.21 -63.87
CA LYS X 66 20.23 -6.93 -64.55
C LYS X 66 21.17 -6.81 -65.75
N ASN X 67 22.42 -7.23 -65.59
CA ASN X 67 23.37 -7.16 -66.70
C ASN X 67 22.97 -8.06 -67.85
N ALA X 68 22.57 -9.31 -67.54
CA ALA X 68 22.14 -10.22 -68.59
C ALA X 68 20.85 -9.74 -69.24
N ASN X 69 20.00 -9.04 -68.48
CA ASN X 69 18.84 -8.40 -69.09
C ASN X 69 19.26 -7.32 -70.08
N ASP X 70 20.30 -6.55 -69.75
CA ASP X 70 20.82 -5.57 -70.69
C ASP X 70 21.39 -6.24 -71.93
N GLY X 71 22.08 -7.37 -71.76
CA GLY X 71 22.54 -8.12 -72.92
C GLY X 71 21.40 -8.65 -73.75
N ILE X 72 20.30 -9.03 -73.11
CA ILE X 72 19.10 -9.44 -73.83
C ILE X 72 18.52 -8.26 -74.60
N SER X 73 18.53 -7.06 -74.00
CA SER X 73 17.99 -5.89 -74.66
C SER X 73 18.82 -5.51 -75.89
N ILE X 74 20.15 -5.57 -75.77
CA ILE X 74 21.01 -5.26 -76.92
C ILE X 74 20.80 -6.28 -78.02
N ALA X 75 20.70 -7.56 -77.66
CA ALA X 75 20.41 -8.60 -78.65
C ALA X 75 19.04 -8.40 -79.28
N GLN X 76 18.04 -8.02 -78.47
CA GLN X 76 16.69 -7.79 -79.01
C GLN X 76 16.66 -6.60 -79.96
N THR X 77 17.28 -5.49 -79.56
CA THR X 77 17.29 -4.31 -80.43
C THR X 77 18.01 -4.59 -81.73
N ALA X 78 19.10 -5.37 -81.67
CA ALA X 78 19.77 -5.80 -82.89
C ALA X 78 18.84 -6.65 -83.75
N GLU X 79 18.22 -7.68 -83.15
CA GLU X 79 17.44 -8.64 -83.94
C GLU X 79 16.30 -7.95 -84.69
N GLY X 80 15.65 -6.98 -84.05
CA GLY X 80 14.65 -6.19 -84.75
C GLY X 80 15.24 -5.44 -85.93
N ALA X 81 16.50 -5.03 -85.82
CA ALA X 81 17.17 -4.38 -86.94
C ALA X 81 17.49 -5.36 -88.05
N MET X 82 17.81 -6.62 -87.72
CA MET X 82 17.97 -7.61 -88.79
C MET X 82 16.64 -7.98 -89.45
N ASN X 83 15.53 -7.82 -88.72
CA ASN X 83 14.22 -8.21 -89.27
C ASN X 83 13.87 -7.38 -90.50
N GLU X 84 14.11 -6.06 -90.43
CA GLU X 84 13.88 -5.22 -91.60
C GLU X 84 14.96 -5.44 -92.66
N THR X 85 16.18 -5.77 -92.24
CA THR X 85 17.23 -6.08 -93.21
C THR X 85 16.86 -7.30 -94.05
N THR X 86 16.32 -8.34 -93.42
CA THR X 86 15.88 -9.51 -94.16
C THR X 86 14.73 -9.17 -95.11
N ASN X 87 13.77 -8.38 -94.65
CA ASN X 87 12.62 -8.03 -95.48
C ASN X 87 13.05 -7.20 -96.69
N ILE X 88 14.00 -6.28 -96.48
CA ILE X 88 14.51 -5.49 -97.60
C ILE X 88 15.19 -6.39 -98.62
N LEU X 89 16.05 -7.30 -98.15
CA LEU X 89 16.80 -8.15 -99.07
C LEU X 89 15.88 -9.06 -99.87
N GLN X 90 14.80 -9.55 -99.25
CA GLN X 90 13.81 -10.32 -100.00
C GLN X 90 13.15 -9.47 -101.08
N ARG X 91 12.90 -8.19 -100.79
CA ARG X 91 12.31 -7.31 -101.78
C ARG X 91 13.25 -7.08 -102.96
N MET X 92 14.53 -6.88 -102.68
CA MET X 92 15.49 -6.72 -103.77
C MET X 92 15.70 -8.03 -104.53
N ARG X 93 15.58 -9.17 -103.85
CA ARG X 93 15.60 -10.46 -104.56
C ARG X 93 14.41 -10.58 -105.50
N ASP X 94 13.23 -10.15 -105.06
CA ASP X 94 12.05 -10.18 -105.92
C ASP X 94 12.24 -9.28 -107.13
N LEU X 95 12.76 -8.06 -106.92
CA LEU X 95 12.96 -7.13 -108.02
C LEU X 95 14.00 -7.65 -109.01
N ALA X 96 15.07 -8.27 -108.50
CA ALA X 96 16.09 -8.81 -109.39
C ALA X 96 15.54 -9.92 -110.27
N LEU X 97 14.70 -10.78 -109.70
CA LEU X 97 14.07 -11.83 -110.49
C LEU X 97 13.16 -11.25 -111.57
N GLN X 98 12.45 -10.17 -111.23
CA GLN X 98 11.58 -9.51 -112.21
C GLN X 98 12.39 -8.88 -113.33
N SER X 99 13.53 -8.29 -113.00
CA SER X 99 14.33 -7.58 -114.00
C SER X 99 14.94 -8.53 -115.03
N SER X 100 15.26 -9.76 -114.63
CA SER X 100 15.91 -10.69 -115.55
C SER X 100 14.97 -11.20 -116.64
N ASN X 101 13.67 -10.90 -116.56
CA ASN X 101 12.74 -11.33 -117.59
C ASN X 101 13.09 -10.67 -118.93
N GLY X 102 12.92 -11.43 -120.01
CA GLY X 102 13.26 -10.93 -121.34
C GLY X 102 12.27 -9.94 -121.90
N SER X 103 11.05 -9.89 -121.36
CA SER X 103 10.05 -8.94 -121.86
C SER X 103 10.40 -7.51 -121.50
N ASN X 104 11.03 -7.29 -120.35
CA ASN X 104 11.36 -5.95 -119.91
C ASN X 104 12.38 -5.30 -120.84
N SER X 105 12.12 -4.06 -121.23
CA SER X 105 13.06 -3.29 -122.04
C SER X 105 14.02 -2.55 -121.11
N SER X 106 14.87 -1.70 -121.69
CA SER X 106 15.85 -0.96 -120.89
C SER X 106 15.17 -0.02 -119.91
N SER X 107 14.09 0.65 -120.35
CA SER X 107 13.42 1.63 -119.50
C SER X 107 12.85 0.99 -118.24
N GLU X 108 12.23 -0.19 -118.38
CA GLU X 108 11.70 -0.88 -117.20
C GLU X 108 12.82 -1.27 -116.25
N ARG X 109 13.96 -1.71 -116.78
CA ARG X 109 15.08 -2.07 -115.92
C ARG X 109 15.59 -0.87 -115.13
N ARG X 110 15.60 0.32 -115.75
CA ARG X 110 15.97 1.53 -115.03
C ARG X 110 14.98 1.82 -113.90
N ALA X 111 13.69 1.59 -114.14
CA ALA X 111 12.70 1.79 -113.09
C ALA X 111 12.94 0.84 -111.93
N ILE X 112 13.30 -0.42 -112.23
CA ILE X 112 13.63 -1.38 -111.18
C ILE X 112 14.87 -0.93 -110.44
N GLN X 113 15.87 -0.43 -111.16
CA GLN X 113 17.13 -0.02 -110.55
C GLN X 113 16.90 1.15 -109.59
N GLU X 114 16.05 2.11 -109.97
CA GLU X 114 15.75 3.22 -109.07
C GLU X 114 15.11 2.72 -107.78
N GLU X 115 14.33 1.64 -107.86
CA GLU X 115 13.78 1.05 -106.64
C GLU X 115 14.87 0.32 -105.86
N VAL X 116 15.72 -0.44 -106.54
CA VAL X 116 16.76 -1.21 -105.88
C VAL X 116 17.76 -0.30 -105.20
N SER X 117 18.18 0.77 -105.89
CA SER X 117 19.13 1.71 -105.29
C SER X 117 18.53 2.43 -104.09
N ALA X 118 17.24 2.76 -104.16
CA ALA X 118 16.57 3.38 -103.02
C ALA X 118 16.55 2.44 -101.83
N LEU X 119 16.35 1.15 -102.08
CA LEU X 119 16.40 0.17 -101.00
C LEU X 119 17.84 -0.08 -100.53
N ASN X 120 18.80 0.02 -101.45
CA ASN X 120 20.20 -0.18 -101.10
C ASN X 120 20.69 0.87 -100.12
N ASP X 121 20.32 2.13 -100.35
CA ASP X 121 20.64 3.18 -99.39
C ASP X 121 19.91 2.97 -98.08
N GLU X 122 18.72 2.37 -98.13
CA GLU X 122 17.97 2.07 -96.91
C GLU X 122 18.72 1.04 -96.07
N LEU X 123 19.38 0.08 -96.70
CA LEU X 123 20.15 -0.92 -95.97
C LEU X 123 21.29 -0.27 -95.19
N ASN X 124 22.01 0.65 -95.82
CA ASN X 124 23.09 1.35 -95.13
C ASN X 124 22.57 2.21 -94.00
N ARG X 125 21.43 2.89 -94.23
CA ARG X 125 20.85 3.72 -93.19
C ARG X 125 20.45 2.88 -91.98
N ILE X 126 19.93 1.67 -92.21
CA ILE X 126 19.61 0.78 -91.10
C ILE X 126 20.87 0.38 -90.36
N ALA X 127 21.95 0.09 -91.09
CA ALA X 127 23.18 -0.34 -90.44
C ALA X 127 23.77 0.76 -89.57
N GLU X 128 23.73 2.02 -90.03
CA GLU X 128 24.36 3.10 -89.29
C GLU X 128 23.48 3.61 -88.16
N THR X 129 22.25 4.02 -88.47
CA THR X 129 21.42 4.72 -87.51
C THR X 129 20.90 3.82 -86.40
N THR X 130 20.91 2.51 -86.57
CA THR X 130 20.47 1.61 -85.51
C THR X 130 21.40 1.71 -84.32
N SER X 131 20.83 2.01 -83.15
CA SER X 131 21.64 2.23 -81.96
C SER X 131 20.82 1.88 -80.73
N PHE X 132 21.54 1.64 -79.63
CA PHE X 132 20.94 1.37 -78.33
C PHE X 132 21.50 2.39 -77.35
N GLY X 133 20.76 3.45 -77.12
CA GLY X 133 21.24 4.54 -76.28
C GLY X 133 22.43 5.27 -76.86
N GLY X 134 22.47 5.45 -78.18
CA GLY X 134 23.57 6.11 -78.85
C GLY X 134 24.71 5.21 -79.24
N ASN X 135 24.69 3.94 -78.85
CA ASN X 135 25.74 2.98 -79.17
C ASN X 135 25.32 2.21 -80.42
N LYS X 136 26.02 2.44 -81.52
CA LYS X 136 25.70 1.77 -82.77
C LYS X 136 25.88 0.25 -82.62
N LEU X 137 24.96 -0.50 -83.23
CA LEU X 137 24.92 -1.94 -83.07
C LEU X 137 25.19 -2.73 -84.34
N LEU X 138 25.03 -2.13 -85.52
CA LEU X 138 25.12 -2.86 -86.77
C LEU X 138 26.14 -2.32 -87.77
N ASN X 139 26.71 -1.14 -87.52
CA ASN X 139 27.67 -0.56 -88.47
C ASN X 139 29.05 -1.19 -88.37
N GLY X 140 29.28 -2.08 -87.41
CA GLY X 140 30.58 -2.69 -87.23
C GLY X 140 31.45 -2.03 -86.18
N SER X 141 31.05 -0.88 -85.64
CA SER X 141 31.81 -0.22 -84.59
C SER X 141 31.64 -0.89 -83.24
N PHE X 142 30.69 -1.83 -83.11
CA PHE X 142 30.51 -2.53 -81.84
C PHE X 142 31.66 -3.50 -81.59
N GLY X 143 32.11 -4.20 -82.62
CA GLY X 143 33.14 -5.20 -82.43
C GLY X 143 32.61 -6.34 -81.58
N SER X 144 33.31 -6.63 -80.48
CA SER X 144 32.88 -7.65 -79.53
C SER X 144 33.08 -7.13 -78.11
N LYS X 145 32.05 -7.30 -77.27
CA LYS X 145 32.09 -6.83 -75.90
C LYS X 145 31.53 -7.93 -74.99
N SER X 146 31.96 -7.90 -73.74
CA SER X 146 31.66 -8.93 -72.76
C SER X 146 30.60 -8.46 -71.79
N PHE X 147 29.61 -9.32 -71.55
CA PHE X 147 28.53 -9.04 -70.61
C PHE X 147 28.76 -9.83 -69.32
N GLN X 148 28.96 -9.10 -68.22
CA GLN X 148 29.29 -9.71 -66.93
C GLN X 148 28.00 -10.24 -66.30
N ILE X 149 27.90 -11.55 -66.17
CA ILE X 149 26.64 -12.18 -65.76
C ILE X 149 26.82 -13.01 -64.50
N GLY X 150 27.78 -12.63 -63.65
CA GLY X 150 28.04 -13.39 -62.45
C GLY X 150 28.29 -12.48 -61.27
N ALA X 151 28.25 -13.07 -60.08
CA ALA X 151 28.55 -12.37 -58.85
C ALA X 151 30.04 -12.30 -58.56
N ASP X 152 30.87 -12.89 -59.41
CA ASP X 152 32.31 -12.91 -59.24
C ASP X 152 32.96 -12.46 -60.55
N SER X 153 33.96 -11.58 -60.44
CA SER X 153 34.61 -11.03 -61.62
C SER X 153 35.30 -12.13 -62.42
N GLY X 154 35.28 -11.97 -63.73
CA GLY X 154 35.97 -12.89 -64.63
C GLY X 154 35.13 -14.00 -65.22
N GLU X 155 33.81 -13.86 -65.24
CA GLU X 155 32.91 -14.87 -65.77
C GLU X 155 31.83 -14.23 -66.65
N ALA X 156 32.27 -13.32 -67.51
CA ALA X 156 31.40 -12.67 -68.48
C ALA X 156 31.25 -13.54 -69.73
N VAL X 157 30.55 -13.01 -70.73
CA VAL X 157 30.28 -13.71 -71.97
C VAL X 157 30.45 -12.74 -73.14
N MET X 158 31.17 -13.17 -74.17
CA MET X 158 31.48 -12.33 -75.32
C MET X 158 30.40 -12.40 -76.39
N LEU X 159 30.08 -11.25 -76.97
CA LEU X 159 29.10 -11.14 -78.04
C LEU X 159 29.74 -10.43 -79.22
N SER X 160 29.56 -11.00 -80.42
CA SER X 160 30.06 -10.41 -81.64
C SER X 160 28.92 -10.23 -82.63
N MET X 161 28.93 -9.11 -83.35
CA MET X 161 27.96 -8.85 -84.41
C MET X 161 28.66 -7.97 -85.45
N GLY X 162 29.01 -8.57 -86.58
CA GLY X 162 29.75 -7.85 -87.59
C GLY X 162 28.92 -6.79 -88.29
N SER X 163 29.62 -5.94 -89.03
CA SER X 163 28.95 -4.89 -89.78
C SER X 163 28.04 -5.50 -90.84
N MET X 164 26.80 -5.02 -90.90
CA MET X 164 25.87 -5.41 -91.94
C MET X 164 25.52 -4.24 -92.85
N ARG X 165 26.50 -3.39 -93.12
CA ARG X 165 26.39 -2.48 -94.25
C ARG X 165 26.36 -3.29 -95.54
N SER X 166 25.76 -2.70 -96.58
CA SER X 166 25.54 -3.46 -97.81
C SER X 166 26.84 -3.81 -98.53
N ASP X 167 27.95 -3.20 -98.15
CA ASP X 167 29.23 -3.43 -98.80
C ASP X 167 30.12 -4.42 -98.05
N THR X 168 29.59 -5.09 -97.03
CA THR X 168 30.38 -6.05 -96.27
C THR X 168 30.73 -7.25 -97.14
N GLN X 169 31.96 -7.75 -96.99
CA GLN X 169 32.39 -8.90 -97.77
C GLN X 169 31.57 -10.14 -97.46
N ALA X 170 31.05 -10.25 -96.23
CA ALA X 170 30.21 -11.38 -95.87
C ALA X 170 28.82 -11.31 -96.50
N MET X 171 28.48 -10.21 -97.16
CA MET X 171 27.20 -10.03 -97.83
C MET X 171 27.38 -9.96 -99.34
N GLY X 172 28.25 -10.82 -99.88
CA GLY X 172 28.52 -10.84 -101.29
C GLY X 172 29.25 -12.10 -101.73
N GLY X 173 30.24 -11.93 -102.60
CA GLY X 173 31.00 -13.08 -103.08
C GLY X 173 31.92 -12.69 -104.21
N LYS X 174 32.23 -13.66 -105.05
CA LYS X 174 33.09 -13.47 -106.21
C LYS X 174 32.35 -13.93 -107.46
N SER X 175 32.43 -13.12 -108.51
CA SER X 175 31.75 -13.39 -109.77
C SER X 175 32.80 -13.64 -110.85
N TYR X 176 32.64 -14.74 -111.59
CA TYR X 176 33.55 -15.13 -112.65
C TYR X 176 32.78 -15.10 -113.96
N ARG X 177 33.37 -14.48 -114.98
CA ARG X 177 32.66 -14.14 -116.20
C ARG X 177 33.31 -14.83 -117.38
N ALA X 178 32.49 -15.49 -118.20
CA ALA X 178 32.99 -16.16 -119.40
C ALA X 178 33.49 -15.13 -120.41
N GLN X 179 34.60 -15.45 -121.07
CA GLN X 179 35.15 -14.58 -122.09
C GLN X 179 34.55 -14.81 -123.48
N GLU X 180 33.79 -15.88 -123.67
CA GLU X 180 33.23 -16.22 -124.97
C GLU X 180 31.71 -16.27 -124.89
N GLY X 181 31.05 -15.71 -125.89
CA GLY X 181 29.61 -15.69 -125.96
C GLY X 181 29.07 -16.80 -126.83
N LYS X 182 28.29 -17.69 -126.22
CA LYS X 182 27.66 -18.80 -126.91
C LYS X 182 26.20 -18.43 -127.19
N ALA X 183 25.82 -18.47 -128.47
CA ALA X 183 24.48 -18.07 -128.86
C ALA X 183 23.47 -19.16 -128.48
N ALA X 184 22.21 -18.93 -128.85
CA ALA X 184 21.14 -19.87 -128.54
C ALA X 184 21.31 -21.20 -129.28
N ASP X 185 22.05 -21.23 -130.38
CA ASP X 185 22.23 -22.43 -131.16
C ASP X 185 23.46 -23.25 -130.75
N TRP X 186 24.18 -22.81 -129.73
CA TRP X 186 25.38 -23.54 -129.30
C TRP X 186 24.97 -24.75 -128.47
N ARG X 187 25.37 -25.94 -128.94
CA ARG X 187 25.12 -27.19 -128.24
C ARG X 187 26.45 -27.78 -127.78
N VAL X 188 26.43 -28.40 -126.59
CA VAL X 188 27.66 -28.93 -126.01
C VAL X 188 28.21 -30.04 -126.89
N GLY X 189 29.51 -29.98 -127.16
CA GLY X 189 30.17 -30.95 -128.01
C GLY X 189 30.60 -32.20 -127.27
N ALA X 190 31.60 -32.88 -127.85
CA ALA X 190 32.09 -34.13 -127.28
C ALA X 190 32.93 -33.94 -126.03
N ALA X 191 33.37 -32.72 -125.75
CA ALA X 191 34.12 -32.40 -124.53
C ALA X 191 33.21 -31.55 -123.65
N THR X 192 32.71 -32.15 -122.57
CA THR X 192 31.70 -31.50 -121.74
C THR X 192 32.09 -31.38 -120.27
N ASP X 193 33.04 -32.17 -119.78
CA ASP X 193 33.39 -32.13 -118.37
C ASP X 193 33.98 -30.76 -118.00
N LEU X 194 33.76 -30.37 -116.75
CA LEU X 194 34.15 -29.04 -116.28
C LEU X 194 34.26 -29.11 -114.76
N THR X 195 35.46 -28.88 -114.24
CA THR X 195 35.79 -29.13 -112.84
C THR X 195 36.06 -27.80 -112.14
N LEU X 196 35.53 -27.67 -110.92
CA LEU X 196 35.73 -26.49 -110.10
C LEU X 196 36.53 -26.89 -108.86
N SER X 197 37.72 -26.32 -108.69
CA SER X 197 38.56 -26.55 -107.53
C SER X 197 38.61 -25.28 -106.71
N TYR X 198 38.18 -25.37 -105.46
CA TYR X 198 38.19 -24.21 -104.56
C TYR X 198 38.34 -24.71 -103.13
N THR X 199 38.14 -23.81 -102.17
CA THR X 199 38.27 -24.13 -100.76
C THR X 199 37.03 -23.65 -100.02
N ASN X 200 36.29 -24.59 -99.43
CA ASN X 200 35.17 -24.21 -98.59
C ASN X 200 35.68 -23.49 -97.34
N LYS X 201 34.84 -22.61 -96.81
CA LYS X 201 35.28 -21.75 -95.70
C LYS X 201 35.57 -22.52 -94.42
N GLN X 202 35.14 -23.78 -94.33
CA GLN X 202 35.48 -24.60 -93.17
C GLN X 202 36.97 -24.90 -93.09
N GLY X 203 37.68 -24.80 -94.21
CA GLY X 203 39.09 -25.04 -94.26
C GLY X 203 39.55 -26.29 -95.00
N GLU X 204 38.79 -26.75 -96.00
CA GLU X 204 39.13 -27.95 -96.75
C GLU X 204 39.02 -27.67 -98.24
N ALA X 205 39.85 -28.38 -99.02
CA ALA X 205 39.80 -28.27 -100.47
C ALA X 205 38.67 -29.13 -101.02
N ARG X 206 37.94 -28.56 -101.98
CA ARG X 206 36.78 -29.24 -102.57
C ARG X 206 36.97 -29.32 -104.08
N GLU X 207 36.81 -30.53 -104.62
CA GLU X 207 36.84 -30.77 -106.05
C GLU X 207 35.44 -31.17 -106.52
N VAL X 208 34.89 -30.41 -107.46
CA VAL X 208 33.56 -30.67 -107.99
C VAL X 208 33.69 -30.97 -109.47
N THR X 209 33.29 -32.17 -109.88
CA THR X 209 33.35 -32.60 -111.27
C THR X 209 31.93 -32.61 -111.83
N ILE X 210 31.71 -31.81 -112.87
CA ILE X 210 30.41 -31.68 -113.51
C ILE X 210 30.53 -32.18 -114.93
N ASN X 211 29.67 -33.11 -115.31
CA ASN X 211 29.62 -33.67 -116.67
C ASN X 211 28.25 -33.31 -117.24
N ALA X 212 28.18 -32.17 -117.91
CA ALA X 212 26.91 -31.70 -118.47
C ALA X 212 26.42 -32.62 -119.57
N LYS X 213 25.10 -32.75 -119.68
CA LYS X 213 24.51 -33.54 -120.74
C LYS X 213 24.71 -32.85 -122.09
N GLN X 214 25.01 -33.66 -123.10
CA GLN X 214 25.22 -33.12 -124.44
C GLN X 214 23.91 -32.59 -125.02
N GLY X 215 24.04 -31.75 -126.05
CA GLY X 215 22.88 -31.15 -126.68
C GLY X 215 22.10 -30.19 -125.79
N ASP X 216 22.80 -29.33 -125.06
CA ASP X 216 22.19 -28.39 -124.13
C ASP X 216 22.65 -26.99 -124.45
N ASP X 217 21.71 -26.04 -124.52
CA ASP X 217 22.06 -24.65 -124.70
C ASP X 217 22.57 -24.06 -123.38
N LEU X 218 22.88 -22.77 -123.38
CA LEU X 218 23.53 -22.19 -122.22
C LEU X 218 22.57 -21.99 -121.05
N GLU X 219 21.28 -21.74 -121.34
CA GLU X 219 20.31 -21.67 -120.26
C GLU X 219 20.17 -23.02 -119.56
N GLU X 220 20.11 -24.11 -120.33
CA GLU X 220 20.02 -25.43 -119.74
C GLU X 220 21.29 -25.78 -118.97
N LEU X 221 22.46 -25.45 -119.52
CA LEU X 221 23.71 -25.74 -118.85
C LEU X 221 23.84 -24.95 -117.55
N ALA X 222 23.40 -23.69 -117.55
CA ALA X 222 23.45 -22.90 -116.32
C ALA X 222 22.52 -23.47 -115.26
N THR X 223 21.43 -24.11 -115.67
CA THR X 223 20.54 -24.75 -114.72
C THR X 223 21.13 -26.07 -114.21
N TYR X 224 21.84 -26.79 -115.07
CA TYR X 224 22.46 -28.03 -114.65
C TYR X 224 23.57 -27.79 -113.63
N ILE X 225 24.43 -26.80 -113.88
CA ILE X 225 25.47 -26.45 -112.92
C ILE X 225 24.84 -25.95 -111.63
N ASN X 226 23.74 -25.20 -111.74
CA ASN X 226 23.06 -24.69 -110.56
C ASN X 226 22.50 -25.82 -109.71
N GLY X 227 21.86 -26.82 -110.35
CA GLY X 227 21.20 -27.87 -109.61
C GLY X 227 22.12 -28.99 -109.15
N GLN X 228 23.26 -29.19 -109.81
CA GLN X 228 24.16 -30.27 -109.44
C GLN X 228 24.85 -29.97 -108.10
N THR X 229 25.31 -28.74 -107.91
CA THR X 229 26.05 -28.35 -106.72
C THR X 229 25.47 -27.06 -106.14
N GLU X 230 25.54 -26.95 -104.82
CA GLU X 230 25.06 -25.77 -104.12
C GLU X 230 26.15 -24.72 -103.90
N ASP X 231 27.41 -25.13 -103.93
CA ASP X 231 28.51 -24.20 -103.66
C ASP X 231 28.57 -23.07 -104.68
N VAL X 232 28.15 -23.33 -105.92
CA VAL X 232 28.26 -22.36 -107.00
C VAL X 232 26.90 -22.19 -107.65
N LYS X 233 26.49 -20.94 -107.85
CA LYS X 233 25.28 -20.58 -108.57
C LYS X 233 25.66 -20.00 -109.93
N ALA X 234 25.03 -20.51 -110.98
CA ALA X 234 25.38 -20.15 -112.35
C ALA X 234 24.25 -19.36 -113.01
N SER X 235 24.61 -18.58 -114.02
CA SER X 235 23.65 -17.75 -114.74
C SER X 235 24.18 -17.50 -116.15
N VAL X 236 23.36 -16.81 -116.95
CA VAL X 236 23.71 -16.46 -118.33
C VAL X 236 23.47 -14.97 -118.53
N GLY X 237 24.42 -14.29 -119.19
CA GLY X 237 24.37 -12.85 -119.35
C GLY X 237 23.65 -12.41 -120.60
N GLU X 238 23.84 -11.13 -120.94
CA GLU X 238 23.20 -10.55 -122.12
C GLU X 238 23.70 -11.21 -123.39
N ASP X 239 25.02 -11.27 -123.56
CA ASP X 239 25.60 -11.80 -124.79
C ASP X 239 25.56 -13.31 -124.87
N GLY X 240 25.17 -13.98 -123.79
CA GLY X 240 25.14 -15.43 -123.77
C GLY X 240 26.46 -16.01 -123.29
N LYS X 241 27.04 -15.41 -122.25
CA LYS X 241 28.29 -15.86 -121.67
C LYS X 241 28.04 -16.29 -120.24
N LEU X 242 28.42 -17.51 -119.91
CA LEU X 242 28.08 -18.10 -118.62
C LEU X 242 28.81 -17.40 -117.49
N GLN X 243 28.09 -17.08 -116.43
CA GLN X 243 28.64 -16.38 -115.27
C GLN X 243 28.42 -17.21 -114.01
N LEU X 244 29.47 -17.35 -113.21
CA LEU X 244 29.40 -18.08 -111.95
C LEU X 244 29.48 -17.09 -110.79
N PHE X 245 29.16 -17.58 -109.60
CA PHE X 245 29.19 -16.77 -108.39
C PHE X 245 29.45 -17.67 -107.19
N ALA X 246 30.66 -17.61 -106.65
CA ALA X 246 31.04 -18.34 -105.45
C ALA X 246 30.95 -17.39 -104.27
N SER X 247 30.06 -17.70 -103.33
CA SER X 247 29.81 -16.82 -102.20
C SER X 247 31.07 -16.69 -101.33
N SER X 248 31.13 -15.58 -100.59
CA SER X 248 32.26 -15.31 -99.72
C SER X 248 32.17 -15.99 -98.37
N GLN X 249 31.04 -16.64 -98.07
CA GLN X 249 30.89 -17.39 -96.83
C GLN X 249 31.15 -18.88 -97.01
N LYS X 250 31.22 -19.36 -98.25
CA LYS X 250 31.46 -20.76 -98.52
C LYS X 250 32.62 -21.03 -99.45
N VAL X 251 33.25 -20.00 -100.01
CA VAL X 251 34.40 -20.15 -100.89
C VAL X 251 35.39 -19.03 -100.58
N ASN X 252 36.57 -19.38 -100.10
CA ASN X 252 37.65 -18.44 -99.86
C ASN X 252 38.77 -18.71 -100.86
N GLY X 253 39.21 -17.67 -101.56
CA GLY X 253 40.19 -17.80 -102.61
C GLY X 253 39.55 -17.97 -103.98
N ASP X 254 40.39 -17.84 -105.00
CA ASP X 254 39.91 -17.92 -106.38
C ASP X 254 39.43 -19.33 -106.71
N VAL X 255 38.40 -19.40 -107.53
CA VAL X 255 37.86 -20.68 -107.99
C VAL X 255 38.60 -21.07 -109.27
N THR X 256 39.21 -22.25 -109.27
CA THR X 256 39.94 -22.76 -110.41
C THR X 256 39.03 -23.61 -111.26
N ILE X 257 38.93 -23.29 -112.55
CA ILE X 257 38.06 -23.98 -113.48
C ILE X 257 38.91 -24.64 -114.55
N GLY X 258 38.72 -25.94 -114.75
CA GLY X 258 39.45 -26.70 -115.74
C GLY X 258 38.55 -27.69 -116.45
N GLY X 259 39.15 -28.46 -117.34
CA GLY X 259 38.45 -29.47 -118.10
C GLY X 259 38.20 -29.02 -119.54
N GLY X 260 37.54 -29.90 -120.28
CA GLY X 260 37.27 -29.62 -121.68
C GLY X 260 36.32 -28.46 -121.88
N LEU X 261 35.22 -28.42 -121.11
CA LEU X 261 34.25 -27.35 -121.27
C LEU X 261 34.80 -26.02 -120.76
N GLY X 262 35.56 -26.05 -119.67
CA GLY X 262 36.20 -24.83 -119.18
C GLY X 262 37.17 -24.24 -120.18
N GLY X 263 37.92 -25.10 -120.88
CA GLY X 263 38.81 -24.60 -121.92
C GLY X 263 38.06 -24.03 -123.11
N GLU X 264 36.92 -24.63 -123.46
CA GLU X 264 36.13 -24.15 -124.59
C GLU X 264 35.48 -22.81 -124.28
N ILE X 265 34.86 -22.70 -123.10
CA ILE X 265 34.16 -21.47 -122.75
C ILE X 265 35.16 -20.35 -122.46
N GLY X 266 36.18 -20.64 -121.65
CA GLY X 266 37.13 -19.63 -121.25
C GLY X 266 36.58 -18.76 -120.12
N PHE X 267 37.41 -18.49 -119.12
CA PHE X 267 36.94 -17.77 -117.93
C PHE X 267 37.93 -16.66 -117.60
N ASP X 268 37.42 -15.64 -116.91
CA ASP X 268 38.18 -14.47 -116.53
C ASP X 268 38.47 -14.50 -115.03
N ALA X 269 39.08 -13.41 -114.54
CA ALA X 269 39.41 -13.31 -113.14
C ALA X 269 38.14 -13.05 -112.31
N GLY X 270 38.23 -13.38 -111.02
CA GLY X 270 37.11 -13.22 -110.12
C GLY X 270 36.94 -11.79 -109.62
N ARG X 271 35.82 -11.16 -109.97
CA ARG X 271 35.51 -9.82 -109.54
C ARG X 271 34.69 -9.85 -108.25
N ASN X 272 35.22 -9.24 -107.20
CA ASN X 272 34.50 -9.18 -105.94
C ASN X 272 33.25 -8.31 -106.10
N VAL X 273 32.11 -8.81 -105.62
CA VAL X 273 30.84 -8.13 -105.74
C VAL X 273 30.11 -8.19 -104.40
N THR X 274 29.25 -7.21 -104.16
CA THR X 274 28.46 -7.14 -102.94
C THR X 274 27.08 -6.61 -103.27
N VAL X 275 26.27 -6.39 -102.23
CA VAL X 275 24.92 -5.85 -102.43
C VAL X 275 24.99 -4.43 -102.97
N ALA X 276 25.98 -3.65 -102.52
CA ALA X 276 26.14 -2.29 -103.00
C ALA X 276 26.62 -2.22 -104.44
N ASP X 277 27.09 -3.33 -105.01
CA ASP X 277 27.53 -3.41 -106.39
C ASP X 277 26.45 -3.93 -107.32
N VAL X 278 25.23 -4.15 -106.81
CA VAL X 278 24.17 -4.73 -107.60
C VAL X 278 23.74 -3.74 -108.69
N ASN X 279 23.80 -4.19 -109.95
CA ASN X 279 23.44 -3.38 -111.10
C ASN X 279 22.45 -4.19 -111.93
N VAL X 280 21.15 -3.91 -111.79
CA VAL X 280 20.12 -4.71 -112.42
C VAL X 280 19.71 -4.11 -113.75
N SER X 281 20.54 -3.22 -114.30
CA SER X 281 20.23 -2.62 -115.59
C SER X 281 20.32 -3.62 -116.74
N THR X 282 21.02 -4.74 -116.54
CA THR X 282 21.14 -5.79 -117.54
C THR X 282 20.71 -7.11 -116.93
N VAL X 283 20.36 -8.06 -117.81
CA VAL X 283 19.95 -9.38 -117.33
C VAL X 283 21.11 -10.07 -116.61
N ALA X 284 22.34 -9.83 -117.09
CA ALA X 284 23.51 -10.39 -116.41
C ALA X 284 23.62 -9.87 -114.99
N GLY X 285 23.39 -8.56 -114.79
CA GLY X 285 23.46 -8.01 -113.45
C GLY X 285 22.34 -8.49 -112.55
N SER X 286 21.12 -8.61 -113.09
CA SER X 286 20.00 -9.05 -112.28
C SER X 286 20.14 -10.52 -111.89
N GLN X 287 20.61 -11.37 -112.81
CA GLN X 287 20.83 -12.76 -112.48
C GLN X 287 21.90 -12.90 -111.40
N GLU X 288 22.98 -12.12 -111.49
CA GLU X 288 23.98 -12.11 -110.43
C GLU X 288 23.40 -11.55 -109.13
N ALA X 289 22.42 -10.66 -109.23
CA ALA X 289 21.84 -10.07 -108.03
C ALA X 289 21.12 -11.11 -107.18
N VAL X 290 20.35 -12.01 -107.82
CA VAL X 290 19.60 -13.01 -107.06
C VAL X 290 20.54 -13.90 -106.27
N SER X 291 21.67 -14.28 -106.88
CA SER X 291 22.67 -15.06 -106.15
C SER X 291 23.35 -14.22 -105.07
N ILE X 292 23.58 -12.94 -105.33
CA ILE X 292 24.24 -12.09 -104.36
C ILE X 292 23.38 -11.90 -103.12
N LEU X 293 22.10 -11.56 -103.32
CA LEU X 293 21.19 -11.39 -102.19
C LEU X 293 20.85 -12.71 -101.53
N ASP X 294 20.99 -13.84 -102.23
CA ASP X 294 20.87 -15.14 -101.56
C ASP X 294 22.03 -15.34 -100.59
N GLY X 295 23.24 -14.97 -101.01
CA GLY X 295 24.37 -15.02 -100.09
C GLY X 295 24.24 -14.03 -98.95
N ALA X 296 23.75 -12.83 -99.26
CA ALA X 296 23.55 -11.82 -98.22
C ALA X 296 22.49 -12.29 -97.22
N LEU X 297 21.42 -12.92 -97.71
CA LEU X 297 20.39 -13.44 -96.83
C LEU X 297 20.94 -14.52 -95.90
N LYS X 298 21.91 -15.31 -96.39
CA LYS X 298 22.55 -16.29 -95.51
C LYS X 298 23.33 -15.61 -94.40
N ALA X 299 24.01 -14.49 -94.72
CA ALA X 299 24.73 -13.76 -93.68
C ALA X 299 23.78 -13.24 -92.62
N VAL X 300 22.63 -12.71 -93.04
CA VAL X 300 21.65 -12.21 -92.09
C VAL X 300 21.07 -13.36 -91.27
N ASP X 301 20.76 -14.48 -91.94
CA ASP X 301 20.18 -15.62 -91.23
C ASP X 301 21.17 -16.22 -90.23
N SER X 302 22.44 -16.32 -90.62
CA SER X 302 23.45 -16.84 -89.69
C SER X 302 23.63 -15.91 -88.50
N GLN X 303 23.65 -14.59 -88.75
CA GLN X 303 23.74 -13.65 -87.64
C GLN X 303 22.50 -13.71 -86.76
N ARG X 304 21.33 -13.84 -87.37
CA ARG X 304 20.09 -13.95 -86.59
C ARG X 304 20.08 -15.19 -85.72
N ALA X 305 20.54 -16.33 -86.27
CA ALA X 305 20.62 -17.55 -85.47
C ALA X 305 21.67 -17.41 -84.37
N SER X 306 22.77 -16.71 -84.66
CA SER X 306 23.79 -16.47 -83.64
C SER X 306 23.23 -15.67 -82.48
N LEU X 307 22.43 -14.64 -82.78
CA LEU X 307 21.84 -13.83 -81.72
C LEU X 307 20.69 -14.55 -81.04
N GLY X 308 19.97 -15.40 -81.77
CA GLY X 308 18.84 -16.11 -81.18
C GLY X 308 19.27 -17.09 -80.10
N ALA X 309 20.28 -17.91 -80.40
CA ALA X 309 20.84 -18.79 -79.38
C ALA X 309 21.50 -17.98 -78.28
N PHE X 310 22.12 -16.86 -78.63
CA PHE X 310 22.73 -15.99 -77.64
C PHE X 310 21.67 -15.45 -76.68
N GLN X 311 20.45 -15.21 -77.17
CA GLN X 311 19.37 -14.79 -76.30
C GLN X 311 18.88 -15.94 -75.42
N ASN X 312 18.71 -17.14 -76.00
CA ASN X 312 18.25 -18.27 -75.23
C ASN X 312 19.24 -18.66 -74.14
N ARG X 313 20.54 -18.47 -74.40
CA ARG X 313 21.55 -18.80 -73.41
C ARG X 313 21.40 -17.94 -72.17
N PHE X 314 21.08 -16.65 -72.36
CA PHE X 314 20.84 -15.79 -71.21
C PHE X 314 19.49 -16.06 -70.57
N GLY X 315 18.53 -16.58 -71.34
CA GLY X 315 17.28 -17.00 -70.74
C GLY X 315 17.50 -18.09 -69.70
N HIS X 316 18.38 -19.03 -70.00
CA HIS X 316 18.79 -20.02 -69.01
C HIS X 316 19.61 -19.37 -67.90
N ALA X 317 20.47 -18.40 -68.26
CA ALA X 317 21.33 -17.77 -67.28
C ALA X 317 20.54 -17.02 -66.22
N ILE X 318 19.49 -16.29 -66.65
CA ILE X 318 18.65 -15.57 -65.69
C ILE X 318 17.99 -16.54 -64.73
N SER X 319 17.47 -17.64 -65.26
CA SER X 319 16.80 -18.63 -64.41
C SER X 319 17.76 -19.25 -63.41
N ASN X 320 18.96 -19.61 -63.86
CA ASN X 320 19.94 -20.22 -62.96
C ASN X 320 20.43 -19.23 -61.92
N LEU X 321 20.69 -17.99 -62.33
CA LEU X 321 21.12 -16.97 -61.38
C LEU X 321 20.02 -16.68 -60.36
N ASP X 322 18.76 -16.69 -60.80
CA ASP X 322 17.65 -16.48 -59.87
C ASP X 322 17.55 -17.63 -58.87
N ASN X 323 17.78 -18.86 -59.33
CA ASN X 323 17.73 -20.01 -58.43
C ASN X 323 18.83 -19.92 -57.38
N VAL X 324 20.04 -19.55 -57.81
CA VAL X 324 21.14 -19.41 -56.85
C VAL X 324 20.90 -18.23 -55.93
N ASN X 325 20.33 -17.15 -56.46
CA ASN X 325 20.04 -15.98 -55.63
C ASN X 325 19.03 -16.30 -54.54
N GLU X 326 17.95 -16.99 -54.90
CA GLU X 326 16.93 -17.34 -53.92
C GLU X 326 17.46 -18.32 -52.88
N ASN X 327 18.26 -19.29 -53.32
CA ASN X 327 18.84 -20.25 -52.38
C ASN X 327 19.84 -19.58 -51.45
N VAL X 328 20.65 -18.65 -51.98
CA VAL X 328 21.62 -17.95 -51.17
C VAL X 328 20.92 -17.09 -50.13
N ASN X 329 19.82 -16.44 -50.51
CA ASN X 329 19.06 -15.63 -49.55
C ASN X 329 18.52 -16.49 -48.43
N ALA X 330 18.00 -17.68 -48.76
CA ALA X 330 17.48 -18.58 -47.73
C ALA X 330 18.59 -19.03 -46.79
N SER X 331 19.76 -19.36 -47.33
CA SER X 331 20.88 -19.76 -46.49
C SER X 331 21.36 -18.62 -45.61
N ARG X 332 21.40 -17.41 -46.16
CA ARG X 332 21.84 -16.25 -45.37
C ARG X 332 20.88 -16.01 -44.22
N SER X 333 19.57 -16.17 -44.46
CA SER X 333 18.59 -15.99 -43.40
C SER X 333 18.76 -17.03 -42.30
N ARG X 334 19.14 -18.26 -42.67
CA ARG X 334 19.34 -19.30 -41.68
C ARG X 334 20.54 -19.01 -40.78
N ILE X 335 21.49 -18.21 -41.27
CA ILE X 335 22.67 -17.88 -40.49
C ILE X 335 22.52 -16.55 -39.78
N ARG X 336 22.05 -15.53 -40.49
CA ARG X 336 22.02 -14.15 -40.00
C ARG X 336 20.66 -13.68 -39.53
N ASP X 337 19.59 -13.95 -40.28
CA ASP X 337 18.28 -13.45 -39.90
C ASP X 337 17.84 -14.02 -38.56
N THR X 338 17.27 -13.17 -37.73
CA THR X 338 16.91 -13.58 -36.37
C THR X 338 15.70 -14.50 -36.39
N ASP X 339 15.60 -15.34 -35.36
CA ASP X 339 14.44 -16.20 -35.13
C ASP X 339 13.56 -15.51 -34.11
N TYR X 340 12.46 -14.91 -34.58
CA TYR X 340 11.61 -14.11 -33.69
C TYR X 340 10.97 -14.95 -32.61
N ALA X 341 10.79 -16.25 -32.86
CA ALA X 341 10.22 -17.12 -31.83
C ALA X 341 11.16 -17.27 -30.65
N ARG X 342 12.45 -17.53 -30.93
CA ARG X 342 13.41 -17.73 -29.85
C ARG X 342 13.79 -16.41 -29.19
N GLU X 343 13.97 -15.35 -29.99
CA GLU X 343 14.40 -14.08 -29.43
C GLU X 343 13.35 -13.47 -28.51
N THR X 344 12.07 -13.57 -28.89
CA THR X 344 11.01 -13.05 -28.02
C THR X 344 10.98 -13.80 -26.69
N THR X 345 11.11 -15.13 -26.74
CA THR X 345 11.15 -15.92 -25.51
C THR X 345 12.37 -15.56 -24.66
N ALA X 346 13.53 -15.39 -25.30
CA ALA X 346 14.73 -15.02 -24.56
C ALA X 346 14.61 -13.64 -23.93
N MET X 347 14.02 -12.69 -24.66
CA MET X 347 13.81 -11.35 -24.10
C MET X 347 12.89 -11.40 -22.89
N THR X 348 11.78 -12.13 -23.01
CA THR X 348 10.84 -12.23 -21.89
C THR X 348 11.48 -12.92 -20.69
N LYS X 349 12.24 -13.99 -20.93
CA LYS X 349 12.90 -14.69 -19.84
C LYS X 349 13.90 -13.79 -19.13
N ALA X 350 14.65 -13.00 -19.90
CA ALA X 350 15.58 -12.04 -19.29
C ALA X 350 14.85 -10.96 -18.52
N GLN X 351 13.65 -10.55 -18.98
CA GLN X 351 12.87 -9.57 -18.27
C GLN X 351 12.46 -10.09 -16.89
N ILE X 352 12.02 -11.34 -16.83
CA ILE X 352 11.68 -11.94 -15.54
C ILE X 352 12.92 -12.09 -14.67
N LEU X 353 14.06 -12.40 -15.30
CA LEU X 353 15.30 -12.53 -14.55
C LEU X 353 15.71 -11.21 -13.91
N GLN X 354 15.52 -10.10 -14.63
CA GLN X 354 15.78 -8.80 -14.01
C GLN X 354 14.86 -8.55 -12.83
N GLN X 355 13.56 -8.84 -13.00
CA GLN X 355 12.60 -8.58 -11.94
C GLN X 355 12.90 -9.41 -10.70
N ALA X 356 13.29 -10.68 -10.89
CA ALA X 356 13.69 -11.51 -9.76
C ALA X 356 14.95 -10.97 -9.11
N SER X 357 15.93 -10.54 -9.91
CA SER X 357 17.19 -10.08 -9.36
C SER X 357 17.02 -8.79 -8.56
N THR X 358 16.22 -7.85 -9.07
CA THR X 358 16.04 -6.58 -8.35
C THR X 358 15.18 -6.77 -7.12
N SER X 359 14.23 -7.72 -7.16
CA SER X 359 13.44 -8.02 -5.97
C SER X 359 14.32 -8.60 -4.87
N VAL X 360 15.22 -9.52 -5.22
CA VAL X 360 16.15 -10.07 -4.25
C VAL X 360 17.12 -9.00 -3.78
N LEU X 361 17.54 -8.11 -4.69
CA LEU X 361 18.42 -7.01 -4.31
C LEU X 361 17.75 -6.10 -3.29
N ALA X 362 16.46 -5.82 -3.48
CA ALA X 362 15.73 -5.00 -2.52
C ALA X 362 15.67 -5.67 -1.16
N GLN X 363 15.42 -6.98 -1.12
CA GLN X 363 15.45 -7.70 0.15
C GLN X 363 16.85 -7.71 0.75
N ALA X 364 17.87 -7.86 -0.09
CA ALA X 364 19.25 -7.93 0.39
C ALA X 364 19.71 -6.63 1.04
N LYS X 365 19.16 -5.49 0.63
CA LYS X 365 19.55 -4.23 1.23
C LYS X 365 19.07 -4.12 2.67
N GLN X 366 18.12 -4.94 3.08
CA GLN X 366 17.53 -4.88 4.42
C GLN X 366 18.20 -5.81 5.42
N SER X 367 19.17 -6.63 5.00
CA SER X 367 19.92 -7.42 5.97
C SER X 367 20.70 -6.56 6.95
N PRO X 368 21.39 -5.47 6.56
CA PRO X 368 21.97 -4.59 7.58
C PRO X 368 20.92 -3.93 8.46
N SER X 369 19.67 -3.86 8.00
CA SER X 369 18.60 -3.36 8.87
C SER X 369 18.33 -4.33 10.02
N ALA X 370 18.76 -5.59 9.88
CA ALA X 370 18.72 -6.50 11.01
C ALA X 370 19.89 -6.27 11.95
N ALA X 371 20.94 -5.60 11.46
CA ALA X 371 22.13 -5.38 12.29
C ALA X 371 21.88 -4.29 13.33
N LEU X 372 21.34 -3.16 12.90
CA LEU X 372 21.17 -2.03 13.81
C LEU X 372 20.00 -2.22 14.77
N SER X 373 18.93 -2.88 14.29
CA SER X 373 17.74 -3.05 15.13
C SER X 373 17.94 -4.14 16.18
N LEU X 374 18.69 -5.17 15.85
CA LEU X 374 18.81 -6.32 16.74
C LEU X 374 19.75 -6.07 17.93
N LEU X 375 20.67 -5.11 17.84
CA LEU X 375 21.49 -4.83 19.01
C LEU X 375 21.31 -3.44 19.56
N GLY X 376 21.21 -2.43 18.70
CA GLY X 376 21.21 -1.04 19.15
C GLY X 376 19.97 -0.63 19.92
N MET Y 1 58.59 -3.80 108.15
CA MET Y 1 58.85 -2.48 107.59
C MET Y 1 58.55 -1.39 108.59
N ALA Y 2 59.57 -0.59 108.91
CA ALA Y 2 59.40 0.50 109.86
C ALA Y 2 58.78 1.72 109.16
N ILE Y 3 58.28 2.64 109.98
CA ILE Y 3 57.69 3.87 109.45
C ILE Y 3 58.79 4.78 108.93
N ASN Y 4 58.59 5.32 107.73
CA ASN Y 4 59.57 6.18 107.09
C ASN Y 4 58.88 7.42 106.55
N VAL Y 5 59.54 8.58 106.69
CA VAL Y 5 59.00 9.83 106.21
C VAL Y 5 59.90 10.38 105.10
N ASN Y 6 61.20 10.08 105.19
CA ASN Y 6 62.15 10.57 104.20
C ASN Y 6 62.08 9.77 102.91
N THR Y 7 61.81 8.47 102.99
CA THR Y 7 61.80 7.59 101.83
C THR Y 7 60.36 7.23 101.48
N ASN Y 8 60.03 7.32 100.19
CA ASN Y 8 58.71 6.99 99.66
C ASN Y 8 58.86 6.11 98.42
N VAL Y 9 59.66 5.05 98.55
CA VAL Y 9 59.96 4.18 97.41
C VAL Y 9 58.70 3.55 96.85
N SER Y 10 57.66 3.39 97.68
CA SER Y 10 56.38 2.88 97.18
C SER Y 10 55.79 3.82 96.14
N ALA Y 11 55.86 5.12 96.38
CA ALA Y 11 55.39 6.09 95.39
C ALA Y 11 56.33 6.16 94.20
N MET Y 12 57.62 5.90 94.40
CA MET Y 12 58.57 5.91 93.29
C MET Y 12 58.24 4.81 92.29
N THR Y 13 57.91 3.62 92.77
CA THR Y 13 57.50 2.53 91.88
C THR Y 13 56.14 2.82 91.26
N ALA Y 14 55.24 3.46 92.02
CA ALA Y 14 53.92 3.79 91.49
C ALA Y 14 54.04 4.76 90.32
N GLN Y 15 54.90 5.78 90.45
CA GLN Y 15 55.11 6.71 89.34
C GLN Y 15 55.99 6.10 88.25
N ARG Y 16 56.75 5.06 88.58
CA ARG Y 16 57.52 4.35 87.56
C ARG Y 16 56.59 3.61 86.61
N TYR Y 17 55.65 2.85 87.15
CA TYR Y 17 54.66 2.17 86.31
C TYR Y 17 53.71 3.18 85.68
N LEU Y 18 53.50 4.32 86.32
CA LEU Y 18 52.77 5.40 85.69
C LEU Y 18 53.51 5.89 84.44
N ASN Y 19 54.84 6.01 84.54
CA ASN Y 19 55.63 6.39 83.37
C ASN Y 19 55.54 5.32 82.29
N GLY Y 20 55.62 4.04 82.67
CA GLY Y 20 55.54 2.97 81.69
C GLY Y 20 54.22 2.98 80.95
N ALA Y 21 53.13 3.28 81.65
CA ALA Y 21 51.83 3.43 80.98
C ALA Y 21 51.76 4.74 80.20
N ALA Y 22 52.39 5.79 80.73
CA ALA Y 22 52.32 7.10 80.10
C ALA Y 22 52.97 7.08 78.71
N ASP Y 23 54.22 6.61 78.63
CA ASP Y 23 54.86 6.50 77.32
C ASP Y 23 54.27 5.35 76.52
N GLY Y 24 53.66 4.37 77.20
CA GLY Y 24 53.04 3.26 76.50
C GLY Y 24 51.89 3.71 75.61
N MET Y 25 51.06 4.63 76.10
CA MET Y 25 49.96 5.11 75.28
C MET Y 25 50.45 6.08 74.20
N GLN Y 26 51.51 6.84 74.50
CA GLN Y 26 51.97 7.85 73.55
C GLN Y 26 52.31 7.24 72.20
N LYS Y 27 52.86 6.02 72.19
CA LYS Y 27 53.11 5.33 70.93
C LYS Y 27 51.82 5.01 70.19
N SER Y 28 50.82 4.50 70.92
CA SER Y 28 49.59 4.07 70.26
C SER Y 28 48.82 5.25 69.66
N MET Y 29 48.74 6.37 70.39
CA MET Y 29 48.07 7.55 69.83
C MET Y 29 48.78 8.05 68.58
N GLU Y 30 50.11 7.99 68.56
CA GLU Y 30 50.84 8.34 67.35
C GLU Y 30 50.48 7.40 66.21
N ARG Y 31 50.30 6.11 66.51
CA ARG Y 31 49.95 5.15 65.48
C ARG Y 31 48.53 5.35 64.97
N LEU Y 32 47.60 5.71 65.85
CA LEU Y 32 46.22 5.91 65.42
C LEU Y 32 46.08 7.19 64.59
N SER Y 33 46.76 8.27 64.99
CA SER Y 33 46.61 9.54 64.28
C SER Y 33 47.17 9.43 62.86
N SER Y 34 48.40 8.93 62.73
CA SER Y 34 49.00 8.81 61.40
C SER Y 34 48.44 7.62 60.62
N GLY Y 35 48.00 6.58 61.32
CA GLY Y 35 47.62 5.34 60.69
C GLY Y 35 48.78 4.40 60.41
N TYR Y 36 49.97 4.72 60.91
CA TYR Y 36 51.17 3.94 60.64
C TYR Y 36 51.71 3.37 61.94
N LYS Y 37 51.99 2.06 61.94
CA LYS Y 37 52.60 1.43 63.10
C LYS Y 37 54.07 1.82 63.21
N ILE Y 38 54.76 1.95 62.08
CA ILE Y 38 56.18 2.27 62.05
C ILE Y 38 56.31 3.75 61.66
N ASN Y 39 56.42 4.61 62.68
CA ASN Y 39 56.68 6.02 62.45
C ASN Y 39 58.15 6.38 62.58
N SER Y 40 58.94 5.53 63.24
CA SER Y 40 60.37 5.77 63.40
C SER Y 40 61.06 4.42 63.59
N ALA Y 41 62.38 4.43 63.45
CA ALA Y 41 63.15 3.20 63.60
C ALA Y 41 63.07 2.62 65.00
N ARG Y 42 62.66 3.42 65.99
CA ARG Y 42 62.53 2.91 67.35
C ARG Y 42 61.43 1.86 67.47
N ASP Y 43 60.42 1.93 66.60
CA ASP Y 43 59.35 0.95 66.64
C ASP Y 43 59.79 -0.38 66.02
N ASP Y 44 60.24 -0.34 64.77
CA ASP Y 44 60.75 -1.54 64.09
C ASP Y 44 61.78 -1.08 63.07
N ALA Y 45 63.06 -1.20 63.43
CA ALA Y 45 64.13 -0.76 62.54
C ALA Y 45 64.16 -1.59 61.27
N ALA Y 46 64.16 -2.92 61.41
CA ALA Y 46 64.20 -3.78 60.23
C ALA Y 46 62.95 -3.63 59.39
N GLY Y 47 61.78 -3.52 60.02
CA GLY Y 47 60.56 -3.32 59.27
C GLY Y 47 60.53 -2.02 58.50
N LEU Y 48 61.15 -0.97 59.06
CA LEU Y 48 61.15 0.33 58.40
C LEU Y 48 61.91 0.30 57.09
N GLN Y 49 63.05 -0.42 57.06
CA GLN Y 49 63.85 -0.48 55.84
C GLN Y 49 63.10 -1.17 54.71
N ILE Y 50 62.54 -2.35 54.99
CA ILE Y 50 61.86 -3.10 53.94
C ILE Y 50 60.54 -2.43 53.55
N SER Y 51 59.89 -1.74 54.49
CA SER Y 51 58.66 -1.02 54.14
C SER Y 51 58.98 0.18 53.25
N ASN Y 52 60.06 0.91 53.56
CA ASN Y 52 60.47 2.03 52.72
C ASN Y 52 60.84 1.55 51.32
N ARG Y 53 61.51 0.40 51.22
CA ARG Y 53 61.81 -0.18 49.91
C ARG Y 53 60.52 -0.53 49.17
N LEU Y 54 59.47 -0.89 49.91
CA LEU Y 54 58.20 -1.22 49.27
C LEU Y 54 57.50 0.04 48.77
N THR Y 55 57.56 1.13 49.53
CA THR Y 55 56.95 2.39 49.08
C THR Y 55 57.66 2.92 47.84
N SER Y 56 58.99 2.89 47.84
CA SER Y 56 59.74 3.39 46.69
C SER Y 56 59.42 2.59 45.44
N GLN Y 57 59.31 1.27 45.57
CA GLN Y 57 58.90 0.45 44.43
C GLN Y 57 57.47 0.77 44.02
N SER Y 58 56.59 0.97 44.99
CA SER Y 58 55.19 1.26 44.68
C SER Y 58 55.05 2.56 43.91
N ARG Y 59 55.67 3.64 44.40
CA ARG Y 59 55.62 4.91 43.70
C ARG Y 59 56.27 4.80 42.32
N GLY Y 60 57.39 4.08 42.23
CA GLY Y 60 58.00 3.85 40.93
C GLY Y 60 57.13 3.05 39.99
N LEU Y 61 56.21 2.26 40.54
CA LEU Y 61 55.32 1.47 39.68
C LEU Y 61 54.21 2.34 39.09
N ASP Y 62 53.71 3.32 39.84
CA ASP Y 62 52.78 4.28 39.25
C ASP Y 62 53.49 5.13 38.20
N MET Y 63 54.74 5.50 38.47
CA MET Y 63 55.54 6.19 37.46
C MET Y 63 55.76 5.31 36.24
N ALA Y 64 55.90 4.00 36.46
CA ALA Y 64 56.11 3.08 35.34
C ALA Y 64 54.87 2.96 34.47
N VAL Y 65 53.69 2.84 35.10
CA VAL Y 65 52.45 2.76 34.34
C VAL Y 65 52.20 4.08 33.61
N LYS Y 66 52.55 5.20 34.22
CA LYS Y 66 52.40 6.49 33.57
C LYS Y 66 53.25 6.57 32.30
N ASN Y 67 54.50 6.10 32.39
CA ASN Y 67 55.35 6.09 31.21
C ASN Y 67 54.87 5.08 30.18
N ALA Y 68 54.32 3.95 30.64
CA ALA Y 68 53.77 2.96 29.73
C ALA Y 68 52.61 3.54 28.93
N ASN Y 69 51.75 4.32 29.59
CA ASN Y 69 50.67 4.98 28.88
C ASN Y 69 51.20 6.00 27.89
N ASP Y 70 52.30 6.67 28.23
CA ASP Y 70 52.93 7.60 27.29
C ASP Y 70 53.43 6.85 26.06
N GLY Y 71 54.04 5.68 26.24
CA GLY Y 71 54.47 4.89 25.11
C GLY Y 71 53.29 4.40 24.28
N ILE Y 72 52.19 4.06 24.95
CA ILE Y 72 50.99 3.63 24.23
C ILE Y 72 50.44 4.77 23.38
N SER Y 73 50.38 5.97 23.95
CA SER Y 73 49.81 7.11 23.22
C SER Y 73 50.72 7.53 22.06
N ILE Y 74 52.04 7.52 22.28
CA ILE Y 74 52.97 7.89 21.21
C ILE Y 74 52.83 6.94 20.03
N ALA Y 75 52.72 5.64 20.32
CA ALA Y 75 52.48 4.67 19.26
C ALA Y 75 51.08 4.84 18.68
N GLN Y 76 50.15 5.37 19.46
CA GLN Y 76 48.77 5.51 19.01
C GLN Y 76 48.63 6.61 17.97
N THR Y 77 49.25 7.77 18.23
CA THR Y 77 49.17 8.87 17.26
C THR Y 77 49.86 8.50 15.95
N ALA Y 78 51.01 7.85 16.02
CA ALA Y 78 51.71 7.43 14.80
C ALA Y 78 50.92 6.36 14.06
N GLU Y 79 50.31 5.42 14.79
CA GLU Y 79 49.52 4.37 14.16
C GLU Y 79 48.33 4.96 13.41
N GLY Y 80 47.67 5.96 14.01
CA GLY Y 80 46.59 6.63 13.31
C GLY Y 80 47.08 7.42 12.10
N ALA Y 81 48.26 8.03 12.22
CA ALA Y 81 48.83 8.76 11.09
C ALA Y 81 49.15 7.83 9.93
N MET Y 82 49.72 6.66 10.23
CA MET Y 82 50.00 5.69 9.18
C MET Y 82 48.72 5.12 8.59
N ASN Y 83 47.63 5.10 9.35
CA ASN Y 83 46.35 4.66 8.81
C ASN Y 83 45.94 5.52 7.63
N GLU Y 84 46.20 6.82 7.70
CA GLU Y 84 45.87 7.70 6.60
C GLU Y 84 46.88 7.56 5.47
N THR Y 85 48.14 7.29 5.80
CA THR Y 85 49.16 7.07 4.78
C THR Y 85 48.80 5.85 3.93
N THR Y 86 48.28 4.80 4.57
CA THR Y 86 47.82 3.63 3.83
C THR Y 86 46.69 3.99 2.87
N ASN Y 87 45.73 4.81 3.32
CA ASN Y 87 44.59 5.15 2.48
C ASN Y 87 45.02 6.00 1.29
N ILE Y 88 46.01 6.88 1.48
CA ILE Y 88 46.52 7.68 0.37
C ILE Y 88 47.21 6.78 -0.64
N LEU Y 89 48.04 5.84 -0.17
CA LEU Y 89 48.74 4.94 -1.06
C LEU Y 89 47.78 4.04 -1.82
N GLN Y 90 46.73 3.56 -1.15
CA GLN Y 90 45.73 2.75 -1.84
C GLN Y 90 45.01 3.55 -2.92
N ARG Y 91 44.70 4.81 -2.65
CA ARG Y 91 44.11 5.66 -3.68
C ARG Y 91 45.08 5.87 -4.84
N MET Y 92 46.37 6.06 -4.53
CA MET Y 92 47.36 6.22 -5.59
C MET Y 92 47.49 4.95 -6.43
N ARG Y 93 47.45 3.78 -5.78
CA ARG Y 93 47.46 2.53 -6.53
C ARG Y 93 46.21 2.38 -7.37
N ASP Y 94 45.06 2.79 -6.82
CA ASP Y 94 43.81 2.77 -7.56
C ASP Y 94 43.91 3.63 -8.82
N LEU Y 95 44.58 4.76 -8.71
CA LEU Y 95 44.63 5.70 -9.83
C LEU Y 95 45.71 5.31 -10.84
N ALA Y 96 46.82 4.74 -10.37
CA ALA Y 96 47.88 4.31 -11.27
C ALA Y 96 47.41 3.19 -12.18
N LEU Y 97 46.58 2.29 -11.66
CA LEU Y 97 46.00 1.25 -12.50
C LEU Y 97 45.10 1.85 -13.59
N GLN Y 98 44.36 2.91 -13.25
CA GLN Y 98 43.51 3.57 -14.22
C GLN Y 98 44.33 4.21 -15.33
N SER Y 99 45.44 4.86 -14.97
CA SER Y 99 46.28 5.52 -15.97
C SER Y 99 46.93 4.51 -16.91
N SER Y 100 47.22 3.31 -16.43
CA SER Y 100 47.90 2.30 -17.24
C SER Y 100 47.02 1.81 -18.40
N ASN Y 101 45.72 2.08 -18.36
CA ASN Y 101 44.83 1.62 -19.42
C ASN Y 101 45.19 2.27 -20.76
N GLY Y 102 44.95 1.53 -21.83
CA GLY Y 102 45.18 2.04 -23.17
C GLY Y 102 44.13 3.00 -23.68
N SER Y 103 43.01 3.12 -22.98
CA SER Y 103 41.97 4.07 -23.39
C SER Y 103 42.37 5.50 -23.08
N ASN Y 104 43.13 5.71 -22.01
CA ASN Y 104 43.55 7.05 -21.64
C ASN Y 104 44.61 7.57 -22.62
N SER Y 105 44.42 8.80 -23.07
CA SER Y 105 45.41 9.47 -23.91
C SER Y 105 46.32 10.32 -23.03
N SER Y 106 47.22 11.07 -23.67
CA SER Y 106 48.20 11.87 -22.94
C SER Y 106 47.52 12.91 -22.06
N SER Y 107 46.38 13.44 -22.50
CA SER Y 107 45.67 14.45 -21.72
C SER Y 107 45.20 13.88 -20.39
N GLU Y 108 44.63 12.67 -20.41
CA GLU Y 108 44.16 12.07 -19.17
C GLU Y 108 45.31 11.61 -18.28
N ARG Y 109 46.40 11.12 -18.87
CA ARG Y 109 47.55 10.72 -18.05
C ARG Y 109 48.11 11.91 -17.26
N ARG Y 110 48.10 13.10 -17.87
CA ARG Y 110 48.48 14.30 -17.12
C ARG Y 110 47.46 14.60 -16.03
N ALA Y 111 46.18 14.29 -16.27
CA ALA Y 111 45.16 14.51 -15.25
C ALA Y 111 45.40 13.62 -14.04
N ILE Y 112 45.81 12.37 -14.26
CA ILE Y 112 46.13 11.49 -13.14
C ILE Y 112 47.42 11.96 -12.46
N GLN Y 113 48.41 12.34 -13.27
CA GLN Y 113 49.74 12.64 -12.74
C GLN Y 113 49.70 13.81 -11.77
N GLU Y 114 49.10 14.94 -12.20
CA GLU Y 114 49.07 16.12 -11.33
C GLU Y 114 48.25 15.86 -10.07
N GLU Y 115 47.28 14.94 -10.13
CA GLU Y 115 46.57 14.56 -8.93
C GLU Y 115 47.46 13.68 -8.05
N VAL Y 116 48.23 12.78 -8.67
CA VAL Y 116 49.15 11.94 -7.92
C VAL Y 116 50.22 12.79 -7.25
N SER Y 117 50.67 13.85 -7.91
CA SER Y 117 51.63 14.76 -7.30
C SER Y 117 51.02 15.46 -6.08
N ALA Y 118 49.70 15.68 -6.09
CA ALA Y 118 49.05 16.25 -4.92
C ALA Y 118 49.04 15.27 -3.74
N LEU Y 119 48.66 14.02 -4.00
CA LEU Y 119 48.70 13.00 -2.95
C LEU Y 119 50.13 12.71 -2.52
N ASN Y 120 51.06 12.73 -3.46
CA ASN Y 120 52.47 12.54 -3.13
C ASN Y 120 52.95 13.64 -2.19
N ASP Y 121 52.59 14.89 -2.47
CA ASP Y 121 52.89 15.97 -1.54
C ASP Y 121 52.15 15.81 -0.23
N GLU Y 122 50.99 15.16 -0.25
CA GLU Y 122 50.24 14.92 0.97
C GLU Y 122 50.96 13.94 1.88
N LEU Y 123 51.56 12.89 1.31
CA LEU Y 123 52.34 11.95 2.10
C LEU Y 123 53.54 12.63 2.75
N ASN Y 124 54.22 13.51 2.01
CA ASN Y 124 55.33 14.27 2.60
C ASN Y 124 54.83 15.18 3.71
N ARG Y 125 53.65 15.77 3.54
CA ARG Y 125 53.09 16.63 4.57
C ARG Y 125 52.80 15.84 5.84
N ILE Y 126 52.24 14.64 5.71
CA ILE Y 126 51.91 13.83 6.88
C ILE Y 126 53.17 13.46 7.65
N ALA Y 127 54.24 13.10 6.92
CA ALA Y 127 55.48 12.71 7.58
C ALA Y 127 56.10 13.86 8.34
N GLU Y 128 55.96 15.09 7.83
CA GLU Y 128 56.63 16.24 8.40
C GLU Y 128 55.81 17.01 9.43
N THR Y 129 54.48 16.92 9.37
CA THR Y 129 53.64 17.68 10.29
C THR Y 129 53.13 16.87 11.47
N THR Y 130 52.98 15.55 11.32
CA THR Y 130 52.54 14.73 12.43
C THR Y 130 53.52 14.83 13.59
N SER Y 131 53.00 15.16 14.78
CA SER Y 131 53.86 15.39 15.93
C SER Y 131 53.08 15.08 17.20
N PHE Y 132 53.83 14.85 18.28
CA PHE Y 132 53.29 14.59 19.60
C PHE Y 132 53.79 15.71 20.52
N GLY Y 133 53.00 16.79 20.60
CA GLY Y 133 53.41 17.94 21.39
C GLY Y 133 54.66 18.62 20.85
N GLY Y 134 54.76 18.76 19.53
CA GLY Y 134 55.92 19.34 18.90
C GLY Y 134 57.05 18.38 18.60
N ASN Y 135 56.93 17.12 18.99
CA ASN Y 135 57.94 16.10 18.76
C ASN Y 135 57.55 15.29 17.52
N LYS Y 136 58.26 15.50 16.42
CA LYS Y 136 57.94 14.82 15.17
C LYS Y 136 58.15 13.32 15.30
N LEU Y 137 57.32 12.55 14.60
CA LEU Y 137 57.34 11.10 14.67
C LEU Y 137 57.65 10.43 13.34
N LEU Y 138 56.97 10.84 12.27
CA LEU Y 138 57.03 10.13 10.99
C LEU Y 138 58.03 10.71 10.02
N ASN Y 139 58.79 11.74 10.41
CA ASN Y 139 59.80 12.33 9.54
C ASN Y 139 61.16 11.69 9.70
N GLY Y 140 61.29 10.67 10.55
CA GLY Y 140 62.54 9.98 10.77
C GLY Y 140 63.45 10.61 11.80
N SER Y 141 63.07 11.75 12.37
CA SER Y 141 63.88 12.40 13.40
C SER Y 141 63.64 11.84 14.79
N PHE Y 142 62.63 10.98 14.97
CA PHE Y 142 62.37 10.40 16.27
C PHE Y 142 63.51 9.47 16.69
N GLY Y 143 64.03 8.68 15.75
CA GLY Y 143 65.07 7.72 16.11
C GLY Y 143 64.51 6.60 16.98
N SER Y 144 65.39 6.02 17.78
CA SER Y 144 65.02 4.99 18.74
C SER Y 144 65.16 5.56 20.15
N LYS Y 145 64.09 5.46 20.93
CA LYS Y 145 64.07 5.96 22.30
C LYS Y 145 63.48 4.92 23.23
N SER Y 146 64.00 4.88 24.45
CA SER Y 146 63.61 3.89 25.45
C SER Y 146 62.49 4.42 26.32
N PHE Y 147 61.52 3.55 26.63
CA PHE Y 147 60.38 3.89 27.46
C PHE Y 147 60.47 3.13 28.77
N GLN Y 148 60.94 3.80 29.82
CA GLN Y 148 61.14 3.17 31.13
C GLN Y 148 59.77 2.76 31.68
N ILE Y 149 59.54 1.45 31.79
CA ILE Y 149 58.25 0.94 32.21
C ILE Y 149 58.37 0.08 33.46
N GLY Y 150 59.38 0.37 34.29
CA GLY Y 150 59.62 -0.40 35.49
C GLY Y 150 59.89 0.49 36.67
N ALA Y 151 60.09 -0.15 37.82
CA ALA Y 151 60.40 0.56 39.06
C ALA Y 151 61.89 0.58 39.38
N ASP Y 152 62.73 0.08 38.49
CA ASP Y 152 64.17 0.07 38.70
C ASP Y 152 64.87 0.57 37.45
N SER Y 153 66.08 1.09 37.64
CA SER Y 153 66.80 1.75 36.56
C SER Y 153 67.22 0.76 35.48
N GLY Y 154 67.14 1.21 34.22
CA GLY Y 154 67.69 0.47 33.11
C GLY Y 154 66.89 -0.73 32.63
N GLU Y 155 65.57 -0.71 32.79
CA GLU Y 155 64.71 -1.79 32.32
C GLU Y 155 63.61 -1.26 31.40
N ALA Y 156 63.98 -0.33 30.52
CA ALA Y 156 63.06 0.28 29.58
C ALA Y 156 62.83 -0.64 28.38
N VAL Y 157 62.10 -0.12 27.39
CA VAL Y 157 61.81 -0.84 26.16
C VAL Y 157 62.12 0.06 24.98
N MET Y 158 62.83 -0.48 23.99
CA MET Y 158 63.29 0.30 22.84
C MET Y 158 62.19 0.37 21.78
N LEU Y 159 61.85 1.59 21.37
CA LEU Y 159 60.85 1.82 20.33
C LEU Y 159 61.46 2.67 19.22
N SER Y 160 61.21 2.29 17.97
CA SER Y 160 61.70 3.04 16.83
C SER Y 160 60.80 2.80 15.64
N MET Y 161 60.65 3.82 14.79
CA MET Y 161 59.94 3.71 13.54
C MET Y 161 60.66 4.55 12.49
N GLY Y 162 60.74 4.01 11.28
CA GLY Y 162 61.49 4.66 10.22
C GLY Y 162 60.75 5.85 9.62
N SER Y 163 61.51 6.66 8.88
CA SER Y 163 60.93 7.80 8.18
C SER Y 163 59.92 7.32 7.14
N MET Y 164 58.76 7.97 7.09
CA MET Y 164 57.73 7.68 6.12
C MET Y 164 57.54 8.85 5.15
N ARG Y 165 58.64 9.52 4.81
CA ARG Y 165 58.61 10.40 3.65
C ARG Y 165 58.40 9.58 2.39
N SER Y 166 57.83 10.20 1.37
CA SER Y 166 57.50 9.47 0.16
C SER Y 166 58.74 8.98 -0.59
N ASP Y 167 59.93 9.47 -0.25
CA ASP Y 167 61.16 9.09 -0.92
C ASP Y 167 62.08 8.25 -0.03
N THR Y 168 61.54 7.62 1.01
CA THR Y 168 62.34 6.72 1.83
C THR Y 168 62.76 5.50 1.03
N GLN Y 169 63.95 4.97 1.35
CA GLN Y 169 64.47 3.82 0.63
C GLN Y 169 63.55 2.61 0.75
N ALA Y 170 62.95 2.41 1.93
CA ALA Y 170 62.04 1.29 2.12
C ALA Y 170 60.70 1.50 1.42
N MET Y 171 60.44 2.70 0.90
CA MET Y 171 59.18 3.00 0.22
C MET Y 171 59.31 2.90 -1.30
N GLY Y 172 60.12 1.98 -1.79
CA GLY Y 172 60.28 1.80 -3.22
C GLY Y 172 61.13 0.59 -3.57
N GLY Y 173 61.96 0.71 -4.60
CA GLY Y 173 62.83 -0.37 -4.99
C GLY Y 173 63.67 -0.01 -6.18
N LYS Y 174 64.24 -1.03 -6.81
CA LYS Y 174 65.03 -0.87 -8.03
C LYS Y 174 64.19 -1.22 -9.24
N SER Y 175 64.49 -0.57 -10.35
CA SER Y 175 63.75 -0.73 -11.59
C SER Y 175 64.71 -1.04 -12.73
N TYR Y 176 64.45 -2.12 -13.45
CA TYR Y 176 65.26 -2.53 -14.59
C TYR Y 176 64.40 -2.51 -15.84
N ARG Y 177 64.97 -2.03 -16.94
CA ARG Y 177 64.26 -1.87 -18.20
C ARG Y 177 64.99 -2.63 -19.31
N ALA Y 178 64.21 -3.18 -20.23
CA ALA Y 178 64.78 -3.79 -21.42
C ALA Y 178 65.21 -2.71 -22.40
N GLN Y 179 66.18 -3.04 -23.26
CA GLN Y 179 66.64 -2.13 -24.30
C GLN Y 179 66.22 -2.57 -25.70
N GLU Y 180 65.36 -3.58 -25.80
CA GLU Y 180 64.86 -4.05 -27.09
C GLU Y 180 63.34 -4.15 -27.02
N GLY Y 181 62.66 -3.28 -27.77
CA GLY Y 181 61.21 -3.34 -27.85
C GLY Y 181 60.75 -4.48 -28.74
N LYS Y 182 59.66 -5.13 -28.34
CA LYS Y 182 59.08 -6.23 -29.08
C LYS Y 182 57.66 -5.87 -29.49
N ALA Y 183 57.36 -6.02 -30.78
CA ALA Y 183 56.05 -5.67 -31.30
C ALA Y 183 55.01 -6.72 -30.92
N ALA Y 184 53.79 -6.51 -31.40
CA ALA Y 184 52.71 -7.45 -31.11
C ALA Y 184 52.86 -8.77 -31.85
N ASP Y 185 53.71 -8.82 -32.88
CA ASP Y 185 53.94 -10.04 -33.63
C ASP Y 185 55.04 -10.91 -33.05
N TRP Y 186 55.77 -10.42 -32.05
CA TRP Y 186 56.88 -11.16 -31.48
C TRP Y 186 56.37 -12.28 -30.58
N ARG Y 187 56.92 -13.48 -30.78
CA ARG Y 187 56.59 -14.64 -29.95
C ARG Y 187 57.89 -15.29 -29.49
N VAL Y 188 57.86 -15.88 -28.30
CA VAL Y 188 59.06 -16.48 -27.74
C VAL Y 188 59.47 -17.67 -28.58
N GLY Y 189 60.74 -17.70 -28.97
CA GLY Y 189 61.29 -18.77 -29.78
C GLY Y 189 61.84 -19.92 -28.97
N ALA Y 190 62.84 -20.59 -29.52
CA ALA Y 190 63.43 -21.74 -28.85
C ALA Y 190 64.25 -21.35 -27.63
N ALA Y 191 64.56 -20.06 -27.45
CA ALA Y 191 65.27 -19.57 -26.28
C ALA Y 191 64.26 -19.00 -25.31
N THR Y 192 64.01 -19.74 -24.21
CA THR Y 192 62.97 -19.38 -23.26
C THR Y 192 63.46 -19.20 -21.83
N ASP Y 193 64.60 -19.78 -21.46
CA ASP Y 193 65.05 -19.73 -20.08
C ASP Y 193 65.42 -18.30 -19.69
N LEU Y 194 65.04 -17.92 -18.47
CA LEU Y 194 65.28 -16.58 -17.94
C LEU Y 194 65.58 -16.71 -16.46
N THR Y 195 66.84 -16.54 -16.09
CA THR Y 195 67.30 -16.75 -14.72
C THR Y 195 67.52 -15.39 -14.06
N LEU Y 196 66.88 -15.18 -12.92
CA LEU Y 196 67.05 -13.98 -12.11
C LEU Y 196 67.76 -14.35 -10.82
N SER Y 197 69.03 -13.95 -10.71
CA SER Y 197 69.87 -14.27 -9.56
C SER Y 197 70.12 -13.00 -8.76
N TYR Y 198 69.82 -13.04 -7.47
CA TYR Y 198 69.96 -11.89 -6.60
C TYR Y 198 70.09 -12.38 -5.16
N THR Y 199 69.96 -11.45 -4.21
CA THR Y 199 70.01 -11.76 -2.79
C THR Y 199 68.76 -11.22 -2.11
N ASN Y 200 68.14 -12.06 -1.29
CA ASN Y 200 66.92 -11.68 -0.58
C ASN Y 200 67.26 -10.64 0.50
N LYS Y 201 66.22 -10.14 1.17
CA LYS Y 201 66.43 -9.16 2.23
C LYS Y 201 67.16 -9.76 3.43
N GLN Y 202 67.17 -11.08 3.56
CA GLN Y 202 67.80 -11.76 4.67
C GLN Y 202 69.25 -12.14 4.40
N GLY Y 203 69.79 -11.74 3.25
CA GLY Y 203 71.18 -12.02 2.92
C GLY Y 203 71.43 -13.38 2.30
N GLU Y 204 70.38 -14.10 1.89
CA GLU Y 204 70.54 -15.40 1.26
C GLU Y 204 70.26 -15.29 -0.24
N ALA Y 205 71.19 -15.81 -1.04
CA ALA Y 205 71.03 -15.77 -2.48
C ALA Y 205 69.83 -16.60 -2.93
N ARG Y 206 69.09 -16.09 -3.90
CA ARG Y 206 67.89 -16.75 -4.41
C ARG Y 206 68.03 -16.95 -5.91
N GLU Y 207 67.95 -18.22 -6.34
CA GLU Y 207 67.99 -18.58 -7.75
C GLU Y 207 66.57 -18.84 -8.24
N VAL Y 208 66.14 -18.04 -9.20
CA VAL Y 208 64.81 -18.18 -9.79
C VAL Y 208 64.97 -18.38 -11.30
N THR Y 209 64.38 -19.44 -11.82
CA THR Y 209 64.46 -19.76 -13.25
C THR Y 209 63.05 -19.81 -13.82
N ILE Y 210 62.79 -18.96 -14.81
CA ILE Y 210 61.50 -18.90 -15.49
C ILE Y 210 61.68 -19.54 -16.87
N ASN Y 211 60.78 -20.46 -17.21
CA ASN Y 211 60.76 -21.10 -18.53
C ASN Y 211 59.56 -20.55 -19.28
N ALA Y 212 59.80 -19.52 -20.09
CA ALA Y 212 58.72 -18.93 -20.87
C ALA Y 212 58.18 -19.93 -21.88
N LYS Y 213 56.91 -19.79 -22.21
CA LYS Y 213 56.22 -20.72 -23.10
C LYS Y 213 56.18 -20.17 -24.51
N GLN Y 214 56.48 -21.03 -25.48
CA GLN Y 214 56.53 -20.62 -26.88
C GLN Y 214 55.18 -20.09 -27.33
N GLY Y 215 55.21 -19.03 -28.13
CA GLY Y 215 54.01 -18.40 -28.63
C GLY Y 215 53.46 -17.29 -27.77
N ASP Y 216 53.99 -17.10 -26.56
CA ASP Y 216 53.55 -16.00 -25.71
C ASP Y 216 54.11 -14.69 -26.20
N ASP Y 217 53.26 -13.68 -26.33
CA ASP Y 217 53.72 -12.35 -26.67
C ASP Y 217 54.31 -11.70 -25.41
N LEU Y 218 54.72 -10.43 -25.52
CA LEU Y 218 55.42 -9.80 -24.41
C LEU Y 218 54.50 -9.55 -23.23
N GLU Y 219 53.22 -9.32 -23.48
CA GLU Y 219 52.29 -9.07 -22.38
C GLU Y 219 51.94 -10.35 -21.64
N GLU Y 220 51.79 -11.46 -22.36
CA GLU Y 220 51.59 -12.75 -21.71
C GLU Y 220 52.84 -13.17 -20.94
N LEU Y 221 54.02 -12.90 -21.50
CA LEU Y 221 55.26 -13.20 -20.81
C LEU Y 221 55.40 -12.38 -19.54
N ALA Y 222 54.96 -11.12 -19.57
CA ALA Y 222 55.00 -10.28 -18.38
C ALA Y 222 54.12 -10.85 -17.28
N THR Y 223 52.93 -11.36 -17.65
CA THR Y 223 52.05 -11.97 -16.66
C THR Y 223 52.63 -13.28 -16.14
N TYR Y 224 53.29 -14.04 -17.01
CA TYR Y 224 53.87 -15.32 -16.60
C TYR Y 224 54.95 -15.13 -15.54
N ILE Y 225 55.79 -14.10 -15.70
CA ILE Y 225 56.83 -13.84 -14.71
C ILE Y 225 56.21 -13.50 -13.37
N ASN Y 226 55.08 -12.78 -13.39
CA ASN Y 226 54.39 -12.46 -12.15
C ASN Y 226 53.86 -13.72 -11.47
N GLY Y 227 53.30 -14.65 -12.24
CA GLY Y 227 52.77 -15.87 -11.65
C GLY Y 227 53.85 -16.77 -11.10
N GLN Y 228 54.97 -16.89 -11.80
CA GLN Y 228 56.01 -17.83 -11.41
C GLN Y 228 56.64 -17.44 -10.07
N THR Y 229 56.96 -16.17 -9.89
CA THR Y 229 57.66 -15.71 -8.70
C THR Y 229 57.03 -14.43 -8.17
N GLU Y 230 57.17 -14.21 -6.87
CA GLU Y 230 56.61 -13.04 -6.21
C GLU Y 230 57.63 -11.95 -5.92
N ASP Y 231 58.94 -12.26 -6.03
CA ASP Y 231 59.95 -11.27 -5.70
C ASP Y 231 59.97 -10.12 -6.70
N VAL Y 232 59.97 -10.45 -7.99
CA VAL Y 232 60.01 -9.44 -9.05
C VAL Y 232 58.62 -9.27 -9.62
N LYS Y 233 58.40 -8.12 -10.27
CA LYS Y 233 57.14 -7.80 -10.91
C LYS Y 233 57.40 -7.29 -12.32
N ALA Y 234 56.76 -7.90 -13.30
CA ALA Y 234 57.00 -7.61 -14.72
C ALA Y 234 55.93 -6.69 -15.28
N SER Y 235 56.30 -5.92 -16.29
CA SER Y 235 55.38 -5.02 -16.98
C SER Y 235 55.88 -4.81 -18.40
N VAL Y 236 55.09 -4.07 -19.18
CA VAL Y 236 55.40 -3.78 -20.57
C VAL Y 236 55.33 -2.27 -20.77
N GLY Y 237 56.38 -1.70 -21.37
CA GLY Y 237 56.47 -0.27 -21.56
C GLY Y 237 55.61 0.22 -22.71
N GLU Y 238 55.83 1.49 -23.08
CA GLU Y 238 55.09 2.08 -24.19
C GLU Y 238 55.43 1.37 -25.49
N ASP Y 239 56.72 1.17 -25.76
CA ASP Y 239 57.19 0.57 -27.00
C ASP Y 239 57.23 -0.95 -26.94
N GLY Y 240 56.89 -1.55 -25.79
CA GLY Y 240 56.98 -2.98 -25.64
C GLY Y 240 58.31 -3.43 -25.07
N LYS Y 241 58.69 -2.88 -23.92
CA LYS Y 241 59.92 -3.21 -23.24
C LYS Y 241 59.60 -3.81 -21.87
N LEU Y 242 60.04 -5.03 -21.64
CA LEU Y 242 59.79 -5.68 -20.36
C LEU Y 242 60.59 -5.02 -19.25
N GLN Y 243 59.97 -4.84 -18.10
CA GLN Y 243 60.61 -4.22 -16.95
C GLN Y 243 60.29 -5.03 -15.69
N LEU Y 244 61.31 -5.23 -14.86
CA LEU Y 244 61.17 -5.90 -13.58
C LEU Y 244 61.44 -4.90 -12.46
N PHE Y 245 60.60 -4.93 -11.42
CA PHE Y 245 60.75 -4.07 -10.26
C PHE Y 245 61.05 -4.93 -9.05
N ALA Y 246 62.30 -4.88 -8.60
CA ALA Y 246 62.75 -5.61 -7.40
C ALA Y 246 62.60 -4.67 -6.22
N SER Y 247 61.64 -4.96 -5.34
CA SER Y 247 61.36 -4.09 -4.21
C SER Y 247 62.57 -3.98 -3.29
N SER Y 248 62.82 -2.77 -2.79
CA SER Y 248 63.94 -2.56 -1.88
C SER Y 248 63.75 -3.25 -0.54
N GLN Y 249 62.52 -3.63 -0.20
CA GLN Y 249 62.26 -4.38 1.02
C GLN Y 249 62.36 -5.88 0.81
N LYS Y 250 62.52 -6.34 -0.44
CA LYS Y 250 62.64 -7.76 -0.73
C LYS Y 250 63.99 -8.16 -1.32
N VAL Y 251 64.76 -7.21 -1.84
CA VAL Y 251 66.07 -7.51 -2.41
C VAL Y 251 67.09 -6.49 -1.91
N ASN Y 252 68.36 -6.85 -2.05
CA ASN Y 252 69.47 -5.94 -1.79
C ASN Y 252 70.56 -6.21 -2.81
N GLY Y 253 71.33 -5.18 -3.13
CA GLY Y 253 72.29 -5.27 -4.20
C GLY Y 253 71.62 -5.24 -5.56
N ASP Y 254 72.40 -5.59 -6.58
CA ASP Y 254 71.90 -5.61 -7.95
C ASP Y 254 71.38 -7.00 -8.31
N VAL Y 255 70.35 -7.02 -9.15
CA VAL Y 255 69.73 -8.26 -9.62
C VAL Y 255 70.36 -8.62 -10.95
N THR Y 256 71.05 -9.77 -10.99
CA THR Y 256 71.65 -10.27 -12.21
C THR Y 256 70.60 -11.04 -13.01
N ILE Y 257 70.50 -10.73 -14.31
CA ILE Y 257 69.55 -11.38 -15.19
C ILE Y 257 70.33 -12.05 -16.31
N GLY Y 258 70.14 -13.37 -16.45
CA GLY Y 258 70.82 -14.15 -17.46
C GLY Y 258 69.87 -15.10 -18.15
N GLY Y 259 70.45 -15.96 -18.98
CA GLY Y 259 69.68 -16.94 -19.73
C GLY Y 259 69.50 -16.53 -21.19
N GLY Y 260 68.91 -17.45 -21.95
CA GLY Y 260 68.67 -17.18 -23.36
C GLY Y 260 67.68 -16.05 -23.58
N LEU Y 261 66.57 -16.08 -22.84
CA LEU Y 261 65.57 -15.02 -22.97
C LEU Y 261 66.11 -13.69 -22.46
N GLY Y 262 66.87 -13.71 -21.37
CA GLY Y 262 67.48 -12.48 -20.88
C GLY Y 262 68.49 -11.91 -21.87
N GLY Y 263 69.22 -12.78 -22.56
CA GLY Y 263 70.12 -12.30 -23.60
C GLY Y 263 69.40 -11.71 -24.79
N GLU Y 264 68.31 -12.36 -25.22
CA GLU Y 264 67.57 -11.87 -26.37
C GLU Y 264 66.89 -10.54 -26.06
N ILE Y 265 66.20 -10.46 -24.93
CA ILE Y 265 65.52 -9.23 -24.55
C ILE Y 265 66.54 -8.13 -24.23
N GLY Y 266 67.58 -8.48 -23.48
CA GLY Y 266 68.58 -7.50 -23.11
C GLY Y 266 68.10 -6.60 -21.98
N PHE Y 267 68.98 -6.27 -21.05
CA PHE Y 267 68.56 -5.52 -19.87
C PHE Y 267 69.60 -4.47 -19.51
N ASP Y 268 69.12 -3.29 -19.13
CA ASP Y 268 69.98 -2.19 -18.76
C ASP Y 268 70.24 -2.22 -17.25
N ALA Y 269 70.82 -1.15 -16.71
CA ALA Y 269 71.12 -1.07 -15.30
C ALA Y 269 69.85 -0.81 -14.48
N GLY Y 270 69.98 -0.97 -13.17
CA GLY Y 270 68.86 -0.76 -12.26
C GLY Y 270 68.88 0.63 -11.67
N ARG Y 271 67.74 1.29 -11.70
CA ARG Y 271 67.59 2.65 -11.20
C ARG Y 271 66.76 2.63 -9.93
N ASN Y 272 67.22 3.33 -8.89
CA ASN Y 272 66.50 3.41 -7.63
C ASN Y 272 65.31 4.35 -7.80
N VAL Y 273 64.10 3.84 -7.53
CA VAL Y 273 62.88 4.60 -7.63
C VAL Y 273 62.11 4.50 -6.32
N THR Y 274 61.26 5.49 -6.08
CA THR Y 274 60.45 5.55 -4.87
C THR Y 274 59.08 6.10 -5.23
N VAL Y 275 58.25 6.31 -4.20
CA VAL Y 275 56.93 6.90 -4.42
C VAL Y 275 57.06 8.32 -4.93
N ALA Y 276 58.07 9.06 -4.44
CA ALA Y 276 58.33 10.40 -4.94
C ALA Y 276 58.77 10.39 -6.40
N ASP Y 277 59.27 9.27 -6.89
CA ASP Y 277 59.69 9.13 -8.27
C ASP Y 277 58.56 8.62 -9.16
N VAL Y 278 57.42 8.25 -8.57
CA VAL Y 278 56.31 7.70 -9.35
C VAL Y 278 55.83 8.74 -10.35
N ASN Y 279 55.88 8.39 -11.63
CA ASN Y 279 55.49 9.28 -12.71
C ASN Y 279 54.59 8.46 -13.63
N VAL Y 280 53.30 8.79 -13.65
CA VAL Y 280 52.29 8.02 -14.36
C VAL Y 280 51.86 8.70 -15.66
N SER Y 281 52.63 9.68 -16.14
CA SER Y 281 52.27 10.36 -17.38
C SER Y 281 52.34 9.44 -18.58
N THR Y 282 52.95 8.26 -18.43
CA THR Y 282 53.04 7.28 -19.51
C THR Y 282 52.56 5.93 -18.99
N VAL Y 283 52.16 5.07 -19.92
CA VAL Y 283 51.66 3.75 -19.54
C VAL Y 283 52.75 2.94 -18.86
N ALA Y 284 53.99 3.05 -19.34
CA ALA Y 284 55.09 2.36 -18.67
C ALA Y 284 55.29 2.87 -17.25
N GLY Y 285 55.17 4.18 -17.05
CA GLY Y 285 55.34 4.73 -15.71
C GLY Y 285 54.23 4.30 -14.77
N SER Y 286 53.01 4.16 -15.27
CA SER Y 286 51.89 3.74 -14.43
C SER Y 286 51.98 2.25 -14.10
N GLN Y 287 52.41 1.44 -15.07
CA GLN Y 287 52.59 0.01 -14.80
C GLN Y 287 53.65 -0.22 -13.72
N GLU Y 288 54.76 0.52 -13.80
CA GLU Y 288 55.76 0.43 -12.75
C GLU Y 288 55.27 1.07 -11.46
N ALA Y 289 54.37 2.06 -11.56
CA ALA Y 289 53.85 2.71 -10.36
C ALA Y 289 53.06 1.75 -9.50
N VAL Y 290 52.29 0.85 -10.12
CA VAL Y 290 51.50 -0.12 -9.34
C VAL Y 290 52.42 -1.00 -8.50
N SER Y 291 53.59 -1.34 -9.04
CA SER Y 291 54.53 -2.17 -8.29
C SER Y 291 55.23 -1.35 -7.20
N ILE Y 292 55.49 -0.07 -7.46
CA ILE Y 292 56.21 0.76 -6.49
C ILE Y 292 55.36 0.94 -5.23
N LEU Y 293 54.09 1.28 -5.39
CA LEU Y 293 53.23 1.48 -4.22
C LEU Y 293 52.88 0.17 -3.54
N ASP Y 294 52.92 -0.94 -4.27
CA ASP Y 294 52.82 -2.24 -3.62
C ASP Y 294 53.97 -2.47 -2.66
N GLY Y 295 55.18 -2.10 -3.08
CA GLY Y 295 56.31 -2.14 -2.16
C GLY Y 295 56.16 -1.14 -1.03
N ALA Y 296 55.56 0.02 -1.31
CA ALA Y 296 55.37 1.04 -0.29
C ALA Y 296 54.37 0.59 0.76
N LEU Y 297 53.25 0.02 0.33
CA LEU Y 297 52.25 -0.45 1.28
C LEU Y 297 52.80 -1.57 2.15
N LYS Y 298 53.77 -2.33 1.63
CA LYS Y 298 54.40 -3.37 2.44
C LYS Y 298 55.21 -2.75 3.58
N ALA Y 299 55.95 -1.69 3.28
CA ALA Y 299 56.73 -1.01 4.32
C ALA Y 299 55.82 -0.36 5.36
N VAL Y 300 54.73 0.28 4.90
CA VAL Y 300 53.80 0.93 5.82
C VAL Y 300 53.10 -0.11 6.68
N ASP Y 301 52.63 -1.20 6.06
CA ASP Y 301 51.93 -2.25 6.81
C ASP Y 301 52.86 -2.92 7.81
N SER Y 302 54.09 -3.21 7.41
CA SER Y 302 55.02 -3.90 8.30
C SER Y 302 55.32 -3.07 9.53
N GLN Y 303 55.51 -1.75 9.35
CA GLN Y 303 55.77 -0.89 10.51
C GLN Y 303 54.53 -0.76 11.38
N ARG Y 304 53.35 -0.74 10.76
CA ARG Y 304 52.12 -0.69 11.54
C ARG Y 304 51.97 -1.91 12.43
N ALA Y 305 52.29 -3.09 11.91
CA ALA Y 305 52.26 -4.30 12.74
C ALA Y 305 53.34 -4.26 13.81
N SER Y 306 54.48 -3.65 13.50
CA SER Y 306 55.55 -3.52 14.50
C SER Y 306 55.09 -2.65 15.66
N LEU Y 307 54.37 -1.56 15.36
CA LEU Y 307 53.84 -0.70 16.41
C LEU Y 307 52.65 -1.35 17.11
N GLY Y 308 51.82 -2.08 16.37
CA GLY Y 308 50.68 -2.75 16.98
C GLY Y 308 51.10 -3.80 17.98
N ALA Y 309 52.08 -4.63 17.60
CA ALA Y 309 52.61 -5.60 18.55
C ALA Y 309 53.33 -4.91 19.70
N PHE Y 310 53.97 -3.77 19.42
CA PHE Y 310 54.62 -3.00 20.47
C PHE Y 310 53.61 -2.47 21.48
N GLN Y 311 52.47 -1.98 21.00
CA GLN Y 311 51.48 -1.38 21.90
C GLN Y 311 50.69 -2.46 22.63
N ASN Y 312 50.46 -3.60 22.00
CA ASN Y 312 49.90 -4.74 22.71
C ASN Y 312 50.82 -5.20 23.83
N ARG Y 313 52.13 -5.15 23.58
CA ARG Y 313 53.10 -5.53 24.61
C ARG Y 313 53.00 -4.59 25.82
N PHE Y 314 52.79 -3.30 25.59
CA PHE Y 314 52.60 -2.38 26.70
C PHE Y 314 51.23 -2.54 27.33
N GLY Y 315 50.27 -3.08 26.59
CA GLY Y 315 48.99 -3.43 27.20
C GLY Y 315 49.14 -4.53 28.23
N HIS Y 316 49.95 -5.54 27.91
CA HIS Y 316 50.26 -6.58 28.89
C HIS Y 316 51.16 -6.03 29.99
N ALA Y 317 52.06 -5.11 29.64
CA ALA Y 317 52.96 -4.53 30.64
C ALA Y 317 52.17 -3.74 31.68
N ILE Y 318 51.17 -2.97 31.25
CA ILE Y 318 50.36 -2.19 32.19
C ILE Y 318 49.63 -3.12 33.16
N SER Y 319 49.04 -4.19 32.62
CA SER Y 319 48.33 -5.14 33.47
C SER Y 319 49.27 -5.81 34.46
N ASN Y 320 50.45 -6.21 33.99
CA ASN Y 320 51.41 -6.87 34.87
C ASN Y 320 51.92 -5.93 35.97
N LEU Y 321 52.22 -4.68 35.59
CA LEU Y 321 52.67 -3.72 36.59
C LEU Y 321 51.57 -3.40 37.59
N ASP Y 322 50.32 -3.32 37.13
CA ASP Y 322 49.21 -3.06 38.03
C ASP Y 322 49.04 -4.19 39.04
N ASN Y 323 49.17 -5.44 38.59
CA ASN Y 323 49.03 -6.58 39.49
C ASN Y 323 50.12 -6.57 40.56
N VAL Y 324 51.37 -6.31 40.14
CA VAL Y 324 52.47 -6.27 41.10
C VAL Y 324 52.31 -5.08 42.05
N ASN Y 325 51.84 -3.95 41.53
CA ASN Y 325 51.70 -2.75 42.35
C ASN Y 325 50.69 -2.97 43.48
N GLU Y 326 49.55 -3.60 43.18
CA GLU Y 326 48.56 -3.84 44.21
C GLU Y 326 49.08 -4.80 45.28
N ASN Y 327 49.70 -5.90 44.86
CA ASN Y 327 50.19 -6.88 45.83
C ASN Y 327 51.33 -6.32 46.66
N VAL Y 328 52.12 -5.41 46.08
CA VAL Y 328 53.13 -4.71 46.86
C VAL Y 328 52.47 -3.82 47.91
N ASN Y 329 51.37 -3.14 47.53
CA ASN Y 329 50.66 -2.29 48.47
C ASN Y 329 50.08 -3.10 49.61
N ALA Y 330 49.50 -4.27 49.30
CA ALA Y 330 48.98 -5.15 50.34
C ALA Y 330 50.09 -5.64 51.26
N SER Y 331 51.26 -5.96 50.68
CA SER Y 331 52.39 -6.40 51.49
C SER Y 331 52.89 -5.30 52.40
N ARG Y 332 52.96 -4.07 51.89
CA ARG Y 332 53.40 -2.95 52.71
C ARG Y 332 52.42 -2.70 53.85
N SER Y 333 51.13 -2.89 53.58
CA SER Y 333 50.11 -2.68 54.62
C SER Y 333 50.32 -3.60 55.81
N ARG Y 334 50.64 -4.87 55.55
CA ARG Y 334 50.83 -5.82 56.63
C ARG Y 334 52.03 -5.49 57.50
N ILE Y 335 52.97 -4.70 56.99
CA ILE Y 335 54.19 -4.38 57.70
C ILE Y 335 54.12 -3.01 58.36
N ARG Y 336 53.68 -1.99 57.60
CA ARG Y 336 53.73 -0.61 58.08
C ARG Y 336 52.41 -0.15 58.69
N ASP Y 337 51.31 -0.29 57.96
CA ASP Y 337 50.04 0.30 58.37
C ASP Y 337 49.55 -0.35 59.67
N THR Y 338 49.06 0.48 60.58
CA THR Y 338 48.69 0.02 61.91
C THR Y 338 47.31 -0.64 61.90
N ASP Y 339 47.15 -1.63 62.76
CA ASP Y 339 45.90 -2.38 62.88
C ASP Y 339 45.07 -1.68 63.94
N TYR Y 340 43.94 -1.09 63.54
CA TYR Y 340 43.15 -0.28 64.46
C TYR Y 340 42.53 -1.13 65.55
N ALA Y 341 42.13 -2.36 65.24
CA ALA Y 341 41.48 -3.22 66.23
C ALA Y 341 42.42 -3.51 67.40
N ARG Y 342 43.68 -3.86 67.11
CA ARG Y 342 44.62 -4.15 68.18
C ARG Y 342 45.11 -2.87 68.87
N GLU Y 343 45.41 -1.84 68.09
CA GLU Y 343 46.07 -0.66 68.66
C GLU Y 343 45.14 0.12 69.58
N THR Y 344 43.85 0.20 69.23
CA THR Y 344 42.91 0.88 70.13
C THR Y 344 42.74 0.11 71.43
N THR Y 345 42.80 -1.23 71.38
CA THR Y 345 42.69 -2.02 72.59
C THR Y 345 43.87 -1.76 73.53
N ALA Y 346 45.09 -1.74 72.98
CA ALA Y 346 46.25 -1.39 73.80
C ALA Y 346 46.19 0.08 74.21
N MET Y 347 45.62 0.93 73.37
CA MET Y 347 45.44 2.34 73.72
C MET Y 347 44.46 2.49 74.88
N THR Y 348 43.39 1.71 74.89
CA THR Y 348 42.46 1.72 76.01
C THR Y 348 43.06 1.06 77.24
N LYS Y 349 43.76 -0.06 77.04
CA LYS Y 349 44.41 -0.74 78.17
C LYS Y 349 45.45 0.16 78.82
N ALA Y 350 46.17 0.94 78.02
CA ALA Y 350 47.17 1.85 78.57
C ALA Y 350 46.53 2.89 79.49
N GLN Y 351 45.40 3.47 79.06
CA GLN Y 351 44.69 4.42 79.92
C GLN Y 351 44.20 3.76 81.19
N ILE Y 352 43.66 2.55 81.09
CA ILE Y 352 43.17 1.84 82.26
C ILE Y 352 44.28 1.67 83.28
N LEU Y 353 45.51 1.43 82.81
CA LEU Y 353 46.65 1.31 83.71
C LEU Y 353 46.93 2.63 84.42
N GLN Y 354 46.77 3.76 83.73
CA GLN Y 354 47.06 5.05 84.35
C GLN Y 354 46.11 5.34 85.50
N GLN Y 355 44.81 5.22 85.27
CA GLN Y 355 43.85 5.55 86.34
C GLN Y 355 44.08 4.66 87.55
N ALA Y 356 44.46 3.39 87.33
CA ALA Y 356 44.85 2.53 88.44
C ALA Y 356 46.11 3.03 89.12
N SER Y 357 47.11 3.47 88.34
CA SER Y 357 48.37 3.91 88.92
C SER Y 357 48.23 5.23 89.66
N THR Y 358 47.47 6.18 89.11
CA THR Y 358 47.24 7.44 89.80
C THR Y 358 46.44 7.22 91.08
N SER Y 359 45.42 6.35 91.03
CA SER Y 359 44.64 6.05 92.22
C SER Y 359 45.49 5.40 93.29
N VAL Y 360 46.37 4.47 92.88
CA VAL Y 360 47.22 3.80 93.85
C VAL Y 360 48.35 4.72 94.31
N LEU Y 361 48.70 5.72 93.51
CA LEU Y 361 49.73 6.68 93.92
C LEU Y 361 49.17 7.65 94.96
N ALA Y 362 47.96 8.14 94.76
CA ALA Y 362 47.33 9.00 95.76
C ALA Y 362 47.11 8.26 97.07
N GLN Y 363 46.69 7.00 96.98
CA GLN Y 363 46.51 6.18 98.18
C GLN Y 363 47.84 5.95 98.89
N ALA Y 364 48.91 5.70 98.13
CA ALA Y 364 50.22 5.42 98.72
C ALA Y 364 50.84 6.64 99.40
N LYS Y 365 50.46 7.86 98.99
CA LYS Y 365 51.03 9.05 99.59
C LYS Y 365 50.56 9.27 101.03
N GLN Y 366 49.54 8.54 101.48
CA GLN Y 366 49.03 8.69 102.84
C GLN Y 366 49.78 7.84 103.84
N SER Y 367 50.68 6.96 103.40
CA SER Y 367 51.47 6.17 104.35
C SER Y 367 52.36 7.03 105.23
N PRO Y 368 53.14 7.99 104.72
CA PRO Y 368 53.88 8.88 105.63
C PRO Y 368 52.97 9.71 106.51
N SER Y 369 51.77 10.04 106.03
CA SER Y 369 50.82 10.79 106.87
C SER Y 369 50.41 9.98 108.09
N ALA Y 370 50.19 8.67 107.91
CA ALA Y 370 49.87 7.81 109.05
C ALA Y 370 51.05 7.74 110.02
N ALA Y 371 52.27 7.74 109.51
CA ALA Y 371 53.44 7.74 110.37
C ALA Y 371 53.51 9.02 111.21
N LEU Y 372 53.15 10.15 110.61
CA LEU Y 372 53.15 11.41 111.35
C LEU Y 372 52.12 11.40 112.47
N SER Y 373 50.91 10.94 112.17
CA SER Y 373 49.85 10.89 113.16
C SER Y 373 50.11 9.84 114.23
N LEU Y 374 51.06 8.93 114.01
CA LEU Y 374 51.32 7.86 114.96
C LEU Y 374 51.83 8.42 116.29
N LEU Y 375 52.89 9.23 116.24
CA LEU Y 375 53.44 9.87 117.42
C LEU Y 375 53.06 11.35 117.51
N GLY Y 376 53.26 12.10 116.44
CA GLY Y 376 52.94 13.51 116.42
C GLY Y 376 51.45 13.80 116.34
N MET Z 1 5.01 33.82 19.16
CA MET Z 1 4.00 32.78 19.10
C MET Z 1 4.07 31.86 20.32
N ALA Z 2 3.29 32.18 21.35
CA ALA Z 2 3.18 31.30 22.49
C ALA Z 2 2.59 29.96 22.06
N ILE Z 3 3.16 28.88 22.56
CA ILE Z 3 2.70 27.54 22.21
C ILE Z 3 1.43 27.24 23.01
N ASN Z 4 0.31 27.06 22.31
CA ASN Z 4 -1.01 27.14 22.91
C ASN Z 4 -1.83 25.90 22.58
N VAL Z 5 -2.81 25.63 23.44
CA VAL Z 5 -3.71 24.50 23.25
C VAL Z 5 -5.15 24.98 23.11
N ASN Z 6 -5.48 26.11 23.74
CA ASN Z 6 -6.87 26.57 23.76
C ASN Z 6 -7.32 27.02 22.38
N THR Z 7 -6.52 27.87 21.73
CA THR Z 7 -6.75 28.27 20.35
C THR Z 7 -5.54 27.86 19.52
N ASN Z 8 -5.78 27.10 18.45
CA ASN Z 8 -4.74 26.64 17.55
C ASN Z 8 -5.04 27.23 16.18
N VAL Z 9 -4.50 28.43 15.93
CA VAL Z 9 -4.90 29.23 14.77
C VAL Z 9 -4.51 28.53 13.47
N SER Z 10 -3.37 27.84 13.47
CA SER Z 10 -2.88 27.25 12.23
C SER Z 10 -3.83 26.18 11.69
N ALA Z 11 -4.58 25.53 12.58
CA ALA Z 11 -5.62 24.60 12.12
C ALA Z 11 -6.78 25.35 11.47
N MET Z 12 -7.13 26.52 12.01
CA MET Z 12 -8.18 27.33 11.38
C MET Z 12 -7.77 27.77 9.99
N THR Z 13 -6.49 28.07 9.78
CA THR Z 13 -5.99 28.31 8.43
C THR Z 13 -6.16 27.08 7.57
N ALA Z 14 -5.82 25.90 8.10
CA ALA Z 14 -5.86 24.68 7.32
C ALA Z 14 -7.28 24.35 6.87
N GLN Z 15 -8.25 24.45 7.77
CA GLN Z 15 -9.62 24.12 7.40
C GLN Z 15 -10.33 25.24 6.66
N ARG Z 16 -9.77 26.46 6.71
CA ARG Z 16 -10.31 27.54 5.89
C ARG Z 16 -9.97 27.31 4.42
N TYR Z 17 -8.71 26.97 4.14
CA TYR Z 17 -8.32 26.64 2.77
C TYR Z 17 -8.81 25.26 2.38
N LEU Z 18 -9.03 24.38 3.35
CA LEU Z 18 -9.68 23.10 3.06
C LEU Z 18 -11.11 23.34 2.57
N ASN Z 19 -11.83 24.27 3.20
CA ASN Z 19 -13.16 24.61 2.73
C ASN Z 19 -13.10 25.26 1.35
N GLY Z 20 -12.10 26.10 1.12
CA GLY Z 20 -11.95 26.73 -0.20
C GLY Z 20 -11.69 25.71 -1.29
N ALA Z 21 -10.85 24.71 -1.00
CA ALA Z 21 -10.56 23.69 -1.99
C ALA Z 21 -11.72 22.71 -2.14
N ALA Z 22 -12.36 22.34 -1.03
CA ALA Z 22 -13.49 21.41 -1.09
C ALA Z 22 -14.65 21.99 -1.88
N ASP Z 23 -14.97 23.27 -1.64
CA ASP Z 23 -15.95 23.94 -2.49
C ASP Z 23 -15.43 24.09 -3.91
N GLY Z 24 -14.13 24.36 -4.07
CA GLY Z 24 -13.58 24.60 -5.39
C GLY Z 24 -13.75 23.41 -6.32
N MET Z 25 -13.63 22.20 -5.79
CA MET Z 25 -13.87 21.02 -6.60
C MET Z 25 -15.35 20.79 -6.86
N GLN Z 26 -16.23 21.43 -6.10
CA GLN Z 26 -17.66 21.14 -6.19
C GLN Z 26 -18.26 21.71 -7.48
N LYS Z 27 -17.93 22.96 -7.83
CA LYS Z 27 -18.38 23.44 -9.12
C LYS Z 27 -17.67 22.75 -10.28
N SER Z 28 -16.45 22.28 -10.05
CA SER Z 28 -15.77 21.49 -11.08
C SER Z 28 -16.50 20.18 -11.34
N MET Z 29 -16.95 19.51 -10.27
CA MET Z 29 -17.71 18.28 -10.43
C MET Z 29 -19.07 18.55 -11.07
N GLU Z 30 -19.73 19.63 -10.67
CA GLU Z 30 -21.02 19.97 -11.23
C GLU Z 30 -20.91 20.32 -12.71
N ARG Z 31 -19.86 21.07 -13.07
CA ARG Z 31 -19.67 21.44 -14.47
C ARG Z 31 -19.33 20.23 -15.32
N LEU Z 32 -18.56 19.28 -14.77
CA LEU Z 32 -18.20 18.08 -15.50
C LEU Z 32 -19.40 17.15 -15.68
N SER Z 33 -20.15 16.91 -14.59
CA SER Z 33 -21.27 15.97 -14.65
C SER Z 33 -22.39 16.48 -15.55
N SER Z 34 -22.70 17.77 -15.47
CA SER Z 34 -23.78 18.32 -16.26
C SER Z 34 -23.35 18.75 -17.65
N GLY Z 35 -22.05 18.94 -17.87
CA GLY Z 35 -21.57 19.42 -19.15
C GLY Z 35 -21.84 20.89 -19.42
N TYR Z 36 -22.14 21.68 -18.41
CA TYR Z 36 -22.49 23.08 -18.57
C TYR Z 36 -21.66 23.92 -17.61
N LYS Z 37 -20.97 24.93 -18.14
CA LYS Z 37 -20.20 25.83 -17.28
C LYS Z 37 -21.11 26.67 -16.40
N ILE Z 38 -22.25 27.11 -16.93
CA ILE Z 38 -23.18 27.93 -16.16
C ILE Z 38 -24.42 27.12 -15.82
N ASN Z 39 -24.42 26.49 -14.65
CA ASN Z 39 -25.60 25.82 -14.13
C ASN Z 39 -26.48 26.73 -13.29
N SER Z 40 -26.01 27.95 -13.01
CA SER Z 40 -26.73 28.88 -12.16
C SER Z 40 -26.19 30.28 -12.41
N ALA Z 41 -26.99 31.29 -12.04
CA ALA Z 41 -26.54 32.67 -12.14
C ALA Z 41 -25.38 32.97 -11.21
N ARG Z 42 -25.09 32.10 -10.24
CA ARG Z 42 -23.91 32.25 -9.40
C ARG Z 42 -22.64 32.27 -10.23
N ASP Z 43 -22.53 31.34 -11.18
CA ASP Z 43 -21.31 31.23 -11.99
C ASP Z 43 -21.14 32.45 -12.89
N ASP Z 44 -22.18 32.79 -13.66
CA ASP Z 44 -22.10 33.92 -14.58
C ASP Z 44 -23.53 34.40 -14.85
N ALA Z 45 -23.91 35.52 -14.23
CA ALA Z 45 -25.24 36.08 -14.45
C ALA Z 45 -25.42 36.50 -15.90
N ALA Z 46 -24.40 37.12 -16.50
CA ALA Z 46 -24.48 37.51 -17.90
C ALA Z 46 -24.58 36.29 -18.80
N GLY Z 47 -23.70 35.31 -18.58
CA GLY Z 47 -23.69 34.13 -19.43
C GLY Z 47 -25.01 33.39 -19.42
N LEU Z 48 -25.65 33.32 -18.25
CA LEU Z 48 -26.95 32.67 -18.16
C LEU Z 48 -28.00 33.41 -19.00
N GLN Z 49 -28.00 34.74 -18.92
CA GLN Z 49 -29.00 35.52 -19.63
C GLN Z 49 -28.83 35.41 -21.14
N ILE Z 50 -27.60 35.54 -21.64
CA ILE Z 50 -27.36 35.48 -23.07
C ILE Z 50 -27.55 34.06 -23.59
N SER Z 51 -27.11 33.06 -22.81
CA SER Z 51 -27.31 31.68 -23.24
C SER Z 51 -28.78 31.31 -23.26
N ASN Z 52 -29.56 31.78 -22.29
CA ASN Z 52 -30.99 31.53 -22.29
C ASN Z 52 -31.66 32.17 -23.50
N ARG Z 53 -31.22 33.39 -23.86
CA ARG Z 53 -31.74 34.02 -25.06
C ARG Z 53 -31.36 33.24 -26.32
N LEU Z 54 -30.13 32.71 -26.35
CA LEU Z 54 -29.68 31.94 -27.50
C LEU Z 54 -30.33 30.56 -27.53
N THR Z 55 -30.64 29.99 -26.36
CA THR Z 55 -31.35 28.73 -26.32
C THR Z 55 -32.77 28.89 -26.84
N SER Z 56 -33.47 29.94 -26.39
CA SER Z 56 -34.82 30.21 -26.88
C SER Z 56 -34.81 30.51 -28.38
N GLN Z 57 -33.82 31.27 -28.84
CA GLN Z 57 -33.70 31.54 -30.28
C GLN Z 57 -33.39 30.26 -31.04
N SER Z 58 -32.50 29.41 -30.50
CA SER Z 58 -32.17 28.15 -31.16
C SER Z 58 -33.40 27.26 -31.27
N ARG Z 59 -34.18 27.16 -30.20
CA ARG Z 59 -35.45 26.44 -30.27
C ARG Z 59 -36.40 27.09 -31.28
N GLY Z 60 -36.42 28.42 -31.30
CA GLY Z 60 -37.27 29.11 -32.27
C GLY Z 60 -36.92 28.76 -33.70
N LEU Z 61 -35.65 28.49 -33.97
CA LEU Z 61 -35.22 28.16 -35.33
C LEU Z 61 -35.58 26.74 -35.71
N ASP Z 62 -35.66 25.82 -34.74
CA ASP Z 62 -36.05 24.46 -35.06
C ASP Z 62 -37.54 24.37 -35.37
N MET Z 63 -38.37 25.05 -34.58
CA MET Z 63 -39.78 25.18 -34.95
C MET Z 63 -39.96 26.09 -36.15
N ALA Z 64 -38.97 26.91 -36.48
CA ALA Z 64 -39.05 27.71 -37.70
C ALA Z 64 -38.87 26.84 -38.94
N VAL Z 65 -37.87 25.96 -38.93
CA VAL Z 65 -37.66 25.08 -40.07
C VAL Z 65 -38.72 23.99 -40.13
N LYS Z 66 -39.23 23.55 -38.96
CA LYS Z 66 -40.33 22.58 -38.95
C LYS Z 66 -41.59 23.19 -39.55
N ASN Z 67 -41.89 24.45 -39.20
CA ASN Z 67 -43.06 25.10 -39.76
C ASN Z 67 -42.87 25.42 -41.24
N ALA Z 68 -41.64 25.81 -41.62
CA ALA Z 68 -41.36 26.07 -43.03
C ALA Z 68 -41.48 24.81 -43.86
N ASN Z 69 -41.07 23.67 -43.30
CA ASN Z 69 -41.22 22.39 -44.00
C ASN Z 69 -42.69 22.08 -44.25
N ASP Z 70 -43.55 22.33 -43.26
CA ASP Z 70 -44.98 22.11 -43.44
C ASP Z 70 -45.55 23.04 -44.50
N GLY Z 71 -45.11 24.30 -44.52
CA GLY Z 71 -45.56 25.20 -45.56
C GLY Z 71 -45.17 24.74 -46.95
N ILE Z 72 -43.98 24.15 -47.07
CA ILE Z 72 -43.58 23.54 -48.34
C ILE Z 72 -44.47 22.35 -48.67
N SER Z 73 -44.81 21.55 -47.66
CA SER Z 73 -45.64 20.36 -47.88
C SER Z 73 -47.02 20.74 -48.39
N ILE Z 74 -47.62 21.79 -47.82
CA ILE Z 74 -48.95 22.22 -48.26
C ILE Z 74 -48.88 22.69 -49.70
N ALA Z 75 -47.84 23.45 -50.05
CA ALA Z 75 -47.69 23.92 -51.43
C ALA Z 75 -47.48 22.75 -52.38
N GLN Z 76 -46.68 21.76 -51.98
CA GLN Z 76 -46.43 20.60 -52.83
C GLN Z 76 -47.70 19.78 -53.03
N THR Z 77 -48.45 19.54 -51.94
CA THR Z 77 -49.69 18.77 -52.07
C THR Z 77 -50.68 19.46 -52.99
N ALA Z 78 -50.77 20.78 -52.90
CA ALA Z 78 -51.63 21.53 -53.81
C ALA Z 78 -51.13 21.44 -55.25
N GLU Z 79 -49.81 21.56 -55.45
CA GLU Z 79 -49.27 21.57 -56.80
C GLU Z 79 -49.57 20.26 -57.53
N GLY Z 80 -49.57 19.15 -56.81
CA GLY Z 80 -50.03 17.90 -57.40
C GLY Z 80 -51.48 17.98 -57.82
N ALA Z 81 -52.32 18.67 -57.05
CA ALA Z 81 -53.72 18.87 -57.42
C ALA Z 81 -53.84 19.72 -58.68
N MET Z 82 -53.05 20.80 -58.78
CA MET Z 82 -53.08 21.60 -60.00
C MET Z 82 -52.56 20.80 -61.20
N ASN Z 83 -51.64 19.87 -60.98
CA ASN Z 83 -51.07 19.10 -62.08
C ASN Z 83 -52.13 18.28 -62.79
N GLU Z 84 -53.00 17.62 -62.03
CA GLU Z 84 -54.10 16.89 -62.64
C GLU Z 84 -55.09 17.83 -63.30
N THR Z 85 -55.36 18.98 -62.67
CA THR Z 85 -56.28 19.95 -63.26
C THR Z 85 -55.78 20.44 -64.61
N THR Z 86 -54.46 20.67 -64.73
CA THR Z 86 -53.90 21.07 -66.01
C THR Z 86 -54.08 19.97 -67.06
N ASN Z 87 -53.85 18.72 -66.68
CA ASN Z 87 -54.00 17.61 -67.62
C ASN Z 87 -55.44 17.46 -68.07
N ILE Z 88 -56.40 17.59 -67.13
CA ILE Z 88 -57.80 17.51 -67.50
C ILE Z 88 -58.18 18.65 -68.43
N LEU Z 89 -57.76 19.88 -68.10
CA LEU Z 89 -58.11 21.03 -68.91
C LEU Z 89 -57.59 20.90 -70.34
N GLN Z 90 -56.36 20.38 -70.48
CA GLN Z 90 -55.82 20.14 -71.81
C GLN Z 90 -56.65 19.13 -72.58
N ARG Z 91 -57.11 18.07 -71.90
CA ARG Z 91 -57.92 17.06 -72.57
C ARG Z 91 -59.22 17.63 -73.10
N MET Z 92 -59.87 18.50 -72.32
CA MET Z 92 -61.07 19.16 -72.82
C MET Z 92 -60.76 20.09 -73.98
N ARG Z 93 -59.51 20.57 -74.06
CA ARG Z 93 -59.14 21.46 -75.16
C ARG Z 93 -59.09 20.71 -76.49
N ASP Z 94 -58.51 19.51 -76.49
CA ASP Z 94 -58.50 18.72 -77.73
C ASP Z 94 -59.91 18.29 -78.10
N LEU Z 95 -60.75 17.95 -77.10
CA LEU Z 95 -62.13 17.59 -77.40
C LEU Z 95 -62.89 18.77 -78.02
N ALA Z 96 -62.66 19.98 -77.50
CA ALA Z 96 -63.31 21.15 -78.07
C ALA Z 96 -62.84 21.40 -79.49
N LEU Z 97 -61.54 21.26 -79.75
CA LEU Z 97 -61.01 21.46 -81.10
C LEU Z 97 -61.51 20.38 -82.05
N GLN Z 98 -61.59 19.13 -81.57
CA GLN Z 98 -62.04 18.03 -82.41
C GLN Z 98 -63.52 18.15 -82.72
N SER Z 99 -64.33 18.57 -81.74
CA SER Z 99 -65.77 18.67 -81.96
C SER Z 99 -66.13 19.81 -82.90
N SER Z 100 -65.34 20.88 -82.92
CA SER Z 100 -65.61 22.01 -83.81
C SER Z 100 -65.36 21.66 -85.28
N ASN Z 101 -64.71 20.54 -85.56
CA ASN Z 101 -64.50 20.12 -86.94
C ASN Z 101 -65.83 19.93 -87.66
N GLY Z 102 -65.89 20.42 -88.89
CA GLY Z 102 -67.12 20.35 -89.68
C GLY Z 102 -67.52 18.94 -90.10
N SER Z 103 -66.62 17.97 -90.00
CA SER Z 103 -66.94 16.60 -90.38
C SER Z 103 -67.82 15.91 -89.35
N ASN Z 104 -67.84 16.39 -88.11
CA ASN Z 104 -68.65 15.78 -87.07
C ASN Z 104 -70.13 16.07 -87.27
N SER Z 105 -70.96 15.12 -86.87
CA SER Z 105 -72.40 15.29 -86.88
C SER Z 105 -72.89 15.72 -85.49
N SER Z 106 -74.18 16.03 -85.41
CA SER Z 106 -74.76 16.47 -84.15
C SER Z 106 -74.67 15.37 -83.08
N SER Z 107 -74.91 14.12 -83.47
CA SER Z 107 -74.84 13.02 -82.52
C SER Z 107 -73.41 12.84 -82.00
N GLU Z 108 -72.42 12.99 -82.88
CA GLU Z 108 -71.03 12.83 -82.46
C GLU Z 108 -70.63 13.91 -81.46
N ARG Z 109 -71.11 15.13 -81.67
CA ARG Z 109 -70.83 16.21 -80.71
C ARG Z 109 -71.42 15.89 -79.34
N ARG Z 110 -72.61 15.28 -79.30
CA ARG Z 110 -73.18 14.88 -78.03
C ARG Z 110 -72.38 13.76 -77.38
N ALA Z 111 -71.68 12.96 -78.19
CA ALA Z 111 -70.81 11.93 -77.63
C ALA Z 111 -69.55 12.55 -77.03
N ILE Z 112 -69.00 13.58 -77.67
CA ILE Z 112 -67.85 14.27 -77.11
C ILE Z 112 -68.26 15.07 -75.87
N GLN Z 113 -69.45 15.68 -75.90
CA GLN Z 113 -69.92 16.45 -74.76
C GLN Z 113 -70.08 15.58 -73.51
N GLU Z 114 -70.36 14.29 -73.69
CA GLU Z 114 -70.43 13.38 -72.55
C GLU Z 114 -69.10 13.30 -71.82
N GLU Z 115 -68.01 13.20 -72.57
CA GLU Z 115 -66.69 13.18 -71.95
C GLU Z 115 -66.32 14.55 -71.39
N VAL Z 116 -66.72 15.62 -72.06
CA VAL Z 116 -66.44 16.97 -71.57
C VAL Z 116 -67.17 17.20 -70.24
N SER Z 117 -68.44 16.80 -70.17
CA SER Z 117 -69.21 16.96 -68.93
C SER Z 117 -68.62 16.12 -67.81
N ALA Z 118 -68.21 14.88 -68.10
CA ALA Z 118 -67.61 14.05 -67.07
C ALA Z 118 -66.29 14.62 -66.59
N LEU Z 119 -65.48 15.13 -67.52
CA LEU Z 119 -64.21 15.75 -67.15
C LEU Z 119 -64.43 17.04 -66.37
N ASN Z 120 -65.47 17.81 -66.73
CA ASN Z 120 -65.78 19.02 -66.00
C ASN Z 120 -66.14 18.71 -64.54
N ASP Z 121 -66.92 17.65 -64.34
CA ASP Z 121 -67.24 17.22 -62.97
C ASP Z 121 -66.00 16.74 -62.24
N GLU Z 122 -65.01 16.22 -62.98
CA GLU Z 122 -63.76 15.78 -62.36
C GLU Z 122 -63.01 16.97 -61.78
N LEU Z 123 -63.04 18.11 -62.47
CA LEU Z 123 -62.34 19.30 -61.98
C LEU Z 123 -62.92 19.77 -60.64
N ASN Z 124 -64.24 19.75 -60.51
CA ASN Z 124 -64.85 20.13 -59.24
C ASN Z 124 -64.48 19.15 -58.13
N ARG Z 125 -64.43 17.85 -58.45
CA ARG Z 125 -64.06 16.86 -57.45
C ARG Z 125 -62.62 17.08 -56.96
N ILE Z 126 -61.72 17.44 -57.87
CA ILE Z 126 -60.34 17.72 -57.47
C ILE Z 126 -60.30 18.90 -56.52
N ALA Z 127 -61.07 19.95 -56.80
CA ALA Z 127 -61.07 21.14 -55.95
C ALA Z 127 -61.67 20.85 -54.58
N GLU Z 128 -62.78 20.10 -54.53
CA GLU Z 128 -63.49 19.91 -53.28
C GLU Z 128 -62.81 18.90 -52.36
N THR Z 129 -62.22 17.85 -52.93
CA THR Z 129 -61.74 16.74 -52.09
C THR Z 129 -60.27 16.85 -51.72
N THR Z 130 -59.46 17.55 -52.51
CA THR Z 130 -58.04 17.68 -52.18
C THR Z 130 -57.87 18.39 -50.85
N SER Z 131 -57.07 17.80 -49.97
CA SER Z 131 -56.86 18.35 -48.64
C SER Z 131 -55.53 17.84 -48.09
N PHE Z 132 -55.03 18.54 -47.09
CA PHE Z 132 -53.80 18.18 -46.40
C PHE Z 132 -54.16 17.80 -44.96
N GLY Z 133 -54.39 16.51 -44.74
CA GLY Z 133 -54.81 16.05 -43.43
C GLY Z 133 -56.16 16.56 -42.99
N GLY Z 134 -57.13 16.59 -43.91
CA GLY Z 134 -58.45 17.09 -43.62
C GLY Z 134 -58.67 18.56 -43.87
N ASN Z 135 -57.60 19.34 -44.00
CA ASN Z 135 -57.69 20.77 -44.26
C ASN Z 135 -57.84 21.00 -45.76
N LYS Z 136 -59.04 21.39 -46.19
CA LYS Z 136 -59.30 21.59 -47.61
C LYS Z 136 -58.43 22.71 -48.17
N LEU Z 137 -58.00 22.55 -49.41
CA LEU Z 137 -57.04 23.45 -50.05
C LEU Z 137 -57.60 24.17 -51.26
N LEU Z 138 -58.15 23.43 -52.22
CA LEU Z 138 -58.37 23.94 -53.57
C LEU Z 138 -59.76 24.51 -53.82
N ASN Z 139 -60.67 24.46 -52.84
CA ASN Z 139 -62.02 24.97 -53.05
C ASN Z 139 -62.20 26.41 -52.59
N GLY Z 140 -61.12 27.07 -52.14
CA GLY Z 140 -61.19 28.45 -51.73
C GLY Z 140 -61.39 28.69 -50.24
N SER Z 141 -61.59 27.64 -49.45
CA SER Z 141 -61.78 27.81 -48.02
C SER Z 141 -60.49 28.14 -47.30
N PHE Z 142 -59.33 27.93 -47.94
CA PHE Z 142 -58.07 28.24 -47.29
C PHE Z 142 -57.86 29.74 -47.15
N GLY Z 143 -58.24 30.50 -48.17
CA GLY Z 143 -58.04 31.95 -48.12
C GLY Z 143 -56.56 32.27 -48.07
N SER Z 144 -56.17 33.04 -47.05
CA SER Z 144 -54.77 33.40 -46.82
C SER Z 144 -54.38 32.98 -45.42
N LYS Z 145 -53.26 32.27 -45.31
CA LYS Z 145 -52.77 31.78 -44.04
C LYS Z 145 -51.29 32.15 -43.89
N SER Z 146 -50.89 32.43 -42.65
CA SER Z 146 -49.54 32.88 -42.35
C SER Z 146 -48.74 31.71 -41.78
N PHE Z 147 -47.57 31.44 -42.38
CA PHE Z 147 -46.68 30.38 -41.93
C PHE Z 147 -45.50 31.00 -41.19
N GLN Z 148 -45.28 30.54 -39.96
CA GLN Z 148 -44.31 31.15 -39.05
C GLN Z 148 -42.93 30.58 -39.32
N ILE Z 149 -42.03 31.40 -39.87
CA ILE Z 149 -40.69 30.94 -40.21
C ILE Z 149 -39.63 31.78 -39.51
N GLY Z 150 -39.95 32.28 -38.32
CA GLY Z 150 -39.02 33.09 -37.57
C GLY Z 150 -38.87 32.59 -36.15
N ALA Z 151 -37.79 33.04 -35.50
CA ALA Z 151 -37.52 32.67 -34.13
C ALA Z 151 -38.25 33.53 -33.11
N ASP Z 152 -38.84 34.64 -33.54
CA ASP Z 152 -39.59 35.51 -32.65
C ASP Z 152 -41.00 35.72 -33.20
N SER Z 153 -41.79 36.58 -32.56
CA SER Z 153 -43.16 36.79 -33.00
C SER Z 153 -43.20 37.63 -34.27
N GLY Z 154 -44.30 37.47 -35.02
CA GLY Z 154 -44.56 38.30 -36.19
C GLY Z 154 -43.57 38.16 -37.32
N GLU Z 155 -43.14 36.94 -37.63
CA GLU Z 155 -42.22 36.67 -38.71
C GLU Z 155 -42.80 35.65 -39.70
N ALA Z 156 -44.06 35.83 -40.06
CA ALA Z 156 -44.77 34.87 -40.90
C ALA Z 156 -44.80 35.32 -42.36
N VAL Z 157 -45.31 34.43 -43.21
CA VAL Z 157 -45.40 34.67 -44.65
C VAL Z 157 -46.77 34.18 -45.12
N MET Z 158 -47.41 34.97 -45.97
CA MET Z 158 -48.80 34.72 -46.37
C MET Z 158 -48.86 33.82 -47.59
N LEU Z 159 -49.54 32.69 -47.46
CA LEU Z 159 -49.87 31.82 -48.57
C LEU Z 159 -51.33 32.03 -48.96
N SER Z 160 -51.55 32.34 -50.24
CA SER Z 160 -52.89 32.57 -50.77
C SER Z 160 -53.16 31.57 -51.89
N MET Z 161 -54.34 30.97 -51.85
CA MET Z 161 -54.75 29.99 -52.86
C MET Z 161 -56.17 30.28 -53.32
N GLY Z 162 -56.31 30.61 -54.60
CA GLY Z 162 -57.64 30.81 -55.15
C GLY Z 162 -58.33 29.49 -55.42
N SER Z 163 -59.66 29.55 -55.42
CA SER Z 163 -60.46 28.36 -55.70
C SER Z 163 -60.35 27.97 -57.16
N MET Z 164 -60.23 26.67 -57.41
CA MET Z 164 -60.19 26.12 -58.77
C MET Z 164 -61.38 25.22 -59.06
N ARG Z 165 -62.56 25.64 -58.62
CA ARG Z 165 -63.77 25.05 -59.16
C ARG Z 165 -63.95 25.50 -60.61
N SER Z 166 -64.70 24.72 -61.38
CA SER Z 166 -64.88 25.05 -62.79
C SER Z 166 -65.73 26.28 -63.01
N ASP Z 167 -66.39 26.80 -61.97
CA ASP Z 167 -67.26 27.96 -62.07
C ASP Z 167 -66.62 29.24 -61.56
N THR Z 168 -65.32 29.22 -61.28
CA THR Z 168 -64.65 30.42 -60.80
C THR Z 168 -64.61 31.48 -61.90
N GLN Z 169 -64.82 32.75 -61.50
CA GLN Z 169 -64.81 33.84 -62.46
C GLN Z 169 -63.44 33.98 -63.12
N ALA Z 170 -62.36 33.85 -62.34
CA ALA Z 170 -61.02 33.92 -62.88
C ALA Z 170 -60.67 32.72 -63.75
N MET Z 171 -61.49 31.67 -63.72
CA MET Z 171 -61.30 30.50 -64.56
C MET Z 171 -62.17 30.56 -65.82
N GLY Z 172 -62.41 31.76 -66.32
CA GLY Z 172 -63.23 31.97 -67.49
C GLY Z 172 -63.12 33.37 -68.05
N GLY Z 173 -64.23 33.95 -68.46
CA GLY Z 173 -64.23 35.31 -68.98
C GLY Z 173 -65.60 35.70 -69.49
N LYS Z 174 -65.63 36.76 -70.28
CA LYS Z 174 -66.86 37.26 -70.88
C LYS Z 174 -66.83 37.00 -72.39
N SER Z 175 -68.01 36.75 -72.95
CA SER Z 175 -68.14 36.41 -74.35
C SER Z 175 -69.20 37.29 -75.00
N TYR Z 176 -68.94 37.68 -76.25
CA TYR Z 176 -69.85 38.54 -77.01
C TYR Z 176 -70.13 37.88 -78.34
N ARG Z 177 -71.37 38.00 -78.81
CA ARG Z 177 -71.78 37.40 -80.07
C ARG Z 177 -72.36 38.48 -80.98
N ALA Z 178 -71.90 38.51 -82.23
CA ALA Z 178 -72.43 39.47 -83.19
C ALA Z 178 -73.87 39.14 -83.53
N GLN Z 179 -74.72 40.16 -83.56
CA GLN Z 179 -76.14 39.98 -83.80
C GLN Z 179 -76.46 39.65 -85.25
N GLU Z 180 -75.50 39.77 -86.16
CA GLU Z 180 -75.71 39.56 -87.58
C GLU Z 180 -74.97 38.32 -88.06
N GLY Z 181 -75.63 37.52 -88.88
CA GLY Z 181 -75.02 36.33 -89.47
C GLY Z 181 -74.57 36.61 -90.90
N LYS Z 182 -73.44 36.01 -91.27
CA LYS Z 182 -72.84 36.20 -92.58
C LYS Z 182 -72.56 34.83 -93.19
N ALA Z 183 -72.95 34.65 -94.45
CA ALA Z 183 -72.77 33.38 -95.14
C ALA Z 183 -71.34 33.31 -95.70
N ALA Z 184 -71.07 32.29 -96.51
CA ALA Z 184 -69.76 32.13 -97.11
C ALA Z 184 -69.53 33.02 -98.32
N ASP Z 185 -70.57 33.73 -98.77
CA ASP Z 185 -70.46 34.64 -99.91
C ASP Z 185 -70.19 36.08 -99.47
N TRP Z 186 -70.00 36.32 -98.17
CA TRP Z 186 -69.81 37.67 -97.65
C TRP Z 186 -68.33 37.97 -97.50
N ARG Z 187 -67.90 39.08 -98.10
CA ARG Z 187 -66.54 39.58 -97.96
C ARG Z 187 -66.61 41.04 -97.51
N VAL Z 188 -65.62 41.44 -96.71
CA VAL Z 188 -65.61 42.79 -96.16
C VAL Z 188 -65.66 43.82 -97.27
N GLY Z 189 -66.56 44.80 -97.13
CA GLY Z 189 -66.76 45.80 -98.16
C GLY Z 189 -65.92 47.04 -97.96
N ALA Z 190 -66.55 48.21 -97.96
CA ALA Z 190 -65.86 49.48 -97.83
C ALA Z 190 -65.65 49.91 -96.39
N ALA Z 191 -66.27 49.23 -95.43
CA ALA Z 191 -66.08 49.50 -94.02
C ALA Z 191 -65.33 48.32 -93.41
N THR Z 192 -64.15 48.59 -92.85
CA THR Z 192 -63.27 47.52 -92.40
C THR Z 192 -62.76 47.73 -90.98
N ASP Z 193 -62.65 48.98 -90.54
CA ASP Z 193 -62.06 49.27 -89.25
C ASP Z 193 -62.93 48.71 -88.12
N LEU Z 194 -62.28 48.17 -87.10
CA LEU Z 194 -62.94 47.51 -85.98
C LEU Z 194 -62.14 47.79 -84.73
N THR Z 195 -62.76 48.52 -83.79
CA THR Z 195 -62.07 49.02 -82.61
C THR Z 195 -62.59 48.30 -81.38
N LEU Z 196 -61.67 47.73 -80.58
CA LEU Z 196 -62.00 47.09 -79.31
C LEU Z 196 -61.37 47.92 -78.20
N SER Z 197 -62.21 48.63 -77.44
CA SER Z 197 -61.76 49.46 -76.34
C SER Z 197 -62.18 48.80 -75.03
N TYR Z 198 -61.20 48.53 -74.18
CA TYR Z 198 -61.46 47.84 -72.91
C TYR Z 198 -60.41 48.30 -71.90
N THR Z 199 -60.30 47.56 -70.79
CA THR Z 199 -59.35 47.86 -69.73
C THR Z 199 -58.63 46.57 -69.34
N ASN Z 200 -57.31 46.56 -69.48
CA ASN Z 200 -56.51 45.39 -69.14
C ASN Z 200 -56.50 45.18 -67.63
N LYS Z 201 -55.89 44.06 -67.22
CA LYS Z 201 -55.92 43.67 -65.81
C LYS Z 201 -55.15 44.62 -64.91
N GLN Z 202 -54.17 45.36 -65.45
CA GLN Z 202 -53.44 46.32 -64.64
C GLN Z 202 -54.25 47.58 -64.34
N GLY Z 203 -55.50 47.64 -64.78
CA GLY Z 203 -56.35 48.79 -64.54
C GLY Z 203 -56.19 49.92 -65.54
N GLU Z 204 -55.25 49.80 -66.47
CA GLU Z 204 -55.04 50.85 -67.46
C GLU Z 204 -55.94 50.62 -68.67
N ALA Z 205 -56.40 51.72 -69.26
CA ALA Z 205 -57.23 51.63 -70.45
C ALA Z 205 -56.41 51.16 -71.64
N ARG Z 206 -57.03 50.34 -72.48
CA ARG Z 206 -56.40 49.81 -73.67
C ARG Z 206 -57.26 50.10 -74.89
N GLU Z 207 -56.61 50.25 -76.05
CA GLU Z 207 -57.29 50.53 -77.30
C GLU Z 207 -56.64 49.72 -78.41
N VAL Z 208 -57.44 48.91 -79.09
CA VAL Z 208 -56.97 48.10 -80.20
C VAL Z 208 -57.77 48.47 -81.43
N THR Z 209 -57.10 49.00 -82.44
CA THR Z 209 -57.74 49.41 -83.69
C THR Z 209 -57.29 48.44 -84.77
N ILE Z 210 -58.15 47.46 -85.07
CA ILE Z 210 -57.86 46.46 -86.07
C ILE Z 210 -58.42 46.93 -87.41
N ASN Z 211 -57.54 47.08 -88.39
CA ASN Z 211 -57.93 47.42 -89.75
C ASN Z 211 -57.96 46.12 -90.56
N ALA Z 212 -59.17 45.58 -90.75
CA ALA Z 212 -59.33 44.32 -91.45
C ALA Z 212 -58.94 44.47 -92.92
N LYS Z 213 -58.99 43.36 -93.65
CA LYS Z 213 -58.63 43.33 -95.05
C LYS Z 213 -59.85 43.07 -95.92
N GLN Z 214 -59.95 43.81 -97.02
CA GLN Z 214 -61.06 43.63 -97.95
C GLN Z 214 -60.97 42.26 -98.61
N GLY Z 215 -62.14 41.69 -98.89
CA GLY Z 215 -62.22 40.40 -99.55
C GLY Z 215 -62.14 39.20 -98.63
N ASP Z 216 -62.01 39.40 -97.32
CA ASP Z 216 -61.96 38.29 -96.38
C ASP Z 216 -63.36 37.91 -95.93
N ASP Z 217 -63.64 36.62 -95.88
CA ASP Z 217 -64.89 36.11 -95.33
C ASP Z 217 -64.76 36.08 -93.80
N LEU Z 218 -65.81 35.62 -93.11
CA LEU Z 218 -65.81 35.69 -91.67
C LEU Z 218 -64.78 34.76 -91.04
N GLU Z 219 -64.61 33.57 -91.61
CA GLU Z 219 -63.65 32.62 -91.05
C GLU Z 219 -62.22 33.17 -91.14
N GLU Z 220 -61.88 33.79 -92.28
CA GLU Z 220 -60.59 34.46 -92.39
C GLU Z 220 -60.53 35.67 -91.46
N LEU Z 221 -61.65 36.36 -91.29
CA LEU Z 221 -61.68 37.55 -90.45
C LEU Z 221 -61.37 37.20 -88.99
N ALA Z 222 -61.93 36.09 -88.49
CA ALA Z 222 -61.66 35.70 -87.12
C ALA Z 222 -60.21 35.31 -86.91
N THR Z 223 -59.58 34.74 -87.95
CA THR Z 223 -58.16 34.42 -87.86
C THR Z 223 -57.32 35.68 -87.85
N TYR Z 224 -57.76 36.73 -88.56
CA TYR Z 224 -57.03 37.98 -88.58
C TYR Z 224 -57.07 38.66 -87.21
N ILE Z 225 -58.25 38.71 -86.59
CA ILE Z 225 -58.37 39.33 -85.27
C ILE Z 225 -57.55 38.58 -84.24
N ASN Z 226 -57.59 37.24 -84.30
CA ASN Z 226 -56.78 36.43 -83.38
C ASN Z 226 -55.29 36.66 -83.61
N GLY Z 227 -54.88 36.82 -84.86
CA GLY Z 227 -53.47 37.01 -85.17
C GLY Z 227 -52.98 38.44 -85.03
N GLN Z 228 -53.87 39.39 -84.78
CA GLN Z 228 -53.46 40.78 -84.64
C GLN Z 228 -53.36 41.23 -83.19
N THR Z 229 -54.14 40.61 -82.29
CA THR Z 229 -54.10 40.96 -80.88
C THR Z 229 -54.22 39.69 -80.05
N GLU Z 230 -53.63 39.72 -78.85
CA GLU Z 230 -53.67 38.59 -77.93
C GLU Z 230 -54.60 38.83 -76.75
N ASP Z 231 -55.23 40.01 -76.66
CA ASP Z 231 -56.14 40.26 -75.56
C ASP Z 231 -57.47 39.55 -75.75
N VAL Z 232 -57.94 39.46 -76.99
CA VAL Z 232 -59.22 38.83 -77.30
C VAL Z 232 -58.98 37.72 -78.32
N LYS Z 233 -59.90 36.76 -78.34
CA LYS Z 233 -59.87 35.65 -79.27
C LYS Z 233 -61.16 35.63 -80.09
N ALA Z 234 -61.03 35.43 -81.40
CA ALA Z 234 -62.15 35.52 -82.32
C ALA Z 234 -62.53 34.12 -82.82
N SER Z 235 -63.83 33.94 -83.06
CA SER Z 235 -64.35 32.68 -83.55
C SER Z 235 -65.63 32.94 -84.35
N VAL Z 236 -66.14 31.89 -84.98
CA VAL Z 236 -67.35 31.96 -85.80
C VAL Z 236 -68.22 30.76 -85.49
N GLY Z 237 -69.52 31.00 -85.30
CA GLY Z 237 -70.48 29.95 -85.01
C GLY Z 237 -71.07 29.32 -86.25
N GLU Z 238 -72.17 28.58 -86.04
CA GLU Z 238 -72.85 27.93 -87.16
C GLU Z 238 -73.44 28.95 -88.12
N ASP Z 239 -74.18 29.92 -87.59
CA ASP Z 239 -74.87 30.90 -88.43
C ASP Z 239 -73.91 31.86 -89.13
N GLY Z 240 -72.63 31.88 -88.75
CA GLY Z 240 -71.70 32.84 -89.29
C GLY Z 240 -71.72 34.12 -88.49
N LYS Z 241 -71.56 34.00 -87.17
CA LYS Z 241 -71.58 35.13 -86.26
C LYS Z 241 -70.23 35.22 -85.56
N LEU Z 242 -69.53 36.33 -85.76
CA LEU Z 242 -68.23 36.51 -85.12
C LEU Z 242 -68.42 36.72 -83.62
N GLN Z 243 -67.66 35.97 -82.83
CA GLN Z 243 -67.75 36.00 -81.37
C GLN Z 243 -66.37 36.22 -80.79
N LEU Z 244 -66.26 37.19 -79.86
CA LEU Z 244 -65.01 37.51 -79.20
C LEU Z 244 -65.10 37.11 -77.74
N PHE Z 245 -64.06 36.44 -77.24
CA PHE Z 245 -63.97 36.04 -75.85
C PHE Z 245 -62.82 36.78 -75.19
N ALA Z 246 -63.15 37.68 -74.28
CA ALA Z 246 -62.16 38.43 -73.50
C ALA Z 246 -62.10 37.81 -72.11
N SER Z 247 -61.01 37.10 -71.82
CA SER Z 247 -60.90 36.36 -70.57
C SER Z 247 -60.91 37.31 -69.37
N SER Z 248 -61.15 36.72 -68.20
CA SER Z 248 -61.35 37.52 -66.99
C SER Z 248 -60.03 38.11 -66.49
N GLN Z 249 -58.96 37.33 -66.52
CA GLN Z 249 -57.67 37.78 -66.00
C GLN Z 249 -56.88 38.61 -66.99
N LYS Z 250 -57.39 38.81 -68.20
CA LYS Z 250 -56.76 39.67 -69.20
C LYS Z 250 -57.52 40.95 -69.46
N VAL Z 251 -58.85 40.92 -69.39
CA VAL Z 251 -59.69 42.09 -69.62
C VAL Z 251 -60.75 42.14 -68.54
N ASN Z 252 -60.96 43.33 -67.97
CA ASN Z 252 -62.01 43.55 -66.99
C ASN Z 252 -62.93 44.67 -67.49
N GLY Z 253 -64.17 44.64 -67.02
CA GLY Z 253 -65.16 45.60 -67.44
C GLY Z 253 -65.77 45.25 -68.80
N ASP Z 254 -66.63 46.15 -69.26
CA ASP Z 254 -67.30 45.95 -70.54
C ASP Z 254 -66.41 46.37 -71.69
N VAL Z 255 -66.45 45.59 -72.77
CA VAL Z 255 -65.68 45.88 -73.98
C VAL Z 255 -66.57 46.67 -74.93
N THR Z 256 -66.08 47.83 -75.38
CA THR Z 256 -66.84 48.72 -76.25
C THR Z 256 -66.35 48.55 -77.69
N ILE Z 257 -67.28 48.37 -78.62
CA ILE Z 257 -66.98 48.14 -80.02
C ILE Z 257 -67.25 49.42 -80.80
N GLY Z 258 -66.31 49.79 -81.66
CA GLY Z 258 -66.48 50.94 -82.52
C GLY Z 258 -66.02 50.63 -83.94
N GLY Z 259 -66.24 51.60 -84.82
CA GLY Z 259 -65.84 51.49 -86.20
C GLY Z 259 -66.97 51.04 -87.11
N GLY Z 260 -66.70 51.10 -88.41
CA GLY Z 260 -67.69 50.71 -89.39
C GLY Z 260 -68.00 49.22 -89.35
N LEU Z 261 -66.97 48.38 -89.22
CA LEU Z 261 -67.17 46.94 -89.18
C LEU Z 261 -67.98 46.54 -87.96
N GLY Z 262 -67.74 47.19 -86.82
CA GLY Z 262 -68.53 46.90 -85.63
C GLY Z 262 -70.01 47.20 -85.82
N GLY Z 263 -70.31 48.32 -86.47
CA GLY Z 263 -71.71 48.64 -86.74
C GLY Z 263 -72.36 47.69 -87.72
N GLU Z 264 -71.66 47.36 -88.80
CA GLU Z 264 -72.23 46.46 -89.81
C GLU Z 264 -72.44 45.06 -89.26
N ILE Z 265 -71.39 44.49 -88.65
CA ILE Z 265 -71.51 43.14 -88.11
C ILE Z 265 -72.42 43.10 -86.88
N GLY Z 266 -72.63 44.24 -86.22
CA GLY Z 266 -73.50 44.31 -85.07
C GLY Z 266 -72.95 43.59 -83.85
N PHE Z 267 -73.42 43.95 -82.67
CA PHE Z 267 -72.91 43.33 -81.44
C PHE Z 267 -73.93 43.49 -80.33
N ASP Z 268 -74.09 42.43 -79.54
CA ASP Z 268 -74.98 42.40 -78.40
C ASP Z 268 -74.17 42.45 -77.10
N ALA Z 269 -74.86 42.38 -75.98
CA ALA Z 269 -74.22 42.45 -74.68
C ALA Z 269 -73.33 41.22 -74.45
N GLY Z 270 -72.50 41.31 -73.41
CA GLY Z 270 -71.56 40.24 -73.09
C GLY Z 270 -72.11 39.33 -72.01
N ARG Z 271 -72.05 38.03 -72.28
CA ARG Z 271 -72.51 37.00 -71.34
C ARG Z 271 -71.31 36.32 -70.71
N ASN Z 272 -71.33 36.19 -69.38
CA ASN Z 272 -70.23 35.55 -68.67
C ASN Z 272 -70.25 34.05 -68.91
N VAL Z 273 -69.09 33.48 -69.20
CA VAL Z 273 -68.94 32.06 -69.43
C VAL Z 273 -67.70 31.55 -68.71
N THR Z 274 -67.81 30.35 -68.14
CA THR Z 274 -66.71 29.71 -67.43
C THR Z 274 -66.57 28.28 -67.93
N VAL Z 275 -65.64 27.54 -67.34
CA VAL Z 275 -65.42 26.15 -67.73
C VAL Z 275 -66.65 25.31 -67.41
N ALA Z 276 -67.32 25.60 -66.30
CA ALA Z 276 -68.53 24.86 -65.94
C ALA Z 276 -69.67 25.12 -66.91
N ASP Z 277 -69.60 26.21 -67.67
CA ASP Z 277 -70.60 26.53 -68.68
C ASP Z 277 -70.17 26.11 -70.08
N VAL Z 278 -69.04 25.41 -70.20
CA VAL Z 278 -68.54 25.00 -71.51
C VAL Z 278 -69.41 23.89 -72.07
N ASN Z 279 -69.90 24.09 -73.29
CA ASN Z 279 -70.66 23.08 -74.01
C ASN Z 279 -70.08 22.97 -75.42
N VAL Z 280 -69.96 21.73 -75.91
CA VAL Z 280 -69.37 21.45 -77.22
C VAL Z 280 -70.39 20.89 -78.19
N SER Z 281 -71.68 20.89 -77.82
CA SER Z 281 -72.72 20.36 -78.71
C SER Z 281 -72.87 21.17 -79.98
N THR Z 282 -72.35 22.40 -80.02
CA THR Z 282 -72.42 23.24 -81.19
C THR Z 282 -71.02 23.72 -81.57
N VAL Z 283 -70.85 24.06 -82.85
CA VAL Z 283 -69.55 24.54 -83.31
C VAL Z 283 -69.22 25.88 -82.66
N ALA Z 284 -70.23 26.71 -82.39
CA ALA Z 284 -70.01 27.95 -81.67
C ALA Z 284 -69.54 27.68 -80.25
N GLY Z 285 -70.17 26.71 -79.58
CA GLY Z 285 -69.78 26.39 -78.22
C GLY Z 285 -68.38 25.82 -78.11
N SER Z 286 -67.97 25.04 -79.12
CA SER Z 286 -66.64 24.44 -79.09
C SER Z 286 -65.55 25.47 -79.34
N GLN Z 287 -65.77 26.38 -80.30
CA GLN Z 287 -64.80 27.45 -80.54
C GLN Z 287 -64.68 28.36 -79.32
N GLU Z 288 -65.81 28.67 -78.68
CA GLU Z 288 -65.76 29.40 -77.42
C GLU Z 288 -65.06 28.59 -76.34
N ALA Z 289 -65.24 27.27 -76.35
CA ALA Z 289 -64.63 26.42 -75.34
C ALA Z 289 -63.10 26.50 -75.40
N VAL Z 290 -62.54 26.48 -76.61
CA VAL Z 290 -61.08 26.55 -76.76
C VAL Z 290 -60.55 27.83 -76.12
N SER Z 291 -61.27 28.94 -76.32
CA SER Z 291 -60.88 30.20 -75.69
C SER Z 291 -61.00 30.13 -74.17
N ILE Z 292 -62.06 29.49 -73.67
CA ILE Z 292 -62.31 29.47 -72.23
C ILE Z 292 -61.24 28.68 -71.51
N LEU Z 293 -60.93 27.47 -72.00
CA LEU Z 293 -59.91 26.65 -71.35
C LEU Z 293 -58.51 27.21 -71.58
N ASP Z 294 -58.33 28.03 -72.61
CA ASP Z 294 -57.07 28.76 -72.75
C ASP Z 294 -56.90 29.76 -71.61
N GLY Z 295 -57.97 30.48 -71.28
CA GLY Z 295 -57.92 31.37 -70.13
C GLY Z 295 -57.81 30.61 -68.82
N ALA Z 296 -58.53 29.49 -68.70
CA ALA Z 296 -58.45 28.69 -67.49
C ALA Z 296 -57.05 28.14 -67.28
N LEU Z 297 -56.41 27.68 -68.35
CA LEU Z 297 -55.04 27.17 -68.25
C LEU Z 297 -54.08 28.28 -67.83
N LYS Z 298 -54.35 29.52 -68.25
CA LYS Z 298 -53.55 30.65 -67.79
C LYS Z 298 -53.68 30.85 -66.29
N ALA Z 299 -54.92 30.75 -65.77
CA ALA Z 299 -55.13 30.91 -64.34
C ALA Z 299 -54.45 29.82 -63.54
N VAL Z 300 -54.52 28.57 -64.01
CA VAL Z 300 -53.86 27.47 -63.33
C VAL Z 300 -52.34 27.63 -63.39
N ASP Z 301 -51.83 28.05 -64.55
CA ASP Z 301 -50.39 28.24 -64.70
C ASP Z 301 -49.87 29.34 -63.79
N SER Z 302 -50.60 30.46 -63.71
CA SER Z 302 -50.16 31.57 -62.87
C SER Z 302 -50.12 31.19 -61.40
N GLN Z 303 -51.15 30.48 -60.93
CA GLN Z 303 -51.17 30.07 -59.53
C GLN Z 303 -50.12 29.00 -59.26
N ARG Z 304 -49.86 28.13 -60.23
CA ARG Z 304 -48.77 27.17 -60.09
C ARG Z 304 -47.43 27.88 -59.96
N ALA Z 305 -47.23 28.95 -60.74
CA ALA Z 305 -46.03 29.75 -60.61
C ALA Z 305 -45.96 30.43 -59.24
N SER Z 306 -47.11 30.91 -58.74
CA SER Z 306 -47.15 31.54 -57.43
C SER Z 306 -46.75 30.56 -56.34
N LEU Z 307 -47.25 29.32 -56.42
CA LEU Z 307 -46.86 28.31 -55.45
C LEU Z 307 -45.40 27.88 -55.65
N GLY Z 308 -44.93 27.89 -56.91
CA GLY Z 308 -43.56 27.51 -57.17
C GLY Z 308 -42.55 28.50 -56.59
N ALA Z 309 -42.82 29.80 -56.73
CA ALA Z 309 -41.95 30.80 -56.14
C ALA Z 309 -41.95 30.69 -54.61
N PHE Z 310 -43.11 30.41 -54.02
CA PHE Z 310 -43.19 30.27 -52.57
C PHE Z 310 -42.37 29.06 -52.10
N GLN Z 311 -42.41 27.96 -52.86
CA GLN Z 311 -41.61 26.79 -52.52
C GLN Z 311 -40.12 27.12 -52.57
N ASN Z 312 -39.69 27.86 -53.60
CA ASN Z 312 -38.29 28.26 -53.69
C ASN Z 312 -37.92 29.20 -52.55
N ARG Z 313 -38.81 30.14 -52.21
CA ARG Z 313 -38.51 31.09 -51.14
C ARG Z 313 -38.36 30.37 -49.80
N PHE Z 314 -39.23 29.40 -49.52
CA PHE Z 314 -39.10 28.63 -48.29
C PHE Z 314 -37.91 27.68 -48.34
N GLY Z 315 -37.50 27.26 -49.54
CA GLY Z 315 -36.24 26.53 -49.65
C GLY Z 315 -35.05 27.36 -49.26
N HIS Z 316 -35.05 28.64 -49.66
CA HIS Z 316 -33.98 29.55 -49.24
C HIS Z 316 -34.08 29.86 -47.76
N ALA Z 317 -35.30 30.07 -47.26
CA ALA Z 317 -35.49 30.39 -45.85
C ALA Z 317 -35.03 29.26 -44.95
N ILE Z 318 -35.32 28.00 -45.33
CA ILE Z 318 -34.87 26.87 -44.53
C ILE Z 318 -33.36 26.81 -44.47
N SER Z 319 -32.69 27.04 -45.61
CA SER Z 319 -31.24 27.03 -45.63
C SER Z 319 -30.66 28.13 -44.76
N ASN Z 320 -31.24 29.33 -44.82
CA ASN Z 320 -30.74 30.43 -44.00
C ASN Z 320 -30.98 30.18 -42.52
N LEU Z 321 -32.16 29.70 -42.16
CA LEU Z 321 -32.46 29.42 -40.76
C LEU Z 321 -31.57 28.31 -40.21
N ASP Z 322 -31.27 27.31 -41.04
CA ASP Z 322 -30.34 26.26 -40.62
C ASP Z 322 -28.94 26.82 -40.38
N ASN Z 323 -28.49 27.73 -41.25
CA ASN Z 323 -27.17 28.33 -41.07
C ASN Z 323 -27.12 29.17 -39.80
N VAL Z 324 -28.18 29.94 -39.53
CA VAL Z 324 -28.23 30.74 -38.31
C VAL Z 324 -28.32 29.84 -37.08
N ASN Z 325 -29.05 28.73 -37.21
CA ASN Z 325 -29.17 27.80 -36.08
C ASN Z 325 -27.82 27.20 -35.70
N GLU Z 326 -27.01 26.82 -36.70
CA GLU Z 326 -25.70 26.28 -36.41
C GLU Z 326 -24.78 27.33 -35.81
N ASN Z 327 -24.82 28.56 -36.35
CA ASN Z 327 -23.98 29.62 -35.82
C ASN Z 327 -24.38 29.99 -34.39
N VAL Z 328 -25.68 30.06 -34.12
CA VAL Z 328 -26.15 30.31 -32.77
C VAL Z 328 -25.76 29.17 -31.85
N ASN Z 329 -25.78 27.94 -32.38
CA ASN Z 329 -25.37 26.78 -31.59
C ASN Z 329 -23.92 26.89 -31.16
N ALA Z 330 -23.04 27.31 -32.07
CA ALA Z 330 -21.63 27.45 -31.74
C ALA Z 330 -21.41 28.57 -30.71
N SER Z 331 -22.09 29.70 -30.88
CA SER Z 331 -21.91 30.81 -29.96
C SER Z 331 -22.38 30.46 -28.55
N ARG Z 332 -23.48 29.73 -28.43
CA ARG Z 332 -23.93 29.31 -27.11
C ARG Z 332 -22.92 28.37 -26.46
N SER Z 333 -22.31 27.48 -27.26
CA SER Z 333 -21.29 26.60 -26.71
C SER Z 333 -20.07 27.35 -26.22
N ARG Z 334 -19.84 28.56 -26.73
CA ARG Z 334 -18.71 29.37 -26.27
C ARG Z 334 -18.99 30.10 -24.97
N ILE Z 335 -20.25 30.17 -24.54
CA ILE Z 335 -20.61 30.93 -23.34
C ILE Z 335 -21.14 29.99 -22.27
N ARG Z 336 -21.79 28.91 -22.68
CA ARG Z 336 -22.45 27.99 -21.76
C ARG Z 336 -21.76 26.64 -21.66
N ASP Z 337 -21.45 26.00 -22.79
CA ASP Z 337 -20.87 24.67 -22.76
C ASP Z 337 -19.54 24.67 -22.02
N THR Z 338 -19.37 23.71 -21.12
CA THR Z 338 -18.15 23.62 -20.34
C THR Z 338 -17.00 23.14 -21.22
N ASP Z 339 -15.78 23.49 -20.81
CA ASP Z 339 -14.56 23.05 -21.48
C ASP Z 339 -14.00 21.88 -20.67
N TYR Z 340 -14.14 20.67 -21.19
CA TYR Z 340 -13.71 19.48 -20.45
C TYR Z 340 -12.20 19.48 -20.26
N ALA Z 341 -11.45 20.06 -21.20
CA ALA Z 341 -9.99 20.11 -21.06
C ALA Z 341 -9.58 20.96 -19.87
N ARG Z 342 -10.17 22.16 -19.74
CA ARG Z 342 -9.81 23.06 -18.65
C ARG Z 342 -10.45 22.62 -17.33
N GLU Z 343 -11.68 22.12 -17.37
CA GLU Z 343 -12.39 21.78 -16.14
C GLU Z 343 -11.74 20.60 -15.42
N THR Z 344 -11.27 19.60 -16.17
CA THR Z 344 -10.59 18.47 -15.53
C THR Z 344 -9.30 18.92 -14.85
N THR Z 345 -8.59 19.87 -15.45
CA THR Z 345 -7.37 20.39 -14.84
C THR Z 345 -7.68 21.09 -13.52
N ALA Z 346 -8.73 21.90 -13.49
CA ALA Z 346 -9.14 22.54 -12.25
C ALA Z 346 -9.70 21.52 -11.27
N MET Z 347 -10.31 20.45 -11.79
CA MET Z 347 -10.84 19.38 -10.94
C MET Z 347 -9.69 18.70 -10.19
N THR Z 348 -8.67 18.26 -10.94
CA THR Z 348 -7.51 17.62 -10.31
C THR Z 348 -6.75 18.60 -9.42
N LYS Z 349 -6.63 19.85 -9.85
CA LYS Z 349 -5.91 20.84 -9.04
C LYS Z 349 -6.61 21.07 -7.70
N ALA Z 350 -7.95 21.08 -7.71
CA ALA Z 350 -8.68 21.16 -6.45
C ALA Z 350 -8.49 19.91 -5.61
N GLN Z 351 -8.32 18.76 -6.26
CA GLN Z 351 -8.02 17.52 -5.53
C GLN Z 351 -6.70 17.64 -4.78
N ILE Z 352 -5.66 18.14 -5.45
CA ILE Z 352 -4.34 18.26 -4.82
C ILE Z 352 -4.40 19.30 -3.70
N LEU Z 353 -5.10 20.41 -3.93
CA LEU Z 353 -5.20 21.44 -2.90
C LEU Z 353 -5.93 20.91 -1.66
N GLN Z 354 -6.98 20.12 -1.87
CA GLN Z 354 -7.67 19.52 -0.74
C GLN Z 354 -6.76 18.57 0.03
N GLN Z 355 -6.02 17.71 -0.69
CA GLN Z 355 -5.13 16.77 -0.04
C GLN Z 355 -4.03 17.48 0.73
N ALA Z 356 -3.48 18.55 0.15
CA ALA Z 356 -2.44 19.32 0.84
C ALA Z 356 -2.99 19.99 2.09
N SER Z 357 -4.21 20.53 2.01
CA SER Z 357 -4.79 21.22 3.16
C SER Z 357 -5.05 20.27 4.32
N THR Z 358 -5.56 19.07 4.05
CA THR Z 358 -5.88 18.16 5.14
C THR Z 358 -4.63 17.54 5.75
N SER Z 359 -3.58 17.32 4.95
CA SER Z 359 -2.34 16.82 5.50
C SER Z 359 -1.71 17.85 6.45
N VAL Z 360 -1.75 19.12 6.07
CA VAL Z 360 -1.27 20.18 6.95
C VAL Z 360 -2.16 20.30 8.17
N LEU Z 361 -3.47 20.10 7.99
CA LEU Z 361 -4.40 20.16 9.12
C LEU Z 361 -4.09 19.06 10.13
N ALA Z 362 -3.82 17.85 9.64
CA ALA Z 362 -3.45 16.75 10.53
C ALA Z 362 -2.14 17.05 11.24
N GLN Z 363 -1.20 17.69 10.54
CA GLN Z 363 0.08 18.03 11.16
C GLN Z 363 -0.06 19.18 12.15
N ALA Z 364 -1.01 20.08 11.92
CA ALA Z 364 -1.23 21.20 12.83
C ALA Z 364 -1.95 20.79 14.10
N LYS Z 365 -2.74 19.72 14.04
CA LYS Z 365 -3.46 19.26 15.23
C LYS Z 365 -2.53 18.78 16.33
N GLN Z 366 -1.29 18.44 15.99
CA GLN Z 366 -0.31 17.98 16.97
C GLN Z 366 0.44 19.12 17.63
N SER Z 367 0.18 20.38 17.24
CA SER Z 367 0.82 21.51 17.91
C SER Z 367 0.48 21.59 19.39
N PRO Z 368 -0.79 21.46 19.82
CA PRO Z 368 -1.05 21.40 21.26
C PRO Z 368 -0.39 20.22 21.95
N SER Z 369 -0.20 19.10 21.24
CA SER Z 369 0.50 17.96 21.81
C SER Z 369 1.93 18.32 22.18
N ALA Z 370 2.53 19.27 21.46
CA ALA Z 370 3.86 19.74 21.82
C ALA Z 370 3.86 20.43 23.18
N ALA Z 371 2.82 21.20 23.48
CA ALA Z 371 2.72 21.85 24.79
C ALA Z 371 2.58 20.82 25.90
N LEU Z 372 1.78 19.78 25.65
CA LEU Z 372 1.61 18.71 26.62
C LEU Z 372 2.91 17.96 26.86
N SER Z 373 3.58 17.54 25.78
CA SER Z 373 4.81 16.76 25.91
C SER Z 373 5.98 17.62 26.37
N LEU Z 374 5.88 18.95 26.28
CA LEU Z 374 6.99 19.81 26.68
C LEU Z 374 7.23 19.72 28.18
N LEU Z 375 6.21 20.06 28.99
CA LEU Z 375 6.35 19.99 30.44
C LEU Z 375 5.15 19.38 31.15
N GLY Z 376 4.02 19.22 30.50
CA GLY Z 376 2.84 18.65 31.13
C GLY Z 376 2.96 17.16 31.40
N MET AA 1 5.04 -7.00 89.47
CA MET AA 1 5.83 -8.08 90.04
C MET AA 1 7.16 -7.57 90.58
N ALA AA 2 7.91 -8.46 91.23
CA ALA AA 2 9.22 -8.11 91.73
C ALA AA 2 10.19 -7.90 90.58
N ILE AA 3 10.97 -6.82 90.66
CA ILE AA 3 11.99 -6.56 89.65
C ILE AA 3 13.08 -7.63 89.76
N ASN AA 4 13.45 -8.22 88.62
CA ASN AA 4 14.32 -9.37 88.60
C ASN AA 4 15.43 -9.18 87.57
N VAL AA 5 16.52 -9.93 87.77
CA VAL AA 5 17.68 -9.87 86.89
C VAL AA 5 17.93 -11.25 86.29
N ASN AA 6 17.88 -12.29 87.12
CA ASN AA 6 18.16 -13.64 86.64
C ASN AA 6 17.09 -14.13 85.66
N THR AA 7 15.85 -13.68 85.82
CA THR AA 7 14.79 -14.01 84.89
C THR AA 7 14.24 -12.73 84.29
N ASN AA 8 14.17 -12.69 82.97
CA ASN AA 8 13.71 -11.52 82.23
C ASN AA 8 12.71 -12.05 81.19
N VAL AA 9 11.67 -12.69 81.73
CA VAL AA 9 10.64 -13.41 80.97
C VAL AA 9 10.08 -12.58 79.82
N SER AA 10 10.21 -11.26 79.89
CA SER AA 10 9.76 -10.41 78.79
C SER AA 10 10.52 -10.72 77.50
N ALA AA 11 11.83 -10.96 77.60
CA ALA AA 11 12.61 -11.30 76.42
C ALA AA 11 12.21 -12.66 75.86
N MET AA 12 11.96 -13.64 76.74
CA MET AA 12 11.55 -14.96 76.27
C MET AA 12 10.24 -14.90 75.52
N THR AA 13 9.28 -14.12 76.02
CA THR AA 13 8.05 -13.90 75.27
C THR AA 13 8.31 -13.15 73.98
N ALA AA 14 9.19 -12.15 74.02
CA ALA AA 14 9.48 -11.36 72.83
C ALA AA 14 10.11 -12.22 71.73
N GLN AA 15 11.05 -13.09 72.11
CA GLN AA 15 11.69 -13.93 71.10
C GLN AA 15 10.79 -15.09 70.68
N ARG AA 16 9.84 -15.49 71.52
CA ARG AA 16 8.92 -16.55 71.13
C ARG AA 16 8.06 -16.13 69.95
N TYR AA 17 7.54 -14.89 69.99
CA TYR AA 17 6.80 -14.38 68.85
C TYR AA 17 7.72 -13.84 67.77
N LEU AA 18 9.01 -13.66 68.08
CA LEU AA 18 9.99 -13.37 67.04
C LEU AA 18 10.27 -14.61 66.20
N ASN AA 19 10.39 -15.77 66.85
CA ASN AA 19 10.51 -17.02 66.11
C ASN AA 19 9.23 -17.33 65.34
N GLY AA 20 8.06 -17.06 65.94
CA GLY AA 20 6.81 -17.27 65.24
C GLY AA 20 6.69 -16.40 64.00
N ALA AA 21 7.02 -15.12 64.14
CA ALA AA 21 6.99 -14.22 62.98
C ALA AA 21 8.05 -14.60 61.96
N ALA AA 22 9.24 -14.99 62.43
CA ALA AA 22 10.30 -15.39 61.51
C ALA AA 22 9.92 -16.64 60.73
N ASP AA 23 9.30 -17.61 61.39
CA ASP AA 23 8.85 -18.82 60.70
C ASP AA 23 7.82 -18.49 59.64
N GLY AA 24 6.79 -17.71 60.01
CA GLY AA 24 5.74 -17.39 59.07
C GLY AA 24 6.24 -16.64 57.85
N MET AA 25 7.25 -15.78 58.03
CA MET AA 25 7.80 -15.04 56.91
C MET AA 25 8.63 -15.96 56.01
N GLN AA 26 9.31 -16.94 56.61
CA GLN AA 26 10.14 -17.85 55.82
C GLN AA 26 9.30 -18.69 54.85
N LYS AA 27 8.18 -19.23 55.33
CA LYS AA 27 7.30 -19.98 54.44
C LYS AA 27 6.72 -19.07 53.36
N SER AA 28 6.43 -17.82 53.72
CA SER AA 28 5.93 -16.86 52.73
C SER AA 28 6.97 -16.62 51.64
N MET AA 29 8.23 -16.43 52.03
CA MET AA 29 9.28 -16.19 51.02
C MET AA 29 9.46 -17.41 50.14
N GLU AA 30 9.39 -18.61 50.73
CA GLU AA 30 9.50 -19.84 49.94
C GLU AA 30 8.37 -19.95 48.94
N ARG AA 31 7.15 -19.59 49.34
CA ARG AA 31 6.01 -19.73 48.45
C ARG AA 31 6.07 -18.74 47.30
N LEU AA 32 6.62 -17.55 47.54
CA LEU AA 32 6.74 -16.57 46.46
C LEU AA 32 7.82 -16.95 45.46
N SER AA 33 8.94 -17.48 45.94
CA SER AA 33 10.03 -17.84 45.04
C SER AA 33 9.67 -19.06 44.20
N SER AA 34 9.14 -20.11 44.85
CA SER AA 34 8.78 -21.32 44.12
C SER AA 34 7.51 -21.13 43.31
N GLY AA 35 6.51 -20.49 43.90
CA GLY AA 35 5.23 -20.31 43.26
C GLY AA 35 4.15 -21.29 43.70
N TYR AA 36 4.39 -22.09 44.72
CA TYR AA 36 3.44 -23.09 45.18
C TYR AA 36 3.14 -22.87 46.67
N LYS AA 37 1.85 -22.98 47.03
CA LYS AA 37 1.48 -23.00 48.44
C LYS AA 37 2.09 -24.21 49.14
N ILE AA 38 2.00 -25.38 48.50
CA ILE AA 38 2.47 -26.62 49.10
C ILE AA 38 3.75 -27.07 48.42
N ASN AA 39 4.89 -26.65 48.95
CA ASN AA 39 6.18 -27.19 48.56
C ASN AA 39 6.54 -28.43 49.35
N SER AA 40 5.81 -28.71 50.43
CA SER AA 40 6.03 -29.89 51.25
C SER AA 40 4.72 -30.27 51.92
N ALA AA 41 4.60 -31.54 52.28
CA ALA AA 41 3.38 -32.05 52.89
C ALA AA 41 3.07 -31.41 54.23
N ARG AA 42 4.04 -30.71 54.83
CA ARG AA 42 3.78 -29.97 56.06
C ARG AA 42 2.64 -28.97 55.89
N ASP AA 43 2.54 -28.35 54.71
CA ASP AA 43 1.51 -27.35 54.49
C ASP AA 43 0.13 -27.99 54.39
N ASP AA 44 -0.06 -28.88 53.41
CA ASP AA 44 -1.36 -29.51 53.17
C ASP AA 44 -1.11 -30.91 52.65
N ALA AA 45 -1.25 -31.91 53.54
CA ALA AA 45 -1.08 -33.30 53.12
C ALA AA 45 -2.13 -33.70 52.09
N ALA AA 46 -3.39 -33.38 52.34
CA ALA AA 46 -4.45 -33.72 51.38
C ALA AA 46 -4.29 -32.94 50.08
N GLY AA 47 -3.92 -31.66 50.18
CA GLY AA 47 -3.75 -30.86 48.97
C GLY AA 47 -2.58 -31.33 48.12
N LEU AA 48 -1.49 -31.72 48.76
CA LEU AA 48 -0.31 -32.19 48.02
C LEU AA 48 -0.61 -33.48 47.28
N GLN AA 49 -1.34 -34.40 47.92
CA GLN AA 49 -1.67 -35.66 47.26
C GLN AA 49 -2.56 -35.44 46.05
N ILE AA 50 -3.61 -34.63 46.21
CA ILE AA 50 -4.54 -34.39 45.11
C ILE AA 50 -3.86 -33.63 43.98
N SER AA 51 -3.03 -32.63 44.33
CA SER AA 51 -2.32 -31.87 43.30
C SER AA 51 -1.33 -32.76 42.56
N ASN AA 52 -0.65 -33.66 43.28
CA ASN AA 52 0.28 -34.58 42.63
C ASN AA 52 -0.45 -35.52 41.67
N ARG AA 53 -1.62 -36.01 42.07
CA ARG AA 53 -2.41 -36.84 41.18
C ARG AA 53 -2.89 -36.05 39.96
N LEU AA 54 -3.26 -34.79 40.17
CA LEU AA 54 -3.66 -33.95 39.05
C LEU AA 54 -2.47 -33.67 38.13
N THR AA 55 -1.28 -33.46 38.71
CA THR AA 55 -0.09 -33.24 37.89
C THR AA 55 0.23 -34.46 37.05
N SER AA 56 0.15 -35.65 37.64
CA SER AA 56 0.38 -36.87 36.87
C SER AA 56 -0.64 -37.02 35.75
N GLN AA 57 -1.90 -36.66 36.02
CA GLN AA 57 -2.92 -36.70 34.98
C GLN AA 57 -2.62 -35.68 33.89
N SER AA 58 -2.16 -34.49 34.26
CA SER AA 58 -1.89 -33.45 33.26
C SER AA 58 -0.78 -33.86 32.31
N ARG AA 59 0.32 -34.40 32.83
CA ARG AA 59 1.39 -34.88 31.96
C ARG AA 59 0.91 -36.06 31.10
N GLY AA 60 0.11 -36.95 31.69
CA GLY AA 60 -0.45 -38.05 30.91
C GLY AA 60 -1.37 -37.58 29.80
N LEU AA 61 -2.12 -36.50 30.07
CA LEU AA 61 -2.99 -35.94 29.04
C LEU AA 61 -2.18 -35.31 27.92
N ASP AA 62 -1.06 -34.68 28.25
CA ASP AA 62 -0.20 -34.11 27.21
C ASP AA 62 0.41 -35.21 26.36
N MET AA 63 0.83 -36.32 26.98
CA MET AA 63 1.36 -37.44 26.22
C MET AA 63 0.27 -38.11 25.41
N ALA AA 64 -0.96 -38.13 25.94
CA ALA AA 64 -2.08 -38.70 25.20
C ALA AA 64 -2.41 -37.87 23.96
N VAL AA 65 -2.34 -36.54 24.08
CA VAL AA 65 -2.59 -35.69 22.91
C VAL AA 65 -1.54 -35.92 21.84
N LYS AA 66 -0.27 -35.97 22.25
CA LYS AA 66 0.80 -36.27 21.29
C LYS AA 66 0.65 -37.66 20.70
N ASN AA 67 0.25 -38.63 21.53
CA ASN AA 67 0.07 -40.00 21.04
C ASN AA 67 -1.03 -40.07 20.01
N ALA AA 68 -2.15 -39.37 20.24
CA ALA AA 68 -3.22 -39.34 19.25
C ALA AA 68 -2.77 -38.62 17.98
N ASN AA 69 -1.90 -37.62 18.12
CA ASN AA 69 -1.34 -36.96 16.95
C ASN AA 69 -0.51 -37.91 16.12
N ASP AA 70 0.29 -38.76 16.78
CA ASP AA 70 1.06 -39.78 16.08
C ASP AA 70 0.14 -40.79 15.40
N GLY AA 71 -0.95 -41.17 16.07
CA GLY AA 71 -1.91 -42.07 15.45
C GLY AA 71 -2.59 -41.46 14.24
N ILE AA 72 -2.92 -40.17 14.31
CA ILE AA 72 -3.54 -39.48 13.18
C ILE AA 72 -2.59 -39.46 11.99
N SER AA 73 -1.31 -39.18 12.24
CA SER AA 73 -0.36 -39.07 11.15
C SER AA 73 -0.13 -40.40 10.46
N ILE AA 74 -0.12 -41.51 11.22
CA ILE AA 74 0.03 -42.83 10.63
C ILE AA 74 -1.13 -43.11 9.69
N ALA AA 75 -2.35 -42.78 10.12
CA ALA AA 75 -3.51 -42.92 9.24
C ALA AA 75 -3.38 -42.03 8.02
N GLN AA 76 -2.86 -40.81 8.22
CA GLN AA 76 -2.70 -39.88 7.10
C GLN AA 76 -1.67 -40.40 6.09
N THR AA 77 -0.54 -40.89 6.57
CA THR AA 77 0.51 -41.38 5.67
C THR AA 77 0.04 -42.58 4.87
N ALA AA 78 -0.63 -43.52 5.54
CA ALA AA 78 -1.17 -44.66 4.81
C ALA AA 78 -2.24 -44.24 3.82
N GLU AA 79 -3.16 -43.37 4.24
CA GLU AA 79 -4.27 -42.97 3.38
C GLU AA 79 -3.78 -42.26 2.12
N GLY AA 80 -2.73 -41.45 2.24
CA GLY AA 80 -2.13 -40.86 1.05
C GLY AA 80 -1.60 -41.91 0.10
N ALA AA 81 -1.12 -43.04 0.63
CA ALA AA 81 -0.67 -44.14 -0.21
C ALA AA 81 -1.84 -44.78 -0.96
N MET AA 82 -2.97 -45.01 -0.27
CA MET AA 82 -4.13 -45.55 -0.97
C MET AA 82 -4.75 -44.56 -1.95
N ASN AA 83 -4.42 -43.27 -1.84
CA ASN AA 83 -4.95 -42.31 -2.81
C ASN AA 83 -4.46 -42.63 -4.22
N GLU AA 84 -3.18 -42.97 -4.36
CA GLU AA 84 -2.67 -43.35 -5.66
C GLU AA 84 -2.89 -44.82 -5.97
N THR AA 85 -3.18 -45.64 -4.96
CA THR AA 85 -3.69 -46.98 -5.24
C THR AA 85 -5.05 -46.89 -5.93
N THR AA 86 -5.90 -45.97 -5.48
CA THR AA 86 -7.17 -45.73 -6.15
C THR AA 86 -6.96 -45.21 -7.56
N ASN AA 87 -6.03 -44.27 -7.73
CA ASN AA 87 -5.80 -43.67 -9.04
C ASN AA 87 -5.27 -44.70 -10.03
N ILE AA 88 -4.37 -45.58 -9.58
CA ILE AA 88 -3.86 -46.63 -10.45
C ILE AA 88 -4.98 -47.60 -10.83
N LEU AA 89 -5.80 -47.98 -9.85
CA LEU AA 89 -6.88 -48.93 -10.11
C LEU AA 89 -7.88 -48.36 -11.11
N GLN AA 90 -8.20 -47.07 -11.00
CA GLN AA 90 -9.09 -46.44 -11.98
C GLN AA 90 -8.45 -46.43 -13.37
N ARG AA 91 -7.14 -46.16 -13.44
CA ARG AA 91 -6.46 -46.17 -14.73
C ARG AA 91 -6.48 -47.56 -15.35
N MET AA 92 -6.25 -48.60 -14.55
CA MET AA 92 -6.29 -49.96 -15.08
C MET AA 92 -7.71 -50.38 -15.44
N ARG AA 93 -8.72 -49.72 -14.85
CA ARG AA 93 -10.09 -49.94 -15.29
C ARG AA 93 -10.35 -49.26 -16.63
N ASP AA 94 -9.71 -48.11 -16.86
CA ASP AA 94 -9.76 -47.47 -18.16
C ASP AA 94 -9.13 -48.35 -19.22
N LEU AA 95 -7.95 -48.92 -18.92
CA LEU AA 95 -7.29 -49.81 -19.87
C LEU AA 95 -8.10 -51.07 -20.11
N ALA AA 96 -8.68 -51.64 -19.06
CA ALA AA 96 -9.48 -52.85 -19.21
C ALA AA 96 -10.70 -52.60 -20.08
N LEU AA 97 -11.38 -51.47 -19.88
CA LEU AA 97 -12.54 -51.14 -20.70
C LEU AA 97 -12.14 -50.94 -22.16
N GLN AA 98 -10.98 -50.31 -22.39
CA GLN AA 98 -10.49 -50.11 -23.74
C GLN AA 98 -10.19 -51.44 -24.42
N SER AA 99 -9.58 -52.38 -23.69
CA SER AA 99 -9.20 -53.66 -24.27
C SER AA 99 -10.42 -54.51 -24.63
N SER AA 100 -11.54 -54.32 -23.93
CA SER AA 100 -12.75 -55.08 -24.22
C SER AA 100 -13.37 -54.72 -25.57
N ASN AA 101 -12.93 -53.64 -26.20
CA ASN AA 101 -13.46 -53.26 -27.51
C ASN AA 101 -13.11 -54.32 -28.55
N GLY AA 102 -14.01 -54.51 -29.51
CA GLY AA 102 -13.76 -55.42 -30.61
C GLY AA 102 -12.93 -54.84 -31.73
N SER AA 103 -12.70 -53.52 -31.72
CA SER AA 103 -11.85 -52.90 -32.73
C SER AA 103 -10.39 -53.26 -32.52
N ASN AA 104 -9.97 -53.44 -31.27
CA ASN AA 104 -8.58 -53.75 -30.98
C ASN AA 104 -8.22 -55.14 -31.51
N SER AA 105 -6.98 -55.26 -32.00
CA SER AA 105 -6.41 -56.53 -32.39
C SER AA 105 -5.47 -57.01 -31.28
N SER AA 106 -4.89 -58.20 -31.50
CA SER AA 106 -4.05 -58.79 -30.46
C SER AA 106 -2.81 -57.95 -30.17
N SER AA 107 -2.41 -57.08 -31.11
CA SER AA 107 -1.24 -56.25 -30.89
C SER AA 107 -1.52 -55.17 -29.84
N GLU AA 108 -2.65 -54.48 -29.96
CA GLU AA 108 -2.98 -53.43 -29.00
C GLU AA 108 -3.42 -53.99 -27.67
N ARG AA 109 -4.04 -55.18 -27.68
CA ARG AA 109 -4.34 -55.85 -26.42
C ARG AA 109 -3.07 -56.19 -25.66
N ARG AA 110 -2.05 -56.66 -26.36
CA ARG AA 110 -0.76 -56.93 -25.73
C ARG AA 110 -0.13 -55.64 -25.22
N ALA AA 111 -0.22 -54.56 -25.99
CA ALA AA 111 0.30 -53.27 -25.55
C ALA AA 111 -0.41 -52.77 -24.30
N ILE AA 112 -1.74 -52.93 -24.26
CA ILE AA 112 -2.50 -52.58 -23.05
C ILE AA 112 -2.06 -53.45 -21.89
N GLN AA 113 -1.85 -54.74 -22.14
CA GLN AA 113 -1.45 -55.66 -21.08
C GLN AA 113 -0.11 -55.28 -20.49
N GLU AA 114 0.80 -54.76 -21.32
CA GLU AA 114 2.07 -54.27 -20.80
C GLU AA 114 1.87 -53.07 -19.88
N GLU AA 115 0.93 -52.19 -20.23
CA GLU AA 115 0.61 -51.07 -19.36
C GLU AA 115 -0.01 -51.56 -18.05
N VAL AA 116 -0.95 -52.50 -18.14
CA VAL AA 116 -1.61 -53.03 -16.95
C VAL AA 116 -0.60 -53.78 -16.07
N SER AA 117 0.28 -54.58 -16.69
CA SER AA 117 1.28 -55.29 -15.92
C SER AA 117 2.25 -54.33 -15.24
N ALA AA 118 2.63 -53.25 -15.92
CA ALA AA 118 3.51 -52.27 -15.31
C ALA AA 118 2.85 -51.60 -14.11
N LEU AA 119 1.56 -51.27 -14.23
CA LEU AA 119 0.85 -50.67 -13.11
C LEU AA 119 0.56 -51.69 -12.01
N ASN AA 120 0.40 -52.97 -12.37
CA ASN AA 120 0.18 -54.00 -11.38
C ASN AA 120 1.38 -54.13 -10.45
N ASP AA 121 2.60 -54.08 -11.00
CA ASP AA 121 3.78 -54.08 -10.16
C ASP AA 121 3.92 -52.76 -9.39
N GLU AA 122 3.31 -51.69 -9.90
CA GLU AA 122 3.33 -50.42 -9.19
C GLU AA 122 2.47 -50.49 -7.92
N LEU AA 123 1.33 -51.16 -8.01
CA LEU AA 123 0.49 -51.35 -6.83
C LEU AA 123 1.23 -52.13 -5.74
N ASN AA 124 1.96 -53.17 -6.13
CA ASN AA 124 2.77 -53.91 -5.17
C ASN AA 124 3.89 -53.04 -4.62
N ARG AA 125 4.46 -52.16 -5.46
CA ARG AA 125 5.50 -51.25 -4.98
C ARG AA 125 4.95 -50.29 -3.93
N ILE AA 126 3.75 -49.75 -4.17
CA ILE AA 126 3.13 -48.85 -3.20
C ILE AA 126 2.86 -49.58 -1.89
N ALA AA 127 2.34 -50.81 -1.98
CA ALA AA 127 2.02 -51.56 -0.77
C ALA AA 127 3.28 -51.91 0.03
N GLU AA 128 4.35 -52.27 -0.67
CA GLU AA 128 5.54 -52.82 0.00
C GLU AA 128 6.52 -51.75 0.46
N THR AA 129 6.55 -50.59 -0.17
CA THR AA 129 7.52 -49.57 0.19
C THR AA 129 6.95 -48.47 1.10
N THR AA 130 5.64 -48.28 1.10
CA THR AA 130 5.05 -47.26 1.97
C THR AA 130 5.28 -47.63 3.43
N SER AA 131 5.89 -46.70 4.17
CA SER AA 131 6.24 -46.95 5.56
C SER AA 131 6.23 -45.63 6.32
N PHE AA 132 6.13 -45.74 7.64
CA PHE AA 132 6.15 -44.59 8.55
C PHE AA 132 7.39 -44.74 9.42
N GLY AA 133 8.51 -44.19 8.94
CA GLY AA 133 9.76 -44.32 9.65
C GLY AA 133 10.24 -45.75 9.73
N GLY AA 134 10.30 -46.43 8.58
CA GLY AA 134 10.75 -47.79 8.53
C GLY AA 134 9.76 -48.83 9.01
N ASN AA 135 8.54 -48.42 9.34
CA ASN AA 135 7.49 -49.32 9.80
C ASN AA 135 6.48 -49.45 8.66
N LYS AA 136 6.53 -50.57 7.96
CA LYS AA 136 5.67 -50.76 6.79
C LYS AA 136 4.20 -50.74 7.19
N LEU AA 137 3.41 -50.01 6.39
CA LEU AA 137 1.99 -49.81 6.68
C LEU AA 137 1.09 -50.69 5.82
N LEU AA 138 1.21 -50.57 4.50
CA LEU AA 138 0.27 -51.18 3.56
C LEU AA 138 0.72 -52.54 3.04
N ASN AA 139 1.82 -53.07 3.54
CA ASN AA 139 2.30 -54.37 3.07
C ASN AA 139 1.62 -55.55 3.76
N GLY AA 140 0.71 -55.29 4.70
CA GLY AA 140 0.01 -56.33 5.41
C GLY AA 140 0.67 -56.81 6.69
N SER AA 141 1.85 -56.28 7.01
CA SER AA 141 2.55 -56.66 8.23
C SER AA 141 2.20 -55.79 9.43
N PHE AA 142 1.44 -54.72 9.22
CA PHE AA 142 1.06 -53.84 10.33
C PHE AA 142 0.16 -54.57 11.33
N GLY AA 143 -0.81 -55.32 10.82
CA GLY AA 143 -1.78 -55.96 11.70
C GLY AA 143 -2.60 -54.92 12.44
N SER AA 144 -2.73 -55.11 13.75
CA SER AA 144 -3.46 -54.18 14.61
C SER AA 144 -2.56 -53.71 15.74
N LYS AA 145 -2.52 -52.39 15.95
CA LYS AA 145 -1.71 -51.81 17.01
C LYS AA 145 -2.57 -50.84 17.81
N SER AA 146 -2.36 -50.84 19.13
CA SER AA 146 -3.16 -50.03 20.04
C SER AA 146 -2.52 -48.66 20.22
N PHE AA 147 -3.31 -47.61 20.02
CA PHE AA 147 -2.86 -46.23 20.18
C PHE AA 147 -3.46 -45.65 21.45
N GLN AA 148 -2.59 -45.22 22.36
CA GLN AA 148 -2.98 -44.84 23.71
C GLN AA 148 -3.34 -43.36 23.73
N ILE AA 149 -4.62 -43.06 23.90
CA ILE AA 149 -5.09 -41.67 23.89
C ILE AA 149 -5.66 -41.29 25.24
N GLY AA 150 -5.16 -41.92 26.31
CA GLY AA 150 -5.64 -41.63 27.64
C GLY AA 150 -4.49 -41.29 28.57
N ALA AA 151 -4.85 -40.68 29.70
CA ALA AA 151 -3.88 -40.33 30.73
C ALA AA 151 -3.65 -41.44 31.74
N ASP AA 152 -4.29 -42.60 31.55
CA ASP AA 152 -4.14 -43.74 32.44
C ASP AA 152 -4.03 -44.99 31.58
N SER AA 153 -3.39 -46.02 32.12
CA SER AA 153 -3.22 -47.26 31.36
C SER AA 153 -4.57 -47.90 31.09
N GLY AA 154 -4.72 -48.45 29.89
CA GLY AA 154 -5.92 -49.16 29.52
C GLY AA 154 -6.95 -48.39 28.72
N GLU AA 155 -6.57 -47.27 28.09
CA GLU AA 155 -7.50 -46.49 27.29
C GLU AA 155 -7.03 -46.38 25.84
N ALA AA 156 -6.59 -47.51 25.27
CA ALA AA 156 -6.06 -47.51 23.92
C ALA AA 156 -7.16 -47.76 22.90
N VAL AA 157 -6.80 -47.59 21.63
CA VAL AA 157 -7.71 -47.78 20.50
C VAL AA 157 -7.04 -48.68 19.49
N MET AA 158 -7.75 -49.73 19.07
CA MET AA 158 -7.20 -50.68 18.11
C MET AA 158 -7.39 -50.14 16.70
N LEU AA 159 -6.29 -49.99 15.97
CA LEU AA 159 -6.32 -49.55 14.58
C LEU AA 159 -5.75 -50.64 13.69
N SER AA 160 -6.48 -51.02 12.66
CA SER AA 160 -6.09 -52.09 11.76
C SER AA 160 -5.99 -51.54 10.33
N MET AA 161 -4.91 -51.91 9.66
CA MET AA 161 -4.70 -51.56 8.26
C MET AA 161 -4.43 -52.85 7.49
N GLY AA 162 -5.43 -53.29 6.72
CA GLY AA 162 -5.29 -54.52 5.98
C GLY AA 162 -4.26 -54.41 4.86
N SER AA 163 -3.85 -55.57 4.36
CA SER AA 163 -2.88 -55.62 3.28
C SER AA 163 -3.43 -54.91 2.04
N MET AA 164 -2.57 -54.13 1.39
CA MET AA 164 -2.96 -53.36 0.22
C MET AA 164 -2.34 -53.92 -1.06
N ARG AA 165 -1.79 -55.12 -1.00
CA ARG AA 165 -1.13 -55.72 -2.14
C ARG AA 165 -2.12 -56.03 -3.26
N SER AA 166 -1.60 -56.15 -4.48
CA SER AA 166 -2.44 -56.43 -5.63
C SER AA 166 -3.00 -57.85 -5.63
N ASP AA 167 -2.43 -58.75 -4.83
CA ASP AA 167 -2.85 -60.14 -4.81
C ASP AA 167 -3.59 -60.52 -3.52
N THR AA 168 -4.10 -59.54 -2.78
CA THR AA 168 -4.88 -59.84 -1.59
C THR AA 168 -6.20 -60.49 -1.98
N GLN AA 169 -6.71 -61.35 -1.10
CA GLN AA 169 -7.96 -62.04 -1.37
C GLN AA 169 -9.12 -61.06 -1.52
N ALA AA 170 -9.12 -59.99 -0.72
CA ALA AA 170 -10.19 -59.00 -0.79
C ALA AA 170 -10.12 -58.12 -2.02
N MET AA 171 -9.04 -58.19 -2.79
CA MET AA 171 -8.92 -57.41 -4.03
C MET AA 171 -9.60 -58.06 -5.21
N GLY AA 172 -10.16 -59.26 -5.06
CA GLY AA 172 -10.75 -59.94 -6.18
C GLY AA 172 -12.03 -60.69 -5.87
N GLY AA 173 -12.10 -61.95 -6.31
CA GLY AA 173 -13.30 -62.73 -6.12
C GLY AA 173 -13.20 -64.04 -6.90
N LYS AA 174 -14.32 -64.74 -6.97
CA LYS AA 174 -14.39 -66.01 -7.67
C LYS AA 174 -14.93 -65.82 -9.09
N SER AA 175 -14.50 -66.68 -9.99
CA SER AA 175 -14.82 -66.58 -11.40
C SER AA 175 -15.46 -67.87 -11.90
N TYR AA 176 -16.63 -67.75 -12.50
CA TYR AA 176 -17.38 -68.90 -13.01
C TYR AA 176 -17.65 -68.65 -14.50
N ARG AA 177 -17.17 -69.55 -15.35
CA ARG AA 177 -17.29 -69.40 -16.80
C ARG AA 177 -18.12 -70.53 -17.37
N ALA AA 178 -18.89 -70.22 -18.42
CA ALA AA 178 -19.74 -71.20 -19.06
C ALA AA 178 -18.91 -72.25 -19.80
N GLN AA 179 -19.55 -73.38 -20.12
CA GLN AA 179 -18.88 -74.51 -20.73
C GLN AA 179 -19.12 -74.61 -22.23
N GLU AA 180 -20.25 -74.11 -22.73
CA GLU AA 180 -20.57 -74.19 -24.16
C GLU AA 180 -20.81 -72.79 -24.71
N GLY AA 181 -20.26 -72.52 -25.89
CA GLY AA 181 -20.41 -71.23 -26.50
C GLY AA 181 -21.69 -71.08 -27.29
N LYS AA 182 -22.13 -69.82 -27.42
CA LYS AA 182 -23.31 -69.47 -28.20
C LYS AA 182 -22.92 -68.46 -29.26
N ALA AA 183 -23.32 -68.72 -30.51
CA ALA AA 183 -23.02 -67.84 -31.61
C ALA AA 183 -23.88 -66.59 -31.54
N ALA AA 184 -23.71 -65.70 -32.53
CA ALA AA 184 -24.49 -64.48 -32.59
C ALA AA 184 -25.95 -64.72 -32.97
N ASP AA 185 -26.30 -65.94 -33.38
CA ASP AA 185 -27.66 -66.27 -33.78
C ASP AA 185 -28.43 -66.99 -32.69
N TRP AA 186 -27.87 -67.11 -31.49
CA TRP AA 186 -28.52 -67.82 -30.40
C TRP AA 186 -29.46 -66.89 -29.63
N ARG AA 187 -30.68 -67.35 -29.38
CA ARG AA 187 -31.65 -66.62 -28.60
C ARG AA 187 -32.21 -67.52 -27.51
N VAL AA 188 -32.63 -66.92 -26.40
CA VAL AA 188 -33.11 -67.69 -25.27
C VAL AA 188 -34.38 -68.45 -25.65
N GLY AA 189 -34.41 -69.73 -25.34
CA GLY AA 189 -35.56 -70.57 -25.62
C GLY AA 189 -36.62 -70.44 -24.55
N ALA AA 190 -37.52 -71.44 -24.51
CA ALA AA 190 -38.63 -71.40 -23.58
C ALA AA 190 -38.19 -71.58 -22.12
N ALA AA 191 -36.97 -72.09 -21.90
CA ALA AA 191 -36.41 -72.22 -20.56
C ALA AA 191 -35.51 -71.01 -20.32
N THR AA 192 -35.95 -70.12 -19.44
CA THR AA 192 -35.29 -68.83 -19.24
C THR AA 192 -34.77 -68.60 -17.83
N ASP AA 193 -35.35 -69.23 -16.82
CA ASP AA 193 -35.02 -68.91 -15.44
C ASP AA 193 -33.58 -69.28 -15.11
N LEU AA 194 -32.94 -68.41 -14.33
CA LEU AA 194 -31.58 -68.62 -13.85
C LEU AA 194 -31.53 -68.19 -12.39
N THR AA 195 -31.21 -69.13 -11.50
CA THR AA 195 -31.26 -68.88 -10.07
C THR AA 195 -29.85 -69.03 -9.49
N LEU AA 196 -29.28 -67.91 -9.04
CA LEU AA 196 -27.98 -67.90 -8.38
C LEU AA 196 -28.19 -67.87 -6.87
N SER AA 197 -27.73 -68.91 -6.19
CA SER AA 197 -27.91 -69.05 -4.75
C SER AA 197 -26.53 -69.13 -4.10
N TYR AA 198 -26.28 -68.26 -3.13
CA TYR AA 198 -24.99 -68.21 -2.45
C TYR AA 198 -25.20 -67.71 -1.03
N THR AA 199 -24.11 -67.32 -0.38
CA THR AA 199 -24.15 -66.69 0.93
C THR AA 199 -23.38 -65.38 0.87
N ASN AA 200 -23.98 -64.31 1.38
CA ASN AA 200 -23.32 -63.02 1.42
C ASN AA 200 -22.23 -63.02 2.49
N LYS AA 201 -21.43 -61.97 2.50
CA LYS AA 201 -20.35 -61.87 3.48
C LYS AA 201 -20.89 -61.84 4.91
N GLN AA 202 -22.05 -61.20 5.10
CA GLN AA 202 -22.63 -61.12 6.44
C GLN AA 202 -23.22 -62.44 6.91
N GLY AA 203 -23.23 -63.47 6.07
CA GLY AA 203 -23.62 -64.80 6.49
C GLY AA 203 -25.05 -65.21 6.20
N GLU AA 204 -25.79 -64.44 5.41
CA GLU AA 204 -27.16 -64.78 5.08
C GLU AA 204 -27.24 -65.35 3.67
N ALA AA 205 -27.99 -66.44 3.52
CA ALA AA 205 -28.19 -67.04 2.20
C ALA AA 205 -29.04 -66.11 1.33
N ARG AA 206 -28.58 -65.86 0.11
CA ARG AA 206 -29.29 -65.02 -0.84
C ARG AA 206 -29.61 -65.83 -2.09
N GLU AA 207 -30.86 -65.75 -2.53
CA GLU AA 207 -31.33 -66.40 -3.74
C GLU AA 207 -31.74 -65.32 -4.73
N VAL AA 208 -31.12 -65.33 -5.90
CA VAL AA 208 -31.39 -64.33 -6.94
C VAL AA 208 -31.95 -65.05 -8.15
N THR AA 209 -33.23 -64.79 -8.45
CA THR AA 209 -33.92 -65.40 -9.57
C THR AA 209 -34.02 -64.38 -10.70
N ILE AA 210 -33.19 -64.55 -11.71
CA ILE AA 210 -33.18 -63.69 -12.89
C ILE AA 210 -33.90 -64.43 -14.01
N ASN AA 211 -35.03 -63.89 -14.45
CA ASN AA 211 -35.81 -64.49 -15.53
C ASN AA 211 -35.40 -63.80 -16.83
N ALA AA 212 -34.56 -64.47 -17.61
CA ALA AA 212 -34.09 -63.90 -18.87
C ALA AA 212 -35.26 -63.73 -19.84
N LYS AA 213 -35.17 -62.69 -20.66
CA LYS AA 213 -36.24 -62.38 -21.60
C LYS AA 213 -36.11 -63.21 -22.87
N GLN AA 214 -37.26 -63.49 -23.48
CA GLN AA 214 -37.28 -64.26 -24.72
C GLN AA 214 -36.60 -63.50 -25.84
N GLY AA 215 -35.84 -64.22 -26.66
CA GLY AA 215 -35.23 -63.65 -27.83
C GLY AA 215 -33.95 -62.88 -27.60
N ASP AA 216 -33.47 -62.79 -26.37
CA ASP AA 216 -32.23 -62.09 -26.10
C ASP AA 216 -31.03 -62.95 -26.48
N ASP AA 217 -30.04 -62.33 -27.11
CA ASP AA 217 -28.80 -63.02 -27.38
C ASP AA 217 -27.91 -62.99 -26.15
N LEU AA 218 -26.73 -63.58 -26.25
CA LEU AA 218 -25.90 -63.80 -25.06
C LEU AA 218 -25.46 -62.48 -24.44
N GLU AA 219 -25.10 -61.49 -25.27
CA GLU AA 219 -24.55 -60.25 -24.71
C GLU AA 219 -25.66 -59.38 -24.11
N GLU AA 220 -26.86 -59.45 -24.67
CA GLU AA 220 -27.99 -58.75 -24.05
C GLU AA 220 -28.39 -59.44 -22.75
N LEU AA 221 -28.24 -60.76 -22.68
CA LEU AA 221 -28.51 -61.48 -21.44
C LEU AA 221 -27.54 -61.05 -20.35
N ALA AA 222 -26.27 -60.87 -20.70
CA ALA AA 222 -25.28 -60.40 -19.72
C ALA AA 222 -25.64 -59.02 -19.19
N THR AA 223 -26.09 -58.13 -20.08
CA THR AA 223 -26.50 -56.80 -19.65
C THR AA 223 -27.72 -56.87 -18.75
N TYR AA 224 -28.70 -57.72 -19.11
CA TYR AA 224 -29.90 -57.87 -18.29
C TYR AA 224 -29.56 -58.41 -16.91
N ILE AA 225 -28.63 -59.37 -16.83
CA ILE AA 225 -28.21 -59.90 -15.53
C ILE AA 225 -27.56 -58.80 -14.70
N ASN AA 226 -26.74 -57.97 -15.33
CA ASN AA 226 -26.07 -56.88 -14.62
C ASN AA 226 -27.07 -55.90 -14.04
N GLY AA 227 -28.11 -55.55 -14.80
CA GLY AA 227 -29.10 -54.61 -14.31
C GLY AA 227 -29.93 -55.16 -13.17
N GLN AA 228 -30.24 -56.47 -13.22
CA GLN AA 228 -31.18 -57.04 -12.26
C GLN AA 228 -30.57 -57.16 -10.86
N THR AA 229 -29.29 -57.51 -10.78
CA THR AA 229 -28.63 -57.72 -9.51
C THR AA 229 -27.27 -57.01 -9.49
N GLU AA 230 -26.84 -56.62 -8.30
CA GLU AA 230 -25.56 -55.95 -8.11
C GLU AA 230 -24.56 -56.80 -7.36
N ASP AA 231 -24.93 -58.01 -6.93
CA ASP AA 231 -23.98 -58.89 -6.26
C ASP AA 231 -22.99 -59.49 -7.24
N VAL AA 232 -23.47 -59.92 -8.42
CA VAL AA 232 -22.62 -60.53 -9.42
C VAL AA 232 -22.54 -59.61 -10.63
N LYS AA 233 -21.64 -59.96 -11.56
CA LYS AA 233 -21.44 -59.22 -12.79
C LYS AA 233 -21.26 -60.19 -13.94
N ALA AA 234 -21.94 -59.93 -15.05
CA ALA AA 234 -21.99 -60.86 -16.18
C ALA AA 234 -21.20 -60.31 -17.36
N SER AA 235 -20.53 -61.21 -18.08
CA SER AA 235 -19.72 -60.84 -19.24
C SER AA 235 -19.76 -61.97 -20.25
N VAL AA 236 -19.14 -61.74 -21.40
CA VAL AA 236 -19.07 -62.72 -22.48
C VAL AA 236 -17.66 -62.68 -23.07
N GLY AA 237 -17.07 -63.85 -23.28
CA GLY AA 237 -15.74 -63.97 -23.85
C GLY AA 237 -15.74 -64.02 -25.36
N GLU AA 238 -14.62 -64.47 -25.92
CA GLU AA 238 -14.49 -64.60 -27.37
C GLU AA 238 -15.49 -65.61 -27.91
N ASP AA 239 -15.50 -66.82 -27.35
CA ASP AA 239 -16.30 -67.91 -27.88
C ASP AA 239 -17.79 -67.75 -27.60
N GLY AA 240 -18.18 -66.78 -26.79
CA GLY AA 240 -19.58 -66.61 -26.44
C GLY AA 240 -19.97 -67.48 -25.26
N LYS AA 241 -19.30 -67.29 -24.13
CA LYS AA 241 -19.60 -68.02 -22.91
C LYS AA 241 -19.80 -67.02 -21.78
N LEU AA 242 -20.95 -67.12 -21.10
CA LEU AA 242 -21.26 -66.19 -20.02
C LEU AA 242 -20.39 -66.48 -18.81
N GLN AA 243 -19.82 -65.42 -18.23
CA GLN AA 243 -18.98 -65.53 -17.06
C GLN AA 243 -19.48 -64.57 -15.99
N LEU AA 244 -19.64 -65.10 -14.77
CA LEU AA 244 -20.06 -64.30 -13.62
C LEU AA 244 -18.89 -64.12 -12.67
N PHE AA 245 -18.72 -62.90 -12.18
CA PHE AA 245 -17.69 -62.59 -11.20
C PHE AA 245 -18.37 -62.15 -9.90
N ALA AA 246 -18.21 -62.96 -8.85
CA ALA AA 246 -18.71 -62.64 -7.53
C ALA AA 246 -17.56 -62.13 -6.69
N SER AA 247 -17.65 -60.88 -6.25
CA SER AA 247 -16.57 -60.26 -5.48
C SER AA 247 -16.41 -60.97 -4.14
N SER AA 248 -15.16 -60.95 -3.64
CA SER AA 248 -14.86 -61.65 -2.40
C SER AA 248 -15.58 -61.02 -1.21
N GLN AA 249 -15.67 -59.69 -1.17
CA GLN AA 249 -16.30 -59.01 -0.05
C GLN AA 249 -17.82 -59.02 -0.12
N LYS AA 250 -18.40 -59.36 -1.27
CA LYS AA 250 -19.86 -59.42 -1.41
C LYS AA 250 -20.41 -60.83 -1.36
N VAL AA 251 -19.62 -61.83 -1.75
CA VAL AA 251 -20.04 -63.23 -1.74
C VAL AA 251 -18.91 -64.07 -1.15
N ASN AA 252 -19.25 -64.99 -0.26
CA ASN AA 252 -18.32 -65.96 0.27
C ASN AA 252 -18.87 -67.36 0.07
N GLY AA 253 -17.95 -68.32 -0.16
CA GLY AA 253 -18.35 -69.67 -0.48
C GLY AA 253 -18.69 -69.84 -1.95
N ASP AA 254 -19.04 -71.06 -2.31
CA ASP AA 254 -19.37 -71.37 -3.69
C ASP AA 254 -20.71 -70.76 -4.09
N VAL AA 255 -20.83 -70.40 -5.36
CA VAL AA 255 -22.06 -69.85 -5.91
C VAL AA 255 -22.78 -70.95 -6.66
N THR AA 256 -23.92 -71.38 -6.12
CA THR AA 256 -24.73 -72.41 -6.76
C THR AA 256 -25.54 -71.79 -7.88
N ILE AA 257 -25.50 -72.42 -9.06
CA ILE AA 257 -26.21 -71.94 -10.23
C ILE AA 257 -27.18 -73.03 -10.67
N GLY AA 258 -28.46 -72.67 -10.77
CA GLY AA 258 -29.50 -73.61 -11.17
C GLY AA 258 -30.49 -72.96 -12.11
N GLY AA 259 -31.46 -73.76 -12.53
CA GLY AA 259 -32.49 -73.31 -13.43
C GLY AA 259 -32.33 -73.90 -14.83
N GLY AA 260 -33.34 -73.64 -15.66
CA GLY AA 260 -33.29 -74.12 -17.03
C GLY AA 260 -32.18 -73.49 -17.83
N LEU AA 261 -32.03 -72.16 -17.72
CA LEU AA 261 -30.96 -71.48 -18.44
C LEU AA 261 -29.59 -71.85 -17.88
N GLY AA 262 -29.50 -72.00 -16.56
CA GLY AA 262 -28.24 -72.39 -15.96
C GLY AA 262 -27.79 -73.77 -16.40
N GLY AA 263 -28.72 -74.72 -16.48
CA GLY AA 263 -28.37 -76.04 -16.99
C GLY AA 263 -28.05 -76.03 -18.47
N GLU AA 264 -28.78 -75.24 -19.25
CA GLU AA 264 -28.54 -75.15 -20.68
C GLU AA 264 -27.17 -74.57 -20.98
N ILE AA 265 -26.85 -73.42 -20.39
CA ILE AA 265 -25.55 -72.80 -20.62
C ILE AA 265 -24.43 -73.62 -19.96
N GLY AA 266 -24.70 -74.17 -18.79
CA GLY AA 266 -23.71 -74.97 -18.09
C GLY AA 266 -22.62 -74.13 -17.47
N PHE AA 267 -22.03 -74.59 -16.37
CA PHE AA 267 -21.03 -73.79 -15.68
C PHE AA 267 -20.00 -74.69 -15.04
N ASP AA 268 -18.81 -74.13 -14.81
CA ASP AA 268 -17.67 -74.86 -14.27
C ASP AA 268 -17.33 -74.33 -12.88
N ALA AA 269 -16.21 -74.81 -12.34
CA ALA AA 269 -15.79 -74.45 -10.99
C ALA AA 269 -15.34 -72.99 -10.93
N GLY AA 270 -15.33 -72.45 -9.72
CA GLY AA 270 -14.94 -71.07 -9.50
C GLY AA 270 -13.47 -70.95 -9.17
N ARG AA 271 -12.78 -70.07 -9.89
CA ARG AA 271 -11.36 -69.82 -9.68
C ARG AA 271 -11.16 -68.46 -9.01
N ASN AA 272 -10.21 -68.41 -8.09
CA ASN AA 272 -9.92 -67.18 -7.36
C ASN AA 272 -9.05 -66.28 -8.24
N VAL AA 273 -9.62 -65.18 -8.70
CA VAL AA 273 -8.94 -64.22 -9.56
C VAL AA 273 -8.78 -62.91 -8.80
N THR AA 274 -7.56 -62.39 -8.79
CA THR AA 274 -7.24 -61.15 -8.09
C THR AA 274 -6.72 -60.12 -9.09
N VAL AA 275 -6.30 -58.96 -8.57
CA VAL AA 275 -5.75 -57.91 -9.42
C VAL AA 275 -4.43 -58.35 -10.03
N ALA AA 276 -3.62 -59.09 -9.27
CA ALA AA 276 -2.37 -59.60 -9.80
C ALA AA 276 -2.58 -60.63 -10.90
N ASP AA 277 -3.77 -61.21 -10.99
CA ASP AA 277 -4.11 -62.17 -12.03
C ASP AA 277 -4.79 -61.51 -13.23
N VAL AA 278 -4.92 -60.19 -13.23
CA VAL AA 278 -5.60 -59.50 -14.33
C VAL AA 278 -4.77 -59.65 -15.59
N ASN AA 279 -5.39 -60.18 -16.65
CA ASN AA 279 -4.72 -60.42 -17.93
C ASN AA 279 -5.68 -59.95 -19.01
N VAL AA 280 -5.35 -58.83 -19.65
CA VAL AA 280 -6.23 -58.21 -20.63
C VAL AA 280 -5.79 -58.52 -22.07
N SER AA 281 -5.03 -59.59 -22.27
CA SER AA 281 -4.67 -59.99 -23.62
C SER AA 281 -5.84 -60.59 -24.40
N THR AA 282 -6.96 -60.85 -23.73
CA THR AA 282 -8.14 -61.41 -24.37
C THR AA 282 -9.36 -60.59 -23.97
N VAL AA 283 -10.39 -60.64 -24.82
CA VAL AA 283 -11.62 -59.89 -24.54
C VAL AA 283 -12.30 -60.44 -23.29
N ALA AA 284 -12.19 -61.75 -23.05
CA ALA AA 284 -12.71 -62.33 -21.82
C ALA AA 284 -11.96 -61.80 -20.61
N GLY AA 285 -10.64 -61.65 -20.73
CA GLY AA 285 -9.86 -61.17 -19.60
C GLY AA 285 -10.05 -59.69 -19.34
N SER AA 286 -10.42 -58.93 -20.37
CA SER AA 286 -10.62 -57.49 -20.18
C SER AA 286 -12.03 -57.21 -19.65
N GLN AA 287 -13.04 -57.88 -20.19
CA GLN AA 287 -14.38 -57.76 -19.62
C GLN AA 287 -14.41 -58.22 -18.17
N GLU AA 288 -13.59 -59.22 -17.83
CA GLU AA 288 -13.50 -59.64 -16.43
C GLU AA 288 -12.67 -58.67 -15.61
N ALA AA 289 -11.64 -58.07 -16.21
CA ALA AA 289 -10.80 -57.12 -15.48
C ALA AA 289 -11.59 -55.90 -15.02
N VAL AA 290 -12.59 -55.49 -15.80
CA VAL AA 290 -13.42 -54.35 -15.39
C VAL AA 290 -14.13 -54.66 -14.07
N SER AA 291 -14.61 -55.89 -13.93
CA SER AA 291 -15.30 -56.27 -12.70
C SER AA 291 -14.33 -56.53 -11.56
N ILE AA 292 -13.15 -57.07 -11.85
CA ILE AA 292 -12.19 -57.38 -10.79
C ILE AA 292 -11.72 -56.10 -10.11
N LEU AA 293 -11.38 -55.08 -10.90
CA LEU AA 293 -10.95 -53.81 -10.31
C LEU AA 293 -12.12 -53.07 -9.67
N ASP AA 294 -13.35 -53.36 -10.08
CA ASP AA 294 -14.51 -52.83 -9.37
C ASP AA 294 -14.56 -53.37 -7.95
N GLY AA 295 -14.29 -54.67 -7.78
CA GLY AA 295 -14.21 -55.23 -6.44
C GLY AA 295 -13.04 -54.69 -5.65
N ALA AA 296 -11.88 -54.56 -6.29
CA ALA AA 296 -10.70 -54.04 -5.61
C ALA AA 296 -10.91 -52.58 -5.18
N LEU AA 297 -11.56 -51.79 -6.04
CA LEU AA 297 -11.82 -50.40 -5.70
C LEU AA 297 -12.73 -50.28 -4.49
N LYS AA 298 -13.67 -51.22 -4.34
CA LYS AA 298 -14.51 -51.24 -3.15
C LYS AA 298 -13.69 -51.53 -1.90
N ALA AA 299 -12.72 -52.46 -2.01
CA ALA AA 299 -11.87 -52.77 -0.87
C ALA AA 299 -11.02 -51.57 -0.46
N VAL AA 300 -10.44 -50.87 -1.44
CA VAL AA 300 -9.62 -49.71 -1.13
C VAL AA 300 -10.48 -48.59 -0.53
N ASP AA 301 -11.67 -48.36 -1.11
CA ASP AA 301 -12.55 -47.32 -0.60
C ASP AA 301 -13.03 -47.65 0.81
N SER AA 302 -13.33 -48.93 1.08
CA SER AA 302 -13.74 -49.33 2.42
C SER AA 302 -12.62 -49.12 3.43
N GLN AA 303 -11.39 -49.45 3.06
CA GLN AA 303 -10.25 -49.24 3.96
C GLN AA 303 -10.01 -47.75 4.18
N ARG AA 304 -10.13 -46.94 3.12
CA ARG AA 304 -9.96 -45.50 3.27
C ARG AA 304 -11.04 -44.91 4.19
N ALA AA 305 -12.29 -45.32 4.01
CA ALA AA 305 -13.37 -44.80 4.84
C ALA AA 305 -13.18 -45.19 6.31
N SER AA 306 -12.68 -46.41 6.55
CA SER AA 306 -12.38 -46.82 7.92
C SER AA 306 -11.29 -45.95 8.53
N LEU AA 307 -10.27 -45.60 7.74
CA LEU AA 307 -9.20 -44.75 8.25
C LEU AA 307 -9.68 -43.32 8.45
N GLY AA 308 -10.59 -42.85 7.58
CA GLY AA 308 -11.12 -41.50 7.73
C GLY AA 308 -11.97 -41.35 8.99
N ALA AA 309 -12.81 -42.35 9.27
CA ALA AA 309 -13.57 -42.34 10.52
C ALA AA 309 -12.65 -42.40 11.73
N PHE AA 310 -11.57 -43.19 11.62
CA PHE AA 310 -10.60 -43.26 12.70
C PHE AA 310 -9.94 -41.91 12.94
N GLN AA 311 -9.62 -41.19 11.85
CA GLN AA 311 -9.04 -39.86 11.99
C GLN AA 311 -10.01 -38.90 12.67
N ASN AA 312 -11.30 -38.96 12.31
CA ASN AA 312 -12.28 -38.08 12.94
C ASN AA 312 -12.46 -38.41 14.42
N ARG AA 313 -12.44 -39.70 14.76
CA ARG AA 313 -12.56 -40.08 16.17
C ARG AA 313 -11.38 -39.54 16.98
N PHE AA 314 -10.17 -39.66 16.44
CA PHE AA 314 -9.01 -39.12 17.14
C PHE AA 314 -9.01 -37.60 17.14
N GLY AA 315 -9.64 -36.98 16.15
CA GLY AA 315 -9.78 -35.54 16.17
C GLY AA 315 -10.67 -35.06 17.30
N HIS AA 316 -11.79 -35.75 17.52
CA HIS AA 316 -12.64 -35.44 18.67
C HIS AA 316 -11.94 -35.81 19.97
N ALA AA 317 -11.17 -36.89 19.97
CA ALA AA 317 -10.43 -37.28 21.17
C ALA AA 317 -9.39 -36.24 21.54
N ILE AA 318 -8.70 -35.69 20.55
CA ILE AA 318 -7.69 -34.66 20.82
C ILE AA 318 -8.34 -33.42 21.41
N SER AA 319 -9.45 -32.98 20.83
CA SER AA 319 -10.16 -31.81 21.35
C SER AA 319 -10.68 -32.07 22.76
N ASN AA 320 -11.24 -33.25 23.00
CA ASN AA 320 -11.75 -33.57 24.34
C ASN AA 320 -10.61 -33.63 25.35
N LEU AA 321 -9.48 -34.22 24.97
CA LEU AA 321 -8.32 -34.26 25.87
C LEU AA 321 -7.81 -32.87 26.18
N ASP AA 322 -7.89 -31.96 25.20
CA ASP AA 322 -7.48 -30.57 25.44
C ASP AA 322 -8.39 -29.90 26.46
N ASN AA 323 -9.70 -30.12 26.35
CA ASN AA 323 -10.64 -29.52 27.30
C ASN AA 323 -10.41 -30.06 28.70
N VAL AA 324 -10.21 -31.38 28.82
CA VAL AA 324 -9.95 -31.98 30.13
C VAL AA 324 -8.62 -31.49 30.69
N ASN AA 325 -7.60 -31.40 29.83
CA ASN AA 325 -6.28 -31.01 30.29
C ASN AA 325 -6.27 -29.60 30.88
N GLU AA 326 -6.94 -28.66 30.21
CA GLU AA 326 -6.96 -27.29 30.70
C GLU AA 326 -7.72 -27.18 32.01
N ASN AA 327 -8.87 -27.87 32.11
CA ASN AA 327 -9.67 -27.76 33.33
C ASN AA 327 -8.98 -28.45 34.51
N VAL AA 328 -8.17 -29.48 34.23
CA VAL AA 328 -7.36 -30.08 35.27
C VAL AA 328 -6.24 -29.12 35.68
N ASN AA 329 -5.65 -28.42 34.71
CA ASN AA 329 -4.62 -27.44 35.02
C ASN AA 329 -5.18 -26.32 35.89
N ALA AA 330 -6.38 -25.82 35.57
CA ALA AA 330 -7.01 -24.78 36.37
C ALA AA 330 -7.34 -25.30 37.76
N SER AA 331 -7.79 -26.55 37.86
CA SER AA 331 -8.13 -27.12 39.17
C SER AA 331 -6.89 -27.24 40.04
N ARG AA 332 -5.78 -27.70 39.47
CA ARG AA 332 -4.54 -27.77 40.23
C ARG AA 332 -4.07 -26.37 40.63
N SER AA 333 -4.41 -25.36 39.82
CA SER AA 333 -4.08 -23.98 40.17
C SER AA 333 -4.80 -23.56 41.45
N ARG AA 334 -6.08 -23.92 41.56
CA ARG AA 334 -6.86 -23.55 42.74
C ARG AA 334 -6.42 -24.26 44.00
N ILE AA 335 -5.59 -25.31 43.87
CA ILE AA 335 -5.23 -26.16 44.99
C ILE AA 335 -3.76 -26.03 45.35
N ARG AA 336 -2.88 -25.87 44.35
CA ARG AA 336 -1.44 -26.03 44.55
C ARG AA 336 -0.67 -24.72 44.51
N ASP AA 337 -0.75 -23.95 43.42
CA ASP AA 337 0.11 -22.78 43.31
C ASP AA 337 -0.42 -21.62 44.14
N THR AA 338 0.46 -20.67 44.40
CA THR AA 338 0.21 -19.61 45.37
C THR AA 338 -0.50 -18.43 44.73
N ASP AA 339 -1.30 -17.75 45.54
CA ASP AA 339 -1.96 -16.50 45.16
C ASP AA 339 -1.13 -15.35 45.72
N TYR AA 340 -0.48 -14.60 44.83
CA TYR AA 340 0.47 -13.59 45.26
C TYR AA 340 -0.20 -12.45 46.04
N ALA AA 341 -1.48 -12.21 45.77
CA ALA AA 341 -2.19 -11.15 46.49
C ALA AA 341 -2.23 -11.42 47.98
N ARG AA 342 -2.48 -12.68 48.37
CA ARG AA 342 -2.54 -13.04 49.78
C ARG AA 342 -1.15 -13.29 50.35
N GLU AA 343 -0.24 -13.83 49.54
CA GLU AA 343 1.08 -14.20 50.06
C GLU AA 343 1.94 -12.98 50.37
N THR AA 344 1.92 -11.98 49.49
CA THR AA 344 2.68 -10.77 49.75
C THR AA 344 2.16 -10.05 50.99
N THR AA 345 0.84 -10.03 51.17
CA THR AA 345 0.26 -9.45 52.38
C THR AA 345 0.68 -10.23 53.61
N ALA AA 346 0.69 -11.56 53.52
CA ALA AA 346 1.10 -12.38 54.66
C ALA AA 346 2.58 -12.24 54.95
N MET AA 347 3.39 -12.06 53.89
CA MET AA 347 4.83 -11.84 54.10
C MET AA 347 5.09 -10.49 54.75
N THR AA 348 4.49 -9.43 54.23
CA THR AA 348 4.70 -8.10 54.79
C THR AA 348 4.22 -8.03 56.22
N LYS AA 349 3.04 -8.60 56.51
CA LYS AA 349 2.54 -8.62 57.88
C LYS AA 349 3.50 -9.36 58.80
N ALA AA 350 4.13 -10.42 58.32
CA ALA AA 350 5.12 -11.13 59.12
C ALA AA 350 6.38 -10.29 59.32
N GLN AA 351 6.73 -9.48 58.32
CA GLN AA 351 7.88 -8.60 58.47
C GLN AA 351 7.64 -7.53 59.52
N ILE AA 352 6.45 -6.93 59.51
CA ILE AA 352 6.12 -5.92 60.53
C ILE AA 352 6.06 -6.57 61.91
N LEU AA 353 5.49 -7.78 61.98
CA LEU AA 353 5.46 -8.50 63.26
C LEU AA 353 6.89 -8.81 63.73
N GLN AA 354 7.80 -9.07 62.79
CA GLN AA 354 9.20 -9.26 63.15
C GLN AA 354 9.78 -7.98 63.76
N GLN AA 355 9.60 -6.86 63.07
CA GLN AA 355 10.19 -5.60 63.54
C GLN AA 355 9.61 -5.19 64.89
N ALA AA 356 8.31 -5.42 65.09
CA ALA AA 356 7.72 -5.17 66.40
C ALA AA 356 8.33 -6.07 67.46
N SER AA 357 8.53 -7.34 67.14
CA SER AA 357 9.10 -8.28 68.11
C SER AA 357 10.54 -7.92 68.47
N THR AA 358 11.34 -7.52 67.48
CA THR AA 358 12.71 -7.10 67.78
C THR AA 358 12.72 -5.79 68.56
N SER AA 359 11.84 -4.85 68.20
CA SER AA 359 11.80 -3.56 68.88
C SER AA 359 11.39 -3.71 70.34
N VAL AA 360 10.39 -4.54 70.61
CA VAL AA 360 9.99 -4.78 72.00
C VAL AA 360 11.06 -5.59 72.72
N LEU AA 361 11.80 -6.43 71.99
CA LEU AA 361 12.89 -7.19 72.60
C LEU AA 361 14.00 -6.27 73.10
N ALA AA 362 14.32 -5.23 72.33
CA ALA AA 362 15.35 -4.29 72.76
C ALA AA 362 14.95 -3.60 74.07
N GLN AA 363 13.68 -3.20 74.18
CA GLN AA 363 13.18 -2.62 75.42
C GLN AA 363 12.97 -3.68 76.50
N ALA AA 364 12.98 -4.96 76.14
CA ALA AA 364 12.69 -6.02 77.11
C ALA AA 364 13.85 -6.24 78.07
N LYS AA 365 15.08 -6.22 77.56
CA LYS AA 365 16.25 -6.53 78.37
C LYS AA 365 16.78 -5.33 79.15
N GLN AA 366 16.13 -4.18 79.04
CA GLN AA 366 16.47 -3.03 79.87
C GLN AA 366 15.90 -3.14 81.28
N SER AA 367 15.07 -4.14 81.55
CA SER AA 367 14.52 -4.33 82.90
C SER AA 367 15.61 -4.57 83.94
N PRO AA 368 16.57 -5.47 83.74
CA PRO AA 368 17.67 -5.56 84.72
C PRO AA 368 18.47 -4.27 84.84
N SER AA 369 18.60 -3.51 83.74
CA SER AA 369 19.25 -2.22 83.82
C SER AA 369 18.47 -1.27 84.71
N ALA AA 370 17.14 -1.39 84.72
CA ALA AA 370 16.33 -0.60 85.65
C ALA AA 370 16.62 -0.97 87.09
N ALA AA 371 16.81 -2.27 87.36
CA ALA AA 371 17.16 -2.71 88.71
C ALA AA 371 18.54 -2.18 89.11
N LEU AA 372 19.50 -2.24 88.20
CA LEU AA 372 20.84 -1.73 88.49
C LEU AA 372 20.81 -0.22 88.69
N SER AA 373 20.07 0.51 87.85
CA SER AA 373 19.95 1.95 88.03
C SER AA 373 19.20 2.29 89.31
N LEU AA 374 18.32 1.41 89.76
CA LEU AA 374 17.61 1.62 91.02
C LEU AA 374 18.58 1.68 92.19
N LEU AA 375 19.26 0.56 92.46
CA LEU AA 375 20.12 0.49 93.64
C LEU AA 375 21.46 -0.19 93.40
N GLY AA 376 21.67 -0.84 92.26
CA GLY AA 376 22.94 -1.48 91.99
C GLY AA 376 24.07 -0.49 91.74
N MET BA 1 35.41 46.95 149.79
CA MET BA 1 34.13 46.31 149.52
C MET BA 1 33.52 45.71 150.78
N ALA BA 2 32.30 45.19 150.65
CA ALA BA 2 31.59 44.57 151.75
C ALA BA 2 31.62 43.06 151.61
N ILE BA 3 32.05 42.38 152.67
CA ILE BA 3 32.19 40.92 152.67
C ILE BA 3 31.01 40.33 153.43
N ASN BA 4 30.24 39.47 152.75
CA ASN BA 4 29.10 38.82 153.37
C ASN BA 4 28.72 37.61 152.52
N VAL BA 5 28.29 36.54 153.18
CA VAL BA 5 27.97 35.29 152.51
C VAL BA 5 26.47 35.09 152.31
N ASN BA 6 25.62 35.80 153.04
CA ASN BA 6 24.19 35.61 152.92
C ASN BA 6 23.67 36.06 151.57
N THR BA 7 24.06 37.26 151.13
CA THR BA 7 23.57 37.82 149.87
C THR BA 7 24.60 37.58 148.77
N ASN BA 8 24.09 37.32 147.56
CA ASN BA 8 24.89 37.02 146.39
C ASN BA 8 24.40 37.82 145.19
N VAL BA 9 24.29 39.13 145.37
CA VAL BA 9 23.73 40.00 144.34
C VAL BA 9 24.46 39.84 143.01
N SER BA 10 25.75 39.51 143.06
CA SER BA 10 26.49 39.22 141.84
C SER BA 10 25.93 37.99 141.13
N ALA BA 11 25.61 36.95 141.90
CA ALA BA 11 25.06 35.73 141.31
C ALA BA 11 23.64 35.94 140.80
N MET BA 12 22.83 36.73 141.53
CA MET BA 12 21.44 36.89 141.11
C MET BA 12 21.33 37.72 139.84
N THR BA 13 22.19 38.73 139.68
CA THR BA 13 22.23 39.47 138.42
C THR BA 13 22.73 38.57 137.29
N ALA BA 14 23.72 37.73 137.55
CA ALA BA 14 24.21 36.80 136.54
C ALA BA 14 23.13 35.79 136.17
N GLN BA 15 22.45 35.21 137.17
CA GLN BA 15 21.43 34.20 136.87
C GLN BA 15 20.23 34.82 136.17
N ARG BA 16 19.96 36.11 136.40
CA ARG BA 16 18.95 36.79 135.61
C ARG BA 16 19.39 36.92 134.15
N TYR BA 17 20.70 37.00 133.92
CA TYR BA 17 21.22 37.01 132.55
C TYR BA 17 21.07 35.63 131.91
N LEU BA 18 21.20 34.56 132.69
CA LEU BA 18 20.80 33.24 132.18
C LEU BA 18 19.30 33.18 131.92
N ASN BA 19 18.50 33.86 132.74
CA ASN BA 19 17.06 33.89 132.50
C ASN BA 19 16.74 34.63 131.21
N GLY BA 20 17.33 35.80 131.01
CA GLY BA 20 17.12 36.54 129.78
C GLY BA 20 17.70 35.82 128.57
N ALA BA 21 18.87 35.22 128.74
CA ALA BA 21 19.45 34.44 127.65
C ALA BA 21 18.62 33.21 127.34
N ALA BA 22 18.05 32.57 128.37
CA ALA BA 22 17.32 31.32 128.17
C ALA BA 22 16.14 31.51 127.22
N ASP BA 23 15.30 32.52 127.49
CA ASP BA 23 14.25 32.85 126.55
C ASP BA 23 14.82 33.31 125.21
N GLY BA 24 16.08 33.72 125.21
CA GLY BA 24 16.80 34.01 123.98
C GLY BA 24 16.90 32.82 123.04
N MET BA 25 17.56 31.72 123.47
CA MET BA 25 17.62 30.57 122.58
C MET BA 25 16.26 29.89 122.46
N GLN BA 26 15.52 29.79 123.58
CA GLN BA 26 14.29 29.00 123.57
C GLN BA 26 13.30 29.47 122.52
N LYS BA 27 13.28 30.76 122.21
CA LYS BA 27 12.45 31.23 121.11
C LYS BA 27 13.11 31.00 119.75
N SER BA 28 14.45 30.93 119.73
CA SER BA 28 15.18 30.83 118.46
C SER BA 28 14.82 29.56 117.70
N MET BA 29 15.20 28.39 118.23
CA MET BA 29 14.96 27.17 117.44
C MET BA 29 13.51 26.71 117.54
N GLU BA 30 12.75 27.20 118.51
CA GLU BA 30 11.31 26.96 118.48
C GLU BA 30 10.68 27.58 117.25
N ARG BA 31 11.09 28.81 116.93
CA ARG BA 31 10.63 29.46 115.71
C ARG BA 31 11.33 28.89 114.47
N LEU BA 32 12.59 28.47 114.61
CA LEU BA 32 13.37 28.02 113.46
C LEU BA 32 12.91 26.65 112.95
N SER BA 33 12.61 25.73 113.87
CA SER BA 33 12.28 24.37 113.47
C SER BA 33 11.01 24.34 112.61
N SER BA 34 9.99 25.10 113.01
CA SER BA 34 8.79 25.20 112.20
C SER BA 34 9.01 26.07 110.97
N GLY BA 35 9.90 27.05 111.06
CA GLY BA 35 10.14 27.97 109.98
C GLY BA 35 9.22 29.17 109.94
N TYR BA 36 8.33 29.31 110.92
CA TYR BA 36 7.37 30.41 110.98
C TYR BA 36 7.76 31.35 112.10
N LYS BA 37 7.95 32.63 111.77
CA LYS BA 37 8.40 33.60 112.76
C LYS BA 37 7.36 33.82 113.84
N ILE BA 38 6.08 33.91 113.46
CA ILE BA 38 4.99 34.12 114.41
C ILE BA 38 4.22 32.81 114.51
N ASN BA 39 4.37 32.13 115.65
CA ASN BA 39 3.64 30.91 115.93
C ASN BA 39 2.52 31.08 116.93
N SER BA 40 2.69 31.99 117.90
CA SER BA 40 1.68 32.23 118.92
C SER BA 40 1.42 33.73 119.01
N ALA BA 41 0.31 34.08 119.66
CA ALA BA 41 -0.11 35.48 119.77
C ALA BA 41 0.86 36.31 120.61
N ARG BA 42 1.74 35.68 121.38
CA ARG BA 42 2.70 36.43 122.18
C ARG BA 42 3.66 37.21 121.29
N ASP BA 43 4.09 36.61 120.18
CA ASP BA 43 5.07 37.25 119.30
C ASP BA 43 4.49 38.50 118.67
N ASP BA 44 3.30 38.38 118.06
CA ASP BA 44 2.65 39.52 117.42
C ASP BA 44 1.18 39.19 117.25
N ALA BA 45 0.31 39.93 117.95
CA ALA BA 45 -1.11 39.66 117.89
C ALA BA 45 -1.69 40.01 116.53
N ALA BA 46 -1.53 41.27 116.11
CA ALA BA 46 -2.06 41.68 114.81
C ALA BA 46 -1.36 40.96 113.68
N GLY BA 47 -0.05 40.72 113.81
CA GLY BA 47 0.67 40.01 112.77
C GLY BA 47 0.17 38.59 112.58
N LEU BA 48 -0.14 37.90 113.67
CA LEU BA 48 -0.71 36.56 113.58
C LEU BA 48 -2.09 36.58 112.93
N GLN BA 49 -2.91 37.57 113.29
CA GLN BA 49 -4.27 37.65 112.76
C GLN BA 49 -4.27 37.86 111.26
N ILE BA 50 -3.42 38.77 110.77
CA ILE BA 50 -3.40 39.05 109.33
C ILE BA 50 -2.78 37.88 108.57
N SER BA 51 -1.72 37.28 109.13
CA SER BA 51 -1.08 36.15 108.46
C SER BA 51 -2.02 34.95 108.36
N ASN BA 52 -2.78 34.69 109.42
CA ASN BA 52 -3.77 33.62 109.37
C ASN BA 52 -4.83 33.90 108.30
N ARG BA 53 -5.23 35.18 108.16
CA ARG BA 53 -6.15 35.54 107.09
C ARG BA 53 -5.53 35.28 105.72
N LEU BA 54 -4.24 35.59 105.57
CA LEU BA 54 -3.57 35.37 104.28
C LEU BA 54 -3.53 33.90 103.92
N THR BA 55 -3.28 33.04 104.92
CA THR BA 55 -3.31 31.60 104.65
C THR BA 55 -4.74 31.10 104.47
N SER BA 56 -5.71 31.82 105.03
CA SER BA 56 -7.10 31.38 104.95
C SER BA 56 -7.62 31.42 103.52
N GLN BA 57 -7.44 32.55 102.83
CA GLN BA 57 -7.94 32.68 101.47
C GLN BA 57 -6.95 32.17 100.42
N SER BA 58 -5.70 31.89 100.81
CA SER BA 58 -4.81 31.17 99.93
C SER BA 58 -5.34 29.77 99.66
N ARG BA 59 -5.82 29.10 100.71
CA ARG BA 59 -6.57 27.86 100.52
C ARG BA 59 -7.85 28.12 99.74
N GLY BA 60 -8.47 29.28 99.96
CA GLY BA 60 -9.69 29.61 99.23
C GLY BA 60 -9.48 29.71 97.74
N LEU BA 61 -8.35 30.28 97.32
CA LEU BA 61 -8.04 30.34 95.89
C LEU BA 61 -7.69 28.96 95.34
N ASP BA 62 -7.09 28.11 96.17
CA ASP BA 62 -6.82 26.73 95.74
C ASP BA 62 -8.12 25.99 95.47
N MET BA 63 -9.13 26.22 96.31
CA MET BA 63 -10.46 25.71 96.02
C MET BA 63 -11.06 26.41 94.80
N ALA BA 64 -10.73 27.69 94.62
CA ALA BA 64 -11.28 28.46 93.50
C ALA BA 64 -10.77 27.93 92.17
N VAL BA 65 -9.46 27.70 92.05
CA VAL BA 65 -8.91 27.17 90.81
C VAL BA 65 -9.40 25.76 90.56
N LYS BA 66 -9.55 24.97 91.64
CA LYS BA 66 -10.08 23.61 91.50
C LYS BA 66 -11.51 23.64 90.96
N ASN BA 67 -12.35 24.50 91.53
CA ASN BA 67 -13.73 24.61 91.05
C ASN BA 67 -13.77 25.14 89.62
N ALA BA 68 -12.90 26.11 89.30
CA ALA BA 68 -12.85 26.63 87.94
C ALA BA 68 -12.40 25.57 86.96
N ASN BA 69 -11.49 24.70 87.38
CA ASN BA 69 -10.98 23.66 86.48
C ASN BA 69 -12.06 22.65 86.12
N ASP BA 70 -12.82 22.17 87.10
CA ASP BA 70 -13.89 21.23 86.79
C ASP BA 70 -15.03 21.92 86.05
N GLY BA 71 -15.27 23.20 86.33
CA GLY BA 71 -16.25 23.95 85.55
C GLY BA 71 -15.85 24.06 84.09
N ILE BA 72 -14.54 24.22 83.84
CA ILE BA 72 -14.03 24.18 82.47
C ILE BA 72 -14.25 22.80 81.88
N SER BA 73 -14.05 21.76 82.69
CA SER BA 73 -14.25 20.39 82.19
C SER BA 73 -15.70 20.14 81.81
N ILE BA 74 -16.64 20.63 82.61
CA ILE BA 74 -18.05 20.46 82.29
C ILE BA 74 -18.39 21.17 80.98
N ALA BA 75 -17.83 22.36 80.77
CA ALA BA 75 -18.01 23.05 79.50
C ALA BA 75 -17.37 22.27 78.36
N GLN BA 76 -16.24 21.62 78.61
CA GLN BA 76 -15.53 20.92 77.54
C GLN BA 76 -16.29 19.69 77.08
N THR BA 77 -16.80 18.88 78.01
CA THR BA 77 -17.55 17.69 77.61
C THR BA 77 -18.88 18.08 76.95
N ALA BA 78 -19.50 19.16 77.43
CA ALA BA 78 -20.70 19.67 76.77
C ALA BA 78 -20.40 20.08 75.34
N GLU BA 79 -19.26 20.75 75.13
CA GLU BA 79 -18.84 21.10 73.77
C GLU BA 79 -18.54 19.85 72.94
N GLY BA 80 -17.91 18.85 73.55
CA GLY BA 80 -17.55 17.65 72.82
C GLY BA 80 -18.76 16.87 72.32
N ALA BA 81 -19.74 16.65 73.21
CA ALA BA 81 -20.97 16.02 72.78
C ALA BA 81 -21.73 16.91 71.80
N MET BA 82 -21.49 18.22 71.89
CA MET BA 82 -22.14 19.16 70.98
C MET BA 82 -21.59 19.05 69.57
N ASN BA 83 -20.30 18.72 69.44
CA ASN BA 83 -19.67 18.62 68.12
C ASN BA 83 -20.33 17.53 67.28
N GLU BA 84 -20.75 16.45 67.93
CA GLU BA 84 -21.47 15.40 67.21
C GLU BA 84 -22.89 15.85 66.87
N THR BA 85 -23.51 16.64 67.75
CA THR BA 85 -24.86 17.12 67.49
C THR BA 85 -24.89 17.99 66.23
N THR BA 86 -23.88 18.84 66.06
CA THR BA 86 -23.79 19.65 64.84
C THR BA 86 -23.62 18.77 63.61
N ASN BA 87 -22.78 17.73 63.70
CA ASN BA 87 -22.52 16.88 62.55
C ASN BA 87 -23.77 16.09 62.16
N ILE BA 88 -24.53 15.64 63.15
CA ILE BA 88 -25.77 14.92 62.86
C ILE BA 88 -26.76 15.82 62.15
N LEU BA 89 -26.92 17.06 62.63
CA LEU BA 89 -27.86 17.99 62.01
C LEU BA 89 -27.44 18.32 60.58
N GLN BA 90 -26.13 18.49 60.34
CA GLN BA 90 -25.65 18.74 58.99
C GLN BA 90 -25.94 17.56 58.07
N ARG BA 91 -25.75 16.33 58.58
CA ARG BA 91 -26.06 15.14 57.78
C ARG BA 91 -27.54 15.08 57.42
N MET BA 92 -28.41 15.40 58.39
CA MET BA 92 -29.84 15.41 58.10
C MET BA 92 -30.20 16.49 57.09
N ARG BA 93 -29.46 17.61 57.11
CA ARG BA 93 -29.72 18.68 56.14
C ARG BA 93 -29.41 18.23 54.72
N ASP BA 94 -28.29 17.52 54.54
CA ASP BA 94 -27.96 17.01 53.22
C ASP BA 94 -28.96 15.95 52.76
N LEU BA 95 -29.39 15.08 53.67
CA LEU BA 95 -30.37 14.06 53.32
C LEU BA 95 -31.71 14.68 52.94
N ALA BA 96 -32.16 15.68 53.70
CA ALA BA 96 -33.38 16.39 53.34
C ALA BA 96 -33.24 17.11 52.01
N LEU BA 97 -32.07 17.72 51.79
CA LEU BA 97 -31.82 18.41 50.52
C LEU BA 97 -31.90 17.45 49.34
N GLN BA 98 -31.33 16.26 49.51
CA GLN BA 98 -31.42 15.25 48.46
C GLN BA 98 -32.86 14.81 48.22
N SER BA 99 -33.65 14.70 49.30
CA SER BA 99 -35.02 14.23 49.18
C SER BA 99 -35.90 15.23 48.46
N SER BA 100 -35.60 16.52 48.56
CA SER BA 100 -36.44 17.53 47.91
C SER BA 100 -36.41 17.43 46.39
N ASN BA 101 -35.40 16.77 45.82
CA ASN BA 101 -35.35 16.60 44.37
C ASN BA 101 -36.56 15.80 43.89
N GLY BA 102 -37.14 16.22 42.78
CA GLY BA 102 -38.24 15.49 42.18
C GLY BA 102 -37.84 14.22 41.46
N SER BA 103 -36.53 13.99 41.28
CA SER BA 103 -36.07 12.75 40.69
C SER BA 103 -36.35 11.56 41.61
N ASN BA 104 -36.25 11.74 42.92
CA ASN BA 104 -36.58 10.68 43.86
C ASN BA 104 -38.06 10.36 43.79
N SER BA 105 -38.38 9.07 43.79
CA SER BA 105 -39.77 8.65 43.88
C SER BA 105 -40.15 8.51 45.34
N SER BA 106 -41.34 7.96 45.62
CA SER BA 106 -41.80 7.83 46.99
C SER BA 106 -40.89 6.89 47.79
N SER BA 107 -40.39 5.82 47.15
CA SER BA 107 -39.59 4.84 47.87
C SER BA 107 -38.29 5.43 48.39
N GLU BA 108 -37.60 6.23 47.58
CA GLU BA 108 -36.34 6.82 48.01
C GLU BA 108 -36.55 7.82 49.14
N ARG BA 109 -37.66 8.55 49.12
CA ARG BA 109 -37.98 9.44 50.23
C ARG BA 109 -38.19 8.65 51.52
N ARG BA 110 -38.77 7.45 51.41
CA ARG BA 110 -38.88 6.58 52.57
C ARG BA 110 -37.51 6.15 53.07
N ALA BA 111 -36.57 5.90 52.15
CA ALA BA 111 -35.22 5.51 52.55
C ALA BA 111 -34.53 6.63 53.34
N ILE BA 112 -34.67 7.87 52.88
CA ILE BA 112 -34.13 9.00 53.63
C ILE BA 112 -34.84 9.16 54.97
N GLN BA 113 -36.16 9.02 54.98
CA GLN BA 113 -36.91 9.21 56.22
C GLN BA 113 -36.53 8.15 57.26
N GLU BA 114 -36.22 6.94 56.82
CA GLU BA 114 -35.74 5.91 57.74
C GLU BA 114 -34.39 6.32 58.35
N GLU BA 115 -33.53 6.93 57.54
CA GLU BA 115 -32.25 7.41 58.04
C GLU BA 115 -32.46 8.60 58.99
N VAL BA 116 -33.27 9.57 58.58
CA VAL BA 116 -33.50 10.77 59.38
C VAL BA 116 -34.15 10.42 60.71
N SER BA 117 -35.09 9.45 60.70
CA SER BA 117 -35.70 9.02 61.95
C SER BA 117 -34.66 8.41 62.89
N ALA BA 118 -33.69 7.69 62.34
CA ALA BA 118 -32.61 7.15 63.17
C ALA BA 118 -31.74 8.26 63.74
N LEU BA 119 -31.31 9.20 62.90
CA LEU BA 119 -30.49 10.30 63.39
C LEU BA 119 -31.24 11.19 64.38
N ASN BA 120 -32.57 11.29 64.23
CA ASN BA 120 -33.37 12.01 65.21
C ASN BA 120 -33.28 11.35 66.57
N ASP BA 121 -33.29 10.02 66.61
CA ASP BA 121 -33.10 9.31 67.88
C ASP BA 121 -31.68 9.52 68.41
N GLU BA 122 -30.71 9.72 67.50
CA GLU BA 122 -29.35 10.04 67.93
C GLU BA 122 -29.28 11.39 68.63
N LEU BA 123 -30.01 12.38 68.13
CA LEU BA 123 -30.04 13.68 68.80
C LEU BA 123 -30.66 13.57 70.19
N ASN BA 124 -31.72 12.77 70.33
CA ASN BA 124 -32.28 12.51 71.64
C ASN BA 124 -31.30 11.77 72.55
N ARG BA 125 -30.57 10.80 71.98
CA ARG BA 125 -29.61 10.05 72.79
C ARG BA 125 -28.47 10.94 73.27
N ILE BA 126 -27.94 11.78 72.38
CA ILE BA 126 -26.84 12.67 72.76
C ILE BA 126 -27.31 13.65 73.83
N ALA BA 127 -28.55 14.13 73.72
CA ALA BA 127 -29.08 15.05 74.72
C ALA BA 127 -29.30 14.36 76.05
N GLU BA 128 -29.73 13.10 76.04
CA GLU BA 128 -30.14 12.45 77.27
C GLU BA 128 -28.97 11.79 78.01
N THR BA 129 -28.11 11.08 77.28
CA THR BA 129 -27.08 10.26 77.91
C THR BA 129 -25.76 11.00 78.13
N THR BA 130 -25.61 12.22 77.63
CA THR BA 130 -24.41 13.00 77.94
C THR BA 130 -24.44 13.40 79.40
N SER BA 131 -23.35 13.12 80.12
CA SER BA 131 -23.31 13.36 81.56
C SER BA 131 -21.88 13.64 81.99
N PHE BA 132 -21.76 14.26 83.15
CA PHE BA 132 -20.47 14.55 83.77
C PHE BA 132 -20.48 13.92 85.16
N GLY BA 133 -19.93 12.72 85.28
CA GLY BA 133 -19.96 12.00 86.54
C GLY BA 133 -21.36 11.59 86.96
N GLY BA 134 -22.17 11.11 86.01
CA GLY BA 134 -23.53 10.69 86.30
C GLY BA 134 -24.55 11.81 86.36
N ASN BA 135 -24.16 13.04 86.08
CA ASN BA 135 -25.06 14.19 86.11
C ASN BA 135 -25.36 14.60 84.68
N LYS BA 136 -26.60 14.39 84.24
CA LYS BA 136 -26.98 14.71 82.87
C LYS BA 136 -26.87 16.22 82.62
N LEU BA 137 -26.43 16.58 81.42
CA LEU BA 137 -26.18 17.97 81.05
C LEU BA 137 -27.09 18.48 79.96
N LEU BA 138 -27.17 17.77 78.83
CA LEU BA 138 -27.86 18.27 77.65
C LEU BA 138 -29.35 17.93 77.62
N ASN BA 139 -29.87 17.28 78.64
CA ASN BA 139 -31.30 16.96 78.68
C ASN BA 139 -32.16 18.10 79.21
N GLY BA 140 -31.55 19.17 79.71
CA GLY BA 140 -32.27 20.31 80.24
C GLY BA 140 -32.48 20.29 81.74
N SER BA 141 -32.31 19.13 82.38
CA SER BA 141 -32.42 19.07 83.83
C SER BA 141 -31.25 19.75 84.53
N PHE BA 142 -30.18 20.07 83.81
CA PHE BA 142 -29.06 20.79 84.41
C PHE BA 142 -29.50 22.18 84.86
N GLY BA 143 -30.27 22.87 84.03
CA GLY BA 143 -30.71 24.21 84.39
C GLY BA 143 -29.54 25.16 84.48
N SER BA 144 -29.40 25.80 85.64
CA SER BA 144 -28.32 26.74 85.89
C SER BA 144 -27.61 26.36 87.18
N LYS BA 145 -26.28 26.34 87.13
CA LYS BA 145 -25.46 26.03 88.28
C LYS BA 145 -24.43 27.13 88.49
N SER BA 146 -24.11 27.39 89.76
CA SER BA 146 -23.17 28.43 90.13
C SER BA 146 -21.83 27.81 90.46
N PHE BA 147 -20.76 28.36 89.87
CA PHE BA 147 -19.40 27.89 90.11
C PHE BA 147 -18.67 28.93 90.94
N GLN BA 148 -18.39 28.59 92.20
CA GLN BA 148 -17.72 29.49 93.12
C GLN BA 148 -16.22 29.46 92.84
N ILE BA 149 -15.68 30.59 92.38
CA ILE BA 149 -14.26 30.66 92.02
C ILE BA 149 -13.60 31.82 92.75
N GLY BA 150 -14.11 32.15 93.93
CA GLY BA 150 -13.55 33.24 94.71
C GLY BA 150 -13.04 32.79 96.07
N ALA BA 151 -12.23 33.63 96.71
CA ALA BA 151 -11.74 33.33 98.05
C ALA BA 151 -12.81 33.53 99.12
N ASP BA 152 -13.77 34.41 98.88
CA ASP BA 152 -14.80 34.76 99.84
C ASP BA 152 -16.16 34.33 99.34
N SER BA 153 -17.12 34.31 100.25
CA SER BA 153 -18.47 33.88 99.89
C SER BA 153 -19.12 34.88 98.93
N GLY BA 154 -19.89 34.36 97.99
CA GLY BA 154 -20.61 35.20 97.05
C GLY BA 154 -19.81 35.67 95.86
N GLU BA 155 -18.86 34.88 95.37
CA GLU BA 155 -18.09 35.19 94.18
C GLU BA 155 -18.26 34.10 93.12
N ALA BA 156 -19.49 33.64 92.93
CA ALA BA 156 -19.78 32.59 91.96
C ALA BA 156 -20.05 33.18 90.58
N VAL BA 157 -20.15 32.30 89.58
CA VAL BA 157 -20.40 32.68 88.20
C VAL BA 157 -21.53 31.83 87.65
N MET BA 158 -22.52 32.48 87.04
CA MET BA 158 -23.66 31.78 86.48
C MET BA 158 -23.27 31.01 85.23
N LEU BA 159 -24.10 30.00 84.91
CA LEU BA 159 -23.93 29.19 83.71
C LEU BA 159 -25.28 28.58 83.37
N SER BA 160 -25.58 28.51 82.07
CA SER BA 160 -26.85 27.97 81.59
C SER BA 160 -26.60 27.01 80.44
N MET BA 161 -27.28 25.87 80.48
CA MET BA 161 -27.29 24.90 79.39
C MET BA 161 -28.74 24.60 79.05
N GLY BA 162 -29.23 25.13 77.94
CA GLY BA 162 -30.60 24.90 77.55
C GLY BA 162 -30.84 23.46 77.14
N SER BA 163 -32.08 23.02 77.32
CA SER BA 163 -32.47 21.69 76.90
C SER BA 163 -32.27 21.55 75.40
N MET BA 164 -31.45 20.59 74.99
CA MET BA 164 -31.08 20.45 73.59
C MET BA 164 -31.50 19.09 73.03
N ARG BA 165 -32.66 18.60 73.47
CA ARG BA 165 -33.31 17.49 72.80
C ARG BA 165 -33.73 17.90 71.40
N SER BA 166 -33.95 16.91 70.54
CA SER BA 166 -34.42 17.19 69.19
C SER BA 166 -35.84 17.76 69.18
N ASP BA 167 -36.56 17.68 70.31
CA ASP BA 167 -37.92 18.16 70.41
C ASP BA 167 -38.03 19.48 71.17
N THR BA 168 -36.91 20.14 71.45
CA THR BA 168 -36.95 21.41 72.16
C THR BA 168 -37.57 22.49 71.29
N GLN BA 169 -38.37 23.36 71.91
CA GLN BA 169 -39.06 24.42 71.16
C GLN BA 169 -38.06 25.38 70.52
N ALA BA 170 -36.89 25.56 71.13
CA ALA BA 170 -35.87 26.44 70.57
C ALA BA 170 -35.08 25.79 69.43
N MET BA 171 -35.30 24.50 69.18
CA MET BA 171 -34.62 23.78 68.11
C MET BA 171 -35.38 23.85 66.79
N GLY BA 172 -36.52 24.52 66.75
CA GLY BA 172 -37.32 24.60 65.55
C GLY BA 172 -37.97 25.96 65.37
N GLY BA 173 -39.19 25.98 64.84
CA GLY BA 173 -39.91 27.23 64.66
C GLY BA 173 -41.38 27.02 64.32
N LYS BA 174 -41.95 27.94 63.55
CA LYS BA 174 -43.32 27.86 63.11
C LYS BA 174 -43.37 27.77 61.59
N SER BA 175 -44.31 26.98 61.09
CA SER BA 175 -44.46 26.77 59.65
C SER BA 175 -45.86 27.20 59.23
N TYR BA 176 -45.92 28.06 58.20
CA TYR BA 176 -47.18 28.52 57.63
C TYR BA 176 -47.30 27.94 56.23
N ARG BA 177 -48.51 27.56 55.85
CA ARG BA 177 -48.77 26.93 54.56
C ARG BA 177 -49.87 27.67 53.81
N ALA BA 178 -49.68 27.83 52.50
CA ALA BA 178 -50.70 28.42 51.65
C ALA BA 178 -51.92 27.52 51.55
N GLN BA 179 -53.06 28.12 51.23
CA GLN BA 179 -54.30 27.37 51.05
C GLN BA 179 -54.68 27.17 49.59
N GLU BA 180 -54.10 27.94 48.66
CA GLU BA 180 -54.42 27.84 47.24
C GLU BA 180 -53.17 27.42 46.48
N GLY BA 181 -53.21 26.22 45.92
CA GLY BA 181 -52.09 25.74 45.12
C GLY BA 181 -52.10 26.35 43.72
N LYS BA 182 -50.90 26.63 43.22
CA LYS BA 182 -50.71 27.23 41.91
C LYS BA 182 -49.96 26.24 41.02
N ALA BA 183 -50.45 26.05 39.80
CA ALA BA 183 -49.82 25.14 38.86
C ALA BA 183 -48.58 25.78 38.26
N ALA BA 184 -47.96 25.08 37.31
CA ALA BA 184 -46.76 25.58 36.64
C ALA BA 184 -47.06 26.73 35.69
N ASP BA 185 -48.33 27.01 35.41
CA ASP BA 185 -48.71 28.06 34.47
C ASP BA 185 -49.21 29.32 35.17
N TRP BA 186 -48.86 29.52 36.44
CA TRP BA 186 -49.27 30.71 37.17
C TRP BA 186 -48.17 31.76 37.12
N ARG BA 187 -48.57 33.00 36.83
CA ARG BA 187 -47.66 34.14 36.83
C ARG BA 187 -48.32 35.27 37.61
N VAL BA 188 -47.52 36.03 38.35
CA VAL BA 188 -48.06 37.08 39.22
C VAL BA 188 -48.78 38.12 38.38
N GLY BA 189 -49.95 38.53 38.84
CA GLY BA 189 -50.78 39.46 38.10
C GLY BA 189 -50.42 40.92 38.31
N ALA BA 190 -51.42 41.76 38.54
CA ALA BA 190 -51.20 43.19 38.67
C ALA BA 190 -50.86 43.62 40.09
N ALA BA 191 -51.17 42.80 41.10
CA ALA BA 191 -50.87 43.09 42.49
C ALA BA 191 -49.76 42.15 42.95
N THR BA 192 -48.65 42.71 43.40
CA THR BA 192 -47.48 41.92 43.78
C THR BA 192 -46.98 42.16 45.20
N ASP BA 193 -47.42 43.23 45.87
CA ASP BA 193 -46.92 43.52 47.21
C ASP BA 193 -47.33 42.44 48.19
N LEU BA 194 -46.43 42.13 49.12
CA LEU BA 194 -46.64 41.08 50.11
C LEU BA 194 -45.96 41.50 51.40
N THR BA 195 -46.73 41.60 52.48
CA THR BA 195 -46.25 42.13 53.75
C THR BA 195 -46.16 41.00 54.77
N LEU BA 196 -45.04 40.95 55.49
CA LEU BA 196 -44.81 39.99 56.56
C LEU BA 196 -44.49 40.79 57.83
N SER BA 197 -45.42 40.80 58.77
CA SER BA 197 -45.30 41.56 60.00
C SER BA 197 -45.16 40.61 61.17
N TYR BA 198 -44.09 40.79 61.96
CA TYR BA 198 -43.83 39.92 63.11
C TYR BA 198 -43.08 40.72 64.15
N THR BA 199 -42.56 40.01 65.16
CA THR BA 199 -41.74 40.62 66.20
C THR BA 199 -40.49 39.77 66.40
N ASN BA 200 -39.33 40.42 66.35
CA ASN BA 200 -38.07 39.74 66.56
C ASN BA 200 -37.91 39.37 68.03
N LYS BA 201 -36.94 38.49 68.30
CA LYS BA 201 -36.72 38.02 69.67
C LYS BA 201 -36.30 39.15 70.60
N GLN BA 202 -35.77 40.25 70.06
CA GLN BA 202 -35.33 41.37 70.88
C GLN BA 202 -36.47 42.32 71.24
N GLY BA 203 -37.66 42.11 70.71
CA GLY BA 203 -38.81 42.92 71.06
C GLY BA 203 -39.19 43.99 70.06
N GLU BA 204 -38.55 44.05 68.90
CA GLU BA 204 -38.87 45.04 67.89
C GLU BA 204 -39.77 44.45 66.83
N ALA BA 205 -40.61 45.30 66.24
CA ALA BA 205 -41.55 44.87 65.20
C ALA BA 205 -40.97 45.17 63.84
N ARG BA 206 -40.96 44.16 62.96
CA ARG BA 206 -40.39 44.28 61.63
C ARG BA 206 -41.48 44.14 60.59
N GLU BA 207 -41.47 45.05 59.61
CA GLU BA 207 -42.39 45.02 58.48
C GLU BA 207 -41.57 44.75 57.22
N VAL BA 208 -41.76 43.58 56.62
CA VAL BA 208 -41.00 43.15 55.46
C VAL BA 208 -41.96 43.12 54.27
N THR BA 209 -41.71 43.98 53.29
CA THR BA 209 -42.56 44.10 52.10
C THR BA 209 -41.80 43.56 50.90
N ILE BA 210 -42.23 42.40 50.41
CA ILE BA 210 -41.67 41.79 49.21
C ILE BA 210 -42.50 42.25 48.02
N ASN BA 211 -41.84 42.82 47.01
CA ASN BA 211 -42.50 43.24 45.79
C ASN BA 211 -42.20 42.19 44.73
N ALA BA 212 -43.19 41.31 44.47
CA ALA BA 212 -43.00 40.26 43.50
C ALA BA 212 -42.85 40.84 42.09
N LYS BA 213 -42.22 40.06 41.23
CA LYS BA 213 -41.98 40.46 39.85
C LYS BA 213 -42.91 39.70 38.93
N GLN BA 214 -43.61 40.42 38.07
CA GLN BA 214 -44.61 39.82 37.20
C GLN BA 214 -43.98 38.79 36.27
N GLY BA 215 -44.70 37.70 36.02
CA GLY BA 215 -44.23 36.63 35.18
C GLY BA 215 -43.51 35.52 35.91
N ASP BA 216 -43.12 35.72 37.17
CA ASP BA 216 -42.44 34.70 37.94
C ASP BA 216 -43.43 33.66 38.43
N ASP BA 217 -43.12 32.39 38.19
CA ASP BA 217 -43.95 31.32 38.72
C ASP BA 217 -43.71 31.18 40.23
N LEU BA 218 -44.38 30.20 40.84
CA LEU BA 218 -44.33 30.08 42.29
C LEU BA 218 -42.94 29.74 42.80
N GLU BA 219 -42.22 28.88 42.09
CA GLU BA 219 -40.87 28.52 42.52
C GLU BA 219 -39.93 29.72 42.45
N GLU BA 220 -40.03 30.52 41.38
CA GLU BA 220 -39.24 31.75 41.31
C GLU BA 220 -39.66 32.73 42.38
N LEU BA 221 -40.96 32.76 42.71
CA LEU BA 221 -41.44 33.62 43.78
C LEU BA 221 -40.85 33.19 45.12
N ALA BA 222 -40.78 31.88 45.37
CA ALA BA 222 -40.19 31.39 46.61
C ALA BA 222 -38.72 31.77 46.72
N THR BA 223 -37.98 31.68 45.61
CA THR BA 223 -36.57 32.05 45.62
C THR BA 223 -36.40 33.54 45.88
N TYR BA 224 -37.27 34.37 45.30
CA TYR BA 224 -37.17 35.81 45.50
C TYR BA 224 -37.40 36.21 46.96
N ILE BA 225 -38.37 35.56 47.62
CA ILE BA 225 -38.63 35.86 49.03
C ILE BA 225 -37.41 35.55 49.87
N ASN BA 226 -36.70 34.47 49.54
CA ASN BA 226 -35.49 34.11 50.26
C ASN BA 226 -34.42 35.18 50.12
N GLY BA 227 -34.26 35.72 48.91
CA GLY BA 227 -33.24 36.74 48.69
C GLY BA 227 -33.55 38.05 49.40
N GLN BA 228 -34.84 38.42 49.49
CA GLN BA 228 -35.19 39.72 50.02
C GLN BA 228 -34.97 39.80 51.52
N THR BA 229 -35.34 38.76 52.26
CA THR BA 229 -35.26 38.77 53.72
C THR BA 229 -34.63 37.49 54.22
N GLU BA 230 -33.98 37.59 55.39
CA GLU BA 230 -33.30 36.46 56.00
C GLU BA 230 -34.08 35.85 57.16
N ASP BA 231 -35.09 36.55 57.69
CA ASP BA 231 -35.83 36.05 58.83
C ASP BA 231 -36.81 34.95 58.42
N VAL BA 232 -37.37 35.04 57.22
CA VAL BA 232 -38.39 34.12 56.74
C VAL BA 232 -37.85 33.37 55.54
N LYS BA 233 -38.04 32.05 55.53
CA LYS BA 233 -37.56 31.18 54.46
C LYS BA 233 -38.75 30.61 53.71
N ALA BA 234 -38.67 30.62 52.38
CA ALA BA 234 -39.77 30.21 51.52
C ALA BA 234 -39.47 28.90 50.82
N SER BA 235 -40.52 28.17 50.47
CA SER BA 235 -40.41 26.90 49.76
C SER BA 235 -41.76 26.57 49.14
N VAL BA 236 -41.76 25.62 48.20
CA VAL BA 236 -42.94 25.22 47.47
C VAL BA 236 -43.10 23.71 47.59
N GLY BA 237 -44.34 23.26 47.80
CA GLY BA 237 -44.65 21.87 48.03
C GLY BA 237 -45.05 21.12 46.78
N GLU BA 238 -45.73 19.99 46.98
CA GLU BA 238 -46.12 19.13 45.87
C GLU BA 238 -47.11 19.82 44.96
N ASP BA 239 -48.18 20.35 45.53
CA ASP BA 239 -49.27 20.94 44.76
C ASP BA 239 -48.97 22.37 44.30
N GLY BA 240 -47.84 22.93 44.68
CA GLY BA 240 -47.56 24.31 44.39
C GLY BA 240 -48.12 25.22 45.46
N LYS BA 241 -47.73 24.98 46.71
CA LYS BA 241 -48.25 25.71 47.85
C LYS BA 241 -47.06 26.35 48.58
N LEU BA 242 -46.98 27.68 48.52
CA LEU BA 242 -45.89 28.39 49.18
C LEU BA 242 -46.00 28.24 50.68
N GLN BA 243 -44.85 28.05 51.33
CA GLN BA 243 -44.78 27.91 52.78
C GLN BA 243 -43.65 28.76 53.33
N LEU BA 244 -43.91 29.42 54.45
CA LEU BA 244 -42.94 30.27 55.12
C LEU BA 244 -42.63 29.72 56.50
N PHE BA 245 -41.35 29.57 56.80
CA PHE BA 245 -40.90 29.06 58.09
C PHE BA 245 -40.26 30.18 58.89
N ALA BA 246 -40.93 30.57 59.98
CA ALA BA 246 -40.43 31.58 60.89
C ALA BA 246 -39.73 30.87 62.04
N SER BA 247 -38.41 30.88 62.02
CA SER BA 247 -37.63 30.21 63.05
C SER BA 247 -37.96 30.77 64.43
N SER BA 248 -38.07 29.90 65.42
CA SER BA 248 -38.44 30.32 66.76
C SER BA 248 -37.36 31.16 67.43
N GLN BA 249 -36.10 31.06 66.97
CA GLN BA 249 -35.05 31.86 67.58
C GLN BA 249 -35.13 33.31 67.12
N LYS BA 250 -35.64 33.55 65.92
CA LYS BA 250 -35.81 34.90 65.39
C LYS BA 250 -37.21 35.45 65.64
N VAL BA 251 -38.24 34.76 65.15
CA VAL BA 251 -39.61 35.22 65.23
C VAL BA 251 -40.24 34.70 66.52
N ASN BA 252 -40.81 35.60 67.31
CA ASN BA 252 -41.63 35.24 68.45
C ASN BA 252 -43.06 35.73 68.20
N GLY BA 253 -44.03 35.04 68.78
CA GLY BA 253 -45.42 35.36 68.50
C GLY BA 253 -45.83 34.88 67.12
N ASP BA 254 -46.92 35.48 66.63
CA ASP BA 254 -47.47 35.10 65.33
C ASP BA 254 -46.89 35.98 64.23
N VAL BA 255 -47.24 35.65 62.99
CA VAL BA 255 -46.80 36.37 61.81
C VAL BA 255 -48.03 36.76 61.00
N THR BA 256 -48.12 38.03 60.62
CA THR BA 256 -49.24 38.56 59.85
C THR BA 256 -48.80 38.71 58.40
N ILE BA 257 -49.30 37.84 57.54
CA ILE BA 257 -48.99 37.86 56.11
C ILE BA 257 -50.17 38.47 55.39
N GLY BA 258 -49.99 39.69 54.86
CA GLY BA 258 -51.03 40.38 54.13
C GLY BA 258 -50.55 40.93 52.81
N GLY BA 259 -51.35 41.80 52.19
CA GLY BA 259 -50.98 42.42 50.93
C GLY BA 259 -51.76 41.85 49.76
N GLY BA 260 -51.44 42.38 48.58
CA GLY BA 260 -52.10 41.91 47.37
C GLY BA 260 -51.75 40.47 47.03
N LEU BA 261 -50.46 40.13 47.14
CA LEU BA 261 -50.05 38.76 46.85
C LEU BA 261 -50.40 37.83 48.02
N GLY BA 262 -50.32 38.34 49.25
CA GLY BA 262 -50.68 37.52 50.39
C GLY BA 262 -52.14 37.13 50.38
N GLY BA 263 -53.03 38.08 50.10
CA GLY BA 263 -54.45 37.76 50.00
C GLY BA 263 -54.75 36.85 48.82
N GLU BA 264 -54.03 37.02 47.72
CA GLU BA 264 -54.28 36.20 46.53
C GLU BA 264 -53.89 34.75 46.78
N ILE BA 265 -52.71 34.52 47.35
CA ILE BA 265 -52.27 33.16 47.62
C ILE BA 265 -53.07 32.56 48.78
N GLY BA 266 -53.27 33.33 49.84
CA GLY BA 266 -53.97 32.85 51.01
C GLY BA 266 -53.07 32.07 51.95
N PHE BA 267 -53.28 32.18 53.25
CA PHE BA 267 -52.41 31.53 54.21
C PHE BA 267 -53.21 31.08 55.43
N ASP BA 268 -52.81 29.94 55.97
CA ASP BA 268 -53.47 29.33 57.12
C ASP BA 268 -52.74 29.73 58.40
N ALA BA 269 -53.15 29.14 59.52
CA ALA BA 269 -52.49 29.38 60.79
C ALA BA 269 -51.14 28.68 60.84
N GLY BA 270 -50.28 29.15 61.74
CA GLY BA 270 -48.95 28.59 61.88
C GLY BA 270 -48.94 27.41 62.83
N ARG BA 271 -48.29 26.33 62.38
CA ARG BA 271 -48.14 25.12 63.18
C ARG BA 271 -46.72 25.02 63.69
N ASN BA 272 -46.56 24.81 64.99
CA ASN BA 272 -45.24 24.68 65.58
C ASN BA 272 -44.58 23.40 65.10
N VAL BA 273 -43.41 23.52 64.47
CA VAL BA 273 -42.70 22.40 63.88
C VAL BA 273 -41.29 22.37 64.45
N THR BA 274 -40.84 21.19 64.85
CA THR BA 274 -39.56 21.01 65.51
C THR BA 274 -38.81 19.90 64.77
N VAL BA 275 -37.52 19.72 65.11
CA VAL BA 275 -36.70 18.72 64.45
C VAL BA 275 -37.29 17.32 64.63
N ALA BA 276 -37.87 17.04 65.80
CA ALA BA 276 -38.50 15.75 66.03
C ALA BA 276 -39.69 15.54 65.09
N ASP BA 277 -40.31 16.63 64.64
CA ASP BA 277 -41.42 16.55 63.71
C ASP BA 277 -40.93 16.25 62.29
N VAL BA 278 -39.70 16.65 61.97
CA VAL BA 278 -39.16 16.63 60.61
C VAL BA 278 -39.39 15.29 59.91
N ASN BA 279 -40.02 15.35 58.74
CA ASN BA 279 -40.17 14.20 57.86
C ASN BA 279 -39.77 14.60 56.45
N VAL BA 280 -39.24 13.63 55.70
CA VAL BA 280 -38.76 13.88 54.34
C VAL BA 280 -39.50 13.03 53.31
N SER BA 281 -40.53 12.28 53.73
CA SER BA 281 -41.30 11.48 52.80
C SER BA 281 -42.01 12.34 51.77
N THR BA 282 -42.22 13.62 52.05
CA THR BA 282 -42.82 14.56 51.13
C THR BA 282 -41.79 15.61 50.73
N VAL BA 283 -41.83 16.03 49.46
CA VAL BA 283 -40.92 17.07 49.00
C VAL BA 283 -41.23 18.38 49.74
N ALA BA 284 -42.50 18.63 50.03
CA ALA BA 284 -42.86 19.77 50.87
C ALA BA 284 -42.27 19.61 52.26
N GLY BA 285 -42.29 18.40 52.80
CA GLY BA 285 -41.70 18.17 54.11
C GLY BA 285 -40.20 18.40 54.12
N SER BA 286 -39.50 17.95 53.06
CA SER BA 286 -38.06 18.10 53.02
C SER BA 286 -37.66 19.55 52.74
N GLN BA 287 -38.38 20.23 51.85
CA GLN BA 287 -38.08 21.63 51.57
C GLN BA 287 -38.20 22.48 52.82
N GLU BA 288 -39.26 22.25 53.61
CA GLU BA 288 -39.42 22.98 54.87
C GLU BA 288 -38.59 22.38 55.99
N ALA BA 289 -38.04 21.17 55.80
CA ALA BA 289 -37.13 20.60 56.79
C ALA BA 289 -35.77 21.27 56.75
N VAL BA 290 -35.31 21.65 55.56
CA VAL BA 290 -34.01 22.31 55.43
C VAL BA 290 -34.00 23.59 56.24
N SER BA 291 -35.14 24.27 56.33
CA SER BA 291 -35.23 25.49 57.11
C SER BA 291 -35.19 25.20 58.61
N ILE BA 292 -35.80 24.09 59.03
CA ILE BA 292 -35.82 23.76 60.46
C ILE BA 292 -34.41 23.46 60.97
N LEU BA 293 -33.68 22.62 60.24
CA LEU BA 293 -32.33 22.27 60.67
C LEU BA 293 -31.36 23.42 60.52
N ASP BA 294 -31.71 24.45 59.75
CA ASP BA 294 -30.95 25.70 59.78
C ASP BA 294 -31.16 26.42 61.10
N GLY BA 295 -32.41 26.50 61.55
CA GLY BA 295 -32.69 27.07 62.86
C GLY BA 295 -32.12 26.23 63.99
N ALA BA 296 -32.19 24.90 63.85
CA ALA BA 296 -31.58 24.02 64.85
C ALA BA 296 -30.08 24.21 64.90
N LEU BA 297 -29.44 24.30 63.73
CA LEU BA 297 -28.00 24.55 63.69
C LEU BA 297 -27.66 25.90 64.34
N LYS BA 298 -28.49 26.92 64.10
CA LYS BA 298 -28.28 28.21 64.72
C LYS BA 298 -28.41 28.11 66.24
N ALA BA 299 -29.42 27.38 66.72
CA ALA BA 299 -29.59 27.20 68.15
C ALA BA 299 -28.42 26.44 68.76
N VAL BA 300 -27.91 25.45 68.02
CA VAL BA 300 -26.75 24.68 68.50
C VAL BA 300 -25.52 25.58 68.57
N ASP BA 301 -25.28 26.35 67.51
CA ASP BA 301 -24.03 27.12 67.41
C ASP BA 301 -24.01 28.28 68.39
N SER BA 302 -25.10 29.05 68.48
CA SER BA 302 -25.15 30.17 69.42
C SER BA 302 -25.07 29.68 70.87
N GLN BA 303 -25.50 28.44 71.12
CA GLN BA 303 -25.30 27.85 72.43
C GLN BA 303 -23.84 27.43 72.61
N ARG BA 304 -23.21 26.96 71.53
CA ARG BA 304 -21.80 26.58 71.60
C ARG BA 304 -20.93 27.80 71.94
N ALA BA 305 -21.20 28.94 71.32
CA ALA BA 305 -20.43 30.14 71.60
C ALA BA 305 -20.60 30.59 73.04
N SER BA 306 -21.74 30.29 73.66
CA SER BA 306 -21.94 30.60 75.07
C SER BA 306 -20.96 29.82 75.94
N LEU BA 307 -20.77 28.54 75.64
CA LEU BA 307 -19.79 27.74 76.39
C LEU BA 307 -18.36 28.06 75.97
N GLY BA 308 -18.15 28.46 74.72
CA GLY BA 308 -16.82 28.88 74.32
C GLY BA 308 -16.35 30.13 75.04
N ALA BA 309 -17.21 31.15 75.11
CA ALA BA 309 -16.89 32.32 75.91
C ALA BA 309 -16.82 31.97 77.39
N PHE BA 310 -17.57 30.96 77.81
CA PHE BA 310 -17.49 30.48 79.19
C PHE BA 310 -16.09 29.95 79.50
N GLN BA 311 -15.52 29.18 78.56
CA GLN BA 311 -14.16 28.67 78.76
C GLN BA 311 -13.13 29.80 78.67
N ASN BA 312 -13.33 30.73 77.74
CA ASN BA 312 -12.39 31.85 77.61
C ASN BA 312 -12.36 32.70 78.86
N ARG BA 313 -13.54 33.02 79.42
CA ARG BA 313 -13.61 33.81 80.64
C ARG BA 313 -12.96 33.05 81.81
N PHE BA 314 -13.19 31.75 81.89
CA PHE BA 314 -12.61 30.95 82.96
C PHE BA 314 -11.09 30.79 82.78
N GLY BA 315 -10.62 30.77 81.54
CA GLY BA 315 -9.18 30.71 81.32
C GLY BA 315 -8.47 31.94 81.85
N HIS BA 316 -9.06 33.12 81.63
CA HIS BA 316 -8.51 34.34 82.22
C HIS BA 316 -8.64 34.32 83.74
N ALA BA 317 -9.73 33.74 84.24
CA ALA BA 317 -9.91 33.64 85.69
C ALA BA 317 -8.85 32.75 86.33
N ILE BA 318 -8.50 31.66 85.66
CA ILE BA 318 -7.48 30.75 86.19
C ILE BA 318 -6.15 31.48 86.33
N SER BA 319 -5.75 32.22 85.29
CA SER BA 319 -4.51 32.98 85.35
C SER BA 319 -4.58 34.08 86.40
N ASN BA 320 -5.72 34.77 86.49
CA ASN BA 320 -5.85 35.86 87.44
C ASN BA 320 -5.75 35.36 88.88
N LEU BA 321 -6.40 34.24 89.18
CA LEU BA 321 -6.28 33.66 90.52
C LEU BA 321 -4.87 33.19 90.81
N ASP BA 322 -4.20 32.59 89.81
CA ASP BA 322 -2.84 32.13 90.01
C ASP BA 322 -1.89 33.28 90.29
N ASN BA 323 -2.12 34.43 89.64
CA ASN BA 323 -1.33 35.61 89.94
C ASN BA 323 -1.63 36.15 91.33
N VAL BA 324 -2.89 36.11 91.75
CA VAL BA 324 -3.28 36.70 93.03
C VAL BA 324 -2.68 35.90 94.19
N ASN BA 325 -2.84 34.58 94.18
CA ASN BA 325 -2.33 33.78 95.29
C ASN BA 325 -0.81 33.68 95.27
N GLU BA 326 -0.18 33.96 94.13
CA GLU BA 326 1.28 33.99 94.08
C GLU BA 326 1.82 35.22 94.80
N ASN BA 327 1.21 36.38 94.56
CA ASN BA 327 1.62 37.59 95.26
C ASN BA 327 1.35 37.47 96.75
N VAL BA 328 0.20 36.91 97.14
CA VAL BA 328 -0.12 36.78 98.55
C VAL BA 328 0.76 35.75 99.22
N ASN BA 329 1.24 34.75 98.47
CA ASN BA 329 2.19 33.80 99.02
C ASN BA 329 3.53 34.48 99.33
N ALA BA 330 3.99 35.35 98.42
CA ALA BA 330 5.24 36.05 98.65
C ALA BA 330 5.15 36.99 99.84
N SER BA 331 4.04 37.72 99.96
CA SER BA 331 3.87 38.61 101.11
C SER BA 331 3.73 37.82 102.40
N ARG BA 332 3.05 36.67 102.35
CA ARG BA 332 2.91 35.84 103.54
C ARG BA 332 4.27 35.36 104.02
N SER BA 333 5.18 35.04 103.09
CA SER BA 333 6.54 34.71 103.48
C SER BA 333 7.23 35.91 104.14
N ARG BA 334 6.95 37.12 103.67
CA ARG BA 334 7.60 38.30 104.21
C ARG BA 334 7.13 38.63 105.62
N ILE BA 335 5.86 38.35 105.95
CA ILE BA 335 5.28 38.80 107.21
C ILE BA 335 5.22 37.65 108.21
N ARG BA 336 5.03 36.43 107.74
CA ARG BA 336 4.91 35.27 108.61
C ARG BA 336 6.17 34.42 108.67
N ASP BA 337 6.72 34.05 107.50
CA ASP BA 337 7.86 33.16 107.48
C ASP BA 337 9.09 33.83 108.08
N THR BA 338 9.89 33.02 108.79
CA THR BA 338 11.07 33.51 109.48
C THR BA 338 12.26 33.60 108.52
N ASP BA 339 13.29 34.31 108.96
CA ASP BA 339 14.52 34.46 108.20
C ASP BA 339 15.58 33.53 108.78
N TYR BA 340 16.07 32.60 107.95
CA TYR BA 340 17.06 31.64 108.40
C TYR BA 340 18.35 32.34 108.84
N ALA BA 341 18.78 33.34 108.07
CA ALA BA 341 20.02 34.04 108.39
C ALA BA 341 19.91 34.81 109.71
N ARG BA 342 18.80 35.54 109.89
CA ARG BA 342 18.65 36.36 111.08
C ARG BA 342 18.47 35.52 112.33
N GLU BA 343 17.71 34.42 112.22
CA GLU BA 343 17.51 33.56 113.38
C GLU BA 343 18.84 33.00 113.88
N THR BA 344 19.64 32.43 112.99
CA THR BA 344 20.87 31.78 113.42
C THR BA 344 21.89 32.79 113.90
N THR BA 345 21.80 34.04 113.42
CA THR BA 345 22.62 35.10 114.00
C THR BA 345 22.26 35.30 115.47
N ALA BA 346 20.96 35.35 115.77
CA ALA BA 346 20.52 35.42 117.16
C ALA BA 346 20.73 34.10 117.89
N MET BA 347 20.90 33.01 117.15
CA MET BA 347 21.12 31.70 117.76
C MET BA 347 22.50 31.66 118.41
N THR BA 348 23.56 31.83 117.60
CA THR BA 348 24.92 31.88 118.13
C THR BA 348 25.09 33.04 119.09
N LYS BA 349 24.41 34.16 118.84
CA LYS BA 349 24.43 35.27 119.78
C LYS BA 349 23.87 34.86 121.14
N ALA BA 350 22.79 34.08 121.14
CA ALA BA 350 22.23 33.59 122.39
C ALA BA 350 23.20 32.64 123.09
N GLN BA 351 23.84 31.76 122.33
CA GLN BA 351 24.75 30.77 122.93
C GLN BA 351 25.98 31.44 123.52
N ILE BA 352 26.52 32.46 122.84
CA ILE BA 352 27.69 33.16 123.37
C ILE BA 352 27.29 33.95 124.60
N LEU BA 353 26.08 34.51 124.61
CA LEU BA 353 25.58 35.20 125.80
C LEU BA 353 25.46 34.24 126.99
N GLN BA 354 24.93 33.04 126.74
CA GLN BA 354 24.64 32.12 127.83
C GLN BA 354 25.92 31.62 128.49
N GLN BA 355 26.97 31.33 127.71
CA GLN BA 355 28.20 30.87 128.32
C GLN BA 355 29.10 32.05 128.70
N ALA BA 356 28.69 33.26 128.33
CA ALA BA 356 29.31 34.45 128.92
C ALA BA 356 28.78 34.70 130.33
N SER BA 357 27.48 34.48 130.54
CA SER BA 357 26.89 34.68 131.87
C SER BA 357 27.22 33.53 132.81
N THR BA 358 27.27 32.29 132.30
CA THR BA 358 27.68 31.17 133.16
C THR BA 358 29.11 31.34 133.64
N SER BA 359 30.00 31.81 132.77
CA SER BA 359 31.38 32.08 133.20
C SER BA 359 31.41 33.16 134.27
N VAL BA 360 30.56 34.17 134.13
CA VAL BA 360 30.43 35.19 135.18
C VAL BA 360 29.90 34.56 136.46
N LEU BA 361 28.91 33.68 136.34
CA LEU BA 361 28.34 33.03 137.52
C LEU BA 361 29.37 32.16 138.23
N ALA BA 362 30.17 31.41 137.46
CA ALA BA 362 31.20 30.58 138.06
C ALA BA 362 32.26 31.42 138.76
N GLN BA 363 32.68 32.52 138.14
CA GLN BA 363 33.67 33.40 138.75
C GLN BA 363 33.12 34.05 140.02
N ALA BA 364 31.85 34.48 139.98
CA ALA BA 364 31.26 35.16 141.13
C ALA BA 364 30.90 34.19 142.24
N LYS BA 365 30.66 32.92 141.92
CA LYS BA 365 30.26 31.94 142.94
C LYS BA 365 31.39 31.60 143.90
N GLN BA 366 32.62 31.99 143.61
CA GLN BA 366 33.74 31.78 144.51
C GLN BA 366 33.88 32.87 145.55
N SER BA 367 33.01 33.88 145.53
CA SER BA 367 33.04 34.92 146.56
C SER BA 367 32.85 34.37 147.98
N PRO BA 368 31.88 33.48 148.25
CA PRO BA 368 31.79 32.92 149.62
C PRO BA 368 33.04 32.19 150.06
N SER BA 369 33.74 31.53 149.14
CA SER BA 369 34.97 30.83 149.50
C SER BA 369 36.04 31.81 149.98
N ALA BA 370 36.19 32.94 149.27
CA ALA BA 370 37.14 33.95 149.69
C ALA BA 370 36.70 34.62 150.99
N ALA BA 371 35.40 34.83 151.16
CA ALA BA 371 34.89 35.45 152.37
C ALA BA 371 35.17 34.60 153.60
N LEU BA 372 34.96 33.28 153.49
CA LEU BA 372 35.24 32.40 154.61
C LEU BA 372 36.72 32.34 154.93
N SER BA 373 37.57 32.29 153.90
CA SER BA 373 39.01 32.17 154.09
C SER BA 373 39.67 33.48 154.50
N LEU BA 374 38.95 34.60 154.48
CA LEU BA 374 39.54 35.87 154.87
C LEU BA 374 39.96 35.86 156.33
N LEU BA 375 39.13 35.30 157.21
CA LEU BA 375 39.43 35.24 158.63
C LEU BA 375 39.26 33.86 159.24
N GLY BA 376 38.48 32.97 158.64
CA GLY BA 376 38.27 31.64 159.19
C GLY BA 376 39.39 30.67 158.87
N MET CA 1 12.01 -19.35 64.24
CA MET CA 1 13.31 -19.38 63.59
C MET CA 1 14.32 -18.54 64.37
N ALA CA 2 15.41 -19.17 64.79
CA ALA CA 2 16.43 -18.47 65.56
C ALA CA 2 17.14 -17.44 64.70
N ILE CA 3 17.17 -16.20 65.18
CA ILE CA 3 17.81 -15.11 64.44
C ILE CA 3 19.30 -15.43 64.31
N ASN CA 4 19.80 -15.47 63.08
CA ASN CA 4 21.13 -15.98 62.81
C ASN CA 4 21.71 -15.31 61.57
N VAL CA 5 23.03 -15.39 61.44
CA VAL CA 5 23.75 -14.71 60.37
C VAL CA 5 24.49 -15.71 59.49
N ASN CA 6 25.12 -16.71 60.10
CA ASN CA 6 25.96 -17.63 59.34
C ASN CA 6 25.15 -18.43 58.33
N THR CA 7 23.96 -18.88 58.70
CA THR CA 7 23.11 -19.67 57.84
C THR CA 7 21.92 -18.83 57.38
N ASN CA 8 21.64 -18.87 56.09
CA ASN CA 8 20.57 -18.09 55.46
C ASN CA 8 19.74 -18.99 54.54
N VAL CA 9 19.28 -20.11 55.09
CA VAL CA 9 18.46 -21.07 54.35
C VAL CA 9 17.32 -20.38 53.59
N SER CA 10 16.83 -19.25 54.11
CA SER CA 10 15.79 -18.51 53.40
C SER CA 10 16.30 -18.03 52.04
N ALA CA 11 17.53 -17.52 51.99
CA ALA CA 11 18.12 -17.14 50.70
C ALA CA 11 18.47 -18.37 49.87
N MET CA 12 18.86 -19.46 50.51
CA MET CA 12 19.17 -20.68 49.77
C MET CA 12 17.93 -21.21 49.06
N THR CA 13 16.76 -21.06 49.67
CA THR CA 13 15.51 -21.38 49.00
C THR CA 13 15.31 -20.50 47.77
N ALA CA 14 15.57 -19.20 47.92
CA ALA CA 14 15.33 -18.27 46.83
C ALA CA 14 16.25 -18.54 45.65
N GLN CA 15 17.53 -18.84 45.92
CA GLN CA 15 18.45 -19.07 44.82
C GLN CA 15 18.30 -20.48 44.24
N ARG CA 16 17.80 -21.43 45.02
CA ARG CA 16 17.57 -22.76 44.47
C ARG CA 16 16.51 -22.71 43.37
N TYR CA 17 15.43 -21.97 43.61
CA TYR CA 17 14.41 -21.79 42.58
C TYR CA 17 14.82 -20.72 41.57
N LEU CA 18 15.87 -19.95 41.86
CA LEU CA 18 16.38 -19.00 40.87
C LEU CA 18 17.11 -19.74 39.75
N ASN CA 19 17.98 -20.68 40.11
CA ASN CA 19 18.63 -21.52 39.09
C ASN CA 19 17.62 -22.42 38.41
N GLY CA 20 16.62 -22.90 39.15
CA GLY CA 20 15.59 -23.73 38.54
C GLY CA 20 14.81 -22.99 37.48
N ALA CA 21 14.41 -21.75 37.77
CA ALA CA 21 13.70 -20.93 36.79
C ALA CA 21 14.63 -20.49 35.67
N ALA CA 22 15.87 -20.15 36.00
CA ALA CA 22 16.81 -19.68 34.98
C ALA CA 22 17.13 -20.79 33.98
N ASP CA 23 17.28 -22.03 34.46
CA ASP CA 23 17.47 -23.16 33.54
C ASP CA 23 16.26 -23.33 32.63
N GLY CA 24 15.05 -23.16 33.16
CA GLY CA 24 13.87 -23.24 32.32
C GLY CA 24 13.85 -22.16 31.25
N MET CA 25 14.35 -20.97 31.58
CA MET CA 25 14.44 -19.91 30.59
C MET CA 25 15.46 -20.24 29.51
N GLN CA 26 16.60 -20.83 29.90
CA GLN CA 26 17.62 -21.20 28.93
C GLN CA 26 17.09 -22.22 27.94
N LYS CA 27 16.35 -23.22 28.42
CA LYS CA 27 15.81 -24.25 27.53
C LYS CA 27 14.80 -23.65 26.55
N SER CA 28 13.94 -22.76 27.03
CA SER CA 28 12.95 -22.14 26.16
C SER CA 28 13.61 -21.23 25.12
N MET CA 29 14.63 -20.47 25.53
CA MET CA 29 15.33 -19.61 24.58
C MET CA 29 16.04 -20.41 23.51
N GLU CA 30 16.66 -21.53 23.90
CA GLU CA 30 17.29 -22.40 22.91
C GLU CA 30 16.26 -22.99 21.95
N ARG CA 31 15.10 -23.39 22.49
CA ARG CA 31 14.06 -24.00 21.67
C ARG CA 31 13.50 -23.01 20.65
N LEU CA 32 13.49 -21.72 20.99
CA LEU CA 32 12.86 -20.74 20.11
C LEU CA 32 13.83 -20.24 19.04
N SER CA 33 15.12 -20.15 19.36
CA SER CA 33 16.10 -19.78 18.35
C SER CA 33 16.21 -20.85 17.26
N SER CA 34 16.38 -22.10 17.68
CA SER CA 34 16.46 -23.20 16.71
C SER CA 34 15.10 -23.50 16.10
N GLY CA 35 14.04 -23.34 16.88
CA GLY CA 35 12.70 -23.65 16.41
C GLY CA 35 12.29 -25.11 16.53
N TYR CA 36 13.00 -25.90 17.36
CA TYR CA 36 12.69 -27.30 17.56
C TYR CA 36 12.43 -27.56 19.04
N LYS CA 37 11.48 -28.46 19.34
CA LYS CA 37 11.33 -28.94 20.69
C LYS CA 37 12.55 -29.76 21.13
N ILE CA 38 13.06 -30.60 20.23
CA ILE CA 38 14.15 -31.51 20.57
C ILE CA 38 15.45 -31.03 19.93
N ASN CA 39 16.23 -30.24 20.67
CA ASN CA 39 17.55 -29.84 20.25
C ASN CA 39 18.64 -30.77 20.77
N SER CA 40 18.28 -31.71 21.64
CA SER CA 40 19.25 -32.59 22.27
C SER CA 40 18.52 -33.85 22.72
N ALA CA 41 19.29 -34.86 23.12
CA ALA CA 41 18.70 -36.04 23.71
C ALA CA 41 18.06 -35.76 25.07
N ARG CA 42 18.30 -34.58 25.65
CA ARG CA 42 17.59 -34.17 26.85
C ARG CA 42 16.08 -34.30 26.69
N ASP CA 43 15.52 -33.53 25.76
CA ASP CA 43 14.09 -33.22 25.79
C ASP CA 43 13.24 -34.43 25.45
N ASP CA 44 13.67 -35.25 24.49
CA ASP CA 44 12.94 -36.45 24.14
C ASP CA 44 13.95 -37.44 23.56
N ALA CA 45 14.34 -38.43 24.37
CA ALA CA 45 15.28 -39.44 23.90
C ALA CA 45 14.70 -40.26 22.76
N ALA CA 46 13.49 -40.79 22.96
CA ALA CA 46 12.81 -41.51 21.88
C ALA CA 46 12.36 -40.57 20.79
N GLY CA 47 11.87 -39.38 21.16
CA GLY CA 47 11.41 -38.43 20.17
C GLY CA 47 12.51 -38.02 19.20
N LEU CA 48 13.74 -37.90 19.71
CA LEU CA 48 14.88 -37.61 18.84
C LEU CA 48 15.12 -38.75 17.86
N GLN CA 49 14.96 -39.99 18.30
CA GLN CA 49 15.19 -41.14 17.43
C GLN CA 49 14.18 -41.20 16.30
N ILE CA 50 12.89 -41.08 16.61
CA ILE CA 50 11.87 -41.17 15.58
C ILE CA 50 11.94 -39.96 14.65
N SER CA 51 12.22 -38.77 15.21
CA SER CA 51 12.34 -37.58 14.37
C SER CA 51 13.55 -37.70 13.43
N ASN CA 52 14.67 -38.22 13.93
CA ASN CA 52 15.82 -38.44 13.06
C ASN CA 52 15.51 -39.45 11.96
N ARG CA 53 14.79 -40.52 12.31
CA ARG CA 53 14.42 -41.52 11.32
C ARG CA 53 13.46 -40.93 10.29
N LEU CA 54 12.51 -40.11 10.73
CA LEU CA 54 11.58 -39.46 9.82
C LEU CA 54 12.30 -38.43 8.95
N THR CA 55 13.30 -37.74 9.53
CA THR CA 55 14.09 -36.80 8.74
C THR CA 55 14.87 -37.53 7.65
N SER CA 56 15.48 -38.67 7.99
CA SER CA 56 16.20 -39.44 6.99
C SER CA 56 15.28 -39.94 5.89
N GLN CA 57 14.05 -40.33 6.25
CA GLN CA 57 13.07 -40.69 5.23
C GLN CA 57 12.68 -39.49 4.39
N SER CA 58 12.55 -38.31 5.01
CA SER CA 58 12.18 -37.11 4.27
C SER CA 58 13.25 -36.73 3.26
N ARG CA 59 14.53 -36.81 3.65
CA ARG CA 59 15.62 -36.54 2.72
C ARG CA 59 15.70 -37.64 1.67
N GLY CA 60 15.30 -38.86 2.03
CA GLY CA 60 15.31 -39.95 1.06
C GLY CA 60 14.15 -39.89 0.08
N LEU CA 61 13.08 -39.18 0.44
CA LEU CA 61 11.90 -39.15 -0.42
C LEU CA 61 12.01 -38.09 -1.50
N ASP CA 62 12.40 -36.87 -1.14
CA ASP CA 62 12.61 -35.85 -2.16
C ASP CA 62 13.84 -36.18 -3.01
N MET CA 63 14.77 -36.96 -2.47
CA MET CA 63 15.81 -37.55 -3.31
C MET CA 63 15.21 -38.54 -4.30
N ALA CA 64 14.26 -39.36 -3.85
CA ALA CA 64 13.68 -40.37 -4.72
C ALA CA 64 12.91 -39.75 -5.88
N VAL CA 65 12.20 -38.64 -5.62
CA VAL CA 65 11.50 -37.96 -6.70
C VAL CA 65 12.50 -37.33 -7.67
N LYS CA 66 13.66 -36.89 -7.16
CA LYS CA 66 14.72 -36.43 -8.04
C LYS CA 66 15.27 -37.56 -8.90
N ASN CA 67 15.49 -38.73 -8.29
CA ASN CA 67 15.98 -39.87 -9.03
C ASN CA 67 14.98 -40.32 -10.10
N ALA CA 68 13.70 -40.38 -9.74
CA ALA CA 68 12.69 -40.83 -10.69
C ALA CA 68 12.43 -39.77 -11.75
N ASN CA 69 12.67 -38.50 -11.44
CA ASN CA 69 12.59 -37.47 -12.47
C ASN CA 69 13.65 -37.68 -13.54
N ASP CA 70 14.84 -38.14 -13.14
CA ASP CA 70 15.84 -38.54 -14.13
C ASP CA 70 15.40 -39.80 -14.86
N GLY CA 71 14.59 -40.63 -14.21
CA GLY CA 71 14.09 -41.82 -14.88
C GLY CA 71 13.15 -41.51 -16.03
N ILE CA 72 12.24 -40.56 -15.83
CA ILE CA 72 11.35 -40.16 -16.91
C ILE CA 72 12.09 -39.28 -17.91
N SER CA 73 13.17 -38.62 -17.49
CA SER CA 73 13.96 -37.83 -18.41
C SER CA 73 14.66 -38.71 -19.44
N ILE CA 74 15.27 -39.81 -18.98
CA ILE CA 74 15.91 -40.74 -19.89
C ILE CA 74 14.87 -41.40 -20.80
N ALA CA 75 13.74 -41.79 -20.23
CA ALA CA 75 12.68 -42.40 -21.02
C ALA CA 75 12.15 -41.43 -22.06
N GLN CA 76 11.95 -40.16 -21.69
CA GLN CA 76 11.45 -39.17 -22.63
C GLN CA 76 12.46 -38.92 -23.74
N THR CA 77 13.74 -38.75 -23.38
CA THR CA 77 14.77 -38.49 -24.39
C THR CA 77 14.90 -39.67 -25.35
N ALA CA 78 14.93 -40.88 -24.83
CA ALA CA 78 15.05 -42.06 -25.69
C ALA CA 78 13.83 -42.21 -26.59
N GLU CA 79 12.63 -42.07 -26.03
CA GLU CA 79 11.42 -42.25 -26.83
C GLU CA 79 11.32 -41.19 -27.92
N GLY CA 80 11.80 -39.99 -27.66
CA GLY CA 80 11.87 -38.98 -28.71
C GLY CA 80 12.74 -39.41 -29.86
N ALA CA 81 13.81 -40.16 -29.57
CA ALA CA 81 14.64 -40.72 -30.63
C ALA CA 81 13.86 -41.73 -31.46
N MET CA 82 13.07 -42.59 -30.80
CA MET CA 82 12.24 -43.53 -31.55
C MET CA 82 11.12 -42.84 -32.33
N ASN CA 83 10.77 -41.59 -31.97
CA ASN CA 83 9.76 -40.87 -32.73
C ASN CA 83 10.22 -40.66 -34.17
N GLU CA 84 11.47 -40.25 -34.35
CA GLU CA 84 12.01 -40.09 -35.70
C GLU CA 84 12.30 -41.45 -36.34
N THR CA 85 12.65 -42.45 -35.54
CA THR CA 85 12.88 -43.79 -36.09
C THR CA 85 11.61 -44.34 -36.71
N THR CA 86 10.47 -44.14 -36.03
CA THR CA 86 9.20 -44.56 -36.60
C THR CA 86 8.88 -43.81 -37.88
N ASN CA 87 9.12 -42.50 -37.90
CA ASN CA 87 8.80 -41.69 -39.06
C ASN CA 87 9.65 -42.10 -40.26
N ILE CA 88 10.93 -42.42 -40.03
CA ILE CA 88 11.78 -42.89 -41.12
C ILE CA 88 11.27 -44.22 -41.66
N LEU CA 89 10.92 -45.15 -40.77
CA LEU CA 89 10.47 -46.46 -41.21
C LEU CA 89 9.18 -46.37 -42.02
N GLN CA 90 8.26 -45.48 -41.63
CA GLN CA 90 7.06 -45.26 -42.43
C GLN CA 90 7.41 -44.69 -43.80
N ARG CA 91 8.42 -43.83 -43.86
CA ARG CA 91 8.87 -43.29 -45.14
C ARG CA 91 9.45 -44.38 -46.04
N MET CA 92 10.30 -45.25 -45.47
CA MET CA 92 10.84 -46.36 -46.25
C MET CA 92 9.74 -47.33 -46.67
N ARG CA 93 8.67 -47.43 -45.89
CA ARG CA 93 7.52 -48.24 -46.29
C ARG CA 93 6.83 -47.63 -47.50
N ASP CA 94 6.73 -46.30 -47.53
CA ASP CA 94 6.16 -45.62 -48.69
C ASP CA 94 6.99 -45.87 -49.94
N LEU CA 95 8.32 -45.78 -49.81
CA LEU CA 95 9.20 -46.05 -50.95
C LEU CA 95 9.14 -47.50 -51.37
N ALA CA 96 9.06 -48.42 -50.40
CA ALA CA 96 9.01 -49.84 -50.72
C ALA CA 96 7.76 -50.19 -51.53
N LEU CA 97 6.62 -49.61 -51.17
CA LEU CA 97 5.40 -49.83 -51.93
C LEU CA 97 5.52 -49.27 -53.33
N GLN CA 98 6.15 -48.10 -53.48
CA GLN CA 98 6.31 -47.49 -54.78
C GLN CA 98 7.19 -48.32 -55.71
N SER CA 99 8.29 -48.85 -55.18
CA SER CA 99 9.27 -49.56 -56.01
C SER CA 99 8.74 -50.89 -56.54
N SER CA 100 7.73 -51.47 -55.88
CA SER CA 100 7.23 -52.78 -56.30
C SER CA 100 6.38 -52.71 -57.56
N ASN CA 101 5.93 -51.52 -57.96
CA ASN CA 101 5.08 -51.39 -59.12
C ASN CA 101 5.86 -51.67 -60.41
N GLY CA 102 5.14 -52.19 -61.41
CA GLY CA 102 5.75 -52.51 -62.69
C GLY CA 102 5.99 -51.33 -63.59
N SER CA 103 5.42 -50.17 -63.27
CA SER CA 103 5.70 -48.97 -64.04
C SER CA 103 7.10 -48.44 -63.78
N ASN CA 104 7.66 -48.73 -62.61
CA ASN CA 104 9.01 -48.32 -62.27
C ASN CA 104 10.00 -49.28 -62.93
N SER CA 105 10.65 -48.82 -64.00
CA SER CA 105 11.69 -49.62 -64.62
C SER CA 105 12.91 -49.69 -63.71
N SER CA 106 13.93 -50.44 -64.15
CA SER CA 106 15.10 -50.65 -63.31
C SER CA 106 15.78 -49.34 -62.95
N SER CA 107 15.73 -48.34 -63.84
CA SER CA 107 16.38 -47.06 -63.58
C SER CA 107 15.76 -46.36 -62.38
N GLU CA 108 14.43 -46.35 -62.29
CA GLU CA 108 13.77 -45.65 -61.19
C GLU CA 108 13.87 -46.43 -59.88
N ARG CA 109 14.00 -47.76 -59.96
CA ARG CA 109 14.15 -48.54 -58.73
C ARG CA 109 15.45 -48.20 -58.02
N ARG CA 110 16.53 -48.00 -58.77
CA ARG CA 110 17.80 -47.59 -58.15
C ARG CA 110 17.71 -46.17 -57.58
N ALA CA 111 16.91 -45.30 -58.20
CA ALA CA 111 16.71 -43.97 -57.64
C ALA CA 111 16.02 -44.04 -56.30
N ILE CA 112 15.01 -44.91 -56.17
CA ILE CA 112 14.35 -45.10 -54.89
C ILE CA 112 15.28 -45.79 -53.90
N GLN CA 113 16.07 -46.75 -54.39
CA GLN CA 113 17.00 -47.48 -53.52
C GLN CA 113 18.02 -46.55 -52.89
N GLU CA 114 18.44 -45.52 -53.62
CA GLU CA 114 19.38 -44.54 -53.06
C GLU CA 114 18.78 -43.84 -51.85
N GLU CA 115 17.50 -43.45 -51.95
CA GLU CA 115 16.83 -42.83 -50.81
C GLU CA 115 16.68 -43.80 -49.65
N VAL CA 116 16.35 -45.06 -49.96
CA VAL CA 116 16.21 -46.08 -48.91
C VAL CA 116 17.54 -46.30 -48.20
N SER CA 117 18.63 -46.38 -48.96
CA SER CA 117 19.95 -46.55 -48.36
C SER CA 117 20.34 -45.34 -47.51
N ALA CA 118 20.02 -44.14 -47.99
CA ALA CA 118 20.31 -42.94 -47.21
C ALA CA 118 19.52 -42.92 -45.91
N LEU CA 119 18.25 -43.33 -45.97
CA LEU CA 119 17.44 -43.38 -44.75
C LEU CA 119 17.89 -44.51 -43.83
N ASN CA 120 18.36 -45.63 -44.39
CA ASN CA 120 18.85 -46.72 -43.57
C ASN CA 120 20.07 -46.31 -42.76
N ASP CA 121 20.98 -45.55 -43.37
CA ASP CA 121 22.12 -45.02 -42.63
C ASP CA 121 21.66 -44.02 -41.58
N GLU CA 122 20.54 -43.34 -41.83
CA GLU CA 122 19.99 -42.42 -40.85
C GLU CA 122 19.47 -43.17 -39.63
N LEU CA 123 18.88 -44.34 -39.86
CA LEU CA 123 18.39 -45.16 -38.74
C LEU CA 123 19.54 -45.59 -37.82
N ASN CA 124 20.66 -46.02 -38.42
CA ASN CA 124 21.81 -46.39 -37.61
C ASN CA 124 22.41 -45.18 -36.90
N ARG CA 125 22.40 -44.02 -37.56
CA ARG CA 125 22.94 -42.82 -36.92
C ARG CA 125 22.11 -42.42 -35.72
N ILE CA 126 20.78 -42.51 -35.83
CA ILE CA 126 19.92 -42.18 -34.69
C ILE CA 126 20.20 -43.13 -33.53
N ALA CA 127 20.34 -44.43 -33.81
CA ALA CA 127 20.57 -45.40 -32.75
C ALA CA 127 21.93 -45.18 -32.08
N GLU CA 128 22.95 -44.84 -32.86
CA GLU CA 128 24.32 -44.78 -32.35
C GLU CA 128 24.71 -43.40 -31.82
N THR CA 129 23.88 -42.38 -31.98
CA THR CA 129 24.25 -41.04 -31.52
C THR CA 129 23.32 -40.47 -30.47
N THR CA 130 22.07 -40.92 -30.38
CA THR CA 130 21.19 -40.42 -29.33
C THR CA 130 21.75 -40.79 -27.96
N SER CA 131 21.74 -39.82 -27.05
CA SER CA 131 22.37 -40.03 -25.74
C SER CA 131 21.77 -39.06 -24.73
N PHE CA 132 21.94 -39.41 -23.46
CA PHE CA 132 21.52 -38.59 -22.33
C PHE CA 132 22.79 -38.18 -21.59
N GLY CA 133 23.34 -37.02 -21.95
CA GLY CA 133 24.57 -36.58 -21.33
C GLY CA 133 25.75 -37.47 -21.61
N GLY CA 134 25.91 -37.91 -22.87
CA GLY CA 134 27.00 -38.77 -23.25
C GLY CA 134 26.78 -40.25 -23.02
N ASN CA 135 25.64 -40.63 -22.46
CA ASN CA 135 25.30 -42.04 -22.21
C ASN CA 135 24.41 -42.52 -23.35
N LYS CA 136 24.95 -43.39 -24.20
CA LYS CA 136 24.21 -43.89 -25.34
C LYS CA 136 23.01 -44.72 -24.89
N LEU CA 137 21.89 -44.56 -25.60
CA LEU CA 137 20.63 -45.20 -25.23
C LEU CA 137 20.17 -46.25 -26.22
N LEU CA 138 20.07 -45.91 -27.51
CA LEU CA 138 19.43 -46.75 -28.51
C LEU CA 138 20.41 -47.63 -29.26
N ASN CA 139 21.69 -47.64 -28.89
CA ASN CA 139 22.68 -48.48 -29.56
C ASN CA 139 22.80 -49.87 -28.94
N GLY CA 140 21.98 -50.20 -27.94
CA GLY CA 140 22.02 -51.49 -27.30
C GLY CA 140 22.96 -51.59 -26.12
N SER CA 141 23.75 -50.55 -25.85
CA SER CA 141 24.68 -50.57 -24.73
C SER CA 141 24.02 -50.26 -23.40
N PHE CA 142 22.78 -49.75 -23.41
CA PHE CA 142 22.12 -49.41 -22.15
C PHE CA 142 21.83 -50.65 -21.31
N GLY CA 143 21.34 -51.72 -21.95
CA GLY CA 143 20.95 -52.90 -21.19
C GLY CA 143 19.80 -52.59 -20.26
N SER CA 144 19.93 -53.03 -19.01
CA SER CA 144 18.94 -52.78 -17.97
C SER CA 144 19.59 -52.03 -16.83
N LYS CA 145 19.05 -50.84 -16.53
CA LYS CA 145 19.54 -50.00 -15.44
C LYS CA 145 18.45 -49.82 -14.41
N SER CA 146 18.79 -50.04 -13.14
CA SER CA 146 17.84 -49.94 -12.04
C SER CA 146 17.79 -48.50 -11.54
N PHE CA 147 16.60 -47.93 -11.50
CA PHE CA 147 16.38 -46.57 -11.02
C PHE CA 147 15.83 -46.64 -9.59
N GLN CA 148 16.62 -46.17 -8.64
CA GLN CA 148 16.23 -46.23 -7.23
C GLN CA 148 15.23 -45.12 -6.94
N ILE CA 149 14.02 -45.51 -6.53
CA ILE CA 149 12.93 -44.56 -6.32
C ILE CA 149 12.32 -44.73 -4.95
N GLY CA 150 13.12 -45.20 -3.99
CA GLY CA 150 12.61 -45.41 -2.65
C GLY CA 150 13.38 -44.65 -1.59
N ALA CA 151 12.75 -44.44 -0.43
CA ALA CA 151 13.41 -43.76 0.67
C ALA CA 151 14.41 -44.64 1.40
N ASP CA 152 14.40 -45.94 1.16
CA ASP CA 152 15.32 -46.89 1.77
C ASP CA 152 16.04 -47.67 0.68
N SER CA 153 16.96 -48.53 1.10
CA SER CA 153 17.76 -49.30 0.15
C SER CA 153 16.91 -50.36 -0.55
N GLY CA 154 17.35 -50.75 -1.74
CA GLY CA 154 16.76 -51.88 -2.45
C GLY CA 154 15.32 -51.69 -2.87
N GLU CA 155 14.96 -50.50 -3.35
CA GLU CA 155 13.62 -50.23 -3.86
C GLU CA 155 13.70 -49.66 -5.27
N ALA CA 156 14.54 -50.24 -6.12
CA ALA CA 156 14.77 -49.74 -7.46
C ALA CA 156 13.83 -50.43 -8.46
N VAL CA 157 13.72 -49.82 -9.63
CA VAL CA 157 12.87 -50.32 -10.71
C VAL CA 157 13.69 -50.38 -11.99
N MET CA 158 13.70 -51.53 -12.63
CA MET CA 158 14.58 -51.78 -13.77
C MET CA 158 13.94 -51.30 -15.07
N LEU CA 159 14.74 -50.65 -15.91
CA LEU CA 159 14.32 -50.18 -17.23
C LEU CA 159 15.27 -50.74 -18.28
N SER CA 160 14.71 -51.37 -19.29
CA SER CA 160 15.47 -51.94 -20.39
C SER CA 160 15.27 -51.14 -21.66
N MET CA 161 16.33 -51.02 -22.45
CA MET CA 161 16.30 -50.30 -23.72
C MET CA 161 16.88 -51.23 -24.79
N GLY CA 162 16.01 -51.79 -25.62
CA GLY CA 162 16.48 -52.67 -26.68
C GLY CA 162 17.25 -51.91 -27.74
N SER CA 163 18.11 -52.65 -28.45
CA SER CA 163 18.90 -52.05 -29.51
C SER CA 163 18.00 -51.56 -30.64
N MET CA 164 18.30 -50.38 -31.16
CA MET CA 164 17.47 -49.75 -32.17
C MET CA 164 18.16 -49.67 -33.53
N ARG CA 165 19.28 -50.37 -33.69
CA ARG CA 165 19.98 -50.38 -34.97
C ARG CA 165 19.14 -51.08 -36.02
N SER CA 166 19.31 -50.66 -37.27
CA SER CA 166 18.53 -51.21 -38.38
C SER CA 166 18.86 -52.68 -38.65
N ASP CA 167 19.99 -53.17 -38.15
CA ASP CA 167 20.39 -54.55 -38.35
C ASP CA 167 20.04 -55.45 -37.17
N THR CA 168 19.29 -54.94 -36.20
CA THR CA 168 18.91 -55.76 -35.06
C THR CA 168 18.03 -56.92 -35.50
N GLN CA 169 18.22 -58.07 -34.85
CA GLN CA 169 17.47 -59.27 -35.21
C GLN CA 169 15.97 -59.08 -35.01
N ALA CA 170 15.57 -58.17 -34.12
CA ALA CA 170 14.15 -57.91 -33.88
C ALA CA 170 13.53 -56.97 -34.90
N MET CA 171 14.33 -56.35 -35.76
CA MET CA 171 13.85 -55.43 -36.78
C MET CA 171 13.61 -56.13 -38.11
N GLY CA 172 13.44 -57.45 -38.11
CA GLY CA 172 13.21 -58.18 -39.34
C GLY CA 172 12.64 -59.56 -39.10
N GLY CA 173 12.99 -60.51 -39.95
CA GLY CA 173 12.51 -61.87 -39.77
C GLY CA 173 13.01 -62.74 -40.90
N LYS CA 174 12.77 -64.04 -40.74
CA LYS CA 174 13.14 -65.01 -41.76
C LYS CA 174 12.26 -64.84 -43.00
N SER CA 175 12.87 -64.95 -44.17
CA SER CA 175 12.16 -64.81 -45.44
C SER CA 175 12.44 -66.04 -46.29
N TYR CA 176 11.36 -66.70 -46.71
CA TYR CA 176 11.44 -67.91 -47.52
C TYR CA 176 11.00 -67.57 -48.93
N ARG CA 177 11.52 -68.30 -49.92
CA ARG CA 177 11.20 -68.06 -51.31
C ARG CA 177 10.89 -69.37 -52.02
N ALA CA 178 9.99 -69.29 -53.00
CA ALA CA 178 9.62 -70.45 -53.79
C ALA CA 178 10.79 -70.93 -54.66
N GLN CA 179 10.84 -72.23 -54.90
CA GLN CA 179 11.82 -72.82 -55.80
C GLN CA 179 11.29 -72.98 -57.22
N GLU CA 180 10.02 -72.68 -57.46
CA GLU CA 180 9.39 -72.86 -58.75
C GLU CA 180 8.78 -71.55 -59.21
N GLY CA 181 9.19 -71.07 -60.39
CA GLY CA 181 8.60 -69.89 -60.98
C GLY CA 181 7.43 -70.26 -61.86
N LYS CA 182 6.27 -69.69 -61.56
CA LYS CA 182 5.05 -69.97 -62.30
C LYS CA 182 4.69 -68.77 -63.16
N ALA CA 183 4.30 -69.03 -64.40
CA ALA CA 183 4.01 -67.97 -65.35
C ALA CA 183 2.66 -67.34 -65.03
N ALA CA 184 2.21 -66.41 -65.89
CA ALA CA 184 0.96 -65.71 -65.66
C ALA CA 184 -0.25 -66.61 -65.92
N ASP CA 185 -0.08 -67.71 -66.64
CA ASP CA 185 -1.18 -68.60 -66.98
C ASP CA 185 -1.39 -69.71 -65.96
N TRP CA 186 -0.53 -69.82 -64.96
CA TRP CA 186 -0.65 -70.90 -63.99
C TRP CA 186 -1.82 -70.65 -63.05
N ARG CA 187 -2.57 -71.71 -62.75
CA ARG CA 187 -3.70 -71.65 -61.84
C ARG CA 187 -3.61 -72.82 -60.86
N VAL CA 188 -4.22 -72.65 -59.69
CA VAL CA 188 -4.23 -73.71 -58.69
C VAL CA 188 -5.08 -74.86 -59.18
N GLY CA 189 -4.52 -76.07 -59.15
CA GLY CA 189 -5.21 -77.23 -59.66
C GLY CA 189 -6.14 -77.88 -58.66
N ALA CA 190 -6.09 -79.21 -58.56
CA ALA CA 190 -6.96 -79.95 -57.65
C ALA CA 190 -6.36 -80.15 -56.27
N ALA CA 191 -5.12 -79.71 -56.06
CA ALA CA 191 -4.46 -79.78 -54.75
C ALA CA 191 -4.13 -78.37 -54.31
N THR CA 192 -4.86 -77.87 -53.31
CA THR CA 192 -4.74 -76.48 -52.88
C THR CA 192 -4.32 -76.32 -51.43
N ASP CA 193 -4.28 -77.38 -50.64
CA ASP CA 193 -3.96 -77.26 -49.23
C ASP CA 193 -2.50 -76.83 -49.05
N LEU CA 194 -2.27 -76.01 -48.03
CA LEU CA 194 -0.94 -75.49 -47.73
C LEU CA 194 -0.88 -75.23 -46.22
N THR CA 195 -0.14 -76.06 -45.50
CA THR CA 195 -0.06 -76.00 -44.05
C THR CA 195 1.26 -75.37 -43.63
N LEU CA 196 1.19 -74.43 -42.70
CA LEU CA 196 2.36 -73.75 -42.15
C LEU CA 196 2.44 -74.05 -40.66
N SER CA 197 3.38 -74.92 -40.27
CA SER CA 197 3.57 -75.31 -38.88
C SER CA 197 4.85 -74.67 -38.36
N TYR CA 198 4.73 -73.86 -37.32
CA TYR CA 198 5.87 -73.17 -36.74
C TYR CA 198 5.59 -72.97 -35.25
N THR CA 199 6.37 -72.09 -34.62
CA THR CA 199 6.20 -71.78 -33.20
C THR CA 199 6.04 -70.27 -33.05
N ASN CA 200 5.02 -69.86 -32.30
CA ASN CA 200 4.73 -68.44 -32.09
C ASN CA 200 5.80 -67.81 -31.20
N LYS CA 201 5.68 -66.50 -31.00
CA LYS CA 201 6.65 -65.79 -30.17
C LYS CA 201 6.61 -66.23 -28.72
N GLN CA 202 5.43 -66.58 -28.21
CA GLN CA 202 5.29 -67.01 -26.83
C GLN CA 202 5.80 -68.42 -26.60
N GLY CA 203 6.12 -69.17 -27.66
CA GLY CA 203 6.65 -70.51 -27.54
C GLY CA 203 5.66 -71.62 -27.79
N GLU CA 204 4.40 -71.32 -28.07
CA GLU CA 204 3.41 -72.35 -28.35
C GLU CA 204 3.42 -72.69 -29.83
N ALA CA 205 3.24 -73.97 -30.13
CA ALA CA 205 3.23 -74.43 -31.52
C ALA CA 205 1.94 -73.99 -32.20
N ARG CA 206 2.06 -73.46 -33.41
CA ARG CA 206 0.93 -72.97 -34.18
C ARG CA 206 0.87 -73.67 -35.52
N GLU CA 207 -0.33 -74.14 -35.88
CA GLU CA 207 -0.59 -74.72 -37.19
C GLU CA 207 -1.67 -73.90 -37.88
N VAL CA 208 -1.37 -73.44 -39.10
CA VAL CA 208 -2.32 -72.70 -39.92
C VAL CA 208 -2.44 -73.42 -41.25
N THR CA 209 -3.65 -73.87 -41.58
CA THR CA 209 -3.91 -74.59 -42.82
C THR CA 209 -4.69 -73.68 -43.74
N ILE CA 210 -4.05 -73.26 -44.83
CA ILE CA 210 -4.67 -72.38 -45.82
C ILE CA 210 -5.13 -73.25 -46.98
N ASN CA 211 -6.44 -73.26 -47.24
CA ASN CA 211 -7.02 -73.99 -48.35
C ASN CA 211 -7.25 -73.00 -49.48
N ALA CA 212 -6.30 -72.94 -50.42
CA ALA CA 212 -6.40 -72.01 -51.53
C ALA CA 212 -7.58 -72.37 -52.43
N LYS CA 213 -7.87 -71.47 -53.36
CA LYS CA 213 -9.04 -71.60 -54.22
C LYS CA 213 -8.60 -71.85 -55.66
N GLN CA 214 -9.28 -72.79 -56.31
CA GLN CA 214 -8.92 -73.20 -57.66
C GLN CA 214 -9.14 -72.05 -58.65
N GLY CA 215 -8.32 -72.06 -59.70
CA GLY CA 215 -8.40 -71.03 -60.73
C GLY CA 215 -7.70 -69.73 -60.40
N ASP CA 216 -7.04 -69.63 -59.25
CA ASP CA 216 -6.36 -68.42 -58.85
C ASP CA 216 -4.91 -68.44 -59.35
N ASP CA 217 -4.44 -67.29 -59.81
CA ASP CA 217 -3.05 -67.15 -60.20
C ASP CA 217 -2.21 -66.91 -58.94
N LEU CA 218 -0.93 -66.58 -59.12
CA LEU CA 218 -0.05 -66.45 -57.97
C LEU CA 218 -0.35 -65.19 -57.16
N GLU CA 219 -0.74 -64.11 -57.84
CA GLU CA 219 -0.98 -62.85 -57.12
C GLU CA 219 -2.29 -62.93 -56.32
N GLU CA 220 -3.32 -63.57 -56.87
CA GLU CA 220 -4.53 -63.82 -56.10
C GLU CA 220 -4.25 -64.77 -54.94
N LEU CA 221 -3.40 -65.79 -55.19
CA LEU CA 221 -3.04 -66.72 -54.13
C LEU CA 221 -2.28 -66.01 -53.01
N ALA CA 222 -1.36 -65.11 -53.36
CA ALA CA 222 -0.60 -64.39 -52.35
C ALA CA 222 -1.50 -63.51 -51.50
N THR CA 223 -2.49 -62.85 -52.12
CA THR CA 223 -3.43 -62.04 -51.37
C THR CA 223 -4.30 -62.92 -50.47
N TYR CA 224 -4.66 -64.11 -50.94
CA TYR CA 224 -5.44 -65.03 -50.12
C TYR CA 224 -4.67 -65.44 -48.87
N ILE CA 225 -3.37 -65.73 -49.02
CA ILE CA 225 -2.56 -66.11 -47.88
C ILE CA 225 -2.45 -64.97 -46.89
N ASN CA 226 -2.39 -63.73 -47.39
CA ASN CA 226 -2.33 -62.56 -46.53
C ASN CA 226 -3.61 -62.42 -45.70
N GLY CA 227 -4.77 -62.64 -46.32
CA GLY CA 227 -6.02 -62.44 -45.62
C GLY CA 227 -6.35 -63.55 -44.64
N GLN CA 228 -5.83 -64.76 -44.88
CA GLN CA 228 -6.18 -65.88 -44.01
C GLN CA 228 -5.44 -65.82 -42.68
N THR CA 229 -4.18 -65.40 -42.70
CA THR CA 229 -3.34 -65.42 -41.51
C THR CA 229 -2.59 -64.09 -41.37
N GLU CA 230 -2.23 -63.77 -40.13
CA GLU CA 230 -1.53 -62.53 -39.82
C GLU CA 230 -0.05 -62.74 -39.54
N ASP CA 231 0.34 -63.94 -39.08
CA ASP CA 231 1.75 -64.19 -38.77
C ASP CA 231 2.61 -64.16 -40.04
N VAL CA 232 2.12 -64.72 -41.13
CA VAL CA 232 2.89 -64.90 -42.36
C VAL CA 232 2.37 -63.94 -43.42
N LYS CA 233 3.30 -63.26 -44.09
CA LYS CA 233 2.99 -62.38 -45.20
C LYS CA 233 3.55 -62.96 -46.49
N ALA CA 234 2.73 -62.94 -47.54
CA ALA CA 234 3.07 -63.57 -48.82
C ALA CA 234 3.22 -62.52 -49.91
N SER CA 235 4.09 -62.81 -50.88
CA SER CA 235 4.33 -61.92 -52.00
C SER CA 235 4.70 -62.75 -53.22
N VAL CA 236 5.00 -62.05 -54.31
CA VAL CA 236 5.40 -62.67 -55.57
C VAL CA 236 6.61 -61.94 -56.10
N GLY CA 237 7.63 -62.70 -56.51
CA GLY CA 237 8.88 -62.14 -56.98
C GLY CA 237 8.85 -61.75 -58.44
N GLU CA 238 10.05 -61.60 -59.01
CA GLU CA 238 10.16 -61.20 -60.41
C GLU CA 238 9.60 -62.27 -61.34
N ASP CA 239 10.04 -63.51 -61.17
CA ASP CA 239 9.71 -64.59 -62.09
C ASP CA 239 8.42 -65.30 -61.74
N GLY CA 240 7.77 -64.93 -60.64
CA GLY CA 240 6.60 -65.65 -60.20
C GLY CA 240 6.93 -66.67 -59.14
N LYS CA 241 7.64 -66.25 -58.10
CA LYS CA 241 7.98 -67.10 -56.98
C LYS CA 241 7.31 -66.54 -55.72
N LEU CA 242 6.46 -67.36 -55.10
CA LEU CA 242 5.78 -66.93 -53.89
C LEU CA 242 6.76 -66.95 -52.72
N GLN CA 243 6.85 -65.83 -52.01
CA GLN CA 243 7.80 -65.67 -50.92
C GLN CA 243 7.05 -65.29 -49.64
N LEU CA 244 7.26 -66.06 -48.58
CA LEU CA 244 6.71 -65.76 -47.27
C LEU CA 244 7.71 -64.97 -46.45
N PHE CA 245 7.25 -64.44 -45.32
CA PHE CA 245 8.08 -63.69 -44.39
C PHE CA 245 7.52 -63.86 -42.99
N ALA CA 246 8.10 -64.77 -42.21
CA ALA CA 246 7.73 -64.96 -40.82
C ALA CA 246 8.57 -64.02 -39.97
N SER CA 247 7.93 -62.98 -39.44
CA SER CA 247 8.64 -61.97 -38.68
C SER CA 247 9.31 -62.58 -37.45
N SER CA 248 10.55 -62.13 -37.18
CA SER CA 248 11.35 -62.75 -36.12
C SER CA 248 10.77 -62.50 -34.74
N GLN CA 249 10.09 -61.37 -34.54
CA GLN CA 249 9.53 -61.05 -33.24
C GLN CA 249 8.22 -61.80 -32.96
N LYS CA 250 7.68 -62.51 -33.94
CA LYS CA 250 6.44 -63.26 -33.76
C LYS CA 250 6.55 -64.74 -34.12
N VAL CA 251 7.60 -65.16 -34.81
CA VAL CA 251 7.80 -66.56 -35.18
C VAL CA 251 9.25 -66.92 -34.89
N ASN CA 252 9.46 -67.89 -34.01
CA ASN CA 252 10.80 -68.38 -33.68
C ASN CA 252 10.94 -69.83 -34.14
N GLY CA 253 12.17 -70.21 -34.45
CA GLY CA 253 12.44 -71.54 -34.97
C GLY CA 253 12.11 -71.67 -36.45
N ASP CA 254 12.38 -72.86 -36.97
CA ASP CA 254 12.13 -73.11 -38.39
C ASP CA 254 10.63 -73.18 -38.67
N VAL CA 255 10.27 -72.79 -39.89
CA VAL CA 255 8.89 -72.87 -40.37
C VAL CA 255 8.79 -74.06 -41.30
N THR CA 256 7.88 -74.98 -40.99
CA THR CA 256 7.68 -76.19 -41.79
C THR CA 256 6.49 -75.99 -42.71
N ILE CA 257 6.70 -76.13 -44.00
CA ILE CA 257 5.67 -75.91 -45.02
C ILE CA 257 5.34 -77.25 -45.66
N GLY CA 258 4.09 -77.68 -45.51
CA GLY CA 258 3.63 -78.92 -46.09
C GLY CA 258 2.37 -78.71 -46.91
N GLY CA 259 1.89 -79.79 -47.48
CA GLY CA 259 0.67 -79.79 -48.27
C GLY CA 259 0.95 -79.99 -49.75
N GLY CA 260 -0.13 -80.27 -50.48
CA GLY CA 260 -0.01 -80.46 -51.92
C GLY CA 260 0.42 -79.21 -52.65
N LEU CA 261 -0.16 -78.06 -52.29
CA LEU CA 261 0.25 -76.80 -52.89
C LEU CA 261 1.68 -76.47 -52.50
N GLY CA 262 2.05 -76.72 -51.25
CA GLY CA 262 3.41 -76.48 -50.80
C GLY CA 262 4.45 -77.36 -51.46
N GLY CA 263 4.01 -78.41 -52.14
CA GLY CA 263 4.92 -79.26 -52.88
C GLY CA 263 4.99 -78.88 -54.34
N GLU CA 264 3.87 -78.37 -54.87
CA GLU CA 264 3.85 -77.88 -56.25
C GLU CA 264 4.72 -76.64 -56.38
N ILE CA 265 4.55 -75.67 -55.48
CA ILE CA 265 5.43 -74.51 -55.46
C ILE CA 265 6.82 -74.90 -54.97
N GLY CA 266 6.88 -75.65 -53.87
CA GLY CA 266 8.15 -76.05 -53.29
C GLY CA 266 8.83 -74.89 -52.58
N PHE CA 267 9.61 -75.17 -51.54
CA PHE CA 267 10.17 -74.10 -50.74
C PHE CA 267 11.57 -74.49 -50.27
N ASP CA 268 12.35 -73.47 -49.92
CA ASP CA 268 13.76 -73.64 -49.59
C ASP CA 268 14.03 -73.01 -48.22
N ALA CA 269 15.31 -73.04 -47.83
CA ALA CA 269 15.72 -72.44 -46.56
C ALA CA 269 15.47 -70.94 -46.56
N GLY CA 270 15.10 -70.42 -45.39
CA GLY CA 270 14.77 -69.01 -45.26
C GLY CA 270 15.91 -68.20 -44.71
N ARG CA 271 16.46 -67.32 -45.56
CA ARG CA 271 17.50 -66.42 -45.12
C ARG CA 271 16.95 -65.38 -44.14
N ASN CA 272 17.81 -64.92 -43.24
CA ASN CA 272 17.41 -63.94 -42.25
C ASN CA 272 17.67 -62.53 -42.78
N VAL CA 273 16.61 -61.73 -42.88
CA VAL CA 273 16.69 -60.38 -43.42
C VAL CA 273 16.13 -59.40 -42.41
N THR CA 274 16.77 -58.24 -42.31
CA THR CA 274 16.32 -57.15 -41.46
C THR CA 274 16.28 -55.88 -42.30
N VAL CA 275 16.09 -54.75 -41.63
CA VAL CA 275 16.05 -53.47 -42.33
C VAL CA 275 17.39 -53.15 -42.98
N ALA CA 276 18.50 -53.53 -42.33
CA ALA CA 276 19.82 -53.24 -42.90
C ALA CA 276 20.08 -54.05 -44.16
N ASP CA 277 19.41 -55.19 -44.31
CA ASP CA 277 19.58 -56.05 -45.48
C ASP CA 277 18.54 -55.78 -46.57
N VAL CA 278 17.68 -54.78 -46.38
CA VAL CA 278 16.60 -54.54 -47.32
C VAL CA 278 17.15 -53.84 -48.56
N ASN CA 279 16.51 -54.09 -49.70
CA ASN CA 279 16.86 -53.41 -50.95
C ASN CA 279 15.66 -53.45 -51.87
N VAL CA 280 15.41 -52.33 -52.56
CA VAL CA 280 14.27 -52.19 -53.44
C VAL CA 280 14.70 -52.14 -54.90
N SER CA 281 15.94 -52.54 -55.20
CA SER CA 281 16.44 -52.54 -56.57
C SER CA 281 15.69 -53.52 -57.47
N THR CA 282 14.78 -54.32 -56.92
CA THR CA 282 13.94 -55.21 -57.71
C THR CA 282 12.58 -55.34 -57.04
N VAL CA 283 11.61 -55.83 -57.80
CA VAL CA 283 10.25 -55.96 -57.27
C VAL CA 283 10.20 -56.94 -56.12
N ALA CA 284 10.94 -58.05 -56.22
CA ALA CA 284 10.95 -59.03 -55.14
C ALA CA 284 11.50 -58.45 -53.85
N GLY CA 285 12.54 -57.62 -53.95
CA GLY CA 285 13.12 -57.04 -52.75
C GLY CA 285 12.24 -55.96 -52.13
N SER CA 286 11.33 -55.38 -52.92
CA SER CA 286 10.46 -54.35 -52.38
C SER CA 286 9.19 -54.95 -51.78
N GLN CA 287 8.72 -56.07 -52.34
CA GLN CA 287 7.60 -56.77 -51.72
C GLN CA 287 7.99 -57.30 -50.34
N GLU CA 288 9.20 -57.87 -50.21
CA GLU CA 288 9.70 -58.24 -48.90
C GLU CA 288 9.94 -57.01 -48.04
N ALA CA 289 10.24 -55.88 -48.65
CA ALA CA 289 10.53 -54.67 -47.89
C ALA CA 289 9.34 -54.21 -47.06
N VAL CA 290 8.14 -54.23 -47.66
CA VAL CA 290 6.95 -53.74 -46.96
C VAL CA 290 6.69 -54.59 -45.71
N SER CA 291 6.90 -55.91 -45.82
CA SER CA 291 6.71 -56.78 -44.67
C SER CA 291 7.81 -56.60 -43.63
N ILE CA 292 9.05 -56.37 -44.09
CA ILE CA 292 10.16 -56.24 -43.16
C ILE CA 292 9.99 -55.00 -42.28
N LEU CA 293 9.65 -53.87 -42.88
CA LEU CA 293 9.42 -52.65 -42.09
C LEU CA 293 8.08 -52.70 -41.37
N ASP CA 294 7.18 -53.61 -41.74
CA ASP CA 294 6.00 -53.83 -40.93
C ASP CA 294 6.36 -54.50 -39.62
N GLY CA 295 7.21 -55.54 -39.68
CA GLY CA 295 7.71 -56.15 -38.45
C GLY CA 295 8.59 -55.21 -37.66
N ALA CA 296 9.42 -54.42 -38.36
CA ALA CA 296 10.27 -53.46 -37.68
C ALA CA 296 9.43 -52.39 -36.97
N LEU CA 297 8.40 -51.89 -37.63
CA LEU CA 297 7.54 -50.87 -37.02
C LEU CA 297 6.85 -51.42 -35.77
N LYS CA 298 6.47 -52.70 -35.79
CA LYS CA 298 5.91 -53.32 -34.59
C LYS CA 298 6.94 -53.38 -33.47
N ALA CA 299 8.20 -53.64 -33.80
CA ALA CA 299 9.25 -53.65 -32.79
C ALA CA 299 9.45 -52.26 -32.19
N VAL CA 300 9.39 -51.22 -33.02
CA VAL CA 300 9.54 -49.86 -32.51
C VAL CA 300 8.33 -49.47 -31.67
N ASP CA 301 7.13 -49.78 -32.16
CA ASP CA 301 5.92 -49.40 -31.44
C ASP CA 301 5.81 -50.13 -30.10
N SER CA 302 6.15 -51.42 -30.07
CA SER CA 302 6.09 -52.16 -28.82
C SER CA 302 7.09 -51.62 -27.80
N GLN CA 303 8.30 -51.26 -28.25
CA GLN CA 303 9.28 -50.66 -27.36
C GLN CA 303 8.79 -49.30 -26.88
N ARG CA 304 8.17 -48.52 -27.75
CA ARG CA 304 7.63 -47.23 -27.37
C ARG CA 304 6.55 -47.37 -26.31
N ALA CA 305 5.65 -48.34 -26.48
CA ALA CA 305 4.59 -48.56 -25.49
C ALA CA 305 5.15 -49.02 -24.16
N SER CA 306 6.23 -49.81 -24.20
CA SER CA 306 6.89 -50.21 -22.96
C SER CA 306 7.46 -49.01 -22.23
N LEU CA 307 8.04 -48.05 -22.99
CA LEU CA 307 8.57 -46.84 -22.37
C LEU CA 307 7.46 -45.94 -21.86
N GLY CA 308 6.32 -45.90 -22.58
CA GLY CA 308 5.21 -45.09 -22.13
C GLY CA 308 4.61 -45.58 -20.83
N ALA CA 309 4.43 -46.90 -20.70
CA ALA CA 309 3.98 -47.47 -19.44
C ALA CA 309 5.00 -47.23 -18.34
N PHE CA 310 6.29 -47.27 -18.69
CA PHE CA 310 7.34 -46.97 -17.73
C PHE CA 310 7.25 -45.52 -17.25
N GLN CA 311 6.85 -44.62 -18.14
CA GLN CA 311 6.72 -43.21 -17.75
C GLN CA 311 5.47 -42.98 -16.92
N ASN CA 312 4.36 -43.62 -17.29
CA ASN CA 312 3.12 -43.46 -16.52
C ASN CA 312 3.27 -44.05 -15.12
N ARG CA 313 3.91 -45.21 -15.00
CA ARG CA 313 4.15 -45.80 -13.69
C ARG CA 313 4.97 -44.86 -12.81
N PHE CA 314 6.01 -44.25 -13.38
CA PHE CA 314 6.82 -43.29 -12.64
C PHE CA 314 6.05 -42.01 -12.38
N GLY CA 315 5.14 -41.62 -13.27
CA GLY CA 315 4.30 -40.46 -13.00
C GLY CA 315 3.49 -40.63 -11.74
N HIS CA 316 3.00 -41.85 -11.48
CA HIS CA 316 2.35 -42.14 -10.22
C HIS CA 316 3.37 -42.20 -9.08
N ALA CA 317 4.61 -42.57 -9.40
CA ALA CA 317 5.64 -42.68 -8.36
C ALA CA 317 6.00 -41.33 -7.77
N ILE CA 318 6.11 -40.29 -8.62
CA ILE CA 318 6.44 -38.95 -8.11
C ILE CA 318 5.38 -38.48 -7.13
N SER CA 319 4.11 -38.62 -7.51
CA SER CA 319 3.04 -38.06 -6.69
C SER CA 319 2.79 -38.92 -5.44
N ASN CA 320 2.97 -40.24 -5.56
CA ASN CA 320 2.85 -41.10 -4.39
C ASN CA 320 3.95 -40.79 -3.37
N LEU CA 321 5.19 -40.63 -3.86
CA LEU CA 321 6.28 -40.28 -2.97
C LEU CA 321 6.08 -38.88 -2.39
N ASP CA 322 5.51 -37.96 -3.19
CA ASP CA 322 5.24 -36.63 -2.70
C ASP CA 322 4.19 -36.66 -1.58
N ASN CA 323 3.16 -37.48 -1.74
CA ASN CA 323 2.12 -37.58 -0.71
C ASN CA 323 2.71 -38.13 0.60
N VAL CA 324 3.53 -39.17 0.51
CA VAL CA 324 4.15 -39.73 1.70
C VAL CA 324 5.14 -38.74 2.31
N ASN CA 325 5.88 -38.02 1.45
CA ASN CA 325 6.85 -37.05 1.94
C ASN CA 325 6.18 -35.92 2.71
N GLU CA 326 5.07 -35.41 2.20
CA GLU CA 326 4.37 -34.33 2.88
C GLU CA 326 3.79 -34.79 4.22
N ASN CA 327 3.21 -35.99 4.26
CA ASN CA 327 2.64 -36.50 5.50
C ASN CA 327 3.74 -36.84 6.51
N VAL CA 328 4.88 -37.36 6.03
CA VAL CA 328 5.99 -37.65 6.92
C VAL CA 328 6.53 -36.37 7.54
N ASN CA 329 6.64 -35.30 6.74
CA ASN CA 329 7.08 -34.02 7.27
C ASN CA 329 6.10 -33.49 8.31
N ALA CA 330 4.79 -33.69 8.09
CA ALA CA 330 3.79 -33.26 9.05
C ALA CA 330 3.93 -34.02 10.37
N SER CA 331 4.15 -35.34 10.29
CA SER CA 331 4.31 -36.13 11.51
C SER CA 331 5.58 -35.77 12.26
N ARG CA 332 6.70 -35.63 11.53
CA ARG CA 332 7.94 -35.18 12.15
C ARG CA 332 7.78 -33.80 12.76
N SER CA 333 6.87 -32.99 12.21
CA SER CA 333 6.59 -31.67 12.77
C SER CA 333 5.98 -31.78 14.16
N ARG CA 334 5.03 -32.69 14.33
CA ARG CA 334 4.36 -32.83 15.63
C ARG CA 334 5.31 -33.35 16.70
N ILE CA 335 6.39 -34.01 16.29
CA ILE CA 335 7.33 -34.60 17.25
C ILE CA 335 8.50 -33.67 17.51
N ARG CA 336 8.99 -32.97 16.48
CA ARG CA 336 10.23 -32.20 16.57
C ARG CA 336 10.03 -30.70 16.47
N ASP CA 337 9.15 -30.24 15.57
CA ASP CA 337 8.95 -28.80 15.40
C ASP CA 337 8.36 -28.18 16.66
N THR CA 338 8.90 -27.03 17.04
CA THR CA 338 8.50 -26.38 18.29
C THR CA 338 7.13 -25.71 18.13
N ASP CA 339 6.52 -25.41 19.27
CA ASP CA 339 5.26 -24.68 19.31
C ASP CA 339 5.54 -23.28 19.84
N TYR CA 340 5.45 -22.29 18.95
CA TYR CA 340 5.71 -20.91 19.35
C TYR CA 340 4.67 -20.41 20.34
N ALA CA 341 3.45 -20.95 20.26
CA ALA CA 341 2.40 -20.53 21.19
C ALA CA 341 2.72 -20.94 22.63
N ARG CA 342 3.27 -22.15 22.80
CA ARG CA 342 3.54 -22.65 24.14
C ARG CA 342 4.95 -22.26 24.62
N GLU CA 343 5.91 -22.21 23.71
CA GLU CA 343 7.29 -21.91 24.10
C GLU CA 343 7.42 -20.50 24.65
N THR CA 344 6.79 -19.52 24.00
CA THR CA 344 6.87 -18.15 24.46
C THR CA 344 6.22 -18.00 25.83
N THR CA 345 5.06 -18.65 26.03
CA THR CA 345 4.42 -18.64 27.34
C THR CA 345 5.31 -19.30 28.39
N ALA CA 346 6.00 -20.37 28.01
CA ALA CA 346 6.94 -21.02 28.92
C ALA CA 346 8.08 -20.09 29.30
N MET CA 347 8.60 -19.33 28.33
CA MET CA 347 9.63 -18.35 28.63
C MET CA 347 9.11 -17.26 29.57
N THR CA 348 7.94 -16.71 29.26
CA THR CA 348 7.42 -15.60 30.05
C THR CA 348 7.16 -16.02 31.49
N LYS CA 349 6.60 -17.21 31.68
CA LYS CA 349 6.41 -17.73 33.04
C LYS CA 349 7.75 -17.91 33.74
N ALA CA 350 8.76 -18.41 33.02
CA ALA CA 350 10.08 -18.56 33.60
C ALA CA 350 10.70 -17.21 33.94
N GLN CA 351 10.49 -16.21 33.08
CA GLN CA 351 11.03 -14.88 33.33
C GLN CA 351 10.43 -14.25 34.58
N ILE CA 352 9.10 -14.34 34.73
CA ILE CA 352 8.44 -13.82 35.92
C ILE CA 352 8.91 -14.57 37.16
N LEU CA 353 9.09 -15.89 37.03
CA LEU CA 353 9.60 -16.67 38.15
C LEU CA 353 11.01 -16.25 38.52
N GLN CA 354 11.84 -15.93 37.53
CA GLN CA 354 13.21 -15.47 37.81
C GLN CA 354 13.18 -14.14 38.55
N GLN CA 355 12.39 -13.18 38.07
CA GLN CA 355 12.32 -11.88 38.71
C GLN CA 355 11.72 -12.01 40.11
N ALA CA 356 10.74 -12.89 40.29
CA ALA CA 356 10.18 -13.13 41.60
C ALA CA 356 11.22 -13.70 42.56
N SER CA 357 11.99 -14.69 42.09
CA SER CA 357 12.97 -15.33 42.97
C SER CA 357 14.09 -14.37 43.35
N THR CA 358 14.51 -13.51 42.42
CA THR CA 358 15.54 -12.53 42.75
C THR CA 358 15.05 -11.52 43.77
N SER CA 359 13.78 -11.10 43.66
CA SER CA 359 13.22 -10.18 44.64
C SER CA 359 13.13 -10.82 46.01
N VAL CA 360 12.74 -12.10 46.07
CA VAL CA 360 12.75 -12.82 47.34
C VAL CA 360 14.16 -12.99 47.85
N LEU CA 361 15.12 -13.21 46.95
CA LEU CA 361 16.51 -13.34 47.35
C LEU CA 361 17.03 -12.05 47.96
N ALA CA 362 16.66 -10.90 47.36
CA ALA CA 362 17.08 -9.61 47.91
C ALA CA 362 16.51 -9.40 49.31
N GLN CA 363 15.25 -9.75 49.52
CA GLN CA 363 14.65 -9.61 50.85
C GLN CA 363 15.25 -10.59 51.85
N ALA CA 364 15.73 -11.74 51.38
CA ALA CA 364 16.25 -12.76 52.28
C ALA CA 364 17.57 -12.34 52.91
N LYS CA 365 18.40 -11.58 52.18
CA LYS CA 365 19.68 -11.16 52.72
C LYS CA 365 19.54 -10.19 53.89
N GLN CA 366 18.37 -9.58 54.06
CA GLN CA 366 18.14 -8.62 55.13
C GLN CA 366 17.79 -9.28 56.45
N SER CA 367 17.61 -10.60 56.48
CA SER CA 367 17.41 -11.29 57.76
C SER CA 367 18.61 -11.15 58.68
N PRO CA 368 19.86 -11.41 58.24
CA PRO CA 368 20.99 -11.08 59.11
C PRO CA 368 21.12 -9.59 59.39
N SER CA 369 20.55 -8.73 58.53
CA SER CA 369 20.53 -7.31 58.81
C SER CA 369 19.64 -6.98 59.99
N ALA CA 370 18.78 -7.90 60.42
CA ALA CA 370 18.04 -7.76 61.66
C ALA CA 370 18.75 -8.40 62.83
N ALA CA 371 19.75 -9.23 62.57
CA ALA CA 371 20.49 -9.88 63.66
C ALA CA 371 21.35 -8.89 64.42
N LEU CA 372 22.13 -8.09 63.70
CA LEU CA 372 22.98 -7.09 64.34
C LEU CA 372 22.19 -5.87 64.80
N SER CA 373 21.17 -5.47 64.03
CA SER CA 373 20.32 -4.35 64.45
C SER CA 373 19.53 -4.68 65.71
N LEU CA 374 19.39 -5.96 66.04
CA LEU CA 374 18.63 -6.35 67.23
C LEU CA 374 19.28 -5.80 68.49
N LEU CA 375 20.51 -6.24 68.79
CA LEU CA 375 21.29 -5.72 69.91
C LEU CA 375 22.72 -5.38 69.58
N GLY CA 376 23.30 -5.94 68.52
CA GLY CA 376 24.69 -5.68 68.18
C GLY CA 376 24.99 -4.22 67.91
N MET DA 1 64.52 29.57 106.62
CA MET DA 1 63.27 30.31 106.44
C MET DA 1 62.52 30.44 107.75
N ALA DA 2 62.49 31.65 108.29
CA ALA DA 2 61.80 31.90 109.55
C ALA DA 2 60.29 31.84 109.35
N ILE DA 3 59.59 31.41 110.40
CA ILE DA 3 58.14 31.36 110.37
C ILE DA 3 57.58 32.77 110.50
N ASN DA 4 56.74 33.16 109.55
CA ASN DA 4 56.22 34.52 109.48
C ASN DA 4 54.73 34.51 109.23
N VAL DA 5 54.06 35.57 109.70
CA VAL DA 5 52.63 35.75 109.47
C VAL DA 5 52.41 36.99 108.62
N ASN DA 6 53.33 37.96 108.75
CA ASN DA 6 53.21 39.19 107.96
C ASN DA 6 53.58 38.94 106.50
N THR DA 7 54.53 38.06 106.24
CA THR DA 7 54.95 37.71 104.89
C THR DA 7 54.47 36.30 104.57
N ASN DA 8 53.83 36.15 103.43
CA ASN DA 8 53.24 34.89 102.98
C ASN DA 8 53.63 34.65 101.53
N VAL DA 9 54.93 34.72 101.24
CA VAL DA 9 55.51 34.76 99.90
C VAL DA 9 54.90 33.74 98.94
N SER DA 10 54.48 32.58 99.46
CA SER DA 10 53.86 31.57 98.61
C SER DA 10 52.60 32.11 97.93
N ALA DA 11 51.85 32.97 98.62
CA ALA DA 11 50.60 33.48 98.09
C ALA DA 11 50.84 34.38 96.87
N MET DA 12 51.78 35.32 96.98
CA MET DA 12 52.00 36.25 95.87
C MET DA 12 52.44 35.53 94.61
N THR DA 13 53.29 34.51 94.74
CA THR DA 13 53.63 33.70 93.57
C THR DA 13 52.41 32.96 93.04
N ALA DA 14 51.46 32.62 93.92
CA ALA DA 14 50.30 31.83 93.51
C ALA DA 14 49.39 32.63 92.58
N GLN DA 15 48.99 33.85 92.97
CA GLN DA 15 48.09 34.58 92.09
C GLN DA 15 48.85 35.37 91.03
N ARG DA 16 50.17 35.44 91.11
CA ARG DA 16 50.95 35.92 89.97
C ARG DA 16 50.93 34.89 88.85
N TYR DA 17 51.06 33.61 89.20
CA TYR DA 17 50.91 32.55 88.21
C TYR DA 17 49.46 32.37 87.80
N LEU DA 18 48.53 32.65 88.71
CA LEU DA 18 47.12 32.74 88.33
C LEU DA 18 46.89 33.86 87.33
N ASN DA 19 47.55 35.01 87.52
CA ASN DA 19 47.37 36.13 86.61
C ASN DA 19 47.82 35.76 85.20
N GLY DA 20 48.96 35.09 85.08
CA GLY DA 20 49.42 34.65 83.77
C GLY DA 20 48.56 33.54 83.19
N ALA DA 21 48.25 32.53 84.02
CA ALA DA 21 47.49 31.38 83.53
C ALA DA 21 46.08 31.79 83.10
N ALA DA 22 45.42 32.62 83.91
CA ALA DA 22 44.11 33.14 83.52
C ALA DA 22 44.23 34.04 82.29
N ASP DA 23 45.31 34.82 82.20
CA ASP DA 23 45.49 35.72 81.07
C ASP DA 23 45.43 34.95 79.76
N GLY DA 24 46.15 33.83 79.68
CA GLY DA 24 46.09 33.01 78.47
C GLY DA 24 44.68 32.50 78.19
N MET DA 25 43.89 32.30 79.24
CA MET DA 25 42.51 31.85 79.04
C MET DA 25 41.67 32.92 78.36
N GLN DA 26 41.82 34.18 78.78
CA GLN DA 26 41.06 35.26 78.13
C GLN DA 26 41.47 35.46 76.68
N LYS DA 27 42.78 35.44 76.38
CA LYS DA 27 43.18 35.51 74.98
C LYS DA 27 42.62 34.33 74.19
N SER DA 28 42.79 33.11 74.70
CA SER DA 28 42.36 31.93 73.96
C SER DA 28 40.85 31.94 73.73
N MET DA 29 40.06 32.13 74.80
CA MET DA 29 38.61 32.08 74.66
C MET DA 29 38.11 33.18 73.73
N GLU DA 30 38.83 34.29 73.64
CA GLU DA 30 38.48 35.32 72.67
C GLU DA 30 38.67 34.80 71.23
N ARG DA 31 39.72 34.01 71.00
CA ARG DA 31 39.99 33.53 69.65
C ARG DA 31 38.98 32.50 69.18
N LEU DA 32 38.57 31.57 70.05
CA LEU DA 32 37.52 30.63 69.64
C LEU DA 32 36.19 31.33 69.41
N SER DA 33 35.86 32.32 70.26
CA SER DA 33 34.57 33.00 70.13
C SER DA 33 34.46 33.73 68.81
N SER DA 34 35.46 34.57 68.48
CA SER DA 34 35.42 35.34 67.25
C SER DA 34 35.78 34.48 66.04
N GLY DA 35 36.70 33.53 66.22
CA GLY DA 35 37.27 32.80 65.10
C GLY DA 35 38.52 33.41 64.52
N TYR DA 36 38.92 34.59 65.00
CA TYR DA 36 40.10 35.29 64.50
C TYR DA 36 41.22 35.22 65.53
N LYS DA 37 42.39 34.77 65.10
CA LYS DA 37 43.56 34.77 65.97
C LYS DA 37 43.94 36.18 66.38
N ILE DA 38 43.94 37.11 65.42
CA ILE DA 38 44.32 38.50 65.65
C ILE DA 38 43.05 39.34 65.64
N ASN DA 39 42.73 39.93 66.80
CA ASN DA 39 41.59 40.83 66.91
C ASN DA 39 41.98 42.27 67.17
N SER DA 40 43.20 42.51 67.67
CA SER DA 40 43.65 43.86 67.98
C SER DA 40 45.17 43.90 67.91
N ALA DA 41 45.72 45.11 67.88
CA ALA DA 41 47.16 45.29 67.71
C ALA DA 41 47.97 44.70 68.87
N ARG DA 42 47.35 44.50 70.03
CA ARG DA 42 48.09 43.92 71.16
C ARG DA 42 48.54 42.50 70.87
N ASP DA 43 47.85 41.79 69.99
CA ASP DA 43 48.24 40.42 69.65
C ASP DA 43 49.39 40.42 68.65
N ASP DA 44 49.18 41.01 67.47
CA ASP DA 44 50.20 41.06 66.43
C ASP DA 44 49.97 42.32 65.62
N ALA DA 45 50.79 43.34 65.84
CA ALA DA 45 50.63 44.60 65.11
C ALA DA 45 50.85 44.40 63.61
N ALA DA 46 51.99 43.79 63.24
CA ALA DA 46 52.30 43.60 61.82
C ALA DA 46 51.29 42.69 61.15
N GLY DA 47 50.86 41.63 61.82
CA GLY DA 47 49.88 40.73 61.24
C GLY DA 47 48.55 41.41 60.98
N LEU DA 48 48.18 42.35 61.85
CA LEU DA 48 46.90 43.05 61.67
C LEU DA 48 46.91 43.91 60.42
N GLN DA 49 48.02 44.60 60.14
CA GLN DA 49 48.09 45.46 58.97
C GLN DA 49 48.05 44.67 57.68
N ILE DA 50 48.83 43.59 57.59
CA ILE DA 50 48.89 42.81 56.35
C ILE DA 50 47.56 42.12 56.10
N SER DA 51 46.92 41.62 57.15
CA SER DA 51 45.60 41.02 57.00
C SER DA 51 44.56 42.07 56.58
N ASN DA 52 44.67 43.28 57.11
CA ASN DA 52 43.78 44.35 56.71
C ASN DA 52 43.97 44.69 55.24
N ARG DA 53 45.22 44.70 54.77
CA ARG DA 53 45.49 44.90 53.35
C ARG DA 53 44.87 43.79 52.51
N LEU DA 54 44.85 42.57 53.04
CA LEU DA 54 44.26 41.45 52.31
C LEU DA 54 42.75 41.54 52.26
N THR DA 55 42.11 41.93 53.37
CA THR DA 55 40.65 42.07 53.37
C THR DA 55 40.19 43.17 52.42
N SER DA 56 40.91 44.30 52.40
CA SER DA 56 40.58 45.37 51.47
C SER DA 56 40.72 44.91 50.03
N GLN DA 57 41.77 44.14 49.72
CA GLN DA 57 41.95 43.65 48.36
C GLN DA 57 40.88 42.63 47.99
N SER DA 58 40.54 41.72 48.91
CA SER DA 58 39.54 40.71 48.61
C SER DA 58 38.16 41.31 48.43
N ARG DA 59 37.79 42.26 49.29
CA ARG DA 59 36.52 42.98 49.12
C ARG DA 59 36.51 43.75 47.82
N GLY DA 60 37.62 44.43 47.51
CA GLY DA 60 37.71 45.13 46.24
C GLY DA 60 37.65 44.20 45.05
N LEU DA 61 38.17 42.98 45.20
CA LEU DA 61 38.07 41.99 44.14
C LEU DA 61 36.63 41.58 43.89
N ASP DA 62 35.84 41.42 44.96
CA ASP DA 62 34.43 41.11 44.79
C ASP DA 62 33.69 42.27 44.14
N MET DA 63 34.02 43.50 44.53
CA MET DA 63 33.45 44.68 43.88
C MET DA 63 33.87 44.75 42.42
N ALA DA 64 35.11 44.37 42.12
CA ALA DA 64 35.59 44.40 40.74
C ALA DA 64 34.92 43.33 39.90
N VAL DA 65 34.68 42.15 40.47
CA VAL DA 65 33.97 41.10 39.75
C VAL DA 65 32.53 41.52 39.47
N LYS DA 66 31.87 42.12 40.46
CA LYS DA 66 30.52 42.65 40.25
C LYS DA 66 30.52 43.74 39.20
N ASN DA 67 31.49 44.66 39.24
CA ASN DA 67 31.57 45.73 38.26
C ASN DA 67 31.87 45.18 36.87
N ALA DA 68 32.77 44.19 36.78
CA ALA DA 68 33.06 43.58 35.49
C ALA DA 68 31.85 42.86 34.92
N ASN DA 69 31.07 42.20 35.77
CA ASN DA 69 29.83 41.57 35.30
C ASN DA 69 28.84 42.62 34.82
N ASP DA 70 28.80 43.77 35.49
CA ASP DA 70 27.98 44.89 35.03
C ASP DA 70 28.45 45.34 33.66
N GLY DA 71 29.77 45.46 33.47
CA GLY DA 71 30.30 45.83 32.17
C GLY DA 71 29.98 44.80 31.09
N ILE DA 72 30.00 43.51 31.46
CA ILE DA 72 29.65 42.47 30.51
C ILE DA 72 28.20 42.63 30.06
N SER DA 73 27.30 42.78 31.03
CA SER DA 73 25.87 42.81 30.72
C SER DA 73 25.52 43.99 29.82
N ILE DA 74 26.15 45.14 30.05
CA ILE DA 74 25.95 46.29 29.17
C ILE DA 74 26.35 45.94 27.75
N ALA DA 75 27.44 45.20 27.59
CA ALA DA 75 27.92 44.83 26.26
C ALA DA 75 26.94 43.88 25.57
N GLN DA 76 26.40 42.90 26.29
CA GLN DA 76 25.44 41.99 25.67
C GLN DA 76 24.13 42.70 25.35
N THR DA 77 23.72 43.64 26.20
CA THR DA 77 22.50 44.38 25.94
C THR DA 77 22.59 45.19 24.66
N ALA DA 78 23.72 45.89 24.47
CA ALA DA 78 23.91 46.68 23.25
C ALA DA 78 24.11 45.78 22.03
N GLU DA 79 24.89 44.70 22.19
CA GLU DA 79 25.13 43.78 21.08
C GLU DA 79 23.86 43.04 20.68
N GLY DA 80 23.02 42.69 21.64
CA GLY DA 80 21.75 42.06 21.31
C GLY DA 80 20.86 42.99 20.49
N ALA DA 81 20.84 44.27 20.84
CA ALA DA 81 20.16 45.26 20.00
C ALA DA 81 20.84 45.37 18.65
N MET DA 82 22.17 45.23 18.62
CA MET DA 82 22.92 45.26 17.37
C MET DA 82 22.50 44.12 16.44
N ASN DA 83 22.09 42.98 17.02
CA ASN DA 83 21.73 41.82 16.21
C ASN DA 83 20.51 42.12 15.34
N GLU DA 84 19.51 42.79 15.91
CA GLU DA 84 18.33 43.15 15.12
C GLU DA 84 18.66 44.24 14.10
N THR DA 85 19.61 45.11 14.42
CA THR DA 85 20.07 46.10 13.44
C THR DA 85 20.69 45.40 12.24
N THR DA 86 21.49 44.35 12.48
CA THR DA 86 22.07 43.59 11.38
C THR DA 86 20.98 42.95 10.53
N ASN DA 87 19.97 42.34 11.15
CA ASN DA 87 18.91 41.68 10.40
C ASN DA 87 18.11 42.68 9.57
N ILE DA 88 17.86 43.87 10.12
CA ILE DA 88 17.12 44.88 9.37
C ILE DA 88 17.88 45.31 8.14
N LEU DA 89 19.19 45.56 8.29
CA LEU DA 89 20.00 46.01 7.15
C LEU DA 89 20.01 44.99 6.03
N GLN DA 90 20.14 43.71 6.38
CA GLN DA 90 20.11 42.66 5.35
C GLN DA 90 18.75 42.60 4.66
N ARG DA 91 17.67 42.89 5.40
CA ARG DA 91 16.34 42.92 4.79
C ARG DA 91 16.22 44.05 3.77
N MET DA 92 16.71 45.24 4.12
CA MET DA 92 16.69 46.34 3.16
C MET DA 92 17.66 46.12 2.02
N ARG DA 93 18.65 45.24 2.21
CA ARG DA 93 19.52 44.85 1.10
C ARG DA 93 18.76 43.98 0.11
N ASP DA 94 17.92 43.07 0.61
CA ASP DA 94 17.08 42.26 -0.28
C ASP DA 94 16.08 43.14 -1.02
N LEU DA 95 15.49 44.11 -0.33
CA LEU DA 95 14.53 45.00 -0.96
C LEU DA 95 15.20 45.89 -2.00
N ALA DA 96 16.34 46.49 -1.65
CA ALA DA 96 17.04 47.36 -2.59
C ALA DA 96 17.52 46.57 -3.81
N LEU DA 97 18.02 45.36 -3.60
CA LEU DA 97 18.41 44.51 -4.72
C LEU DA 97 17.22 44.19 -5.61
N GLN DA 98 16.04 44.05 -5.00
CA GLN DA 98 14.83 43.72 -5.77
C GLN DA 98 14.37 44.89 -6.61
N SER DA 99 14.52 46.12 -6.09
CA SER DA 99 14.08 47.30 -6.82
C SER DA 99 14.91 47.52 -8.08
N SER DA 100 16.21 47.22 -8.02
CA SER DA 100 17.09 47.42 -9.16
C SER DA 100 16.72 46.56 -10.36
N ASN DA 101 15.90 45.53 -10.17
CA ASN DA 101 15.45 44.71 -11.28
C ASN DA 101 14.69 45.56 -12.30
N GLY DA 102 14.90 45.26 -13.58
CA GLY DA 102 14.19 45.97 -14.64
C GLY DA 102 12.75 45.57 -14.82
N SER DA 103 12.30 44.49 -14.18
CA SER DA 103 10.93 44.06 -14.28
C SER DA 103 9.98 44.93 -13.46
N ASN DA 104 10.46 45.48 -12.35
CA ASN DA 104 9.63 46.32 -11.50
C ASN DA 104 9.35 47.66 -12.20
N SER DA 105 8.09 48.06 -12.21
CA SER DA 105 7.70 49.34 -12.77
C SER DA 105 7.77 50.41 -11.67
N SER DA 106 7.26 51.60 -11.95
CA SER DA 106 7.34 52.69 -10.99
C SER DA 106 6.57 52.37 -9.71
N SER DA 107 5.37 51.77 -9.84
CA SER DA 107 4.53 51.52 -8.68
C SER DA 107 5.20 50.56 -7.70
N GLU DA 108 5.83 49.50 -8.22
CA GLU DA 108 6.49 48.54 -7.34
C GLU DA 108 7.65 49.17 -6.58
N ARG DA 109 8.43 50.02 -7.26
CA ARG DA 109 9.56 50.66 -6.58
C ARG DA 109 9.11 51.49 -5.40
N ARG DA 110 7.94 52.12 -5.50
CA ARG DA 110 7.37 52.81 -4.35
C ARG DA 110 7.03 51.84 -3.24
N ALA DA 111 6.56 50.64 -3.59
CA ALA DA 111 6.21 49.63 -2.60
C ALA DA 111 7.43 49.22 -1.78
N ILE DA 112 8.59 49.06 -2.44
CA ILE DA 112 9.82 48.79 -1.69
C ILE DA 112 10.15 49.99 -0.81
N GLN DA 113 10.00 51.19 -1.36
CA GLN DA 113 10.39 52.40 -0.63
C GLN DA 113 9.56 52.58 0.63
N GLU DA 114 8.28 52.19 0.59
CA GLU DA 114 7.46 52.23 1.80
C GLU DA 114 8.00 51.27 2.85
N GLU DA 115 8.40 50.07 2.43
CA GLU DA 115 8.97 49.11 3.36
C GLU DA 115 10.33 49.57 3.86
N VAL DA 116 11.16 50.11 2.96
CA VAL DA 116 12.50 50.57 3.33
C VAL DA 116 12.42 51.75 4.28
N SER DA 117 11.53 52.70 4.02
CA SER DA 117 11.36 53.83 4.92
C SER DA 117 10.81 53.38 6.27
N ALA DA 118 10.04 52.29 6.29
CA ALA DA 118 9.56 51.74 7.55
C ALA DA 118 10.70 51.12 8.34
N LEU DA 119 11.54 50.32 7.69
CA LEU DA 119 12.69 49.73 8.37
C LEU DA 119 13.72 50.79 8.73
N ASN DA 120 13.87 51.82 7.91
CA ASN DA 120 14.78 52.91 8.23
C ASN DA 120 14.35 53.59 9.52
N ASP DA 121 13.04 53.83 9.68
CA ASP DA 121 12.54 54.36 10.94
C ASP DA 121 12.78 53.38 12.08
N GLU DA 122 12.78 52.08 11.79
CA GLU DA 122 13.01 51.08 12.82
C GLU DA 122 14.45 51.12 13.31
N LEU DA 123 15.41 51.35 12.41
CA LEU DA 123 16.81 51.50 12.83
C LEU DA 123 16.98 52.69 13.76
N ASN DA 124 16.35 53.82 13.42
CA ASN DA 124 16.40 54.96 14.32
C ASN DA 124 15.69 54.68 15.62
N ARG DA 125 14.63 53.86 15.57
CA ARG DA 125 13.92 53.49 16.79
C ARG DA 125 14.81 52.68 17.73
N ILE DA 126 15.54 51.70 17.19
CA ILE DA 126 16.40 50.87 18.02
C ILE DA 126 17.52 51.71 18.63
N ALA DA 127 18.12 52.60 17.83
CA ALA DA 127 19.23 53.41 18.32
C ALA DA 127 18.78 54.35 19.44
N GLU DA 128 17.57 54.90 19.32
CA GLU DA 128 17.13 55.93 20.25
C GLU DA 128 16.46 55.37 21.51
N THR DA 129 15.91 54.15 21.45
CA THR DA 129 15.19 53.60 22.59
C THR DA 129 15.99 52.59 23.40
N THR DA 130 16.91 51.85 22.77
CA THR DA 130 17.68 50.84 23.48
C THR DA 130 18.49 51.47 24.61
N SER DA 131 18.15 51.13 25.85
CA SER DA 131 18.80 51.70 27.02
C SER DA 131 18.90 50.63 28.09
N PHE DA 132 20.01 50.67 28.84
CA PHE DA 132 20.26 49.76 29.93
C PHE DA 132 19.97 50.50 31.24
N GLY DA 133 18.83 50.18 31.85
CA GLY DA 133 18.44 50.83 33.09
C GLY DA 133 18.27 52.33 32.96
N GLY DA 134 17.68 52.79 31.87
CA GLY DA 134 17.51 54.21 31.63
C GLY DA 134 18.74 54.91 31.09
N ASN DA 135 19.82 54.19 30.79
CA ASN DA 135 21.05 54.75 30.26
C ASN DA 135 21.17 54.32 28.80
N LYS DA 136 20.91 55.25 27.89
CA LYS DA 136 20.89 54.93 26.47
C LYS DA 136 22.29 54.54 25.98
N LEU DA 137 22.32 53.62 25.02
CA LEU DA 137 23.56 53.03 24.53
C LEU DA 137 23.86 53.38 23.09
N LEU DA 138 22.93 53.13 22.17
CA LEU DA 138 23.18 53.22 20.74
C LEU DA 138 22.77 54.57 20.14
N ASN DA 139 22.38 55.53 20.98
CA ASN DA 139 22.02 56.85 20.47
C ASN DA 139 23.22 57.76 20.27
N GLY DA 140 24.43 57.30 20.59
CA GLY DA 140 25.62 58.11 20.46
C GLY DA 140 26.00 58.92 21.68
N SER DA 141 25.16 58.93 22.71
CA SER DA 141 25.45 59.68 23.93
C SER DA 141 26.26 58.88 24.94
N PHE DA 142 26.47 57.59 24.69
CA PHE DA 142 27.25 56.78 25.63
C PHE DA 142 28.71 57.22 25.66
N GLY DA 143 29.29 57.51 24.49
CA GLY DA 143 30.69 57.89 24.44
C GLY DA 143 31.57 56.75 24.91
N SER DA 144 32.52 57.08 25.80
CA SER DA 144 33.41 56.10 26.40
C SER DA 144 33.30 56.18 27.91
N LYS DA 145 33.11 55.03 28.54
CA LYS DA 145 33.02 54.94 30.00
C LYS DA 145 34.01 53.89 30.49
N SER DA 146 34.69 54.22 31.59
CA SER DA 146 35.74 53.37 32.16
C SER DA 146 35.11 52.43 33.19
N PHE DA 147 35.25 51.14 32.97
CA PHE DA 147 34.73 50.13 33.87
C PHE DA 147 35.83 49.64 34.80
N GLN DA 148 35.83 50.13 36.04
CA GLN DA 148 36.82 49.74 37.02
C GLN DA 148 36.67 48.25 37.34
N ILE DA 149 37.70 47.47 37.02
CA ILE DA 149 37.67 46.03 37.22
C ILE DA 149 38.84 45.59 38.08
N GLY DA 150 39.31 46.47 38.96
CA GLY DA 150 40.44 46.17 39.82
C GLY DA 150 40.12 46.44 41.28
N ALA DA 151 41.09 46.11 42.13
CA ALA DA 151 40.98 46.34 43.57
C ALA DA 151 41.65 47.63 44.01
N ASP DA 152 42.17 48.42 43.08
CA ASP DA 152 42.82 49.68 43.41
C ASP DA 152 42.43 50.71 42.36
N SER DA 153 42.53 51.98 42.72
CA SER DA 153 42.12 53.04 41.82
C SER DA 153 43.02 53.08 40.59
N GLY DA 154 42.41 53.38 39.44
CA GLY DA 154 43.15 53.54 38.21
C GLY DA 154 43.36 52.30 37.38
N GLU DA 155 42.57 51.25 37.60
CA GLU DA 155 42.69 49.99 36.85
C GLU DA 155 41.42 49.72 36.05
N ALA DA 156 40.87 50.74 35.42
CA ALA DA 156 39.63 50.61 34.67
C ALA DA 156 39.91 50.21 33.22
N VAL DA 157 38.84 49.86 32.51
CA VAL DA 157 38.90 49.45 31.12
C VAL DA 157 37.88 50.26 30.33
N MET DA 158 38.33 50.99 29.32
CA MET DA 158 37.49 51.90 28.58
C MET DA 158 36.66 51.15 27.55
N LEU DA 159 35.36 51.40 27.54
CA LEU DA 159 34.43 50.83 26.57
C LEU DA 159 33.82 51.96 25.76
N SER DA 160 33.93 51.88 24.43
CA SER DA 160 33.42 52.89 23.53
C SER DA 160 32.29 52.31 22.69
N MET DA 161 31.18 53.04 22.62
CA MET DA 161 30.02 52.64 21.83
C MET DA 161 29.62 53.80 20.93
N GLY DA 162 29.91 53.67 19.63
CA GLY DA 162 29.55 54.71 18.70
C GLY DA 162 28.06 54.76 18.40
N SER DA 163 27.66 55.89 17.82
CA SER DA 163 26.26 56.08 17.47
C SER DA 163 25.81 55.04 16.44
N MET DA 164 24.56 54.61 16.55
CA MET DA 164 24.02 53.58 15.67
C MET DA 164 22.77 54.02 14.93
N ARG DA 165 22.56 55.33 14.81
CA ARG DA 165 21.46 55.86 14.01
C ARG DA 165 21.71 55.54 12.54
N SER DA 166 20.62 55.49 11.77
CA SER DA 166 20.73 55.25 10.33
C SER DA 166 21.42 56.39 9.59
N ASP DA 167 21.56 57.55 10.23
CA ASP DA 167 22.17 58.73 9.63
C ASP DA 167 23.65 58.88 9.92
N THR DA 168 24.26 57.94 10.65
CA THR DA 168 25.63 58.09 11.09
C THR DA 168 26.57 58.17 9.89
N GLN DA 169 27.63 58.98 10.03
CA GLN DA 169 28.59 59.15 8.94
C GLN DA 169 29.25 57.84 8.55
N ALA DA 170 29.59 57.01 9.54
CA ALA DA 170 30.17 55.70 9.27
C ALA DA 170 29.15 54.72 8.71
N MET DA 171 27.86 55.07 8.71
CA MET DA 171 26.80 54.21 8.19
C MET DA 171 26.56 54.40 6.70
N GLY DA 172 27.57 54.87 5.96
CA GLY DA 172 27.41 55.11 4.54
C GLY DA 172 28.71 55.44 3.85
N GLY DA 173 28.68 56.42 2.95
CA GLY DA 173 29.89 56.82 2.23
C GLY DA 173 29.67 58.00 1.31
N LYS DA 174 30.48 58.10 0.27
CA LYS DA 174 30.38 59.16 -0.72
C LYS DA 174 30.01 58.56 -2.06
N SER DA 175 29.12 59.23 -2.78
CA SER DA 175 28.62 58.77 -4.07
C SER DA 175 29.05 59.76 -5.15
N TYR DA 176 29.73 59.26 -6.17
CA TYR DA 176 30.18 60.06 -7.30
C TYR DA 176 29.39 59.64 -8.54
N ARG DA 177 28.75 60.60 -9.18
CA ARG DA 177 27.86 60.33 -10.31
C ARG DA 177 28.52 60.73 -11.63
N ALA DA 178 28.39 59.86 -12.63
CA ALA DA 178 28.88 60.17 -13.95
C ALA DA 178 28.06 61.31 -14.56
N GLN DA 179 28.76 62.24 -15.23
CA GLN DA 179 28.09 63.41 -15.79
C GLN DA 179 27.43 63.10 -17.12
N GLU DA 180 28.09 62.33 -17.98
CA GLU DA 180 27.62 62.04 -19.32
C GLU DA 180 27.13 60.60 -19.38
N GLY DA 181 25.86 60.42 -19.75
CA GLY DA 181 25.30 59.10 -19.88
C GLY DA 181 25.71 58.42 -21.18
N LYS DA 182 25.71 57.10 -21.15
CA LYS DA 182 26.05 56.27 -22.30
C LYS DA 182 24.89 55.33 -22.60
N ALA DA 183 24.57 55.18 -23.89
CA ALA DA 183 23.44 54.36 -24.30
C ALA DA 183 23.82 52.88 -24.28
N ALA DA 184 22.91 52.03 -24.77
CA ALA DA 184 23.17 50.60 -24.78
C ALA DA 184 24.17 50.21 -25.88
N ASP DA 185 24.18 50.97 -26.99
CA ASP DA 185 25.11 50.69 -28.07
C ASP DA 185 26.51 51.22 -27.81
N TRP DA 186 26.72 51.96 -26.72
CA TRP DA 186 28.03 52.48 -26.40
C TRP DA 186 29.00 51.35 -26.08
N ARG DA 187 30.24 51.50 -26.53
CA ARG DA 187 31.30 50.53 -26.28
C ARG DA 187 32.56 51.27 -25.85
N VAL DA 188 33.44 50.55 -25.15
CA VAL DA 188 34.69 51.13 -24.71
C VAL DA 188 35.58 51.36 -25.92
N GLY DA 189 36.03 52.61 -26.10
CA GLY DA 189 36.83 52.98 -27.23
C GLY DA 189 38.30 52.71 -27.01
N ALA DA 190 39.13 53.44 -27.77
CA ALA DA 190 40.58 53.28 -27.66
C ALA DA 190 41.12 53.77 -26.33
N ALA DA 191 40.38 54.61 -25.62
CA ALA DA 191 40.76 55.09 -24.29
C ALA DA 191 40.03 54.24 -23.26
N THR DA 192 40.76 53.36 -22.59
CA THR DA 192 40.17 52.40 -21.65
C THR DA 192 40.61 52.61 -20.21
N ASP DA 193 41.76 53.22 -19.96
CA ASP DA 193 42.31 53.28 -18.61
C ASP DA 193 41.48 54.21 -17.72
N LEU DA 194 41.43 53.86 -16.45
CA LEU DA 194 40.72 54.63 -15.43
C LEU DA 194 41.57 54.64 -14.17
N THR DA 195 41.84 55.84 -13.65
CA THR DA 195 42.72 56.01 -12.50
C THR DA 195 41.92 56.60 -11.34
N LEU DA 196 41.99 55.94 -10.18
CA LEU DA 196 41.31 56.39 -8.97
C LEU DA 196 42.35 56.60 -7.88
N SER DA 197 42.56 57.84 -7.48
CA SER DA 197 43.53 58.21 -6.47
C SER DA 197 42.80 58.79 -5.26
N TYR DA 198 43.08 58.24 -4.09
CA TYR DA 198 42.42 58.67 -2.86
C TYR DA 198 43.29 58.27 -1.67
N THR DA 199 42.73 58.37 -0.47
CA THR DA 199 43.41 57.98 0.76
C THR DA 199 42.55 56.96 1.50
N ASN DA 200 43.17 55.86 1.90
CA ASN DA 200 42.47 54.82 2.64
C ASN DA 200 42.15 55.31 4.05
N LYS DA 201 41.45 54.46 4.81
CA LYS DA 201 41.06 54.84 6.17
C LYS DA 201 42.27 54.93 7.10
N GLN DA 202 43.28 54.09 6.88
CA GLN DA 202 44.47 54.11 7.73
C GLN DA 202 45.36 55.31 7.46
N GLY DA 203 45.11 56.06 6.40
CA GLY DA 203 45.90 57.23 6.07
C GLY DA 203 46.92 57.06 4.97
N GLU DA 204 46.99 55.88 4.35
CA GLU DA 204 47.91 55.65 3.24
C GLU DA 204 47.21 55.95 1.91
N ALA DA 205 47.97 56.50 0.97
CA ALA DA 205 47.41 56.86 -0.32
C ALA DA 205 47.28 55.62 -1.20
N ARG DA 206 46.06 55.37 -1.67
CA ARG DA 206 45.76 54.23 -2.53
C ARG DA 206 45.66 54.72 -3.96
N GLU DA 207 46.54 54.20 -4.82
CA GLU DA 207 46.59 54.59 -6.24
C GLU DA 207 46.28 53.32 -7.04
N VAL DA 208 45.02 53.13 -7.41
CA VAL DA 208 44.57 51.95 -8.13
C VAL DA 208 44.26 52.35 -9.57
N THR DA 209 44.45 51.41 -10.49
CA THR DA 209 44.22 51.66 -11.91
C THR DA 209 43.43 50.50 -12.50
N ILE DA 210 42.38 50.82 -13.25
CA ILE DA 210 41.54 49.84 -13.90
C ILE DA 210 41.68 50.05 -15.41
N ASN DA 211 42.08 49.00 -16.12
CA ASN DA 211 42.20 49.04 -17.57
C ASN DA 211 40.99 48.32 -18.17
N ALA DA 212 40.09 49.08 -18.77
CA ALA DA 212 38.88 48.50 -19.33
C ALA DA 212 39.20 47.67 -20.57
N LYS DA 213 38.26 46.81 -20.94
CA LYS DA 213 38.40 45.92 -22.08
C LYS DA 213 37.54 46.43 -23.22
N GLN DA 214 38.12 46.50 -24.42
CA GLN DA 214 37.42 47.04 -25.57
C GLN DA 214 36.18 46.23 -25.90
N GLY DA 215 35.11 46.94 -26.27
CA GLY DA 215 33.86 46.30 -26.61
C GLY DA 215 32.87 46.19 -25.47
N ASP DA 216 33.30 46.40 -24.23
CA ASP DA 216 32.40 46.31 -23.10
C ASP DA 216 31.42 47.49 -23.09
N ASP DA 217 30.17 47.19 -22.79
CA ASP DA 217 29.16 48.22 -22.58
C ASP DA 217 29.28 48.74 -21.14
N LEU DA 218 28.33 49.58 -20.72
CA LEU DA 218 28.44 50.20 -19.40
C LEU DA 218 28.15 49.21 -18.28
N GLU DA 219 27.17 48.33 -18.47
CA GLU DA 219 26.85 47.35 -17.43
C GLU DA 219 28.03 46.42 -17.18
N GLU DA 220 28.68 45.95 -18.25
CA GLU DA 220 29.86 45.11 -18.09
C GLU DA 220 31.04 45.91 -17.54
N LEU DA 221 31.06 47.22 -17.79
CA LEU DA 221 32.11 48.06 -17.22
C LEU DA 221 31.96 48.17 -15.71
N ALA DA 222 30.72 48.31 -15.22
CA ALA DA 222 30.49 48.36 -13.78
C ALA DA 222 30.88 47.05 -13.11
N THR DA 223 30.56 45.93 -13.76
CA THR DA 223 30.97 44.63 -13.23
C THR DA 223 32.49 44.50 -13.20
N TYR DA 224 33.17 44.97 -14.25
CA TYR DA 224 34.61 44.85 -14.33
C TYR DA 224 35.30 45.66 -13.23
N ILE DA 225 34.82 46.87 -12.97
CA ILE DA 225 35.41 47.70 -11.91
C ILE DA 225 35.23 47.02 -10.55
N ASN DA 226 34.09 46.36 -10.36
CA ASN DA 226 33.83 45.67 -9.09
C ASN DA 226 34.83 44.53 -8.88
N GLY DA 227 35.14 43.79 -9.94
CA GLY DA 227 36.07 42.68 -9.80
C GLY DA 227 37.49 43.12 -9.47
N GLN DA 228 37.91 44.27 -10.01
CA GLN DA 228 39.29 44.71 -9.83
C GLN DA 228 39.55 45.15 -8.40
N THR DA 229 38.65 45.95 -7.82
CA THR DA 229 38.86 46.54 -6.51
C THR DA 229 37.69 46.25 -5.60
N GLU DA 230 37.99 46.15 -4.30
CA GLU DA 230 36.96 46.07 -3.26
C GLU DA 230 36.72 47.39 -2.56
N ASP DA 231 37.57 48.40 -2.80
CA ASP DA 231 37.39 49.69 -2.16
C ASP DA 231 36.21 50.44 -2.74
N VAL DA 232 36.08 50.44 -4.07
CA VAL DA 232 35.08 51.24 -4.77
C VAL DA 232 34.08 50.29 -5.43
N LYS DA 233 32.79 50.58 -5.26
CA LYS DA 233 31.72 49.80 -5.86
C LYS DA 233 31.01 50.64 -6.91
N ALA DA 234 30.88 50.10 -8.11
CA ALA DA 234 30.35 50.82 -9.26
C ALA DA 234 29.05 50.18 -9.74
N SER DA 235 28.10 51.03 -10.14
CA SER DA 235 26.83 50.60 -10.70
C SER DA 235 26.44 51.54 -11.83
N VAL DA 236 25.24 51.34 -12.37
CA VAL DA 236 24.74 52.13 -13.50
C VAL DA 236 23.32 52.58 -13.19
N GLY DA 237 23.04 53.85 -13.46
CA GLY DA 237 21.75 54.45 -13.17
C GLY DA 237 20.73 54.24 -14.29
N GLU DA 238 19.67 55.05 -14.24
CA GLU DA 238 18.61 54.96 -15.24
C GLU DA 238 19.14 55.29 -16.63
N ASP DA 239 19.81 56.43 -16.77
CA ASP DA 239 20.23 56.94 -18.06
C ASP DA 239 21.52 56.32 -18.57
N GLY DA 240 22.15 55.45 -17.78
CA GLY DA 240 23.43 54.91 -18.16
C GLY DA 240 24.57 55.78 -17.67
N LYS DA 241 24.58 56.06 -16.36
CA LYS DA 241 25.61 56.88 -15.73
C LYS DA 241 26.33 56.03 -14.69
N LEU DA 242 27.60 55.74 -14.94
CA LEU DA 242 28.38 54.90 -14.05
C LEU DA 242 28.61 55.63 -12.74
N GLN DA 243 27.89 55.23 -11.69
CA GLN DA 243 27.98 55.86 -10.38
C GLN DA 243 28.90 55.04 -9.49
N LEU DA 244 29.91 55.70 -8.93
CA LEU DA 244 30.84 55.08 -8.00
C LEU DA 244 30.38 55.36 -6.57
N PHE DA 245 30.94 54.60 -5.64
CA PHE DA 245 30.61 54.76 -4.22
C PHE DA 245 31.80 54.31 -3.38
N ALA DA 246 32.49 55.28 -2.78
CA ALA DA 246 33.59 55.03 -1.86
C ALA DA 246 33.05 55.10 -0.44
N SER DA 247 33.02 53.95 0.23
CA SER DA 247 32.43 53.88 1.57
C SER DA 247 33.23 54.74 2.55
N SER DA 248 32.50 55.35 3.49
CA SER DA 248 33.11 56.27 4.45
C SER DA 248 33.97 55.56 5.49
N GLN DA 249 33.91 54.24 5.58
CA GLN DA 249 34.69 53.49 6.55
C GLN DA 249 36.05 53.07 6.02
N LYS DA 250 36.35 53.35 4.75
CA LYS DA 250 37.64 52.97 4.17
C LYS DA 250 38.26 54.04 3.28
N VAL DA 251 37.63 55.21 3.13
CA VAL DA 251 38.20 56.30 2.35
C VAL DA 251 38.11 57.59 3.15
N ASN DA 252 38.90 58.57 2.73
CA ASN DA 252 38.94 59.87 3.41
C ASN DA 252 39.21 60.92 2.35
N GLY DA 253 38.35 61.94 2.30
CA GLY DA 253 38.50 63.00 1.33
C GLY DA 253 37.91 62.64 -0.03
N ASP DA 254 38.15 63.52 -0.99
CA ASP DA 254 37.63 63.33 -2.33
C ASP DA 254 38.44 62.28 -3.08
N VAL DA 255 37.78 61.61 -4.02
CA VAL DA 255 38.42 60.62 -4.88
C VAL DA 255 38.71 61.28 -6.22
N THR DA 256 39.99 61.37 -6.56
CA THR DA 256 40.40 61.97 -7.82
C THR DA 256 40.35 60.91 -8.92
N ILE DA 257 39.58 61.19 -9.97
CA ILE DA 257 39.36 60.25 -11.06
C ILE DA 257 39.97 60.83 -12.33
N GLY DA 258 40.88 60.07 -12.94
CA GLY DA 258 41.53 60.50 -14.17
C GLY DA 258 41.56 59.42 -15.23
N GLY DA 259 42.39 59.59 -16.24
CA GLY DA 259 42.49 58.64 -17.32
C GLY DA 259 41.54 58.95 -18.46
N GLY DA 260 41.71 58.20 -19.55
CA GLY DA 260 40.86 58.41 -20.72
C GLY DA 260 39.40 58.09 -20.46
N LEU DA 261 39.14 56.98 -19.75
CA LEU DA 261 37.75 56.62 -19.45
C LEU DA 261 37.09 57.65 -18.54
N GLY DA 262 37.84 58.16 -17.56
CA GLY DA 262 37.28 59.17 -16.69
C GLY DA 262 37.01 60.49 -17.40
N GLY DA 263 37.89 60.87 -18.33
CA GLY DA 263 37.67 62.08 -19.10
C GLY DA 263 36.49 61.96 -20.04
N GLU DA 264 36.35 60.82 -20.71
CA GLU DA 264 35.25 60.60 -21.63
C GLU DA 264 33.91 60.57 -20.89
N ILE DA 265 33.82 59.76 -19.83
CA ILE DA 265 32.57 59.63 -19.10
C ILE DA 265 32.24 60.91 -18.34
N GLY DA 266 33.24 61.50 -17.69
CA GLY DA 266 33.01 62.69 -16.89
C GLY DA 266 32.47 62.35 -15.52
N PHE DA 267 32.98 63.02 -14.49
CA PHE DA 267 32.56 62.74 -13.12
C PHE DA 267 32.34 64.04 -12.38
N ASP DA 268 31.48 63.99 -11.36
CA ASP DA 268 31.07 65.17 -10.62
C ASP DA 268 31.49 65.03 -9.15
N ALA DA 269 31.02 65.96 -8.33
CA ALA DA 269 31.38 65.98 -6.91
C ALA DA 269 30.75 64.79 -6.18
N GLY DA 270 31.30 64.50 -5.00
CA GLY DA 270 30.85 63.38 -4.20
C GLY DA 270 29.87 63.83 -3.14
N ARG DA 271 28.70 63.20 -3.13
CA ARG DA 271 27.64 63.50 -2.19
C ARG DA 271 27.68 62.50 -1.04
N ASN DA 272 27.60 63.00 0.19
CA ASN DA 272 27.62 62.13 1.37
C ASN DA 272 26.25 61.47 1.49
N VAL DA 273 26.21 60.16 1.23
CA VAL DA 273 24.98 59.38 1.30
C VAL DA 273 25.10 58.38 2.45
N THR DA 274 23.97 58.14 3.11
CA THR DA 274 23.91 57.23 4.25
C THR DA 274 22.67 56.37 4.12
N VAL DA 275 22.46 55.50 5.11
CA VAL DA 275 21.26 54.67 5.14
C VAL DA 275 20.01 55.54 5.28
N ALA DA 276 20.11 56.62 6.06
CA ALA DA 276 18.98 57.52 6.21
C ALA DA 276 18.63 58.23 4.91
N ASP DA 277 19.57 58.31 3.96
CA ASP DA 277 19.34 58.93 2.67
C ASP DA 277 19.00 57.91 1.59
N VAL DA 278 18.82 56.65 1.95
CA VAL DA 278 18.56 55.61 0.97
C VAL DA 278 17.17 55.79 0.38
N ASN DA 279 17.10 55.86 -0.94
CA ASN DA 279 15.84 55.89 -1.67
C ASN DA 279 15.92 54.90 -2.82
N VAL DA 280 14.84 54.16 -3.03
CA VAL DA 280 14.80 53.10 -4.03
C VAL DA 280 13.74 53.37 -5.10
N SER DA 281 13.20 54.59 -5.14
CA SER DA 281 12.16 54.91 -6.11
C SER DA 281 12.65 54.78 -7.55
N THR DA 282 13.96 54.78 -7.76
CA THR DA 282 14.55 54.61 -9.08
C THR DA 282 15.62 53.54 -9.02
N VAL DA 283 15.98 53.01 -10.19
CA VAL DA 283 16.96 51.92 -10.24
C VAL DA 283 18.33 52.42 -9.78
N ALA DA 284 18.67 53.67 -10.08
CA ALA DA 284 19.94 54.21 -9.63
C ALA DA 284 20.00 54.30 -8.11
N GLY DA 285 18.90 54.73 -7.49
CA GLY DA 285 18.88 54.82 -6.04
C GLY DA 285 18.98 53.46 -5.37
N SER DA 286 18.37 52.44 -5.97
CA SER DA 286 18.42 51.10 -5.38
C SER DA 286 19.78 50.46 -5.59
N GLN DA 287 20.38 50.63 -6.78
CA GLN DA 287 21.71 50.09 -7.03
C GLN DA 287 22.74 50.70 -6.09
N GLU DA 288 22.66 52.01 -5.88
CA GLU DA 288 23.54 52.65 -4.91
C GLU DA 288 23.20 52.22 -3.48
N ALA DA 289 21.92 52.01 -3.20
CA ALA DA 289 21.50 51.64 -1.85
C ALA DA 289 22.09 50.30 -1.42
N VAL DA 290 22.16 49.33 -2.35
CA VAL DA 290 22.68 48.01 -2.00
C VAL DA 290 24.11 48.12 -1.49
N SER DA 291 24.92 48.96 -2.13
CA SER DA 291 26.30 49.15 -1.68
C SER DA 291 26.37 49.99 -0.42
N ILE DA 292 25.41 50.88 -0.19
CA ILE DA 292 25.41 51.69 1.03
C ILE DA 292 25.22 50.80 2.25
N LEU DA 293 24.27 49.87 2.20
CA LEU DA 293 24.07 48.95 3.30
C LEU DA 293 25.22 47.95 3.44
N ASP DA 294 26.00 47.73 2.38
CA ASP DA 294 27.25 46.98 2.54
C ASP DA 294 28.24 47.75 3.40
N GLY DA 295 28.34 49.06 3.19
CA GLY DA 295 29.19 49.87 4.04
C GLY DA 295 28.65 49.97 5.46
N ALA DA 296 27.33 50.01 5.61
CA ALA DA 296 26.73 50.06 6.94
C ALA DA 296 26.90 48.73 7.67
N LEU DA 297 26.73 47.62 6.96
CA LEU DA 297 26.89 46.31 7.57
C LEU DA 297 28.33 46.09 8.04
N LYS DA 298 29.29 46.66 7.34
CA LYS DA 298 30.67 46.61 7.81
C LYS DA 298 30.85 47.43 9.09
N ALA DA 299 30.18 48.58 9.17
CA ALA DA 299 30.22 49.37 10.40
C ALA DA 299 29.56 48.62 11.55
N VAL DA 300 28.44 47.94 11.28
CA VAL DA 300 27.75 47.19 12.33
C VAL DA 300 28.59 46.00 12.76
N ASP DA 301 29.11 45.24 11.80
CA ASP DA 301 29.87 44.03 12.14
C ASP DA 301 31.17 44.38 12.85
N SER DA 302 31.88 45.40 12.39
CA SER DA 302 33.11 45.81 13.08
C SER DA 302 32.79 46.32 14.48
N GLN DA 303 31.62 46.93 14.66
CA GLN DA 303 31.19 47.35 15.99
C GLN DA 303 30.90 46.14 16.88
N ARG DA 304 30.22 45.13 16.32
CA ARG DA 304 29.90 43.94 17.10
C ARG DA 304 31.17 43.19 17.49
N ALA DA 305 32.16 43.15 16.60
CA ALA DA 305 33.41 42.46 16.90
C ALA DA 305 34.11 43.09 18.09
N SER DA 306 34.04 44.43 18.20
CA SER DA 306 34.67 45.10 19.34
C SER DA 306 34.00 44.69 20.66
N LEU DA 307 32.66 44.61 20.68
CA LEU DA 307 31.97 44.16 21.88
C LEU DA 307 32.25 42.70 22.16
N GLY DA 308 32.32 41.88 21.11
CA GLY DA 308 32.62 40.47 21.30
C GLY DA 308 33.99 40.25 21.92
N ALA DA 309 35.00 40.99 21.47
CA ALA DA 309 36.30 40.94 22.11
C ALA DA 309 36.25 41.56 23.50
N PHE DA 310 35.28 42.44 23.74
CA PHE DA 310 35.17 43.10 25.04
C PHE DA 310 34.63 42.14 26.09
N GLN DA 311 33.60 41.36 25.74
CA GLN DA 311 33.02 40.42 26.70
C GLN DA 311 33.93 39.22 26.90
N ASN DA 312 34.64 38.79 25.86
CA ASN DA 312 35.67 37.78 26.03
C ASN DA 312 36.79 38.28 26.94
N ARG DA 313 37.17 39.55 26.77
CA ARG DA 313 38.22 40.12 27.61
C ARG DA 313 37.80 40.17 29.07
N PHE DA 314 36.55 40.59 29.33
CA PHE DA 314 36.08 40.63 30.72
C PHE DA 314 35.77 39.22 31.23
N GLY DA 315 35.50 38.28 30.32
CA GLY DA 315 35.32 36.90 30.75
C GLY DA 315 36.61 36.30 31.30
N HIS DA 316 37.73 36.55 30.61
CA HIS DA 316 39.03 36.16 31.15
C HIS DA 316 39.37 36.95 32.39
N ALA DA 317 39.02 38.24 32.41
CA ALA DA 317 39.34 39.09 33.56
C ALA DA 317 38.61 38.62 34.81
N ILE DA 318 37.34 38.23 34.67
CA ILE DA 318 36.59 37.74 35.83
C ILE DA 318 37.22 36.47 36.37
N SER DA 319 37.64 35.57 35.50
CA SER DA 319 38.30 34.34 35.93
C SER DA 319 39.59 34.64 36.68
N ASN DA 320 40.38 35.57 36.17
CA ASN DA 320 41.64 35.92 36.83
C ASN DA 320 41.40 36.60 38.17
N LEU DA 321 40.41 37.51 38.22
CA LEU DA 321 40.07 38.16 39.48
C LEU DA 321 39.56 37.15 40.51
N ASP DA 322 38.78 36.17 40.05
CA ASP DA 322 38.28 35.14 40.96
C ASP DA 322 39.43 34.33 41.55
N ASN DA 323 40.41 33.97 40.73
CA ASN DA 323 41.51 33.15 41.22
C ASN DA 323 42.38 33.92 42.21
N VAL DA 324 42.68 35.19 41.92
CA VAL DA 324 43.46 36.01 42.85
C VAL DA 324 42.68 36.23 44.13
N ASN DA 325 41.35 36.39 44.02
CA ASN DA 325 40.53 36.58 45.21
C ASN DA 325 40.59 35.34 46.11
N GLU DA 326 40.57 34.15 45.53
CA GLU DA 326 40.60 32.92 46.33
C GLU DA 326 41.94 32.76 47.03
N ASN DA 327 43.04 33.01 46.31
CA ASN DA 327 44.36 32.83 46.92
C ASN DA 327 44.65 33.91 47.96
N VAL DA 328 44.13 35.12 47.74
CA VAL DA 328 44.24 36.17 48.76
C VAL DA 328 43.48 35.76 50.02
N ASN DA 329 42.29 35.18 49.84
CA ASN DA 329 41.53 34.70 50.99
C ASN DA 329 42.28 33.60 51.74
N ALA DA 330 42.90 32.68 51.01
CA ALA DA 330 43.64 31.60 51.66
C ALA DA 330 44.84 32.15 52.45
N SER DA 331 45.56 33.11 51.87
CA SER DA 331 46.68 33.71 52.58
C SER DA 331 46.22 34.48 53.81
N ARG DA 332 45.13 35.24 53.67
CA ARG DA 332 44.60 35.99 54.80
C ARG DA 332 44.17 35.07 55.92
N SER DA 333 43.68 33.88 55.56
CA SER DA 333 43.32 32.88 56.57
C SER DA 333 44.53 32.44 57.37
N ARG DA 334 45.64 32.20 56.70
CA ARG DA 334 46.81 31.61 57.37
C ARG DA 334 47.39 32.57 58.39
N ILE DA 335 47.27 33.87 58.16
CA ILE DA 335 47.86 34.84 59.09
C ILE DA 335 46.87 35.20 60.19
N ARG DA 336 45.58 35.34 59.85
CA ARG DA 336 44.61 35.88 60.78
C ARG DA 336 43.69 34.85 61.41
N ASP DA 337 43.30 33.80 60.69
CA ASP DA 337 42.35 32.84 61.24
C ASP DA 337 43.00 32.01 62.35
N THR DA 338 42.19 31.61 63.32
CA THR DA 338 42.68 30.85 64.47
C THR DA 338 42.88 29.39 64.12
N ASP DA 339 43.99 28.82 64.61
CA ASP DA 339 44.21 27.38 64.55
C ASP DA 339 43.38 26.74 65.66
N TYR DA 340 42.26 26.13 65.28
CA TYR DA 340 41.35 25.58 66.28
C TYR DA 340 41.99 24.42 67.03
N ALA DA 341 42.75 23.57 66.33
CA ALA DA 341 43.43 22.46 66.99
C ALA DA 341 44.46 22.97 67.99
N ARG DA 342 45.22 24.00 67.62
CA ARG DA 342 46.24 24.53 68.53
C ARG DA 342 45.62 25.35 69.66
N GLU DA 343 44.61 26.15 69.35
CA GLU DA 343 44.10 27.09 70.35
C GLU DA 343 43.24 26.41 71.40
N THR DA 344 42.43 25.42 71.02
CA THR DA 344 41.60 24.74 72.00
C THR DA 344 42.46 23.93 72.97
N THR DA 345 43.49 23.26 72.46
CA THR DA 345 44.43 22.59 73.37
C THR DA 345 45.24 23.60 74.17
N ALA DA 346 45.33 24.85 73.70
CA ALA DA 346 45.96 25.90 74.48
C ALA DA 346 45.05 26.40 75.59
N MET DA 347 43.73 26.44 75.33
CA MET DA 347 42.79 26.84 76.36
C MET DA 347 42.51 25.69 77.33
N THR DA 348 42.76 24.45 76.92
CA THR DA 348 42.62 23.33 77.83
C THR DA 348 43.76 23.28 78.83
N LYS DA 349 44.99 23.47 78.36
CA LYS DA 349 46.12 23.58 79.28
C LYS DA 349 46.04 24.85 80.10
N ALA DA 350 45.34 25.87 79.58
CA ALA DA 350 45.10 27.09 80.37
C ALA DA 350 44.17 26.80 81.54
N GLN DA 351 43.07 26.09 81.28
CA GLN DA 351 42.16 25.73 82.36
C GLN DA 351 42.82 24.78 83.35
N ILE DA 352 43.51 23.75 82.86
CA ILE DA 352 44.19 22.82 83.75
C ILE DA 352 45.21 23.55 84.60
N LEU DA 353 45.84 24.59 84.03
CA LEU DA 353 46.79 25.37 84.80
C LEU DA 353 46.13 26.10 85.96
N GLN DA 354 44.99 26.76 85.72
CA GLN DA 354 44.44 27.59 86.79
C GLN DA 354 43.74 26.75 87.85
N GLN DA 355 43.25 25.56 87.49
CA GLN DA 355 42.74 24.65 88.50
C GLN DA 355 43.88 24.13 89.37
N ALA DA 356 45.04 23.86 88.77
CA ALA DA 356 46.22 23.59 89.58
C ALA DA 356 46.61 24.82 90.41
N SER DA 357 46.25 26.01 89.93
CA SER DA 357 46.56 27.22 90.66
C SER DA 357 45.61 27.42 91.85
N THR DA 358 44.36 26.95 91.74
CA THR DA 358 43.47 26.97 92.90
C THR DA 358 43.96 26.00 93.97
N SER DA 359 44.48 24.85 93.56
CA SER DA 359 44.99 23.86 94.52
C SER DA 359 46.25 24.36 95.22
N VAL DA 360 47.16 24.97 94.46
CA VAL DA 360 48.43 25.42 95.03
C VAL DA 360 48.19 26.58 96.00
N LEU DA 361 47.24 27.46 95.69
CA LEU DA 361 46.95 28.58 96.58
C LEU DA 361 46.21 28.13 97.83
N ALA DA 362 45.23 27.24 97.68
CA ALA DA 362 44.50 26.76 98.85
C ALA DA 362 45.41 26.00 99.80
N GLN DA 363 46.32 25.18 99.26
CA GLN DA 363 47.28 24.48 100.10
C GLN DA 363 48.25 25.45 100.76
N ALA DA 364 48.69 26.48 100.03
CA ALA DA 364 49.67 27.42 100.56
C ALA DA 364 49.11 28.31 101.66
N LYS DA 365 47.80 28.57 101.66
CA LYS DA 365 47.21 29.42 102.69
C LYS DA 365 47.22 28.77 104.06
N GLN DA 366 47.47 27.46 104.14
CA GLN DA 366 47.50 26.75 105.42
C GLN DA 366 48.88 26.79 106.08
N SER DA 367 49.88 27.36 105.40
CA SER DA 367 51.20 27.50 106.03
C SER DA 367 51.17 28.40 107.27
N PRO DA 368 50.56 29.58 107.25
CA PRO DA 368 50.45 30.36 108.51
C PRO DA 368 49.56 29.69 109.54
N SER DA 369 48.70 28.74 109.14
CA SER DA 369 47.91 28.01 110.11
C SER DA 369 48.80 27.19 111.04
N ALA DA 370 49.83 26.55 110.47
CA ALA DA 370 50.81 25.85 111.29
C ALA DA 370 51.65 26.83 112.10
N ALA DA 371 51.78 28.07 111.63
CA ALA DA 371 52.54 29.07 112.37
C ALA DA 371 51.90 29.38 113.72
N LEU DA 372 50.57 29.50 113.75
CA LEU DA 372 49.89 29.76 115.01
C LEU DA 372 49.81 28.51 115.87
N SER DA 373 49.90 27.33 115.27
CA SER DA 373 49.74 26.10 116.03
C SER DA 373 50.98 25.76 116.85
N LEU DA 374 52.17 26.06 116.35
CA LEU DA 374 53.40 25.66 117.03
C LEU DA 374 53.55 26.38 118.37
N LEU DA 375 53.26 27.68 118.41
CA LEU DA 375 53.43 28.47 119.63
C LEU DA 375 52.13 29.04 120.16
N GLY DA 376 51.36 29.73 119.32
CA GLY DA 376 50.12 30.34 119.74
C GLY DA 376 49.04 29.33 120.11
N MET EA 1 72.72 13.62 131.55
CA MET EA 1 71.93 14.75 131.11
C MET EA 1 72.32 16.02 131.87
N ALA EA 2 72.29 17.15 131.16
CA ALA EA 2 72.61 18.45 131.74
C ALA EA 2 71.32 19.26 131.87
N ILE EA 3 70.99 19.66 133.09
CA ILE EA 3 69.79 20.44 133.36
C ILE EA 3 70.12 21.91 133.14
N ASN EA 4 69.54 22.50 132.10
CA ASN EA 4 69.81 23.90 131.75
C ASN EA 4 68.51 24.57 131.33
N VAL EA 5 68.48 25.90 131.48
CA VAL EA 5 67.37 26.71 131.03
C VAL EA 5 67.90 27.74 130.04
N ASN EA 6 69.19 28.07 130.17
CA ASN EA 6 69.79 29.06 129.29
C ASN EA 6 69.91 28.54 127.86
N THR EA 7 70.25 27.27 127.68
CA THR EA 7 70.43 26.67 126.37
C THR EA 7 69.28 25.72 126.06
N ASN EA 8 68.98 25.60 124.77
CA ASN EA 8 67.88 24.81 124.25
C ASN EA 8 68.37 23.96 123.08
N VAL EA 9 69.43 23.19 123.33
CA VAL EA 9 70.14 22.49 122.25
C VAL EA 9 69.19 21.61 121.44
N SER EA 10 68.24 20.95 122.10
CA SER EA 10 67.29 20.12 121.37
C SER EA 10 66.34 20.97 120.55
N ALA EA 11 66.06 22.20 121.00
CA ALA EA 11 65.03 23.01 120.37
C ALA EA 11 65.51 23.63 119.06
N MET EA 12 66.59 24.42 119.10
CA MET EA 12 66.97 25.19 117.91
C MET EA 12 67.55 24.31 116.82
N THR EA 13 68.02 23.10 117.15
CA THR EA 13 68.31 22.12 116.11
C THR EA 13 67.04 21.71 115.39
N ALA EA 14 65.95 21.53 116.14
CA ALA EA 14 64.67 21.21 115.53
C ALA EA 14 64.14 22.38 114.71
N GLN EA 15 64.36 23.62 115.17
CA GLN EA 15 63.93 24.76 114.38
C GLN EA 15 64.79 24.92 113.14
N ARG EA 16 66.05 24.47 113.18
CA ARG EA 16 66.86 24.39 111.97
C ARG EA 16 66.25 23.38 111.00
N TYR EA 17 65.77 22.25 111.53
CA TYR EA 17 65.01 21.30 110.71
C TYR EA 17 63.76 21.96 110.15
N LEU EA 18 63.13 22.85 110.93
CA LEU EA 18 61.97 23.58 110.44
C LEU EA 18 62.34 24.47 109.26
N ASN EA 19 63.47 25.16 109.35
CA ASN EA 19 63.91 26.01 108.24
C ASN EA 19 64.22 25.19 107.01
N GLY EA 20 64.89 24.04 107.18
CA GLY EA 20 65.21 23.20 106.04
C GLY EA 20 63.97 22.63 105.38
N ALA EA 21 62.98 22.23 106.19
CA ALA EA 21 61.74 21.72 105.63
C ALA EA 21 60.90 22.83 105.04
N ALA EA 22 61.01 24.05 105.59
CA ALA EA 22 60.25 25.18 105.08
C ALA EA 22 60.70 25.56 103.68
N ASP EA 23 62.02 25.70 103.47
CA ASP EA 23 62.52 26.06 102.16
C ASP EA 23 62.41 24.88 101.19
N GLY EA 24 62.60 23.66 101.69
CA GLY EA 24 62.44 22.49 100.83
C GLY EA 24 61.01 22.34 100.34
N MET EA 25 60.04 22.63 101.20
CA MET EA 25 58.65 22.66 100.78
C MET EA 25 58.40 23.88 99.89
N GLN EA 26 59.13 24.97 100.13
CA GLN EA 26 58.91 26.20 99.37
C GLN EA 26 59.40 26.07 97.93
N LYS EA 27 60.59 25.51 97.73
CA LYS EA 27 61.16 25.45 96.38
C LYS EA 27 60.32 24.61 95.43
N SER EA 28 59.53 23.66 95.97
CA SER EA 28 58.54 22.96 95.17
C SER EA 28 57.17 23.61 95.25
N MET EA 29 56.90 24.41 96.29
CA MET EA 29 55.57 24.96 96.51
C MET EA 29 55.14 25.82 95.33
N GLU EA 30 56.03 26.69 94.85
CA GLU EA 30 55.75 27.48 93.66
C GLU EA 30 55.94 26.70 92.38
N ARG EA 31 56.62 25.55 92.43
CA ARG EA 31 56.86 24.77 91.22
C ARG EA 31 55.59 24.10 90.72
N LEU EA 32 54.64 23.80 91.60
CA LEU EA 32 53.33 23.35 91.13
C LEU EA 32 52.61 24.44 90.35
N SER EA 33 52.56 25.65 90.91
CA SER EA 33 51.82 26.73 90.28
C SER EA 33 52.44 27.14 88.95
N SER EA 34 53.76 27.27 88.91
CA SER EA 34 54.44 27.66 87.68
C SER EA 34 54.33 26.57 86.62
N GLY EA 35 54.44 25.31 87.03
CA GLY EA 35 54.49 24.22 86.08
C GLY EA 35 55.86 23.98 85.48
N TYR EA 36 56.85 24.79 85.85
CA TYR EA 36 58.21 24.66 85.33
C TYR EA 36 59.14 24.30 86.48
N LYS EA 37 59.97 23.27 86.27
CA LYS EA 37 60.96 22.91 87.27
C LYS EA 37 62.00 24.01 87.45
N ILE EA 38 62.40 24.64 86.35
CA ILE EA 38 63.45 25.66 86.37
C ILE EA 38 62.77 27.02 86.24
N ASN EA 39 62.68 27.74 87.36
CA ASN EA 39 62.20 29.12 87.36
C ASN EA 39 63.29 30.14 87.64
N SER EA 40 64.36 29.75 88.35
CA SER EA 40 65.46 30.65 88.66
C SER EA 40 66.77 29.90 88.46
N ALA EA 41 67.85 30.66 88.27
CA ALA EA 41 69.16 30.06 88.04
C ALA EA 41 69.69 29.34 89.27
N ARG EA 42 69.12 29.60 90.45
CA ARG EA 42 69.60 28.93 91.66
C ARG EA 42 69.36 27.42 91.61
N ASP EA 43 68.30 26.99 90.93
CA ASP EA 43 68.01 25.55 90.84
C ASP EA 43 69.03 24.85 89.95
N ASP EA 44 69.10 25.25 88.68
CA ASP EA 44 70.07 24.67 87.75
C ASP EA 44 70.38 25.74 86.71
N ALA EA 45 71.54 26.39 86.86
CA ALA EA 45 71.92 27.44 85.92
C ALA EA 45 72.11 26.89 84.51
N ALA EA 46 72.76 25.73 84.39
CA ALA EA 46 72.94 25.11 83.09
C ALA EA 46 71.61 24.71 82.47
N GLY EA 47 70.70 24.15 83.28
CA GLY EA 47 69.39 23.79 82.77
C GLY EA 47 68.58 24.99 82.34
N LEU EA 48 68.73 26.11 83.05
CA LEU EA 48 68.03 27.33 82.65
C LEU EA 48 68.50 27.83 81.29
N GLN EA 49 69.82 27.79 81.07
CA GLN EA 49 70.36 28.30 79.81
C GLN EA 49 69.92 27.44 78.63
N ILE EA 50 70.03 26.12 78.74
CA ILE EA 50 69.68 25.25 77.63
C ILE EA 50 68.20 25.31 77.34
N SER EA 51 67.37 25.43 78.37
CA SER EA 51 65.93 25.59 78.16
C SER EA 51 65.62 26.93 77.50
N ASN EA 52 66.34 27.99 77.90
CA ASN EA 52 66.11 29.30 77.31
C ASN EA 52 66.48 29.32 75.83
N ARG EA 53 67.57 28.63 75.45
CA ARG EA 53 67.88 28.51 74.03
C ARG EA 53 66.81 27.70 73.30
N LEU EA 54 66.33 26.62 73.91
CA LEU EA 54 65.35 25.76 73.25
C LEU EA 54 64.05 26.49 73.00
N THR EA 55 63.62 27.33 73.94
CA THR EA 55 62.43 28.13 73.72
C THR EA 55 62.64 29.11 72.57
N SER EA 56 63.87 29.64 72.43
CA SER EA 56 64.18 30.48 71.29
C SER EA 56 64.10 29.69 69.99
N GLN EA 57 64.51 28.42 70.02
CA GLN EA 57 64.36 27.57 68.84
C GLN EA 57 62.88 27.36 68.50
N SER EA 58 62.07 27.02 69.50
CA SER EA 58 60.64 26.80 69.26
C SER EA 58 59.98 28.06 68.72
N ARG EA 59 60.34 29.22 69.27
CA ARG EA 59 59.83 30.48 68.74
C ARG EA 59 60.34 30.73 67.33
N GLY EA 60 61.58 30.33 67.04
CA GLY EA 60 62.12 30.53 65.71
C GLY EA 60 61.39 29.75 64.65
N LEU EA 61 61.12 28.47 64.91
CA LEU EA 61 60.40 27.66 63.93
C LEU EA 61 58.93 28.04 63.83
N ASP EA 62 58.40 28.76 64.82
CA ASP EA 62 57.00 29.16 64.77
C ASP EA 62 56.76 30.14 63.64
N MET EA 63 57.49 31.27 63.64
CA MET EA 63 57.40 32.20 62.51
C MET EA 63 58.16 31.70 61.29
N ALA EA 64 58.96 30.64 61.42
CA ALA EA 64 59.58 30.05 60.24
C ALA EA 64 58.52 29.42 59.35
N VAL EA 65 57.56 28.70 59.95
CA VAL EA 65 56.48 28.14 59.15
C VAL EA 65 55.48 29.23 58.76
N LYS EA 66 55.43 30.33 59.51
CA LYS EA 66 54.57 31.44 59.13
C LYS EA 66 55.09 32.14 57.89
N ASN EA 67 56.39 32.46 57.88
CA ASN EA 67 56.98 33.10 56.71
C ASN EA 67 57.04 32.15 55.53
N ALA EA 68 57.30 30.86 55.79
CA ALA EA 68 57.32 29.88 54.71
C ALA EA 68 55.95 29.76 54.06
N ASN EA 69 54.89 29.74 54.86
CA ASN EA 69 53.55 29.61 54.31
C ASN EA 69 53.12 30.89 53.59
N ASP EA 70 53.65 32.04 54.01
CA ASP EA 70 53.48 33.26 53.22
C ASP EA 70 54.12 33.12 51.86
N GLY EA 71 55.31 32.51 51.80
CA GLY EA 71 55.92 32.23 50.50
C GLY EA 71 55.09 31.27 49.68
N ILE EA 72 54.43 30.31 50.34
CA ILE EA 72 53.54 29.39 49.64
C ILE EA 72 52.38 30.15 49.01
N SER EA 73 51.80 31.08 49.77
CA SER EA 73 50.63 31.81 49.27
C SER EA 73 51.02 32.83 48.19
N ILE EA 74 52.19 33.46 48.33
CA ILE EA 74 52.67 34.38 47.30
C ILE EA 74 52.91 33.63 46.00
N ALA EA 75 53.53 32.44 46.09
CA ALA EA 75 53.70 31.60 44.91
C ALA EA 75 52.36 31.15 44.37
N GLN EA 76 51.42 30.81 45.25
CA GLN EA 76 50.09 30.39 44.82
C GLN EA 76 49.34 31.52 44.11
N THR EA 77 49.42 32.73 44.65
CA THR EA 77 48.74 33.87 44.03
C THR EA 77 49.40 34.25 42.72
N ALA EA 78 50.73 34.27 42.69
CA ALA EA 78 51.45 34.59 41.45
C ALA EA 78 51.15 33.56 40.36
N GLU EA 79 51.18 32.27 40.72
CA GLU EA 79 50.87 31.22 39.76
C GLU EA 79 49.38 31.17 39.45
N GLY EA 80 48.55 31.68 40.37
CA GLY EA 80 47.13 31.78 40.07
C GLY EA 80 46.83 32.73 38.92
N ALA EA 81 47.50 33.89 38.91
CA ALA EA 81 47.38 34.79 37.78
C ALA EA 81 48.04 34.21 36.53
N MET EA 82 48.97 33.28 36.72
CA MET EA 82 49.64 32.64 35.59
C MET EA 82 48.66 31.84 34.74
N ASN EA 83 47.68 31.18 35.36
CA ASN EA 83 46.76 30.30 34.63
C ASN EA 83 45.98 31.08 33.58
N GLU EA 84 45.49 32.27 33.93
CA GLU EA 84 44.77 33.07 32.95
C GLU EA 84 45.70 33.61 31.87
N THR EA 85 46.96 33.89 32.22
CA THR EA 85 47.92 34.32 31.21
C THR EA 85 48.15 33.22 30.17
N THR EA 86 48.26 31.97 30.62
CA THR EA 86 48.38 30.85 29.70
C THR EA 86 47.13 30.72 28.83
N ASN EA 87 45.96 30.87 29.44
CA ASN EA 87 44.71 30.71 28.69
C ASN EA 87 44.55 31.81 27.65
N ILE EA 88 44.98 33.04 27.98
CA ILE EA 88 44.92 34.13 27.02
C ILE EA 88 45.82 33.85 25.84
N LEU EA 89 47.04 33.38 26.10
CA LEU EA 89 47.98 33.13 25.00
C LEU EA 89 47.50 32.01 24.09
N GLN EA 90 46.95 30.93 24.67
CA GLN EA 90 46.43 29.85 23.84
C GLN EA 90 45.27 30.30 22.98
N ARG EA 91 44.36 31.11 23.53
CA ARG EA 91 43.27 31.66 22.73
C ARG EA 91 43.81 32.55 21.62
N MET EA 92 44.75 33.44 21.95
CA MET EA 92 45.29 34.35 20.95
C MET EA 92 46.04 33.58 19.87
N ARG EA 93 46.56 32.39 20.22
CA ARG EA 93 47.18 31.53 19.22
C ARG EA 93 46.13 30.90 18.31
N ASP EA 94 44.94 30.62 18.85
CA ASP EA 94 43.88 30.03 18.04
C ASP EA 94 43.39 31.00 16.97
N LEU EA 95 43.22 32.27 17.33
CA LEU EA 95 42.84 33.25 16.31
C LEU EA 95 44.00 33.56 15.38
N ALA EA 96 45.24 33.47 15.86
CA ALA EA 96 46.40 33.66 14.99
C ALA EA 96 46.46 32.59 13.92
N LEU EA 97 46.19 31.34 14.30
CA LEU EA 97 46.16 30.26 13.31
C LEU EA 97 45.00 30.42 12.35
N GLN EA 98 43.85 30.91 12.85
CA GLN EA 98 42.70 31.12 11.99
C GLN EA 98 42.98 32.22 10.96
N SER EA 99 43.59 33.31 11.40
CA SER EA 99 43.85 34.43 10.49
C SER EA 99 44.87 34.06 9.41
N SER EA 100 45.76 33.11 9.70
CA SER EA 100 46.75 32.70 8.71
C SER EA 100 46.10 32.02 7.51
N ASN EA 101 44.86 31.57 7.64
CA ASN EA 101 44.14 30.98 6.52
C ASN EA 101 44.03 32.00 5.39
N GLY EA 102 44.34 31.55 4.16
CA GLY EA 102 44.22 32.43 3.01
C GLY EA 102 42.80 32.70 2.58
N SER EA 103 41.84 31.92 3.09
CA SER EA 103 40.45 32.15 2.74
C SER EA 103 39.94 33.47 3.32
N ASN EA 104 40.39 33.82 4.52
CA ASN EA 104 39.95 35.06 5.15
C ASN EA 104 40.48 36.26 4.37
N SER EA 105 39.56 37.05 3.82
CA SER EA 105 39.90 38.29 3.15
C SER EA 105 40.31 39.35 4.16
N SER EA 106 40.53 40.57 3.66
CA SER EA 106 41.08 41.66 4.46
C SER EA 106 40.27 41.94 5.72
N SER EA 107 38.95 42.13 5.58
CA SER EA 107 38.12 42.60 6.67
C SER EA 107 38.15 41.66 7.87
N GLU EA 108 38.11 40.35 7.61
CA GLU EA 108 38.10 39.37 8.69
C GLU EA 108 39.41 39.38 9.47
N ARG EA 109 40.53 39.59 8.79
CA ARG EA 109 41.81 39.64 9.49
C ARG EA 109 41.85 40.78 10.49
N ARG EA 110 41.22 41.92 10.17
CA ARG EA 110 41.07 42.98 11.15
C ARG EA 110 40.20 42.51 12.32
N ALA EA 111 39.13 41.76 12.02
CA ALA EA 111 38.27 41.25 13.09
C ALA EA 111 39.07 40.40 14.08
N ILE EA 112 40.06 39.66 13.58
CA ILE EA 112 41.00 38.98 14.45
C ILE EA 112 41.83 39.99 15.24
N GLN EA 113 42.29 41.05 14.55
CA GLN EA 113 43.30 41.94 15.13
C GLN EA 113 42.77 42.67 16.36
N GLU EA 114 41.54 43.17 16.30
CA GLU EA 114 40.96 43.83 17.49
C GLU EA 114 40.83 42.86 18.66
N GLU EA 115 40.42 41.62 18.40
CA GLU EA 115 40.39 40.64 19.49
C GLU EA 115 41.78 40.34 20.02
N VAL EA 116 42.76 40.23 19.12
CA VAL EA 116 44.13 39.98 19.55
C VAL EA 116 44.65 41.15 20.38
N SER EA 117 44.38 42.39 19.93
CA SER EA 117 44.82 43.56 20.67
C SER EA 117 44.11 43.68 22.01
N ALA EA 118 42.88 43.19 22.09
CA ALA EA 118 42.16 43.20 23.37
C ALA EA 118 42.82 42.26 24.38
N LEU EA 119 43.11 41.03 23.96
CA LEU EA 119 43.81 40.10 24.84
C LEU EA 119 45.24 40.56 25.12
N ASN EA 120 45.89 41.20 24.14
CA ASN EA 120 47.20 41.78 24.36
C ASN EA 120 47.14 42.85 25.46
N ASP EA 121 46.08 43.66 25.44
CA ASP EA 121 45.91 44.67 26.48
C ASP EA 121 45.70 44.02 27.84
N GLU EA 122 45.13 42.82 27.87
CA GLU EA 122 44.93 42.13 29.15
C GLU EA 122 46.23 41.56 29.69
N LEU EA 123 47.12 41.08 28.81
CA LEU EA 123 48.39 40.54 29.28
C LEU EA 123 49.18 41.59 30.03
N ASN EA 124 49.15 42.84 29.55
CA ASN EA 124 49.73 43.94 30.31
C ASN EA 124 48.95 44.19 31.60
N ARG EA 125 47.61 44.08 31.54
CA ARG EA 125 46.80 44.35 32.73
C ARG EA 125 47.06 43.34 33.83
N ILE EA 126 47.07 42.05 33.49
CA ILE EA 126 47.28 41.02 34.50
C ILE EA 126 48.68 41.16 35.10
N ALA EA 127 49.67 41.47 34.28
CA ALA EA 127 51.03 41.65 34.79
C ALA EA 127 51.11 42.83 35.75
N GLU EA 128 50.42 43.92 35.44
CA GLU EA 128 50.57 45.16 36.20
C GLU EA 128 49.62 45.27 37.39
N THR EA 129 48.45 44.63 37.34
CA THR EA 129 47.47 44.79 38.40
C THR EA 129 47.44 43.64 39.40
N THR EA 130 47.96 42.47 39.04
CA THR EA 130 48.05 41.38 40.00
C THR EA 130 49.01 41.76 41.12
N SER EA 131 48.58 41.57 42.35
CA SER EA 131 49.37 41.99 43.51
C SER EA 131 48.99 41.14 44.71
N PHE EA 132 49.83 41.21 45.73
CA PHE EA 132 49.62 40.50 46.99
C PHE EA 132 49.60 41.55 48.10
N GLY EA 133 48.42 42.09 48.38
CA GLY EA 133 48.27 43.13 49.37
C GLY EA 133 48.99 44.42 49.01
N GLY EA 134 48.91 44.84 47.75
CA GLY EA 134 49.57 46.04 47.29
C GLY EA 134 50.96 45.83 46.72
N ASN EA 135 51.58 44.68 46.98
CA ASN EA 135 52.91 44.37 46.47
C ASN EA 135 52.75 43.68 45.12
N LYS EA 136 52.99 44.41 44.05
CA LYS EA 136 52.82 43.86 42.71
C LYS EA 136 53.79 42.71 42.47
N LEU EA 137 53.29 41.65 41.83
CA LEU EA 137 54.03 40.41 41.65
C LEU EA 137 54.52 40.19 40.23
N LEU EA 138 53.62 40.26 39.24
CA LEU EA 138 53.94 39.87 37.87
C LEU EA 138 54.44 41.04 37.02
N ASN EA 139 54.57 42.23 37.59
CA ASN EA 139 55.03 43.38 36.83
C ASN EA 139 56.55 43.46 36.71
N GLY EA 140 57.28 42.57 37.37
CA GLY EA 140 58.73 42.58 37.34
C GLY EA 140 59.40 43.34 38.46
N SER EA 141 58.66 44.17 39.19
CA SER EA 141 59.21 44.88 40.33
C SER EA 141 59.39 43.98 41.55
N PHE EA 142 58.80 42.78 41.54
CA PHE EA 142 58.96 41.84 42.64
C PHE EA 142 60.43 41.43 42.78
N GLY EA 143 61.09 41.15 41.66
CA GLY EA 143 62.50 40.82 41.70
C GLY EA 143 62.75 39.54 42.48
N SER EA 144 63.76 39.59 43.35
CA SER EA 144 64.13 38.45 44.18
C SER EA 144 64.18 38.88 45.64
N LYS EA 145 63.37 38.25 46.47
CA LYS EA 145 63.40 38.44 47.91
C LYS EA 145 63.63 37.11 48.60
N SER EA 146 64.35 37.16 49.71
CA SER EA 146 64.73 35.96 50.46
C SER EA 146 63.68 35.69 51.54
N PHE EA 147 63.20 34.45 51.60
CA PHE EA 147 62.19 34.04 52.56
C PHE EA 147 62.85 33.24 53.68
N GLN EA 148 62.78 33.77 54.90
CA GLN EA 148 63.43 33.17 56.05
C GLN EA 148 62.61 31.98 56.55
N ILE EA 149 63.25 30.81 56.63
CA ILE EA 149 62.55 29.61 57.07
C ILE EA 149 63.34 28.87 58.16
N GLY EA 150 64.22 29.60 58.85
CA GLY EA 150 65.04 29.02 59.88
C GLY EA 150 64.95 29.78 61.18
N ALA EA 151 65.45 29.16 62.25
CA ALA EA 151 65.48 29.78 63.56
C ALA EA 151 66.69 30.70 63.76
N ASP EA 152 67.64 30.71 62.83
CA ASP EA 152 68.82 31.54 62.93
C ASP EA 152 68.97 32.36 61.65
N SER EA 153 69.68 33.48 61.77
CA SER EA 153 69.90 34.36 60.63
C SER EA 153 70.76 33.66 59.58
N GLY EA 154 70.50 34.01 58.31
CA GLY EA 154 71.21 33.41 57.21
C GLY EA 154 70.64 32.10 56.70
N GLU EA 155 69.38 31.81 56.99
CA GLU EA 155 68.72 30.59 56.56
C GLU EA 155 67.52 30.90 55.68
N ALA EA 156 67.69 31.81 54.73
CA ALA EA 156 66.62 32.20 53.82
C ALA EA 156 66.77 31.51 52.47
N VAL EA 157 65.68 31.51 51.70
CA VAL EA 157 65.62 30.91 50.38
C VAL EA 157 65.15 31.97 49.40
N MET EA 158 65.95 32.25 48.38
CA MET EA 158 65.63 33.28 47.41
C MET EA 158 64.49 32.83 46.50
N LEU EA 159 63.64 33.78 46.13
CA LEU EA 159 62.54 33.53 45.20
C LEU EA 159 62.52 34.63 44.16
N SER EA 160 62.62 34.25 42.89
CA SER EA 160 62.61 35.18 41.77
C SER EA 160 61.28 35.13 41.04
N MET EA 161 60.96 36.20 40.33
CA MET EA 161 59.68 36.30 39.62
C MET EA 161 59.89 37.23 38.43
N GLY EA 162 60.07 36.65 37.24
CA GLY EA 162 60.34 37.45 36.06
C GLY EA 162 59.12 38.23 35.60
N SER EA 163 59.39 39.37 34.98
CA SER EA 163 58.33 40.19 34.42
C SER EA 163 57.69 39.47 33.24
N MET EA 164 56.35 39.48 33.19
CA MET EA 164 55.62 39.05 32.01
C MET EA 164 54.57 40.06 31.61
N ARG EA 165 54.99 41.32 31.49
CA ARG EA 165 54.33 42.21 30.55
C ARG EA 165 54.46 41.63 29.16
N SER EA 166 53.52 41.96 28.28
CA SER EA 166 53.63 41.45 26.92
C SER EA 166 54.85 41.99 26.20
N ASP EA 167 55.50 43.01 26.74
CA ASP EA 167 56.70 43.62 26.18
C ASP EA 167 57.99 42.92 26.60
N THR EA 168 57.92 41.91 27.47
CA THR EA 168 59.13 41.30 28.02
C THR EA 168 59.97 40.67 26.92
N GLN EA 169 61.30 40.79 27.07
CA GLN EA 169 62.22 40.24 26.08
C GLN EA 169 62.06 38.73 25.96
N ALA EA 170 61.94 38.04 27.08
CA ALA EA 170 61.82 36.58 27.05
C ALA EA 170 60.45 36.09 26.61
N MET EA 171 59.55 36.99 26.20
CA MET EA 171 58.23 36.62 25.74
C MET EA 171 58.15 36.50 24.22
N GLY EA 172 59.25 36.71 23.51
CA GLY EA 172 59.27 36.63 22.06
C GLY EA 172 60.60 36.16 21.56
N GLY EA 173 61.11 36.81 20.52
CA GLY EA 173 62.40 36.44 19.95
C GLY EA 173 62.81 37.35 18.81
N LYS EA 174 63.51 36.80 17.83
CA LYS EA 174 63.92 37.53 16.64
C LYS EA 174 63.20 36.98 15.42
N SER EA 175 63.10 37.80 14.39
CA SER EA 175 62.37 37.46 13.17
C SER EA 175 63.17 37.91 11.96
N TYR EA 176 63.51 36.96 11.09
CA TYR EA 176 64.28 37.23 9.89
C TYR EA 176 63.41 36.93 8.68
N ARG EA 177 63.39 37.86 7.72
CA ARG EA 177 62.52 37.77 6.56
C ARG EA 177 63.33 37.73 5.28
N ALA EA 178 62.96 36.81 4.38
CA ALA EA 178 63.63 36.70 3.09
C ALA EA 178 63.38 37.95 2.26
N GLN EA 179 64.42 38.37 1.52
CA GLN EA 179 64.32 39.55 0.67
C GLN EA 179 63.81 39.23 -0.73
N GLU EA 180 63.64 37.96 -1.06
CA GLU EA 180 63.21 37.54 -2.39
C GLU EA 180 61.85 36.87 -2.32
N GLY EA 181 60.93 37.29 -3.17
CA GLY EA 181 59.62 36.67 -3.24
C GLY EA 181 59.59 35.59 -4.30
N LYS EA 182 59.20 34.39 -3.89
CA LYS EA 182 59.11 33.24 -4.77
C LYS EA 182 57.65 32.95 -5.09
N ALA EA 183 57.36 32.77 -6.37
CA ALA EA 183 55.99 32.50 -6.80
C ALA EA 183 55.63 31.04 -6.51
N ALA EA 184 54.42 30.66 -6.95
CA ALA EA 184 53.95 29.30 -6.72
C ALA EA 184 54.67 28.26 -7.56
N ASP EA 185 55.35 28.69 -8.63
CA ASP EA 185 56.00 27.77 -9.55
C ASP EA 185 57.48 27.60 -9.27
N TRP EA 186 58.01 28.20 -8.22
CA TRP EA 186 59.42 28.08 -7.90
C TRP EA 186 59.68 26.78 -7.13
N ARG EA 187 60.75 26.10 -7.51
CA ARG EA 187 61.20 24.89 -6.84
C ARG EA 187 62.67 25.01 -6.49
N VAL EA 188 63.12 24.20 -5.54
CA VAL EA 188 64.52 24.23 -5.13
C VAL EA 188 65.39 23.77 -6.29
N GLY EA 189 66.43 24.54 -6.58
CA GLY EA 189 67.37 24.21 -7.63
C GLY EA 189 68.41 23.21 -7.16
N ALA EA 190 69.47 23.07 -7.97
CA ALA EA 190 70.54 22.14 -7.63
C ALA EA 190 71.29 22.53 -6.36
N ALA EA 191 71.16 23.77 -5.91
CA ALA EA 191 71.74 24.22 -4.65
C ALA EA 191 70.63 24.17 -3.59
N THR EA 192 70.73 23.21 -2.68
CA THR EA 192 69.69 22.98 -1.67
C THR EA 192 70.17 23.16 -0.24
N ASP EA 193 71.47 23.10 0.01
CA ASP EA 193 71.98 23.18 1.37
C ASP EA 193 71.71 24.56 1.97
N LEU EA 194 71.27 24.57 3.22
CA LEU EA 194 71.00 25.81 3.95
C LEU EA 194 71.41 25.58 5.40
N THR EA 195 72.36 26.36 5.88
CA THR EA 195 72.95 26.16 7.20
C THR EA 195 72.63 27.34 8.10
N LEU EA 196 72.14 27.05 9.30
CA LEU EA 196 71.82 28.06 10.30
C LEU EA 196 72.75 27.86 11.49
N SER EA 197 73.59 28.86 11.75
CA SER EA 197 74.58 28.80 12.81
C SER EA 197 74.33 29.91 13.81
N TYR EA 198 74.38 29.57 15.10
CA TYR EA 198 74.10 30.52 16.17
C TYR EA 198 74.67 29.96 17.46
N THR EA 199 74.36 30.62 18.58
CA THR EA 199 74.68 30.13 19.91
C THR EA 199 73.39 29.99 20.70
N ASN EA 200 73.16 28.79 21.26
CA ASN EA 200 71.95 28.54 22.01
C ASN EA 200 71.98 29.28 23.35
N LYS EA 201 70.88 29.18 24.09
CA LYS EA 201 70.75 29.91 25.35
C LYS EA 201 71.72 29.42 26.41
N GLN EA 202 72.05 28.12 26.39
CA GLN EA 202 72.96 27.59 27.40
C GLN EA 202 74.35 28.21 27.28
N GLY EA 203 74.77 28.51 26.06
CA GLY EA 203 76.07 29.12 25.85
C GLY EA 203 76.99 28.27 24.99
N GLU EA 204 76.41 27.42 24.14
CA GLU EA 204 77.16 26.58 23.21
C GLU EA 204 76.60 26.70 21.80
N ALA EA 205 77.49 26.61 20.81
CA ALA EA 205 77.12 26.85 19.43
C ALA EA 205 76.32 25.69 18.85
N ARG EA 206 75.51 26.01 17.84
CA ARG EA 206 74.72 25.03 17.11
C ARG EA 206 74.88 25.24 15.61
N GLU EA 207 75.01 24.14 14.87
CA GLU EA 207 75.16 24.15 13.43
C GLU EA 207 74.06 23.26 12.85
N VAL EA 208 72.99 23.87 12.36
CA VAL EA 208 71.84 23.14 11.81
C VAL EA 208 71.94 23.17 10.30
N THR EA 209 72.08 21.98 9.70
CA THR EA 209 72.21 21.85 8.25
C THR EA 209 70.93 21.24 7.69
N ILE EA 210 70.25 21.99 6.84
CA ILE EA 210 69.01 21.56 6.21
C ILE EA 210 69.29 21.30 4.75
N ASN EA 211 68.99 20.07 4.31
CA ASN EA 211 69.12 19.69 2.90
C ASN EA 211 67.72 19.66 2.30
N ALA EA 212 67.32 20.77 1.69
CA ALA EA 212 66.01 20.84 1.05
C ALA EA 212 65.94 19.84 -0.10
N LYS EA 213 64.75 19.30 -0.31
CA LYS EA 213 64.55 18.24 -1.28
C LYS EA 213 64.21 18.81 -2.65
N GLN EA 214 64.73 18.15 -3.69
CA GLN EA 214 64.51 18.59 -5.06
C GLN EA 214 63.03 18.62 -5.41
N GLY EA 215 62.59 19.71 -6.03
CA GLY EA 215 61.25 19.82 -6.54
C GLY EA 215 60.24 20.40 -5.58
N ASP EA 216 60.55 20.44 -4.29
CA ASP EA 216 59.64 21.03 -3.31
C ASP EA 216 59.47 22.52 -3.58
N ASP EA 217 58.24 23.00 -3.50
CA ASP EA 217 57.96 24.41 -3.75
C ASP EA 217 58.35 25.23 -2.52
N LEU EA 218 58.02 26.53 -2.55
CA LEU EA 218 58.52 27.44 -1.52
C LEU EA 218 57.86 27.17 -0.17
N GLU EA 219 56.61 26.72 -0.15
CA GLU EA 219 55.93 26.45 1.12
C GLU EA 219 56.30 25.11 1.71
N GLU EA 220 56.42 24.06 0.89
CA GLU EA 220 56.88 22.77 1.40
C GLU EA 220 58.27 22.88 2.01
N LEU EA 221 59.06 23.84 1.53
CA LEU EA 221 60.37 24.11 2.14
C LEU EA 221 60.22 24.58 3.58
N ALA EA 222 59.21 25.42 3.84
CA ALA EA 222 58.96 25.89 5.20
C ALA EA 222 58.55 24.74 6.11
N THR EA 223 57.69 23.85 5.61
CA THR EA 223 57.28 22.68 6.40
C THR EA 223 58.46 21.77 6.68
N TYR EA 224 59.32 21.56 5.68
CA TYR EA 224 60.47 20.68 5.86
C TYR EA 224 61.44 21.23 6.90
N ILE EA 225 61.67 22.54 6.89
CA ILE EA 225 62.53 23.16 7.90
C ILE EA 225 61.92 23.00 9.28
N ASN EA 226 60.60 23.12 9.39
CA ASN EA 226 59.92 22.96 10.67
C ASN EA 226 60.11 21.54 11.22
N GLY EA 227 59.97 20.54 10.36
CA GLY EA 227 60.10 19.17 10.82
C GLY EA 227 61.51 18.81 11.26
N GLN EA 228 62.52 19.30 10.53
CA GLN EA 228 63.90 18.88 10.80
C GLN EA 228 64.35 19.33 12.18
N THR EA 229 64.18 20.61 12.50
CA THR EA 229 64.65 21.16 13.77
C THR EA 229 63.56 22.03 14.39
N GLU EA 230 63.59 22.10 15.72
CA GLU EA 230 62.63 22.89 16.48
C GLU EA 230 63.15 24.22 16.98
N ASP EA 231 64.43 24.51 16.78
CA ASP EA 231 64.99 25.77 17.27
C ASP EA 231 64.42 26.96 16.50
N VAL EA 232 64.41 26.86 15.17
CA VAL EA 232 63.84 27.89 14.31
C VAL EA 232 62.51 27.39 13.78
N LYS EA 233 61.66 28.34 13.39
CA LYS EA 233 60.35 28.02 12.81
C LYS EA 233 60.20 28.76 11.51
N ALA EA 234 59.90 28.03 10.44
CA ALA EA 234 59.81 28.59 9.09
C ALA EA 234 58.36 28.87 8.74
N SER EA 235 58.10 30.07 8.23
CA SER EA 235 56.77 30.48 7.80
C SER EA 235 56.89 31.23 6.48
N VAL EA 236 55.75 31.54 5.87
CA VAL EA 236 55.71 32.18 4.56
C VAL EA 236 54.64 33.26 4.57
N GLY EA 237 54.96 34.41 4.00
CA GLY EA 237 54.07 35.56 3.96
C GLY EA 237 53.25 35.63 2.69
N GLU EA 238 52.80 36.85 2.36
CA GLU EA 238 51.95 37.05 1.19
C GLU EA 238 52.71 36.76 -0.10
N ASP EA 239 53.90 37.36 -0.25
CA ASP EA 239 54.63 37.31 -1.52
C ASP EA 239 55.42 36.02 -1.69
N GLY EA 240 55.45 35.14 -0.69
CA GLY EA 240 56.24 33.93 -0.77
C GLY EA 240 57.65 34.15 -0.26
N LYS EA 241 57.77 34.83 0.87
CA LYS EA 241 59.05 35.16 1.47
C LYS EA 241 59.20 34.36 2.77
N LEU EA 242 60.14 33.43 2.78
CA LEU EA 242 60.34 32.58 3.94
C LEU EA 242 60.88 33.38 5.12
N GLN EA 243 60.28 33.18 6.28
CA GLN EA 243 60.67 33.88 7.50
C GLN EA 243 61.01 32.88 8.59
N LEU EA 244 62.09 33.13 9.31
CA LEU EA 244 62.56 32.27 10.39
C LEU EA 244 62.45 33.01 11.71
N PHE EA 245 61.90 32.34 12.72
CA PHE EA 245 61.79 32.89 14.07
C PHE EA 245 62.75 32.16 14.99
N ALA EA 246 63.66 32.90 15.60
CA ALA EA 246 64.60 32.37 16.59
C ALA EA 246 64.15 32.85 17.96
N SER EA 247 63.53 31.96 18.72
CA SER EA 247 63.01 32.32 20.03
C SER EA 247 64.11 32.81 20.94
N SER EA 248 63.81 33.87 21.70
CA SER EA 248 64.80 34.48 22.58
C SER EA 248 65.20 33.55 23.72
N GLN EA 249 64.37 32.57 24.06
CA GLN EA 249 64.70 31.62 25.12
C GLN EA 249 65.51 30.43 24.62
N LYS EA 250 65.77 30.35 23.31
CA LYS EA 250 66.59 29.29 22.75
C LYS EA 250 67.77 29.79 21.92
N VAL EA 251 67.88 31.10 21.66
CA VAL EA 251 68.93 31.65 20.81
C VAL EA 251 69.47 32.91 21.47
N ASN EA 252 70.79 33.03 21.54
CA ASN EA 252 71.47 34.25 21.94
C ASN EA 252 72.30 34.74 20.76
N GLY EA 253 72.11 36.01 20.41
CA GLY EA 253 72.80 36.59 19.26
C GLY EA 253 72.08 36.30 17.95
N ASP EA 254 72.50 37.03 16.93
CA ASP EA 254 71.90 36.88 15.60
C ASP EA 254 72.26 35.54 15.00
N VAL EA 255 71.30 34.95 14.29
CA VAL EA 255 71.57 33.73 13.52
C VAL EA 255 72.33 34.10 12.26
N THR EA 256 73.22 33.20 11.84
CA THR EA 256 73.98 33.35 10.61
C THR EA 256 73.47 32.32 9.61
N ILE EA 257 72.97 32.79 8.48
CA ILE EA 257 72.35 31.94 7.47
C ILE EA 257 73.27 31.91 6.25
N GLY EA 258 73.62 30.70 5.80
CA GLY EA 258 74.47 30.52 4.65
C GLY EA 258 74.06 29.30 3.86
N GLY EA 259 74.82 29.02 2.81
CA GLY EA 259 74.59 27.89 1.94
C GLY EA 259 74.04 28.33 0.60
N GLY EA 260 73.83 27.33 -0.27
CA GLY EA 260 73.28 27.61 -1.58
C GLY EA 260 71.85 28.11 -1.53
N LEU EA 261 71.03 27.50 -0.66
CA LEU EA 261 69.65 27.95 -0.52
C LEU EA 261 69.58 29.29 0.21
N GLY EA 262 70.47 29.51 1.18
CA GLY EA 262 70.50 30.79 1.87
C GLY EA 262 70.86 31.94 0.96
N GLY EA 263 71.83 31.73 0.06
CA GLY EA 263 72.16 32.76 -0.91
C GLY EA 263 71.06 32.96 -1.94
N GLU EA 264 70.42 31.87 -2.37
CA GLU EA 264 69.35 31.97 -3.36
C GLU EA 264 68.15 32.73 -2.80
N ILE EA 265 67.71 32.34 -1.60
CA ILE EA 265 66.56 33.01 -0.98
C ILE EA 265 66.94 34.42 -0.53
N GLY EA 266 68.11 34.58 0.08
CA GLY EA 266 68.53 35.87 0.57
C GLY EA 266 67.92 36.20 1.91
N PHE EA 267 68.73 36.74 2.82
CA PHE EA 267 68.28 37.03 4.17
C PHE EA 267 68.82 38.39 4.61
N ASP EA 268 68.04 39.06 5.46
CA ASP EA 268 68.38 40.39 5.96
C ASP EA 268 68.49 40.37 7.48
N ALA EA 269 68.61 41.55 8.07
CA ALA EA 269 68.71 41.66 9.52
C ALA EA 269 67.40 41.26 10.19
N GLY EA 270 67.51 40.81 11.43
CA GLY EA 270 66.37 40.30 12.18
C GLY EA 270 65.79 41.34 13.11
N ARG EA 271 64.47 41.45 13.11
CA ARG EA 271 63.75 42.36 13.99
C ARG EA 271 63.42 41.66 15.29
N ASN EA 272 63.67 42.33 16.41
CA ASN EA 272 63.26 41.80 17.72
C ASN EA 272 61.76 41.96 17.86
N VAL EA 273 61.03 40.85 17.83
CA VAL EA 273 59.57 40.85 17.81
C VAL EA 273 59.06 40.13 19.05
N THR EA 274 58.15 40.77 19.77
CA THR EA 274 57.56 40.22 20.98
C THR EA 274 56.04 40.08 20.77
N VAL EA 275 55.34 39.65 21.81
CA VAL EA 275 53.90 39.44 21.72
C VAL EA 275 53.16 40.75 21.45
N ALA EA 276 53.63 41.86 22.03
CA ALA EA 276 52.98 43.14 21.81
C ALA EA 276 53.06 43.59 20.36
N ASP EA 277 54.01 43.07 19.60
CA ASP EA 277 54.16 43.40 18.18
C ASP EA 277 53.37 42.47 17.28
N VAL EA 278 52.57 41.55 17.84
CA VAL EA 278 51.77 40.65 17.04
C VAL EA 278 50.74 41.44 16.25
N ASN EA 279 50.72 41.24 14.94
CA ASN EA 279 49.80 41.94 14.05
C ASN EA 279 49.33 40.90 13.05
N VAL EA 280 48.08 40.45 13.20
CA VAL EA 280 47.54 39.36 12.39
C VAL EA 280 46.74 39.86 11.19
N SER EA 281 46.85 41.16 10.87
CA SER EA 281 46.12 41.69 9.72
C SER EA 281 46.63 41.12 8.40
N THR EA 282 47.81 40.50 8.40
CA THR EA 282 48.37 39.87 7.21
C THR EA 282 48.76 38.45 7.54
N VAL EA 283 48.85 37.62 6.50
CA VAL EA 283 49.18 36.21 6.70
C VAL EA 283 50.60 36.07 7.24
N ALA EA 284 51.50 36.95 6.80
CA ALA EA 284 52.87 36.92 7.33
C ALA EA 284 52.88 37.21 8.83
N GLY EA 285 52.11 38.19 9.27
CA GLY EA 285 52.06 38.51 10.68
C GLY EA 285 51.42 37.41 11.51
N SER EA 286 50.39 36.76 10.97
CA SER EA 286 49.71 35.70 11.72
C SER EA 286 50.57 34.44 11.79
N GLN EA 287 51.18 34.04 10.68
CA GLN EA 287 52.09 32.89 10.71
C GLN EA 287 53.25 33.14 11.66
N GLU EA 288 53.77 34.38 11.68
CA GLU EA 288 54.78 34.73 12.67
C GLU EA 288 54.21 34.65 14.08
N ALA EA 289 52.99 35.15 14.27
CA ALA EA 289 52.40 35.24 15.60
C ALA EA 289 52.23 33.87 16.24
N VAL EA 290 51.88 32.86 15.45
CA VAL EA 290 51.73 31.51 16.00
C VAL EA 290 53.05 31.06 16.63
N SER EA 291 54.17 31.39 15.99
CA SER EA 291 55.46 31.00 16.52
C SER EA 291 55.90 31.86 17.71
N ILE EA 292 55.58 33.15 17.71
CA ILE EA 292 55.93 34.01 18.83
C ILE EA 292 55.21 33.56 20.10
N LEU EA 293 53.92 33.25 19.98
CA LEU EA 293 53.16 32.82 21.15
C LEU EA 293 53.61 31.46 21.65
N ASP EA 294 54.19 30.62 20.78
CA ASP EA 294 54.80 29.38 21.25
C ASP EA 294 55.98 29.69 22.17
N GLY EA 295 56.80 30.67 21.79
CA GLY EA 295 57.88 31.09 22.67
C GLY EA 295 57.37 31.73 23.95
N ALA EA 296 56.31 32.53 23.84
CA ALA EA 296 55.70 33.12 25.03
C ALA EA 296 55.15 32.03 25.95
N LEU EA 297 54.50 31.02 25.37
CA LEU EA 297 53.99 29.90 26.18
C LEU EA 297 55.14 29.15 26.84
N LYS EA 298 56.27 29.00 26.14
CA LYS EA 298 57.42 28.32 26.74
C LYS EA 298 57.96 29.09 27.94
N ALA EA 299 58.05 30.42 27.82
CA ALA EA 299 58.50 31.23 28.95
C ALA EA 299 57.47 31.20 30.08
N VAL EA 300 56.19 31.22 29.72
CA VAL EA 300 55.11 31.14 30.72
C VAL EA 300 55.15 29.81 31.45
N ASP EA 301 55.23 28.70 30.70
CA ASP EA 301 55.21 27.38 31.31
C ASP EA 301 56.48 27.11 32.12
N SER EA 302 57.63 27.58 31.64
CA SER EA 302 58.88 27.33 32.34
C SER EA 302 58.88 27.98 33.72
N GLN EA 303 58.31 29.17 33.83
CA GLN EA 303 58.25 29.84 35.13
C GLN EA 303 57.18 29.22 36.02
N ARG EA 304 56.07 28.78 35.42
CA ARG EA 304 55.03 28.12 36.22
C ARG EA 304 55.57 26.86 36.88
N ALA EA 305 56.32 26.05 36.14
CA ALA EA 305 56.95 24.87 36.73
C ALA EA 305 58.01 25.27 37.75
N SER EA 306 58.70 26.38 37.51
CA SER EA 306 59.70 26.85 38.47
C SER EA 306 59.05 27.29 39.77
N LEU EA 307 57.86 27.90 39.68
CA LEU EA 307 57.15 28.31 40.88
C LEU EA 307 56.53 27.11 41.58
N GLY EA 308 56.01 26.15 40.81
CA GLY EA 308 55.45 24.96 41.40
C GLY EA 308 56.49 24.13 42.13
N ALA EA 309 57.66 23.94 41.52
CA ALA EA 309 58.74 23.24 42.19
C ALA EA 309 59.18 23.98 43.44
N PHE EA 310 59.17 25.31 43.39
CA PHE EA 310 59.49 26.11 44.57
C PHE EA 310 58.43 25.92 45.65
N GLN EA 311 57.18 25.73 45.25
CA GLN EA 311 56.11 25.50 46.21
C GLN EA 311 56.24 24.13 46.87
N ASN EA 312 56.63 23.12 46.09
CA ASN EA 312 56.86 21.79 46.67
C ASN EA 312 58.00 21.81 47.67
N ARG EA 313 59.06 22.57 47.36
CA ARG EA 313 60.17 22.69 48.29
C ARG EA 313 59.72 23.31 49.60
N PHE EA 314 58.80 24.27 49.54
CA PHE EA 314 58.23 24.83 50.76
C PHE EA 314 57.31 23.83 51.44
N GLY EA 315 56.65 22.96 50.67
CA GLY EA 315 55.84 21.91 51.28
C GLY EA 315 56.67 20.97 52.11
N HIS EA 316 57.85 20.61 51.63
CA HIS EA 316 58.75 19.76 52.42
C HIS EA 316 59.38 20.56 53.55
N ALA EA 317 59.66 21.84 53.33
CA ALA EA 317 60.20 22.68 54.39
C ALA EA 317 59.20 22.87 55.52
N ILE EA 318 57.92 23.03 55.18
CA ILE EA 318 56.86 23.15 56.19
C ILE EA 318 56.80 21.88 57.02
N SER EA 319 56.82 20.72 56.36
CA SER EA 319 56.81 19.45 57.07
C SER EA 319 58.07 19.27 57.90
N ASN EA 320 59.23 19.55 57.31
CA ASN EA 320 60.49 19.32 58.01
C ASN EA 320 60.59 20.16 59.28
N LEU EA 321 60.16 21.42 59.21
CA LEU EA 321 60.15 22.26 60.41
C LEU EA 321 59.18 21.72 61.46
N ASP EA 322 58.17 20.96 61.04
CA ASP EA 322 57.20 20.44 61.99
C ASP EA 322 57.81 19.33 62.84
N ASN EA 323 58.46 18.34 62.22
CA ASN EA 323 59.09 17.28 63.00
C ASN EA 323 60.27 17.82 63.83
N VAL EA 324 61.04 18.75 63.26
CA VAL EA 324 62.12 19.37 64.03
C VAL EA 324 61.55 20.11 65.24
N ASN EA 325 60.42 20.78 65.06
CA ASN EA 325 59.74 21.41 66.19
C ASN EA 325 59.24 20.37 67.18
N GLU EA 326 58.70 19.26 66.69
CA GLU EA 326 58.15 18.23 67.57
C GLU EA 326 59.22 17.60 68.44
N ASN EA 327 60.44 17.47 67.90
CA ASN EA 327 61.54 16.95 68.71
C ASN EA 327 62.02 17.97 69.73
N VAL EA 328 61.86 19.26 69.43
CA VAL EA 328 62.42 20.29 70.29
C VAL EA 328 61.64 20.39 71.61
N ASN EA 329 60.31 20.39 71.55
CA ASN EA 329 59.55 20.58 72.79
C ASN EA 329 59.73 19.39 73.72
N ALA EA 330 59.86 18.19 73.17
CA ALA EA 330 60.16 17.03 74.01
C ALA EA 330 61.51 17.17 74.67
N SER EA 331 62.48 17.76 73.98
CA SER EA 331 63.81 17.96 74.56
C SER EA 331 63.77 18.94 75.71
N ARG EA 332 63.09 20.08 75.53
CA ARG EA 332 63.04 21.08 76.60
C ARG EA 332 62.09 20.66 77.72
N SER EA 333 61.12 19.80 77.44
CA SER EA 333 60.20 19.35 78.48
C SER EA 333 60.87 18.38 79.43
N ARG EA 334 61.88 17.63 78.95
CA ARG EA 334 62.62 16.73 79.83
C ARG EA 334 63.40 17.51 80.88
N ILE EA 335 63.75 18.77 80.60
CA ILE EA 335 64.55 19.57 81.51
C ILE EA 335 63.69 20.60 82.21
N ARG EA 336 63.05 21.48 81.44
CA ARG EA 336 62.29 22.59 82.01
C ARG EA 336 60.96 22.13 82.59
N ASP EA 337 60.12 21.51 81.77
CA ASP EA 337 58.79 21.14 82.21
C ASP EA 337 58.85 20.15 83.37
N THR EA 338 57.97 20.35 84.35
CA THR EA 338 58.01 19.61 85.59
C THR EA 338 57.12 18.38 85.53
N ASP EA 339 57.34 17.46 86.48
CA ASP EA 339 56.59 16.22 86.58
C ASP EA 339 55.75 16.26 87.85
N TYR EA 340 54.44 16.07 87.70
CA TYR EA 340 53.54 16.09 88.85
C TYR EA 340 53.71 14.83 89.70
N ALA EA 341 54.29 13.77 89.14
CA ALA EA 341 54.41 12.50 89.85
C ALA EA 341 55.28 12.63 91.09
N ARG EA 342 56.57 12.92 90.90
CA ARG EA 342 57.47 13.03 92.04
C ARG EA 342 57.33 14.36 92.77
N GLU EA 343 56.65 15.34 92.15
CA GLU EA 343 56.46 16.64 92.80
C GLU EA 343 55.55 16.51 94.01
N THR EA 344 54.41 15.86 93.84
CA THR EA 344 53.47 15.71 94.95
C THR EA 344 54.06 14.84 96.05
N THR EA 345 54.88 13.85 95.67
CA THR EA 345 55.59 13.07 96.67
C THR EA 345 56.55 13.95 97.46
N ALA EA 346 57.27 14.85 96.78
CA ALA EA 346 58.19 15.75 97.47
C ALA EA 346 57.44 16.74 98.35
N MET EA 347 56.31 17.27 97.87
CA MET EA 347 55.58 18.26 98.64
C MET EA 347 54.88 17.63 99.84
N THR EA 348 54.39 16.39 99.67
CA THR EA 348 53.81 15.67 100.81
C THR EA 348 54.86 15.34 101.85
N LYS EA 349 56.03 14.85 101.41
CA LYS EA 349 57.08 14.48 102.34
C LYS EA 349 57.66 15.71 103.03
N ALA EA 350 57.69 16.85 102.34
CA ALA EA 350 58.17 18.08 102.97
C ALA EA 350 57.15 18.64 103.94
N GLN EA 351 55.87 18.61 103.57
CA GLN EA 351 54.82 19.11 104.46
C GLN EA 351 54.73 18.28 105.73
N ILE EA 352 54.79 16.95 105.60
CA ILE EA 352 54.73 16.08 106.77
C ILE EA 352 55.93 16.31 107.68
N LEU EA 353 57.11 16.49 107.09
CA LEU EA 353 58.30 16.79 107.89
C LEU EA 353 58.12 18.11 108.64
N GLN EA 354 57.43 19.07 108.03
CA GLN EA 354 57.15 20.33 108.72
C GLN EA 354 56.26 20.10 109.93
N GLN EA 355 55.19 19.31 109.77
CA GLN EA 355 54.29 19.05 110.89
C GLN EA 355 54.99 18.27 112.00
N ALA EA 356 55.85 17.31 111.62
CA ALA EA 356 56.60 16.56 112.62
C ALA EA 356 57.55 17.47 113.37
N SER EA 357 58.18 18.41 112.68
CA SER EA 357 59.13 19.31 113.32
C SER EA 357 58.45 20.23 114.33
N THR EA 358 57.26 20.73 114.00
CA THR EA 358 56.54 21.58 114.94
C THR EA 358 56.15 20.81 116.21
N SER EA 359 55.72 19.56 116.04
CA SER EA 359 55.40 18.74 117.20
C SER EA 359 56.63 18.48 118.06
N VAL EA 360 57.77 18.22 117.42
CA VAL EA 360 59.01 17.98 118.16
C VAL EA 360 59.43 19.24 118.90
N LEU EA 361 59.37 20.40 118.23
CA LEU EA 361 59.79 21.65 118.86
C LEU EA 361 58.91 21.99 120.06
N ALA EA 362 57.59 21.83 119.92
CA ALA EA 362 56.69 22.13 121.02
C ALA EA 362 56.95 21.22 122.21
N GLN EA 363 57.15 19.92 121.95
CA GLN EA 363 57.42 18.99 123.03
C GLN EA 363 58.76 19.28 123.70
N ALA EA 364 59.79 19.60 122.90
CA ALA EA 364 61.11 19.85 123.43
C ALA EA 364 61.22 21.18 124.17
N LYS EA 365 60.35 22.15 123.84
CA LYS EA 365 60.37 23.45 124.51
C LYS EA 365 59.85 23.38 125.94
N GLN EA 366 59.28 22.25 126.35
CA GLN EA 366 58.83 22.07 127.73
C GLN EA 366 59.97 21.66 128.66
N SER EA 367 61.17 21.45 128.13
CA SER EA 367 62.31 21.10 128.99
C SER EA 367 62.63 22.17 130.03
N PRO EA 368 62.69 23.47 129.71
CA PRO EA 368 62.91 24.46 130.78
C PRO EA 368 61.82 24.45 131.85
N SER EA 369 60.59 24.08 131.49
CA SER EA 369 59.53 23.98 132.50
C SER EA 369 59.85 22.92 133.53
N ALA EA 370 60.34 21.76 133.09
CA ALA EA 370 60.69 20.70 134.02
C ALA EA 370 61.96 21.05 134.80
N ALA EA 371 62.91 21.74 134.16
CA ALA EA 371 64.14 22.11 134.84
C ALA EA 371 63.88 23.05 136.00
N LEU EA 372 62.97 24.01 135.81
CA LEU EA 372 62.65 24.95 136.88
C LEU EA 372 61.98 24.25 138.06
N SER EA 373 61.10 23.27 137.77
CA SER EA 373 60.29 22.66 138.81
C SER EA 373 61.07 21.71 139.71
N LEU EA 374 62.25 21.25 139.28
CA LEU EA 374 62.96 20.23 140.03
C LEU EA 374 63.53 20.78 141.35
N LEU EA 375 64.03 22.02 141.31
CA LEU EA 375 64.56 22.66 142.51
C LEU EA 375 63.98 24.03 142.80
N GLY EA 376 63.38 24.71 141.82
CA GLY EA 376 62.81 26.02 142.04
C GLY EA 376 61.31 26.00 142.16
N MET FA 1 13.31 31.85 133.20
CA MET FA 1 13.27 30.42 133.50
C MET FA 1 14.63 29.92 133.98
N ALA FA 2 14.62 28.88 134.80
CA ALA FA 2 15.84 28.34 135.37
C ALA FA 2 16.41 27.22 134.50
N ILE FA 3 17.63 26.82 134.81
CA ILE FA 3 18.29 25.73 134.11
C ILE FA 3 17.85 24.41 134.75
N ASN FA 4 17.21 23.55 133.95
CA ASN FA 4 16.64 22.32 134.45
C ASN FA 4 16.98 21.17 133.52
N VAL FA 5 17.26 20.01 134.11
CA VAL FA 5 17.52 18.79 133.36
C VAL FA 5 16.22 18.01 133.24
N ASN FA 6 15.34 18.16 134.24
CA ASN FA 6 14.06 17.45 134.22
C ASN FA 6 13.19 17.90 133.06
N THR FA 7 13.16 19.19 132.77
CA THR FA 7 12.37 19.74 131.69
C THR FA 7 13.28 20.09 130.52
N ASN FA 8 12.91 19.64 129.33
CA ASN FA 8 13.67 19.82 128.10
C ASN FA 8 12.75 20.29 126.98
N VAL FA 9 12.00 21.36 127.26
CA VAL FA 9 10.93 21.87 126.41
C VAL FA 9 11.33 21.93 124.94
N SER FA 10 12.57 22.32 124.66
CA SER FA 10 13.01 22.46 123.27
C SER FA 10 13.03 21.11 122.55
N ALA FA 11 13.27 20.03 123.29
CA ALA FA 11 13.47 18.73 122.66
C ALA FA 11 12.20 18.22 121.99
N MET FA 12 11.09 18.16 122.73
CA MET FA 12 9.87 17.61 122.14
C MET FA 12 9.17 18.58 121.20
N THR FA 13 9.39 19.88 121.38
CA THR FA 13 8.90 20.84 120.40
C THR FA 13 9.63 20.70 119.08
N ALA FA 14 10.95 20.46 119.13
CA ALA FA 14 11.71 20.22 117.92
C ALA FA 14 11.29 18.91 117.25
N GLN FA 15 11.04 17.87 118.05
CA GLN FA 15 10.61 16.61 117.47
C GLN FA 15 9.16 16.66 117.02
N ARG FA 16 8.36 17.55 117.59
CA ARG FA 16 7.00 17.74 117.11
C ARG FA 16 6.99 18.36 115.72
N TYR FA 17 7.86 19.36 115.50
CA TYR FA 17 8.00 19.91 114.16
C TYR FA 17 8.81 18.97 113.26
N LEU FA 18 9.61 18.09 113.85
CA LEU FA 18 10.17 16.97 113.09
C LEU FA 18 9.07 16.06 112.59
N ASN FA 19 8.06 15.79 113.43
CA ASN FA 19 6.90 15.04 113.00
C ASN FA 19 6.09 15.82 111.98
N GLY FA 20 5.96 17.13 112.17
CA GLY FA 20 5.27 17.96 111.19
C GLY FA 20 5.96 17.95 109.84
N ALA FA 21 7.29 18.08 109.84
CA ALA FA 21 8.05 17.94 108.60
C ALA FA 21 7.97 16.53 108.06
N ALA FA 22 7.69 15.56 108.94
CA ALA FA 22 7.49 14.19 108.49
C ALA FA 22 6.14 14.04 107.79
N ASP FA 23 5.08 14.62 108.33
CA ASP FA 23 3.79 14.53 107.65
C ASP FA 23 3.87 15.14 106.26
N GLY FA 24 4.64 16.21 106.11
CA GLY FA 24 4.96 16.69 104.78
C GLY FA 24 5.76 15.68 103.97
N MET FA 25 6.64 14.92 104.62
CA MET FA 25 7.49 13.96 103.93
C MET FA 25 6.75 12.80 103.27
N GLN FA 26 6.18 11.86 104.05
CA GLN FA 26 5.72 10.61 103.45
C GLN FA 26 4.61 10.83 102.42
N LYS FA 27 3.62 11.65 102.73
CA LYS FA 27 2.54 11.84 101.75
C LYS FA 27 3.05 12.52 100.49
N SER FA 28 4.18 13.22 100.56
CA SER FA 28 4.70 13.90 99.38
C SER FA 28 5.06 12.91 98.27
N MET FA 29 5.87 11.89 98.58
CA MET FA 29 6.14 10.90 97.56
C MET FA 29 5.20 9.71 97.59
N GLU FA 30 4.29 9.64 98.56
CA GLU FA 30 3.18 8.70 98.44
C GLU FA 30 2.34 9.01 97.21
N ARG FA 31 2.08 10.31 97.00
CA ARG FA 31 1.37 10.73 95.80
C ARG FA 31 2.29 10.77 94.58
N LEU FA 32 3.60 10.92 94.79
CA LEU FA 32 4.53 10.93 93.67
C LEU FA 32 4.66 9.55 93.03
N SER FA 33 4.84 8.52 93.86
CA SER FA 33 5.03 7.17 93.32
C SER FA 33 3.74 6.63 92.73
N SER FA 34 2.62 6.78 93.44
CA SER FA 34 1.34 6.30 92.92
C SER FA 34 0.89 7.09 91.71
N GLY FA 35 1.22 8.38 91.66
CA GLY FA 35 0.77 9.23 90.58
C GLY FA 35 -0.62 9.82 90.77
N TYR FA 36 -1.26 9.56 91.91
CA TYR FA 36 -2.59 10.07 92.20
C TYR FA 36 -2.53 10.95 93.43
N LYS FA 37 -3.10 12.16 93.32
CA LYS FA 37 -3.11 13.07 94.46
C LYS FA 37 -3.97 12.54 95.60
N ILE FA 38 -5.05 11.84 95.28
CA ILE FA 38 -5.97 11.31 96.28
C ILE FA 38 -5.91 9.78 96.19
N ASN FA 39 -5.10 9.17 97.07
CA ASN FA 39 -5.02 7.72 97.16
C ASN FA 39 -6.03 7.12 98.14
N SER FA 40 -6.60 7.94 99.02
CA SER FA 40 -7.58 7.47 99.99
C SER FA 40 -8.45 8.65 100.41
N ALA FA 41 -9.51 8.34 101.15
CA ALA FA 41 -10.43 9.38 101.61
C ALA FA 41 -9.76 10.36 102.57
N ARG FA 42 -8.63 9.98 103.17
CA ARG FA 42 -7.95 10.88 104.09
C ARG FA 42 -7.43 12.12 103.38
N ASP FA 43 -6.93 11.96 102.16
CA ASP FA 43 -6.44 13.12 101.40
C ASP FA 43 -7.59 14.05 101.02
N ASP FA 44 -8.57 13.52 100.28
CA ASP FA 44 -9.74 14.31 99.90
C ASP FA 44 -10.90 13.33 99.72
N ALA FA 45 -11.76 13.23 100.73
CA ALA FA 45 -12.88 12.31 100.65
C ALA FA 45 -13.83 12.67 99.51
N ALA FA 46 -14.15 13.97 99.38
CA ALA FA 46 -15.02 14.41 98.29
C ALA FA 46 -14.37 14.16 96.94
N GLY FA 47 -13.07 14.44 96.82
CA GLY FA 47 -12.38 14.20 95.56
C GLY FA 47 -12.34 12.72 95.19
N LEU FA 48 -12.24 11.85 96.19
CA LEU FA 48 -12.21 10.41 95.93
C LEU FA 48 -13.53 9.94 95.33
N GLN FA 49 -14.65 10.45 95.82
CA GLN FA 49 -15.96 10.02 95.34
C GLN FA 49 -16.17 10.42 93.88
N ILE FA 50 -15.89 11.67 93.55
CA ILE FA 50 -16.11 12.15 92.19
C ILE FA 50 -15.14 11.47 91.22
N SER FA 51 -13.89 11.26 91.65
CA SER FA 51 -12.92 10.59 90.79
C SER FA 51 -13.32 9.14 90.52
N ASN FA 52 -13.77 8.43 91.57
CA ASN FA 52 -14.21 7.05 91.38
C ASN FA 52 -15.43 6.98 90.48
N ARG FA 53 -16.37 7.91 90.64
CA ARG FA 53 -17.51 7.97 89.74
C ARG FA 53 -17.07 8.27 88.32
N LEU FA 54 -16.06 9.11 88.16
CA LEU FA 54 -15.62 9.53 86.83
C LEU FA 54 -14.87 8.42 86.11
N THR FA 55 -14.04 7.65 86.84
CA THR FA 55 -13.33 6.56 86.20
C THR FA 55 -14.25 5.38 85.91
N SER FA 56 -15.31 5.21 86.71
CA SER FA 56 -16.34 4.23 86.36
C SER FA 56 -17.05 4.63 85.07
N GLN FA 57 -17.26 5.94 84.88
CA GLN FA 57 -17.79 6.42 83.61
C GLN FA 57 -16.82 6.13 82.47
N SER FA 58 -15.52 6.35 82.69
CA SER FA 58 -14.54 6.13 81.64
C SER FA 58 -14.52 4.66 81.21
N ARG FA 59 -14.55 3.74 82.17
CA ARG FA 59 -14.60 2.33 81.83
C ARG FA 59 -15.88 1.99 81.08
N GLY FA 60 -17.01 2.57 81.52
CA GLY FA 60 -18.27 2.33 80.82
C GLY FA 60 -18.25 2.82 79.39
N LEU FA 61 -17.59 3.97 79.15
CA LEU FA 61 -17.49 4.49 77.80
C LEU FA 61 -16.59 3.61 76.93
N ASP FA 62 -15.52 3.06 77.51
CA ASP FA 62 -14.66 2.15 76.76
C ASP FA 62 -15.43 0.87 76.40
N MET FA 63 -16.21 0.34 77.34
CA MET FA 63 -17.05 -0.81 77.04
C MET FA 63 -18.11 -0.46 76.00
N ALA FA 64 -18.69 0.73 76.11
CA ALA FA 64 -19.70 1.16 75.14
C ALA FA 64 -19.12 1.28 73.74
N VAL FA 65 -17.89 1.79 73.62
CA VAL FA 65 -17.23 1.85 72.33
C VAL FA 65 -17.03 0.46 71.75
N LYS FA 66 -16.63 -0.49 72.60
CA LYS FA 66 -16.48 -1.87 72.17
C LYS FA 66 -17.81 -2.46 71.70
N ASN FA 67 -18.88 -2.22 72.46
CA ASN FA 67 -20.19 -2.75 72.08
C ASN FA 67 -20.71 -2.10 70.81
N ALA FA 68 -20.48 -0.80 70.63
CA ALA FA 68 -20.92 -0.13 69.42
C ALA FA 68 -20.20 -0.68 68.19
N ASN FA 69 -18.90 -0.98 68.32
CA ASN FA 69 -18.19 -1.64 67.24
C ASN FA 69 -18.72 -3.04 67.00
N ASP FA 70 -19.16 -3.72 68.07
CA ASP FA 70 -19.77 -5.04 67.92
C ASP FA 70 -21.06 -4.93 67.12
N GLY FA 71 -21.89 -3.94 67.43
CA GLY FA 71 -23.10 -3.73 66.65
C GLY FA 71 -22.81 -3.34 65.22
N ILE FA 72 -21.75 -2.57 65.01
CA ILE FA 72 -21.34 -2.20 63.66
C ILE FA 72 -20.95 -3.43 62.86
N SER FA 73 -20.19 -4.34 63.49
CA SER FA 73 -19.71 -5.52 62.78
C SER FA 73 -20.84 -6.49 62.47
N ILE FA 74 -21.79 -6.66 63.41
CA ILE FA 74 -22.92 -7.54 63.15
C ILE FA 74 -23.77 -7.01 62.01
N ALA FA 75 -24.02 -5.70 62.01
CA ALA FA 75 -24.74 -5.07 60.91
C ALA FA 75 -23.95 -5.18 59.61
N GLN FA 76 -22.64 -5.00 59.68
CA GLN FA 76 -21.80 -5.05 58.48
C GLN FA 76 -21.79 -6.46 57.88
N THR FA 77 -21.69 -7.49 58.72
CA THR FA 77 -21.67 -8.86 58.22
C THR FA 77 -23.00 -9.24 57.60
N ALA FA 78 -24.09 -8.90 58.27
CA ALA FA 78 -25.42 -9.22 57.75
C ALA FA 78 -25.68 -8.52 56.43
N GLU FA 79 -25.28 -7.25 56.33
CA GLU FA 79 -25.44 -6.52 55.09
C GLU FA 79 -24.53 -7.06 54.00
N GLY FA 80 -23.33 -7.52 54.36
CA GLY FA 80 -22.43 -8.08 53.36
C GLY FA 80 -23.00 -9.31 52.69
N ALA FA 81 -23.54 -10.23 53.48
CA ALA FA 81 -24.26 -11.37 52.90
C ALA FA 81 -25.51 -10.90 52.17
N MET FA 82 -26.08 -9.79 52.63
CA MET FA 82 -27.29 -9.25 51.99
C MET FA 82 -26.98 -8.71 50.60
N ASN FA 83 -25.73 -8.29 50.36
CA ASN FA 83 -25.35 -7.79 49.04
C ASN FA 83 -25.47 -8.89 47.99
N GLU FA 84 -25.05 -10.11 48.33
CA GLU FA 84 -25.18 -11.22 47.40
C GLU FA 84 -26.64 -11.52 47.10
N THR FA 85 -27.49 -11.50 48.14
CA THR FA 85 -28.92 -11.78 47.94
C THR FA 85 -29.53 -10.84 46.92
N THR FA 86 -29.12 -9.57 46.93
CA THR FA 86 -29.59 -8.63 45.92
C THR FA 86 -29.14 -9.05 44.52
N ASN FA 87 -27.88 -9.49 44.40
CA ASN FA 87 -27.36 -9.85 43.09
C ASN FA 87 -28.01 -11.12 42.55
N ILE FA 88 -28.33 -12.07 43.44
CA ILE FA 88 -29.03 -13.28 43.01
C ILE FA 88 -30.44 -12.93 42.51
N LEU FA 89 -31.14 -12.05 43.23
CA LEU FA 89 -32.49 -11.68 42.82
C LEU FA 89 -32.48 -10.96 41.47
N GLN FA 90 -31.50 -10.08 41.25
CA GLN FA 90 -31.40 -9.42 39.95
C GLN FA 90 -31.10 -10.41 38.84
N ARG FA 91 -30.23 -11.40 39.10
CA ARG FA 91 -29.97 -12.44 38.11
C ARG FA 91 -31.24 -13.25 37.82
N MET FA 92 -32.01 -13.56 38.87
CA MET FA 92 -33.27 -14.26 38.67
C MET FA 92 -34.25 -13.41 37.88
N ARG FA 93 -34.20 -12.08 38.05
CA ARG FA 93 -35.06 -11.20 37.29
C ARG FA 93 -34.69 -11.22 35.82
N ASP FA 94 -33.39 -11.28 35.51
CA ASP FA 94 -32.95 -11.37 34.12
C ASP FA 94 -33.48 -12.67 33.50
N LEU FA 95 -33.39 -13.78 34.22
CA LEU FA 95 -33.88 -15.06 33.72
C LEU FA 95 -35.40 -15.02 33.52
N ALA FA 96 -36.13 -14.42 34.48
CA ALA FA 96 -37.57 -14.33 34.35
C ALA FA 96 -37.97 -13.48 33.16
N LEU FA 97 -37.25 -12.37 32.93
CA LEU FA 97 -37.50 -11.54 31.75
C LEU FA 97 -37.30 -12.32 30.47
N GLN FA 98 -36.22 -13.10 30.40
CA GLN FA 98 -35.90 -13.84 29.19
C GLN FA 98 -36.91 -14.96 28.92
N SER FA 99 -37.45 -15.55 29.98
CA SER FA 99 -38.35 -16.70 29.85
C SER FA 99 -39.71 -16.33 29.27
N SER FA 100 -40.12 -15.06 29.34
CA SER FA 100 -41.46 -14.68 28.91
C SER FA 100 -41.59 -14.51 27.41
N ASN FA 101 -40.50 -14.58 26.65
CA ASN FA 101 -40.57 -14.43 25.21
C ASN FA 101 -41.30 -15.59 24.56
N GLY FA 102 -41.87 -15.33 23.38
CA GLY FA 102 -42.44 -16.38 22.57
C GLY FA 102 -41.43 -17.13 21.72
N SER FA 103 -40.23 -16.58 21.56
CA SER FA 103 -39.18 -17.29 20.86
C SER FA 103 -38.76 -18.54 21.62
N ASN FA 104 -38.67 -18.46 22.94
CA ASN FA 104 -38.36 -19.61 23.78
C ASN FA 104 -39.51 -20.61 23.69
N SER FA 105 -39.25 -21.76 23.08
CA SER FA 105 -40.24 -22.82 23.05
C SER FA 105 -40.36 -23.43 24.45
N SER FA 106 -41.15 -24.51 24.57
CA SER FA 106 -41.43 -25.07 25.88
C SER FA 106 -40.16 -25.54 26.59
N SER FA 107 -39.27 -26.22 25.85
CA SER FA 107 -38.13 -26.88 26.48
C SER FA 107 -37.19 -25.91 27.17
N GLU FA 108 -36.90 -24.77 26.53
CA GLU FA 108 -35.95 -23.83 27.11
C GLU FA 108 -36.46 -23.20 28.39
N ARG FA 109 -37.78 -23.20 28.59
CA ARG FA 109 -38.33 -22.63 29.83
C ARG FA 109 -37.93 -23.45 31.05
N ARG FA 110 -37.95 -24.78 30.94
CA ARG FA 110 -37.41 -25.58 32.04
C ARG FA 110 -35.92 -25.39 32.21
N ALA FA 111 -35.19 -25.09 31.13
CA ALA FA 111 -33.78 -24.77 31.25
C ALA FA 111 -33.56 -23.54 32.12
N ILE FA 112 -34.39 -22.51 31.92
CA ILE FA 112 -34.36 -21.34 32.81
C ILE FA 112 -34.78 -21.74 34.22
N GLN FA 113 -35.82 -22.56 34.33
CA GLN FA 113 -36.35 -22.93 35.64
C GLN FA 113 -35.32 -23.69 36.47
N GLU FA 114 -34.44 -24.47 35.83
CA GLU FA 114 -33.37 -25.13 36.57
C GLU FA 114 -32.43 -24.12 37.21
N GLU FA 115 -32.10 -23.06 36.47
CA GLU FA 115 -31.26 -22.00 37.03
C GLU FA 115 -31.98 -21.23 38.12
N VAL FA 116 -33.28 -20.95 37.91
CA VAL FA 116 -34.05 -20.22 38.91
C VAL FA 116 -34.19 -21.04 40.19
N SER FA 117 -34.47 -22.33 40.05
CA SER FA 117 -34.60 -23.19 41.23
C SER FA 117 -33.26 -23.35 41.95
N ALA FA 118 -32.17 -23.45 41.18
CA ALA FA 118 -30.85 -23.54 41.81
C ALA FA 118 -30.53 -22.26 42.59
N LEU FA 119 -30.82 -21.10 42.00
CA LEU FA 119 -30.60 -19.84 42.70
C LEU FA 119 -31.50 -19.73 43.92
N ASN FA 120 -32.76 -20.14 43.79
CA ASN FA 120 -33.70 -20.04 44.90
C ASN FA 120 -33.26 -20.90 46.08
N ASP FA 121 -32.81 -22.13 45.81
CA ASP FA 121 -32.28 -22.97 46.87
C ASP FA 121 -31.07 -22.33 47.52
N GLU FA 122 -30.32 -21.54 46.76
CA GLU FA 122 -29.16 -20.84 47.31
C GLU FA 122 -29.58 -19.65 48.15
N LEU FA 123 -30.71 -19.01 47.81
CA LEU FA 123 -31.19 -17.88 48.61
C LEU FA 123 -31.52 -18.32 50.03
N ASN FA 124 -32.17 -19.48 50.17
CA ASN FA 124 -32.41 -20.03 51.51
C ASN FA 124 -31.11 -20.39 52.19
N ARG FA 125 -30.11 -20.82 51.43
CA ARG FA 125 -28.80 -21.12 52.00
C ARG FA 125 -28.16 -19.87 52.59
N ILE FA 126 -28.23 -18.74 51.88
CA ILE FA 126 -27.67 -17.50 52.40
C ILE FA 126 -28.44 -17.05 53.64
N ALA FA 127 -29.77 -17.22 53.63
CA ALA FA 127 -30.56 -16.82 54.78
C ALA FA 127 -30.22 -17.65 56.02
N GLU FA 128 -30.01 -18.96 55.84
CA GLU FA 128 -29.84 -19.85 56.98
C GLU FA 128 -28.40 -19.88 57.49
N THR FA 129 -27.46 -20.20 56.60
CA THR FA 129 -26.08 -20.46 57.02
C THR FA 129 -25.30 -19.20 57.37
N THR FA 130 -25.76 -18.01 56.98
CA THR FA 130 -25.06 -16.80 57.36
C THR FA 130 -25.14 -16.59 58.86
N SER FA 131 -23.97 -16.43 59.49
CA SER FA 131 -23.91 -16.34 60.94
C SER FA 131 -22.74 -15.45 61.34
N PHE FA 132 -22.76 -15.03 62.61
CA PHE FA 132 -21.70 -14.23 63.21
C PHE FA 132 -21.17 -15.01 64.40
N GLY FA 133 -20.17 -15.86 64.15
CA GLY FA 133 -19.62 -16.68 65.21
C GLY FA 133 -20.61 -17.65 65.81
N GLY FA 134 -21.37 -18.35 64.98
CA GLY FA 134 -22.35 -19.31 65.44
C GLY FA 134 -23.72 -18.74 65.73
N ASN FA 135 -23.92 -17.43 65.59
CA ASN FA 135 -25.21 -16.79 65.84
C ASN FA 135 -25.81 -16.42 64.49
N LYS FA 136 -26.87 -17.13 64.10
CA LYS FA 136 -27.51 -16.89 62.81
C LYS FA 136 -28.14 -15.51 62.75
N LEU FA 137 -28.11 -14.92 61.55
CA LEU FA 137 -28.55 -13.54 61.36
C LEU FA 137 -29.75 -13.42 60.43
N LEU FA 138 -29.68 -13.99 59.23
CA LEU FA 138 -30.60 -13.65 58.14
C LEU FA 138 -31.75 -14.63 57.97
N ASN FA 139 -31.93 -15.59 58.87
CA ASN FA 139 -33.03 -16.54 58.74
C ASN FA 139 -34.23 -16.18 59.62
N GLY FA 140 -34.19 -15.03 60.30
CA GLY FA 140 -35.29 -14.59 61.12
C GLY FA 140 -35.24 -15.02 62.57
N SER FA 141 -34.26 -15.84 62.96
CA SER FA 141 -34.13 -16.22 64.36
C SER FA 141 -33.43 -15.16 65.20
N PHE FA 142 -32.86 -14.13 64.58
CA PHE FA 142 -32.21 -13.07 65.34
C PHE FA 142 -33.21 -12.28 66.16
N GLY FA 143 -34.33 -11.90 65.56
CA GLY FA 143 -35.31 -11.10 66.28
C GLY FA 143 -34.78 -9.70 66.55
N SER FA 144 -35.26 -9.12 67.66
CA SER FA 144 -34.86 -7.79 68.08
C SER FA 144 -34.09 -7.89 69.39
N LYS FA 145 -32.79 -7.62 69.33
CA LYS FA 145 -31.96 -7.54 70.53
C LYS FA 145 -31.36 -6.16 70.65
N SER FA 146 -31.12 -5.75 71.89
CA SER FA 146 -30.66 -4.41 72.22
C SER FA 146 -29.15 -4.38 72.32
N PHE FA 147 -28.53 -3.36 71.73
CA PHE FA 147 -27.09 -3.17 71.80
C PHE FA 147 -26.77 -2.00 72.73
N GLN FA 148 -26.29 -2.31 73.93
CA GLN FA 148 -25.99 -1.31 74.94
C GLN FA 148 -24.75 -0.53 74.53
N ILE FA 149 -24.93 0.75 74.21
CA ILE FA 149 -23.84 1.59 73.74
C ILE FA 149 -23.61 2.80 74.64
N GLY FA 150 -24.06 2.75 75.89
CA GLY FA 150 -23.88 3.83 76.83
C GLY FA 150 -23.09 3.38 78.06
N ALA FA 151 -22.81 4.35 78.92
CA ALA FA 151 -22.06 4.10 80.14
C ALA FA 151 -22.94 3.69 81.32
N ASP FA 152 -24.26 3.79 81.17
CA ASP FA 152 -25.20 3.42 82.22
C ASP FA 152 -26.17 2.37 81.70
N SER FA 153 -26.98 1.84 82.62
CA SER FA 153 -27.99 0.87 82.25
C SER FA 153 -29.16 1.54 81.52
N GLY FA 154 -29.80 0.80 80.64
CA GLY FA 154 -30.91 1.32 79.87
C GLY FA 154 -30.52 2.22 78.72
N GLU FA 155 -29.26 2.19 78.30
CA GLU FA 155 -28.76 3.03 77.22
C GLU FA 155 -28.59 2.26 75.91
N ALA FA 156 -29.45 1.27 75.67
CA ALA FA 156 -29.28 0.39 74.52
C ALA FA 156 -30.04 0.93 73.31
N VAL FA 157 -29.71 0.37 72.14
CA VAL FA 157 -30.36 0.70 70.88
C VAL FA 157 -30.82 -0.60 70.23
N MET FA 158 -32.13 -0.72 70.01
CA MET FA 158 -32.70 -1.94 69.48
C MET FA 158 -32.35 -2.09 67.99
N LEU FA 159 -31.95 -3.30 67.61
CA LEU FA 159 -31.66 -3.66 66.23
C LEU FA 159 -32.49 -4.87 65.86
N SER FA 160 -33.18 -4.79 64.72
CA SER FA 160 -34.03 -5.87 64.23
C SER FA 160 -33.69 -6.16 62.78
N MET FA 161 -33.65 -7.45 62.44
CA MET FA 161 -33.33 -7.91 61.09
C MET FA 161 -34.37 -8.92 60.66
N GLY FA 162 -35.21 -8.54 59.71
CA GLY FA 162 -36.24 -9.44 59.22
C GLY FA 162 -35.66 -10.62 58.47
N SER FA 163 -36.42 -11.71 58.44
CA SER FA 163 -35.98 -12.92 57.77
C SER FA 163 -35.79 -12.67 56.27
N MET FA 164 -34.71 -13.22 55.73
CA MET FA 164 -34.38 -13.11 54.31
C MET FA 164 -34.60 -14.43 53.58
N ARG FA 165 -35.36 -15.34 54.16
CA ARG FA 165 -35.69 -16.59 53.48
C ARG FA 165 -36.54 -16.31 52.25
N SER FA 166 -36.38 -17.16 51.23
CA SER FA 166 -37.10 -16.97 49.98
C SER FA 166 -38.61 -17.11 50.14
N ASP FA 167 -39.07 -17.74 51.22
CA ASP FA 167 -40.50 -17.91 51.48
C ASP FA 167 -41.04 -16.88 52.48
N THR FA 168 -40.27 -15.86 52.80
CA THR FA 168 -40.74 -14.81 53.71
C THR FA 168 -41.97 -14.11 53.12
N GLN FA 169 -42.94 -13.81 53.98
CA GLN FA 169 -44.17 -13.19 53.51
C GLN FA 169 -43.91 -11.87 52.82
N ALA FA 170 -43.03 -11.03 53.38
CA ALA FA 170 -42.71 -9.75 52.76
C ALA FA 170 -41.90 -9.90 51.48
N MET FA 171 -41.42 -11.10 51.16
CA MET FA 171 -40.66 -11.36 49.96
C MET FA 171 -41.54 -11.68 48.76
N GLY FA 172 -42.82 -11.31 48.81
CA GLY FA 172 -43.76 -11.57 47.74
C GLY FA 172 -45.02 -10.75 47.84
N GLY FA 173 -46.17 -11.35 47.57
CA GLY FA 173 -47.44 -10.65 47.66
C GLY FA 173 -48.63 -11.48 47.26
N LYS FA 174 -49.70 -10.83 46.82
CA LYS FA 174 -50.91 -11.50 46.35
C LYS FA 174 -50.98 -11.46 44.84
N SER FA 175 -51.71 -12.42 44.27
CA SER FA 175 -51.83 -12.57 42.83
C SER FA 175 -53.27 -12.84 42.46
N TYR FA 176 -53.76 -12.14 41.44
CA TYR FA 176 -55.12 -12.30 40.95
C TYR FA 176 -55.08 -12.59 39.46
N ARG FA 177 -56.00 -13.44 39.01
CA ARG FA 177 -56.05 -13.90 37.62
C ARG FA 177 -57.47 -13.75 37.08
N ALA FA 178 -57.59 -13.14 35.91
CA ALA FA 178 -58.89 -13.06 35.24
C ALA FA 178 -59.30 -14.44 34.76
N GLN FA 179 -60.58 -14.77 34.95
CA GLN FA 179 -61.09 -16.06 34.54
C GLN FA 179 -61.59 -16.09 33.10
N GLU FA 180 -61.39 -15.01 32.35
CA GLU FA 180 -61.82 -14.93 30.95
C GLU FA 180 -60.62 -14.64 30.07
N GLY FA 181 -60.25 -15.61 29.24
CA GLY FA 181 -59.20 -15.38 28.28
C GLY FA 181 -59.70 -14.62 27.06
N LYS FA 182 -58.83 -13.75 26.54
CA LYS FA 182 -59.15 -12.91 25.40
C LYS FA 182 -58.17 -13.19 24.27
N ALA FA 183 -58.70 -13.37 23.06
CA ALA FA 183 -57.86 -13.68 21.91
C ALA FA 183 -57.14 -12.43 21.43
N ALA FA 184 -56.38 -12.58 20.34
CA ALA FA 184 -55.63 -11.48 19.78
C ALA FA 184 -56.52 -10.42 19.14
N ASP FA 185 -57.75 -10.78 18.80
CA ASP FA 185 -58.69 -9.85 18.18
C ASP FA 185 -59.56 -9.12 19.18
N TRP FA 186 -59.42 -9.41 20.46
CA TRP FA 186 -60.25 -8.74 21.47
C TRP FA 186 -59.81 -7.31 21.66
N ARG FA 187 -60.77 -6.39 21.63
CA ARG FA 187 -60.52 -4.97 21.85
C ARG FA 187 -61.55 -4.44 22.84
N VAL FA 188 -61.12 -3.45 23.65
CA VAL FA 188 -62.00 -2.89 24.67
C VAL FA 188 -63.19 -2.21 24.02
N GLY FA 189 -64.38 -2.51 24.51
CA GLY FA 189 -65.61 -1.91 24.03
C GLY FA 189 -66.03 -0.73 24.86
N ALA FA 190 -67.34 -0.55 24.98
CA ALA FA 190 -67.89 0.56 25.75
C ALA FA 190 -67.60 0.46 27.24
N ALA FA 191 -67.19 -0.71 27.73
CA ALA FA 191 -66.84 -0.90 29.14
C ALA FA 191 -65.33 -0.79 29.26
N THR FA 192 -64.86 0.37 29.71
CA THR FA 192 -63.43 0.63 29.85
C THR FA 192 -62.99 0.91 31.28
N ASP FA 193 -63.89 1.39 32.13
CA ASP FA 193 -63.52 1.73 33.50
C ASP FA 193 -63.15 0.48 34.29
N LEU FA 194 -62.21 0.65 35.21
CA LEU FA 194 -61.70 -0.45 36.02
C LEU FA 194 -61.20 0.13 37.34
N THR FA 195 -61.85 -0.26 38.43
CA THR FA 195 -61.60 0.32 39.74
C THR FA 195 -60.94 -0.72 40.64
N LEU FA 196 -59.79 -0.37 41.20
CA LEU FA 196 -59.07 -1.21 42.15
C LEU FA 196 -59.10 -0.53 43.51
N SER FA 197 -59.64 -1.22 44.51
CA SER FA 197 -59.73 -0.70 45.87
C SER FA 197 -58.97 -1.65 46.80
N TYR FA 198 -58.11 -1.08 47.63
CA TYR FA 198 -57.31 -1.89 48.57
C TYR FA 198 -56.94 -1.00 49.75
N THR FA 199 -56.08 -1.52 50.61
CA THR FA 199 -55.54 -0.77 51.75
C THR FA 199 -54.02 -0.83 51.69
N ASN FA 200 -53.39 0.33 51.65
CA ASN FA 200 -51.93 0.40 51.61
C ASN FA 200 -51.35 -0.09 52.95
N LYS FA 201 -50.03 -0.29 52.95
CA LYS FA 201 -49.36 -0.77 54.15
C LYS FA 201 -49.41 0.24 55.30
N GLN FA 202 -49.76 1.49 55.01
CA GLN FA 202 -49.93 2.51 56.04
C GLN FA 202 -51.30 2.45 56.70
N GLY FA 203 -52.17 1.53 56.28
CA GLY FA 203 -53.46 1.36 56.89
C GLY FA 203 -54.58 2.22 56.31
N GLU FA 204 -54.27 3.08 55.34
CA GLU FA 204 -55.28 3.93 54.74
C GLU FA 204 -55.86 3.27 53.48
N ALA FA 205 -57.13 3.53 53.24
CA ALA FA 205 -57.80 3.00 52.05
C ALA FA 205 -57.37 3.78 50.82
N ARG FA 206 -57.17 3.06 49.72
CA ARG FA 206 -56.72 3.65 48.47
C ARG FA 206 -57.70 3.28 47.36
N GLU FA 207 -57.92 4.22 46.43
CA GLU FA 207 -58.84 4.02 45.32
C GLU FA 207 -58.13 4.40 44.03
N VAL FA 208 -58.14 3.49 43.06
CA VAL FA 208 -57.50 3.69 41.77
C VAL FA 208 -58.54 3.41 40.68
N THR FA 209 -58.77 4.38 39.81
CA THR FA 209 -59.74 4.25 38.73
C THR FA 209 -58.99 4.40 37.40
N ILE FA 210 -58.68 3.27 36.78
CA ILE FA 210 -58.01 3.25 35.48
C ILE FA 210 -59.09 3.15 34.40
N ASN FA 211 -59.12 4.12 33.50
CA ASN FA 211 -60.03 4.11 32.36
C ASN FA 211 -59.25 3.64 31.14
N ALA FA 212 -59.53 2.42 30.69
CA ALA FA 212 -58.87 1.88 29.52
C ALA FA 212 -59.26 2.67 28.27
N LYS FA 213 -58.40 2.62 27.27
CA LYS FA 213 -58.61 3.38 26.04
C LYS FA 213 -59.19 2.47 24.96
N GLN FA 214 -59.98 3.09 24.07
CA GLN FA 214 -60.66 2.35 23.03
C GLN FA 214 -59.66 1.65 22.11
N GLY FA 215 -59.96 0.40 21.76
CA GLY FA 215 -59.18 -0.34 20.80
C GLY FA 215 -57.95 -1.04 21.34
N ASP FA 216 -57.64 -0.88 22.62
CA ASP FA 216 -56.46 -1.53 23.19
C ASP FA 216 -56.70 -3.03 23.34
N ASP FA 217 -55.75 -3.83 22.85
CA ASP FA 217 -55.78 -5.27 23.09
C ASP FA 217 -55.31 -5.55 24.51
N LEU FA 218 -55.18 -6.82 24.87
CA LEU FA 218 -54.83 -7.17 26.24
C LEU FA 218 -53.41 -6.76 26.58
N GLU FA 219 -52.49 -6.82 25.60
CA GLU FA 219 -51.12 -6.37 25.85
C GLU FA 219 -51.07 -4.88 26.12
N GLU FA 220 -51.74 -4.08 25.28
CA GLU FA 220 -51.75 -2.64 25.48
C GLU FA 220 -52.50 -2.26 26.75
N LEU FA 221 -53.50 -3.06 27.14
CA LEU FA 221 -54.22 -2.79 28.38
C LEU FA 221 -53.33 -3.07 29.59
N ALA FA 222 -52.57 -4.16 29.56
CA ALA FA 222 -51.66 -4.47 30.65
C ALA FA 222 -50.57 -3.41 30.78
N THR FA 223 -50.04 -2.95 29.65
CA THR FA 223 -49.05 -1.88 29.69
C THR FA 223 -49.67 -0.58 30.22
N TYR FA 224 -50.89 -0.27 29.79
CA TYR FA 224 -51.55 0.96 30.24
C TYR FA 224 -51.78 0.94 31.75
N ILE FA 225 -52.21 -0.20 32.30
CA ILE FA 225 -52.42 -0.31 33.73
C ILE FA 225 -51.09 -0.16 34.47
N ASN FA 226 -50.01 -0.69 33.90
CA ASN FA 226 -48.70 -0.55 34.51
C ASN FA 226 -48.28 0.91 34.59
N GLY FA 227 -48.47 1.66 33.51
CA GLY FA 227 -48.04 3.05 33.49
C GLY FA 227 -48.86 3.92 34.42
N GLN FA 228 -50.15 3.65 34.54
CA GLN FA 228 -51.03 4.51 35.33
C GLN FA 228 -50.77 4.38 36.82
N THR FA 229 -50.62 3.15 37.31
CA THR FA 229 -50.55 2.89 38.75
C THR FA 229 -49.29 2.10 39.07
N GLU FA 230 -48.54 2.56 40.07
CA GLU FA 230 -47.35 1.86 40.54
C GLU FA 230 -47.64 0.86 41.66
N ASP FA 231 -48.85 0.87 42.21
CA ASP FA 231 -49.18 -0.04 43.30
C ASP FA 231 -49.27 -1.48 42.80
N VAL FA 232 -49.95 -1.70 41.67
CA VAL FA 232 -50.14 -3.02 41.12
C VAL FA 232 -49.42 -3.13 39.79
N LYS FA 233 -49.17 -4.36 39.36
CA LYS FA 233 -48.53 -4.65 38.09
C LYS FA 233 -49.42 -5.59 37.29
N ALA FA 234 -49.65 -5.26 36.02
CA ALA FA 234 -50.54 -6.01 35.15
C ALA FA 234 -49.74 -6.78 34.11
N SER FA 235 -50.02 -8.08 33.99
CA SER FA 235 -49.40 -8.93 33.00
C SER FA 235 -50.48 -9.76 32.31
N VAL FA 236 -50.07 -10.55 31.33
CA VAL FA 236 -50.99 -11.40 30.57
C VAL FA 236 -50.33 -12.74 30.35
N GLY FA 237 -51.08 -13.81 30.61
CA GLY FA 237 -50.57 -15.17 30.46
C GLY FA 237 -50.67 -15.67 29.04
N GLU FA 238 -50.37 -16.97 28.88
CA GLU FA 238 -50.42 -17.58 27.56
C GLU FA 238 -51.84 -17.62 27.00
N ASP FA 239 -52.81 -17.93 27.85
CA ASP FA 239 -54.21 -18.00 27.42
C ASP FA 239 -54.81 -16.62 27.16
N GLY FA 240 -54.13 -15.55 27.57
CA GLY FA 240 -54.69 -14.23 27.43
C GLY FA 240 -55.55 -13.84 28.61
N LYS FA 241 -55.02 -14.05 29.81
CA LYS FA 241 -55.71 -13.71 31.05
C LYS FA 241 -54.89 -12.66 31.79
N LEU FA 242 -55.49 -11.50 32.04
CA LEU FA 242 -54.79 -10.43 32.74
C LEU FA 242 -54.61 -10.81 34.21
N GLN FA 243 -53.41 -10.57 34.73
CA GLN FA 243 -53.07 -10.88 36.10
C GLN FA 243 -52.47 -9.66 36.79
N LEU FA 244 -52.88 -9.44 38.03
CA LEU FA 244 -52.40 -8.32 38.84
C LEU FA 244 -51.68 -8.87 40.07
N PHE FA 245 -50.47 -8.34 40.31
CA PHE FA 245 -49.70 -8.68 41.50
C PHE FA 245 -49.68 -7.47 42.44
N ALA FA 246 -50.37 -7.59 43.56
CA ALA FA 246 -50.39 -6.55 44.59
C ALA FA 246 -49.37 -6.96 45.66
N SER FA 247 -48.23 -6.27 45.66
CA SER FA 247 -47.12 -6.66 46.53
C SER FA 247 -47.53 -6.58 48.00
N SER FA 248 -47.01 -7.52 48.79
CA SER FA 248 -47.35 -7.56 50.21
C SER FA 248 -46.74 -6.41 51.00
N GLN FA 249 -45.70 -5.77 50.47
CA GLN FA 249 -45.09 -4.63 51.15
C GLN FA 249 -45.79 -3.33 50.85
N LYS FA 250 -46.78 -3.33 49.97
CA LYS FA 250 -47.51 -2.11 49.61
C LYS FA 250 -49.01 -2.19 49.84
N VAL FA 251 -49.58 -3.40 49.94
CA VAL FA 251 -51.01 -3.59 50.15
C VAL FA 251 -51.22 -4.63 51.23
N ASN FA 252 -52.48 -4.79 51.63
CA ASN FA 252 -52.89 -5.85 52.54
C ASN FA 252 -54.34 -6.20 52.27
N GLY FA 253 -54.74 -7.39 52.72
CA GLY FA 253 -56.09 -7.85 52.49
C GLY FA 253 -56.35 -8.14 51.03
N ASP FA 254 -57.64 -8.18 50.70
CA ASP FA 254 -58.06 -8.43 49.33
C ASP FA 254 -58.17 -7.13 48.55
N VAL FA 255 -57.90 -7.20 47.25
CA VAL FA 255 -58.04 -6.07 46.34
C VAL FA 255 -59.40 -6.20 45.67
N THR FA 256 -60.33 -5.34 46.07
CA THR FA 256 -61.66 -5.34 45.48
C THR FA 256 -61.58 -4.71 44.09
N ILE FA 257 -61.87 -5.51 43.06
CA ILE FA 257 -61.77 -5.08 41.67
C ILE FA 257 -63.17 -5.00 41.10
N GLY FA 258 -63.55 -3.81 40.65
CA GLY FA 258 -64.87 -3.60 40.08
C GLY FA 258 -64.83 -2.79 38.79
N GLY FA 259 -65.99 -2.38 38.31
CA GLY FA 259 -66.11 -1.60 37.09
C GLY FA 259 -66.57 -2.46 35.93
N GLY FA 260 -66.78 -1.78 34.80
CA GLY FA 260 -67.22 -2.47 33.60
C GLY FA 260 -66.17 -3.43 33.07
N LEU FA 261 -64.92 -2.98 33.01
CA LEU FA 261 -63.85 -3.83 32.50
C LEU FA 261 -63.54 -4.97 33.46
N GLY FA 262 -63.50 -4.68 34.76
CA GLY FA 262 -63.24 -5.73 35.74
C GLY FA 262 -64.33 -6.79 35.76
N GLY FA 263 -65.59 -6.37 35.68
CA GLY FA 263 -66.68 -7.32 35.63
C GLY FA 263 -66.71 -8.12 34.33
N GLU FA 264 -66.42 -7.46 33.21
CA GLU FA 264 -66.48 -8.14 31.92
C GLU FA 264 -65.32 -9.13 31.77
N ILE FA 265 -64.16 -8.81 32.35
CA ILE FA 265 -63.02 -9.72 32.24
C ILE FA 265 -62.96 -10.72 33.39
N GLY FA 266 -63.68 -10.48 34.48
CA GLY FA 266 -63.72 -11.40 35.60
C GLY FA 266 -62.43 -11.47 36.39
N PHE FA 267 -62.51 -11.90 37.64
CA PHE FA 267 -61.34 -12.00 38.49
C PHE FA 267 -61.57 -13.06 39.56
N ASP FA 268 -60.48 -13.68 40.00
CA ASP FA 268 -60.51 -14.78 40.95
C ASP FA 268 -59.92 -14.31 42.29
N ALA FA 269 -59.77 -15.26 43.21
CA ALA FA 269 -59.23 -14.95 44.52
C ALA FA 269 -57.74 -14.65 44.45
N GLY FA 270 -57.22 -14.06 45.52
CA GLY FA 270 -55.82 -13.67 45.57
C GLY FA 270 -54.91 -14.73 46.16
N ARG FA 271 -54.21 -15.48 45.31
CA ARG FA 271 -53.26 -16.48 45.78
C ARG FA 271 -51.99 -15.80 46.25
N ASN FA 272 -51.53 -16.18 47.43
CA ASN FA 272 -50.31 -15.61 47.98
C ASN FA 272 -49.11 -16.33 47.37
N VAL FA 273 -48.27 -15.57 46.66
CA VAL FA 273 -47.09 -16.12 45.99
C VAL FA 273 -45.85 -15.39 46.51
N THR FA 274 -44.73 -16.09 46.48
CA THR FA 274 -43.46 -15.57 46.94
C THR FA 274 -42.37 -16.00 45.97
N VAL FA 275 -41.11 -15.69 46.33
CA VAL FA 275 -39.99 -16.13 45.50
C VAL FA 275 -39.89 -17.65 45.49
N ALA FA 276 -40.20 -18.30 46.62
CA ALA FA 276 -40.16 -19.76 46.67
C ALA FA 276 -41.15 -20.39 45.71
N ASP FA 277 -42.23 -19.67 45.37
CA ASP FA 277 -43.23 -20.14 44.44
C ASP FA 277 -42.99 -19.66 43.02
N VAL FA 278 -41.87 -18.97 42.78
CA VAL FA 278 -41.60 -18.43 41.44
C VAL FA 278 -41.31 -19.56 40.47
N ASN FA 279 -42.02 -19.58 39.35
CA ASN FA 279 -41.79 -20.54 38.29
C ASN FA 279 -41.81 -19.82 36.96
N VAL FA 280 -40.98 -20.31 36.03
CA VAL FA 280 -40.84 -19.70 34.71
C VAL FA 280 -41.18 -20.69 33.59
N SER FA 281 -41.76 -21.84 33.92
CA SER FA 281 -42.08 -22.83 32.91
C SER FA 281 -43.20 -22.39 31.97
N THR FA 282 -43.91 -21.32 32.30
CA THR FA 282 -44.95 -20.77 31.46
C THR FA 282 -44.77 -19.26 31.35
N VAL FA 283 -45.28 -18.69 30.26
CA VAL FA 283 -45.16 -17.25 30.08
C VAL FA 283 -45.96 -16.52 31.14
N ALA FA 284 -47.05 -17.12 31.61
CA ALA FA 284 -47.80 -16.53 32.72
C ALA FA 284 -46.97 -16.51 33.99
N GLY FA 285 -46.29 -17.61 34.30
CA GLY FA 285 -45.47 -17.66 35.49
C GLY FA 285 -44.26 -16.74 35.41
N SER FA 286 -43.68 -16.61 34.22
CA SER FA 286 -42.47 -15.79 34.07
C SER FA 286 -42.80 -14.31 34.18
N GLN FA 287 -43.87 -13.86 33.52
CA GLN FA 287 -44.29 -12.47 33.64
C GLN FA 287 -44.63 -12.13 35.08
N GLU FA 288 -45.33 -13.04 35.76
CA GLU FA 288 -45.59 -12.85 37.18
C GLU FA 288 -44.29 -12.83 37.99
N ALA FA 289 -43.35 -13.71 37.66
CA ALA FA 289 -42.09 -13.79 38.39
C ALA FA 289 -41.28 -12.51 38.24
N VAL FA 290 -41.53 -11.74 37.18
CA VAL FA 290 -40.83 -10.46 37.01
C VAL FA 290 -41.18 -9.52 38.14
N SER FA 291 -42.46 -9.43 38.48
CA SER FA 291 -42.91 -8.48 39.49
C SER FA 291 -42.70 -9.01 40.90
N ILE FA 292 -42.67 -10.33 41.07
CA ILE FA 292 -42.47 -10.90 42.41
C ILE FA 292 -41.11 -10.51 42.96
N LEU FA 293 -40.07 -10.63 42.15
CA LEU FA 293 -38.73 -10.22 42.59
C LEU FA 293 -38.57 -8.72 42.64
N ASP FA 294 -39.47 -7.96 42.00
CA ASP FA 294 -39.50 -6.52 42.24
C ASP FA 294 -39.96 -6.22 43.65
N GLY FA 295 -40.99 -6.94 44.11
CA GLY FA 295 -41.39 -6.81 45.51
C GLY FA 295 -40.34 -7.34 46.46
N ALA FA 296 -39.62 -8.38 46.05
CA ALA FA 296 -38.54 -8.91 46.87
C ALA FA 296 -37.38 -7.93 46.94
N LEU FA 297 -37.02 -7.32 45.82
CA LEU FA 297 -35.94 -6.34 45.81
C LEU FA 297 -36.29 -5.11 46.62
N LYS FA 298 -37.57 -4.73 46.62
CA LYS FA 298 -38.01 -3.63 47.49
C LYS FA 298 -37.83 -3.99 48.95
N ALA FA 299 -38.14 -5.23 49.32
CA ALA FA 299 -37.95 -5.67 50.69
C ALA FA 299 -36.47 -5.72 51.05
N VAL FA 300 -35.63 -6.15 50.12
CA VAL FA 300 -34.20 -6.25 50.37
C VAL FA 300 -33.60 -4.85 50.53
N ASP FA 301 -33.92 -3.95 49.61
CA ASP FA 301 -33.36 -2.60 49.64
C ASP FA 301 -33.86 -1.81 50.85
N SER FA 302 -35.13 -1.98 51.21
CA SER FA 302 -35.67 -1.26 52.36
C SER FA 302 -34.99 -1.69 53.65
N GLN FA 303 -34.68 -2.99 53.78
CA GLN FA 303 -34.02 -3.46 54.98
C GLN FA 303 -32.53 -3.09 54.99
N ARG FA 304 -31.90 -3.11 53.81
CA ARG FA 304 -30.51 -2.68 53.72
C ARG FA 304 -30.36 -1.21 54.10
N ALA FA 305 -31.27 -0.35 53.62
CA ALA FA 305 -31.25 1.05 53.99
C ALA FA 305 -31.47 1.23 55.48
N SER FA 306 -32.36 0.43 56.07
CA SER FA 306 -32.56 0.45 57.51
C SER FA 306 -31.30 0.02 58.24
N LEU FA 307 -30.51 -0.87 57.63
CA LEU FA 307 -29.25 -1.30 58.24
C LEU FA 307 -28.21 -0.19 58.16
N GLY FA 308 -28.08 0.46 57.01
CA GLY FA 308 -27.10 1.52 56.86
C GLY FA 308 -27.38 2.69 57.79
N ALA FA 309 -28.66 3.02 57.97
CA ALA FA 309 -29.02 4.06 58.93
C ALA FA 309 -28.61 3.65 60.34
N PHE FA 310 -28.70 2.35 60.65
CA PHE FA 310 -28.27 1.87 61.95
C PHE FA 310 -26.76 1.91 62.09
N GLN FA 311 -26.03 1.66 61.00
CA GLN FA 311 -24.58 1.70 61.04
C GLN FA 311 -24.07 3.12 61.20
N ASN FA 312 -24.61 4.06 60.42
CA ASN FA 312 -24.24 5.46 60.57
C ASN FA 312 -24.66 5.98 61.94
N ARG FA 313 -25.78 5.48 62.46
CA ARG FA 313 -26.21 5.87 63.80
C ARG FA 313 -25.18 5.46 64.85
N PHE FA 314 -24.48 4.35 64.62
CA PHE FA 314 -23.42 3.95 65.54
C PHE FA 314 -22.11 4.64 65.20
N GLY FA 315 -21.92 5.06 63.95
CA GLY FA 315 -20.73 5.81 63.60
C GLY FA 315 -20.67 7.16 64.31
N HIS FA 316 -21.82 7.84 64.40
CA HIS FA 316 -21.87 9.08 65.15
C HIS FA 316 -21.80 8.82 66.65
N ALA FA 317 -22.38 7.71 67.10
CA ALA FA 317 -22.31 7.36 68.52
C ALA FA 317 -20.86 7.07 68.93
N ILE FA 318 -20.10 6.39 68.07
CA ILE FA 318 -18.70 6.10 68.38
C ILE FA 318 -17.90 7.39 68.53
N SER FA 319 -18.09 8.32 67.59
CA SER FA 319 -17.37 9.58 67.65
C SER FA 319 -17.74 10.38 68.89
N ASN FA 320 -19.03 10.43 69.22
CA ASN FA 320 -19.47 11.14 70.42
C ASN FA 320 -18.94 10.49 71.68
N LEU FA 321 -18.97 9.15 71.73
CA LEU FA 321 -18.44 8.44 72.90
C LEU FA 321 -16.95 8.67 73.05
N ASP FA 322 -16.21 8.70 71.93
CA ASP FA 322 -14.78 8.95 71.98
C ASP FA 322 -14.49 10.34 72.52
N ASN FA 323 -15.30 11.33 72.14
CA ASN FA 323 -15.07 12.69 72.62
C ASN FA 323 -15.39 12.83 74.10
N VAL FA 324 -16.48 12.20 74.54
CA VAL FA 324 -16.84 12.24 75.96
C VAL FA 324 -15.81 11.49 76.79
N ASN FA 325 -15.30 10.38 76.26
CA ASN FA 325 -14.29 9.60 76.99
C ASN FA 325 -13.03 10.42 77.21
N GLU FA 326 -12.60 11.18 76.19
CA GLU FA 326 -11.43 12.03 76.34
C GLU FA 326 -11.68 13.15 77.35
N ASN FA 327 -12.84 13.82 77.24
CA ASN FA 327 -13.12 14.94 78.12
C ASN FA 327 -13.26 14.51 79.58
N VAL FA 328 -13.87 13.34 79.80
CA VAL FA 328 -13.97 12.81 81.14
C VAL FA 328 -12.58 12.50 81.70
N ASN FA 329 -11.70 11.93 80.87
CA ASN FA 329 -10.34 11.64 81.31
C ASN FA 329 -9.59 12.92 81.66
N ALA FA 330 -9.80 13.99 80.89
CA ALA FA 330 -9.15 15.26 81.21
C ALA FA 330 -9.63 15.80 82.54
N SER FA 331 -10.93 15.66 82.83
CA SER FA 331 -11.46 16.09 84.12
C SER FA 331 -10.85 15.28 85.26
N ARG FA 332 -10.64 13.98 85.05
CA ARG FA 332 -10.08 13.12 86.09
C ARG FA 332 -8.70 13.60 86.51
N SER FA 333 -7.89 14.05 85.56
CA SER FA 333 -6.56 14.55 85.88
C SER FA 333 -6.61 15.80 86.75
N ARG FA 334 -7.58 16.68 86.48
CA ARG FA 334 -7.64 17.95 87.20
C ARG FA 334 -7.97 17.75 88.67
N ILE FA 335 -8.85 16.80 88.98
CA ILE FA 335 -9.33 16.64 90.36
C ILE FA 335 -8.56 15.55 91.10
N ARG FA 336 -8.30 14.41 90.46
CA ARG FA 336 -7.70 13.26 91.12
C ARG FA 336 -6.20 13.16 90.94
N ASP FA 337 -5.71 13.33 89.71
CA ASP FA 337 -4.31 13.04 89.41
C ASP FA 337 -3.39 14.06 90.08
N THR FA 338 -2.18 13.60 90.41
CA THR FA 338 -1.23 14.43 91.11
C THR FA 338 -0.54 15.41 90.15
N ASP FA 339 0.01 16.47 90.73
CA ASP FA 339 0.79 17.46 89.99
C ASP FA 339 2.25 17.29 90.39
N TYR FA 340 3.08 16.84 89.44
CA TYR FA 340 4.48 16.60 89.74
C TYR FA 340 5.21 17.88 90.09
N ALA FA 341 4.89 18.98 89.39
CA ALA FA 341 5.57 20.24 89.64
C ALA FA 341 5.34 20.73 91.08
N ARG FA 342 4.10 20.64 91.55
CA ARG FA 342 3.79 21.10 92.91
C ARG FA 342 4.27 20.10 93.95
N GLU FA 343 4.22 18.80 93.63
CA GLU FA 343 4.53 17.78 94.63
C GLU FA 343 6.04 17.72 94.92
N THR FA 344 6.87 17.90 93.89
CA THR FA 344 8.31 17.79 94.08
C THR FA 344 8.84 18.92 94.95
N THR FA 345 8.42 20.16 94.69
CA THR FA 345 8.83 21.26 95.56
C THR FA 345 8.26 21.10 96.96
N ALA FA 346 7.09 20.46 97.08
CA ALA FA 346 6.55 20.15 98.39
C ALA FA 346 7.43 19.15 99.14
N MET FA 347 7.92 18.12 98.43
CA MET FA 347 8.76 17.13 99.09
C MET FA 347 10.13 17.72 99.44
N THR FA 348 10.69 18.54 98.54
CA THR FA 348 11.96 19.20 98.85
C THR FA 348 11.81 20.15 100.03
N LYS FA 349 10.65 20.82 100.13
CA LYS FA 349 10.34 21.59 101.32
C LYS FA 349 10.38 20.71 102.56
N ALA FA 350 9.81 19.50 102.47
CA ALA FA 350 9.79 18.60 103.61
C ALA FA 350 11.20 18.16 104.00
N GLN FA 351 12.04 17.86 103.02
CA GLN FA 351 13.39 17.39 103.31
C GLN FA 351 14.20 18.45 104.05
N ILE FA 352 14.24 19.67 103.51
CA ILE FA 352 15.01 20.73 104.15
C ILE FA 352 14.43 21.06 105.53
N LEU FA 353 13.12 20.91 105.68
CA LEU FA 353 12.48 21.21 106.96
C LEU FA 353 12.98 20.26 108.06
N GLN FA 354 12.91 18.95 107.82
CA GLN FA 354 13.32 18.01 108.86
C GLN FA 354 14.82 17.93 109.02
N GLN FA 355 15.59 18.14 107.95
CA GLN FA 355 17.04 18.22 108.11
C GLN FA 355 17.44 19.40 108.98
N ALA FA 356 16.75 20.52 108.83
CA ALA FA 356 16.95 21.64 109.75
C ALA FA 356 16.47 21.29 111.16
N SER FA 357 15.35 20.58 111.26
CA SER FA 357 14.81 20.22 112.56
C SER FA 357 15.74 19.27 113.32
N THR FA 358 16.35 18.31 112.61
CA THR FA 358 17.31 17.42 113.26
C THR FA 358 18.53 18.18 113.75
N SER FA 359 18.97 19.18 112.99
CA SER FA 359 20.04 20.06 113.47
C SER FA 359 19.61 20.80 114.73
N VAL FA 360 18.35 21.28 114.75
CA VAL FA 360 17.83 21.96 115.93
C VAL FA 360 17.79 21.00 117.12
N LEU FA 361 17.28 19.78 116.90
CA LEU FA 361 17.17 18.81 117.99
C LEU FA 361 18.54 18.43 118.53
N ALA FA 362 19.53 18.27 117.64
CA ALA FA 362 20.88 17.90 118.08
C ALA FA 362 21.49 18.96 118.98
N GLN FA 363 21.34 20.24 118.61
CA GLN FA 363 21.91 21.31 119.43
C GLN FA 363 21.08 21.56 120.68
N ALA FA 364 19.79 21.22 120.64
CA ALA FA 364 18.92 21.39 121.81
C ALA FA 364 19.18 20.35 122.88
N LYS FA 365 19.63 19.14 122.50
CA LYS FA 365 19.94 18.10 123.47
C LYS FA 365 21.17 18.42 124.31
N GLN FA 366 21.94 19.44 123.94
CA GLN FA 366 23.09 19.86 124.72
C GLN FA 366 22.74 20.81 125.86
N SER FA 367 21.48 21.20 125.99
CA SER FA 367 21.07 22.01 127.13
C SER FA 367 21.28 21.28 128.46
N PRO FA 368 20.88 20.02 128.62
CA PRO FA 368 21.27 19.29 129.84
C PRO FA 368 22.77 19.13 129.99
N SER FA 369 23.51 19.08 128.87
CA SER FA 369 24.96 18.99 128.95
C SER FA 369 25.55 20.22 129.63
N ALA FA 370 25.05 21.41 129.28
CA ALA FA 370 25.45 22.62 129.98
C ALA FA 370 24.91 22.65 131.40
N ALA FA 371 23.76 22.00 131.63
CA ALA FA 371 23.19 21.96 132.97
C ALA FA 371 24.09 21.21 133.94
N LEU FA 372 24.64 20.08 133.51
CA LEU FA 372 25.54 19.31 134.36
C LEU FA 372 26.93 19.94 134.45
N SER FA 373 27.28 20.79 133.49
CA SER FA 373 28.63 21.37 133.47
C SER FA 373 28.78 22.58 134.36
N LEU FA 374 27.70 23.32 134.63
CA LEU FA 374 27.82 24.54 135.42
C LEU FA 374 28.17 24.24 136.87
N LEU FA 375 27.56 23.20 137.44
CA LEU FA 375 27.79 22.85 138.84
C LEU FA 375 28.45 21.49 139.01
N GLY FA 376 27.94 20.45 138.37
CA GLY FA 376 28.51 19.13 138.49
C GLY FA 376 29.87 18.98 137.83
N MET GA 1 27.22 -12.16 113.71
CA MET GA 1 28.55 -12.71 113.90
C MET GA 1 29.49 -11.66 114.51
N ALA GA 2 30.62 -12.12 115.03
CA ALA GA 2 31.60 -11.21 115.60
C ALA GA 2 32.32 -10.44 114.50
N ILE GA 3 32.62 -9.17 114.77
CA ILE GA 3 33.33 -8.35 113.80
C ILE GA 3 34.76 -8.86 113.67
N ASN GA 4 35.29 -8.82 112.45
CA ASN GA 4 36.59 -9.38 112.16
C ASN GA 4 37.31 -8.51 111.13
N VAL GA 5 38.63 -8.60 111.13
CA VAL GA 5 39.46 -7.91 110.15
C VAL GA 5 40.20 -8.93 109.30
N ASN GA 6 40.47 -10.10 109.88
CA ASN GA 6 41.21 -11.13 109.15
C ASN GA 6 40.33 -11.82 108.11
N THR GA 7 39.07 -12.07 108.45
CA THR GA 7 38.16 -12.81 107.57
C THR GA 7 37.19 -11.83 106.91
N ASN GA 8 37.05 -11.98 105.59
CA ASN GA 8 36.15 -11.16 104.77
C ASN GA 8 35.36 -12.05 103.82
N VAL GA 9 34.75 -13.10 104.37
CA VAL GA 9 34.06 -14.10 103.55
C VAL GA 9 32.94 -13.47 102.74
N SER GA 10 32.38 -12.35 103.21
CA SER GA 10 31.38 -11.66 102.41
C SER GA 10 31.97 -11.15 101.11
N ALA GA 11 33.20 -10.63 101.14
CA ALA GA 11 33.86 -10.20 99.93
C ALA GA 11 34.24 -11.39 99.05
N MET GA 12 34.68 -12.49 99.67
CA MET GA 12 35.09 -13.66 98.90
C MET GA 12 33.92 -14.25 98.12
N THR GA 13 32.74 -14.32 98.75
CA THR GA 13 31.57 -14.80 98.03
C THR GA 13 31.14 -13.83 96.93
N ALA GA 14 31.29 -12.53 97.17
CA ALA GA 14 30.95 -11.53 96.17
C ALA GA 14 31.83 -11.66 94.94
N GLN GA 15 33.14 -11.84 95.14
CA GLN GA 15 34.04 -11.98 93.99
C GLN GA 15 33.92 -13.36 93.34
N ARG GA 16 33.55 -14.38 94.12
CA ARG GA 16 33.32 -15.69 93.53
C ARG GA 16 32.18 -15.64 92.53
N TYR GA 17 31.11 -14.93 92.87
CA TYR GA 17 30.02 -14.74 91.93
C TYR GA 17 30.42 -13.80 90.79
N LEU GA 18 31.43 -12.95 91.02
CA LEU GA 18 31.96 -12.13 89.94
C LEU GA 18 32.63 -13.00 88.87
N ASN GA 19 33.38 -14.02 89.29
CA ASN GA 19 33.95 -14.95 88.32
C ASN GA 19 32.85 -15.68 87.54
N GLY GA 20 31.76 -16.05 88.23
CA GLY GA 20 30.65 -16.68 87.53
C GLY GA 20 30.00 -15.77 86.51
N ALA GA 21 29.73 -14.52 86.90
CA ALA GA 21 29.14 -13.56 85.98
C ALA GA 21 30.10 -13.22 84.84
N ALA GA 22 31.38 -13.05 85.15
CA ALA GA 22 32.36 -12.76 84.10
C ALA GA 22 32.51 -13.94 83.16
N ASP GA 23 32.49 -15.16 83.69
CA ASP GA 23 32.60 -16.35 82.84
C ASP GA 23 31.46 -16.41 81.85
N GLY GA 24 30.23 -16.18 82.32
CA GLY GA 24 29.09 -16.16 81.40
C GLY GA 24 29.23 -15.09 80.33
N MET GA 25 29.83 -13.96 80.68
CA MET GA 25 30.09 -12.92 79.68
C MET GA 25 31.12 -13.40 78.66
N GLN GA 26 32.15 -14.11 79.11
CA GLN GA 26 33.19 -14.56 78.18
C GLN GA 26 32.64 -15.57 77.17
N LYS GA 27 31.85 -16.54 77.63
CA LYS GA 27 31.25 -17.47 76.68
C LYS GA 27 30.31 -16.74 75.73
N SER GA 28 29.42 -15.90 76.28
CA SER GA 28 28.44 -15.23 75.44
C SER GA 28 29.10 -14.32 74.41
N MET GA 29 30.10 -13.54 74.84
CA MET GA 29 30.72 -12.58 73.93
C MET GA 29 31.42 -13.28 72.77
N GLU GA 30 31.93 -14.49 73.00
CA GLU GA 30 32.48 -15.27 71.90
C GLU GA 30 31.39 -15.72 70.94
N ARG GA 31 30.20 -16.00 71.46
CA ARG GA 31 29.12 -16.51 70.62
C ARG GA 31 28.69 -15.49 69.56
N LEU GA 32 28.58 -14.22 69.93
CA LEU GA 32 28.25 -13.21 68.93
C LEU GA 32 29.41 -12.95 67.97
N SER GA 33 30.65 -13.09 68.45
CA SER GA 33 31.81 -12.80 67.61
C SER GA 33 31.86 -13.74 66.41
N SER GA 34 31.71 -15.05 66.66
CA SER GA 34 31.78 -16.04 65.59
C SER GA 34 30.43 -16.36 64.98
N GLY GA 35 29.34 -16.10 65.70
CA GLY GA 35 28.03 -16.51 65.24
C GLY GA 35 27.71 -17.97 65.45
N TYR GA 36 28.47 -18.66 66.30
CA TYR GA 36 28.31 -20.09 66.51
C TYR GA 36 28.02 -20.37 67.97
N LYS GA 37 26.99 -21.19 68.23
CA LYS GA 37 26.65 -21.57 69.59
C LYS GA 37 27.76 -22.36 70.24
N ILE GA 38 28.42 -23.23 69.48
CA ILE GA 38 29.51 -24.06 70.00
C ILE GA 38 30.77 -23.76 69.20
N ASN GA 39 31.86 -23.52 69.93
CA ASN GA 39 33.17 -23.33 69.33
C ASN GA 39 34.21 -24.33 69.83
N SER GA 40 33.90 -25.10 70.86
CA SER GA 40 34.81 -26.11 71.38
C SER GA 40 33.97 -27.18 72.08
N ALA GA 41 34.61 -28.32 72.35
CA ALA GA 41 33.91 -29.42 73.01
C ALA GA 41 33.45 -29.06 74.41
N ARG GA 42 34.01 -28.00 75.01
CA ARG GA 42 33.59 -27.60 76.36
C ARG GA 42 32.14 -27.14 76.39
N ASP GA 43 31.63 -26.60 75.28
CA ASP GA 43 30.26 -26.12 75.24
C ASP GA 43 29.27 -27.27 75.08
N ASP GA 44 29.45 -28.09 74.04
CA ASP GA 44 28.57 -29.23 73.80
C ASP GA 44 29.37 -30.28 73.03
N ALA GA 45 29.75 -31.36 73.72
CA ALA GA 45 30.56 -32.39 73.09
C ALA GA 45 29.79 -33.10 71.97
N ALA GA 46 28.60 -33.61 72.29
CA ALA GA 46 27.82 -34.34 71.30
C ALA GA 46 27.40 -33.44 70.14
N GLY GA 47 27.00 -32.21 70.45
CA GLY GA 47 26.59 -31.29 69.41
C GLY GA 47 27.71 -30.96 68.44
N LEU GA 48 28.94 -30.87 68.95
CA LEU GA 48 30.09 -30.55 68.10
C LEU GA 48 30.34 -31.64 67.07
N GLN GA 49 30.27 -32.91 67.49
CA GLN GA 49 30.50 -34.01 66.56
C GLN GA 49 29.42 -34.07 65.49
N ILE GA 50 28.15 -33.90 65.89
CA ILE GA 50 27.06 -33.95 64.92
C ILE GA 50 27.18 -32.78 63.93
N SER GA 51 27.46 -31.59 64.43
CA SER GA 51 27.58 -30.42 63.56
C SER GA 51 28.76 -30.58 62.60
N ASN GA 52 29.89 -31.10 63.11
CA ASN GA 52 31.05 -31.30 62.25
C ASN GA 52 30.76 -32.32 61.16
N ARG GA 53 30.05 -33.40 61.50
CA ARG GA 53 29.69 -34.38 60.48
C ARG GA 53 28.68 -33.81 59.49
N LEU GA 54 27.81 -32.91 59.96
CA LEU GA 54 26.84 -32.29 59.07
C LEU GA 54 27.49 -31.31 58.12
N THR GA 55 28.46 -30.53 58.61
CA THR GA 55 29.14 -29.58 57.73
C THR GA 55 30.12 -30.29 56.80
N SER GA 56 30.68 -31.42 57.22
CA SER GA 56 31.47 -32.23 56.30
C SER GA 56 30.60 -32.79 55.18
N GLN GA 57 29.38 -33.24 55.51
CA GLN GA 57 28.45 -33.65 54.48
C GLN GA 57 28.07 -32.49 53.57
N SER GA 58 27.84 -31.31 54.15
CA SER GA 58 27.45 -30.15 53.36
C SER GA 58 28.54 -29.76 52.37
N ARG GA 59 29.80 -29.72 52.82
CA ARG GA 59 30.90 -29.42 51.92
C ARG GA 59 31.04 -30.49 50.86
N GLY GA 60 30.86 -31.76 51.24
CA GLY GA 60 30.91 -32.84 50.27
C GLY GA 60 29.81 -32.74 49.22
N LEU GA 61 28.64 -32.22 49.62
CA LEU GA 61 27.54 -32.09 48.66
C LEU GA 61 27.83 -31.02 47.62
N ASP GA 62 28.50 -29.93 48.01
CA ASP GA 62 28.91 -28.95 47.01
C ASP GA 62 29.92 -29.53 46.05
N MET GA 63 30.86 -30.35 46.55
CA MET GA 63 31.78 -31.06 45.67
C MET GA 63 31.03 -32.05 44.77
N ALA GA 64 29.92 -32.59 45.27
CA ALA GA 64 29.12 -33.50 44.46
C ALA GA 64 28.35 -32.75 43.37
N VAL GA 65 27.81 -31.58 43.71
CA VAL GA 65 27.14 -30.75 42.71
C VAL GA 65 28.13 -30.28 41.65
N LYS GA 66 29.33 -29.89 42.07
CA LYS GA 66 30.36 -29.50 41.12
C LYS GA 66 30.76 -30.66 40.22
N ASN GA 67 30.97 -31.85 40.81
CA ASN GA 67 31.36 -33.01 40.03
C ASN GA 67 30.26 -33.44 39.07
N ALA GA 68 29.00 -33.44 39.52
CA ALA GA 68 27.90 -33.81 38.66
C ALA GA 68 27.72 -32.80 37.53
N ASN GA 69 28.00 -31.52 37.81
CA ASN GA 69 27.97 -30.52 36.75
C ASN GA 69 29.03 -30.80 35.71
N ASP GA 70 30.21 -31.25 36.14
CA ASP GA 70 31.25 -31.63 35.19
C ASP GA 70 30.83 -32.82 34.36
N GLY GA 71 30.16 -33.80 34.97
CA GLY GA 71 29.64 -34.92 34.20
C GLY GA 71 28.59 -34.52 33.19
N ILE GA 72 27.77 -33.52 33.55
CA ILE GA 72 26.79 -33.00 32.60
C ILE GA 72 27.49 -32.34 31.42
N SER GA 73 28.52 -31.54 31.68
CA SER GA 73 29.18 -30.81 30.60
C SER GA 73 30.00 -31.73 29.72
N ILE GA 74 30.64 -32.74 30.30
CA ILE GA 74 31.45 -33.67 29.51
C ILE GA 74 30.58 -34.40 28.49
N ALA GA 75 29.42 -34.89 28.93
CA ALA GA 75 28.52 -35.56 28.01
C ALA GA 75 27.83 -34.58 27.08
N GLN GA 76 27.71 -33.31 27.48
CA GLN GA 76 27.15 -32.30 26.60
C GLN GA 76 28.07 -32.07 25.39
N THR GA 77 29.37 -31.93 25.64
CA THR GA 77 30.33 -31.74 24.55
C THR GA 77 30.37 -32.96 23.65
N ALA GA 78 30.37 -34.16 24.24
CA ALA GA 78 30.41 -35.38 23.44
C ALA GA 78 29.18 -35.51 22.56
N GLU GA 79 27.99 -35.25 23.14
CA GLU GA 79 26.75 -35.39 22.38
C GLU GA 79 26.64 -34.31 21.30
N GLY GA 80 27.14 -33.11 21.57
CA GLY GA 80 27.11 -32.06 20.56
C GLY GA 80 27.86 -32.44 19.30
N ALA GA 81 29.01 -33.10 19.46
CA ALA GA 81 29.73 -33.61 18.29
C ALA GA 81 28.93 -34.71 17.61
N MET GA 82 28.22 -35.53 18.39
CA MET GA 82 27.37 -36.56 17.80
C MET GA 82 26.24 -35.94 16.99
N ASN GA 83 25.82 -34.72 17.33
CA ASN GA 83 24.77 -34.05 16.56
C ASN GA 83 25.25 -33.78 15.14
N GLU GA 84 26.49 -33.33 14.97
CA GLU GA 84 27.01 -33.09 13.64
C GLU GA 84 27.26 -34.40 12.90
N THR GA 85 27.67 -35.44 13.64
CA THR GA 85 27.89 -36.74 13.02
C THR GA 85 26.61 -37.29 12.41
N THR GA 86 25.47 -37.07 13.07
CA THR GA 86 24.19 -37.46 12.49
C THR GA 86 23.92 -36.71 11.20
N ASN GA 87 24.21 -35.40 11.18
CA ASN GA 87 23.96 -34.60 9.98
C ASN GA 87 24.87 -35.03 8.83
N ILE GA 88 26.11 -35.38 9.13
CA ILE GA 88 27.03 -35.82 8.07
C ILE GA 88 26.56 -37.14 7.48
N LEU GA 89 26.23 -38.12 8.33
CA LEU GA 89 25.82 -39.43 7.84
C LEU GA 89 24.53 -39.35 7.04
N GLN GA 90 23.62 -38.45 7.44
CA GLN GA 90 22.41 -38.24 6.64
C GLN GA 90 22.75 -37.69 5.28
N ARG GA 91 23.74 -36.79 5.20
CA ARG GA 91 24.18 -36.28 3.90
C ARG GA 91 24.79 -37.38 3.05
N MET GA 92 25.62 -38.23 3.65
CA MET GA 92 26.21 -39.34 2.89
C MET GA 92 25.15 -40.34 2.45
N ARG GA 93 24.05 -40.44 3.20
CA ARG GA 93 22.95 -41.30 2.78
C ARG GA 93 22.20 -40.70 1.60
N ASP GA 94 22.07 -39.37 1.58
CA ASP GA 94 21.50 -38.69 0.42
C ASP GA 94 22.36 -38.93 -0.81
N LEU GA 95 23.68 -38.83 -0.66
CA LEU GA 95 24.58 -39.08 -1.77
C LEU GA 95 24.51 -40.54 -2.22
N ALA GA 96 24.42 -41.47 -1.26
CA ALA GA 96 24.39 -42.89 -1.60
C ALA GA 96 23.15 -43.24 -2.42
N LEU GA 97 22.00 -42.67 -2.04
CA LEU GA 97 20.78 -42.88 -2.83
C LEU GA 97 20.92 -42.28 -4.21
N GLN GA 98 21.55 -41.10 -4.32
CA GLN GA 98 21.72 -40.44 -5.60
C GLN GA 98 22.60 -41.26 -6.54
N SER GA 99 23.69 -41.83 -6.01
CA SER GA 99 24.60 -42.62 -6.83
C SER GA 99 23.96 -43.90 -7.34
N SER GA 100 23.00 -44.46 -6.61
CA SER GA 100 22.36 -45.71 -7.00
C SER GA 100 21.48 -45.56 -8.23
N ASN GA 101 21.13 -44.34 -8.62
CA ASN GA 101 20.28 -44.13 -9.79
C ASN GA 101 20.95 -44.66 -11.05
N GLY GA 102 20.16 -45.24 -11.93
CA GLY GA 102 20.67 -45.74 -13.20
C GLY GA 102 20.96 -44.67 -14.22
N SER GA 103 20.53 -43.43 -13.97
CA SER GA 103 20.84 -42.33 -14.88
C SER GA 103 22.27 -41.85 -14.75
N ASN GA 104 22.98 -42.29 -13.70
CA ASN GA 104 24.36 -41.86 -13.48
C ASN GA 104 25.32 -42.79 -14.18
N SER GA 105 26.16 -42.24 -15.04
CA SER GA 105 27.24 -43.00 -15.67
C SER GA 105 28.40 -43.10 -14.68
N SER GA 106 29.57 -43.54 -15.17
CA SER GA 106 30.71 -43.75 -14.29
C SER GA 106 31.21 -42.44 -13.69
N SER GA 107 31.24 -41.37 -14.48
CA SER GA 107 31.92 -40.14 -14.05
C SER GA 107 31.25 -39.52 -12.82
N GLU GA 108 29.92 -39.42 -12.82
CA GLU GA 108 29.24 -38.80 -11.68
C GLU GA 108 29.31 -39.68 -10.44
N ARG GA 109 29.52 -40.99 -10.61
CA ARG GA 109 29.73 -41.84 -9.45
C ARG GA 109 31.06 -41.54 -8.78
N ARG GA 110 32.07 -41.15 -9.57
CA ARG GA 110 33.31 -40.67 -8.98
C ARG GA 110 33.10 -39.36 -8.24
N ALA GA 111 32.21 -38.51 -8.75
CA ALA GA 111 31.91 -37.25 -8.07
C ALA GA 111 31.27 -37.51 -6.72
N ILE GA 112 30.32 -38.44 -6.65
CA ILE GA 112 29.71 -38.81 -5.37
C ILE GA 112 30.74 -39.43 -4.45
N GLN GA 113 31.64 -40.26 -4.99
CA GLN GA 113 32.68 -40.87 -4.17
C GLN GA 113 33.60 -39.82 -3.57
N GLU GA 114 33.93 -38.79 -4.35
CA GLU GA 114 34.77 -37.72 -3.81
C GLU GA 114 34.09 -37.02 -2.65
N GLU GA 115 32.79 -36.77 -2.77
CA GLU GA 115 32.04 -36.19 -1.66
C GLU GA 115 31.98 -37.13 -0.47
N VAL GA 116 31.72 -38.42 -0.72
CA VAL GA 116 31.57 -39.38 0.36
C VAL GA 116 32.91 -39.59 1.06
N SER GA 117 34.00 -39.70 0.30
CA SER GA 117 35.31 -39.88 0.90
C SER GA 117 35.71 -38.66 1.74
N ALA GA 118 35.43 -37.46 1.23
CA ALA GA 118 35.74 -36.25 1.99
C ALA GA 118 34.96 -36.20 3.29
N LEU GA 119 33.67 -36.55 3.24
CA LEU GA 119 32.86 -36.58 4.45
C LEU GA 119 33.28 -37.71 5.38
N ASN GA 120 33.68 -38.85 4.82
CA ASN GA 120 34.12 -39.97 5.65
C ASN GA 120 35.37 -39.61 6.43
N ASP GA 121 36.32 -38.91 5.80
CA ASP GA 121 37.49 -38.44 6.52
C ASP GA 121 37.12 -37.38 7.55
N GLU GA 122 36.00 -36.67 7.33
CA GLU GA 122 35.53 -35.71 8.32
C GLU GA 122 34.97 -36.41 9.55
N LEU GA 123 34.31 -37.56 9.36
CA LEU GA 123 33.81 -38.33 10.49
C LEU GA 123 34.96 -38.82 11.37
N ASN GA 124 36.04 -39.31 10.74
CA ASN GA 124 37.21 -39.69 11.52
C ASN GA 124 37.85 -38.48 12.18
N ARG GA 125 37.77 -37.32 11.53
CA ARG GA 125 38.32 -36.10 12.10
C ARG GA 125 37.61 -35.72 13.40
N ILE GA 126 36.27 -35.72 13.39
CA ILE GA 126 35.52 -35.37 14.59
C ILE GA 126 35.80 -36.38 15.70
N ALA GA 127 35.91 -37.66 15.35
CA ALA GA 127 36.15 -38.69 16.35
C ALA GA 127 37.50 -38.49 17.04
N GLU GA 128 38.52 -38.08 16.28
CA GLU GA 128 39.89 -37.99 16.79
C GLU GA 128 40.28 -36.60 17.27
N THR GA 129 39.39 -35.61 17.17
CA THR GA 129 39.72 -34.26 17.63
C THR GA 129 38.81 -33.75 18.73
N THR GA 130 37.57 -34.23 18.83
CA THR GA 130 36.69 -33.80 19.91
C THR GA 130 37.28 -34.18 21.25
N SER GA 131 37.33 -33.21 22.16
CA SER GA 131 37.98 -33.44 23.45
C SER GA 131 37.44 -32.44 24.46
N PHE GA 132 37.71 -32.72 25.73
CA PHE GA 132 37.30 -31.88 26.86
C PHE GA 132 38.58 -31.39 27.53
N GLY GA 133 39.10 -30.27 27.05
CA GLY GA 133 40.36 -29.77 27.56
C GLY GA 133 41.53 -30.71 27.32
N GLY GA 134 41.60 -31.28 26.11
CA GLY GA 134 42.62 -32.25 25.78
C GLY GA 134 42.30 -33.68 26.13
N ASN GA 135 41.17 -33.92 26.79
CA ASN GA 135 40.73 -35.28 27.15
C ASN GA 135 39.81 -35.78 26.04
N LYS GA 136 40.33 -36.62 25.16
CA LYS GA 136 39.57 -37.08 24.01
C LYS GA 136 38.35 -37.88 24.44
N LEU GA 137 37.27 -37.73 23.68
CA LEU GA 137 35.98 -38.32 24.02
C LEU GA 137 35.53 -39.38 23.02
N LEU GA 138 35.47 -39.03 21.73
CA LEU GA 138 34.84 -39.87 20.71
C LEU GA 138 35.83 -40.76 19.97
N ASN GA 139 37.09 -40.79 20.37
CA ASN GA 139 38.08 -41.63 19.71
C ASN GA 139 38.14 -43.04 20.29
N GLY GA 140 37.31 -43.35 21.28
CA GLY GA 140 37.31 -44.65 21.91
C GLY GA 140 38.30 -44.82 23.05
N SER GA 141 39.10 -43.80 23.34
CA SER GA 141 40.09 -43.87 24.42
C SER GA 141 39.53 -43.41 25.76
N PHE GA 142 38.30 -42.88 25.79
CA PHE GA 142 37.73 -42.45 27.06
C PHE GA 142 37.33 -43.64 27.92
N GLY GA 143 36.72 -44.66 27.31
CA GLY GA 143 36.30 -45.83 28.06
C GLY GA 143 35.16 -45.52 29.01
N SER GA 144 35.13 -46.27 30.11
CA SER GA 144 34.14 -46.07 31.17
C SER GA 144 34.81 -45.37 32.34
N LYS GA 145 34.32 -44.19 32.69
CA LYS GA 145 34.81 -43.45 33.83
C LYS GA 145 33.65 -43.08 34.74
N SER GA 146 33.92 -43.07 36.04
CA SER GA 146 32.91 -42.88 37.07
C SER GA 146 32.92 -41.45 37.57
N PHE GA 147 31.73 -40.87 37.70
CA PHE GA 147 31.58 -39.51 38.22
C PHE GA 147 31.00 -39.57 39.63
N GLN GA 148 31.80 -39.20 40.61
CA GLN GA 148 31.42 -39.27 42.01
C GLN GA 148 30.46 -38.11 42.32
N ILE GA 149 29.20 -38.45 42.62
CA ILE GA 149 28.18 -37.44 42.86
C ILE GA 149 27.61 -37.53 44.27
N GLY GA 150 28.36 -38.14 45.20
CA GLY GA 150 27.91 -38.30 46.57
C GLY GA 150 28.83 -37.61 47.56
N ALA GA 151 28.36 -37.54 48.80
CA ALA GA 151 29.14 -36.99 49.90
C ALA GA 151 29.94 -38.05 50.64
N ASP GA 152 29.86 -39.30 50.21
CA ASP GA 152 30.59 -40.40 50.82
C ASP GA 152 31.26 -41.21 49.72
N SER GA 153 32.44 -41.73 50.01
CA SER GA 153 33.21 -42.48 49.02
C SER GA 153 32.41 -43.66 48.48
N GLY GA 154 32.41 -43.82 47.17
CA GLY GA 154 31.72 -44.93 46.53
C GLY GA 154 30.28 -44.63 46.16
N GLU GA 155 30.03 -43.47 45.55
CA GLU GA 155 28.70 -43.08 45.11
C GLU GA 155 28.76 -42.52 43.69
N ALA GA 156 29.47 -43.21 42.81
CA ALA GA 156 29.71 -42.73 41.47
C ALA GA 156 28.73 -43.32 40.47
N VAL GA 157 28.74 -42.78 39.25
CA VAL GA 157 27.93 -43.25 38.15
C VAL GA 157 28.85 -43.48 36.95
N MET GA 158 28.74 -44.66 36.35
CA MET GA 158 29.62 -45.05 35.25
C MET GA 158 29.08 -44.54 33.92
N LEU GA 159 29.93 -43.83 33.17
CA LEU GA 159 29.59 -43.30 31.87
C LEU GA 159 30.53 -43.89 30.82
N SER GA 160 29.95 -44.46 29.76
CA SER GA 160 30.72 -45.04 28.68
C SER GA 160 30.09 -44.68 27.34
N MET GA 161 30.94 -44.34 26.37
CA MET GA 161 30.50 -44.14 25.00
C MET GA 161 31.44 -44.89 24.07
N GLY GA 162 30.88 -45.51 23.03
CA GLY GA 162 31.69 -46.27 22.10
C GLY GA 162 32.53 -45.38 21.20
N SER GA 163 33.50 -46.01 20.55
CA SER GA 163 34.33 -45.31 19.58
C SER GA 163 33.47 -44.80 18.42
N MET GA 164 33.62 -43.53 18.09
CA MET GA 164 32.85 -42.93 17.01
C MET GA 164 33.63 -42.87 15.70
N ARG GA 165 34.73 -43.61 15.61
CA ARG GA 165 35.47 -43.72 14.35
C ARG GA 165 34.58 -44.34 13.28
N SER GA 166 34.81 -43.94 12.03
CA SER GA 166 33.97 -44.40 10.94
C SER GA 166 34.11 -45.91 10.68
N ASP GA 167 35.14 -46.55 11.24
CA ASP GA 167 35.37 -47.98 11.05
C ASP GA 167 35.15 -48.78 12.33
N THR GA 168 34.25 -48.31 13.19
CA THR GA 168 33.89 -49.07 14.38
C THR GA 168 33.04 -50.27 13.98
N GLN GA 169 33.22 -51.38 14.69
CA GLN GA 169 32.50 -52.61 14.35
C GLN GA 169 31.00 -52.42 14.45
N ALA GA 170 30.53 -51.71 15.49
CA ALA GA 170 29.10 -51.47 15.66
C ALA GA 170 28.57 -50.39 14.72
N MET GA 171 29.41 -49.87 13.83
CA MET GA 171 28.99 -48.86 12.86
C MET GA 171 28.80 -49.44 11.47
N GLY GA 172 28.72 -50.76 11.36
CA GLY GA 172 28.54 -51.40 10.07
C GLY GA 172 27.79 -52.72 10.15
N GLY GA 173 28.25 -53.71 9.42
CA GLY GA 173 27.59 -55.01 9.45
C GLY GA 173 28.23 -55.98 8.49
N LYS GA 174 27.58 -57.11 8.30
CA LYS GA 174 28.05 -58.17 7.42
C LYS GA 174 27.28 -58.10 6.10
N SER GA 175 27.99 -58.29 4.99
CA SER GA 175 27.42 -58.22 3.66
C SER GA 175 27.53 -59.58 2.99
N TYR GA 176 26.40 -60.07 2.47
CA TYR GA 176 26.33 -61.34 1.77
C TYR GA 176 25.98 -61.07 0.31
N ARG GA 177 26.64 -61.78 -0.60
CA ARG GA 177 26.50 -61.56 -2.03
C ARG GA 177 26.00 -62.83 -2.71
N ALA GA 178 25.03 -62.68 -3.61
CA ALA GA 178 24.61 -63.80 -4.44
C ALA GA 178 25.66 -64.09 -5.49
N GLN GA 179 26.04 -65.37 -5.61
CA GLN GA 179 27.07 -65.75 -6.57
C GLN GA 179 26.57 -65.84 -7.99
N GLU GA 180 25.25 -65.75 -8.21
CA GLU GA 180 24.66 -65.88 -9.53
C GLU GA 180 23.91 -64.61 -9.90
N GLY GA 181 24.06 -64.19 -11.16
CA GLY GA 181 23.38 -63.01 -11.67
C GLY GA 181 22.16 -63.40 -12.49
N LYS GA 182 21.09 -62.61 -12.34
CA LYS GA 182 19.84 -62.84 -13.03
C LYS GA 182 19.50 -61.63 -13.88
N ALA GA 183 19.11 -61.88 -15.13
CA ALA GA 183 18.83 -60.81 -16.08
C ALA GA 183 17.45 -60.23 -15.82
N ALA GA 184 16.99 -59.37 -16.75
CA ALA GA 184 15.70 -58.70 -16.58
C ALA GA 184 14.52 -59.64 -16.74
N ASP GA 185 14.69 -60.76 -17.45
CA ASP GA 185 13.60 -61.67 -17.72
C ASP GA 185 13.49 -62.80 -16.70
N TRP GA 186 14.33 -62.82 -15.67
CA TRP GA 186 14.28 -63.88 -14.69
C TRP GA 186 13.10 -63.68 -13.75
N ARG GA 187 12.32 -64.75 -13.55
CA ARG GA 187 11.17 -64.72 -12.66
C ARG GA 187 11.24 -65.92 -11.73
N VAL GA 188 10.69 -65.74 -10.53
CA VAL GA 188 10.72 -66.82 -9.53
C VAL GA 188 9.81 -67.95 -9.99
N GLY GA 189 10.34 -69.17 -9.98
CA GLY GA 189 9.58 -70.33 -10.38
C GLY GA 189 8.85 -70.99 -9.23
N ALA GA 190 8.98 -72.30 -9.08
CA ALA GA 190 8.32 -73.04 -8.02
C ALA GA 190 9.16 -73.13 -6.76
N ALA GA 191 10.37 -72.60 -6.76
CA ALA GA 191 11.22 -72.54 -5.57
C ALA GA 191 11.21 -71.11 -5.06
N THR GA 192 10.25 -70.81 -4.19
CA THR GA 192 10.00 -69.45 -3.74
C THR GA 192 10.44 -69.18 -2.31
N ASP GA 193 10.45 -70.19 -1.45
CA ASP GA 193 10.77 -69.97 -0.04
C ASP GA 193 12.24 -69.62 0.15
N LEU GA 194 12.52 -68.94 1.26
CA LEU GA 194 13.86 -68.48 1.57
C LEU GA 194 13.96 -68.30 3.08
N THR GA 195 14.89 -69.01 3.70
CA THR GA 195 15.04 -69.02 5.15
C THR GA 195 16.34 -68.32 5.53
N LEU GA 196 16.26 -67.41 6.49
CA LEU GA 196 17.42 -66.70 7.02
C LEU GA 196 17.49 -66.96 8.52
N SER GA 197 18.28 -67.95 8.92
CA SER GA 197 18.41 -68.35 10.32
C SER GA 197 19.72 -67.78 10.86
N TYR GA 198 19.61 -66.96 11.90
CA TYR GA 198 20.76 -66.32 12.51
C TYR GA 198 20.47 -66.12 13.99
N THR GA 199 21.27 -65.28 14.64
CA THR GA 199 21.10 -64.93 16.04
C THR GA 199 20.94 -63.43 16.17
N ASN GA 200 19.92 -63.01 16.93
CA ASN GA 200 19.67 -61.59 17.13
C ASN GA 200 20.73 -60.99 18.05
N LYS GA 201 20.62 -59.68 18.28
CA LYS GA 201 21.55 -59.00 19.16
C LYS GA 201 21.43 -59.46 20.62
N GLN GA 202 20.30 -60.07 20.98
CA GLN GA 202 20.07 -60.53 22.35
C GLN GA 202 20.45 -61.99 22.55
N GLY GA 203 21.09 -62.62 21.57
CA GLY GA 203 21.56 -63.99 21.74
C GLY GA 203 20.51 -65.06 21.58
N GLU GA 204 19.41 -64.79 20.90
CA GLU GA 204 18.38 -65.78 20.65
C GLU GA 204 18.27 -66.06 19.16
N ALA GA 205 17.93 -67.31 18.83
CA ALA GA 205 17.82 -67.72 17.44
C ALA GA 205 16.60 -67.10 16.79
N ARG GA 206 16.79 -66.54 15.59
CA ARG GA 206 15.72 -65.93 14.82
C ARG GA 206 15.70 -66.53 13.42
N GLU GA 207 14.55 -67.06 13.02
CA GLU GA 207 14.37 -67.60 11.68
C GLU GA 207 13.28 -66.81 10.97
N VAL GA 208 13.57 -66.38 9.74
CA VAL GA 208 12.63 -65.61 8.94
C VAL GA 208 12.42 -66.36 7.63
N THR GA 209 11.17 -66.67 7.31
CA THR GA 209 10.82 -67.40 6.10
C THR GA 209 10.13 -66.45 5.14
N ILE GA 210 10.83 -66.07 4.07
CA ILE GA 210 10.29 -65.21 3.03
C ILE GA 210 9.72 -66.09 1.93
N ASN GA 211 8.44 -65.91 1.63
CA ASN GA 211 7.77 -66.65 0.57
C ASN GA 211 7.60 -65.70 -0.62
N ALA GA 212 8.57 -65.75 -1.53
CA ALA GA 212 8.53 -64.87 -2.69
C ALA GA 212 7.36 -65.23 -3.59
N LYS GA 213 6.88 -64.24 -4.34
CA LYS GA 213 5.73 -64.40 -5.21
C LYS GA 213 6.20 -64.67 -6.63
N GLN GA 214 5.55 -65.63 -7.28
CA GLN GA 214 5.95 -66.05 -8.63
C GLN GA 214 5.82 -64.88 -9.61
N GLY GA 215 6.80 -64.79 -10.51
CA GLY GA 215 6.83 -63.74 -11.51
C GLY GA 215 7.58 -62.49 -11.11
N ASP GA 216 8.04 -62.40 -9.86
CA ASP GA 216 8.79 -61.23 -9.41
C ASP GA 216 10.20 -61.26 -9.97
N ASP GA 217 10.63 -60.14 -10.54
CA ASP GA 217 12.03 -60.01 -10.96
C ASP GA 217 12.89 -59.75 -9.72
N LEU GA 218 14.20 -59.57 -9.92
CA LEU GA 218 15.09 -59.50 -8.76
C LEU GA 218 14.94 -58.18 -8.01
N GLU GA 219 14.35 -57.15 -8.64
CA GLU GA 219 14.13 -55.90 -7.94
C GLU GA 219 12.85 -55.95 -7.11
N GLU GA 220 11.79 -56.56 -7.66
CA GLU GA 220 10.59 -56.78 -6.86
C GLU GA 220 10.87 -57.73 -5.71
N LEU GA 221 11.68 -58.76 -5.96
CA LEU GA 221 12.06 -59.68 -4.89
C LEU GA 221 12.87 -58.96 -3.81
N ALA GA 222 13.78 -58.09 -4.21
CA ALA GA 222 14.57 -57.33 -3.23
C ALA GA 222 13.67 -56.43 -2.39
N THR GA 223 12.69 -55.78 -3.02
CA THR GA 223 11.75 -54.96 -2.28
C THR GA 223 10.89 -55.80 -1.35
N TYR GA 224 10.47 -56.98 -1.81
CA TYR GA 224 9.62 -57.85 -1.00
C TYR GA 224 10.34 -58.31 0.26
N ILE GA 225 11.62 -58.64 0.14
CA ILE GA 225 12.39 -59.06 1.31
C ILE GA 225 12.51 -57.91 2.31
N ASN GA 226 12.65 -56.68 1.81
CA ASN GA 226 12.72 -55.52 2.68
C ASN GA 226 11.41 -55.31 3.43
N GLY GA 227 10.28 -55.47 2.75
CA GLY GA 227 9.00 -55.29 3.41
C GLY GA 227 8.71 -56.36 4.45
N GLN GA 228 9.12 -57.61 4.17
CA GLN GA 228 8.77 -58.71 5.05
C GLN GA 228 9.50 -58.62 6.39
N THR GA 229 10.78 -58.23 6.38
CA THR GA 229 11.60 -58.26 7.58
C THR GA 229 12.37 -56.96 7.72
N GLU GA 230 12.71 -56.63 8.96
CA GLU GA 230 13.46 -55.43 9.30
C GLU GA 230 14.93 -55.69 9.56
N ASP GA 231 15.27 -56.90 10.02
CA ASP GA 231 16.66 -57.20 10.38
C ASP GA 231 17.58 -57.15 9.16
N VAL GA 232 17.14 -57.73 8.04
CA VAL GA 232 17.96 -57.87 6.84
C VAL GA 232 17.44 -56.90 5.77
N LYS GA 233 18.37 -56.28 5.05
CA LYS GA 233 18.05 -55.38 3.94
C LYS GA 233 18.62 -55.97 2.66
N ALA GA 234 17.77 -56.06 1.64
CA ALA GA 234 18.12 -56.69 0.37
C ALA GA 234 18.15 -55.66 -0.75
N SER GA 235 19.09 -55.84 -1.68
CA SER GA 235 19.22 -54.96 -2.83
C SER GA 235 19.78 -55.75 -4.00
N VAL GA 236 20.09 -55.05 -5.10
CA VAL GA 236 20.57 -55.66 -6.32
C VAL GA 236 21.73 -54.85 -6.88
N GLY GA 237 22.77 -55.53 -7.34
CA GLY GA 237 23.92 -54.89 -7.94
C GLY GA 237 23.78 -54.68 -9.44
N GLU GA 238 24.93 -54.47 -10.09
CA GLU GA 238 24.93 -54.30 -11.55
C GLU GA 238 24.42 -55.54 -12.26
N ASP GA 239 25.01 -56.69 -11.94
CA ASP GA 239 24.76 -57.91 -12.71
C ASP GA 239 23.48 -58.63 -12.30
N GLY GA 240 22.76 -58.13 -11.30
CA GLY GA 240 21.57 -58.81 -10.84
C GLY GA 240 21.88 -59.86 -9.79
N LYS GA 241 22.50 -59.44 -8.69
CA LYS GA 241 22.80 -60.33 -7.57
C LYS GA 241 22.20 -59.74 -6.31
N LEU GA 242 21.47 -60.57 -5.57
CA LEU GA 242 20.82 -60.11 -4.34
C LEU GA 242 21.85 -59.97 -3.23
N GLN GA 243 21.94 -58.78 -2.64
CA GLN GA 243 22.86 -58.51 -1.55
C GLN GA 243 22.07 -58.32 -0.27
N LEU GA 244 22.47 -59.02 0.79
CA LEU GA 244 21.82 -58.95 2.09
C LEU GA 244 22.79 -58.34 3.09
N PHE GA 245 22.36 -57.28 3.76
CA PHE GA 245 23.16 -56.61 4.78
C PHE GA 245 22.53 -56.83 6.14
N ALA GA 246 23.08 -57.75 6.91
CA ALA GA 246 22.66 -57.98 8.29
C ALA GA 246 23.50 -57.07 9.19
N SER GA 247 22.90 -55.93 9.57
CA SER GA 247 23.64 -54.93 10.33
C SER GA 247 24.16 -55.50 11.64
N SER GA 248 25.41 -55.17 11.96
CA SER GA 248 26.10 -55.77 13.09
C SER GA 248 25.53 -55.36 14.44
N GLN GA 249 24.71 -54.30 14.49
CA GLN GA 249 24.13 -53.88 15.76
C GLN GA 249 22.91 -54.72 16.15
N LYS GA 250 22.36 -55.51 15.22
CA LYS GA 250 21.20 -56.33 15.50
C LYS GA 250 21.41 -57.82 15.22
N VAL GA 251 22.55 -58.20 14.64
CA VAL GA 251 22.88 -59.60 14.42
C VAL GA 251 24.29 -59.87 14.91
N ASN GA 252 24.59 -61.16 15.09
CA ASN GA 252 25.92 -61.60 15.48
C ASN GA 252 26.13 -63.02 14.96
N GLY GA 253 27.33 -63.29 14.48
CA GLY GA 253 27.61 -64.56 13.84
C GLY GA 253 27.15 -64.59 12.40
N ASP GA 254 27.47 -65.69 11.72
CA ASP GA 254 27.10 -65.84 10.32
C ASP GA 254 25.59 -66.03 10.18
N VAL GA 255 25.06 -65.58 9.06
CA VAL GA 255 23.65 -65.75 8.74
C VAL GA 255 23.50 -66.95 7.82
N THR GA 256 22.79 -67.97 8.29
CA THR GA 256 22.59 -69.18 7.51
C THR GA 256 21.42 -68.98 6.54
N ILE GA 257 21.67 -69.19 5.26
CA ILE GA 257 20.68 -68.96 4.21
C ILE GA 257 20.34 -70.30 3.58
N GLY GA 258 19.06 -70.64 3.55
CA GLY GA 258 18.60 -71.89 2.97
C GLY GA 258 17.31 -71.68 2.21
N GLY GA 259 16.70 -72.79 1.82
CA GLY GA 259 15.46 -72.76 1.06
C GLY GA 259 15.68 -72.96 -0.42
N GLY GA 260 14.57 -73.11 -1.14
CA GLY GA 260 14.65 -73.31 -2.57
C GLY GA 260 15.23 -72.10 -3.30
N LEU GA 261 14.76 -70.90 -2.93
CA LEU GA 261 15.29 -69.70 -3.54
C LEU GA 261 16.73 -69.43 -3.08
N GLY GA 262 17.05 -69.79 -1.85
CA GLY GA 262 18.42 -69.66 -1.39
C GLY GA 262 19.39 -70.56 -2.15
N GLY GA 263 18.96 -71.78 -2.47
CA GLY GA 263 19.79 -72.66 -3.28
C GLY GA 263 19.91 -72.18 -4.71
N GLU GA 264 18.80 -71.73 -5.30
CA GLU GA 264 18.81 -71.30 -6.70
C GLU GA 264 19.66 -70.04 -6.87
N ILE GA 265 19.42 -69.03 -6.03
CA ILE GA 265 20.17 -67.78 -6.13
C ILE GA 265 21.62 -67.99 -5.68
N GLY GA 266 21.82 -68.75 -4.61
CA GLY GA 266 23.16 -69.00 -4.10
C GLY GA 266 23.70 -67.83 -3.32
N PHE GA 267 24.59 -68.07 -2.37
CA PHE GA 267 25.09 -67.00 -1.53
C PHE GA 267 26.52 -67.32 -1.10
N ASP GA 268 27.32 -66.27 -0.97
CA ASP GA 268 28.71 -66.36 -0.55
C ASP GA 268 28.83 -66.02 0.94
N ALA GA 269 30.06 -65.88 1.41
CA ALA GA 269 30.31 -65.58 2.81
C ALA GA 269 29.95 -64.14 3.12
N GLY GA 270 30.17 -63.75 4.38
CA GLY GA 270 29.84 -62.41 4.85
C GLY GA 270 31.10 -61.59 5.07
N ARG GA 271 31.14 -60.42 4.44
CA ARG GA 271 32.27 -59.51 4.55
C ARG GA 271 31.89 -58.34 5.45
N ASN GA 272 32.72 -58.10 6.47
CA ASN GA 272 32.49 -57.01 7.42
C ASN GA 272 32.74 -55.68 6.69
N VAL GA 273 31.66 -54.93 6.46
CA VAL GA 273 31.73 -53.65 5.76
C VAL GA 273 31.28 -52.56 6.71
N THR GA 274 32.10 -51.53 6.86
CA THR GA 274 31.80 -50.40 7.72
C THR GA 274 31.65 -49.13 6.87
N VAL GA 275 31.45 -48.01 7.55
CA VAL GA 275 31.29 -46.73 6.85
C VAL GA 275 32.60 -46.34 6.16
N ALA GA 276 33.74 -46.65 6.79
CA ALA GA 276 35.02 -46.39 6.14
C ALA GA 276 35.20 -47.25 4.89
N ASP GA 277 34.58 -48.44 4.88
CA ASP GA 277 34.65 -49.33 3.73
C ASP GA 277 33.76 -48.87 2.58
N VAL GA 278 32.76 -48.03 2.88
CA VAL GA 278 31.71 -47.69 1.91
C VAL GA 278 32.33 -47.19 0.62
N ASN GA 279 31.73 -47.55 -0.50
CA ASN GA 279 32.25 -47.25 -1.82
C ASN GA 279 31.06 -47.16 -2.76
N VAL GA 280 30.84 -45.99 -3.36
CA VAL GA 280 29.67 -45.74 -4.19
C VAL GA 280 30.05 -45.60 -5.67
N SER GA 281 31.26 -46.04 -6.04
CA SER GA 281 31.63 -46.03 -7.46
C SER GA 281 30.81 -47.02 -8.27
N THR GA 282 30.15 -47.98 -7.62
CA THR GA 282 29.31 -48.97 -8.26
C THR GA 282 27.91 -48.88 -7.67
N VAL GA 283 26.89 -49.15 -8.50
CA VAL GA 283 25.53 -49.13 -7.99
C VAL GA 283 25.33 -50.21 -6.94
N ALA GA 284 26.07 -51.32 -7.07
CA ALA GA 284 26.05 -52.34 -6.03
C ALA GA 284 26.56 -51.79 -4.71
N GLY GA 285 27.62 -50.99 -4.75
CA GLY GA 285 28.17 -50.43 -3.52
C GLY GA 285 27.34 -49.30 -2.96
N SER GA 286 26.64 -48.56 -3.83
CA SER GA 286 25.80 -47.47 -3.36
C SER GA 286 24.49 -47.98 -2.77
N GLN GA 287 23.94 -49.05 -3.35
CA GLN GA 287 22.76 -49.67 -2.75
C GLN GA 287 23.08 -50.24 -1.38
N GLU GA 288 24.23 -50.92 -1.25
CA GLU GA 288 24.65 -51.39 0.06
C GLU GA 288 25.05 -50.23 0.96
N ALA GA 289 25.42 -49.09 0.37
CA ALA GA 289 25.78 -47.92 1.17
C ALA GA 289 24.61 -47.43 1.99
N VAL GA 290 23.42 -47.37 1.40
CA VAL GA 290 22.26 -46.86 2.12
C VAL GA 290 21.96 -47.71 3.34
N SER GA 291 22.15 -49.03 3.22
CA SER GA 291 21.89 -49.93 4.33
C SER GA 291 22.98 -49.81 5.40
N ILE GA 292 24.23 -49.58 5.00
CA ILE GA 292 25.31 -49.46 5.98
C ILE GA 292 25.10 -48.26 6.88
N LEU GA 293 24.79 -47.10 6.28
CA LEU GA 293 24.55 -45.90 7.06
C LEU GA 293 23.27 -45.97 7.88
N ASP GA 294 22.33 -46.83 7.52
CA ASP GA 294 21.19 -47.08 8.40
C ASP GA 294 21.65 -47.72 9.70
N GLY GA 295 22.58 -48.68 9.61
CA GLY GA 295 23.17 -49.24 10.81
C GLY GA 295 24.02 -48.22 11.55
N ALA GA 296 24.73 -47.36 10.82
CA ALA GA 296 25.56 -46.35 11.45
C ALA GA 296 24.72 -45.30 12.18
N LEU GA 297 23.66 -44.81 11.53
CA LEU GA 297 22.79 -43.82 12.15
C LEU GA 297 22.06 -44.41 13.35
N LYS GA 298 21.72 -45.70 13.29
CA LYS GA 298 21.11 -46.36 14.44
C LYS GA 298 22.08 -46.39 15.61
N ALA GA 299 23.35 -46.71 15.34
CA ALA GA 299 24.36 -46.70 16.39
C ALA GA 299 24.60 -45.29 16.92
N VAL GA 300 24.59 -44.29 16.03
CA VAL GA 300 24.78 -42.91 16.45
C VAL GA 300 23.62 -42.46 17.33
N ASP GA 301 22.40 -42.73 16.91
CA ASP GA 301 21.23 -42.26 17.66
C ASP GA 301 21.09 -42.99 18.98
N SER GA 302 21.34 -44.31 19.00
CA SER GA 302 21.24 -45.07 20.25
C SER GA 302 22.25 -44.57 21.27
N GLN GA 303 23.47 -44.25 20.82
CA GLN GA 303 24.47 -43.71 21.73
C GLN GA 303 24.07 -42.34 22.25
N ARG GA 304 23.44 -41.53 21.38
CA ARG GA 304 22.93 -40.24 21.84
C ARG GA 304 21.84 -40.40 22.88
N ALA GA 305 20.93 -41.35 22.66
CA ALA GA 305 19.86 -41.59 23.64
C ALA GA 305 20.43 -42.15 24.94
N SER GA 306 21.46 -42.99 24.85
CA SER GA 306 22.11 -43.49 26.06
C SER GA 306 22.76 -42.35 26.84
N LEU GA 307 23.33 -41.37 26.13
CA LEU GA 307 23.92 -40.22 26.79
C LEU GA 307 22.85 -39.30 27.36
N GLY GA 308 21.77 -39.07 26.61
CA GLY GA 308 20.74 -38.14 27.07
C GLY GA 308 20.07 -38.58 28.36
N ALA GA 309 19.74 -39.87 28.45
CA ALA GA 309 19.22 -40.41 29.71
C ALA GA 309 20.24 -40.27 30.82
N PHE GA 310 21.52 -40.37 30.48
CA PHE GA 310 22.58 -40.24 31.48
C PHE GA 310 22.61 -38.84 32.09
N GLN GA 311 22.56 -37.81 31.24
CA GLN GA 311 22.61 -36.45 31.76
C GLN GA 311 21.27 -35.96 32.30
N ASN GA 312 20.16 -36.54 31.84
CA ASN GA 312 18.89 -36.31 32.53
C ASN GA 312 18.93 -36.88 33.93
N ARG GA 313 19.61 -38.02 34.10
CA ARG GA 313 19.77 -38.60 35.43
C ARG GA 313 20.57 -37.67 36.35
N PHE GA 314 21.61 -37.03 35.81
CA PHE GA 314 22.35 -36.05 36.60
C PHE GA 314 21.54 -34.77 36.79
N GLY GA 315 20.57 -34.51 35.91
CA GLY GA 315 19.68 -33.39 36.14
C GLY GA 315 18.83 -33.58 37.39
N HIS GA 316 18.37 -34.81 37.62
CA HIS GA 316 17.64 -35.10 38.85
C HIS GA 316 18.59 -35.22 40.04
N ALA GA 317 19.80 -35.73 39.80
CA ALA GA 317 20.79 -35.83 40.87
C ALA GA 317 21.20 -34.46 41.37
N ILE GA 318 21.35 -33.49 40.45
CA ILE GA 318 21.72 -32.14 40.84
C ILE GA 318 20.63 -31.52 41.71
N SER GA 319 19.36 -31.71 41.29
CA SER GA 319 18.25 -31.15 42.05
C SER GA 319 18.13 -31.79 43.43
N ASN GA 320 18.31 -33.11 43.51
CA ASN GA 320 18.18 -33.78 44.79
C ASN GA 320 19.35 -33.46 45.72
N LEU GA 321 20.56 -33.37 45.16
CA LEU GA 321 21.72 -32.99 45.96
C LEU GA 321 21.57 -31.58 46.51
N ASP GA 322 21.04 -30.67 45.70
CA ASP GA 322 20.76 -29.32 46.18
C ASP GA 322 19.71 -29.34 47.29
N ASN GA 323 18.66 -30.15 47.12
CA ASN GA 323 17.60 -30.22 48.13
C ASN GA 323 18.14 -30.76 49.45
N VAL GA 324 18.96 -31.81 49.40
CA VAL GA 324 19.55 -32.35 50.61
C VAL GA 324 20.51 -31.34 51.24
N ASN GA 325 21.31 -30.67 50.40
CA ASN GA 325 22.25 -29.69 50.91
C ASN GA 325 21.53 -28.59 51.69
N GLU GA 326 20.36 -28.18 51.22
CA GLU GA 326 19.58 -27.16 51.93
C GLU GA 326 19.14 -27.66 53.31
N ASN GA 327 18.63 -28.89 53.38
CA ASN GA 327 18.07 -29.37 54.64
C ASN GA 327 19.16 -29.68 55.66
N VAL GA 328 20.30 -30.19 55.22
CA VAL GA 328 21.43 -30.37 56.13
C VAL GA 328 21.96 -29.04 56.61
N ASN GA 329 21.93 -28.01 55.75
CA ASN GA 329 22.35 -26.68 56.17
C ASN GA 329 21.43 -26.13 57.26
N ALA GA 330 20.12 -26.33 57.11
CA ALA GA 330 19.17 -25.87 58.12
C ALA GA 330 19.38 -26.61 59.44
N SER GA 331 19.60 -27.93 59.38
CA SER GA 331 19.82 -28.70 60.59
C SER GA 331 21.12 -28.31 61.27
N ARG GA 332 22.18 -28.08 60.48
CA ARG GA 332 23.46 -27.67 61.06
C ARG GA 332 23.33 -26.33 61.77
N SER GA 333 22.47 -25.45 61.26
CA SER GA 333 22.23 -24.18 61.93
C SER GA 333 21.61 -24.39 63.31
N ARG GA 334 20.67 -25.33 63.42
CA ARG GA 334 19.95 -25.52 64.66
C ARG GA 334 20.82 -26.14 65.76
N ILE GA 335 21.95 -26.75 65.38
CA ILE GA 335 22.77 -27.47 66.34
C ILE GA 335 24.08 -26.72 66.57
N ARG GA 336 24.55 -25.99 65.56
CA ARG GA 336 25.85 -25.33 65.61
C ARG GA 336 25.77 -23.81 65.69
N ASP GA 337 24.87 -23.20 64.92
CA ASP GA 337 24.77 -21.76 64.89
C ASP GA 337 24.02 -21.25 66.12
N THR GA 338 24.37 -20.03 66.56
CA THR GA 338 23.86 -19.47 67.80
C THR GA 338 22.64 -18.59 67.55
N ASP GA 339 21.77 -18.53 68.54
CA ASP GA 339 20.61 -17.65 68.52
C ASP GA 339 21.05 -16.26 68.99
N TYR GA 340 21.03 -15.28 68.09
CA TYR GA 340 21.42 -13.92 68.47
C TYR GA 340 20.47 -13.34 69.51
N ALA GA 341 19.17 -13.58 69.37
CA ALA GA 341 18.21 -13.03 70.32
C ALA GA 341 18.47 -13.54 71.74
N ARG GA 342 18.73 -14.84 71.88
CA ARG GA 342 18.95 -15.40 73.21
C ARG GA 342 20.34 -15.04 73.74
N GLU GA 343 21.35 -15.03 72.87
CA GLU GA 343 22.71 -14.77 73.34
C GLU GA 343 22.90 -13.33 73.77
N THR GA 344 22.30 -12.38 73.06
CA THR GA 344 22.40 -10.99 73.46
C THR GA 344 21.74 -10.76 74.82
N THR GA 345 20.60 -11.41 75.07
CA THR GA 345 19.98 -11.33 76.38
C THR GA 345 20.88 -11.93 77.46
N ALA GA 346 21.53 -13.04 77.15
CA ALA GA 346 22.46 -13.64 78.10
C ALA GA 346 23.64 -12.71 78.37
N MET GA 347 24.15 -12.05 77.32
CA MET GA 347 25.26 -11.12 77.49
C MET GA 347 24.84 -9.93 78.34
N THR GA 348 23.66 -9.37 78.09
CA THR GA 348 23.18 -8.24 78.89
C THR GA 348 22.92 -8.66 80.33
N LYS GA 349 22.34 -9.84 80.53
CA LYS GA 349 22.11 -10.34 81.88
C LYS GA 349 23.42 -10.55 82.62
N ALA GA 350 24.41 -11.14 81.95
CA ALA GA 350 25.72 -11.34 82.58
C ALA GA 350 26.39 -10.00 82.89
N GLN GA 351 26.24 -9.03 81.99
CA GLN GA 351 26.83 -7.71 82.23
C GLN GA 351 26.21 -7.06 83.47
N ILE GA 352 24.88 -7.10 83.58
CA ILE GA 352 24.22 -6.48 84.73
C ILE GA 352 24.59 -7.21 86.01
N LEU GA 353 24.75 -8.54 85.93
CA LEU GA 353 25.14 -9.31 87.10
C LEU GA 353 26.49 -8.88 87.65
N GLN GA 354 27.47 -8.64 86.76
CA GLN GA 354 28.81 -8.32 87.23
C GLN GA 354 28.88 -6.91 87.82
N GLN GA 355 28.08 -5.98 87.29
CA GLN GA 355 28.01 -4.65 87.91
C GLN GA 355 27.42 -4.76 89.32
N ALA GA 356 26.41 -5.60 89.49
CA ALA GA 356 25.85 -5.80 90.83
C ALA GA 356 26.85 -6.43 91.76
N SER GA 357 27.63 -7.40 91.27
CA SER GA 357 28.60 -8.09 92.12
C SER GA 357 29.77 -7.19 92.46
N THR GA 358 30.22 -6.36 91.51
CA THR GA 358 31.26 -5.39 91.83
C THR GA 358 30.79 -4.38 92.87
N SER GA 359 29.54 -3.93 92.75
CA SER GA 359 28.98 -3.01 93.73
C SER GA 359 28.86 -3.66 95.09
N VAL GA 360 28.41 -4.92 95.13
CA VAL GA 360 28.31 -5.64 96.40
C VAL GA 360 29.69 -5.81 97.03
N LEU GA 361 30.69 -6.14 96.20
CA LEU GA 361 32.06 -6.23 96.71
C LEU GA 361 32.56 -4.89 97.20
N ALA GA 362 32.17 -3.81 96.53
CA ALA GA 362 32.60 -2.47 96.95
C ALA GA 362 32.06 -2.13 98.33
N GLN GA 363 30.79 -2.43 98.59
CA GLN GA 363 30.24 -2.21 99.93
C GLN GA 363 30.80 -3.21 100.93
N ALA GA 364 31.18 -4.40 100.46
CA ALA GA 364 31.70 -5.43 101.36
C ALA GA 364 33.04 -5.02 101.95
N LYS GA 365 33.88 -4.33 101.17
CA LYS GA 365 35.19 -3.93 101.65
C LYS GA 365 35.11 -2.92 102.79
N GLN GA 366 33.97 -2.24 102.95
CA GLN GA 366 33.80 -1.25 104.01
C GLN GA 366 33.42 -1.86 105.34
N SER GA 367 33.12 -3.16 105.40
CA SER GA 367 32.82 -3.80 106.68
C SER GA 367 34.00 -3.76 107.64
N PRO GA 368 35.22 -4.16 107.27
CA PRO GA 368 36.36 -3.97 108.19
C PRO GA 368 36.68 -2.52 108.47
N SER GA 369 36.25 -1.60 107.61
CA SER GA 369 36.42 -0.17 107.90
C SER GA 369 35.62 0.22 109.14
N ALA GA 370 34.42 -0.34 109.30
CA ALA GA 370 33.65 -0.13 110.51
C ALA GA 370 34.28 -0.85 111.70
N ALA GA 371 35.08 -1.89 111.44
CA ALA GA 371 35.72 -2.61 112.53
C ALA GA 371 36.72 -1.73 113.28
N LEU GA 372 37.48 -0.92 112.55
CA LEU GA 372 38.43 -0.03 113.21
C LEU GA 372 37.73 1.15 113.87
N SER GA 373 36.56 1.54 113.36
CA SER GA 373 35.89 2.73 113.88
C SER GA 373 35.24 2.47 115.24
N LEU GA 374 34.82 1.23 115.51
CA LEU GA 374 34.13 0.96 116.76
C LEU GA 374 35.07 1.10 117.96
N LEU GA 375 36.31 0.63 117.84
CA LEU GA 375 37.27 0.67 118.94
C LEU GA 375 38.45 1.58 118.66
N GLY GA 376 39.16 1.37 117.56
CA GLY GA 376 40.33 2.17 117.24
C GLY GA 376 40.00 3.58 116.79
#